data_4V7N
#
_entry.id   4V7N
#
_cell.length_a   243.11
_cell.length_b   114.27
_cell.length_c   259.90
_cell.angle_alpha   90.00
_cell.angle_beta   90.25
_cell.angle_gamma   90.00
#
_symmetry.space_group_name_H-M   'P 1 21 1'
#
loop_
_entity.id
_entity.type
_entity.pdbx_description
1 polymer 'Glycocyamine kinase beta chain'
2 non-polymer 'GUANIDINO ACETATE'
3 non-polymer "ADENOSINE-5'-DIPHOSPHATE"
4 non-polymer 'MAGNESIUM ION'
5 non-polymer 'NITRATE ION'
6 water water
#
_entity_poly.entity_id   1
_entity_poly.type   'polypeptide(L)'
_entity_poly.pdbx_seq_one_letter_code
;MGSAIQDYFVKNRVGHSKPWESGKFKAADNFPDLSKHNNVMASQLTKELYEKYWDKVTPNGVTFDKCIQTGVDNPGNKFY
GKKTGCVFGDEYSYECYKEFFDKCIEEIHHFKPSDKHPAPDLDHNKLVGGVFEDKYVKSCRIRCGRSVKGVCLPPAMSRA
ERRLVEKVVSDALGGLKGDLAGKYYPLTTMNEKDQEQLIEDHFLFEKPTGALLTTSGCARDWPDGRGIWHNNEKNFLVWI
NEEDHIRVISMQKGGDLKAVFSRFARGLLEVERLMKECGHGLMHNDRLGYICTCPTNMGTVVRASVHLRLAFLEKHPRFD
EMLGKLRLGKRGTGGESSLATDSTYDISNWARLGKSERELVQVLVDGVNLLIACDKKLEAGQSIDDMIPK
;
_entity_poly.pdbx_strand_id   AA,AB,AC,AD,AE,AF,AG,AH,AI,AJ,AK,AL,AM,AN,AO,AP,AQ,AR,BA,BB,BC,BD,BE,BF,BG,BH,BI,BJ,BK,BL,BM,BN,BO,BP,BQ,BR
#
loop_
_chem_comp.id
_chem_comp.type
_chem_comp.name
_chem_comp.formula
ADP non-polymer ADENOSINE-5'-DIPHOSPHATE 'C10 H15 N5 O10 P2'
MG non-polymer 'MAGNESIUM ION' 'Mg 2'
NMG non-polymer 'GUANIDINO ACETATE' 'C3 H7 N3 O2'
NO3 non-polymer 'NITRATE ION' 'N O3 -1'
#
# COMPACT_ATOMS: atom_id res chain seq x y z
N PHE A 25 -131.39 97.50 -10.52
CA PHE A 25 -131.99 96.23 -10.91
C PHE A 25 -131.48 95.04 -10.09
N LYS A 26 -132.41 94.37 -9.41
CA LYS A 26 -132.12 93.14 -8.68
C LYS A 26 -131.98 91.97 -9.64
N ALA A 27 -131.82 90.77 -9.11
CA ALA A 27 -131.83 89.57 -9.94
C ALA A 27 -133.25 89.28 -10.40
N ALA A 28 -134.22 89.55 -9.53
CA ALA A 28 -135.62 89.24 -9.79
C ALA A 28 -136.26 90.07 -10.91
N ASP A 29 -135.61 91.18 -11.26
CA ASP A 29 -136.12 92.06 -12.31
C ASP A 29 -135.75 91.52 -13.69
N ASN A 30 -134.84 90.55 -13.69
CA ASN A 30 -134.25 90.04 -14.92
C ASN A 30 -134.47 88.55 -15.12
N PHE A 31 -135.16 87.92 -14.16
CA PHE A 31 -135.51 86.50 -14.27
C PHE A 31 -136.34 86.27 -15.53
N PRO A 32 -135.91 85.33 -16.38
CA PRO A 32 -136.52 85.04 -17.67
C PRO A 32 -138.00 84.71 -17.51
N ASP A 33 -138.81 85.04 -18.52
CA ASP A 33 -140.22 84.67 -18.51
C ASP A 33 -140.41 83.39 -19.29
N LEU A 34 -140.37 82.26 -18.58
CA LEU A 34 -140.35 80.94 -19.20
C LEU A 34 -141.74 80.28 -19.22
N SER A 35 -142.79 81.10 -19.17
CA SER A 35 -144.19 80.65 -19.27
C SER A 35 -144.47 79.60 -20.35
N LYS A 36 -143.94 79.82 -21.55
CA LYS A 36 -144.17 78.90 -22.67
C LYS A 36 -143.15 77.75 -22.74
N HIS A 37 -141.90 78.04 -22.40
CA HIS A 37 -140.79 77.13 -22.68
C HIS A 37 -141.03 75.67 -22.31
N ASN A 38 -140.35 74.78 -23.03
CA ASN A 38 -140.29 73.38 -22.66
C ASN A 38 -138.90 72.84 -22.92
N ASN A 39 -138.07 72.91 -21.89
CA ASN A 39 -136.72 72.33 -21.90
C ASN A 39 -136.08 72.29 -20.51
N VAL A 40 -134.90 71.72 -20.44
CA VAL A 40 -134.26 71.43 -19.17
C VAL A 40 -134.05 72.65 -18.27
N MET A 41 -133.44 73.71 -18.81
CA MET A 41 -133.20 74.94 -18.05
C MET A 41 -134.51 75.50 -17.48
N ALA A 42 -135.52 75.68 -18.34
CA ALA A 42 -136.86 76.05 -17.88
C ALA A 42 -137.36 75.09 -16.78
N SER A 43 -136.97 73.82 -16.90
CA SER A 43 -137.40 72.77 -15.98
C SER A 43 -136.59 72.75 -14.67
N GLN A 44 -135.36 73.27 -14.71
CA GLN A 44 -134.46 73.18 -13.55
C GLN A 44 -134.11 74.53 -12.93
N LEU A 45 -134.45 75.62 -13.62
CA LEU A 45 -134.12 76.95 -13.14
C LEU A 45 -135.17 77.50 -12.15
N THR A 46 -134.73 77.71 -10.92
CA THR A 46 -135.58 78.26 -9.87
C THR A 46 -135.23 79.73 -9.67
N LYS A 47 -136.20 80.53 -9.23
CA LYS A 47 -135.92 81.92 -8.88
C LYS A 47 -134.76 81.98 -7.88
N GLU A 48 -134.72 81.01 -6.98
CA GLU A 48 -133.66 80.93 -5.97
C GLU A 48 -132.27 80.75 -6.58
N LEU A 49 -132.16 79.92 -7.61
CA LEU A 49 -130.87 79.65 -8.24
C LEU A 49 -130.46 80.75 -9.22
N TYR A 50 -131.42 81.59 -9.61
CA TYR A 50 -131.11 82.71 -10.48
C TYR A 50 -130.57 83.87 -9.66
N GLU A 51 -131.17 84.09 -8.49
CA GLU A 51 -130.72 85.17 -7.62
C GLU A 51 -129.26 84.96 -7.20
N LYS A 52 -128.85 83.70 -7.14
CA LYS A 52 -127.53 83.34 -6.63
C LYS A 52 -126.41 83.40 -7.66
N TYR A 53 -126.72 83.06 -8.89
CA TYR A 53 -125.69 82.93 -9.91
C TYR A 53 -125.65 84.09 -10.87
N TRP A 54 -126.74 84.86 -10.90
CA TRP A 54 -126.91 85.85 -11.94
C TRP A 54 -125.77 86.88 -11.97
N ASP A 55 -125.19 87.15 -10.81
CA ASP A 55 -124.09 88.12 -10.71
C ASP A 55 -122.75 87.45 -10.44
N LYS A 56 -122.60 86.23 -10.96
CA LYS A 56 -121.39 85.45 -10.73
C LYS A 56 -120.65 85.20 -12.04
N VAL A 57 -119.52 85.88 -12.21
CA VAL A 57 -118.74 85.77 -13.44
C VAL A 57 -117.66 84.71 -13.25
N THR A 58 -117.46 83.88 -14.28
CA THR A 58 -116.41 82.89 -14.24
C THR A 58 -115.06 83.58 -14.37
N PRO A 59 -113.95 82.83 -14.18
CA PRO A 59 -112.60 83.38 -14.30
C PRO A 59 -112.33 83.99 -15.67
N ASN A 60 -113.00 83.47 -16.70
CA ASN A 60 -112.81 83.94 -18.07
C ASN A 60 -113.83 84.98 -18.53
N GLY A 61 -114.63 85.47 -17.60
CA GLY A 61 -115.62 86.50 -17.90
C GLY A 61 -117.00 86.04 -18.39
N VAL A 62 -117.26 84.74 -18.32
CA VAL A 62 -118.52 84.14 -18.76
C VAL A 62 -119.61 84.28 -17.69
N THR A 63 -120.80 84.74 -18.07
CA THR A 63 -121.85 84.97 -17.07
C THR A 63 -122.95 83.90 -17.06
N PHE A 64 -123.80 83.98 -16.05
CA PHE A 64 -124.89 83.01 -15.90
C PHE A 64 -125.96 83.24 -16.98
N ASP A 65 -126.30 84.50 -17.22
CA ASP A 65 -127.18 84.85 -18.33
C ASP A 65 -126.59 84.39 -19.66
N LYS A 66 -125.27 84.47 -19.79
CA LYS A 66 -124.63 83.97 -21.00
C LYS A 66 -124.98 82.51 -21.17
N CYS A 67 -124.88 81.75 -20.08
CA CYS A 67 -124.99 80.30 -20.12
C CYS A 67 -126.36 79.79 -20.53
N ILE A 68 -127.42 80.44 -20.03
CA ILE A 68 -128.79 79.95 -20.23
C ILE A 68 -129.54 80.59 -21.40
N GLN A 69 -128.94 81.60 -22.03
CA GLN A 69 -129.62 82.35 -23.08
C GLN A 69 -130.31 81.49 -24.13
N THR A 70 -129.58 80.53 -24.70
CA THR A 70 -130.08 79.65 -25.77
C THR A 70 -131.45 79.03 -25.46
N GLY A 71 -131.71 78.79 -24.17
CA GLY A 71 -132.98 78.23 -23.74
C GLY A 71 -134.09 79.24 -23.56
N VAL A 72 -133.75 80.46 -23.15
CA VAL A 72 -134.76 81.51 -23.08
C VAL A 72 -135.23 81.80 -24.50
N ASP A 73 -134.27 81.86 -25.40
CA ASP A 73 -134.54 82.15 -26.79
C ASP A 73 -135.34 81.02 -27.44
N ASN A 74 -135.24 79.81 -26.87
CA ASN A 74 -135.82 78.63 -27.52
C ASN A 74 -136.80 77.83 -26.66
N PRO A 75 -138.06 78.28 -26.59
CA PRO A 75 -139.14 77.68 -25.81
C PRO A 75 -139.64 76.39 -26.42
N GLY A 76 -139.36 76.19 -27.70
CA GLY A 76 -139.86 75.03 -28.41
C GLY A 76 -138.90 74.45 -29.43
N ASN A 77 -139.28 73.31 -29.98
CA ASN A 77 -138.47 72.62 -30.99
C ASN A 77 -139.32 72.11 -32.15
N LYS A 78 -139.01 72.57 -33.35
CA LYS A 78 -139.74 72.17 -34.56
C LYS A 78 -139.57 70.69 -34.86
N PHE A 79 -138.50 70.10 -34.34
CA PHE A 79 -138.18 68.70 -34.64
C PHE A 79 -138.34 67.80 -33.42
N TYR A 80 -137.52 66.78 -33.32
CA TYR A 80 -137.66 65.78 -32.26
C TYR A 80 -136.88 66.14 -30.99
N GLY A 81 -137.36 65.66 -29.86
CA GLY A 81 -136.66 65.83 -28.60
C GLY A 81 -137.01 67.08 -27.81
N LYS A 82 -137.01 66.95 -26.48
CA LYS A 82 -137.01 68.11 -25.60
C LYS A 82 -135.57 68.57 -25.53
N LYS A 83 -135.32 69.85 -25.79
CA LYS A 83 -133.96 70.36 -25.89
C LYS A 83 -133.34 70.70 -24.52
N THR A 84 -132.01 70.81 -24.48
CA THR A 84 -131.29 71.15 -23.25
C THR A 84 -131.63 72.58 -22.79
N GLY A 85 -131.16 73.58 -23.52
CA GLY A 85 -131.52 74.95 -23.22
C GLY A 85 -130.50 75.72 -22.40
N CYS A 86 -129.26 75.22 -22.38
CA CYS A 86 -128.19 75.88 -21.62
C CYS A 86 -126.84 75.31 -22.01
N VAL A 87 -125.79 76.09 -21.83
CA VAL A 87 -124.44 75.63 -22.19
C VAL A 87 -123.36 76.18 -21.27
N PHE A 88 -122.20 75.53 -21.30
CA PHE A 88 -121.03 76.06 -20.62
C PHE A 88 -120.33 77.01 -21.57
N GLY A 89 -119.90 78.16 -21.04
CA GLY A 89 -119.16 79.13 -21.82
C GLY A 89 -117.71 78.72 -21.88
N ASP A 90 -117.17 78.30 -20.74
CA ASP A 90 -115.78 77.84 -20.68
C ASP A 90 -115.62 76.61 -19.78
N GLU A 91 -114.38 76.37 -19.38
CA GLU A 91 -114.01 75.20 -18.59
C GLU A 91 -114.37 75.36 -17.11
N TYR A 92 -114.76 76.58 -16.74
CA TYR A 92 -115.02 76.89 -15.35
C TYR A 92 -116.52 77.03 -15.10
N SER A 93 -117.29 76.91 -16.17
CA SER A 93 -118.72 77.14 -16.06
C SER A 93 -119.40 76.06 -15.22
N TYR A 94 -119.10 74.79 -15.46
CA TYR A 94 -119.78 73.75 -14.70
C TYR A 94 -119.64 73.99 -13.20
N GLU A 95 -118.45 74.40 -12.79
CA GLU A 95 -118.13 74.56 -11.37
C GLU A 95 -118.84 75.74 -10.74
N CYS A 96 -118.86 76.85 -11.46
CA CYS A 96 -119.48 78.11 -11.00
C CYS A 96 -120.95 78.02 -10.64
N TYR A 97 -121.71 77.26 -11.42
CA TYR A 97 -123.16 77.27 -11.28
C TYR A 97 -123.65 75.85 -11.02
N LYS A 98 -122.82 75.08 -10.33
CA LYS A 98 -123.00 73.65 -10.14
C LYS A 98 -124.35 73.23 -9.54
N GLU A 99 -124.93 74.06 -8.70
CA GLU A 99 -126.22 73.74 -8.10
C GLU A 99 -127.37 73.72 -9.14
N PHE A 100 -127.19 74.45 -10.23
CA PHE A 100 -128.16 74.42 -11.33
C PHE A 100 -127.78 73.36 -12.39
N PHE A 101 -126.50 73.27 -12.71
CA PHE A 101 -126.02 72.29 -13.67
C PHE A 101 -126.14 70.83 -13.22
N ASP A 102 -126.12 70.59 -11.91
CA ASP A 102 -126.30 69.23 -11.41
C ASP A 102 -127.73 68.72 -11.57
N LYS A 103 -128.68 69.63 -11.75
CA LYS A 103 -130.08 69.26 -11.88
C LYS A 103 -130.38 68.94 -13.33
N CYS A 104 -129.63 69.57 -14.23
CA CYS A 104 -129.85 69.37 -15.66
C CYS A 104 -129.24 68.04 -16.06
N ILE A 105 -128.07 67.76 -15.47
CA ILE A 105 -127.36 66.51 -15.68
C ILE A 105 -128.21 65.31 -15.26
N GLU A 106 -128.85 65.43 -14.12
CA GLU A 106 -129.61 64.31 -13.56
C GLU A 106 -130.83 63.97 -14.38
N GLU A 107 -131.52 64.98 -14.87
CA GLU A 107 -132.61 64.78 -15.82
C GLU A 107 -132.08 64.04 -17.06
N ILE A 108 -130.96 64.48 -17.59
CA ILE A 108 -130.50 63.94 -18.86
C ILE A 108 -129.85 62.55 -18.78
N HIS A 109 -128.71 62.44 -18.09
CA HIS A 109 -127.94 61.19 -18.06
C HIS A 109 -128.31 60.31 -16.87
N HIS A 110 -129.35 60.70 -16.15
CA HIS A 110 -129.80 59.99 -14.95
C HIS A 110 -128.68 59.83 -13.92
N PHE A 111 -127.88 60.88 -13.83
CA PHE A 111 -126.64 60.91 -13.07
C PHE A 111 -126.80 61.81 -11.84
N LYS A 112 -126.34 61.35 -10.68
CA LYS A 112 -126.50 62.11 -9.44
C LYS A 112 -125.24 62.88 -9.06
N PRO A 113 -125.39 63.95 -8.26
CA PRO A 113 -124.22 64.66 -7.74
C PRO A 113 -123.26 63.74 -6.98
N SER A 114 -123.77 62.63 -6.46
CA SER A 114 -122.97 61.68 -5.69
C SER A 114 -122.25 60.69 -6.58
N ASP A 115 -122.79 60.48 -7.78
CA ASP A 115 -122.26 59.49 -8.71
C ASP A 115 -120.87 59.84 -9.23
N LYS A 116 -120.28 58.90 -9.97
CA LYS A 116 -119.01 59.11 -10.64
C LYS A 116 -119.05 58.47 -12.04
N HIS A 117 -118.27 59.01 -12.97
CA HIS A 117 -118.18 58.44 -14.31
C HIS A 117 -117.07 57.39 -14.42
N PRO A 118 -117.43 56.18 -14.85
CA PRO A 118 -116.54 55.01 -14.98
C PRO A 118 -115.28 55.25 -15.82
N ALA A 119 -114.32 54.35 -15.70
CA ALA A 119 -113.14 54.37 -16.57
C ALA A 119 -113.56 54.01 -17.97
N PRO A 120 -112.93 54.64 -18.97
CA PRO A 120 -113.26 54.42 -20.39
C PRO A 120 -113.17 52.95 -20.78
N ASP A 121 -114.06 52.53 -21.66
CA ASP A 121 -114.04 51.17 -22.21
C ASP A 121 -114.21 51.19 -23.72
N LEU A 122 -113.09 51.10 -24.43
CA LEU A 122 -113.08 51.21 -25.90
C LEU A 122 -112.89 49.85 -26.59
N ASP A 123 -113.07 48.77 -25.84
CA ASP A 123 -112.90 47.43 -26.37
C ASP A 123 -114.18 46.94 -27.08
N HIS A 124 -114.13 46.94 -28.41
CA HIS A 124 -115.30 46.57 -29.22
C HIS A 124 -115.47 45.05 -29.31
N ASN A 125 -114.50 44.31 -28.81
CA ASN A 125 -114.57 42.85 -28.83
C ASN A 125 -115.58 42.31 -27.82
N LYS A 126 -115.78 43.04 -26.73
CA LYS A 126 -116.72 42.62 -25.70
C LYS A 126 -118.17 42.90 -26.13
N LEU A 127 -118.31 43.51 -27.31
CA LEU A 127 -119.60 43.94 -27.82
C LEU A 127 -120.39 42.74 -28.33
N VAL A 128 -121.67 42.67 -27.97
CA VAL A 128 -122.53 41.58 -28.42
C VAL A 128 -123.46 42.07 -29.52
N GLY A 129 -123.44 41.37 -30.65
CA GLY A 129 -124.11 41.85 -31.84
C GLY A 129 -123.38 43.05 -32.39
N GLY A 130 -124.10 44.03 -32.90
CA GLY A 130 -123.47 45.18 -33.51
C GLY A 130 -123.21 44.97 -34.99
N VAL A 131 -124.03 44.14 -35.61
CA VAL A 131 -123.96 43.89 -37.06
C VAL A 131 -125.36 43.62 -37.57
N PHE A 132 -126.13 44.68 -37.76
CA PHE A 132 -127.55 44.54 -38.08
C PHE A 132 -127.79 44.19 -39.56
N GLU A 133 -129.06 44.13 -39.94
CA GLU A 133 -129.47 43.65 -41.25
C GLU A 133 -129.58 44.77 -42.28
N ASP A 134 -128.83 44.67 -43.37
CA ASP A 134 -128.81 45.66 -44.45
C ASP A 134 -130.21 46.14 -44.86
N LYS A 135 -131.20 45.26 -44.73
CA LYS A 135 -132.58 45.63 -44.98
C LYS A 135 -133.02 46.77 -44.06
N TYR A 136 -132.65 46.67 -42.78
CA TYR A 136 -133.15 47.59 -41.75
C TYR A 136 -132.27 48.81 -41.45
N VAL A 137 -130.95 48.63 -41.49
CA VAL A 137 -130.04 49.71 -41.15
C VAL A 137 -129.13 50.07 -42.31
N LYS A 138 -129.31 51.27 -42.85
CA LYS A 138 -128.58 51.71 -44.04
C LYS A 138 -127.15 52.16 -43.75
N SER A 139 -126.90 52.64 -42.52
CA SER A 139 -125.54 52.99 -42.12
C SER A 139 -125.42 53.15 -40.60
N CYS A 140 -124.18 53.21 -40.12
CA CYS A 140 -123.86 53.40 -38.71
C CYS A 140 -122.87 54.54 -38.51
N ARG A 141 -122.86 55.13 -37.32
CA ARG A 141 -121.97 56.25 -37.01
C ARG A 141 -121.65 56.34 -35.53
N ILE A 142 -120.39 56.57 -35.19
CA ILE A 142 -119.99 56.79 -33.81
C ILE A 142 -119.14 58.04 -33.71
N ARG A 143 -119.50 58.91 -32.78
CA ARG A 143 -118.83 60.20 -32.63
C ARG A 143 -118.71 60.62 -31.17
N CYS A 144 -117.76 61.50 -30.89
CA CYS A 144 -117.67 62.18 -29.61
C CYS A 144 -116.95 63.53 -29.77
N GLY A 145 -117.28 64.49 -28.91
CA GLY A 145 -116.61 65.79 -28.94
C GLY A 145 -115.50 65.93 -27.92
N ARG A 146 -114.52 66.78 -28.23
CA ARG A 146 -113.39 67.03 -27.32
C ARG A 146 -113.09 68.53 -27.23
N SER A 147 -112.62 68.95 -26.06
CA SER A 147 -112.47 70.38 -25.77
C SER A 147 -111.06 70.73 -25.36
N VAL A 148 -110.44 71.66 -26.09
CA VAL A 148 -109.07 72.05 -25.82
C VAL A 148 -109.03 73.00 -24.64
N LYS A 149 -108.33 72.58 -23.58
CA LYS A 149 -108.21 73.32 -22.34
C LYS A 149 -107.29 74.54 -22.48
N GLY A 150 -107.60 75.58 -21.71
CA GLY A 150 -106.79 76.79 -21.73
C GLY A 150 -107.44 77.90 -22.51
N VAL A 151 -108.46 77.54 -23.28
CA VAL A 151 -109.22 78.50 -24.08
C VAL A 151 -110.71 78.22 -23.93
N CYS A 152 -111.52 79.27 -24.06
CA CYS A 152 -112.98 79.18 -24.02
C CYS A 152 -113.61 78.23 -25.06
N LEU A 153 -114.87 77.87 -24.82
CA LEU A 153 -115.63 77.03 -25.74
C LEU A 153 -116.34 77.91 -26.76
N PRO A 154 -116.69 77.33 -27.93
CA PRO A 154 -117.34 78.05 -29.03
C PRO A 154 -118.34 79.15 -28.65
N PRO A 155 -119.15 78.94 -27.62
CA PRO A 155 -120.08 80.01 -27.24
C PRO A 155 -119.47 81.34 -26.76
N ALA A 156 -118.29 81.33 -26.16
CA ALA A 156 -117.73 82.57 -25.61
C ALA A 156 -116.35 82.96 -26.16
N MET A 157 -115.74 82.08 -26.95
CA MET A 157 -114.36 82.27 -27.36
C MET A 157 -114.19 83.35 -28.44
N SER A 158 -113.08 84.08 -28.36
CA SER A 158 -112.72 85.11 -29.34
C SER A 158 -112.25 84.49 -30.65
N ARG A 159 -112.12 85.31 -31.69
CA ARG A 159 -111.49 84.88 -32.93
C ARG A 159 -110.05 84.48 -32.64
N ALA A 160 -109.43 85.18 -31.69
CA ALA A 160 -108.06 84.90 -31.29
C ALA A 160 -107.88 83.45 -30.82
N GLU A 161 -108.79 83.01 -29.94
CA GLU A 161 -108.73 81.66 -29.41
C GLU A 161 -109.07 80.59 -30.46
N ARG A 162 -110.11 80.86 -31.24
CA ARG A 162 -110.56 79.93 -32.27
C ARG A 162 -109.45 79.68 -33.31
N ARG A 163 -108.76 80.74 -33.72
CA ARG A 163 -107.61 80.60 -34.63
C ARG A 163 -106.51 79.79 -33.96
N LEU A 164 -106.33 80.05 -32.67
CA LEU A 164 -105.41 79.28 -31.84
C LEU A 164 -105.76 77.79 -31.81
N VAL A 165 -106.98 77.46 -31.42
CA VAL A 165 -107.42 76.06 -31.37
C VAL A 165 -107.24 75.36 -32.72
N GLU A 166 -107.59 76.04 -33.81
CA GLU A 166 -107.52 75.45 -35.16
C GLU A 166 -106.10 75.09 -35.60
N LYS A 167 -105.14 75.90 -35.19
CA LYS A 167 -103.74 75.69 -35.56
C LYS A 167 -103.17 74.50 -34.78
N VAL A 168 -103.51 74.47 -33.50
CA VAL A 168 -103.05 73.44 -32.57
C VAL A 168 -103.63 72.06 -32.88
N VAL A 169 -104.85 72.04 -33.39
CA VAL A 169 -105.52 70.77 -33.66
C VAL A 169 -105.13 70.20 -35.02
N SER A 170 -104.97 71.08 -36.01
CA SER A 170 -104.61 70.61 -37.34
C SER A 170 -103.13 70.20 -37.39
N ASP A 171 -102.33 70.71 -36.45
CA ASP A 171 -100.93 70.30 -36.36
C ASP A 171 -100.86 68.86 -35.88
N ALA A 172 -101.35 68.64 -34.66
CA ALA A 172 -101.44 67.31 -34.07
C ALA A 172 -102.01 66.27 -35.04
N LEU A 173 -103.02 66.66 -35.82
CA LEU A 173 -103.64 65.73 -36.76
C LEU A 173 -102.72 65.28 -37.91
N GLY A 174 -101.66 66.04 -38.17
CA GLY A 174 -100.65 65.60 -39.10
C GLY A 174 -100.00 64.32 -38.62
N GLY A 175 -100.02 64.12 -37.30
CA GLY A 175 -99.41 62.96 -36.68
C GLY A 175 -99.97 61.61 -37.13
N LEU A 176 -101.21 61.61 -37.60
CA LEU A 176 -101.86 60.35 -37.95
C LEU A 176 -101.11 59.63 -39.06
N LYS A 177 -100.96 58.31 -38.89
CA LYS A 177 -100.31 57.46 -39.88
C LYS A 177 -101.28 56.34 -40.24
N GLY A 178 -100.85 55.48 -41.16
CA GLY A 178 -101.69 54.35 -41.55
C GLY A 178 -102.88 54.81 -42.36
N ASP A 179 -103.94 54.01 -42.37
CA ASP A 179 -105.14 54.32 -43.15
C ASP A 179 -105.95 55.46 -42.53
N LEU A 180 -105.51 55.93 -41.36
CA LEU A 180 -106.24 56.96 -40.65
C LEU A 180 -105.89 58.38 -41.09
N ALA A 181 -104.64 58.59 -41.49
CA ALA A 181 -104.19 59.92 -41.92
C ALA A 181 -105.09 60.49 -43.02
N GLY A 182 -105.20 61.81 -43.04
CA GLY A 182 -106.02 62.48 -44.03
C GLY A 182 -105.60 63.92 -44.15
N LYS A 183 -106.44 64.74 -44.76
CA LYS A 183 -106.10 66.14 -44.95
C LYS A 183 -107.03 67.07 -44.16
N TYR A 184 -106.55 68.28 -43.92
CA TYR A 184 -107.38 69.29 -43.29
C TYR A 184 -107.89 70.25 -44.34
N TYR A 185 -109.20 70.29 -44.55
CA TYR A 185 -109.81 71.20 -45.53
C TYR A 185 -110.52 72.36 -44.86
N PRO A 186 -109.78 73.46 -44.60
CA PRO A 186 -110.36 74.66 -43.98
C PRO A 186 -111.63 75.10 -44.70
N LEU A 187 -112.55 75.69 -43.96
CA LEU A 187 -113.86 76.02 -44.49
C LEU A 187 -113.83 77.34 -45.26
N THR A 188 -113.00 78.27 -44.80
CA THR A 188 -112.85 79.57 -45.46
C THR A 188 -112.37 79.44 -46.90
N THR A 189 -111.62 78.38 -47.18
CA THR A 189 -111.06 78.14 -48.51
C THR A 189 -111.74 76.97 -49.23
N MET A 190 -112.87 76.51 -48.71
CA MET A 190 -113.67 75.50 -49.40
C MET A 190 -114.80 76.21 -50.12
N ASN A 191 -115.10 75.81 -51.35
CA ASN A 191 -116.14 76.50 -52.11
C ASN A 191 -117.54 75.91 -51.86
N GLU A 192 -118.56 76.75 -51.98
CA GLU A 192 -119.93 76.41 -51.60
C GLU A 192 -120.47 75.11 -52.19
N LYS A 193 -119.92 74.69 -53.32
CA LYS A 193 -120.40 73.50 -54.00
C LYS A 193 -119.82 72.20 -53.44
N ASP A 194 -118.57 72.25 -52.99
CA ASP A 194 -117.95 71.13 -52.30
C ASP A 194 -118.61 71.00 -50.95
N GLN A 195 -118.80 72.15 -50.32
CA GLN A 195 -119.39 72.26 -49.00
C GLN A 195 -120.80 71.67 -48.96
N GLU A 196 -121.59 71.96 -49.98
CA GLU A 196 -122.96 71.46 -50.05
C GLU A 196 -123.00 69.94 -50.27
N GLN A 197 -121.97 69.44 -50.97
CA GLN A 197 -121.89 68.01 -51.29
C GLN A 197 -121.49 67.20 -50.07
N LEU A 198 -120.54 67.71 -49.30
CA LEU A 198 -120.08 67.03 -48.09
C LEU A 198 -121.20 66.91 -47.04
N ILE A 199 -122.07 67.91 -47.02
CA ILE A 199 -123.16 67.95 -46.05
C ILE A 199 -124.27 66.98 -46.43
N GLU A 200 -124.54 66.91 -47.73
CA GLU A 200 -125.56 66.01 -48.27
C GLU A 200 -125.08 64.57 -48.20
N ASP A 201 -123.77 64.38 -48.12
CA ASP A 201 -123.22 63.04 -47.96
C ASP A 201 -123.06 62.69 -46.50
N HIS A 202 -123.58 63.56 -45.62
CA HIS A 202 -123.61 63.32 -44.17
C HIS A 202 -122.26 63.46 -43.47
N PHE A 203 -121.21 63.79 -44.24
CA PHE A 203 -119.88 63.91 -43.68
C PHE A 203 -119.68 65.22 -42.91
N LEU A 204 -119.91 66.35 -43.58
CA LEU A 204 -119.70 67.66 -42.93
C LEU A 204 -120.91 68.13 -42.11
N PHE A 205 -120.67 69.07 -41.19
CA PHE A 205 -121.75 69.66 -40.42
C PHE A 205 -122.54 70.68 -41.24
N GLU A 206 -123.78 70.95 -40.82
CA GLU A 206 -124.71 71.78 -41.60
C GLU A 206 -124.39 73.27 -41.54
N LYS A 207 -124.88 74.02 -42.52
CA LYS A 207 -124.75 75.47 -42.50
C LYS A 207 -125.21 75.98 -41.14
N PRO A 208 -124.67 77.13 -40.71
CA PRO A 208 -124.93 77.67 -39.38
C PRO A 208 -126.33 78.31 -39.23
N THR A 209 -127.38 77.48 -39.19
CA THR A 209 -128.74 78.00 -39.02
C THR A 209 -129.47 77.31 -37.86
N GLY A 210 -128.79 76.36 -37.20
CA GLY A 210 -129.35 75.70 -36.04
C GLY A 210 -129.60 76.66 -34.88
N ALA A 211 -130.73 76.50 -34.21
CA ALA A 211 -131.14 77.39 -33.11
C ALA A 211 -130.16 77.33 -31.94
N LEU A 212 -129.75 76.14 -31.55
CA LEU A 212 -128.68 76.04 -30.59
C LEU A 212 -127.47 76.81 -31.10
N LEU A 213 -126.95 76.41 -32.24
CA LEU A 213 -125.73 77.00 -32.76
C LEU A 213 -125.73 78.52 -32.77
N THR A 214 -126.70 79.13 -33.43
CA THR A 214 -126.71 80.60 -33.52
C THR A 214 -126.99 81.32 -32.19
N THR A 215 -128.01 80.88 -31.45
CA THR A 215 -128.42 81.61 -30.25
C THR A 215 -127.46 81.39 -29.09
N SER A 216 -126.57 80.42 -29.24
CA SER A 216 -125.54 80.16 -28.24
C SER A 216 -124.19 80.77 -28.59
N GLY A 217 -124.12 81.49 -29.71
CA GLY A 217 -122.91 82.20 -30.09
C GLY A 217 -121.90 81.42 -30.93
N CYS A 218 -122.15 80.15 -31.20
CA CYS A 218 -121.16 79.29 -31.86
C CYS A 218 -120.94 79.58 -33.34
N ALA A 219 -121.64 80.57 -33.90
CA ALA A 219 -121.47 80.92 -35.32
C ALA A 219 -120.98 82.35 -35.62
N ARG A 220 -120.45 83.02 -34.60
CA ARG A 220 -119.78 84.32 -34.77
C ARG A 220 -118.62 84.18 -35.76
N ASP A 221 -118.38 85.23 -36.55
CA ASP A 221 -117.23 85.31 -37.45
C ASP A 221 -117.17 84.15 -38.44
N TRP A 222 -118.25 83.38 -38.53
CA TRP A 222 -118.34 82.20 -39.37
C TRP A 222 -117.94 82.52 -40.80
N PRO A 223 -117.05 81.72 -41.41
CA PRO A 223 -116.42 80.47 -40.96
C PRO A 223 -115.00 80.58 -40.39
N ASP A 224 -114.61 81.75 -39.88
CA ASP A 224 -113.23 81.92 -39.41
C ASP A 224 -112.83 80.85 -38.39
N GLY A 225 -111.82 80.06 -38.73
CA GLY A 225 -111.34 79.03 -37.85
C GLY A 225 -112.12 77.74 -37.93
N ARG A 226 -112.90 77.59 -39.00
CA ARG A 226 -113.73 76.40 -39.16
C ARG A 226 -113.18 75.50 -40.27
N GLY A 227 -113.44 74.20 -40.14
CA GLY A 227 -112.89 73.23 -41.08
C GLY A 227 -113.21 71.79 -40.71
N ILE A 228 -112.89 70.88 -41.63
CA ILE A 228 -113.08 69.46 -41.39
C ILE A 228 -111.88 68.67 -41.88
N TRP A 229 -111.42 67.76 -41.04
CA TRP A 229 -110.32 66.88 -41.39
C TRP A 229 -110.88 65.50 -41.67
N HIS A 230 -110.38 64.81 -42.70
CA HIS A 230 -110.89 63.48 -43.01
C HIS A 230 -109.95 62.64 -43.86
N ASN A 231 -109.89 61.33 -43.56
CA ASN A 231 -109.05 60.41 -44.32
C ASN A 231 -109.57 60.23 -45.75
N ASN A 232 -108.83 59.47 -46.56
CA ASN A 232 -109.23 59.24 -47.95
C ASN A 232 -110.61 58.58 -48.04
N GLU A 233 -110.72 57.37 -47.48
CA GLU A 233 -111.97 56.62 -47.52
C GLU A 233 -113.18 57.42 -46.99
N LYS A 234 -112.90 58.48 -46.25
CA LYS A 234 -113.94 59.30 -45.61
C LYS A 234 -114.79 58.49 -44.61
N ASN A 235 -114.13 57.58 -43.89
CA ASN A 235 -114.79 56.86 -42.81
C ASN A 235 -114.29 57.27 -41.42
N PHE A 236 -113.30 58.16 -41.39
CA PHE A 236 -112.82 58.73 -40.13
C PHE A 236 -112.61 60.24 -40.31
N LEU A 237 -113.21 61.04 -39.42
CA LEU A 237 -113.26 62.48 -39.66
C LEU A 237 -113.19 63.29 -38.37
N VAL A 238 -112.87 64.58 -38.52
CA VAL A 238 -112.86 65.48 -37.38
C VAL A 238 -113.47 66.83 -37.71
N TRP A 239 -114.34 67.31 -36.83
CA TRP A 239 -114.90 68.64 -36.99
C TRP A 239 -114.07 69.62 -36.18
N ILE A 240 -113.69 70.73 -36.80
CA ILE A 240 -112.98 71.75 -36.06
C ILE A 240 -113.77 73.07 -35.96
N ASN A 241 -114.19 73.36 -34.74
CA ASN A 241 -114.81 74.64 -34.39
C ASN A 241 -116.23 74.93 -34.92
N GLU A 242 -117.08 73.91 -34.87
CA GLU A 242 -118.52 74.10 -34.97
C GLU A 242 -119.06 74.38 -33.57
N GLU A 243 -119.73 73.40 -32.97
CA GLU A 243 -120.28 73.56 -31.61
C GLU A 243 -119.25 73.27 -30.53
N ASP A 244 -118.41 72.28 -30.81
CA ASP A 244 -117.35 71.91 -29.89
C ASP A 244 -116.01 72.07 -30.61
N HIS A 245 -114.94 72.27 -29.84
CA HIS A 245 -113.61 72.40 -30.42
C HIS A 245 -113.31 71.25 -31.38
N ILE A 246 -113.39 70.03 -30.88
CA ILE A 246 -113.14 68.85 -31.69
C ILE A 246 -114.30 67.86 -31.63
N ARG A 247 -114.59 67.21 -32.75
CA ARG A 247 -115.52 66.08 -32.79
C ARG A 247 -114.86 64.98 -33.59
N VAL A 248 -114.84 63.77 -33.03
CA VAL A 248 -114.20 62.61 -33.66
C VAL A 248 -115.24 61.63 -34.20
N ILE A 249 -115.21 61.36 -35.51
CA ILE A 249 -116.30 60.64 -36.17
C ILE A 249 -115.89 59.40 -36.97
N SER A 250 -116.50 58.27 -36.65
CA SER A 250 -116.39 57.07 -37.49
C SER A 250 -117.75 56.67 -38.05
N MET A 251 -117.79 56.39 -39.35
CA MET A 251 -119.06 56.08 -40.00
C MET A 251 -118.85 55.36 -41.32
N GLN A 252 -119.88 54.64 -41.76
CA GLN A 252 -119.82 53.90 -43.02
C GLN A 252 -121.22 53.39 -43.33
N LYS A 253 -121.47 53.02 -44.58
CA LYS A 253 -122.76 52.47 -44.98
C LYS A 253 -122.90 51.05 -44.47
N GLY A 254 -124.11 50.51 -44.56
CA GLY A 254 -124.41 49.18 -44.06
C GLY A 254 -124.82 49.16 -42.59
N GLY A 255 -124.63 48.02 -41.93
CA GLY A 255 -125.05 47.87 -40.56
C GLY A 255 -124.02 47.17 -39.68
N ASP A 256 -122.76 47.52 -39.85
CA ASP A 256 -121.69 46.93 -39.06
C ASP A 256 -121.19 47.94 -38.02
N LEU A 257 -121.94 48.05 -36.94
CA LEU A 257 -121.62 48.96 -35.84
C LEU A 257 -120.31 48.55 -35.21
N LYS A 258 -120.13 47.24 -35.09
CA LYS A 258 -118.97 46.64 -34.46
C LYS A 258 -117.68 47.07 -35.16
N ALA A 259 -117.73 47.23 -36.48
CA ALA A 259 -116.58 47.70 -37.24
C ALA A 259 -116.32 49.18 -36.99
N VAL A 260 -117.36 49.99 -37.14
CA VAL A 260 -117.28 51.43 -36.92
C VAL A 260 -116.76 51.75 -35.52
N PHE A 261 -117.16 50.91 -34.55
CA PHE A 261 -116.64 51.03 -33.19
C PHE A 261 -115.15 50.67 -33.15
N SER A 262 -114.80 49.58 -33.82
CA SER A 262 -113.39 49.18 -33.96
C SER A 262 -112.55 50.36 -34.46
N ARG A 263 -112.94 50.91 -35.61
CA ARG A 263 -112.23 52.06 -36.16
C ARG A 263 -112.24 53.26 -35.23
N PHE A 264 -113.45 53.61 -34.76
CA PHE A 264 -113.63 54.76 -33.88
C PHE A 264 -112.63 54.74 -32.73
N ALA A 265 -112.58 53.62 -31.99
CA ALA A 265 -111.67 53.47 -30.85
C ALA A 265 -110.19 53.72 -31.16
N ARG A 266 -109.66 53.06 -32.19
CA ARG A 266 -108.29 53.29 -32.65
C ARG A 266 -107.97 54.77 -32.76
N GLY A 267 -108.66 55.44 -33.69
CA GLY A 267 -108.43 56.84 -34.00
C GLY A 267 -108.57 57.82 -32.85
N LEU A 268 -109.55 57.60 -31.98
CA LEU A 268 -109.74 58.48 -30.81
C LEU A 268 -108.54 58.33 -29.87
N LEU A 269 -108.00 57.13 -29.78
CA LEU A 269 -106.81 56.88 -28.99
C LEU A 269 -105.64 57.68 -29.54
N GLU A 270 -105.36 57.46 -30.82
CA GLU A 270 -104.33 58.20 -31.54
C GLU A 270 -104.51 59.70 -31.37
N VAL A 271 -105.75 60.16 -31.43
CA VAL A 271 -106.04 61.59 -31.40
C VAL A 271 -105.65 62.20 -30.05
N GLU A 272 -106.08 61.54 -28.97
CA GLU A 272 -105.83 62.04 -27.62
C GLU A 272 -104.35 62.05 -27.29
N ARG A 273 -103.67 61.00 -27.72
CA ARG A 273 -102.23 60.86 -27.56
C ARG A 273 -101.48 62.02 -28.22
N LEU A 274 -101.65 62.17 -29.54
CA LEU A 274 -101.07 63.28 -30.28
C LEU A 274 -101.30 64.63 -29.60
N MET A 275 -102.54 64.87 -29.15
CA MET A 275 -102.88 66.11 -28.46
C MET A 275 -102.15 66.20 -27.14
N LYS A 276 -102.04 65.07 -26.47
CA LYS A 276 -101.33 64.96 -25.21
C LYS A 276 -99.86 65.24 -25.45
N GLU A 277 -99.39 64.80 -26.61
CA GLU A 277 -97.99 64.88 -27.00
C GLU A 277 -97.58 66.33 -27.28
N CYS A 278 -98.44 67.06 -27.96
CA CYS A 278 -98.19 68.47 -28.28
C CYS A 278 -98.40 69.36 -27.06
N GLY A 279 -98.55 68.74 -25.91
CA GLY A 279 -98.69 69.48 -24.66
C GLY A 279 -99.98 70.25 -24.65
N HIS A 280 -101.03 69.62 -25.16
CA HIS A 280 -102.36 70.22 -25.19
C HIS A 280 -103.36 69.35 -24.45
N GLY A 281 -103.96 69.91 -23.41
CA GLY A 281 -104.88 69.17 -22.57
C GLY A 281 -106.34 69.37 -22.88
N LEU A 282 -107.09 68.28 -22.89
CA LEU A 282 -108.53 68.32 -23.10
C LEU A 282 -109.25 68.53 -21.77
N MET A 283 -110.38 69.22 -21.81
CA MET A 283 -111.08 69.59 -20.58
C MET A 283 -111.73 68.38 -19.95
N HIS A 284 -111.21 67.98 -18.81
CA HIS A 284 -111.62 66.73 -18.17
C HIS A 284 -111.83 66.95 -16.67
N ASN A 285 -112.80 66.24 -16.12
CA ASN A 285 -113.14 66.32 -14.70
C ASN A 285 -113.19 64.90 -14.18
N ASP A 286 -112.53 64.66 -13.04
CA ASP A 286 -112.41 63.31 -12.50
C ASP A 286 -113.75 62.62 -12.28
N ARG A 287 -114.79 63.38 -11.98
CA ARG A 287 -116.15 62.86 -11.82
C ARG A 287 -116.90 62.67 -13.14
N LEU A 288 -116.93 63.74 -13.94
CA LEU A 288 -117.88 63.88 -15.04
C LEU A 288 -117.29 63.58 -16.42
N GLY A 289 -116.11 62.99 -16.44
CA GLY A 289 -115.45 62.67 -17.70
C GLY A 289 -115.08 63.91 -18.47
N TYR A 290 -115.06 63.79 -19.80
CA TYR A 290 -114.72 64.89 -20.68
C TYR A 290 -115.84 65.90 -20.82
N ILE A 291 -115.50 67.17 -20.99
CA ILE A 291 -116.47 68.26 -20.96
C ILE A 291 -116.53 69.10 -22.24
N CYS A 292 -117.75 69.37 -22.71
CA CYS A 292 -117.98 70.13 -23.93
C CYS A 292 -119.07 71.21 -23.80
N THR A 293 -119.47 71.81 -24.92
CA THR A 293 -120.38 72.97 -24.89
C THR A 293 -121.70 72.70 -24.15
N CYS A 294 -122.35 71.60 -24.51
CA CYS A 294 -123.72 71.29 -24.08
C CYS A 294 -123.74 70.16 -23.06
N PRO A 295 -124.49 70.34 -21.96
CA PRO A 295 -124.56 69.29 -20.94
C PRO A 295 -125.03 67.91 -21.47
N THR A 296 -125.47 67.82 -22.73
CA THR A 296 -125.82 66.50 -23.28
C THR A 296 -124.56 65.74 -23.60
N ASN A 297 -123.52 66.48 -23.94
CA ASN A 297 -122.22 65.90 -24.30
C ASN A 297 -121.20 66.01 -23.18
N MET A 298 -121.34 65.14 -22.18
CA MET A 298 -120.33 64.98 -21.13
C MET A 298 -119.90 63.52 -21.06
N GLY A 299 -119.09 63.18 -20.06
CA GLY A 299 -118.63 61.82 -19.88
C GLY A 299 -117.81 61.29 -21.04
N THR A 300 -118.37 60.31 -21.74
CA THR A 300 -117.75 59.76 -22.93
C THR A 300 -118.04 60.70 -24.09
N VAL A 301 -118.99 61.61 -23.86
CA VAL A 301 -119.45 62.54 -24.89
C VAL A 301 -119.68 61.80 -26.20
N VAL A 302 -120.27 60.62 -26.11
CA VAL A 302 -120.36 59.70 -27.24
C VAL A 302 -121.79 59.54 -27.75
N ARG A 303 -121.94 59.62 -29.08
CA ARG A 303 -123.21 59.35 -29.74
C ARG A 303 -123.04 58.33 -30.87
N ALA A 304 -123.52 57.11 -30.63
CA ALA A 304 -123.50 56.04 -31.62
C ALA A 304 -124.86 55.87 -32.29
N SER A 305 -124.95 56.17 -33.58
CA SER A 305 -126.23 56.16 -34.26
C SER A 305 -126.33 55.20 -35.45
N VAL A 306 -127.55 54.74 -35.69
CA VAL A 306 -127.89 53.92 -36.85
C VAL A 306 -129.04 54.59 -37.59
N HIS A 307 -129.04 54.49 -38.92
CA HIS A 307 -130.17 54.97 -39.71
C HIS A 307 -131.15 53.83 -39.94
N LEU A 308 -132.25 53.86 -39.20
CA LEU A 308 -133.15 52.71 -39.10
C LEU A 308 -134.41 52.84 -39.96
N ARG A 309 -134.73 51.77 -40.68
CA ARG A 309 -135.92 51.71 -41.52
C ARG A 309 -137.06 51.04 -40.73
N LEU A 310 -138.14 51.78 -40.49
CA LEU A 310 -139.22 51.34 -39.60
C LEU A 310 -140.63 51.60 -40.13
N ALA A 311 -141.00 50.96 -41.24
CA ALA A 311 -142.26 51.29 -41.90
C ALA A 311 -143.52 50.91 -41.13
N PHE A 312 -143.43 49.98 -40.20
CA PHE A 312 -144.61 49.47 -39.49
C PHE A 312 -144.73 49.99 -38.06
N LEU A 313 -143.63 49.91 -37.33
CA LEU A 313 -143.60 50.36 -35.94
C LEU A 313 -143.88 51.86 -35.85
N GLU A 314 -143.24 52.63 -36.72
CA GLU A 314 -143.39 54.08 -36.71
C GLU A 314 -144.83 54.58 -36.59
N LYS A 315 -145.79 53.75 -37.03
CA LYS A 315 -147.21 54.12 -36.96
C LYS A 315 -147.87 53.69 -35.64
N HIS A 316 -147.09 53.08 -34.75
CA HIS A 316 -147.62 52.50 -33.52
C HIS A 316 -147.78 53.56 -32.43
N PRO A 317 -148.92 53.53 -31.71
CA PRO A 317 -149.28 54.47 -30.63
C PRO A 317 -148.32 54.49 -29.43
N ARG A 318 -147.44 53.50 -29.31
CA ARG A 318 -146.53 53.42 -28.17
C ARG A 318 -145.06 53.47 -28.58
N PHE A 319 -144.84 53.86 -29.83
CA PHE A 319 -143.51 53.91 -30.44
C PHE A 319 -142.54 54.80 -29.67
N ASP A 320 -142.83 56.09 -29.63
CA ASP A 320 -142.00 57.07 -28.93
C ASP A 320 -141.78 56.62 -27.48
N GLU A 321 -142.84 56.08 -26.87
CA GLU A 321 -142.80 55.61 -25.48
C GLU A 321 -141.77 54.48 -25.29
N MET A 322 -141.53 53.70 -26.34
CA MET A 322 -140.59 52.59 -26.27
C MET A 322 -139.19 53.15 -26.29
N LEU A 323 -138.95 54.10 -27.19
CA LEU A 323 -137.64 54.73 -27.29
C LEU A 323 -137.28 55.36 -25.95
N GLY A 324 -138.20 56.12 -25.38
CA GLY A 324 -137.99 56.74 -24.08
C GLY A 324 -137.51 55.74 -23.04
N LYS A 325 -138.22 54.61 -22.95
CA LYS A 325 -137.89 53.57 -21.99
C LYS A 325 -136.54 52.93 -22.28
N LEU A 326 -136.28 52.73 -23.57
CA LEU A 326 -135.01 52.18 -24.06
C LEU A 326 -133.85 53.16 -23.99
N ARG A 327 -134.12 54.38 -23.55
CA ARG A 327 -133.10 55.43 -23.53
C ARG A 327 -132.51 55.66 -24.93
N LEU A 328 -133.38 55.71 -25.92
CA LEU A 328 -132.93 56.01 -27.28
C LEU A 328 -133.41 57.41 -27.71
N GLY A 329 -132.47 58.18 -28.27
CA GLY A 329 -132.79 59.49 -28.81
C GLY A 329 -133.21 59.37 -30.26
N LYS A 330 -134.25 60.13 -30.64
CA LYS A 330 -134.75 60.09 -32.00
C LYS A 330 -134.34 61.35 -32.78
N ARG A 331 -133.88 61.13 -34.00
CA ARG A 331 -133.55 62.22 -34.91
C ARG A 331 -133.92 61.91 -36.35
N GLY A 332 -133.84 62.91 -37.21
CA GLY A 332 -134.21 62.74 -38.60
C GLY A 332 -133.05 62.32 -39.47
N THR A 333 -133.35 62.06 -40.73
CA THR A 333 -132.36 61.57 -41.69
C THR A 333 -131.22 62.56 -41.92
N GLY A 334 -131.52 63.85 -41.74
CA GLY A 334 -130.54 64.90 -41.98
C GLY A 334 -129.83 65.37 -40.72
N GLY A 335 -130.17 64.74 -39.59
CA GLY A 335 -129.63 65.16 -38.31
C GLY A 335 -130.68 65.86 -37.46
N GLU A 336 -130.27 66.18 -36.23
CA GLU A 336 -131.04 66.91 -35.24
C GLU A 336 -132.11 67.84 -35.81
N SER A 337 -131.69 68.73 -36.71
CA SER A 337 -132.60 69.72 -37.24
C SER A 337 -133.23 69.26 -38.56
N SER A 338 -133.79 68.06 -38.51
CA SER A 338 -134.59 67.53 -39.60
C SER A 338 -135.61 66.53 -39.05
N LEU A 339 -136.62 66.21 -39.84
CA LEU A 339 -137.55 65.14 -39.48
C LEU A 339 -137.14 63.88 -40.26
N ALA A 340 -137.74 62.75 -39.93
CA ALA A 340 -137.46 61.51 -40.65
C ALA A 340 -138.04 61.59 -42.05
N THR A 341 -137.28 61.14 -43.05
CA THR A 341 -137.83 60.98 -44.38
C THR A 341 -137.65 59.53 -44.81
N ASP A 342 -138.69 58.97 -45.42
CA ASP A 342 -138.59 57.66 -46.03
C ASP A 342 -138.68 56.56 -44.98
N SER A 343 -139.50 56.81 -43.95
CA SER A 343 -139.63 55.89 -42.81
C SER A 343 -138.25 55.48 -42.28
N THR A 344 -137.28 56.37 -42.45
CA THR A 344 -135.93 56.12 -41.97
C THR A 344 -135.61 57.11 -40.87
N TYR A 345 -135.15 56.60 -39.73
CA TYR A 345 -134.89 57.42 -38.54
C TYR A 345 -133.44 57.34 -38.08
N ASP A 346 -132.95 58.44 -37.52
CA ASP A 346 -131.63 58.48 -36.89
C ASP A 346 -131.78 58.12 -35.40
N ILE A 347 -131.62 56.84 -35.10
CA ILE A 347 -131.74 56.31 -33.75
C ILE A 347 -130.38 56.23 -33.06
N SER A 348 -130.31 56.57 -31.79
CA SER A 348 -129.05 56.56 -31.06
C SER A 348 -129.19 56.47 -29.54
N ASN A 349 -128.05 56.33 -28.86
CA ASN A 349 -128.01 56.28 -27.41
C ASN A 349 -128.26 57.68 -26.84
N TRP A 350 -129.17 57.78 -25.88
CA TRP A 350 -129.52 59.08 -25.31
C TRP A 350 -128.46 59.65 -24.37
N ALA A 351 -128.02 58.84 -23.40
CA ALA A 351 -127.07 59.31 -22.39
C ALA A 351 -125.65 59.16 -22.87
N ARG A 352 -124.73 59.85 -22.20
CA ARG A 352 -123.30 59.71 -22.47
C ARG A 352 -122.54 59.65 -21.13
N LEU A 353 -123.08 60.33 -20.14
CA LEU A 353 -122.48 60.40 -18.80
C LEU A 353 -122.98 59.23 -17.93
N GLY A 354 -122.07 58.61 -17.18
CA GLY A 354 -122.45 57.55 -16.24
C GLY A 354 -122.25 56.13 -16.74
N LYS A 355 -121.97 55.98 -18.04
CA LYS A 355 -121.72 54.66 -18.63
C LYS A 355 -120.52 54.70 -19.58
N SER A 356 -119.71 53.64 -19.57
CA SER A 356 -118.59 53.55 -20.51
C SER A 356 -119.08 53.64 -21.95
N GLU A 357 -118.13 53.62 -22.89
CA GLU A 357 -118.44 53.66 -24.32
C GLU A 357 -119.08 52.35 -24.78
N ARG A 358 -118.43 51.25 -24.43
CA ARG A 358 -118.93 49.90 -24.71
C ARG A 358 -120.36 49.73 -24.23
N GLU A 359 -120.63 50.15 -23.01
CA GLU A 359 -121.98 50.05 -22.43
C GLU A 359 -123.09 50.77 -23.22
N LEU A 360 -122.76 51.92 -23.81
CA LEU A 360 -123.76 52.74 -24.48
C LEU A 360 -124.06 52.22 -25.88
N VAL A 361 -123.04 51.63 -26.52
CA VAL A 361 -123.19 50.97 -27.80
C VAL A 361 -123.97 49.66 -27.59
N GLN A 362 -123.86 49.10 -26.40
CA GLN A 362 -124.63 47.91 -26.07
C GLN A 362 -126.09 48.28 -25.86
N VAL A 363 -126.33 49.43 -25.21
CA VAL A 363 -127.67 49.99 -25.07
C VAL A 363 -128.27 50.38 -26.43
N LEU A 364 -127.48 51.00 -27.28
CA LEU A 364 -127.92 51.27 -28.64
C LEU A 364 -128.29 49.97 -29.36
N VAL A 365 -127.35 49.04 -29.46
CA VAL A 365 -127.59 47.75 -30.14
C VAL A 365 -128.78 46.98 -29.59
N ASP A 366 -128.85 46.83 -28.27
CA ASP A 366 -129.96 46.10 -27.63
C ASP A 366 -131.33 46.71 -27.97
N GLY A 367 -131.41 48.04 -27.99
CA GLY A 367 -132.63 48.72 -28.37
C GLY A 367 -132.97 48.54 -29.84
N VAL A 368 -131.99 48.80 -30.71
CA VAL A 368 -132.17 48.63 -32.14
C VAL A 368 -132.57 47.19 -32.47
N ASN A 369 -132.02 46.23 -31.73
CA ASN A 369 -132.45 44.84 -31.81
C ASN A 369 -133.97 44.73 -31.58
N LEU A 370 -134.41 45.21 -30.42
CA LEU A 370 -135.83 45.17 -30.08
C LEU A 370 -136.71 45.84 -31.14
N LEU A 371 -136.34 47.05 -31.54
CA LEU A 371 -137.12 47.81 -32.52
C LEU A 371 -137.39 47.00 -33.78
N ILE A 372 -136.33 46.39 -34.30
CA ILE A 372 -136.39 45.55 -35.50
C ILE A 372 -137.37 44.39 -35.34
N ALA A 373 -137.27 43.66 -34.22
CA ALA A 373 -138.18 42.58 -33.94
C ALA A 373 -139.64 43.06 -34.01
N CYS A 374 -139.95 44.07 -33.18
CA CYS A 374 -141.27 44.71 -33.16
C CYS A 374 -141.78 45.07 -34.55
N ASP A 375 -140.91 45.64 -35.38
CA ASP A 375 -141.29 45.95 -36.76
C ASP A 375 -141.75 44.67 -37.45
N LYS A 376 -140.97 43.60 -37.28
CA LYS A 376 -141.28 42.32 -37.93
C LYS A 376 -142.63 41.78 -37.48
N LYS A 377 -142.91 41.87 -36.19
CA LYS A 377 -144.20 41.46 -35.63
C LYS A 377 -145.34 42.21 -36.30
N LEU A 378 -145.29 43.54 -36.23
CA LEU A 378 -146.35 44.35 -36.82
C LEU A 378 -146.50 44.03 -38.30
N GLU A 379 -145.39 43.77 -38.98
CA GLU A 379 -145.47 43.43 -40.39
C GLU A 379 -146.15 42.08 -40.64
N ALA A 380 -145.95 41.13 -39.74
CA ALA A 380 -146.58 39.82 -39.85
C ALA A 380 -148.04 39.89 -39.39
N GLY A 381 -148.57 41.11 -39.36
CA GLY A 381 -149.93 41.33 -38.89
C GLY A 381 -150.09 40.93 -37.44
N GLN A 382 -149.06 41.17 -36.64
CA GLN A 382 -149.03 40.70 -35.25
C GLN A 382 -148.82 41.84 -34.24
N SER A 383 -149.11 41.55 -32.96
CA SER A 383 -149.10 42.57 -31.92
C SER A 383 -147.82 42.52 -31.06
N ILE A 384 -147.48 43.67 -30.47
CA ILE A 384 -146.19 43.82 -29.77
C ILE A 384 -146.27 44.42 -28.36
N ASP A 385 -147.36 44.17 -27.65
CA ASP A 385 -147.51 44.71 -26.30
C ASP A 385 -146.54 44.11 -25.29
N ASP A 386 -146.33 42.79 -25.38
CA ASP A 386 -145.40 42.10 -24.49
C ASP A 386 -143.95 42.46 -24.81
N MET A 387 -143.74 43.07 -25.98
CA MET A 387 -142.42 43.47 -26.45
C MET A 387 -142.03 44.82 -25.87
N ILE A 388 -143.02 45.64 -25.57
CA ILE A 388 -142.78 46.97 -25.02
C ILE A 388 -142.23 46.85 -23.61
N PRO A 389 -141.06 47.49 -23.37
CA PRO A 389 -140.42 47.43 -22.06
C PRO A 389 -141.43 47.75 -20.96
N LYS A 390 -141.24 47.19 -19.77
CA LYS A 390 -142.09 47.55 -18.64
C LYS A 390 -141.47 48.70 -17.85
N ALA B 4 -118.52 96.70 -5.40
CA ALA B 4 -117.45 96.47 -6.36
C ALA B 4 -117.77 95.28 -7.26
N ILE B 5 -118.43 94.26 -6.70
CA ILE B 5 -118.74 93.05 -7.46
C ILE B 5 -119.60 93.38 -8.68
N GLN B 6 -120.57 94.27 -8.48
CA GLN B 6 -121.45 94.71 -9.56
C GLN B 6 -120.68 95.41 -10.69
N ASP B 7 -119.58 96.08 -10.34
CA ASP B 7 -118.73 96.72 -11.33
C ASP B 7 -118.16 95.67 -12.28
N TYR B 8 -117.66 94.58 -11.71
CA TYR B 8 -117.12 93.50 -12.51
C TYR B 8 -118.22 92.93 -13.39
N PHE B 9 -119.34 92.57 -12.77
CA PHE B 9 -120.48 92.02 -13.51
C PHE B 9 -120.88 92.93 -14.66
N VAL B 10 -121.15 94.19 -14.35
CA VAL B 10 -121.55 95.18 -15.36
C VAL B 10 -120.58 95.33 -16.53
N LYS B 11 -119.27 95.23 -16.28
CA LYS B 11 -118.28 95.38 -17.33
C LYS B 11 -117.98 94.09 -18.07
N ASN B 12 -118.63 93.01 -17.63
CA ASN B 12 -118.54 91.74 -18.33
C ASN B 12 -119.89 91.42 -18.97
N ARG B 13 -120.79 92.40 -18.96
CA ARG B 13 -122.11 92.32 -19.57
C ARG B 13 -122.18 91.36 -20.78
N VAL B 14 -121.11 91.30 -21.57
CA VAL B 14 -121.12 90.46 -22.78
C VAL B 14 -121.01 88.95 -22.48
N GLY B 15 -120.27 88.59 -21.43
CA GLY B 15 -120.10 87.19 -21.05
C GLY B 15 -119.19 86.41 -21.97
N HIS B 16 -118.24 87.12 -22.58
CA HIS B 16 -117.32 86.56 -23.54
C HIS B 16 -115.92 86.73 -23.00
N SER B 17 -114.97 85.98 -23.55
CA SER B 17 -113.58 86.15 -23.22
C SER B 17 -113.02 87.44 -23.81
N LYS B 18 -112.30 88.19 -22.98
CA LYS B 18 -111.66 89.43 -23.39
C LYS B 18 -110.20 89.17 -23.75
N PRO B 19 -109.90 89.01 -25.05
CA PRO B 19 -108.56 88.56 -25.51
C PRO B 19 -107.39 89.52 -25.19
N TRP B 20 -107.69 90.76 -24.85
CA TRP B 20 -106.66 91.76 -24.60
C TRP B 20 -106.08 91.58 -23.21
N GLU B 21 -106.94 91.32 -22.24
CA GLU B 21 -106.54 91.48 -20.84
C GLU B 21 -105.31 90.61 -20.34
N SER B 22 -105.33 89.28 -20.56
CA SER B 22 -104.28 88.34 -20.07
C SER B 22 -103.01 88.18 -20.91
N GLY B 23 -103.00 88.76 -22.09
CA GLY B 23 -101.75 89.11 -22.72
C GLY B 23 -101.05 88.17 -23.69
N LYS B 24 -101.62 87.01 -23.99
CA LYS B 24 -100.98 86.10 -24.96
C LYS B 24 -101.36 86.44 -26.38
N PHE B 25 -102.30 87.39 -26.51
CA PHE B 25 -102.75 87.85 -27.81
C PHE B 25 -102.51 89.34 -28.05
N LYS B 26 -102.17 89.70 -29.29
CA LYS B 26 -102.15 91.09 -29.75
C LYS B 26 -103.49 91.33 -30.42
N ALA B 27 -103.86 92.61 -30.57
CA ALA B 27 -105.06 92.96 -31.34
C ALA B 27 -104.98 92.30 -32.70
N ALA B 28 -103.81 92.41 -33.34
CA ALA B 28 -103.60 91.82 -34.66
C ALA B 28 -104.01 90.36 -34.72
N ASP B 29 -103.96 89.69 -33.57
CA ASP B 29 -104.26 88.26 -33.47
C ASP B 29 -105.75 88.00 -33.41
N ASN B 30 -106.52 89.07 -33.25
CA ASN B 30 -107.96 88.96 -33.25
C ASN B 30 -108.57 89.67 -34.44
N PHE B 31 -107.74 90.34 -35.25
CA PHE B 31 -108.29 91.15 -36.32
C PHE B 31 -109.19 90.38 -37.27
N PRO B 32 -110.48 90.77 -37.33
CA PRO B 32 -111.51 90.15 -38.18
C PRO B 32 -111.05 89.97 -39.60
N ASP B 33 -111.52 88.91 -40.24
CA ASP B 33 -111.24 88.70 -41.66
C ASP B 33 -112.40 89.22 -42.49
N LEU B 34 -112.21 90.37 -43.14
CA LEU B 34 -113.27 91.00 -43.92
C LEU B 34 -112.97 90.94 -45.41
N SER B 35 -112.17 89.95 -45.81
CA SER B 35 -111.83 89.75 -47.22
C SER B 35 -113.02 89.87 -48.16
N LYS B 36 -114.04 89.05 -47.92
CA LYS B 36 -115.18 88.95 -48.83
C LYS B 36 -116.39 89.77 -48.35
N HIS B 37 -116.12 90.82 -47.56
CA HIS B 37 -117.18 91.60 -46.94
C HIS B 37 -117.61 92.85 -47.73
N ASN B 38 -118.91 93.09 -47.72
CA ASN B 38 -119.44 94.30 -48.34
C ASN B 38 -120.46 94.99 -47.45
N ASN B 39 -119.96 95.70 -46.44
CA ASN B 39 -120.80 96.55 -45.60
C ASN B 39 -120.08 97.84 -45.25
N VAL B 40 -120.69 98.70 -44.43
CA VAL B 40 -120.07 99.98 -44.12
C VAL B 40 -118.95 99.89 -43.08
N MET B 41 -119.06 98.89 -42.19
CA MET B 41 -117.99 98.62 -41.22
C MET B 41 -116.74 98.06 -41.93
N ALA B 42 -116.92 97.13 -42.86
CA ALA B 42 -115.75 96.54 -43.52
C ALA B 42 -115.16 97.49 -44.57
N SER B 43 -115.88 98.59 -44.83
CA SER B 43 -115.36 99.64 -45.68
C SER B 43 -114.44 100.57 -44.90
N GLN B 44 -114.79 100.83 -43.65
CA GLN B 44 -114.10 101.85 -42.86
C GLN B 44 -113.19 101.31 -41.75
N LEU B 45 -113.21 99.99 -41.54
CA LEU B 45 -112.42 99.45 -40.44
C LEU B 45 -110.97 99.19 -40.86
N THR B 46 -110.04 99.77 -40.10
CA THR B 46 -108.62 99.63 -40.35
C THR B 46 -107.95 98.93 -39.18
N LYS B 47 -107.03 98.02 -39.50
CA LYS B 47 -106.22 97.35 -38.50
C LYS B 47 -105.76 98.30 -37.41
N GLU B 48 -105.39 99.51 -37.80
CA GLU B 48 -104.99 100.54 -36.84
C GLU B 48 -106.11 100.83 -35.84
N LEU B 49 -107.28 101.18 -36.37
CA LEU B 49 -108.45 101.49 -35.55
C LEU B 49 -108.76 100.38 -34.56
N TYR B 50 -108.74 99.13 -35.04
CA TYR B 50 -108.98 97.97 -34.19
C TYR B 50 -108.00 97.88 -33.03
N GLU B 51 -106.70 98.08 -33.34
CA GLU B 51 -105.64 98.00 -32.34
C GLU B 51 -105.87 99.01 -31.24
N LYS B 52 -106.48 100.13 -31.63
CA LYS B 52 -106.71 101.28 -30.77
C LYS B 52 -108.03 101.20 -30.00
N TYR B 53 -108.88 100.27 -30.41
CA TYR B 53 -110.26 100.27 -29.91
C TYR B 53 -110.70 98.97 -29.25
N TRP B 54 -110.01 97.87 -29.55
CA TRP B 54 -110.45 96.56 -29.09
C TRP B 54 -110.48 96.39 -27.55
N ASP B 55 -109.50 96.95 -26.85
CA ASP B 55 -109.40 96.77 -25.41
C ASP B 55 -110.15 97.82 -24.57
N LYS B 56 -110.92 98.68 -25.23
CA LYS B 56 -111.65 99.75 -24.54
C LYS B 56 -113.16 99.45 -24.37
N VAL B 57 -113.66 99.52 -23.13
CA VAL B 57 -115.02 99.11 -22.81
C VAL B 57 -115.87 100.22 -22.17
N THR B 58 -117.05 100.47 -22.74
CA THR B 58 -117.99 101.47 -22.23
C THR B 58 -118.47 101.15 -20.83
N PRO B 59 -118.88 102.17 -20.08
CA PRO B 59 -119.33 101.99 -18.70
C PRO B 59 -120.31 100.83 -18.52
N ASN B 60 -121.03 100.47 -19.58
CA ASN B 60 -122.08 99.45 -19.48
C ASN B 60 -121.61 98.06 -19.84
N GLY B 61 -120.32 97.92 -20.11
CA GLY B 61 -119.75 96.63 -20.41
C GLY B 61 -119.67 96.37 -21.89
N VAL B 62 -120.11 97.34 -22.70
CA VAL B 62 -120.06 97.18 -24.14
C VAL B 62 -118.62 97.13 -24.63
N THR B 63 -118.32 96.15 -25.48
CA THR B 63 -117.02 96.08 -26.13
C THR B 63 -117.13 96.51 -27.61
N PHE B 64 -115.99 96.74 -28.23
CA PHE B 64 -115.93 97.13 -29.63
C PHE B 64 -116.45 96.02 -30.56
N ASP B 65 -116.06 94.77 -30.27
CA ASP B 65 -116.50 93.62 -31.06
C ASP B 65 -118.00 93.40 -30.93
N LYS B 66 -118.54 93.71 -29.75
CA LYS B 66 -119.98 93.70 -29.55
C LYS B 66 -120.59 94.57 -30.67
N CYS B 67 -119.93 95.67 -30.98
CA CYS B 67 -120.45 96.61 -31.96
C CYS B 67 -120.40 96.10 -33.40
N ILE B 68 -119.28 95.54 -33.81
CA ILE B 68 -119.04 95.24 -35.21
C ILE B 68 -119.40 93.80 -35.56
N GLN B 69 -119.90 93.06 -34.58
CA GLN B 69 -120.20 91.64 -34.78
C GLN B 69 -121.18 91.34 -35.93
N THR B 70 -122.19 92.20 -36.11
CA THR B 70 -123.18 92.01 -37.18
C THR B 70 -122.62 92.23 -38.61
N GLY B 71 -121.52 92.97 -38.72
CA GLY B 71 -120.88 93.23 -40.00
C GLY B 71 -119.86 92.17 -40.32
N VAL B 72 -119.32 91.56 -39.28
CA VAL B 72 -118.50 90.38 -39.48
C VAL B 72 -119.40 89.25 -39.94
N ASP B 73 -120.48 89.03 -39.20
CA ASP B 73 -121.37 87.89 -39.45
C ASP B 73 -122.23 88.03 -40.71
N ASN B 74 -122.10 89.16 -41.42
CA ASN B 74 -122.95 89.43 -42.57
C ASN B 74 -122.24 90.08 -43.75
N PRO B 75 -121.45 89.28 -44.48
CA PRO B 75 -120.69 89.79 -45.64
C PRO B 75 -121.58 90.30 -46.79
N GLY B 76 -122.70 89.61 -47.05
CA GLY B 76 -123.55 89.90 -48.20
C GLY B 76 -125.01 90.17 -47.90
N ASN B 77 -125.82 90.29 -48.95
CA ASN B 77 -127.22 90.64 -48.83
C ASN B 77 -128.04 90.05 -49.97
N LYS B 78 -129.05 89.26 -49.63
CA LYS B 78 -129.90 88.62 -50.64
C LYS B 78 -130.97 89.56 -51.20
N PHE B 79 -130.96 90.81 -50.74
CA PHE B 79 -131.95 91.80 -51.14
C PHE B 79 -131.28 93.06 -51.65
N TYR B 80 -131.91 94.22 -51.45
CA TYR B 80 -131.43 95.43 -52.10
C TYR B 80 -130.67 96.32 -51.15
N GLY B 81 -129.46 96.69 -51.56
CA GLY B 81 -128.64 97.61 -50.77
C GLY B 81 -127.42 97.00 -50.10
N LYS B 82 -126.54 97.91 -49.68
CA LYS B 82 -125.34 97.58 -48.93
C LYS B 82 -125.62 97.91 -47.45
N LYS B 83 -125.42 96.92 -46.57
CA LYS B 83 -125.73 97.09 -45.14
C LYS B 83 -124.68 97.91 -44.39
N THR B 84 -124.96 98.21 -43.12
CA THR B 84 -124.09 99.06 -42.29
C THR B 84 -123.05 98.27 -41.50
N GLY B 85 -123.37 97.03 -41.15
CA GLY B 85 -122.39 96.13 -40.56
C GLY B 85 -121.91 96.50 -39.18
N CYS B 86 -122.67 97.35 -38.50
CA CYS B 86 -122.34 97.75 -37.14
C CYS B 86 -123.54 98.40 -36.41
N VAL B 87 -123.55 98.23 -35.09
CA VAL B 87 -124.56 98.86 -34.24
C VAL B 87 -123.91 99.58 -33.08
N PHE B 88 -124.65 100.51 -32.48
CA PHE B 88 -124.29 101.04 -31.16
C PHE B 88 -125.02 100.20 -30.13
N GLY B 89 -124.33 99.85 -29.05
CA GLY B 89 -124.94 99.10 -27.96
C GLY B 89 -125.50 99.98 -26.85
N ASP B 90 -124.86 101.12 -26.60
CA ASP B 90 -125.37 102.08 -25.63
C ASP B 90 -125.21 103.56 -26.06
N GLU B 91 -125.45 104.46 -25.13
CA GLU B 91 -125.34 105.89 -25.40
C GLU B 91 -123.87 106.32 -25.38
N TYR B 92 -122.98 105.35 -25.17
CA TYR B 92 -121.57 105.65 -24.96
C TYR B 92 -120.71 105.14 -26.10
N SER B 93 -121.32 104.32 -26.95
CA SER B 93 -120.56 103.61 -27.98
C SER B 93 -120.01 104.54 -29.04
N TYR B 94 -120.75 105.60 -29.39
CA TYR B 94 -120.28 106.50 -30.42
C TYR B 94 -119.08 107.27 -29.91
N GLU B 95 -119.15 107.70 -28.64
CA GLU B 95 -118.03 108.41 -28.04
C GLU B 95 -116.81 107.55 -27.75
N CYS B 96 -117.02 106.30 -27.36
CA CYS B 96 -115.86 105.45 -27.02
C CYS B 96 -115.10 105.09 -28.29
N TYR B 97 -115.82 105.01 -29.40
CA TYR B 97 -115.17 104.63 -30.66
C TYR B 97 -115.39 105.67 -31.74
N LYS B 98 -115.32 106.94 -31.36
CA LYS B 98 -115.66 108.02 -32.28
C LYS B 98 -114.92 108.01 -33.63
N GLU B 99 -113.64 107.67 -33.62
CA GLU B 99 -112.85 107.73 -34.84
C GLU B 99 -113.24 106.71 -35.89
N PHE B 100 -113.86 105.61 -35.44
CA PHE B 100 -114.41 104.62 -36.36
C PHE B 100 -115.83 104.97 -36.82
N PHE B 101 -116.69 105.39 -35.89
CA PHE B 101 -118.09 105.70 -36.20
C PHE B 101 -118.29 107.01 -37.00
N ASP B 102 -117.38 107.97 -36.81
CA ASP B 102 -117.40 109.19 -37.62
C ASP B 102 -117.31 108.85 -39.11
N LYS B 103 -116.42 107.91 -39.45
CA LYS B 103 -116.22 107.48 -40.84
C LYS B 103 -117.45 106.82 -41.44
N CYS B 104 -118.09 105.93 -40.68
CA CYS B 104 -119.35 105.33 -41.11
C CYS B 104 -120.33 106.47 -41.39
N ILE B 105 -120.62 107.25 -40.37
CA ILE B 105 -121.53 108.37 -40.47
C ILE B 105 -121.28 109.19 -41.74
N GLU B 106 -120.03 109.27 -42.16
CA GLU B 106 -119.74 110.04 -43.35
C GLU B 106 -120.24 109.32 -44.60
N GLU B 107 -119.84 108.07 -44.80
CA GLU B 107 -120.31 107.29 -45.94
C GLU B 107 -121.82 107.31 -46.04
N ILE B 108 -122.50 106.99 -44.95
CA ILE B 108 -123.95 106.93 -44.94
C ILE B 108 -124.56 108.28 -45.23
N HIS B 109 -124.36 109.21 -44.29
CA HIS B 109 -125.11 110.45 -44.29
C HIS B 109 -124.48 111.58 -45.11
N HIS B 110 -123.21 111.44 -45.48
CA HIS B 110 -122.50 112.52 -46.17
C HIS B 110 -122.27 113.66 -45.15
N PHE B 111 -122.09 113.28 -43.89
CA PHE B 111 -122.09 114.22 -42.76
C PHE B 111 -120.74 114.18 -42.05
N LYS B 112 -119.92 115.20 -42.28
CA LYS B 112 -118.51 115.18 -41.86
C LYS B 112 -118.25 115.34 -40.36
N PRO B 113 -117.12 114.80 -39.90
CA PRO B 113 -116.72 114.96 -38.50
C PRO B 113 -116.88 116.40 -38.02
N SER B 114 -116.60 117.35 -38.91
CA SER B 114 -116.75 118.77 -38.59
C SER B 114 -118.20 119.22 -38.58
N ASP B 115 -119.08 118.40 -39.15
CA ASP B 115 -120.50 118.72 -39.29
C ASP B 115 -121.32 118.60 -38.00
N LYS B 116 -122.51 119.18 -38.04
CA LYS B 116 -123.37 119.28 -36.86
C LYS B 116 -124.86 119.39 -37.25
N HIS B 117 -125.72 118.66 -36.55
CA HIS B 117 -127.13 118.50 -36.93
C HIS B 117 -127.97 119.77 -36.73
N PRO B 118 -128.79 120.10 -37.75
CA PRO B 118 -129.63 121.29 -37.81
C PRO B 118 -130.89 121.22 -36.95
N ALA B 119 -131.51 122.36 -36.70
CA ALA B 119 -132.72 122.43 -35.87
C ALA B 119 -133.89 121.67 -36.49
N PRO B 120 -134.83 121.22 -35.64
CA PRO B 120 -136.00 120.48 -36.12
C PRO B 120 -136.90 121.34 -36.99
N ASP B 121 -137.43 120.76 -38.06
CA ASP B 121 -138.44 121.40 -38.88
C ASP B 121 -139.50 120.36 -39.22
N LEU B 122 -140.62 120.39 -38.50
CA LEU B 122 -141.72 119.44 -38.73
C LEU B 122 -142.94 120.10 -39.37
N ASP B 123 -142.76 121.31 -39.87
CA ASP B 123 -143.85 122.05 -40.53
C ASP B 123 -144.25 121.38 -41.85
N HIS B 124 -145.29 120.54 -41.79
CA HIS B 124 -145.76 119.82 -42.96
C HIS B 124 -146.30 120.77 -44.03
N ASN B 125 -146.55 122.02 -43.64
CA ASN B 125 -147.17 123.00 -44.52
C ASN B 125 -146.17 123.69 -45.44
N LYS B 126 -144.89 123.61 -45.10
CA LYS B 126 -143.81 124.16 -45.91
C LYS B 126 -143.52 123.25 -47.10
N LEU B 127 -144.27 122.15 -47.18
CA LEU B 127 -143.96 121.08 -48.11
C LEU B 127 -144.63 121.24 -49.46
N VAL B 128 -143.81 121.35 -50.51
CA VAL B 128 -144.28 121.40 -51.89
C VAL B 128 -144.46 119.99 -52.44
N GLY B 129 -145.64 119.72 -53.02
CA GLY B 129 -145.93 118.41 -53.57
C GLY B 129 -146.44 117.45 -52.50
N GLY B 130 -146.14 116.16 -52.65
CA GLY B 130 -146.49 115.18 -51.64
C GLY B 130 -147.79 114.47 -51.89
N VAL B 131 -148.55 114.94 -52.87
CA VAL B 131 -149.81 114.30 -53.26
C VAL B 131 -149.66 113.70 -54.64
N PHE B 132 -149.39 112.40 -54.68
CA PHE B 132 -149.07 111.71 -55.92
C PHE B 132 -150.30 111.01 -56.48
N GLU B 133 -150.30 110.81 -57.80
CA GLU B 133 -151.33 110.01 -58.45
C GLU B 133 -151.29 108.61 -57.87
N ASP B 134 -152.46 108.06 -57.54
CA ASP B 134 -152.53 106.75 -56.91
C ASP B 134 -152.26 105.62 -57.90
N LYS B 135 -152.29 105.93 -59.18
CA LYS B 135 -151.88 104.96 -60.18
C LYS B 135 -150.48 104.46 -59.81
N TYR B 136 -149.59 105.42 -59.52
CA TYR B 136 -148.19 105.11 -59.26
C TYR B 136 -147.89 104.85 -57.78
N VAL B 137 -148.48 105.65 -56.90
CA VAL B 137 -148.21 105.52 -55.46
C VAL B 137 -149.31 104.80 -54.70
N LYS B 138 -148.97 103.63 -54.16
CA LYS B 138 -149.93 102.67 -53.60
C LYS B 138 -150.23 102.90 -52.11
N SER B 139 -149.27 103.48 -51.39
CA SER B 139 -149.47 103.94 -50.01
C SER B 139 -148.27 104.70 -49.52
N CYS B 140 -148.44 105.43 -48.41
CA CYS B 140 -147.43 106.36 -47.89
C CYS B 140 -147.14 106.08 -46.42
N ARG B 141 -145.87 106.19 -46.05
CA ARG B 141 -145.44 105.89 -44.70
C ARG B 141 -144.28 106.77 -44.26
N ILE B 142 -144.43 107.35 -43.07
CA ILE B 142 -143.35 108.06 -42.43
C ILE B 142 -143.12 107.42 -41.08
N ARG B 143 -141.86 107.18 -40.75
CA ARG B 143 -141.51 106.61 -39.45
C ARG B 143 -140.24 107.29 -38.93
N CYS B 144 -140.11 107.39 -37.61
CA CYS B 144 -138.81 107.68 -37.02
C CYS B 144 -138.62 106.83 -35.76
N GLY B 145 -137.40 106.84 -35.26
CA GLY B 145 -137.08 106.04 -34.10
C GLY B 145 -136.48 106.89 -33.00
N ARG B 146 -136.64 106.41 -31.77
CA ARG B 146 -136.14 107.11 -30.60
C ARG B 146 -135.67 106.08 -29.60
N SER B 147 -134.65 106.45 -28.83
CA SER B 147 -134.21 105.62 -27.71
C SER B 147 -134.51 106.36 -26.42
N VAL B 148 -134.63 105.59 -25.35
CA VAL B 148 -134.88 106.08 -24.00
C VAL B 148 -133.54 106.31 -23.31
N LYS B 149 -133.41 107.43 -22.59
CA LYS B 149 -132.11 107.86 -22.09
C LYS B 149 -131.62 107.09 -20.86
N GLY B 150 -130.33 106.77 -20.85
CA GLY B 150 -129.75 106.08 -19.72
C GLY B 150 -130.06 104.60 -19.68
N VAL B 151 -130.59 104.11 -20.80
CA VAL B 151 -130.88 102.70 -20.96
C VAL B 151 -130.02 102.16 -22.08
N CYS B 152 -129.57 100.92 -21.96
CA CYS B 152 -128.85 100.32 -23.06
C CYS B 152 -129.80 100.14 -24.24
N LEU B 153 -129.25 100.16 -25.45
CA LEU B 153 -130.05 99.95 -26.64
C LEU B 153 -130.33 98.47 -26.74
N PRO B 154 -131.27 98.08 -27.62
CA PRO B 154 -131.65 96.69 -27.87
C PRO B 154 -130.53 95.66 -27.95
N PRO B 155 -129.42 95.95 -28.67
CA PRO B 155 -128.41 94.91 -28.89
C PRO B 155 -127.79 94.37 -27.61
N ALA B 156 -127.93 95.10 -26.51
CA ALA B 156 -127.21 94.76 -25.29
C ALA B 156 -128.04 94.92 -24.03
N MET B 157 -129.11 95.69 -24.13
CA MET B 157 -130.04 95.86 -23.02
C MET B 157 -130.45 94.51 -22.45
N SER B 158 -130.45 94.43 -21.13
CA SER B 158 -130.83 93.22 -20.42
C SER B 158 -132.35 93.04 -20.41
N ARG B 159 -132.82 92.00 -19.74
CA ARG B 159 -134.24 91.76 -19.61
C ARG B 159 -134.95 92.86 -18.85
N ALA B 160 -134.35 93.30 -17.74
CA ALA B 160 -134.97 94.25 -16.82
C ALA B 160 -135.19 95.63 -17.45
N GLU B 161 -134.19 96.09 -18.20
CA GLU B 161 -134.24 97.36 -18.91
C GLU B 161 -135.33 97.33 -19.99
N ARG B 162 -135.51 96.18 -20.63
CA ARG B 162 -136.52 96.06 -21.65
C ARG B 162 -137.90 96.07 -21.04
N ARG B 163 -138.02 95.58 -19.81
CA ARG B 163 -139.32 95.53 -19.16
C ARG B 163 -139.63 96.91 -18.61
N LEU B 164 -138.56 97.65 -18.30
CA LEU B 164 -138.63 99.05 -17.93
C LEU B 164 -139.15 99.87 -19.10
N VAL B 165 -138.51 99.72 -20.27
CA VAL B 165 -138.92 100.44 -21.46
C VAL B 165 -140.39 100.22 -21.81
N GLU B 166 -140.82 98.96 -21.86
CA GLU B 166 -142.20 98.65 -22.27
C GLU B 166 -143.19 99.36 -21.35
N LYS B 167 -142.98 99.21 -20.05
CA LYS B 167 -143.81 99.87 -19.06
C LYS B 167 -143.85 101.36 -19.33
N VAL B 168 -142.68 101.99 -19.22
CA VAL B 168 -142.54 103.42 -19.43
C VAL B 168 -143.26 103.93 -20.68
N VAL B 169 -142.96 103.31 -21.81
CA VAL B 169 -143.51 103.78 -23.07
C VAL B 169 -144.99 103.39 -23.21
N SER B 170 -145.33 102.14 -22.94
CA SER B 170 -146.73 101.75 -23.06
C SER B 170 -147.59 102.50 -22.03
N ASP B 171 -146.93 103.18 -21.09
CA ASP B 171 -147.61 104.02 -20.11
C ASP B 171 -147.98 105.38 -20.70
N ALA B 172 -146.97 106.11 -21.17
CA ALA B 172 -147.17 107.45 -21.69
C ALA B 172 -148.05 107.44 -22.94
N LEU B 173 -148.00 106.36 -23.71
CA LEU B 173 -148.80 106.23 -24.92
C LEU B 173 -150.30 106.29 -24.62
N GLY B 174 -150.66 106.07 -23.36
CA GLY B 174 -152.05 106.11 -22.94
C GLY B 174 -152.48 107.50 -22.49
N GLY B 175 -151.57 108.46 -22.63
CA GLY B 175 -151.89 109.86 -22.38
C GLY B 175 -152.48 110.54 -23.61
N LEU B 176 -152.26 109.95 -24.79
CA LEU B 176 -152.79 110.49 -26.03
C LEU B 176 -154.32 110.49 -26.04
N LYS B 177 -154.90 111.36 -26.85
CA LYS B 177 -156.34 111.55 -26.89
C LYS B 177 -156.84 111.90 -28.28
N GLY B 178 -158.16 111.87 -28.47
CA GLY B 178 -158.76 112.17 -29.75
C GLY B 178 -158.52 111.04 -30.74
N ASP B 179 -158.38 111.40 -32.01
CA ASP B 179 -158.09 110.42 -33.06
C ASP B 179 -156.71 109.77 -32.85
N LEU B 180 -156.05 110.15 -31.76
CA LEU B 180 -154.73 109.62 -31.43
C LEU B 180 -154.77 108.58 -30.30
N ALA B 181 -155.89 108.52 -29.61
CA ALA B 181 -156.04 107.59 -28.49
C ALA B 181 -156.02 106.17 -29.06
N GLY B 182 -155.71 105.18 -28.22
CA GLY B 182 -155.62 103.81 -28.68
C GLY B 182 -155.16 102.80 -27.63
N LYS B 183 -154.57 101.70 -28.08
CA LYS B 183 -154.24 100.60 -27.17
C LYS B 183 -152.98 99.80 -27.54
N TYR B 184 -152.26 99.37 -26.51
CA TYR B 184 -151.08 98.51 -26.60
C TYR B 184 -151.49 97.06 -26.76
N TYR B 185 -150.78 96.33 -27.60
CA TYR B 185 -151.01 94.90 -27.81
C TYR B 185 -149.68 94.15 -27.73
N PRO B 186 -149.32 93.66 -26.53
CA PRO B 186 -148.09 92.90 -26.29
C PRO B 186 -148.03 91.60 -27.11
N LEU B 187 -146.91 91.36 -27.76
CA LEU B 187 -146.72 90.20 -28.63
C LEU B 187 -146.80 88.86 -27.89
N THR B 188 -146.38 88.83 -26.62
CA THR B 188 -146.40 87.59 -25.83
C THR B 188 -147.76 86.87 -25.78
N THR B 189 -148.85 87.62 -25.69
CA THR B 189 -150.20 87.03 -25.66
C THR B 189 -150.88 86.99 -27.04
N MET B 190 -150.26 87.64 -28.03
CA MET B 190 -150.83 87.67 -29.39
C MET B 190 -150.67 86.33 -30.09
N ASN B 191 -151.76 85.77 -30.59
CA ASN B 191 -151.67 84.49 -31.29
C ASN B 191 -151.12 84.68 -32.71
N GLU B 192 -150.65 83.60 -33.32
CA GLU B 192 -149.91 83.65 -34.58
C GLU B 192 -150.67 84.27 -35.75
N LYS B 193 -151.94 83.92 -35.90
CA LYS B 193 -152.72 84.36 -37.05
C LYS B 193 -152.92 85.88 -37.06
N ASP B 194 -153.23 86.43 -35.89
CA ASP B 194 -153.34 87.87 -35.74
C ASP B 194 -152.01 88.55 -36.05
N GLN B 195 -150.96 88.12 -35.33
CA GLN B 195 -149.62 88.64 -35.60
C GLN B 195 -149.30 88.64 -37.09
N GLU B 196 -149.43 87.48 -37.74
CA GLU B 196 -149.18 87.37 -39.17
C GLU B 196 -150.04 88.31 -40.04
N GLN B 197 -151.32 88.43 -39.73
CA GLN B 197 -152.21 89.29 -40.51
C GLN B 197 -151.84 90.78 -40.37
N LEU B 198 -151.18 91.13 -39.27
CA LEU B 198 -150.76 92.50 -39.04
C LEU B 198 -149.47 92.82 -39.78
N ILE B 199 -148.69 91.78 -40.06
CA ILE B 199 -147.43 91.93 -40.75
C ILE B 199 -147.73 91.96 -42.24
N GLU B 200 -148.66 91.11 -42.66
CA GLU B 200 -149.01 90.98 -44.06
C GLU B 200 -149.61 92.30 -44.52
N ASP B 201 -150.23 92.97 -43.55
CA ASP B 201 -150.98 94.20 -43.78
C ASP B 201 -150.09 95.44 -43.62
N HIS B 202 -148.88 95.23 -43.10
CA HIS B 202 -147.83 96.25 -43.11
C HIS B 202 -147.77 97.10 -41.84
N PHE B 203 -148.49 96.69 -40.80
CA PHE B 203 -148.54 97.46 -39.56
C PHE B 203 -147.65 96.90 -38.45
N LEU B 204 -147.12 95.69 -38.67
CA LEU B 204 -146.35 94.99 -37.65
C LEU B 204 -144.96 94.61 -38.13
N PHE B 205 -143.99 94.66 -37.23
CA PHE B 205 -142.61 94.25 -37.53
C PHE B 205 -142.54 92.74 -37.68
N GLU B 206 -141.74 92.27 -38.66
CA GLU B 206 -141.62 90.84 -38.95
C GLU B 206 -141.25 89.96 -37.76
N LYS B 207 -141.41 88.66 -37.96
CA LYS B 207 -140.85 87.67 -37.06
C LYS B 207 -139.34 87.89 -36.99
N PRO B 208 -138.74 87.70 -35.79
CA PRO B 208 -137.34 87.99 -35.47
C PRO B 208 -136.32 87.22 -36.31
N THR B 209 -136.51 87.20 -37.62
CA THR B 209 -135.70 86.36 -38.50
C THR B 209 -134.66 87.17 -39.29
N GLY B 210 -134.74 88.49 -39.18
CA GLY B 210 -133.81 89.37 -39.87
C GLY B 210 -132.37 89.19 -39.41
N ALA B 211 -131.43 89.29 -40.35
CA ALA B 211 -129.99 89.17 -40.07
C ALA B 211 -129.48 90.11 -38.98
N LEU B 212 -129.60 91.41 -39.20
CA LEU B 212 -129.14 92.36 -38.20
C LEU B 212 -129.81 92.09 -36.87
N LEU B 213 -131.09 91.72 -36.91
CA LEU B 213 -131.84 91.55 -35.68
C LEU B 213 -131.24 90.43 -34.82
N THR B 214 -131.02 89.28 -35.42
CA THR B 214 -130.47 88.14 -34.68
C THR B 214 -128.97 88.20 -34.35
N THR B 215 -128.13 88.64 -35.29
CA THR B 215 -126.68 88.59 -35.06
C THR B 215 -126.14 89.68 -34.13
N SER B 216 -126.90 90.75 -33.97
CA SER B 216 -126.55 91.82 -33.04
C SER B 216 -127.08 91.57 -31.65
N GLY B 217 -128.18 90.82 -31.54
CA GLY B 217 -128.75 90.52 -30.24
C GLY B 217 -129.90 91.43 -29.84
N CYS B 218 -130.83 91.65 -30.77
CA CYS B 218 -132.05 92.38 -30.49
C CYS B 218 -133.21 91.40 -30.40
N ALA B 219 -132.89 90.12 -30.60
CA ALA B 219 -133.90 89.08 -30.64
C ALA B 219 -133.77 88.19 -29.42
N ARG B 220 -132.95 88.63 -28.48
CA ARG B 220 -132.79 87.94 -27.21
C ARG B 220 -134.13 87.98 -26.45
N ASP B 221 -134.56 86.84 -25.94
CA ASP B 221 -135.68 86.78 -24.99
C ASP B 221 -137.06 86.97 -25.60
N TRP B 222 -137.07 87.11 -26.91
CA TRP B 222 -138.28 87.25 -27.70
C TRP B 222 -139.37 86.30 -27.22
N PRO B 223 -140.60 86.81 -27.04
CA PRO B 223 -140.98 88.20 -27.31
C PRO B 223 -141.15 89.07 -26.07
N ASP B 224 -140.59 88.65 -24.94
CA ASP B 224 -140.75 89.40 -23.69
C ASP B 224 -140.39 90.85 -23.93
N GLY B 225 -141.36 91.75 -23.77
CA GLY B 225 -141.08 93.18 -23.90
C GLY B 225 -141.43 93.79 -25.24
N ARG B 226 -141.91 92.96 -26.16
CA ARG B 226 -142.15 93.37 -27.55
C ARG B 226 -143.65 93.54 -27.80
N GLY B 227 -144.04 94.72 -28.28
CA GLY B 227 -145.47 95.01 -28.45
C GLY B 227 -145.79 96.12 -29.45
N ILE B 228 -147.04 96.15 -29.93
CA ILE B 228 -147.44 97.21 -30.84
C ILE B 228 -148.63 97.99 -30.31
N TRP B 229 -148.55 99.30 -30.45
CA TRP B 229 -149.58 100.23 -29.99
C TRP B 229 -150.12 100.95 -31.21
N HIS B 230 -151.44 101.05 -31.34
CA HIS B 230 -152.01 101.77 -32.47
C HIS B 230 -153.37 102.37 -32.11
N ASN B 231 -153.85 103.29 -32.95
CA ASN B 231 -155.15 103.91 -32.74
C ASN B 231 -156.22 103.11 -33.48
N ASN B 232 -157.49 103.46 -33.27
CA ASN B 232 -158.57 102.71 -33.91
C ASN B 232 -158.39 102.69 -35.42
N GLU B 233 -158.00 103.84 -35.99
CA GLU B 233 -157.79 103.96 -37.43
C GLU B 233 -156.58 103.14 -37.92
N LYS B 234 -155.64 102.89 -37.01
CA LYS B 234 -154.37 102.24 -37.35
C LYS B 234 -153.59 103.04 -38.39
N ASN B 235 -153.62 104.35 -38.26
CA ASN B 235 -152.82 105.22 -39.11
C ASN B 235 -151.78 105.99 -38.30
N PHE B 236 -151.76 105.74 -37.00
CA PHE B 236 -150.69 106.16 -36.10
C PHE B 236 -150.39 104.98 -35.18
N LEU B 237 -149.21 104.39 -35.32
CA LEU B 237 -148.82 103.20 -34.58
C LEU B 237 -147.42 103.38 -34.04
N VAL B 238 -147.14 102.75 -32.90
CA VAL B 238 -145.83 102.75 -32.31
C VAL B 238 -145.40 101.31 -32.12
N TRP B 239 -144.13 101.03 -32.42
CA TRP B 239 -143.55 99.73 -32.15
C TRP B 239 -142.78 99.80 -30.84
N ILE B 240 -142.74 98.69 -30.10
CA ILE B 240 -142.01 98.65 -28.83
C ILE B 240 -141.05 97.47 -28.69
N ASN B 241 -139.75 97.79 -28.70
CA ASN B 241 -138.67 96.85 -28.41
C ASN B 241 -138.38 95.79 -29.47
N GLU B 242 -138.28 96.25 -30.71
CA GLU B 242 -137.80 95.44 -31.79
C GLU B 242 -136.37 95.96 -32.02
N GLU B 243 -136.03 96.35 -33.25
CA GLU B 243 -134.72 96.96 -33.46
C GLU B 243 -134.46 98.09 -32.46
N ASP B 244 -135.45 98.95 -32.24
CA ASP B 244 -135.30 100.11 -31.34
C ASP B 244 -136.43 100.21 -30.31
N HIS B 245 -136.14 100.72 -29.12
CA HIS B 245 -137.14 100.88 -28.06
C HIS B 245 -138.46 101.39 -28.59
N ILE B 246 -138.37 102.38 -29.50
CA ILE B 246 -139.53 103.05 -30.04
C ILE B 246 -139.37 103.32 -31.55
N ARG B 247 -140.41 103.00 -32.30
CA ARG B 247 -140.58 103.54 -33.65
C ARG B 247 -141.99 104.11 -33.73
N VAL B 248 -142.10 105.41 -34.01
CA VAL B 248 -143.40 106.08 -34.17
C VAL B 248 -143.76 106.19 -35.63
N ILE B 249 -144.92 105.67 -36.01
CA ILE B 249 -145.24 105.42 -37.42
C ILE B 249 -146.58 106.00 -37.92
N SER B 250 -146.50 106.89 -38.90
CA SER B 250 -147.67 107.43 -39.58
C SER B 250 -147.77 106.76 -40.96
N MET B 251 -148.98 106.39 -41.37
CA MET B 251 -149.17 105.68 -42.65
C MET B 251 -150.64 105.58 -43.05
N GLN B 252 -150.85 105.37 -44.36
CA GLN B 252 -152.18 105.23 -44.95
C GLN B 252 -152.02 104.79 -46.41
N LYS B 253 -153.06 104.15 -46.96
CA LYS B 253 -153.05 103.76 -48.38
C LYS B 253 -153.31 104.94 -49.32
N GLY B 254 -152.79 104.85 -50.54
CA GLY B 254 -152.93 105.93 -51.51
C GLY B 254 -151.61 106.64 -51.82
N GLY B 255 -151.66 107.96 -51.96
CA GLY B 255 -150.48 108.74 -52.30
C GLY B 255 -150.46 110.14 -51.68
N ASP B 256 -151.28 110.34 -50.65
CA ASP B 256 -151.32 111.61 -49.93
C ASP B 256 -150.27 111.60 -48.81
N LEU B 257 -149.00 111.74 -49.20
CA LEU B 257 -147.89 111.85 -48.26
C LEU B 257 -148.14 113.02 -47.30
N LYS B 258 -148.49 114.18 -47.87
CA LYS B 258 -148.63 115.39 -47.06
C LYS B 258 -149.50 115.20 -45.81
N ALA B 259 -150.55 114.39 -45.93
CA ALA B 259 -151.45 114.11 -44.81
C ALA B 259 -150.80 113.15 -43.80
N VAL B 260 -150.00 112.22 -44.32
CA VAL B 260 -149.24 111.27 -43.51
C VAL B 260 -148.18 112.00 -42.66
N PHE B 261 -147.70 113.13 -43.18
CA PHE B 261 -146.69 113.93 -42.50
C PHE B 261 -147.34 114.87 -41.50
N SER B 262 -148.53 115.37 -41.85
CA SER B 262 -149.26 116.26 -40.98
C SER B 262 -149.67 115.56 -39.67
N ARG B 263 -149.83 114.24 -39.76
CA ARG B 263 -150.27 113.44 -38.61
C ARG B 263 -149.06 112.99 -37.80
N PHE B 264 -148.04 112.49 -38.50
CA PHE B 264 -146.78 112.13 -37.88
C PHE B 264 -146.26 113.29 -37.04
N ALA B 265 -146.27 114.48 -37.63
CA ALA B 265 -145.89 115.70 -36.91
C ALA B 265 -146.78 115.96 -35.69
N ARG B 266 -148.08 115.70 -35.83
CA ARG B 266 -149.00 115.88 -34.71
C ARG B 266 -148.79 114.85 -33.60
N GLY B 267 -148.53 113.60 -33.98
CA GLY B 267 -148.38 112.53 -33.01
C GLY B 267 -147.00 112.48 -32.37
N LEU B 268 -145.97 112.78 -33.18
CA LEU B 268 -144.59 112.77 -32.67
C LEU B 268 -144.41 113.77 -31.53
N LEU B 269 -144.92 114.99 -31.73
CA LEU B 269 -144.77 116.05 -30.73
C LEU B 269 -145.44 115.69 -29.40
N GLU B 270 -146.60 115.06 -29.47
CA GLU B 270 -147.28 114.55 -28.28
C GLU B 270 -146.42 113.52 -27.56
N VAL B 271 -146.01 112.49 -28.31
CA VAL B 271 -145.24 111.38 -27.74
C VAL B 271 -143.94 111.85 -27.09
N GLU B 272 -143.25 112.75 -27.77
CA GLU B 272 -142.00 113.29 -27.27
C GLU B 272 -142.24 114.14 -26.03
N ARG B 273 -143.41 114.77 -25.98
CA ARG B 273 -143.81 115.58 -24.83
C ARG B 273 -144.27 114.73 -23.65
N LEU B 274 -145.14 113.76 -23.90
CA LEU B 274 -145.61 112.85 -22.86
C LEU B 274 -144.47 112.04 -22.22
N MET B 275 -143.52 111.59 -23.04
CA MET B 275 -142.35 110.90 -22.51
C MET B 275 -141.65 111.82 -21.51
N LYS B 276 -141.52 113.07 -21.93
CA LYS B 276 -140.99 114.14 -21.09
C LYS B 276 -141.86 114.26 -19.85
N GLU B 277 -143.18 114.23 -20.08
CA GLU B 277 -144.16 114.44 -19.03
C GLU B 277 -144.15 113.34 -17.97
N CYS B 278 -143.43 112.25 -18.24
CA CYS B 278 -143.33 111.14 -17.29
C CYS B 278 -141.96 111.10 -16.63
N GLY B 279 -141.04 111.93 -17.11
CA GLY B 279 -139.73 112.04 -16.49
C GLY B 279 -138.59 111.35 -17.24
N HIS B 280 -138.92 110.68 -18.33
CA HIS B 280 -137.93 109.94 -19.10
C HIS B 280 -137.59 110.72 -20.35
N GLY B 281 -136.32 111.07 -20.49
CA GLY B 281 -135.87 111.76 -21.67
C GLY B 281 -135.55 110.76 -22.77
N LEU B 282 -135.22 111.29 -23.94
CA LEU B 282 -134.85 110.44 -25.06
C LEU B 282 -133.39 110.68 -25.44
N MET B 283 -132.63 109.60 -25.53
CA MET B 283 -131.22 109.61 -25.90
C MET B 283 -130.93 110.57 -27.05
N HIS B 284 -130.19 111.64 -26.74
CA HIS B 284 -129.91 112.71 -27.69
C HIS B 284 -128.47 113.17 -27.59
N ASN B 285 -127.85 113.40 -28.74
CA ASN B 285 -126.49 113.92 -28.82
C ASN B 285 -126.51 115.29 -29.50
N ASP B 286 -125.61 116.17 -29.10
CA ASP B 286 -125.63 117.54 -29.61
C ASP B 286 -125.24 117.60 -31.08
N ARG B 287 -124.24 116.79 -31.44
CA ARG B 287 -123.68 116.80 -32.78
C ARG B 287 -124.54 116.04 -33.79
N LEU B 288 -125.12 114.91 -33.34
CA LEU B 288 -125.79 113.98 -34.24
C LEU B 288 -127.28 113.84 -33.97
N GLY B 289 -127.82 114.68 -33.09
CA GLY B 289 -129.22 114.61 -32.74
C GLY B 289 -129.57 113.33 -32.00
N TYR B 290 -130.54 112.59 -32.53
CA TYR B 290 -131.07 111.40 -31.85
C TYR B 290 -130.33 110.11 -32.23
N ILE B 291 -130.11 109.28 -31.22
CA ILE B 291 -129.28 108.08 -31.33
C ILE B 291 -130.09 106.79 -31.33
N CYS B 292 -129.70 105.83 -32.16
CA CYS B 292 -130.35 104.52 -32.18
C CYS B 292 -129.37 103.37 -32.48
N THR B 293 -129.89 102.14 -32.36
CA THR B 293 -129.10 100.94 -32.62
C THR B 293 -128.25 101.00 -33.90
N CYS B 294 -128.82 101.50 -34.99
CA CYS B 294 -128.10 101.58 -36.26
C CYS B 294 -127.74 103.03 -36.65
N PRO B 295 -126.49 103.24 -37.11
CA PRO B 295 -125.95 104.52 -37.58
C PRO B 295 -126.64 105.06 -38.83
N THR B 296 -127.61 104.33 -39.37
CA THR B 296 -128.47 104.87 -40.40
C THR B 296 -129.57 105.65 -39.72
N ASN B 297 -129.89 105.26 -38.50
CA ASN B 297 -130.95 105.91 -37.74
C ASN B 297 -130.42 106.90 -36.69
N MET B 298 -130.15 108.11 -37.18
CA MET B 298 -129.56 109.18 -36.39
C MET B 298 -130.09 110.49 -36.97
N GLY B 299 -129.84 111.59 -36.26
CA GLY B 299 -130.31 112.90 -36.69
C GLY B 299 -131.79 113.08 -36.45
N THR B 300 -132.56 113.13 -37.54
CA THR B 300 -134.01 113.07 -37.47
C THR B 300 -134.50 111.63 -37.24
N VAL B 301 -133.69 110.64 -37.65
CA VAL B 301 -134.06 109.21 -37.65
C VAL B 301 -135.25 108.93 -38.56
N VAL B 302 -135.63 109.93 -39.35
CA VAL B 302 -136.78 109.81 -40.23
C VAL B 302 -136.45 109.02 -41.50
N ARG B 303 -137.33 108.06 -41.82
CA ARG B 303 -137.34 107.42 -43.12
C ARG B 303 -138.76 107.43 -43.65
N ALA B 304 -138.97 108.19 -44.72
CA ALA B 304 -140.29 108.34 -45.32
C ALA B 304 -140.26 107.64 -46.66
N SER B 305 -141.22 106.76 -46.89
CA SER B 305 -141.20 105.94 -48.09
C SER B 305 -142.55 105.92 -48.79
N VAL B 306 -142.52 105.54 -50.06
CA VAL B 306 -143.74 105.21 -50.79
C VAL B 306 -143.62 103.78 -51.27
N HIS B 307 -144.78 103.15 -51.49
CA HIS B 307 -144.83 101.95 -52.29
C HIS B 307 -145.05 102.43 -53.71
N LEU B 308 -144.02 102.30 -54.54
CA LEU B 308 -143.97 102.94 -55.84
C LEU B 308 -143.85 101.93 -56.98
N ARG B 309 -144.92 101.79 -57.73
CA ARG B 309 -144.92 100.89 -58.87
C ARG B 309 -144.24 101.55 -60.07
N LEU B 310 -143.19 100.92 -60.57
CA LEU B 310 -142.40 101.47 -61.66
C LEU B 310 -142.21 100.43 -62.76
N ALA B 311 -143.26 100.21 -63.54
CA ALA B 311 -143.31 99.08 -64.47
C ALA B 311 -142.36 99.18 -65.67
N PHE B 312 -141.90 100.38 -65.98
CA PHE B 312 -141.01 100.60 -67.13
C PHE B 312 -139.63 101.07 -66.70
N LEU B 313 -139.59 101.94 -65.69
CA LEU B 313 -138.35 102.55 -65.24
C LEU B 313 -137.46 101.54 -64.52
N GLU B 314 -138.08 100.53 -63.93
CA GLU B 314 -137.35 99.48 -63.22
C GLU B 314 -136.54 98.66 -64.20
N LYS B 315 -137.06 98.51 -65.42
CA LYS B 315 -136.40 97.72 -66.45
C LYS B 315 -135.25 98.49 -67.11
N HIS B 316 -135.21 99.80 -66.88
CA HIS B 316 -134.16 100.64 -67.43
C HIS B 316 -132.79 100.34 -66.82
N PRO B 317 -131.73 100.47 -67.64
CA PRO B 317 -130.36 100.22 -67.17
C PRO B 317 -129.92 101.13 -66.02
N ARG B 318 -130.25 102.41 -66.09
CA ARG B 318 -129.72 103.38 -65.12
C ARG B 318 -130.65 103.72 -63.95
N PHE B 319 -131.58 102.80 -63.64
CA PHE B 319 -132.57 102.98 -62.56
C PHE B 319 -131.92 103.12 -61.18
N ASP B 320 -131.06 102.18 -60.84
CA ASP B 320 -130.37 102.16 -59.55
C ASP B 320 -129.42 103.34 -59.38
N GLU B 321 -128.74 103.70 -60.47
CA GLU B 321 -127.87 104.88 -60.48
C GLU B 321 -128.67 106.12 -60.11
N MET B 322 -129.83 106.25 -60.74
CA MET B 322 -130.68 107.40 -60.50
C MET B 322 -131.03 107.46 -59.02
N LEU B 323 -131.36 106.31 -58.44
CA LEU B 323 -131.66 106.22 -57.02
C LEU B 323 -130.51 106.70 -56.15
N GLY B 324 -129.31 106.23 -56.48
CA GLY B 324 -128.12 106.63 -55.75
C GLY B 324 -127.90 108.13 -55.76
N LYS B 325 -127.94 108.73 -56.94
CA LYS B 325 -127.79 110.17 -57.07
C LYS B 325 -128.95 110.95 -56.42
N LEU B 326 -130.16 110.41 -56.54
CA LEU B 326 -131.32 111.03 -55.91
C LEU B 326 -131.37 110.72 -54.43
N ARG B 327 -130.31 110.07 -53.94
CA ARG B 327 -130.14 109.74 -52.52
C ARG B 327 -131.37 109.05 -51.96
N LEU B 328 -131.82 108.00 -52.65
CA LEU B 328 -133.00 107.25 -52.20
C LEU B 328 -132.73 105.75 -52.00
N GLY B 329 -133.14 105.21 -50.85
CA GLY B 329 -133.07 103.78 -50.66
C GLY B 329 -134.03 103.09 -51.62
N LYS B 330 -133.95 101.77 -51.69
CA LYS B 330 -134.84 100.95 -52.49
C LYS B 330 -135.06 99.65 -51.73
N ARG B 331 -136.28 99.43 -51.25
CA ARG B 331 -136.56 98.23 -50.46
C ARG B 331 -137.68 97.48 -51.17
N GLY B 332 -138.11 96.36 -50.60
CA GLY B 332 -139.16 95.55 -51.20
C GLY B 332 -140.54 95.89 -50.70
N THR B 333 -141.55 95.28 -51.32
CA THR B 333 -142.94 95.57 -50.97
C THR B 333 -143.20 95.30 -49.50
N GLY B 334 -142.67 94.19 -49.01
CA GLY B 334 -142.87 93.78 -47.63
C GLY B 334 -141.80 94.27 -46.68
N GLY B 335 -140.78 94.91 -47.23
CA GLY B 335 -139.76 95.55 -46.42
C GLY B 335 -138.33 95.32 -46.88
N GLU B 336 -137.41 95.67 -45.98
CA GLU B 336 -135.98 95.61 -46.18
C GLU B 336 -135.52 94.21 -46.56
N SER B 337 -136.11 93.21 -45.93
CA SER B 337 -135.80 91.82 -46.25
C SER B 337 -136.89 91.26 -47.15
N SER B 338 -137.09 91.92 -48.28
CA SER B 338 -138.05 91.46 -49.27
C SER B 338 -137.74 92.08 -50.62
N LEU B 339 -138.21 91.42 -51.67
CA LEU B 339 -138.02 91.92 -53.02
C LEU B 339 -139.30 92.56 -53.48
N ALA B 340 -139.22 93.39 -54.50
CA ALA B 340 -140.39 94.05 -55.06
C ALA B 340 -141.46 93.04 -55.46
N THR B 341 -142.69 93.51 -55.59
CA THR B 341 -143.76 92.67 -56.13
C THR B 341 -144.60 93.50 -57.08
N ASP B 342 -145.08 92.85 -58.15
CA ASP B 342 -145.88 93.52 -59.17
C ASP B 342 -145.16 94.76 -59.68
N SER B 343 -143.83 94.70 -59.69
CA SER B 343 -143.00 95.82 -60.12
C SER B 343 -143.14 97.03 -59.21
N THR B 344 -143.13 96.79 -57.90
CA THR B 344 -143.41 97.84 -56.93
C THR B 344 -142.32 97.88 -55.85
N TYR B 345 -141.77 99.08 -55.64
CA TYR B 345 -140.67 99.26 -54.70
C TYR B 345 -141.03 100.22 -53.59
N ASP B 346 -140.71 99.83 -52.37
CA ASP B 346 -140.69 100.76 -51.25
C ASP B 346 -139.51 101.70 -51.57
N ILE B 347 -139.77 103.00 -51.62
CA ILE B 347 -138.77 103.98 -52.04
C ILE B 347 -138.77 105.13 -51.05
N SER B 348 -137.61 105.43 -50.47
CA SER B 348 -137.55 106.40 -49.37
C SER B 348 -136.26 107.21 -49.32
N ASN B 349 -136.25 108.27 -48.53
CA ASN B 349 -135.03 109.04 -48.26
C ASN B 349 -133.99 108.17 -47.57
N TRP B 350 -132.74 108.24 -48.04
CA TRP B 350 -131.66 107.44 -47.48
C TRP B 350 -130.94 108.12 -46.31
N ALA B 351 -130.59 109.39 -46.48
CA ALA B 351 -129.84 110.13 -45.46
C ALA B 351 -130.74 110.61 -44.33
N ARG B 352 -130.26 110.59 -43.09
CA ARG B 352 -131.06 111.02 -41.95
C ARG B 352 -130.39 112.09 -41.08
N LEU B 353 -129.06 112.11 -41.11
CA LEU B 353 -128.23 113.03 -40.33
C LEU B 353 -127.78 114.16 -41.26
N GLY B 354 -128.10 115.40 -40.90
CA GLY B 354 -127.61 116.54 -41.67
C GLY B 354 -128.65 117.20 -42.56
N LYS B 355 -129.91 116.86 -42.32
CA LYS B 355 -131.04 117.61 -42.88
C LYS B 355 -132.19 117.59 -41.89
N SER B 356 -133.21 118.39 -42.14
CA SER B 356 -134.38 118.43 -41.28
C SER B 356 -135.45 117.45 -41.75
N GLU B 357 -136.41 117.21 -40.89
CA GLU B 357 -137.53 116.32 -41.21
C GLU B 357 -138.21 116.76 -42.50
N ARG B 358 -138.56 118.04 -42.60
CA ARG B 358 -139.18 118.57 -43.81
C ARG B 358 -138.26 118.50 -45.03
N GLU B 359 -136.99 118.84 -44.84
CA GLU B 359 -136.02 118.79 -45.95
C GLU B 359 -135.89 117.40 -46.52
N LEU B 360 -135.82 116.40 -45.64
CA LEU B 360 -135.74 115.01 -46.06
C LEU B 360 -137.02 114.52 -46.74
N VAL B 361 -138.18 114.88 -46.19
CA VAL B 361 -139.44 114.56 -46.84
C VAL B 361 -139.61 115.26 -48.19
N GLN B 362 -139.00 116.44 -48.37
CA GLN B 362 -139.08 117.12 -49.65
C GLN B 362 -138.25 116.35 -50.69
N VAL B 363 -137.13 115.80 -50.24
CA VAL B 363 -136.26 114.98 -51.06
C VAL B 363 -137.03 113.81 -51.66
N LEU B 364 -137.69 113.03 -50.81
CA LEU B 364 -138.53 111.93 -51.26
C LEU B 364 -139.47 112.47 -52.33
N VAL B 365 -140.30 113.42 -51.94
CA VAL B 365 -141.23 114.07 -52.86
C VAL B 365 -140.59 114.41 -54.20
N ASP B 366 -139.49 115.15 -54.17
CA ASP B 366 -138.87 115.67 -55.39
C ASP B 366 -138.32 114.56 -56.26
N GLY B 367 -137.73 113.55 -55.63
CA GLY B 367 -137.18 112.43 -56.37
C GLY B 367 -138.26 111.51 -56.88
N VAL B 368 -139.35 111.41 -56.11
CA VAL B 368 -140.51 110.62 -56.52
C VAL B 368 -141.06 111.13 -57.84
N ASN B 369 -141.21 112.45 -57.94
CA ASN B 369 -141.70 113.06 -59.17
C ASN B 369 -140.80 112.65 -60.35
N LEU B 370 -139.49 112.77 -60.18
CA LEU B 370 -138.57 112.40 -61.26
C LEU B 370 -138.70 110.92 -61.62
N LEU B 371 -138.84 110.07 -60.61
CA LEU B 371 -139.01 108.64 -60.83
C LEU B 371 -140.29 108.36 -61.61
N ILE B 372 -141.39 109.01 -61.22
CA ILE B 372 -142.68 108.87 -61.91
C ILE B 372 -142.69 109.50 -63.30
N ALA B 373 -142.03 110.65 -63.43
CA ALA B 373 -141.97 111.36 -64.69
C ALA B 373 -141.22 110.57 -65.77
N CYS B 374 -140.26 109.74 -65.32
CA CYS B 374 -139.45 108.93 -66.24
C CYS B 374 -140.19 107.66 -66.65
N ASP B 375 -140.90 107.05 -65.70
CA ASP B 375 -141.76 105.92 -66.01
C ASP B 375 -142.70 106.33 -67.15
N LYS B 376 -143.20 107.56 -67.08
CA LYS B 376 -144.08 108.14 -68.09
C LYS B 376 -143.39 108.30 -69.44
N LYS B 377 -142.20 108.91 -69.44
CA LYS B 377 -141.44 109.06 -70.67
C LYS B 377 -141.23 107.71 -71.32
N LEU B 378 -140.81 106.73 -70.53
CA LEU B 378 -140.53 105.40 -71.06
C LEU B 378 -141.75 104.77 -71.75
N GLU B 379 -142.87 104.68 -71.04
CA GLU B 379 -144.13 104.24 -71.64
C GLU B 379 -144.32 104.77 -73.07
N ALA B 380 -144.02 106.05 -73.27
CA ALA B 380 -144.19 106.70 -74.57
C ALA B 380 -143.01 106.51 -75.53
N GLY B 381 -142.32 105.38 -75.43
CA GLY B 381 -141.19 105.08 -76.30
C GLY B 381 -140.20 106.22 -76.46
N GLN B 382 -139.74 106.77 -75.34
CA GLN B 382 -138.97 107.99 -75.34
C GLN B 382 -137.69 107.81 -74.52
N SER B 383 -136.91 108.88 -74.36
CA SER B 383 -135.64 108.81 -73.64
C SER B 383 -135.57 109.71 -72.42
N ILE B 384 -134.85 109.24 -71.40
CA ILE B 384 -134.75 109.95 -70.13
C ILE B 384 -133.29 110.22 -69.77
N ASP B 385 -132.41 110.05 -70.76
CA ASP B 385 -130.97 110.18 -70.58
C ASP B 385 -130.54 111.53 -69.99
N ASP B 386 -131.38 112.54 -70.15
CA ASP B 386 -131.06 113.91 -69.75
C ASP B 386 -131.75 114.28 -68.46
N MET B 387 -132.66 113.42 -68.02
CA MET B 387 -133.46 113.67 -66.83
C MET B 387 -132.80 112.94 -65.67
N ILE B 388 -131.81 112.11 -65.99
CA ILE B 388 -130.96 111.50 -65.00
C ILE B 388 -129.94 112.53 -64.53
N PRO B 389 -129.84 112.74 -63.21
CA PRO B 389 -128.85 113.67 -62.65
C PRO B 389 -127.47 113.37 -63.22
N LYS B 390 -126.62 114.40 -63.31
CA LYS B 390 -125.26 114.22 -63.80
C LYS B 390 -124.32 113.99 -62.63
N LYS C 24 -106.69 18.41 22.55
CA LYS C 24 -108.11 18.73 22.59
C LYS C 24 -108.99 17.47 22.58
N PHE C 25 -108.62 16.51 21.74
CA PHE C 25 -109.47 15.35 21.46
C PHE C 25 -109.16 14.12 22.32
N LYS C 26 -110.20 13.38 22.71
CA LYS C 26 -110.02 12.10 23.36
C LYS C 26 -109.98 11.00 22.30
N ALA C 27 -109.62 9.80 22.73
CA ALA C 27 -109.56 8.64 21.85
C ALA C 27 -110.94 8.25 21.34
N ALA C 28 -111.98 8.63 22.08
CA ALA C 28 -113.36 8.32 21.68
C ALA C 28 -113.81 9.26 20.59
N ASP C 29 -113.36 10.50 20.66
CA ASP C 29 -113.67 11.52 19.67
C ASP C 29 -113.20 11.04 18.31
N ASN C 30 -112.13 10.26 18.31
CA ASN C 30 -111.48 9.83 17.08
C ASN C 30 -111.89 8.42 16.64
N PHE C 31 -112.50 7.67 17.55
CA PHE C 31 -112.83 6.28 17.25
C PHE C 31 -113.61 6.17 15.93
N PRO C 32 -113.04 5.46 14.94
CA PRO C 32 -113.67 5.29 13.63
C PRO C 32 -115.04 4.64 13.77
N ASP C 33 -115.97 4.97 12.87
CA ASP C 33 -117.28 4.32 12.86
C ASP C 33 -117.26 3.15 11.88
N LEU C 34 -117.45 1.93 12.39
CA LEU C 34 -117.33 0.73 11.59
C LEU C 34 -118.67 -0.02 11.43
N SER C 35 -119.76 0.74 11.47
CA SER C 35 -121.10 0.17 11.29
C SER C 35 -121.26 -0.64 10.02
N LYS C 36 -120.73 -0.15 8.91
CA LYS C 36 -121.00 -0.74 7.59
C LYS C 36 -119.97 -1.78 7.18
N HIS C 37 -118.85 -1.82 7.90
CA HIS C 37 -117.66 -2.56 7.48
C HIS C 37 -117.74 -4.06 7.68
N ASN C 38 -117.07 -4.79 6.80
CA ASN C 38 -116.96 -6.24 6.92
C ASN C 38 -115.53 -6.65 6.59
N ASN C 39 -114.70 -6.69 7.61
CA ASN C 39 -113.29 -7.04 7.45
C ASN C 39 -112.71 -7.35 8.84
N VAL C 40 -111.54 -8.01 8.87
CA VAL C 40 -111.03 -8.57 10.12
C VAL C 40 -110.82 -7.54 11.24
N MET C 41 -110.23 -6.41 10.89
CA MET C 41 -110.04 -5.32 11.85
C MET C 41 -111.40 -4.84 12.42
N ALA C 42 -112.44 -4.78 11.59
CA ALA C 42 -113.76 -4.36 12.06
C ALA C 42 -114.38 -5.30 13.09
N SER C 43 -114.04 -6.58 13.02
CA SER C 43 -114.50 -7.58 13.99
C SER C 43 -113.76 -7.45 15.32
N GLN C 44 -112.47 -7.16 15.23
CA GLN C 44 -111.57 -7.20 16.38
C GLN C 44 -111.35 -5.86 17.07
N LEU C 45 -111.70 -4.76 16.41
CA LEU C 45 -111.46 -3.45 17.02
C LEU C 45 -112.48 -3.13 18.09
N THR C 46 -111.97 -2.75 19.26
CA THR C 46 -112.80 -2.29 20.35
C THR C 46 -112.44 -0.86 20.72
N LYS C 47 -113.36 -0.14 21.35
CA LYS C 47 -113.08 1.20 21.85
C LYS C 47 -111.95 1.15 22.86
N GLU C 48 -112.00 0.14 23.72
CA GLU C 48 -110.98 -0.13 24.71
C GLU C 48 -109.58 -0.23 24.08
N LEU C 49 -109.46 -1.03 23.01
CA LEU C 49 -108.20 -1.19 22.29
C LEU C 49 -107.74 0.09 21.58
N TYR C 50 -108.66 0.78 20.91
CA TYR C 50 -108.30 2.03 20.27
C TYR C 50 -107.70 2.99 21.28
N GLU C 51 -108.44 3.20 22.37
CA GLU C 51 -108.01 4.09 23.44
C GLU C 51 -106.60 3.73 23.95
N LYS C 52 -106.32 2.43 24.05
CA LYS C 52 -105.02 1.95 24.47
C LYS C 52 -103.91 2.37 23.52
N TYR C 53 -104.20 2.29 22.22
CA TYR C 53 -103.16 2.37 21.21
C TYR C 53 -103.13 3.68 20.44
N TRP C 54 -104.23 4.42 20.46
CA TRP C 54 -104.39 5.54 19.55
C TRP C 54 -103.29 6.61 19.67
N ASP C 55 -102.67 6.73 20.84
CA ASP C 55 -101.55 7.67 21.02
C ASP C 55 -100.20 7.00 21.27
N LYS C 56 -100.02 5.81 20.72
CA LYS C 56 -98.75 5.10 20.80
C LYS C 56 -98.13 4.99 19.40
N VAL C 57 -96.80 5.14 19.31
CA VAL C 57 -96.12 5.26 18.03
C VAL C 57 -94.84 4.43 17.99
N THR C 58 -94.44 3.98 16.80
CA THR C 58 -93.15 3.30 16.66
C THR C 58 -92.04 4.35 16.56
N PRO C 59 -90.78 3.91 16.69
CA PRO C 59 -89.60 4.73 16.41
C PRO C 59 -89.59 5.38 15.02
N ASN C 60 -90.19 4.73 14.02
CA ASN C 60 -90.16 5.22 12.62
C ASN C 60 -91.28 6.20 12.24
N GLY C 61 -92.29 6.34 13.10
CA GLY C 61 -93.39 7.27 12.84
C GLY C 61 -94.76 6.62 12.69
N VAL C 62 -94.76 5.33 12.40
CA VAL C 62 -96.00 4.56 12.24
C VAL C 62 -96.98 4.67 13.40
N THR C 63 -98.18 5.17 13.10
CA THR C 63 -99.27 5.27 14.08
C THR C 63 -100.19 4.05 14.08
N PHE C 64 -101.19 4.08 14.96
CA PHE C 64 -102.19 3.02 15.03
C PHE C 64 -103.19 3.24 13.90
N ASP C 65 -103.64 4.49 13.75
CA ASP C 65 -104.41 4.93 12.59
C ASP C 65 -103.78 4.49 11.29
N LYS C 66 -102.47 4.69 11.20
CA LYS C 66 -101.74 4.38 10.00
C LYS C 66 -102.04 2.93 9.66
N CYS C 67 -101.76 2.07 10.63
CA CYS C 67 -101.94 0.62 10.47
C CYS C 67 -103.38 0.19 10.13
N ILE C 68 -104.39 0.94 10.53
CA ILE C 68 -105.76 0.49 10.27
C ILE C 68 -106.54 1.26 9.21
N GLN C 69 -105.98 2.39 8.74
CA GLN C 69 -106.63 3.19 7.71
C GLN C 69 -107.21 2.39 6.54
N THR C 70 -106.63 1.23 6.24
CA THR C 70 -107.02 0.49 5.05
C THR C 70 -108.38 -0.19 5.18
N GLY C 71 -108.75 -0.59 6.40
CA GLY C 71 -109.97 -1.32 6.65
C GLY C 71 -111.15 -0.39 6.86
N VAL C 72 -110.86 0.79 7.39
CA VAL C 72 -111.85 1.85 7.43
C VAL C 72 -112.26 2.23 5.99
N ASP C 73 -111.26 2.45 5.12
CA ASP C 73 -111.52 2.87 3.76
C ASP C 73 -112.11 1.78 2.89
N ASN C 74 -112.37 0.60 3.46
CA ASN C 74 -112.85 -0.54 2.68
C ASN C 74 -113.90 -1.39 3.40
N PRO C 75 -115.10 -0.81 3.62
CA PRO C 75 -116.16 -1.50 4.36
C PRO C 75 -116.52 -2.85 3.73
N GLY C 76 -116.37 -2.96 2.41
CA GLY C 76 -116.69 -4.18 1.70
C GLY C 76 -115.70 -4.56 0.62
N ASN C 77 -115.99 -5.65 -0.09
CA ASN C 77 -115.12 -6.19 -1.13
C ASN C 77 -115.93 -6.63 -2.36
N LYS C 78 -115.65 -6.01 -3.51
CA LYS C 78 -116.33 -6.33 -4.77
C LYS C 78 -116.06 -7.75 -5.24
N PHE C 79 -115.03 -8.38 -4.68
CA PHE C 79 -114.55 -9.68 -5.15
C PHE C 79 -114.70 -10.74 -4.09
N TYR C 80 -114.17 -11.93 -4.34
CA TYR C 80 -114.33 -13.01 -3.38
C TYR C 80 -113.58 -12.73 -2.08
N GLY C 81 -114.29 -12.89 -0.96
CA GLY C 81 -113.63 -13.05 0.34
C GLY C 81 -113.57 -11.87 1.29
N LYS C 82 -113.34 -12.18 2.56
CA LYS C 82 -113.20 -11.15 3.60
C LYS C 82 -111.75 -10.69 3.76
N LYS C 83 -111.56 -9.37 3.76
CA LYS C 83 -110.22 -8.75 3.85
C LYS C 83 -109.84 -8.43 5.30
N THR C 84 -108.55 -8.30 5.55
CA THR C 84 -108.07 -8.07 6.92
C THR C 84 -108.35 -6.63 7.37
N GLY C 85 -108.01 -5.67 6.52
CA GLY C 85 -108.30 -4.27 6.80
C GLY C 85 -107.38 -3.60 7.81
N CYS C 86 -106.13 -4.02 7.81
CA CYS C 86 -105.09 -3.34 8.58
C CYS C 86 -103.73 -3.93 8.19
N VAL C 87 -102.67 -3.14 8.37
CA VAL C 87 -101.34 -3.53 7.91
C VAL C 87 -100.29 -3.39 9.00
N PHE C 88 -99.03 -3.56 8.60
CA PHE C 88 -97.90 -3.18 9.42
C PHE C 88 -97.23 -2.01 8.72
N GLY C 89 -96.97 -0.94 9.48
CA GLY C 89 -96.30 0.23 8.93
C GLY C 89 -94.81 -0.01 8.80
N ASP C 90 -94.20 -0.55 9.87
CA ASP C 90 -92.78 -0.88 9.85
C ASP C 90 -92.54 -2.25 10.50
N GLU C 91 -91.32 -2.45 10.99
CA GLU C 91 -90.98 -3.68 11.68
C GLU C 91 -91.45 -3.71 13.13
N TYR C 92 -91.66 -2.54 13.73
CA TYR C 92 -92.02 -2.44 15.16
C TYR C 92 -93.52 -2.50 15.38
N SER C 93 -94.27 -2.67 14.30
CA SER C 93 -95.72 -2.48 14.41
C SER C 93 -96.44 -3.61 15.15
N TYR C 94 -96.00 -4.85 14.96
CA TYR C 94 -96.65 -5.97 15.66
C TYR C 94 -96.71 -5.82 17.18
N GLU C 95 -95.56 -5.63 17.83
CA GLU C 95 -95.53 -5.57 19.30
C GLU C 95 -96.01 -4.24 19.85
N CYS C 96 -95.89 -3.20 19.03
CA CYS C 96 -96.52 -1.92 19.33
C CYS C 96 -98.00 -2.08 19.67
N TYR C 97 -98.72 -2.76 18.79
CA TYR C 97 -100.18 -2.87 18.90
C TYR C 97 -100.56 -4.33 18.98
N LYS C 98 -99.82 -5.07 19.80
CA LYS C 98 -99.93 -6.53 19.88
C LYS C 98 -101.21 -7.07 20.49
N GLU C 99 -101.77 -6.36 21.45
CA GLU C 99 -103.06 -6.83 21.97
C GLU C 99 -104.18 -6.76 20.90
N PHE C 100 -103.91 -6.06 19.80
CA PHE C 100 -104.86 -5.98 18.69
C PHE C 100 -104.54 -6.95 17.53
N PHE C 101 -103.30 -6.94 17.06
CA PHE C 101 -102.95 -7.84 15.97
C PHE C 101 -103.12 -9.31 16.39
N ASP C 102 -102.98 -9.58 17.68
CA ASP C 102 -103.18 -10.94 18.19
C ASP C 102 -104.61 -11.46 18.04
N LYS C 103 -105.57 -10.58 17.76
CA LYS C 103 -106.95 -11.03 17.51
C LYS C 103 -107.14 -11.32 16.02
N CYS C 104 -106.66 -10.40 15.20
CA CYS C 104 -106.76 -10.50 13.75
C CYS C 104 -106.08 -11.78 13.28
N ILE C 105 -105.06 -12.19 14.04
CA ILE C 105 -104.22 -13.34 13.71
C ILE C 105 -104.91 -14.67 14.07
N GLU C 106 -105.77 -14.62 15.07
CA GLU C 106 -106.51 -15.80 15.47
C GLU C 106 -107.65 -16.09 14.49
N GLU C 107 -108.38 -15.04 14.08
CA GLU C 107 -109.39 -15.19 13.06
C GLU C 107 -108.70 -15.79 11.83
N ILE C 108 -107.65 -15.14 11.37
CA ILE C 108 -106.99 -15.59 10.16
C ILE C 108 -106.42 -17.02 10.28
N HIS C 109 -105.38 -17.18 11.10
CA HIS C 109 -104.60 -18.42 11.14
C HIS C 109 -105.03 -19.46 12.20
N HIS C 110 -106.05 -19.16 12.99
CA HIS C 110 -106.50 -20.12 14.00
C HIS C 110 -105.38 -20.32 15.02
N PHE C 111 -104.57 -19.28 15.15
CA PHE C 111 -103.30 -19.31 15.86
C PHE C 111 -103.50 -18.38 17.04
N LYS C 112 -103.12 -18.83 18.24
CA LYS C 112 -103.33 -18.03 19.45
C LYS C 112 -102.04 -17.35 19.88
N PRO C 113 -102.11 -16.51 20.93
CA PRO C 113 -100.90 -15.85 21.40
C PRO C 113 -99.93 -16.84 22.08
N SER C 114 -100.47 -17.99 22.50
CA SER C 114 -99.68 -19.03 23.14
C SER C 114 -99.11 -20.02 22.13
N ASP C 115 -99.63 -19.98 20.90
CA ASP C 115 -99.08 -20.83 19.85
C ASP C 115 -97.71 -20.32 19.44
N LYS C 116 -97.00 -21.11 18.66
CA LYS C 116 -95.69 -20.74 18.14
C LYS C 116 -95.45 -21.49 16.84
N HIS C 117 -95.18 -20.73 15.77
CA HIS C 117 -94.95 -21.26 14.44
C HIS C 117 -93.83 -22.32 14.49
N PRO C 118 -94.09 -23.50 13.93
CA PRO C 118 -93.10 -24.58 13.87
C PRO C 118 -91.87 -24.17 13.06
N ALA C 119 -90.91 -25.08 12.92
CA ALA C 119 -89.73 -24.83 12.10
C ALA C 119 -90.12 -24.99 10.64
N PRO C 120 -89.34 -24.37 9.75
CA PRO C 120 -89.59 -24.55 8.31
C PRO C 120 -89.55 -26.02 7.91
N ASP C 121 -90.14 -26.32 6.76
CA ASP C 121 -90.16 -27.66 6.19
C ASP C 121 -90.38 -27.56 4.69
N LEU C 122 -89.29 -27.53 3.93
CA LEU C 122 -89.36 -27.36 2.48
C LEU C 122 -89.23 -28.68 1.72
N ASP C 123 -89.05 -29.78 2.43
CA ASP C 123 -88.88 -31.08 1.81
C ASP C 123 -90.10 -31.44 0.95
N HIS C 124 -89.95 -31.36 -0.37
CA HIS C 124 -91.08 -31.59 -1.29
C HIS C 124 -91.37 -33.07 -1.53
N ASN C 125 -90.59 -33.95 -0.91
CA ASN C 125 -90.77 -35.39 -1.07
C ASN C 125 -91.79 -35.97 -0.09
N LYS C 126 -91.92 -35.33 1.07
CA LYS C 126 -92.88 -35.76 2.09
C LYS C 126 -94.30 -35.56 1.57
N LEU C 127 -94.45 -34.67 0.60
CA LEU C 127 -95.77 -34.35 0.04
C LEU C 127 -96.45 -35.54 -0.63
N VAL C 128 -97.67 -35.84 -0.19
CA VAL C 128 -98.46 -36.94 -0.75
C VAL C 128 -99.45 -36.43 -1.80
N GLY C 129 -99.20 -36.78 -3.06
CA GLY C 129 -100.02 -36.30 -4.16
C GLY C 129 -99.42 -35.04 -4.76
N GLY C 130 -100.28 -34.18 -5.31
CA GLY C 130 -99.82 -32.92 -5.85
C GLY C 130 -99.42 -32.94 -7.32
N VAL C 131 -99.73 -34.02 -8.02
CA VAL C 131 -99.61 -34.02 -9.48
C VAL C 131 -100.99 -34.31 -10.06
N PHE C 132 -101.67 -33.25 -10.47
CA PHE C 132 -103.09 -33.32 -10.84
C PHE C 132 -103.34 -33.46 -12.33
N GLU C 133 -104.54 -33.90 -12.65
CA GLU C 133 -104.99 -34.02 -14.03
C GLU C 133 -104.99 -32.66 -14.72
N ASP C 134 -104.57 -32.66 -15.98
CA ASP C 134 -104.54 -31.45 -16.80
C ASP C 134 -105.95 -30.96 -17.11
N LYS C 135 -106.92 -31.87 -17.06
CA LYS C 135 -108.31 -31.50 -17.28
C LYS C 135 -108.78 -30.45 -16.27
N TYR C 136 -108.31 -30.56 -15.03
CA TYR C 136 -108.81 -29.73 -13.94
C TYR C 136 -107.86 -28.61 -13.52
N VAL C 137 -106.58 -28.93 -13.34
CA VAL C 137 -105.58 -27.95 -12.94
C VAL C 137 -104.78 -27.40 -14.12
N LYS C 138 -104.87 -26.09 -14.37
CA LYS C 138 -104.31 -25.48 -15.59
C LYS C 138 -102.88 -24.95 -15.38
N SER C 139 -102.66 -24.26 -14.26
CA SER C 139 -101.31 -23.92 -13.83
C SER C 139 -101.15 -23.90 -12.33
N CYS C 140 -99.93 -24.19 -11.87
CA CYS C 140 -99.63 -24.25 -10.44
C CYS C 140 -98.66 -23.13 -10.12
N ARG C 141 -98.78 -22.59 -8.91
CA ARG C 141 -97.91 -21.50 -8.50
C ARG C 141 -97.71 -21.52 -6.99
N ILE C 142 -96.45 -21.44 -6.56
CA ILE C 142 -96.15 -21.26 -5.14
C ILE C 142 -95.32 -20.01 -4.91
N ARG C 143 -95.59 -19.29 -3.82
CA ARG C 143 -94.95 -18.02 -3.59
C ARG C 143 -94.89 -17.63 -2.12
N CYS C 144 -93.87 -16.86 -1.76
CA CYS C 144 -93.81 -16.31 -0.41
C CYS C 144 -93.31 -14.88 -0.44
N GLY C 145 -93.48 -14.16 0.67
CA GLY C 145 -92.98 -12.81 0.76
C GLY C 145 -91.92 -12.67 1.82
N ARG C 146 -91.01 -11.71 1.64
CA ARG C 146 -90.00 -11.37 2.65
C ARG C 146 -89.82 -9.85 2.81
N SER C 147 -89.40 -9.42 3.99
CA SER C 147 -89.12 -8.01 4.24
C SER C 147 -87.65 -7.78 4.58
N VAL C 148 -87.13 -6.60 4.20
CA VAL C 148 -85.75 -6.25 4.49
C VAL C 148 -85.69 -5.41 5.76
N LYS C 149 -84.97 -5.91 6.76
CA LYS C 149 -84.98 -5.30 8.09
C LYS C 149 -84.20 -3.99 8.21
N GLY C 150 -84.69 -3.08 9.04
CA GLY C 150 -84.03 -1.81 9.27
C GLY C 150 -84.55 -0.71 8.36
N VAL C 151 -85.62 -1.03 7.64
CA VAL C 151 -86.23 -0.12 6.69
C VAL C 151 -87.75 -0.30 6.77
N CYS C 152 -88.49 0.79 6.68
CA CYS C 152 -89.96 0.73 6.76
C CYS C 152 -90.56 -0.28 5.79
N LEU C 153 -91.86 -0.56 5.94
CA LEU C 153 -92.58 -1.36 4.98
C LEU C 153 -93.32 -0.46 3.99
N PRO C 154 -93.67 -0.98 2.80
CA PRO C 154 -94.26 -0.17 1.72
C PRO C 154 -95.40 0.80 2.10
N PRO C 155 -96.29 0.43 3.03
CA PRO C 155 -97.32 1.42 3.41
C PRO C 155 -96.74 2.66 4.09
N ALA C 156 -95.46 2.60 4.46
CA ALA C 156 -94.84 3.65 5.28
C ALA C 156 -93.51 4.17 4.72
N MET C 157 -92.82 3.34 3.95
CA MET C 157 -91.48 3.68 3.49
C MET C 157 -91.41 4.90 2.58
N SER C 158 -90.36 5.69 2.79
CA SER C 158 -90.07 6.87 1.98
C SER C 158 -89.27 6.47 0.75
N ARG C 159 -89.38 7.30 -0.29
CA ARG C 159 -88.69 7.10 -1.58
C ARG C 159 -87.20 6.76 -1.47
N ALA C 160 -86.54 7.24 -0.42
CA ALA C 160 -85.11 6.92 -0.22
C ALA C 160 -84.91 5.45 0.13
N GLU C 161 -85.80 4.92 0.97
CA GLU C 161 -85.76 3.54 1.40
C GLU C 161 -86.08 2.60 0.25
N ARG C 162 -87.06 2.97 -0.56
CA ARG C 162 -87.49 2.10 -1.64
C ARG C 162 -86.37 1.85 -2.66
N ARG C 163 -85.72 2.92 -3.10
CA ARG C 163 -84.53 2.81 -3.93
C ARG C 163 -83.48 1.91 -3.29
N LEU C 164 -83.25 2.13 -2.00
CA LEU C 164 -82.40 1.30 -1.19
C LEU C 164 -82.72 -0.19 -1.32
N VAL C 165 -83.99 -0.55 -1.09
CA VAL C 165 -84.41 -1.94 -1.15
C VAL C 165 -84.17 -2.51 -2.54
N GLU C 166 -84.63 -1.79 -3.55
CA GLU C 166 -84.42 -2.14 -4.94
C GLU C 166 -82.96 -2.56 -5.23
N LYS C 167 -82.00 -1.78 -4.71
CA LYS C 167 -80.57 -1.96 -5.01
C LYS C 167 -79.99 -3.15 -4.27
N VAL C 168 -79.97 -3.06 -2.95
CA VAL C 168 -79.59 -4.15 -2.06
C VAL C 168 -80.12 -5.50 -2.56
N VAL C 169 -81.41 -5.56 -2.81
CA VAL C 169 -82.06 -6.79 -3.25
C VAL C 169 -81.61 -7.25 -4.65
N SER C 170 -81.55 -6.35 -5.62
CA SER C 170 -81.16 -6.76 -6.96
C SER C 170 -79.65 -7.06 -7.01
N ASP C 171 -78.87 -6.37 -6.19
CA ASP C 171 -77.47 -6.74 -6.04
C ASP C 171 -77.44 -8.18 -5.54
N ALA C 172 -78.03 -8.38 -4.36
CA ALA C 172 -78.10 -9.68 -3.73
C ALA C 172 -78.59 -10.78 -4.66
N LEU C 173 -79.45 -10.41 -5.61
CA LEU C 173 -80.05 -11.38 -6.53
C LEU C 173 -79.11 -11.73 -7.68
N GLY C 174 -78.09 -10.91 -7.90
CA GLY C 174 -77.11 -11.18 -8.93
C GLY C 174 -76.32 -12.43 -8.62
N GLY C 175 -76.40 -12.87 -7.35
CA GLY C 175 -75.66 -14.03 -6.89
C GLY C 175 -76.22 -15.37 -7.31
N LEU C 176 -77.40 -15.39 -7.91
CA LEU C 176 -78.04 -16.64 -8.28
C LEU C 176 -77.33 -17.31 -9.46
N LYS C 177 -77.35 -18.64 -9.49
CA LYS C 177 -76.65 -19.38 -10.53
C LYS C 177 -77.50 -20.48 -11.17
N GLY C 178 -76.87 -21.27 -12.04
CA GLY C 178 -77.53 -22.37 -12.72
C GLY C 178 -78.80 -21.97 -13.46
N ASP C 179 -79.88 -22.72 -13.25
CA ASP C 179 -81.16 -22.41 -13.89
C ASP C 179 -81.93 -21.37 -13.10
N LEU C 180 -81.39 -20.99 -11.95
CA LEU C 180 -82.04 -20.01 -11.09
C LEU C 180 -81.53 -18.59 -11.36
N ALA C 181 -80.59 -18.48 -12.28
CA ALA C 181 -80.02 -17.18 -12.62
C ALA C 181 -80.93 -16.44 -13.58
N GLY C 182 -81.00 -15.13 -13.45
CA GLY C 182 -81.86 -14.32 -14.29
C GLY C 182 -81.42 -12.87 -14.36
N LYS C 183 -82.35 -11.99 -14.72
CA LYS C 183 -82.03 -10.57 -14.84
C LYS C 183 -83.06 -9.71 -14.11
N TYR C 184 -82.69 -8.48 -13.78
CA TYR C 184 -83.61 -7.54 -13.15
C TYR C 184 -84.10 -6.46 -14.11
N TYR C 185 -85.41 -6.34 -14.26
CA TYR C 185 -85.99 -5.32 -15.11
C TYR C 185 -86.79 -4.31 -14.28
N PRO C 186 -86.21 -3.14 -14.01
CA PRO C 186 -86.92 -2.08 -13.28
C PRO C 186 -88.16 -1.63 -14.04
N LEU C 187 -89.16 -1.14 -13.32
CA LEU C 187 -90.42 -0.75 -13.95
C LEU C 187 -90.29 0.58 -14.67
N THR C 188 -89.48 1.48 -14.13
CA THR C 188 -89.28 2.78 -14.74
C THR C 188 -88.60 2.69 -16.10
N THR C 189 -88.27 1.47 -16.52
CA THR C 189 -87.53 1.25 -17.76
C THR C 189 -88.16 0.16 -18.63
N MET C 190 -89.32 -0.32 -18.22
CA MET C 190 -90.07 -1.31 -19.01
C MET C 190 -91.20 -0.62 -19.75
N ASN C 191 -91.24 -0.77 -21.07
CA ASN C 191 -92.28 -0.11 -21.86
C ASN C 191 -93.63 -0.68 -21.50
N GLU C 192 -94.68 0.13 -21.67
CA GLU C 192 -96.02 -0.25 -21.21
C GLU C 192 -96.53 -1.54 -21.85
N LYS C 193 -96.11 -1.85 -23.07
CA LYS C 193 -96.66 -2.99 -23.77
C LYS C 193 -96.03 -4.31 -23.35
N ASP C 194 -94.85 -4.23 -22.74
CA ASP C 194 -94.23 -5.39 -22.10
C ASP C 194 -94.95 -5.63 -20.79
N GLN C 195 -95.10 -4.56 -20.03
CA GLN C 195 -95.78 -4.59 -18.75
C GLN C 195 -97.15 -5.25 -18.86
N GLU C 196 -97.97 -4.73 -19.78
CA GLU C 196 -99.28 -5.31 -20.05
C GLU C 196 -99.15 -6.77 -20.47
N GLN C 197 -98.03 -7.11 -21.09
CA GLN C 197 -97.79 -8.48 -21.51
C GLN C 197 -97.47 -9.40 -20.32
N LEU C 198 -96.67 -8.90 -19.39
CA LEU C 198 -96.25 -9.69 -18.24
C LEU C 198 -97.36 -9.90 -17.21
N ILE C 199 -98.30 -8.96 -17.17
CA ILE C 199 -99.45 -9.07 -16.28
C ILE C 199 -100.45 -10.10 -16.83
N GLU C 200 -100.82 -9.93 -18.10
CA GLU C 200 -101.70 -10.88 -18.78
C GLU C 200 -101.23 -12.32 -18.70
N ASP C 201 -99.91 -12.51 -18.86
CA ASP C 201 -99.32 -13.85 -18.84
C ASP C 201 -99.15 -14.38 -17.42
N HIS C 202 -99.48 -13.54 -16.43
CA HIS C 202 -99.46 -13.93 -15.01
C HIS C 202 -98.11 -13.85 -14.29
N PHE C 203 -97.13 -13.15 -14.87
CA PHE C 203 -95.82 -13.08 -14.24
C PHE C 203 -95.64 -11.82 -13.40
N LEU C 204 -96.18 -10.71 -13.88
CA LEU C 204 -96.02 -9.42 -13.22
C LEU C 204 -97.31 -8.97 -12.52
N PHE C 205 -97.15 -8.32 -11.37
CA PHE C 205 -98.29 -7.77 -10.64
C PHE C 205 -99.07 -6.78 -11.50
N GLU C 206 -100.34 -6.56 -11.15
CA GLU C 206 -101.23 -5.70 -11.94
C GLU C 206 -100.92 -4.24 -11.68
N LYS C 207 -101.72 -3.36 -12.27
CA LYS C 207 -101.54 -1.93 -12.06
C LYS C 207 -101.99 -1.51 -10.65
N PRO C 208 -101.38 -0.43 -10.14
CA PRO C 208 -101.54 0.10 -8.77
C PRO C 208 -102.94 0.58 -8.43
N THR C 209 -103.94 -0.25 -8.69
CA THR C 209 -105.34 0.10 -8.46
C THR C 209 -106.02 -0.83 -7.44
N GLY C 210 -105.25 -1.76 -6.90
CA GLY C 210 -105.78 -2.64 -5.87
C GLY C 210 -106.43 -1.81 -4.79
N ALA C 211 -107.58 -2.25 -4.29
CA ALA C 211 -108.24 -1.56 -3.20
C ALA C 211 -107.29 -1.39 -2.03
N LEU C 212 -106.81 -2.49 -1.48
CA LEU C 212 -105.83 -2.43 -0.41
C LEU C 212 -104.67 -1.52 -0.82
N LEU C 213 -103.98 -1.88 -1.90
CA LEU C 213 -102.73 -1.23 -2.29
C LEU C 213 -102.72 0.30 -2.13
N THR C 214 -103.74 0.98 -2.61
CA THR C 214 -103.66 2.44 -2.65
C THR C 214 -104.16 3.12 -1.37
N THR C 215 -105.02 2.44 -0.61
CA THR C 215 -105.56 3.00 0.64
C THR C 215 -104.62 2.83 1.83
N SER C 216 -103.70 1.87 1.72
CA SER C 216 -102.68 1.67 2.73
C SER C 216 -101.35 2.32 2.33
N GLY C 217 -101.33 3.01 1.20
CA GLY C 217 -100.20 3.84 0.81
C GLY C 217 -99.04 3.14 0.12
N CYS C 218 -99.25 1.88 -0.27
CA CYS C 218 -98.19 1.12 -0.93
C CYS C 218 -97.99 1.52 -2.38
N ALA C 219 -98.72 2.52 -2.87
CA ALA C 219 -98.57 2.95 -4.27
C ALA C 219 -98.14 4.42 -4.50
N ARG C 220 -97.66 5.08 -3.45
CA ARG C 220 -97.04 6.40 -3.58
C ARG C 220 -95.73 6.33 -4.37
N ASP C 221 -95.55 7.28 -5.29
CA ASP C 221 -94.28 7.45 -6.01
C ASP C 221 -94.11 6.38 -7.08
N TRP C 222 -95.22 5.90 -7.60
CA TRP C 222 -95.22 4.86 -8.64
C TRP C 222 -94.73 5.39 -10.00
N PRO C 223 -93.90 4.59 -10.71
CA PRO C 223 -93.37 3.26 -10.38
C PRO C 223 -91.91 3.29 -9.94
N ASP C 224 -91.53 4.33 -9.21
CA ASP C 224 -90.16 4.51 -8.76
C ASP C 224 -89.82 3.58 -7.61
N GLY C 225 -88.85 2.70 -7.82
CA GLY C 225 -88.40 1.81 -6.76
C GLY C 225 -88.89 0.38 -6.94
N ARG C 226 -89.69 0.16 -7.98
CA ARG C 226 -90.36 -1.13 -8.20
C ARG C 226 -89.69 -1.91 -9.33
N GLY C 227 -89.72 -3.24 -9.24
CA GLY C 227 -89.14 -4.06 -10.29
C GLY C 227 -89.55 -5.52 -10.29
N ILE C 228 -89.26 -6.21 -11.39
CA ILE C 228 -89.40 -7.66 -11.47
C ILE C 228 -88.13 -8.35 -12.00
N TRP C 229 -87.60 -9.24 -11.17
CA TRP C 229 -86.49 -10.08 -11.57
C TRP C 229 -87.10 -11.42 -11.96
N HIS C 230 -86.37 -12.21 -12.74
CA HIS C 230 -86.84 -13.52 -13.16
C HIS C 230 -85.79 -14.19 -14.04
N ASN C 231 -85.93 -15.49 -14.27
CA ASN C 231 -85.01 -16.22 -15.13
C ASN C 231 -85.48 -16.26 -16.59
N ASN C 232 -84.73 -16.96 -17.43
CA ASN C 232 -85.09 -17.12 -18.83
C ASN C 232 -86.35 -17.96 -18.98
N GLU C 233 -86.47 -18.99 -18.16
CA GLU C 233 -87.61 -19.90 -18.19
C GLU C 233 -88.89 -19.27 -17.66
N LYS C 234 -88.75 -18.15 -16.94
CA LYS C 234 -89.89 -17.54 -16.25
C LYS C 234 -90.71 -18.57 -15.48
N ASN C 235 -90.01 -19.37 -14.68
CA ASN C 235 -90.65 -20.29 -13.75
C ASN C 235 -90.11 -20.06 -12.35
N PHE C 236 -89.29 -19.02 -12.23
CA PHE C 236 -88.80 -18.53 -10.95
C PHE C 236 -88.61 -17.03 -11.08
N LEU C 237 -89.42 -16.26 -10.35
CA LEU C 237 -89.39 -14.81 -10.47
C LEU C 237 -89.38 -14.15 -9.11
N VAL C 238 -88.99 -12.87 -9.09
CA VAL C 238 -89.10 -12.09 -7.88
C VAL C 238 -89.73 -10.70 -8.13
N TRP C 239 -90.78 -10.39 -7.36
CA TRP C 239 -91.32 -9.05 -7.34
C TRP C 239 -90.57 -8.24 -6.29
N ILE C 240 -90.25 -7.00 -6.61
CA ILE C 240 -89.61 -6.13 -5.66
C ILE C 240 -90.44 -4.86 -5.46
N ASN C 241 -90.58 -4.46 -4.21
CA ASN C 241 -91.18 -3.18 -3.81
C ASN C 241 -92.62 -2.92 -4.22
N GLU C 242 -93.44 -3.96 -4.35
CA GLU C 242 -94.87 -3.74 -4.57
C GLU C 242 -95.54 -3.57 -3.21
N GLU C 243 -96.40 -4.51 -2.84
CA GLU C 243 -97.06 -4.48 -1.53
C GLU C 243 -96.02 -4.79 -0.46
N ASP C 244 -95.12 -5.70 -0.81
CA ASP C 244 -94.05 -6.14 0.07
C ASP C 244 -92.71 -5.98 -0.65
N HIS C 245 -91.67 -5.67 0.12
CA HIS C 245 -90.31 -5.56 -0.40
C HIS C 245 -89.98 -6.66 -1.40
N ILE C 246 -90.35 -7.89 -1.06
CA ILE C 246 -89.98 -9.06 -1.84
C ILE C 246 -91.08 -10.11 -1.89
N ARG C 247 -91.21 -10.76 -3.04
CA ARG C 247 -91.97 -11.98 -3.16
C ARG C 247 -91.21 -12.95 -4.07
N VAL C 248 -91.07 -14.18 -3.60
CA VAL C 248 -90.32 -15.22 -4.31
C VAL C 248 -91.34 -16.22 -4.84
N ILE C 249 -91.38 -16.35 -6.15
CA ILE C 249 -92.47 -17.05 -6.83
C ILE C 249 -91.96 -18.25 -7.61
N SER C 250 -92.85 -19.22 -7.83
CA SER C 250 -92.50 -20.42 -8.56
C SER C 250 -93.74 -20.97 -9.22
N MET C 251 -93.77 -20.92 -10.55
CA MET C 251 -94.95 -21.32 -11.30
C MET C 251 -94.59 -21.98 -12.62
N GLN C 252 -95.60 -22.60 -13.23
CA GLN C 252 -95.49 -23.23 -14.53
C GLN C 252 -96.89 -23.66 -14.94
N LYS C 253 -97.11 -23.87 -16.23
CA LYS C 253 -98.37 -24.45 -16.69
C LYS C 253 -98.44 -25.95 -16.42
N GLY C 254 -99.65 -26.46 -16.26
CA GLY C 254 -99.85 -27.86 -15.93
C GLY C 254 -100.14 -28.08 -14.45
N GLY C 255 -100.25 -29.34 -14.04
CA GLY C 255 -100.67 -29.66 -12.69
C GLY C 255 -99.60 -30.22 -11.78
N ASP C 256 -98.36 -29.86 -12.02
CA ASP C 256 -97.23 -30.34 -11.24
C ASP C 256 -96.91 -29.44 -10.05
N LEU C 257 -97.80 -29.42 -9.06
CA LEU C 257 -97.61 -28.60 -7.87
C LEU C 257 -96.34 -29.02 -7.12
N LYS C 258 -95.97 -30.29 -7.27
CA LYS C 258 -94.82 -30.86 -6.58
C LYS C 258 -93.48 -30.41 -7.20
N ALA C 259 -93.40 -30.36 -8.52
CA ALA C 259 -92.23 -29.82 -9.20
C ALA C 259 -92.16 -28.30 -9.09
N VAL C 260 -93.31 -27.66 -8.94
CA VAL C 260 -93.36 -26.24 -8.64
C VAL C 260 -92.88 -25.99 -7.21
N PHE C 261 -93.31 -26.86 -6.29
CA PHE C 261 -92.86 -26.81 -4.90
C PHE C 261 -91.37 -27.06 -4.80
N SER C 262 -90.87 -28.02 -5.58
CA SER C 262 -89.44 -28.35 -5.60
C SER C 262 -88.59 -27.15 -6.01
N ARG C 263 -89.00 -26.46 -7.08
CA ARG C 263 -88.29 -25.28 -7.55
C ARG C 263 -88.34 -24.13 -6.55
N PHE C 264 -89.51 -23.93 -5.96
CA PHE C 264 -89.73 -22.87 -4.98
C PHE C 264 -88.84 -23.07 -3.73
N ALA C 265 -88.59 -24.32 -3.37
CA ALA C 265 -87.75 -24.65 -2.22
C ALA C 265 -86.27 -24.34 -2.47
N ARG C 266 -85.76 -24.81 -3.60
CA ARG C 266 -84.40 -24.49 -4.02
C ARG C 266 -84.16 -22.99 -3.93
N GLY C 267 -84.80 -22.27 -4.86
CA GLY C 267 -84.67 -20.83 -4.97
C GLY C 267 -84.78 -20.04 -3.68
N LEU C 268 -85.79 -20.34 -2.88
CA LEU C 268 -86.01 -19.65 -1.61
C LEU C 268 -84.78 -19.68 -0.71
N LEU C 269 -84.29 -20.88 -0.42
CA LEU C 269 -83.09 -21.05 0.41
C LEU C 269 -81.95 -20.21 -0.11
N GLU C 270 -81.70 -20.33 -1.41
CA GLU C 270 -80.68 -19.56 -2.12
C GLU C 270 -80.81 -18.06 -1.90
N VAL C 271 -82.04 -17.56 -2.01
CA VAL C 271 -82.31 -16.15 -1.87
C VAL C 271 -82.03 -15.67 -0.44
N GLU C 272 -82.51 -16.43 0.53
CA GLU C 272 -82.33 -16.04 1.93
C GLU C 272 -80.86 -16.09 2.28
N ARG C 273 -80.15 -16.98 1.58
CA ARG C 273 -78.72 -17.14 1.79
C ARG C 273 -77.94 -16.01 1.12
N LEU C 274 -78.29 -15.68 -0.11
CA LEU C 274 -77.64 -14.56 -0.79
C LEU C 274 -77.94 -13.24 -0.08
N MET C 275 -79.09 -13.17 0.58
CA MET C 275 -79.44 -11.97 1.34
C MET C 275 -78.66 -11.96 2.66
N LYS C 276 -78.45 -13.14 3.22
CA LYS C 276 -77.68 -13.27 4.46
C LYS C 276 -76.23 -12.94 4.19
N GLU C 277 -75.70 -13.51 3.11
CA GLU C 277 -74.34 -13.29 2.67
C GLU C 277 -74.06 -11.81 2.39
N CYS C 278 -75.03 -11.11 1.81
CA CYS C 278 -74.93 -9.67 1.60
C CYS C 278 -75.24 -8.88 2.88
N GLY C 279 -75.17 -9.57 4.02
CA GLY C 279 -75.35 -8.94 5.31
C GLY C 279 -76.65 -8.16 5.48
N HIS C 280 -77.70 -8.62 4.82
CA HIS C 280 -79.03 -8.03 4.99
C HIS C 280 -79.98 -9.03 5.66
N GLY C 281 -80.46 -8.69 6.85
CA GLY C 281 -81.42 -9.53 7.56
C GLY C 281 -82.85 -9.37 7.08
N LEU C 282 -83.66 -10.40 7.28
CA LEU C 282 -85.09 -10.37 6.92
C LEU C 282 -85.98 -10.29 8.17
N MET C 283 -87.04 -9.48 8.09
CA MET C 283 -87.92 -9.21 9.23
C MET C 283 -88.54 -10.47 9.84
N HIS C 284 -88.31 -10.70 11.13
CA HIS C 284 -88.58 -12.02 11.70
C HIS C 284 -88.78 -12.06 13.21
N ASN C 285 -89.92 -12.60 13.61
CA ASN C 285 -90.30 -12.76 15.01
C ASN C 285 -90.11 -14.21 15.42
N ASP C 286 -89.60 -14.45 16.62
CA ASP C 286 -89.29 -15.81 17.08
C ASP C 286 -90.53 -16.71 17.15
N ARG C 287 -91.68 -16.11 17.41
CA ARG C 287 -92.96 -16.82 17.48
C ARG C 287 -93.64 -16.90 16.13
N LEU C 288 -93.79 -15.74 15.51
CA LEU C 288 -94.66 -15.57 14.34
C LEU C 288 -93.98 -15.81 13.00
N GLY C 289 -92.72 -16.22 13.00
CA GLY C 289 -91.99 -16.43 11.77
C GLY C 289 -91.81 -15.11 11.04
N TYR C 290 -91.62 -15.19 9.72
CA TYR C 290 -91.41 -14.01 8.90
C TYR C 290 -92.60 -13.04 8.93
N ILE C 291 -92.32 -11.76 8.72
CA ILE C 291 -93.33 -10.71 8.81
C ILE C 291 -93.40 -9.82 7.57
N CYS C 292 -94.59 -9.73 6.98
CA CYS C 292 -94.81 -8.86 5.83
C CYS C 292 -95.83 -7.78 6.14
N THR C 293 -96.35 -7.14 5.10
CA THR C 293 -97.24 -6.00 5.25
C THR C 293 -98.55 -6.41 5.93
N CYS C 294 -99.24 -7.38 5.35
CA CYS C 294 -100.59 -7.76 5.74
C CYS C 294 -100.58 -8.97 6.68
N PRO C 295 -101.33 -8.89 7.78
CA PRO C 295 -101.30 -9.95 8.80
C PRO C 295 -101.55 -11.35 8.24
N THR C 296 -102.01 -11.44 7.00
CA THR C 296 -102.21 -12.74 6.35
C THR C 296 -100.89 -13.30 5.86
N ASN C 297 -99.90 -12.41 5.75
CA ASN C 297 -98.58 -12.81 5.32
C ASN C 297 -97.60 -12.82 6.49
N MET C 298 -97.53 -13.96 7.16
CA MET C 298 -96.67 -14.15 8.31
C MET C 298 -96.28 -15.62 8.37
N GLY C 299 -95.48 -15.98 9.36
CA GLY C 299 -95.07 -17.36 9.54
C GLY C 299 -94.29 -17.81 8.33
N THR C 300 -94.97 -18.53 7.44
CA THR C 300 -94.40 -19.00 6.19
C THR C 300 -94.56 -17.96 5.07
N VAL C 301 -95.54 -17.08 5.22
CA VAL C 301 -95.89 -16.13 4.16
C VAL C 301 -96.15 -16.91 2.87
N VAL C 302 -96.59 -18.15 3.04
CA VAL C 302 -96.69 -19.07 1.91
C VAL C 302 -98.12 -19.26 1.44
N ARG C 303 -98.35 -18.93 0.17
CA ARG C 303 -99.64 -19.13 -0.49
C ARG C 303 -99.35 -19.95 -1.73
N ALA C 304 -100.00 -21.10 -1.83
CA ALA C 304 -99.76 -22.05 -2.92
C ALA C 304 -101.07 -22.28 -3.63
N SER C 305 -101.04 -22.20 -4.96
CA SER C 305 -102.29 -22.03 -5.71
C SER C 305 -102.35 -22.77 -7.04
N VAL C 306 -103.54 -23.24 -7.38
CA VAL C 306 -103.80 -23.91 -8.65
C VAL C 306 -104.94 -23.26 -9.41
N HIS C 307 -104.78 -23.13 -10.72
CA HIS C 307 -105.87 -22.67 -11.55
C HIS C 307 -106.77 -23.86 -11.86
N LEU C 308 -107.88 -23.93 -11.12
CA LEU C 308 -108.74 -25.10 -11.08
C LEU C 308 -110.01 -24.87 -11.91
N ARG C 309 -110.31 -25.80 -12.81
CA ARG C 309 -111.52 -25.73 -13.61
C ARG C 309 -112.64 -26.54 -12.98
N LEU C 310 -113.73 -25.88 -12.60
CA LEU C 310 -114.86 -26.55 -11.95
C LEU C 310 -116.17 -26.21 -12.64
N ALA C 311 -116.39 -26.76 -13.82
CA ALA C 311 -117.58 -26.41 -14.60
C ALA C 311 -118.87 -26.89 -13.94
N PHE C 312 -118.79 -27.95 -13.16
CA PHE C 312 -119.98 -28.46 -12.48
C PHE C 312 -120.09 -28.00 -11.01
N LEU C 313 -119.00 -28.04 -10.25
CA LEU C 313 -119.05 -27.70 -8.82
C LEU C 313 -119.39 -26.23 -8.58
N GLU C 314 -118.82 -25.35 -9.40
CA GLU C 314 -119.03 -23.90 -9.25
C GLU C 314 -120.50 -23.49 -9.25
N LYS C 315 -121.38 -24.41 -9.63
CA LYS C 315 -122.82 -24.13 -9.70
C LYS C 315 -123.58 -24.67 -8.50
N HIS C 316 -122.86 -25.36 -7.62
CA HIS C 316 -123.44 -25.95 -6.41
C HIS C 316 -123.56 -24.88 -5.30
N PRO C 317 -124.70 -24.85 -4.59
CA PRO C 317 -124.87 -23.86 -3.52
C PRO C 317 -123.92 -23.98 -2.31
N ARG C 318 -123.21 -25.11 -2.17
CA ARG C 318 -122.36 -25.32 -1.00
C ARG C 318 -120.87 -25.16 -1.28
N PHE C 319 -120.54 -24.89 -2.54
CA PHE C 319 -119.16 -24.64 -2.98
C PHE C 319 -118.28 -23.81 -2.02
N ASP C 320 -118.73 -22.59 -1.74
CA ASP C 320 -118.00 -21.67 -0.85
C ASP C 320 -117.97 -22.18 0.59
N GLU C 321 -119.02 -22.87 0.99
CA GLU C 321 -119.10 -23.52 2.30
C GLU C 321 -118.00 -24.56 2.41
N MET C 322 -117.82 -25.33 1.34
CA MET C 322 -116.80 -26.36 1.31
C MET C 322 -115.39 -25.77 1.37
N LEU C 323 -115.12 -24.77 0.53
CA LEU C 323 -113.81 -24.12 0.53
C LEU C 323 -113.54 -23.50 1.89
N GLY C 324 -114.60 -23.10 2.59
CA GLY C 324 -114.48 -22.52 3.91
C GLY C 324 -113.89 -23.52 4.89
N LYS C 325 -114.55 -24.68 4.98
CA LYS C 325 -114.15 -25.73 5.91
C LYS C 325 -112.79 -26.33 5.52
N LEU C 326 -112.59 -26.55 4.23
CA LEU C 326 -111.33 -27.11 3.72
C LEU C 326 -110.15 -26.20 4.01
N ARG C 327 -110.44 -24.98 4.45
CA ARG C 327 -109.40 -23.99 4.70
C ARG C 327 -108.67 -23.62 3.42
N LEU C 328 -109.46 -23.36 2.38
CA LEU C 328 -108.98 -22.92 1.07
C LEU C 328 -109.48 -21.50 0.79
N GLY C 329 -108.66 -20.73 0.09
CA GLY C 329 -109.04 -19.39 -0.30
C GLY C 329 -109.65 -19.47 -1.68
N LYS C 330 -110.38 -18.43 -2.09
CA LYS C 330 -110.96 -18.42 -3.42
C LYS C 330 -110.79 -17.05 -4.08
N ARG C 331 -110.09 -17.01 -5.21
CA ARG C 331 -109.84 -15.75 -5.93
C ARG C 331 -110.24 -15.89 -7.41
N GLY C 332 -110.07 -14.81 -8.17
CA GLY C 332 -110.36 -14.84 -9.60
C GLY C 332 -109.21 -15.40 -10.41
N THR C 333 -109.39 -15.48 -11.73
CA THR C 333 -108.37 -16.00 -12.61
C THR C 333 -107.13 -15.10 -12.63
N GLY C 334 -107.37 -13.79 -12.63
CA GLY C 334 -106.29 -12.82 -12.67
C GLY C 334 -105.97 -12.28 -11.30
N GLY C 335 -106.01 -13.16 -10.31
CA GLY C 335 -105.67 -12.79 -8.96
C GLY C 335 -106.80 -12.22 -8.15
N GLU C 336 -106.42 -11.66 -7.01
CA GLU C 336 -107.33 -11.16 -5.98
C GLU C 336 -108.45 -10.25 -6.49
N SER C 337 -108.09 -9.16 -7.14
CA SER C 337 -109.09 -8.21 -7.58
C SER C 337 -109.60 -8.55 -9.00
N SER C 338 -110.12 -9.76 -9.14
CA SER C 338 -110.76 -10.21 -10.35
C SER C 338 -111.76 -11.31 -10.00
N LEU C 339 -112.57 -11.71 -10.99
CA LEU C 339 -113.53 -12.79 -10.80
C LEU C 339 -113.13 -14.02 -11.59
N ALA C 340 -113.85 -15.12 -11.39
CA ALA C 340 -113.59 -16.34 -12.13
C ALA C 340 -113.90 -16.17 -13.62
N THR C 341 -112.96 -16.55 -14.48
CA THR C 341 -113.24 -16.58 -15.90
C THR C 341 -113.09 -18.00 -16.41
N ASP C 342 -114.07 -18.44 -17.18
CA ASP C 342 -114.05 -19.79 -17.74
C ASP C 342 -114.01 -20.85 -16.64
N SER C 343 -114.89 -20.68 -15.65
CA SER C 343 -115.02 -21.61 -14.53
C SER C 343 -113.68 -21.99 -13.92
N THR C 344 -112.70 -21.12 -14.04
CA THR C 344 -111.39 -21.39 -13.46
C THR C 344 -111.10 -20.44 -12.33
N TYR C 345 -110.72 -21.01 -11.18
CA TYR C 345 -110.56 -20.26 -9.95
C TYR C 345 -109.17 -20.46 -9.37
N ASP C 346 -108.59 -19.37 -8.88
CA ASP C 346 -107.37 -19.42 -8.09
C ASP C 346 -107.73 -19.99 -6.71
N ILE C 347 -107.47 -21.27 -6.52
CA ILE C 347 -107.71 -21.92 -5.24
C ILE C 347 -106.38 -22.10 -4.51
N SER C 348 -106.29 -21.61 -3.27
CA SER C 348 -105.04 -21.69 -2.52
C SER C 348 -105.23 -22.01 -1.03
N ASN C 349 -104.13 -22.27 -0.31
CA ASN C 349 -104.24 -22.44 1.13
C ASN C 349 -104.58 -21.08 1.72
N TRP C 350 -105.45 -21.09 2.73
CA TRP C 350 -105.87 -19.86 3.38
C TRP C 350 -104.79 -19.38 4.36
N ALA C 351 -104.48 -20.21 5.34
CA ALA C 351 -103.58 -19.82 6.42
C ALA C 351 -102.11 -19.96 6.03
N ARG C 352 -101.24 -19.20 6.70
CA ARG C 352 -99.80 -19.23 6.43
C ARG C 352 -99.03 -19.36 7.73
N LEU C 353 -99.73 -19.09 8.83
CA LEU C 353 -99.12 -19.05 10.16
C LEU C 353 -99.64 -20.23 10.98
N GLY C 354 -98.74 -20.96 11.61
CA GLY C 354 -99.14 -22.04 12.50
C GLY C 354 -98.79 -23.41 11.98
N LYS C 355 -98.54 -23.50 10.67
CA LYS C 355 -98.17 -24.75 10.02
C LYS C 355 -96.96 -24.58 9.09
N SER C 356 -96.14 -25.62 8.98
CA SER C 356 -94.95 -25.60 8.12
C SER C 356 -95.35 -25.52 6.65
N GLU C 357 -94.37 -25.20 5.79
CA GLU C 357 -94.58 -25.10 4.34
C GLU C 357 -95.16 -26.38 3.72
N ARG C 358 -94.61 -27.52 4.08
CA ARG C 358 -95.12 -28.79 3.59
C ARG C 358 -96.57 -29.01 4.00
N GLU C 359 -96.86 -28.73 5.27
CA GLU C 359 -98.22 -28.89 5.81
C GLU C 359 -99.24 -28.12 5.02
N LEU C 360 -98.88 -26.90 4.63
CA LEU C 360 -99.82 -26.01 3.96
C LEU C 360 -100.10 -26.49 2.54
N VAL C 361 -99.06 -26.87 1.83
CA VAL C 361 -99.19 -27.45 0.49
C VAL C 361 -100.05 -28.71 0.49
N GLN C 362 -99.89 -29.55 1.52
CA GLN C 362 -100.70 -30.76 1.62
C GLN C 362 -102.16 -30.38 1.78
N VAL C 363 -102.44 -29.47 2.71
CA VAL C 363 -103.79 -28.92 2.87
C VAL C 363 -104.41 -28.52 1.51
N LEU C 364 -103.65 -27.80 0.70
CA LEU C 364 -104.10 -27.46 -0.64
C LEU C 364 -104.40 -28.74 -1.43
N VAL C 365 -103.43 -29.66 -1.47
CA VAL C 365 -103.62 -30.92 -2.18
C VAL C 365 -104.93 -31.60 -1.75
N ASP C 366 -105.00 -32.00 -0.48
CA ASP C 366 -106.17 -32.73 0.02
C ASP C 366 -107.47 -32.03 -0.37
N GLY C 367 -107.58 -30.75 0.01
CA GLY C 367 -108.74 -29.94 -0.33
C GLY C 367 -109.10 -30.03 -1.80
N VAL C 368 -108.10 -29.86 -2.66
CA VAL C 368 -108.29 -29.89 -4.11
C VAL C 368 -108.77 -31.26 -4.61
N ASN C 369 -108.38 -32.32 -3.89
CA ASN C 369 -108.81 -33.67 -4.26
C ASN C 369 -110.31 -33.91 -4.04
N LEU C 370 -110.81 -33.49 -2.88
CA LEU C 370 -112.24 -33.59 -2.59
C LEU C 370 -113.06 -32.66 -3.49
N LEU C 371 -112.44 -31.56 -3.93
CA LEU C 371 -113.11 -30.65 -4.84
C LEU C 371 -113.24 -31.23 -6.25
N ILE C 372 -112.20 -31.94 -6.70
CA ILE C 372 -112.25 -32.61 -8.00
C ILE C 372 -113.22 -33.79 -7.98
N ALA C 373 -113.18 -34.56 -6.89
CA ALA C 373 -114.07 -35.71 -6.75
C ALA C 373 -115.52 -35.27 -6.88
N CYS C 374 -115.89 -34.24 -6.11
CA CYS C 374 -117.24 -33.69 -6.14
C CYS C 374 -117.66 -33.28 -7.55
N ASP C 375 -116.76 -32.60 -8.25
CA ASP C 375 -117.01 -32.14 -9.61
C ASP C 375 -117.38 -33.32 -10.51
N LYS C 376 -116.79 -34.47 -10.23
CA LYS C 376 -117.00 -35.69 -11.01
C LYS C 376 -118.34 -36.32 -10.67
N LYS C 377 -118.71 -36.27 -9.39
CA LYS C 377 -120.04 -36.72 -8.96
C LYS C 377 -121.11 -35.95 -9.72
N LEU C 378 -121.19 -34.65 -9.44
CA LEU C 378 -122.10 -33.76 -10.17
C LEU C 378 -122.11 -34.09 -11.65
N GLU C 379 -120.93 -34.09 -12.26
CA GLU C 379 -120.81 -34.38 -13.70
C GLU C 379 -121.57 -35.66 -14.05
N ALA C 380 -121.53 -36.62 -13.14
CA ALA C 380 -122.21 -37.90 -13.31
C ALA C 380 -123.69 -37.85 -12.91
N GLY C 381 -124.20 -36.64 -12.67
CA GLY C 381 -125.59 -36.46 -12.26
C GLY C 381 -125.86 -36.96 -10.84
N GLN C 382 -124.81 -37.02 -10.03
CA GLN C 382 -124.91 -37.60 -8.70
C GLN C 382 -124.68 -36.53 -7.64
N SER C 383 -125.41 -36.63 -6.53
CA SER C 383 -125.31 -35.62 -5.47
C SER C 383 -124.04 -35.75 -4.63
N ILE C 384 -123.66 -34.66 -3.96
CA ILE C 384 -122.39 -34.59 -3.25
C ILE C 384 -122.55 -34.10 -1.81
N ASP C 385 -123.79 -34.12 -1.30
CA ASP C 385 -124.05 -33.63 0.06
C ASP C 385 -123.24 -34.39 1.09
N ASP C 386 -123.23 -35.72 0.99
CA ASP C 386 -122.40 -36.55 1.86
C ASP C 386 -120.93 -36.16 1.82
N MET C 387 -120.52 -35.54 0.72
CA MET C 387 -119.11 -35.25 0.48
C MET C 387 -118.69 -33.93 1.11
N ILE C 388 -119.62 -32.99 1.21
CA ILE C 388 -119.33 -31.69 1.81
C ILE C 388 -118.89 -31.85 3.26
N PRO C 389 -117.71 -31.31 3.57
CA PRO C 389 -117.04 -31.43 4.87
C PRO C 389 -118.01 -31.23 6.02
N LYS C 390 -117.94 -32.10 7.02
CA LYS C 390 -118.82 -31.99 8.18
C LYS C 390 -118.49 -30.74 8.98
N PHE D 9 -96.80 13.00 19.13
CA PHE D 9 -97.92 12.40 18.40
C PHE D 9 -98.48 13.34 17.33
N VAL D 10 -98.40 14.65 17.61
CA VAL D 10 -98.90 15.65 16.67
C VAL D 10 -98.02 15.71 15.42
N LYS D 11 -96.70 15.76 15.64
CA LYS D 11 -95.75 15.84 14.53
C LYS D 11 -95.61 14.49 13.83
N ASN D 12 -96.47 13.56 14.20
CA ASN D 12 -96.55 12.25 13.54
C ASN D 12 -97.93 12.03 12.91
N ARG D 13 -98.50 13.11 12.41
CA ARG D 13 -99.81 13.08 11.78
C ARG D 13 -99.82 12.18 10.55
N VAL D 14 -98.80 12.32 9.70
CA VAL D 14 -98.81 11.65 8.41
C VAL D 14 -98.60 10.15 8.57
N GLY D 15 -97.87 9.76 9.62
CA GLY D 15 -97.71 8.36 9.95
C GLY D 15 -96.67 7.64 9.13
N HIS D 16 -95.95 8.39 8.29
CA HIS D 16 -94.90 7.86 7.44
C HIS D 16 -93.52 8.05 8.08
N SER D 17 -92.52 7.32 7.59
CA SER D 17 -91.15 7.58 8.03
C SER D 17 -90.62 8.91 7.46
N LYS D 18 -89.89 9.66 8.28
CA LYS D 18 -89.25 10.89 7.85
C LYS D 18 -87.79 10.59 7.59
N PRO D 19 -87.37 10.57 6.31
CA PRO D 19 -86.04 10.08 5.91
C PRO D 19 -84.88 11.05 6.20
N TRP D 20 -85.18 12.20 6.77
CA TRP D 20 -84.12 13.16 7.07
C TRP D 20 -83.69 13.14 8.54
N GLU D 21 -84.50 12.56 9.41
CA GLU D 21 -84.26 12.75 10.84
C GLU D 21 -82.97 12.09 11.39
N SER D 22 -82.89 10.75 11.41
CA SER D 22 -81.67 9.97 11.83
C SER D 22 -80.48 10.25 10.92
N GLY D 23 -80.75 10.88 9.78
CA GLY D 23 -79.72 11.51 8.97
C GLY D 23 -78.87 10.63 8.07
N LYS D 24 -79.35 9.46 7.62
CA LYS D 24 -78.53 8.62 6.76
C LYS D 24 -78.83 8.87 5.29
N PHE D 25 -79.78 9.78 5.13
CA PHE D 25 -80.32 10.13 3.82
C PHE D 25 -80.15 11.61 3.55
N LYS D 26 -79.62 11.96 2.38
CA LYS D 26 -79.57 13.36 1.96
C LYS D 26 -80.84 13.67 1.17
N ALA D 27 -81.15 14.94 1.04
CA ALA D 27 -82.32 15.37 0.29
C ALA D 27 -82.28 14.81 -1.13
N ALA D 28 -81.08 14.69 -1.68
CA ALA D 28 -80.89 14.13 -3.02
C ALA D 28 -81.41 12.70 -3.10
N ASP D 29 -81.15 11.91 -2.06
CA ASP D 29 -81.56 10.50 -2.05
C ASP D 29 -83.06 10.32 -2.24
N ASN D 30 -83.85 11.26 -1.70
CA ASN D 30 -85.31 11.16 -1.70
C ASN D 30 -85.96 11.85 -2.90
N PHE D 31 -85.29 12.87 -3.45
CA PHE D 31 -85.90 13.76 -4.46
C PHE D 31 -86.69 12.97 -5.50
N PRO D 32 -87.92 13.44 -5.82
CA PRO D 32 -88.78 12.71 -6.76
C PRO D 32 -88.29 12.74 -8.21
N ASP D 33 -88.71 11.75 -8.99
CA ASP D 33 -88.37 11.62 -10.39
C ASP D 33 -89.55 12.12 -11.22
N LEU D 34 -89.53 13.38 -11.62
CA LEU D 34 -90.70 14.00 -12.22
C LEU D 34 -90.56 14.31 -13.71
N SER D 35 -89.70 13.55 -14.40
CA SER D 35 -89.45 13.76 -15.83
C SER D 35 -90.73 13.65 -16.66
N LYS D 36 -91.60 12.73 -16.28
CA LYS D 36 -92.75 12.39 -17.11
C LYS D 36 -94.03 12.99 -16.58
N HIS D 37 -93.91 13.89 -15.62
CA HIS D 37 -95.06 14.51 -14.96
C HIS D 37 -95.46 15.83 -15.59
N ASN D 38 -96.74 15.95 -15.89
CA ASN D 38 -97.33 17.21 -16.31
C ASN D 38 -98.26 17.79 -15.23
N ASN D 39 -97.68 18.36 -14.18
CA ASN D 39 -98.47 19.14 -13.24
C ASN D 39 -97.75 20.44 -12.89
N VAL D 40 -98.38 21.29 -12.08
CA VAL D 40 -97.81 22.58 -11.68
C VAL D 40 -96.70 22.42 -10.64
N MET D 41 -96.80 21.38 -9.81
CA MET D 41 -95.76 21.09 -8.84
C MET D 41 -94.48 20.69 -9.57
N ALA D 42 -94.61 19.77 -10.52
CA ALA D 42 -93.44 19.24 -11.21
C ALA D 42 -92.72 20.31 -12.02
N SER D 43 -93.48 21.30 -12.46
CA SER D 43 -92.94 22.38 -13.27
C SER D 43 -92.09 23.32 -12.43
N GLN D 44 -92.39 23.36 -11.13
CA GLN D 44 -91.82 24.38 -10.25
C GLN D 44 -90.96 23.80 -9.13
N LEU D 45 -90.85 22.47 -9.05
CA LEU D 45 -90.03 21.85 -8.02
C LEU D 45 -88.57 21.77 -8.44
N THR D 46 -87.67 22.21 -7.56
CA THR D 46 -86.24 22.14 -7.82
C THR D 46 -85.52 21.45 -6.69
N LYS D 47 -84.34 20.90 -6.99
CA LYS D 47 -83.54 20.18 -6.02
C LYS D 47 -83.17 21.07 -4.83
N GLU D 48 -83.06 22.37 -5.06
CA GLU D 48 -82.71 23.30 -3.99
C GLU D 48 -83.91 23.61 -3.09
N LEU D 49 -85.08 23.77 -3.72
CA LEU D 49 -86.31 23.95 -2.95
C LEU D 49 -86.56 22.71 -2.11
N TYR D 50 -86.44 21.54 -2.72
CA TYR D 50 -86.59 20.28 -2.03
C TYR D 50 -85.56 20.08 -0.90
N GLU D 51 -84.33 20.53 -1.12
CA GLU D 51 -83.29 20.38 -0.10
C GLU D 51 -83.50 21.34 1.06
N LYS D 52 -84.24 22.42 0.81
CA LYS D 52 -84.44 23.45 1.82
C LYS D 52 -85.62 23.17 2.73
N TYR D 53 -86.70 22.61 2.17
CA TYR D 53 -87.98 22.47 2.88
C TYR D 53 -88.31 21.05 3.33
N TRP D 54 -87.80 20.05 2.61
CA TRP D 54 -88.16 18.66 2.85
C TRP D 54 -88.11 18.24 4.33
N ASP D 55 -87.28 18.90 5.12
CA ASP D 55 -87.11 18.53 6.53
C ASP D 55 -87.83 19.49 7.48
N LYS D 56 -88.65 20.36 6.91
CA LYS D 56 -89.30 21.44 7.64
C LYS D 56 -90.79 21.16 7.88
N VAL D 57 -91.18 21.02 9.15
CA VAL D 57 -92.51 20.54 9.49
C VAL D 57 -93.41 21.59 10.15
N THR D 58 -94.68 21.57 9.76
CA THR D 58 -95.67 22.51 10.31
C THR D 58 -95.94 22.15 11.77
N PRO D 59 -96.52 23.08 12.54
CA PRO D 59 -96.89 22.75 13.92
C PRO D 59 -97.80 21.53 13.98
N ASN D 60 -98.55 21.26 12.91
CA ASN D 60 -99.49 20.14 12.88
C ASN D 60 -98.97 18.84 12.28
N GLY D 61 -97.66 18.73 12.14
CA GLY D 61 -97.06 17.51 11.64
C GLY D 61 -97.11 17.37 10.14
N VAL D 62 -97.50 18.43 9.45
CA VAL D 62 -97.54 18.40 7.98
C VAL D 62 -96.14 18.53 7.39
N THR D 63 -95.82 17.63 6.47
CA THR D 63 -94.51 17.57 5.84
C THR D 63 -94.59 18.01 4.38
N PHE D 64 -93.47 18.48 3.85
CA PHE D 64 -93.41 18.93 2.47
C PHE D 64 -93.93 17.84 1.53
N ASP D 65 -93.32 16.65 1.62
CA ASP D 65 -93.68 15.50 0.80
C ASP D 65 -95.19 15.22 0.74
N LYS D 66 -95.87 15.44 1.86
CA LYS D 66 -97.31 15.29 1.89
C LYS D 66 -97.93 16.31 0.93
N CYS D 67 -97.41 17.54 0.97
CA CYS D 67 -98.01 18.64 0.22
C CYS D 67 -97.92 18.42 -1.29
N ILE D 68 -96.95 17.63 -1.73
CA ILE D 68 -96.71 17.44 -3.15
C ILE D 68 -97.07 16.04 -3.63
N GLN D 69 -97.32 15.14 -2.70
CA GLN D 69 -97.48 13.72 -3.05
C GLN D 69 -98.55 13.43 -4.12
N THR D 70 -99.52 14.32 -4.26
CA THR D 70 -100.55 14.12 -5.28
C THR D 70 -99.97 14.39 -6.67
N GLY D 71 -99.03 15.32 -6.74
CA GLY D 71 -98.32 15.58 -7.98
C GLY D 71 -97.39 14.44 -8.36
N VAL D 72 -96.74 13.85 -7.37
CA VAL D 72 -95.82 12.75 -7.64
C VAL D 72 -96.59 11.53 -8.11
N ASP D 73 -97.78 11.34 -7.55
CA ASP D 73 -98.58 10.16 -7.85
C ASP D 73 -99.31 10.32 -9.17
N ASN D 74 -99.31 11.54 -9.72
CA ASN D 74 -100.20 11.88 -10.83
C ASN D 74 -99.55 12.60 -12.03
N PRO D 75 -98.82 11.82 -12.86
CA PRO D 75 -98.20 12.37 -14.06
C PRO D 75 -99.21 12.97 -15.07
N GLY D 76 -100.33 12.29 -15.28
CA GLY D 76 -101.24 12.68 -16.35
C GLY D 76 -102.62 13.09 -15.87
N ASN D 77 -103.50 13.35 -16.83
CA ASN D 77 -104.88 13.71 -16.57
C ASN D 77 -105.72 13.25 -17.74
N LYS D 78 -106.54 12.23 -17.52
CA LYS D 78 -107.34 11.65 -18.59
C LYS D 78 -108.43 12.59 -19.16
N PHE D 79 -108.43 13.84 -18.72
CA PHE D 79 -109.47 14.80 -19.09
C PHE D 79 -108.89 16.12 -19.58
N TYR D 80 -109.51 17.22 -19.19
CA TYR D 80 -109.09 18.55 -19.66
C TYR D 80 -108.32 19.32 -18.59
N GLY D 81 -107.27 20.02 -19.02
CA GLY D 81 -106.51 20.89 -18.15
C GLY D 81 -105.26 20.27 -17.58
N LYS D 82 -104.38 21.13 -17.06
CA LYS D 82 -103.19 20.69 -16.37
C LYS D 82 -103.41 20.82 -14.87
N LYS D 83 -103.22 19.71 -14.15
CA LYS D 83 -103.50 19.67 -12.73
C LYS D 83 -102.42 20.39 -11.92
N THR D 84 -102.80 20.91 -10.75
CA THR D 84 -101.85 21.57 -9.85
C THR D 84 -100.75 20.61 -9.36
N GLY D 85 -101.16 19.49 -8.76
CA GLY D 85 -100.21 18.51 -8.27
C GLY D 85 -99.71 18.76 -6.85
N CYS D 86 -100.43 19.54 -6.07
CA CYS D 86 -100.02 19.79 -4.68
C CYS D 86 -101.08 20.54 -3.85
N VAL D 87 -101.09 20.25 -2.55
CA VAL D 87 -102.11 20.77 -1.66
C VAL D 87 -101.52 21.37 -0.38
N PHE D 88 -102.33 22.17 0.31
CA PHE D 88 -101.97 22.62 1.65
C PHE D 88 -102.51 21.60 2.63
N GLY D 89 -101.74 21.30 3.68
CA GLY D 89 -102.21 20.36 4.69
C GLY D 89 -102.94 21.08 5.80
N ASP D 90 -102.56 22.34 6.01
CA ASP D 90 -103.13 23.11 7.08
C ASP D 90 -102.81 24.59 6.88
N GLU D 91 -103.31 25.41 7.78
CA GLU D 91 -103.18 26.86 7.70
C GLU D 91 -101.73 27.38 7.52
N TYR D 92 -100.73 26.60 7.90
CA TYR D 92 -99.34 27.05 7.84
C TYR D 92 -98.58 26.58 6.59
N SER D 93 -99.15 25.62 5.87
CA SER D 93 -98.46 25.00 4.74
C SER D 93 -97.86 26.03 3.78
N TYR D 94 -98.55 27.16 3.65
CA TYR D 94 -98.07 28.23 2.76
C TYR D 94 -96.76 28.86 3.22
N GLU D 95 -96.79 29.52 4.38
CA GLU D 95 -95.61 30.21 4.90
C GLU D 95 -94.42 29.28 5.16
N CYS D 96 -94.69 28.02 5.48
CA CYS D 96 -93.62 27.05 5.70
C CYS D 96 -92.89 26.73 4.39
N TYR D 97 -93.61 26.80 3.27
CA TYR D 97 -93.01 26.47 1.99
C TYR D 97 -93.27 27.55 0.96
N LYS D 98 -93.37 28.80 1.42
CA LYS D 98 -93.75 29.91 0.54
C LYS D 98 -92.97 29.97 -0.77
N GLU D 99 -91.65 29.79 -0.71
CA GLU D 99 -90.85 29.91 -1.93
C GLU D 99 -91.34 28.93 -3.01
N PHE D 100 -91.72 27.72 -2.60
CA PHE D 100 -92.26 26.76 -3.57
C PHE D 100 -93.67 27.12 -4.08
N PHE D 101 -94.56 27.51 -3.17
CA PHE D 101 -95.96 27.72 -3.53
C PHE D 101 -96.13 29.01 -4.32
N ASP D 102 -95.30 29.99 -4.02
CA ASP D 102 -95.34 31.26 -4.73
C ASP D 102 -95.21 31.10 -6.24
N LYS D 103 -94.32 30.20 -6.66
CA LYS D 103 -94.10 29.99 -8.09
C LYS D 103 -95.32 29.32 -8.70
N CYS D 104 -95.88 28.35 -7.99
CA CYS D 104 -97.10 27.68 -8.40
C CYS D 104 -98.22 28.69 -8.55
N ILE D 105 -98.35 29.56 -7.56
CA ILE D 105 -99.40 30.57 -7.47
C ILE D 105 -99.26 31.63 -8.56
N GLU D 106 -98.05 31.78 -9.08
CA GLU D 106 -97.83 32.73 -10.15
C GLU D 106 -98.18 32.07 -11.49
N GLU D 107 -97.82 30.80 -11.65
CA GLU D 107 -98.18 30.11 -12.88
C GLU D 107 -99.70 30.02 -13.06
N ILE D 108 -100.43 29.79 -11.97
CA ILE D 108 -101.89 29.62 -12.00
C ILE D 108 -102.69 30.89 -12.12
N HIS D 109 -102.50 31.82 -11.19
CA HIS D 109 -103.33 33.04 -11.10
C HIS D 109 -102.66 34.24 -11.76
N HIS D 110 -101.47 34.04 -12.32
CA HIS D 110 -100.65 35.14 -12.84
C HIS D 110 -100.48 36.16 -11.74
N PHE D 111 -100.15 35.66 -10.55
CA PHE D 111 -100.07 36.46 -9.34
C PHE D 111 -98.65 36.40 -8.85
N LYS D 112 -98.00 37.54 -8.77
CA LYS D 112 -96.60 37.57 -8.35
C LYS D 112 -96.48 37.61 -6.82
N PRO D 113 -95.32 37.19 -6.29
CA PRO D 113 -95.03 37.32 -4.86
C PRO D 113 -95.33 38.73 -4.33
N SER D 114 -95.29 39.70 -5.23
CA SER D 114 -95.29 41.11 -4.85
C SER D 114 -96.67 41.72 -4.97
N ASP D 115 -97.64 40.92 -5.41
CA ASP D 115 -99.01 41.40 -5.58
C ASP D 115 -99.82 41.25 -4.29
N LYS D 116 -101.08 41.66 -4.32
CA LYS D 116 -101.94 41.53 -3.17
C LYS D 116 -103.40 41.45 -3.61
N HIS D 117 -104.09 40.39 -3.18
CA HIS D 117 -105.51 40.24 -3.51
C HIS D 117 -106.37 41.43 -3.04
N PRO D 118 -107.07 42.06 -4.00
CA PRO D 118 -107.90 43.24 -3.78
C PRO D 118 -109.05 42.98 -2.81
N ALA D 119 -109.77 44.04 -2.43
CA ALA D 119 -110.97 43.92 -1.60
C ALA D 119 -112.04 43.15 -2.35
N PRO D 120 -113.07 42.66 -1.63
CA PRO D 120 -114.15 41.90 -2.25
C PRO D 120 -115.11 42.75 -3.07
N ASP D 121 -115.61 42.19 -4.16
CA ASP D 121 -116.64 42.85 -4.95
C ASP D 121 -117.75 41.87 -5.26
N LEU D 122 -118.91 42.07 -4.65
CA LEU D 122 -120.04 41.15 -4.84
C LEU D 122 -121.25 41.79 -5.53
N ASP D 123 -121.17 43.06 -5.87
CA ASP D 123 -122.35 43.74 -6.43
C ASP D 123 -122.63 43.31 -7.86
N HIS D 124 -123.53 42.34 -8.00
CA HIS D 124 -123.89 41.81 -9.31
C HIS D 124 -124.42 42.93 -10.20
N ASN D 125 -125.16 43.85 -9.59
CA ASN D 125 -125.70 45.02 -10.29
C ASN D 125 -124.69 45.70 -11.22
N LYS D 126 -123.42 45.74 -10.80
CA LYS D 126 -122.36 46.34 -11.61
C LYS D 126 -121.98 45.45 -12.80
N LEU D 127 -122.46 44.21 -12.79
CA LEU D 127 -122.15 43.26 -13.86
C LEU D 127 -122.79 43.69 -15.18
N VAL D 128 -122.05 43.50 -16.27
CA VAL D 128 -122.49 43.93 -17.61
C VAL D 128 -123.03 42.75 -18.41
N GLY D 129 -124.33 42.76 -18.70
CA GLY D 129 -124.96 41.65 -19.39
C GLY D 129 -125.04 40.47 -18.44
N GLY D 130 -124.76 39.28 -18.95
CA GLY D 130 -124.76 38.08 -18.13
C GLY D 130 -126.10 37.38 -18.10
N VAL D 131 -126.81 37.42 -19.23
CA VAL D 131 -128.10 36.74 -19.36
C VAL D 131 -128.23 36.22 -20.78
N PHE D 132 -127.72 35.01 -21.02
CA PHE D 132 -127.54 34.47 -22.36
C PHE D 132 -128.72 33.68 -22.94
N GLU D 133 -128.69 33.50 -24.25
CA GLU D 133 -129.59 32.62 -24.99
C GLU D 133 -129.62 31.17 -24.51
N ASP D 134 -130.84 30.67 -24.32
CA ASP D 134 -131.14 29.28 -23.98
C ASP D 134 -130.42 28.28 -24.88
N LYS D 135 -130.24 28.67 -26.13
CA LYS D 135 -129.74 27.77 -27.16
C LYS D 135 -128.29 27.35 -26.90
N TYR D 136 -127.55 28.23 -26.22
CA TYR D 136 -126.15 28.01 -25.98
C TYR D 136 -125.88 27.70 -24.51
N VAL D 137 -126.40 28.52 -23.60
CA VAL D 137 -126.21 28.25 -22.17
C VAL D 137 -127.35 27.40 -21.60
N LYS D 138 -127.00 26.23 -21.05
CA LYS D 138 -128.00 25.25 -20.61
C LYS D 138 -128.27 25.36 -19.10
N SER D 139 -127.29 25.88 -18.36
CA SER D 139 -127.44 26.06 -16.92
C SER D 139 -126.31 26.87 -16.38
N CYS D 140 -126.52 27.46 -15.19
CA CYS D 140 -125.54 28.40 -14.63
C CYS D 140 -125.21 28.11 -13.14
N ARG D 141 -123.97 28.37 -12.76
CA ARG D 141 -123.47 27.96 -11.46
C ARG D 141 -122.33 28.85 -10.99
N ILE D 142 -122.29 29.11 -9.69
CA ILE D 142 -121.26 29.94 -9.10
C ILE D 142 -120.98 29.39 -7.72
N ARG D 143 -119.74 28.98 -7.49
CA ARG D 143 -119.38 28.35 -6.24
C ARG D 143 -118.12 28.97 -5.60
N CYS D 144 -117.92 28.73 -4.31
CA CYS D 144 -116.66 29.09 -3.67
C CYS D 144 -116.38 28.17 -2.47
N GLY D 145 -115.14 28.19 -2.00
CA GLY D 145 -114.71 27.30 -0.94
C GLY D 145 -114.41 28.09 0.31
N ARG D 146 -114.44 27.43 1.46
CA ARG D 146 -114.03 28.05 2.71
C ARG D 146 -113.45 27.02 3.66
N SER D 147 -112.45 27.42 4.44
CA SER D 147 -111.83 26.51 5.40
C SER D 147 -112.02 27.04 6.82
N VAL D 148 -112.18 26.14 7.77
CA VAL D 148 -112.46 26.53 9.16
C VAL D 148 -111.17 26.67 9.93
N LYS D 149 -110.89 27.89 10.40
CA LYS D 149 -109.63 28.20 11.06
C LYS D 149 -109.39 27.41 12.34
N GLY D 150 -108.14 26.98 12.53
CA GLY D 150 -107.76 26.25 13.73
C GLY D 150 -107.93 24.76 13.56
N VAL D 151 -108.16 24.36 12.32
CA VAL D 151 -108.50 22.98 12.01
C VAL D 151 -107.78 22.59 10.72
N CYS D 152 -107.09 21.46 10.74
CA CYS D 152 -106.40 20.99 9.54
C CYS D 152 -107.31 20.96 8.32
N LEU D 153 -106.68 20.93 7.15
CA LEU D 153 -107.41 20.85 5.90
C LEU D 153 -107.64 19.38 5.61
N PRO D 154 -108.64 19.08 4.75
CA PRO D 154 -109.10 17.70 4.58
C PRO D 154 -108.00 16.69 4.24
N PRO D 155 -106.99 17.08 3.46
CA PRO D 155 -105.96 16.09 3.15
C PRO D 155 -105.30 15.54 4.41
N ALA D 156 -105.42 16.25 5.53
CA ALA D 156 -104.71 15.84 6.75
C ALA D 156 -105.58 15.72 8.02
N MET D 157 -106.71 16.39 8.03
CA MET D 157 -107.54 16.42 9.24
C MET D 157 -107.84 15.02 9.79
N SER D 158 -107.98 14.94 11.11
CA SER D 158 -108.36 13.69 11.77
C SER D 158 -109.87 13.53 11.82
N ARG D 159 -110.32 12.33 12.21
CA ARG D 159 -111.74 12.02 12.31
C ARG D 159 -112.49 12.99 13.22
N ALA D 160 -111.87 13.38 14.32
CA ALA D 160 -112.47 14.26 15.30
C ALA D 160 -112.64 15.68 14.75
N GLU D 161 -111.63 16.15 14.03
CA GLU D 161 -111.67 17.46 13.40
C GLU D 161 -112.78 17.50 12.34
N ARG D 162 -112.73 16.57 11.39
CA ARG D 162 -113.82 16.42 10.44
C ARG D 162 -115.17 16.38 11.19
N ARG D 163 -115.25 15.56 12.22
CA ARG D 163 -116.48 15.44 12.98
C ARG D 163 -116.87 16.74 13.67
N LEU D 164 -115.88 17.48 14.18
CA LEU D 164 -116.15 18.74 14.84
C LEU D 164 -116.59 19.80 13.83
N VAL D 165 -115.92 19.83 12.69
CA VAL D 165 -116.20 20.77 11.63
C VAL D 165 -117.60 20.55 11.06
N GLU D 166 -118.03 19.30 11.02
CA GLU D 166 -119.34 18.95 10.47
C GLU D 166 -120.47 19.38 11.41
N LYS D 167 -120.18 19.33 12.70
CA LYS D 167 -121.12 19.77 13.73
C LYS D 167 -121.19 21.30 13.69
N VAL D 168 -120.04 21.91 13.56
CA VAL D 168 -119.92 23.36 13.61
C VAL D 168 -120.60 24.02 12.43
N VAL D 169 -120.34 23.52 11.22
CA VAL D 169 -120.92 24.10 10.03
C VAL D 169 -122.42 23.80 9.84
N SER D 170 -122.80 22.51 9.89
CA SER D 170 -124.21 22.17 9.71
C SER D 170 -125.09 22.90 10.74
N ASP D 171 -124.56 23.06 11.95
CA ASP D 171 -125.19 23.87 12.99
C ASP D 171 -125.42 25.30 12.55
N ALA D 172 -124.39 25.93 12.01
CA ALA D 172 -124.47 27.32 11.58
C ALA D 172 -125.57 27.59 10.55
N LEU D 173 -125.67 26.75 9.52
CA LEU D 173 -126.64 26.94 8.45
C LEU D 173 -128.07 26.81 8.97
N GLY D 174 -128.20 26.36 10.22
CA GLY D 174 -129.51 26.26 10.84
C GLY D 174 -130.11 27.63 11.05
N GLY D 175 -129.28 28.66 10.91
CA GLY D 175 -129.74 30.02 11.08
C GLY D 175 -130.02 30.73 9.76
N LEU D 176 -130.08 29.98 8.66
CA LEU D 176 -130.51 30.53 7.36
C LEU D 176 -132.02 30.49 7.25
N LYS D 177 -132.62 31.60 6.82
CA LYS D 177 -134.06 31.69 6.81
C LYS D 177 -134.58 32.15 5.46
N GLY D 178 -135.89 32.31 5.36
CA GLY D 178 -136.54 32.72 4.13
C GLY D 178 -136.34 31.71 3.01
N ASP D 179 -135.97 32.20 1.83
CA ASP D 179 -135.80 31.28 0.70
C ASP D 179 -134.50 30.49 0.81
N LEU D 180 -133.75 30.74 1.90
CA LEU D 180 -132.45 30.09 2.11
C LEU D 180 -132.51 29.06 3.25
N ALA D 181 -133.71 28.85 3.79
CA ALA D 181 -133.95 27.77 4.73
C ALA D 181 -133.68 26.41 4.07
N GLY D 182 -133.22 25.45 4.87
CA GLY D 182 -132.93 24.13 4.34
C GLY D 182 -132.65 23.10 5.42
N LYS D 183 -131.89 22.08 5.06
CA LYS D 183 -131.55 21.01 6.00
C LYS D 183 -130.30 20.25 5.56
N TYR D 184 -129.52 19.80 6.53
CA TYR D 184 -128.35 18.97 6.29
C TYR D 184 -128.73 17.52 6.10
N TYR D 185 -128.02 16.84 5.20
CA TYR D 185 -128.23 15.42 4.93
C TYR D 185 -126.86 14.76 4.84
N PRO D 186 -126.44 14.05 5.90
CA PRO D 186 -125.14 13.37 5.81
C PRO D 186 -125.18 12.22 4.82
N LEU D 187 -124.04 11.91 4.23
CA LEU D 187 -123.95 10.80 3.29
C LEU D 187 -124.08 9.46 4.00
N THR D 188 -123.69 9.42 5.28
CA THR D 188 -123.70 8.18 6.06
C THR D 188 -125.04 7.46 6.16
N THR D 189 -126.14 8.21 6.15
CA THR D 189 -127.48 7.62 6.18
C THR D 189 -128.26 7.83 4.88
N MET D 190 -127.59 8.34 3.85
CA MET D 190 -128.23 8.58 2.55
C MET D 190 -128.08 7.34 1.67
N ASN D 191 -129.14 6.93 0.99
CA ASN D 191 -129.08 5.71 0.19
C ASN D 191 -128.42 5.92 -1.18
N GLU D 192 -127.85 4.84 -1.73
CA GLU D 192 -127.16 4.90 -3.01
C GLU D 192 -127.93 5.58 -4.11
N LYS D 193 -129.24 5.30 -4.18
CA LYS D 193 -130.07 5.74 -5.29
C LYS D 193 -130.35 7.24 -5.29
N ASP D 194 -130.75 7.78 -4.16
CA ASP D 194 -130.87 9.23 -4.01
C ASP D 194 -129.50 9.88 -4.24
N GLN D 195 -128.47 9.38 -3.57
CA GLN D 195 -127.11 9.86 -3.80
C GLN D 195 -126.83 9.92 -5.31
N GLU D 196 -126.87 8.77 -5.97
CA GLU D 196 -126.65 8.73 -7.41
C GLU D 196 -127.44 9.80 -8.16
N GLN D 197 -128.72 9.96 -7.80
CA GLN D 197 -129.60 10.90 -8.48
C GLN D 197 -129.17 12.34 -8.25
N LEU D 198 -128.80 12.66 -7.01
CA LEU D 198 -128.26 13.97 -6.71
C LEU D 198 -127.01 14.23 -7.55
N ILE D 199 -126.10 13.25 -7.64
CA ILE D 199 -124.92 13.39 -8.50
C ILE D 199 -125.29 13.62 -9.98
N GLU D 200 -126.19 12.79 -10.50
CA GLU D 200 -126.61 12.89 -11.91
C GLU D 200 -127.33 14.19 -12.23
N ASP D 201 -127.89 14.83 -11.20
CA ASP D 201 -128.62 16.09 -11.37
C ASP D 201 -127.71 17.30 -11.15
N HIS D 202 -126.43 17.04 -10.90
CA HIS D 202 -125.42 18.10 -10.76
C HIS D 202 -125.43 18.82 -9.40
N PHE D 203 -126.11 18.26 -8.41
CA PHE D 203 -126.19 18.88 -7.09
C PHE D 203 -125.12 18.39 -6.08
N LEU D 204 -124.94 17.07 -6.01
CA LEU D 204 -124.02 16.44 -5.08
C LEU D 204 -122.67 16.16 -5.73
N PHE D 205 -121.61 16.14 -4.92
CA PHE D 205 -120.25 15.80 -5.39
C PHE D 205 -120.10 14.29 -5.64
N GLU D 206 -119.34 13.92 -6.67
CA GLU D 206 -119.22 12.52 -7.07
C GLU D 206 -118.72 11.62 -5.94
N LYS D 207 -118.91 10.32 -6.11
CA LYS D 207 -118.29 9.34 -5.25
C LYS D 207 -116.77 9.55 -5.28
N PRO D 208 -116.08 9.31 -4.14
CA PRO D 208 -114.66 9.65 -3.97
C PRO D 208 -113.71 8.87 -4.88
N THR D 209 -113.60 9.26 -6.13
CA THR D 209 -112.78 8.51 -7.07
C THR D 209 -111.80 9.39 -7.84
N GLY D 210 -112.10 10.69 -7.92
CA GLY D 210 -111.19 11.67 -8.48
C GLY D 210 -109.79 11.53 -7.90
N ALA D 211 -108.78 11.52 -8.78
CA ALA D 211 -107.40 11.20 -8.41
C ALA D 211 -106.78 12.09 -7.35
N LEU D 212 -107.17 13.36 -7.32
CA LEU D 212 -106.67 14.27 -6.28
C LEU D 212 -107.26 13.92 -4.90
N LEU D 213 -108.54 13.58 -4.89
CA LEU D 213 -109.26 13.29 -3.65
C LEU D 213 -108.65 12.09 -2.91
N THR D 214 -108.29 11.08 -3.68
CA THR D 214 -107.82 9.82 -3.15
C THR D 214 -106.33 9.86 -2.77
N THR D 215 -105.51 10.45 -3.64
CA THR D 215 -104.06 10.48 -3.39
C THR D 215 -103.60 11.66 -2.53
N SER D 216 -104.50 12.58 -2.18
CA SER D 216 -104.14 13.70 -1.30
C SER D 216 -104.52 13.45 0.16
N GLY D 217 -105.15 12.31 0.43
CA GLY D 217 -105.58 12.00 1.79
C GLY D 217 -107.02 12.40 2.10
N CYS D 218 -107.65 13.18 1.20
CA CYS D 218 -108.96 13.80 1.44
C CYS D 218 -110.12 12.85 1.75
N ALA D 219 -110.09 11.66 1.15
CA ALA D 219 -111.22 10.73 1.21
C ALA D 219 -110.94 9.58 2.17
N ARG D 220 -110.35 9.89 3.32
CA ARG D 220 -110.10 8.89 4.33
C ARG D 220 -111.33 8.78 5.21
N ASP D 221 -111.59 7.57 5.69
CA ASP D 221 -112.72 7.32 6.58
C ASP D 221 -114.00 7.79 5.92
N TRP D 222 -114.21 7.35 4.68
CA TRP D 222 -115.36 7.78 3.90
C TRP D 222 -116.59 6.91 4.20
N PRO D 223 -117.77 7.53 4.41
CA PRO D 223 -118.10 8.95 4.23
C PRO D 223 -118.27 9.70 5.55
N ASP D 224 -117.67 9.17 6.62
CA ASP D 224 -117.77 9.77 7.96
C ASP D 224 -117.56 11.27 7.89
N GLY D 225 -118.60 12.04 8.18
CA GLY D 225 -118.46 13.49 8.26
C GLY D 225 -118.65 14.23 6.95
N ARG D 226 -119.29 13.57 5.98
CA ARG D 226 -119.53 14.15 4.65
C ARG D 226 -121.02 14.33 4.37
N GLY D 227 -121.42 15.53 3.93
CA GLY D 227 -122.85 15.79 3.75
C GLY D 227 -123.20 16.98 2.88
N ILE D 228 -124.41 16.97 2.35
CA ILE D 228 -124.90 18.13 1.62
C ILE D 228 -126.06 18.79 2.36
N TRP D 229 -126.09 20.12 2.31
CA TRP D 229 -127.20 20.94 2.81
C TRP D 229 -127.81 21.60 1.58
N HIS D 230 -129.13 21.73 1.55
CA HIS D 230 -129.78 22.47 0.47
C HIS D 230 -131.14 23.00 0.88
N ASN D 231 -131.56 24.08 0.23
CA ASN D 231 -132.89 24.60 0.49
C ASN D 231 -133.91 23.83 -0.34
N ASN D 232 -135.18 24.20 -0.18
CA ASN D 232 -136.28 23.49 -0.81
C ASN D 232 -136.09 23.59 -2.30
N GLU D 233 -135.80 24.79 -2.77
CA GLU D 233 -135.47 25.05 -4.17
C GLU D 233 -134.24 24.27 -4.69
N LYS D 234 -133.27 24.02 -3.81
CA LYS D 234 -131.97 23.47 -4.23
C LYS D 234 -131.28 24.35 -5.27
N ASN D 235 -131.41 25.66 -5.13
CA ASN D 235 -130.65 26.59 -5.97
C ASN D 235 -129.55 27.26 -5.13
N PHE D 236 -129.51 26.94 -3.84
CA PHE D 236 -128.48 27.39 -2.93
C PHE D 236 -128.04 26.23 -2.03
N LEU D 237 -126.94 25.59 -2.39
CA LEU D 237 -126.49 24.41 -1.64
C LEU D 237 -125.15 24.63 -0.97
N VAL D 238 -124.81 23.74 -0.04
CA VAL D 238 -123.52 23.75 0.61
C VAL D 238 -122.99 22.32 0.77
N TRP D 239 -121.74 22.08 0.38
CA TRP D 239 -121.11 20.77 0.59
C TRP D 239 -120.24 20.82 1.84
N ILE D 240 -120.06 19.68 2.49
CA ILE D 240 -119.28 19.66 3.70
C ILE D 240 -118.30 18.47 3.71
N ASN D 241 -117.01 18.80 3.76
CA ASN D 241 -115.93 17.84 3.95
C ASN D 241 -115.64 16.88 2.81
N GLU D 242 -115.73 17.38 1.58
CA GLU D 242 -115.13 16.70 0.46
C GLU D 242 -113.70 17.22 0.34
N GLU D 243 -113.45 18.01 -0.70
CA GLU D 243 -112.10 18.50 -0.95
C GLU D 243 -111.80 19.61 0.04
N ASP D 244 -112.83 20.37 0.40
CA ASP D 244 -112.67 21.47 1.34
C ASP D 244 -113.65 21.34 2.49
N HIS D 245 -113.49 22.17 3.51
CA HIS D 245 -114.41 22.11 4.64
C HIS D 245 -115.79 22.49 4.12
N ILE D 246 -115.83 23.51 3.27
CA ILE D 246 -117.08 24.11 2.86
C ILE D 246 -117.06 24.48 1.38
N ARG D 247 -118.17 24.19 0.68
CA ARG D 247 -118.42 24.71 -0.67
C ARG D 247 -119.82 25.27 -0.68
N VAL D 248 -119.93 26.57 -0.91
CA VAL D 248 -121.23 27.24 -1.04
C VAL D 248 -121.57 27.37 -2.52
N ILE D 249 -122.75 26.90 -2.91
CA ILE D 249 -123.11 26.82 -4.33
C ILE D 249 -124.46 27.43 -4.64
N SER D 250 -124.51 28.25 -5.68
CA SER D 250 -125.75 28.76 -6.25
C SER D 250 -125.86 28.31 -7.70
N MET D 251 -127.05 27.92 -8.12
CA MET D 251 -127.21 27.39 -9.47
C MET D 251 -128.66 27.25 -9.93
N GLN D 252 -128.86 27.34 -11.24
CA GLN D 252 -130.16 27.06 -11.82
C GLN D 252 -130.00 26.83 -13.32
N LYS D 253 -131.06 26.34 -13.97
CA LYS D 253 -131.03 26.04 -15.39
C LYS D 253 -131.21 27.29 -16.29
N GLY D 254 -130.87 27.15 -17.57
CA GLY D 254 -130.96 28.27 -18.49
C GLY D 254 -129.81 29.25 -18.42
N GLY D 255 -130.09 30.51 -18.77
CA GLY D 255 -129.05 31.49 -19.10
C GLY D 255 -128.71 32.60 -18.12
N ASP D 256 -129.49 32.77 -17.04
CA ASP D 256 -129.26 33.94 -16.16
C ASP D 256 -128.16 33.74 -15.10
N LEU D 257 -126.91 33.89 -15.54
CA LEU D 257 -125.78 33.89 -14.63
C LEU D 257 -126.00 34.96 -13.56
N LYS D 258 -126.35 36.17 -14.00
CA LYS D 258 -126.51 37.29 -13.08
C LYS D 258 -127.39 36.94 -11.89
N ALA D 259 -128.59 36.43 -12.16
CA ALA D 259 -129.51 36.03 -11.10
C ALA D 259 -128.86 35.03 -10.14
N VAL D 260 -128.12 34.09 -10.71
CA VAL D 260 -127.38 33.10 -9.92
C VAL D 260 -126.26 33.76 -9.14
N PHE D 261 -125.76 34.89 -9.64
CA PHE D 261 -124.74 35.65 -8.91
C PHE D 261 -125.41 36.58 -7.89
N SER D 262 -126.69 36.90 -8.10
CA SER D 262 -127.45 37.66 -7.12
C SER D 262 -127.73 36.80 -5.88
N ARG D 263 -128.14 35.56 -6.09
CA ARG D 263 -128.26 34.60 -5.00
C ARG D 263 -126.94 34.17 -4.35
N PHE D 264 -125.90 33.96 -5.16
CA PHE D 264 -124.60 33.56 -4.63
C PHE D 264 -124.13 34.49 -3.50
N ALA D 265 -124.39 35.78 -3.71
CA ALA D 265 -123.83 36.81 -2.84
C ALA D 265 -124.63 36.90 -1.54
N ARG D 266 -125.94 36.99 -1.69
CA ARG D 266 -126.88 36.92 -0.60
C ARG D 266 -126.58 35.76 0.31
N GLY D 267 -126.47 34.58 -0.31
CA GLY D 267 -126.26 33.34 0.42
C GLY D 267 -124.93 33.33 1.13
N LEU D 268 -123.91 33.75 0.41
CA LEU D 268 -122.55 33.73 0.92
C LEU D 268 -122.37 34.64 2.13
N LEU D 269 -122.91 35.84 2.02
CA LEU D 269 -122.80 36.83 3.09
C LEU D 269 -123.49 36.33 4.36
N GLU D 270 -124.60 35.61 4.18
CA GLU D 270 -125.31 35.02 5.30
C GLU D 270 -124.50 33.90 5.94
N VAL D 271 -124.05 32.96 5.13
CA VAL D 271 -123.23 31.86 5.60
C VAL D 271 -122.02 32.36 6.39
N GLU D 272 -121.37 33.39 5.88
CA GLU D 272 -120.22 33.99 6.57
C GLU D 272 -120.65 34.68 7.86
N ARG D 273 -121.80 35.34 7.82
CA ARG D 273 -122.39 36.00 8.98
C ARG D 273 -122.50 35.05 10.15
N LEU D 274 -123.29 34.00 9.96
CA LEU D 274 -123.56 33.00 10.98
C LEU D 274 -122.33 32.21 11.42
N MET D 275 -121.41 31.95 10.49
CA MET D 275 -120.16 31.27 10.83
C MET D 275 -119.37 32.09 11.84
N LYS D 276 -119.27 33.39 11.56
CA LYS D 276 -118.56 34.33 12.42
C LYS D 276 -119.35 34.58 13.71
N GLU D 277 -120.67 34.49 13.58
CA GLU D 277 -121.59 34.70 14.68
C GLU D 277 -121.39 33.63 15.75
N CYS D 278 -121.15 32.40 15.32
CA CYS D 278 -121.02 31.26 16.25
C CYS D 278 -119.61 31.08 16.79
N GLY D 279 -118.70 31.96 16.39
CA GLY D 279 -117.37 32.00 16.96
C GLY D 279 -116.25 31.35 16.15
N HIS D 280 -116.55 30.92 14.94
CA HIS D 280 -115.57 30.25 14.09
C HIS D 280 -115.12 31.16 12.95
N GLY D 281 -113.80 31.28 12.80
CA GLY D 281 -113.25 32.08 11.72
C GLY D 281 -112.93 31.25 10.50
N LEU D 282 -113.00 31.88 9.33
CA LEU D 282 -112.54 31.23 8.13
C LEU D 282 -111.02 31.38 8.05
N MET D 283 -110.40 30.57 7.18
CA MET D 283 -108.97 30.52 7.03
C MET D 283 -108.57 31.59 6.02
N HIS D 284 -107.85 32.62 6.48
CA HIS D 284 -107.63 33.83 5.69
C HIS D 284 -106.17 34.29 5.70
N ASN D 285 -105.69 34.79 4.56
CA ASN D 285 -104.34 35.37 4.45
C ASN D 285 -104.46 36.82 3.99
N ASP D 286 -103.52 37.66 4.41
CA ASP D 286 -103.64 39.09 4.16
C ASP D 286 -103.28 39.45 2.71
N ARG D 287 -102.29 38.74 2.18
CA ARG D 287 -101.91 38.87 0.78
C ARG D 287 -102.82 38.05 -0.11
N LEU D 288 -103.25 36.89 0.39
CA LEU D 288 -103.80 35.86 -0.48
C LEU D 288 -105.31 35.65 -0.44
N GLY D 289 -106.00 36.32 0.49
CA GLY D 289 -107.43 36.08 0.69
C GLY D 289 -107.71 34.78 1.43
N TYR D 290 -108.85 34.16 1.12
CA TYR D 290 -109.22 32.89 1.75
C TYR D 290 -108.36 31.76 1.20
N ILE D 291 -108.01 30.81 2.06
CA ILE D 291 -107.13 29.72 1.67
C ILE D 291 -107.80 28.34 1.81
N CYS D 292 -107.61 27.52 0.78
CA CYS D 292 -108.27 26.22 0.66
C CYS D 292 -107.30 25.10 0.24
N THR D 293 -107.81 23.87 0.19
CA THR D 293 -106.98 22.68 -0.07
C THR D 293 -106.02 22.82 -1.23
N CYS D 294 -106.47 23.46 -2.31
CA CYS D 294 -105.70 23.60 -3.53
C CYS D 294 -105.34 25.06 -3.78
N PRO D 295 -104.11 25.32 -4.25
CA PRO D 295 -103.66 26.65 -4.66
C PRO D 295 -104.45 27.32 -5.80
N THR D 296 -105.28 26.59 -6.52
CA THR D 296 -106.18 27.26 -7.48
C THR D 296 -107.27 27.93 -6.68
N ASN D 297 -107.53 27.36 -5.52
CA ASN D 297 -108.61 27.78 -4.67
C ASN D 297 -108.15 28.71 -3.56
N MET D 298 -108.00 29.99 -3.90
CA MET D 298 -107.59 31.04 -2.98
C MET D 298 -108.22 32.38 -3.39
N GLY D 299 -107.93 33.42 -2.63
CA GLY D 299 -108.45 34.74 -2.91
C GLY D 299 -109.94 34.82 -2.66
N THR D 300 -110.71 34.84 -3.75
CA THR D 300 -112.16 34.77 -3.72
C THR D 300 -112.59 33.30 -3.63
N VAL D 301 -111.75 32.42 -4.16
CA VAL D 301 -112.02 30.98 -4.29
C VAL D 301 -113.28 30.75 -5.12
N VAL D 302 -113.58 31.71 -6.00
CA VAL D 302 -114.79 31.64 -6.82
C VAL D 302 -114.56 30.93 -8.17
N ARG D 303 -115.44 29.99 -8.49
CA ARG D 303 -115.55 29.47 -9.86
C ARG D 303 -116.98 29.60 -10.35
N ALA D 304 -117.17 30.57 -11.25
CA ALA D 304 -118.42 30.72 -11.97
C ALA D 304 -118.32 29.79 -13.16
N SER D 305 -119.38 29.03 -13.43
CA SER D 305 -119.34 28.14 -14.59
C SER D 305 -120.60 28.22 -15.41
N VAL D 306 -120.49 27.86 -16.68
CA VAL D 306 -121.68 27.69 -17.50
C VAL D 306 -121.59 26.34 -18.16
N HIS D 307 -122.72 25.85 -18.65
CA HIS D 307 -122.74 24.70 -19.53
C HIS D 307 -122.95 25.23 -20.93
N LEU D 308 -121.90 25.15 -21.74
CA LEU D 308 -121.85 25.84 -23.02
C LEU D 308 -121.90 24.84 -24.15
N ARG D 309 -122.89 24.97 -25.02
CA ARG D 309 -122.91 24.10 -26.19
C ARG D 309 -122.27 24.78 -27.41
N LEU D 310 -121.35 24.07 -28.04
CA LEU D 310 -120.57 24.63 -29.15
C LEU D 310 -120.32 23.56 -30.21
N ALA D 311 -121.37 23.21 -30.94
CA ALA D 311 -121.26 22.16 -31.94
C ALA D 311 -120.39 22.62 -33.10
N PHE D 312 -120.13 23.91 -33.18
CA PHE D 312 -119.33 24.47 -34.28
C PHE D 312 -117.93 24.90 -33.85
N LEU D 313 -117.82 25.52 -32.69
CA LEU D 313 -116.55 26.00 -32.16
C LEU D 313 -115.61 24.86 -31.75
N GLU D 314 -116.17 23.81 -31.16
CA GLU D 314 -115.35 22.69 -30.69
C GLU D 314 -114.54 22.05 -31.81
N LYS D 315 -115.04 22.11 -33.04
CA LYS D 315 -114.38 21.50 -34.19
C LYS D 315 -113.30 22.41 -34.80
N HIS D 316 -113.26 23.67 -34.37
CA HIS D 316 -112.25 24.61 -34.84
C HIS D 316 -110.92 24.40 -34.11
N PRO D 317 -109.82 24.28 -34.88
CA PRO D 317 -108.47 23.96 -34.41
C PRO D 317 -107.93 24.87 -33.30
N ARG D 318 -108.34 26.13 -33.27
CA ARG D 318 -107.80 27.11 -32.33
C ARG D 318 -108.68 27.35 -31.11
N PHE D 319 -109.57 26.40 -30.83
CA PHE D 319 -110.52 26.48 -29.73
C PHE D 319 -109.82 26.53 -28.36
N ASP D 320 -108.88 25.63 -28.12
CA ASP D 320 -108.18 25.55 -26.85
C ASP D 320 -107.29 26.76 -26.60
N GLU D 321 -106.59 27.19 -27.65
CA GLU D 321 -105.75 28.39 -27.59
C GLU D 321 -106.58 29.61 -27.21
N MET D 322 -107.78 29.70 -27.77
CA MET D 322 -108.65 30.83 -27.47
C MET D 322 -109.05 30.78 -26.01
N LEU D 323 -109.40 29.58 -25.55
CA LEU D 323 -109.87 29.41 -24.19
C LEU D 323 -108.90 29.96 -23.17
N GLY D 324 -107.62 29.64 -23.38
CA GLY D 324 -106.56 29.98 -22.46
C GLY D 324 -106.21 31.45 -22.46
N LYS D 325 -106.25 32.07 -23.64
CA LYS D 325 -106.04 33.51 -23.76
C LYS D 325 -107.19 34.28 -23.09
N LEU D 326 -108.32 33.60 -22.93
CA LEU D 326 -109.47 34.23 -22.30
C LEU D 326 -109.41 34.02 -20.79
N ARG D 327 -108.47 33.18 -20.34
CA ARG D 327 -108.34 32.83 -18.94
C ARG D 327 -109.59 32.11 -18.47
N LEU D 328 -110.05 31.16 -19.28
CA LEU D 328 -111.18 30.32 -18.91
C LEU D 328 -110.73 28.85 -18.75
N GLY D 329 -111.54 28.08 -18.02
CA GLY D 329 -111.22 26.69 -17.75
C GLY D 329 -112.20 25.78 -18.45
N LYS D 330 -111.73 24.60 -18.82
CA LYS D 330 -112.48 23.67 -19.64
C LYS D 330 -112.71 22.38 -18.87
N ARG D 331 -113.97 22.09 -18.57
CA ARG D 331 -114.34 20.85 -17.90
C ARG D 331 -115.57 20.24 -18.56
N GLY D 332 -115.87 18.99 -18.24
CA GLY D 332 -116.94 18.25 -18.89
C GLY D 332 -118.30 18.38 -18.22
N THR D 333 -119.32 17.74 -18.80
CA THR D 333 -120.71 17.92 -18.34
C THR D 333 -120.92 17.43 -16.91
N GLY D 334 -120.13 16.42 -16.52
CA GLY D 334 -120.21 15.85 -15.20
C GLY D 334 -119.12 16.32 -14.26
N GLY D 335 -118.37 17.32 -14.69
CA GLY D 335 -117.33 17.93 -13.88
C GLY D 335 -115.93 17.76 -14.43
N GLU D 336 -114.95 17.90 -13.56
CA GLU D 336 -113.53 17.95 -13.93
C GLU D 336 -113.00 16.58 -14.37
N SER D 337 -113.67 15.53 -13.93
CA SER D 337 -113.42 14.20 -14.43
C SER D 337 -114.64 13.79 -15.24
N SER D 338 -114.92 14.55 -16.28
CA SER D 338 -115.93 14.17 -17.26
C SER D 338 -115.60 14.89 -18.54
N LEU D 339 -115.91 14.27 -19.66
CA LEU D 339 -115.77 14.93 -20.95
C LEU D 339 -117.10 15.55 -21.35
N ALA D 340 -117.05 16.37 -22.40
CA ALA D 340 -118.24 17.02 -22.92
C ALA D 340 -119.13 16.00 -23.63
N THR D 341 -120.39 15.97 -23.25
CA THR D 341 -121.38 15.18 -23.97
C THR D 341 -122.24 16.13 -24.79
N ASP D 342 -122.72 15.65 -25.92
CA ASP D 342 -123.52 16.47 -26.82
C ASP D 342 -122.97 17.90 -26.95
N SER D 343 -121.66 18.00 -27.19
CA SER D 343 -121.03 19.29 -27.47
C SER D 343 -121.28 20.31 -26.37
N THR D 344 -121.42 19.85 -25.14
CA THR D 344 -121.64 20.75 -24.00
C THR D 344 -120.48 20.75 -23.02
N TYR D 345 -119.85 21.91 -22.85
CA TYR D 345 -118.73 22.03 -21.94
C TYR D 345 -119.10 22.83 -20.69
N ASP D 346 -118.31 22.65 -19.64
CA ASP D 346 -118.41 23.47 -18.45
C ASP D 346 -117.31 24.54 -18.61
N ILE D 347 -117.73 25.78 -18.82
CA ILE D 347 -116.80 26.89 -19.01
C ILE D 347 -116.76 27.77 -17.76
N SER D 348 -115.56 28.14 -17.32
CA SER D 348 -115.41 28.84 -16.05
C SER D 348 -114.15 29.71 -15.96
N ASN D 349 -114.25 30.79 -15.21
CA ASN D 349 -113.07 31.57 -14.85
C ASN D 349 -111.97 30.65 -14.30
N TRP D 350 -110.72 30.90 -14.70
CA TRP D 350 -109.61 30.05 -14.28
C TRP D 350 -108.89 30.58 -13.04
N ALA D 351 -108.80 31.90 -12.93
CA ALA D 351 -108.14 32.49 -11.78
C ALA D 351 -109.19 32.89 -10.75
N ARG D 352 -108.82 32.77 -9.48
CA ARG D 352 -109.73 33.05 -8.38
C ARG D 352 -109.05 34.09 -7.52
N LEU D 353 -107.78 34.30 -7.84
CA LEU D 353 -106.89 35.15 -7.05
C LEU D 353 -106.36 36.28 -7.92
N GLY D 354 -106.42 37.49 -7.39
CA GLY D 354 -105.91 38.66 -8.09
C GLY D 354 -106.99 39.66 -8.44
N LYS D 355 -108.18 39.15 -8.74
CA LYS D 355 -109.33 39.99 -9.08
C LYS D 355 -110.40 39.71 -8.05
N SER D 356 -111.41 40.56 -8.03
CA SER D 356 -112.56 40.39 -7.15
C SER D 356 -113.57 39.47 -7.81
N GLU D 357 -114.55 39.00 -7.04
CA GLU D 357 -115.58 38.11 -7.55
C GLU D 357 -116.22 38.69 -8.80
N ARG D 358 -116.83 39.87 -8.65
CA ARG D 358 -117.49 40.54 -9.77
C ARG D 358 -116.62 40.53 -11.02
N GLU D 359 -115.34 40.86 -10.85
CA GLU D 359 -114.41 40.98 -11.98
C GLU D 359 -114.21 39.65 -12.72
N LEU D 360 -114.21 38.54 -11.97
CA LEU D 360 -114.04 37.22 -12.54
C LEU D 360 -115.35 36.71 -13.12
N VAL D 361 -116.47 37.03 -12.45
CA VAL D 361 -117.77 36.72 -13.01
C VAL D 361 -117.83 37.34 -14.40
N GLN D 362 -117.14 38.47 -14.56
CA GLN D 362 -117.20 39.27 -15.78
C GLN D 362 -116.17 38.77 -16.79
N VAL D 363 -115.10 38.19 -16.29
CA VAL D 363 -114.14 37.50 -17.16
C VAL D 363 -114.88 36.41 -17.91
N LEU D 364 -115.75 35.68 -17.21
CA LEU D 364 -116.59 34.64 -17.80
C LEU D 364 -117.48 35.25 -18.87
N VAL D 365 -118.27 36.24 -18.46
CA VAL D 365 -119.22 36.90 -19.35
C VAL D 365 -118.61 37.36 -20.67
N ASP D 366 -117.36 37.79 -20.64
CA ASP D 366 -116.75 38.42 -21.80
C ASP D 366 -116.12 37.41 -22.76
N GLY D 367 -115.84 36.21 -22.25
CA GLY D 367 -115.24 35.16 -23.05
C GLY D 367 -116.29 34.24 -23.62
N VAL D 368 -117.32 33.98 -22.82
CA VAL D 368 -118.50 33.29 -23.32
C VAL D 368 -119.15 34.14 -24.41
N ASN D 369 -119.21 35.45 -24.17
CA ASN D 369 -119.71 36.39 -25.16
C ASN D 369 -118.94 36.30 -26.48
N LEU D 370 -117.66 35.92 -26.41
CA LEU D 370 -116.85 35.73 -27.62
C LEU D 370 -116.95 34.30 -28.18
N LEU D 371 -116.96 33.32 -27.29
CA LEU D 371 -117.13 31.93 -27.71
C LEU D 371 -118.44 31.76 -28.50
N ILE D 372 -119.52 32.30 -27.95
CA ILE D 372 -120.83 32.19 -28.61
C ILE D 372 -120.85 32.97 -29.92
N ALA D 373 -120.08 34.05 -29.98
CA ALA D 373 -119.96 34.82 -31.21
C ALA D 373 -119.19 34.03 -32.29
N CYS D 374 -118.14 33.31 -31.87
CA CYS D 374 -117.35 32.46 -32.77
C CYS D 374 -118.15 31.27 -33.31
N ASP D 375 -118.88 30.63 -32.42
CA ASP D 375 -119.76 29.53 -32.81
C ASP D 375 -120.72 29.98 -33.93
N LYS D 376 -121.35 31.15 -33.75
CA LYS D 376 -122.29 31.69 -34.73
C LYS D 376 -121.66 31.96 -36.10
N LYS D 377 -120.49 32.59 -36.12
CA LYS D 377 -119.75 32.80 -37.36
C LYS D 377 -119.51 31.50 -38.10
N LEU D 378 -119.01 30.50 -37.38
CA LEU D 378 -118.71 29.20 -37.98
C LEU D 378 -119.97 28.47 -38.45
N GLU D 379 -121.13 28.85 -37.92
CA GLU D 379 -122.39 28.26 -38.36
C GLU D 379 -122.87 28.95 -39.63
N ALA D 380 -122.30 30.12 -39.92
CA ALA D 380 -122.58 30.84 -41.16
C ALA D 380 -121.41 30.66 -42.14
N GLY D 381 -120.69 29.55 -41.98
CA GLY D 381 -119.56 29.22 -42.84
C GLY D 381 -118.51 30.30 -42.97
N GLN D 382 -118.42 31.17 -41.97
CA GLN D 382 -117.50 32.31 -42.01
C GLN D 382 -116.19 31.98 -41.28
N SER D 383 -115.25 32.93 -41.26
CA SER D 383 -113.97 32.73 -40.57
C SER D 383 -113.89 33.52 -39.25
N ILE D 384 -113.29 32.90 -38.23
CA ILE D 384 -113.13 33.55 -36.94
C ILE D 384 -111.67 33.91 -36.64
N ASP D 385 -110.81 33.55 -37.59
CA ASP D 385 -109.39 33.88 -37.56
C ASP D 385 -109.07 35.17 -36.80
N ASP D 386 -109.70 36.25 -37.22
CA ASP D 386 -109.43 37.58 -36.68
C ASP D 386 -110.11 37.85 -35.34
N MET D 387 -110.89 36.89 -34.86
CA MET D 387 -111.65 37.07 -33.63
C MET D 387 -110.83 36.60 -32.44
N ILE D 388 -109.88 35.70 -32.71
CA ILE D 388 -109.11 35.06 -31.67
C ILE D 388 -108.07 36.01 -31.07
N PRO D 389 -108.15 36.24 -29.75
CA PRO D 389 -107.25 37.14 -29.02
C PRO D 389 -105.81 36.96 -29.48
N LYS D 390 -105.12 38.07 -29.69
CA LYS D 390 -103.77 38.05 -30.24
C LYS D 390 -102.71 37.72 -29.18
N LYS E 24 -82.51 -58.73 51.25
CA LYS E 24 -83.85 -58.14 51.31
C LYS E 24 -84.93 -59.20 51.06
N PHE E 25 -84.56 -60.25 50.34
CA PHE E 25 -85.48 -61.33 50.04
C PHE E 25 -85.13 -62.56 50.85
N LYS E 26 -86.13 -63.19 51.47
CA LYS E 26 -85.95 -64.47 52.13
C LYS E 26 -86.09 -65.59 51.10
N ALA E 27 -85.79 -66.82 51.53
CA ALA E 27 -85.93 -67.99 50.66
C ALA E 27 -87.40 -68.18 50.28
N ALA E 28 -88.30 -67.99 51.24
CA ALA E 28 -89.73 -68.18 50.98
C ALA E 28 -90.24 -67.23 49.89
N ASP E 29 -89.56 -66.11 49.71
CA ASP E 29 -89.89 -65.17 48.64
C ASP E 29 -89.37 -65.71 47.31
N ASN E 30 -88.50 -66.71 47.38
CA ASN E 30 -87.86 -67.23 46.18
C ASN E 30 -88.28 -68.66 45.84
N PHE E 31 -88.87 -69.35 46.82
CA PHE E 31 -89.36 -70.71 46.64
C PHE E 31 -90.21 -70.84 45.38
N PRO E 32 -89.95 -71.85 44.56
CA PRO E 32 -90.68 -72.03 43.31
C PRO E 32 -92.13 -72.51 43.50
N ASP E 33 -93.01 -72.13 42.57
CA ASP E 33 -94.38 -72.65 42.52
C ASP E 33 -94.41 -73.79 41.52
N LEU E 34 -94.48 -75.01 42.04
CA LEU E 34 -94.42 -76.21 41.20
C LEU E 34 -95.71 -77.00 41.30
N SER E 35 -96.81 -76.26 41.49
CA SER E 35 -98.18 -76.81 41.51
C SER E 35 -98.50 -77.68 40.31
N LYS E 36 -98.05 -77.27 39.13
CA LYS E 36 -98.41 -77.99 37.90
C LYS E 36 -97.23 -78.77 37.33
N HIS E 37 -96.36 -79.28 38.20
CA HIS E 37 -95.15 -79.94 37.74
C HIS E 37 -95.16 -81.44 37.99
N ASN E 38 -94.66 -82.21 37.01
CA ASN E 38 -94.41 -83.63 37.23
C ASN E 38 -92.98 -84.05 36.87
N ASN E 39 -92.08 -83.85 37.83
CA ASN E 39 -90.74 -84.42 37.78
C ASN E 39 -90.22 -84.81 39.16
N VAL E 40 -88.96 -85.22 39.21
CA VAL E 40 -88.41 -85.82 40.42
C VAL E 40 -87.94 -84.74 41.39
N MET E 41 -87.47 -83.62 40.86
CA MET E 41 -87.12 -82.46 41.68
C MET E 41 -88.38 -81.92 42.36
N ALA E 42 -89.48 -81.90 41.63
CA ALA E 42 -90.74 -81.34 42.15
C ALA E 42 -91.34 -82.18 43.28
N SER E 43 -91.22 -83.50 43.15
CA SER E 43 -91.69 -84.42 44.17
C SER E 43 -90.88 -84.36 45.48
N GLN E 44 -89.58 -84.10 45.36
CA GLN E 44 -88.68 -84.22 46.50
C GLN E 44 -88.30 -82.88 47.13
N LEU E 45 -88.49 -81.79 46.40
CA LEU E 45 -88.19 -80.48 46.97
C LEU E 45 -89.20 -80.10 48.05
N THR E 46 -88.68 -79.75 49.24
CA THR E 46 -89.49 -79.19 50.31
C THR E 46 -89.07 -77.75 50.54
N LYS E 47 -89.87 -77.00 51.28
CA LYS E 47 -89.51 -75.63 51.60
C LYS E 47 -88.30 -75.58 52.53
N GLU E 48 -88.13 -76.63 53.32
CA GLU E 48 -87.01 -76.74 54.26
C GLU E 48 -85.66 -76.95 53.58
N LEU E 49 -85.61 -77.86 52.62
CA LEU E 49 -84.38 -78.13 51.89
C LEU E 49 -83.95 -76.98 50.99
N TYR E 50 -84.90 -76.17 50.56
CA TYR E 50 -84.59 -74.99 49.77
C TYR E 50 -84.11 -73.88 50.69
N GLU E 51 -84.80 -73.73 51.81
CA GLU E 51 -84.38 -72.80 52.82
C GLU E 51 -82.91 -73.06 53.15
N LYS E 52 -82.59 -74.33 53.35
CA LYS E 52 -81.25 -74.76 53.71
C LYS E 52 -80.22 -74.43 52.64
N TYR E 53 -80.50 -74.83 51.41
CA TYR E 53 -79.49 -74.86 50.35
C TYR E 53 -79.41 -73.64 49.43
N TRP E 54 -80.45 -72.82 49.43
CA TRP E 54 -80.54 -71.75 48.43
C TRP E 54 -79.36 -70.76 48.46
N ASP E 55 -78.88 -70.42 49.65
CA ASP E 55 -77.79 -69.45 49.76
C ASP E 55 -76.40 -70.10 49.88
N LYS E 56 -76.31 -71.38 49.53
CA LYS E 56 -75.07 -72.14 49.66
C LYS E 56 -74.46 -72.46 48.30
N VAL E 57 -73.37 -71.77 47.97
CA VAL E 57 -72.70 -71.98 46.69
C VAL E 57 -71.60 -73.06 46.74
N THR E 58 -71.33 -73.67 45.59
CA THR E 58 -70.21 -74.59 45.49
C THR E 58 -68.95 -73.80 45.21
N PRO E 59 -67.79 -74.39 45.56
CA PRO E 59 -66.47 -73.84 45.28
C PRO E 59 -66.33 -73.10 43.94
N ASN E 60 -66.93 -73.61 42.86
CA ASN E 60 -66.75 -73.03 41.52
C ASN E 60 -67.78 -71.94 41.15
N GLY E 61 -68.86 -71.85 41.90
CA GLY E 61 -69.89 -70.85 41.63
C GLY E 61 -71.27 -71.41 41.33
N VAL E 62 -71.42 -72.72 41.42
CA VAL E 62 -72.72 -73.33 41.12
C VAL E 62 -73.68 -73.11 42.28
N THR E 63 -74.88 -72.66 41.98
CA THR E 63 -75.87 -72.40 43.02
C THR E 63 -76.94 -73.49 43.05
N PHE E 64 -77.72 -73.54 44.13
CA PHE E 64 -78.78 -74.53 44.26
C PHE E 64 -79.81 -74.33 43.17
N ASP E 65 -80.13 -73.08 42.88
CA ASP E 65 -81.06 -72.77 41.79
C ASP E 65 -80.56 -73.34 40.48
N LYS E 66 -79.33 -72.97 40.13
CA LYS E 66 -78.70 -73.45 38.92
C LYS E 66 -79.02 -74.93 38.68
N CYS E 67 -79.05 -75.70 39.77
CA CYS E 67 -79.24 -77.15 39.69
C CYS E 67 -80.71 -77.56 39.47
N ILE E 68 -81.64 -76.76 39.97
CA ILE E 68 -83.03 -77.15 39.98
C ILE E 68 -83.81 -76.47 38.86
N GLN E 69 -83.19 -75.45 38.26
CA GLN E 69 -83.84 -74.67 37.22
C GLN E 69 -84.58 -75.48 36.15
N THR E 70 -83.92 -76.47 35.57
CA THR E 70 -84.47 -77.17 34.41
C THR E 70 -85.82 -77.85 34.71
N GLY E 71 -86.01 -78.24 35.96
CA GLY E 71 -87.25 -78.86 36.39
C GLY E 71 -88.32 -77.86 36.79
N VAL E 72 -87.96 -76.59 36.89
CA VAL E 72 -88.96 -75.55 37.04
C VAL E 72 -89.44 -75.10 35.66
N ASP E 73 -88.56 -75.21 34.66
CA ASP E 73 -88.88 -74.78 33.30
C ASP E 73 -89.64 -75.83 32.50
N ASN E 74 -89.77 -77.02 33.10
CA ASN E 74 -90.47 -78.15 32.47
C ASN E 74 -91.41 -78.89 33.42
N PRO E 75 -92.62 -78.35 33.64
CA PRO E 75 -93.57 -79.04 34.53
C PRO E 75 -94.18 -80.29 33.90
N GLY E 76 -93.83 -80.58 32.65
CA GLY E 76 -94.41 -81.70 31.93
C GLY E 76 -93.59 -82.20 30.75
N ASN E 77 -94.01 -83.34 30.19
CA ASN E 77 -93.22 -84.01 29.16
C ASN E 77 -94.07 -84.47 27.98
N LYS E 78 -93.77 -83.96 26.79
CA LYS E 78 -94.50 -84.35 25.58
C LYS E 78 -94.36 -85.84 25.32
N PHE E 79 -93.13 -86.33 25.48
CA PHE E 79 -92.79 -87.69 25.06
C PHE E 79 -93.04 -88.71 26.17
N TYR E 80 -92.25 -89.77 26.24
CA TYR E 80 -92.52 -90.81 27.25
C TYR E 80 -91.80 -90.54 28.59
N GLY E 81 -92.34 -91.09 29.66
CA GLY E 81 -91.67 -91.07 30.96
C GLY E 81 -91.62 -89.78 31.77
N LYS E 82 -91.37 -89.93 33.05
CA LYS E 82 -91.27 -88.80 33.96
C LYS E 82 -89.83 -88.30 33.98
N LYS E 83 -89.67 -86.97 33.94
CA LYS E 83 -88.34 -86.37 33.90
C LYS E 83 -87.75 -86.10 35.28
N THR E 84 -86.43 -86.08 35.33
CA THR E 84 -85.69 -85.84 36.56
C THR E 84 -85.72 -84.38 36.96
N GLY E 85 -85.46 -83.50 36.00
CA GLY E 85 -85.67 -82.08 36.20
C GLY E 85 -84.71 -81.34 37.13
N CYS E 86 -83.51 -81.88 37.29
CA CYS E 86 -82.48 -81.20 38.07
C CYS E 86 -81.13 -81.84 37.74
N VAL E 87 -80.04 -81.10 37.94
CA VAL E 87 -78.72 -81.60 37.55
C VAL E 87 -77.61 -81.21 38.50
N PHE E 88 -76.42 -81.75 38.23
CA PHE E 88 -75.19 -81.32 38.86
C PHE E 88 -74.47 -80.37 37.91
N GLY E 89 -73.97 -79.25 38.45
CA GLY E 89 -73.33 -78.24 37.63
C GLY E 89 -71.83 -78.43 37.60
N ASP E 90 -71.30 -78.96 38.69
CA ASP E 90 -69.91 -79.37 38.77
C ASP E 90 -69.83 -80.65 39.60
N GLU E 91 -68.65 -80.97 40.10
CA GLU E 91 -68.51 -82.22 40.85
C GLU E 91 -68.77 -82.04 42.34
N TYR E 92 -68.78 -80.79 42.80
CA TYR E 92 -69.11 -80.50 44.20
C TYR E 92 -70.60 -80.43 44.48
N SER E 93 -71.42 -80.50 43.44
CA SER E 93 -72.85 -80.28 43.61
C SER E 93 -73.52 -81.36 44.46
N TYR E 94 -73.23 -82.62 44.16
CA TYR E 94 -73.91 -83.71 44.85
C TYR E 94 -73.87 -83.57 46.36
N GLU E 95 -72.73 -83.10 46.89
CA GLU E 95 -72.57 -83.08 48.34
C GLU E 95 -73.01 -81.78 48.99
N CYS E 96 -72.79 -80.66 48.32
CA CYS E 96 -73.27 -79.38 48.83
C CYS E 96 -74.77 -79.46 49.04
N TYR E 97 -75.42 -80.30 48.24
CA TYR E 97 -76.86 -80.39 48.29
C TYR E 97 -77.32 -81.82 48.50
N LYS E 98 -76.50 -82.57 49.22
CA LYS E 98 -76.74 -83.98 49.47
C LYS E 98 -78.18 -84.25 49.86
N GLU E 99 -78.62 -83.69 50.99
CA GLU E 99 -79.93 -83.99 51.52
C GLU E 99 -81.03 -83.96 50.45
N PHE E 100 -80.92 -83.03 49.51
CA PHE E 100 -81.84 -82.97 48.37
C PHE E 100 -81.62 -84.13 47.42
N PHE E 101 -80.40 -84.26 46.92
CA PHE E 101 -80.09 -85.26 45.89
C PHE E 101 -80.34 -86.71 46.31
N ASP E 102 -80.12 -87.02 47.58
CA ASP E 102 -80.35 -88.37 48.08
C ASP E 102 -81.80 -88.79 47.92
N LYS E 103 -82.72 -87.87 48.19
CA LYS E 103 -84.14 -88.12 47.96
C LYS E 103 -84.36 -88.49 46.50
N CYS E 104 -83.77 -87.72 45.59
CA CYS E 104 -84.00 -87.91 44.16
C CYS E 104 -83.40 -89.22 43.71
N ILE E 105 -82.20 -89.50 44.21
CA ILE E 105 -81.49 -90.72 43.86
C ILE E 105 -82.27 -91.94 44.31
N GLU E 106 -82.91 -91.85 45.47
CA GLU E 106 -83.71 -92.96 45.98
C GLU E 106 -84.97 -93.16 45.16
N GLU E 107 -85.59 -92.08 44.69
CA GLU E 107 -86.75 -92.23 43.84
C GLU E 107 -86.39 -92.96 42.54
N ILE E 108 -85.20 -92.68 42.01
CA ILE E 108 -84.85 -93.19 40.67
C ILE E 108 -84.32 -94.63 40.64
N HIS E 109 -83.42 -94.98 41.55
CA HIS E 109 -82.78 -96.30 41.55
C HIS E 109 -83.14 -97.10 42.81
N HIS E 110 -84.06 -96.58 43.62
CA HIS E 110 -84.40 -97.20 44.90
C HIS E 110 -83.16 -97.33 45.79
N PHE E 111 -82.19 -96.45 45.52
CA PHE E 111 -80.92 -96.40 46.20
C PHE E 111 -80.98 -95.42 47.37
N LYS E 112 -80.63 -95.88 48.58
CA LYS E 112 -80.75 -95.06 49.78
C LYS E 112 -79.41 -94.46 50.20
N PRO E 113 -79.44 -93.47 51.11
CA PRO E 113 -78.20 -92.91 51.68
C PRO E 113 -77.37 -93.95 52.45
N SER E 114 -77.89 -95.16 52.63
CA SER E 114 -77.14 -96.20 53.36
C SER E 114 -76.37 -97.12 52.43
N ASP E 115 -76.96 -97.42 51.28
CA ASP E 115 -76.37 -98.35 50.31
C ASP E 115 -74.99 -97.93 49.83
N LYS E 116 -74.31 -98.86 49.15
CA LYS E 116 -73.04 -98.57 48.49
C LYS E 116 -73.05 -99.13 47.08
N HIS E 117 -72.40 -98.45 46.13
CA HIS E 117 -72.44 -98.91 44.75
C HIS E 117 -71.46 -100.05 44.52
N PRO E 118 -71.97 -101.18 43.96
CA PRO E 118 -71.22 -102.43 43.84
C PRO E 118 -69.99 -102.28 42.95
N ALA E 119 -69.02 -103.18 43.11
CA ALA E 119 -67.87 -103.18 42.24
C ALA E 119 -68.32 -103.40 40.80
N PRO E 120 -67.61 -102.79 39.84
CA PRO E 120 -67.92 -102.96 38.42
C PRO E 120 -67.86 -104.41 37.99
N ASP E 121 -68.88 -104.87 37.28
CA ASP E 121 -68.87 -106.21 36.69
C ASP E 121 -69.18 -106.16 35.19
N LEU E 122 -68.12 -106.27 34.39
CA LEU E 122 -68.23 -106.10 32.94
C LEU E 122 -68.07 -107.41 32.17
N ASP E 123 -68.35 -108.52 32.83
CA ASP E 123 -68.12 -109.84 32.24
C ASP E 123 -69.36 -110.34 31.50
N HIS E 124 -69.36 -110.18 30.18
CA HIS E 124 -70.52 -110.53 29.35
C HIS E 124 -70.87 -112.02 29.32
N ASN E 125 -69.88 -112.89 29.38
CA ASN E 125 -70.10 -114.34 29.42
C ASN E 125 -71.03 -114.81 30.54
N LYS E 126 -71.15 -114.02 31.59
CA LYS E 126 -72.04 -114.33 32.72
C LYS E 126 -73.51 -114.13 32.34
N LEU E 127 -73.74 -113.40 31.24
CA LEU E 127 -75.08 -113.03 30.81
C LEU E 127 -75.90 -114.23 30.31
N VAL E 128 -77.12 -114.38 30.82
CA VAL E 128 -77.98 -115.50 30.44
C VAL E 128 -78.89 -115.12 29.26
N GLY E 129 -78.61 -115.70 28.10
CA GLY E 129 -79.28 -115.33 26.86
C GLY E 129 -78.82 -113.96 26.41
N GLY E 130 -79.71 -113.23 25.72
CA GLY E 130 -79.37 -111.91 25.25
C GLY E 130 -78.94 -111.88 23.80
N VAL E 131 -79.42 -112.85 23.02
CA VAL E 131 -79.35 -112.80 21.56
C VAL E 131 -80.78 -112.95 21.01
N PHE E 132 -81.39 -111.84 20.63
CA PHE E 132 -82.81 -111.85 20.32
C PHE E 132 -83.11 -112.07 18.85
N GLU E 133 -84.37 -112.44 18.60
CA GLU E 133 -84.90 -112.69 17.27
C GLU E 133 -84.91 -111.41 16.45
N ASP E 134 -84.34 -111.47 15.25
CA ASP E 134 -84.24 -110.31 14.36
C ASP E 134 -85.63 -109.74 14.05
N LYS E 135 -86.63 -110.61 14.09
CA LYS E 135 -88.00 -110.22 13.79
C LYS E 135 -88.48 -109.17 14.79
N TYR E 136 -88.03 -109.27 16.04
CA TYR E 136 -88.50 -108.38 17.11
C TYR E 136 -87.52 -107.27 17.48
N VAL E 137 -86.23 -107.61 17.51
CA VAL E 137 -85.19 -106.64 17.86
C VAL E 137 -84.38 -106.22 16.63
N LYS E 138 -84.43 -104.93 16.31
CA LYS E 138 -83.86 -104.39 15.08
C LYS E 138 -82.41 -103.92 15.27
N SER E 139 -82.04 -103.61 16.50
CA SER E 139 -80.69 -103.14 16.82
C SER E 139 -80.47 -103.08 18.33
N CYS E 140 -79.19 -103.18 18.72
CA CYS E 140 -78.78 -103.13 20.13
C CYS E 140 -77.82 -101.97 20.39
N ARG E 141 -77.82 -101.48 21.63
CA ARG E 141 -76.95 -100.38 22.02
C ARG E 141 -76.61 -100.40 23.51
N ILE E 142 -75.34 -100.17 23.83
CA ILE E 142 -74.95 -99.98 25.22
C ILE E 142 -74.08 -98.75 25.32
N ARG E 143 -74.54 -97.78 26.09
CA ARG E 143 -73.83 -96.52 26.26
C ARG E 143 -73.54 -96.28 27.74
N CYS E 144 -72.49 -95.53 28.06
CA CYS E 144 -72.32 -95.02 29.41
C CYS E 144 -71.90 -93.55 29.35
N GLY E 145 -71.68 -92.94 30.50
CA GLY E 145 -71.16 -91.58 30.55
C GLY E 145 -70.07 -91.35 31.59
N ARG E 146 -69.03 -90.60 31.22
CA ARG E 146 -67.96 -90.24 32.17
C ARG E 146 -67.75 -88.71 32.26
N SER E 147 -67.17 -88.25 33.36
CA SER E 147 -66.89 -86.82 33.53
C SER E 147 -65.42 -86.55 33.86
N VAL E 148 -64.94 -85.35 33.52
CA VAL E 148 -63.54 -84.99 33.81
C VAL E 148 -63.36 -84.14 35.08
N LYS E 149 -62.63 -84.69 36.05
CA LYS E 149 -62.38 -84.04 37.32
C LYS E 149 -61.54 -82.75 37.21
N GLY E 150 -61.99 -81.69 37.90
CA GLY E 150 -61.31 -80.40 37.89
C GLY E 150 -61.90 -79.43 36.87
N VAL E 151 -63.11 -79.72 36.43
CA VAL E 151 -63.79 -78.94 35.40
C VAL E 151 -65.29 -79.02 35.63
N CYS E 152 -65.97 -77.90 35.44
CA CYS E 152 -67.41 -77.86 35.61
C CYS E 152 -68.10 -78.82 34.65
N LEU E 153 -69.31 -79.23 34.99
CA LEU E 153 -70.09 -80.08 34.12
C LEU E 153 -70.70 -79.22 33.01
N PRO E 154 -71.19 -79.85 31.94
CA PRO E 154 -71.67 -79.03 30.82
C PRO E 154 -72.75 -77.99 31.14
N PRO E 155 -73.57 -78.22 32.18
CA PRO E 155 -74.54 -77.16 32.48
C PRO E 155 -73.92 -75.89 33.06
N ALA E 156 -72.73 -75.98 33.64
CA ALA E 156 -72.10 -74.83 34.28
C ALA E 156 -70.76 -74.40 33.66
N MET E 157 -70.18 -75.22 32.78
CA MET E 157 -68.80 -75.00 32.35
C MET E 157 -68.58 -73.91 31.29
N SER E 158 -67.35 -73.41 31.24
CA SER E 158 -66.98 -72.28 30.38
C SER E 158 -66.39 -72.73 29.06
N ARG E 159 -66.29 -71.79 28.12
CA ARG E 159 -65.76 -72.08 26.80
C ARG E 159 -64.34 -72.62 26.86
N ALA E 160 -63.53 -72.04 27.75
CA ALA E 160 -62.17 -72.49 27.96
C ALA E 160 -62.14 -73.86 28.61
N GLU E 161 -63.04 -74.09 29.56
CA GLU E 161 -63.19 -75.39 30.17
C GLU E 161 -63.62 -76.46 29.16
N ARG E 162 -64.50 -76.07 28.25
CA ARG E 162 -64.97 -77.01 27.23
C ARG E 162 -63.83 -77.33 26.28
N ARG E 163 -63.25 -76.30 25.69
CA ARG E 163 -62.13 -76.44 24.77
C ARG E 163 -61.03 -77.33 25.35
N LEU E 164 -60.84 -77.26 26.67
CA LEU E 164 -59.89 -78.10 27.35
C LEU E 164 -60.31 -79.56 27.27
N VAL E 165 -61.47 -79.87 27.85
CA VAL E 165 -62.03 -81.23 27.81
C VAL E 165 -61.97 -81.85 26.41
N GLU E 166 -62.19 -81.04 25.37
CA GLU E 166 -62.13 -81.53 23.98
C GLU E 166 -60.74 -82.01 23.58
N LYS E 167 -59.75 -81.16 23.83
CA LYS E 167 -58.36 -81.46 23.49
C LYS E 167 -57.84 -82.67 24.28
N VAL E 168 -57.89 -82.56 25.61
CA VAL E 168 -57.45 -83.62 26.50
C VAL E 168 -58.09 -84.97 26.21
N VAL E 169 -59.33 -84.97 25.73
CA VAL E 169 -60.02 -86.24 25.51
C VAL E 169 -59.79 -86.80 24.12
N SER E 170 -59.74 -85.96 23.09
CA SER E 170 -59.47 -86.46 21.75
C SER E 170 -58.02 -86.95 21.64
N ASP E 171 -57.11 -86.25 22.31
CA ASP E 171 -55.71 -86.67 22.31
C ASP E 171 -55.60 -88.05 22.92
N ALA E 172 -56.29 -88.25 24.04
CA ALA E 172 -56.25 -89.51 24.77
C ALA E 172 -56.62 -90.69 23.87
N LEU E 173 -57.83 -90.64 23.34
CA LEU E 173 -58.39 -91.69 22.50
C LEU E 173 -57.46 -92.09 21.36
N GLY E 174 -56.52 -91.19 21.04
CA GLY E 174 -55.55 -91.45 20.01
C GLY E 174 -54.78 -92.75 20.20
N GLY E 175 -54.83 -93.30 21.41
CA GLY E 175 -54.10 -94.52 21.70
C GLY E 175 -54.95 -95.78 21.64
N LEU E 176 -56.17 -95.65 21.13
CA LEU E 176 -57.08 -96.79 20.99
C LEU E 176 -56.65 -97.59 19.77
N LYS E 177 -56.40 -98.88 19.98
CA LYS E 177 -55.77 -99.68 18.94
C LYS E 177 -56.67 -100.80 18.41
N GLY E 178 -56.24 -101.41 17.30
CA GLY E 178 -57.01 -102.45 16.66
C GLY E 178 -58.38 -102.00 16.19
N ASP E 179 -59.39 -102.83 16.41
CA ASP E 179 -60.73 -102.54 15.92
C ASP E 179 -61.43 -101.37 16.63
N LEU E 180 -60.80 -100.84 17.67
CA LEU E 180 -61.33 -99.69 18.38
C LEU E 180 -60.73 -98.39 17.85
N ALA E 181 -59.63 -98.52 17.13
CA ALA E 181 -58.96 -97.36 16.55
C ALA E 181 -59.86 -96.60 15.58
N GLY E 182 -59.89 -95.28 15.73
CA GLY E 182 -60.72 -94.43 14.90
C GLY E 182 -60.16 -93.03 14.77
N LYS E 183 -61.03 -92.08 14.45
CA LYS E 183 -60.62 -90.69 14.29
C LYS E 183 -61.61 -89.75 15.00
N TYR E 184 -61.17 -88.53 15.30
CA TYR E 184 -62.04 -87.53 15.91
C TYR E 184 -62.61 -86.60 14.84
N TYR E 185 -63.87 -86.21 15.02
CA TYR E 185 -64.55 -85.33 14.08
C TYR E 185 -65.24 -84.17 14.79
N PRO E 186 -64.54 -83.04 14.95
CA PRO E 186 -65.11 -81.83 15.53
C PRO E 186 -66.37 -81.40 14.78
N LEU E 187 -67.38 -80.97 15.52
CA LEU E 187 -68.65 -80.58 14.92
C LEU E 187 -68.48 -79.26 14.16
N THR E 188 -67.56 -78.43 14.64
CA THR E 188 -67.38 -77.09 14.09
C THR E 188 -66.93 -77.14 12.64
N THR E 189 -66.25 -78.22 12.27
CA THR E 189 -65.77 -78.35 10.90
C THR E 189 -66.54 -79.42 10.12
N MET E 190 -67.69 -79.79 10.64
CA MET E 190 -68.56 -80.78 10.02
C MET E 190 -69.76 -80.10 9.35
N ASN E 191 -69.92 -80.32 8.04
CA ASN E 191 -71.03 -79.70 7.30
C ASN E 191 -72.37 -80.25 7.72
N GLU E 192 -73.41 -79.43 7.60
CA GLU E 192 -74.70 -79.78 8.21
C GLU E 192 -75.31 -81.08 7.68
N LYS E 193 -75.04 -81.42 6.43
CA LYS E 193 -75.63 -82.62 5.83
C LYS E 193 -74.95 -83.91 6.26
N ASP E 194 -73.67 -83.80 6.59
CA ASP E 194 -72.94 -84.94 7.16
C ASP E 194 -73.36 -85.15 8.61
N GLN E 195 -73.83 -84.08 9.21
CA GLN E 195 -74.25 -84.05 10.60
C GLN E 195 -75.64 -84.66 10.77
N GLU E 196 -76.54 -84.30 9.86
CA GLU E 196 -77.89 -84.88 9.82
C GLU E 196 -77.86 -86.38 9.58
N GLN E 197 -77.02 -86.82 8.65
CA GLN E 197 -76.95 -88.23 8.26
C GLN E 197 -76.49 -89.12 9.40
N LEU E 198 -75.65 -88.59 10.27
CA LEU E 198 -75.16 -89.31 11.44
C LEU E 198 -76.23 -89.44 12.51
N ILE E 199 -77.13 -88.48 12.57
CA ILE E 199 -78.25 -88.51 13.49
C ILE E 199 -79.37 -89.40 12.90
N GLU E 200 -79.60 -89.25 11.60
CA GLU E 200 -80.55 -90.09 10.87
C GLU E 200 -80.21 -91.56 11.05
N ASP E 201 -78.91 -91.85 11.06
CA ASP E 201 -78.38 -93.21 11.21
C ASP E 201 -78.10 -93.55 12.68
N HIS E 202 -78.61 -92.73 13.59
CA HIS E 202 -78.60 -92.98 15.05
C HIS E 202 -77.24 -92.90 15.73
N PHE E 203 -76.24 -92.32 15.07
CA PHE E 203 -74.88 -92.34 15.58
C PHE E 203 -74.52 -91.09 16.38
N LEU E 204 -74.99 -89.94 15.92
CA LEU E 204 -74.64 -88.67 16.53
C LEU E 204 -75.80 -88.12 17.35
N PHE E 205 -75.47 -87.23 18.29
CA PHE E 205 -76.49 -86.61 19.12
C PHE E 205 -77.28 -85.57 18.34
N GLU E 206 -78.58 -85.50 18.60
CA GLU E 206 -79.47 -84.64 17.83
C GLU E 206 -79.12 -83.16 17.98
N LYS E 207 -79.82 -82.31 17.22
CA LYS E 207 -79.60 -80.87 17.30
C LYS E 207 -79.97 -80.39 18.70
N PRO E 208 -79.25 -79.38 19.20
CA PRO E 208 -79.23 -78.91 20.60
C PRO E 208 -80.54 -78.24 21.00
N THR E 209 -81.61 -79.01 21.01
CA THR E 209 -82.96 -78.46 21.11
C THR E 209 -83.73 -79.10 22.24
N GLY E 210 -83.20 -80.21 22.73
CA GLY E 210 -83.81 -80.94 23.84
C GLY E 210 -84.20 -80.03 24.98
N ALA E 211 -85.37 -80.30 25.53
CA ALA E 211 -85.85 -79.56 26.68
C ALA E 211 -84.78 -79.42 27.75
N LEU E 212 -84.29 -80.54 28.27
CA LEU E 212 -83.26 -80.52 29.30
C LEU E 212 -81.98 -79.81 28.84
N LEU E 213 -81.48 -80.19 27.66
CA LEU E 213 -80.26 -79.59 27.11
C LEU E 213 -80.29 -78.05 27.18
N THR E 214 -81.28 -77.44 26.54
CA THR E 214 -81.36 -75.98 26.46
C THR E 214 -81.60 -75.23 27.79
N THR E 215 -82.55 -75.71 28.60
CA THR E 215 -82.88 -75.06 29.86
C THR E 215 -81.84 -75.18 30.97
N SER E 216 -81.05 -76.25 30.96
CA SER E 216 -80.04 -76.45 32.00
C SER E 216 -78.71 -75.77 31.67
N GLY E 217 -78.71 -74.96 30.61
CA GLY E 217 -77.51 -74.26 30.18
C GLY E 217 -76.52 -75.11 29.41
N CYS E 218 -76.94 -76.30 28.98
CA CYS E 218 -76.03 -77.25 28.29
C CYS E 218 -75.81 -76.90 26.82
N ALA E 219 -76.72 -76.12 26.26
CA ALA E 219 -76.70 -75.80 24.83
C ALA E 219 -76.00 -74.48 24.52
N ARG E 220 -75.10 -74.06 25.39
CA ARG E 220 -74.37 -72.82 25.15
C ARG E 220 -73.24 -72.95 24.14
N ASP E 221 -72.83 -71.81 23.60
CA ASP E 221 -71.65 -71.73 22.72
C ASP E 221 -71.60 -72.81 21.64
N TRP E 222 -72.78 -73.27 21.22
CA TRP E 222 -72.90 -74.37 20.25
C TRP E 222 -72.43 -73.98 18.85
N PRO E 223 -71.69 -74.89 18.17
CA PRO E 223 -71.21 -76.21 18.58
C PRO E 223 -69.78 -76.24 19.13
N ASP E 224 -69.27 -75.09 19.57
CA ASP E 224 -67.90 -74.99 20.10
C ASP E 224 -67.56 -76.09 21.09
N GLY E 225 -66.53 -76.88 20.77
CA GLY E 225 -66.02 -77.88 21.69
C GLY E 225 -66.76 -79.20 21.64
N ARG E 226 -67.73 -79.28 20.74
CA ARG E 226 -68.54 -80.48 20.53
C ARG E 226 -68.08 -81.31 19.32
N GLY E 227 -68.08 -82.62 19.46
CA GLY E 227 -67.78 -83.49 18.33
C GLY E 227 -68.03 -84.95 18.60
N ILE E 228 -67.81 -85.76 17.57
CA ILE E 228 -67.94 -87.20 17.69
C ILE E 228 -66.64 -87.92 17.34
N TRP E 229 -66.42 -89.06 17.97
CA TRP E 229 -65.30 -89.91 17.65
C TRP E 229 -65.84 -91.29 17.34
N HIS E 230 -65.29 -91.93 16.32
CA HIS E 230 -65.67 -93.30 16.01
C HIS E 230 -64.64 -94.07 15.16
N ASN E 231 -64.68 -95.39 15.29
CA ASN E 231 -63.87 -96.27 14.45
C ASN E 231 -64.49 -96.42 13.07
N ASN E 232 -63.85 -97.22 12.22
CA ASN E 232 -64.32 -97.38 10.85
C ASN E 232 -65.72 -98.00 10.74
N GLU E 233 -65.91 -99.14 11.40
CA GLU E 233 -67.19 -99.84 11.38
C GLU E 233 -68.31 -98.98 11.95
N LYS E 234 -67.96 -98.09 12.89
CA LYS E 234 -68.94 -97.29 13.62
C LYS E 234 -69.82 -98.17 14.50
N ASN E 235 -69.21 -99.12 15.19
CA ASN E 235 -69.90 -99.93 16.17
C ASN E 235 -69.33 -99.65 17.56
N PHE E 236 -68.37 -98.72 17.61
CA PHE E 236 -67.84 -98.21 18.85
C PHE E 236 -67.58 -96.73 18.66
N LEU E 237 -68.14 -95.89 19.54
CA LEU E 237 -68.22 -94.45 19.30
C LEU E 237 -68.17 -93.61 20.57
N VAL E 238 -67.79 -92.34 20.43
CA VAL E 238 -67.73 -91.44 21.59
C VAL E 238 -68.30 -90.05 21.33
N TRP E 239 -69.29 -89.66 22.12
CA TRP E 239 -69.78 -88.29 22.12
C TRP E 239 -68.91 -87.47 23.09
N ILE E 240 -68.58 -86.25 22.69
CA ILE E 240 -67.83 -85.35 23.54
C ILE E 240 -68.60 -84.05 23.71
N ASN E 241 -68.62 -83.56 24.94
CA ASN E 241 -69.14 -82.23 25.27
C ASN E 241 -70.59 -81.94 24.86
N GLU E 242 -71.47 -82.92 25.04
CA GLU E 242 -72.90 -82.64 24.90
C GLU E 242 -73.48 -82.44 26.29
N GLU E 243 -74.40 -83.32 26.71
CA GLU E 243 -74.98 -83.20 28.05
C GLU E 243 -73.94 -83.56 29.06
N ASP E 244 -73.07 -84.49 28.69
CA ASP E 244 -71.95 -84.91 29.52
C ASP E 244 -70.66 -84.76 28.75
N HIS E 245 -69.56 -84.62 29.47
CA HIS E 245 -68.23 -84.58 28.86
C HIS E 245 -67.98 -85.74 27.89
N ILE E 246 -68.20 -86.97 28.38
CA ILE E 246 -67.88 -88.18 27.63
C ILE E 246 -69.06 -89.17 27.57
N ARG E 247 -69.32 -89.72 26.39
CA ARG E 247 -70.25 -90.84 26.24
C ARG E 247 -69.62 -91.94 25.38
N VAL E 248 -69.44 -93.12 25.97
CA VAL E 248 -68.88 -94.27 25.28
C VAL E 248 -70.00 -95.19 24.83
N ILE E 249 -69.99 -95.57 23.56
CA ILE E 249 -71.12 -96.29 22.97
C ILE E 249 -70.76 -97.50 22.11
N SER E 250 -71.51 -98.58 22.31
CA SER E 250 -71.43 -99.74 21.42
C SER E 250 -72.81 -100.08 20.87
N MET E 251 -72.94 -100.03 19.56
CA MET E 251 -74.20 -100.39 18.93
C MET E 251 -74.00 -101.15 17.63
N GLN E 252 -74.94 -102.03 17.32
CA GLN E 252 -75.04 -102.64 15.99
C GLN E 252 -76.49 -103.01 15.70
N LYS E 253 -76.76 -103.37 14.45
CA LYS E 253 -78.10 -103.79 14.04
C LYS E 253 -78.35 -105.23 14.47
N GLY E 254 -79.62 -105.58 14.67
CA GLY E 254 -80.00 -106.92 15.09
C GLY E 254 -80.07 -107.10 16.60
N GLY E 255 -80.28 -108.33 17.04
CA GLY E 255 -80.63 -108.60 18.42
C GLY E 255 -79.50 -109.14 19.28
N ASP E 256 -78.27 -109.00 18.82
CA ASP E 256 -77.16 -109.62 19.53
C ASP E 256 -76.56 -108.75 20.64
N LEU E 257 -77.30 -108.62 21.74
CA LEU E 257 -76.88 -107.79 22.87
C LEU E 257 -75.57 -108.28 23.47
N LYS E 258 -75.40 -109.60 23.51
CA LYS E 258 -74.20 -110.19 24.07
C LYS E 258 -72.94 -109.65 23.38
N ALA E 259 -72.95 -109.72 22.04
CA ALA E 259 -71.87 -109.20 21.24
C ALA E 259 -71.65 -107.71 21.46
N VAL E 260 -72.74 -106.96 21.56
CA VAL E 260 -72.65 -105.52 21.79
C VAL E 260 -72.07 -105.23 23.18
N PHE E 261 -72.55 -105.95 24.19
CA PHE E 261 -72.01 -105.85 25.55
C PHE E 261 -70.52 -106.16 25.59
N SER E 262 -70.10 -107.18 24.85
CA SER E 262 -68.70 -107.59 24.81
C SER E 262 -67.81 -106.44 24.32
N ARG E 263 -68.11 -105.92 23.13
CA ARG E 263 -67.38 -104.78 22.58
C ARG E 263 -67.33 -103.58 23.54
N PHE E 264 -68.47 -103.25 24.16
CA PHE E 264 -68.55 -102.10 25.08
C PHE E 264 -67.57 -102.25 26.26
N ALA E 265 -67.38 -103.49 26.70
CA ALA E 265 -66.49 -103.76 27.83
C ALA E 265 -65.04 -103.45 27.48
N ARG E 266 -64.57 -104.02 26.37
CA ARG E 266 -63.21 -103.80 25.92
C ARG E 266 -62.93 -102.31 25.82
N GLY E 267 -63.79 -101.61 25.09
CA GLY E 267 -63.62 -100.19 24.81
C GLY E 267 -63.70 -99.28 26.01
N LEU E 268 -64.63 -99.55 26.92
CA LEU E 268 -64.69 -98.79 28.17
C LEU E 268 -63.39 -98.97 28.94
N LEU E 269 -62.89 -100.21 28.96
CA LEU E 269 -61.70 -100.54 29.71
C LEU E 269 -60.43 -99.97 29.09
N GLU E 270 -60.42 -99.86 27.77
CA GLU E 270 -59.31 -99.20 27.08
C GLU E 270 -59.36 -97.68 27.33
N VAL E 271 -60.55 -97.11 27.14
CA VAL E 271 -60.76 -95.68 27.30
C VAL E 271 -60.35 -95.17 28.69
N GLU E 272 -60.79 -95.86 29.73
CA GLU E 272 -60.49 -95.42 31.09
C GLU E 272 -59.01 -95.60 31.45
N ARG E 273 -58.36 -96.59 30.86
CA ARG E 273 -56.94 -96.77 31.05
C ARG E 273 -56.16 -95.66 30.35
N LEU E 274 -56.54 -95.38 29.11
CA LEU E 274 -55.85 -94.33 28.36
C LEU E 274 -56.02 -92.98 29.05
N MET E 275 -57.20 -92.73 29.59
CA MET E 275 -57.46 -91.49 30.32
C MET E 275 -56.59 -91.44 31.56
N LYS E 276 -56.62 -92.51 32.33
CA LYS E 276 -55.84 -92.60 33.57
C LYS E 276 -54.36 -92.40 33.29
N GLU E 277 -53.91 -93.02 32.21
CA GLU E 277 -52.52 -92.94 31.77
C GLU E 277 -52.15 -91.54 31.29
N CYS E 278 -53.16 -90.74 30.94
CA CYS E 278 -52.94 -89.39 30.42
C CYS E 278 -52.99 -88.31 31.50
N GLY E 279 -53.16 -88.73 32.75
CA GLY E 279 -53.19 -87.80 33.87
C GLY E 279 -54.53 -87.09 34.07
N HIS E 280 -55.58 -87.70 33.55
CA HIS E 280 -56.92 -87.12 33.66
C HIS E 280 -57.86 -88.02 34.44
N GLY E 281 -58.14 -87.63 35.68
CA GLY E 281 -59.04 -88.36 36.54
C GLY E 281 -60.49 -88.04 36.24
N LEU E 282 -61.36 -89.02 36.47
CA LEU E 282 -62.78 -88.86 36.19
C LEU E 282 -63.53 -88.61 37.50
N MET E 283 -64.60 -87.81 37.43
CA MET E 283 -65.40 -87.55 38.61
C MET E 283 -65.98 -88.87 39.12
N HIS E 284 -65.59 -89.25 40.32
CA HIS E 284 -65.99 -90.55 40.86
C HIS E 284 -66.08 -90.53 42.39
N ASN E 285 -67.05 -91.29 42.91
CA ASN E 285 -67.45 -91.25 44.31
C ASN E 285 -67.52 -92.67 44.86
N ASP E 286 -67.08 -92.86 46.11
CA ASP E 286 -66.96 -94.22 46.66
C ASP E 286 -68.28 -94.93 46.99
N ARG E 287 -69.32 -94.15 47.24
CA ARG E 287 -70.66 -94.68 47.45
C ARG E 287 -71.41 -94.84 46.14
N LEU E 288 -71.15 -93.92 45.21
CA LEU E 288 -72.02 -93.72 44.06
C LEU E 288 -71.40 -94.07 42.72
N GLY E 289 -70.09 -94.31 42.70
CA GLY E 289 -69.40 -94.55 41.44
C GLY E 289 -69.26 -93.28 40.61
N TYR E 290 -69.43 -93.43 39.31
CA TYR E 290 -69.19 -92.31 38.39
C TYR E 290 -70.29 -91.27 38.44
N ILE E 291 -69.90 -90.00 38.25
CA ILE E 291 -70.83 -88.88 38.35
C ILE E 291 -70.96 -88.04 37.06
N CYS E 292 -72.19 -87.94 36.54
CA CYS E 292 -72.45 -87.11 35.36
C CYS E 292 -73.51 -86.02 35.60
N THR E 293 -73.94 -85.36 34.53
CA THR E 293 -74.86 -84.25 34.62
C THR E 293 -76.17 -84.67 35.30
N CYS E 294 -76.91 -85.56 34.63
CA CYS E 294 -78.19 -86.05 35.13
C CYS E 294 -78.00 -87.03 36.30
N PRO E 295 -78.79 -86.86 37.36
CA PRO E 295 -78.76 -87.87 38.42
C PRO E 295 -79.19 -89.29 37.96
N THR E 296 -79.83 -89.40 36.80
CA THR E 296 -80.09 -90.72 36.25
C THR E 296 -78.76 -91.43 35.99
N ASN E 297 -77.82 -90.69 35.40
CA ASN E 297 -76.51 -91.21 35.05
C ASN E 297 -75.55 -91.18 36.22
N MET E 298 -75.63 -92.23 37.04
CA MET E 298 -74.80 -92.35 38.22
C MET E 298 -74.42 -93.81 38.44
N GLY E 299 -73.25 -94.05 39.00
CA GLY E 299 -72.77 -95.39 39.25
C GLY E 299 -72.08 -95.98 38.04
N THR E 300 -72.73 -96.99 37.44
CA THR E 300 -72.28 -97.51 36.16
C THR E 300 -72.56 -96.47 35.07
N VAL E 301 -73.62 -95.68 35.27
CA VAL E 301 -74.03 -94.66 34.29
C VAL E 301 -74.43 -95.32 32.97
N VAL E 302 -74.61 -96.63 33.02
CA VAL E 302 -74.84 -97.46 31.85
C VAL E 302 -76.32 -97.48 31.46
N ARG E 303 -76.58 -97.33 30.16
CA ARG E 303 -77.91 -97.52 29.60
C ARG E 303 -77.87 -98.48 28.41
N ALA E 304 -78.36 -99.69 28.62
CA ALA E 304 -78.44 -100.67 27.54
C ALA E 304 -79.86 -100.66 27.02
N SER E 305 -80.00 -100.65 25.70
CA SER E 305 -81.33 -100.59 25.09
C SER E 305 -81.45 -101.47 23.86
N VAL E 306 -82.67 -101.56 23.34
CA VAL E 306 -82.92 -102.24 22.07
C VAL E 306 -84.07 -101.56 21.35
N HIS E 307 -84.17 -101.81 20.04
CA HIS E 307 -85.31 -101.33 19.25
C HIS E 307 -86.28 -102.48 19.04
N LEU E 308 -87.31 -102.51 19.88
CA LEU E 308 -88.22 -103.65 19.97
C LEU E 308 -89.51 -103.37 19.21
N ARG E 309 -89.85 -104.24 18.27
CA ARG E 309 -91.09 -104.08 17.50
C ARG E 309 -92.27 -104.82 18.15
N LEU E 310 -93.19 -104.05 18.73
CA LEU E 310 -94.28 -104.61 19.53
C LEU E 310 -95.68 -104.33 18.96
N ALA E 311 -95.89 -104.71 17.70
CA ALA E 311 -97.14 -104.42 16.99
C ALA E 311 -98.38 -104.81 17.79
N PHE E 312 -98.29 -105.88 18.56
CA PHE E 312 -99.44 -106.35 19.34
C PHE E 312 -99.49 -105.82 20.78
N LEU E 313 -98.38 -105.93 21.50
CA LEU E 313 -98.35 -105.55 22.91
C LEU E 313 -98.61 -104.06 23.15
N GLU E 314 -98.24 -103.21 22.19
CA GLU E 314 -98.37 -101.77 22.38
C GLU E 314 -99.80 -101.30 22.64
N LYS E 315 -100.77 -102.07 22.14
CA LYS E 315 -102.20 -101.75 22.30
C LYS E 315 -102.75 -102.13 23.68
N HIS E 316 -102.12 -103.11 24.31
CA HIS E 316 -102.63 -103.67 25.56
C HIS E 316 -102.68 -102.63 26.67
N PRO E 317 -103.82 -102.56 27.39
CA PRO E 317 -104.01 -101.59 28.47
C PRO E 317 -103.04 -101.70 29.65
N ARG E 318 -102.22 -102.74 29.69
CA ARG E 318 -101.28 -102.93 30.81
C ARG E 318 -99.82 -102.95 30.37
N PHE E 319 -99.51 -102.23 29.28
CA PHE E 319 -98.19 -102.31 28.66
C PHE E 319 -97.18 -101.39 29.34
N ASP E 320 -97.61 -100.18 29.69
CA ASP E 320 -96.78 -99.24 30.45
C ASP E 320 -96.64 -99.68 31.90
N GLU E 321 -97.66 -100.34 32.43
CA GLU E 321 -97.66 -100.83 33.79
C GLU E 321 -96.68 -101.99 33.89
N MET E 322 -96.60 -102.77 32.82
CA MET E 322 -95.59 -103.84 32.73
C MET E 322 -94.16 -103.29 32.69
N LEU E 323 -93.87 -102.38 31.76
CA LEU E 323 -92.56 -101.76 31.68
C LEU E 323 -92.09 -101.26 33.05
N GLY E 324 -92.84 -100.32 33.61
CA GLY E 324 -92.52 -99.76 34.91
C GLY E 324 -92.17 -100.79 35.97
N LYS E 325 -92.97 -101.86 36.06
CA LYS E 325 -92.69 -102.97 36.99
C LYS E 325 -91.39 -103.72 36.66
N LEU E 326 -91.09 -103.92 35.37
CA LEU E 326 -89.84 -104.56 34.99
C LEU E 326 -88.64 -103.60 35.09
N ARG E 327 -88.91 -102.38 35.54
CA ARG E 327 -87.88 -101.36 35.72
C ARG E 327 -87.26 -100.93 34.40
N LEU E 328 -88.04 -100.98 33.33
CA LEU E 328 -87.54 -100.60 32.03
C LEU E 328 -88.05 -99.20 31.66
N GLY E 329 -87.18 -98.40 31.05
CA GLY E 329 -87.59 -97.14 30.48
C GLY E 329 -88.07 -97.33 29.06
N LYS E 330 -88.80 -96.36 28.54
CA LYS E 330 -89.35 -96.46 27.20
C LYS E 330 -89.11 -95.15 26.44
N ARG E 331 -88.57 -95.26 25.23
CA ARG E 331 -88.30 -94.08 24.42
C ARG E 331 -88.73 -94.29 22.97
N GLY E 332 -88.71 -93.23 22.18
CA GLY E 332 -89.07 -93.32 20.77
C GLY E 332 -87.93 -93.94 19.97
N THR E 333 -88.17 -94.20 18.69
CA THR E 333 -87.13 -94.79 17.84
C THR E 333 -86.05 -93.76 17.55
N GLY E 334 -86.35 -92.49 17.80
CA GLY E 334 -85.42 -91.41 17.56
C GLY E 334 -84.67 -91.00 18.82
N GLY E 335 -85.00 -91.67 19.93
CA GLY E 335 -84.41 -91.38 21.22
C GLY E 335 -85.37 -90.75 22.20
N GLU E 336 -84.83 -90.34 23.32
CA GLU E 336 -85.56 -89.68 24.38
C GLU E 336 -86.67 -88.75 23.90
N SER E 337 -86.31 -87.83 23.01
CA SER E 337 -87.27 -86.83 22.56
C SER E 337 -87.88 -87.17 21.21
N SER E 338 -88.53 -88.32 21.15
CA SER E 338 -89.28 -88.76 19.98
C SER E 338 -90.28 -89.79 20.47
N LEU E 339 -91.15 -90.23 19.56
CA LEU E 339 -92.13 -91.27 19.85
C LEU E 339 -91.80 -92.47 18.99
N ALA E 340 -92.45 -93.59 19.28
CA ALA E 340 -92.25 -94.83 18.52
C ALA E 340 -92.71 -94.67 17.09
N THR E 341 -91.89 -95.10 16.15
CA THR E 341 -92.33 -95.16 14.76
C THR E 341 -92.33 -96.62 14.34
N ASP E 342 -93.49 -97.10 13.93
CA ASP E 342 -93.63 -98.47 13.43
C ASP E 342 -93.82 -99.45 14.57
N SER E 343 -94.48 -99.01 15.63
CA SER E 343 -94.71 -99.86 16.80
C SER E 343 -93.39 -100.32 17.39
N THR E 344 -92.34 -99.54 17.18
CA THR E 344 -91.01 -99.98 17.56
C THR E 344 -90.43 -99.09 18.64
N TYR E 345 -90.02 -99.72 19.75
CA TYR E 345 -89.64 -98.96 20.92
C TYR E 345 -88.18 -99.10 21.32
N ASP E 346 -87.65 -98.00 21.85
CA ASP E 346 -86.38 -97.98 22.53
C ASP E 346 -86.71 -98.47 23.92
N ILE E 347 -86.37 -99.71 24.23
CA ILE E 347 -86.57 -100.25 25.58
C ILE E 347 -85.24 -100.47 26.30
N SER E 348 -85.14 -99.97 27.53
CA SER E 348 -83.86 -100.01 28.23
C SER E 348 -83.96 -100.07 29.74
N ASN E 349 -82.95 -100.62 30.39
CA ASN E 349 -82.90 -100.59 31.84
C ASN E 349 -83.09 -99.16 32.32
N TRP E 350 -83.85 -99.00 33.40
CA TRP E 350 -84.14 -97.69 33.97
C TRP E 350 -83.10 -97.25 35.02
N ALA E 351 -82.55 -98.21 35.77
CA ALA E 351 -81.62 -97.90 36.85
C ALA E 351 -80.18 -97.89 36.36
N ARG E 352 -79.30 -97.21 37.10
CA ARG E 352 -77.89 -97.18 36.74
C ARG E 352 -77.02 -97.33 37.99
N LEU E 353 -77.56 -96.87 39.12
CA LEU E 353 -76.91 -96.90 40.41
C LEU E 353 -77.52 -98.03 41.25
N GLY E 354 -76.67 -98.79 41.93
CA GLY E 354 -77.14 -99.86 42.82
C GLY E 354 -76.92 -101.27 42.31
N LYS E 355 -76.73 -101.40 40.99
CA LYS E 355 -76.42 -102.70 40.38
C LYS E 355 -75.25 -102.59 39.40
N SER E 356 -74.53 -103.69 39.19
CA SER E 356 -73.38 -103.68 38.29
C SER E 356 -73.83 -103.76 36.84
N GLU E 357 -72.96 -103.33 35.93
CA GLU E 357 -73.28 -103.31 34.51
C GLU E 357 -73.95 -104.61 34.06
N ARG E 358 -73.48 -105.72 34.62
CA ARG E 358 -73.95 -107.05 34.23
C ARG E 358 -75.37 -107.36 34.68
N GLU E 359 -75.70 -107.02 35.92
CA GLU E 359 -77.08 -107.18 36.40
C GLU E 359 -78.07 -106.38 35.55
N LEU E 360 -77.69 -105.14 35.25
CA LEU E 360 -78.56 -104.22 34.52
C LEU E 360 -78.77 -104.62 33.08
N VAL E 361 -77.84 -105.37 32.49
CA VAL E 361 -78.08 -105.89 31.16
C VAL E 361 -79.00 -107.07 31.28
N GLN E 362 -78.78 -107.90 32.30
CA GLN E 362 -79.66 -109.04 32.51
C GLN E 362 -81.11 -108.58 32.69
N VAL E 363 -81.35 -107.67 33.64
CA VAL E 363 -82.65 -107.02 33.80
C VAL E 363 -83.30 -106.61 32.46
N LEU E 364 -82.50 -106.17 31.51
CA LEU E 364 -83.02 -105.81 30.20
C LEU E 364 -83.43 -107.08 29.47
N VAL E 365 -82.49 -108.02 29.36
CA VAL E 365 -82.73 -109.30 28.71
C VAL E 365 -83.96 -110.02 29.30
N ASP E 366 -84.03 -110.08 30.62
CA ASP E 366 -85.15 -110.72 31.32
C ASP E 366 -86.47 -110.01 31.03
N GLY E 367 -86.39 -108.69 30.85
CA GLY E 367 -87.55 -107.87 30.55
C GLY E 367 -88.03 -108.03 29.13
N VAL E 368 -87.14 -107.84 28.19
CA VAL E 368 -87.47 -107.99 26.76
C VAL E 368 -88.06 -109.37 26.48
N ASN E 369 -87.46 -110.42 27.04
CA ASN E 369 -87.96 -111.78 26.83
C ASN E 369 -89.44 -111.90 27.17
N LEU E 370 -89.82 -111.43 28.35
CA LEU E 370 -91.24 -111.30 28.71
C LEU E 370 -92.02 -110.57 27.59
N LEU E 371 -91.63 -109.32 27.33
CA LEU E 371 -92.35 -108.46 26.38
C LEU E 371 -92.59 -109.13 25.04
N ILE E 372 -91.63 -109.91 24.56
CA ILE E 372 -91.83 -110.67 23.34
C ILE E 372 -92.86 -111.77 23.57
N ALA E 373 -92.70 -112.52 24.64
CA ALA E 373 -93.62 -113.61 24.94
C ALA E 373 -95.04 -113.06 24.90
N CYS E 374 -95.28 -112.01 25.70
CA CYS E 374 -96.55 -111.31 25.71
C CYS E 374 -97.04 -110.95 24.33
N ASP E 375 -96.21 -110.25 23.57
CA ASP E 375 -96.57 -109.90 22.19
C ASP E 375 -97.12 -111.11 21.47
N LYS E 376 -96.34 -112.19 21.49
CA LYS E 376 -96.69 -113.46 20.84
C LYS E 376 -98.07 -113.99 21.23
N LYS E 377 -98.36 -113.97 22.52
CA LYS E 377 -99.67 -114.38 23.01
C LYS E 377 -100.79 -113.57 22.36
N LEU E 378 -100.73 -112.26 22.51
CA LEU E 378 -101.74 -111.38 21.91
C LEU E 378 -101.88 -111.62 20.41
N GLU E 379 -100.76 -111.88 19.73
CA GLU E 379 -100.82 -112.15 18.29
C GLU E 379 -101.63 -113.39 17.97
N ALA E 380 -101.47 -114.44 18.78
CA ALA E 380 -102.19 -115.69 18.58
C ALA E 380 -103.66 -115.57 18.96
N GLY E 381 -104.00 -114.53 19.72
CA GLY E 381 -105.37 -114.31 20.14
C GLY E 381 -105.58 -114.68 21.61
N GLN E 382 -104.46 -114.82 22.32
CA GLN E 382 -104.45 -115.29 23.70
C GLN E 382 -104.28 -114.12 24.67
N SER E 383 -104.37 -114.39 25.96
CA SER E 383 -104.27 -113.31 26.94
C SER E 383 -103.04 -113.42 27.83
N ILE E 384 -102.65 -112.29 28.39
CA ILE E 384 -101.38 -112.15 29.09
C ILE E 384 -101.57 -111.59 30.48
N ASP E 385 -102.82 -111.45 30.91
CA ASP E 385 -103.13 -110.88 32.23
C ASP E 385 -102.28 -111.53 33.32
N ASP E 386 -102.19 -112.85 33.30
CA ASP E 386 -101.38 -113.58 34.28
C ASP E 386 -99.90 -113.19 34.19
N MET E 387 -99.42 -112.99 32.97
CA MET E 387 -98.01 -112.68 32.70
C MET E 387 -97.56 -111.33 33.26
N ILE E 388 -98.48 -110.37 33.37
CA ILE E 388 -98.11 -109.05 33.89
C ILE E 388 -97.58 -109.17 35.31
N PRO E 389 -96.39 -108.62 35.56
CA PRO E 389 -95.71 -108.77 36.85
C PRO E 389 -96.64 -108.47 38.02
N LYS E 390 -96.55 -109.26 39.09
CA LYS E 390 -97.34 -109.01 40.29
C LYS E 390 -96.71 -107.89 41.11
N GLN F 6 -73.77 -62.97 52.16
CA GLN F 6 -74.73 -62.66 51.12
C GLN F 6 -74.08 -62.00 49.89
N ASP F 7 -72.93 -61.37 50.11
CA ASP F 7 -72.18 -60.71 49.04
C ASP F 7 -71.63 -61.70 48.01
N TYR F 8 -71.12 -62.83 48.50
CA TYR F 8 -70.59 -63.87 47.64
C TYR F 8 -71.71 -64.47 46.79
N PHE F 9 -72.83 -64.78 47.44
CA PHE F 9 -73.97 -65.37 46.75
C PHE F 9 -74.43 -64.42 45.64
N VAL F 10 -74.65 -63.17 46.02
CA VAL F 10 -75.02 -62.13 45.05
C VAL F 10 -74.11 -62.14 43.83
N LYS F 11 -72.80 -62.11 44.05
CA LYS F 11 -71.86 -62.09 42.93
C LYS F 11 -71.73 -63.44 42.24
N ASN F 12 -72.50 -64.42 42.68
CA ASN F 12 -72.57 -65.73 42.01
C ASN F 12 -73.98 -66.04 41.50
N ARG F 13 -74.71 -64.97 41.16
CA ARG F 13 -76.11 -65.06 40.71
C ARG F 13 -76.29 -65.86 39.42
N VAL F 14 -75.24 -65.95 38.61
CA VAL F 14 -75.31 -66.68 37.35
C VAL F 14 -75.12 -68.21 37.50
N GLY F 15 -74.46 -68.65 38.56
CA GLY F 15 -74.31 -70.07 38.84
C GLY F 15 -73.36 -70.83 37.93
N HIS F 16 -72.51 -70.08 37.22
CA HIS F 16 -71.54 -70.66 36.29
C HIS F 16 -70.13 -70.63 36.85
N SER F 17 -69.19 -71.18 36.09
CA SER F 17 -67.78 -71.07 36.43
C SER F 17 -67.24 -69.71 36.01
N LYS F 18 -66.21 -69.25 36.70
CA LYS F 18 -65.62 -67.95 36.43
C LYS F 18 -64.19 -68.11 35.93
N PRO F 19 -64.02 -68.33 34.61
CA PRO F 19 -62.76 -68.69 33.94
C PRO F 19 -61.59 -67.73 34.17
N TRP F 20 -61.87 -66.54 34.69
CA TRP F 20 -60.84 -65.53 34.89
C TRP F 20 -60.19 -65.61 36.28
N GLU F 21 -60.94 -65.99 37.31
CA GLU F 21 -60.44 -65.84 38.67
C GLU F 21 -59.22 -66.72 39.04
N SER F 22 -59.39 -68.06 39.08
CA SER F 22 -58.32 -69.00 39.53
C SER F 22 -57.06 -69.07 38.68
N GLY F 23 -57.09 -68.49 37.49
CA GLY F 23 -55.88 -68.09 36.84
C GLY F 23 -55.21 -69.10 35.91
N LYS F 24 -55.84 -70.22 35.54
CA LYS F 24 -55.22 -71.08 34.54
C LYS F 24 -55.70 -70.72 33.15
N PHE F 25 -56.62 -69.75 33.11
CA PHE F 25 -57.14 -69.25 31.83
C PHE F 25 -56.87 -67.76 31.55
N LYS F 26 -56.45 -67.46 30.31
CA LYS F 26 -56.36 -66.10 29.81
C LYS F 26 -57.73 -65.77 29.24
N ALA F 27 -57.99 -64.48 29.04
CA ALA F 27 -59.22 -64.08 28.36
C ALA F 27 -59.19 -64.64 26.96
N ALA F 28 -57.97 -64.90 26.47
CA ALA F 28 -57.77 -65.44 25.14
C ALA F 28 -58.37 -66.83 25.02
N ASP F 29 -58.08 -67.70 25.98
CA ASP F 29 -58.58 -69.07 25.94
C ASP F 29 -60.11 -69.11 25.88
N ASN F 30 -60.74 -68.04 26.35
CA ASN F 30 -62.17 -68.06 26.57
C ASN F 30 -62.97 -67.28 25.52
N PHE F 31 -62.26 -66.65 24.59
CA PHE F 31 -62.88 -65.81 23.56
C PHE F 31 -63.71 -66.65 22.60
N PRO F 32 -64.97 -66.24 22.36
CA PRO F 32 -65.96 -66.92 21.52
C PRO F 32 -65.63 -66.90 20.03
N ASP F 33 -65.90 -68.01 19.32
CA ASP F 33 -65.67 -68.06 17.88
C ASP F 33 -66.89 -67.52 17.13
N LEU F 34 -66.75 -66.31 16.60
CA LEU F 34 -67.87 -65.61 15.98
C LEU F 34 -67.73 -65.58 14.44
N SER F 35 -67.01 -66.56 13.90
CA SER F 35 -66.74 -66.65 12.46
C SER F 35 -67.98 -66.70 11.58
N LYS F 36 -69.03 -67.36 12.08
CA LYS F 36 -70.23 -67.55 11.26
C LYS F 36 -71.43 -66.75 11.76
N HIS F 37 -71.19 -65.67 12.51
CA HIS F 37 -72.27 -64.88 13.10
C HIS F 37 -72.61 -63.59 12.36
N ASN F 38 -73.89 -63.21 12.39
CA ASN F 38 -74.34 -61.90 11.93
C ASN F 38 -75.29 -61.25 12.93
N ASN F 39 -74.73 -60.70 14.01
CA ASN F 39 -75.47 -59.84 14.92
C ASN F 39 -74.59 -58.67 15.39
N VAL F 40 -75.18 -57.70 16.10
CA VAL F 40 -74.45 -56.50 16.46
C VAL F 40 -73.38 -56.71 17.52
N MET F 41 -73.67 -57.57 18.50
CA MET F 41 -72.66 -57.99 19.46
C MET F 41 -71.42 -58.52 18.72
N ALA F 42 -71.64 -59.30 17.67
CA ALA F 42 -70.53 -59.91 16.94
C ALA F 42 -69.74 -58.89 16.10
N SER F 43 -70.38 -57.78 15.73
CA SER F 43 -69.71 -56.71 14.99
C SER F 43 -68.83 -55.83 15.87
N GLN F 44 -69.25 -55.64 17.12
CA GLN F 44 -68.65 -54.60 17.97
C GLN F 44 -67.68 -55.14 19.02
N LEU F 45 -67.71 -56.45 19.23
CA LEU F 45 -66.89 -57.08 20.23
C LEU F 45 -65.50 -57.34 19.66
N THR F 46 -64.49 -57.10 20.49
CA THR F 46 -63.09 -57.31 20.11
C THR F 46 -62.40 -58.01 21.26
N LYS F 47 -61.28 -58.67 20.98
CA LYS F 47 -60.53 -59.40 22.00
C LYS F 47 -59.92 -58.45 23.01
N GLU F 48 -59.72 -57.19 22.62
CA GLU F 48 -59.25 -56.20 23.58
C GLU F 48 -60.37 -55.81 24.54
N LEU F 49 -61.58 -55.65 24.02
CA LEU F 49 -62.75 -55.31 24.84
C LEU F 49 -63.11 -56.47 25.78
N TYR F 50 -63.00 -57.69 25.25
CA TYR F 50 -63.34 -58.87 26.03
C TYR F 50 -62.28 -59.15 27.08
N GLU F 51 -61.03 -58.85 26.75
CA GLU F 51 -59.95 -59.04 27.71
C GLU F 51 -60.19 -58.07 28.86
N LYS F 52 -60.70 -56.90 28.49
CA LYS F 52 -60.91 -55.80 29.43
C LYS F 52 -62.07 -56.08 30.40
N TYR F 53 -63.18 -56.56 29.87
CA TYR F 53 -64.42 -56.65 30.63
C TYR F 53 -64.78 -58.06 31.08
N TRP F 54 -64.17 -59.08 30.48
CA TRP F 54 -64.53 -60.46 30.81
C TRP F 54 -64.50 -60.76 32.31
N ASP F 55 -63.66 -60.06 33.06
CA ASP F 55 -63.64 -60.19 34.51
C ASP F 55 -64.23 -58.99 35.26
N LYS F 56 -65.12 -58.25 34.60
CA LYS F 56 -65.82 -57.16 35.28
C LYS F 56 -67.25 -57.57 35.71
N VAL F 57 -67.52 -57.53 37.01
CA VAL F 57 -68.78 -58.02 37.56
C VAL F 57 -69.59 -56.90 38.19
N THR F 58 -70.89 -56.83 37.88
CA THR F 58 -71.75 -55.78 38.43
C THR F 58 -72.16 -56.16 39.85
N PRO F 59 -72.59 -55.19 40.65
CA PRO F 59 -72.85 -55.40 42.08
C PRO F 59 -73.94 -56.44 42.35
N ASN F 60 -74.54 -56.98 41.29
CA ASN F 60 -75.68 -57.91 41.39
C ASN F 60 -75.31 -59.35 41.08
N GLY F 61 -74.18 -59.54 40.41
CA GLY F 61 -73.77 -60.85 39.96
C GLY F 61 -73.74 -60.97 38.44
N VAL F 62 -74.15 -59.91 37.73
CA VAL F 62 -74.10 -59.93 36.28
C VAL F 62 -72.67 -59.89 35.76
N THR F 63 -72.42 -60.59 34.65
CA THR F 63 -71.10 -60.72 34.08
C THR F 63 -71.14 -60.43 32.59
N PHE F 64 -69.98 -60.09 32.02
CA PHE F 64 -69.93 -59.70 30.61
C PHE F 64 -70.26 -60.86 29.65
N ASP F 65 -70.18 -62.08 30.15
CA ASP F 65 -70.54 -63.28 29.38
C ASP F 65 -72.03 -63.52 29.51
N LYS F 66 -72.65 -62.97 30.54
CA LYS F 66 -74.09 -63.10 30.73
C LYS F 66 -74.78 -62.13 29.78
N CYS F 67 -74.09 -61.06 29.43
CA CYS F 67 -74.63 -60.05 28.52
C CYS F 67 -74.50 -60.46 27.07
N ILE F 68 -73.43 -61.16 26.71
CA ILE F 68 -73.19 -61.50 25.31
C ILE F 68 -73.71 -62.89 24.91
N GLN F 69 -74.04 -63.72 25.90
CA GLN F 69 -74.41 -65.11 25.66
C GLN F 69 -75.49 -65.33 24.59
N THR F 70 -76.42 -64.39 24.46
CA THR F 70 -77.52 -64.54 23.50
C THR F 70 -77.03 -64.37 22.05
N GLY F 71 -75.93 -63.65 21.88
CA GLY F 71 -75.42 -63.35 20.56
C GLY F 71 -74.48 -64.44 20.12
N VAL F 72 -73.84 -65.09 21.08
CA VAL F 72 -72.99 -66.23 20.79
C VAL F 72 -73.85 -67.41 20.30
N ASP F 73 -74.92 -67.68 21.05
CA ASP F 73 -75.78 -68.84 20.79
C ASP F 73 -76.68 -68.64 19.57
N ASN F 74 -76.62 -67.45 18.97
CA ASN F 74 -77.56 -67.08 17.91
C ASN F 74 -76.95 -66.45 16.67
N PRO F 75 -76.11 -67.18 15.92
CA PRO F 75 -75.42 -66.59 14.76
C PRO F 75 -76.34 -65.97 13.68
N GLY F 76 -77.44 -66.63 13.34
CA GLY F 76 -78.34 -66.14 12.30
C GLY F 76 -79.81 -66.04 12.70
N ASN F 77 -80.63 -65.53 11.79
CA ASN F 77 -82.05 -65.23 12.06
C ASN F 77 -82.94 -65.79 10.94
N LYS F 78 -83.89 -66.65 11.32
CA LYS F 78 -84.78 -67.28 10.34
C LYS F 78 -85.79 -66.29 9.77
N PHE F 79 -85.84 -65.11 10.36
CA PHE F 79 -86.82 -64.11 10.00
C PHE F 79 -86.11 -62.86 9.49
N TYR F 80 -86.76 -61.70 9.53
CA TYR F 80 -86.19 -60.50 8.93
C TYR F 80 -85.22 -59.75 9.85
N GLY F 81 -84.19 -59.15 9.24
CA GLY F 81 -83.31 -58.23 9.93
C GLY F 81 -82.02 -58.77 10.53
N LYS F 82 -81.23 -57.86 11.09
CA LYS F 82 -80.00 -58.24 11.79
C LYS F 82 -80.22 -58.01 13.28
N LYS F 83 -79.86 -59.00 14.09
CA LYS F 83 -80.13 -58.96 15.53
C LYS F 83 -79.02 -58.31 16.36
N THR F 84 -79.39 -57.76 17.51
CA THR F 84 -78.45 -57.12 18.42
C THR F 84 -77.55 -58.13 19.09
N GLY F 85 -78.13 -59.14 19.73
CA GLY F 85 -77.34 -60.17 20.38
C GLY F 85 -76.67 -59.72 21.67
N CYS F 86 -77.43 -59.06 22.53
CA CYS F 86 -76.95 -58.75 23.88
C CYS F 86 -77.94 -57.95 24.69
N VAL F 87 -77.74 -58.00 26.00
CA VAL F 87 -78.70 -57.50 26.94
C VAL F 87 -78.02 -56.86 28.14
N PHE F 88 -78.64 -55.81 28.68
CA PHE F 88 -78.31 -55.34 30.01
C PHE F 88 -79.11 -56.24 30.94
N GLY F 89 -78.52 -56.56 32.10
CA GLY F 89 -79.13 -57.47 33.06
C GLY F 89 -79.45 -56.79 34.37
N ASP F 90 -78.88 -55.61 34.59
CA ASP F 90 -79.23 -54.77 35.71
C ASP F 90 -79.02 -53.31 35.37
N GLU F 91 -79.25 -52.41 36.33
CA GLU F 91 -79.12 -50.99 36.04
C GLU F 91 -77.67 -50.57 35.77
N TYR F 92 -76.76 -51.52 35.97
CA TYR F 92 -75.32 -51.23 35.98
C TYR F 92 -74.60 -51.64 34.72
N SER F 93 -75.13 -52.66 34.06
CA SER F 93 -74.54 -53.20 32.84
C SER F 93 -73.95 -52.11 31.96
N TYR F 94 -74.74 -51.07 31.68
CA TYR F 94 -74.36 -50.06 30.70
C TYR F 94 -72.99 -49.45 30.97
N GLU F 95 -72.83 -48.89 32.17
CA GLU F 95 -71.57 -48.25 32.52
C GLU F 95 -70.43 -49.26 32.59
N CYS F 96 -70.62 -50.30 33.40
CA CYS F 96 -69.68 -51.40 33.53
C CYS F 96 -68.95 -51.67 32.21
N TYR F 97 -69.70 -51.90 31.14
CA TYR F 97 -69.09 -52.27 29.87
C TYR F 97 -69.35 -51.25 28.79
N LYS F 98 -68.99 -49.99 29.08
CA LYS F 98 -69.44 -48.84 28.28
C LYS F 98 -68.66 -48.63 26.98
N GLU F 99 -67.46 -49.17 26.90
CA GLU F 99 -66.67 -49.07 25.69
C GLU F 99 -67.33 -49.94 24.62
N PHE F 100 -67.88 -51.07 25.07
CA PHE F 100 -68.54 -52.02 24.18
C PHE F 100 -69.96 -51.63 23.80
N PHE F 101 -70.74 -51.20 24.78
CA PHE F 101 -72.15 -50.92 24.52
C PHE F 101 -72.34 -49.69 23.63
N ASP F 102 -71.40 -48.76 23.72
CA ASP F 102 -71.49 -47.53 22.95
C ASP F 102 -71.46 -47.80 21.45
N LYS F 103 -70.74 -48.86 21.06
CA LYS F 103 -70.58 -49.22 19.66
C LYS F 103 -71.83 -49.90 19.09
N CYS F 104 -72.45 -50.76 19.90
CA CYS F 104 -73.73 -51.37 19.53
C CYS F 104 -74.75 -50.25 19.35
N ILE F 105 -74.88 -49.44 20.40
CA ILE F 105 -75.77 -48.30 20.42
C ILE F 105 -75.66 -47.37 19.20
N GLU F 106 -74.49 -47.33 18.58
CA GLU F 106 -74.26 -46.41 17.46
C GLU F 106 -74.60 -47.06 16.12
N GLU F 107 -74.30 -48.36 15.99
CA GLU F 107 -74.73 -49.11 14.83
C GLU F 107 -76.26 -49.09 14.74
N ILE F 108 -76.92 -49.20 15.88
CA ILE F 108 -78.38 -49.23 15.96
C ILE F 108 -79.06 -47.86 15.77
N HIS F 109 -78.81 -46.94 16.69
CA HIS F 109 -79.55 -45.68 16.71
C HIS F 109 -78.84 -44.52 16.01
N HIS F 110 -77.62 -44.75 15.52
CA HIS F 110 -76.84 -43.65 14.94
C HIS F 110 -76.72 -42.54 15.97
N PHE F 111 -76.33 -42.96 17.17
CA PHE F 111 -76.25 -42.09 18.34
C PHE F 111 -74.86 -42.30 18.88
N LYS F 112 -74.24 -41.23 19.41
CA LYS F 112 -72.82 -41.27 19.75
C LYS F 112 -72.52 -41.14 21.25
N PRO F 113 -71.29 -41.53 21.66
CA PRO F 113 -70.91 -41.44 23.06
C PRO F 113 -71.00 -40.01 23.59
N SER F 114 -71.00 -39.03 22.68
CA SER F 114 -71.08 -37.64 23.09
C SER F 114 -72.42 -36.99 22.80
N ASP F 115 -73.32 -37.73 22.17
CA ASP F 115 -74.70 -37.23 21.95
C ASP F 115 -75.51 -37.34 23.23
N LYS F 116 -76.73 -36.84 23.17
CA LYS F 116 -77.61 -36.85 24.34
C LYS F 116 -79.07 -36.98 23.89
N HIS F 117 -79.82 -37.86 24.56
CA HIS F 117 -81.26 -38.01 24.27
C HIS F 117 -82.03 -36.73 24.60
N PRO F 118 -82.89 -36.28 23.67
CA PRO F 118 -83.73 -35.08 23.78
C PRO F 118 -84.85 -35.15 24.81
N ALA F 119 -85.47 -34.00 25.06
CA ALA F 119 -86.66 -33.94 25.90
C ALA F 119 -87.82 -34.69 25.24
N PRO F 120 -88.63 -35.38 26.06
CA PRO F 120 -89.85 -36.10 25.64
C PRO F 120 -90.78 -35.22 24.82
N ASP F 121 -91.29 -35.76 23.71
CA ASP F 121 -92.24 -35.05 22.85
C ASP F 121 -93.44 -35.94 22.50
N LEU F 122 -94.54 -35.74 23.22
CA LEU F 122 -95.73 -36.58 23.09
C LEU F 122 -96.98 -35.84 22.59
N ASP F 123 -96.77 -34.69 21.96
CA ASP F 123 -97.88 -33.91 21.43
C ASP F 123 -98.30 -34.46 20.07
N HIS F 124 -99.29 -35.35 20.07
CA HIS F 124 -99.78 -35.97 18.85
C HIS F 124 -100.32 -34.94 17.87
N ASN F 125 -100.70 -33.78 18.39
CA ASN F 125 -101.22 -32.70 17.55
C ASN F 125 -100.15 -32.06 16.68
N LYS F 126 -98.89 -32.38 16.98
CA LYS F 126 -97.75 -31.87 16.24
C LYS F 126 -97.48 -32.82 15.08
N LEU F 127 -98.31 -33.85 14.96
CA LEU F 127 -98.13 -34.82 13.91
C LEU F 127 -98.76 -34.36 12.59
N VAL F 128 -98.01 -34.54 11.52
CA VAL F 128 -98.50 -34.22 10.19
C VAL F 128 -98.90 -35.52 9.51
N GLY F 129 -100.19 -35.62 9.17
CA GLY F 129 -100.74 -36.86 8.68
C GLY F 129 -100.85 -37.91 9.78
N GLY F 130 -100.71 -39.17 9.41
CA GLY F 130 -100.77 -40.25 10.37
C GLY F 130 -102.08 -41.02 10.30
N VAL F 131 -102.84 -40.79 9.22
CA VAL F 131 -104.12 -41.46 9.03
C VAL F 131 -104.21 -42.04 7.62
N PHE F 132 -103.91 -43.33 7.52
CA PHE F 132 -103.72 -43.96 6.23
C PHE F 132 -104.97 -44.67 5.73
N GLU F 133 -104.92 -45.10 4.48
CA GLU F 133 -106.04 -45.81 3.88
C GLU F 133 -106.19 -47.21 4.49
N ASP F 134 -107.34 -47.46 5.11
CA ASP F 134 -107.65 -48.77 5.66
C ASP F 134 -107.32 -49.85 4.63
N LYS F 135 -107.65 -49.58 3.37
CA LYS F 135 -107.25 -50.45 2.28
C LYS F 135 -105.83 -50.97 2.52
N TYR F 136 -104.88 -50.05 2.67
CA TYR F 136 -103.47 -50.41 2.84
C TYR F 136 -103.04 -50.78 4.29
N VAL F 137 -103.43 -49.96 5.26
CA VAL F 137 -103.12 -50.17 6.67
C VAL F 137 -104.29 -50.87 7.38
N LYS F 138 -104.01 -51.97 8.08
CA LYS F 138 -105.07 -52.77 8.69
C LYS F 138 -105.23 -52.52 10.20
N SER F 139 -104.16 -52.07 10.84
CA SER F 139 -104.21 -51.74 12.26
C SER F 139 -103.00 -50.96 12.72
N CYS F 140 -103.19 -50.21 13.80
CA CYS F 140 -102.12 -49.42 14.38
C CYS F 140 -101.79 -49.77 15.81
N ARG F 141 -100.51 -49.69 16.13
CA ARG F 141 -100.03 -50.07 17.45
C ARG F 141 -98.89 -49.12 17.82
N ILE F 142 -98.76 -48.84 19.10
CA ILE F 142 -97.68 -48.02 19.59
C ILE F 142 -97.28 -48.63 20.90
N ARG F 143 -96.00 -49.02 21.00
CA ARG F 143 -95.51 -49.69 22.19
C ARG F 143 -94.40 -48.89 22.84
N CYS F 144 -94.22 -49.05 24.15
CA CYS F 144 -92.98 -48.64 24.79
C CYS F 144 -92.75 -49.44 26.07
N GLY F 145 -91.48 -49.69 26.38
CA GLY F 145 -91.12 -50.49 27.53
C GLY F 145 -90.46 -49.63 28.58
N ARG F 146 -90.47 -50.14 29.81
CA ARG F 146 -89.99 -49.42 30.98
C ARG F 146 -89.40 -50.41 31.96
N SER F 147 -88.41 -49.98 32.73
CA SER F 147 -87.84 -50.83 33.78
C SER F 147 -88.19 -50.29 35.16
N VAL F 148 -88.11 -51.17 36.17
CA VAL F 148 -88.34 -50.80 37.57
C VAL F 148 -87.00 -50.64 38.30
N LYS F 149 -86.80 -49.48 38.90
CA LYS F 149 -85.48 -49.14 39.45
C LYS F 149 -85.06 -49.99 40.66
N GLY F 150 -83.78 -50.35 40.70
CA GLY F 150 -83.20 -51.07 41.83
C GLY F 150 -83.48 -52.56 41.82
N VAL F 151 -83.81 -53.07 40.64
CA VAL F 151 -84.13 -54.48 40.47
C VAL F 151 -83.46 -54.99 39.19
N CYS F 152 -82.85 -56.17 39.26
CA CYS F 152 -82.28 -56.75 38.08
C CYS F 152 -83.38 -56.84 37.02
N LEU F 153 -82.99 -56.83 35.75
CA LEU F 153 -83.92 -56.98 34.65
C LEU F 153 -84.31 -58.45 34.48
N PRO F 154 -85.28 -58.73 33.59
CA PRO F 154 -85.69 -60.11 33.32
C PRO F 154 -84.56 -61.08 32.99
N PRO F 155 -83.59 -60.67 32.14
CA PRO F 155 -82.55 -61.64 31.74
C PRO F 155 -81.95 -62.39 32.92
N ALA F 156 -81.84 -61.74 34.07
CA ALA F 156 -81.17 -62.33 35.23
C ALA F 156 -81.86 -62.03 36.56
N MET F 157 -83.09 -61.53 36.50
CA MET F 157 -83.85 -61.31 37.72
C MET F 157 -84.32 -62.64 38.30
N SER F 158 -84.40 -62.70 39.62
CA SER F 158 -84.82 -63.91 40.31
C SER F 158 -86.33 -64.03 40.38
N ARG F 159 -86.80 -65.12 40.97
CA ARG F 159 -88.22 -65.33 41.23
C ARG F 159 -88.83 -64.26 42.13
N ALA F 160 -88.13 -63.94 43.23
CA ALA F 160 -88.59 -62.95 44.17
C ALA F 160 -88.73 -61.58 43.53
N GLU F 161 -87.71 -61.21 42.75
CA GLU F 161 -87.74 -59.96 42.00
C GLU F 161 -88.87 -59.92 40.98
N ARG F 162 -89.20 -61.08 40.42
CA ARG F 162 -90.20 -61.09 39.38
C ARG F 162 -91.58 -60.98 40.05
N ARG F 163 -91.76 -61.74 41.12
CA ARG F 163 -92.94 -61.61 41.97
C ARG F 163 -93.15 -60.16 42.41
N LEU F 164 -92.09 -59.55 42.95
CA LEU F 164 -92.15 -58.14 43.36
C LEU F 164 -92.62 -57.23 42.22
N VAL F 165 -91.93 -57.28 41.08
CA VAL F 165 -92.31 -56.47 39.92
C VAL F 165 -93.81 -56.60 39.57
N GLU F 166 -94.27 -57.83 39.46
CA GLU F 166 -95.68 -58.10 39.20
C GLU F 166 -96.59 -57.43 40.24
N LYS F 167 -96.24 -57.60 41.52
CA LYS F 167 -97.04 -57.08 42.64
C LYS F 167 -97.16 -55.55 42.61
N VAL F 168 -96.01 -54.90 42.41
CA VAL F 168 -95.94 -53.46 42.36
C VAL F 168 -96.72 -52.91 41.17
N VAL F 169 -96.32 -53.31 39.97
CA VAL F 169 -96.97 -52.79 38.78
C VAL F 169 -98.50 -52.97 38.82
N SER F 170 -98.95 -54.20 39.00
CA SER F 170 -100.39 -54.50 38.94
C SER F 170 -101.19 -53.65 39.92
N ASP F 171 -100.69 -53.51 41.16
CA ASP F 171 -101.34 -52.64 42.14
C ASP F 171 -101.53 -51.22 41.58
N ALA F 172 -100.44 -50.63 41.12
CA ALA F 172 -100.45 -49.27 40.62
C ALA F 172 -101.28 -49.06 39.33
N LEU F 173 -101.46 -50.13 38.54
CA LEU F 173 -102.29 -50.07 37.33
C LEU F 173 -103.76 -50.23 37.66
N GLY F 174 -104.08 -50.19 38.95
CA GLY F 174 -105.45 -50.15 39.39
C GLY F 174 -105.87 -48.71 39.62
N GLY F 175 -104.88 -47.81 39.60
CA GLY F 175 -105.12 -46.38 39.71
C GLY F 175 -105.74 -45.81 38.45
N LEU F 176 -105.49 -46.46 37.33
CA LEU F 176 -106.01 -46.02 36.04
C LEU F 176 -107.54 -45.94 36.03
N LYS F 177 -108.07 -44.72 35.91
CA LYS F 177 -109.52 -44.49 35.94
C LYS F 177 -110.07 -43.96 34.63
N GLY F 178 -111.40 -43.96 34.51
CA GLY F 178 -112.08 -43.60 33.28
C GLY F 178 -111.91 -44.71 32.26
N ASP F 179 -111.70 -44.32 31.00
CA ASP F 179 -111.65 -45.29 29.91
C ASP F 179 -110.48 -46.25 30.03
N LEU F 180 -109.45 -45.82 30.76
CA LEU F 180 -108.27 -46.64 30.99
C LEU F 180 -108.37 -47.40 32.31
N ALA F 181 -109.60 -47.57 32.81
CA ALA F 181 -109.84 -48.48 33.93
C ALA F 181 -109.68 -49.90 33.41
N GLY F 182 -109.13 -50.78 34.23
CA GLY F 182 -108.83 -52.12 33.72
C GLY F 182 -108.59 -53.20 34.75
N LYS F 183 -108.59 -54.43 34.25
CA LYS F 183 -108.30 -55.60 35.09
C LYS F 183 -106.92 -56.20 34.79
N TYR F 184 -106.25 -56.67 35.83
CA TYR F 184 -105.01 -57.44 35.66
C TYR F 184 -105.34 -58.92 35.52
N TYR F 185 -104.56 -59.63 34.71
CA TYR F 185 -104.81 -61.04 34.47
C TYR F 185 -103.51 -61.85 34.57
N PRO F 186 -103.20 -62.34 35.77
CA PRO F 186 -102.00 -63.19 35.94
C PRO F 186 -102.07 -64.47 35.12
N LEU F 187 -101.03 -64.71 34.33
CA LEU F 187 -100.98 -65.78 33.35
C LEU F 187 -100.97 -67.20 33.91
N THR F 188 -100.63 -67.35 35.18
CA THR F 188 -100.64 -68.68 35.82
C THR F 188 -102.05 -69.24 35.87
N THR F 189 -103.00 -68.38 36.23
CA THR F 189 -104.40 -68.76 36.36
C THR F 189 -105.20 -68.61 35.05
N MET F 190 -104.52 -68.20 33.99
CA MET F 190 -105.18 -68.04 32.69
C MET F 190 -105.11 -69.32 31.85
N ASN F 191 -106.25 -69.99 31.67
CA ASN F 191 -106.28 -71.25 30.93
C ASN F 191 -105.74 -71.09 29.52
N GLU F 192 -105.52 -72.21 28.83
CA GLU F 192 -104.86 -72.16 27.52
C GLU F 192 -105.70 -71.57 26.39
N LYS F 193 -107.02 -71.72 26.47
CA LYS F 193 -107.86 -71.20 25.39
C LYS F 193 -107.98 -69.68 25.42
N ASP F 194 -108.01 -69.10 26.61
CA ASP F 194 -107.98 -67.65 26.76
C ASP F 194 -106.62 -67.08 26.33
N GLN F 195 -105.55 -67.81 26.66
CA GLN F 195 -104.18 -67.41 26.37
C GLN F 195 -103.85 -67.41 24.87
N GLU F 196 -104.31 -68.42 24.17
CA GLU F 196 -104.02 -68.59 22.74
C GLU F 196 -104.91 -67.69 21.89
N GLN F 197 -106.00 -67.22 22.49
CA GLN F 197 -106.93 -66.32 21.81
C GLN F 197 -106.37 -64.91 21.75
N LEU F 198 -106.07 -64.35 22.91
CA LEU F 198 -105.44 -63.03 23.02
C LEU F 198 -104.15 -62.86 22.20
N ILE F 199 -103.52 -63.97 21.82
CA ILE F 199 -102.30 -63.93 21.01
C ILE F 199 -102.61 -63.91 19.52
N GLU F 200 -103.66 -64.64 19.17
CA GLU F 200 -104.13 -64.79 17.80
C GLU F 200 -104.81 -63.51 17.37
N ASP F 201 -105.31 -62.77 18.35
CA ASP F 201 -105.93 -61.47 18.11
C ASP F 201 -104.87 -60.36 18.23
N HIS F 202 -103.72 -60.70 18.82
CA HIS F 202 -102.54 -59.81 18.88
C HIS F 202 -102.35 -58.98 20.17
N PHE F 203 -103.00 -59.35 21.27
CA PHE F 203 -102.96 -58.54 22.49
C PHE F 203 -101.97 -59.04 23.53
N LEU F 204 -101.55 -60.30 23.41
CA LEU F 204 -100.70 -60.88 24.43
C LEU F 204 -99.47 -61.51 23.80
N PHE F 205 -98.35 -61.38 24.49
CA PHE F 205 -97.11 -62.00 24.08
C PHE F 205 -97.29 -63.49 23.83
N GLU F 206 -96.49 -64.02 22.93
CA GLU F 206 -96.58 -65.43 22.56
C GLU F 206 -96.02 -66.28 23.69
N LYS F 207 -96.38 -67.55 23.68
CA LYS F 207 -95.68 -68.57 24.46
C LYS F 207 -94.19 -68.34 24.31
N PRO F 208 -93.39 -68.76 25.30
CA PRO F 208 -92.00 -68.34 25.37
C PRO F 208 -91.08 -69.20 24.49
N THR F 209 -91.06 -68.93 23.20
CA THR F 209 -90.22 -69.71 22.31
C THR F 209 -89.22 -68.83 21.57
N GLY F 210 -89.25 -67.53 21.88
CA GLY F 210 -88.34 -66.60 21.27
C GLY F 210 -86.87 -66.90 21.53
N ALA F 211 -86.11 -66.97 20.45
CA ALA F 211 -84.65 -67.10 20.52
C ALA F 211 -84.00 -66.23 21.59
N LEU F 212 -84.30 -64.93 21.57
CA LEU F 212 -83.75 -64.00 22.55
C LEU F 212 -84.30 -64.32 23.94
N LEU F 213 -85.61 -64.51 24.02
CA LEU F 213 -86.24 -64.79 25.29
C LEU F 213 -85.62 -66.01 25.95
N THR F 214 -85.67 -67.14 25.26
CA THR F 214 -85.12 -68.35 25.86
C THR F 214 -83.64 -68.20 26.20
N THR F 215 -82.79 -67.99 25.19
CA THR F 215 -81.33 -68.03 25.41
C THR F 215 -80.72 -66.87 26.18
N SER F 216 -81.53 -65.87 26.51
CA SER F 216 -81.04 -64.74 27.31
C SER F 216 -81.49 -64.87 28.77
N GLY F 217 -82.24 -65.92 29.07
CA GLY F 217 -82.62 -66.22 30.42
C GLY F 217 -83.85 -65.48 30.91
N CYS F 218 -84.69 -65.08 29.96
CA CYS F 218 -85.89 -64.30 30.27
C CYS F 218 -87.12 -65.19 30.33
N ALA F 219 -86.92 -66.47 30.03
CA ALA F 219 -88.01 -67.43 29.93
C ALA F 219 -88.04 -68.36 31.13
N ARG F 220 -87.42 -67.95 32.25
CA ARG F 220 -87.30 -68.81 33.42
C ARG F 220 -88.54 -68.80 34.31
N ASP F 221 -88.75 -69.90 35.04
CA ASP F 221 -89.81 -69.97 36.05
C ASP F 221 -91.22 -69.75 35.50
N TRP F 222 -91.34 -69.79 34.18
CA TRP F 222 -92.58 -69.46 33.47
C TRP F 222 -93.75 -70.30 33.96
N PRO F 223 -94.92 -69.67 34.23
CA PRO F 223 -95.32 -68.26 34.05
C PRO F 223 -95.17 -67.35 35.29
N ASP F 224 -94.83 -67.91 36.44
CA ASP F 224 -94.64 -67.16 37.68
C ASP F 224 -94.27 -65.69 37.41
N GLY F 225 -95.04 -64.74 37.94
CA GLY F 225 -94.70 -63.34 37.83
C GLY F 225 -95.17 -62.65 36.55
N ARG F 226 -95.70 -63.43 35.62
CA ARG F 226 -96.10 -62.90 34.31
C ARG F 226 -97.60 -62.52 34.24
N GLY F 227 -98.01 -61.84 33.17
CA GLY F 227 -99.42 -61.53 32.95
C GLY F 227 -99.73 -60.32 32.07
N ILE F 228 -100.99 -60.22 31.61
CA ILE F 228 -101.47 -59.03 30.90
C ILE F 228 -102.52 -58.26 31.70
N TRP F 229 -102.40 -56.94 31.68
CA TRP F 229 -103.39 -56.07 32.25
C TRP F 229 -104.05 -55.35 31.06
N HIS F 230 -105.34 -55.06 31.14
CA HIS F 230 -105.96 -54.27 30.06
C HIS F 230 -107.37 -53.71 30.35
N ASN F 231 -107.66 -52.56 29.75
CA ASN F 231 -108.98 -51.93 29.87
C ASN F 231 -110.03 -52.69 29.07
N ASN F 232 -111.29 -52.54 29.47
CA ASN F 232 -112.41 -53.25 28.84
C ASN F 232 -112.32 -53.35 27.33
N GLU F 233 -111.85 -52.28 26.67
CA GLU F 233 -111.84 -52.23 25.21
C GLU F 233 -110.64 -52.93 24.55
N LYS F 234 -109.68 -53.40 25.38
CA LYS F 234 -108.43 -53.96 24.85
C LYS F 234 -107.78 -53.08 23.77
N ASN F 235 -107.94 -51.77 23.88
CA ASN F 235 -107.22 -50.86 22.98
C ASN F 235 -106.04 -50.23 23.68
N PHE F 236 -105.97 -50.43 25.00
CA PHE F 236 -104.83 -50.01 25.81
C PHE F 236 -104.48 -51.10 26.83
N LEU F 237 -103.29 -51.67 26.68
CA LEU F 237 -102.87 -52.83 27.47
C LEU F 237 -101.44 -52.62 27.92
N VAL F 238 -101.08 -53.32 29.00
CA VAL F 238 -99.73 -53.28 29.53
C VAL F 238 -99.26 -54.71 29.76
N TRP F 239 -98.23 -55.15 29.03
CA TRP F 239 -97.56 -56.43 29.34
C TRP F 239 -96.73 -56.38 30.64
N ILE F 240 -96.72 -57.50 31.36
CA ILE F 240 -95.94 -57.58 32.60
C ILE F 240 -94.93 -58.73 32.60
N ASN F 241 -93.65 -58.37 32.67
CA ASN F 241 -92.56 -59.32 32.87
C ASN F 241 -92.37 -60.35 31.75
N GLU F 242 -92.48 -59.92 30.50
CA GLU F 242 -92.08 -60.80 29.39
C GLU F 242 -90.59 -60.60 29.10
N GLU F 243 -90.26 -59.83 28.06
CA GLU F 243 -88.87 -59.46 27.82
C GLU F 243 -88.47 -58.38 28.81
N ASP F 244 -89.43 -57.48 29.09
CA ASP F 244 -89.18 -56.32 29.92
C ASP F 244 -90.14 -56.26 31.11
N HIS F 245 -89.74 -55.57 32.17
CA HIS F 245 -90.63 -55.45 33.32
C HIS F 245 -91.99 -55.00 32.81
N ILE F 246 -91.98 -53.91 32.05
CA ILE F 246 -93.20 -53.20 31.65
C ILE F 246 -93.31 -52.91 30.14
N ARG F 247 -94.50 -53.12 29.58
CA ARG F 247 -94.78 -52.75 28.19
C ARG F 247 -96.15 -52.06 28.01
N VAL F 248 -96.12 -50.74 27.76
CA VAL F 248 -97.34 -49.94 27.64
C VAL F 248 -97.85 -49.82 26.19
N ILE F 249 -98.82 -50.66 25.82
CA ILE F 249 -99.29 -50.80 24.44
C ILE F 249 -100.64 -50.18 24.16
N SER F 250 -100.72 -49.36 23.12
CA SER F 250 -101.97 -48.76 22.67
C SER F 250 -102.27 -49.23 21.24
N MET F 251 -103.43 -49.83 21.01
CA MET F 251 -103.65 -50.45 19.71
C MET F 251 -105.11 -50.49 19.20
N GLN F 252 -105.25 -50.60 17.88
CA GLN F 252 -106.53 -50.78 17.25
C GLN F 252 -106.44 -51.05 15.73
N LYS F 253 -107.49 -51.63 15.17
CA LYS F 253 -107.57 -51.85 13.72
C LYS F 253 -107.87 -50.53 12.99
N GLY F 254 -107.58 -50.48 11.70
CA GLY F 254 -107.70 -49.25 10.94
C GLY F 254 -106.40 -48.45 10.95
N GLY F 255 -106.33 -47.44 10.07
CA GLY F 255 -105.14 -46.63 9.90
C GLY F 255 -105.04 -45.28 10.62
N ASP F 256 -105.91 -45.01 11.59
CA ASP F 256 -105.78 -43.78 12.38
C ASP F 256 -104.62 -43.94 13.35
N LEU F 257 -103.40 -43.79 12.83
CA LEU F 257 -102.21 -43.94 13.62
C LEU F 257 -102.21 -42.86 14.71
N LYS F 258 -102.71 -41.69 14.37
CA LYS F 258 -102.68 -40.54 15.26
C LYS F 258 -103.55 -40.72 16.50
N ALA F 259 -104.66 -41.45 16.35
CA ALA F 259 -105.55 -41.71 17.47
C ALA F 259 -104.86 -42.59 18.50
N VAL F 260 -104.12 -43.58 17.98
CA VAL F 260 -103.38 -44.53 18.80
C VAL F 260 -102.34 -43.82 19.65
N PHE F 261 -101.65 -42.86 19.04
CA PHE F 261 -100.63 -42.06 19.72
C PHE F 261 -101.26 -41.20 20.80
N SER F 262 -102.44 -40.66 20.49
CA SER F 262 -103.21 -39.83 21.42
C SER F 262 -103.42 -40.57 22.74
N ARG F 263 -104.07 -41.73 22.66
CA ARG F 263 -104.29 -42.56 23.82
C ARG F 263 -102.99 -43.04 24.44
N PHE F 264 -102.02 -43.40 23.60
CA PHE F 264 -100.70 -43.77 24.11
C PHE F 264 -100.19 -42.71 25.08
N ALA F 265 -100.14 -41.47 24.62
CA ALA F 265 -99.56 -40.40 25.41
C ALA F 265 -100.28 -40.27 26.74
N ARG F 266 -101.61 -40.23 26.68
CA ARG F 266 -102.45 -40.10 27.88
C ARG F 266 -102.28 -41.32 28.77
N GLY F 267 -102.20 -42.49 28.15
CA GLY F 267 -102.01 -43.73 28.88
C GLY F 267 -100.64 -43.84 29.52
N LEU F 268 -99.61 -43.41 28.79
CA LEU F 268 -98.23 -43.49 29.26
C LEU F 268 -97.91 -42.47 30.36
N LEU F 269 -98.56 -41.33 30.33
CA LEU F 269 -98.32 -40.30 31.35
C LEU F 269 -98.99 -40.68 32.67
N GLU F 270 -100.10 -41.40 32.57
CA GLU F 270 -100.86 -41.82 33.73
C GLU F 270 -100.17 -42.97 34.45
N VAL F 271 -99.51 -43.82 33.69
CA VAL F 271 -98.81 -44.97 34.23
C VAL F 271 -97.59 -44.50 35.02
N GLU F 272 -96.74 -43.73 34.35
CA GLU F 272 -95.57 -43.17 35.00
C GLU F 272 -95.92 -42.37 36.26
N ARG F 273 -97.08 -41.72 36.28
CA ARG F 273 -97.52 -40.91 37.41
C ARG F 273 -98.00 -41.78 38.56
N LEU F 274 -98.51 -42.96 38.24
CA LEU F 274 -99.00 -43.88 39.25
C LEU F 274 -97.89 -44.76 39.81
N MET F 275 -96.82 -44.93 39.04
CA MET F 275 -95.63 -45.63 39.50
C MET F 275 -94.81 -44.72 40.41
N LYS F 276 -94.83 -43.44 40.11
CA LYS F 276 -94.09 -42.45 40.88
C LYS F 276 -94.83 -42.15 42.17
N GLU F 277 -96.14 -42.36 42.14
CA GLU F 277 -96.99 -42.10 43.30
C GLU F 277 -96.76 -43.19 44.33
N CYS F 278 -96.58 -44.42 43.86
CA CYS F 278 -96.41 -45.56 44.75
C CYS F 278 -94.95 -45.72 45.17
N GLY F 279 -94.12 -44.76 44.78
CA GLY F 279 -92.74 -44.70 45.25
C GLY F 279 -91.75 -45.60 44.52
N HIS F 280 -92.07 -45.96 43.28
CA HIS F 280 -91.16 -46.78 42.48
C HIS F 280 -90.63 -46.00 41.28
N GLY F 281 -89.32 -45.78 41.25
CA GLY F 281 -88.71 -45.07 40.15
C GLY F 281 -88.44 -45.98 38.97
N LEU F 282 -88.49 -45.42 37.78
CA LEU F 282 -88.18 -46.16 36.55
C LEU F 282 -86.69 -46.03 36.18
N MET F 283 -86.10 -47.14 35.72
CA MET F 283 -84.70 -47.16 35.33
C MET F 283 -84.41 -46.06 34.28
N HIS F 284 -83.50 -45.15 34.59
CA HIS F 284 -83.34 -43.92 33.80
C HIS F 284 -81.90 -43.37 33.75
N ASN F 285 -81.40 -43.11 32.54
CA ASN F 285 -80.06 -42.58 32.33
C ASN F 285 -80.07 -41.16 31.72
N ASP F 286 -79.27 -40.27 32.30
CA ASP F 286 -79.31 -38.86 31.93
C ASP F 286 -78.95 -38.60 30.47
N ARG F 287 -78.13 -39.48 29.90
CA ARG F 287 -77.65 -39.32 28.54
C ARG F 287 -78.53 -40.14 27.59
N LEU F 288 -79.03 -41.27 28.09
CA LEU F 288 -79.69 -42.26 27.25
C LEU F 288 -81.21 -42.30 27.36
N GLY F 289 -81.76 -41.76 28.45
CA GLY F 289 -83.19 -41.78 28.67
C GLY F 289 -83.62 -43.02 29.45
N TYR F 290 -84.52 -43.80 28.85
CA TYR F 290 -85.00 -45.03 29.49
C TYR F 290 -84.15 -46.27 29.14
N ILE F 291 -84.09 -47.20 30.09
CA ILE F 291 -83.25 -48.39 29.99
C ILE F 291 -84.01 -49.68 30.23
N CYS F 292 -83.98 -50.58 29.25
CA CYS F 292 -84.61 -51.88 29.40
C CYS F 292 -83.64 -53.02 29.10
N THR F 293 -84.19 -54.17 28.71
CA THR F 293 -83.40 -55.36 28.43
C THR F 293 -82.44 -55.24 27.23
N CYS F 294 -82.99 -54.89 26.07
CA CYS F 294 -82.23 -54.87 24.82
C CYS F 294 -81.78 -53.44 24.47
N PRO F 295 -80.50 -53.27 24.10
CA PRO F 295 -80.00 -51.95 23.71
C PRO F 295 -80.86 -51.25 22.63
N THR F 296 -81.58 -52.02 21.82
CA THR F 296 -82.49 -51.43 20.84
C THR F 296 -83.61 -50.68 21.56
N ASN F 297 -83.87 -51.10 22.80
CA ASN F 297 -84.97 -50.55 23.56
C ASN F 297 -84.47 -49.57 24.61
N MET F 298 -84.34 -48.33 24.17
CA MET F 298 -83.66 -47.27 24.92
C MET F 298 -84.16 -45.91 24.47
N GLY F 299 -83.94 -44.90 25.30
CA GLY F 299 -84.46 -43.58 25.04
C GLY F 299 -85.95 -43.52 25.30
N THR F 300 -86.71 -43.37 24.23
CA THR F 300 -88.16 -43.48 24.28
C THR F 300 -88.54 -44.93 24.61
N VAL F 301 -87.78 -45.85 24.04
CA VAL F 301 -88.12 -47.29 24.02
C VAL F 301 -89.40 -47.55 23.20
N VAL F 302 -89.61 -46.77 22.15
CA VAL F 302 -90.87 -46.82 21.41
C VAL F 302 -90.84 -47.57 20.08
N ARG F 303 -91.89 -48.37 19.87
CA ARG F 303 -92.08 -49.07 18.60
C ARG F 303 -93.50 -48.81 18.10
N ALA F 304 -93.68 -47.68 17.42
CA ALA F 304 -94.92 -47.40 16.72
C ALA F 304 -94.91 -48.20 15.44
N SER F 305 -96.00 -48.92 15.19
CA SER F 305 -96.04 -49.93 14.14
C SER F 305 -97.35 -49.91 13.38
N VAL F 306 -97.28 -50.30 12.11
CA VAL F 306 -98.47 -50.53 11.30
C VAL F 306 -98.44 -51.93 10.70
N HIS F 307 -99.64 -52.39 10.29
CA HIS F 307 -99.78 -53.55 9.44
C HIS F 307 -100.12 -53.05 8.05
N LEU F 308 -99.16 -53.23 7.14
CA LEU F 308 -99.20 -52.62 5.83
C LEU F 308 -99.28 -53.71 4.77
N ARG F 309 -100.22 -53.61 3.84
CA ARG F 309 -100.27 -54.60 2.76
C ARG F 309 -99.58 -54.13 1.48
N LEU F 310 -98.56 -54.87 1.06
CA LEU F 310 -97.71 -54.46 -0.04
C LEU F 310 -97.56 -55.56 -1.09
N ALA F 311 -98.68 -55.97 -1.69
CA ALA F 311 -98.68 -57.04 -2.69
C ALA F 311 -97.69 -56.78 -3.82
N PHE F 312 -97.64 -55.53 -4.28
CA PHE F 312 -96.79 -55.16 -5.40
C PHE F 312 -95.35 -54.83 -4.99
N LEU F 313 -95.19 -53.90 -4.06
CA LEU F 313 -93.85 -53.47 -3.65
C LEU F 313 -92.97 -54.65 -3.23
N GLU F 314 -93.49 -55.51 -2.35
CA GLU F 314 -92.75 -56.65 -1.83
C GLU F 314 -92.02 -57.46 -2.92
N LYS F 315 -92.57 -57.46 -4.13
CA LYS F 315 -91.96 -58.19 -5.24
C LYS F 315 -90.82 -57.42 -5.89
N HIS F 316 -90.59 -56.18 -5.44
CA HIS F 316 -89.60 -55.30 -6.06
C HIS F 316 -88.23 -55.39 -5.39
N PRO F 317 -87.16 -55.54 -6.20
CA PRO F 317 -85.75 -55.77 -5.86
C PRO F 317 -85.04 -54.72 -4.97
N ARG F 318 -85.67 -53.58 -4.69
CA ARG F 318 -85.07 -52.58 -3.80
C ARG F 318 -86.01 -52.24 -2.64
N PHE F 319 -86.92 -53.16 -2.37
CA PHE F 319 -87.84 -53.05 -1.25
C PHE F 319 -87.09 -52.85 0.06
N ASP F 320 -86.23 -53.81 0.39
CA ASP F 320 -85.47 -53.79 1.63
C ASP F 320 -84.62 -52.53 1.76
N GLU F 321 -83.75 -52.31 0.78
CA GLU F 321 -82.91 -51.12 0.71
C GLU F 321 -83.72 -49.84 0.99
N MET F 322 -84.94 -49.78 0.48
CA MET F 322 -85.83 -48.66 0.77
C MET F 322 -86.06 -48.55 2.28
N LEU F 323 -86.46 -49.67 2.88
CA LEU F 323 -86.73 -49.74 4.30
C LEU F 323 -85.52 -49.31 5.12
N GLY F 324 -84.34 -49.76 4.69
CA GLY F 324 -83.11 -49.38 5.35
C GLY F 324 -82.86 -47.88 5.32
N LYS F 325 -83.18 -47.25 4.20
CA LYS F 325 -82.95 -45.81 4.03
C LYS F 325 -84.06 -44.95 4.63
N LEU F 326 -85.24 -45.54 4.82
CA LEU F 326 -86.29 -44.88 5.60
C LEU F 326 -86.09 -45.18 7.09
N ARG F 327 -85.02 -45.92 7.39
CA ARG F 327 -84.69 -46.27 8.76
C ARG F 327 -85.84 -47.05 9.39
N LEU F 328 -86.54 -47.84 8.57
CA LEU F 328 -87.67 -48.61 9.07
C LEU F 328 -87.32 -50.08 9.35
N GLY F 329 -88.08 -50.69 10.27
CA GLY F 329 -87.85 -52.05 10.72
C GLY F 329 -88.93 -53.00 10.25
N LYS F 330 -88.50 -54.15 9.73
CA LYS F 330 -89.39 -55.09 9.07
C LYS F 330 -89.58 -56.38 9.87
N ARG F 331 -90.85 -56.68 10.15
CA ARG F 331 -91.26 -57.88 10.86
C ARG F 331 -92.50 -58.45 10.18
N GLY F 332 -92.82 -59.71 10.47
CA GLY F 332 -93.97 -60.39 9.86
C GLY F 332 -95.29 -59.89 10.44
N THR F 333 -96.35 -60.67 10.26
CA THR F 333 -97.68 -60.30 10.76
C THR F 333 -97.91 -60.66 12.24
N GLY F 334 -97.49 -61.86 12.63
CA GLY F 334 -97.56 -62.26 14.02
C GLY F 334 -96.50 -61.54 14.84
N GLY F 335 -95.52 -60.98 14.14
CA GLY F 335 -94.51 -60.16 14.79
C GLY F 335 -93.07 -60.51 14.47
N GLU F 336 -92.24 -60.39 15.51
CA GLU F 336 -90.80 -60.47 15.37
C GLU F 336 -90.29 -61.83 14.91
N SER F 337 -90.94 -62.89 15.37
CA SER F 337 -90.47 -64.22 15.03
C SER F 337 -91.40 -64.92 14.04
N SER F 338 -92.05 -64.12 13.19
CA SER F 338 -92.92 -64.62 12.12
C SER F 338 -92.53 -63.99 10.79
N LEU F 339 -93.23 -64.37 9.73
CA LEU F 339 -93.02 -63.79 8.40
C LEU F 339 -94.33 -63.24 7.84
N ALA F 340 -94.28 -62.68 6.64
CA ALA F 340 -95.46 -62.03 6.07
C ALA F 340 -96.59 -63.00 5.74
N THR F 341 -97.82 -62.50 5.86
CA THR F 341 -98.98 -63.24 5.40
C THR F 341 -99.82 -62.29 4.56
N ASP F 342 -100.05 -62.69 3.31
CA ASP F 342 -100.91 -61.91 2.43
C ASP F 342 -100.25 -60.56 2.15
N SER F 343 -98.94 -60.58 1.96
CA SER F 343 -98.17 -59.38 1.66
C SER F 343 -98.35 -58.28 2.71
N THR F 344 -98.78 -58.67 3.91
CA THR F 344 -98.87 -57.73 5.01
C THR F 344 -97.58 -57.81 5.86
N TYR F 345 -97.06 -56.66 6.25
CA TYR F 345 -95.82 -56.58 7.00
C TYR F 345 -95.99 -55.66 8.19
N ASP F 346 -95.32 -55.98 9.30
CA ASP F 346 -95.23 -55.09 10.45
C ASP F 346 -94.07 -54.14 10.17
N ILE F 347 -94.39 -52.93 9.70
CA ILE F 347 -93.41 -51.90 9.43
C ILE F 347 -93.44 -50.90 10.59
N SER F 348 -92.26 -50.40 10.98
CA SER F 348 -92.17 -49.54 12.15
C SER F 348 -90.84 -48.81 12.20
N ASN F 349 -90.76 -47.79 13.07
CA ASN F 349 -89.51 -47.06 13.28
C ASN F 349 -88.38 -47.89 13.91
N TRP F 350 -87.27 -47.96 13.18
CA TRP F 350 -86.13 -48.80 13.59
C TRP F 350 -85.40 -48.30 14.85
N ALA F 351 -85.22 -46.98 14.99
CA ALA F 351 -84.44 -46.42 16.10
C ALA F 351 -85.31 -45.85 17.21
N ARG F 352 -84.80 -45.85 18.44
CA ARG F 352 -85.59 -45.41 19.58
C ARG F 352 -84.81 -44.46 20.47
N LEU F 353 -83.60 -44.11 20.03
CA LEU F 353 -82.71 -43.26 20.82
C LEU F 353 -82.22 -42.07 20.00
N GLY F 354 -82.19 -40.89 20.60
CA GLY F 354 -81.62 -39.72 19.95
C GLY F 354 -82.64 -38.82 19.28
N LYS F 355 -83.88 -39.28 19.26
CA LYS F 355 -84.99 -38.51 18.73
C LYS F 355 -86.18 -38.65 19.66
N SER F 356 -87.03 -37.63 19.67
CA SER F 356 -88.22 -37.60 20.51
C SER F 356 -89.26 -38.60 20.02
N GLU F 357 -90.30 -38.79 20.82
CA GLU F 357 -91.38 -39.71 20.46
C GLU F 357 -92.20 -39.27 19.23
N ARG F 358 -92.43 -37.98 19.08
CA ARG F 358 -93.14 -37.51 17.89
C ARG F 358 -92.27 -37.54 16.62
N GLU F 359 -90.99 -37.22 16.78
CA GLU F 359 -90.04 -37.31 15.66
C GLU F 359 -89.95 -38.73 15.09
N LEU F 360 -90.30 -39.72 15.91
CA LEU F 360 -90.16 -41.13 15.56
C LEU F 360 -91.44 -41.70 14.94
N VAL F 361 -92.58 -41.39 15.56
CA VAL F 361 -93.87 -41.65 14.94
C VAL F 361 -93.83 -41.10 13.52
N GLN F 362 -93.18 -39.95 13.36
CA GLN F 362 -93.19 -39.25 12.09
C GLN F 362 -92.27 -39.89 11.04
N VAL F 363 -91.27 -40.63 11.51
CA VAL F 363 -90.45 -41.41 10.60
C VAL F 363 -91.31 -42.53 10.03
N LEU F 364 -92.13 -43.13 10.90
CA LEU F 364 -93.09 -44.15 10.46
C LEU F 364 -94.09 -43.57 9.46
N VAL F 365 -94.78 -42.49 9.85
CA VAL F 365 -95.73 -41.81 8.98
C VAL F 365 -95.13 -41.48 7.61
N ASP F 366 -94.09 -40.66 7.60
CA ASP F 366 -93.40 -40.30 6.37
C ASP F 366 -93.01 -41.55 5.59
N GLY F 367 -92.28 -42.44 6.27
CA GLY F 367 -91.88 -43.72 5.69
C GLY F 367 -93.04 -44.43 5.03
N VAL F 368 -94.00 -44.88 5.83
CA VAL F 368 -95.16 -45.61 5.32
C VAL F 368 -95.83 -44.89 4.14
N ASN F 369 -95.79 -43.55 4.14
CA ASN F 369 -96.33 -42.78 3.02
C ASN F 369 -95.66 -43.07 1.68
N LEU F 370 -94.34 -43.14 1.68
CA LEU F 370 -93.61 -43.47 0.45
C LEU F 370 -93.94 -44.88 -0.07
N LEU F 371 -93.75 -45.89 0.78
CA LEU F 371 -94.02 -47.28 0.39
C LEU F 371 -95.40 -47.40 -0.26
N ILE F 372 -96.42 -46.83 0.38
CA ILE F 372 -97.77 -46.82 -0.19
C ILE F 372 -97.78 -46.17 -1.58
N ALA F 373 -97.10 -45.04 -1.71
CA ALA F 373 -96.93 -44.38 -3.00
C ALA F 373 -96.38 -45.34 -4.05
N CYS F 374 -95.25 -45.98 -3.75
CA CYS F 374 -94.61 -46.91 -4.68
C CYS F 374 -95.47 -48.14 -4.99
N ASP F 375 -96.16 -48.64 -3.95
CA ASP F 375 -97.10 -49.74 -4.13
C ASP F 375 -98.17 -49.37 -5.16
N LYS F 376 -98.51 -48.08 -5.21
CA LYS F 376 -99.49 -47.55 -6.17
C LYS F 376 -98.90 -47.37 -7.59
N LYS F 377 -97.63 -46.96 -7.66
CA LYS F 377 -96.95 -46.79 -8.94
C LYS F 377 -96.73 -48.11 -9.66
N LEU F 378 -96.24 -49.11 -8.93
CA LEU F 378 -95.96 -50.42 -9.51
C LEU F 378 -97.26 -51.11 -9.96
N GLU F 379 -98.37 -50.70 -9.36
CA GLU F 379 -99.67 -51.28 -9.70
C GLU F 379 -100.16 -50.76 -11.06
N ALA F 380 -99.82 -49.51 -11.37
CA ALA F 380 -100.13 -48.94 -12.68
C ALA F 380 -99.01 -49.28 -13.68
N GLY F 381 -98.05 -50.08 -13.23
CA GLY F 381 -96.97 -50.53 -14.09
C GLY F 381 -95.91 -49.48 -14.36
N GLN F 382 -95.70 -48.60 -13.39
CA GLN F 382 -94.76 -47.51 -13.54
C GLN F 382 -93.45 -47.78 -12.80
N SER F 383 -92.42 -46.97 -13.05
CA SER F 383 -91.11 -47.18 -12.43
C SER F 383 -90.86 -46.23 -11.27
N ILE F 384 -90.39 -46.77 -10.15
CA ILE F 384 -90.13 -45.98 -8.94
C ILE F 384 -88.63 -45.74 -8.72
N ASP F 385 -87.84 -45.99 -9.76
CA ASP F 385 -86.40 -45.81 -9.68
C ASP F 385 -86.04 -44.47 -9.03
N ASP F 386 -86.85 -43.45 -9.30
CA ASP F 386 -86.57 -42.10 -8.84
C ASP F 386 -87.00 -41.85 -7.39
N MET F 387 -87.94 -42.65 -6.90
CA MET F 387 -88.57 -42.38 -5.61
C MET F 387 -87.83 -43.01 -4.43
N ILE F 388 -86.98 -44.00 -4.72
CA ILE F 388 -86.18 -44.62 -3.68
C ILE F 388 -85.10 -43.66 -3.17
N PRO F 389 -84.98 -43.54 -1.84
CA PRO F 389 -84.01 -42.61 -1.24
C PRO F 389 -82.59 -42.77 -1.80
N LYS F 390 -81.96 -41.65 -2.12
CA LYS F 390 -80.62 -41.63 -2.70
C LYS F 390 -79.54 -42.06 -1.70
N LYS G 24 -78.47 37.15 -71.64
CA LYS G 24 -77.51 37.95 -72.40
C LYS G 24 -76.07 37.87 -71.85
N PHE G 25 -75.92 37.36 -70.63
CA PHE G 25 -74.58 37.24 -70.02
C PHE G 25 -74.12 35.78 -69.88
N LYS G 26 -72.80 35.60 -69.70
CA LYS G 26 -72.23 34.30 -69.36
C LYS G 26 -71.97 34.24 -67.86
N ALA G 27 -71.66 33.04 -67.37
CA ALA G 27 -71.31 32.86 -65.96
C ALA G 27 -70.02 33.62 -65.64
N ALA G 28 -69.10 33.67 -66.60
CA ALA G 28 -67.85 34.39 -66.44
C ALA G 28 -68.09 35.87 -66.16
N ASP G 29 -69.20 36.39 -66.71
CA ASP G 29 -69.61 37.78 -66.47
C ASP G 29 -69.94 38.04 -65.01
N ASN G 30 -70.60 37.07 -64.38
CA ASN G 30 -71.10 37.25 -63.02
C ASN G 30 -70.19 36.64 -61.96
N PHE G 31 -69.07 36.06 -62.37
CA PHE G 31 -68.15 35.48 -61.41
C PHE G 31 -67.68 36.59 -60.49
N PRO G 32 -67.84 36.40 -59.18
CA PRO G 32 -67.54 37.44 -58.19
C PRO G 32 -66.04 37.67 -58.06
N ASP G 33 -65.64 38.91 -57.79
CA ASP G 33 -64.23 39.24 -57.59
C ASP G 33 -63.79 38.88 -56.16
N LEU G 34 -63.05 37.79 -56.03
CA LEU G 34 -62.74 37.24 -54.71
C LEU G 34 -61.28 37.35 -54.26
N SER G 35 -60.56 38.36 -54.75
CA SER G 35 -59.13 38.49 -54.47
C SER G 35 -58.80 38.79 -53.01
N LYS G 36 -59.58 39.67 -52.41
CA LYS G 36 -59.23 40.18 -51.10
C LYS G 36 -59.80 39.29 -50.00
N HIS G 37 -60.58 38.28 -50.42
CA HIS G 37 -61.39 37.46 -49.51
C HIS G 37 -60.67 36.33 -48.74
N ASN G 38 -61.08 36.13 -47.50
CA ASN G 38 -60.57 35.03 -46.72
C ASN G 38 -61.69 34.37 -45.95
N ASN G 39 -62.45 33.56 -46.66
CA ASN G 39 -63.49 32.77 -46.04
C ASN G 39 -63.54 31.45 -46.78
N VAL G 40 -64.27 30.49 -46.22
CA VAL G 40 -64.25 29.13 -46.78
C VAL G 40 -64.86 29.06 -48.17
N MET G 41 -65.74 30.00 -48.49
CA MET G 41 -66.28 30.07 -49.84
C MET G 41 -65.16 30.40 -50.85
N ALA G 42 -64.44 31.50 -50.61
CA ALA G 42 -63.36 31.93 -51.51
C ALA G 42 -62.27 30.87 -51.72
N SER G 43 -62.15 29.92 -50.80
CA SER G 43 -61.15 28.87 -50.90
C SER G 43 -61.59 27.73 -51.82
N GLN G 44 -62.90 27.51 -51.86
CA GLN G 44 -63.44 26.32 -52.49
C GLN G 44 -64.06 26.60 -53.84
N LEU G 45 -64.60 27.81 -54.00
CA LEU G 45 -65.22 28.18 -55.28
C LEU G 45 -64.20 28.27 -56.42
N THR G 46 -64.58 27.69 -57.55
CA THR G 46 -63.78 27.80 -58.76
C THR G 46 -64.62 28.50 -59.82
N LYS G 47 -64.01 28.77 -60.98
CA LYS G 47 -64.77 29.31 -62.08
C LYS G 47 -65.63 28.20 -62.66
N GLU G 48 -65.09 26.98 -62.70
CA GLU G 48 -65.82 25.84 -63.22
C GLU G 48 -67.11 25.66 -62.44
N LEU G 49 -66.97 25.49 -61.13
CA LEU G 49 -68.12 25.26 -60.28
C LEU G 49 -69.16 26.36 -60.42
N TYR G 50 -68.70 27.60 -60.49
CA TYR G 50 -69.63 28.73 -60.63
C TYR G 50 -70.34 28.67 -61.97
N GLU G 51 -69.66 28.21 -63.01
CA GLU G 51 -70.30 28.07 -64.31
C GLU G 51 -71.42 27.03 -64.26
N LYS G 52 -71.20 25.95 -63.52
CA LYS G 52 -72.18 24.86 -63.43
C LYS G 52 -73.45 25.28 -62.68
N TYR G 53 -73.29 25.69 -61.43
CA TYR G 53 -74.42 25.90 -60.52
C TYR G 53 -75.03 27.29 -60.61
N TRP G 54 -74.44 28.18 -61.39
CA TRP G 54 -74.87 29.57 -61.38
C TRP G 54 -76.31 29.80 -61.86
N ASP G 55 -76.83 28.85 -62.65
CA ASP G 55 -78.17 28.98 -63.22
C ASP G 55 -79.12 27.89 -62.75
N LYS G 56 -78.63 27.04 -61.86
CA LYS G 56 -79.45 26.01 -61.24
C LYS G 56 -80.24 26.62 -60.07
N VAL G 57 -81.54 26.39 -60.05
CA VAL G 57 -82.35 26.79 -58.91
C VAL G 57 -82.93 25.57 -58.21
N THR G 58 -83.26 25.73 -56.93
CA THR G 58 -83.88 24.66 -56.16
C THR G 58 -85.42 24.79 -56.28
N PRO G 59 -86.16 23.75 -55.87
CA PRO G 59 -87.63 23.80 -55.95
C PRO G 59 -88.22 25.06 -55.33
N ASN G 60 -87.59 25.57 -54.27
CA ASN G 60 -88.10 26.71 -53.52
C ASN G 60 -87.71 28.08 -54.07
N GLY G 61 -87.02 28.09 -55.20
CA GLY G 61 -86.64 29.34 -55.84
C GLY G 61 -85.38 29.97 -55.24
N VAL G 62 -84.46 29.12 -54.79
CA VAL G 62 -83.21 29.60 -54.24
C VAL G 62 -82.10 29.37 -55.23
N THR G 63 -81.25 30.39 -55.39
CA THR G 63 -80.16 30.36 -56.35
C THR G 63 -78.79 30.08 -55.71
N PHE G 64 -77.76 30.07 -56.55
CA PHE G 64 -76.41 29.80 -56.08
C PHE G 64 -75.72 31.08 -55.61
N ASP G 65 -76.18 32.23 -56.10
CA ASP G 65 -75.65 33.49 -55.62
C ASP G 65 -76.13 33.81 -54.21
N LYS G 66 -77.44 33.70 -53.99
CA LYS G 66 -78.00 33.82 -52.66
C LYS G 66 -77.24 32.91 -51.66
N CYS G 67 -76.67 31.81 -52.14
CA CYS G 67 -75.95 30.90 -51.25
C CYS G 67 -74.55 31.42 -50.88
N ILE G 68 -73.90 32.10 -51.82
CA ILE G 68 -72.55 32.61 -51.57
C ILE G 68 -72.51 34.10 -51.21
N GLN G 69 -73.64 34.79 -51.38
CA GLN G 69 -73.68 36.23 -51.13
C GLN G 69 -72.93 36.71 -49.88
N THR G 70 -73.18 36.08 -48.73
CA THR G 70 -72.55 36.55 -47.50
C THR G 70 -71.02 36.58 -47.65
N GLY G 71 -70.44 35.51 -48.19
CA GLY G 71 -69.02 35.45 -48.48
C GLY G 71 -68.49 36.57 -49.36
N VAL G 72 -69.21 36.90 -50.42
CA VAL G 72 -68.80 37.99 -51.31
C VAL G 72 -68.85 39.32 -50.56
N ASP G 73 -69.81 39.46 -49.66
CA ASP G 73 -70.00 40.70 -48.93
C ASP G 73 -69.08 40.81 -47.71
N ASN G 74 -68.25 39.80 -47.47
CA ASN G 74 -67.39 39.80 -46.26
C ASN G 74 -65.96 39.29 -46.47
N PRO G 75 -65.11 40.09 -47.13
CA PRO G 75 -63.75 39.67 -47.48
C PRO G 75 -62.89 39.28 -46.27
N GLY G 76 -63.28 39.72 -45.08
CA GLY G 76 -62.43 39.56 -43.92
C GLY G 76 -63.16 39.35 -42.60
N ASN G 77 -62.40 39.43 -41.51
CA ASN G 77 -62.93 39.17 -40.18
C ASN G 77 -62.21 39.97 -39.11
N LYS G 78 -62.97 40.78 -38.39
CA LYS G 78 -62.46 41.62 -37.32
C LYS G 78 -62.20 40.83 -36.04
N PHE G 79 -62.80 39.65 -35.93
CA PHE G 79 -62.73 38.88 -34.70
C PHE G 79 -61.88 37.63 -34.85
N TYR G 80 -62.29 36.54 -34.21
CA TYR G 80 -61.51 35.30 -34.26
C TYR G 80 -62.08 34.31 -35.27
N GLY G 81 -61.19 33.74 -36.08
CA GLY G 81 -61.55 32.69 -37.02
C GLY G 81 -61.69 33.07 -38.50
N LYS G 82 -61.64 32.05 -39.35
CA LYS G 82 -61.88 32.26 -40.77
C LYS G 82 -63.29 31.86 -41.14
N LYS G 83 -64.13 32.87 -41.39
CA LYS G 83 -65.56 32.68 -41.63
C LYS G 83 -65.86 31.75 -42.80
N THR G 84 -67.05 31.15 -42.77
CA THR G 84 -67.48 30.21 -43.82
C THR G 84 -67.86 30.94 -45.12
N GLY G 85 -68.66 31.98 -45.01
CA GLY G 85 -69.07 32.78 -46.16
C GLY G 85 -70.19 32.24 -47.04
N CYS G 86 -70.89 31.19 -46.59
CA CYS G 86 -71.97 30.61 -47.39
C CYS G 86 -73.03 29.87 -46.56
N VAL G 87 -74.26 29.90 -47.06
CA VAL G 87 -75.40 29.27 -46.37
C VAL G 87 -76.19 28.31 -47.27
N PHE G 88 -77.10 27.58 -46.63
CA PHE G 88 -78.25 26.99 -47.31
C PHE G 88 -79.46 27.85 -46.92
N GLY G 89 -80.37 28.06 -47.87
CA GLY G 89 -81.53 28.89 -47.64
C GLY G 89 -82.81 28.06 -47.65
N ASP G 90 -82.67 26.80 -48.03
CA ASP G 90 -83.77 25.84 -47.97
C ASP G 90 -83.22 24.44 -47.84
N GLU G 91 -84.12 23.50 -47.60
CA GLU G 91 -83.82 22.09 -47.41
C GLU G 91 -83.11 21.44 -48.60
N TYR G 92 -83.21 22.06 -49.77
CA TYR G 92 -82.77 21.44 -51.02
C TYR G 92 -81.41 21.91 -51.50
N SER G 93 -80.87 22.91 -50.81
CA SER G 93 -79.62 23.56 -51.24
C SER G 93 -78.47 22.58 -51.37
N TYR G 94 -78.17 21.84 -50.31
CA TYR G 94 -77.02 20.95 -50.34
C TYR G 94 -76.91 20.11 -51.61
N GLU G 95 -77.92 19.32 -51.93
CA GLU G 95 -77.76 18.40 -53.04
C GLU G 95 -77.74 19.10 -54.40
N CYS G 96 -78.40 20.25 -54.48
CA CYS G 96 -78.37 21.08 -55.68
C CYS G 96 -77.00 21.72 -55.89
N TYR G 97 -76.21 21.88 -54.84
CA TYR G 97 -74.89 22.50 -55.00
C TYR G 97 -73.82 21.66 -54.36
N LYS G 98 -74.07 20.36 -54.30
CA LYS G 98 -73.27 19.43 -53.57
C LYS G 98 -71.77 19.65 -53.79
N GLU G 99 -71.32 19.43 -55.03
CA GLU G 99 -69.89 19.43 -55.36
C GLU G 99 -69.12 20.59 -54.75
N PHE G 100 -69.77 21.74 -54.65
CA PHE G 100 -69.18 22.91 -54.00
C PHE G 100 -69.22 22.74 -52.46
N PHE G 101 -70.41 22.57 -51.90
CA PHE G 101 -70.55 22.47 -50.45
C PHE G 101 -69.70 21.37 -49.85
N ASP G 102 -69.53 20.27 -50.57
CA ASP G 102 -68.71 19.16 -50.06
C ASP G 102 -67.29 19.63 -49.78
N LYS G 103 -66.80 20.56 -50.59
CA LYS G 103 -65.46 21.10 -50.41
C LYS G 103 -65.34 21.84 -49.08
N CYS G 104 -66.32 22.71 -48.84
CA CYS G 104 -66.36 23.50 -47.61
C CYS G 104 -66.50 22.59 -46.40
N ILE G 105 -67.39 21.62 -46.52
CA ILE G 105 -67.71 20.69 -45.43
C ILE G 105 -66.47 19.93 -44.98
N GLU G 106 -65.66 19.55 -45.96
CA GLU G 106 -64.44 18.82 -45.69
C GLU G 106 -63.45 19.68 -44.92
N GLU G 107 -63.16 20.87 -45.44
CA GLU G 107 -62.24 21.79 -44.77
C GLU G 107 -62.69 22.13 -43.35
N ILE G 108 -63.99 22.34 -43.16
CA ILE G 108 -64.49 22.64 -41.82
C ILE G 108 -64.40 21.44 -40.86
N HIS G 109 -64.92 20.31 -41.31
CA HIS G 109 -65.13 19.17 -40.41
C HIS G 109 -64.09 18.08 -40.62
N HIS G 110 -63.35 18.16 -41.72
CA HIS G 110 -62.34 17.16 -42.06
C HIS G 110 -63.03 15.90 -42.57
N PHE G 111 -64.21 16.11 -43.17
CA PHE G 111 -65.18 15.08 -43.54
C PHE G 111 -65.31 14.98 -45.05
N LYS G 112 -65.09 13.77 -45.58
CA LYS G 112 -65.09 13.54 -47.02
C LYS G 112 -66.46 13.09 -47.55
N PRO G 113 -66.73 13.38 -48.84
CA PRO G 113 -67.98 12.96 -49.49
C PRO G 113 -68.25 11.46 -49.32
N SER G 114 -67.17 10.72 -49.03
CA SER G 114 -67.21 9.27 -48.94
C SER G 114 -67.46 8.79 -47.52
N ASP G 115 -67.34 9.71 -46.56
CA ASP G 115 -67.59 9.42 -45.15
C ASP G 115 -69.10 9.37 -44.89
N LYS G 116 -69.45 9.12 -43.63
CA LYS G 116 -70.85 9.17 -43.20
C LYS G 116 -70.87 9.52 -41.71
N HIS G 117 -71.82 10.35 -41.32
CA HIS G 117 -71.97 10.77 -39.92
C HIS G 117 -72.43 9.57 -39.07
N PRO G 118 -71.78 9.37 -37.92
CA PRO G 118 -72.12 8.24 -37.04
C PRO G 118 -73.50 8.32 -36.38
N ALA G 119 -73.83 7.28 -35.63
CA ALA G 119 -75.10 7.22 -34.93
C ALA G 119 -75.03 8.01 -33.63
N PRO G 120 -76.12 8.74 -33.30
CA PRO G 120 -76.24 9.61 -32.14
C PRO G 120 -75.72 8.97 -30.86
N ASP G 121 -75.05 9.75 -30.02
CA ASP G 121 -74.56 9.24 -28.75
C ASP G 121 -74.72 10.30 -27.67
N LEU G 122 -75.86 10.29 -26.99
CA LEU G 122 -76.15 11.27 -25.96
C LEU G 122 -75.85 10.71 -24.57
N ASP G 123 -75.38 9.47 -24.53
CA ASP G 123 -75.05 8.84 -23.27
C ASP G 123 -74.06 9.73 -22.54
N HIS G 124 -74.58 10.55 -21.64
CA HIS G 124 -73.81 11.56 -20.92
C HIS G 124 -73.07 10.99 -19.71
N ASN G 125 -73.28 9.70 -19.43
CA ASN G 125 -72.62 9.05 -18.30
C ASN G 125 -71.21 8.59 -18.65
N LYS G 126 -71.01 8.30 -19.94
CA LYS G 126 -69.73 7.78 -20.43
C LYS G 126 -68.66 8.86 -20.52
N LEU G 127 -69.06 10.10 -20.23
CA LEU G 127 -68.13 11.22 -20.26
C LEU G 127 -67.12 11.09 -19.12
N VAL G 128 -65.84 11.11 -19.48
CA VAL G 128 -64.77 11.07 -18.49
C VAL G 128 -64.37 12.50 -18.13
N GLY G 129 -64.38 12.82 -16.84
CA GLY G 129 -64.16 14.19 -16.40
C GLY G 129 -65.32 15.11 -16.75
N GLY G 130 -65.06 16.41 -16.79
CA GLY G 130 -66.08 17.37 -17.15
C GLY G 130 -66.66 18.14 -15.97
N VAL G 131 -65.93 18.16 -14.86
CA VAL G 131 -66.26 19.02 -13.72
C VAL G 131 -65.05 19.86 -13.38
N PHE G 132 -64.97 21.04 -13.97
CA PHE G 132 -63.77 21.87 -13.88
C PHE G 132 -63.70 22.74 -12.62
N GLU G 133 -62.47 23.10 -12.26
CA GLU G 133 -62.25 24.04 -11.18
C GLU G 133 -62.99 25.33 -11.51
N ASP G 134 -63.63 25.94 -10.51
CA ASP G 134 -64.32 27.21 -10.72
C ASP G 134 -63.34 28.34 -11.00
N LYS G 135 -62.10 28.16 -10.55
CA LYS G 135 -61.05 29.15 -10.76
C LYS G 135 -60.83 29.41 -12.25
N TYR G 136 -60.97 28.36 -13.06
CA TYR G 136 -60.72 28.46 -14.50
C TYR G 136 -62.01 28.54 -15.32
N VAL G 137 -62.98 27.67 -15.03
CA VAL G 137 -64.21 27.64 -15.82
C VAL G 137 -65.36 28.40 -15.15
N LYS G 138 -65.78 29.48 -15.81
CA LYS G 138 -66.79 30.41 -15.28
C LYS G 138 -68.24 30.02 -15.66
N SER G 139 -68.42 29.44 -16.84
CA SER G 139 -69.71 28.81 -17.17
C SER G 139 -69.70 27.85 -18.34
N CYS G 140 -70.59 26.88 -18.30
CA CYS G 140 -70.60 25.78 -19.27
C CYS G 140 -71.94 25.81 -19.96
N ARG G 141 -71.93 25.50 -21.26
CA ARG G 141 -73.09 25.66 -22.11
C ARG G 141 -73.03 24.75 -23.33
N ILE G 142 -74.08 23.98 -23.56
CA ILE G 142 -74.14 23.17 -24.77
C ILE G 142 -75.34 23.56 -25.58
N ARG G 143 -75.22 23.40 -26.89
CA ARG G 143 -76.20 23.88 -27.85
C ARG G 143 -76.15 23.03 -29.14
N CYS G 144 -77.26 23.02 -29.87
CA CYS G 144 -77.32 22.52 -31.25
C CYS G 144 -78.45 23.26 -31.99
N GLY G 145 -78.49 23.14 -33.30
CA GLY G 145 -79.56 23.73 -34.08
C GLY G 145 -80.39 22.67 -34.78
N ARG G 146 -81.64 23.02 -35.10
CA ARG G 146 -82.53 22.13 -35.84
C ARG G 146 -83.39 22.92 -36.85
N SER G 147 -83.64 22.33 -38.01
CA SER G 147 -84.43 23.01 -39.02
C SER G 147 -85.72 22.27 -39.32
N VAL G 148 -86.83 23.02 -39.37
CA VAL G 148 -88.13 22.45 -39.74
C VAL G 148 -88.22 22.18 -41.24
N LYS G 149 -88.34 20.90 -41.58
CA LYS G 149 -88.49 20.45 -42.96
C LYS G 149 -89.75 20.98 -43.63
N GLY G 150 -89.65 21.27 -44.93
CA GLY G 150 -90.81 21.72 -45.70
C GLY G 150 -91.05 23.22 -45.63
N VAL G 151 -90.00 23.95 -45.26
CA VAL G 151 -90.05 25.40 -45.18
C VAL G 151 -88.63 25.94 -45.35
N CYS G 152 -88.49 27.06 -46.06
CA CYS G 152 -87.20 27.68 -46.25
C CYS G 152 -86.50 27.97 -44.92
N LEU G 153 -85.17 27.93 -44.97
CA LEU G 153 -84.33 28.30 -43.84
C LEU G 153 -84.39 29.80 -43.70
N PRO G 154 -83.83 30.34 -42.61
CA PRO G 154 -83.92 31.79 -42.40
C PRO G 154 -83.40 32.75 -43.51
N PRO G 155 -82.41 32.34 -44.32
CA PRO G 155 -81.90 33.35 -45.28
C PRO G 155 -82.88 33.67 -46.42
N ALA G 156 -83.70 32.70 -46.80
CA ALA G 156 -84.58 32.86 -47.94
C ALA G 156 -86.08 32.74 -47.60
N MET G 157 -86.41 32.61 -46.31
CA MET G 157 -87.80 32.36 -45.90
C MET G 157 -88.65 33.62 -45.84
N SER G 158 -89.93 33.48 -46.16
CA SER G 158 -90.88 34.60 -46.18
C SER G 158 -91.38 34.89 -44.77
N ARG G 159 -92.02 36.05 -44.60
CA ARG G 159 -92.62 36.40 -43.31
C ARG G 159 -93.59 35.32 -42.86
N ALA G 160 -94.41 34.81 -43.78
CA ALA G 160 -95.39 33.78 -43.45
C ALA G 160 -94.72 32.55 -42.86
N GLU G 161 -93.90 31.88 -43.67
CA GLU G 161 -93.10 30.73 -43.22
C GLU G 161 -92.49 30.92 -41.85
N ARG G 162 -91.96 32.11 -41.59
CA ARG G 162 -91.34 32.42 -40.33
C ARG G 162 -92.39 32.35 -39.24
N ARG G 163 -93.57 32.86 -39.55
CA ARG G 163 -94.68 32.90 -38.60
C ARG G 163 -95.23 31.50 -38.35
N LEU G 164 -95.09 30.63 -39.33
CA LEU G 164 -95.54 29.24 -39.18
C LEU G 164 -94.62 28.44 -38.24
N VAL G 165 -93.31 28.64 -38.40
CA VAL G 165 -92.35 27.90 -37.59
C VAL G 165 -92.46 28.35 -36.13
N GLU G 166 -92.72 29.63 -35.92
CA GLU G 166 -92.99 30.13 -34.59
C GLU G 166 -94.12 29.32 -33.95
N LYS G 167 -95.30 29.38 -34.57
CA LYS G 167 -96.46 28.63 -34.09
C LYS G 167 -96.08 27.18 -33.81
N VAL G 168 -95.73 26.47 -34.88
CA VAL G 168 -95.38 25.06 -34.85
C VAL G 168 -94.47 24.70 -33.68
N VAL G 169 -93.41 25.48 -33.48
CA VAL G 169 -92.41 25.18 -32.47
C VAL G 169 -92.89 25.51 -31.06
N SER G 170 -93.26 26.77 -30.86
CA SER G 170 -93.71 27.25 -29.55
C SER G 170 -94.90 26.44 -29.01
N ASP G 171 -95.66 25.85 -29.92
CA ASP G 171 -96.78 24.99 -29.57
C ASP G 171 -96.30 23.67 -29.01
N ALA G 172 -95.31 23.07 -29.67
CA ALA G 172 -94.76 21.79 -29.25
C ALA G 172 -94.03 21.93 -27.93
N LEU G 173 -93.34 23.05 -27.76
CA LEU G 173 -92.62 23.35 -26.53
C LEU G 173 -93.59 23.47 -25.35
N GLY G 174 -94.87 23.63 -25.66
CA GLY G 174 -95.88 23.73 -24.64
C GLY G 174 -96.05 22.41 -23.91
N GLY G 175 -95.54 21.33 -24.48
CA GLY G 175 -95.71 20.02 -23.89
C GLY G 175 -94.47 19.42 -23.23
N LEU G 176 -93.59 20.28 -22.74
CA LEU G 176 -92.38 19.81 -22.04
C LEU G 176 -92.67 19.53 -20.56
N LYS G 177 -92.32 18.33 -20.11
CA LYS G 177 -92.68 17.90 -18.76
C LYS G 177 -91.55 17.99 -17.73
N GLY G 178 -91.92 18.30 -16.50
CA GLY G 178 -90.98 18.39 -15.39
C GLY G 178 -90.31 19.74 -15.34
N ASP G 179 -89.04 19.75 -14.96
CA ASP G 179 -88.21 20.96 -14.94
C ASP G 179 -87.98 21.49 -16.36
N LEU G 180 -88.44 20.75 -17.36
CA LEU G 180 -88.34 21.22 -18.73
C LEU G 180 -89.57 22.05 -19.13
N ALA G 181 -90.58 22.06 -18.25
CA ALA G 181 -91.78 22.88 -18.46
C ALA G 181 -91.45 24.36 -18.33
N GLY G 182 -91.82 25.13 -19.35
CA GLY G 182 -91.48 26.54 -19.39
C GLY G 182 -92.47 27.41 -20.16
N LYS G 183 -91.96 28.54 -20.63
CA LYS G 183 -92.81 29.51 -21.30
C LYS G 183 -92.10 30.07 -22.53
N TYR G 184 -92.88 30.42 -23.55
CA TYR G 184 -92.33 31.12 -24.70
C TYR G 184 -92.43 32.62 -24.49
N TYR G 185 -91.43 33.34 -24.96
CA TYR G 185 -91.43 34.80 -24.91
C TYR G 185 -91.14 35.36 -26.31
N PRO G 186 -92.17 35.93 -26.95
CA PRO G 186 -91.93 36.56 -28.26
C PRO G 186 -91.06 37.81 -28.11
N LEU G 187 -90.37 38.19 -29.18
CA LEU G 187 -89.44 39.31 -29.15
C LEU G 187 -90.14 40.66 -29.42
N THR G 188 -91.30 40.60 -30.07
CA THR G 188 -92.04 41.83 -30.41
C THR G 188 -92.79 42.44 -29.23
N THR G 189 -93.06 41.64 -28.19
CA THR G 189 -93.69 42.16 -26.98
C THR G 189 -92.72 42.26 -25.82
N MET G 190 -91.44 42.03 -26.07
CA MET G 190 -90.43 42.12 -25.02
C MET G 190 -89.82 43.51 -24.95
N ASN G 191 -89.86 44.12 -23.77
CA ASN G 191 -89.33 45.46 -23.63
C ASN G 191 -87.81 45.46 -23.79
N GLU G 192 -87.30 46.50 -24.45
CA GLU G 192 -85.88 46.65 -24.73
C GLU G 192 -84.96 46.35 -23.54
N LYS G 193 -85.49 46.46 -22.33
CA LYS G 193 -84.67 46.25 -21.13
C LYS G 193 -84.63 44.79 -20.66
N ASP G 194 -85.76 44.10 -20.72
CA ASP G 194 -85.81 42.66 -20.49
C ASP G 194 -84.92 41.92 -21.48
N GLN G 195 -84.83 42.48 -22.68
CA GLN G 195 -84.09 41.90 -23.79
C GLN G 195 -82.58 42.18 -23.70
N GLU G 196 -82.24 43.39 -23.28
CA GLU G 196 -80.83 43.73 -23.07
C GLU G 196 -80.26 42.96 -21.88
N GLN G 197 -81.08 42.69 -20.89
CA GLN G 197 -80.64 42.01 -19.69
C GLN G 197 -80.51 40.51 -19.90
N LEU G 198 -81.29 39.99 -20.84
CA LEU G 198 -81.20 38.58 -21.23
C LEU G 198 -79.97 38.37 -22.10
N ILE G 199 -79.70 39.34 -22.97
CA ILE G 199 -78.46 39.33 -23.75
C ILE G 199 -77.23 39.44 -22.84
N GLU G 200 -77.10 40.58 -22.15
CA GLU G 200 -76.09 40.74 -21.11
C GLU G 200 -75.72 39.44 -20.37
N ASP G 201 -76.70 38.57 -20.16
CA ASP G 201 -76.51 37.37 -19.33
C ASP G 201 -76.24 36.12 -20.18
N HIS G 202 -76.00 36.32 -21.48
CA HIS G 202 -75.65 35.22 -22.40
C HIS G 202 -76.81 34.26 -22.68
N PHE G 203 -78.03 34.64 -22.31
CA PHE G 203 -79.19 33.78 -22.51
C PHE G 203 -79.81 33.98 -23.88
N LEU G 204 -80.01 35.24 -24.25
CA LEU G 204 -80.71 35.59 -25.47
C LEU G 204 -79.76 36.11 -26.55
N PHE G 205 -80.00 35.69 -27.79
CA PHE G 205 -79.19 36.13 -28.92
C PHE G 205 -79.07 37.66 -29.01
N GLU G 206 -78.04 38.12 -29.74
CA GLU G 206 -77.67 39.52 -29.80
C GLU G 206 -78.58 40.34 -30.71
N LYS G 207 -78.44 41.66 -30.67
CA LYS G 207 -79.12 42.52 -31.62
C LYS G 207 -78.53 42.24 -33.00
N PRO G 208 -79.41 42.19 -34.01
CA PRO G 208 -79.19 41.68 -35.39
C PRO G 208 -78.16 42.43 -36.21
N THR G 209 -76.89 42.41 -35.81
CA THR G 209 -75.88 43.16 -36.56
C THR G 209 -74.72 42.31 -37.06
N GLY G 210 -74.72 41.03 -36.72
CA GLY G 210 -73.70 40.13 -37.22
C GLY G 210 -73.49 40.30 -38.70
N ALA G 211 -72.24 40.18 -39.15
CA ALA G 211 -71.94 40.26 -40.58
C ALA G 211 -72.71 39.15 -41.27
N LEU G 212 -72.64 37.95 -40.71
CA LEU G 212 -73.37 36.83 -41.27
C LEU G 212 -74.87 37.10 -41.28
N LEU G 213 -75.46 37.44 -40.13
CA LEU G 213 -76.93 37.57 -40.05
C LEU G 213 -77.58 38.54 -41.04
N THR G 214 -76.93 39.67 -41.31
CA THR G 214 -77.59 40.68 -42.14
C THR G 214 -77.39 40.40 -43.63
N THR G 215 -76.13 40.39 -44.05
CA THR G 215 -75.80 40.17 -45.45
C THR G 215 -76.42 38.89 -46.01
N SER G 216 -76.74 37.95 -45.12
CA SER G 216 -77.29 36.66 -45.55
C SER G 216 -78.81 36.67 -45.63
N GLY G 217 -79.40 37.83 -45.39
CA GLY G 217 -80.86 37.94 -45.34
C GLY G 217 -81.51 37.17 -44.20
N CYS G 218 -80.95 37.29 -42.99
CA CYS G 218 -81.56 36.66 -41.81
C CYS G 218 -82.17 37.69 -40.86
N ALA G 219 -81.78 38.95 -41.01
CA ALA G 219 -82.38 40.04 -40.23
C ALA G 219 -83.50 40.73 -41.01
N ARG G 220 -84.24 39.92 -41.77
CA ARG G 220 -85.40 40.39 -42.52
C ARG G 220 -86.63 40.35 -41.63
N ASP G 221 -87.24 41.52 -41.41
CA ASP G 221 -88.52 41.63 -40.69
C ASP G 221 -88.35 41.42 -39.19
N TRP G 222 -87.38 42.11 -38.61
CA TRP G 222 -87.01 41.94 -37.22
C TRP G 222 -87.84 42.84 -36.31
N PRO G 223 -88.37 42.31 -35.19
CA PRO G 223 -88.19 40.97 -34.62
C PRO G 223 -89.38 40.05 -34.82
N ASP G 224 -90.13 40.26 -35.90
CA ASP G 224 -91.31 39.43 -36.18
C ASP G 224 -90.87 37.98 -36.42
N GLY G 225 -91.51 37.04 -35.71
CA GLY G 225 -91.18 35.64 -35.85
C GLY G 225 -90.17 35.14 -34.83
N ARG G 226 -89.52 36.07 -34.14
CA ARG G 226 -88.35 35.77 -33.29
C ARG G 226 -88.66 35.81 -31.79
N GLY G 227 -88.07 34.90 -31.04
CA GLY G 227 -88.28 34.89 -29.60
C GLY G 227 -87.49 33.83 -28.86
N ILE G 228 -87.64 33.84 -27.54
CA ILE G 228 -86.97 32.88 -26.68
C ILE G 228 -87.95 32.11 -25.79
N TRP G 229 -87.86 30.80 -25.83
CA TRP G 229 -88.58 29.96 -24.89
C TRP G 229 -87.58 29.43 -23.87
N HIS G 230 -87.90 29.50 -22.58
CA HIS G 230 -87.08 28.84 -21.58
C HIS G 230 -87.90 28.22 -20.43
N ASN G 231 -87.28 27.27 -19.73
CA ASN G 231 -87.88 26.70 -18.53
C ASN G 231 -87.72 27.64 -17.34
N ASN G 232 -88.25 27.25 -16.19
CA ASN G 232 -88.28 28.14 -15.03
C ASN G 232 -86.92 28.35 -14.36
N GLU G 233 -86.04 27.35 -14.46
CA GLU G 233 -84.67 27.46 -13.96
C GLU G 233 -83.81 28.31 -14.90
N LYS G 234 -84.29 28.47 -16.14
CA LYS G 234 -83.52 29.11 -17.21
C LYS G 234 -82.19 28.40 -17.52
N ASN G 235 -82.13 27.09 -17.26
CA ASN G 235 -80.96 26.31 -17.64
C ASN G 235 -81.22 25.41 -18.86
N PHE G 236 -82.38 25.62 -19.47
CA PHE G 236 -82.78 24.96 -20.70
C PHE G 236 -83.58 25.98 -21.51
N LEU G 237 -83.05 26.40 -22.65
CA LEU G 237 -83.71 27.45 -23.44
C LEU G 237 -83.78 27.01 -24.89
N VAL G 238 -84.62 27.71 -25.67
CA VAL G 238 -84.79 27.42 -27.09
C VAL G 238 -84.92 28.72 -27.91
N TRP G 239 -83.94 28.99 -28.77
CA TRP G 239 -84.07 30.11 -29.71
C TRP G 239 -84.98 29.75 -30.89
N ILE G 240 -85.78 30.71 -31.33
CA ILE G 240 -86.67 30.48 -32.46
C ILE G 240 -86.45 31.53 -33.53
N ASN G 241 -86.07 31.05 -34.72
CA ASN G 241 -85.92 31.88 -35.90
C ASN G 241 -84.91 33.02 -35.83
N GLU G 242 -83.77 32.80 -35.18
CA GLU G 242 -82.67 33.75 -35.26
C GLU G 242 -81.92 33.41 -36.55
N GLU G 243 -80.77 32.74 -36.42
CA GLU G 243 -80.02 32.22 -37.55
C GLU G 243 -80.59 30.87 -38.01
N ASP G 244 -81.28 30.19 -37.10
CA ASP G 244 -81.95 28.94 -37.44
C ASP G 244 -83.37 28.92 -36.92
N HIS G 245 -84.15 27.93 -37.34
CA HIS G 245 -85.49 27.78 -36.78
C HIS G 245 -85.35 27.53 -35.28
N ILE G 246 -84.54 26.54 -34.93
CA ILE G 246 -84.44 26.10 -33.55
C ILE G 246 -83.00 26.03 -33.03
N ARG G 247 -82.79 26.55 -31.84
CA ARG G 247 -81.57 26.30 -31.08
C ARG G 247 -81.95 25.73 -29.71
N VAL G 248 -81.58 24.49 -29.46
CA VAL G 248 -81.76 23.89 -28.14
C VAL G 248 -80.50 24.16 -27.32
N ILE G 249 -80.68 24.77 -26.15
CA ILE G 249 -79.57 25.28 -25.36
C ILE G 249 -79.68 24.91 -23.89
N SER G 250 -78.58 24.43 -23.33
CA SER G 250 -78.46 24.17 -21.90
C SER G 250 -77.32 25.03 -21.34
N MET G 251 -77.39 25.40 -20.07
CA MET G 251 -76.29 26.16 -19.49
C MET G 251 -76.43 26.39 -17.98
N GLN G 252 -75.34 26.89 -17.40
CA GLN G 252 -75.28 27.26 -15.99
C GLN G 252 -73.91 27.83 -15.65
N LYS G 253 -73.84 28.61 -14.59
CA LYS G 253 -72.56 29.11 -14.10
C LYS G 253 -71.76 27.98 -13.42
N GLY G 254 -70.45 28.13 -13.36
CA GLY G 254 -69.60 27.11 -12.77
C GLY G 254 -69.02 26.16 -13.80
N GLY G 255 -68.37 25.10 -13.32
CA GLY G 255 -67.61 24.26 -14.23
C GLY G 255 -68.07 22.83 -14.38
N ASP G 256 -69.36 22.58 -14.18
CA ASP G 256 -69.90 21.22 -14.31
C ASP G 256 -70.44 20.94 -15.72
N LEU G 257 -69.52 20.76 -16.68
CA LEU G 257 -69.88 20.49 -18.07
C LEU G 257 -70.59 19.16 -18.21
N LYS G 258 -70.46 18.31 -17.21
CA LYS G 258 -71.09 17.00 -17.26
C LYS G 258 -72.59 17.10 -16.97
N ALA G 259 -72.97 18.04 -16.11
CA ALA G 259 -74.36 18.23 -15.72
C ALA G 259 -75.16 19.00 -16.78
N VAL G 260 -74.52 19.99 -17.40
CA VAL G 260 -75.14 20.72 -18.50
C VAL G 260 -75.39 19.81 -19.68
N PHE G 261 -74.58 18.74 -19.79
CA PHE G 261 -74.73 17.74 -20.84
C PHE G 261 -75.78 16.67 -20.49
N SER G 262 -75.93 16.37 -19.20
CA SER G 262 -77.03 15.53 -18.71
C SER G 262 -78.40 16.16 -19.05
N ARG G 263 -78.51 17.46 -18.78
CA ARG G 263 -79.74 18.18 -19.04
C ARG G 263 -79.94 18.45 -20.53
N PHE G 264 -78.84 18.54 -21.27
CA PHE G 264 -78.90 18.83 -22.70
C PHE G 264 -79.45 17.65 -23.49
N ALA G 265 -78.99 16.45 -23.14
CA ALA G 265 -79.47 15.23 -23.77
C ALA G 265 -80.93 14.98 -23.40
N ARG G 266 -81.22 15.08 -22.10
CA ARG G 266 -82.60 15.05 -21.61
C ARG G 266 -83.51 15.94 -22.44
N GLY G 267 -83.19 17.23 -22.46
CA GLY G 267 -84.01 18.20 -23.15
C GLY G 267 -84.15 17.93 -24.63
N LEU G 268 -83.02 17.70 -25.30
CA LEU G 268 -83.02 17.51 -26.76
C LEU G 268 -83.92 16.36 -27.23
N LEU G 269 -83.84 15.23 -26.55
CA LEU G 269 -84.65 14.06 -26.90
C LEU G 269 -86.14 14.36 -26.80
N GLU G 270 -86.55 14.84 -25.63
CA GLU G 270 -87.93 15.28 -25.42
C GLU G 270 -88.42 16.21 -26.54
N VAL G 271 -87.59 17.20 -26.88
CA VAL G 271 -87.95 18.18 -27.89
C VAL G 271 -88.13 17.55 -29.28
N GLU G 272 -87.25 16.62 -29.63
CA GLU G 272 -87.29 15.93 -30.91
C GLU G 272 -88.52 15.03 -30.99
N ARG G 273 -88.97 14.56 -29.85
CA ARG G 273 -90.15 13.69 -29.78
C ARG G 273 -91.44 14.49 -29.93
N LEU G 274 -91.51 15.64 -29.26
CA LEU G 274 -92.69 16.49 -29.32
C LEU G 274 -92.88 17.10 -30.70
N MET G 275 -91.79 17.26 -31.45
CA MET G 275 -91.88 17.81 -32.79
C MET G 275 -92.26 16.72 -33.79
N LYS G 276 -91.93 15.48 -33.46
CA LYS G 276 -92.26 14.33 -34.30
C LYS G 276 -93.72 13.95 -34.06
N GLU G 277 -94.07 13.85 -32.79
CA GLU G 277 -95.42 13.51 -32.36
C GLU G 277 -96.44 14.51 -32.91
N CYS G 278 -95.99 15.75 -33.10
CA CYS G 278 -96.86 16.82 -33.57
C CYS G 278 -96.93 16.86 -35.09
N GLY G 279 -96.17 16.00 -35.74
CA GLY G 279 -96.25 15.84 -37.18
C GLY G 279 -95.37 16.78 -37.98
N HIS G 280 -94.32 17.29 -37.34
CA HIS G 280 -93.37 18.16 -38.04
C HIS G 280 -92.02 17.48 -38.14
N GLY G 281 -91.57 17.29 -39.38
CA GLY G 281 -90.30 16.64 -39.62
C GLY G 281 -89.14 17.63 -39.56
N LEU G 282 -87.93 17.09 -39.41
CA LEU G 282 -86.72 17.92 -39.34
C LEU G 282 -85.81 17.67 -40.53
N MET G 283 -85.13 18.73 -40.97
CA MET G 283 -84.17 18.59 -42.05
C MET G 283 -83.07 17.66 -41.60
N HIS G 284 -82.81 16.64 -42.41
CA HIS G 284 -81.91 15.57 -42.03
C HIS G 284 -81.46 14.84 -43.29
N ASN G 285 -80.26 14.29 -43.24
CA ASN G 285 -79.65 13.64 -44.40
C ASN G 285 -78.84 12.46 -43.87
N ASP G 286 -78.92 11.32 -44.55
CA ASP G 286 -78.42 10.06 -43.98
C ASP G 286 -76.91 10.01 -43.79
N ARG G 287 -76.17 10.78 -44.57
CA ARG G 287 -74.71 10.86 -44.42
C ARG G 287 -74.33 12.03 -43.53
N LEU G 288 -75.12 13.12 -43.59
CA LEU G 288 -74.75 14.38 -42.97
C LEU G 288 -75.42 14.67 -41.63
N GLY G 289 -76.35 13.83 -41.22
CA GLY G 289 -77.12 14.09 -40.02
C GLY G 289 -77.96 15.33 -40.25
N TYR G 290 -78.29 16.04 -39.16
CA TYR G 290 -79.17 17.20 -39.25
C TYR G 290 -78.58 18.36 -40.05
N ILE G 291 -79.47 19.25 -40.49
CA ILE G 291 -79.11 20.33 -41.39
C ILE G 291 -79.61 21.70 -40.92
N CYS G 292 -78.77 22.72 -41.11
CA CYS G 292 -79.09 24.08 -40.66
C CYS G 292 -78.64 25.11 -41.67
N THR G 293 -78.74 26.39 -41.32
CA THR G 293 -78.36 27.48 -42.22
C THR G 293 -76.87 27.46 -42.58
N CYS G 294 -75.98 27.23 -41.60
CA CYS G 294 -74.54 27.26 -41.87
C CYS G 294 -73.89 25.88 -41.96
N PRO G 295 -72.99 25.69 -42.93
CA PRO G 295 -72.18 24.47 -43.12
C PRO G 295 -71.37 24.02 -41.90
N THR G 296 -70.94 24.96 -41.05
CA THR G 296 -70.24 24.56 -39.83
C THR G 296 -71.20 23.79 -38.96
N ASN G 297 -72.49 23.97 -39.26
CA ASN G 297 -73.53 23.44 -38.41
C ASN G 297 -74.27 22.28 -39.05
N MET G 298 -73.71 21.09 -38.86
CA MET G 298 -74.22 19.86 -39.46
C MET G 298 -73.98 18.71 -38.50
N GLY G 299 -74.37 17.51 -38.93
CA GLY G 299 -74.25 16.33 -38.10
C GLY G 299 -74.96 16.53 -36.79
N THR G 300 -74.18 16.61 -35.72
CA THR G 300 -74.72 16.83 -34.39
C THR G 300 -75.24 18.24 -34.27
N VAL G 301 -74.66 19.14 -35.06
CA VAL G 301 -74.94 20.58 -34.97
C VAL G 301 -74.58 21.11 -33.58
N VAL G 302 -73.97 20.24 -32.78
CA VAL G 302 -73.55 20.55 -31.41
C VAL G 302 -72.38 21.54 -31.29
N ARG G 303 -72.51 22.54 -30.42
CA ARG G 303 -71.36 23.37 -30.04
C ARG G 303 -71.32 23.50 -28.54
N ALA G 304 -70.39 22.78 -27.92
CA ALA G 304 -70.17 22.83 -26.50
C ALA G 304 -69.09 23.87 -26.22
N SER G 305 -69.32 24.74 -25.24
CA SER G 305 -68.38 25.80 -24.94
C SER G 305 -68.17 25.92 -23.46
N VAL G 306 -67.00 26.45 -23.08
CA VAL G 306 -66.72 26.87 -21.71
C VAL G 306 -66.32 28.34 -21.74
N HIS G 307 -66.54 29.07 -20.64
CA HIS G 307 -65.87 30.36 -20.45
C HIS G 307 -64.59 30.17 -19.62
N LEU G 308 -63.46 30.15 -20.31
CA LEU G 308 -62.19 29.73 -19.72
C LEU G 308 -61.23 30.89 -19.45
N ARG G 309 -60.74 31.00 -18.21
CA ARG G 309 -59.79 32.05 -17.86
C ARG G 309 -58.35 31.57 -18.03
N LEU G 310 -57.59 32.26 -18.88
CA LEU G 310 -56.25 31.84 -19.26
C LEU G 310 -55.25 33.00 -19.17
N ALA G 311 -54.99 33.45 -17.95
CA ALA G 311 -54.23 34.68 -17.73
C ALA G 311 -52.75 34.55 -18.07
N PHE G 312 -52.26 33.32 -18.10
CA PHE G 312 -50.87 33.06 -18.47
C PHE G 312 -50.75 32.47 -19.87
N LEU G 313 -51.62 31.52 -20.20
CA LEU G 313 -51.59 30.86 -21.50
C LEU G 313 -51.86 31.84 -22.64
N GLU G 314 -52.77 32.79 -22.43
CA GLU G 314 -53.18 33.68 -23.51
C GLU G 314 -52.03 34.56 -24.01
N LYS G 315 -50.99 34.70 -23.19
CA LYS G 315 -49.86 35.53 -23.55
C LYS G 315 -48.80 34.76 -24.35
N HIS G 316 -48.97 33.44 -24.43
CA HIS G 316 -48.00 32.56 -25.10
C HIS G 316 -48.11 32.64 -26.62
N PRO G 317 -46.95 32.65 -27.31
CA PRO G 317 -46.91 32.70 -28.78
C PRO G 317 -47.53 31.47 -29.43
N ARG G 318 -47.60 30.34 -28.73
CA ARG G 318 -48.21 29.13 -29.30
C ARG G 318 -49.62 28.80 -28.77
N PHE G 319 -50.27 29.79 -28.16
CA PHE G 319 -51.64 29.63 -27.69
C PHE G 319 -52.64 29.30 -28.80
N ASP G 320 -52.66 30.10 -29.87
CA ASP G 320 -53.53 29.86 -31.02
C ASP G 320 -53.14 28.59 -31.78
N GLU G 321 -51.85 28.39 -31.99
CA GLU G 321 -51.38 27.15 -32.62
C GLU G 321 -51.94 25.93 -31.89
N MET G 322 -51.83 25.93 -30.58
CA MET G 322 -52.34 24.83 -29.76
C MET G 322 -53.83 24.55 -30.01
N LEU G 323 -54.63 25.62 -30.01
CA LEU G 323 -56.08 25.55 -30.20
C LEU G 323 -56.48 24.94 -31.54
N GLY G 324 -55.68 25.19 -32.57
CA GLY G 324 -55.96 24.67 -33.90
C GLY G 324 -55.67 23.18 -33.97
N LYS G 325 -54.70 22.74 -33.18
CA LYS G 325 -54.29 21.35 -33.12
C LYS G 325 -55.26 20.51 -32.28
N LEU G 326 -55.81 21.11 -31.22
CA LEU G 326 -56.82 20.44 -30.40
C LEU G 326 -58.20 20.52 -31.07
N ARG G 327 -58.22 21.02 -32.30
CA ARG G 327 -59.47 21.19 -33.04
C ARG G 327 -60.50 22.00 -32.24
N LEU G 328 -60.03 23.08 -31.62
CA LEU G 328 -60.89 23.91 -30.76
C LEU G 328 -61.03 25.36 -31.24
N GLY G 329 -62.26 25.84 -31.36
CA GLY G 329 -62.49 27.22 -31.74
C GLY G 329 -62.46 28.20 -30.57
N LYS G 330 -62.25 29.47 -30.90
CA LYS G 330 -62.08 30.52 -29.91
C LYS G 330 -62.94 31.75 -30.22
N ARG G 331 -63.76 32.14 -29.24
CA ARG G 331 -64.63 33.31 -29.33
C ARG G 331 -64.50 34.14 -28.05
N GLY G 332 -65.07 35.34 -28.06
CA GLY G 332 -65.03 36.22 -26.90
C GLY G 332 -66.22 35.99 -25.98
N THR G 333 -66.20 36.64 -24.82
CA THR G 333 -67.22 36.46 -23.79
C THR G 333 -68.62 36.80 -24.32
N GLY G 334 -68.70 37.79 -25.21
CA GLY G 334 -69.96 38.16 -25.82
C GLY G 334 -70.36 37.25 -26.96
N GLY G 335 -69.52 36.26 -27.22
CA GLY G 335 -69.76 35.31 -28.28
C GLY G 335 -68.92 35.63 -29.50
N GLU G 336 -69.35 35.06 -30.61
CA GLU G 336 -68.70 35.11 -31.91
C GLU G 336 -68.30 36.52 -32.35
N SER G 337 -69.16 37.49 -32.05
CA SER G 337 -68.85 38.87 -32.41
C SER G 337 -68.48 39.66 -31.15
N SER G 338 -67.28 39.36 -30.63
CA SER G 338 -66.75 40.02 -29.44
C SER G 338 -65.37 39.48 -29.07
N LEU G 339 -64.56 40.31 -28.43
CA LEU G 339 -63.22 39.89 -28.01
C LEU G 339 -63.23 39.46 -26.54
N ALA G 340 -62.22 38.68 -26.16
CA ALA G 340 -62.10 38.19 -24.78
C ALA G 340 -61.93 39.34 -23.79
N THR G 341 -62.58 39.20 -22.65
CA THR G 341 -62.49 40.20 -21.61
C THR G 341 -62.05 39.52 -20.31
N ASP G 342 -61.09 40.13 -19.63
CA ASP G 342 -60.65 39.62 -18.35
C ASP G 342 -59.91 38.31 -18.56
N SER G 343 -59.18 38.22 -19.67
CA SER G 343 -58.40 37.02 -19.97
C SER G 343 -59.28 35.78 -19.99
N THR G 344 -60.52 35.95 -20.44
CA THR G 344 -61.50 34.86 -20.52
C THR G 344 -61.94 34.65 -21.96
N TYR G 345 -61.92 33.39 -22.41
CA TYR G 345 -62.35 33.08 -23.78
C TYR G 345 -63.56 32.15 -23.84
N ASP G 346 -64.10 32.00 -25.06
CA ASP G 346 -65.14 31.04 -25.33
C ASP G 346 -64.53 29.90 -26.13
N ILE G 347 -64.10 28.86 -25.43
CA ILE G 347 -63.47 27.70 -26.07
C ILE G 347 -64.51 26.61 -26.28
N SER G 348 -64.51 26.03 -27.47
CA SER G 348 -65.56 25.10 -27.87
C SER G 348 -65.06 24.14 -28.96
N ASN G 349 -65.88 23.17 -29.35
CA ASN G 349 -65.49 22.23 -30.39
C ASN G 349 -65.69 22.83 -31.78
N TRP G 350 -64.64 22.78 -32.59
CA TRP G 350 -64.73 23.29 -33.95
C TRP G 350 -65.71 22.45 -34.77
N ALA G 351 -65.45 21.15 -34.88
CA ALA G 351 -66.23 20.27 -35.76
C ALA G 351 -67.62 19.93 -35.19
N ARG G 352 -68.48 19.35 -36.03
CA ARG G 352 -69.85 19.04 -35.61
C ARG G 352 -70.35 17.82 -36.39
N LEU G 353 -69.97 17.77 -37.66
CA LEU G 353 -70.21 16.63 -38.54
C LEU G 353 -69.03 15.68 -38.44
N GLY G 354 -69.28 14.38 -38.28
CA GLY G 354 -68.20 13.40 -38.23
C GLY G 354 -68.01 12.63 -36.93
N LYS G 355 -68.36 13.23 -35.81
CA LYS G 355 -68.31 12.52 -34.54
C LYS G 355 -69.66 12.62 -33.85
N SER G 356 -69.84 11.84 -32.79
CA SER G 356 -71.07 11.89 -32.03
C SER G 356 -70.98 12.96 -30.95
N GLU G 357 -72.13 13.33 -30.39
CA GLU G 357 -72.18 14.36 -29.36
C GLU G 357 -71.18 14.11 -28.23
N ARG G 358 -71.07 12.85 -27.82
CA ARG G 358 -70.21 12.48 -26.70
C ARG G 358 -68.73 12.62 -27.06
N GLU G 359 -68.39 12.21 -28.29
CA GLU G 359 -67.06 12.41 -28.84
C GLU G 359 -66.63 13.86 -28.74
N LEU G 360 -67.48 14.75 -29.23
CA LEU G 360 -67.14 16.15 -29.35
C LEU G 360 -67.09 16.88 -28.01
N VAL G 361 -67.91 16.48 -27.05
CA VAL G 361 -67.80 17.02 -25.71
C VAL G 361 -66.50 16.56 -25.08
N GLN G 362 -66.09 15.34 -25.42
CA GLN G 362 -64.86 14.77 -24.88
C GLN G 362 -63.61 15.45 -25.45
N VAL G 363 -63.69 15.88 -26.71
CA VAL G 363 -62.57 16.60 -27.33
C VAL G 363 -62.35 17.94 -26.63
N LEU G 364 -63.45 18.55 -26.21
CA LEU G 364 -63.43 19.81 -25.47
C LEU G 364 -62.89 19.56 -24.06
N VAL G 365 -63.35 18.50 -23.40
CA VAL G 365 -62.88 18.18 -22.05
C VAL G 365 -61.39 17.94 -22.05
N ASP G 366 -60.93 17.09 -22.95
CA ASP G 366 -59.50 16.86 -23.14
C ASP G 366 -58.78 18.18 -23.43
N GLY G 367 -59.30 18.95 -24.39
CA GLY G 367 -58.75 20.26 -24.71
C GLY G 367 -58.62 21.20 -23.52
N VAL G 368 -59.68 21.33 -22.74
CA VAL G 368 -59.66 22.23 -21.57
C VAL G 368 -58.70 21.73 -20.52
N ASN G 369 -58.57 20.41 -20.43
CA ASN G 369 -57.67 19.80 -19.46
C ASN G 369 -56.21 20.14 -19.75
N LEU G 370 -55.89 20.21 -21.04
CA LEU G 370 -54.54 20.55 -21.47
C LEU G 370 -54.30 22.04 -21.32
N LEU G 371 -55.28 22.84 -21.73
CA LEU G 371 -55.15 24.29 -21.63
C LEU G 371 -54.99 24.75 -20.18
N ILE G 372 -55.70 24.12 -19.26
CA ILE G 372 -55.58 24.51 -17.85
C ILE G 372 -54.22 24.12 -17.28
N ALA G 373 -53.69 22.99 -17.72
CA ALA G 373 -52.37 22.54 -17.28
C ALA G 373 -51.28 23.49 -17.77
N CYS G 374 -51.38 23.89 -19.04
CA CYS G 374 -50.44 24.84 -19.62
C CYS G 374 -50.39 26.18 -18.88
N ASP G 375 -51.56 26.69 -18.51
CA ASP G 375 -51.66 27.88 -17.68
C ASP G 375 -50.97 27.67 -16.33
N LYS G 376 -51.17 26.50 -15.75
CA LYS G 376 -50.57 26.17 -14.47
C LYS G 376 -49.04 26.20 -14.55
N LYS G 377 -48.48 25.58 -15.59
CA LYS G 377 -47.03 25.57 -15.77
C LYS G 377 -46.48 26.98 -15.93
N LEU G 378 -47.14 27.79 -16.76
CA LEU G 378 -46.71 29.15 -17.01
C LEU G 378 -46.77 30.00 -15.74
N GLU G 379 -47.78 29.76 -14.90
CA GLU G 379 -47.88 30.44 -13.62
C GLU G 379 -46.72 30.06 -12.71
N ALA G 380 -46.15 28.88 -12.95
CA ALA G 380 -45.04 28.38 -12.17
C ALA G 380 -43.69 28.70 -12.81
N GLY G 381 -43.73 29.56 -13.83
CA GLY G 381 -42.51 29.95 -14.53
C GLY G 381 -41.85 28.79 -15.22
N GLN G 382 -42.66 27.92 -15.82
CA GLN G 382 -42.14 26.74 -16.50
C GLN G 382 -42.38 26.83 -18.00
N SER G 383 -41.70 25.99 -18.77
CA SER G 383 -41.95 25.93 -20.21
C SER G 383 -43.02 24.90 -20.54
N ILE G 384 -43.67 25.08 -21.68
CA ILE G 384 -44.74 24.17 -22.10
C ILE G 384 -44.52 23.63 -23.50
N ASP G 385 -43.36 23.93 -24.08
CA ASP G 385 -42.95 23.41 -25.38
C ASP G 385 -43.26 21.92 -25.54
N ASP G 386 -43.12 21.18 -24.44
CA ASP G 386 -43.33 19.74 -24.42
C ASP G 386 -44.81 19.39 -24.37
N MET G 387 -45.58 20.24 -23.68
CA MET G 387 -47.02 20.02 -23.51
C MET G 387 -47.77 20.25 -24.81
N ILE G 388 -47.31 21.22 -25.59
CA ILE G 388 -48.02 21.60 -26.83
C ILE G 388 -47.97 20.44 -27.83
N PRO G 389 -49.14 20.04 -28.33
CA PRO G 389 -49.28 18.93 -29.29
C PRO G 389 -48.23 18.97 -30.41
N LYS G 390 -47.81 17.79 -30.86
CA LYS G 390 -46.82 17.69 -31.92
C LYS G 390 -47.43 17.78 -33.31
N ASP H 7 -86.22 31.56 -68.28
CA ASP H 7 -87.35 32.27 -67.68
C ASP H 7 -87.43 32.02 -66.18
N TYR H 8 -87.35 30.75 -65.79
CA TYR H 8 -87.52 30.41 -64.38
C TYR H 8 -86.43 31.04 -63.52
N PHE H 9 -85.17 30.81 -63.89
CA PHE H 9 -84.06 31.45 -63.19
C PHE H 9 -84.31 32.95 -63.11
N VAL H 10 -84.63 33.53 -64.27
CA VAL H 10 -84.89 34.95 -64.40
C VAL H 10 -85.90 35.47 -63.37
N LYS H 11 -87.15 35.04 -63.47
CA LYS H 11 -88.20 35.54 -62.56
C LYS H 11 -87.93 35.20 -61.09
N ASN H 12 -86.87 34.44 -60.83
CA ASN H 12 -86.47 34.09 -59.47
C ASN H 12 -85.36 34.97 -58.92
N ARG H 13 -85.14 36.11 -59.57
CA ARG H 13 -83.96 36.95 -59.34
C ARG H 13 -83.72 37.35 -57.88
N VAL H 14 -84.70 37.10 -57.03
CA VAL H 14 -84.61 37.46 -55.62
C VAL H 14 -83.89 36.39 -54.77
N GLY H 15 -84.15 35.12 -55.06
CA GLY H 15 -83.54 34.03 -54.30
C GLY H 15 -84.18 33.75 -52.95
N HIS H 16 -85.42 34.21 -52.77
CA HIS H 16 -86.25 33.80 -51.63
C HIS H 16 -87.52 33.13 -52.13
N SER H 17 -88.14 32.35 -51.24
CA SER H 17 -89.36 31.62 -51.56
C SER H 17 -90.52 32.57 -51.81
N LYS H 18 -91.44 32.12 -52.65
CA LYS H 18 -92.64 32.87 -52.97
C LYS H 18 -93.84 32.22 -52.28
N PRO H 19 -94.32 32.86 -51.20
CA PRO H 19 -95.40 32.32 -50.36
C PRO H 19 -96.72 32.14 -51.10
N TRP H 20 -96.90 32.89 -52.17
CA TRP H 20 -98.17 32.97 -52.86
C TRP H 20 -98.40 31.77 -53.74
N GLU H 21 -97.34 31.27 -54.38
CA GLU H 21 -97.54 30.28 -55.44
C GLU H 21 -98.22 28.92 -54.99
N SER H 22 -97.53 28.12 -54.17
CA SER H 22 -98.06 26.81 -53.65
C SER H 22 -99.32 26.85 -52.78
N GLY H 23 -99.74 28.03 -52.34
CA GLY H 23 -101.09 28.23 -51.86
C GLY H 23 -101.48 27.82 -50.44
N LYS H 24 -100.52 27.66 -49.51
CA LYS H 24 -100.86 27.32 -48.11
C LYS H 24 -100.79 28.58 -47.26
N PHE H 25 -100.65 29.72 -47.93
CA PHE H 25 -100.72 31.00 -47.27
C PHE H 25 -101.67 31.93 -48.01
N LYS H 26 -102.49 32.68 -47.29
CA LYS H 26 -103.24 33.78 -47.90
C LYS H 26 -102.37 35.01 -47.81
N ALA H 27 -102.59 35.96 -48.72
CA ALA H 27 -101.85 37.21 -48.66
C ALA H 27 -101.59 37.58 -47.20
N ALA H 28 -102.65 37.63 -46.42
CA ALA H 28 -102.62 38.12 -45.04
C ALA H 28 -101.68 37.34 -44.12
N ASP H 29 -101.34 36.12 -44.51
CA ASP H 29 -100.38 35.31 -43.74
C ASP H 29 -98.97 35.89 -43.87
N ASN H 30 -98.82 36.86 -44.77
CA ASN H 30 -97.52 37.43 -45.09
C ASN H 30 -97.47 38.96 -45.11
N PHE H 31 -98.61 39.59 -44.82
CA PHE H 31 -98.65 41.04 -44.67
C PHE H 31 -97.69 41.42 -43.55
N PRO H 32 -96.99 42.56 -43.70
CA PRO H 32 -96.02 43.01 -42.68
C PRO H 32 -96.67 43.70 -41.50
N ASP H 33 -96.13 43.47 -40.30
CA ASP H 33 -96.54 44.21 -39.12
C ASP H 33 -95.86 45.58 -39.08
N LEU H 34 -96.61 46.61 -39.44
CA LEU H 34 -96.07 47.97 -39.53
C LEU H 34 -96.62 48.93 -38.47
N SER H 35 -96.98 48.42 -37.30
CA SER H 35 -97.53 49.25 -36.24
C SER H 35 -96.52 50.29 -35.74
N LYS H 36 -95.30 49.84 -35.46
CA LYS H 36 -94.26 50.71 -34.94
C LYS H 36 -93.42 51.39 -36.02
N HIS H 37 -94.00 51.52 -37.21
CA HIS H 37 -93.27 52.10 -38.34
C HIS H 37 -93.70 53.53 -38.63
N ASN H 38 -92.75 54.32 -39.11
CA ASN H 38 -92.99 55.72 -39.41
C ASN H 38 -92.20 56.11 -40.67
N ASN H 39 -92.66 55.60 -41.81
CA ASN H 39 -92.00 55.81 -43.10
C ASN H 39 -92.98 55.56 -44.25
N VAL H 40 -92.84 56.33 -45.33
CA VAL H 40 -93.87 56.40 -46.38
C VAL H 40 -94.48 55.05 -46.76
N MET H 41 -93.65 54.04 -47.02
CA MET H 41 -94.16 52.71 -47.34
C MET H 41 -95.17 52.25 -46.30
N ALA H 42 -94.87 52.53 -45.04
CA ALA H 42 -95.74 52.17 -43.90
C ALA H 42 -97.04 52.99 -43.89
N SER H 43 -96.93 54.29 -44.15
CA SER H 43 -98.11 55.16 -44.25
C SER H 43 -99.04 54.78 -45.41
N GLN H 44 -98.46 54.30 -46.50
CA GLN H 44 -99.23 54.10 -47.74
C GLN H 44 -99.79 52.69 -47.96
N LEU H 45 -99.09 51.66 -47.49
CA LEU H 45 -99.53 50.28 -47.68
C LEU H 45 -100.89 49.97 -47.03
N THR H 46 -101.63 49.04 -47.63
CA THR H 46 -102.86 48.52 -47.03
C THR H 46 -103.00 47.02 -47.32
N LYS H 47 -103.69 46.32 -46.43
CA LYS H 47 -103.87 44.88 -46.59
C LYS H 47 -104.46 44.53 -47.95
N GLU H 48 -105.27 45.44 -48.49
CA GLU H 48 -105.84 45.25 -49.81
C GLU H 48 -104.83 45.56 -50.90
N LEU H 49 -104.14 46.69 -50.78
CA LEU H 49 -102.98 46.95 -51.61
C LEU H 49 -101.99 45.78 -51.59
N TYR H 50 -101.69 45.26 -50.40
CA TYR H 50 -100.77 44.12 -50.28
C TYR H 50 -101.35 42.87 -50.93
N GLU H 51 -102.65 42.66 -50.70
CA GLU H 51 -103.31 41.45 -51.19
C GLU H 51 -103.38 41.51 -52.70
N LYS H 52 -103.41 42.72 -53.24
CA LYS H 52 -103.50 42.93 -54.67
C LYS H 52 -102.19 42.62 -55.41
N TYR H 53 -101.07 43.02 -54.82
CA TYR H 53 -99.81 42.99 -55.54
C TYR H 53 -98.84 41.85 -55.17
N TRP H 54 -98.97 41.32 -53.95
CA TRP H 54 -97.96 40.40 -53.40
C TRP H 54 -97.49 39.29 -54.32
N ASP H 55 -98.39 38.78 -55.15
CA ASP H 55 -98.10 37.60 -55.96
C ASP H 55 -97.72 37.96 -57.38
N LYS H 56 -97.29 39.20 -57.57
CA LYS H 56 -97.15 39.77 -58.90
C LYS H 56 -95.68 40.12 -59.15
N VAL H 57 -95.09 39.55 -60.20
CA VAL H 57 -93.64 39.61 -60.43
C VAL H 57 -93.24 40.19 -61.80
N THR H 58 -92.45 41.26 -61.78
CA THR H 58 -92.00 41.91 -63.02
C THR H 58 -91.21 40.93 -63.88
N PRO H 59 -90.99 41.26 -65.17
CA PRO H 59 -90.28 40.39 -66.09
C PRO H 59 -88.81 40.16 -65.71
N ASN H 60 -88.28 40.99 -64.82
CA ASN H 60 -86.96 40.75 -64.25
C ASN H 60 -87.03 40.10 -62.87
N GLY H 61 -87.97 39.19 -62.69
CA GLY H 61 -88.14 38.47 -61.44
C GLY H 61 -88.25 39.28 -60.15
N VAL H 62 -88.48 40.58 -60.27
CA VAL H 62 -88.61 41.46 -59.12
C VAL H 62 -89.90 41.18 -58.34
N THR H 63 -89.87 41.32 -57.02
CA THR H 63 -91.06 41.06 -56.20
C THR H 63 -91.50 42.31 -55.42
N PHE H 64 -92.78 42.35 -55.05
CA PHE H 64 -93.31 43.50 -54.32
C PHE H 64 -92.59 43.63 -52.98
N ASP H 65 -92.65 42.59 -52.16
CA ASP H 65 -91.86 42.52 -50.94
C ASP H 65 -90.47 43.12 -51.11
N LYS H 66 -89.81 42.77 -52.22
CA LYS H 66 -88.42 43.18 -52.43
C LYS H 66 -88.27 44.68 -52.67
N CYS H 67 -89.35 45.32 -53.08
CA CYS H 67 -89.30 46.75 -53.36
C CYS H 67 -89.64 47.52 -52.08
N ILE H 68 -90.42 46.89 -51.22
CA ILE H 68 -90.89 47.51 -49.97
C ILE H 68 -89.99 47.21 -48.77
N GLN H 69 -89.38 46.03 -48.79
CA GLN H 69 -88.53 45.52 -47.71
C GLN H 69 -87.74 46.54 -46.89
N THR H 70 -86.82 47.27 -47.53
CA THR H 70 -86.01 48.26 -46.83
C THR H 70 -86.86 49.12 -45.88
N GLY H 71 -88.10 49.39 -46.29
CA GLY H 71 -89.02 50.18 -45.50
C GLY H 71 -89.65 49.40 -44.37
N VAL H 72 -89.58 48.08 -44.47
CA VAL H 72 -90.02 47.22 -43.37
C VAL H 72 -88.90 47.02 -42.35
N ASP H 73 -87.67 46.91 -42.83
CA ASP H 73 -86.52 46.71 -41.95
C ASP H 73 -86.07 47.98 -41.23
N ASN H 74 -86.76 49.08 -41.49
CA ASN H 74 -86.33 50.40 -41.00
C ASN H 74 -87.47 51.27 -40.48
N PRO H 75 -87.95 50.95 -39.27
CA PRO H 75 -89.07 51.63 -38.59
C PRO H 75 -88.77 53.07 -38.12
N GLY H 76 -87.50 53.43 -38.02
CA GLY H 76 -87.13 54.76 -37.54
C GLY H 76 -85.98 55.41 -38.30
N ASN H 77 -85.42 56.46 -37.69
CA ASN H 77 -84.30 57.19 -38.29
C ASN H 77 -83.51 57.99 -37.25
N LYS H 78 -82.24 57.65 -37.06
CA LYS H 78 -81.42 58.32 -36.05
C LYS H 78 -81.00 59.74 -36.43
N PHE H 79 -81.35 60.17 -37.64
CA PHE H 79 -81.02 61.53 -38.12
C PHE H 79 -82.22 62.37 -38.57
N TYR H 80 -81.96 63.28 -39.49
CA TYR H 80 -82.94 64.28 -39.94
C TYR H 80 -84.03 63.73 -40.86
N GLY H 81 -85.29 63.89 -40.43
CA GLY H 81 -86.43 63.73 -41.30
C GLY H 81 -87.15 62.38 -41.30
N LYS H 82 -88.05 62.21 -42.27
CA LYS H 82 -88.75 60.95 -42.51
C LYS H 82 -88.09 60.30 -43.73
N LYS H 83 -88.25 58.98 -43.85
CA LYS H 83 -87.72 58.26 -45.01
C LYS H 83 -88.84 57.79 -45.92
N THR H 84 -88.50 57.48 -47.17
CA THR H 84 -89.47 56.98 -48.13
C THR H 84 -89.87 55.54 -47.81
N GLY H 85 -88.87 54.68 -47.64
CA GLY H 85 -89.08 53.33 -47.16
C GLY H 85 -89.47 52.30 -48.22
N CYS H 86 -89.09 52.54 -49.46
CA CYS H 86 -89.26 51.56 -50.54
C CYS H 86 -88.47 51.95 -51.77
N VAL H 87 -88.40 51.05 -52.74
CA VAL H 87 -87.54 51.28 -53.92
C VAL H 87 -88.06 50.61 -55.21
N PHE H 88 -87.41 50.96 -56.32
CA PHE H 88 -87.67 50.32 -57.61
C PHE H 88 -86.64 49.21 -57.90
N GLY H 89 -87.13 48.00 -58.16
CA GLY H 89 -86.27 46.88 -58.49
C GLY H 89 -85.77 46.90 -59.93
N ASP H 90 -86.60 47.43 -60.83
CA ASP H 90 -86.16 47.69 -62.19
C ASP H 90 -86.91 48.88 -62.75
N GLU H 91 -87.17 48.87 -64.06
CA GLU H 91 -87.93 49.92 -64.70
C GLU H 91 -89.43 49.59 -64.68
N TYR H 92 -89.74 48.32 -64.46
CA TYR H 92 -91.11 47.80 -64.51
C TYR H 92 -91.87 48.01 -63.21
N SER H 93 -91.13 48.32 -62.15
CA SER H 93 -91.69 48.40 -60.80
C SER H 93 -92.81 49.43 -60.69
N TYR H 94 -92.55 50.64 -61.17
CA TYR H 94 -93.54 51.71 -60.98
C TYR H 94 -94.91 51.23 -61.37
N GLU H 95 -95.00 50.67 -62.58
CA GLU H 95 -96.27 50.32 -63.18
C GLU H 95 -96.91 49.06 -62.61
N CYS H 96 -96.08 48.15 -62.09
CA CYS H 96 -96.57 46.86 -61.61
C CYS H 96 -97.19 46.93 -60.22
N TYR H 97 -96.97 48.04 -59.54
CA TYR H 97 -97.54 48.31 -58.23
C TYR H 97 -97.83 49.79 -58.23
N LYS H 98 -98.38 50.26 -59.34
CA LYS H 98 -98.56 51.69 -59.55
C LYS H 98 -99.51 52.36 -58.56
N GLU H 99 -100.49 51.61 -58.07
CA GLU H 99 -101.49 52.22 -57.17
C GLU H 99 -100.89 52.50 -55.80
N PHE H 100 -99.95 51.65 -55.42
CA PHE H 100 -99.17 51.83 -54.20
C PHE H 100 -98.17 52.96 -54.38
N PHE H 101 -97.39 52.91 -55.46
CA PHE H 101 -96.38 53.94 -55.70
C PHE H 101 -96.91 55.35 -55.88
N ASP H 102 -98.18 55.48 -56.28
CA ASP H 102 -98.76 56.80 -56.51
C ASP H 102 -99.06 57.53 -55.20
N LYS H 103 -99.43 56.77 -54.17
CA LYS H 103 -99.71 57.38 -52.88
C LYS H 103 -98.40 57.89 -52.26
N CYS H 104 -97.34 57.09 -52.36
CA CYS H 104 -96.04 57.48 -51.87
C CYS H 104 -95.56 58.71 -52.62
N ILE H 105 -95.63 58.66 -53.95
CA ILE H 105 -95.23 59.79 -54.78
C ILE H 105 -96.00 61.05 -54.40
N GLU H 106 -97.31 60.91 -54.17
CA GLU H 106 -98.11 62.07 -53.83
C GLU H 106 -97.72 62.62 -52.47
N GLU H 107 -97.45 61.71 -51.53
CA GLU H 107 -97.03 62.10 -50.19
C GLU H 107 -95.72 62.88 -50.17
N ILE H 108 -94.78 62.49 -51.03
CA ILE H 108 -93.44 63.09 -51.05
C ILE H 108 -93.39 64.44 -51.76
N HIS H 109 -93.95 64.49 -52.96
CA HIS H 109 -93.81 65.65 -53.85
C HIS H 109 -95.05 66.54 -53.91
N HIS H 110 -96.21 65.99 -53.54
CA HIS H 110 -97.50 66.65 -53.74
C HIS H 110 -97.88 66.55 -55.21
N PHE H 111 -97.62 65.40 -55.82
CA PHE H 111 -97.83 65.15 -57.24
C PHE H 111 -98.90 64.08 -57.39
N LYS H 112 -100.04 64.49 -57.95
CA LYS H 112 -101.20 63.63 -58.08
C LYS H 112 -101.12 62.72 -59.29
N PRO H 113 -101.81 61.57 -59.22
CA PRO H 113 -101.77 60.50 -60.22
C PRO H 113 -102.33 60.98 -61.56
N SER H 114 -102.98 62.14 -61.52
CA SER H 114 -103.56 62.75 -62.71
C SER H 114 -102.66 63.88 -63.20
N ASP H 115 -101.67 64.22 -62.38
CA ASP H 115 -100.67 65.23 -62.70
C ASP H 115 -99.62 64.71 -63.68
N LYS H 116 -98.85 65.63 -64.25
CA LYS H 116 -97.89 65.29 -65.28
C LYS H 116 -96.66 66.17 -65.17
N HIS H 117 -95.48 65.55 -65.34
CA HIS H 117 -94.21 66.23 -65.16
C HIS H 117 -93.97 67.27 -66.27
N PRO H 118 -93.53 68.47 -65.88
CA PRO H 118 -93.30 69.61 -66.79
C PRO H 118 -92.05 69.49 -67.65
N ALA H 119 -92.06 70.17 -68.78
CA ALA H 119 -90.90 70.21 -69.67
C ALA H 119 -89.67 70.70 -68.91
N PRO H 120 -88.48 70.22 -69.30
CA PRO H 120 -87.19 70.57 -68.66
C PRO H 120 -86.76 72.02 -68.84
N ASP H 121 -86.34 72.67 -67.75
CA ASP H 121 -85.73 74.01 -67.82
C ASP H 121 -84.39 74.10 -67.11
N LEU H 122 -83.34 74.31 -67.90
CA LEU H 122 -81.97 74.37 -67.39
C LEU H 122 -81.35 75.75 -67.59
N ASP H 123 -82.12 76.66 -68.18
CA ASP H 123 -81.63 78.02 -68.36
C ASP H 123 -81.48 78.71 -67.01
N HIS H 124 -80.23 78.86 -66.55
CA HIS H 124 -79.96 79.52 -65.28
C HIS H 124 -80.08 81.03 -65.40
N ASN H 125 -79.89 81.52 -66.62
CA ASN H 125 -80.03 82.95 -66.86
C ASN H 125 -81.41 83.43 -66.41
N LYS H 126 -82.36 82.50 -66.31
CA LYS H 126 -83.71 82.80 -65.84
C LYS H 126 -83.85 82.60 -64.33
N LEU H 127 -82.77 82.80 -63.60
CA LEU H 127 -82.78 82.63 -62.15
C LEU H 127 -82.74 84.01 -61.49
N VAL H 128 -83.35 84.14 -60.31
CA VAL H 128 -83.34 85.43 -59.61
C VAL H 128 -82.59 85.38 -58.27
N GLY H 129 -81.37 85.90 -58.28
CA GLY H 129 -80.46 85.71 -57.18
C GLY H 129 -79.61 84.48 -57.48
N GLY H 130 -79.03 83.89 -56.44
CA GLY H 130 -78.20 82.71 -56.63
C GLY H 130 -76.79 82.92 -56.10
N VAL H 131 -76.48 84.15 -55.75
CA VAL H 131 -75.17 84.48 -55.24
C VAL H 131 -75.31 84.91 -53.79
N PHE H 132 -75.25 83.95 -52.88
CA PHE H 132 -75.40 84.25 -51.47
C PHE H 132 -74.10 84.73 -50.85
N GLU H 133 -74.22 85.45 -49.74
CA GLU H 133 -73.08 85.90 -48.97
C GLU H 133 -72.25 84.70 -48.52
N ASP H 134 -70.94 84.92 -48.35
CA ASP H 134 -70.04 83.89 -47.86
C ASP H 134 -70.08 83.80 -46.34
N LYS H 135 -70.74 84.76 -45.70
CA LYS H 135 -70.89 84.72 -44.26
C LYS H 135 -71.94 83.69 -43.85
N TYR H 136 -72.79 83.33 -44.81
CA TYR H 136 -73.95 82.48 -44.53
C TYR H 136 -73.89 81.14 -45.26
N VAL H 137 -73.57 81.17 -46.54
CA VAL H 137 -73.46 79.95 -47.32
C VAL H 137 -72.01 79.55 -47.52
N LYS H 138 -71.62 78.44 -46.91
CA LYS H 138 -70.24 77.97 -46.93
C LYS H 138 -69.83 77.29 -48.24
N SER H 139 -70.77 76.65 -48.93
CA SER H 139 -70.52 76.10 -50.27
C SER H 139 -71.81 75.61 -50.96
N CYS H 140 -71.72 75.41 -52.28
CA CYS H 140 -72.86 74.95 -53.09
C CYS H 140 -72.63 73.68 -53.91
N ARG H 141 -73.71 72.91 -54.12
CA ARG H 141 -73.67 71.64 -54.85
C ARG H 141 -75.03 71.35 -55.48
N ILE H 142 -75.06 71.16 -56.79
CA ILE H 142 -76.27 70.65 -57.45
C ILE H 142 -76.01 69.24 -57.94
N ARG H 143 -77.06 68.44 -58.00
CA ARG H 143 -76.95 67.00 -58.13
C ARG H 143 -78.14 66.43 -58.90
N CYS H 144 -77.91 65.43 -59.74
CA CYS H 144 -79.03 64.68 -60.29
C CYS H 144 -78.69 63.20 -60.51
N GLY H 145 -79.70 62.34 -60.37
CA GLY H 145 -79.58 60.93 -60.67
C GLY H 145 -80.17 60.52 -62.01
N ARG H 146 -79.56 59.50 -62.63
CA ARG H 146 -80.02 58.92 -63.89
C ARG H 146 -79.76 57.43 -63.86
N SER H 147 -80.62 56.64 -64.50
CA SER H 147 -80.46 55.19 -64.51
C SER H 147 -80.37 54.72 -65.94
N VAL H 148 -79.53 53.73 -66.18
CA VAL H 148 -79.33 53.18 -67.52
C VAL H 148 -80.47 52.27 -67.91
N LYS H 149 -81.10 52.59 -69.05
CA LYS H 149 -82.31 51.92 -69.49
C LYS H 149 -82.05 50.49 -69.97
N GLY H 150 -82.84 49.55 -69.46
CA GLY H 150 -82.74 48.16 -69.86
C GLY H 150 -81.95 47.32 -68.87
N VAL H 151 -81.51 47.97 -67.79
CA VAL H 151 -80.70 47.30 -66.79
C VAL H 151 -81.32 47.43 -65.41
N CYS H 152 -81.41 46.32 -64.68
CA CYS H 152 -81.99 46.33 -63.34
C CYS H 152 -81.41 47.46 -62.50
N LEU H 153 -82.20 47.93 -61.55
CA LEU H 153 -81.76 48.98 -60.64
C LEU H 153 -80.95 48.38 -59.49
N PRO H 154 -80.07 49.19 -58.88
CA PRO H 154 -79.06 48.75 -57.90
C PRO H 154 -79.52 47.80 -56.76
N PRO H 155 -80.76 47.93 -56.26
CA PRO H 155 -81.19 46.98 -55.22
C PRO H 155 -81.27 45.53 -55.72
N ALA H 156 -81.28 45.35 -57.03
CA ALA H 156 -81.52 44.02 -57.61
C ALA H 156 -80.60 43.64 -58.77
N MET H 157 -79.76 44.57 -59.23
CA MET H 157 -78.88 44.28 -60.39
C MET H 157 -77.72 43.34 -60.06
N SER H 158 -77.32 42.55 -61.05
CA SER H 158 -76.31 41.53 -60.86
C SER H 158 -74.89 42.08 -60.88
N ARG H 159 -73.91 41.17 -60.85
CA ARG H 159 -72.52 41.58 -60.94
C ARG H 159 -72.17 41.95 -62.37
N ALA H 160 -72.47 41.06 -63.32
CA ALA H 160 -72.41 41.40 -64.74
C ALA H 160 -73.09 42.75 -65.02
N GLU H 161 -74.40 42.82 -64.83
CA GLU H 161 -75.17 44.06 -65.00
C GLU H 161 -74.51 45.33 -64.45
N ARG H 162 -74.15 45.32 -63.17
CA ARG H 162 -73.40 46.45 -62.60
C ARG H 162 -72.11 46.69 -63.38
N ARG H 163 -71.39 45.61 -63.70
CA ARG H 163 -70.12 45.69 -64.43
C ARG H 163 -70.27 46.19 -65.86
N LEU H 164 -71.29 45.70 -66.55
CA LEU H 164 -71.59 46.18 -67.90
C LEU H 164 -71.91 47.67 -67.84
N VAL H 165 -72.74 48.05 -66.87
CA VAL H 165 -73.07 49.45 -66.62
C VAL H 165 -71.82 50.28 -66.43
N GLU H 166 -71.04 49.93 -65.41
CA GLU H 166 -69.79 50.62 -65.10
C GLU H 166 -69.02 51.00 -66.35
N LYS H 167 -68.92 50.04 -67.25
CA LYS H 167 -68.17 50.20 -68.49
C LYS H 167 -68.78 51.32 -69.32
N VAL H 168 -69.74 50.95 -70.16
CA VAL H 168 -70.52 51.89 -70.98
C VAL H 168 -70.42 53.35 -70.53
N VAL H 169 -70.84 53.60 -69.29
CA VAL H 169 -70.86 54.94 -68.72
C VAL H 169 -69.49 55.59 -68.52
N SER H 170 -68.50 54.85 -68.02
CA SER H 170 -67.16 55.43 -67.90
C SER H 170 -66.47 55.56 -69.26
N ASP H 171 -67.01 54.89 -70.27
CA ASP H 171 -66.52 55.02 -71.63
C ASP H 171 -67.09 56.27 -72.31
N ALA H 172 -68.32 56.62 -71.95
CA ALA H 172 -68.93 57.87 -72.44
C ALA H 172 -68.35 59.08 -71.72
N LEU H 173 -68.12 58.93 -70.42
CA LEU H 173 -67.58 60.00 -69.60
C LEU H 173 -66.15 60.40 -69.96
N GLY H 174 -65.60 59.72 -70.97
CA GLY H 174 -64.30 60.08 -71.51
C GLY H 174 -64.46 60.77 -72.85
N GLY H 175 -65.70 61.10 -73.20
CA GLY H 175 -65.97 61.88 -74.40
C GLY H 175 -66.04 63.36 -74.07
N LEU H 176 -66.17 63.65 -72.78
CA LEU H 176 -66.21 65.02 -72.28
C LEU H 176 -64.88 65.72 -72.51
N LYS H 177 -64.96 66.98 -72.95
CA LYS H 177 -63.74 67.74 -73.25
C LYS H 177 -63.86 69.18 -72.76
N GLY H 178 -62.76 69.92 -72.87
CA GLY H 178 -62.71 71.26 -72.32
C GLY H 178 -62.45 71.22 -70.84
N ASP H 179 -63.08 72.13 -70.09
CA ASP H 179 -62.87 72.18 -68.65
C ASP H 179 -63.67 71.09 -67.94
N LEU H 180 -64.41 70.30 -68.73
CA LEU H 180 -65.23 69.21 -68.22
C LEU H 180 -64.47 67.89 -68.20
N ALA H 181 -63.40 67.81 -68.98
CA ALA H 181 -62.62 66.58 -69.11
C ALA H 181 -62.19 66.07 -67.74
N GLY H 182 -62.18 64.75 -67.57
CA GLY H 182 -61.84 64.14 -66.30
C GLY H 182 -61.43 62.68 -66.40
N LYS H 183 -61.09 62.07 -65.26
CA LYS H 183 -60.60 60.69 -65.27
C LYS H 183 -61.48 59.77 -64.41
N TYR H 184 -61.55 58.49 -64.77
CA TYR H 184 -62.36 57.53 -64.02
C TYR H 184 -61.56 56.64 -63.07
N TYR H 185 -61.78 56.84 -61.77
CA TYR H 185 -61.12 56.08 -60.72
C TYR H 185 -62.05 55.04 -60.07
N PRO H 186 -61.66 53.76 -60.11
CA PRO H 186 -62.44 52.63 -59.58
C PRO H 186 -62.22 52.41 -58.09
N LEU H 187 -63.30 52.05 -57.40
CA LEU H 187 -63.24 51.82 -55.97
C LEU H 187 -62.31 50.63 -55.65
N THR H 188 -62.52 49.52 -56.35
CA THR H 188 -61.70 48.32 -56.15
C THR H 188 -60.21 48.64 -55.98
N THR H 189 -59.75 49.71 -56.63
CA THR H 189 -58.32 50.01 -56.67
C THR H 189 -57.92 51.34 -56.01
N MET H 190 -58.82 51.93 -55.24
CA MET H 190 -58.52 53.18 -54.54
C MET H 190 -57.99 52.81 -53.16
N ASN H 191 -57.10 53.62 -52.60
CA ASN H 191 -56.63 53.34 -51.25
C ASN H 191 -57.46 54.10 -50.21
N GLU H 192 -57.72 53.46 -49.08
CA GLU H 192 -58.55 54.04 -48.03
C GLU H 192 -58.27 55.53 -47.80
N LYS H 193 -57.00 55.88 -47.66
CA LYS H 193 -56.62 57.29 -47.49
C LYS H 193 -57.25 58.18 -48.58
N ASP H 194 -56.99 57.85 -49.85
CA ASP H 194 -57.54 58.63 -50.97
C ASP H 194 -59.06 58.70 -50.94
N GLN H 195 -59.70 57.54 -50.94
CA GLN H 195 -61.13 57.44 -50.69
C GLN H 195 -61.57 58.33 -49.50
N GLU H 196 -61.10 57.98 -48.30
CA GLU H 196 -61.46 58.74 -47.09
C GLU H 196 -61.36 60.25 -47.25
N GLN H 197 -60.20 60.73 -47.71
CA GLN H 197 -60.01 62.16 -47.94
C GLN H 197 -61.17 62.74 -48.73
N LEU H 198 -61.41 62.15 -49.90
CA LEU H 198 -62.53 62.53 -50.77
C LEU H 198 -63.89 62.51 -50.06
N ILE H 199 -64.05 61.65 -49.07
CA ILE H 199 -65.29 61.58 -48.32
C ILE H 199 -65.27 62.60 -47.19
N GLU H 200 -64.06 63.04 -46.82
CA GLU H 200 -63.90 64.14 -45.88
C GLU H 200 -64.10 65.48 -46.58
N ASP H 201 -63.98 65.47 -47.91
CA ASP H 201 -64.02 66.70 -48.72
C ASP H 201 -65.31 66.80 -49.56
N HIS H 202 -66.33 66.05 -49.16
CA HIS H 202 -67.67 66.15 -49.78
C HIS H 202 -67.70 65.89 -51.28
N PHE H 203 -66.68 65.21 -51.81
CA PHE H 203 -66.68 64.81 -53.21
C PHE H 203 -67.34 63.46 -53.42
N LEU H 204 -66.87 62.45 -52.70
CA LEU H 204 -67.24 61.06 -52.96
C LEU H 204 -68.28 60.52 -51.98
N PHE H 205 -69.04 59.53 -52.42
CA PHE H 205 -70.03 58.89 -51.56
C PHE H 205 -69.37 58.14 -50.40
N GLU H 206 -70.09 58.02 -49.29
CA GLU H 206 -69.53 57.40 -48.08
C GLU H 206 -69.45 55.87 -48.17
N LYS H 207 -68.79 55.27 -47.18
CA LYS H 207 -68.63 53.80 -47.11
C LYS H 207 -69.98 53.14 -46.87
N PRO H 208 -70.20 52.00 -47.55
CA PRO H 208 -71.46 51.25 -47.63
C PRO H 208 -72.02 50.84 -46.28
N THR H 209 -72.69 51.76 -45.58
CA THR H 209 -73.32 51.46 -44.29
C THR H 209 -74.63 52.22 -44.08
N GLY H 210 -75.21 52.75 -45.17
CA GLY H 210 -76.42 53.53 -45.06
C GLY H 210 -77.64 52.65 -44.90
N ALA H 211 -78.46 52.94 -43.89
CA ALA H 211 -79.60 52.08 -43.55
C ALA H 211 -80.43 51.63 -44.75
N LEU H 212 -80.55 52.51 -45.75
CA LEU H 212 -81.23 52.15 -46.98
C LEU H 212 -80.33 51.32 -47.90
N LEU H 213 -79.12 51.81 -48.15
CA LEU H 213 -78.18 51.15 -49.04
C LEU H 213 -77.97 49.69 -48.68
N THR H 214 -77.89 49.40 -47.38
CA THR H 214 -77.72 48.01 -46.97
C THR H 214 -79.03 47.23 -47.07
N THR H 215 -80.08 47.68 -46.38
CA THR H 215 -81.30 46.87 -46.27
C THR H 215 -82.14 46.79 -47.53
N SER H 216 -81.74 47.51 -48.58
CA SER H 216 -82.45 47.47 -49.87
C SER H 216 -81.69 46.69 -50.96
N GLY H 217 -80.47 46.27 -50.67
CA GLY H 217 -79.69 45.45 -51.59
C GLY H 217 -78.65 46.23 -52.37
N CYS H 218 -78.56 47.52 -52.08
CA CYS H 218 -77.71 48.44 -52.85
C CYS H 218 -76.22 48.37 -52.54
N ALA H 219 -75.83 47.42 -51.70
CA ALA H 219 -74.43 47.31 -51.31
C ALA H 219 -73.80 45.98 -51.70
N ARG H 220 -74.59 45.08 -52.29
CA ARG H 220 -74.08 43.77 -52.66
C ARG H 220 -72.75 43.90 -53.40
N ASP H 221 -71.85 42.95 -53.15
CA ASP H 221 -70.62 42.80 -53.92
C ASP H 221 -69.65 43.99 -53.78
N TRP H 222 -69.78 44.75 -52.69
CA TRP H 222 -69.00 45.98 -52.53
C TRP H 222 -67.51 45.65 -52.51
N PRO H 223 -66.68 46.48 -53.15
CA PRO H 223 -67.00 47.72 -53.86
C PRO H 223 -67.01 47.56 -55.38
N ASP H 224 -67.43 46.40 -55.86
CA ASP H 224 -67.29 46.06 -57.28
C ASP H 224 -68.23 46.88 -58.17
N GLY H 225 -67.66 47.53 -59.20
CA GLY H 225 -68.44 48.31 -60.14
C GLY H 225 -68.70 49.75 -59.72
N ARG H 226 -68.39 50.09 -58.47
CA ARG H 226 -68.54 51.44 -57.97
C ARG H 226 -67.35 52.32 -58.35
N GLY H 227 -67.37 53.59 -57.94
CA GLY H 227 -66.25 54.51 -58.17
C GLY H 227 -66.70 55.92 -58.50
N ILE H 228 -65.74 56.85 -58.56
CA ILE H 228 -66.04 58.25 -58.89
C ILE H 228 -65.21 58.78 -60.06
N TRP H 229 -65.90 59.36 -61.04
CA TRP H 229 -65.30 60.08 -62.15
C TRP H 229 -65.29 61.58 -61.79
N HIS H 230 -64.19 62.27 -62.11
CA HIS H 230 -64.08 63.68 -61.81
C HIS H 230 -63.08 64.41 -62.70
N ASN H 231 -63.22 65.73 -62.78
CA ASN H 231 -62.31 66.54 -63.57
C ASN H 231 -61.21 67.12 -62.69
N ASN H 232 -60.19 67.69 -63.30
CA ASN H 232 -59.04 68.17 -62.54
C ASN H 232 -59.44 69.02 -61.35
N GLU H 233 -60.27 70.03 -61.62
CA GLU H 233 -60.66 71.02 -60.61
C GLU H 233 -61.57 70.41 -59.53
N LYS H 234 -62.10 69.22 -59.80
CA LYS H 234 -63.05 68.59 -58.89
C LYS H 234 -64.23 69.52 -58.58
N ASN H 235 -64.81 70.09 -59.63
CA ASN H 235 -66.02 70.89 -59.46
C ASN H 235 -67.16 70.34 -60.31
N PHE H 236 -66.82 69.31 -61.09
CA PHE H 236 -67.80 68.52 -61.84
C PHE H 236 -67.40 67.04 -61.79
N LEU H 237 -68.33 66.17 -61.40
CA LEU H 237 -67.99 64.76 -61.22
C LEU H 237 -69.14 63.82 -61.51
N VAL H 238 -68.86 62.52 -61.47
CA VAL H 238 -69.89 61.51 -61.66
C VAL H 238 -69.71 60.35 -60.68
N TRP H 239 -70.73 60.07 -59.89
CA TRP H 239 -70.77 58.85 -59.09
C TRP H 239 -71.31 57.73 -59.95
N ILE H 240 -70.74 56.55 -59.80
CA ILE H 240 -71.18 55.40 -60.58
C ILE H 240 -71.50 54.21 -59.67
N ASN H 241 -72.74 53.75 -59.75
CA ASN H 241 -73.17 52.51 -59.11
C ASN H 241 -73.20 52.46 -57.58
N GLU H 242 -73.55 53.56 -56.93
CA GLU H 242 -73.93 53.50 -55.52
C GLU H 242 -75.46 53.28 -55.38
N GLU H 243 -76.21 54.28 -54.91
CA GLU H 243 -77.67 54.17 -54.82
C GLU H 243 -78.32 54.14 -56.21
N ASP H 244 -77.82 55.01 -57.09
CA ASP H 244 -78.26 55.01 -58.48
C ASP H 244 -77.09 54.56 -59.38
N HIS H 245 -77.35 54.44 -60.68
CA HIS H 245 -76.28 54.18 -61.62
C HIS H 245 -75.39 55.41 -61.75
N ILE H 246 -76.00 56.53 -62.12
CA ILE H 246 -75.22 57.73 -62.37
C ILE H 246 -75.72 58.89 -61.52
N ARG H 247 -74.77 59.60 -60.91
CA ARG H 247 -75.07 60.89 -60.30
C ARG H 247 -74.23 61.92 -61.02
N VAL H 248 -74.88 62.93 -61.59
CA VAL H 248 -74.14 64.04 -62.16
C VAL H 248 -74.05 65.11 -61.08
N ILE H 249 -72.83 65.50 -60.75
CA ILE H 249 -72.65 66.42 -59.64
C ILE H 249 -71.90 67.68 -60.09
N SER H 250 -72.34 68.82 -59.56
CA SER H 250 -71.65 70.09 -59.71
C SER H 250 -71.53 70.71 -58.33
N MET H 251 -70.32 71.13 -57.95
CA MET H 251 -70.14 71.84 -56.67
C MET H 251 -68.91 72.73 -56.65
N GLN H 252 -68.78 73.49 -55.59
CA GLN H 252 -67.68 74.44 -55.42
C GLN H 252 -67.86 75.08 -54.05
N LYS H 253 -66.87 75.87 -53.63
CA LYS H 253 -66.96 76.61 -52.38
C LYS H 253 -67.48 78.03 -52.61
N GLY H 254 -68.10 78.61 -51.58
CA GLY H 254 -68.74 79.91 -51.69
C GLY H 254 -70.20 79.76 -52.04
N GLY H 255 -70.92 80.88 -52.05
CA GLY H 255 -72.35 80.87 -52.26
C GLY H 255 -72.80 81.06 -53.70
N ASP H 256 -71.88 80.84 -54.64
CA ASP H 256 -72.19 81.04 -56.05
C ASP H 256 -73.08 79.91 -56.60
N LEU H 257 -74.28 79.80 -56.04
CA LEU H 257 -75.26 78.81 -56.44
C LEU H 257 -75.47 78.90 -57.95
N LYS H 258 -75.57 80.14 -58.44
CA LYS H 258 -75.81 80.37 -59.85
C LYS H 258 -74.71 79.82 -60.76
N ALA H 259 -73.46 80.14 -60.43
CA ALA H 259 -72.32 79.59 -61.15
C ALA H 259 -72.40 78.07 -61.24
N VAL H 260 -72.70 77.45 -60.09
CA VAL H 260 -72.84 76.00 -60.00
C VAL H 260 -73.93 75.47 -60.93
N PHE H 261 -75.08 76.13 -60.93
CA PHE H 261 -76.21 75.73 -61.77
C PHE H 261 -75.92 75.89 -63.27
N SER H 262 -75.05 76.84 -63.60
CA SER H 262 -74.57 76.98 -64.97
C SER H 262 -73.69 75.81 -65.35
N ARG H 263 -72.71 75.49 -64.50
CA ARG H 263 -71.81 74.39 -64.81
C ARG H 263 -72.60 73.09 -64.84
N PHE H 264 -73.55 73.00 -63.92
CA PHE H 264 -74.37 71.79 -63.78
C PHE H 264 -75.11 71.52 -65.07
N ALA H 265 -75.90 72.50 -65.49
CA ALA H 265 -76.67 72.42 -66.74
C ALA H 265 -75.77 72.06 -67.90
N ARG H 266 -74.73 72.87 -68.10
CA ARG H 266 -73.75 72.65 -69.17
C ARG H 266 -73.31 71.19 -69.21
N GLY H 267 -72.70 70.74 -68.11
CA GLY H 267 -72.17 69.39 -68.00
C GLY H 267 -73.19 68.27 -68.06
N LEU H 268 -74.31 68.45 -67.36
CA LEU H 268 -75.39 67.46 -67.43
C LEU H 268 -75.82 67.24 -68.87
N LEU H 269 -75.92 68.33 -69.64
CA LEU H 269 -76.37 68.25 -71.02
C LEU H 269 -75.43 67.46 -71.93
N GLU H 270 -74.14 67.77 -71.89
CA GLU H 270 -73.16 66.98 -72.65
C GLU H 270 -73.31 65.49 -72.30
N VAL H 271 -73.36 65.21 -71.01
CA VAL H 271 -73.55 63.84 -70.52
C VAL H 271 -74.71 63.15 -71.23
N GLU H 272 -75.92 63.69 -71.06
CA GLU H 272 -77.11 63.09 -71.67
C GLU H 272 -76.93 62.86 -73.17
N ARG H 273 -76.23 63.80 -73.82
CA ARG H 273 -75.91 63.70 -75.24
C ARG H 273 -74.96 62.54 -75.55
N LEU H 274 -73.95 62.36 -74.71
CA LEU H 274 -72.94 61.34 -74.95
C LEU H 274 -73.50 59.93 -74.80
N MET H 275 -74.21 59.68 -73.70
CA MET H 275 -74.87 58.40 -73.47
C MET H 275 -75.77 58.02 -74.64
N LYS H 276 -76.46 59.01 -75.19
CA LYS H 276 -77.36 58.79 -76.32
C LYS H 276 -76.57 58.53 -77.60
N GLU H 277 -75.37 59.11 -77.64
CA GLU H 277 -74.49 58.97 -78.80
C GLU H 277 -73.90 57.56 -78.86
N CYS H 278 -73.48 57.03 -77.70
CA CYS H 278 -72.96 55.68 -77.62
C CYS H 278 -74.09 54.66 -77.75
N GLY H 279 -75.32 55.16 -77.74
CA GLY H 279 -76.48 54.34 -78.04
C GLY H 279 -77.29 53.85 -76.86
N HIS H 280 -76.98 54.36 -75.68
CA HIS H 280 -77.62 53.86 -74.47
C HIS H 280 -78.70 54.81 -73.94
N GLY H 281 -79.95 54.35 -73.96
CA GLY H 281 -81.05 55.13 -73.43
C GLY H 281 -81.01 55.28 -71.92
N LEU H 282 -81.64 56.33 -71.42
CA LEU H 282 -81.80 56.50 -69.97
C LEU H 282 -83.27 56.21 -69.61
N MET H 283 -83.47 55.55 -68.48
CA MET H 283 -84.78 55.14 -67.98
C MET H 283 -85.67 56.36 -67.83
N HIS H 284 -86.81 56.36 -68.54
CA HIS H 284 -87.72 57.52 -68.55
C HIS H 284 -89.19 57.11 -68.59
N ASN H 285 -90.05 57.97 -68.07
CA ASN H 285 -91.50 57.77 -68.04
C ASN H 285 -92.21 59.00 -68.63
N ASP H 286 -93.22 58.76 -69.46
CA ASP H 286 -93.94 59.85 -70.12
C ASP H 286 -94.60 60.79 -69.11
N ARG H 287 -95.17 60.20 -68.06
CA ARG H 287 -95.88 60.95 -67.04
C ARG H 287 -94.95 61.47 -65.93
N LEU H 288 -93.95 60.68 -65.58
CA LEU H 288 -93.11 60.95 -64.40
C LEU H 288 -91.64 61.27 -64.69
N GLY H 289 -91.34 61.65 -65.93
CA GLY H 289 -89.98 62.00 -66.29
C GLY H 289 -88.99 60.90 -65.98
N TYR H 290 -87.84 61.27 -65.42
CA TYR H 290 -86.79 60.31 -65.08
C TYR H 290 -87.10 59.53 -63.82
N ILE H 291 -86.63 58.29 -63.77
CA ILE H 291 -86.86 57.40 -62.65
C ILE H 291 -85.54 56.98 -61.97
N CYS H 292 -85.51 57.01 -60.64
CA CYS H 292 -84.31 56.57 -59.92
C CYS H 292 -84.64 55.54 -58.82
N THR H 293 -83.61 54.99 -58.18
CA THR H 293 -83.83 53.96 -57.14
C THR H 293 -84.88 54.36 -56.08
N CYS H 294 -84.82 55.60 -55.59
CA CYS H 294 -85.78 56.09 -54.60
C CYS H 294 -86.83 56.98 -55.26
N PRO H 295 -88.11 56.80 -54.88
CA PRO H 295 -89.28 57.60 -55.28
C PRO H 295 -89.06 59.12 -55.21
N THR H 296 -88.28 59.60 -54.24
CA THR H 296 -87.93 61.02 -54.21
C THR H 296 -87.07 61.41 -55.42
N ASN H 297 -86.29 60.46 -55.91
CA ASN H 297 -85.44 60.75 -57.06
C ASN H 297 -86.13 60.51 -58.39
N MET H 298 -87.05 61.42 -58.70
CA MET H 298 -87.95 61.31 -59.84
C MET H 298 -88.23 62.66 -60.46
N GLY H 299 -88.74 62.64 -61.68
CA GLY H 299 -88.97 63.85 -62.44
C GLY H 299 -87.64 64.35 -62.95
N THR H 300 -87.20 65.48 -62.39
CA THR H 300 -85.88 66.03 -62.67
C THR H 300 -84.76 65.31 -61.88
N VAL H 301 -85.13 64.67 -60.77
CA VAL H 301 -84.19 64.00 -59.89
C VAL H 301 -83.07 64.94 -59.43
N VAL H 302 -83.45 66.20 -59.21
CA VAL H 302 -82.51 67.26 -58.95
C VAL H 302 -82.51 67.62 -57.46
N ARG H 303 -81.35 67.49 -56.83
CA ARG H 303 -81.24 67.97 -55.45
C ARG H 303 -80.25 69.13 -55.37
N ALA H 304 -80.78 70.32 -55.14
CA ALA H 304 -79.94 71.51 -55.05
C ALA H 304 -79.74 71.90 -53.60
N SER H 305 -78.47 72.05 -53.19
CA SER H 305 -78.18 72.32 -51.80
C SER H 305 -77.11 73.39 -51.59
N VAL H 306 -77.13 73.95 -50.38
CA VAL H 306 -76.13 74.92 -49.93
C VAL H 306 -75.78 74.59 -48.49
N HIS H 307 -74.52 74.73 -48.12
CA HIS H 307 -74.10 74.54 -46.73
C HIS H 307 -74.41 75.81 -45.96
N LEU H 308 -75.57 75.86 -45.34
CA LEU H 308 -76.05 77.09 -44.74
C LEU H 308 -75.74 77.09 -43.26
N ARG H 309 -75.14 78.16 -42.77
CA ARG H 309 -74.95 78.30 -41.35
C ARG H 309 -76.07 79.15 -40.78
N LEU H 310 -76.53 78.80 -39.58
CA LEU H 310 -77.69 79.46 -38.96
C LEU H 310 -77.56 79.54 -37.45
N ALA H 311 -76.52 80.22 -36.99
CA ALA H 311 -76.15 80.24 -35.58
C ALA H 311 -77.19 80.83 -34.62
N PHE H 312 -78.25 81.44 -35.18
CA PHE H 312 -79.28 82.08 -34.36
C PHE H 312 -80.67 81.43 -34.51
N LEU H 313 -81.11 81.28 -35.76
CA LEU H 313 -82.42 80.70 -36.05
C LEU H 313 -82.55 79.26 -35.55
N GLU H 314 -81.46 78.51 -35.59
CA GLU H 314 -81.52 77.08 -35.27
C GLU H 314 -81.99 76.87 -33.84
N LYS H 315 -81.87 77.90 -33.01
CA LYS H 315 -82.34 77.86 -31.64
C LYS H 315 -83.82 78.21 -31.57
N HIS H 316 -84.37 78.66 -32.69
CA HIS H 316 -85.78 79.06 -32.74
C HIS H 316 -86.66 77.84 -32.87
N PRO H 317 -87.79 77.83 -32.14
CA PRO H 317 -88.77 76.73 -32.09
C PRO H 317 -89.33 76.30 -33.44
N ARG H 318 -89.72 77.26 -34.28
CA ARG H 318 -90.44 76.95 -35.51
C ARG H 318 -89.55 76.71 -36.73
N PHE H 319 -88.24 76.64 -36.50
CA PHE H 319 -87.26 76.28 -37.51
C PHE H 319 -87.76 75.22 -38.49
N ASP H 320 -87.95 74.00 -37.98
CA ASP H 320 -88.38 72.88 -38.82
C ASP H 320 -89.70 73.17 -39.53
N GLU H 321 -90.55 73.97 -38.90
CA GLU H 321 -91.86 74.30 -39.44
C GLU H 321 -91.75 75.17 -40.69
N MET H 322 -90.80 76.11 -40.67
CA MET H 322 -90.55 76.98 -41.81
C MET H 322 -89.96 76.19 -42.98
N LEU H 323 -88.97 75.36 -42.68
CA LEU H 323 -88.37 74.49 -43.69
C LEU H 323 -89.46 73.64 -44.30
N GLY H 324 -90.32 73.12 -43.42
CA GLY H 324 -91.46 72.32 -43.83
C GLY H 324 -92.41 73.06 -44.77
N LYS H 325 -92.51 74.38 -44.61
CA LYS H 325 -93.41 75.19 -45.43
C LYS H 325 -92.74 75.73 -46.69
N LEU H 326 -91.43 75.95 -46.61
CA LEU H 326 -90.63 76.37 -47.76
C LEU H 326 -90.33 75.18 -48.67
N ARG H 327 -90.57 73.97 -48.16
CA ARG H 327 -90.26 72.78 -48.93
C ARG H 327 -88.75 72.66 -49.09
N LEU H 328 -88.05 72.61 -47.96
CA LEU H 328 -86.60 72.52 -47.93
C LEU H 328 -86.13 71.36 -47.06
N GLY H 329 -85.40 70.43 -47.67
CA GLY H 329 -84.84 69.31 -46.94
C GLY H 329 -83.84 69.76 -45.88
N LYS H 330 -83.62 68.92 -44.89
CA LYS H 330 -82.73 69.23 -43.80
C LYS H 330 -81.82 68.03 -43.58
N ARG H 331 -80.51 68.28 -43.65
CA ARG H 331 -79.49 67.24 -43.50
C ARG H 331 -78.29 67.82 -42.78
N GLY H 332 -77.39 66.95 -42.30
CA GLY H 332 -76.19 67.41 -41.60
C GLY H 332 -75.10 67.89 -42.53
N THR H 333 -73.97 68.33 -41.96
CA THR H 333 -72.88 68.86 -42.77
C THR H 333 -72.23 67.75 -43.59
N GLY H 334 -72.25 66.54 -43.04
CA GLY H 334 -71.79 65.36 -43.77
C GLY H 334 -72.94 64.70 -44.50
N GLY H 335 -74.11 65.33 -44.42
CA GLY H 335 -75.27 64.91 -45.17
C GLY H 335 -76.26 64.01 -44.43
N GLU H 336 -77.13 63.38 -45.21
CA GLU H 336 -78.17 62.49 -44.71
C GLU H 336 -77.87 61.80 -43.39
N SER H 337 -76.86 60.94 -43.36
CA SER H 337 -76.54 60.16 -42.17
C SER H 337 -75.54 60.86 -41.25
N SER H 338 -75.61 62.19 -41.19
CA SER H 338 -74.82 62.95 -40.24
C SER H 338 -75.58 64.20 -39.83
N LEU H 339 -75.38 64.63 -38.59
CA LEU H 339 -76.03 65.81 -38.05
C LEU H 339 -75.36 67.12 -38.47
N ALA H 340 -75.81 68.23 -37.88
CA ALA H 340 -75.25 69.54 -38.14
C ALA H 340 -73.96 69.83 -37.35
N THR H 341 -72.99 70.46 -38.03
CA THR H 341 -71.76 70.87 -37.38
C THR H 341 -71.59 72.39 -37.49
N ASP H 342 -71.21 73.02 -36.37
CA ASP H 342 -71.04 74.46 -36.28
C ASP H 342 -72.22 75.26 -36.85
N SER H 343 -73.42 74.87 -36.45
CA SER H 343 -74.64 75.58 -36.85
C SER H 343 -74.81 75.63 -38.36
N THR H 344 -74.16 74.69 -39.06
CA THR H 344 -74.29 74.60 -40.51
C THR H 344 -75.24 73.47 -40.92
N TYR H 345 -75.91 73.62 -42.06
CA TYR H 345 -76.94 72.68 -42.49
C TYR H 345 -76.94 72.48 -44.01
N ASP H 346 -76.98 71.22 -44.45
CA ASP H 346 -77.26 70.92 -45.85
C ASP H 346 -78.75 71.15 -46.13
N ILE H 347 -79.10 72.40 -46.37
CA ILE H 347 -80.48 72.78 -46.69
C ILE H 347 -80.66 72.79 -48.21
N SER H 348 -81.59 71.97 -48.70
CA SER H 348 -81.83 71.84 -50.14
C SER H 348 -83.31 71.82 -50.42
N ASN H 349 -83.66 71.83 -51.71
CA ASN H 349 -85.05 71.66 -52.12
C ASN H 349 -85.49 70.23 -51.92
N TRP H 350 -86.70 70.08 -51.39
CA TRP H 350 -87.25 68.79 -51.01
C TRP H 350 -87.81 68.01 -52.18
N ALA H 351 -88.72 68.64 -52.94
CA ALA H 351 -89.39 68.01 -54.07
C ALA H 351 -88.55 68.05 -55.34
N ARG H 352 -88.75 67.07 -56.21
CA ARG H 352 -87.95 66.98 -57.43
C ARG H 352 -88.86 66.74 -58.63
N LEU H 353 -89.89 65.93 -58.41
CA LEU H 353 -90.91 65.61 -59.40
C LEU H 353 -92.01 66.69 -59.43
N GLY H 354 -92.47 67.05 -60.63
CA GLY H 354 -93.60 67.96 -60.75
C GLY H 354 -93.26 69.39 -61.09
N LYS H 355 -91.98 69.74 -61.00
CA LYS H 355 -91.51 71.06 -61.43
C LYS H 355 -90.25 70.88 -62.26
N SER H 356 -89.68 71.99 -62.68
CA SER H 356 -88.46 71.96 -63.48
C SER H 356 -87.24 72.29 -62.65
N GLU H 357 -86.07 71.95 -63.18
CA GLU H 357 -84.82 72.22 -62.53
C GLU H 357 -84.75 73.66 -62.00
N ARG H 358 -84.99 74.63 -62.87
CA ARG H 358 -84.87 76.02 -62.45
C ARG H 358 -85.89 76.38 -61.37
N GLU H 359 -87.14 75.98 -61.57
CA GLU H 359 -88.18 76.19 -60.55
C GLU H 359 -87.62 75.67 -59.23
N LEU H 360 -87.22 74.41 -59.24
CA LEU H 360 -86.67 73.76 -58.04
C LEU H 360 -85.51 74.51 -57.40
N VAL H 361 -84.61 75.08 -58.21
CA VAL H 361 -83.52 75.89 -57.69
C VAL H 361 -84.01 77.19 -57.03
N GLN H 362 -84.88 77.92 -57.72
CA GLN H 362 -85.43 79.16 -57.18
C GLN H 362 -86.11 78.94 -55.83
N VAL H 363 -86.86 77.85 -55.73
CA VAL H 363 -87.44 77.42 -54.46
C VAL H 363 -86.37 77.34 -53.37
N LEU H 364 -85.17 76.93 -53.74
CA LEU H 364 -84.05 76.86 -52.79
C LEU H 364 -83.50 78.26 -52.50
N VAL H 365 -83.34 79.06 -53.55
CA VAL H 365 -82.86 80.43 -53.42
C VAL H 365 -83.73 81.26 -52.49
N ASP H 366 -85.04 81.20 -52.73
CA ASP H 366 -85.98 81.93 -51.90
C ASP H 366 -85.94 81.46 -50.45
N GLY H 367 -85.82 80.14 -50.26
CA GLY H 367 -85.76 79.60 -48.92
C GLY H 367 -84.50 80.02 -48.19
N VAL H 368 -83.39 80.03 -48.92
CA VAL H 368 -82.10 80.35 -48.33
C VAL H 368 -82.02 81.81 -47.91
N ASN H 369 -82.57 82.70 -48.75
CA ASN H 369 -82.65 84.13 -48.44
C ASN H 369 -83.49 84.41 -47.19
N LEU H 370 -84.73 83.92 -47.20
CA LEU H 370 -85.61 84.09 -46.05
C LEU H 370 -85.00 83.52 -44.75
N LEU H 371 -84.49 82.28 -44.82
CA LEU H 371 -83.89 81.62 -43.66
C LEU H 371 -82.69 82.38 -43.11
N ILE H 372 -81.98 83.09 -43.99
CA ILE H 372 -80.86 83.93 -43.57
C ILE H 372 -81.40 85.20 -42.95
N ALA H 373 -82.47 85.72 -43.56
CA ALA H 373 -83.09 86.97 -43.15
C ALA H 373 -83.66 86.88 -41.74
N CYS H 374 -84.19 85.71 -41.39
CA CYS H 374 -84.64 85.45 -40.03
C CYS H 374 -83.46 85.38 -39.04
N ASP H 375 -82.30 84.92 -39.50
CA ASP H 375 -81.10 84.81 -38.65
C ASP H 375 -80.58 86.17 -38.22
N LYS H 376 -80.79 87.17 -39.09
CA LYS H 376 -80.36 88.54 -38.83
C LYS H 376 -81.32 89.23 -37.84
N LYS H 377 -82.62 89.15 -38.11
CA LYS H 377 -83.63 89.72 -37.23
C LYS H 377 -83.46 89.25 -35.79
N LEU H 378 -83.19 87.96 -35.62
CA LEU H 378 -82.89 87.41 -34.30
C LEU H 378 -81.57 87.95 -33.75
N GLU H 379 -80.52 87.92 -34.56
CA GLU H 379 -79.20 88.36 -34.13
C GLU H 379 -79.31 89.69 -33.39
N ALA H 380 -80.10 90.61 -33.94
CA ALA H 380 -80.33 91.91 -33.32
C ALA H 380 -81.60 91.90 -32.50
N GLY H 381 -81.74 90.88 -31.64
CA GLY H 381 -82.88 90.72 -30.76
C GLY H 381 -84.21 91.30 -31.24
N GLN H 382 -84.78 90.69 -32.27
CA GLN H 382 -86.06 91.14 -32.80
C GLN H 382 -86.96 89.91 -32.98
N SER H 383 -88.15 90.10 -33.53
CA SER H 383 -89.04 88.96 -33.78
C SER H 383 -89.11 88.60 -35.26
N ILE H 384 -89.40 87.34 -35.53
CA ILE H 384 -89.50 86.85 -36.92
C ILE H 384 -90.89 86.29 -37.19
N ASP H 385 -91.74 86.38 -36.17
CA ASP H 385 -93.10 85.81 -36.18
C ASP H 385 -93.79 85.92 -37.54
N ASP H 386 -94.09 87.13 -37.96
CA ASP H 386 -94.84 87.36 -39.19
C ASP H 386 -94.11 86.92 -40.45
N MET H 387 -92.79 86.72 -40.33
CA MET H 387 -91.98 86.33 -41.48
C MET H 387 -92.16 84.87 -41.86
N ILE H 388 -92.50 84.04 -40.88
CA ILE H 388 -92.75 82.62 -41.13
C ILE H 388 -93.96 82.43 -42.05
N PRO H 389 -93.85 81.48 -42.99
CA PRO H 389 -94.97 81.17 -43.88
C PRO H 389 -96.18 80.71 -43.09
N LYS H 390 -97.34 81.29 -43.37
CA LYS H 390 -98.58 80.84 -42.75
C LYS H 390 -99.01 79.48 -43.30
N PHE I 25 -53.66 -40.93 -41.53
CA PHE I 25 -52.23 -40.96 -41.22
C PHE I 25 -51.69 -42.40 -41.15
N LYS I 26 -50.38 -42.52 -40.99
CA LYS I 26 -49.74 -43.82 -40.72
C LYS I 26 -49.44 -43.95 -39.23
N ALA I 27 -48.89 -45.09 -38.82
CA ALA I 27 -48.47 -45.30 -37.43
C ALA I 27 -47.17 -44.56 -37.19
N ALA I 28 -46.33 -44.52 -38.22
CA ALA I 28 -45.11 -43.76 -38.15
C ALA I 28 -45.43 -42.30 -37.89
N ASP I 29 -46.47 -41.82 -38.55
CA ASP I 29 -46.91 -40.42 -38.44
C ASP I 29 -47.23 -40.00 -37.01
N ASN I 30 -47.64 -40.96 -36.19
CA ASN I 30 -48.16 -40.65 -34.85
C ASN I 30 -47.27 -41.22 -33.74
N PHE I 31 -46.14 -41.81 -34.13
CA PHE I 31 -45.18 -42.36 -33.16
C PHE I 31 -44.62 -41.24 -32.26
N PRO I 32 -44.49 -41.50 -30.96
CA PRO I 32 -44.06 -40.41 -30.09
C PRO I 32 -42.53 -40.22 -30.10
N ASP I 33 -42.10 -38.99 -29.80
CA ASP I 33 -40.67 -38.71 -29.69
C ASP I 33 -40.17 -39.01 -28.28
N LEU I 34 -39.48 -40.13 -28.12
CA LEU I 34 -38.99 -40.53 -26.81
C LEU I 34 -37.48 -40.33 -26.64
N SER I 35 -36.95 -39.29 -27.28
CA SER I 35 -35.57 -38.83 -27.03
C SER I 35 -35.25 -38.71 -25.53
N LYS I 36 -35.99 -37.87 -24.83
CA LYS I 36 -35.65 -37.50 -23.45
C LYS I 36 -36.00 -38.55 -22.39
N HIS I 37 -36.89 -39.47 -22.73
CA HIS I 37 -37.60 -40.24 -21.70
C HIS I 37 -36.82 -41.34 -20.98
N ASN I 38 -37.03 -41.40 -19.66
CA ASN I 38 -36.53 -42.54 -18.91
C ASN I 38 -37.61 -43.22 -18.09
N ASN I 39 -38.44 -43.98 -18.78
CA ASN I 39 -39.48 -44.78 -18.15
C ASN I 39 -39.49 -46.15 -18.85
N VAL I 40 -40.22 -47.11 -18.30
CA VAL I 40 -40.24 -48.46 -18.89
C VAL I 40 -40.81 -48.41 -20.31
N MET I 41 -41.91 -47.70 -20.47
CA MET I 41 -42.51 -47.50 -21.77
C MET I 41 -41.44 -47.17 -22.82
N ALA I 42 -40.63 -46.16 -22.52
CA ALA I 42 -39.59 -45.71 -23.45
C ALA I 42 -38.47 -46.74 -23.62
N SER I 43 -38.25 -47.57 -22.61
CA SER I 43 -37.26 -48.63 -22.70
C SER I 43 -37.74 -49.84 -23.52
N GLN I 44 -39.06 -50.01 -23.60
CA GLN I 44 -39.65 -51.16 -24.28
C GLN I 44 -40.32 -50.88 -25.64
N LEU I 45 -40.83 -49.67 -25.85
CA LEU I 45 -41.63 -49.40 -27.05
C LEU I 45 -40.81 -49.31 -28.33
N THR I 46 -41.21 -50.08 -29.33
CA THR I 46 -40.52 -50.05 -30.62
C THR I 46 -41.53 -49.65 -31.70
N LYS I 47 -41.01 -49.20 -32.84
CA LYS I 47 -41.83 -48.73 -33.94
C LYS I 47 -42.65 -49.84 -34.59
N GLU I 48 -42.13 -51.07 -34.47
CA GLU I 48 -42.79 -52.26 -34.98
C GLU I 48 -43.97 -52.61 -34.10
N LEU I 49 -43.77 -52.47 -32.78
CA LEU I 49 -44.83 -52.65 -31.80
C LEU I 49 -45.91 -51.60 -31.91
N TYR I 50 -45.52 -50.37 -32.21
CA TYR I 50 -46.50 -49.29 -32.35
C TYR I 50 -47.37 -49.47 -33.60
N GLU I 51 -46.77 -49.96 -34.67
CA GLU I 51 -47.50 -50.24 -35.90
C GLU I 51 -48.48 -51.41 -35.74
N LYS I 52 -48.14 -52.32 -34.83
CA LYS I 52 -48.94 -53.52 -34.62
C LYS I 52 -50.19 -53.31 -33.79
N TYR I 53 -50.12 -52.38 -32.83
CA TYR I 53 -51.23 -52.19 -31.90
C TYR I 53 -51.99 -50.89 -32.08
N TRP I 54 -51.36 -49.90 -32.68
CA TRP I 54 -51.83 -48.54 -32.53
C TRP I 54 -53.30 -48.29 -32.91
N ASP I 55 -53.85 -49.13 -33.77
CA ASP I 55 -55.25 -49.01 -34.18
C ASP I 55 -56.12 -50.14 -33.64
N LYS I 56 -55.63 -50.81 -32.60
CA LYS I 56 -56.33 -51.92 -31.99
C LYS I 56 -57.04 -51.52 -30.70
N VAL I 57 -58.37 -51.53 -30.72
CA VAL I 57 -59.18 -51.12 -29.57
C VAL I 57 -59.58 -52.32 -28.72
N THR I 58 -59.84 -52.10 -27.42
CA THR I 58 -60.32 -53.18 -26.55
C THR I 58 -61.84 -53.12 -26.54
N PRO I 59 -62.51 -54.18 -26.06
CA PRO I 59 -63.97 -54.18 -26.13
C PRO I 59 -64.63 -53.08 -25.28
N ASN I 60 -63.85 -52.37 -24.48
CA ASN I 60 -64.39 -51.26 -23.70
C ASN I 60 -64.03 -49.92 -24.34
N GLY I 61 -63.38 -49.99 -25.49
CA GLY I 61 -63.06 -48.80 -26.26
C GLY I 61 -61.69 -48.20 -25.98
N VAL I 62 -60.95 -48.83 -25.08
CA VAL I 62 -59.59 -48.39 -24.74
C VAL I 62 -58.65 -48.57 -25.93
N THR I 63 -57.67 -47.68 -26.03
CA THR I 63 -56.69 -47.79 -27.11
C THR I 63 -55.26 -47.86 -26.55
N PHE I 64 -54.31 -48.11 -27.45
CA PHE I 64 -52.92 -48.30 -27.07
C PHE I 64 -52.24 -46.98 -26.72
N ASP I 65 -52.73 -45.89 -27.29
CA ASP I 65 -52.17 -44.57 -27.03
C ASP I 65 -52.54 -44.09 -25.63
N LYS I 66 -53.69 -44.54 -25.13
CA LYS I 66 -54.19 -44.17 -23.81
C LYS I 66 -53.41 -44.88 -22.71
N CYS I 67 -52.93 -46.08 -23.02
CA CYS I 67 -52.17 -46.86 -22.06
C CYS I 67 -50.81 -46.23 -21.85
N ILE I 68 -50.19 -45.81 -22.97
CA ILE I 68 -48.83 -45.25 -22.94
C ILE I 68 -48.78 -43.73 -22.80
N GLN I 69 -49.90 -43.05 -23.01
CA GLN I 69 -49.94 -41.58 -22.89
C GLN I 69 -49.23 -41.03 -21.64
N THR I 70 -49.31 -41.75 -20.54
CA THR I 70 -48.72 -41.22 -19.30
C THR I 70 -47.21 -41.14 -19.47
N GLY I 71 -46.62 -42.22 -19.99
CA GLY I 71 -45.20 -42.25 -20.28
C GLY I 71 -44.75 -41.21 -21.29
N VAL I 72 -45.50 -41.02 -22.36
CA VAL I 72 -45.17 -39.98 -23.32
C VAL I 72 -45.09 -38.64 -22.62
N ASP I 73 -46.04 -38.41 -21.71
CA ASP I 73 -46.17 -37.15 -20.98
C ASP I 73 -45.09 -36.87 -19.95
N ASN I 74 -44.49 -37.93 -19.40
CA ASN I 74 -43.53 -37.80 -18.30
C ASN I 74 -42.16 -38.43 -18.60
N PRO I 75 -41.23 -37.65 -19.18
CA PRO I 75 -39.88 -38.13 -19.51
C PRO I 75 -39.02 -38.39 -18.28
N GLY I 76 -39.28 -37.70 -17.17
CA GLY I 76 -38.39 -37.81 -16.01
C GLY I 76 -39.04 -37.94 -14.65
N ASN I 77 -38.26 -37.71 -13.62
CA ASN I 77 -38.71 -37.88 -12.24
C ASN I 77 -37.85 -37.09 -11.25
N LYS I 78 -38.49 -36.13 -10.56
CA LYS I 78 -37.81 -35.25 -9.63
C LYS I 78 -37.49 -35.99 -8.35
N PHE I 79 -38.15 -37.12 -8.15
CA PHE I 79 -37.92 -37.90 -6.95
C PHE I 79 -37.20 -39.16 -7.36
N TYR I 80 -37.38 -40.24 -6.60
CA TYR I 80 -36.55 -41.43 -6.78
C TYR I 80 -37.13 -42.40 -7.80
N GLY I 81 -36.25 -43.05 -8.54
CA GLY I 81 -36.60 -44.22 -9.32
C GLY I 81 -37.34 -44.02 -10.64
N LYS I 82 -37.02 -44.90 -11.59
CA LYS I 82 -37.71 -45.01 -12.87
C LYS I 82 -39.19 -45.29 -12.70
N LYS I 83 -40.00 -44.69 -13.55
CA LYS I 83 -41.45 -44.90 -13.55
C LYS I 83 -41.85 -45.84 -14.70
N THR I 84 -43.02 -46.44 -14.58
CA THR I 84 -43.49 -47.39 -15.57
C THR I 84 -43.96 -46.72 -16.88
N GLY I 85 -44.72 -45.64 -16.74
CA GLY I 85 -45.05 -44.81 -17.88
C GLY I 85 -46.14 -45.34 -18.79
N CYS I 86 -47.01 -46.17 -18.22
CA CYS I 86 -48.13 -46.76 -18.96
C CYS I 86 -49.02 -47.52 -17.98
N VAL I 87 -50.27 -47.74 -18.38
CA VAL I 87 -51.26 -48.38 -17.51
C VAL I 87 -52.25 -49.27 -18.26
N PHE I 88 -52.97 -50.11 -17.52
CA PHE I 88 -54.13 -50.82 -18.03
C PHE I 88 -55.38 -49.98 -17.82
N GLY I 89 -56.14 -49.75 -18.89
CA GLY I 89 -57.38 -48.99 -18.80
C GLY I 89 -58.60 -49.85 -18.52
N ASP I 90 -58.50 -51.15 -18.77
CA ASP I 90 -59.53 -52.10 -18.37
C ASP I 90 -58.97 -53.50 -18.20
N GLU I 91 -59.84 -54.43 -17.86
CA GLU I 91 -59.47 -55.84 -17.66
C GLU I 91 -59.03 -56.52 -18.96
N TYR I 92 -59.34 -55.90 -20.09
CA TYR I 92 -59.03 -56.46 -21.41
C TYR I 92 -57.70 -55.95 -21.97
N SER I 93 -57.12 -54.96 -21.31
CA SER I 93 -55.94 -54.30 -21.85
C SER I 93 -54.71 -55.21 -21.95
N TYR I 94 -54.51 -56.07 -20.95
CA TYR I 94 -53.31 -56.90 -20.94
C TYR I 94 -53.14 -57.75 -22.19
N GLU I 95 -54.24 -58.34 -22.66
CA GLU I 95 -54.16 -59.29 -23.77
C GLU I 95 -54.19 -58.61 -25.12
N CYS I 96 -54.85 -57.46 -25.19
CA CYS I 96 -54.82 -56.67 -26.41
C CYS I 96 -53.40 -56.32 -26.81
N TYR I 97 -52.57 -56.04 -25.82
CA TYR I 97 -51.24 -55.49 -26.05
C TYR I 97 -50.18 -56.30 -25.32
N LYS I 98 -50.35 -57.63 -25.35
CA LYS I 98 -49.52 -58.50 -24.53
C LYS I 98 -48.04 -58.51 -24.92
N GLU I 99 -47.76 -58.41 -26.22
CA GLU I 99 -46.37 -58.46 -26.69
C GLU I 99 -45.58 -57.23 -26.26
N PHE I 100 -46.27 -56.13 -26.02
CA PHE I 100 -45.61 -54.92 -25.51
C PHE I 100 -45.55 -54.87 -23.99
N PHE I 101 -46.67 -55.17 -23.34
CA PHE I 101 -46.69 -55.25 -21.88
C PHE I 101 -45.86 -56.43 -21.33
N ASP I 102 -45.78 -57.52 -22.07
CA ASP I 102 -44.92 -58.61 -21.64
C ASP I 102 -43.50 -58.10 -21.43
N LYS I 103 -43.08 -57.17 -22.29
CA LYS I 103 -41.75 -56.55 -22.18
C LYS I 103 -41.61 -55.68 -20.93
N CYS I 104 -42.71 -55.06 -20.50
CA CYS I 104 -42.69 -54.22 -19.30
C CYS I 104 -42.74 -55.05 -18.02
N ILE I 105 -43.51 -56.13 -18.05
CA ILE I 105 -43.63 -57.02 -16.91
C ILE I 105 -42.33 -57.74 -16.66
N GLU I 106 -41.53 -57.87 -17.72
CA GLU I 106 -40.27 -58.61 -17.62
C GLU I 106 -39.14 -57.76 -17.06
N GLU I 107 -39.16 -56.46 -17.36
CA GLU I 107 -38.15 -55.57 -16.81
C GLU I 107 -38.51 -55.26 -15.37
N ILE I 108 -39.79 -54.97 -15.13
CA ILE I 108 -40.22 -54.62 -13.77
C ILE I 108 -40.12 -55.78 -12.80
N HIS I 109 -40.68 -56.93 -13.19
CA HIS I 109 -40.82 -58.07 -12.27
C HIS I 109 -39.79 -59.20 -12.38
N HIS I 110 -39.03 -59.24 -13.49
CA HIS I 110 -38.12 -60.36 -13.79
C HIS I 110 -38.91 -61.64 -14.04
N PHE I 111 -40.02 -61.48 -14.75
CA PHE I 111 -40.99 -62.54 -14.93
C PHE I 111 -41.34 -62.59 -16.41
N LYS I 112 -41.11 -63.76 -17.03
CA LYS I 112 -41.25 -63.90 -18.47
C LYS I 112 -42.65 -64.36 -18.89
N PRO I 113 -42.96 -64.30 -20.20
CA PRO I 113 -44.25 -64.76 -20.71
C PRO I 113 -44.42 -66.27 -20.57
N SER I 114 -43.39 -66.96 -20.10
CA SER I 114 -43.45 -68.39 -19.88
C SER I 114 -43.49 -68.68 -18.37
N ASP I 115 -43.30 -67.65 -17.57
CA ASP I 115 -43.35 -67.80 -16.13
C ASP I 115 -44.81 -67.80 -15.65
N LYS I 116 -45.03 -68.28 -14.42
CA LYS I 116 -46.39 -68.33 -13.86
C LYS I 116 -46.44 -67.94 -12.38
N HIS I 117 -47.30 -66.99 -12.03
CA HIS I 117 -47.41 -66.49 -10.65
C HIS I 117 -47.92 -67.58 -9.71
N PRO I 118 -47.23 -67.78 -8.58
CA PRO I 118 -47.50 -68.85 -7.61
C PRO I 118 -48.84 -68.70 -6.87
N ALA I 119 -49.27 -69.78 -6.23
CA ALA I 119 -50.45 -69.76 -5.40
C ALA I 119 -50.18 -68.91 -4.15
N PRO I 120 -51.22 -68.26 -3.62
CA PRO I 120 -51.03 -67.34 -2.49
C PRO I 120 -50.31 -67.97 -1.30
N ASP I 121 -49.72 -67.13 -0.45
CA ASP I 121 -49.14 -67.58 0.80
C ASP I 121 -49.26 -66.49 1.89
N LEU I 122 -50.39 -66.51 2.60
CA LEU I 122 -50.63 -65.55 3.69
C LEU I 122 -50.26 -66.13 5.05
N ASP I 123 -49.31 -67.06 5.07
CA ASP I 123 -48.88 -67.63 6.34
C ASP I 123 -47.81 -66.75 6.96
N HIS I 124 -48.26 -65.82 7.80
CA HIS I 124 -47.39 -64.82 8.42
C HIS I 124 -46.47 -65.42 9.48
N ASN I 125 -46.84 -66.59 10.00
CA ASN I 125 -46.00 -67.29 10.97
C ASN I 125 -44.68 -67.74 10.37
N LYS I 126 -44.71 -68.04 9.07
CA LYS I 126 -43.54 -68.55 8.36
C LYS I 126 -42.47 -67.48 8.12
N LEU I 127 -42.81 -66.22 8.39
CA LEU I 127 -41.88 -65.11 8.20
C LEU I 127 -40.80 -65.09 9.27
N VAL I 128 -39.55 -65.22 8.82
CA VAL I 128 -38.37 -65.24 9.69
C VAL I 128 -37.85 -63.84 9.98
N GLY I 129 -37.85 -63.46 11.25
CA GLY I 129 -37.51 -62.09 11.63
C GLY I 129 -38.69 -61.17 11.32
N GLY I 130 -38.41 -59.93 10.97
CA GLY I 130 -39.45 -59.00 10.60
C GLY I 130 -39.93 -58.15 11.75
N VAL I 131 -39.26 -58.30 12.90
CA VAL I 131 -39.51 -57.46 14.06
C VAL I 131 -38.24 -56.67 14.32
N PHE I 132 -38.28 -55.38 14.00
CA PHE I 132 -37.06 -54.58 13.91
C PHE I 132 -36.74 -53.67 15.10
N GLU I 133 -35.53 -53.13 15.10
CA GLU I 133 -35.07 -52.22 16.15
C GLU I 133 -35.70 -50.83 15.98
N ASP I 134 -36.57 -50.46 16.91
CA ASP I 134 -37.23 -49.14 16.90
C ASP I 134 -36.29 -48.00 16.49
N LYS I 135 -35.01 -48.16 16.78
CA LYS I 135 -34.01 -47.17 16.44
C LYS I 135 -33.95 -46.93 14.93
N TYR I 136 -33.98 -48.01 14.15
CA TYR I 136 -33.87 -47.94 12.69
C TYR I 136 -35.20 -47.87 11.92
N VAL I 137 -36.19 -48.68 12.32
CA VAL I 137 -37.51 -48.66 11.70
C VAL I 137 -38.51 -47.88 12.54
N LYS I 138 -39.22 -46.94 11.92
CA LYS I 138 -40.10 -46.02 12.62
C LYS I 138 -41.60 -46.29 12.39
N SER I 139 -41.92 -46.88 11.23
CA SER I 139 -43.27 -47.34 10.92
C SER I 139 -43.20 -48.51 9.96
N CYS I 140 -44.32 -49.23 9.84
CA CYS I 140 -44.41 -50.40 8.97
C CYS I 140 -45.79 -50.47 8.34
N ARG I 141 -45.85 -51.02 7.13
CA ARG I 141 -47.06 -50.97 6.33
C ARG I 141 -47.09 -52.08 5.29
N ILE I 142 -48.23 -52.73 5.15
CA ILE I 142 -48.44 -53.61 3.99
C ILE I 142 -49.72 -53.26 3.25
N ARG I 143 -49.60 -53.24 1.93
CA ARG I 143 -50.68 -52.81 1.07
C ARG I 143 -50.76 -53.68 -0.20
N CYS I 144 -51.97 -54.08 -0.57
CA CYS I 144 -52.23 -54.72 -1.86
C CYS I 144 -53.33 -53.95 -2.61
N GLY I 145 -53.41 -54.17 -3.92
CA GLY I 145 -54.45 -53.58 -4.72
C GLY I 145 -55.41 -54.61 -5.30
N ARG I 146 -56.62 -54.17 -5.66
CA ARG I 146 -57.64 -55.05 -6.26
C ARG I 146 -58.60 -54.27 -7.17
N SER I 147 -59.10 -54.92 -8.20
CA SER I 147 -60.10 -54.32 -9.10
C SER I 147 -61.38 -55.12 -9.15
N VAL I 148 -62.50 -54.43 -9.34
CA VAL I 148 -63.79 -55.08 -9.45
C VAL I 148 -64.05 -55.44 -10.90
N LYS I 149 -63.95 -56.73 -11.22
CA LYS I 149 -64.20 -57.19 -12.58
C LYS I 149 -65.56 -56.70 -13.12
N GLY I 150 -65.61 -56.45 -14.42
CA GLY I 150 -66.84 -56.02 -15.07
C GLY I 150 -66.89 -54.53 -15.36
N VAL I 151 -65.89 -53.80 -14.85
CA VAL I 151 -65.85 -52.35 -14.99
C VAL I 151 -64.44 -51.88 -15.33
N CYS I 152 -64.35 -50.88 -16.20
CA CYS I 152 -63.05 -50.34 -16.61
C CYS I 152 -62.22 -49.91 -15.40
N LEU I 153 -60.92 -49.76 -15.63
CA LEU I 153 -60.01 -49.28 -14.59
C LEU I 153 -60.02 -47.76 -14.54
N PRO I 154 -59.77 -47.21 -13.34
CA PRO I 154 -59.78 -45.76 -13.07
C PRO I 154 -59.28 -44.84 -14.19
N PRO I 155 -58.27 -45.24 -14.97
CA PRO I 155 -57.87 -44.34 -16.07
C PRO I 155 -58.92 -44.10 -17.16
N ALA I 156 -59.87 -45.01 -17.34
CA ALA I 156 -60.80 -44.88 -18.46
C ALA I 156 -62.29 -44.99 -18.07
N MET I 157 -62.58 -44.88 -16.79
CA MET I 157 -63.90 -45.25 -16.30
C MET I 157 -64.87 -44.08 -16.13
N SER I 158 -66.08 -44.28 -16.66
CA SER I 158 -67.18 -43.32 -16.58
C SER I 158 -67.41 -42.93 -15.13
N ARG I 159 -68.10 -41.81 -14.92
CA ARG I 159 -68.55 -41.44 -13.60
C ARG I 159 -69.52 -42.47 -13.04
N ALA I 160 -70.34 -43.02 -13.92
CA ALA I 160 -71.34 -44.03 -13.54
C ALA I 160 -70.66 -45.30 -13.04
N GLU I 161 -69.65 -45.74 -13.76
CA GLU I 161 -68.86 -46.88 -13.35
C GLU I 161 -68.24 -46.68 -11.97
N ARG I 162 -67.54 -45.55 -11.78
CA ARG I 162 -66.85 -45.26 -10.52
C ARG I 162 -67.79 -45.27 -9.31
N ARG I 163 -69.04 -44.91 -9.55
CA ARG I 163 -70.08 -44.86 -8.51
C ARG I 163 -70.59 -46.25 -8.20
N LEU I 164 -70.63 -47.08 -9.24
CA LEU I 164 -71.05 -48.45 -9.10
C LEU I 164 -70.05 -49.19 -8.24
N VAL I 165 -68.80 -48.76 -8.33
CA VAL I 165 -67.69 -49.38 -7.61
C VAL I 165 -67.65 -48.92 -6.15
N GLU I 166 -67.98 -47.64 -5.92
CA GLU I 166 -67.94 -47.09 -4.59
C GLU I 166 -69.06 -47.72 -3.79
N LYS I 167 -70.22 -47.85 -4.44
CA LYS I 167 -71.42 -48.40 -3.82
C LYS I 167 -71.19 -49.88 -3.49
N VAL I 168 -70.90 -50.66 -4.53
CA VAL I 168 -70.67 -52.09 -4.39
C VAL I 168 -69.71 -52.43 -3.25
N VAL I 169 -68.58 -51.73 -3.19
CA VAL I 169 -67.51 -52.04 -2.24
C VAL I 169 -67.75 -51.54 -0.80
N SER I 170 -68.59 -50.52 -0.65
CA SER I 170 -68.91 -50.00 0.67
C SER I 170 -69.87 -50.95 1.38
N ASP I 171 -70.84 -51.47 0.62
CA ASP I 171 -71.75 -52.49 1.12
C ASP I 171 -70.94 -53.62 1.72
N ALA I 172 -70.18 -54.28 0.86
CA ALA I 172 -69.35 -55.41 1.24
C ALA I 172 -68.63 -55.17 2.57
N LEU I 173 -68.03 -54.00 2.72
CA LEU I 173 -67.20 -53.72 3.90
C LEU I 173 -68.00 -53.61 5.21
N GLY I 174 -69.32 -53.64 5.11
CA GLY I 174 -70.16 -53.66 6.30
C GLY I 174 -70.27 -55.03 6.92
N GLY I 175 -69.69 -56.02 6.24
CA GLY I 175 -69.68 -57.40 6.70
C GLY I 175 -68.49 -57.72 7.59
N LEU I 176 -67.53 -56.80 7.64
CA LEU I 176 -66.38 -56.95 8.51
C LEU I 176 -66.79 -56.83 9.99
N LYS I 177 -66.16 -57.63 10.85
CA LYS I 177 -66.53 -57.71 12.26
C LYS I 177 -65.32 -57.58 13.17
N GLY I 178 -65.57 -57.52 14.47
CA GLY I 178 -64.49 -57.43 15.44
C GLY I 178 -63.59 -56.24 15.17
N ASP I 179 -62.29 -56.40 15.47
CA ASP I 179 -61.33 -55.31 15.30
C ASP I 179 -61.21 -54.85 13.84
N LEU I 180 -61.93 -55.53 12.95
CA LEU I 180 -61.86 -55.21 11.53
C LEU I 180 -63.12 -54.51 11.04
N ALA I 181 -64.07 -54.28 11.94
CA ALA I 181 -65.26 -53.49 11.61
C ALA I 181 -64.91 -52.00 11.60
N GLY I 182 -65.54 -51.25 10.72
CA GLY I 182 -65.22 -49.83 10.60
C GLY I 182 -66.25 -49.07 9.81
N LYS I 183 -65.96 -47.81 9.52
CA LYS I 183 -66.87 -46.97 8.77
C LYS I 183 -66.22 -46.47 7.47
N TYR I 184 -67.07 -46.16 6.50
CA TYR I 184 -66.61 -45.59 5.23
C TYR I 184 -66.90 -44.10 5.13
N TYR I 185 -65.87 -43.32 4.85
CA TYR I 185 -65.97 -41.88 4.78
C TYR I 185 -65.78 -41.39 3.34
N PRO I 186 -66.88 -40.99 2.69
CA PRO I 186 -66.83 -40.38 1.36
C PRO I 186 -65.98 -39.11 1.37
N LEU I 187 -65.14 -38.96 0.35
CA LEU I 187 -64.31 -37.77 0.20
C LEU I 187 -65.22 -36.57 -0.08
N THR I 188 -66.36 -36.84 -0.71
CA THR I 188 -67.23 -35.77 -1.16
C THR I 188 -67.93 -35.05 0.00
N THR I 189 -68.10 -35.73 1.13
CA THR I 189 -68.62 -35.09 2.33
C THR I 189 -67.59 -35.08 3.47
N MET I 190 -66.32 -35.24 3.11
CA MET I 190 -65.24 -35.08 4.07
C MET I 190 -64.65 -33.68 3.91
N ASN I 191 -64.48 -32.98 5.01
CA ASN I 191 -64.01 -31.60 4.94
C ASN I 191 -62.50 -31.51 4.79
N GLU I 192 -62.04 -30.41 4.20
CA GLU I 192 -60.62 -30.21 3.89
C GLU I 192 -59.71 -30.45 5.09
N LYS I 193 -60.18 -30.13 6.29
CA LYS I 193 -59.34 -30.21 7.48
C LYS I 193 -59.20 -31.63 8.04
N ASP I 194 -60.30 -32.40 8.07
CA ASP I 194 -60.20 -33.82 8.34
C ASP I 194 -59.27 -34.44 7.29
N GLN I 195 -59.60 -34.17 6.04
CA GLN I 195 -58.86 -34.65 4.89
C GLN I 195 -57.35 -34.45 4.97
N GLU I 196 -56.92 -33.24 5.32
CA GLU I 196 -55.49 -32.92 5.35
C GLU I 196 -54.76 -33.68 6.44
N GLN I 197 -55.46 -33.88 7.57
CA GLN I 197 -54.90 -34.60 8.71
C GLN I 197 -54.64 -36.08 8.40
N LEU I 198 -55.57 -36.71 7.69
CA LEU I 198 -55.39 -38.11 7.31
C LEU I 198 -54.19 -38.30 6.38
N ILE I 199 -54.01 -37.36 5.46
CA ILE I 199 -52.81 -37.38 4.62
C ILE I 199 -51.57 -37.24 5.50
N GLU I 200 -51.47 -36.16 6.28
CA GLU I 200 -50.33 -35.98 7.16
C GLU I 200 -50.04 -37.20 8.02
N ASP I 201 -51.10 -37.81 8.55
CA ASP I 201 -50.94 -38.91 9.48
C ASP I 201 -50.57 -40.23 8.79
N HIS I 202 -50.36 -40.14 7.47
CA HIS I 202 -49.96 -41.30 6.64
C HIS I 202 -51.11 -42.27 6.36
N PHE I 203 -52.36 -41.82 6.47
CA PHE I 203 -53.50 -42.71 6.29
C PHE I 203 -54.18 -42.61 4.91
N LEU I 204 -54.62 -41.40 4.55
CA LEU I 204 -55.33 -41.17 3.29
C LEU I 204 -54.41 -40.95 2.09
N PHE I 205 -54.96 -41.04 0.88
CA PHE I 205 -54.16 -40.80 -0.32
C PHE I 205 -54.04 -39.31 -0.63
N GLU I 206 -52.92 -38.92 -1.22
CA GLU I 206 -52.57 -37.50 -1.34
C GLU I 206 -53.58 -36.73 -2.16
N LYS I 207 -53.55 -35.40 -2.05
CA LYS I 207 -54.37 -34.56 -2.91
C LYS I 207 -53.99 -34.87 -4.36
N PRO I 208 -54.99 -35.11 -5.21
CA PRO I 208 -54.85 -35.71 -6.54
C PRO I 208 -53.95 -34.91 -7.46
N THR I 209 -52.73 -34.63 -7.00
CA THR I 209 -51.80 -33.79 -7.75
C THR I 209 -50.75 -34.62 -8.47
N GLY I 210 -50.87 -35.94 -8.39
CA GLY I 210 -49.81 -36.84 -8.80
C GLY I 210 -49.66 -36.92 -10.30
N ALA I 211 -48.42 -36.93 -10.78
CA ALA I 211 -48.13 -36.95 -12.22
C ALA I 211 -48.73 -38.14 -12.96
N LEU I 212 -48.64 -39.33 -12.37
CA LEU I 212 -49.22 -40.52 -12.96
C LEU I 212 -50.74 -40.48 -12.84
N LEU I 213 -51.24 -40.19 -11.63
CA LEU I 213 -52.68 -40.17 -11.37
C LEU I 213 -53.44 -39.23 -12.29
N THR I 214 -52.76 -38.22 -12.83
CA THR I 214 -53.46 -37.19 -13.60
C THR I 214 -53.35 -37.37 -15.11
N THR I 215 -52.14 -37.47 -15.63
CA THR I 215 -51.92 -37.66 -17.06
C THR I 215 -52.61 -38.92 -17.58
N SER I 216 -52.76 -39.90 -16.69
CA SER I 216 -53.52 -41.10 -17.00
C SER I 216 -55.02 -40.87 -16.81
N GLY I 217 -55.38 -39.80 -16.14
CA GLY I 217 -56.78 -39.46 -15.96
C GLY I 217 -57.47 -40.18 -14.81
N CYS I 218 -56.71 -40.59 -13.82
CA CYS I 218 -57.28 -41.18 -12.61
C CYS I 218 -57.79 -40.11 -11.61
N ALA I 219 -58.05 -38.90 -12.10
CA ALA I 219 -58.54 -37.84 -11.21
C ALA I 219 -59.72 -37.05 -11.77
N ARG I 220 -60.22 -37.45 -12.94
CA ARG I 220 -61.44 -36.84 -13.47
C ARG I 220 -62.54 -36.84 -12.40
N ASP I 221 -63.41 -35.84 -12.43
CA ASP I 221 -64.57 -35.79 -11.54
C ASP I 221 -64.22 -35.88 -10.04
N TRP I 222 -63.01 -35.46 -9.68
CA TRP I 222 -62.59 -35.49 -8.27
C TRP I 222 -63.40 -34.50 -7.42
N PRO I 223 -63.81 -34.93 -6.20
CA PRO I 223 -63.55 -36.21 -5.54
C PRO I 223 -64.77 -37.15 -5.57
N ASP I 224 -65.65 -36.94 -6.54
CA ASP I 224 -66.83 -37.80 -6.69
C ASP I 224 -66.46 -39.25 -7.01
N GLY I 225 -66.82 -40.13 -6.08
CA GLY I 225 -66.63 -41.56 -6.26
C GLY I 225 -65.48 -42.09 -5.45
N ARG I 226 -64.74 -41.20 -4.81
CA ARG I 226 -63.57 -41.56 -4.03
C ARG I 226 -63.91 -41.61 -2.55
N GLY I 227 -63.09 -42.30 -1.76
CA GLY I 227 -63.32 -42.42 -0.34
C GLY I 227 -62.29 -43.19 0.46
N ILE I 228 -62.60 -43.37 1.73
CA ILE I 228 -61.73 -44.14 2.62
C ILE I 228 -62.57 -44.87 3.65
N TRP I 229 -62.20 -46.13 3.91
CA TRP I 229 -62.86 -46.94 4.91
C TRP I 229 -61.78 -47.32 5.89
N HIS I 230 -62.09 -47.34 7.18
CA HIS I 230 -61.09 -47.75 8.17
C HIS I 230 -61.66 -48.13 9.52
N ASN I 231 -60.95 -49.02 10.22
CA ASN I 231 -61.35 -49.42 11.57
C ASN I 231 -61.17 -48.29 12.58
N ASN I 232 -61.18 -48.62 13.86
CA ASN I 232 -61.06 -47.59 14.90
C ASN I 232 -59.62 -47.24 15.28
N GLU I 233 -58.79 -48.26 15.42
CA GLU I 233 -57.37 -48.06 15.70
C GLU I 233 -56.72 -47.32 14.55
N LYS I 234 -57.31 -47.47 13.37
CA LYS I 234 -56.73 -46.98 12.12
C LYS I 234 -55.46 -47.73 11.79
N ASN I 235 -55.47 -49.04 12.03
CA ASN I 235 -54.39 -49.92 11.59
C ASN I 235 -54.80 -50.83 10.43
N PHE I 236 -56.07 -50.76 10.05
CA PHE I 236 -56.58 -51.45 8.89
C PHE I 236 -57.52 -50.51 8.12
N LEU I 237 -57.23 -50.31 6.84
CA LEU I 237 -57.95 -49.31 6.07
C LEU I 237 -58.09 -49.72 4.62
N VAL I 238 -59.04 -49.11 3.92
CA VAL I 238 -59.26 -49.41 2.52
C VAL I 238 -59.42 -48.15 1.65
N TRP I 239 -58.61 -48.03 0.60
CA TRP I 239 -58.76 -46.93 -0.35
C TRP I 239 -59.74 -47.31 -1.46
N ILE I 240 -60.69 -46.42 -1.73
CA ILE I 240 -61.72 -46.68 -2.73
C ILE I 240 -61.64 -45.68 -3.89
N ASN I 241 -61.17 -46.15 -5.04
CA ASN I 241 -61.12 -45.35 -6.26
C ASN I 241 -60.08 -44.22 -6.29
N GLU I 242 -58.82 -44.54 -6.02
CA GLU I 242 -57.77 -43.57 -6.23
C GLU I 242 -57.06 -43.92 -7.55
N GLU I 243 -55.93 -44.63 -7.45
CA GLU I 243 -55.31 -45.19 -8.65
C GLU I 243 -56.03 -46.50 -8.97
N ASP I 244 -56.38 -47.21 -7.90
CA ASP I 244 -57.06 -48.51 -8.03
C ASP I 244 -58.45 -48.53 -7.42
N HIS I 245 -59.34 -49.30 -8.02
CA HIS I 245 -60.69 -49.49 -7.47
C HIS I 245 -60.62 -49.70 -5.98
N ILE I 246 -59.73 -50.62 -5.56
CA ILE I 246 -59.56 -50.96 -4.15
C ILE I 246 -58.09 -50.98 -3.74
N ARG I 247 -57.80 -50.53 -2.52
CA ARG I 247 -56.53 -50.79 -1.87
C ARG I 247 -56.78 -51.21 -0.42
N VAL I 248 -56.30 -52.39 -0.05
CA VAL I 248 -56.33 -52.82 1.35
C VAL I 248 -55.02 -52.41 2.01
N ILE I 249 -55.10 -51.96 3.27
CA ILE I 249 -53.96 -51.37 3.95
C ILE I 249 -53.87 -51.71 5.42
N SER I 250 -52.72 -52.24 5.85
CA SER I 250 -52.44 -52.48 7.26
C SER I 250 -51.16 -51.75 7.68
N MET I 251 -51.20 -51.11 8.85
CA MET I 251 -50.04 -50.33 9.29
C MET I 251 -50.10 -49.99 10.77
N GLN I 252 -48.93 -49.71 11.36
CA GLN I 252 -48.83 -49.28 12.74
C GLN I 252 -47.42 -48.72 12.96
N LYS I 253 -47.29 -47.78 13.89
CA LYS I 253 -45.98 -47.28 14.25
C LYS I 253 -45.21 -48.38 14.96
N GLY I 254 -43.88 -48.27 14.96
CA GLY I 254 -43.03 -49.31 15.51
C GLY I 254 -42.34 -50.11 14.42
N GLY I 255 -41.56 -51.11 14.82
CA GLY I 255 -40.82 -51.90 13.86
C GLY I 255 -41.34 -53.31 13.66
N ASP I 256 -42.59 -53.53 14.06
CA ASP I 256 -43.18 -54.87 14.01
C ASP I 256 -43.86 -55.15 12.68
N LEU I 257 -43.06 -55.41 11.64
CA LEU I 257 -43.60 -55.78 10.34
C LEU I 257 -44.45 -57.04 10.58
N LYS I 258 -43.84 -58.02 11.23
CA LYS I 258 -44.46 -59.31 11.51
C LYS I 258 -45.92 -59.24 11.96
N ALA I 259 -46.25 -58.25 12.81
CA ALA I 259 -47.59 -58.10 13.37
C ALA I 259 -48.53 -57.33 12.44
N VAL I 260 -47.95 -56.49 11.59
CA VAL I 260 -48.69 -55.78 10.55
C VAL I 260 -49.16 -56.79 9.52
N PHE I 261 -48.31 -57.77 9.25
CA PHE I 261 -48.56 -58.81 8.25
C PHE I 261 -49.73 -59.71 8.67
N SER I 262 -49.76 -60.06 9.94
CA SER I 262 -50.80 -60.94 10.47
C SER I 262 -52.20 -60.32 10.37
N ARG I 263 -52.27 -59.00 10.50
CA ARG I 263 -53.56 -58.31 10.41
C ARG I 263 -53.92 -58.11 8.96
N PHE I 264 -52.91 -57.87 8.13
CA PHE I 264 -53.11 -57.69 6.70
C PHE I 264 -53.67 -58.95 6.04
N ALA I 265 -53.28 -60.11 6.55
CA ALA I 265 -53.78 -61.38 6.00
C ALA I 265 -55.22 -61.64 6.42
N ARG I 266 -55.49 -61.51 7.72
CA ARG I 266 -56.85 -61.58 8.24
C ARG I 266 -57.74 -60.61 7.49
N GLY I 267 -57.27 -59.38 7.38
CA GLY I 267 -58.01 -58.34 6.70
C GLY I 267 -58.35 -58.76 5.28
N LEU I 268 -57.33 -58.98 4.47
CA LEU I 268 -57.49 -59.33 3.05
C LEU I 268 -58.43 -60.52 2.82
N LEU I 269 -58.11 -61.65 3.43
CA LEU I 269 -58.95 -62.83 3.31
C LEU I 269 -60.43 -62.48 3.55
N GLU I 270 -60.70 -61.80 4.65
CA GLU I 270 -62.07 -61.42 5.02
C GLU I 270 -62.71 -60.52 3.97
N VAL I 271 -61.94 -59.58 3.46
CA VAL I 271 -62.43 -58.68 2.42
C VAL I 271 -62.73 -59.45 1.13
N GLU I 272 -61.87 -60.40 0.78
CA GLU I 272 -62.07 -61.14 -0.47
C GLU I 272 -63.31 -62.02 -0.41
N ARG I 273 -63.47 -62.70 0.72
CA ARG I 273 -64.61 -63.56 0.97
C ARG I 273 -65.94 -62.81 0.88
N LEU I 274 -65.98 -61.59 1.39
CA LEU I 274 -67.20 -60.78 1.37
C LEU I 274 -67.54 -60.29 -0.03
N MET I 275 -66.52 -59.92 -0.80
CA MET I 275 -66.71 -59.49 -2.17
C MET I 275 -67.29 -60.63 -3.00
N LYS I 276 -66.83 -61.85 -2.73
CA LYS I 276 -67.31 -63.04 -3.40
C LYS I 276 -68.71 -63.44 -2.91
N GLU I 277 -68.95 -63.19 -1.64
CA GLU I 277 -70.26 -63.42 -1.03
C GLU I 277 -71.34 -62.58 -1.71
N CYS I 278 -71.03 -61.31 -1.93
CA CYS I 278 -71.95 -60.41 -2.62
C CYS I 278 -71.80 -60.53 -4.14
N GLY I 279 -71.42 -61.70 -4.62
CA GLY I 279 -71.28 -61.95 -6.05
C GLY I 279 -70.65 -60.85 -6.88
N HIS I 280 -69.43 -60.45 -6.50
CA HIS I 280 -68.69 -59.42 -7.22
C HIS I 280 -67.28 -59.91 -7.51
N GLY I 281 -67.00 -60.25 -8.76
CA GLY I 281 -65.70 -60.79 -9.12
C GLY I 281 -64.57 -59.79 -9.11
N LEU I 282 -63.35 -60.29 -8.87
CA LEU I 282 -62.16 -59.44 -8.91
C LEU I 282 -61.32 -59.75 -10.14
N MET I 283 -60.72 -58.73 -10.76
CA MET I 283 -59.90 -58.94 -11.94
C MET I 283 -58.72 -59.87 -11.61
N HIS I 284 -58.66 -61.00 -12.32
CA HIS I 284 -57.65 -61.99 -12.03
C HIS I 284 -57.21 -62.73 -13.28
N ASN I 285 -55.91 -62.97 -13.39
CA ASN I 285 -55.35 -63.71 -14.51
C ASN I 285 -54.71 -64.98 -13.97
N ASP I 286 -54.95 -66.11 -14.64
CA ASP I 286 -54.44 -67.38 -14.14
C ASP I 286 -52.92 -67.43 -14.19
N ARG I 287 -52.34 -66.65 -15.09
CA ARG I 287 -50.89 -66.58 -15.21
C ARG I 287 -50.29 -65.51 -14.31
N LEU I 288 -50.99 -64.38 -14.22
CA LEU I 288 -50.41 -63.16 -13.68
C LEU I 288 -51.00 -62.71 -12.34
N GLY I 289 -51.95 -63.47 -11.81
CA GLY I 289 -52.56 -63.13 -10.54
C GLY I 289 -53.52 -61.96 -10.64
N TYR I 290 -53.40 -61.01 -9.72
CA TYR I 290 -54.35 -59.90 -9.66
C TYR I 290 -53.92 -58.69 -10.49
N ILE I 291 -54.92 -58.05 -11.11
CA ILE I 291 -54.69 -57.01 -12.10
C ILE I 291 -55.16 -55.61 -11.65
N CYS I 292 -54.27 -54.64 -11.78
CA CYS I 292 -54.57 -53.25 -11.39
C CYS I 292 -54.02 -52.26 -12.41
N THR I 293 -54.19 -50.97 -12.15
CA THR I 293 -53.95 -49.97 -13.18
C THR I 293 -52.53 -50.03 -13.74
N CYS I 294 -51.56 -50.25 -12.85
CA CYS I 294 -50.14 -50.15 -13.18
C CYS I 294 -49.47 -51.52 -13.37
N PRO I 295 -48.74 -51.68 -14.47
CA PRO I 295 -48.00 -52.93 -14.67
C PRO I 295 -47.09 -53.32 -13.49
N THR I 296 -46.79 -52.39 -12.57
CA THR I 296 -45.98 -52.76 -11.40
C THR I 296 -46.84 -53.39 -10.30
N ASN I 297 -48.15 -53.33 -10.51
CA ASN I 297 -49.10 -53.84 -9.54
C ASN I 297 -49.84 -55.07 -10.09
N MET I 298 -49.17 -56.21 -9.98
CA MET I 298 -49.68 -57.47 -10.53
C MET I 298 -49.47 -58.58 -9.52
N GLY I 299 -49.91 -59.78 -9.88
CA GLY I 299 -49.72 -60.94 -9.03
C GLY I 299 -50.34 -60.82 -7.66
N THR I 300 -49.53 -60.42 -6.68
CA THR I 300 -50.00 -60.24 -5.32
C THR I 300 -50.43 -58.80 -5.16
N VAL I 301 -49.90 -57.94 -6.02
CA VAL I 301 -50.06 -56.50 -5.87
C VAL I 301 -49.66 -56.03 -4.48
N VAL I 302 -48.74 -56.74 -3.83
CA VAL I 302 -48.27 -56.33 -2.52
C VAL I 302 -47.02 -55.46 -2.61
N ARG I 303 -47.01 -54.38 -1.83
CA ARG I 303 -45.80 -53.62 -1.56
C ARG I 303 -45.65 -53.53 -0.05
N ALA I 304 -44.74 -54.33 0.48
CA ALA I 304 -44.38 -54.29 1.89
C ALA I 304 -43.33 -53.18 2.09
N SER I 305 -43.48 -52.37 3.12
CA SER I 305 -42.58 -51.24 3.29
C SER I 305 -42.31 -50.95 4.76
N VAL I 306 -41.13 -50.38 5.04
CA VAL I 306 -40.82 -49.81 6.35
C VAL I 306 -40.30 -48.37 6.20
N HIS I 307 -40.45 -47.57 7.24
CA HIS I 307 -39.80 -46.26 7.29
C HIS I 307 -38.43 -46.41 7.96
N LEU I 308 -37.38 -46.43 7.14
CA LEU I 308 -36.04 -46.80 7.61
C LEU I 308 -35.02 -45.65 7.72
N ARG I 309 -34.72 -45.27 8.96
CA ARG I 309 -33.67 -44.30 9.27
C ARG I 309 -32.27 -44.85 8.98
N LEU I 310 -31.56 -44.19 8.08
CA LEU I 310 -30.28 -44.67 7.58
C LEU I 310 -29.19 -43.59 7.60
N ALA I 311 -29.00 -42.96 8.76
CA ALA I 311 -28.04 -41.88 8.91
C ALA I 311 -26.73 -42.08 8.13
N PHE I 312 -26.14 -43.26 8.26
CA PHE I 312 -24.78 -43.51 7.76
C PHE I 312 -24.66 -44.08 6.35
N LEU I 313 -25.41 -45.16 6.07
CA LEU I 313 -25.37 -45.79 4.76
C LEU I 313 -25.86 -44.84 3.66
N GLU I 314 -26.85 -44.01 4.01
CA GLU I 314 -27.38 -43.01 3.07
C GLU I 314 -26.31 -42.14 2.43
N LYS I 315 -25.19 -41.95 3.14
CA LYS I 315 -24.07 -41.18 2.63
C LYS I 315 -23.15 -42.00 1.73
N HIS I 316 -23.36 -43.31 1.67
CA HIS I 316 -22.42 -44.21 0.97
C HIS I 316 -22.69 -44.29 -0.53
N PRO I 317 -21.64 -44.08 -1.35
CA PRO I 317 -21.73 -44.08 -2.81
C PRO I 317 -22.45 -45.29 -3.42
N ARG I 318 -22.51 -46.40 -2.68
CA ARG I 318 -23.11 -47.62 -3.21
C ARG I 318 -24.46 -47.97 -2.57
N PHE I 319 -25.04 -47.01 -1.86
CA PHE I 319 -26.35 -47.18 -1.24
C PHE I 319 -27.40 -47.59 -2.28
N ASP I 320 -27.52 -46.82 -3.34
CA ASP I 320 -28.55 -47.05 -4.35
C ASP I 320 -28.29 -48.32 -5.13
N GLU I 321 -27.03 -48.54 -5.48
CA GLU I 321 -26.60 -49.81 -6.02
C GLU I 321 -27.14 -50.96 -5.18
N MET I 322 -27.08 -50.81 -3.86
CA MET I 322 -27.46 -51.88 -2.95
C MET I 322 -28.96 -52.16 -3.00
N LEU I 323 -29.76 -51.11 -2.81
CA LEU I 323 -31.21 -51.21 -2.93
C LEU I 323 -31.64 -52.06 -4.13
N GLY I 324 -31.27 -51.62 -5.33
CA GLY I 324 -31.59 -52.32 -6.56
C GLY I 324 -31.11 -53.77 -6.62
N LYS I 325 -29.99 -54.05 -5.96
CA LYS I 325 -29.51 -55.43 -5.88
C LYS I 325 -30.31 -56.26 -4.89
N LEU I 326 -31.08 -55.60 -4.04
CA LEU I 326 -31.91 -56.30 -3.07
C LEU I 326 -33.35 -56.35 -3.57
N ARG I 327 -33.54 -55.93 -4.82
CA ARG I 327 -34.86 -55.85 -5.44
C ARG I 327 -35.80 -55.03 -4.58
N LEU I 328 -35.27 -54.00 -3.94
CA LEU I 328 -36.07 -53.10 -3.09
C LEU I 328 -36.36 -51.76 -3.79
N GLY I 329 -37.41 -51.09 -3.34
CA GLY I 329 -37.78 -49.79 -3.87
C GLY I 329 -37.51 -48.65 -2.89
N LYS I 330 -37.26 -47.47 -3.44
CA LYS I 330 -36.84 -46.32 -2.65
C LYS I 330 -37.82 -45.17 -2.85
N ARG I 331 -38.42 -44.71 -1.75
CA ARG I 331 -39.36 -43.60 -1.80
C ARG I 331 -39.10 -42.66 -0.62
N GLY I 332 -39.58 -41.42 -0.74
CA GLY I 332 -39.48 -40.45 0.34
C GLY I 332 -40.38 -40.85 1.48
N THR I 333 -40.37 -40.08 2.56
CA THR I 333 -41.14 -40.45 3.75
C THR I 333 -42.64 -40.21 3.54
N GLY I 334 -42.97 -39.30 2.63
CA GLY I 334 -44.36 -39.02 2.26
C GLY I 334 -44.78 -39.82 1.02
N GLY I 335 -43.94 -40.77 0.64
CA GLY I 335 -44.24 -41.64 -0.46
C GLY I 335 -43.48 -41.41 -1.75
N GLU I 336 -44.04 -41.98 -2.82
CA GLU I 336 -43.54 -41.95 -4.18
C GLU I 336 -43.26 -40.54 -4.72
N SER I 337 -44.08 -39.57 -4.31
CA SER I 337 -43.95 -38.20 -4.80
C SER I 337 -43.32 -37.29 -3.75
N SER I 338 -42.32 -37.80 -3.05
CA SER I 338 -41.62 -37.04 -2.01
C SER I 338 -40.17 -37.49 -1.86
N LEU I 339 -39.42 -36.83 -0.97
CA LEU I 339 -38.02 -37.19 -0.68
C LEU I 339 -37.79 -37.63 0.76
N ALA I 340 -36.59 -38.13 1.01
CA ALA I 340 -36.21 -38.53 2.37
C ALA I 340 -36.19 -37.34 3.32
N THR I 341 -36.79 -37.50 4.49
CA THR I 341 -36.68 -36.52 5.55
C THR I 341 -35.99 -37.21 6.70
N ASP I 342 -34.81 -36.73 7.07
CA ASP I 342 -34.10 -37.20 8.25
C ASP I 342 -33.30 -38.47 8.00
N SER I 343 -32.80 -38.63 6.78
CA SER I 343 -32.10 -39.84 6.42
C SER I 343 -33.04 -41.04 6.42
N THR I 344 -34.34 -40.76 6.61
CA THR I 344 -35.37 -41.81 6.66
C THR I 344 -36.00 -42.08 5.30
N TYR I 345 -36.05 -43.36 4.90
CA TYR I 345 -36.62 -43.76 3.61
C TYR I 345 -37.80 -44.69 3.75
N ASP I 346 -38.74 -44.57 2.80
CA ASP I 346 -39.85 -45.51 2.65
C ASP I 346 -39.29 -46.69 1.84
N ILE I 347 -38.84 -47.73 2.53
CA ILE I 347 -38.20 -48.89 1.90
C ILE I 347 -39.16 -50.07 1.69
N SER I 348 -39.27 -50.53 0.44
CA SER I 348 -40.26 -51.54 0.06
C SER I 348 -39.75 -52.57 -0.95
N ASN I 349 -40.38 -53.75 -0.97
CA ASN I 349 -40.07 -54.73 -2.00
C ASN I 349 -40.48 -54.16 -3.34
N TRP I 350 -39.65 -54.38 -4.36
CA TRP I 350 -39.92 -53.87 -5.70
C TRP I 350 -40.87 -54.78 -6.49
N ALA I 351 -40.70 -56.09 -6.37
CA ALA I 351 -41.50 -57.05 -7.13
C ALA I 351 -42.87 -57.33 -6.49
N ARG I 352 -43.89 -57.51 -7.34
CA ARG I 352 -45.25 -57.84 -6.92
C ARG I 352 -45.80 -59.09 -7.61
N LEU I 353 -45.03 -59.63 -8.56
CA LEU I 353 -45.47 -60.71 -9.42
C LEU I 353 -44.32 -61.71 -9.60
N GLY I 354 -44.62 -63.01 -9.47
CA GLY I 354 -43.61 -64.04 -9.58
C GLY I 354 -43.28 -64.71 -8.25
N LYS I 355 -43.62 -64.04 -7.15
CA LYS I 355 -43.43 -64.62 -5.82
C LYS I 355 -44.71 -64.41 -5.01
N SER I 356 -44.83 -65.12 -3.88
CA SER I 356 -46.03 -65.05 -3.06
C SER I 356 -45.92 -63.93 -2.04
N GLU I 357 -46.99 -63.70 -1.28
CA GLU I 357 -47.01 -62.62 -0.32
C GLU I 357 -45.87 -62.82 0.67
N ARG I 358 -45.88 -63.96 1.36
CA ARG I 358 -44.86 -64.27 2.34
C ARG I 358 -43.47 -64.18 1.77
N GLU I 359 -43.31 -64.67 0.55
CA GLU I 359 -42.02 -64.65 -0.12
C GLU I 359 -41.46 -63.25 -0.30
N LEU I 360 -42.34 -62.28 -0.53
CA LEU I 360 -41.91 -60.91 -0.81
C LEU I 360 -41.65 -60.09 0.45
N VAL I 361 -42.42 -60.35 1.49
CA VAL I 361 -42.21 -59.68 2.77
C VAL I 361 -40.86 -60.13 3.33
N GLN I 362 -40.49 -61.37 3.01
CA GLN I 362 -39.21 -61.91 3.43
C GLN I 362 -38.10 -61.23 2.66
N VAL I 363 -38.36 -60.93 1.39
CA VAL I 363 -37.41 -60.20 0.56
C VAL I 363 -37.09 -58.84 1.16
N LEU I 364 -38.13 -58.17 1.63
CA LEU I 364 -37.99 -56.93 2.40
C LEU I 364 -37.10 -57.17 3.61
N VAL I 365 -37.49 -58.11 4.47
CA VAL I 365 -36.73 -58.37 5.71
C VAL I 365 -35.25 -58.68 5.48
N ASP I 366 -34.96 -59.54 4.51
CA ASP I 366 -33.57 -59.90 4.20
C ASP I 366 -32.76 -58.67 3.80
N GLY I 367 -33.39 -57.78 3.04
CA GLY I 367 -32.74 -56.55 2.61
C GLY I 367 -32.59 -55.53 3.72
N VAL I 368 -33.59 -55.42 4.59
CA VAL I 368 -33.56 -54.47 5.68
C VAL I 368 -32.48 -54.80 6.71
N ASN I 369 -32.41 -56.08 7.10
CA ASN I 369 -31.36 -56.53 8.00
C ASN I 369 -29.98 -56.12 7.46
N LEU I 370 -29.74 -56.43 6.19
CA LEU I 370 -28.47 -56.08 5.56
C LEU I 370 -28.20 -54.59 5.65
N LEU I 371 -29.08 -53.79 5.04
CA LEU I 371 -28.93 -52.34 5.06
C LEU I 371 -28.54 -51.86 6.45
N ILE I 372 -29.30 -52.30 7.45
CA ILE I 372 -29.09 -51.92 8.84
C ILE I 372 -27.72 -52.36 9.38
N ALA I 373 -27.30 -53.58 9.08
CA ALA I 373 -25.96 -54.02 9.41
C ALA I 373 -24.94 -53.09 8.75
N CYS I 374 -25.16 -52.79 7.48
CA CYS I 374 -24.30 -51.88 6.73
C CYS I 374 -24.17 -50.51 7.39
N ASP I 375 -25.28 -50.01 7.93
CA ASP I 375 -25.27 -48.76 8.69
C ASP I 375 -24.28 -48.87 9.86
N LYS I 376 -24.45 -49.90 10.67
CA LYS I 376 -23.62 -50.12 11.86
C LYS I 376 -22.14 -50.20 11.52
N LYS I 377 -21.79 -50.97 10.49
CA LYS I 377 -20.41 -51.06 10.03
C LYS I 377 -19.84 -49.66 9.84
N LEU I 378 -20.37 -48.95 8.85
CA LEU I 378 -19.95 -47.57 8.58
C LEU I 378 -19.88 -46.75 9.86
N GLU I 379 -20.93 -46.77 10.67
CA GLU I 379 -20.91 -46.03 11.94
C GLU I 379 -19.67 -46.35 12.80
N ALA I 380 -19.18 -47.59 12.69
CA ALA I 380 -17.96 -47.99 13.40
C ALA I 380 -16.76 -47.85 12.47
N GLY I 381 -16.76 -46.77 11.69
CA GLY I 381 -15.68 -46.48 10.77
C GLY I 381 -15.19 -47.70 10.01
N GLN I 382 -16.12 -48.53 9.54
CA GLN I 382 -15.75 -49.76 8.87
C GLN I 382 -16.32 -49.79 7.45
N SER I 383 -15.57 -50.39 6.52
CA SER I 383 -16.01 -50.45 5.13
C SER I 383 -16.97 -51.60 4.93
N ILE I 384 -17.84 -51.48 3.93
CA ILE I 384 -18.92 -52.44 3.73
C ILE I 384 -18.87 -53.07 2.33
N ASP I 385 -17.76 -52.89 1.64
CA ASP I 385 -17.65 -53.31 0.24
C ASP I 385 -18.02 -54.76 -0.04
N ASP I 386 -17.67 -55.67 0.88
CA ASP I 386 -18.00 -57.08 0.73
C ASP I 386 -19.46 -57.37 1.07
N MET I 387 -20.10 -56.46 1.80
CA MET I 387 -21.49 -56.61 2.22
C MET I 387 -22.46 -56.19 1.12
N ILE I 388 -21.90 -55.66 0.04
CA ILE I 388 -22.68 -55.21 -1.10
C ILE I 388 -22.87 -56.38 -2.07
N PRO I 389 -24.13 -56.76 -2.29
CA PRO I 389 -24.39 -57.97 -3.08
C PRO I 389 -23.50 -58.00 -4.31
N LYS I 390 -22.89 -59.15 -4.59
CA LYS I 390 -22.06 -59.32 -5.77
C LYS I 390 -22.85 -59.18 -7.09
N GLN J 6 -61.03 -48.46 -39.12
CA GLN J 6 -60.75 -47.04 -39.18
C GLN J 6 -61.88 -46.18 -38.59
N ASP J 7 -63.09 -46.35 -39.10
CA ASP J 7 -64.26 -45.65 -38.52
C ASP J 7 -64.32 -45.88 -37.02
N TYR J 8 -64.41 -47.15 -36.63
CA TYR J 8 -64.49 -47.52 -35.23
C TYR J 8 -63.38 -46.84 -34.43
N PHE J 9 -62.14 -47.04 -34.87
CA PHE J 9 -60.97 -46.46 -34.21
C PHE J 9 -61.11 -44.96 -34.04
N VAL J 10 -61.59 -44.30 -35.10
CA VAL J 10 -61.80 -42.86 -35.08
C VAL J 10 -62.80 -42.39 -34.02
N LYS J 11 -63.94 -43.05 -33.93
CA LYS J 11 -64.98 -42.64 -32.99
C LYS J 11 -64.64 -42.96 -31.54
N ASN J 12 -63.59 -43.75 -31.34
CA ASN J 12 -63.10 -44.06 -30.00
C ASN J 12 -61.81 -43.32 -29.71
N ARG J 13 -61.73 -42.10 -30.24
CA ARG J 13 -60.56 -41.26 -30.11
C ARG J 13 -60.20 -40.93 -28.65
N VAL J 14 -61.18 -40.91 -27.75
CA VAL J 14 -60.93 -40.52 -26.36
C VAL J 14 -60.21 -41.59 -25.54
N GLY J 15 -60.46 -42.86 -25.83
CA GLY J 15 -59.84 -43.96 -25.09
C GLY J 15 -60.54 -44.23 -23.77
N HIS J 16 -61.79 -43.80 -23.69
CA HIS J 16 -62.61 -43.97 -22.49
C HIS J 16 -63.88 -44.75 -22.82
N SER J 17 -64.46 -45.37 -21.80
CA SER J 17 -65.68 -46.14 -21.99
C SER J 17 -66.87 -45.21 -22.24
N LYS J 18 -67.89 -45.75 -22.89
CA LYS J 18 -69.07 -44.97 -23.21
C LYS J 18 -70.28 -45.50 -22.43
N PRO J 19 -70.57 -44.89 -21.28
CA PRO J 19 -71.63 -45.28 -20.34
C PRO J 19 -73.04 -45.36 -20.94
N TRP J 20 -73.18 -45.05 -22.22
CA TRP J 20 -74.48 -45.10 -22.88
C TRP J 20 -74.64 -46.41 -23.66
N GLU J 21 -73.58 -46.84 -24.34
CA GLU J 21 -73.70 -47.87 -25.36
C GLU J 21 -74.24 -49.29 -24.92
N SER J 22 -73.59 -49.93 -23.93
CA SER J 22 -73.98 -51.30 -23.44
C SER J 22 -75.28 -51.37 -22.65
N GLY J 23 -75.79 -50.24 -22.23
CA GLY J 23 -77.16 -50.13 -21.80
C GLY J 23 -77.50 -50.52 -20.38
N LYS J 24 -76.58 -50.44 -19.44
CA LYS J 24 -76.93 -50.71 -18.04
C LYS J 24 -76.89 -49.41 -17.24
N PHE J 25 -76.84 -48.30 -17.98
CA PHE J 25 -76.79 -46.98 -17.36
C PHE J 25 -77.70 -45.94 -18.01
N LYS J 26 -78.45 -45.20 -17.21
CA LYS J 26 -79.16 -44.01 -17.72
C LYS J 26 -78.24 -42.78 -17.61
N ALA J 27 -78.55 -41.78 -18.41
CA ALA J 27 -77.79 -40.53 -18.37
C ALA J 27 -77.75 -39.98 -16.96
N ALA J 28 -78.88 -40.09 -16.24
CA ALA J 28 -78.95 -39.61 -14.86
C ALA J 28 -77.85 -40.25 -14.03
N ASP J 29 -77.54 -41.51 -14.35
CA ASP J 29 -76.51 -42.28 -13.64
C ASP J 29 -75.09 -41.84 -13.95
N ASN J 30 -74.91 -41.08 -15.03
CA ASN J 30 -73.58 -40.60 -15.39
C ASN J 30 -73.44 -39.11 -15.11
N PHE J 31 -74.57 -38.44 -14.88
CA PHE J 31 -74.59 -37.01 -14.62
C PHE J 31 -73.50 -36.62 -13.64
N PRO J 32 -72.85 -35.47 -13.86
CA PRO J 32 -71.80 -35.03 -12.94
C PRO J 32 -72.38 -34.14 -11.84
N ASP J 33 -71.89 -34.33 -10.61
CA ASP J 33 -72.34 -33.52 -9.48
C ASP J 33 -71.67 -32.15 -9.52
N LEU J 34 -72.40 -31.15 -10.00
CA LEU J 34 -71.87 -29.80 -10.12
C LEU J 34 -72.37 -28.94 -8.97
N SER J 35 -72.50 -29.56 -7.80
CA SER J 35 -72.99 -28.91 -6.58
C SER J 35 -72.16 -27.73 -6.13
N LYS J 36 -70.86 -27.95 -5.96
CA LYS J 36 -69.97 -26.95 -5.40
C LYS J 36 -69.20 -26.16 -6.47
N HIS J 37 -69.50 -26.45 -7.73
CA HIS J 37 -68.80 -25.80 -8.84
C HIS J 37 -69.26 -24.36 -9.05
N ASN J 38 -68.36 -23.54 -9.58
CA ASN J 38 -68.76 -22.23 -10.10
C ASN J 38 -68.07 -21.89 -11.41
N ASN J 39 -68.64 -22.37 -12.51
CA ASN J 39 -68.12 -22.05 -13.83
C ASN J 39 -69.27 -21.95 -14.81
N VAL J 40 -69.00 -21.41 -16.00
CA VAL J 40 -70.06 -21.25 -16.99
C VAL J 40 -70.71 -22.60 -17.27
N MET J 41 -69.94 -23.54 -17.80
CA MET J 41 -70.39 -24.91 -17.99
C MET J 41 -71.43 -25.29 -16.94
N ALA J 42 -70.97 -25.44 -15.70
CA ALA J 42 -71.83 -25.73 -14.55
C ALA J 42 -73.12 -24.93 -14.54
N SER J 43 -73.04 -23.64 -14.89
CA SER J 43 -74.22 -22.76 -14.93
C SER J 43 -75.27 -23.16 -15.97
N GLN J 44 -74.81 -23.57 -17.16
CA GLN J 44 -75.70 -23.81 -18.30
C GLN J 44 -76.15 -25.26 -18.50
N LEU J 45 -75.36 -26.22 -18.02
CA LEU J 45 -75.73 -27.62 -18.23
C LEU J 45 -76.99 -27.97 -17.46
N THR J 46 -77.89 -28.71 -18.10
CA THR J 46 -79.04 -29.27 -17.40
C THR J 46 -79.11 -30.78 -17.57
N LYS J 47 -79.76 -31.44 -16.60
CA LYS J 47 -79.97 -32.88 -16.66
C LYS J 47 -80.56 -33.26 -18.00
N GLU J 48 -81.45 -32.42 -18.49
CA GLU J 48 -82.13 -32.64 -19.75
C GLU J 48 -81.15 -32.47 -20.91
N LEU J 49 -80.29 -31.45 -20.81
CA LEU J 49 -79.25 -31.22 -21.82
C LEU J 49 -78.28 -32.39 -21.92
N TYR J 50 -77.91 -32.94 -20.76
CA TYR J 50 -77.03 -34.10 -20.70
C TYR J 50 -77.66 -35.33 -21.34
N GLU J 51 -78.88 -35.66 -20.94
CA GLU J 51 -79.58 -36.81 -21.48
C GLU J 51 -79.63 -36.75 -23.00
N LYS J 52 -79.64 -35.53 -23.54
CA LYS J 52 -79.78 -35.33 -24.97
C LYS J 52 -78.53 -35.65 -25.78
N TYR J 53 -77.37 -35.18 -25.31
CA TYR J 53 -76.13 -35.21 -26.09
C TYR J 53 -75.09 -36.23 -25.64
N TRP J 54 -75.28 -36.88 -24.49
CA TRP J 54 -74.21 -37.72 -23.95
C TRP J 54 -73.77 -38.83 -24.90
N ASP J 55 -74.72 -39.35 -25.68
CA ASP J 55 -74.46 -40.46 -26.58
C ASP J 55 -74.31 -39.96 -28.01
N LYS J 56 -74.22 -38.64 -28.15
CA LYS J 56 -74.00 -37.98 -29.45
C LYS J 56 -72.51 -37.69 -29.62
N VAL J 57 -71.92 -38.26 -30.67
CA VAL J 57 -70.47 -38.20 -30.88
C VAL J 57 -70.16 -37.58 -32.24
N THR J 58 -69.15 -36.72 -32.30
CA THR J 58 -68.77 -36.13 -33.58
C THR J 58 -68.02 -37.15 -34.45
N PRO J 59 -67.93 -36.87 -35.76
CA PRO J 59 -67.19 -37.72 -36.70
C PRO J 59 -65.76 -38.00 -36.25
N ASN J 60 -65.08 -36.97 -35.75
CA ASN J 60 -63.71 -37.14 -35.26
C ASN J 60 -63.63 -37.98 -33.99
N GLY J 61 -64.78 -38.24 -33.36
CA GLY J 61 -64.83 -39.09 -32.18
C GLY J 61 -64.82 -38.34 -30.88
N VAL J 62 -65.15 -37.05 -30.96
CA VAL J 62 -65.19 -36.17 -29.78
C VAL J 62 -66.52 -36.30 -29.04
N THR J 63 -66.44 -36.63 -27.75
CA THR J 63 -67.62 -36.91 -26.98
C THR J 63 -68.13 -35.61 -26.35
N PHE J 64 -69.34 -35.66 -25.79
CA PHE J 64 -69.88 -34.51 -25.09
C PHE J 64 -69.16 -34.34 -23.73
N ASP J 65 -68.99 -35.44 -23.00
CA ASP J 65 -68.24 -35.40 -21.74
C ASP J 65 -66.85 -34.80 -21.94
N LYS J 66 -66.15 -35.25 -22.98
CA LYS J 66 -64.85 -34.71 -23.35
C LYS J 66 -64.89 -33.19 -23.34
N CYS J 67 -65.97 -32.64 -23.89
CA CYS J 67 -66.06 -31.20 -24.09
C CYS J 67 -66.26 -30.45 -22.78
N ILE J 68 -66.97 -31.05 -21.84
CA ILE J 68 -67.26 -30.41 -20.57
C ILE J 68 -66.28 -30.85 -19.48
N GLN J 69 -65.49 -31.88 -19.77
CA GLN J 69 -64.67 -32.51 -18.74
C GLN J 69 -63.94 -31.55 -17.81
N THR J 70 -63.19 -30.63 -18.42
CA THR J 70 -62.31 -29.73 -17.67
C THR J 70 -63.16 -28.86 -16.76
N GLY J 71 -64.40 -28.61 -17.16
CA GLY J 71 -65.32 -27.84 -16.34
C GLY J 71 -65.75 -28.61 -15.12
N VAL J 72 -65.91 -29.93 -15.28
CA VAL J 72 -66.29 -30.78 -14.16
C VAL J 72 -65.15 -30.93 -13.15
N ASP J 73 -63.92 -30.91 -13.64
CA ASP J 73 -62.71 -31.07 -12.82
C ASP J 73 -62.27 -29.80 -12.09
N ASN J 74 -62.69 -28.63 -12.58
CA ASN J 74 -62.24 -27.36 -11.99
C ASN J 74 -63.35 -26.55 -11.31
N PRO J 75 -63.80 -27.01 -10.12
CA PRO J 75 -64.86 -26.35 -9.33
C PRO J 75 -64.63 -24.86 -9.03
N GLY J 76 -63.39 -24.43 -8.89
CA GLY J 76 -63.11 -23.06 -8.49
C GLY J 76 -61.85 -22.50 -9.12
N ASN J 77 -61.53 -21.25 -8.80
CA ASN J 77 -60.42 -20.56 -9.46
C ASN J 77 -59.63 -19.70 -8.48
N LYS J 78 -58.36 -20.04 -8.27
CA LYS J 78 -57.50 -19.32 -7.31
C LYS J 78 -57.20 -17.88 -7.71
N PHE J 79 -57.41 -17.56 -8.98
CA PHE J 79 -57.11 -16.22 -9.50
C PHE J 79 -58.39 -15.44 -9.85
N TYR J 80 -58.22 -14.34 -10.59
CA TYR J 80 -59.34 -13.47 -10.94
C TYR J 80 -60.21 -14.02 -12.06
N GLY J 81 -61.49 -13.72 -11.98
CA GLY J 81 -62.43 -14.01 -13.05
C GLY J 81 -63.29 -15.24 -12.84
N LYS J 82 -64.37 -15.32 -13.61
CA LYS J 82 -65.10 -16.57 -13.73
C LYS J 82 -64.42 -17.39 -14.82
N LYS J 83 -64.68 -18.69 -14.85
CA LYS J 83 -64.09 -19.59 -15.83
C LYS J 83 -65.12 -20.24 -16.75
N THR J 84 -64.76 -20.45 -18.02
CA THR J 84 -65.66 -21.04 -19.00
C THR J 84 -66.05 -22.48 -18.67
N GLY J 85 -65.06 -23.37 -18.54
CA GLY J 85 -65.34 -24.73 -18.15
C GLY J 85 -65.75 -25.74 -19.21
N CYS J 86 -65.56 -25.41 -20.48
CA CYS J 86 -65.68 -26.41 -21.55
C CYS J 86 -64.90 -25.98 -22.77
N VAL J 87 -64.70 -26.89 -23.71
CA VAL J 87 -63.95 -26.58 -24.92
C VAL J 87 -64.63 -27.19 -26.15
N PHE J 88 -64.07 -26.91 -27.33
CA PHE J 88 -64.43 -27.60 -28.57
C PHE J 88 -63.24 -28.47 -28.98
N GLY J 89 -63.45 -29.78 -29.04
CA GLY J 89 -62.39 -30.69 -29.43
C GLY J 89 -62.25 -30.81 -30.94
N ASP J 90 -63.10 -30.10 -31.69
CA ASP J 90 -63.03 -30.10 -33.14
C ASP J 90 -64.09 -29.19 -33.76
N GLU J 91 -64.08 -29.12 -35.08
CA GLU J 91 -64.95 -28.20 -35.83
C GLU J 91 -66.44 -28.63 -35.90
N TYR J 92 -66.74 -29.85 -35.45
CA TYR J 92 -68.12 -30.31 -35.43
C TYR J 92 -68.75 -30.14 -34.06
N SER J 93 -67.92 -29.83 -33.07
CA SER J 93 -68.39 -29.81 -31.70
C SER J 93 -69.55 -28.82 -31.50
N TYR J 94 -69.38 -27.58 -31.98
CA TYR J 94 -70.41 -26.57 -31.78
C TYR J 94 -71.80 -27.02 -32.19
N GLU J 95 -71.93 -27.51 -33.41
CA GLU J 95 -73.22 -27.89 -33.95
C GLU J 95 -73.80 -29.18 -33.38
N CYS J 96 -72.93 -30.08 -32.92
CA CYS J 96 -73.39 -31.28 -32.21
C CYS J 96 -74.01 -30.93 -30.85
N TYR J 97 -73.52 -29.89 -30.19
CA TYR J 97 -74.03 -29.57 -28.85
C TYR J 97 -74.52 -28.12 -28.73
N LYS J 98 -74.95 -27.57 -29.87
CA LYS J 98 -75.36 -26.18 -29.99
C LYS J 98 -76.32 -25.67 -28.91
N GLU J 99 -77.23 -26.54 -28.47
CA GLU J 99 -78.22 -26.11 -27.48
C GLU J 99 -77.57 -25.85 -26.13
N PHE J 100 -76.46 -26.53 -25.85
CA PHE J 100 -75.73 -26.29 -24.61
C PHE J 100 -74.74 -25.12 -24.77
N PHE J 101 -74.03 -25.09 -25.90
CA PHE J 101 -73.01 -24.07 -26.16
C PHE J 101 -73.58 -22.70 -26.46
N ASP J 102 -74.78 -22.66 -27.02
CA ASP J 102 -75.43 -21.38 -27.31
C ASP J 102 -75.74 -20.65 -26.03
N LYS J 103 -76.03 -21.43 -24.99
CA LYS J 103 -76.25 -20.85 -23.67
C LYS J 103 -74.94 -20.32 -23.11
N CYS J 104 -73.90 -21.12 -23.18
CA CYS J 104 -72.60 -20.68 -22.71
C CYS J 104 -72.16 -19.45 -23.50
N ILE J 105 -72.59 -19.38 -24.76
CA ILE J 105 -72.18 -18.30 -25.65
C ILE J 105 -72.83 -16.94 -25.33
N GLU J 106 -74.12 -16.96 -24.97
CA GLU J 106 -74.81 -15.72 -24.61
C GLU J 106 -74.37 -15.16 -23.26
N GLU J 107 -73.98 -16.03 -22.33
CA GLU J 107 -73.58 -15.58 -21.01
C GLU J 107 -72.24 -14.86 -21.07
N ILE J 108 -71.41 -15.25 -22.03
CA ILE J 108 -70.06 -14.71 -22.12
C ILE J 108 -70.00 -13.42 -22.92
N HIS J 109 -70.57 -13.44 -24.12
CA HIS J 109 -70.39 -12.31 -25.03
C HIS J 109 -71.62 -11.44 -25.07
N HIS J 110 -72.69 -11.86 -24.38
CA HIS J 110 -74.01 -11.28 -24.58
C HIS J 110 -74.42 -11.44 -26.06
N PHE J 111 -74.38 -12.68 -26.55
CA PHE J 111 -74.63 -13.01 -27.94
C PHE J 111 -75.73 -14.05 -27.99
N LYS J 112 -76.77 -13.79 -28.79
CA LYS J 112 -77.93 -14.65 -28.82
C LYS J 112 -77.96 -15.61 -30.02
N PRO J 113 -78.68 -16.73 -29.87
CA PRO J 113 -78.95 -17.71 -30.92
C PRO J 113 -79.44 -17.06 -32.21
N SER J 114 -80.02 -15.88 -32.07
CA SER J 114 -80.57 -15.14 -33.19
C SER J 114 -79.54 -14.16 -33.75
N ASP J 115 -78.40 -14.05 -33.09
CA ASP J 115 -77.41 -13.03 -33.43
C ASP J 115 -76.45 -13.45 -34.55
N LYS J 116 -75.60 -12.51 -34.99
CA LYS J 116 -74.69 -12.79 -36.09
C LYS J 116 -73.44 -11.88 -36.06
N HIS J 117 -72.27 -12.50 -36.07
CA HIS J 117 -71.00 -11.77 -36.02
C HIS J 117 -70.78 -10.80 -37.18
N PRO J 118 -70.60 -9.51 -36.85
CA PRO J 118 -70.41 -8.41 -37.79
C PRO J 118 -69.23 -8.63 -38.72
N ALA J 119 -69.13 -7.83 -39.78
CA ALA J 119 -67.96 -7.90 -40.63
C ALA J 119 -66.77 -7.29 -39.87
N PRO J 120 -65.55 -7.80 -40.13
CA PRO J 120 -64.33 -7.35 -39.46
C PRO J 120 -64.04 -5.86 -39.66
N ASP J 121 -63.27 -5.28 -38.74
CA ASP J 121 -62.83 -3.89 -38.90
C ASP J 121 -61.46 -3.69 -38.25
N LEU J 122 -60.44 -3.61 -39.09
CA LEU J 122 -59.04 -3.58 -38.64
C LEU J 122 -58.34 -2.25 -38.93
N ASP J 123 -59.13 -1.18 -39.06
CA ASP J 123 -58.60 0.15 -39.36
C ASP J 123 -58.20 0.90 -38.08
N HIS J 124 -56.92 0.84 -37.74
CA HIS J 124 -56.41 1.44 -36.51
C HIS J 124 -56.49 2.96 -36.52
N ASN J 125 -56.48 3.55 -37.71
CA ASN J 125 -56.56 5.00 -37.84
C ASN J 125 -57.89 5.51 -37.31
N LYS J 126 -58.95 4.72 -37.50
CA LYS J 126 -60.27 5.06 -36.97
C LYS J 126 -60.33 5.18 -35.45
N LEU J 127 -59.32 4.65 -34.76
CA LEU J 127 -59.35 4.66 -33.29
C LEU J 127 -59.33 6.08 -32.73
N VAL J 128 -59.79 6.24 -31.50
CA VAL J 128 -59.75 7.53 -30.83
C VAL J 128 -58.92 7.47 -29.56
N GLY J 129 -57.96 8.38 -29.41
CA GLY J 129 -57.03 8.34 -28.30
C GLY J 129 -56.20 7.08 -28.45
N GLY J 130 -55.95 6.39 -27.33
CA GLY J 130 -55.23 5.14 -27.37
C GLY J 130 -53.73 5.24 -27.17
N VAL J 131 -53.28 6.39 -26.68
CA VAL J 131 -51.89 6.56 -26.31
C VAL J 131 -51.89 7.15 -24.90
N PHE J 132 -51.60 6.30 -23.92
CA PHE J 132 -51.72 6.64 -22.51
C PHE J 132 -50.40 7.12 -21.92
N GLU J 133 -50.48 7.66 -20.70
CA GLU J 133 -49.32 8.11 -19.96
C GLU J 133 -48.44 6.92 -19.59
N ASP J 134 -47.15 7.19 -19.43
CA ASP J 134 -46.17 6.21 -19.01
C ASP J 134 -46.41 5.80 -17.56
N LYS J 135 -47.04 6.69 -16.81
CA LYS J 135 -47.21 6.53 -15.38
C LYS J 135 -48.20 5.42 -14.98
N TYR J 136 -49.09 5.08 -15.89
CA TYR J 136 -50.21 4.21 -15.58
C TYR J 136 -50.21 2.94 -16.44
N VAL J 137 -49.93 3.11 -17.72
CA VAL J 137 -49.76 1.96 -18.63
C VAL J 137 -48.28 1.66 -18.81
N LYS J 138 -47.84 0.45 -18.44
CA LYS J 138 -46.42 0.05 -18.55
C LYS J 138 -46.14 -0.79 -19.82
N SER J 139 -47.16 -1.45 -20.35
CA SER J 139 -47.03 -2.15 -21.63
C SER J 139 -48.32 -2.36 -22.35
N CYS J 140 -48.24 -2.67 -23.64
CA CYS J 140 -49.42 -2.85 -24.49
C CYS J 140 -49.26 -4.11 -25.35
N ARG J 141 -50.38 -4.76 -25.64
CA ARG J 141 -50.34 -6.05 -26.32
C ARG J 141 -51.72 -6.38 -26.85
N ILE J 142 -51.77 -6.80 -28.11
CA ILE J 142 -53.00 -7.31 -28.68
C ILE J 142 -52.76 -8.70 -29.30
N ARG J 143 -53.67 -9.62 -28.98
CA ARG J 143 -53.52 -11.04 -29.31
C ARG J 143 -54.79 -11.49 -30.03
N CYS J 144 -54.65 -12.49 -30.90
CA CYS J 144 -55.80 -13.21 -31.42
C CYS J 144 -55.43 -14.67 -31.69
N GLY J 145 -56.39 -15.56 -31.44
CA GLY J 145 -56.24 -16.97 -31.75
C GLY J 145 -56.88 -17.38 -33.09
N ARG J 146 -56.34 -18.42 -33.69
CA ARG J 146 -56.87 -19.00 -34.92
C ARG J 146 -56.70 -20.51 -34.86
N SER J 147 -57.51 -21.23 -35.62
CA SER J 147 -57.37 -22.68 -35.69
C SER J 147 -57.32 -23.12 -37.14
N VAL J 148 -56.88 -24.35 -37.39
CA VAL J 148 -56.75 -24.83 -38.75
C VAL J 148 -57.85 -25.83 -39.12
N LYS J 149 -58.37 -25.71 -40.33
CA LYS J 149 -59.58 -26.42 -40.71
C LYS J 149 -59.37 -27.92 -40.88
N GLY J 150 -60.41 -28.70 -40.61
CA GLY J 150 -60.37 -30.13 -40.86
C GLY J 150 -59.49 -30.87 -39.88
N VAL J 151 -58.81 -30.10 -39.03
CA VAL J 151 -57.96 -30.62 -37.97
C VAL J 151 -58.67 -30.56 -36.62
N CYS J 152 -58.54 -31.61 -35.83
CA CYS J 152 -59.02 -31.60 -34.45
C CYS J 152 -58.35 -30.49 -33.63
N LEU J 153 -59.15 -29.80 -32.83
CA LEU J 153 -58.65 -28.77 -31.92
C LEU J 153 -57.82 -29.43 -30.83
N PRO J 154 -56.93 -28.67 -30.19
CA PRO J 154 -55.84 -29.19 -29.33
C PRO J 154 -56.23 -30.16 -28.21
N PRO J 155 -57.42 -29.99 -27.61
CA PRO J 155 -57.77 -30.92 -26.54
C PRO J 155 -57.88 -32.37 -27.03
N ALA J 156 -58.17 -32.55 -28.31
CA ALA J 156 -58.41 -33.88 -28.87
C ALA J 156 -57.50 -34.25 -30.04
N MET J 157 -56.62 -33.33 -30.45
CA MET J 157 -55.75 -33.63 -31.58
C MET J 157 -54.62 -34.60 -31.26
N SER J 158 -54.16 -35.28 -32.31
CA SER J 158 -53.12 -36.30 -32.18
C SER J 158 -51.75 -35.75 -32.55
N ARG J 159 -50.71 -36.45 -32.10
CA ARG J 159 -49.33 -36.09 -32.42
C ARG J 159 -49.13 -35.90 -33.93
N ALA J 160 -49.88 -36.66 -34.72
CA ALA J 160 -49.83 -36.53 -36.18
C ALA J 160 -50.38 -35.17 -36.58
N GLU J 161 -51.59 -34.87 -36.14
CA GLU J 161 -52.22 -33.59 -36.41
C GLU J 161 -51.39 -32.43 -35.87
N ARG J 162 -50.85 -32.58 -34.67
CA ARG J 162 -50.02 -31.52 -34.10
C ARG J 162 -48.83 -31.28 -35.01
N ARG J 163 -48.14 -32.36 -35.36
CA ARG J 163 -46.99 -32.32 -36.24
C ARG J 163 -47.28 -31.57 -37.55
N LEU J 164 -48.39 -31.90 -38.19
CA LEU J 164 -48.73 -31.29 -39.48
C LEU J 164 -49.07 -29.81 -39.34
N VAL J 165 -49.69 -29.43 -38.23
CA VAL J 165 -49.91 -28.03 -37.91
C VAL J 165 -48.59 -27.27 -37.91
N GLU J 166 -47.73 -27.55 -36.94
CA GLU J 166 -46.43 -26.88 -36.83
C GLU J 166 -45.68 -26.72 -38.18
N LYS J 167 -45.75 -27.74 -39.04
CA LYS J 167 -45.13 -27.71 -40.36
C LYS J 167 -45.81 -26.67 -41.24
N VAL J 168 -47.12 -26.82 -41.40
CA VAL J 168 -47.91 -25.91 -42.21
C VAL J 168 -47.77 -24.46 -41.77
N VAL J 169 -47.79 -24.23 -40.46
CA VAL J 169 -47.78 -22.88 -39.93
C VAL J 169 -46.41 -22.20 -39.96
N SER J 170 -45.39 -22.90 -39.49
CA SER J 170 -44.03 -22.37 -39.59
C SER J 170 -43.49 -22.42 -41.03
N ASP J 171 -44.19 -23.10 -41.92
CA ASP J 171 -43.87 -23.06 -43.34
C ASP J 171 -44.47 -21.80 -43.96
N ALA J 172 -45.68 -21.45 -43.56
CA ALA J 172 -46.32 -20.24 -44.04
C ALA J 172 -45.64 -18.99 -43.49
N LEU J 173 -45.27 -19.02 -42.21
CA LEU J 173 -44.64 -17.88 -41.56
C LEU J 173 -43.39 -17.42 -42.29
N GLY J 174 -42.77 -18.31 -43.05
CA GLY J 174 -41.57 -17.99 -43.80
C GLY J 174 -41.75 -16.93 -44.88
N GLY J 175 -42.99 -16.68 -45.27
CA GLY J 175 -43.29 -15.67 -46.27
C GLY J 175 -43.17 -14.23 -45.77
N LEU J 176 -43.33 -14.03 -44.46
CA LEU J 176 -43.23 -12.71 -43.86
C LEU J 176 -41.88 -12.06 -44.13
N LYS J 177 -41.91 -10.80 -44.56
CA LYS J 177 -40.68 -10.08 -44.89
C LYS J 177 -40.63 -8.70 -44.22
N GLY J 178 -39.56 -7.95 -44.49
CA GLY J 178 -39.33 -6.67 -43.87
C GLY J 178 -39.21 -6.76 -42.35
N ASP J 179 -39.69 -5.73 -41.67
CA ASP J 179 -39.61 -5.66 -40.21
C ASP J 179 -40.46 -6.74 -39.54
N LEU J 180 -41.06 -7.62 -40.33
CA LEU J 180 -41.94 -8.65 -39.80
C LEU J 180 -41.32 -10.04 -39.85
N ALA J 181 -40.34 -10.22 -40.73
CA ALA J 181 -39.65 -11.49 -40.88
C ALA J 181 -38.92 -11.93 -39.60
N GLY J 182 -39.17 -13.16 -39.17
CA GLY J 182 -38.56 -13.72 -37.99
C GLY J 182 -38.02 -15.11 -38.23
N LYS J 183 -38.07 -15.96 -37.21
CA LYS J 183 -37.65 -17.34 -37.33
C LYS J 183 -38.38 -18.21 -36.31
N TYR J 184 -38.60 -19.47 -36.62
CA TYR J 184 -39.27 -20.37 -35.72
C TYR J 184 -38.31 -20.99 -34.70
N TYR J 185 -38.78 -21.09 -33.47
CA TYR J 185 -38.03 -21.74 -32.40
C TYR J 185 -38.89 -22.85 -31.80
N PRO J 186 -38.55 -24.11 -32.12
CA PRO J 186 -39.28 -25.25 -31.55
C PRO J 186 -38.90 -25.52 -30.09
N LEU J 187 -39.93 -25.70 -29.26
CA LEU J 187 -39.74 -25.88 -27.83
C LEU J 187 -38.86 -27.09 -27.48
N THR J 188 -38.90 -28.13 -28.29
CA THR J 188 -38.17 -29.35 -27.93
C THR J 188 -36.66 -29.18 -27.94
N THR J 189 -36.17 -28.08 -28.54
CA THR J 189 -34.74 -27.77 -28.56
C THR J 189 -34.38 -26.42 -27.94
N MET J 190 -35.28 -25.83 -27.16
CA MET J 190 -34.98 -24.57 -26.50
C MET J 190 -34.66 -24.78 -25.01
N ASN J 191 -33.40 -24.60 -24.62
CA ASN J 191 -33.02 -24.96 -23.25
C ASN J 191 -33.80 -24.15 -22.22
N GLU J 192 -33.80 -24.61 -20.97
CA GLU J 192 -34.73 -24.08 -19.96
C GLU J 192 -34.55 -22.61 -19.66
N LYS J 193 -33.30 -22.18 -19.52
CA LYS J 193 -33.01 -20.79 -19.16
C LYS J 193 -33.55 -19.83 -20.23
N ASP J 194 -33.29 -20.16 -21.49
CA ASP J 194 -33.83 -19.39 -22.59
C ASP J 194 -35.36 -19.32 -22.58
N GLN J 195 -35.98 -20.48 -22.38
CA GLN J 195 -37.42 -20.60 -22.23
C GLN J 195 -37.92 -19.75 -21.08
N GLU J 196 -37.32 -19.98 -19.91
CA GLU J 196 -37.70 -19.26 -18.69
C GLU J 196 -37.60 -17.75 -18.88
N GLN J 197 -36.51 -17.30 -19.47
CA GLN J 197 -36.32 -15.88 -19.74
C GLN J 197 -37.52 -15.34 -20.53
N LEU J 198 -37.75 -15.92 -21.70
CA LEU J 198 -38.86 -15.50 -22.56
C LEU J 198 -40.22 -15.45 -21.86
N ILE J 199 -40.38 -16.23 -20.79
CA ILE J 199 -41.66 -16.27 -20.08
C ILE J 199 -41.75 -15.12 -19.08
N GLU J 200 -40.58 -14.69 -18.61
CA GLU J 200 -40.45 -13.57 -17.67
C GLU J 200 -40.65 -12.27 -18.43
N ASP J 201 -40.10 -12.22 -19.64
CA ASP J 201 -40.18 -11.05 -20.53
C ASP J 201 -41.58 -10.96 -21.20
N HIS J 202 -42.53 -11.78 -20.73
CA HIS J 202 -43.91 -11.78 -21.26
C HIS J 202 -44.01 -12.13 -22.75
N PHE J 203 -43.02 -12.84 -23.27
CA PHE J 203 -43.01 -13.18 -24.68
C PHE J 203 -43.66 -14.53 -24.95
N LEU J 204 -43.26 -15.52 -24.16
CA LEU J 204 -43.63 -16.91 -24.41
C LEU J 204 -44.69 -17.47 -23.46
N PHE J 205 -45.47 -18.40 -23.98
CA PHE J 205 -46.51 -19.06 -23.20
C PHE J 205 -45.89 -19.87 -22.08
N GLU J 206 -46.53 -19.83 -20.92
CA GLU J 206 -45.94 -20.39 -19.71
C GLU J 206 -45.68 -21.88 -19.81
N LYS J 207 -45.25 -22.47 -18.70
CA LYS J 207 -45.03 -23.91 -18.62
C LYS J 207 -46.37 -24.60 -18.40
N PRO J 208 -46.57 -25.78 -19.01
CA PRO J 208 -47.84 -26.52 -19.13
C PRO J 208 -48.53 -26.87 -17.80
N THR J 209 -48.88 -25.87 -16.99
CA THR J 209 -49.45 -26.13 -15.67
C THR J 209 -50.79 -25.42 -15.42
N GLY J 210 -51.37 -24.82 -16.45
CA GLY J 210 -52.67 -24.20 -16.30
C GLY J 210 -53.69 -25.29 -16.02
N ALA J 211 -54.76 -24.94 -15.30
CA ALA J 211 -55.82 -25.91 -15.00
C ALA J 211 -56.65 -26.29 -16.25
N LEU J 212 -56.99 -25.31 -17.10
CA LEU J 212 -57.63 -25.62 -18.36
C LEU J 212 -56.76 -26.56 -19.16
N LEU J 213 -55.58 -26.07 -19.51
CA LEU J 213 -54.58 -26.79 -20.29
C LEU J 213 -54.47 -28.29 -19.97
N THR J 214 -54.01 -28.63 -18.76
CA THR J 214 -53.78 -30.03 -18.39
C THR J 214 -55.05 -30.89 -18.34
N THR J 215 -56.13 -30.38 -17.77
CA THR J 215 -57.33 -31.21 -17.60
C THR J 215 -58.13 -31.37 -18.87
N SER J 216 -58.19 -30.32 -19.69
CA SER J 216 -58.91 -30.35 -20.95
C SER J 216 -58.25 -31.26 -21.96
N GLY J 217 -56.96 -31.52 -21.77
CA GLY J 217 -56.25 -32.43 -22.65
C GLY J 217 -55.18 -31.80 -23.51
N CYS J 218 -54.97 -30.50 -23.34
CA CYS J 218 -54.12 -29.74 -24.25
C CYS J 218 -52.59 -29.88 -24.06
N ALA J 219 -52.15 -30.72 -23.12
CA ALA J 219 -50.73 -30.73 -22.71
C ALA J 219 -49.95 -32.04 -23.02
N ARG J 220 -50.71 -33.08 -23.37
CA ARG J 220 -50.18 -34.32 -23.91
C ARG J 220 -48.94 -34.15 -24.82
N ASP J 221 -47.99 -35.07 -24.70
CA ASP J 221 -46.85 -35.14 -25.61
C ASP J 221 -46.02 -33.84 -25.64
N TRP J 222 -45.72 -33.30 -24.47
CA TRP J 222 -45.05 -32.01 -24.36
C TRP J 222 -43.53 -32.16 -24.33
N PRO J 223 -42.81 -31.27 -25.04
CA PRO J 223 -43.32 -30.11 -25.78
C PRO J 223 -43.51 -30.33 -27.28
N ASP J 224 -43.70 -31.57 -27.72
CA ASP J 224 -43.74 -31.89 -29.16
C ASP J 224 -44.81 -31.10 -29.91
N GLY J 225 -44.44 -30.53 -31.05
CA GLY J 225 -45.38 -29.77 -31.88
C GLY J 225 -45.64 -28.33 -31.46
N ARG J 226 -45.06 -27.91 -30.34
CA ARG J 226 -45.24 -26.54 -29.82
C ARG J 226 -44.03 -25.65 -30.13
N GLY J 227 -44.18 -24.34 -29.95
CA GLY J 227 -43.07 -23.41 -30.12
C GLY J 227 -43.45 -21.96 -30.40
N ILE J 228 -42.44 -21.08 -30.43
CA ILE J 228 -42.69 -19.67 -30.74
C ILE J 228 -41.88 -19.19 -31.95
N TRP J 229 -42.49 -18.29 -32.73
CA TRP J 229 -41.86 -17.65 -33.87
C TRP J 229 -41.84 -16.18 -33.53
N HIS J 230 -40.83 -15.45 -33.98
CA HIS J 230 -40.83 -14.00 -33.77
C HIS J 230 -39.80 -13.27 -34.61
N ASN J 231 -40.14 -12.06 -35.06
CA ASN J 231 -39.17 -11.20 -35.74
C ASN J 231 -38.04 -10.79 -34.80
N ASN J 232 -37.09 -10.01 -35.29
CA ASN J 232 -35.95 -9.62 -34.49
C ASN J 232 -36.28 -8.82 -33.23
N GLU J 233 -37.16 -7.83 -33.38
CA GLU J 233 -37.47 -6.85 -32.34
C GLU J 233 -38.39 -7.41 -31.25
N LYS J 234 -39.08 -8.50 -31.57
CA LYS J 234 -39.98 -9.15 -30.61
C LYS J 234 -41.16 -8.24 -30.22
N ASN J 235 -41.67 -7.50 -31.20
CA ASN J 235 -42.95 -6.82 -31.06
C ASN J 235 -44.01 -7.49 -31.95
N PHE J 236 -43.60 -8.52 -32.67
CA PHE J 236 -44.55 -9.38 -33.38
C PHE J 236 -44.12 -10.84 -33.27
N LEU J 237 -44.93 -11.66 -32.60
CA LEU J 237 -44.60 -13.07 -32.41
C LEU J 237 -45.79 -13.98 -32.67
N VAL J 238 -45.52 -15.27 -32.83
CA VAL J 238 -46.58 -16.27 -32.98
C VAL J 238 -46.42 -17.45 -32.01
N TRP J 239 -47.49 -17.84 -31.33
CA TRP J 239 -47.51 -19.08 -30.57
C TRP J 239 -48.03 -20.20 -31.46
N ILE J 240 -47.39 -21.36 -31.41
CA ILE J 240 -47.85 -22.52 -32.16
C ILE J 240 -48.30 -23.67 -31.26
N ASN J 241 -49.45 -24.27 -31.58
CA ASN J 241 -49.95 -25.46 -30.88
C ASN J 241 -49.90 -25.44 -29.34
N GLU J 242 -50.11 -24.30 -28.69
CA GLU J 242 -50.32 -24.33 -27.25
C GLU J 242 -51.77 -24.72 -27.01
N GLU J 243 -52.56 -23.87 -26.34
CA GLU J 243 -54.01 -24.06 -26.19
C GLU J 243 -54.77 -23.95 -27.51
N ASP J 244 -54.20 -23.23 -28.46
CA ASP J 244 -54.80 -23.13 -29.79
C ASP J 244 -53.73 -23.42 -30.83
N HIS J 245 -54.13 -23.70 -32.06
CA HIS J 245 -53.18 -23.95 -33.14
C HIS J 245 -52.30 -22.74 -33.37
N ILE J 246 -52.93 -21.57 -33.41
CA ILE J 246 -52.26 -20.32 -33.75
C ILE J 246 -52.59 -19.19 -32.77
N ARG J 247 -51.56 -18.47 -32.34
CA ARG J 247 -51.74 -17.22 -31.64
C ARG J 247 -50.92 -16.19 -32.36
N VAL J 248 -51.58 -15.10 -32.76
CA VAL J 248 -50.88 -13.94 -33.31
C VAL J 248 -50.78 -12.84 -32.26
N ILE J 249 -49.59 -12.25 -32.11
CA ILE J 249 -49.34 -11.28 -31.05
C ILE J 249 -48.58 -10.06 -31.55
N SER J 250 -49.01 -8.90 -31.06
CA SER J 250 -48.34 -7.63 -31.29
C SER J 250 -48.26 -6.88 -29.95
N MET J 251 -47.06 -6.53 -29.52
CA MET J 251 -46.89 -5.94 -28.20
C MET J 251 -45.62 -5.10 -28.08
N GLN J 252 -45.65 -4.12 -27.19
CA GLN J 252 -44.45 -3.38 -26.80
C GLN J 252 -44.61 -2.79 -25.38
N LYS J 253 -43.56 -2.14 -24.86
CA LYS J 253 -43.66 -1.43 -23.60
C LYS J 253 -44.05 0.02 -23.86
N GLY J 254 -44.58 0.70 -22.85
CA GLY J 254 -45.07 2.06 -23.02
C GLY J 254 -46.58 2.11 -23.09
N GLY J 255 -47.14 3.27 -23.39
CA GLY J 255 -48.58 3.45 -23.44
C GLY J 255 -49.17 3.79 -24.81
N ASP J 256 -48.62 3.19 -25.85
CA ASP J 256 -49.09 3.40 -27.21
C ASP J 256 -49.84 2.17 -27.69
N LEU J 257 -51.08 2.01 -27.23
CA LEU J 257 -51.94 0.91 -27.67
C LEU J 257 -52.26 1.07 -29.16
N LYS J 258 -52.29 2.31 -29.63
CA LYS J 258 -52.56 2.57 -31.04
C LYS J 258 -51.45 2.06 -31.97
N ALA J 259 -50.18 2.28 -31.60
CA ALA J 259 -49.08 1.74 -32.38
C ALA J 259 -49.18 0.23 -32.43
N VAL J 260 -49.40 -0.38 -31.27
CA VAL J 260 -49.50 -1.84 -31.19
C VAL J 260 -50.63 -2.36 -32.07
N PHE J 261 -51.74 -1.62 -32.11
CA PHE J 261 -52.91 -1.97 -32.91
C PHE J 261 -52.61 -1.80 -34.39
N SER J 262 -51.77 -0.82 -34.73
CA SER J 262 -51.33 -0.67 -36.11
C SER J 262 -50.55 -1.90 -36.57
N ARG J 263 -49.48 -2.22 -35.84
CA ARG J 263 -48.63 -3.36 -36.16
C ARG J 263 -49.46 -4.62 -36.22
N PHE J 264 -50.41 -4.74 -35.29
CA PHE J 264 -51.24 -5.93 -35.19
C PHE J 264 -51.97 -6.24 -36.49
N ALA J 265 -52.76 -5.27 -36.95
CA ALA J 265 -53.58 -5.46 -38.13
C ALA J 265 -52.74 -5.83 -39.35
N ARG J 266 -51.68 -5.08 -39.59
CA ARG J 266 -50.73 -5.35 -40.66
C ARG J 266 -50.20 -6.78 -40.57
N GLY J 267 -49.81 -7.20 -39.36
CA GLY J 267 -49.28 -8.53 -39.15
C GLY J 267 -50.30 -9.62 -39.43
N LEU J 268 -51.48 -9.49 -38.82
CA LEU J 268 -52.53 -10.50 -38.95
C LEU J 268 -53.01 -10.66 -40.38
N LEU J 269 -53.17 -9.55 -41.10
CA LEU J 269 -53.56 -9.64 -42.48
C LEU J 269 -52.52 -10.39 -43.29
N GLU J 270 -51.25 -10.17 -42.95
CA GLU J 270 -50.15 -10.90 -43.59
C GLU J 270 -50.17 -12.38 -43.27
N VAL J 271 -50.57 -12.73 -42.06
CA VAL J 271 -50.61 -14.12 -41.64
C VAL J 271 -51.79 -14.83 -42.30
N GLU J 272 -52.94 -14.17 -42.30
CA GLU J 272 -54.13 -14.73 -42.92
C GLU J 272 -54.01 -14.81 -44.44
N ARG J 273 -53.02 -14.11 -44.99
CA ARG J 273 -52.79 -14.12 -46.42
C ARG J 273 -51.97 -15.36 -46.79
N LEU J 274 -50.89 -15.55 -46.04
CA LEU J 274 -49.95 -16.62 -46.31
C LEU J 274 -50.60 -17.97 -46.06
N MET J 275 -51.39 -18.05 -44.98
CA MET J 275 -52.11 -19.27 -44.66
C MET J 275 -53.06 -19.71 -45.78
N LYS J 276 -53.75 -18.75 -46.38
CA LYS J 276 -54.66 -19.06 -47.46
C LYS J 276 -53.85 -19.41 -48.70
N GLU J 277 -52.76 -18.66 -48.88
CA GLU J 277 -51.87 -18.79 -50.02
C GLU J 277 -51.00 -20.05 -49.93
N CYS J 278 -51.24 -20.83 -48.88
CA CYS J 278 -50.56 -22.12 -48.71
C CYS J 278 -51.52 -23.29 -48.86
N GLY J 279 -52.80 -22.99 -49.08
CA GLY J 279 -53.78 -24.02 -49.36
C GLY J 279 -54.40 -24.57 -48.08
N HIS J 280 -54.34 -23.77 -47.02
CA HIS J 280 -54.91 -24.14 -45.73
C HIS J 280 -55.85 -23.04 -45.24
N GLY J 281 -57.03 -23.44 -44.79
CA GLY J 281 -58.00 -22.48 -44.28
C GLY J 281 -58.05 -22.43 -42.78
N LEU J 282 -58.71 -21.40 -42.25
CA LEU J 282 -58.88 -21.24 -40.81
C LEU J 282 -60.31 -21.54 -40.38
N MET J 283 -60.46 -22.45 -39.42
CA MET J 283 -61.78 -22.87 -38.94
C MET J 283 -62.70 -21.67 -38.72
N HIS J 284 -63.66 -21.49 -39.63
CA HIS J 284 -64.54 -20.32 -39.61
C HIS J 284 -66.03 -20.65 -39.70
N ASN J 285 -66.86 -19.80 -39.11
CA ASN J 285 -68.30 -19.99 -39.03
C ASN J 285 -69.02 -18.73 -39.48
N ASP J 286 -70.06 -18.90 -40.30
CA ASP J 286 -70.82 -17.79 -40.86
C ASP J 286 -71.48 -16.93 -39.79
N ARG J 287 -72.11 -17.57 -38.83
CA ARG J 287 -72.80 -16.88 -37.75
C ARG J 287 -71.83 -16.42 -36.67
N LEU J 288 -70.87 -17.28 -36.32
CA LEU J 288 -70.07 -17.09 -35.11
C LEU J 288 -68.63 -16.62 -35.32
N GLY J 289 -68.28 -16.31 -36.57
CA GLY J 289 -66.94 -15.88 -36.90
C GLY J 289 -65.90 -16.98 -36.72
N TYR J 290 -64.70 -16.59 -36.28
CA TYR J 290 -63.61 -17.54 -36.08
C TYR J 290 -63.79 -18.43 -34.87
N ILE J 291 -63.30 -19.66 -34.97
CA ILE J 291 -63.42 -20.63 -33.89
C ILE J 291 -62.07 -21.06 -33.33
N CYS J 292 -62.06 -21.36 -32.03
CA CYS J 292 -60.89 -21.90 -31.36
C CYS J 292 -61.28 -22.90 -30.27
N THR J 293 -60.39 -23.12 -29.30
CA THR J 293 -60.62 -24.12 -28.26
C THR J 293 -61.70 -23.66 -27.27
N CYS J 294 -61.45 -22.55 -26.59
CA CYS J 294 -62.39 -22.02 -25.61
C CYS J 294 -63.45 -21.08 -26.21
N PRO J 295 -64.71 -21.29 -25.84
CA PRO J 295 -65.83 -20.43 -26.24
C PRO J 295 -65.60 -18.91 -26.06
N THR J 296 -64.83 -18.48 -25.06
CA THR J 296 -64.62 -17.04 -24.86
C THR J 296 -63.76 -16.46 -25.97
N ASN J 297 -63.15 -17.34 -26.75
CA ASN J 297 -62.36 -16.90 -27.89
C ASN J 297 -63.07 -17.12 -29.21
N MET J 298 -64.11 -16.31 -29.43
CA MET J 298 -64.96 -16.42 -30.62
C MET J 298 -65.05 -15.09 -31.37
N GLY J 299 -65.53 -15.14 -32.60
CA GLY J 299 -65.68 -13.96 -33.40
C GLY J 299 -64.33 -13.46 -33.88
N THR J 300 -63.87 -12.38 -33.28
CA THR J 300 -62.53 -11.85 -33.53
C THR J 300 -61.42 -12.64 -32.81
N VAL J 301 -61.77 -13.29 -31.69
CA VAL J 301 -60.79 -14.03 -30.88
C VAL J 301 -59.68 -13.13 -30.33
N VAL J 302 -59.92 -11.83 -30.36
CA VAL J 302 -58.95 -10.80 -30.00
C VAL J 302 -58.96 -10.46 -28.50
N ARG J 303 -57.78 -10.16 -27.96
CA ARG J 303 -57.65 -9.68 -26.60
C ARG J 303 -56.63 -8.53 -26.58
N ALA J 304 -57.15 -7.30 -26.59
CA ALA J 304 -56.31 -6.13 -26.42
C ALA J 304 -56.12 -5.92 -24.91
N SER J 305 -54.87 -5.80 -24.49
CA SER J 305 -54.62 -5.58 -23.07
C SER J 305 -53.56 -4.51 -22.81
N VAL J 306 -53.53 -4.05 -21.56
CA VAL J 306 -52.48 -3.17 -21.08
C VAL J 306 -52.09 -3.62 -19.68
N HIS J 307 -50.84 -3.37 -19.30
CA HIS J 307 -50.49 -3.47 -17.90
C HIS J 307 -50.75 -2.11 -17.24
N LEU J 308 -51.81 -2.06 -16.41
CA LEU J 308 -52.31 -0.82 -15.80
C LEU J 308 -52.09 -0.75 -14.28
N ARG J 309 -51.21 0.17 -13.85
CA ARG J 309 -50.92 0.35 -12.43
C ARG J 309 -51.92 1.26 -11.70
N LEU J 310 -52.60 0.70 -10.71
CA LEU J 310 -53.70 1.40 -10.05
C LEU J 310 -53.57 1.43 -8.54
N ALA J 311 -52.42 1.93 -8.08
CA ALA J 311 -52.14 2.01 -6.65
C ALA J 311 -53.32 2.44 -5.77
N PHE J 312 -54.20 3.27 -6.31
CA PHE J 312 -55.27 3.85 -5.49
C PHE J 312 -56.64 3.24 -5.77
N LEU J 313 -56.88 2.85 -7.01
CA LEU J 313 -58.16 2.26 -7.40
C LEU J 313 -58.32 0.86 -6.80
N GLU J 314 -57.25 0.07 -6.82
CA GLU J 314 -57.32 -1.29 -6.29
C GLU J 314 -57.87 -1.34 -4.86
N LYS J 315 -57.66 -0.26 -4.10
CA LYS J 315 -58.17 -0.16 -2.73
C LYS J 315 -59.69 0.02 -2.67
N HIS J 316 -60.28 0.56 -3.74
CA HIS J 316 -61.70 0.91 -3.74
C HIS J 316 -62.65 -0.30 -3.89
N PRO J 317 -63.68 -0.34 -3.03
CA PRO J 317 -64.67 -1.44 -2.96
C PRO J 317 -65.41 -1.67 -4.27
N ARG J 318 -65.50 -0.66 -5.13
CA ARG J 318 -66.28 -0.77 -6.36
C ARG J 318 -65.39 -0.92 -7.60
N PHE J 319 -64.22 -1.53 -7.39
CA PHE J 319 -63.27 -1.82 -8.46
C PHE J 319 -63.90 -2.84 -9.41
N ASP J 320 -63.96 -4.10 -8.97
CA ASP J 320 -64.52 -5.19 -9.76
C ASP J 320 -65.94 -4.91 -10.26
N GLU J 321 -66.68 -4.07 -9.53
CA GLU J 321 -68.00 -3.66 -10.00
C GLU J 321 -67.83 -2.85 -11.28
N MET J 322 -67.04 -1.79 -11.18
CA MET J 322 -66.80 -0.91 -12.32
C MET J 322 -66.20 -1.64 -13.51
N LEU J 323 -65.44 -2.70 -13.26
CA LEU J 323 -64.78 -3.46 -14.33
C LEU J 323 -65.74 -4.40 -15.04
N GLY J 324 -66.68 -4.94 -14.27
CA GLY J 324 -67.72 -5.78 -14.84
C GLY J 324 -68.57 -5.02 -15.84
N LYS J 325 -69.07 -3.86 -15.42
CA LYS J 325 -69.86 -2.97 -16.26
C LYS J 325 -69.10 -2.50 -17.50
N LEU J 326 -67.83 -2.17 -17.31
CA LEU J 326 -66.98 -1.75 -18.41
C LEU J 326 -66.76 -2.86 -19.43
N ARG J 327 -67.22 -4.06 -19.09
CA ARG J 327 -66.95 -5.23 -19.92
C ARG J 327 -65.45 -5.39 -20.13
N LEU J 328 -64.70 -5.31 -19.02
CA LEU J 328 -63.26 -5.57 -19.04
C LEU J 328 -62.94 -6.81 -18.23
N GLY J 329 -61.94 -7.58 -18.67
CA GLY J 329 -61.51 -8.77 -17.92
C GLY J 329 -60.35 -8.48 -17.00
N LYS J 330 -60.25 -9.20 -15.90
CA LYS J 330 -59.22 -8.95 -14.90
C LYS J 330 -58.26 -10.12 -14.78
N ARG J 331 -56.96 -9.83 -14.92
CA ARG J 331 -55.92 -10.85 -14.88
C ARG J 331 -54.67 -10.31 -14.21
N GLY J 332 -53.72 -11.20 -13.93
CA GLY J 332 -52.50 -10.84 -13.23
C GLY J 332 -51.38 -10.44 -14.16
N THR J 333 -50.33 -9.87 -13.59
CA THR J 333 -49.20 -9.38 -14.40
C THR J 333 -48.59 -10.49 -15.27
N GLY J 334 -48.43 -11.67 -14.68
CA GLY J 334 -47.93 -12.83 -15.41
C GLY J 334 -49.05 -13.60 -16.09
N GLY J 335 -50.20 -12.96 -16.27
CA GLY J 335 -51.31 -13.52 -17.01
C GLY J 335 -52.40 -14.19 -16.19
N GLU J 336 -53.36 -14.78 -16.91
CA GLU J 336 -54.49 -15.51 -16.35
C GLU J 336 -54.22 -16.23 -15.03
N SER J 337 -53.15 -17.02 -14.99
CA SER J 337 -52.83 -17.79 -13.79
C SER J 337 -51.82 -17.08 -12.89
N SER J 338 -51.96 -15.77 -12.74
CA SER J 338 -51.15 -14.99 -11.82
C SER J 338 -51.94 -13.82 -11.22
N LEU J 339 -51.37 -13.20 -10.19
CA LEU J 339 -51.99 -12.07 -9.50
C LEU J 339 -51.29 -10.76 -9.82
N ALA J 340 -51.82 -9.67 -9.26
CA ALA J 340 -51.26 -8.33 -9.44
C ALA J 340 -49.95 -8.14 -8.68
N THR J 341 -48.92 -7.74 -9.40
CA THR J 341 -47.65 -7.38 -8.78
C THR J 341 -47.43 -5.88 -8.87
N ASP J 342 -47.10 -5.26 -7.74
CA ASP J 342 -46.92 -3.81 -7.65
C ASP J 342 -48.10 -3.07 -8.24
N SER J 343 -49.27 -3.22 -7.61
CA SER J 343 -50.49 -2.53 -8.02
C SER J 343 -50.78 -2.58 -9.52
N THR J 344 -50.21 -3.58 -10.19
CA THR J 344 -50.25 -3.62 -11.67
C THR J 344 -51.06 -4.81 -12.21
N TYR J 345 -52.16 -4.49 -12.89
CA TYR J 345 -53.10 -5.50 -13.44
C TYR J 345 -53.05 -5.59 -14.95
N ASP J 346 -53.35 -6.77 -15.47
CA ASP J 346 -53.62 -6.95 -16.89
C ASP J 346 -55.10 -6.68 -17.10
N ILE J 347 -55.40 -5.55 -17.74
CA ILE J 347 -56.78 -5.17 -18.02
C ILE J 347 -57.01 -5.28 -19.53
N SER J 348 -58.05 -6.01 -19.91
CA SER J 348 -58.31 -6.31 -21.30
C SER J 348 -59.82 -6.28 -21.56
N ASN J 349 -60.19 -6.54 -22.81
CA ASN J 349 -61.59 -6.67 -23.14
C ASN J 349 -62.13 -8.07 -22.89
N TRP J 350 -63.29 -8.13 -22.25
CA TRP J 350 -63.90 -9.41 -21.92
C TRP J 350 -64.40 -10.16 -23.15
N ALA J 351 -65.36 -9.55 -23.87
CA ALA J 351 -66.00 -10.18 -25.01
C ALA J 351 -65.18 -10.08 -26.30
N ARG J 352 -65.23 -11.16 -27.08
CA ARG J 352 -64.57 -11.23 -28.38
C ARG J 352 -65.59 -11.32 -29.53
N LEU J 353 -66.69 -12.02 -29.27
CA LEU J 353 -67.77 -12.26 -30.21
C LEU J 353 -68.81 -11.13 -30.15
N GLY J 354 -69.40 -10.80 -31.30
CA GLY J 354 -70.47 -9.81 -31.33
C GLY J 354 -70.03 -8.42 -31.75
N LYS J 355 -68.72 -8.16 -31.66
CA LYS J 355 -68.16 -6.89 -32.11
C LYS J 355 -66.94 -7.08 -33.00
N SER J 356 -66.57 -6.03 -33.71
CA SER J 356 -65.38 -6.07 -34.56
C SER J 356 -64.14 -5.79 -33.72
N GLU J 357 -62.98 -6.02 -34.32
CA GLU J 357 -61.71 -5.84 -33.66
C GLU J 357 -61.52 -4.41 -33.15
N ARG J 358 -61.77 -3.44 -34.03
CA ARG J 358 -61.60 -2.04 -33.69
C ARG J 358 -62.56 -1.64 -32.57
N GLU J 359 -63.79 -2.15 -32.63
CA GLU J 359 -64.85 -1.79 -31.70
C GLU J 359 -64.53 -2.18 -30.26
N LEU J 360 -63.93 -3.34 -30.07
CA LEU J 360 -63.55 -3.80 -28.73
C LEU J 360 -62.30 -3.09 -28.22
N VAL J 361 -61.39 -2.74 -29.11
CA VAL J 361 -60.18 -2.01 -28.69
C VAL J 361 -60.55 -0.62 -28.13
N GLN J 362 -61.65 -0.04 -28.64
CA GLN J 362 -62.14 1.23 -28.12
C GLN J 362 -62.88 1.01 -26.80
N VAL J 363 -63.54 -0.14 -26.69
CA VAL J 363 -64.14 -0.54 -25.43
C VAL J 363 -63.06 -0.60 -24.38
N LEU J 364 -61.88 -1.06 -24.79
CA LEU J 364 -60.68 -1.08 -23.96
C LEU J 364 -60.20 0.34 -23.64
N VAL J 365 -60.13 1.17 -24.68
CA VAL J 365 -59.61 2.53 -24.56
C VAL J 365 -60.48 3.37 -23.64
N ASP J 366 -61.79 3.32 -23.85
CA ASP J 366 -62.71 4.11 -23.05
C ASP J 366 -62.57 3.65 -21.60
N GLY J 367 -62.62 2.34 -21.39
CA GLY J 367 -62.47 1.77 -20.07
C GLY J 367 -61.26 2.27 -19.32
N VAL J 368 -60.10 2.27 -19.99
CA VAL J 368 -58.83 2.61 -19.33
C VAL J 368 -58.71 4.10 -18.98
N ASN J 369 -59.44 4.94 -19.72
CA ASN J 369 -59.48 6.38 -19.43
C ASN J 369 -60.19 6.66 -18.11
N LEU J 370 -61.31 5.99 -17.92
CA LEU J 370 -62.13 6.14 -16.72
C LEU J 370 -61.43 5.55 -15.50
N LEU J 371 -60.76 4.41 -15.70
CA LEU J 371 -60.01 3.75 -14.64
C LEU J 371 -58.89 4.65 -14.12
N ILE J 372 -58.16 5.29 -15.03
CA ILE J 372 -57.16 6.25 -14.66
C ILE J 372 -57.78 7.48 -13.98
N ALA J 373 -58.79 8.06 -14.62
CA ALA J 373 -59.47 9.23 -14.07
C ALA J 373 -59.88 9.01 -12.62
N CYS J 374 -60.34 7.79 -12.32
CA CYS J 374 -60.70 7.42 -10.95
C CYS J 374 -59.49 7.36 -10.02
N ASP J 375 -58.37 6.85 -10.52
CA ASP J 375 -57.15 6.73 -9.73
C ASP J 375 -56.64 8.11 -9.33
N LYS J 376 -56.63 9.02 -10.29
CA LYS J 376 -56.19 10.40 -10.05
C LYS J 376 -57.06 11.12 -9.01
N LYS J 377 -58.37 10.85 -9.01
CA LYS J 377 -59.29 11.42 -8.04
C LYS J 377 -59.04 10.88 -6.62
N LEU J 378 -58.80 9.57 -6.52
CA LEU J 378 -58.51 8.93 -5.24
C LEU J 378 -57.22 9.48 -4.65
N GLU J 379 -56.16 9.48 -5.45
CA GLU J 379 -54.92 10.12 -5.05
C GLU J 379 -55.23 11.47 -4.39
N ALA J 380 -56.01 12.29 -5.08
CA ALA J 380 -56.35 13.63 -4.62
C ALA J 380 -57.31 13.65 -3.42
N GLY J 381 -57.55 12.49 -2.83
CA GLY J 381 -58.43 12.40 -1.67
C GLY J 381 -59.87 12.76 -1.95
N GLN J 382 -60.26 12.62 -3.22
CA GLN J 382 -61.60 12.94 -3.67
C GLN J 382 -62.42 11.67 -3.78
N SER J 383 -63.73 11.80 -4.00
CA SER J 383 -64.61 10.65 -4.16
C SER J 383 -64.91 10.36 -5.63
N ILE J 384 -65.28 9.11 -5.93
CA ILE J 384 -65.52 8.68 -7.31
C ILE J 384 -66.86 7.95 -7.49
N ASP J 385 -67.71 8.04 -6.46
CA ASP J 385 -68.98 7.30 -6.46
C ASP J 385 -69.84 7.65 -7.66
N ASP J 386 -69.82 8.92 -8.06
CA ASP J 386 -70.56 9.42 -9.21
C ASP J 386 -70.02 8.87 -10.53
N MET J 387 -68.71 8.65 -10.57
CA MET J 387 -68.01 8.29 -11.80
C MET J 387 -68.21 6.84 -12.24
N ILE J 388 -68.51 5.96 -11.28
CA ILE J 388 -68.72 4.55 -11.56
C ILE J 388 -70.00 4.31 -12.36
N PRO J 389 -69.88 3.54 -13.47
CA PRO J 389 -71.00 3.30 -14.38
C PRO J 389 -72.29 2.97 -13.63
N LYS J 390 -73.39 3.58 -14.04
CA LYS J 390 -74.68 3.25 -13.44
C LYS J 390 -75.13 1.85 -13.84
N LYS K 24 -32.47 -119.20 -10.99
CA LYS K 24 -31.58 -118.11 -11.40
C LYS K 24 -30.29 -118.09 -10.57
N PHE K 25 -30.32 -118.71 -9.40
CA PHE K 25 -29.11 -118.80 -8.56
C PHE K 25 -28.79 -120.25 -8.20
N LYS K 26 -27.54 -120.66 -8.43
CA LYS K 26 -27.07 -121.98 -8.00
C LYS K 26 -26.81 -121.94 -6.50
N ALA K 27 -26.47 -123.10 -5.93
CA ALA K 27 -26.11 -123.14 -4.52
C ALA K 27 -24.80 -122.39 -4.34
N ALA K 28 -23.96 -122.42 -5.36
CA ALA K 28 -22.65 -121.79 -5.29
C ALA K 28 -22.80 -120.32 -4.94
N ASP K 29 -23.60 -119.62 -5.74
CA ASP K 29 -23.84 -118.17 -5.58
C ASP K 29 -24.29 -117.79 -4.16
N ASN K 30 -24.86 -118.74 -3.45
CA ASN K 30 -25.39 -118.47 -2.12
C ASN K 30 -24.46 -118.93 -1.00
N PHE K 31 -23.41 -119.66 -1.35
CA PHE K 31 -22.51 -120.21 -0.34
C PHE K 31 -21.96 -119.13 0.61
N PRO K 32 -22.01 -119.39 1.91
CA PRO K 32 -21.54 -118.43 2.92
C PRO K 32 -20.02 -118.20 2.96
N ASP K 33 -19.61 -116.92 2.87
CA ASP K 33 -18.21 -116.52 3.10
C ASP K 33 -17.85 -116.66 4.57
N LEU K 34 -17.22 -117.77 4.92
CA LEU K 34 -16.88 -118.02 6.32
C LEU K 34 -15.39 -117.85 6.61
N SER K 35 -14.74 -116.89 5.97
CA SER K 35 -13.33 -116.60 6.24
C SER K 35 -13.03 -116.31 7.72
N LYS K 36 -13.73 -115.34 8.30
CA LYS K 36 -13.44 -114.96 9.68
C LYS K 36 -13.79 -116.08 10.65
N HIS K 37 -14.82 -116.86 10.29
CA HIS K 37 -15.55 -117.72 11.23
C HIS K 37 -14.81 -118.83 11.99
N ASN K 38 -14.86 -118.73 13.31
CA ASN K 38 -14.34 -119.74 14.21
C ASN K 38 -15.49 -120.40 14.95
N ASN K 39 -16.22 -121.29 14.27
CA ASN K 39 -17.24 -122.09 14.92
C ASN K 39 -17.29 -123.48 14.29
N VAL K 40 -18.22 -124.31 14.74
CA VAL K 40 -18.24 -125.71 14.28
C VAL K 40 -19.00 -125.85 12.96
N MET K 41 -19.88 -124.90 12.68
CA MET K 41 -20.49 -124.83 11.36
C MET K 41 -19.40 -124.46 10.35
N ALA K 42 -18.65 -123.40 10.66
CA ALA K 42 -17.58 -122.94 9.81
C ALA K 42 -16.61 -124.06 9.60
N SER K 43 -16.44 -124.85 10.64
CA SER K 43 -15.38 -125.86 10.66
C SER K 43 -15.74 -127.14 9.90
N GLN K 44 -17.03 -127.39 9.70
CA GLN K 44 -17.47 -128.66 9.10
C GLN K 44 -18.20 -128.52 7.75
N LEU K 45 -18.60 -127.31 7.39
CA LEU K 45 -19.34 -127.09 6.16
C LEU K 45 -18.43 -127.05 4.94
N THR K 46 -18.79 -127.79 3.89
CA THR K 46 -18.08 -127.76 2.62
C THR K 46 -19.02 -127.27 1.52
N LYS K 47 -18.45 -126.84 0.39
CA LYS K 47 -19.21 -126.47 -0.78
C LYS K 47 -19.93 -127.67 -1.40
N GLU K 48 -19.35 -128.86 -1.22
CA GLU K 48 -19.97 -130.10 -1.64
C GLU K 48 -21.21 -130.35 -0.80
N LEU K 49 -21.09 -130.12 0.50
CA LEU K 49 -22.22 -130.31 1.43
C LEU K 49 -23.32 -129.28 1.24
N TYR K 50 -22.93 -128.03 1.01
CA TYR K 50 -23.91 -126.96 0.87
C TYR K 50 -24.75 -127.12 -0.38
N GLU K 51 -24.11 -127.50 -1.47
CA GLU K 51 -24.80 -127.78 -2.71
C GLU K 51 -25.83 -128.88 -2.47
N LYS K 52 -25.44 -129.88 -1.68
CA LYS K 52 -26.30 -131.03 -1.39
C LYS K 52 -27.65 -130.71 -0.73
N TYR K 53 -27.61 -130.03 0.41
CA TYR K 53 -28.82 -129.87 1.23
C TYR K 53 -29.58 -128.56 1.01
N TRP K 54 -29.00 -127.62 0.28
CA TRP K 54 -29.49 -126.25 0.32
C TRP K 54 -30.94 -126.04 -0.14
N ASP K 55 -31.40 -126.87 -1.08
CA ASP K 55 -32.79 -126.79 -1.54
C ASP K 55 -33.64 -127.95 -1.02
N LYS K 56 -33.20 -128.53 0.10
CA LYS K 56 -33.89 -129.66 0.71
C LYS K 56 -34.73 -129.17 1.88
N VAL K 57 -35.94 -129.70 2.02
CA VAL K 57 -36.90 -129.18 2.99
C VAL K 57 -37.46 -130.29 3.89
N THR K 58 -37.63 -129.99 5.17
CA THR K 58 -38.25 -130.92 6.10
C THR K 58 -39.76 -130.89 5.89
N PRO K 59 -40.47 -131.94 6.32
CA PRO K 59 -41.94 -131.90 6.26
C PRO K 59 -42.53 -130.65 6.96
N ASN K 60 -41.69 -129.96 7.72
CA ASN K 60 -42.12 -128.80 8.48
C ASN K 60 -41.71 -127.47 7.86
N GLY K 61 -41.08 -127.54 6.68
CA GLY K 61 -40.72 -126.36 5.94
C GLY K 61 -39.41 -125.72 6.35
N VAL K 62 -38.74 -126.27 7.36
CA VAL K 62 -37.47 -125.72 7.81
C VAL K 62 -36.38 -126.01 6.77
N THR K 63 -35.52 -125.02 6.52
CA THR K 63 -34.52 -125.17 5.47
C THR K 63 -33.14 -125.42 6.03
N PHE K 64 -32.17 -125.62 5.16
CA PHE K 64 -30.82 -125.88 5.63
C PHE K 64 -30.11 -124.61 6.07
N ASP K 65 -30.24 -123.53 5.31
CA ASP K 65 -29.68 -122.25 5.73
C ASP K 65 -30.22 -121.87 7.12
N LYS K 66 -31.52 -122.04 7.32
CA LYS K 66 -32.15 -121.74 8.61
C LYS K 66 -31.49 -122.52 9.74
N CYS K 67 -30.85 -123.63 9.39
CA CYS K 67 -30.12 -124.41 10.38
C CYS K 67 -28.77 -123.77 10.71
N ILE K 68 -28.07 -123.29 9.69
CA ILE K 68 -26.72 -122.75 9.88
C ILE K 68 -26.66 -121.22 9.88
N GLN K 69 -27.81 -120.58 10.05
CA GLN K 69 -27.82 -119.11 10.08
C GLN K 69 -27.01 -118.51 11.23
N THR K 70 -27.14 -119.08 12.44
CA THR K 70 -26.51 -118.44 13.59
C THR K 70 -25.00 -118.47 13.47
N GLY K 71 -24.46 -119.56 12.93
CA GLY K 71 -23.04 -119.73 12.71
C GLY K 71 -22.49 -118.71 11.72
N VAL K 72 -23.31 -118.30 10.76
CA VAL K 72 -22.93 -117.29 9.78
C VAL K 72 -22.97 -115.90 10.41
N ASP K 73 -23.92 -115.70 11.31
CA ASP K 73 -24.04 -114.44 12.02
C ASP K 73 -22.91 -114.22 13.06
N ASN K 74 -22.43 -115.31 13.68
CA ASN K 74 -21.49 -115.21 14.78
C ASN K 74 -20.10 -115.78 14.51
N PRO K 75 -19.20 -114.98 13.91
CA PRO K 75 -17.85 -115.45 13.55
C PRO K 75 -16.94 -115.75 14.74
N GLY K 76 -17.16 -115.03 15.85
CA GLY K 76 -16.31 -115.17 17.03
C GLY K 76 -17.08 -115.05 18.35
N ASN K 77 -16.33 -114.90 19.45
CA ASN K 77 -16.91 -114.95 20.78
C ASN K 77 -16.18 -114.10 21.82
N LYS K 78 -16.89 -113.13 22.40
CA LYS K 78 -16.32 -112.24 23.41
C LYS K 78 -16.10 -112.99 24.71
N PHE K 79 -16.70 -114.17 24.80
CA PHE K 79 -16.59 -114.94 26.02
C PHE K 79 -15.73 -116.18 25.76
N TYR K 80 -16.09 -117.32 26.34
CA TYR K 80 -15.21 -118.48 26.36
C TYR K 80 -15.54 -119.55 25.34
N GLY K 81 -14.50 -120.13 24.74
CA GLY K 81 -14.65 -121.35 23.96
C GLY K 81 -15.35 -121.19 22.63
N LYS K 82 -15.23 -122.23 21.81
CA LYS K 82 -15.72 -122.25 20.43
C LYS K 82 -17.20 -122.60 20.38
N LYS K 83 -17.96 -121.86 19.58
CA LYS K 83 -19.39 -122.12 19.47
C LYS K 83 -19.71 -123.16 18.39
N THR K 84 -20.94 -123.67 18.42
CA THR K 84 -21.37 -124.66 17.45
C THR K 84 -21.68 -124.00 16.11
N GLY K 85 -22.56 -123.01 16.13
CA GLY K 85 -22.90 -122.27 14.93
C GLY K 85 -24.03 -122.86 14.07
N CYS K 86 -24.77 -123.81 14.65
CA CYS K 86 -25.89 -124.43 13.93
C CYS K 86 -26.91 -125.01 14.89
N VAL K 87 -28.09 -125.36 14.38
CA VAL K 87 -29.19 -125.84 15.22
C VAL K 87 -30.16 -126.77 14.49
N PHE K 88 -30.94 -127.52 15.26
CA PHE K 88 -32.03 -128.31 14.70
C PHE K 88 -33.34 -127.50 14.80
N GLY K 89 -33.98 -127.27 13.66
CA GLY K 89 -35.21 -126.51 13.62
C GLY K 89 -36.41 -127.31 14.08
N ASP K 90 -36.43 -128.59 13.71
CA ASP K 90 -37.51 -129.49 14.14
C ASP K 90 -36.96 -130.90 14.26
N GLU K 91 -37.85 -131.87 14.39
CA GLU K 91 -37.42 -133.24 14.63
C GLU K 91 -36.79 -133.89 13.40
N TYR K 92 -37.19 -133.42 12.22
CA TYR K 92 -36.73 -134.01 10.97
C TYR K 92 -35.34 -133.54 10.50
N SER K 93 -34.66 -132.73 11.31
CA SER K 93 -33.51 -131.97 10.83
C SER K 93 -32.20 -132.72 10.88
N TYR K 94 -32.06 -133.62 11.83
CA TYR K 94 -30.87 -134.46 11.85
C TYR K 94 -30.86 -135.34 10.61
N GLU K 95 -31.95 -136.06 10.40
CA GLU K 95 -32.12 -136.93 9.25
C GLU K 95 -32.13 -136.20 7.90
N CYS K 96 -32.64 -134.98 7.87
CA CYS K 96 -32.64 -134.25 6.61
C CYS K 96 -31.24 -133.87 6.14
N TYR K 97 -30.33 -133.64 7.09
CA TYR K 97 -28.98 -133.18 6.76
C TYR K 97 -27.93 -133.99 7.50
N LYS K 98 -28.15 -135.30 7.59
CA LYS K 98 -27.32 -136.19 8.41
C LYS K 98 -25.82 -136.13 8.13
N GLU K 99 -25.45 -135.97 6.86
CA GLU K 99 -24.05 -135.99 6.49
C GLU K 99 -23.31 -134.79 7.06
N PHE K 100 -24.02 -133.66 7.20
CA PHE K 100 -23.43 -132.46 7.77
C PHE K 100 -23.34 -132.50 9.30
N PHE K 101 -24.46 -132.83 9.95
CA PHE K 101 -24.52 -132.83 11.42
C PHE K 101 -23.66 -133.91 12.05
N ASP K 102 -23.50 -135.04 11.38
CA ASP K 102 -22.69 -136.10 11.94
C ASP K 102 -21.28 -135.59 12.15
N LYS K 103 -20.81 -134.79 11.19
CA LYS K 103 -19.54 -134.09 11.35
C LYS K 103 -19.54 -133.16 12.57
N CYS K 104 -20.49 -132.22 12.63
CA CYS K 104 -20.59 -131.32 13.77
C CYS K 104 -20.62 -132.07 15.09
N ILE K 105 -21.34 -133.20 15.08
CA ILE K 105 -21.52 -134.03 16.25
C ILE K 105 -20.21 -134.69 16.68
N GLU K 106 -19.40 -135.10 15.71
CA GLU K 106 -18.14 -135.76 16.04
C GLU K 106 -17.07 -134.81 16.59
N GLU K 107 -17.08 -133.56 16.17
CA GLU K 107 -16.14 -132.59 16.72
C GLU K 107 -16.42 -132.33 18.20
N ILE K 108 -17.71 -132.21 18.53
CA ILE K 108 -18.13 -131.86 19.88
C ILE K 108 -18.09 -133.04 20.86
N HIS K 109 -18.56 -134.21 20.44
CA HIS K 109 -18.68 -135.35 21.35
C HIS K 109 -17.58 -136.43 21.22
N HIS K 110 -16.92 -136.51 20.06
CA HIS K 110 -16.00 -137.61 19.76
C HIS K 110 -16.83 -138.88 19.66
N PHE K 111 -17.79 -138.83 18.74
CA PHE K 111 -18.86 -139.81 18.61
C PHE K 111 -19.16 -139.94 17.12
N LYS K 112 -18.67 -141.00 16.49
CA LYS K 112 -18.82 -141.21 15.05
C LYS K 112 -20.19 -141.80 14.73
N PRO K 113 -20.64 -141.69 13.47
CA PRO K 113 -21.95 -142.22 13.04
C PRO K 113 -22.11 -143.70 13.31
N SER K 114 -21.00 -144.39 13.53
CA SER K 114 -20.99 -145.80 13.87
C SER K 114 -20.90 -146.00 15.38
N ASP K 115 -21.35 -145.01 16.14
CA ASP K 115 -21.43 -145.13 17.58
C ASP K 115 -22.90 -145.19 18.01
N LYS K 116 -23.13 -145.62 19.24
CA LYS K 116 -24.49 -145.73 19.74
C LYS K 116 -24.54 -145.21 21.15
N HIS K 117 -25.45 -144.26 21.40
CA HIS K 117 -25.57 -143.76 22.76
C HIS K 117 -25.98 -144.89 23.71
N PRO K 118 -25.16 -145.14 24.74
CA PRO K 118 -25.44 -146.13 25.77
C PRO K 118 -26.80 -145.93 26.42
N ALA K 119 -27.25 -146.91 27.21
CA ALA K 119 -28.51 -146.78 27.92
C ALA K 119 -28.30 -145.86 29.11
N PRO K 120 -29.40 -145.35 29.68
CA PRO K 120 -29.37 -144.44 30.82
C PRO K 120 -28.65 -144.99 32.05
N ASP K 121 -28.37 -144.11 33.00
CA ASP K 121 -27.65 -144.47 34.20
C ASP K 121 -27.75 -143.33 35.22
N LEU K 122 -28.86 -143.31 35.95
CA LEU K 122 -29.12 -142.22 36.90
C LEU K 122 -28.81 -142.64 38.33
N ASP K 123 -28.03 -143.71 38.50
CA ASP K 123 -27.65 -144.19 39.81
C ASP K 123 -26.52 -143.36 40.44
N HIS K 124 -26.89 -142.43 41.32
CA HIS K 124 -25.94 -141.57 41.99
C HIS K 124 -25.09 -142.31 43.02
N ASN K 125 -25.41 -143.59 43.21
CA ASN K 125 -24.68 -144.41 44.16
C ASN K 125 -23.35 -144.90 43.60
N LYS K 126 -23.30 -145.11 42.29
CA LYS K 126 -22.10 -145.60 41.61
C LYS K 126 -21.05 -144.50 41.52
N LEU K 127 -21.44 -143.29 41.90
CA LEU K 127 -20.60 -142.10 41.74
C LEU K 127 -19.50 -142.08 42.79
N VAL K 128 -18.26 -141.97 42.35
CA VAL K 128 -17.10 -142.07 43.24
C VAL K 128 -16.59 -140.69 43.62
N GLY K 129 -16.87 -140.27 44.85
CA GLY K 129 -16.56 -138.93 45.28
C GLY K 129 -17.66 -137.98 44.82
N GLY K 130 -17.44 -136.67 44.97
CA GLY K 130 -18.42 -135.71 44.51
C GLY K 130 -18.97 -134.80 45.59
N VAL K 131 -18.38 -134.88 46.78
CA VAL K 131 -18.65 -133.92 47.83
C VAL K 131 -17.41 -133.05 47.99
N PHE K 132 -17.46 -131.86 47.42
CA PHE K 132 -16.30 -130.98 47.40
C PHE K 132 -16.29 -130.01 48.58
N GLU K 133 -15.09 -129.55 48.92
CA GLU K 133 -14.88 -128.67 50.05
C GLU K 133 -15.52 -127.32 49.75
N ASP K 134 -16.27 -126.80 50.72
CA ASP K 134 -16.97 -125.52 50.58
C ASP K 134 -16.09 -124.37 50.10
N LYS K 135 -14.87 -124.30 50.64
CA LYS K 135 -13.92 -123.26 50.27
C LYS K 135 -13.74 -123.14 48.75
N TYR K 136 -13.76 -124.27 48.06
CA TYR K 136 -13.49 -124.31 46.63
C TYR K 136 -14.75 -124.29 45.77
N VAL K 137 -15.73 -125.10 46.14
CA VAL K 137 -16.98 -125.17 45.40
C VAL K 137 -18.08 -124.39 46.12
N LYS K 138 -18.60 -123.37 45.45
CA LYS K 138 -19.57 -122.45 46.06
C LYS K 138 -21.04 -122.81 45.73
N SER K 139 -21.24 -123.56 44.66
CA SER K 139 -22.56 -124.06 44.28
C SER K 139 -22.47 -125.15 43.24
N CYS K 140 -23.44 -126.07 43.26
CA CYS K 140 -23.50 -127.19 42.31
C CYS K 140 -24.83 -127.23 41.58
N ARG K 141 -24.78 -127.57 40.29
CA ARG K 141 -25.95 -127.53 39.44
C ARG K 141 -25.87 -128.59 38.35
N ILE K 142 -26.94 -129.37 38.21
CA ILE K 142 -27.06 -130.33 37.13
C ILE K 142 -28.34 -130.04 36.39
N ARG K 143 -28.34 -130.30 35.09
CA ARG K 143 -29.47 -129.92 34.22
C ARG K 143 -29.55 -130.78 32.96
N CYS K 144 -30.74 -130.91 32.40
CA CYS K 144 -30.89 -131.47 31.06
C CYS K 144 -32.10 -130.88 30.29
N GLY K 145 -32.12 -131.10 28.98
CA GLY K 145 -33.24 -130.67 28.17
C GLY K 145 -33.95 -131.81 27.46
N ARG K 146 -35.25 -131.61 27.23
CA ARG K 146 -36.05 -132.51 26.42
C ARG K 146 -36.92 -131.71 25.47
N SER K 147 -37.20 -132.26 24.30
CA SER K 147 -38.03 -131.61 23.30
C SER K 147 -39.34 -132.37 23.17
N VAL K 148 -40.44 -131.63 23.01
CA VAL K 148 -41.75 -132.26 22.86
C VAL K 148 -41.97 -132.72 21.44
N LYS K 149 -42.11 -134.03 21.25
CA LYS K 149 -42.29 -134.58 19.92
C LYS K 149 -43.52 -133.98 19.27
N GLY K 150 -43.50 -133.90 17.93
CA GLY K 150 -44.66 -133.46 17.17
C GLY K 150 -44.71 -131.97 16.92
N VAL K 151 -43.79 -131.24 17.57
CA VAL K 151 -43.70 -129.81 17.44
C VAL K 151 -42.33 -129.44 16.86
N CYS K 152 -42.22 -128.24 16.28
CA CYS K 152 -40.91 -127.69 15.92
C CYS K 152 -40.14 -127.28 17.16
N LEU K 153 -38.82 -127.17 17.02
CA LEU K 153 -37.97 -126.69 18.10
C LEU K 153 -37.99 -125.16 18.11
N PRO K 154 -37.62 -124.54 19.22
CA PRO K 154 -37.81 -123.09 19.38
C PRO K 154 -37.28 -122.16 18.26
N PRO K 155 -36.24 -122.57 17.52
CA PRO K 155 -35.87 -121.65 16.44
C PRO K 155 -36.92 -121.50 15.33
N ALA K 156 -37.86 -122.43 15.21
CA ALA K 156 -38.82 -122.39 14.10
C ALA K 156 -40.29 -122.52 14.49
N MET K 157 -40.55 -122.70 15.78
CA MET K 157 -41.93 -122.88 16.22
C MET K 157 -42.73 -121.60 16.05
N SER K 158 -44.04 -121.76 15.97
CA SER K 158 -44.98 -120.64 15.85
C SER K 158 -45.52 -120.29 17.23
N ARG K 159 -46.13 -119.12 17.35
CA ARG K 159 -46.74 -118.71 18.61
C ARG K 159 -47.76 -119.74 19.09
N ALA K 160 -48.47 -120.35 18.16
CA ALA K 160 -49.45 -121.38 18.50
C ALA K 160 -48.76 -122.61 19.08
N GLU K 161 -47.73 -123.09 18.39
CA GLU K 161 -46.95 -124.21 18.88
C GLU K 161 -46.33 -123.96 20.26
N ARG K 162 -45.93 -122.71 20.52
CA ARG K 162 -45.20 -122.41 21.75
C ARG K 162 -46.17 -122.32 22.93
N ARG K 163 -47.38 -121.86 22.66
CA ARG K 163 -48.42 -121.80 23.67
C ARG K 163 -48.82 -123.21 24.09
N LEU K 164 -49.11 -124.05 23.11
CA LEU K 164 -49.50 -125.43 23.36
C LEU K 164 -48.50 -126.15 24.28
N VAL K 165 -47.21 -126.02 23.98
CA VAL K 165 -46.19 -126.68 24.78
C VAL K 165 -46.18 -126.17 26.22
N GLU K 166 -46.40 -124.88 26.41
CA GLU K 166 -46.52 -124.33 27.77
C GLU K 166 -47.72 -124.95 28.46
N LYS K 167 -48.82 -125.09 27.73
CA LYS K 167 -50.04 -125.73 28.21
C LYS K 167 -49.76 -127.17 28.60
N VAL K 168 -49.27 -127.95 27.65
CA VAL K 168 -48.99 -129.36 27.84
C VAL K 168 -47.98 -129.57 28.96
N VAL K 169 -46.85 -128.88 28.87
CA VAL K 169 -45.79 -129.07 29.85
C VAL K 169 -46.22 -128.62 31.24
N SER K 170 -46.81 -127.44 31.34
CA SER K 170 -47.15 -126.90 32.65
C SER K 170 -48.16 -127.82 33.35
N ASP K 171 -49.09 -128.35 32.58
CA ASP K 171 -50.09 -129.29 33.10
C ASP K 171 -49.46 -130.54 33.71
N ALA K 172 -48.51 -131.13 33.00
CA ALA K 172 -47.90 -132.37 33.45
C ALA K 172 -47.17 -132.18 34.77
N LEU K 173 -46.49 -131.04 34.90
CA LEU K 173 -45.70 -130.75 36.09
C LEU K 173 -46.57 -130.63 37.35
N GLY K 174 -47.88 -130.66 37.17
CA GLY K 174 -48.81 -130.57 38.28
C GLY K 174 -48.82 -131.82 39.16
N GLY K 175 -48.49 -132.96 38.56
CA GLY K 175 -48.52 -134.22 39.28
C GLY K 175 -47.39 -134.47 40.26
N LEU K 176 -46.37 -133.62 40.24
CA LEU K 176 -45.20 -133.82 41.10
C LEU K 176 -45.56 -133.71 42.58
N LYS K 177 -44.96 -134.60 43.39
CA LYS K 177 -45.40 -134.78 44.77
C LYS K 177 -44.25 -134.59 45.75
N GLY K 178 -44.58 -134.10 46.94
CA GLY K 178 -43.60 -133.95 48.00
C GLY K 178 -42.67 -132.80 47.71
N ASP K 179 -41.38 -132.99 48.00
CA ASP K 179 -40.40 -131.92 47.84
C ASP K 179 -40.21 -131.50 46.39
N LEU K 180 -40.78 -132.27 45.46
CA LEU K 180 -40.76 -131.90 44.05
C LEU K 180 -42.02 -131.16 43.61
N ALA K 181 -42.95 -130.96 44.54
CA ALA K 181 -44.16 -130.21 44.23
C ALA K 181 -43.85 -128.73 44.06
N GLY K 182 -44.36 -128.15 42.97
CA GLY K 182 -44.09 -126.75 42.67
C GLY K 182 -45.16 -126.03 41.88
N LYS K 183 -45.03 -124.71 41.83
CA LYS K 183 -45.93 -123.88 41.06
C LYS K 183 -45.22 -123.39 39.80
N TYR K 184 -46.00 -123.11 38.76
CA TYR K 184 -45.45 -122.61 37.50
C TYR K 184 -45.64 -121.10 37.40
N TYR K 185 -44.61 -120.40 36.92
CA TYR K 185 -44.65 -118.94 36.85
C TYR K 185 -44.41 -118.41 35.44
N PRO K 186 -45.50 -118.15 34.70
CA PRO K 186 -45.41 -117.57 33.35
C PRO K 186 -44.62 -116.26 33.39
N LEU K 187 -43.86 -116.01 32.34
CA LEU K 187 -43.01 -114.83 32.25
C LEU K 187 -43.84 -113.60 31.89
N THR K 188 -44.98 -113.81 31.22
CA THR K 188 -45.84 -112.67 30.85
C THR K 188 -46.54 -112.02 32.05
N THR K 189 -46.73 -112.78 33.13
CA THR K 189 -47.34 -112.22 34.35
C THR K 189 -46.32 -112.00 35.48
N MET K 190 -45.06 -112.35 35.23
CA MET K 190 -44.03 -112.06 36.21
C MET K 190 -43.49 -110.66 35.96
N ASN K 191 -43.14 -109.95 37.03
CA ASN K 191 -42.67 -108.58 36.88
C ASN K 191 -41.14 -108.49 36.82
N GLU K 192 -40.65 -107.44 36.15
CA GLU K 192 -39.23 -107.26 35.90
C GLU K 192 -38.35 -107.36 37.15
N LYS K 193 -38.93 -107.08 38.32
CA LYS K 193 -38.15 -107.08 39.56
C LYS K 193 -38.06 -108.47 40.20
N ASP K 194 -39.09 -109.29 40.02
CA ASP K 194 -39.02 -110.71 40.38
C ASP K 194 -38.17 -111.43 39.33
N GLN K 195 -38.32 -110.97 38.10
CA GLN K 195 -37.61 -111.51 36.95
C GLN K 195 -36.09 -111.37 37.12
N GLU K 196 -35.63 -110.14 37.32
CA GLU K 196 -34.20 -109.87 37.43
C GLU K 196 -33.58 -110.58 38.62
N GLN K 197 -34.23 -110.47 39.78
CA GLN K 197 -33.72 -111.12 40.98
C GLN K 197 -33.51 -112.59 40.76
N LEU K 198 -34.51 -113.23 40.15
CA LEU K 198 -34.47 -114.65 39.85
C LEU K 198 -33.29 -114.96 38.97
N ILE K 199 -32.88 -113.99 38.18
CA ILE K 199 -31.75 -114.16 37.27
C ILE K 199 -30.43 -113.94 38.00
N GLU K 200 -30.41 -112.94 38.88
CA GLU K 200 -29.26 -112.67 39.74
C GLU K 200 -29.04 -113.78 40.76
N ASP K 201 -30.09 -114.55 41.07
CA ASP K 201 -29.97 -115.65 42.01
C ASP K 201 -29.70 -116.96 41.26
N HIS K 202 -29.59 -116.88 39.94
CA HIS K 202 -29.11 -117.99 39.13
C HIS K 202 -30.18 -119.03 38.80
N PHE K 203 -31.44 -118.69 39.10
CA PHE K 203 -32.52 -119.65 38.93
C PHE K 203 -33.16 -119.56 37.55
N LEU K 204 -33.45 -118.35 37.10
CA LEU K 204 -34.20 -118.11 35.87
C LEU K 204 -33.29 -117.75 34.69
N PHE K 205 -33.57 -118.33 33.53
CA PHE K 205 -32.82 -117.98 32.34
C PHE K 205 -32.80 -116.47 32.14
N GLU K 206 -31.87 -115.99 31.32
CA GLU K 206 -31.57 -114.56 31.26
C GLU K 206 -32.49 -113.74 30.34
N LYS K 207 -32.18 -112.46 30.22
CA LYS K 207 -32.87 -111.58 29.29
C LYS K 207 -32.42 -111.87 27.86
N PRO K 208 -33.40 -112.14 26.98
CA PRO K 208 -33.29 -112.75 25.65
C PRO K 208 -32.31 -112.05 24.68
N THR K 209 -31.09 -111.78 25.12
CA THR K 209 -30.14 -111.05 24.28
C THR K 209 -28.94 -111.90 23.83
N GLY K 210 -29.07 -113.21 23.98
CA GLY K 210 -27.96 -114.09 23.64
C GLY K 210 -27.69 -114.07 22.16
N ALA K 211 -26.43 -114.27 21.79
CA ALA K 211 -26.02 -114.27 20.40
C ALA K 211 -26.68 -115.42 19.65
N LEU K 212 -26.68 -116.60 20.26
CA LEU K 212 -27.29 -117.77 19.64
C LEU K 212 -28.81 -117.70 19.75
N LEU K 213 -29.31 -117.21 20.87
CA LEU K 213 -30.76 -117.16 21.13
C LEU K 213 -31.48 -116.22 20.18
N THR K 214 -30.88 -115.07 19.91
CA THR K 214 -31.51 -114.09 19.04
C THR K 214 -31.42 -114.46 17.55
N THR K 215 -30.23 -114.82 17.09
CA THR K 215 -30.01 -115.11 15.68
C THR K 215 -30.60 -116.45 15.21
N SER K 216 -30.74 -117.38 16.15
CA SER K 216 -31.29 -118.69 15.80
C SER K 216 -32.81 -118.63 15.68
N GLY K 217 -33.40 -117.57 16.23
CA GLY K 217 -34.83 -117.38 16.17
C GLY K 217 -35.52 -117.87 17.42
N CYS K 218 -34.76 -118.06 18.50
CA CYS K 218 -35.35 -118.50 19.76
C CYS K 218 -35.91 -117.33 20.60
N ALA K 219 -35.75 -116.11 20.09
CA ALA K 219 -36.26 -114.90 20.75
C ALA K 219 -37.40 -114.21 19.99
N ARG K 220 -38.22 -114.97 19.28
CA ARG K 220 -39.42 -114.41 18.67
C ARG K 220 -40.57 -114.33 19.67
N ASP K 221 -41.26 -113.20 19.66
CA ASP K 221 -42.52 -113.03 20.38
C ASP K 221 -42.36 -112.98 21.90
N TRP K 222 -41.18 -112.60 22.39
CA TRP K 222 -40.92 -112.59 23.84
C TRP K 222 -41.91 -111.67 24.58
N PRO K 223 -42.46 -112.15 25.72
CA PRO K 223 -42.19 -113.40 26.43
C PRO K 223 -43.34 -114.40 26.30
N ASP K 224 -44.09 -114.31 25.21
CA ASP K 224 -45.20 -115.20 24.93
C ASP K 224 -44.73 -116.66 24.96
N GLY K 225 -45.43 -117.48 25.74
CA GLY K 225 -45.16 -118.91 25.79
C GLY K 225 -44.13 -119.32 26.81
N ARG K 226 -43.49 -118.33 27.43
CA ARG K 226 -42.36 -118.57 28.31
C ARG K 226 -42.72 -118.60 29.80
N GLY K 227 -41.94 -119.34 30.58
CA GLY K 227 -42.19 -119.46 32.00
C GLY K 227 -41.21 -120.35 32.75
N ILE K 228 -41.24 -120.26 34.08
CA ILE K 228 -40.40 -121.07 34.95
C ILE K 228 -41.23 -121.73 36.05
N TRP K 229 -41.07 -123.05 36.19
CA TRP K 229 -41.74 -123.82 37.22
C TRP K 229 -40.70 -124.23 38.26
N HIS K 230 -41.02 -124.09 39.54
CA HIS K 230 -40.10 -124.52 40.58
C HIS K 230 -40.75 -124.88 41.91
N ASN K 231 -40.03 -125.64 42.73
CA ASN K 231 -40.50 -125.99 44.06
C ASN K 231 -40.26 -124.85 45.04
N ASN K 232 -40.51 -125.10 46.31
CA ASN K 232 -40.42 -124.03 47.30
C ASN K 232 -39.01 -123.77 47.82
N GLU K 233 -38.20 -124.84 47.92
CA GLU K 233 -36.79 -124.70 48.24
C GLU K 233 -36.06 -124.01 47.07
N LYS K 234 -36.63 -124.12 45.87
CA LYS K 234 -36.02 -123.60 44.65
C LYS K 234 -34.73 -124.33 44.29
N ASN K 235 -34.66 -125.59 44.68
CA ASN K 235 -33.48 -126.39 44.41
C ASN K 235 -33.76 -127.42 43.33
N PHE K 236 -35.01 -127.44 42.87
CA PHE K 236 -35.41 -128.21 41.69
C PHE K 236 -36.34 -127.35 40.82
N LEU K 237 -35.91 -127.07 39.58
CA LEU K 237 -36.64 -126.16 38.71
C LEU K 237 -36.76 -126.66 37.27
N VAL K 238 -37.80 -126.19 36.57
CA VAL K 238 -37.96 -126.50 35.15
C VAL K 238 -38.08 -125.22 34.31
N TRP K 239 -37.36 -125.16 33.20
CA TRP K 239 -37.43 -124.02 32.27
C TRP K 239 -38.29 -124.37 31.05
N ILE K 240 -39.35 -123.62 30.81
CA ILE K 240 -40.15 -123.83 29.61
C ILE K 240 -39.88 -122.81 28.52
N ASN K 241 -39.70 -123.32 27.30
CA ASN K 241 -39.64 -122.53 26.07
C ASN K 241 -38.67 -121.34 26.00
N GLU K 242 -37.42 -121.56 26.38
CA GLU K 242 -36.35 -120.56 26.18
C GLU K 242 -35.52 -120.90 24.96
N GLU K 243 -34.44 -121.66 25.19
CA GLU K 243 -33.66 -122.17 24.07
C GLU K 243 -34.19 -123.55 23.71
N ASP K 244 -34.69 -124.26 24.72
CA ASP K 244 -35.36 -125.54 24.51
C ASP K 244 -36.80 -125.53 25.00
N HIS K 245 -37.57 -126.55 24.63
CA HIS K 245 -38.93 -126.68 25.16
C HIS K 245 -38.84 -126.77 26.67
N ILE K 246 -37.91 -127.59 27.14
CA ILE K 246 -37.81 -127.94 28.55
C ILE K 246 -36.37 -128.04 29.04
N ARG K 247 -36.13 -127.49 30.23
CA ARG K 247 -34.88 -127.70 30.94
C ARG K 247 -35.20 -128.09 32.38
N VAL K 248 -34.92 -129.34 32.73
CA VAL K 248 -35.02 -129.80 34.11
C VAL K 248 -33.73 -129.45 34.84
N ILE K 249 -33.86 -128.89 36.04
CA ILE K 249 -32.73 -128.35 36.78
C ILE K 249 -32.73 -128.75 38.26
N SER K 250 -31.61 -129.27 38.73
CA SER K 250 -31.42 -129.49 40.16
C SER K 250 -30.21 -128.68 40.61
N MET K 251 -30.37 -127.84 41.63
CA MET K 251 -29.22 -127.08 42.13
C MET K 251 -29.26 -126.78 43.63
N GLN K 252 -28.10 -126.45 44.19
CA GLN K 252 -28.02 -125.96 45.55
C GLN K 252 -26.70 -125.24 45.75
N LYS K 253 -26.56 -124.56 46.88
CA LYS K 253 -25.30 -123.93 47.25
C LYS K 253 -24.43 -124.90 48.05
N GLY K 254 -23.12 -124.77 47.90
CA GLY K 254 -22.20 -125.71 48.51
C GLY K 254 -21.58 -126.63 47.49
N GLY K 255 -21.02 -127.75 47.94
CA GLY K 255 -20.24 -128.59 47.04
C GLY K 255 -20.64 -130.05 47.03
N ASP K 256 -21.84 -130.35 47.52
CA ASP K 256 -22.28 -131.73 47.57
C ASP K 256 -22.95 -132.12 46.27
N LEU K 257 -22.16 -132.17 45.20
CA LEU K 257 -22.66 -132.47 43.87
C LEU K 257 -23.46 -133.78 43.83
N LYS K 258 -23.01 -134.77 44.61
CA LYS K 258 -23.65 -136.08 44.63
C LYS K 258 -25.14 -135.98 44.95
N ALA K 259 -25.45 -135.30 46.06
CA ALA K 259 -26.81 -135.08 46.50
C ALA K 259 -27.60 -134.23 45.50
N VAL K 260 -26.92 -133.32 44.82
CA VAL K 260 -27.55 -132.59 43.73
C VAL K 260 -27.94 -133.57 42.62
N PHE K 261 -27.03 -134.46 42.26
CA PHE K 261 -27.30 -135.52 41.30
C PHE K 261 -28.43 -136.43 41.80
N SER K 262 -28.51 -136.59 43.12
CA SER K 262 -29.55 -137.38 43.75
C SER K 262 -30.97 -136.88 43.45
N ARG K 263 -31.18 -135.58 43.62
CA ARG K 263 -32.50 -134.98 43.41
C ARG K 263 -32.82 -134.92 41.93
N PHE K 264 -31.76 -134.75 41.13
CA PHE K 264 -31.89 -134.61 39.70
C PHE K 264 -32.54 -135.82 39.04
N ALA K 265 -32.19 -137.01 39.53
CA ALA K 265 -32.71 -138.26 38.95
C ALA K 265 -34.12 -138.59 39.42
N ARG K 266 -34.47 -138.15 40.62
CA ARG K 266 -35.82 -138.33 41.14
C ARG K 266 -36.77 -137.42 40.39
N GLY K 267 -36.47 -136.13 40.40
CA GLY K 267 -37.26 -135.15 39.69
C GLY K 267 -37.43 -135.47 38.22
N LEU K 268 -36.33 -135.76 37.54
CA LEU K 268 -36.38 -136.06 36.11
C LEU K 268 -37.19 -137.32 35.82
N LEU K 269 -36.95 -138.36 36.61
CA LEU K 269 -37.64 -139.63 36.42
C LEU K 269 -39.16 -139.48 36.55
N GLU K 270 -39.58 -138.51 37.35
CA GLU K 270 -41.00 -138.23 37.52
C GLU K 270 -41.52 -137.42 36.36
N VAL K 271 -40.74 -136.43 35.94
CA VAL K 271 -41.11 -135.57 34.82
C VAL K 271 -41.25 -136.33 33.51
N GLU K 272 -40.49 -137.42 33.37
CA GLU K 272 -40.60 -138.24 32.16
C GLU K 272 -41.82 -139.15 32.30
N ARG K 273 -42.14 -139.48 33.54
CA ARG K 273 -43.26 -140.36 33.82
C ARG K 273 -44.56 -139.62 33.54
N LEU K 274 -44.77 -138.51 34.25
CA LEU K 274 -45.93 -137.67 34.06
C LEU K 274 -46.19 -137.34 32.59
N MET K 275 -45.13 -136.99 31.86
CA MET K 275 -45.25 -136.65 30.44
C MET K 275 -45.68 -137.83 29.58
N LYS K 276 -45.11 -139.00 29.84
CA LYS K 276 -45.46 -140.20 29.10
C LYS K 276 -46.82 -140.72 29.54
N GLU K 277 -47.18 -140.37 30.77
CA GLU K 277 -48.47 -140.72 31.34
C GLU K 277 -49.59 -139.79 30.81
N CYS K 278 -49.19 -138.62 30.29
CA CYS K 278 -50.13 -137.66 29.73
C CYS K 278 -50.30 -137.85 28.23
N GLY K 279 -49.61 -138.85 27.68
CA GLY K 279 -49.68 -139.12 26.26
C GLY K 279 -48.75 -138.27 25.42
N HIS K 280 -47.80 -137.60 26.07
CA HIS K 280 -46.88 -136.71 25.37
C HIS K 280 -45.46 -137.27 25.31
N GLY K 281 -45.08 -137.75 24.13
CA GLY K 281 -43.73 -138.28 23.93
C GLY K 281 -42.68 -137.19 23.81
N LEU K 282 -41.42 -137.60 23.75
CA LEU K 282 -40.30 -136.66 23.61
C LEU K 282 -39.43 -137.05 22.41
N MET K 283 -38.78 -136.06 21.79
CA MET K 283 -37.93 -136.32 20.65
C MET K 283 -36.77 -137.21 21.04
N HIS K 284 -36.66 -138.36 20.38
CA HIS K 284 -35.70 -139.37 20.75
C HIS K 284 -35.24 -140.15 19.52
N ASN K 285 -34.07 -140.78 19.64
CA ASN K 285 -33.43 -141.47 18.53
C ASN K 285 -32.67 -142.67 19.07
N ASP K 286 -32.85 -143.81 18.41
CA ASP K 286 -32.20 -145.06 18.83
C ASP K 286 -30.69 -144.95 19.04
N ARG K 287 -29.98 -144.30 18.11
CA ARG K 287 -28.54 -144.07 18.21
C ARG K 287 -28.19 -142.90 19.12
N LEU K 288 -28.85 -141.76 18.91
CA LEU K 288 -28.38 -140.50 19.48
C LEU K 288 -29.06 -140.08 20.77
N GLY K 289 -30.09 -140.81 21.18
CA GLY K 289 -30.80 -140.46 22.39
C GLY K 289 -31.70 -139.24 22.27
N TYR K 290 -31.75 -138.43 23.33
CA TYR K 290 -32.65 -137.29 23.41
C TYR K 290 -32.20 -136.06 22.64
N ILE K 291 -33.14 -135.42 21.97
CA ILE K 291 -32.85 -134.35 21.03
C ILE K 291 -33.36 -132.99 21.49
N CYS K 292 -32.51 -131.97 21.30
CA CYS K 292 -32.87 -130.58 21.58
C CYS K 292 -32.48 -129.65 20.43
N THR K 293 -32.29 -128.36 20.71
CA THR K 293 -32.07 -127.35 19.66
C THR K 293 -30.64 -127.34 19.13
N CYS K 294 -29.67 -127.57 20.03
CA CYS K 294 -28.25 -127.47 19.72
C CYS K 294 -27.60 -128.85 19.67
N PRO K 295 -26.69 -129.08 18.71
CA PRO K 295 -25.94 -130.33 18.75
C PRO K 295 -25.16 -130.62 20.06
N THR K 296 -24.78 -129.60 20.82
CA THR K 296 -24.12 -129.84 22.11
C THR K 296 -25.04 -130.64 23.04
N ASN K 297 -26.32 -130.29 22.99
CA ASN K 297 -27.33 -130.90 23.85
C ASN K 297 -28.09 -132.04 23.18
N MET K 298 -27.46 -133.21 23.23
CA MET K 298 -27.97 -134.45 22.65
C MET K 298 -27.63 -135.64 23.57
N GLY K 299 -28.31 -136.77 23.34
CA GLY K 299 -28.06 -137.97 24.12
C GLY K 299 -28.63 -137.89 25.52
N THR K 300 -27.77 -137.58 26.49
CA THR K 300 -28.22 -137.41 27.86
C THR K 300 -28.71 -135.98 28.04
N VAL K 301 -28.18 -135.09 27.20
CA VAL K 301 -28.50 -133.67 27.23
C VAL K 301 -28.27 -133.08 28.62
N VAL K 302 -27.33 -133.67 29.33
CA VAL K 302 -26.98 -133.23 30.68
C VAL K 302 -25.87 -132.20 30.66
N ARG K 303 -25.97 -131.22 31.56
CA ARG K 303 -24.84 -130.40 31.93
C ARG K 303 -24.85 -130.22 33.43
N ALA K 304 -23.95 -130.94 34.10
CA ALA K 304 -23.67 -130.74 35.51
C ALA K 304 -22.54 -129.74 35.62
N SER K 305 -22.53 -128.93 36.67
CA SER K 305 -21.52 -127.89 36.79
C SER K 305 -21.31 -127.49 38.24
N VAL K 306 -20.20 -126.81 38.47
CA VAL K 306 -19.84 -126.30 39.78
C VAL K 306 -19.32 -124.88 39.61
N HIS K 307 -19.36 -124.12 40.69
CA HIS K 307 -18.77 -122.79 40.71
C HIS K 307 -17.40 -122.90 41.39
N LEU K 308 -16.37 -123.05 40.57
CA LEU K 308 -15.05 -123.37 41.07
C LEU K 308 -14.21 -122.12 41.25
N ARG K 309 -13.85 -121.89 42.50
CA ARG K 309 -13.03 -120.76 42.88
C ARG K 309 -11.57 -121.16 42.70
N LEU K 310 -10.87 -120.47 41.80
CA LEU K 310 -9.51 -120.84 41.42
C LEU K 310 -8.55 -119.65 41.46
N ALA K 311 -8.30 -119.11 42.66
CA ALA K 311 -7.49 -117.91 42.82
C ALA K 311 -6.06 -118.03 42.28
N PHE K 312 -5.48 -119.22 42.37
CA PHE K 312 -4.12 -119.40 41.87
C PHE K 312 -4.09 -120.02 40.49
N LEU K 313 -4.89 -121.06 40.30
CA LEU K 313 -4.89 -121.83 39.06
C LEU K 313 -5.25 -120.94 37.85
N GLU K 314 -6.02 -119.88 38.10
CA GLU K 314 -6.48 -119.01 37.01
C GLU K 314 -5.35 -118.19 36.41
N LYS K 315 -4.22 -118.14 37.09
CA LYS K 315 -3.07 -117.37 36.64
C LYS K 315 -2.12 -118.22 35.79
N HIS K 316 -2.33 -119.53 35.79
CA HIS K 316 -1.45 -120.40 35.04
C HIS K 316 -1.67 -120.19 33.55
N PRO K 317 -0.57 -120.17 32.79
CA PRO K 317 -0.67 -120.08 31.33
C PRO K 317 -1.28 -121.36 30.74
N ARG K 318 -1.24 -122.47 31.47
CA ARG K 318 -1.77 -123.73 30.96
C ARG K 318 -3.13 -124.13 31.54
N PHE K 319 -3.84 -123.15 32.10
CA PHE K 319 -5.15 -123.38 32.72
C PHE K 319 -6.21 -123.88 31.71
N ASP K 320 -6.30 -123.21 30.56
CA ASP K 320 -7.30 -123.53 29.54
C ASP K 320 -6.96 -124.79 28.75
N GLU K 321 -5.67 -125.03 28.55
CA GLU K 321 -5.19 -126.30 27.99
C GLU K 321 -5.67 -127.47 28.86
N MET K 322 -5.49 -127.33 30.17
CA MET K 322 -5.86 -128.39 31.11
C MET K 322 -7.37 -128.61 31.15
N LEU K 323 -8.13 -127.58 30.83
CA LEU K 323 -9.59 -127.66 30.85
C LEU K 323 -10.09 -128.50 29.69
N GLY K 324 -9.63 -128.16 28.50
CA GLY K 324 -9.96 -128.90 27.30
C GLY K 324 -9.48 -130.34 27.38
N LYS K 325 -8.28 -130.53 27.90
CA LYS K 325 -7.72 -131.89 27.97
C LYS K 325 -8.58 -132.80 28.84
N LEU K 326 -9.36 -132.21 29.73
CA LEU K 326 -10.22 -132.94 30.65
C LEU K 326 -11.65 -133.13 30.14
N ARG K 327 -11.96 -132.62 28.95
CA ARG K 327 -13.32 -132.66 28.39
C ARG K 327 -14.30 -131.82 29.19
N LEU K 328 -13.78 -130.74 29.76
CA LEU K 328 -14.58 -129.79 30.53
C LEU K 328 -14.79 -128.50 29.76
N GLY K 329 -15.89 -127.81 30.03
CA GLY K 329 -16.10 -126.49 29.48
C GLY K 329 -15.86 -125.40 30.50
N LYS K 330 -15.69 -124.18 30.02
CA LYS K 330 -15.42 -123.04 30.89
C LYS K 330 -16.42 -121.91 30.66
N ARG K 331 -17.11 -121.47 31.72
CA ARG K 331 -18.07 -120.35 31.63
C ARG K 331 -17.96 -119.33 32.75
N GLY K 332 -18.68 -118.24 32.61
CA GLY K 332 -18.70 -117.20 33.62
C GLY K 332 -19.65 -117.50 34.76
N THR K 333 -19.45 -116.80 35.87
CA THR K 333 -20.28 -116.92 37.07
C THR K 333 -21.76 -116.58 36.80
N GLY K 334 -22.03 -115.97 35.65
CA GLY K 334 -23.38 -115.64 35.25
C GLY K 334 -23.83 -116.49 34.08
N GLY K 335 -23.06 -117.53 33.79
CA GLY K 335 -23.42 -118.46 32.75
C GLY K 335 -22.54 -118.37 31.51
N GLU K 336 -23.19 -118.54 30.38
CA GLU K 336 -22.55 -118.60 29.08
C GLU K 336 -22.04 -117.24 28.63
N SER K 337 -22.91 -116.24 28.67
CA SER K 337 -22.62 -114.94 28.10
C SER K 337 -21.94 -114.01 29.10
N SER K 338 -21.13 -114.60 29.97
CA SER K 338 -20.52 -113.88 31.07
C SER K 338 -19.12 -114.41 31.27
N LEU K 339 -18.27 -113.59 31.90
CA LEU K 339 -16.92 -113.99 32.24
C LEU K 339 -16.84 -114.14 33.75
N ALA K 340 -15.99 -115.05 34.21
CA ALA K 340 -15.76 -115.26 35.63
C ALA K 340 -15.59 -113.96 36.40
N THR K 341 -16.27 -113.85 37.54
CA THR K 341 -16.03 -112.78 38.51
C THR K 341 -15.51 -113.36 39.83
N ASP K 342 -14.56 -112.67 40.44
CA ASP K 342 -14.04 -113.07 41.75
C ASP K 342 -13.32 -114.41 41.68
N SER K 343 -12.46 -114.55 40.67
CA SER K 343 -11.70 -115.77 40.43
C SER K 343 -12.56 -117.02 40.41
N THR K 344 -13.88 -116.85 40.20
CA THR K 344 -14.79 -117.98 40.24
C THR K 344 -15.32 -118.35 38.84
N TYR K 345 -15.35 -119.64 38.55
CA TYR K 345 -15.71 -120.12 37.22
C TYR K 345 -16.75 -121.24 37.21
N ASP K 346 -17.65 -121.18 36.22
CA ASP K 346 -18.53 -122.28 35.85
C ASP K 346 -17.63 -123.35 35.22
N ILE K 347 -17.49 -124.49 35.89
CA ILE K 347 -16.77 -125.64 35.31
C ILE K 347 -17.76 -126.78 35.03
N SER K 348 -17.84 -127.25 33.79
CA SER K 348 -18.81 -128.30 33.47
C SER K 348 -18.34 -129.31 32.42
N ASN K 349 -19.09 -130.40 32.25
CA ASN K 349 -18.72 -131.39 31.25
C ASN K 349 -19.09 -130.93 29.85
N TRP K 350 -18.11 -130.99 28.94
CA TRP K 350 -18.33 -130.64 27.55
C TRP K 350 -19.30 -131.59 26.85
N ALA K 351 -19.00 -132.89 26.88
CA ALA K 351 -19.79 -133.86 26.12
C ALA K 351 -21.15 -134.22 26.75
N ARG K 352 -22.07 -134.70 25.92
CA ARG K 352 -23.38 -135.13 26.38
C ARG K 352 -23.80 -136.43 25.68
N LEU K 353 -23.37 -136.61 24.44
CA LEU K 353 -23.66 -137.83 23.70
C LEU K 353 -22.48 -138.80 23.86
N GLY K 354 -22.78 -140.10 23.87
CA GLY K 354 -21.76 -141.14 23.87
C GLY K 354 -21.42 -141.70 25.24
N LYS K 355 -21.95 -141.09 26.29
CA LYS K 355 -21.68 -141.51 27.65
C LYS K 355 -22.95 -141.42 28.50
N SER K 356 -22.92 -142.02 29.68
CA SER K 356 -24.09 -142.08 30.54
C SER K 356 -24.15 -140.86 31.45
N GLU K 357 -25.33 -140.62 32.02
CA GLU K 357 -25.50 -139.49 32.93
C GLU K 357 -24.48 -139.58 34.06
N ARG K 358 -24.19 -140.81 34.47
CA ARG K 358 -23.31 -141.06 35.61
C ARG K 358 -21.83 -140.86 35.30
N GLU K 359 -21.38 -141.40 34.17
CA GLU K 359 -20.01 -141.21 33.73
C GLU K 359 -19.67 -139.74 33.68
N LEU K 360 -20.47 -138.99 32.92
CA LEU K 360 -20.18 -137.59 32.67
C LEU K 360 -20.04 -136.78 33.98
N VAL K 361 -20.93 -136.99 34.94
CA VAL K 361 -20.78 -136.36 36.25
C VAL K 361 -19.49 -136.83 36.91
N GLN K 362 -19.15 -138.10 36.70
CA GLN K 362 -17.87 -138.64 37.12
C GLN K 362 -16.72 -137.88 36.45
N VAL K 363 -16.84 -137.67 35.14
CA VAL K 363 -15.85 -136.89 34.39
C VAL K 363 -15.62 -135.50 34.99
N LEU K 364 -16.70 -134.77 35.31
CA LEU K 364 -16.56 -133.52 36.04
C LEU K 364 -15.77 -133.76 37.32
N VAL K 365 -16.30 -134.64 38.17
CA VAL K 365 -15.73 -134.92 39.49
C VAL K 365 -14.21 -135.07 39.49
N ASP K 366 -13.69 -135.88 38.57
CA ASP K 366 -12.26 -136.15 38.53
C ASP K 366 -11.45 -134.93 38.06
N GLY K 367 -12.02 -134.19 37.11
CA GLY K 367 -11.42 -132.96 36.63
C GLY K 367 -11.45 -131.87 37.68
N VAL K 368 -12.60 -131.66 38.29
CA VAL K 368 -12.70 -130.75 39.43
C VAL K 368 -11.61 -131.12 40.41
N ASN K 369 -11.45 -132.42 40.67
CA ASN K 369 -10.43 -132.90 41.58
C ASN K 369 -9.01 -132.47 41.22
N LEU K 370 -8.66 -132.60 39.94
CA LEU K 370 -7.33 -132.22 39.47
C LEU K 370 -7.10 -130.71 39.54
N LEU K 371 -8.17 -129.93 39.35
CA LEU K 371 -8.06 -128.48 39.35
C LEU K 371 -7.84 -127.91 40.75
N ILE K 372 -8.46 -128.51 41.76
CA ILE K 372 -8.22 -128.09 43.14
C ILE K 372 -6.80 -128.44 43.60
N ALA K 373 -6.37 -129.64 43.24
CA ALA K 373 -5.05 -130.11 43.62
C ALA K 373 -3.95 -129.23 43.01
N CYS K 374 -4.18 -128.79 41.78
CA CYS K 374 -3.27 -127.89 41.10
C CYS K 374 -3.28 -126.52 41.75
N ASP K 375 -4.40 -126.18 42.39
CA ASP K 375 -4.56 -124.89 43.04
C ASP K 375 -3.83 -124.86 44.38
N LYS K 376 -3.77 -126.01 45.05
CA LYS K 376 -3.01 -126.12 46.29
C LYS K 376 -1.52 -126.02 45.97
N LYS K 377 -1.04 -126.85 45.05
CA LYS K 377 0.35 -126.83 44.63
C LYS K 377 0.85 -125.41 44.35
N LEU K 378 0.16 -124.70 43.48
CA LEU K 378 0.51 -123.33 43.14
C LEU K 378 0.51 -122.42 44.35
N GLU K 379 -0.35 -122.74 45.31
CA GLU K 379 -0.46 -121.95 46.53
C GLU K 379 0.74 -122.24 47.43
N ALA K 380 1.26 -123.46 47.34
CA ALA K 380 2.45 -123.87 48.09
C ALA K 380 3.74 -123.41 47.43
N GLY K 381 3.63 -122.60 46.38
CA GLY K 381 4.79 -122.10 45.68
C GLY K 381 5.49 -123.22 44.95
N GLN K 382 4.68 -124.13 44.41
CA GLN K 382 5.19 -125.32 43.74
C GLN K 382 4.60 -125.38 42.34
N SER K 383 5.27 -126.11 41.44
CA SER K 383 4.90 -126.18 40.03
C SER K 383 3.90 -127.31 39.77
N ILE K 384 3.17 -127.22 38.66
CA ILE K 384 2.22 -128.25 38.25
C ILE K 384 2.44 -128.73 36.80
N ASP K 385 3.64 -128.53 36.29
CA ASP K 385 3.99 -128.99 34.94
C ASP K 385 3.57 -130.44 34.68
N ASP K 386 3.83 -131.32 35.65
CA ASP K 386 3.58 -132.76 35.49
C ASP K 386 2.13 -133.14 35.76
N MET K 387 1.41 -132.26 36.46
CA MET K 387 0.03 -132.52 36.82
C MET K 387 -0.88 -132.40 35.61
N ILE K 388 -0.50 -131.50 34.70
CA ILE K 388 -1.26 -131.25 33.49
C ILE K 388 -1.38 -132.50 32.60
N PRO K 389 -2.61 -132.80 32.16
CA PRO K 389 -2.88 -133.95 31.29
C PRO K 389 -1.95 -133.95 30.09
N LYS K 390 -1.51 -135.14 29.68
CA LYS K 390 -0.66 -135.28 28.49
C LYS K 390 -1.49 -135.26 27.19
N ASP L 7 -39.91 -124.86 -6.44
CA ASP L 7 -41.05 -124.01 -6.07
C ASP L 7 -41.36 -124.16 -4.59
N TYR L 8 -41.12 -125.35 -4.06
CA TYR L 8 -41.32 -125.58 -2.63
C TYR L 8 -40.30 -124.74 -1.87
N PHE L 9 -39.03 -125.09 -2.05
CA PHE L 9 -37.93 -124.35 -1.45
C PHE L 9 -38.17 -122.84 -1.47
N VAL L 10 -38.67 -122.34 -2.60
CA VAL L 10 -38.95 -120.91 -2.77
C VAL L 10 -39.88 -120.39 -1.68
N LYS L 11 -41.07 -120.97 -1.61
CA LYS L 11 -42.09 -120.55 -0.63
C LYS L 11 -41.75 -120.98 0.81
N ASN L 12 -40.60 -121.61 0.97
CA ASN L 12 -40.07 -121.97 2.29
C ASN L 12 -38.98 -120.99 2.73
N ARG L 13 -38.77 -119.95 1.93
CA ARG L 13 -37.74 -118.93 2.17
C ARG L 13 -37.63 -118.52 3.63
N VAL L 14 -38.75 -118.59 4.35
CA VAL L 14 -38.75 -118.24 5.77
C VAL L 14 -38.02 -119.31 6.60
N GLY L 15 -38.42 -120.57 6.47
CA GLY L 15 -37.72 -121.65 7.14
C GLY L 15 -38.25 -121.95 8.53
N HIS L 16 -39.41 -121.38 8.85
CA HIS L 16 -40.14 -121.68 10.08
C HIS L 16 -41.37 -122.51 9.73
N SER L 17 -42.06 -123.01 10.75
CA SER L 17 -43.27 -123.80 10.53
C SER L 17 -44.47 -122.90 10.16
N LYS L 18 -45.38 -123.43 9.34
CA LYS L 18 -46.60 -122.73 8.96
C LYS L 18 -47.82 -123.33 9.67
N PRO L 19 -48.35 -122.62 10.68
CA PRO L 19 -49.45 -123.04 11.55
C PRO L 19 -50.80 -123.20 10.85
N TRP L 20 -50.95 -122.55 9.70
CA TRP L 20 -52.18 -122.63 8.91
C TRP L 20 -52.29 -123.94 8.15
N GLU L 21 -51.20 -124.40 7.58
CA GLU L 21 -51.27 -125.45 6.56
C GLU L 21 -51.86 -126.85 7.04
N SER L 22 -51.22 -127.48 8.02
CA SER L 22 -51.65 -128.81 8.58
C SER L 22 -53.00 -128.77 9.29
N GLY L 23 -53.47 -127.58 9.65
CA GLY L 23 -54.84 -127.41 10.09
C GLY L 23 -55.23 -127.79 11.49
N LYS L 24 -54.28 -127.92 12.44
CA LYS L 24 -54.66 -128.11 13.85
C LYS L 24 -54.60 -126.78 14.56
N PHE L 25 -54.65 -125.71 13.78
CA PHE L 25 -54.64 -124.36 14.33
C PHE L 25 -55.54 -123.40 13.58
N LYS L 26 -56.27 -122.59 14.32
CA LYS L 26 -57.04 -121.48 13.73
C LYS L 26 -56.17 -120.22 13.77
N ALA L 27 -56.55 -119.24 12.97
CA ALA L 27 -55.84 -117.97 12.99
C ALA L 27 -55.72 -117.51 14.43
N ALA L 28 -56.82 -117.65 15.16
CA ALA L 28 -56.90 -117.24 16.56
C ALA L 28 -55.75 -117.77 17.38
N ASP L 29 -55.30 -118.97 17.03
CA ASP L 29 -54.32 -119.71 17.83
C ASP L 29 -52.93 -119.09 17.73
N ASN L 30 -52.66 -118.39 16.63
CA ASN L 30 -51.34 -117.84 16.39
C ASN L 30 -51.34 -116.32 16.50
N PHE L 31 -52.45 -115.76 16.98
CA PHE L 31 -52.63 -114.31 17.04
C PHE L 31 -51.81 -113.70 18.17
N PRO L 32 -51.01 -112.66 17.86
CA PRO L 32 -50.08 -112.05 18.82
C PRO L 32 -50.77 -111.29 19.95
N ASP L 33 -50.28 -111.42 21.17
CA ASP L 33 -50.73 -110.57 22.27
C ASP L 33 -49.99 -109.24 22.24
N LEU L 34 -50.66 -108.21 21.75
CA LEU L 34 -50.10 -106.86 21.70
C LEU L 34 -50.72 -105.92 22.75
N SER L 35 -50.96 -106.45 23.95
CA SER L 35 -51.53 -105.66 25.04
C SER L 35 -50.68 -104.47 25.47
N LYS L 36 -49.38 -104.72 25.67
CA LYS L 36 -48.46 -103.72 26.18
C LYS L 36 -47.74 -102.96 25.05
N HIS L 37 -48.10 -103.25 23.81
CA HIS L 37 -47.38 -102.71 22.66
C HIS L 37 -47.78 -101.30 22.25
N ASN L 38 -46.79 -100.50 21.90
CA ASN L 38 -47.02 -99.16 21.35
C ASN L 38 -46.25 -98.96 20.04
N ASN L 39 -46.83 -99.38 18.92
CA ASN L 39 -46.23 -99.13 17.62
C ASN L 39 -47.28 -99.18 16.49
N VAL L 40 -46.93 -98.64 15.33
CA VAL L 40 -47.94 -98.50 14.28
C VAL L 40 -48.65 -99.82 13.94
N MET L 41 -47.90 -100.93 13.96
CA MET L 41 -48.45 -102.24 13.63
C MET L 41 -49.53 -102.67 14.61
N ALA L 42 -49.25 -102.54 15.90
CA ALA L 42 -50.18 -102.92 16.96
C ALA L 42 -51.32 -101.92 17.16
N SER L 43 -51.33 -100.85 16.37
CA SER L 43 -52.43 -99.88 16.37
C SER L 43 -53.37 -100.22 15.22
N GLN L 44 -52.81 -100.79 14.17
CA GLN L 44 -53.57 -101.02 12.95
C GLN L 44 -54.01 -102.46 12.79
N LEU L 45 -53.29 -103.38 13.43
CA LEU L 45 -53.59 -104.79 13.26
C LEU L 45 -54.94 -105.05 13.90
N THR L 46 -55.75 -105.88 13.27
CA THR L 46 -56.97 -106.41 13.88
C THR L 46 -56.96 -107.93 13.77
N LYS L 47 -57.74 -108.58 14.64
CA LYS L 47 -57.89 -110.03 14.55
C LYS L 47 -58.41 -110.45 13.18
N GLU L 48 -59.33 -109.67 12.64
CA GLU L 48 -59.97 -109.98 11.36
C GLU L 48 -58.97 -109.87 10.21
N LEU L 49 -58.13 -108.83 10.25
CA LEU L 49 -57.04 -108.69 9.29
C LEU L 49 -56.07 -109.87 9.42
N TYR L 50 -55.80 -110.30 10.65
CA TYR L 50 -54.85 -111.40 10.81
C TYR L 50 -55.38 -112.70 10.22
N GLU L 51 -56.66 -112.97 10.44
CA GLU L 51 -57.26 -114.20 9.93
C GLU L 51 -57.24 -114.21 8.40
N LYS L 52 -57.39 -113.04 7.82
CA LYS L 52 -57.45 -112.89 6.37
C LYS L 52 -56.09 -113.06 5.69
N TYR L 53 -55.03 -112.63 6.38
CA TYR L 53 -53.73 -112.51 5.75
C TYR L 53 -52.68 -113.56 6.17
N TRP L 54 -52.89 -114.24 7.30
CA TRP L 54 -51.87 -115.10 7.89
C TRP L 54 -51.46 -116.29 7.02
N ASP L 55 -52.39 -116.76 6.20
CA ASP L 55 -52.14 -117.92 5.35
C ASP L 55 -51.82 -117.51 3.92
N LYS L 56 -51.51 -116.24 3.71
CA LYS L 56 -51.24 -115.72 2.38
C LYS L 56 -49.75 -115.40 2.17
N VAL L 57 -49.14 -116.02 1.17
CA VAL L 57 -47.71 -115.94 0.93
C VAL L 57 -47.39 -115.34 -0.45
N THR L 58 -46.30 -114.58 -0.55
CA THR L 58 -45.98 -113.88 -1.80
C THR L 58 -45.26 -114.83 -2.73
N PRO L 59 -45.04 -114.41 -3.98
CA PRO L 59 -44.33 -115.25 -4.95
C PRO L 59 -42.90 -115.59 -4.52
N ASN L 60 -42.39 -114.90 -3.49
CA ASN L 60 -41.06 -115.17 -2.94
C ASN L 60 -41.09 -115.88 -1.60
N GLY L 61 -42.27 -116.37 -1.21
CA GLY L 61 -42.38 -117.14 0.02
C GLY L 61 -42.35 -116.29 1.27
N VAL L 62 -42.43 -114.98 1.09
CA VAL L 62 -42.59 -114.07 2.22
C VAL L 62 -44.02 -114.16 2.75
N THR L 63 -44.14 -114.17 4.07
CA THR L 63 -45.40 -114.43 4.76
C THR L 63 -45.73 -113.31 5.73
N PHE L 64 -46.98 -113.27 6.20
CA PHE L 64 -47.47 -112.14 7.00
C PHE L 64 -46.68 -111.95 8.28
N ASP L 65 -46.55 -113.01 9.05
CA ASP L 65 -45.83 -112.94 10.32
C ASP L 65 -44.40 -112.41 10.18
N LYS L 66 -43.76 -112.74 9.06
CA LYS L 66 -42.43 -112.20 8.76
C LYS L 66 -42.50 -110.67 8.58
N CYS L 67 -43.63 -110.16 8.10
CA CYS L 67 -43.80 -108.73 7.88
C CYS L 67 -44.05 -107.93 9.17
N ILE L 68 -44.71 -108.55 10.14
CA ILE L 68 -45.01 -107.86 11.39
C ILE L 68 -44.08 -108.25 12.54
N GLN L 69 -43.27 -109.28 12.35
CA GLN L 69 -42.51 -109.86 13.46
C GLN L 69 -41.78 -108.82 14.31
N THR L 70 -41.25 -107.79 13.65
CA THR L 70 -40.47 -106.78 14.35
C THR L 70 -41.37 -105.91 15.24
N GLY L 71 -42.60 -105.68 14.79
CA GLY L 71 -43.56 -104.98 15.62
C GLY L 71 -43.89 -105.77 16.87
N VAL L 72 -43.92 -107.09 16.73
CA VAL L 72 -44.22 -107.97 17.86
C VAL L 72 -43.12 -107.89 18.90
N ASP L 73 -41.89 -108.17 18.47
CA ASP L 73 -40.75 -108.25 19.38
C ASP L 73 -40.35 -106.92 20.04
N ASN L 74 -40.62 -105.81 19.37
CA ASN L 74 -40.27 -104.50 19.91
C ASN L 74 -41.49 -103.71 20.37
N PRO L 75 -41.89 -103.95 21.63
CA PRO L 75 -43.09 -103.40 22.29
C PRO L 75 -42.89 -101.97 22.75
N GLY L 76 -41.63 -101.55 22.79
CA GLY L 76 -41.28 -100.22 23.28
C GLY L 76 -40.04 -99.68 22.60
N ASN L 77 -39.66 -98.47 22.98
CA ASN L 77 -38.52 -97.78 22.36
C ASN L 77 -37.88 -96.86 23.39
N LYS L 78 -36.63 -97.16 23.74
CA LYS L 78 -35.91 -96.43 24.78
C LYS L 78 -35.55 -95.01 24.36
N PHE L 79 -35.56 -94.78 23.05
CA PHE L 79 -35.12 -93.50 22.52
C PHE L 79 -36.31 -92.60 22.21
N TYR L 80 -36.33 -91.98 21.03
CA TYR L 80 -37.39 -91.02 20.72
C TYR L 80 -38.46 -91.60 19.79
N GLY L 81 -39.73 -91.37 20.14
CA GLY L 81 -40.85 -91.61 19.25
C GLY L 81 -41.49 -92.99 19.22
N LYS L 82 -42.40 -93.16 18.27
CA LYS L 82 -43.19 -94.37 18.13
C LYS L 82 -42.77 -95.12 16.85
N LYS L 83 -42.44 -96.40 16.97
CA LYS L 83 -41.90 -97.17 15.84
C LYS L 83 -42.97 -97.65 14.87
N THR L 84 -42.56 -97.99 13.66
CA THR L 84 -43.48 -98.50 12.63
C THR L 84 -43.88 -99.94 12.91
N GLY L 85 -42.89 -100.78 13.22
CA GLY L 85 -43.16 -102.11 13.71
C GLY L 85 -43.58 -103.14 12.68
N CYS L 86 -43.34 -102.83 11.40
CA CYS L 86 -43.56 -103.80 10.33
C CYS L 86 -42.84 -103.38 9.05
N VAL L 87 -42.52 -104.35 8.20
CA VAL L 87 -41.73 -104.11 7.00
C VAL L 87 -42.35 -104.72 5.75
N PHE L 88 -41.70 -104.47 4.61
CA PHE L 88 -42.00 -105.18 3.37
C PHE L 88 -40.84 -106.10 3.10
N GLY L 89 -41.14 -107.37 2.86
CA GLY L 89 -40.11 -108.38 2.61
C GLY L 89 -39.84 -108.59 1.14
N ASP L 90 -40.70 -108.02 0.31
CA ASP L 90 -40.49 -107.98 -1.13
C ASP L 90 -41.48 -107.01 -1.79
N GLU L 91 -41.38 -106.89 -3.10
CA GLU L 91 -42.22 -105.96 -3.84
C GLU L 91 -43.69 -106.37 -3.87
N TYR L 92 -44.00 -107.60 -3.45
CA TYR L 92 -45.36 -108.11 -3.49
C TYR L 92 -46.05 -108.01 -2.13
N SER L 93 -45.31 -107.57 -1.13
CA SER L 93 -45.87 -107.56 0.20
C SER L 93 -47.02 -106.55 0.27
N TYR L 94 -46.80 -105.35 -0.24
CA TYR L 94 -47.78 -104.28 -0.06
C TYR L 94 -49.18 -104.66 -0.50
N GLU L 95 -49.32 -105.06 -1.76
CA GLU L 95 -50.60 -105.43 -2.30
C GLU L 95 -51.14 -106.66 -1.60
N CYS L 96 -50.28 -107.65 -1.44
CA CYS L 96 -50.69 -108.91 -0.86
C CYS L 96 -51.45 -108.66 0.43
N TYR L 97 -50.90 -107.76 1.27
CA TYR L 97 -51.53 -107.40 2.54
C TYR L 97 -52.01 -105.96 2.57
N LYS L 98 -52.53 -105.48 1.43
CA LYS L 98 -52.90 -104.08 1.27
C LYS L 98 -53.90 -103.54 2.32
N GLU L 99 -54.90 -104.33 2.70
CA GLU L 99 -55.86 -103.84 3.69
C GLU L 99 -55.21 -103.57 5.04
N PHE L 100 -53.99 -104.06 5.24
CA PHE L 100 -53.26 -103.78 6.47
C PHE L 100 -52.22 -102.66 6.34
N PHE L 101 -51.43 -102.66 5.28
CA PHE L 101 -50.42 -101.61 5.12
C PHE L 101 -51.07 -100.24 4.93
N ASP L 102 -52.22 -100.23 4.25
CA ASP L 102 -52.93 -99.00 4.00
C ASP L 102 -53.27 -98.22 5.28
N LYS L 103 -53.61 -98.93 6.34
CA LYS L 103 -53.90 -98.25 7.63
C LYS L 103 -52.63 -97.69 8.28
N CYS L 104 -51.56 -98.48 8.30
CA CYS L 104 -50.27 -98.00 8.80
C CYS L 104 -49.87 -96.76 8.03
N ILE L 105 -49.82 -96.91 6.70
CA ILE L 105 -49.48 -95.83 5.78
C ILE L 105 -50.27 -94.54 6.07
N GLU L 106 -51.56 -94.68 6.39
CA GLU L 106 -52.39 -93.51 6.64
C GLU L 106 -51.95 -92.77 7.91
N GLU L 107 -51.65 -93.54 8.96
CA GLU L 107 -51.22 -92.97 10.24
C GLU L 107 -49.85 -92.28 10.18
N ILE L 108 -48.89 -92.89 9.51
CA ILE L 108 -47.55 -92.32 9.39
C ILE L 108 -47.54 -91.03 8.60
N HIS L 109 -48.23 -91.04 7.46
CA HIS L 109 -48.05 -90.02 6.44
C HIS L 109 -49.27 -89.14 6.26
N HIS L 110 -50.37 -89.51 6.92
CA HIS L 110 -51.64 -88.82 6.71
C HIS L 110 -52.03 -88.92 5.22
N PHE L 111 -51.78 -90.08 4.63
CA PHE L 111 -52.01 -90.35 3.21
C PHE L 111 -53.11 -91.41 3.12
N LYS L 112 -54.22 -91.06 2.47
CA LYS L 112 -55.35 -91.98 2.38
C LYS L 112 -55.28 -92.89 1.16
N PRO L 113 -56.01 -94.02 1.20
CA PRO L 113 -56.00 -95.00 0.10
C PRO L 113 -56.52 -94.39 -1.19
N SER L 114 -57.12 -93.21 -1.09
CA SER L 114 -57.69 -92.52 -2.23
C SER L 114 -56.75 -91.41 -2.69
N ASP L 115 -55.57 -91.36 -2.10
CA ASP L 115 -54.57 -90.38 -2.51
C ASP L 115 -53.56 -90.98 -3.49
N LYS L 116 -52.82 -90.10 -4.15
CA LYS L 116 -51.87 -90.50 -5.18
C LYS L 116 -50.64 -89.62 -5.12
N HIS L 117 -49.48 -90.26 -4.99
CA HIS L 117 -48.22 -89.53 -4.87
C HIS L 117 -48.03 -88.56 -6.03
N PRO L 118 -47.87 -87.28 -5.71
CA PRO L 118 -47.62 -86.23 -6.70
C PRO L 118 -46.31 -86.48 -7.46
N ALA L 119 -46.11 -85.71 -8.52
CA ALA L 119 -44.90 -85.74 -9.33
C ALA L 119 -43.71 -85.22 -8.54
N PRO L 120 -42.49 -85.43 -9.06
CA PRO L 120 -41.24 -85.01 -8.41
C PRO L 120 -40.97 -83.51 -8.54
N ASP L 121 -40.23 -82.96 -7.58
CA ASP L 121 -39.82 -81.56 -7.65
C ASP L 121 -38.53 -81.38 -6.87
N LEU L 122 -37.42 -81.36 -7.61
CA LEU L 122 -36.08 -81.27 -7.05
C LEU L 122 -35.44 -79.90 -7.30
N ASP L 123 -36.27 -78.89 -7.57
CA ASP L 123 -35.78 -77.54 -7.81
C ASP L 123 -35.39 -76.84 -6.50
N HIS L 124 -34.15 -77.03 -6.07
CA HIS L 124 -33.67 -76.41 -4.85
C HIS L 124 -33.88 -74.90 -4.86
N ASN L 125 -34.03 -74.33 -6.05
CA ASN L 125 -34.12 -72.88 -6.21
C ASN L 125 -35.44 -72.28 -5.71
N LYS L 126 -36.53 -72.99 -5.95
CA LYS L 126 -37.86 -72.59 -5.51
C LYS L 126 -37.95 -72.48 -3.99
N LEU L 127 -36.85 -72.80 -3.33
CA LEU L 127 -36.78 -72.90 -1.87
C LEU L 127 -36.72 -71.53 -1.22
N VAL L 128 -37.34 -71.39 -0.05
CA VAL L 128 -37.38 -70.11 0.64
C VAL L 128 -36.61 -70.18 1.97
N GLY L 129 -35.50 -69.44 2.06
CA GLY L 129 -34.58 -69.61 3.16
C GLY L 129 -33.81 -70.91 3.00
N GLY L 130 -33.34 -71.48 4.11
CA GLY L 130 -32.59 -72.72 4.04
C GLY L 130 -31.16 -72.58 4.53
N VAL L 131 -30.72 -71.36 4.79
CA VAL L 131 -29.41 -71.11 5.37
C VAL L 131 -29.62 -70.55 6.76
N PHE L 132 -29.12 -71.26 7.77
CA PHE L 132 -29.33 -70.86 9.16
C PHE L 132 -28.04 -70.39 9.81
N GLU L 133 -28.19 -69.72 10.96
CA GLU L 133 -27.07 -69.27 11.76
C GLU L 133 -26.34 -70.47 12.37
N ASP L 134 -25.02 -70.38 12.35
CA ASP L 134 -24.13 -71.32 13.00
C ASP L 134 -24.49 -71.60 14.47
N LYS L 135 -24.95 -70.57 15.16
CA LYS L 135 -25.26 -70.69 16.59
C LYS L 135 -26.22 -71.83 16.90
N TYR L 136 -27.20 -72.03 16.02
CA TYR L 136 -28.19 -73.09 16.21
C TYR L 136 -27.94 -74.33 15.35
N VAL L 137 -27.76 -74.14 14.05
CA VAL L 137 -27.63 -75.29 13.15
C VAL L 137 -26.19 -75.76 12.99
N LYS L 138 -25.92 -77.00 13.40
CA LYS L 138 -24.54 -77.52 13.43
C LYS L 138 -24.17 -78.25 12.13
N SER L 139 -25.17 -78.81 11.44
CA SER L 139 -24.96 -79.45 10.13
C SER L 139 -26.25 -79.83 9.44
N CYS L 140 -26.17 -80.16 8.15
CA CYS L 140 -27.35 -80.42 7.29
C CYS L 140 -27.13 -81.69 6.43
N ARG L 141 -28.18 -82.48 6.23
CA ARG L 141 -28.10 -83.76 5.51
C ARG L 141 -29.43 -84.08 4.85
N ILE L 142 -29.36 -84.42 3.57
CA ILE L 142 -30.54 -84.93 2.87
C ILE L 142 -30.25 -86.33 2.36
N ARG L 143 -31.22 -87.22 2.57
CA ARG L 143 -31.02 -88.65 2.44
C ARG L 143 -32.24 -89.26 1.73
N CYS L 144 -32.03 -90.30 0.93
CA CYS L 144 -33.17 -90.99 0.29
C CYS L 144 -32.92 -92.50 0.13
N GLY L 145 -33.98 -93.30 0.26
CA GLY L 145 -33.89 -94.73 0.00
C GLY L 145 -34.21 -95.14 -1.43
N ARG L 146 -33.60 -96.23 -1.90
CA ARG L 146 -33.98 -96.87 -3.17
C ARG L 146 -33.82 -98.38 -3.11
N SER L 147 -34.76 -99.11 -3.72
CA SER L 147 -34.71 -100.55 -3.76
C SER L 147 -34.55 -100.97 -5.21
N VAL L 148 -34.02 -102.17 -5.41
CA VAL L 148 -33.73 -102.65 -6.74
C VAL L 148 -34.85 -103.58 -7.20
N LYS L 149 -35.41 -103.29 -8.37
CA LYS L 149 -36.55 -104.06 -8.85
C LYS L 149 -36.19 -105.53 -9.08
N GLY L 150 -37.14 -106.42 -8.79
CA GLY L 150 -36.95 -107.84 -9.03
C GLY L 150 -35.97 -108.52 -8.09
N VAL L 151 -35.68 -107.87 -6.97
CA VAL L 151 -34.84 -108.45 -5.94
C VAL L 151 -35.53 -108.29 -4.59
N CYS L 152 -35.41 -109.29 -3.73
CA CYS L 152 -36.03 -109.23 -2.43
C CYS L 152 -35.45 -108.13 -1.56
N LEU L 153 -36.30 -107.53 -0.74
CA LEU L 153 -35.88 -106.48 0.19
C LEU L 153 -35.14 -107.13 1.35
N PRO L 154 -34.21 -106.38 1.96
CA PRO L 154 -33.27 -106.94 2.97
C PRO L 154 -33.85 -107.77 4.12
N PRO L 155 -35.14 -107.58 4.49
CA PRO L 155 -35.55 -108.47 5.58
C PRO L 155 -35.60 -109.92 5.16
N ALA L 156 -35.71 -110.20 3.86
CA ALA L 156 -35.85 -111.57 3.39
C ALA L 156 -34.89 -112.02 2.29
N MET L 157 -34.09 -111.11 1.74
CA MET L 157 -33.22 -111.43 0.64
C MET L 157 -32.06 -112.35 1.04
N SER L 158 -31.83 -113.37 0.22
CA SER L 158 -30.75 -114.32 0.45
C SER L 158 -29.39 -113.67 0.20
N ARG L 159 -28.34 -114.36 0.63
CA ARG L 159 -26.96 -113.92 0.40
C ARG L 159 -26.70 -113.61 -1.07
N ALA L 160 -27.23 -114.45 -1.95
CA ALA L 160 -27.03 -114.31 -3.40
C ALA L 160 -27.59 -113.00 -3.95
N GLU L 161 -28.80 -112.66 -3.53
CA GLU L 161 -29.45 -111.43 -3.98
C GLU L 161 -28.68 -110.22 -3.45
N ARG L 162 -28.20 -110.34 -2.22
CA ARG L 162 -27.43 -109.26 -1.61
C ARG L 162 -26.13 -109.04 -2.36
N ARG L 163 -25.51 -110.15 -2.76
CA ARG L 163 -24.29 -110.14 -3.56
C ARG L 163 -24.49 -109.60 -4.98
N LEU L 164 -25.72 -109.61 -5.45
CA LEU L 164 -26.05 -109.14 -6.80
C LEU L 164 -26.32 -107.63 -6.79
N VAL L 165 -27.05 -107.18 -5.77
CA VAL L 165 -27.34 -105.77 -5.55
C VAL L 165 -26.07 -104.94 -5.41
N GLU L 166 -25.10 -105.47 -4.69
CA GLU L 166 -23.86 -104.76 -4.39
C GLU L 166 -22.97 -104.60 -5.64
N LYS L 167 -22.86 -105.67 -6.41
CA LYS L 167 -22.13 -105.61 -7.67
C LYS L 167 -22.74 -104.58 -8.63
N VAL L 168 -24.04 -104.68 -8.83
CA VAL L 168 -24.78 -103.76 -9.72
C VAL L 168 -24.74 -102.29 -9.29
N VAL L 169 -24.93 -102.03 -8.00
CA VAL L 169 -24.93 -100.65 -7.50
C VAL L 169 -23.53 -100.05 -7.49
N SER L 170 -22.52 -100.88 -7.26
CA SER L 170 -21.14 -100.40 -7.32
C SER L 170 -20.68 -100.29 -8.77
N ASP L 171 -21.27 -101.06 -9.67
CA ASP L 171 -20.95 -100.94 -11.08
C ASP L 171 -21.55 -99.66 -11.62
N ALA L 172 -22.84 -99.49 -11.42
CA ALA L 172 -23.51 -98.29 -11.89
C ALA L 172 -22.88 -97.03 -11.31
N LEU L 173 -22.43 -97.12 -10.05
CA LEU L 173 -21.94 -95.97 -9.29
C LEU L 173 -20.58 -95.44 -9.75
N GLY L 174 -19.85 -96.26 -10.50
CA GLY L 174 -18.52 -95.89 -10.96
C GLY L 174 -18.56 -95.08 -12.26
N GLY L 175 -19.75 -94.85 -12.78
CA GLY L 175 -19.90 -94.03 -13.96
C GLY L 175 -19.83 -92.55 -13.59
N LEU L 176 -20.21 -92.27 -12.34
CA LEU L 176 -20.15 -90.92 -11.80
C LEU L 176 -18.82 -90.23 -12.10
N LYS L 177 -18.86 -88.93 -12.36
CA LYS L 177 -17.62 -88.19 -12.62
C LYS L 177 -17.64 -86.79 -12.00
N GLY L 178 -16.55 -86.05 -12.22
CA GLY L 178 -16.45 -84.72 -11.64
C GLY L 178 -16.43 -84.79 -10.13
N ASP L 179 -16.96 -83.77 -9.48
CA ASP L 179 -16.91 -83.72 -8.02
C ASP L 179 -17.87 -84.75 -7.42
N LEU L 180 -18.49 -85.55 -8.29
CA LEU L 180 -19.31 -86.68 -7.88
C LEU L 180 -18.50 -87.98 -7.87
N ALA L 181 -17.28 -87.93 -8.37
CA ALA L 181 -16.44 -89.11 -8.41
C ALA L 181 -15.96 -89.60 -7.02
N GLY L 182 -16.29 -90.85 -6.70
CA GLY L 182 -15.88 -91.48 -5.46
C GLY L 182 -15.39 -92.89 -5.69
N LYS L 183 -15.38 -93.70 -4.62
CA LYS L 183 -14.94 -95.10 -4.69
C LYS L 183 -15.67 -95.96 -3.67
N TYR L 184 -15.77 -97.26 -3.96
CA TYR L 184 -16.50 -98.18 -3.09
C TYR L 184 -15.66 -98.81 -1.99
N TYR L 185 -16.21 -98.79 -0.78
CA TYR L 185 -15.55 -99.42 0.36
C TYR L 185 -16.47 -100.49 0.96
N PRO L 186 -16.15 -101.77 0.71
CA PRO L 186 -16.89 -102.88 1.34
C PRO L 186 -16.47 -103.06 2.81
N LEU L 187 -17.45 -103.15 3.71
CA LEU L 187 -17.17 -103.31 5.14
C LEU L 187 -16.26 -104.52 5.44
N THR L 188 -16.32 -105.53 4.59
CA THR L 188 -15.56 -106.77 4.83
C THR L 188 -14.08 -106.49 5.08
N THR L 189 -13.52 -105.59 4.27
CA THR L 189 -12.09 -105.27 4.30
C THR L 189 -11.73 -104.01 5.11
N MET L 190 -12.73 -103.20 5.45
CA MET L 190 -12.51 -102.00 6.24
C MET L 190 -12.26 -102.40 7.69
N ASN L 191 -11.21 -101.87 8.32
CA ASN L 191 -10.95 -102.25 9.71
C ASN L 191 -11.80 -101.47 10.74
N GLU L 192 -11.88 -102.01 11.96
CA GLU L 192 -12.76 -101.47 13.00
C GLU L 192 -12.51 -99.99 13.28
N LYS L 193 -11.25 -99.57 13.19
CA LYS L 193 -10.91 -98.19 13.51
C LYS L 193 -11.44 -97.19 12.46
N ASP L 194 -11.23 -97.48 11.19
CA ASP L 194 -11.72 -96.62 10.12
C ASP L 194 -13.25 -96.63 10.10
N GLN L 195 -13.82 -97.82 10.31
CA GLN L 195 -15.26 -97.95 10.47
C GLN L 195 -15.77 -97.11 11.63
N GLU L 196 -15.20 -97.32 12.82
CA GLU L 196 -15.60 -96.55 14.00
C GLU L 196 -15.50 -95.05 13.78
N GLN L 197 -14.43 -94.62 13.11
CA GLN L 197 -14.27 -93.20 12.78
C GLN L 197 -15.36 -92.69 11.83
N LEU L 198 -15.59 -93.43 10.76
CA LEU L 198 -16.64 -93.08 9.81
C LEU L 198 -18.02 -93.07 10.46
N ILE L 199 -18.19 -93.84 11.52
CA ILE L 199 -19.48 -93.90 12.21
C ILE L 199 -19.66 -92.68 13.10
N GLU L 200 -18.60 -92.33 13.84
CA GLU L 200 -18.57 -91.17 14.72
C GLU L 200 -18.75 -89.86 13.96
N ASP L 201 -18.09 -89.77 12.81
CA ASP L 201 -18.05 -88.54 12.02
C ASP L 201 -19.37 -88.42 11.22
N HIS L 202 -20.35 -89.25 11.58
CA HIS L 202 -21.70 -89.25 10.96
C HIS L 202 -21.72 -89.55 9.47
N PHE L 203 -20.77 -90.33 8.98
CA PHE L 203 -20.74 -90.72 7.59
C PHE L 203 -21.40 -92.08 7.38
N LEU L 204 -20.91 -93.08 8.10
CA LEU L 204 -21.36 -94.45 7.94
C LEU L 204 -22.51 -94.86 8.86
N PHE L 205 -23.38 -95.73 8.35
CA PHE L 205 -24.38 -96.42 9.15
C PHE L 205 -23.72 -97.25 10.24
N GLU L 206 -24.39 -97.40 11.36
CA GLU L 206 -23.77 -97.93 12.56
C GLU L 206 -23.56 -99.45 12.51
N LYS L 207 -23.01 -99.98 13.60
CA LYS L 207 -22.88 -101.42 13.77
C LYS L 207 -24.28 -102.01 13.95
N PRO L 208 -24.48 -103.24 13.45
CA PRO L 208 -25.80 -103.86 13.26
C PRO L 208 -26.57 -104.23 14.54
N THR L 209 -26.88 -103.23 15.37
CA THR L 209 -27.41 -103.47 16.72
C THR L 209 -28.86 -103.00 16.87
N GLY L 210 -29.27 -102.08 15.99
CA GLY L 210 -30.62 -101.54 16.00
C GLY L 210 -31.72 -102.61 16.09
N ALA L 211 -32.69 -102.37 16.96
CA ALA L 211 -33.78 -103.33 17.20
C ALA L 211 -34.61 -103.66 15.97
N LEU L 212 -34.88 -102.67 15.12
CA LEU L 212 -35.60 -102.97 13.88
C LEU L 212 -34.75 -103.78 12.92
N LEU L 213 -33.47 -103.44 12.82
CA LEU L 213 -32.56 -104.10 11.88
C LEU L 213 -32.34 -105.60 12.14
N THR L 214 -32.34 -106.02 13.40
CA THR L 214 -32.14 -107.43 13.70
C THR L 214 -33.45 -108.22 13.65
N THR L 215 -34.45 -107.75 14.40
CA THR L 215 -35.71 -108.49 14.56
C THR L 215 -36.54 -108.54 13.28
N SER L 216 -36.16 -107.74 12.29
CA SER L 216 -36.81 -107.79 10.98
C SER L 216 -36.10 -108.71 9.99
N GLY L 217 -34.85 -109.07 10.29
CA GLY L 217 -34.12 -109.98 9.43
C GLY L 217 -32.94 -109.34 8.70
N CYS L 218 -32.77 -108.03 8.88
CA CYS L 218 -31.84 -107.27 8.05
C CYS L 218 -30.35 -107.29 8.40
N ALA L 219 -29.93 -108.15 9.32
CA ALA L 219 -28.53 -108.15 9.77
C ALA L 219 -27.79 -109.46 9.45
N ARG L 220 -28.55 -110.47 9.04
CA ARG L 220 -27.99 -111.77 8.69
C ARG L 220 -26.74 -111.68 7.79
N ASP L 221 -25.73 -112.47 8.12
CA ASP L 221 -24.56 -112.65 7.25
C ASP L 221 -23.60 -111.45 7.29
N TRP L 222 -23.92 -110.48 8.14
CA TRP L 222 -23.11 -109.26 8.25
C TRP L 222 -21.64 -109.68 8.35
N PRO L 223 -20.75 -108.95 7.66
CA PRO L 223 -21.01 -107.70 6.94
C PRO L 223 -21.25 -107.87 5.43
N ASP L 224 -21.15 -109.11 4.96
CA ASP L 224 -21.27 -109.47 3.54
C ASP L 224 -22.21 -108.66 2.63
N GLY L 225 -21.62 -107.85 1.76
CA GLY L 225 -22.37 -107.19 0.73
C GLY L 225 -22.76 -105.79 1.15
N ARG L 226 -22.28 -105.37 2.31
CA ARG L 226 -22.53 -104.03 2.81
C ARG L 226 -21.31 -103.14 2.62
N GLY L 227 -21.53 -101.92 2.15
CA GLY L 227 -20.43 -100.99 1.94
C GLY L 227 -20.94 -99.57 1.84
N ILE L 228 -20.01 -98.62 1.76
CA ILE L 228 -20.38 -97.23 1.58
C ILE L 228 -19.56 -96.65 0.46
N TRP L 229 -20.20 -95.85 -0.38
CA TRP L 229 -19.54 -95.22 -1.51
C TRP L 229 -19.54 -93.73 -1.23
N HIS L 230 -18.37 -93.11 -1.32
CA HIS L 230 -18.31 -91.67 -1.15
C HIS L 230 -17.35 -91.00 -2.12
N ASN L 231 -17.49 -89.70 -2.29
CA ASN L 231 -16.57 -88.94 -3.12
C ASN L 231 -15.40 -88.41 -2.28
N ASN L 232 -14.46 -87.74 -2.92
CA ASN L 232 -13.27 -87.31 -2.19
C ASN L 232 -13.57 -86.33 -1.06
N GLU L 233 -14.61 -85.51 -1.24
CA GLU L 233 -14.96 -84.48 -0.26
C GLU L 233 -15.90 -84.99 0.84
N LYS L 234 -16.37 -86.23 0.69
CA LYS L 234 -17.33 -86.81 1.63
C LYS L 234 -18.52 -85.89 1.91
N ASN L 235 -19.06 -85.31 0.84
CA ASN L 235 -20.25 -84.48 0.93
C ASN L 235 -21.38 -85.09 0.07
N PHE L 236 -21.06 -86.23 -0.54
CA PHE L 236 -22.04 -87.04 -1.25
C PHE L 236 -21.65 -88.52 -1.05
N LEU L 237 -22.56 -89.30 -0.46
CA LEU L 237 -22.31 -90.70 -0.14
C LEU L 237 -23.48 -91.61 -0.48
N VAL L 238 -23.18 -92.91 -0.60
CA VAL L 238 -24.20 -93.93 -0.85
C VAL L 238 -23.92 -95.22 -0.05
N TRP L 239 -24.82 -95.55 0.87
CA TRP L 239 -24.79 -96.83 1.56
C TRP L 239 -25.40 -97.92 0.68
N ILE L 240 -24.78 -99.10 0.66
CA ILE L 240 -25.31 -100.23 -0.11
C ILE L 240 -25.73 -101.40 0.81
N ASN L 241 -26.91 -101.94 0.55
CA ASN L 241 -27.41 -103.13 1.26
C ASN L 241 -27.48 -103.08 2.79
N GLU L 242 -27.96 -101.99 3.36
CA GLU L 242 -28.24 -102.02 4.79
C GLU L 242 -29.74 -102.30 5.08
N GLU L 243 -30.50 -101.28 5.45
CA GLU L 243 -31.93 -101.49 5.67
C GLU L 243 -32.59 -101.54 4.31
N ASP L 244 -32.15 -100.64 3.43
CA ASP L 244 -32.60 -100.61 2.04
C ASP L 244 -31.39 -100.90 1.15
N HIS L 245 -31.62 -101.26 -0.10
CA HIS L 245 -30.51 -101.63 -0.98
C HIS L 245 -29.55 -100.46 -1.16
N ILE L 246 -30.15 -99.28 -1.31
CA ILE L 246 -29.43 -98.07 -1.67
C ILE L 246 -29.89 -96.95 -0.76
N ARG L 247 -28.94 -96.10 -0.35
CA ARG L 247 -29.26 -94.84 0.30
C ARG L 247 -28.36 -93.72 -0.25
N VAL L 248 -28.92 -92.88 -1.14
CA VAL L 248 -28.21 -91.69 -1.63
C VAL L 248 -28.26 -90.54 -0.62
N ILE L 249 -27.10 -90.05 -0.17
CA ILE L 249 -27.01 -89.13 0.98
C ILE L 249 -26.21 -87.86 0.68
N SER L 250 -26.84 -86.69 0.77
CA SER L 250 -26.10 -85.42 0.65
C SER L 250 -25.98 -84.74 2.01
N MET L 251 -24.79 -84.26 2.35
CA MET L 251 -24.60 -83.62 3.65
C MET L 251 -23.38 -82.72 3.72
N GLN L 252 -23.34 -81.87 4.73
CA GLN L 252 -22.17 -81.05 5.03
C GLN L 252 -22.35 -80.27 6.33
N LYS L 253 -21.25 -79.80 6.90
CA LYS L 253 -21.26 -79.07 8.17
C LYS L 253 -21.72 -77.63 7.97
N GLY L 254 -22.13 -76.98 9.07
CA GLY L 254 -22.67 -75.63 8.98
C GLY L 254 -24.19 -75.56 8.83
N GLY L 255 -24.66 -74.58 8.06
CA GLY L 255 -26.09 -74.29 8.00
C GLY L 255 -26.72 -74.22 6.62
N ASP L 256 -25.90 -74.31 5.58
CA ASP L 256 -26.36 -74.14 4.22
C ASP L 256 -27.18 -75.32 3.69
N LEU L 257 -28.37 -75.52 4.25
CA LEU L 257 -29.26 -76.59 3.83
C LEU L 257 -29.56 -76.55 2.32
N LYS L 258 -29.66 -75.35 1.76
CA LYS L 258 -29.99 -75.18 0.36
C LYS L 258 -28.96 -75.86 -0.55
N ALA L 259 -27.68 -75.63 -0.24
CA ALA L 259 -26.55 -76.25 -0.96
C ALA L 259 -26.57 -77.77 -0.90
N VAL L 260 -26.92 -78.31 0.25
CA VAL L 260 -27.00 -79.76 0.45
C VAL L 260 -28.10 -80.32 -0.46
N PHE L 261 -29.17 -79.55 -0.60
CA PHE L 261 -30.30 -79.93 -1.43
C PHE L 261 -29.93 -79.89 -2.91
N SER L 262 -29.16 -78.87 -3.30
CA SER L 262 -28.76 -78.74 -4.69
C SER L 262 -27.82 -79.86 -5.12
N ARG L 263 -26.89 -80.24 -4.26
CA ARG L 263 -26.03 -81.41 -4.48
C ARG L 263 -26.82 -82.72 -4.43
N PHE L 264 -27.66 -82.88 -3.41
CA PHE L 264 -28.49 -84.07 -3.33
C PHE L 264 -29.27 -84.23 -4.62
N ALA L 265 -29.90 -83.15 -5.06
CA ALA L 265 -30.73 -83.16 -6.25
C ALA L 265 -29.90 -83.52 -7.48
N ARG L 266 -28.75 -82.88 -7.61
CA ARG L 266 -27.91 -83.11 -8.77
C ARG L 266 -27.41 -84.54 -8.77
N GLY L 267 -26.73 -84.90 -7.67
CA GLY L 267 -26.18 -86.22 -7.47
C GLY L 267 -27.19 -87.33 -7.71
N LEU L 268 -28.42 -87.14 -7.21
CA LEU L 268 -29.41 -88.21 -7.23
C LEU L 268 -29.93 -88.53 -8.63
N LEU L 269 -29.95 -87.52 -9.50
CA LEU L 269 -30.42 -87.70 -10.87
C LEU L 269 -29.38 -88.48 -11.68
N GLU L 270 -28.10 -88.23 -11.44
CA GLU L 270 -27.04 -89.00 -12.08
C GLU L 270 -27.13 -90.48 -11.69
N VAL L 271 -27.15 -90.75 -10.39
CA VAL L 271 -27.38 -92.09 -9.88
C VAL L 271 -28.61 -92.72 -10.56
N GLU L 272 -29.75 -92.05 -10.46
CA GLU L 272 -30.97 -92.59 -11.07
C GLU L 272 -30.82 -92.78 -12.59
N ARG L 273 -29.99 -91.95 -13.22
CA ARG L 273 -29.72 -92.06 -14.65
C ARG L 273 -28.85 -93.28 -14.93
N LEU L 274 -27.72 -93.35 -14.24
CA LEU L 274 -26.81 -94.49 -14.28
C LEU L 274 -27.52 -95.84 -14.06
N MET L 275 -28.31 -95.95 -13.00
CA MET L 275 -29.06 -97.18 -12.71
C MET L 275 -29.91 -97.63 -13.91
N LYS L 276 -30.59 -96.67 -14.51
CA LYS L 276 -31.52 -96.95 -15.60
C LYS L 276 -30.78 -97.23 -16.91
N GLU L 277 -29.60 -96.63 -17.04
CA GLU L 277 -28.77 -96.78 -18.22
C GLU L 277 -28.07 -98.13 -18.22
N CYS L 278 -28.20 -98.86 -17.12
CA CYS L 278 -27.56 -100.17 -16.97
C CYS L 278 -28.57 -101.30 -16.85
N GLY L 279 -29.83 -101.02 -17.13
CA GLY L 279 -30.88 -102.01 -17.14
C GLY L 279 -31.63 -102.21 -15.83
N HIS L 280 -31.18 -101.52 -14.79
CA HIS L 280 -31.70 -101.77 -13.45
C HIS L 280 -32.82 -100.81 -13.05
N GLY L 281 -34.05 -101.31 -13.04
CA GLY L 281 -35.18 -100.53 -12.62
C GLY L 281 -35.33 -100.49 -11.11
N LEU L 282 -35.82 -99.36 -10.60
CA LEU L 282 -36.09 -99.21 -9.18
C LEU L 282 -37.52 -99.61 -8.81
N MET L 283 -37.64 -100.29 -7.69
CA MET L 283 -38.94 -100.64 -7.14
C MET L 283 -39.80 -99.37 -7.02
N HIS L 284 -40.91 -99.35 -7.75
CA HIS L 284 -41.79 -98.19 -7.81
C HIS L 284 -43.25 -98.64 -7.90
N ASN L 285 -44.15 -97.84 -7.35
CA ASN L 285 -45.58 -98.09 -7.37
C ASN L 285 -46.29 -96.86 -7.94
N ASP L 286 -47.34 -97.07 -8.72
CA ASP L 286 -47.97 -95.94 -9.41
C ASP L 286 -48.68 -94.94 -8.50
N ARG L 287 -49.25 -95.43 -7.41
CA ARG L 287 -49.88 -94.56 -6.42
C ARG L 287 -48.89 -94.12 -5.33
N LEU L 288 -48.04 -95.03 -4.89
CA LEU L 288 -47.24 -94.85 -3.68
C LEU L 288 -45.79 -94.35 -3.86
N GLY L 289 -45.40 -94.07 -5.10
CA GLY L 289 -44.05 -93.64 -5.38
C GLY L 289 -43.02 -94.75 -5.20
N TYR L 290 -41.88 -94.43 -4.60
CA TYR L 290 -40.79 -95.40 -4.43
C TYR L 290 -40.99 -96.25 -3.18
N ILE L 291 -40.52 -97.48 -3.26
CA ILE L 291 -40.63 -98.43 -2.17
C ILE L 291 -39.26 -98.85 -1.66
N CYS L 292 -39.11 -98.81 -0.34
CA CYS L 292 -37.96 -99.39 0.33
C CYS L 292 -38.44 -100.40 1.37
N THR L 293 -37.64 -100.62 2.40
CA THR L 293 -37.94 -101.63 3.41
C THR L 293 -39.06 -101.23 4.38
N CYS L 294 -39.10 -99.96 4.77
CA CYS L 294 -40.00 -99.49 5.82
C CYS L 294 -41.13 -98.62 5.25
N PRO L 295 -42.36 -98.80 5.76
CA PRO L 295 -43.47 -97.94 5.34
C PRO L 295 -43.21 -96.44 5.51
N THR L 296 -42.42 -96.04 6.48
CA THR L 296 -42.10 -94.62 6.62
C THR L 296 -41.26 -94.15 5.44
N ASN L 297 -40.70 -95.09 4.70
CA ASN L 297 -39.84 -94.75 3.59
C ASN L 297 -40.40 -95.06 2.21
N MET L 298 -41.45 -94.33 1.85
CA MET L 298 -42.13 -94.46 0.57
C MET L 298 -42.34 -93.06 0.02
N GLY L 299 -42.84 -92.98 -1.20
CA GLY L 299 -42.98 -91.71 -1.90
C GLY L 299 -41.60 -91.22 -2.34
N THR L 300 -41.26 -90.02 -1.90
CA THR L 300 -39.94 -89.44 -2.11
C THR L 300 -38.87 -90.20 -1.31
N VAL L 301 -39.31 -90.96 -0.31
CA VAL L 301 -38.40 -91.68 0.57
C VAL L 301 -37.31 -90.75 1.14
N VAL L 302 -37.63 -89.47 1.26
CA VAL L 302 -36.64 -88.46 1.64
C VAL L 302 -36.65 -88.14 3.14
N ARG L 303 -35.46 -88.04 3.72
CA ARG L 303 -35.33 -87.48 5.05
C ARG L 303 -34.32 -86.32 5.09
N ALA L 304 -34.86 -85.11 5.14
CA ALA L 304 -34.05 -83.89 5.31
C ALA L 304 -33.88 -83.65 6.80
N SER L 305 -32.66 -83.33 7.23
CA SER L 305 -32.41 -83.12 8.66
C SER L 305 -31.43 -81.99 8.98
N VAL L 306 -31.58 -81.46 10.18
CA VAL L 306 -30.60 -80.55 10.73
C VAL L 306 -30.19 -81.08 12.08
N HIS L 307 -28.94 -80.85 12.46
CA HIS L 307 -28.56 -80.96 13.87
C HIS L 307 -28.76 -79.58 14.49
N LEU L 308 -29.72 -79.48 15.41
CA LEU L 308 -30.22 -78.19 15.90
C LEU L 308 -30.06 -78.05 17.40
N ARG L 309 -29.42 -76.99 17.85
CA ARG L 309 -29.24 -76.81 19.28
C ARG L 309 -30.37 -75.96 19.89
N LEU L 310 -31.05 -76.50 20.89
CA LEU L 310 -32.21 -75.84 21.49
C LEU L 310 -32.15 -75.88 23.01
N ALA L 311 -31.09 -75.31 23.57
CA ALA L 311 -30.89 -75.27 25.01
C ALA L 311 -32.12 -74.76 25.77
N PHE L 312 -32.75 -73.73 25.23
CA PHE L 312 -33.89 -73.11 25.90
C PHE L 312 -35.21 -73.82 25.64
N LEU L 313 -35.50 -74.10 24.36
CA LEU L 313 -36.74 -74.72 23.93
C LEU L 313 -36.90 -76.16 24.46
N GLU L 314 -35.80 -76.90 24.50
CA GLU L 314 -35.82 -78.28 24.97
C GLU L 314 -36.32 -78.40 26.41
N LYS L 315 -36.29 -77.30 27.17
CA LYS L 315 -36.76 -77.34 28.56
C LYS L 315 -38.24 -76.97 28.70
N HIS L 316 -38.85 -76.49 27.62
CA HIS L 316 -40.25 -76.10 27.62
C HIS L 316 -41.16 -77.33 27.60
N PRO L 317 -42.28 -77.28 28.34
CA PRO L 317 -43.22 -78.40 28.46
C PRO L 317 -43.84 -78.86 27.13
N ARG L 318 -44.02 -77.94 26.18
CA ARG L 318 -44.75 -78.24 24.95
C ARG L 318 -43.85 -78.35 23.71
N PHE L 319 -42.67 -78.94 23.90
CA PHE L 319 -41.66 -79.08 22.84
C PHE L 319 -42.04 -80.20 21.86
N ASP L 320 -42.35 -81.38 22.39
CA ASP L 320 -42.77 -82.51 21.55
C ASP L 320 -44.11 -82.20 20.88
N GLU L 321 -45.03 -81.63 21.66
CA GLU L 321 -46.34 -81.26 21.13
C GLU L 321 -46.19 -80.42 19.87
N MET L 322 -45.21 -79.52 19.90
CA MET L 322 -44.94 -78.63 18.79
C MET L 322 -44.33 -79.37 17.59
N LEU L 323 -43.34 -80.23 17.88
CA LEU L 323 -42.67 -81.02 16.86
C LEU L 323 -43.65 -81.91 16.11
N GLY L 324 -44.56 -82.52 16.87
CA GLY L 324 -45.59 -83.38 16.32
C GLY L 324 -46.45 -82.62 15.33
N LYS L 325 -46.86 -81.40 15.73
CA LYS L 325 -47.72 -80.54 14.92
C LYS L 325 -47.05 -80.10 13.64
N LEU L 326 -45.78 -79.73 13.73
CA LEU L 326 -45.07 -79.21 12.58
C LEU L 326 -44.75 -80.33 11.63
N ARG L 327 -45.24 -81.54 11.96
CA ARG L 327 -44.92 -82.76 11.19
C ARG L 327 -43.42 -83.01 11.08
N LEU L 328 -42.68 -82.86 12.19
CA LEU L 328 -41.25 -83.09 12.19
C LEU L 328 -40.86 -84.19 13.16
N GLY L 329 -39.97 -85.07 12.70
CA GLY L 329 -39.47 -86.18 13.50
C GLY L 329 -38.29 -85.80 14.38
N LYS L 330 -38.16 -86.52 15.49
CA LYS L 330 -37.13 -86.20 16.46
C LYS L 330 -36.24 -87.42 16.71
N ARG L 331 -34.93 -87.20 16.68
CA ARG L 331 -33.96 -88.26 16.94
C ARG L 331 -32.81 -87.66 17.70
N GLY L 332 -31.90 -88.50 18.16
CA GLY L 332 -30.72 -88.04 18.87
C GLY L 332 -29.59 -87.70 17.92
N THR L 333 -28.55 -87.06 18.44
CA THR L 333 -27.45 -86.52 17.64
C THR L 333 -26.69 -87.56 16.79
N GLY L 334 -26.79 -88.84 17.17
CA GLY L 334 -26.05 -89.89 16.50
C GLY L 334 -26.97 -90.77 15.68
N GLY L 335 -28.20 -90.32 15.57
CA GLY L 335 -29.19 -91.00 14.77
C GLY L 335 -30.35 -91.48 15.61
N GLU L 336 -31.21 -92.27 14.95
CA GLU L 336 -32.37 -92.89 15.54
C GLU L 336 -32.15 -93.45 16.95
N SER L 337 -31.27 -94.45 17.05
CA SER L 337 -31.10 -95.18 18.30
C SER L 337 -30.12 -94.52 19.27
N SER L 338 -30.23 -93.21 19.42
CA SER L 338 -29.39 -92.49 20.37
C SER L 338 -30.16 -91.32 20.94
N LEU L 339 -29.54 -90.59 21.84
CA LEU L 339 -30.16 -89.43 22.45
C LEU L 339 -29.47 -88.15 21.99
N ALA L 340 -30.05 -87.01 22.39
CA ALA L 340 -29.50 -85.72 22.03
C ALA L 340 -28.24 -85.49 22.85
N THR L 341 -27.33 -84.69 22.31
CA THR L 341 -26.15 -84.29 23.07
C THR L 341 -25.94 -82.79 22.95
N ASP L 342 -25.57 -82.17 24.07
CA ASP L 342 -25.33 -80.75 24.15
C ASP L 342 -26.57 -79.94 23.77
N SER L 343 -27.73 -80.38 24.23
CA SER L 343 -28.97 -79.73 23.88
C SER L 343 -29.21 -79.74 22.38
N THR L 344 -28.54 -80.66 21.69
CA THR L 344 -28.57 -80.68 20.23
C THR L 344 -29.32 -81.90 19.72
N TYR L 345 -30.30 -81.64 18.86
CA TYR L 345 -31.15 -82.71 18.31
C TYR L 345 -30.94 -82.93 16.84
N ASP L 346 -31.31 -84.12 16.36
CA ASP L 346 -31.53 -84.35 14.93
C ASP L 346 -33.01 -84.06 14.68
N ILE L 347 -33.27 -83.14 13.77
CA ILE L 347 -34.64 -82.68 13.50
C ILE L 347 -34.94 -82.74 12.01
N SER L 348 -36.06 -83.35 11.64
CA SER L 348 -36.29 -83.70 10.24
C SER L 348 -37.77 -83.81 9.92
N ASN L 349 -38.09 -83.94 8.63
CA ASN L 349 -39.46 -84.19 8.23
C ASN L 349 -39.86 -85.64 8.47
N TRP L 350 -40.97 -85.78 9.19
CA TRP L 350 -41.63 -87.04 9.44
C TRP L 350 -42.23 -87.70 8.18
N ALA L 351 -42.84 -86.90 7.31
CA ALA L 351 -43.57 -87.43 6.16
C ALA L 351 -42.67 -87.61 4.95
N ARG L 352 -42.93 -88.66 4.18
CA ARG L 352 -42.10 -88.96 3.01
C ARG L 352 -43.00 -89.22 1.82
N LEU L 353 -44.24 -89.60 2.12
CA LEU L 353 -45.19 -90.00 1.11
C LEU L 353 -46.29 -88.95 1.01
N GLY L 354 -46.51 -88.44 -0.21
CA GLY L 354 -47.61 -87.53 -0.44
C GLY L 354 -47.24 -86.07 -0.55
N LYS L 355 -45.94 -85.80 -0.69
CA LYS L 355 -45.46 -84.43 -0.91
C LYS L 355 -44.13 -84.46 -1.63
N SER L 356 -43.99 -83.60 -2.63
CA SER L 356 -42.78 -83.56 -3.46
C SER L 356 -41.49 -83.39 -2.65
N GLU L 357 -40.37 -83.55 -3.33
CA GLU L 357 -39.04 -83.39 -2.73
C GLU L 357 -38.88 -81.98 -2.16
N ARG L 358 -39.24 -80.98 -2.96
CA ARG L 358 -39.01 -79.60 -2.59
C ARG L 358 -39.97 -79.18 -1.47
N GLU L 359 -41.18 -79.74 -1.52
CA GLU L 359 -42.20 -79.52 -0.50
C GLU L 359 -41.77 -80.05 0.87
N LEU L 360 -40.99 -81.12 0.87
CA LEU L 360 -40.56 -81.69 2.14
C LEU L 360 -39.44 -80.89 2.79
N VAL L 361 -38.57 -80.30 1.98
CA VAL L 361 -37.52 -79.45 2.53
C VAL L 361 -38.12 -78.12 3.01
N GLN L 362 -39.19 -77.69 2.36
CA GLN L 362 -39.81 -76.42 2.71
C GLN L 362 -40.47 -76.54 4.08
N VAL L 363 -40.95 -77.74 4.37
CA VAL L 363 -41.58 -78.03 5.66
C VAL L 363 -40.56 -78.14 6.78
N LEU L 364 -39.32 -78.45 6.43
CA LEU L 364 -38.25 -78.50 7.42
C LEU L 364 -37.80 -77.07 7.77
N VAL L 365 -37.39 -76.34 6.74
CA VAL L 365 -37.00 -74.94 6.90
C VAL L 365 -38.00 -74.14 7.75
N ASP L 366 -39.29 -74.41 7.56
CA ASP L 366 -40.34 -73.66 8.26
C ASP L 366 -40.47 -74.07 9.72
N GLY L 367 -40.47 -75.38 9.96
CA GLY L 367 -40.43 -75.88 11.33
C GLY L 367 -39.18 -75.41 12.04
N VAL L 368 -38.04 -75.49 11.37
CA VAL L 368 -36.78 -75.09 11.98
C VAL L 368 -36.81 -73.65 12.43
N ASN L 369 -37.23 -72.76 11.52
CA ASN L 369 -37.31 -71.33 11.80
C ASN L 369 -38.20 -70.97 13.01
N LEU L 370 -39.30 -71.70 13.16
CA LEU L 370 -40.16 -71.50 14.32
C LEU L 370 -39.47 -72.04 15.55
N LEU L 371 -38.81 -73.20 15.41
CA LEU L 371 -38.07 -73.78 16.54
C LEU L 371 -37.09 -72.74 17.09
N ILE L 372 -36.30 -72.14 16.19
CA ILE L 372 -35.29 -71.15 16.58
C ILE L 372 -35.91 -69.88 17.18
N ALA L 373 -36.91 -69.32 16.52
CA ALA L 373 -37.65 -68.18 17.05
C ALA L 373 -38.20 -68.47 18.44
N CYS L 374 -38.66 -69.70 18.66
CA CYS L 374 -39.16 -70.09 19.98
C CYS L 374 -38.03 -70.10 21.02
N ASP L 375 -36.83 -70.50 20.59
CA ASP L 375 -35.68 -70.57 21.49
C ASP L 375 -35.14 -69.18 21.80
N LYS L 376 -35.30 -68.25 20.85
CA LYS L 376 -34.84 -66.87 21.03
C LYS L 376 -35.72 -66.08 22.01
N LYS L 377 -37.03 -66.31 21.95
CA LYS L 377 -37.97 -65.70 22.89
C LYS L 377 -37.73 -66.20 24.31
N LEU L 378 -37.53 -67.50 24.46
CA LEU L 378 -37.29 -68.08 25.77
C LEU L 378 -35.96 -67.59 26.33
N GLU L 379 -34.98 -67.40 25.46
CA GLU L 379 -33.72 -66.82 25.90
C GLU L 379 -33.98 -65.44 26.53
N ALA L 380 -34.72 -64.61 25.81
CA ALA L 380 -35.06 -63.27 26.29
C ALA L 380 -36.15 -63.29 27.37
N GLY L 381 -36.17 -64.34 28.17
CA GLY L 381 -37.13 -64.48 29.25
C GLY L 381 -38.54 -64.06 28.84
N GLN L 382 -39.06 -64.70 27.81
CA GLN L 382 -40.33 -64.30 27.23
C GLN L 382 -41.22 -65.53 27.01
N SER L 383 -42.37 -65.33 26.34
CA SER L 383 -43.34 -66.41 26.19
C SER L 383 -43.54 -66.86 24.76
N ILE L 384 -44.01 -68.09 24.59
CA ILE L 384 -44.21 -68.67 23.25
C ILE L 384 -45.58 -69.35 23.13
N ASP L 385 -46.33 -69.34 24.20
CA ASP L 385 -47.70 -69.87 24.24
C ASP L 385 -48.48 -69.67 22.94
N ASP L 386 -48.38 -68.47 22.36
CA ASP L 386 -49.17 -68.11 21.19
C ASP L 386 -48.48 -68.44 19.87
N MET L 387 -47.22 -68.85 19.94
CA MET L 387 -46.46 -69.20 18.74
C MET L 387 -46.61 -70.67 18.44
N ILE L 388 -46.84 -71.47 19.48
CA ILE L 388 -47.08 -72.90 19.30
C ILE L 388 -48.27 -73.14 18.39
N PRO L 389 -48.12 -74.06 17.43
CA PRO L 389 -49.24 -74.34 16.53
C PRO L 389 -50.48 -74.76 17.32
N LYS L 390 -51.65 -74.27 16.92
CA LYS L 390 -52.90 -74.70 17.54
C LYS L 390 -53.28 -76.09 17.06
N LYS M 24 -14.89 50.15 -81.35
CA LYS M 24 -14.46 51.50 -80.99
C LYS M 24 -14.04 51.60 -79.53
N PHE M 25 -14.62 50.75 -78.68
CA PHE M 25 -14.21 50.67 -77.29
C PHE M 25 -13.76 49.27 -76.89
N LYS M 26 -12.60 49.19 -76.25
CA LYS M 26 -12.09 47.97 -75.62
C LYS M 26 -12.71 47.80 -74.23
N ALA M 27 -12.44 46.65 -73.63
CA ALA M 27 -12.92 46.41 -72.27
C ALA M 27 -12.34 47.46 -71.33
N ALA M 28 -11.09 47.85 -71.57
CA ALA M 28 -10.38 48.75 -70.66
C ALA M 28 -11.02 50.13 -70.60
N ASP M 29 -11.58 50.59 -71.72
CA ASP M 29 -12.24 51.91 -71.77
C ASP M 29 -13.51 51.87 -70.94
N ASN M 30 -14.02 50.66 -70.69
CA ASN M 30 -15.31 50.47 -70.02
C ASN M 30 -15.17 50.01 -68.57
N PHE M 31 -13.96 49.68 -68.14
CA PHE M 31 -13.73 49.20 -66.78
C PHE M 31 -14.34 50.14 -65.74
N PRO M 32 -15.03 49.57 -64.75
CA PRO M 32 -15.63 50.36 -63.67
C PRO M 32 -14.56 50.89 -62.72
N ASP M 33 -14.65 52.17 -62.37
CA ASP M 33 -13.79 52.75 -61.33
C ASP M 33 -14.35 52.35 -59.96
N LEU M 34 -13.64 51.47 -59.29
CA LEU M 34 -14.14 50.87 -58.05
C LEU M 34 -13.41 51.38 -56.81
N SER M 35 -12.75 52.52 -56.98
CA SER M 35 -11.93 53.13 -55.92
C SER M 35 -12.65 53.24 -54.59
N LYS M 36 -13.89 53.73 -54.62
CA LYS M 36 -14.64 53.94 -53.39
C LYS M 36 -15.10 52.63 -52.78
N HIS M 37 -15.52 51.73 -53.65
CA HIS M 37 -16.28 50.55 -53.27
C HIS M 37 -15.68 49.69 -52.15
N ASN M 38 -16.56 48.98 -51.46
CA ASN M 38 -16.17 47.93 -50.54
C ASN M 38 -17.26 46.85 -50.61
N ASN M 39 -17.12 45.95 -51.57
CA ASN M 39 -18.06 44.83 -51.70
C ASN M 39 -17.43 43.61 -52.37
N VAL M 40 -18.06 42.46 -52.20
CA VAL M 40 -17.53 41.19 -52.71
C VAL M 40 -17.01 41.32 -54.14
N MET M 41 -17.89 41.72 -55.06
CA MET M 41 -17.51 41.94 -56.44
C MET M 41 -16.20 42.71 -56.54
N ALA M 42 -16.18 43.95 -56.03
CA ALA M 42 -14.97 44.77 -56.12
C ALA M 42 -13.73 44.10 -55.51
N SER M 43 -13.90 43.35 -54.43
CA SER M 43 -12.78 42.62 -53.85
C SER M 43 -12.28 41.52 -54.81
N GLN M 44 -13.05 41.25 -55.85
CA GLN M 44 -12.79 40.08 -56.68
C GLN M 44 -12.78 40.37 -58.19
N LEU M 45 -12.95 41.63 -58.57
CA LEU M 45 -12.94 42.00 -59.98
C LEU M 45 -11.58 42.51 -60.43
N THR M 46 -11.02 41.85 -61.45
CA THR M 46 -9.74 42.28 -62.02
C THR M 46 -9.99 42.74 -63.46
N LYS M 47 -9.00 43.38 -64.05
CA LYS M 47 -9.11 43.86 -65.43
C LYS M 47 -9.09 42.68 -66.41
N GLU M 48 -8.35 41.63 -66.04
CA GLU M 48 -8.30 40.38 -66.79
C GLU M 48 -9.66 39.67 -66.83
N LEU M 49 -10.32 39.56 -65.70
CA LEU M 49 -11.64 38.93 -65.64
C LEU M 49 -12.71 39.74 -66.38
N TYR M 50 -12.51 41.05 -66.46
CA TYR M 50 -13.44 41.91 -67.15
C TYR M 50 -13.20 41.74 -68.64
N GLU M 51 -11.92 41.84 -69.04
CA GLU M 51 -11.54 41.66 -70.43
C GLU M 51 -12.06 40.35 -70.97
N LYS M 52 -11.90 39.29 -70.19
CA LYS M 52 -12.31 37.95 -70.58
C LYS M 52 -13.83 37.80 -70.75
N TYR M 53 -14.59 38.24 -69.75
CA TYR M 53 -16.04 38.11 -69.82
C TYR M 53 -16.69 39.25 -70.61
N TRP M 54 -16.65 40.46 -70.05
CA TRP M 54 -17.27 41.66 -70.63
C TRP M 54 -18.10 41.52 -71.94
N ASP M 55 -17.52 40.90 -72.97
CA ASP M 55 -18.22 40.72 -74.26
C ASP M 55 -18.89 39.33 -74.46
N LYS M 56 -18.95 38.55 -73.39
CA LYS M 56 -19.55 37.20 -73.41
C LYS M 56 -20.98 37.25 -72.86
N VAL M 57 -21.94 36.79 -73.66
CA VAL M 57 -23.35 36.84 -73.31
C VAL M 57 -23.96 35.44 -73.18
N THR M 58 -24.83 35.25 -72.20
CA THR M 58 -25.54 33.99 -72.03
C THR M 58 -26.72 33.86 -73.01
N PRO M 59 -27.14 32.62 -73.30
CA PRO M 59 -28.28 32.27 -74.16
C PRO M 59 -29.53 33.15 -74.02
N ASN M 60 -29.82 33.68 -72.83
CA ASN M 60 -31.00 34.55 -72.64
C ASN M 60 -30.71 36.05 -72.77
N GLY M 61 -29.53 36.41 -73.28
CA GLY M 61 -29.17 37.81 -73.46
C GLY M 61 -28.56 38.52 -72.26
N VAL M 62 -28.31 37.77 -71.18
CA VAL M 62 -27.67 38.34 -70.00
C VAL M 62 -26.18 38.61 -70.21
N THR M 63 -25.72 39.79 -69.80
CA THR M 63 -24.32 40.17 -69.97
C THR M 63 -23.56 40.22 -68.63
N PHE M 64 -22.24 40.38 -68.72
CA PHE M 64 -21.39 40.39 -67.52
C PHE M 64 -21.54 41.72 -66.80
N ASP M 65 -21.86 42.76 -67.56
CA ASP M 65 -22.10 44.07 -66.98
C ASP M 65 -23.36 44.03 -66.11
N LYS M 66 -24.46 43.53 -66.67
CA LYS M 66 -25.66 43.23 -65.90
C LYS M 66 -25.27 42.71 -64.53
N CYS M 67 -24.37 41.72 -64.54
CA CYS M 67 -24.02 40.89 -63.39
C CYS M 67 -23.22 41.55 -62.26
N ILE M 68 -22.66 42.74 -62.49
CA ILE M 68 -21.92 43.44 -61.42
C ILE M 68 -22.54 44.81 -61.14
N GLN M 69 -23.20 45.37 -62.16
CA GLN M 69 -23.78 46.71 -62.16
C GLN M 69 -24.16 47.23 -60.77
N THR M 70 -25.15 46.57 -60.15
CA THR M 70 -25.60 46.92 -58.82
C THR M 70 -24.46 47.12 -57.81
N GLY M 71 -23.42 46.31 -57.91
CA GLY M 71 -22.28 46.47 -57.04
C GLY M 71 -21.46 47.69 -57.44
N VAL M 72 -21.70 48.22 -58.63
CA VAL M 72 -21.00 49.43 -59.09
C VAL M 72 -21.75 50.69 -58.68
N ASP M 73 -23.01 50.51 -58.31
CA ASP M 73 -23.83 51.62 -57.85
C ASP M 73 -23.74 51.68 -56.34
N ASN M 74 -23.36 50.56 -55.74
CA ASN M 74 -23.39 50.45 -54.30
C ASN M 74 -21.99 50.29 -53.69
N PRO M 75 -21.25 51.41 -53.62
CA PRO M 75 -19.86 51.41 -53.15
C PRO M 75 -19.77 51.15 -51.65
N GLY M 76 -20.89 51.24 -50.96
CA GLY M 76 -20.90 51.10 -49.50
C GLY M 76 -22.18 50.54 -48.96
N ASN M 77 -22.58 51.02 -47.78
CA ASN M 77 -23.71 50.46 -47.07
C ASN M 77 -23.90 51.19 -45.74
N LYS M 78 -25.04 51.87 -45.60
CA LYS M 78 -25.32 52.66 -44.41
C LYS M 78 -25.54 51.76 -43.21
N PHE M 79 -26.00 50.55 -43.48
CA PHE M 79 -26.36 49.62 -42.42
C PHE M 79 -25.24 48.63 -42.08
N TYR M 80 -25.60 47.38 -41.80
CA TYR M 80 -24.61 46.43 -41.29
C TYR M 80 -23.98 45.54 -42.37
N GLY M 81 -22.67 45.31 -42.25
CA GLY M 81 -22.01 44.29 -43.04
C GLY M 81 -21.69 44.60 -44.50
N LYS M 82 -20.80 43.80 -45.06
CA LYS M 82 -20.35 43.96 -46.43
C LYS M 82 -21.39 43.41 -47.42
N LYS M 83 -21.59 44.14 -48.52
CA LYS M 83 -22.51 43.70 -49.57
C LYS M 83 -21.82 42.84 -50.63
N THR M 84 -22.61 42.02 -51.32
CA THR M 84 -22.08 41.11 -52.34
C THR M 84 -21.88 41.81 -53.69
N GLY M 85 -22.84 42.65 -54.06
CA GLY M 85 -22.71 43.45 -55.27
C GLY M 85 -22.55 42.69 -56.57
N CYS M 86 -23.26 41.57 -56.69
CA CYS M 86 -23.39 40.87 -57.98
C CYS M 86 -24.62 39.96 -57.96
N VAL M 87 -25.03 39.50 -59.14
CA VAL M 87 -26.22 38.67 -59.27
C VAL M 87 -26.09 37.67 -60.41
N PHE M 88 -26.87 36.60 -60.34
CA PHE M 88 -27.10 35.73 -61.47
C PHE M 88 -28.35 36.24 -62.17
N GLY M 89 -28.26 36.41 -63.48
CA GLY M 89 -29.39 36.86 -64.29
C GLY M 89 -30.25 35.71 -64.82
N ASP M 90 -29.64 34.55 -64.96
CA ASP M 90 -30.38 33.38 -65.42
C ASP M 90 -29.71 32.11 -64.94
N GLU M 91 -30.14 30.99 -65.53
CA GLU M 91 -29.61 29.68 -65.21
C GLU M 91 -28.14 29.53 -65.62
N TYR M 92 -27.77 30.19 -66.70
CA TYR M 92 -26.45 30.03 -67.31
C TYR M 92 -25.44 31.04 -66.80
N SER M 93 -25.87 31.95 -65.94
CA SER M 93 -25.00 33.03 -65.45
C SER M 93 -23.76 32.46 -64.76
N TYR M 94 -23.96 31.39 -63.98
CA TYR M 94 -22.85 30.85 -63.22
C TYR M 94 -21.74 30.29 -64.11
N GLU M 95 -22.07 29.34 -64.97
CA GLU M 95 -21.03 28.62 -65.70
C GLU M 95 -20.45 29.45 -66.85
N CYS M 96 -20.97 30.67 -67.03
CA CYS M 96 -20.48 31.57 -68.08
C CYS M 96 -19.42 32.54 -67.56
N TYR M 97 -19.50 32.85 -66.27
CA TYR M 97 -18.51 33.70 -65.61
C TYR M 97 -18.11 33.01 -64.31
N LYS M 98 -17.71 31.75 -64.43
CA LYS M 98 -17.46 30.89 -63.26
C LYS M 98 -16.17 31.23 -62.51
N GLU M 99 -15.15 31.67 -63.24
CA GLU M 99 -13.89 32.05 -62.60
C GLU M 99 -14.11 33.24 -61.67
N PHE M 100 -14.94 34.19 -62.10
CA PHE M 100 -15.26 35.31 -61.24
C PHE M 100 -16.12 34.82 -60.08
N PHE M 101 -17.32 34.32 -60.41
CA PHE M 101 -18.31 34.01 -59.38
C PHE M 101 -17.77 33.11 -58.31
N ASP M 102 -16.96 32.15 -58.71
CA ASP M 102 -16.27 31.30 -57.76
C ASP M 102 -15.64 32.12 -56.64
N LYS M 103 -14.78 33.06 -57.00
CA LYS M 103 -14.03 33.84 -56.01
C LYS M 103 -14.95 34.59 -55.03
N CYS M 104 -16.19 34.83 -55.45
CA CYS M 104 -17.15 35.48 -54.58
C CYS M 104 -17.67 34.41 -53.64
N ILE M 105 -18.03 33.27 -54.23
CA ILE M 105 -18.52 32.14 -53.47
C ILE M 105 -17.52 31.77 -52.38
N GLU M 106 -16.24 31.71 -52.74
CA GLU M 106 -15.23 31.35 -51.74
C GLU M 106 -15.11 32.39 -50.62
N GLU M 107 -15.29 33.66 -50.96
CA GLU M 107 -15.23 34.72 -49.94
C GLU M 107 -16.46 34.72 -49.03
N ILE M 108 -17.62 34.35 -49.58
CA ILE M 108 -18.86 34.33 -48.80
C ILE M 108 -19.03 33.03 -48.02
N HIS M 109 -18.72 31.90 -48.65
CA HIS M 109 -19.09 30.60 -48.10
C HIS M 109 -17.93 29.80 -47.54
N HIS M 110 -16.69 30.23 -47.81
CA HIS M 110 -15.51 29.44 -47.50
C HIS M 110 -15.61 28.13 -48.26
N PHE M 111 -16.20 28.22 -49.46
CA PHE M 111 -16.45 27.05 -50.30
C PHE M 111 -15.65 27.18 -51.59
N LYS M 112 -14.93 26.11 -51.95
CA LYS M 112 -13.99 26.16 -53.07
C LYS M 112 -14.52 25.45 -54.33
N PRO M 113 -13.88 25.72 -55.48
CA PRO M 113 -14.28 25.12 -56.76
C PRO M 113 -14.00 23.61 -56.80
N SER M 114 -13.36 23.09 -55.77
CA SER M 114 -13.09 21.66 -55.65
C SER M 114 -14.09 21.02 -54.69
N ASP M 115 -14.81 21.84 -53.96
CA ASP M 115 -15.78 21.38 -52.97
C ASP M 115 -17.13 21.03 -53.57
N LYS M 116 -17.94 20.36 -52.76
CA LYS M 116 -19.27 19.93 -53.14
C LYS M 116 -20.24 20.19 -51.97
N HIS M 117 -21.52 20.26 -52.29
CA HIS M 117 -22.55 20.61 -51.32
C HIS M 117 -23.18 19.34 -50.75
N PRO M 118 -23.39 19.31 -49.42
CA PRO M 118 -23.93 18.13 -48.75
C PRO M 118 -25.38 17.77 -49.11
N ALA M 119 -25.71 16.50 -48.89
CA ALA M 119 -27.10 16.06 -49.00
C ALA M 119 -27.96 16.85 -48.03
N PRO M 120 -29.24 17.01 -48.36
CA PRO M 120 -30.21 17.66 -47.48
C PRO M 120 -30.22 17.07 -46.08
N ASP M 121 -30.50 17.91 -45.08
CA ASP M 121 -30.71 17.42 -43.72
C ASP M 121 -31.79 18.25 -43.04
N LEU M 122 -33.01 17.71 -43.00
CA LEU M 122 -34.16 18.44 -42.48
C LEU M 122 -34.71 17.85 -41.18
N ASP M 123 -34.01 16.87 -40.62
CA ASP M 123 -34.46 16.23 -39.39
C ASP M 123 -34.30 17.17 -38.20
N HIS M 124 -35.35 17.93 -37.92
CA HIS M 124 -35.32 18.93 -36.86
C HIS M 124 -35.10 18.30 -35.48
N ASN M 125 -35.35 16.99 -35.39
CA ASN M 125 -35.25 16.28 -34.12
C ASN M 125 -33.82 16.22 -33.54
N LYS M 126 -32.83 16.37 -34.42
CA LYS M 126 -31.43 16.21 -34.03
C LYS M 126 -30.82 17.47 -33.44
N LEU M 127 -31.53 18.59 -33.63
CA LEU M 127 -31.09 19.89 -33.17
C LEU M 127 -30.93 19.86 -31.65
N VAL M 128 -29.78 20.29 -31.16
CA VAL M 128 -29.52 20.29 -29.71
C VAL M 128 -29.75 21.68 -29.12
N GLY M 129 -30.71 21.78 -28.22
CA GLY M 129 -31.19 23.07 -27.78
C GLY M 129 -32.12 23.65 -28.83
N GLY M 130 -32.18 24.97 -28.91
CA GLY M 130 -33.06 25.64 -29.86
C GLY M 130 -34.33 26.20 -29.25
N VAL M 131 -34.47 26.06 -27.93
CA VAL M 131 -35.56 26.71 -27.21
C VAL M 131 -35.00 27.76 -26.26
N PHE M 132 -35.12 29.02 -26.68
CA PHE M 132 -34.46 30.11 -25.99
C PHE M 132 -35.37 30.79 -24.98
N GLU M 133 -34.76 31.60 -24.11
CA GLU M 133 -35.49 32.41 -23.15
C GLU M 133 -36.18 33.59 -23.84
N ASP M 134 -37.36 33.94 -23.36
CA ASP M 134 -38.10 35.10 -23.85
C ASP M 134 -37.35 36.40 -23.62
N LYS M 135 -36.63 36.49 -22.52
CA LYS M 135 -35.88 37.69 -22.17
C LYS M 135 -34.95 38.14 -23.29
N TYR M 136 -34.44 37.18 -24.07
CA TYR M 136 -33.45 37.47 -25.10
C TYR M 136 -33.99 37.30 -26.51
N VAL M 137 -34.67 36.19 -26.75
CA VAL M 137 -35.24 35.91 -28.07
C VAL M 137 -36.71 36.29 -28.16
N LYS M 138 -37.00 37.32 -28.97
CA LYS M 138 -38.35 37.84 -29.10
C LYS M 138 -39.11 37.13 -30.22
N SER M 139 -38.36 36.58 -31.18
CA SER M 139 -38.96 35.79 -32.25
C SER M 139 -37.98 35.02 -33.10
N CYS M 140 -38.48 33.94 -33.72
CA CYS M 140 -37.64 33.06 -34.51
C CYS M 140 -38.26 32.90 -35.90
N ARG M 141 -37.43 32.68 -36.89
CA ARG M 141 -37.86 32.59 -38.26
C ARG M 141 -36.80 31.89 -39.10
N ILE M 142 -37.22 30.91 -39.89
CA ILE M 142 -36.34 30.30 -40.87
C ILE M 142 -36.92 30.51 -42.26
N ARG M 143 -36.05 30.81 -43.23
CA ARG M 143 -36.48 31.07 -44.60
C ARG M 143 -35.53 30.44 -45.61
N CYS M 144 -36.01 30.25 -46.84
CA CYS M 144 -35.17 29.73 -47.92
C CYS M 144 -35.68 30.19 -49.28
N GLY M 145 -34.77 30.35 -50.23
CA GLY M 145 -35.14 30.74 -51.57
C GLY M 145 -35.23 29.54 -52.50
N ARG M 146 -35.98 29.71 -53.58
CA ARG M 146 -36.12 28.69 -54.61
C ARG M 146 -36.52 29.40 -55.89
N SER M 147 -35.97 28.94 -57.02
CA SER M 147 -36.25 29.55 -58.33
C SER M 147 -36.66 28.53 -59.39
N VAL M 148 -37.36 29.00 -60.42
CA VAL M 148 -37.97 28.11 -61.42
C VAL M 148 -37.14 27.95 -62.70
N LYS M 149 -36.54 26.78 -62.86
CA LYS M 149 -35.72 26.47 -64.04
C LYS M 149 -36.45 26.81 -65.34
N GLY M 150 -35.70 27.09 -66.40
CA GLY M 150 -36.28 27.37 -67.70
C GLY M 150 -36.77 28.79 -67.86
N VAL M 151 -36.64 29.57 -66.79
CA VAL M 151 -37.03 30.97 -66.81
C VAL M 151 -35.97 31.89 -66.17
N CYS M 152 -35.95 33.13 -66.62
CA CYS M 152 -34.98 34.12 -66.13
C CYS M 152 -35.16 34.44 -64.65
N LEU M 153 -34.06 34.72 -63.98
CA LEU M 153 -34.09 35.15 -62.58
C LEU M 153 -34.59 36.59 -62.55
N PRO M 154 -35.19 37.00 -61.42
CA PRO M 154 -35.88 38.28 -61.19
C PRO M 154 -35.17 39.56 -61.66
N PRO M 155 -33.83 39.62 -61.59
CA PRO M 155 -33.18 40.84 -62.05
C PRO M 155 -33.39 41.11 -63.54
N ALA M 156 -33.66 40.06 -64.32
CA ALA M 156 -33.68 40.17 -65.78
C ALA M 156 -34.88 39.50 -66.47
N MET M 157 -35.75 38.87 -65.68
CA MET M 157 -36.94 38.22 -66.24
C MET M 157 -37.93 39.23 -66.84
N SER M 158 -38.44 38.92 -68.03
CA SER M 158 -39.44 39.74 -68.70
C SER M 158 -40.79 39.56 -68.00
N ARG M 159 -41.68 40.54 -68.19
CA ARG M 159 -43.02 40.53 -67.59
C ARG M 159 -43.76 39.21 -67.82
N ALA M 160 -43.60 38.66 -69.01
CA ALA M 160 -44.27 37.42 -69.39
C ALA M 160 -43.78 36.24 -68.54
N GLU M 161 -42.50 36.27 -68.19
CA GLU M 161 -41.90 35.26 -67.31
C GLU M 161 -42.39 35.44 -65.86
N ARG M 162 -42.38 36.68 -65.38
CA ARG M 162 -42.85 36.95 -64.04
C ARG M 162 -44.32 36.52 -63.90
N ARG M 163 -45.10 36.71 -64.97
CA ARG M 163 -46.49 36.26 -64.99
C ARG M 163 -46.61 34.74 -65.09
N LEU M 164 -45.69 34.09 -65.81
CA LEU M 164 -45.70 32.63 -65.86
C LEU M 164 -45.27 32.00 -64.52
N VAL M 165 -44.24 32.57 -63.91
CA VAL M 165 -43.78 32.11 -62.61
C VAL M 165 -44.83 32.37 -61.52
N GLU M 166 -45.65 33.39 -61.70
CA GLU M 166 -46.71 33.67 -60.74
C GLU M 166 -47.84 32.65 -60.87
N LYS M 167 -48.19 32.30 -62.11
CA LYS M 167 -49.30 31.40 -62.38
C LYS M 167 -49.02 30.11 -61.66
N VAL M 168 -47.91 29.50 -62.06
CA VAL M 168 -47.51 28.18 -61.64
C VAL M 168 -47.44 28.02 -60.13
N VAL M 169 -46.77 28.96 -59.47
CA VAL M 169 -46.53 28.87 -58.03
C VAL M 169 -47.76 29.11 -57.16
N SER M 170 -48.69 29.94 -57.65
CA SER M 170 -49.91 30.17 -56.89
C SER M 170 -50.79 28.94 -57.04
N ASP M 171 -50.76 28.35 -58.22
CA ASP M 171 -51.49 27.14 -58.53
C ASP M 171 -51.15 26.04 -57.53
N ALA M 172 -49.94 25.51 -57.66
CA ALA M 172 -49.49 24.35 -56.89
C ALA M 172 -49.66 24.52 -55.38
N LEU M 173 -49.55 25.75 -54.89
CA LEU M 173 -49.72 26.03 -53.47
C LEU M 173 -51.17 25.77 -53.05
N GLY M 174 -52.05 25.68 -54.04
CA GLY M 174 -53.43 25.29 -53.83
C GLY M 174 -53.55 23.84 -53.40
N GLY M 175 -52.48 23.07 -53.59
CA GLY M 175 -52.48 21.67 -53.21
C GLY M 175 -52.21 21.45 -51.73
N LEU M 176 -51.98 22.54 -51.00
CA LEU M 176 -51.67 22.46 -49.57
C LEU M 176 -52.95 22.30 -48.75
N LYS M 177 -52.84 21.59 -47.63
CA LYS M 177 -53.99 21.23 -46.82
C LYS M 177 -53.77 21.50 -45.35
N GLY M 178 -54.83 21.31 -44.56
CA GLY M 178 -54.74 21.36 -43.11
C GLY M 178 -54.29 22.69 -42.56
N ASP M 179 -53.23 22.66 -41.76
CA ASP M 179 -52.71 23.88 -41.16
C ASP M 179 -51.73 24.57 -42.10
N LEU M 180 -51.52 23.98 -43.28
CA LEU M 180 -50.71 24.60 -44.31
C LEU M 180 -51.57 25.10 -45.47
N ALA M 181 -52.88 24.93 -45.36
CA ALA M 181 -53.80 25.46 -46.36
C ALA M 181 -53.88 26.98 -46.27
N GLY M 182 -53.89 27.64 -47.43
CA GLY M 182 -53.96 29.08 -47.46
C GLY M 182 -54.29 29.68 -48.82
N LYS M 183 -54.24 31.00 -48.88
CA LYS M 183 -54.58 31.73 -50.10
C LYS M 183 -53.37 32.50 -50.63
N TYR M 184 -53.42 32.90 -51.88
CA TYR M 184 -52.36 33.70 -52.46
C TYR M 184 -52.86 35.10 -52.78
N TYR M 185 -52.36 36.08 -52.03
CA TYR M 185 -52.80 37.45 -52.16
C TYR M 185 -51.84 38.26 -53.01
N PRO M 186 -52.15 38.41 -54.32
CA PRO M 186 -51.30 39.19 -55.23
C PRO M 186 -51.23 40.64 -54.76
N LEU M 187 -50.15 41.34 -55.10
CA LEU M 187 -49.89 42.66 -54.53
C LEU M 187 -50.67 43.76 -55.23
N THR M 188 -51.04 43.53 -56.49
CA THR M 188 -51.82 44.51 -57.24
C THR M 188 -53.21 44.72 -56.64
N THR M 189 -53.74 43.73 -55.93
CA THR M 189 -55.08 43.86 -55.35
C THR M 189 -55.10 43.96 -53.83
N MET M 190 -53.95 44.22 -53.22
CA MET M 190 -53.89 44.39 -51.76
C MET M 190 -53.78 45.86 -51.41
N ASN M 191 -54.62 46.33 -50.50
CA ASN M 191 -54.67 47.76 -50.23
C ASN M 191 -53.46 48.26 -49.45
N GLU M 192 -53.22 49.56 -49.51
CA GLU M 192 -52.01 50.14 -48.93
C GLU M 192 -51.83 49.85 -47.45
N LYS M 193 -52.91 49.90 -46.69
CA LYS M 193 -52.81 49.74 -45.23
C LYS M 193 -52.58 48.29 -44.78
N ASP M 194 -53.12 47.33 -45.52
CA ASP M 194 -52.88 45.93 -45.18
C ASP M 194 -51.41 45.64 -45.40
N GLN M 195 -50.92 46.01 -46.58
CA GLN M 195 -49.51 45.91 -46.89
C GLN M 195 -48.67 46.37 -45.70
N GLU M 196 -48.73 47.66 -45.38
CA GLU M 196 -47.89 48.21 -44.34
C GLU M 196 -47.96 47.45 -43.01
N GLN M 197 -49.15 46.96 -42.66
CA GLN M 197 -49.29 46.15 -41.46
C GLN M 197 -48.57 44.82 -41.61
N LEU M 198 -48.58 44.27 -42.81
CA LEU M 198 -47.90 43.00 -43.10
C LEU M 198 -46.38 43.14 -43.09
N ILE M 199 -45.89 44.32 -43.49
CA ILE M 199 -44.47 44.64 -43.40
C ILE M 199 -44.11 44.95 -41.95
N GLU M 200 -44.99 45.65 -41.27
CA GLU M 200 -44.82 45.97 -39.85
C GLU M 200 -44.69 44.76 -38.94
N ASP M 201 -45.37 43.67 -39.30
CA ASP M 201 -45.45 42.50 -38.43
C ASP M 201 -44.38 41.49 -38.78
N HIS M 202 -43.61 41.80 -39.82
CA HIS M 202 -42.44 41.02 -40.25
C HIS M 202 -42.79 39.93 -41.26
N PHE M 203 -44.05 39.90 -41.68
CA PHE M 203 -44.52 38.87 -42.61
C PHE M 203 -44.19 39.18 -44.05
N LEU M 204 -44.76 40.27 -44.58
CA LEU M 204 -44.57 40.64 -45.96
C LEU M 204 -43.26 41.40 -46.18
N PHE M 205 -42.73 41.34 -47.40
CA PHE M 205 -41.49 42.04 -47.71
C PHE M 205 -41.74 43.55 -47.81
N GLU M 206 -40.67 44.32 -47.71
CA GLU M 206 -40.72 45.76 -47.64
C GLU M 206 -41.12 46.41 -48.94
N LYS M 207 -41.50 47.69 -48.86
CA LYS M 207 -41.70 48.49 -50.07
C LYS M 207 -40.40 48.50 -50.86
N PRO M 208 -40.53 48.40 -52.19
CA PRO M 208 -39.45 48.08 -53.15
C PRO M 208 -38.33 49.12 -53.21
N THR M 209 -37.74 49.46 -52.08
CA THR M 209 -36.78 50.57 -52.02
C THR M 209 -35.35 50.15 -51.70
N GLY M 210 -35.08 48.85 -51.75
CA GLY M 210 -33.76 48.34 -51.40
C GLY M 210 -32.77 48.62 -52.50
N ALA M 211 -31.59 49.10 -52.13
CA ALA M 211 -30.56 49.41 -53.12
C ALA M 211 -30.24 48.21 -54.02
N LEU M 212 -30.24 47.01 -53.45
CA LEU M 212 -30.05 45.82 -54.27
C LEU M 212 -31.21 45.62 -55.22
N LEU M 213 -32.41 45.63 -54.66
CA LEU M 213 -33.59 45.29 -55.42
C LEU M 213 -33.62 46.17 -56.65
N THR M 214 -33.55 47.48 -56.42
CA THR M 214 -33.73 48.44 -57.50
C THR M 214 -32.63 48.39 -58.58
N THR M 215 -31.37 48.59 -58.18
CA THR M 215 -30.26 48.65 -59.14
C THR M 215 -29.89 47.31 -59.79
N SER M 216 -30.47 46.22 -59.29
CA SER M 216 -30.30 44.93 -59.94
C SER M 216 -31.38 44.75 -61.01
N GLY M 217 -32.34 45.66 -61.02
CA GLY M 217 -33.46 45.56 -61.94
C GLY M 217 -34.64 44.72 -61.46
N CYS M 218 -34.70 44.49 -60.14
CA CYS M 218 -35.66 43.58 -59.51
C CYS M 218 -36.97 44.29 -59.10
N ALA M 219 -37.01 45.60 -59.27
CA ALA M 219 -38.23 46.36 -59.00
C ALA M 219 -39.01 46.76 -60.29
N ARG M 220 -38.54 46.32 -61.46
CA ARG M 220 -39.27 46.60 -62.69
C ARG M 220 -40.73 46.19 -62.60
N ASP M 221 -41.61 46.93 -63.28
CA ASP M 221 -43.02 46.58 -63.45
C ASP M 221 -43.81 46.39 -62.15
N TRP M 222 -43.29 46.94 -61.05
CA TRP M 222 -43.88 46.78 -59.72
C TRP M 222 -45.35 47.22 -59.70
N PRO M 223 -46.24 46.43 -59.08
CA PRO M 223 -46.09 45.12 -58.44
C PRO M 223 -46.74 44.03 -59.28
N ASP M 224 -46.66 44.15 -60.60
CA ASP M 224 -47.06 43.08 -61.48
C ASP M 224 -46.35 41.81 -61.03
N GLY M 225 -47.11 40.78 -60.67
CA GLY M 225 -46.55 39.48 -60.34
C GLY M 225 -45.93 39.29 -58.97
N ARG M 226 -46.11 40.27 -58.10
CA ARG M 226 -45.59 40.15 -56.73
C ARG M 226 -46.75 39.87 -55.78
N GLY M 227 -46.50 39.04 -54.77
CA GLY M 227 -47.54 38.60 -53.87
C GLY M 227 -47.02 37.73 -52.73
N ILE M 228 -47.89 37.47 -51.76
CA ILE M 228 -47.55 36.69 -50.59
C ILE M 228 -48.64 35.68 -50.21
N TRP M 229 -48.29 34.40 -50.32
CA TRP M 229 -49.17 33.32 -49.93
C TRP M 229 -48.98 33.08 -48.42
N HIS M 230 -50.03 32.68 -47.72
CA HIS M 230 -49.87 32.27 -46.32
C HIS M 230 -51.05 31.52 -45.73
N ASN M 231 -50.80 30.86 -44.60
CA ASN M 231 -51.81 30.08 -43.90
C ASN M 231 -52.56 30.91 -42.86
N ASN M 232 -53.65 30.36 -42.34
CA ASN M 232 -54.52 31.13 -41.46
C ASN M 232 -53.85 31.57 -40.16
N GLU M 233 -52.86 30.79 -39.72
CA GLU M 233 -52.10 31.13 -38.53
C GLU M 233 -51.00 32.16 -38.83
N LYS M 234 -50.67 32.32 -40.10
CA LYS M 234 -49.59 33.22 -40.54
C LYS M 234 -48.23 32.86 -39.93
N ASN M 235 -47.97 31.57 -39.78
CA ASN M 235 -46.68 31.08 -39.31
C ASN M 235 -45.99 30.26 -40.40
N PHE M 236 -46.60 30.20 -41.57
CA PHE M 236 -45.98 29.62 -42.75
C PHE M 236 -46.41 30.51 -43.91
N LEU M 237 -45.45 30.98 -44.69
CA LEU M 237 -45.72 31.98 -45.72
C LEU M 237 -44.79 31.79 -46.90
N VAL M 238 -45.21 32.24 -48.09
CA VAL M 238 -44.34 32.16 -49.26
C VAL M 238 -44.42 33.48 -50.05
N TRP M 239 -43.27 34.07 -50.32
CA TRP M 239 -43.21 35.25 -51.17
C TRP M 239 -43.11 34.80 -52.62
N ILE M 240 -43.61 35.62 -53.54
CA ILE M 240 -43.56 35.28 -54.96
C ILE M 240 -43.06 36.45 -55.80
N ASN M 241 -41.94 36.24 -56.46
CA ASN M 241 -41.39 37.21 -57.41
C ASN M 241 -40.96 38.57 -56.85
N GLU M 242 -40.42 38.58 -55.62
CA GLU M 242 -39.65 39.72 -55.16
C GLU M 242 -38.24 39.57 -55.77
N GLU M 243 -37.23 39.35 -54.94
CA GLU M 243 -35.85 39.19 -55.39
C GLU M 243 -35.65 37.81 -56.03
N ASP M 244 -36.41 36.84 -55.52
CA ASP M 244 -36.36 35.47 -56.01
C ASP M 244 -37.77 35.06 -56.43
N HIS M 245 -37.87 34.05 -57.29
CA HIS M 245 -39.17 33.47 -57.60
C HIS M 245 -39.90 33.01 -56.33
N ILE M 246 -39.19 32.33 -55.43
CA ILE M 246 -39.82 31.78 -54.21
C ILE M 246 -39.05 32.05 -52.91
N ARG M 247 -39.80 32.22 -51.81
CA ARG M 247 -39.24 32.29 -50.46
C ARG M 247 -40.15 31.59 -49.45
N VAL M 248 -39.71 30.41 -49.00
CA VAL M 248 -40.46 29.61 -48.05
C VAL M 248 -40.09 30.02 -46.61
N ILE M 249 -41.10 30.39 -45.81
CA ILE M 249 -40.86 31.02 -44.53
C ILE M 249 -41.68 30.45 -43.36
N SER M 250 -40.99 29.98 -42.33
CA SER M 250 -41.65 29.59 -41.09
C SER M 250 -41.23 30.59 -40.03
N MET M 251 -42.21 31.12 -39.29
CA MET M 251 -41.91 32.12 -38.29
C MET M 251 -43.00 32.29 -37.24
N GLN M 252 -42.57 32.40 -35.98
CA GLN M 252 -43.50 32.64 -34.88
C GLN M 252 -42.79 33.49 -33.80
N LYS M 253 -43.58 34.20 -33.00
CA LYS M 253 -43.04 34.98 -31.89
C LYS M 253 -42.50 34.02 -30.83
N GLY M 254 -41.65 34.53 -29.94
CA GLY M 254 -41.07 33.71 -28.91
C GLY M 254 -39.80 33.02 -29.38
N GLY M 255 -39.16 32.28 -28.48
CA GLY M 255 -37.85 31.71 -28.76
C GLY M 255 -37.76 30.21 -28.91
N ASP M 256 -38.85 29.58 -29.34
CA ASP M 256 -38.81 28.18 -29.72
C ASP M 256 -38.38 28.16 -31.18
N LEU M 257 -37.09 27.88 -31.41
CA LEU M 257 -36.56 27.82 -32.77
C LEU M 257 -36.79 26.43 -33.31
N LYS M 258 -36.89 25.48 -32.40
CA LYS M 258 -37.11 24.09 -32.78
C LYS M 258 -38.50 23.90 -33.40
N ALA M 259 -39.51 24.50 -32.78
CA ALA M 259 -40.88 24.45 -33.30
C ALA M 259 -40.96 25.08 -34.67
N VAL M 260 -40.30 26.23 -34.84
CA VAL M 260 -40.27 26.93 -36.13
C VAL M 260 -39.65 26.07 -37.23
N PHE M 261 -38.61 25.32 -36.86
CA PHE M 261 -37.84 24.49 -37.79
C PHE M 261 -38.61 23.21 -38.16
N SER M 262 -39.47 22.77 -37.25
CA SER M 262 -40.33 21.63 -37.50
C SER M 262 -41.25 21.98 -38.66
N ARG M 263 -41.99 23.08 -38.49
CA ARG M 263 -42.90 23.60 -39.50
C ARG M 263 -42.23 23.78 -40.88
N PHE M 264 -41.03 24.37 -40.87
CA PHE M 264 -40.30 24.70 -42.10
C PHE M 264 -39.90 23.45 -42.89
N ALA M 265 -39.43 22.41 -42.21
CA ALA M 265 -39.08 21.16 -42.89
C ALA M 265 -40.32 20.47 -43.47
N ARG M 266 -41.39 20.43 -42.68
CA ARG M 266 -42.66 19.85 -43.13
C ARG M 266 -43.27 20.66 -44.27
N GLY M 267 -43.35 21.98 -44.09
CA GLY M 267 -43.98 22.86 -45.07
C GLY M 267 -43.19 22.95 -46.36
N LEU M 268 -41.87 23.00 -46.23
CA LEU M 268 -40.96 23.00 -47.37
C LEU M 268 -41.05 21.70 -48.16
N LEU M 269 -41.04 20.58 -47.45
CA LEU M 269 -41.12 19.30 -48.13
C LEU M 269 -42.40 19.21 -48.97
N GLU M 270 -43.50 19.68 -48.40
CA GLU M 270 -44.78 19.66 -49.10
C GLU M 270 -44.90 20.66 -50.24
N VAL M 271 -44.21 21.79 -50.15
CA VAL M 271 -44.20 22.76 -51.25
C VAL M 271 -43.35 22.21 -52.39
N GLU M 272 -42.18 21.67 -52.08
CA GLU M 272 -41.34 21.07 -53.11
C GLU M 272 -42.07 19.92 -53.79
N ARG M 273 -42.84 19.17 -53.00
CA ARG M 273 -43.55 18.02 -53.53
C ARG M 273 -44.59 18.43 -54.56
N LEU M 274 -45.40 19.44 -54.22
CA LEU M 274 -46.44 19.92 -55.12
C LEU M 274 -45.91 20.57 -56.39
N MET M 275 -44.67 21.08 -56.34
CA MET M 275 -44.05 21.67 -57.52
C MET M 275 -43.66 20.59 -58.51
N LYS M 276 -42.95 19.58 -58.02
CA LYS M 276 -42.51 18.46 -58.83
C LYS M 276 -43.74 17.80 -59.44
N GLU M 277 -44.79 17.72 -58.65
CA GLU M 277 -46.02 17.02 -59.03
C GLU M 277 -46.71 17.70 -60.20
N CYS M 278 -46.58 19.02 -60.28
CA CYS M 278 -47.19 19.80 -61.35
C CYS M 278 -46.22 20.02 -62.49
N GLY M 279 -45.15 19.22 -62.52
CA GLY M 279 -44.21 19.23 -63.63
C GLY M 279 -43.34 20.46 -63.75
N HIS M 280 -42.93 21.03 -62.62
CA HIS M 280 -42.07 22.22 -62.64
C HIS M 280 -40.78 22.00 -61.89
N GLY M 281 -39.68 22.01 -62.62
CA GLY M 281 -38.37 21.89 -62.02
C GLY M 281 -37.97 23.17 -61.32
N LEU M 282 -37.08 23.05 -60.35
CA LEU M 282 -36.44 24.22 -59.74
C LEU M 282 -35.01 24.27 -60.24
N MET M 283 -34.41 25.46 -60.20
CA MET M 283 -33.01 25.60 -60.59
C MET M 283 -32.15 24.91 -59.55
N HIS M 284 -31.50 23.83 -59.96
CA HIS M 284 -30.72 23.04 -59.02
C HIS M 284 -29.43 22.53 -59.65
N ASN M 285 -28.39 22.45 -58.83
CA ASN M 285 -27.08 22.06 -59.29
C ASN M 285 -26.52 21.00 -58.34
N ASP M 286 -25.78 20.03 -58.89
CA ASP M 286 -25.27 18.93 -58.07
C ASP M 286 -24.11 19.39 -57.18
N ARG M 287 -23.36 20.38 -57.65
CA ARG M 287 -22.25 20.95 -56.89
C ARG M 287 -22.73 21.93 -55.81
N LEU M 288 -23.67 22.79 -56.18
CA LEU M 288 -24.00 23.97 -55.37
C LEU M 288 -25.42 23.95 -54.81
N GLY M 289 -26.14 22.86 -55.06
CA GLY M 289 -27.51 22.74 -54.58
C GLY M 289 -28.43 23.70 -55.30
N TYR M 290 -29.14 24.53 -54.53
CA TYR M 290 -30.17 25.40 -55.11
C TYR M 290 -29.66 26.79 -55.46
N ILE M 291 -30.04 27.26 -56.64
CA ILE M 291 -29.50 28.49 -57.18
C ILE M 291 -30.53 29.58 -57.20
N CYS M 292 -30.16 30.74 -56.70
CA CYS M 292 -31.05 31.89 -56.71
C CYS M 292 -30.30 33.13 -57.22
N THR M 293 -30.82 34.29 -56.89
CA THR M 293 -30.37 35.54 -57.49
C THR M 293 -29.05 36.04 -56.87
N CYS M 294 -29.03 36.15 -55.55
CA CYS M 294 -27.84 36.58 -54.84
C CYS M 294 -26.92 35.38 -54.60
N PRO M 295 -25.61 35.55 -54.85
CA PRO M 295 -24.68 34.46 -54.54
C PRO M 295 -24.43 34.25 -53.04
N THR M 296 -25.18 34.92 -52.16
CA THR M 296 -25.20 34.48 -50.75
C THR M 296 -26.25 33.39 -50.61
N ASN M 297 -27.22 33.40 -51.52
CA ASN M 297 -28.35 32.50 -51.45
C ASN M 297 -28.21 31.27 -52.35
N MET M 298 -27.35 30.35 -51.92
CA MET M 298 -27.05 29.13 -52.66
C MET M 298 -26.90 27.92 -51.73
N GLY M 299 -26.91 26.73 -52.34
CA GLY M 299 -26.88 25.50 -51.59
C GLY M 299 -28.21 25.22 -50.93
N THR M 300 -28.33 25.57 -49.66
CA THR M 300 -29.60 25.44 -48.95
C THR M 300 -30.48 26.68 -49.11
N VAL M 301 -29.85 27.81 -49.41
CA VAL M 301 -30.55 29.10 -49.50
C VAL M 301 -31.25 29.45 -48.19
N VAL M 302 -30.80 28.83 -47.11
CA VAL M 302 -31.45 28.90 -45.81
C VAL M 302 -30.90 30.02 -44.93
N ARG M 303 -31.78 30.91 -44.51
CA ARG M 303 -31.42 31.90 -43.50
C ARG M 303 -32.28 31.65 -42.30
N ALA M 304 -31.68 31.06 -41.27
CA ALA M 304 -32.32 30.90 -39.98
C ALA M 304 -31.87 32.07 -39.11
N SER M 305 -32.82 32.71 -38.43
CA SER M 305 -32.53 33.91 -37.66
C SER M 305 -33.41 34.05 -36.43
N VAL M 306 -32.86 34.64 -35.38
CA VAL M 306 -33.63 35.04 -34.19
C VAL M 306 -33.56 36.55 -34.01
N HIS M 307 -34.59 37.12 -33.41
CA HIS M 307 -34.49 38.50 -32.94
C HIS M 307 -33.86 38.49 -31.56
N LEU M 308 -32.66 39.05 -31.45
CA LEU M 308 -31.83 38.88 -30.26
C LEU M 308 -31.62 40.20 -29.52
N ARG M 309 -32.02 40.22 -28.26
CA ARG M 309 -31.94 41.44 -27.46
C ARG M 309 -30.66 41.42 -26.61
N LEU M 310 -29.65 42.20 -27.04
CA LEU M 310 -28.36 42.25 -26.38
C LEU M 310 -28.02 43.65 -25.86
N ALA M 311 -28.54 43.99 -24.68
CA ALA M 311 -28.41 45.35 -24.14
C ALA M 311 -27.11 45.60 -23.38
N PHE M 312 -26.28 44.58 -23.22
CA PHE M 312 -24.99 44.75 -22.55
C PHE M 312 -23.85 44.39 -23.48
N LEU M 313 -24.03 43.31 -24.23
CA LEU M 313 -22.99 42.80 -25.12
C LEU M 313 -22.69 43.75 -26.27
N GLU M 314 -23.73 44.42 -26.78
CA GLU M 314 -23.56 45.35 -27.89
C GLU M 314 -22.52 46.42 -27.55
N LYS M 315 -22.60 46.95 -26.32
CA LYS M 315 -21.65 47.96 -25.85
C LYS M 315 -20.20 47.49 -25.95
N HIS M 316 -20.00 46.18 -26.06
CA HIS M 316 -18.67 45.59 -25.96
C HIS M 316 -17.84 45.72 -27.24
N PRO M 317 -16.60 46.22 -27.11
CA PRO M 317 -15.74 46.51 -28.25
C PRO M 317 -15.28 45.29 -29.05
N ARG M 318 -15.60 44.07 -28.60
CA ARG M 318 -15.24 42.87 -29.37
C ARG M 318 -16.50 42.11 -29.83
N PHE M 319 -17.64 42.79 -29.76
CA PHE M 319 -18.94 42.22 -30.09
C PHE M 319 -19.01 41.75 -31.54
N ASP M 320 -18.58 42.62 -32.47
CA ASP M 320 -18.57 42.28 -33.89
C ASP M 320 -17.47 41.27 -34.21
N GLU M 321 -16.36 41.32 -33.47
CA GLU M 321 -15.29 40.35 -33.63
C GLU M 321 -15.84 38.95 -33.37
N MET M 322 -16.77 38.86 -32.42
CA MET M 322 -17.35 37.58 -32.02
C MET M 322 -18.40 37.09 -33.01
N LEU M 323 -19.11 38.03 -33.64
CA LEU M 323 -20.16 37.67 -34.58
C LEU M 323 -19.58 37.05 -35.84
N GLY M 324 -18.45 37.56 -36.30
CA GLY M 324 -17.79 37.03 -37.48
C GLY M 324 -17.18 35.67 -37.22
N LYS M 325 -16.62 35.49 -36.03
CA LYS M 325 -15.96 34.23 -35.71
C LYS M 325 -16.98 33.09 -35.72
N LEU M 326 -18.16 33.37 -35.19
CA LEU M 326 -19.23 32.39 -35.10
C LEU M 326 -19.96 32.21 -36.42
N ARG M 327 -19.50 32.91 -37.45
CA ARG M 327 -20.11 32.81 -38.78
C ARG M 327 -21.59 33.16 -38.69
N LEU M 328 -21.87 34.32 -38.10
CA LEU M 328 -23.23 34.80 -37.96
C LEU M 328 -23.34 36.17 -38.58
N GLY M 329 -24.46 36.43 -39.24
CA GLY M 329 -24.75 37.74 -39.81
C GLY M 329 -25.44 38.68 -38.84
N LYS M 330 -25.51 39.94 -39.22
CA LYS M 330 -26.05 40.97 -38.35
C LYS M 330 -26.88 41.91 -39.19
N ARG M 331 -28.16 42.01 -38.87
CA ARG M 331 -29.07 42.91 -39.56
C ARG M 331 -29.92 43.59 -38.51
N GLY M 332 -30.68 44.60 -38.91
CA GLY M 332 -31.52 45.32 -37.98
C GLY M 332 -32.85 44.62 -37.77
N THR M 333 -33.63 45.12 -36.81
CA THR M 333 -34.92 44.50 -36.50
C THR M 333 -35.82 44.48 -37.72
N GLY M 334 -35.79 45.56 -38.49
CA GLY M 334 -36.66 45.70 -39.64
C GLY M 334 -36.11 44.95 -40.83
N GLY M 335 -34.96 44.31 -40.66
CA GLY M 335 -34.37 43.50 -41.70
C GLY M 335 -33.05 44.05 -42.23
N GLU M 336 -32.46 43.28 -43.13
CA GLU M 336 -31.32 43.71 -43.93
C GLU M 336 -30.99 45.21 -43.84
N SER M 337 -31.85 46.04 -44.44
CA SER M 337 -31.59 47.47 -44.53
C SER M 337 -32.26 48.26 -43.41
N SER M 338 -31.88 47.94 -42.18
CA SER M 338 -32.33 48.64 -41.00
C SER M 338 -31.21 48.55 -39.97
N LEU M 339 -31.41 49.21 -38.84
CA LEU M 339 -30.45 49.09 -37.75
C LEU M 339 -31.11 48.40 -36.55
N ALA M 340 -30.37 48.26 -35.47
CA ALA M 340 -30.90 47.63 -34.27
C ALA M 340 -31.75 48.61 -33.48
N THR M 341 -33.04 48.32 -33.33
CA THR M 341 -33.87 49.08 -32.41
C THR M 341 -33.97 48.36 -31.07
N ASP M 342 -33.79 49.12 -29.98
CA ASP M 342 -33.96 48.61 -28.62
C ASP M 342 -32.93 47.54 -28.25
N SER M 343 -31.71 47.67 -28.77
CA SER M 343 -30.66 46.69 -28.49
C SER M 343 -31.04 45.32 -29.03
N THR M 344 -31.96 45.28 -29.97
CA THR M 344 -32.40 44.02 -30.53
C THR M 344 -31.91 43.88 -31.96
N TYR M 345 -31.34 42.71 -32.25
CA TYR M 345 -30.68 42.47 -33.52
C TYR M 345 -31.29 41.28 -34.21
N ASP M 346 -31.16 41.29 -35.53
CA ASP M 346 -31.53 40.17 -36.36
C ASP M 346 -30.23 39.38 -36.55
N ILE M 347 -30.08 38.29 -35.81
CA ILE M 347 -28.91 37.42 -35.90
C ILE M 347 -29.23 36.16 -36.72
N SER M 348 -28.42 35.88 -37.74
CA SER M 348 -28.67 34.68 -38.55
C SER M 348 -27.43 33.89 -38.91
N ASN M 349 -27.63 32.73 -39.53
CA ASN M 349 -26.52 31.96 -40.07
C ASN M 349 -26.07 32.62 -41.36
N TRP M 350 -24.83 33.08 -41.37
CA TRP M 350 -24.23 33.75 -42.53
C TRP M 350 -24.11 32.80 -43.71
N ALA M 351 -23.55 31.61 -43.47
CA ALA M 351 -23.25 30.66 -44.54
C ALA M 351 -24.48 29.85 -45.00
N ARG M 352 -24.49 29.45 -46.28
CA ARG M 352 -25.62 28.78 -46.88
C ARG M 352 -25.24 27.64 -47.84
N LEU M 353 -24.01 27.70 -48.37
CA LEU M 353 -23.52 26.67 -49.29
C LEU M 353 -22.37 25.91 -48.64
N GLY M 354 -22.37 24.58 -48.75
CA GLY M 354 -21.32 23.76 -48.19
C GLY M 354 -21.67 23.13 -46.86
N LYS M 355 -22.83 23.46 -46.30
CA LYS M 355 -23.28 22.87 -45.04
C LYS M 355 -24.69 22.36 -45.18
N SER M 356 -25.11 21.49 -44.25
CA SER M 356 -26.46 20.94 -44.28
C SER M 356 -27.42 21.93 -43.67
N GLU M 357 -28.71 21.67 -43.82
CA GLU M 357 -29.71 22.57 -43.25
C GLU M 357 -29.65 22.53 -41.72
N ARG M 358 -29.63 21.32 -41.17
CA ARG M 358 -29.53 21.13 -39.72
C ARG M 358 -28.19 21.66 -39.18
N GLU M 359 -27.10 21.39 -39.91
CA GLU M 359 -25.80 21.98 -39.59
C GLU M 359 -25.95 23.48 -39.30
N LEU M 360 -26.60 24.16 -40.24
CA LEU M 360 -26.71 25.61 -40.24
C LEU M 360 -27.63 26.16 -39.17
N VAL M 361 -28.73 25.47 -38.90
CA VAL M 361 -29.59 25.87 -37.79
C VAL M 361 -28.84 25.72 -36.45
N GLN M 362 -28.08 24.64 -36.32
CA GLN M 362 -27.28 24.38 -35.11
C GLN M 362 -26.16 25.41 -34.94
N VAL M 363 -25.59 25.83 -36.06
CA VAL M 363 -24.60 26.89 -36.08
C VAL M 363 -25.16 28.16 -35.44
N LEU M 364 -26.43 28.42 -35.71
CA LEU M 364 -27.11 29.60 -35.16
C LEU M 364 -27.32 29.39 -33.65
N VAL M 365 -27.84 28.21 -33.29
CA VAL M 365 -28.10 27.92 -31.88
C VAL M 365 -26.84 28.00 -31.03
N ASP M 366 -25.76 27.38 -31.47
CA ASP M 366 -24.54 27.37 -30.68
C ASP M 366 -24.00 28.79 -30.52
N GLY M 367 -24.17 29.59 -31.57
CA GLY M 367 -23.65 30.94 -31.59
C GLY M 367 -24.40 31.83 -30.64
N VAL M 368 -25.72 31.68 -30.64
CA VAL M 368 -26.62 32.48 -29.82
C VAL M 368 -26.56 32.10 -28.34
N ASN M 369 -26.35 30.81 -28.06
CA ASN M 369 -26.20 30.38 -26.69
C ASN M 369 -25.04 31.16 -26.09
N LEU M 370 -24.00 31.35 -26.89
CA LEU M 370 -22.79 32.08 -26.47
C LEU M 370 -23.05 33.57 -26.23
N LEU M 371 -23.76 34.19 -27.16
CA LEU M 371 -24.05 35.62 -27.07
C LEU M 371 -24.92 35.94 -25.85
N ILE M 372 -25.79 35.00 -25.50
CA ILE M 372 -26.64 35.16 -24.31
C ILE M 372 -25.82 34.91 -23.05
N ALA M 373 -24.87 33.99 -23.17
CA ALA M 373 -23.96 33.69 -22.07
C ALA M 373 -23.04 34.88 -21.77
N CYS M 374 -22.62 35.60 -22.80
CA CYS M 374 -21.79 36.78 -22.60
C CYS M 374 -22.59 37.99 -22.12
N ASP M 375 -23.82 38.13 -22.62
CA ASP M 375 -24.69 39.24 -22.23
C ASP M 375 -25.12 39.06 -20.77
N LYS M 376 -25.22 37.80 -20.35
CA LYS M 376 -25.49 37.47 -18.95
C LYS M 376 -24.32 37.91 -18.05
N LYS M 377 -23.10 37.63 -18.50
CA LYS M 377 -21.90 37.99 -17.73
C LYS M 377 -21.79 39.50 -17.53
N LEU M 378 -21.80 40.24 -18.64
CA LEU M 378 -21.73 41.70 -18.63
C LEU M 378 -22.75 42.34 -17.70
N GLU M 379 -23.97 41.82 -17.68
CA GLU M 379 -25.01 42.33 -16.81
C GLU M 379 -24.64 42.17 -15.34
N ALA M 380 -23.95 41.08 -15.02
CA ALA M 380 -23.58 40.79 -13.64
C ALA M 380 -22.20 41.34 -13.28
N GLY M 381 -21.69 42.24 -14.11
CA GLY M 381 -20.44 42.93 -13.84
C GLY M 381 -19.22 42.02 -13.86
N GLN M 382 -19.10 41.20 -14.91
CA GLN M 382 -18.01 40.25 -15.04
C GLN M 382 -17.40 40.44 -16.42
N SER M 383 -16.20 39.91 -16.65
CA SER M 383 -15.58 40.04 -17.96
C SER M 383 -15.87 38.81 -18.81
N ILE M 384 -15.65 38.93 -20.12
CA ILE M 384 -16.01 37.88 -21.06
C ILE M 384 -14.93 37.58 -22.10
N ASP M 385 -13.70 38.02 -21.87
CA ASP M 385 -12.63 37.78 -22.85
C ASP M 385 -12.48 36.30 -23.10
N ASP M 386 -12.25 35.55 -22.03
CA ASP M 386 -12.16 34.10 -22.06
C ASP M 386 -13.25 33.46 -22.92
N MET M 387 -14.40 34.14 -23.03
CA MET M 387 -15.56 33.61 -23.74
C MET M 387 -15.51 33.90 -25.24
N ILE M 388 -14.75 34.91 -25.63
CA ILE M 388 -14.62 35.24 -27.03
C ILE M 388 -13.84 34.16 -27.75
N PRO M 389 -14.40 33.66 -28.87
CA PRO M 389 -13.73 32.63 -29.67
C PRO M 389 -12.31 33.04 -30.05
N LYS M 390 -11.36 32.11 -29.93
CA LYS M 390 -10.01 32.35 -30.43
C LYS M 390 -10.05 32.39 -31.95
N PHE N 9 -23.22 41.32 -78.79
CA PHE N 9 -23.03 42.21 -77.65
C PHE N 9 -23.85 43.48 -77.84
N VAL N 10 -23.71 44.12 -78.99
CA VAL N 10 -24.41 45.38 -79.27
C VAL N 10 -25.93 45.27 -79.04
N LYS N 11 -26.59 44.37 -79.76
CA LYS N 11 -28.04 44.22 -79.66
C LYS N 11 -28.52 43.61 -78.33
N ASN N 12 -27.59 43.06 -77.54
CA ASN N 12 -27.89 42.56 -76.21
C ASN N 12 -27.53 43.60 -75.14
N ARG N 13 -27.18 44.80 -75.61
CA ARG N 13 -26.81 45.93 -74.75
C ARG N 13 -27.59 45.96 -73.44
N VAL N 14 -28.91 45.77 -73.54
CA VAL N 14 -29.80 45.96 -72.39
C VAL N 14 -29.55 44.99 -71.24
N GLY N 15 -29.07 43.79 -71.57
CA GLY N 15 -28.76 42.78 -70.58
C GLY N 15 -30.00 42.09 -70.01
N HIS N 16 -31.09 42.08 -70.77
CA HIS N 16 -32.29 41.36 -70.35
C HIS N 16 -32.77 40.36 -71.39
N SER N 17 -33.59 39.41 -70.95
CA SER N 17 -34.19 38.43 -71.86
C SER N 17 -35.03 39.14 -72.91
N LYS N 18 -35.21 38.49 -74.06
CA LYS N 18 -36.00 39.07 -75.14
C LYS N 18 -37.24 38.21 -75.42
N PRO N 19 -38.32 38.42 -74.63
CA PRO N 19 -39.52 37.59 -74.65
C PRO N 19 -40.14 37.36 -76.03
N TRP N 20 -39.59 38.00 -77.06
CA TRP N 20 -40.12 37.92 -78.42
C TRP N 20 -39.33 36.92 -79.27
N GLU N 21 -38.07 36.71 -78.94
CA GLU N 21 -37.20 35.96 -79.85
C GLU N 21 -37.38 34.39 -79.87
N SER N 22 -37.34 33.73 -78.69
CA SER N 22 -37.53 32.24 -78.57
C SER N 22 -38.93 31.74 -78.84
N GLY N 23 -39.94 32.58 -78.67
CA GLY N 23 -41.22 32.36 -79.28
C GLY N 23 -42.29 31.65 -78.47
N LYS N 24 -42.13 31.53 -77.14
CA LYS N 24 -43.21 30.98 -76.30
C LYS N 24 -44.06 32.09 -75.71
N PHE N 25 -43.79 33.30 -76.17
CA PHE N 25 -44.57 34.46 -75.73
C PHE N 25 -45.12 35.31 -76.88
N LYS N 26 -46.36 35.78 -76.73
CA LYS N 26 -46.93 36.75 -77.67
C LYS N 26 -46.74 38.15 -77.11
N ALA N 27 -46.77 39.15 -77.99
CA ALA N 27 -46.68 40.52 -77.52
C ALA N 27 -47.55 40.66 -76.29
N ALA N 28 -48.84 40.40 -76.46
CA ALA N 28 -49.84 40.48 -75.40
C ALA N 28 -49.46 39.74 -74.10
N ASP N 29 -48.63 38.71 -74.22
CA ASP N 29 -48.14 38.04 -73.02
C ASP N 29 -47.24 38.97 -72.20
N ASN N 30 -46.59 39.93 -72.88
CA ASN N 30 -45.71 40.89 -72.22
C ASN N 30 -46.27 42.33 -72.10
N PHE N 31 -47.50 42.56 -72.56
CA PHE N 31 -48.07 43.90 -72.49
C PHE N 31 -48.07 44.37 -71.04
N PRO N 32 -47.61 45.60 -70.79
CA PRO N 32 -47.63 46.20 -69.45
C PRO N 32 -49.05 46.44 -68.93
N ASP N 33 -49.28 46.09 -67.66
CA ASP N 33 -50.53 46.42 -66.99
C ASP N 33 -50.47 47.87 -66.48
N LEU N 34 -51.13 48.77 -67.20
CA LEU N 34 -51.04 50.19 -66.90
C LEU N 34 -52.36 50.72 -66.35
N SER N 35 -53.15 49.83 -65.76
CA SER N 35 -54.49 50.18 -65.28
C SER N 35 -54.54 51.43 -64.41
N LYS N 36 -53.56 51.58 -63.52
CA LYS N 36 -53.57 52.66 -62.53
C LYS N 36 -52.73 53.86 -62.91
N HIS N 37 -52.24 53.90 -64.15
CA HIS N 37 -51.20 54.87 -64.50
C HIS N 37 -51.69 56.24 -64.99
N ASN N 38 -50.93 57.27 -64.64
CA ASN N 38 -51.23 58.63 -65.07
C ASN N 38 -49.96 59.31 -65.56
N ASN N 39 -49.60 59.05 -66.82
CA ASN N 39 -48.49 59.74 -67.48
C ASN N 39 -48.71 59.70 -68.98
N VAL N 40 -47.88 60.42 -69.74
CA VAL N 40 -48.08 60.57 -71.18
C VAL N 40 -47.98 59.25 -71.98
N MET N 41 -47.07 58.38 -71.56
CA MET N 41 -46.84 57.09 -72.21
C MET N 41 -48.09 56.20 -72.02
N ALA N 42 -48.62 56.16 -70.79
CA ALA N 42 -49.78 55.33 -70.49
C ALA N 42 -51.02 55.76 -71.28
N SER N 43 -51.00 56.98 -71.81
CA SER N 43 -52.09 57.51 -72.63
C SER N 43 -51.96 57.11 -74.10
N GLN N 44 -50.78 57.32 -74.66
CA GLN N 44 -50.59 57.12 -76.09
C GLN N 44 -50.15 55.70 -76.46
N LEU N 45 -49.93 54.86 -75.45
CA LEU N 45 -49.58 53.47 -75.70
C LEU N 45 -50.84 52.61 -75.89
N THR N 46 -50.79 51.71 -76.86
CA THR N 46 -51.90 50.79 -77.13
C THR N 46 -51.35 49.39 -77.39
N LYS N 47 -52.23 48.39 -77.38
CA LYS N 47 -51.81 47.03 -77.62
C LYS N 47 -51.22 46.87 -79.03
N GLU N 48 -51.71 47.71 -79.94
CA GLU N 48 -51.32 47.66 -81.34
C GLU N 48 -49.88 48.18 -81.52
N LEU N 49 -49.56 49.28 -80.87
CA LEU N 49 -48.22 49.84 -80.96
C LEU N 49 -47.18 48.95 -80.30
N TYR N 50 -47.60 48.19 -79.29
CA TYR N 50 -46.70 47.29 -78.58
C TYR N 50 -46.29 46.08 -79.44
N GLU N 51 -47.28 45.32 -79.90
CA GLU N 51 -47.05 44.24 -80.86
C GLU N 51 -46.21 44.74 -82.05
N LYS N 52 -46.38 46.01 -82.36
CA LYS N 52 -45.62 46.61 -83.44
C LYS N 52 -44.15 46.79 -83.06
N TYR N 53 -43.89 47.54 -82.00
CA TYR N 53 -42.53 47.97 -81.65
C TYR N 53 -41.79 47.12 -80.60
N TRP N 54 -42.42 46.08 -80.09
CA TRP N 54 -41.80 45.33 -78.98
C TRP N 54 -40.62 44.45 -79.39
N ASP N 55 -40.53 44.10 -80.68
CA ASP N 55 -39.46 43.22 -81.15
C ASP N 55 -38.43 43.91 -82.05
N LYS N 56 -38.53 45.23 -82.17
CA LYS N 56 -37.66 45.98 -83.06
C LYS N 56 -36.63 46.78 -82.28
N VAL N 57 -35.36 46.53 -82.59
CA VAL N 57 -34.25 47.03 -81.79
C VAL N 57 -33.38 48.02 -82.57
N THR N 58 -32.97 49.11 -81.92
CA THR N 58 -32.13 50.10 -82.57
C THR N 58 -30.70 49.59 -82.71
N PRO N 59 -29.96 50.15 -83.68
CA PRO N 59 -28.59 49.72 -84.01
C PRO N 59 -27.68 49.56 -82.79
N ASN N 60 -27.95 50.34 -81.75
CA ASN N 60 -27.15 50.35 -80.53
C ASN N 60 -27.55 49.24 -79.53
N GLY N 61 -28.72 48.65 -79.72
CA GLY N 61 -29.15 47.56 -78.87
C GLY N 61 -30.28 47.97 -77.95
N VAL N 62 -30.80 49.18 -78.18
CA VAL N 62 -31.91 49.71 -77.41
C VAL N 62 -33.25 49.07 -77.81
N THR N 63 -34.08 48.77 -76.82
CA THR N 63 -35.36 48.13 -77.04
C THR N 63 -36.50 49.15 -76.93
N PHE N 64 -37.73 48.72 -77.21
CA PHE N 64 -38.90 49.57 -76.98
C PHE N 64 -39.20 49.60 -75.50
N ASP N 65 -39.00 48.46 -74.84
CA ASP N 65 -39.23 48.36 -73.41
C ASP N 65 -38.22 49.15 -72.58
N LYS N 66 -37.04 49.40 -73.13
CA LYS N 66 -36.08 50.28 -72.48
C LYS N 66 -36.66 51.69 -72.52
N CYS N 67 -37.36 52.00 -73.61
CA CYS N 67 -37.95 53.31 -73.82
C CYS N 67 -39.15 53.58 -72.90
N ILE N 68 -40.06 52.62 -72.80
CA ILE N 68 -41.25 52.81 -71.97
C ILE N 68 -41.03 52.29 -70.55
N GLN N 69 -39.84 51.75 -70.28
CA GLN N 69 -39.61 51.16 -68.94
C GLN N 69 -40.07 52.08 -67.81
N THR N 70 -39.34 53.17 -67.59
CA THR N 70 -39.64 54.11 -66.51
C THR N 70 -41.12 54.38 -66.29
N GLY N 71 -41.87 54.58 -67.39
CA GLY N 71 -43.31 54.79 -67.30
C GLY N 71 -44.08 53.65 -66.65
N VAL N 72 -43.78 52.42 -67.06
CA VAL N 72 -44.38 51.24 -66.47
C VAL N 72 -44.15 51.18 -64.95
N ASP N 73 -43.01 51.69 -64.49
CA ASP N 73 -42.64 51.64 -63.08
C ASP N 73 -43.30 52.76 -62.28
N ASN N 74 -43.52 53.90 -62.93
CA ASN N 74 -44.01 55.10 -62.25
C ASN N 74 -45.45 55.46 -62.62
N PRO N 75 -46.43 54.87 -61.90
CA PRO N 75 -47.86 55.11 -62.13
C PRO N 75 -48.26 56.57 -61.92
N GLY N 76 -47.78 57.17 -60.83
CA GLY N 76 -48.19 58.51 -60.47
C GLY N 76 -47.03 59.43 -60.11
N ASN N 77 -47.37 60.51 -59.41
CA ASN N 77 -46.41 61.53 -59.01
C ASN N 77 -46.86 62.06 -57.65
N LYS N 78 -45.95 62.08 -56.68
CA LYS N 78 -46.26 62.71 -55.40
C LYS N 78 -45.99 64.20 -55.49
N PHE N 79 -45.58 64.65 -56.67
CA PHE N 79 -45.23 66.05 -56.88
C PHE N 79 -46.17 66.71 -57.90
N TYR N 80 -45.78 67.87 -58.43
CA TYR N 80 -46.68 68.59 -59.35
C TYR N 80 -46.59 68.11 -60.81
N GLY N 81 -47.75 67.78 -61.39
CA GLY N 81 -47.86 67.57 -62.82
C GLY N 81 -47.73 66.16 -63.37
N LYS N 82 -48.23 65.98 -64.59
CA LYS N 82 -48.22 64.69 -65.27
C LYS N 82 -46.88 64.36 -65.92
N LYS N 83 -46.29 63.24 -65.52
CA LYS N 83 -44.99 62.82 -66.04
C LYS N 83 -45.06 62.32 -67.47
N THR N 84 -43.90 62.28 -68.13
CA THR N 84 -43.78 61.78 -69.49
C THR N 84 -43.82 60.25 -69.53
N GLY N 85 -42.91 59.60 -68.81
CA GLY N 85 -43.02 58.16 -68.64
C GLY N 85 -42.29 57.33 -69.67
N CYS N 86 -41.63 57.99 -70.62
CA CYS N 86 -40.82 57.29 -71.61
C CYS N 86 -39.59 58.12 -72.00
N VAL N 87 -38.58 57.46 -72.55
CA VAL N 87 -37.32 58.10 -72.92
C VAL N 87 -36.76 57.59 -74.27
N PHE N 88 -36.03 58.44 -74.98
CA PHE N 88 -35.17 57.96 -76.06
C PHE N 88 -33.95 57.35 -75.40
N GLY N 89 -33.37 56.33 -76.05
CA GLY N 89 -32.20 55.65 -75.51
C GLY N 89 -30.96 55.94 -76.33
N ASP N 90 -31.16 56.57 -77.48
CA ASP N 90 -30.08 56.92 -78.39
C ASP N 90 -30.66 57.71 -79.57
N GLU N 91 -29.81 58.10 -80.51
CA GLU N 91 -30.22 58.93 -81.65
C GLU N 91 -31.19 58.25 -82.61
N TYR N 92 -31.38 56.93 -82.46
CA TYR N 92 -32.27 56.19 -83.37
C TYR N 92 -33.66 55.93 -82.80
N SER N 93 -33.85 56.23 -81.53
CA SER N 93 -35.08 55.85 -80.85
C SER N 93 -36.34 56.57 -81.34
N TYR N 94 -36.21 57.81 -81.79
CA TYR N 94 -37.40 58.49 -82.32
C TYR N 94 -37.88 57.87 -83.65
N GLU N 95 -36.96 57.56 -84.55
CA GLU N 95 -37.33 56.96 -85.82
C GLU N 95 -37.81 55.51 -85.69
N CYS N 96 -37.21 54.76 -84.76
CA CYS N 96 -37.53 53.35 -84.62
C CYS N 96 -38.95 53.13 -84.12
N TYR N 97 -39.42 54.04 -83.27
CA TYR N 97 -40.75 53.90 -82.70
C TYR N 97 -41.53 55.21 -82.88
N LYS N 98 -41.55 55.71 -84.12
CA LYS N 98 -42.09 57.04 -84.39
C LYS N 98 -43.62 57.16 -84.21
N GLU N 99 -44.35 56.11 -84.57
CA GLU N 99 -45.81 56.15 -84.47
C GLU N 99 -46.26 56.32 -83.02
N PHE N 100 -45.49 55.73 -82.10
CA PHE N 100 -45.75 55.90 -80.67
C PHE N 100 -45.24 57.24 -80.17
N PHE N 101 -44.06 57.64 -80.65
CA PHE N 101 -43.43 58.86 -80.14
C PHE N 101 -44.17 60.16 -80.49
N ASP N 102 -44.79 60.20 -81.67
CA ASP N 102 -45.49 61.40 -82.11
C ASP N 102 -46.73 61.66 -81.28
N LYS N 103 -47.35 60.59 -80.80
CA LYS N 103 -48.54 60.71 -79.98
C LYS N 103 -48.18 61.30 -78.60
N CYS N 104 -46.95 61.07 -78.18
CA CYS N 104 -46.45 61.65 -76.95
C CYS N 104 -46.05 63.10 -77.19
N ILE N 105 -45.40 63.34 -78.34
CA ILE N 105 -44.91 64.66 -78.71
C ILE N 105 -46.05 65.67 -78.88
N GLU N 106 -47.20 65.19 -79.32
CA GLU N 106 -48.34 66.06 -79.52
C GLU N 106 -49.07 66.41 -78.23
N GLU N 107 -49.16 65.46 -77.31
CA GLU N 107 -49.84 65.73 -76.04
C GLU N 107 -49.05 66.72 -75.20
N ILE N 108 -47.73 66.63 -75.22
CA ILE N 108 -46.87 67.59 -74.53
C ILE N 108 -46.82 68.96 -75.21
N HIS N 109 -46.31 68.99 -76.45
CA HIS N 109 -46.01 70.26 -77.11
C HIS N 109 -47.14 70.87 -77.94
N HIS N 110 -48.16 70.08 -78.25
CA HIS N 110 -49.17 70.47 -79.23
C HIS N 110 -48.47 70.60 -80.60
N PHE N 111 -47.63 69.61 -80.89
CA PHE N 111 -46.82 69.55 -82.11
C PHE N 111 -47.31 68.35 -82.91
N LYS N 112 -47.52 68.53 -84.21
CA LYS N 112 -48.06 67.45 -85.04
C LYS N 112 -47.01 66.88 -85.99
N PRO N 113 -47.27 65.70 -86.56
CA PRO N 113 -46.27 65.00 -87.39
C PRO N 113 -46.01 65.78 -88.68
N SER N 114 -46.86 66.75 -88.94
CA SER N 114 -46.77 67.59 -90.13
C SER N 114 -46.03 68.89 -89.81
N ASP N 115 -45.90 69.19 -88.52
CA ASP N 115 -45.28 70.42 -88.05
C ASP N 115 -43.76 70.39 -88.14
N LYS N 116 -43.16 71.57 -88.25
CA LYS N 116 -41.72 71.72 -88.25
C LYS N 116 -41.30 72.77 -87.22
N HIS N 117 -40.24 72.47 -86.47
CA HIS N 117 -39.70 73.43 -85.51
C HIS N 117 -39.05 74.62 -86.23
N PRO N 118 -39.42 75.84 -85.82
CA PRO N 118 -38.87 77.09 -86.37
C PRO N 118 -37.37 77.23 -86.18
N ALA N 119 -36.83 78.37 -86.59
CA ALA N 119 -35.40 78.64 -86.49
C ALA N 119 -35.09 79.47 -85.26
N PRO N 120 -33.86 79.33 -84.71
CA PRO N 120 -33.42 79.97 -83.47
C PRO N 120 -33.73 81.47 -83.40
N ASP N 121 -34.18 81.94 -82.25
CA ASP N 121 -34.29 83.38 -81.98
C ASP N 121 -33.82 83.68 -80.57
N LEU N 122 -32.60 84.19 -80.46
CA LEU N 122 -31.96 84.42 -79.16
C LEU N 122 -31.83 85.92 -78.89
N ASP N 123 -32.63 86.72 -79.59
CA ASP N 123 -32.48 88.16 -79.52
C ASP N 123 -33.15 88.72 -78.27
N HIS N 124 -32.42 88.70 -77.16
CA HIS N 124 -32.93 89.14 -75.86
C HIS N 124 -33.48 90.56 -75.87
N ASN N 125 -33.13 91.33 -76.89
CA ASN N 125 -33.61 92.70 -77.04
C ASN N 125 -35.09 92.75 -77.43
N LYS N 126 -35.50 91.83 -78.29
CA LYS N 126 -36.86 91.81 -78.80
C LYS N 126 -37.87 91.43 -77.70
N LEU N 127 -37.38 91.16 -76.50
CA LEU N 127 -38.23 90.66 -75.43
C LEU N 127 -39.04 91.76 -74.75
N VAL N 128 -40.36 91.70 -74.93
CA VAL N 128 -41.26 92.68 -74.33
C VAL N 128 -41.41 92.42 -72.84
N GLY N 129 -40.77 93.26 -72.04
CA GLY N 129 -40.80 93.14 -70.59
C GLY N 129 -39.67 92.29 -70.08
N GLY N 130 -39.91 91.56 -69.00
CA GLY N 130 -38.91 90.64 -68.47
C GLY N 130 -38.13 91.20 -67.30
N VAL N 131 -38.64 92.28 -66.71
CA VAL N 131 -38.03 92.87 -65.51
C VAL N 131 -39.10 93.03 -64.43
N PHE N 132 -39.25 92.01 -63.61
CA PHE N 132 -40.35 91.95 -62.65
C PHE N 132 -39.99 92.61 -61.33
N GLU N 133 -41.02 92.88 -60.53
CA GLU N 133 -40.84 93.37 -59.18
C GLU N 133 -40.25 92.26 -58.31
N ASP N 134 -39.13 92.57 -57.66
CA ASP N 134 -38.44 91.67 -56.75
C ASP N 134 -39.38 91.17 -55.64
N LYS N 135 -40.39 91.96 -55.31
CA LYS N 135 -41.39 91.57 -54.31
C LYS N 135 -42.16 90.32 -54.73
N TYR N 136 -42.32 90.14 -56.03
CA TYR N 136 -43.01 88.94 -56.51
C TYR N 136 -42.03 87.86 -56.97
N VAL N 137 -41.02 88.27 -57.73
CA VAL N 137 -40.04 87.31 -58.28
C VAL N 137 -38.69 87.38 -57.57
N LYS N 138 -38.23 86.22 -57.09
CA LYS N 138 -37.03 86.14 -56.23
C LYS N 138 -35.79 85.57 -56.96
N SER N 139 -36.03 84.91 -58.08
CA SER N 139 -34.95 84.52 -58.98
C SER N 139 -35.39 84.08 -60.37
N CYS N 140 -34.47 84.20 -61.33
CA CYS N 140 -34.78 83.94 -62.74
C CYS N 140 -33.66 83.10 -63.33
N ARG N 141 -34.03 82.10 -64.13
CA ARG N 141 -33.09 81.10 -64.60
C ARG N 141 -33.50 80.55 -65.97
N ILE N 142 -32.56 80.43 -66.90
CA ILE N 142 -32.84 79.87 -68.21
C ILE N 142 -31.89 78.73 -68.59
N ARG N 143 -32.45 77.53 -68.67
CA ARG N 143 -31.70 76.32 -68.97
C ARG N 143 -31.87 75.85 -70.43
N CYS N 144 -30.96 75.01 -70.90
CA CYS N 144 -31.17 74.20 -72.09
C CYS N 144 -30.36 72.90 -72.03
N GLY N 145 -30.90 71.83 -72.62
CA GLY N 145 -30.17 70.58 -72.71
C GLY N 145 -29.67 70.35 -74.13
N ARG N 146 -28.60 69.57 -74.23
CA ARG N 146 -27.98 69.25 -75.50
C ARG N 146 -27.31 67.89 -75.34
N SER N 147 -27.14 67.17 -76.44
CA SER N 147 -26.50 65.86 -76.42
C SER N 147 -25.45 65.74 -77.53
N VAL N 148 -24.50 64.82 -77.34
CA VAL N 148 -23.43 64.60 -78.30
C VAL N 148 -23.83 63.54 -79.35
N LYS N 149 -23.66 63.87 -80.62
CA LYS N 149 -24.04 62.96 -81.70
C LYS N 149 -23.08 61.76 -81.79
N GLY N 150 -23.66 60.57 -82.00
CA GLY N 150 -22.87 59.37 -82.18
C GLY N 150 -22.78 58.52 -80.92
N VAL N 151 -23.23 59.09 -79.82
CA VAL N 151 -23.22 58.45 -78.51
C VAL N 151 -24.66 58.10 -78.11
N CYS N 152 -24.83 57.02 -77.36
CA CYS N 152 -26.15 56.76 -76.76
C CYS N 152 -26.42 57.84 -75.75
N LEU N 153 -27.68 57.94 -75.31
CA LEU N 153 -28.06 58.94 -74.33
C LEU N 153 -27.94 58.34 -72.93
N PRO N 154 -27.96 59.18 -71.89
CA PRO N 154 -27.74 58.66 -70.52
C PRO N 154 -28.50 57.38 -70.16
N PRO N 155 -29.80 57.27 -70.53
CA PRO N 155 -30.50 56.03 -70.18
C PRO N 155 -29.73 54.79 -70.61
N ALA N 156 -29.19 54.79 -71.84
CA ALA N 156 -28.60 53.59 -72.42
C ALA N 156 -27.09 53.65 -72.69
N MET N 157 -26.41 54.64 -72.10
CA MET N 157 -25.00 54.84 -72.40
C MET N 157 -24.08 54.08 -71.44
N SER N 158 -22.86 53.78 -71.91
CA SER N 158 -21.87 53.03 -71.13
C SER N 158 -20.82 53.93 -70.46
N ARG N 159 -20.07 53.36 -69.53
CA ARG N 159 -19.09 54.12 -68.79
C ARG N 159 -18.06 54.74 -69.72
N ALA N 160 -17.69 54.01 -70.76
CA ALA N 160 -16.74 54.47 -71.79
C ALA N 160 -17.23 55.69 -72.56
N GLU N 161 -18.50 55.64 -72.96
CA GLU N 161 -19.15 56.77 -73.62
C GLU N 161 -19.35 57.96 -72.67
N ARG N 162 -19.52 57.68 -71.38
CA ARG N 162 -19.72 58.72 -70.37
C ARG N 162 -18.44 59.47 -69.98
N ARG N 163 -17.32 58.75 -70.04
CA ARG N 163 -15.98 59.35 -69.87
C ARG N 163 -15.54 60.08 -71.13
N LEU N 164 -16.20 59.76 -72.24
CA LEU N 164 -15.97 60.48 -73.49
C LEU N 164 -16.61 61.84 -73.43
N VAL N 165 -17.88 61.86 -73.05
CA VAL N 165 -18.68 63.08 -72.97
C VAL N 165 -18.13 64.09 -71.97
N GLU N 166 -17.83 63.63 -70.76
CA GLU N 166 -17.21 64.46 -69.74
C GLU N 166 -15.92 65.10 -70.24
N LYS N 167 -15.06 64.27 -70.81
CA LYS N 167 -13.77 64.74 -71.31
C LYS N 167 -14.01 65.85 -72.33
N VAL N 168 -14.65 65.48 -73.44
CA VAL N 168 -14.92 66.41 -74.52
C VAL N 168 -15.59 67.69 -74.05
N VAL N 169 -16.71 67.55 -73.36
CA VAL N 169 -17.48 68.70 -72.92
C VAL N 169 -16.71 69.59 -71.94
N SER N 170 -15.78 69.01 -71.19
CA SER N 170 -15.00 69.79 -70.22
C SER N 170 -13.81 70.47 -70.90
N ASP N 171 -13.26 69.79 -71.90
CA ASP N 171 -12.21 70.36 -72.73
C ASP N 171 -12.73 71.59 -73.47
N ALA N 172 -13.99 71.53 -73.90
CA ALA N 172 -14.60 72.66 -74.59
C ALA N 172 -14.71 73.91 -73.73
N LEU N 173 -15.22 73.75 -72.51
CA LEU N 173 -15.54 74.88 -71.63
C LEU N 173 -14.33 75.64 -71.07
N GLY N 174 -13.12 75.16 -71.35
CA GLY N 174 -11.91 75.85 -70.95
C GLY N 174 -11.60 76.99 -71.90
N GLY N 175 -12.22 76.95 -73.09
CA GLY N 175 -12.04 77.99 -74.10
C GLY N 175 -12.92 79.21 -73.87
N LEU N 176 -13.81 79.11 -72.88
CA LEU N 176 -14.68 80.23 -72.49
C LEU N 176 -13.88 81.36 -71.87
N LYS N 177 -14.00 82.55 -72.42
CA LYS N 177 -13.19 83.68 -71.97
C LYS N 177 -14.03 84.78 -71.34
N GLY N 178 -13.34 85.74 -70.72
CA GLY N 178 -13.99 86.91 -70.16
C GLY N 178 -14.86 86.56 -68.98
N ASP N 179 -15.96 87.31 -68.82
CA ASP N 179 -16.86 87.09 -67.71
C ASP N 179 -17.48 85.69 -67.72
N LEU N 180 -17.08 84.89 -68.70
CA LEU N 180 -17.60 83.53 -68.85
C LEU N 180 -16.56 82.46 -68.54
N ALA N 181 -15.28 82.84 -68.53
CA ALA N 181 -14.25 81.87 -68.20
C ALA N 181 -14.67 81.17 -66.92
N GLY N 182 -14.19 79.95 -66.70
CA GLY N 182 -14.56 79.22 -65.51
C GLY N 182 -13.79 77.95 -65.25
N LYS N 183 -14.30 77.16 -64.31
CA LYS N 183 -13.63 75.92 -63.92
C LYS N 183 -14.64 74.79 -63.75
N TYR N 184 -14.17 73.58 -63.96
CA TYR N 184 -15.01 72.38 -63.88
C TYR N 184 -14.83 71.72 -62.52
N TYR N 185 -15.92 71.16 -61.98
CA TYR N 185 -15.87 70.39 -60.74
C TYR N 185 -16.57 69.03 -60.89
N PRO N 186 -15.78 67.96 -60.86
CA PRO N 186 -16.27 66.58 -60.97
C PRO N 186 -16.79 66.08 -59.64
N LEU N 187 -17.95 65.45 -59.67
CA LEU N 187 -18.58 64.88 -58.48
C LEU N 187 -17.69 63.86 -57.79
N THR N 188 -16.89 63.14 -58.56
CA THR N 188 -16.06 62.06 -58.00
C THR N 188 -15.13 62.53 -56.87
N THR N 189 -14.65 63.76 -56.92
CA THR N 189 -13.79 64.29 -55.86
C THR N 189 -14.49 65.29 -54.92
N MET N 190 -15.70 65.71 -55.26
CA MET N 190 -16.42 66.71 -54.47
C MET N 190 -17.00 66.08 -53.20
N ASN N 191 -16.82 66.75 -52.07
CA ASN N 191 -17.28 66.22 -50.78
C ASN N 191 -18.74 66.55 -50.47
N GLU N 192 -19.27 65.97 -49.40
CA GLU N 192 -20.70 66.03 -49.09
C GLU N 192 -21.24 67.43 -48.72
N LYS N 193 -20.50 68.14 -47.89
CA LYS N 193 -20.91 69.48 -47.49
C LYS N 193 -21.05 70.42 -48.68
N ASP N 194 -20.04 70.47 -49.54
CA ASP N 194 -20.08 71.35 -50.70
C ASP N 194 -21.24 70.94 -51.62
N GLN N 195 -21.20 69.69 -52.08
CA GLN N 195 -22.30 69.16 -52.88
C GLN N 195 -23.70 69.55 -52.35
N GLU N 196 -23.91 69.41 -51.05
CA GLU N 196 -25.22 69.73 -50.46
C GLU N 196 -25.51 71.23 -50.45
N GLN N 197 -24.45 72.03 -50.32
CA GLN N 197 -24.54 73.49 -50.40
C GLN N 197 -24.89 73.97 -51.82
N LEU N 198 -24.21 73.43 -52.82
CA LEU N 198 -24.42 73.83 -54.21
C LEU N 198 -25.81 73.45 -54.71
N ILE N 199 -26.35 72.39 -54.12
CA ILE N 199 -27.68 71.92 -54.48
C ILE N 199 -28.68 72.88 -53.87
N GLU N 200 -28.53 73.08 -52.57
CA GLU N 200 -29.40 73.93 -51.78
C GLU N 200 -29.41 75.40 -52.27
N ASP N 201 -28.33 75.85 -52.88
CA ASP N 201 -28.24 77.25 -53.35
C ASP N 201 -28.89 77.38 -54.74
N HIS N 202 -29.24 76.25 -55.35
CA HIS N 202 -29.90 76.18 -56.68
C HIS N 202 -28.96 76.10 -57.88
N PHE N 203 -27.71 75.70 -57.63
CA PHE N 203 -26.74 75.60 -58.72
C PHE N 203 -26.57 74.17 -59.23
N LEU N 204 -26.33 73.23 -58.32
CA LEU N 204 -26.01 71.85 -58.67
C LEU N 204 -27.24 70.92 -58.67
N PHE N 205 -27.32 70.05 -59.67
CA PHE N 205 -28.38 69.04 -59.78
C PHE N 205 -28.36 68.08 -58.59
N GLU N 206 -29.54 67.68 -58.13
CA GLU N 206 -29.72 66.96 -56.87
C GLU N 206 -28.98 65.62 -56.79
N LYS N 207 -28.96 65.05 -55.59
CA LYS N 207 -28.47 63.69 -55.42
C LYS N 207 -29.33 62.80 -56.31
N PRO N 208 -28.78 61.68 -56.79
CA PRO N 208 -29.48 60.84 -57.77
C PRO N 208 -30.62 60.02 -57.16
N THR N 209 -31.65 60.69 -56.63
CA THR N 209 -32.78 60.00 -56.03
C THR N 209 -34.07 60.25 -56.80
N GLY N 210 -33.97 60.88 -57.96
CA GLY N 210 -35.12 61.17 -58.78
C GLY N 210 -35.63 59.92 -59.45
N ALA N 211 -36.93 59.67 -59.29
CA ALA N 211 -37.58 58.45 -59.76
C ALA N 211 -37.38 58.16 -61.26
N LEU N 212 -37.44 59.20 -62.08
CA LEU N 212 -37.19 59.04 -63.50
C LEU N 212 -35.71 58.77 -63.73
N LEU N 213 -34.86 59.46 -62.98
CA LEU N 213 -33.41 59.29 -63.10
C LEU N 213 -32.94 57.87 -62.77
N THR N 214 -33.52 57.28 -61.72
CA THR N 214 -33.08 55.96 -61.30
C THR N 214 -33.73 54.84 -62.09
N THR N 215 -35.00 55.00 -62.44
CA THR N 215 -35.70 53.95 -63.19
C THR N 215 -35.40 53.94 -64.69
N SER N 216 -34.89 55.05 -65.23
CA SER N 216 -34.69 55.13 -66.67
C SER N 216 -33.28 54.65 -67.07
N GLY N 217 -32.43 54.45 -66.07
CA GLY N 217 -31.07 54.02 -66.29
C GLY N 217 -30.07 55.16 -66.30
N CYS N 218 -30.49 56.35 -65.87
CA CYS N 218 -29.64 57.54 -65.95
C CYS N 218 -28.70 57.76 -64.73
N ALA N 219 -28.71 56.85 -63.77
CA ALA N 219 -27.85 56.97 -62.59
C ALA N 219 -26.97 55.75 -62.34
N ARG N 220 -26.59 55.05 -63.40
CA ARG N 220 -25.64 53.93 -63.34
C ARG N 220 -24.19 54.40 -63.17
N ASP N 221 -23.44 53.76 -62.27
CA ASP N 221 -22.01 54.04 -62.10
C ASP N 221 -21.77 55.41 -61.47
N TRP N 222 -22.85 56.07 -61.12
CA TRP N 222 -22.78 57.36 -60.45
C TRP N 222 -21.80 57.26 -59.30
N PRO N 223 -21.00 58.32 -59.07
CA PRO N 223 -20.98 59.62 -59.74
C PRO N 223 -19.95 59.71 -60.86
N ASP N 224 -19.58 58.56 -61.43
CA ASP N 224 -18.51 58.48 -62.43
C ASP N 224 -18.85 59.25 -63.71
N GLY N 225 -18.02 60.23 -64.06
CA GLY N 225 -18.22 61.03 -65.25
C GLY N 225 -19.18 62.20 -65.10
N ARG N 226 -19.66 62.44 -63.88
CA ARG N 226 -20.58 63.54 -63.61
C ARG N 226 -19.89 64.71 -62.93
N GLY N 227 -20.22 65.91 -63.39
CA GLY N 227 -19.67 67.12 -62.82
C GLY N 227 -20.37 68.38 -63.29
N ILE N 228 -19.93 69.50 -62.75
CA ILE N 228 -20.52 70.80 -62.99
C ILE N 228 -19.41 71.81 -63.26
N TRP N 229 -19.64 72.72 -64.21
CA TRP N 229 -18.67 73.70 -64.65
C TRP N 229 -19.32 75.08 -64.46
N HIS N 230 -18.63 76.01 -63.81
CA HIS N 230 -19.20 77.34 -63.63
C HIS N 230 -18.16 78.46 -63.58
N ASN N 231 -18.59 79.66 -63.95
CA ASN N 231 -17.73 80.84 -63.90
C ASN N 231 -17.67 81.41 -62.48
N ASN N 232 -16.69 82.29 -62.24
CA ASN N 232 -16.45 82.85 -60.92
C ASN N 232 -17.70 83.42 -60.25
N GLU N 233 -18.56 84.06 -61.05
CA GLU N 233 -19.79 84.67 -60.54
C GLU N 233 -20.82 83.60 -60.19
N LYS N 234 -20.76 82.48 -60.91
CA LYS N 234 -21.73 81.41 -60.75
C LYS N 234 -23.13 81.87 -61.17
N ASN N 235 -23.18 82.65 -62.24
CA ASN N 235 -24.45 82.99 -62.87
C ASN N 235 -24.50 82.48 -64.30
N PHE N 236 -23.53 81.66 -64.65
CA PHE N 236 -23.55 80.87 -65.89
C PHE N 236 -22.82 79.57 -65.56
N LEU N 237 -23.44 78.44 -65.88
CA LEU N 237 -22.95 77.16 -65.39
C LEU N 237 -23.30 76.02 -66.35
N VAL N 238 -22.65 74.86 -66.19
CA VAL N 238 -22.97 73.69 -67.00
C VAL N 238 -22.92 72.38 -66.20
N TRP N 239 -23.93 71.53 -66.39
CA TRP N 239 -23.93 70.20 -65.80
C TRP N 239 -23.42 69.21 -66.84
N ILE N 240 -22.78 68.14 -66.36
CA ILE N 240 -22.24 67.12 -67.24
C ILE N 240 -22.73 65.71 -66.84
N ASN N 241 -23.27 65.01 -67.82
CA ASN N 241 -23.72 63.62 -67.67
C ASN N 241 -24.74 63.31 -66.56
N GLU N 242 -25.67 64.23 -66.30
CA GLU N 242 -26.81 63.86 -65.46
C GLU N 242 -27.93 63.26 -66.33
N GLU N 243 -29.13 63.83 -66.30
CA GLU N 243 -30.20 63.32 -67.16
C GLU N 243 -29.76 63.45 -68.62
N ASP N 244 -29.05 64.54 -68.90
CA ASP N 244 -28.53 64.81 -70.24
C ASP N 244 -27.02 65.04 -70.20
N HIS N 245 -26.35 64.81 -71.32
CA HIS N 245 -24.92 65.07 -71.43
C HIS N 245 -24.63 66.51 -71.06
N ILE N 246 -25.39 67.41 -71.67
CA ILE N 246 -25.21 68.85 -71.48
C ILE N 246 -26.46 69.57 -70.96
N ARG N 247 -26.25 70.42 -69.95
CA ARG N 247 -27.24 71.42 -69.57
C ARG N 247 -26.48 72.71 -69.45
N VAL N 248 -26.89 73.73 -70.20
CA VAL N 248 -26.30 75.07 -70.06
C VAL N 248 -27.27 75.96 -69.31
N ILE N 249 -26.81 76.56 -68.21
CA ILE N 249 -27.68 77.30 -67.29
C ILE N 249 -27.23 78.75 -67.06
N SER N 250 -28.19 79.67 -67.10
CA SER N 250 -27.96 81.07 -66.76
C SER N 250 -28.87 81.43 -65.58
N MET N 251 -28.34 82.08 -64.55
CA MET N 251 -29.23 82.43 -63.42
C MET N 251 -28.75 83.53 -62.48
N GLN N 252 -29.71 84.31 -61.98
CA GLN N 252 -29.45 85.31 -60.95
C GLN N 252 -30.67 85.52 -60.04
N LYS N 253 -30.41 86.07 -58.86
CA LYS N 253 -31.49 86.50 -57.97
C LYS N 253 -32.11 87.75 -58.58
N GLY N 254 -33.20 88.22 -57.98
CA GLY N 254 -33.94 89.35 -58.54
C GLY N 254 -34.81 88.86 -59.70
N GLY N 255 -35.44 89.81 -60.39
CA GLY N 255 -36.37 89.47 -61.45
C GLY N 255 -35.95 89.85 -62.86
N ASP N 256 -34.65 90.00 -63.10
CA ASP N 256 -34.16 90.44 -64.40
C ASP N 256 -33.96 89.30 -65.40
N LEU N 257 -35.05 88.62 -65.73
CA LEU N 257 -35.06 87.55 -66.72
C LEU N 257 -34.36 87.96 -68.01
N LYS N 258 -34.65 89.18 -68.48
CA LYS N 258 -34.05 89.70 -69.70
C LYS N 258 -32.52 89.70 -69.64
N ALA N 259 -31.98 90.12 -68.50
CA ALA N 259 -30.54 90.10 -68.28
C ALA N 259 -30.01 88.66 -68.36
N VAL N 260 -30.78 87.75 -67.78
CA VAL N 260 -30.42 86.33 -67.78
C VAL N 260 -30.48 85.74 -69.19
N PHE N 261 -31.33 86.29 -70.04
CA PHE N 261 -31.51 85.73 -71.38
C PHE N 261 -30.36 86.13 -72.29
N SER N 262 -29.92 87.38 -72.18
CA SER N 262 -28.73 87.84 -72.89
C SER N 262 -27.52 86.96 -72.57
N ARG N 263 -27.30 86.67 -71.29
CA ARG N 263 -26.15 85.88 -70.85
C ARG N 263 -26.30 84.42 -71.28
N PHE N 264 -27.52 83.91 -71.21
CA PHE N 264 -27.80 82.55 -71.64
C PHE N 264 -27.52 82.39 -73.14
N ALA N 265 -28.09 83.29 -73.94
CA ALA N 265 -27.88 83.28 -75.39
C ALA N 265 -26.42 83.54 -75.74
N ARG N 266 -25.73 84.28 -74.88
CA ARG N 266 -24.35 84.67 -75.15
C ARG N 266 -23.41 83.50 -74.92
N GLY N 267 -23.51 82.88 -73.75
CA GLY N 267 -22.69 81.73 -73.42
C GLY N 267 -23.02 80.47 -74.19
N LEU N 268 -24.28 80.29 -74.55
CA LEU N 268 -24.76 79.10 -75.23
C LEU N 268 -24.14 78.97 -76.62
N LEU N 269 -24.11 80.08 -77.35
CA LEU N 269 -23.48 80.10 -78.66
C LEU N 269 -21.98 79.81 -78.53
N GLU N 270 -21.36 80.39 -77.50
CA GLU N 270 -19.95 80.16 -77.26
C GLU N 270 -19.63 78.68 -77.02
N VAL N 271 -20.60 77.95 -76.48
CA VAL N 271 -20.38 76.54 -76.13
C VAL N 271 -20.68 75.66 -77.34
N GLU N 272 -21.75 75.99 -78.06
CA GLU N 272 -22.06 75.30 -79.31
C GLU N 272 -20.89 75.45 -80.28
N ARG N 273 -20.17 76.57 -80.14
CA ARG N 273 -19.01 76.85 -80.98
C ARG N 273 -17.77 76.07 -80.53
N LEU N 274 -17.48 76.11 -79.22
CA LEU N 274 -16.34 75.38 -78.69
C LEU N 274 -16.50 73.87 -78.84
N MET N 275 -17.74 73.39 -78.69
CA MET N 275 -18.07 71.98 -78.83
C MET N 275 -17.80 71.52 -80.25
N LYS N 276 -18.31 72.31 -81.19
CA LYS N 276 -18.07 72.05 -82.59
C LYS N 276 -16.57 72.15 -82.83
N GLU N 277 -15.91 73.04 -82.08
CA GLU N 277 -14.50 73.32 -82.30
C GLU N 277 -13.54 72.20 -81.89
N CYS N 278 -14.04 71.26 -81.10
CA CYS N 278 -13.24 70.14 -80.63
C CYS N 278 -13.44 68.90 -81.49
N GLY N 279 -14.32 69.00 -82.49
CA GLY N 279 -14.59 67.89 -83.40
C GLY N 279 -15.93 67.22 -83.15
N HIS N 280 -16.78 67.85 -82.33
CA HIS N 280 -18.01 67.20 -81.89
C HIS N 280 -19.27 68.02 -82.10
N GLY N 281 -20.23 67.44 -82.82
CA GLY N 281 -21.50 68.09 -83.07
C GLY N 281 -22.53 67.73 -82.01
N LEU N 282 -23.69 68.35 -82.11
CA LEU N 282 -24.77 68.07 -81.19
C LEU N 282 -25.86 67.28 -81.90
N MET N 283 -26.52 66.40 -81.16
CA MET N 283 -27.57 65.53 -81.69
C MET N 283 -28.76 66.40 -82.08
N HIS N 284 -29.08 66.43 -83.37
CA HIS N 284 -30.01 67.42 -83.89
C HIS N 284 -30.87 66.95 -85.07
N ASN N 285 -32.12 67.37 -85.06
CA ASN N 285 -33.12 66.95 -86.05
C ASN N 285 -33.61 68.11 -86.92
N ASP N 286 -33.83 67.87 -88.20
CA ASP N 286 -34.32 68.94 -89.07
C ASP N 286 -35.76 69.33 -88.73
N ARG N 287 -36.53 68.36 -88.25
CA ARG N 287 -37.96 68.57 -88.01
C ARG N 287 -38.20 68.89 -86.53
N LEU N 288 -37.44 68.24 -85.66
CA LEU N 288 -37.66 68.32 -84.22
C LEU N 288 -36.66 69.22 -83.48
N GLY N 289 -35.57 69.59 -84.14
CA GLY N 289 -34.60 70.47 -83.53
C GLY N 289 -33.54 69.69 -82.76
N TYR N 290 -33.39 70.02 -81.48
CA TYR N 290 -32.40 69.35 -80.66
C TYR N 290 -33.01 68.19 -79.88
N ILE N 291 -32.21 67.15 -79.64
CA ILE N 291 -32.73 65.93 -79.03
C ILE N 291 -32.02 65.57 -77.72
N CYS N 292 -32.82 65.45 -76.65
CA CYS N 292 -32.34 65.01 -75.34
C CYS N 292 -33.04 63.74 -74.82
N THR N 293 -32.83 63.45 -73.54
CA THR N 293 -33.32 62.24 -72.89
C THR N 293 -34.84 62.14 -72.87
N CYS N 294 -35.49 63.24 -72.48
CA CYS N 294 -36.92 63.29 -72.29
C CYS N 294 -37.58 63.98 -73.48
N PRO N 295 -38.67 63.40 -74.00
CA PRO N 295 -39.37 64.03 -75.11
C PRO N 295 -39.88 65.45 -74.80
N THR N 296 -40.10 65.80 -73.53
CA THR N 296 -40.52 67.16 -73.17
C THR N 296 -39.38 68.13 -73.34
N ASN N 297 -38.17 67.60 -73.42
CA ASN N 297 -36.96 68.39 -73.62
C ASN N 297 -36.47 68.23 -75.05
N MET N 298 -37.12 68.93 -75.97
CA MET N 298 -36.87 68.85 -77.40
C MET N 298 -36.91 70.21 -78.07
N GLY N 299 -36.55 70.27 -79.35
CA GLY N 299 -36.62 71.51 -80.10
C GLY N 299 -35.59 72.51 -79.61
N THR N 300 -36.03 73.47 -78.80
CA THR N 300 -35.10 74.38 -78.16
C THR N 300 -34.48 73.76 -76.90
N VAL N 301 -35.22 72.86 -76.27
CA VAL N 301 -34.79 72.24 -75.01
C VAL N 301 -34.59 73.35 -73.97
N VAL N 302 -35.13 74.52 -74.28
CA VAL N 302 -35.12 75.66 -73.36
C VAL N 302 -36.25 75.55 -72.35
N ARG N 303 -35.95 75.92 -71.11
CA ARG N 303 -36.95 76.05 -70.06
C ARG N 303 -36.60 77.25 -69.17
N ALA N 304 -37.34 78.34 -69.34
CA ALA N 304 -37.12 79.55 -68.56
C ALA N 304 -37.97 79.52 -67.28
N SER N 305 -37.43 79.99 -66.16
CA SER N 305 -38.20 79.92 -64.92
C SER N 305 -37.98 81.07 -63.94
N VAL N 306 -39.04 81.41 -63.21
CA VAL N 306 -38.95 82.35 -62.11
C VAL N 306 -39.36 81.64 -60.83
N HIS N 307 -38.87 82.16 -59.70
CA HIS N 307 -39.39 81.78 -58.39
C HIS N 307 -40.39 82.84 -57.97
N LEU N 308 -41.67 82.47 -58.04
CA LEU N 308 -42.76 83.43 -57.92
C LEU N 308 -43.46 83.28 -56.57
N ARG N 309 -43.42 84.33 -55.75
CA ARG N 309 -44.16 84.29 -54.50
C ARG N 309 -45.61 84.74 -54.67
N LEU N 310 -46.51 83.77 -54.55
CA LEU N 310 -47.94 83.96 -54.76
C LEU N 310 -48.75 83.75 -53.49
N ALA N 311 -48.50 84.60 -52.50
CA ALA N 311 -49.11 84.45 -51.18
C ALA N 311 -50.62 84.25 -51.24
N PHE N 312 -51.24 84.74 -52.31
CA PHE N 312 -52.69 84.80 -52.40
C PHE N 312 -53.25 83.86 -53.45
N LEU N 313 -52.76 84.02 -54.68
CA LEU N 313 -53.29 83.32 -55.84
C LEU N 313 -53.25 81.81 -55.70
N GLU N 314 -52.34 81.29 -54.88
CA GLU N 314 -52.29 79.85 -54.65
C GLU N 314 -53.53 79.37 -53.90
N LYS N 315 -54.13 80.29 -53.13
CA LYS N 315 -55.34 80.00 -52.38
C LYS N 315 -56.59 79.98 -53.27
N HIS N 316 -56.44 80.33 -54.54
CA HIS N 316 -57.58 80.46 -55.45
C HIS N 316 -57.85 79.23 -56.30
N PRO N 317 -59.04 78.64 -56.15
CA PRO N 317 -59.49 77.38 -56.75
C PRO N 317 -59.25 77.22 -58.25
N ARG N 318 -59.00 78.32 -58.98
CA ARG N 318 -58.75 78.22 -60.41
C ARG N 318 -57.27 78.42 -60.75
N PHE N 319 -56.45 78.53 -59.71
CA PHE N 319 -55.01 78.74 -59.88
C PHE N 319 -54.39 77.73 -60.85
N ASP N 320 -54.80 76.48 -60.73
CA ASP N 320 -54.23 75.41 -61.54
C ASP N 320 -54.74 75.38 -62.99
N GLU N 321 -55.98 75.83 -63.18
CA GLU N 321 -56.60 75.92 -64.49
C GLU N 321 -56.08 77.12 -65.27
N MET N 322 -55.62 78.14 -64.55
CA MET N 322 -54.99 79.29 -65.19
C MET N 322 -53.64 78.90 -65.72
N LEU N 323 -52.84 78.31 -64.85
CA LEU N 323 -51.49 77.87 -65.19
C LEU N 323 -51.45 77.04 -66.47
N GLY N 324 -52.31 76.03 -66.56
CA GLY N 324 -52.33 75.15 -67.71
C GLY N 324 -52.79 75.83 -69.00
N LYS N 325 -53.66 76.81 -68.86
CA LYS N 325 -54.18 77.54 -70.01
C LYS N 325 -53.14 78.52 -70.52
N LEU N 326 -52.23 78.91 -69.63
CA LEU N 326 -51.11 79.80 -69.96
C LEU N 326 -49.87 79.05 -70.45
N ARG N 327 -50.01 77.76 -70.74
CA ARG N 327 -48.89 76.91 -71.16
C ARG N 327 -47.68 77.00 -70.19
N LEU N 328 -47.96 77.12 -68.90
CA LEU N 328 -46.91 77.19 -67.90
C LEU N 328 -46.88 75.90 -67.10
N GLY N 329 -45.68 75.42 -66.79
CA GLY N 329 -45.51 74.28 -65.92
C GLY N 329 -45.32 74.73 -64.48
N LYS N 330 -46.00 74.04 -63.57
CA LYS N 330 -45.82 74.27 -62.14
C LYS N 330 -44.83 73.27 -61.56
N ARG N 331 -43.87 73.80 -60.81
CA ARG N 331 -42.93 72.98 -60.05
C ARG N 331 -42.74 73.64 -58.70
N GLY N 332 -41.98 72.98 -57.83
CA GLY N 332 -41.73 73.50 -56.51
C GLY N 332 -40.45 74.33 -56.49
N THR N 333 -40.06 74.72 -55.28
CA THR N 333 -38.98 75.71 -55.08
C THR N 333 -37.56 75.16 -55.19
N GLY N 334 -37.42 73.84 -55.06
CA GLY N 334 -36.11 73.21 -55.14
C GLY N 334 -35.99 72.45 -56.45
N GLY N 335 -36.92 72.71 -57.35
CA GLY N 335 -36.96 72.04 -58.63
C GLY N 335 -38.19 71.17 -58.76
N GLU N 336 -38.20 70.38 -59.84
CA GLU N 336 -39.33 69.53 -60.25
C GLU N 336 -39.82 68.52 -59.22
N SER N 337 -38.91 67.89 -58.46
CA SER N 337 -39.30 66.92 -57.44
C SER N 337 -39.21 67.53 -56.05
N SER N 338 -40.10 68.48 -55.80
CA SER N 338 -40.22 69.18 -54.52
C SER N 338 -41.51 70.00 -54.55
N LEU N 339 -41.93 70.52 -53.41
CA LEU N 339 -43.14 71.32 -53.33
C LEU N 339 -42.84 72.79 -53.12
N ALA N 340 -43.91 73.59 -52.98
CA ALA N 340 -43.78 75.03 -52.76
C ALA N 340 -43.49 75.33 -51.29
N THR N 341 -42.49 76.16 -51.06
CA THR N 341 -42.16 76.59 -49.70
C THR N 341 -42.36 78.09 -49.58
N ASP N 342 -43.13 78.50 -48.57
CA ASP N 342 -43.54 79.89 -48.41
C ASP N 342 -44.16 80.47 -49.68
N SER N 343 -45.23 79.84 -50.16
CA SER N 343 -46.02 80.37 -51.27
C SER N 343 -45.19 80.71 -52.50
N THR N 344 -44.06 80.04 -52.67
CA THR N 344 -43.13 80.35 -53.76
C THR N 344 -42.95 79.17 -54.70
N TYR N 345 -43.15 79.42 -55.99
CA TYR N 345 -43.14 78.38 -56.99
C TYR N 345 -42.09 78.61 -58.07
N ASP N 346 -41.64 77.52 -58.69
CA ASP N 346 -40.83 77.53 -59.92
C ASP N 346 -41.83 77.49 -61.09
N ILE N 347 -41.98 78.64 -61.77
CA ILE N 347 -42.96 78.80 -62.84
C ILE N 347 -42.24 78.98 -64.18
N SER N 348 -42.66 78.27 -65.21
CA SER N 348 -41.85 78.19 -66.42
C SER N 348 -42.65 77.83 -67.66
N ASN N 349 -42.09 78.07 -68.84
CA ASN N 349 -42.71 77.58 -70.06
C ASN N 349 -42.80 76.06 -70.03
N TRP N 350 -43.92 75.54 -70.49
CA TRP N 350 -44.15 74.10 -70.53
C TRP N 350 -43.58 73.46 -71.81
N ALA N 351 -43.87 74.08 -72.95
CA ALA N 351 -43.49 73.53 -74.25
C ALA N 351 -42.11 73.99 -74.70
N ARG N 352 -41.52 73.25 -75.64
CA ARG N 352 -40.17 73.52 -76.11
C ARG N 352 -39.99 73.19 -77.59
N LEU N 353 -40.93 72.42 -78.13
CA LEU N 353 -40.93 72.06 -79.56
C LEU N 353 -42.04 72.81 -80.27
N GLY N 354 -41.68 73.61 -81.26
CA GLY N 354 -42.67 74.27 -82.09
C GLY N 354 -42.50 75.77 -82.11
N LYS N 355 -41.76 76.29 -81.14
CA LYS N 355 -41.53 77.72 -81.04
C LYS N 355 -40.08 77.99 -80.67
N SER N 356 -39.61 79.19 -80.94
CA SER N 356 -38.23 79.55 -80.71
C SER N 356 -38.02 79.99 -79.26
N GLU N 357 -36.75 80.08 -78.88
CA GLU N 357 -36.35 80.50 -77.54
C GLU N 357 -37.05 81.80 -77.08
N ARG N 358 -37.06 82.80 -77.97
CA ARG N 358 -37.63 84.12 -77.67
C ARG N 358 -39.15 84.05 -77.50
N GLU N 359 -39.79 83.23 -78.33
CA GLU N 359 -41.21 82.95 -78.19
C GLU N 359 -41.52 82.25 -76.87
N LEU N 360 -40.69 81.27 -76.52
CA LEU N 360 -40.84 80.57 -75.25
C LEU N 360 -40.61 81.47 -74.04
N VAL N 361 -39.48 82.17 -74.01
CA VAL N 361 -39.21 83.11 -72.93
C VAL N 361 -40.32 84.18 -72.80
N GLN N 362 -40.83 84.65 -73.93
CA GLN N 362 -41.91 85.65 -73.90
C GLN N 362 -43.13 85.10 -73.18
N VAL N 363 -43.63 83.97 -73.69
CA VAL N 363 -44.74 83.23 -73.09
C VAL N 363 -44.71 83.29 -71.56
N LEU N 364 -43.55 83.04 -70.97
CA LEU N 364 -43.37 83.09 -69.51
C LEU N 364 -43.63 84.49 -68.95
N VAL N 365 -42.95 85.49 -69.51
CA VAL N 365 -43.23 86.88 -69.16
C VAL N 365 -44.71 87.19 -69.25
N ASP N 366 -45.33 86.78 -70.35
CA ASP N 366 -46.74 87.07 -70.60
C ASP N 366 -47.65 86.39 -69.57
N GLY N 367 -47.24 85.21 -69.11
CA GLY N 367 -47.97 84.49 -68.09
C GLY N 367 -47.77 85.07 -66.70
N VAL N 368 -46.51 85.30 -66.35
CA VAL N 368 -46.12 85.82 -65.04
C VAL N 368 -46.63 87.24 -64.79
N ASN N 369 -46.70 88.02 -65.86
CA ASN N 369 -47.32 89.35 -65.81
C ASN N 369 -48.76 89.25 -65.31
N LEU N 370 -49.52 88.36 -65.95
CA LEU N 370 -50.89 88.07 -65.55
C LEU N 370 -50.96 87.58 -64.11
N LEU N 371 -50.28 86.49 -63.80
CA LEU N 371 -50.34 85.89 -62.46
C LEU N 371 -50.11 86.92 -61.35
N ILE N 372 -49.11 87.78 -61.51
CA ILE N 372 -48.83 88.81 -60.53
C ILE N 372 -49.99 89.80 -60.39
N ALA N 373 -50.65 90.11 -61.50
CA ALA N 373 -51.78 91.04 -61.51
C ALA N 373 -53.03 90.49 -60.82
N CYS N 374 -53.31 89.20 -61.00
CA CYS N 374 -54.44 88.58 -60.32
C CYS N 374 -54.18 88.54 -58.82
N ASP N 375 -52.91 88.30 -58.47
CA ASP N 375 -52.52 88.22 -57.08
C ASP N 375 -52.62 89.59 -56.42
N LYS N 376 -52.45 90.64 -57.23
CA LYS N 376 -52.62 91.99 -56.73
C LYS N 376 -54.09 92.22 -56.42
N LYS N 377 -54.98 91.78 -57.31
CA LYS N 377 -56.42 91.94 -57.11
C LYS N 377 -56.87 91.21 -55.85
N LEU N 378 -56.48 89.94 -55.74
CA LEU N 378 -56.84 89.16 -54.55
C LEU N 378 -56.38 89.88 -53.29
N GLU N 379 -55.14 90.35 -53.32
CA GLU N 379 -54.61 91.10 -52.20
C GLU N 379 -55.59 92.22 -51.82
N ALA N 380 -56.20 92.83 -52.84
CA ALA N 380 -57.17 93.91 -52.64
C ALA N 380 -58.61 93.42 -52.56
N GLY N 381 -58.81 92.22 -52.02
CA GLY N 381 -60.14 91.64 -51.93
C GLY N 381 -60.97 91.89 -53.18
N GLN N 382 -60.55 91.31 -54.29
CA GLN N 382 -61.20 91.57 -55.58
C GLN N 382 -61.33 90.29 -56.41
N SER N 383 -62.14 90.34 -57.46
CA SER N 383 -62.47 89.16 -58.25
C SER N 383 -61.67 89.11 -59.55
N ILE N 384 -61.05 87.96 -59.78
CA ILE N 384 -60.22 87.78 -60.95
C ILE N 384 -60.91 86.87 -61.97
N ASP N 385 -62.18 86.57 -61.73
CA ASP N 385 -62.89 85.64 -62.60
C ASP N 385 -62.78 86.07 -64.07
N ASP N 386 -62.60 87.37 -64.29
CA ASP N 386 -62.55 87.93 -65.64
C ASP N 386 -61.14 87.97 -66.25
N MET N 387 -60.14 87.82 -65.40
CA MET N 387 -58.74 87.87 -65.83
C MET N 387 -58.36 86.54 -66.44
N ILE N 388 -59.03 85.49 -65.95
CA ILE N 388 -58.71 84.11 -66.28
C ILE N 388 -59.02 83.78 -67.73
N PRO N 389 -58.01 83.25 -68.45
CA PRO N 389 -58.12 82.93 -69.88
C PRO N 389 -59.37 82.12 -70.20
N LYS N 390 -60.05 82.48 -71.28
CA LYS N 390 -61.17 81.70 -71.76
C LYS N 390 -60.67 80.44 -72.47
N PHE O 25 4.60 -20.08 -52.47
CA PHE O 25 5.00 -20.57 -51.16
C PHE O 25 5.64 -21.96 -51.20
N LYS O 26 6.73 -22.14 -50.45
CA LYS O 26 7.39 -23.43 -50.29
C LYS O 26 6.86 -24.12 -49.04
N ALA O 27 7.35 -25.32 -48.76
CA ALA O 27 7.01 -25.97 -47.50
C ALA O 27 7.55 -25.09 -46.39
N ALA O 28 8.83 -24.76 -46.50
CA ALA O 28 9.56 -23.98 -45.49
C ALA O 28 8.86 -22.68 -45.10
N ASP O 29 8.08 -22.12 -46.02
CA ASP O 29 7.38 -20.88 -45.75
C ASP O 29 6.27 -21.14 -44.75
N ASN O 30 5.80 -22.39 -44.73
CA ASN O 30 4.65 -22.76 -43.91
C ASN O 30 5.02 -23.63 -42.69
N PHE O 31 6.28 -24.06 -42.62
CA PHE O 31 6.72 -24.81 -41.45
C PHE O 31 6.41 -24.01 -40.17
N PRO O 32 5.64 -24.63 -39.26
CA PRO O 32 5.21 -23.97 -38.02
C PRO O 32 6.40 -23.56 -37.14
N ASP O 33 6.20 -22.57 -36.28
CA ASP O 33 7.22 -22.20 -35.31
C ASP O 33 6.98 -22.96 -33.99
N LEU O 34 7.61 -24.12 -33.86
CA LEU O 34 7.35 -24.99 -32.72
C LEU O 34 8.31 -24.77 -31.55
N SER O 35 8.97 -23.61 -31.52
CA SER O 35 9.94 -23.26 -30.47
C SER O 35 9.55 -23.76 -29.07
N LYS O 36 8.59 -23.08 -28.45
CA LYS O 36 8.18 -23.36 -27.08
C LYS O 36 7.08 -24.44 -26.94
N HIS O 37 7.19 -25.51 -27.73
CA HIS O 37 6.20 -26.60 -27.71
C HIS O 37 6.66 -27.86 -26.98
N ASN O 38 5.72 -28.51 -26.29
CA ASN O 38 5.95 -29.80 -25.65
C ASN O 38 4.84 -30.81 -25.93
N ASN O 39 4.99 -31.55 -27.03
CA ASN O 39 4.07 -32.65 -27.36
C ASN O 39 4.65 -33.65 -28.36
N VAL O 40 4.05 -34.83 -28.45
CA VAL O 40 4.60 -35.90 -29.27
C VAL O 40 4.85 -35.42 -30.70
N MET O 41 3.86 -34.73 -31.26
CA MET O 41 3.93 -34.16 -32.62
C MET O 41 5.18 -33.32 -32.81
N ALA O 42 5.32 -32.26 -32.01
CA ALA O 42 6.46 -31.34 -32.10
C ALA O 42 7.82 -32.05 -31.98
N SER O 43 7.83 -33.18 -31.28
CA SER O 43 9.07 -33.93 -31.04
C SER O 43 9.46 -34.83 -32.21
N GLN O 44 8.45 -35.34 -32.92
CA GLN O 44 8.67 -36.32 -33.96
C GLN O 44 8.56 -35.68 -35.32
N LEU O 45 8.26 -34.39 -35.34
CA LEU O 45 8.13 -33.66 -36.59
C LEU O 45 9.50 -33.14 -37.02
N THR O 46 9.72 -33.07 -38.34
CA THR O 46 10.96 -32.53 -38.89
C THR O 46 10.64 -31.83 -40.19
N LYS O 47 11.36 -30.75 -40.47
CA LYS O 47 11.15 -30.00 -41.71
C LYS O 47 11.16 -30.96 -42.89
N GLU O 48 12.05 -31.95 -42.84
CA GLU O 48 12.14 -32.96 -43.88
C GLU O 48 10.83 -33.75 -44.01
N LEU O 49 10.32 -34.24 -42.90
CA LEU O 49 9.00 -34.90 -42.92
C LEU O 49 7.92 -33.99 -43.48
N TYR O 50 7.79 -32.79 -42.90
CA TYR O 50 6.78 -31.84 -43.34
C TYR O 50 6.91 -31.53 -44.83
N GLU O 51 8.15 -31.43 -45.30
CA GLU O 51 8.45 -31.11 -46.70
C GLU O 51 7.98 -32.24 -47.62
N LYS O 52 7.88 -33.43 -47.06
CA LYS O 52 7.43 -34.60 -47.82
C LYS O 52 5.90 -34.71 -47.86
N TYR O 53 5.24 -34.37 -46.76
CA TYR O 53 3.82 -34.68 -46.60
C TYR O 53 2.88 -33.51 -46.81
N TRP O 54 3.38 -32.29 -46.67
CA TRP O 54 2.49 -31.14 -46.63
C TRP O 54 1.57 -31.00 -47.84
N ASP O 55 1.94 -31.59 -48.97
CA ASP O 55 1.12 -31.52 -50.19
C ASP O 55 0.43 -32.84 -50.53
N LYS O 56 0.47 -33.79 -49.60
CA LYS O 56 -0.13 -35.11 -49.79
C LYS O 56 -1.50 -35.19 -49.11
N VAL O 57 -2.53 -35.45 -49.90
CA VAL O 57 -3.90 -35.47 -49.40
C VAL O 57 -4.55 -36.84 -49.57
N THR O 58 -5.21 -37.32 -48.51
CA THR O 58 -5.91 -38.61 -48.54
C THR O 58 -7.09 -38.59 -49.51
N PRO O 59 -7.68 -39.78 -49.76
CA PRO O 59 -8.84 -39.86 -50.66
C PRO O 59 -10.05 -39.08 -50.17
N ASN O 60 -10.12 -38.83 -48.86
CA ASN O 60 -11.22 -38.07 -48.28
C ASN O 60 -10.92 -36.57 -48.21
N GLY O 61 -9.73 -36.19 -48.62
CA GLY O 61 -9.34 -34.79 -48.65
C GLY O 61 -8.79 -34.31 -47.32
N VAL O 62 -8.29 -35.24 -46.54
CA VAL O 62 -7.63 -34.93 -45.28
C VAL O 62 -6.18 -34.52 -45.57
N THR O 63 -5.73 -33.44 -44.93
CA THR O 63 -4.39 -32.93 -45.16
C THR O 63 -3.50 -33.19 -43.95
N PHE O 64 -2.20 -32.99 -44.12
CA PHE O 64 -1.24 -33.19 -43.04
C PHE O 64 -1.38 -32.13 -41.96
N ASP O 65 -1.53 -30.87 -42.37
CA ASP O 65 -1.69 -29.81 -41.39
C ASP O 65 -2.90 -30.13 -40.50
N LYS O 66 -3.97 -30.60 -41.14
CA LYS O 66 -5.20 -31.05 -40.47
C LYS O 66 -4.88 -32.00 -39.31
N CYS O 67 -4.04 -32.99 -39.57
CA CYS O 67 -3.64 -33.96 -38.55
C CYS O 67 -2.81 -33.33 -37.43
N ILE O 68 -1.88 -32.46 -37.78
CA ILE O 68 -0.97 -31.85 -36.79
C ILE O 68 -1.45 -30.53 -36.18
N GLN O 69 -2.54 -29.99 -36.70
CA GLN O 69 -2.95 -28.64 -36.32
C GLN O 69 -3.15 -28.45 -34.82
N THR O 70 -3.89 -29.35 -34.19
CA THR O 70 -4.16 -29.24 -32.76
C THR O 70 -2.89 -29.23 -31.90
N GLY O 71 -1.81 -29.79 -32.43
CA GLY O 71 -0.54 -29.83 -31.72
C GLY O 71 0.17 -28.50 -31.80
N VAL O 72 -0.06 -27.79 -32.89
CA VAL O 72 0.41 -26.42 -33.07
C VAL O 72 -0.31 -25.47 -32.10
N ASP O 73 -1.61 -25.68 -31.92
CA ASP O 73 -2.46 -24.75 -31.17
C ASP O 73 -2.37 -24.94 -29.66
N ASN O 74 -1.52 -25.86 -29.21
CA ASN O 74 -1.45 -26.22 -27.79
C ASN O 74 -0.05 -26.56 -27.30
N PRO O 75 0.87 -25.57 -27.32
CA PRO O 75 2.28 -25.79 -26.97
C PRO O 75 2.50 -26.39 -25.57
N GLY O 76 1.54 -26.19 -24.66
CA GLY O 76 1.66 -26.77 -23.33
C GLY O 76 0.41 -27.45 -22.83
N ASN O 77 0.42 -27.80 -21.55
CA ASN O 77 -0.72 -28.42 -20.89
C ASN O 77 -0.85 -27.90 -19.47
N LYS O 78 -2.07 -27.55 -19.06
CA LYS O 78 -2.32 -27.08 -17.70
C LYS O 78 -2.40 -28.25 -16.74
N PHE O 79 -2.78 -29.40 -17.26
CA PHE O 79 -3.01 -30.58 -16.43
C PHE O 79 -1.88 -31.62 -16.57
N TYR O 80 -2.09 -32.82 -16.06
CA TYR O 80 -1.01 -33.81 -16.03
C TYR O 80 -0.76 -34.46 -17.39
N GLY O 81 0.50 -34.48 -17.79
CA GLY O 81 0.90 -35.28 -18.93
C GLY O 81 1.30 -34.47 -20.13
N LYS O 82 2.28 -34.99 -20.86
CA LYS O 82 2.63 -34.47 -22.15
C LYS O 82 1.46 -34.88 -23.04
N LYS O 83 1.13 -34.06 -24.04
CA LYS O 83 0.01 -34.40 -24.93
C LYS O 83 0.50 -34.96 -26.26
N THR O 84 -0.40 -35.56 -27.02
CA THR O 84 -0.03 -36.15 -28.31
C THR O 84 0.13 -35.06 -29.37
N GLY O 85 -0.89 -34.23 -29.54
CA GLY O 85 -0.78 -33.07 -30.40
C GLY O 85 -1.01 -33.35 -31.87
N CYS O 86 -1.83 -34.36 -32.15
CA CYS O 86 -2.24 -34.66 -33.51
C CYS O 86 -3.23 -35.82 -33.52
N VAL O 87 -3.95 -35.95 -34.63
CA VAL O 87 -5.03 -36.93 -34.76
C VAL O 87 -5.07 -37.56 -36.16
N PHE O 88 -6.08 -38.38 -36.41
CA PHE O 88 -6.29 -38.96 -37.73
C PHE O 88 -7.48 -38.30 -38.38
N GLY O 89 -7.36 -37.96 -39.66
CA GLY O 89 -8.46 -37.35 -40.40
C GLY O 89 -9.48 -38.38 -40.86
N ASP O 90 -9.00 -39.59 -41.15
CA ASP O 90 -9.85 -40.69 -41.57
C ASP O 90 -9.09 -42.03 -41.55
N GLU O 91 -9.61 -43.00 -42.29
CA GLU O 91 -9.09 -44.37 -42.32
C GLU O 91 -7.69 -44.43 -42.91
N TYR O 92 -7.44 -43.58 -43.90
CA TYR O 92 -6.21 -43.63 -44.68
C TYR O 92 -5.07 -42.86 -44.05
N SER O 93 -5.41 -41.92 -43.18
CA SER O 93 -4.43 -40.98 -42.63
C SER O 93 -3.12 -41.57 -42.05
N TYR O 94 -3.14 -42.79 -41.53
CA TYR O 94 -1.89 -43.38 -41.01
C TYR O 94 -0.91 -43.87 -42.09
N GLU O 95 -1.41 -44.63 -43.07
CA GLU O 95 -0.61 -45.00 -44.24
C GLU O 95 -0.04 -43.78 -44.97
N CYS O 96 -0.86 -42.73 -45.11
CA CYS O 96 -0.47 -41.53 -45.85
C CYS O 96 0.71 -40.79 -45.23
N TYR O 97 0.75 -40.75 -43.90
CA TYR O 97 1.77 -39.99 -43.18
C TYR O 97 2.53 -40.96 -42.30
N LYS O 98 2.67 -42.18 -42.83
CA LYS O 98 3.27 -43.31 -42.12
C LYS O 98 4.59 -43.00 -41.43
N GLU O 99 5.52 -42.44 -42.18
CA GLU O 99 6.84 -42.12 -41.62
C GLU O 99 6.65 -41.28 -40.37
N PHE O 100 5.81 -40.26 -40.48
CA PHE O 100 5.51 -39.39 -39.34
C PHE O 100 4.86 -40.11 -38.16
N PHE O 101 3.75 -40.80 -38.42
CA PHE O 101 3.02 -41.48 -37.35
C PHE O 101 3.89 -42.53 -36.66
N ASP O 102 4.70 -43.25 -37.44
CA ASP O 102 5.57 -44.29 -36.88
C ASP O 102 6.46 -43.78 -35.77
N LYS O 103 6.89 -42.53 -35.89
CA LYS O 103 7.68 -41.91 -34.83
C LYS O 103 6.82 -41.51 -33.65
N CYS O 104 5.55 -41.22 -33.91
CA CYS O 104 4.63 -40.82 -32.85
C CYS O 104 4.18 -42.02 -32.03
N ILE O 105 3.93 -43.13 -32.72
CA ILE O 105 3.49 -44.37 -32.07
C ILE O 105 4.53 -44.99 -31.12
N GLU O 106 5.77 -45.13 -31.57
CA GLU O 106 6.81 -45.70 -30.70
C GLU O 106 7.06 -44.88 -29.44
N GLU O 107 7.10 -43.56 -29.57
CA GLU O 107 7.26 -42.74 -28.38
C GLU O 107 6.19 -43.12 -27.35
N ILE O 108 4.96 -43.30 -27.82
CA ILE O 108 3.83 -43.55 -26.91
C ILE O 108 3.71 -44.99 -26.43
N HIS O 109 3.64 -45.94 -27.36
CA HIS O 109 3.39 -47.33 -26.98
C HIS O 109 4.61 -48.22 -26.81
N HIS O 110 5.79 -47.67 -27.10
CA HIS O 110 7.03 -48.45 -27.08
C HIS O 110 6.98 -49.56 -28.14
N PHE O 111 6.69 -49.14 -29.37
CA PHE O 111 6.19 -50.00 -30.42
C PHE O 111 6.73 -49.54 -31.78
N LYS O 112 7.46 -50.44 -32.46
CA LYS O 112 8.14 -50.10 -33.70
C LYS O 112 7.33 -50.44 -34.95
N PRO O 113 7.76 -49.91 -36.11
CA PRO O 113 7.29 -50.34 -37.43
C PRO O 113 7.43 -51.84 -37.67
N SER O 114 8.37 -52.49 -36.98
CA SER O 114 8.55 -53.93 -37.13
C SER O 114 7.52 -54.71 -36.33
N ASP O 115 7.19 -54.22 -35.14
CA ASP O 115 6.23 -54.85 -34.23
C ASP O 115 4.87 -55.17 -34.86
N LYS O 116 4.12 -56.06 -34.20
CA LYS O 116 2.74 -56.33 -34.57
C LYS O 116 1.88 -56.37 -33.30
N HIS O 117 0.58 -56.17 -33.46
CA HIS O 117 -0.33 -56.17 -32.31
C HIS O 117 -0.85 -57.58 -32.06
N PRO O 118 -0.86 -58.00 -30.78
CA PRO O 118 -1.32 -59.31 -30.26
C PRO O 118 -2.83 -59.55 -30.40
N ALA O 119 -3.21 -60.80 -30.63
CA ALA O 119 -4.61 -61.20 -30.74
C ALA O 119 -5.43 -60.86 -29.50
N PRO O 120 -6.74 -60.60 -29.69
CA PRO O 120 -7.63 -60.23 -28.58
C PRO O 120 -7.64 -61.24 -27.43
N ASP O 121 -7.42 -60.75 -26.21
CA ASP O 121 -7.53 -61.58 -25.02
C ASP O 121 -8.50 -60.95 -24.00
N LEU O 122 -9.71 -61.47 -23.94
CA LEU O 122 -10.71 -60.95 -23.02
C LEU O 122 -11.05 -61.92 -21.89
N ASP O 123 -10.07 -62.70 -21.45
CA ASP O 123 -10.32 -63.71 -20.43
C ASP O 123 -10.11 -63.15 -19.01
N HIS O 124 -11.16 -62.56 -18.45
CA HIS O 124 -11.07 -61.91 -17.14
C HIS O 124 -10.81 -62.89 -16.00
N ASN O 125 -10.91 -64.18 -16.31
CA ASN O 125 -10.63 -65.21 -15.32
C ASN O 125 -9.13 -65.43 -15.18
N LYS O 126 -8.38 -65.10 -16.23
CA LYS O 126 -6.93 -65.26 -16.22
C LYS O 126 -6.24 -64.11 -15.48
N LEU O 127 -7.04 -63.25 -14.84
CA LEU O 127 -6.51 -62.10 -14.13
C LEU O 127 -6.00 -62.53 -12.75
N VAL O 128 -4.82 -62.05 -12.37
CA VAL O 128 -4.29 -62.32 -11.02
C VAL O 128 -4.56 -61.12 -10.11
N GLY O 129 -5.48 -61.30 -9.17
CA GLY O 129 -5.93 -60.19 -8.34
C GLY O 129 -7.05 -59.44 -9.05
N GLY O 130 -7.15 -58.14 -8.79
CA GLY O 130 -8.16 -57.33 -9.45
C GLY O 130 -9.27 -56.83 -8.55
N VAL O 131 -9.17 -57.11 -7.26
CA VAL O 131 -10.13 -56.59 -6.27
C VAL O 131 -9.39 -55.86 -5.15
N PHE O 132 -9.46 -54.54 -5.19
CA PHE O 132 -8.73 -53.71 -4.23
C PHE O 132 -9.57 -53.38 -3.02
N GLU O 133 -8.98 -52.60 -2.11
CA GLU O 133 -9.60 -52.19 -0.86
C GLU O 133 -10.34 -50.87 -1.04
N ASP O 134 -11.51 -50.73 -0.42
CA ASP O 134 -12.30 -49.50 -0.48
C ASP O 134 -11.49 -48.26 -0.19
N LYS O 135 -10.72 -48.34 0.89
CA LYS O 135 -9.92 -47.23 1.38
C LYS O 135 -9.19 -46.50 0.26
N TYR O 136 -8.68 -47.25 -0.72
CA TYR O 136 -7.81 -46.70 -1.75
C TYR O 136 -8.50 -46.53 -3.09
N VAL O 137 -9.18 -47.57 -3.56
CA VAL O 137 -9.89 -47.53 -4.83
C VAL O 137 -11.37 -47.20 -4.65
N LYS O 138 -11.79 -46.05 -5.20
CA LYS O 138 -13.16 -45.55 -4.99
C LYS O 138 -14.11 -45.90 -6.15
N SER O 139 -13.57 -46.08 -7.34
CA SER O 139 -14.37 -46.61 -8.43
C SER O 139 -13.52 -47.17 -9.56
N CYS O 140 -14.09 -48.12 -10.28
CA CYS O 140 -13.34 -48.85 -11.30
C CYS O 140 -14.08 -48.76 -12.63
N ARG O 141 -13.38 -48.29 -13.65
CA ARG O 141 -13.95 -48.11 -14.97
C ARG O 141 -13.00 -48.74 -15.98
N ILE O 142 -13.56 -49.17 -17.11
CA ILE O 142 -12.77 -49.71 -18.20
C ILE O 142 -13.44 -49.27 -19.49
N ARG O 143 -12.65 -48.90 -20.49
CA ARG O 143 -13.22 -48.43 -21.75
C ARG O 143 -12.35 -48.77 -22.96
N CYS O 144 -13.01 -48.92 -24.12
CA CYS O 144 -12.31 -48.92 -25.39
C CYS O 144 -12.92 -47.92 -26.39
N GLY O 145 -12.19 -47.64 -27.45
CA GLY O 145 -12.67 -46.81 -28.52
C GLY O 145 -12.78 -47.62 -29.80
N ARG O 146 -13.90 -47.45 -30.51
CA ARG O 146 -14.08 -48.02 -31.83
C ARG O 146 -14.54 -46.95 -32.80
N SER O 147 -14.12 -47.10 -34.05
CA SER O 147 -14.53 -46.20 -35.10
C SER O 147 -15.09 -47.02 -36.25
N VAL O 148 -16.23 -46.57 -36.77
CA VAL O 148 -16.91 -47.25 -37.85
C VAL O 148 -16.14 -47.12 -39.16
N LYS O 149 -16.00 -48.23 -39.89
CA LYS O 149 -15.26 -48.24 -41.14
C LYS O 149 -16.02 -47.58 -42.28
N GLY O 150 -15.30 -46.88 -43.14
CA GLY O 150 -15.90 -46.29 -44.32
C GLY O 150 -16.48 -44.91 -44.05
N VAL O 151 -16.18 -44.38 -42.88
CA VAL O 151 -16.54 -43.01 -42.54
C VAL O 151 -15.30 -42.26 -42.11
N CYS O 152 -15.25 -40.96 -42.42
CA CYS O 152 -14.19 -40.11 -41.87
C CYS O 152 -14.23 -40.10 -40.35
N LEU O 153 -13.10 -39.77 -39.74
CA LEU O 153 -13.06 -39.68 -38.30
C LEU O 153 -13.59 -38.32 -37.80
N PRO O 154 -13.92 -38.24 -36.51
CA PRO O 154 -14.53 -37.05 -35.90
C PRO O 154 -13.93 -35.70 -36.32
N PRO O 155 -12.59 -35.54 -36.25
CA PRO O 155 -12.05 -34.23 -36.63
C PRO O 155 -12.34 -33.87 -38.09
N ALA O 156 -12.65 -34.85 -38.92
CA ALA O 156 -12.90 -34.59 -40.34
C ALA O 156 -14.27 -35.02 -40.90
N MET O 157 -15.11 -35.67 -40.09
CA MET O 157 -16.41 -36.16 -40.57
C MET O 157 -17.48 -35.09 -40.68
N SER O 158 -18.24 -35.13 -41.77
CA SER O 158 -19.32 -34.18 -42.01
C SER O 158 -20.57 -34.56 -41.24
N ARG O 159 -21.49 -33.61 -41.12
CA ARG O 159 -22.72 -33.79 -40.35
C ARG O 159 -23.46 -35.06 -40.79
N ALA O 160 -23.66 -35.20 -42.10
CA ALA O 160 -24.31 -36.36 -42.68
C ALA O 160 -23.64 -37.67 -42.24
N GLU O 161 -22.31 -37.65 -42.14
CA GLU O 161 -21.61 -38.87 -41.73
C GLU O 161 -21.90 -39.17 -40.26
N ARG O 162 -21.76 -38.16 -39.40
CA ARG O 162 -22.11 -38.27 -38.00
C ARG O 162 -23.52 -38.86 -37.79
N ARG O 163 -24.52 -38.22 -38.40
CA ARG O 163 -25.92 -38.65 -38.36
C ARG O 163 -26.11 -40.13 -38.73
N LEU O 164 -25.27 -40.62 -39.64
CA LEU O 164 -25.34 -42.02 -40.04
C LEU O 164 -24.72 -42.94 -38.96
N VAL O 165 -23.56 -42.53 -38.43
CA VAL O 165 -22.92 -43.26 -37.34
C VAL O 165 -23.87 -43.38 -36.15
N GLU O 166 -24.52 -42.26 -35.81
CA GLU O 166 -25.46 -42.23 -34.70
C GLU O 166 -26.66 -43.15 -34.93
N LYS O 167 -27.20 -43.13 -36.15
CA LYS O 167 -28.30 -44.01 -36.55
C LYS O 167 -27.92 -45.46 -36.34
N VAL O 168 -26.83 -45.84 -36.97
CA VAL O 168 -26.39 -47.22 -37.05
C VAL O 168 -26.03 -47.79 -35.68
N VAL O 169 -25.26 -47.03 -34.92
CA VAL O 169 -24.84 -47.51 -33.61
C VAL O 169 -26.03 -47.56 -32.65
N SER O 170 -26.85 -46.51 -32.64
CA SER O 170 -28.00 -46.48 -31.74
C SER O 170 -28.97 -47.63 -32.03
N ASP O 171 -29.13 -47.96 -33.32
CA ASP O 171 -29.97 -49.08 -33.73
C ASP O 171 -29.41 -50.40 -33.25
N ALA O 172 -28.18 -50.69 -33.68
CA ALA O 172 -27.50 -51.93 -33.32
C ALA O 172 -27.62 -52.24 -31.83
N LEU O 173 -27.40 -51.23 -31.00
CA LEU O 173 -27.52 -51.36 -29.54
C LEU O 173 -28.93 -51.78 -29.12
N GLY O 174 -29.91 -51.54 -29.98
CA GLY O 174 -31.26 -52.03 -29.76
C GLY O 174 -31.32 -53.53 -29.53
N GLY O 175 -30.35 -54.26 -30.05
CA GLY O 175 -30.30 -55.70 -29.93
C GLY O 175 -29.76 -56.23 -28.61
N LEU O 176 -29.13 -55.38 -27.81
CA LEU O 176 -28.67 -55.78 -26.48
C LEU O 176 -29.82 -56.28 -25.63
N LYS O 177 -29.56 -57.34 -24.86
CA LYS O 177 -30.60 -58.05 -24.13
C LYS O 177 -30.27 -58.25 -22.65
N GLY O 178 -31.31 -58.45 -21.84
CA GLY O 178 -31.14 -58.73 -20.43
C GLY O 178 -30.55 -57.55 -19.68
N ASP O 179 -29.66 -57.84 -18.73
CA ASP O 179 -29.08 -56.79 -17.87
C ASP O 179 -28.18 -55.81 -18.62
N LEU O 180 -27.89 -56.12 -19.87
CA LEU O 180 -27.07 -55.24 -20.70
C LEU O 180 -27.93 -54.37 -21.62
N ALA O 181 -29.24 -54.53 -21.51
CA ALA O 181 -30.16 -53.77 -22.34
C ALA O 181 -30.41 -52.40 -21.73
N GLY O 182 -30.51 -51.38 -22.59
CA GLY O 182 -30.72 -50.01 -22.13
C GLY O 182 -31.46 -49.18 -23.16
N LYS O 183 -31.08 -47.92 -23.27
CA LYS O 183 -31.70 -47.02 -24.22
C LYS O 183 -30.77 -45.85 -24.55
N TYR O 184 -30.94 -45.29 -25.74
CA TYR O 184 -30.13 -44.18 -26.24
C TYR O 184 -30.75 -42.84 -25.83
N TYR O 185 -29.90 -41.88 -25.47
CA TYR O 185 -30.36 -40.56 -25.03
C TYR O 185 -29.58 -39.43 -25.71
N PRO O 186 -30.09 -38.97 -26.87
CA PRO O 186 -29.47 -37.88 -27.63
C PRO O 186 -29.30 -36.60 -26.81
N LEU O 187 -28.18 -35.94 -26.99
CA LEU O 187 -27.86 -34.71 -26.27
C LEU O 187 -28.75 -33.55 -26.71
N THR O 188 -29.18 -33.54 -27.97
CA THR O 188 -29.94 -32.40 -28.49
C THR O 188 -31.27 -32.17 -27.76
N THR O 189 -31.76 -33.19 -27.06
CA THR O 189 -32.99 -33.06 -26.28
C THR O 189 -32.76 -33.40 -24.82
N MET O 190 -31.50 -33.51 -24.44
CA MET O 190 -31.13 -33.72 -23.06
C MET O 190 -30.98 -32.36 -22.39
N ASN O 191 -31.92 -32.02 -21.49
CA ASN O 191 -31.86 -30.72 -20.83
C ASN O 191 -30.58 -30.55 -20.01
N GLU O 192 -30.19 -29.30 -19.79
CA GLU O 192 -28.89 -29.00 -19.22
C GLU O 192 -28.65 -29.61 -17.83
N LYS O 193 -29.64 -29.49 -16.95
CA LYS O 193 -29.51 -30.03 -15.60
C LYS O 193 -29.19 -31.53 -15.57
N ASP O 194 -29.84 -32.29 -16.44
CA ASP O 194 -29.61 -33.72 -16.57
C ASP O 194 -28.21 -33.98 -17.12
N GLN O 195 -27.83 -33.18 -18.10
CA GLN O 195 -26.51 -33.30 -18.70
C GLN O 195 -25.40 -33.06 -17.67
N GLU O 196 -25.52 -31.97 -16.92
CA GLU O 196 -24.54 -31.62 -15.91
C GLU O 196 -24.38 -32.77 -14.91
N GLN O 197 -25.51 -33.34 -14.48
CA GLN O 197 -25.49 -34.37 -13.45
C GLN O 197 -24.75 -35.63 -13.91
N LEU O 198 -25.16 -36.17 -15.06
CA LEU O 198 -24.50 -37.33 -15.63
C LEU O 198 -23.01 -37.11 -15.73
N ILE O 199 -22.61 -35.85 -15.91
CA ILE O 199 -21.19 -35.48 -15.98
C ILE O 199 -20.49 -35.55 -14.61
N GLU O 200 -21.06 -34.85 -13.63
CA GLU O 200 -20.59 -34.92 -12.25
C GLU O 200 -20.52 -36.37 -11.74
N ASP O 201 -21.35 -37.23 -12.35
CA ASP O 201 -21.53 -38.60 -11.89
C ASP O 201 -20.55 -39.50 -12.62
N HIS O 202 -19.72 -38.89 -13.45
CA HIS O 202 -18.68 -39.58 -14.22
C HIS O 202 -19.24 -40.52 -15.30
N PHE O 203 -20.44 -40.24 -15.83
CA PHE O 203 -21.12 -41.09 -16.80
C PHE O 203 -21.16 -40.53 -18.22
N LEU O 204 -21.31 -39.22 -18.33
CA LEU O 204 -21.40 -38.56 -19.61
C LEU O 204 -20.12 -37.77 -19.89
N PHE O 205 -19.68 -37.76 -21.15
CA PHE O 205 -18.54 -36.93 -21.51
C PHE O 205 -18.88 -35.48 -21.20
N GLU O 206 -17.86 -34.67 -20.96
CA GLU O 206 -18.01 -33.29 -20.50
C GLU O 206 -18.49 -32.34 -21.59
N LYS O 207 -18.66 -31.08 -21.22
CA LYS O 207 -19.06 -30.06 -22.18
C LYS O 207 -17.91 -29.77 -23.15
N PRO O 208 -18.23 -29.69 -24.45
CA PRO O 208 -17.30 -29.54 -25.58
C PRO O 208 -16.30 -28.37 -25.44
N THR O 209 -15.44 -28.41 -24.43
CA THR O 209 -14.41 -27.37 -24.25
C THR O 209 -12.99 -27.92 -24.18
N GLY O 210 -12.85 -29.24 -24.26
CA GLY O 210 -11.54 -29.86 -24.34
C GLY O 210 -10.67 -29.22 -25.41
N ALA O 211 -9.41 -28.96 -25.09
CA ALA O 211 -8.50 -28.28 -26.01
C ALA O 211 -8.29 -29.07 -27.29
N LEU O 212 -8.07 -30.37 -27.18
CA LEU O 212 -8.03 -31.26 -28.34
C LEU O 212 -9.39 -31.34 -29.06
N LEU O 213 -10.48 -31.45 -28.29
CA LEU O 213 -11.79 -31.57 -28.93
C LEU O 213 -12.04 -30.39 -29.86
N THR O 214 -11.96 -29.18 -29.31
CA THR O 214 -12.26 -27.99 -30.09
C THR O 214 -11.24 -27.74 -31.19
N THR O 215 -9.96 -27.68 -30.82
CA THR O 215 -8.91 -27.31 -31.77
C THR O 215 -8.70 -28.32 -32.90
N SER O 216 -9.38 -29.47 -32.84
CA SER O 216 -9.21 -30.51 -33.86
C SER O 216 -10.43 -30.70 -34.77
N GLY O 217 -11.42 -29.82 -34.66
CA GLY O 217 -12.63 -29.89 -35.44
C GLY O 217 -13.62 -30.93 -34.93
N CYS O 218 -13.45 -31.37 -33.70
CA CYS O 218 -14.25 -32.45 -33.14
C CYS O 218 -15.53 -31.94 -32.48
N ALA O 219 -15.56 -30.65 -32.17
CA ALA O 219 -16.76 -30.04 -31.58
C ALA O 219 -17.71 -29.42 -32.63
N ARG O 220 -17.42 -29.63 -33.92
CA ARG O 220 -18.23 -29.03 -34.97
C ARG O 220 -19.69 -29.48 -34.90
N ASP O 221 -20.59 -28.51 -35.09
CA ASP O 221 -22.04 -28.75 -35.15
C ASP O 221 -22.67 -29.29 -33.86
N TRP O 222 -22.00 -29.07 -32.73
CA TRP O 222 -22.48 -29.58 -31.45
C TRP O 222 -23.87 -29.02 -31.13
N PRO O 223 -24.74 -29.84 -30.50
CA PRO O 223 -24.53 -31.23 -30.11
C PRO O 223 -25.17 -32.23 -31.09
N ASP O 224 -25.22 -31.90 -32.37
CA ASP O 224 -25.92 -32.74 -33.36
C ASP O 224 -25.17 -34.04 -33.73
N GLY O 225 -25.77 -35.19 -33.37
CA GLY O 225 -25.19 -36.50 -33.59
C GLY O 225 -24.68 -37.18 -32.32
N ARG O 226 -24.60 -36.40 -31.24
CA ARG O 226 -23.96 -36.79 -29.98
C ARG O 226 -24.93 -37.29 -28.90
N GLY O 227 -24.56 -38.35 -28.20
CA GLY O 227 -25.38 -38.85 -27.11
C GLY O 227 -24.80 -40.04 -26.38
N ILE O 228 -25.47 -40.44 -25.30
CA ILE O 228 -25.04 -41.59 -24.51
C ILE O 228 -26.10 -42.69 -24.38
N TRP O 229 -25.65 -43.92 -24.60
CA TRP O 229 -26.49 -45.08 -24.41
C TRP O 229 -26.08 -45.71 -23.08
N HIS O 230 -27.05 -46.13 -22.28
CA HIS O 230 -26.74 -46.88 -21.06
C HIS O 230 -27.90 -47.74 -20.56
N ASN O 231 -27.56 -48.80 -19.82
CA ASN O 231 -28.56 -49.68 -19.23
C ASN O 231 -29.12 -49.07 -17.95
N ASN O 232 -29.95 -49.83 -17.22
CA ASN O 232 -30.61 -49.30 -16.04
C ASN O 232 -29.64 -49.02 -14.89
N GLU O 233 -28.76 -49.97 -14.62
CA GLU O 233 -27.79 -49.88 -13.53
C GLU O 233 -26.77 -48.77 -13.79
N LYS O 234 -26.52 -48.51 -15.08
CA LYS O 234 -25.52 -47.55 -15.52
C LYS O 234 -24.13 -48.06 -15.23
N ASN O 235 -23.94 -49.36 -15.41
CA ASN O 235 -22.62 -49.97 -15.27
C ASN O 235 -22.12 -50.43 -16.62
N PHE O 236 -22.90 -50.18 -17.66
CA PHE O 236 -22.49 -50.42 -19.03
C PHE O 236 -23.05 -49.33 -19.93
N LEU O 237 -22.16 -48.52 -20.49
CA LEU O 237 -22.56 -47.35 -21.27
C LEU O 237 -21.82 -47.28 -22.62
N VAL O 238 -22.42 -46.55 -23.56
CA VAL O 238 -21.76 -46.19 -24.81
C VAL O 238 -21.85 -44.67 -25.00
N TRP O 239 -20.74 -44.06 -25.40
CA TRP O 239 -20.74 -42.67 -25.84
C TRP O 239 -20.80 -42.64 -27.35
N ILE O 240 -21.73 -41.87 -27.91
CA ILE O 240 -21.87 -41.78 -29.37
C ILE O 240 -21.34 -40.45 -29.90
N ASN O 241 -20.42 -40.54 -30.86
CA ASN O 241 -19.95 -39.40 -31.65
C ASN O 241 -19.30 -38.21 -30.93
N GLU O 242 -18.55 -38.46 -29.86
CA GLU O 242 -17.75 -37.39 -29.26
C GLU O 242 -16.40 -37.27 -30.00
N GLU O 243 -15.31 -37.63 -29.33
CA GLU O 243 -13.99 -37.59 -29.95
C GLU O 243 -13.79 -38.81 -30.83
N ASP O 244 -14.59 -39.84 -30.60
CA ASP O 244 -14.56 -41.04 -31.43
C ASP O 244 -15.97 -41.43 -31.84
N HIS O 245 -16.08 -42.26 -32.88
CA HIS O 245 -17.41 -42.75 -33.27
C HIS O 245 -18.14 -43.44 -32.12
N ILE O 246 -17.41 -44.23 -31.34
CA ILE O 246 -17.98 -45.12 -30.31
C ILE O 246 -17.06 -45.28 -29.08
N ARG O 247 -17.66 -45.33 -27.88
CA ARG O 247 -16.92 -45.50 -26.64
C ARG O 247 -17.63 -46.48 -25.71
N VAL O 248 -17.15 -47.72 -25.66
CA VAL O 248 -17.75 -48.75 -24.81
C VAL O 248 -17.14 -48.77 -23.40
N ILE O 249 -17.99 -48.49 -22.41
CA ILE O 249 -17.54 -48.21 -21.06
C ILE O 249 -18.24 -49.14 -20.06
N SER O 250 -17.43 -49.89 -19.32
CA SER O 250 -17.91 -50.64 -18.17
C SER O 250 -17.42 -49.93 -16.91
N MET O 251 -18.33 -49.63 -15.98
CA MET O 251 -17.91 -49.03 -14.73
C MET O 251 -18.79 -49.34 -13.52
N GLN O 252 -18.20 -49.19 -12.34
CA GLN O 252 -18.94 -49.31 -11.08
C GLN O 252 -18.05 -48.84 -9.92
N LYS O 253 -18.69 -48.37 -8.85
CA LYS O 253 -17.96 -47.90 -7.69
C LYS O 253 -17.27 -49.06 -6.97
N GLY O 254 -16.58 -48.76 -5.87
CA GLY O 254 -15.83 -49.77 -5.15
C GLY O 254 -14.60 -50.25 -5.91
N GLY O 255 -13.92 -51.27 -5.38
CA GLY O 255 -12.68 -51.73 -5.96
C GLY O 255 -12.65 -53.06 -6.70
N ASP O 256 -13.72 -53.39 -7.44
CA ASP O 256 -13.81 -54.71 -8.11
C ASP O 256 -13.55 -54.66 -9.61
N LEU O 257 -12.29 -54.43 -9.98
CA LEU O 257 -11.86 -54.29 -11.36
C LEU O 257 -12.11 -55.57 -12.16
N LYS O 258 -12.07 -56.70 -11.46
CA LYS O 258 -12.36 -57.99 -12.08
C LYS O 258 -13.82 -58.02 -12.56
N ALA O 259 -14.76 -57.74 -11.65
CA ALA O 259 -16.17 -57.65 -12.03
C ALA O 259 -16.36 -56.69 -13.20
N VAL O 260 -15.67 -55.56 -13.15
CA VAL O 260 -15.81 -54.52 -14.17
C VAL O 260 -15.27 -54.99 -15.51
N PHE O 261 -14.17 -55.74 -15.46
CA PHE O 261 -13.58 -56.24 -16.70
C PHE O 261 -14.39 -57.42 -17.24
N SER O 262 -15.05 -58.14 -16.34
CA SER O 262 -15.89 -59.27 -16.73
C SER O 262 -17.04 -58.76 -17.59
N ARG O 263 -17.74 -57.76 -17.08
CA ARG O 263 -18.88 -57.16 -17.78
C ARG O 263 -18.42 -56.39 -19.01
N PHE O 264 -17.23 -55.80 -18.90
CA PHE O 264 -16.61 -55.13 -20.05
C PHE O 264 -16.51 -56.10 -21.24
N ALA O 265 -16.05 -57.32 -20.96
CA ALA O 265 -15.88 -58.35 -21.98
C ALA O 265 -17.20 -58.80 -22.60
N ARG O 266 -18.21 -59.03 -21.77
CA ARG O 266 -19.53 -59.46 -22.23
C ARG O 266 -20.15 -58.40 -23.13
N GLY O 267 -20.05 -57.15 -22.69
CA GLY O 267 -20.64 -56.04 -23.40
C GLY O 267 -19.99 -55.80 -24.75
N LEU O 268 -18.66 -55.85 -24.78
CA LEU O 268 -17.89 -55.53 -25.97
C LEU O 268 -18.10 -56.54 -27.09
N LEU O 269 -18.08 -57.83 -26.73
CA LEU O 269 -18.35 -58.89 -27.69
C LEU O 269 -19.76 -58.77 -28.28
N GLU O 270 -20.75 -58.51 -27.42
CA GLU O 270 -22.12 -58.28 -27.87
C GLU O 270 -22.21 -57.07 -28.80
N VAL O 271 -21.53 -55.99 -28.42
CA VAL O 271 -21.55 -54.77 -29.23
C VAL O 271 -20.91 -55.00 -30.60
N GLU O 272 -19.70 -55.56 -30.62
CA GLU O 272 -19.05 -55.88 -31.89
C GLU O 272 -19.90 -56.83 -32.72
N ARG O 273 -20.58 -57.75 -32.04
CA ARG O 273 -21.45 -58.71 -32.72
C ARG O 273 -22.63 -58.04 -33.43
N LEU O 274 -23.28 -57.11 -32.74
CA LEU O 274 -24.41 -56.39 -33.31
C LEU O 274 -23.98 -55.39 -34.38
N MET O 275 -22.80 -54.79 -34.20
CA MET O 275 -22.24 -53.92 -35.24
C MET O 275 -21.98 -54.75 -36.50
N LYS O 276 -21.51 -55.98 -36.28
CA LYS O 276 -21.14 -56.88 -37.37
C LYS O 276 -22.34 -57.65 -37.93
N GLU O 277 -23.52 -57.41 -37.35
CA GLU O 277 -24.72 -58.11 -37.78
C GLU O 277 -25.60 -57.24 -38.69
N CYS O 278 -25.34 -55.94 -38.69
CA CYS O 278 -26.17 -54.98 -39.41
C CYS O 278 -25.45 -54.37 -40.61
N GLY O 279 -24.29 -54.90 -40.96
CA GLY O 279 -23.57 -54.41 -42.11
C GLY O 279 -22.71 -53.19 -41.85
N HIS O 280 -21.92 -53.23 -40.77
CA HIS O 280 -21.03 -52.14 -40.43
C HIS O 280 -19.77 -52.65 -39.74
N GLY O 281 -18.63 -52.51 -40.41
CA GLY O 281 -17.37 -52.96 -39.86
C GLY O 281 -16.72 -51.90 -39.00
N LEU O 282 -15.59 -52.24 -38.38
CA LEU O 282 -14.89 -51.29 -37.52
C LEU O 282 -13.49 -51.06 -38.07
N MET O 283 -12.95 -49.87 -37.83
CA MET O 283 -11.64 -49.53 -38.35
C MET O 283 -10.58 -50.45 -37.76
N HIS O 284 -10.13 -51.42 -38.56
CA HIS O 284 -9.11 -52.35 -38.13
C HIS O 284 -7.95 -52.42 -39.12
N ASN O 285 -6.74 -52.40 -38.56
CA ASN O 285 -5.51 -52.61 -39.30
C ASN O 285 -4.94 -53.94 -38.80
N ASP O 286 -4.18 -54.65 -39.63
CA ASP O 286 -3.68 -55.98 -39.27
C ASP O 286 -2.53 -55.92 -38.27
N ARG O 287 -1.68 -54.90 -38.40
CA ARG O 287 -0.58 -54.68 -37.48
C ARG O 287 -1.02 -53.97 -36.22
N LEU O 288 -1.90 -52.98 -36.37
CA LEU O 288 -2.18 -52.02 -35.30
C LEU O 288 -3.46 -52.29 -34.51
N GLY O 289 -4.34 -53.12 -35.04
CA GLY O 289 -5.60 -53.41 -34.37
C GLY O 289 -6.67 -52.40 -34.71
N TYR O 290 -7.36 -51.89 -33.69
CA TYR O 290 -8.41 -50.89 -33.92
C TYR O 290 -7.87 -49.47 -33.97
N ILE O 291 -8.44 -48.68 -34.89
CA ILE O 291 -7.99 -47.32 -35.16
C ILE O 291 -9.05 -46.27 -34.84
N CYS O 292 -8.70 -45.32 -33.98
CA CYS O 292 -9.60 -44.23 -33.62
C CYS O 292 -9.08 -42.85 -34.03
N THR O 293 -9.40 -41.84 -33.22
CA THR O 293 -9.05 -40.45 -33.53
C THR O 293 -7.61 -40.11 -33.09
N CYS O 294 -7.30 -40.30 -31.81
CA CYS O 294 -5.94 -40.05 -31.31
C CYS O 294 -5.01 -41.29 -31.39
N PRO O 295 -3.75 -41.06 -31.78
CA PRO O 295 -2.66 -42.05 -31.89
C PRO O 295 -2.42 -42.94 -30.66
N THR O 296 -2.78 -42.48 -29.47
CA THR O 296 -2.66 -43.28 -28.25
C THR O 296 -3.76 -44.34 -28.18
N ASN O 297 -4.91 -44.04 -28.77
CA ASN O 297 -6.05 -44.95 -28.75
C ASN O 297 -6.02 -45.99 -29.86
N MET O 298 -4.91 -46.73 -29.98
CA MET O 298 -4.81 -47.80 -30.97
C MET O 298 -4.61 -49.16 -30.30
N GLY O 299 -4.52 -50.21 -31.12
CA GLY O 299 -4.35 -51.55 -30.62
C GLY O 299 -5.64 -52.01 -29.98
N THR O 300 -5.63 -52.17 -28.67
CA THR O 300 -6.85 -52.52 -27.96
C THR O 300 -7.68 -51.27 -27.79
N VAL O 301 -7.03 -50.11 -27.87
CA VAL O 301 -7.67 -48.81 -27.75
C VAL O 301 -8.29 -48.66 -26.37
N VAL O 302 -7.75 -49.42 -25.42
CA VAL O 302 -8.35 -49.60 -24.10
C VAL O 302 -7.73 -48.75 -23.00
N ARG O 303 -8.59 -48.13 -22.19
CA ARG O 303 -8.15 -47.54 -20.93
C ARG O 303 -8.91 -48.12 -19.76
N ALA O 304 -8.19 -48.84 -18.90
CA ALA O 304 -8.73 -49.28 -17.62
C ALA O 304 -8.23 -48.33 -16.53
N SER O 305 -9.15 -47.88 -15.68
CA SER O 305 -8.80 -46.87 -14.69
C SER O 305 -9.40 -47.10 -13.32
N VAL O 306 -8.65 -46.70 -12.31
CA VAL O 306 -9.15 -46.69 -10.95
C VAL O 306 -8.97 -45.29 -10.42
N HIS O 307 -9.92 -44.85 -9.60
CA HIS O 307 -9.74 -43.65 -8.82
C HIS O 307 -9.01 -44.11 -7.57
N LEU O 308 -7.73 -43.77 -7.49
CA LEU O 308 -6.85 -44.20 -6.40
C LEU O 308 -6.54 -43.03 -5.48
N ARG O 309 -6.70 -43.26 -4.18
CA ARG O 309 -6.57 -42.21 -3.18
C ARG O 309 -5.30 -42.42 -2.37
N LEU O 310 -4.32 -41.53 -2.57
CA LEU O 310 -2.96 -41.71 -2.05
C LEU O 310 -2.47 -40.56 -1.17
N ALA O 311 -3.10 -40.39 -0.01
CA ALA O 311 -2.83 -39.25 0.88
C ALA O 311 -1.37 -39.05 1.26
N PHE O 312 -0.61 -40.13 1.35
CA PHE O 312 0.81 -40.04 1.69
C PHE O 312 1.69 -40.01 0.45
N LEU O 313 1.56 -41.06 -0.35
CA LEU O 313 2.40 -41.30 -1.52
C LEU O 313 2.40 -40.14 -2.52
N GLU O 314 1.47 -39.20 -2.34
CA GLU O 314 1.37 -38.08 -3.29
C GLU O 314 2.35 -36.97 -2.91
N LYS O 315 2.79 -36.98 -1.66
CA LYS O 315 3.77 -36.00 -1.20
C LYS O 315 5.19 -36.47 -1.52
N HIS O 316 5.32 -37.75 -1.87
CA HIS O 316 6.63 -38.34 -2.11
C HIS O 316 7.21 -37.96 -3.46
N PRO O 317 8.41 -37.36 -3.44
CA PRO O 317 9.15 -36.81 -4.60
C PRO O 317 9.37 -37.81 -5.74
N ARG O 318 9.28 -39.10 -5.45
CA ARG O 318 9.50 -40.11 -6.47
C ARG O 318 8.18 -40.69 -6.99
N PHE O 319 7.07 -40.08 -6.57
CA PHE O 319 5.74 -40.53 -6.98
C PHE O 319 5.57 -40.67 -8.49
N ASP O 320 5.77 -39.58 -9.22
CA ASP O 320 5.63 -39.59 -10.68
C ASP O 320 6.56 -40.63 -11.30
N GLU O 321 7.85 -40.47 -11.06
CA GLU O 321 8.86 -41.42 -11.54
C GLU O 321 8.32 -42.84 -11.52
N MET O 322 7.66 -43.20 -10.42
CA MET O 322 7.05 -44.52 -10.29
C MET O 322 6.00 -44.75 -11.39
N LEU O 323 5.00 -43.88 -11.45
CA LEU O 323 3.95 -43.98 -12.48
C LEU O 323 4.53 -44.28 -13.86
N GLY O 324 5.57 -43.51 -14.21
CA GLY O 324 6.24 -43.64 -15.49
C GLY O 324 6.76 -45.05 -15.71
N LYS O 325 7.72 -45.45 -14.89
CA LYS O 325 8.33 -46.76 -15.00
C LYS O 325 7.27 -47.86 -15.08
N LEU O 326 6.25 -47.74 -14.25
CA LEU O 326 5.10 -48.64 -14.27
C LEU O 326 4.19 -48.50 -15.51
N ARG O 327 4.44 -47.49 -16.33
CA ARG O 327 3.63 -47.26 -17.53
C ARG O 327 2.17 -46.98 -17.16
N LEU O 328 1.98 -46.08 -16.21
CA LEU O 328 0.66 -45.74 -15.73
C LEU O 328 0.27 -44.28 -16.04
N GLY O 329 -0.95 -44.09 -16.50
CA GLY O 329 -1.42 -42.76 -16.81
C GLY O 329 -1.74 -42.04 -15.52
N LYS O 330 -2.07 -40.77 -15.65
CA LYS O 330 -2.43 -39.94 -14.51
C LYS O 330 -3.32 -38.81 -15.03
N ARG O 331 -4.58 -38.81 -14.58
CA ARG O 331 -5.54 -37.74 -14.86
C ARG O 331 -6.13 -37.32 -13.53
N GLY O 332 -7.00 -36.31 -13.55
CA GLY O 332 -7.67 -35.86 -12.34
C GLY O 332 -9.06 -36.47 -12.17
N THR O 333 -9.66 -36.24 -11.02
CA THR O 333 -11.00 -36.78 -10.71
C THR O 333 -12.07 -36.47 -11.77
N GLY O 334 -12.03 -35.26 -12.32
CA GLY O 334 -12.96 -34.89 -13.37
C GLY O 334 -12.50 -35.52 -14.66
N GLY O 335 -11.42 -36.28 -14.57
CA GLY O 335 -10.83 -36.90 -15.73
C GLY O 335 -9.65 -36.11 -16.24
N GLU O 336 -9.32 -36.36 -17.50
CA GLU O 336 -8.19 -35.78 -18.21
C GLU O 336 -7.92 -34.30 -17.90
N SER O 337 -8.88 -33.44 -18.22
CA SER O 337 -8.70 -32.00 -18.02
C SER O 337 -9.13 -31.59 -16.62
N SER O 338 -8.44 -32.13 -15.62
CA SER O 338 -8.74 -31.80 -14.24
C SER O 338 -7.62 -32.34 -13.36
N LEU O 339 -7.61 -31.93 -12.10
CA LEU O 339 -6.55 -32.30 -11.17
C LEU O 339 -7.09 -33.11 -10.01
N ALA O 340 -6.23 -33.93 -9.41
CA ALA O 340 -6.58 -34.65 -8.20
C ALA O 340 -7.37 -33.77 -7.24
N THR O 341 -8.50 -34.27 -6.77
CA THR O 341 -9.19 -33.66 -5.67
C THR O 341 -9.17 -34.66 -4.54
N ASP O 342 -8.92 -34.18 -3.33
CA ASP O 342 -8.95 -35.05 -2.18
C ASP O 342 -7.93 -36.19 -2.30
N SER O 343 -6.70 -35.83 -2.65
CA SER O 343 -5.61 -36.80 -2.74
C SER O 343 -5.96 -37.99 -3.65
N THR O 344 -6.97 -37.83 -4.50
CA THR O 344 -7.44 -38.94 -5.33
C THR O 344 -7.16 -38.67 -6.80
N TYR O 345 -6.45 -39.59 -7.44
CA TYR O 345 -6.03 -39.45 -8.84
C TYR O 345 -6.70 -40.47 -9.72
N ASP O 346 -6.81 -40.16 -11.00
CA ASP O 346 -7.18 -41.15 -11.99
C ASP O 346 -5.92 -41.86 -12.50
N ILE O 347 -5.76 -43.13 -12.12
CA ILE O 347 -4.63 -43.95 -12.54
C ILE O 347 -5.05 -45.02 -13.56
N SER O 348 -4.23 -45.26 -14.57
CA SER O 348 -4.63 -46.15 -15.67
C SER O 348 -3.46 -46.57 -16.56
N ASN O 349 -3.58 -47.71 -17.23
CA ASN O 349 -2.52 -48.12 -18.14
C ASN O 349 -2.32 -47.05 -19.21
N TRP O 350 -1.06 -46.76 -19.52
CA TRP O 350 -0.68 -45.70 -20.43
C TRP O 350 -0.78 -46.16 -21.89
N ALA O 351 -0.19 -47.31 -22.19
CA ALA O 351 -0.12 -47.82 -23.55
C ALA O 351 -1.32 -48.72 -23.89
N ARG O 352 -1.63 -48.83 -25.18
CA ARG O 352 -2.77 -49.64 -25.61
C ARG O 352 -2.45 -50.52 -26.82
N LEU O 353 -1.36 -50.20 -27.51
CA LEU O 353 -0.99 -50.89 -28.75
C LEU O 353 0.14 -51.89 -28.51
N GLY O 354 -0.06 -53.14 -28.88
CA GLY O 354 0.99 -54.15 -28.78
C GLY O 354 0.90 -55.02 -27.53
N LYS O 355 -0.23 -54.93 -26.85
CA LYS O 355 -0.54 -55.82 -25.73
C LYS O 355 -2.05 -56.05 -25.62
N SER O 356 -2.44 -57.25 -25.18
CA SER O 356 -3.85 -57.61 -25.07
C SER O 356 -4.55 -56.84 -23.97
N GLU O 357 -5.89 -56.84 -23.99
CA GLU O 357 -6.68 -56.16 -22.95
C GLU O 357 -6.41 -56.74 -21.57
N ARG O 358 -6.10 -58.04 -21.52
CA ARG O 358 -5.82 -58.70 -20.24
C ARG O 358 -4.52 -58.17 -19.64
N GLU O 359 -3.46 -58.19 -20.43
CA GLU O 359 -2.16 -57.65 -20.01
C GLU O 359 -2.32 -56.23 -19.49
N LEU O 360 -2.94 -55.38 -20.30
CA LEU O 360 -3.13 -53.97 -19.97
C LEU O 360 -3.84 -53.79 -18.63
N VAL O 361 -4.94 -54.52 -18.44
CA VAL O 361 -5.62 -54.52 -17.15
C VAL O 361 -4.71 -55.12 -16.06
N GLN O 362 -3.90 -56.11 -16.43
CA GLN O 362 -2.93 -56.69 -15.49
C GLN O 362 -1.86 -55.67 -15.08
N VAL O 363 -1.31 -54.95 -16.05
CA VAL O 363 -0.35 -53.89 -15.75
C VAL O 363 -0.98 -52.85 -14.82
N LEU O 364 -2.27 -52.59 -15.00
CA LEU O 364 -2.96 -51.66 -14.12
C LEU O 364 -3.10 -52.27 -12.73
N VAL O 365 -3.44 -53.55 -12.68
CA VAL O 365 -3.53 -54.26 -11.40
C VAL O 365 -2.19 -54.24 -10.66
N ASP O 366 -1.12 -54.61 -11.36
CA ASP O 366 0.18 -54.71 -10.72
C ASP O 366 0.69 -53.36 -10.20
N GLY O 367 0.57 -52.33 -11.04
CA GLY O 367 1.01 -50.99 -10.69
C GLY O 367 0.24 -50.37 -9.54
N VAL O 368 -1.07 -50.63 -9.48
CA VAL O 368 -1.90 -50.11 -8.39
C VAL O 368 -1.55 -50.73 -7.03
N ASN O 369 -1.37 -52.05 -7.01
CA ASN O 369 -1.00 -52.75 -5.78
C ASN O 369 0.28 -52.15 -5.19
N LEU O 370 1.28 -51.98 -6.04
CA LEU O 370 2.57 -51.44 -5.61
C LEU O 370 2.36 -50.09 -4.95
N LEU O 371 1.57 -49.24 -5.60
CA LEU O 371 1.26 -47.90 -5.11
C LEU O 371 0.59 -47.91 -3.74
N ILE O 372 -0.49 -48.69 -3.61
CA ILE O 372 -1.20 -48.81 -2.35
C ILE O 372 -0.31 -49.38 -1.24
N ALA O 373 0.56 -50.32 -1.61
CA ALA O 373 1.55 -50.85 -0.68
C ALA O 373 2.50 -49.75 -0.21
N CYS O 374 3.11 -49.06 -1.17
CA CYS O 374 4.01 -47.92 -0.90
C CYS O 374 3.34 -46.78 -0.11
N ASP O 375 2.01 -46.72 -0.12
CA ASP O 375 1.31 -45.67 0.61
C ASP O 375 1.07 -46.15 2.04
N LYS O 376 1.12 -47.46 2.22
CA LYS O 376 1.01 -48.06 3.53
C LYS O 376 2.35 -47.92 4.27
N LYS O 377 3.45 -48.22 3.57
CA LYS O 377 4.77 -48.00 4.12
C LYS O 377 4.91 -46.57 4.62
N LEU O 378 4.63 -45.62 3.74
CA LEU O 378 4.77 -44.20 4.04
C LEU O 378 3.90 -43.78 5.22
N GLU O 379 2.68 -44.32 5.29
CA GLU O 379 1.81 -44.02 6.42
C GLU O 379 2.42 -44.55 7.72
N ALA O 380 3.02 -45.73 7.64
CA ALA O 380 3.72 -46.33 8.78
C ALA O 380 4.95 -45.50 9.17
N GLY O 381 5.19 -44.41 8.45
CA GLY O 381 6.37 -43.60 8.68
C GLY O 381 7.63 -44.34 8.27
N GLN O 382 7.56 -45.02 7.12
CA GLN O 382 8.65 -45.88 6.66
C GLN O 382 9.17 -45.43 5.30
N SER O 383 10.33 -45.96 4.91
CA SER O 383 10.96 -45.56 3.66
C SER O 383 10.59 -46.52 2.55
N ILE O 384 10.65 -46.04 1.31
CA ILE O 384 10.22 -46.81 0.16
C ILE O 384 11.18 -46.73 -1.01
N ASP O 385 12.41 -46.31 -0.73
CA ASP O 385 13.45 -46.24 -1.77
C ASP O 385 13.54 -47.52 -2.58
N ASP O 386 13.45 -48.67 -1.89
CA ASP O 386 13.63 -49.96 -2.53
C ASP O 386 12.41 -50.41 -3.35
N MET O 387 11.22 -50.16 -2.81
CA MET O 387 9.98 -50.59 -3.45
C MET O 387 9.87 -50.00 -4.86
N ILE O 388 10.47 -48.83 -5.06
CA ILE O 388 10.35 -48.11 -6.32
C ILE O 388 11.05 -48.86 -7.46
N PRO O 389 10.32 -49.05 -8.57
CA PRO O 389 10.85 -49.85 -9.70
C PRO O 389 12.22 -49.35 -10.15
N LYS O 390 13.12 -50.30 -10.40
CA LYS O 390 14.49 -49.98 -10.82
C LYS O 390 14.53 -49.49 -12.27
N VAL P 10 -5.35 -27.65 -53.05
CA VAL P 10 -5.74 -26.24 -53.15
C VAL P 10 -7.25 -26.05 -53.00
N LYS P 11 -8.02 -27.03 -53.47
CA LYS P 11 -9.46 -27.06 -53.20
C LYS P 11 -9.76 -27.84 -51.92
N ASN P 12 -8.72 -28.38 -51.29
CA ASN P 12 -8.84 -29.15 -50.05
C ASN P 12 -8.19 -28.46 -48.86
N ARG P 13 -8.26 -27.13 -48.84
CA ARG P 13 -7.63 -26.34 -47.79
C ARG P 13 -8.23 -26.64 -46.42
N VAL P 14 -9.51 -27.02 -46.42
CA VAL P 14 -10.29 -27.16 -45.19
C VAL P 14 -10.10 -28.50 -44.47
N GLY P 15 -9.36 -29.40 -45.12
CA GLY P 15 -8.93 -30.65 -44.49
C GLY P 15 -10.03 -31.64 -44.14
N HIS P 16 -11.23 -31.35 -44.61
CA HIS P 16 -12.43 -32.13 -44.28
C HIS P 16 -13.00 -32.82 -45.51
N SER P 17 -13.61 -33.99 -45.32
CA SER P 17 -14.26 -34.70 -46.42
C SER P 17 -15.17 -33.75 -47.19
N LYS P 18 -15.76 -34.26 -48.28
CA LYS P 18 -16.62 -33.45 -49.13
C LYS P 18 -17.87 -34.23 -49.51
N PRO P 19 -18.83 -34.37 -48.58
CA PRO P 19 -20.01 -35.23 -48.75
C PRO P 19 -20.66 -35.19 -50.15
N TRP P 20 -20.64 -34.02 -50.79
CA TRP P 20 -21.29 -33.84 -52.09
C TRP P 20 -20.64 -34.68 -53.21
N GLU P 21 -19.38 -35.09 -53.06
CA GLU P 21 -18.61 -35.57 -54.21
C GLU P 21 -18.83 -37.07 -54.66
N SER P 22 -18.65 -38.03 -53.74
CA SER P 22 -18.85 -39.50 -53.98
C SER P 22 -20.28 -40.02 -54.05
N GLY P 23 -21.27 -39.18 -53.73
CA GLY P 23 -22.65 -39.42 -54.14
C GLY P 23 -23.65 -40.21 -53.28
N LYS P 24 -23.30 -40.59 -52.04
CA LYS P 24 -24.22 -41.34 -51.17
C LYS P 24 -24.89 -40.41 -50.17
N PHE P 25 -24.72 -39.11 -50.42
CA PHE P 25 -25.36 -38.09 -49.59
C PHE P 25 -26.04 -36.98 -50.41
N LYS P 26 -27.29 -36.69 -50.07
CA LYS P 26 -27.97 -35.52 -50.63
C LYS P 26 -27.56 -34.29 -49.87
N ALA P 27 -27.78 -33.13 -50.47
CA ALA P 27 -27.56 -31.87 -49.79
C ALA P 27 -28.39 -31.85 -48.51
N ALA P 28 -29.54 -32.51 -48.59
CA ALA P 28 -30.47 -32.64 -47.47
C ALA P 28 -29.84 -33.40 -46.29
N ASP P 29 -29.01 -34.38 -46.59
CA ASP P 29 -28.35 -35.15 -45.53
C ASP P 29 -27.45 -34.26 -44.66
N ASN P 30 -26.90 -33.20 -45.25
CA ASN P 30 -25.99 -32.33 -44.51
C ASN P 30 -26.58 -30.99 -44.05
N PHE P 31 -27.83 -30.69 -44.44
CA PHE P 31 -28.41 -29.41 -44.07
C PHE P 31 -28.31 -29.32 -42.55
N PRO P 32 -27.75 -28.20 -42.06
CA PRO P 32 -27.54 -28.07 -40.61
C PRO P 32 -28.88 -28.08 -39.86
N ASP P 33 -28.84 -28.50 -38.60
CA ASP P 33 -30.02 -28.45 -37.75
C ASP P 33 -30.00 -27.13 -36.96
N LEU P 34 -30.77 -26.15 -37.43
CA LEU P 34 -30.68 -24.77 -36.94
C LEU P 34 -31.81 -24.35 -36.00
N SER P 35 -32.45 -25.33 -35.37
CA SER P 35 -33.56 -25.08 -34.46
C SER P 35 -33.27 -24.14 -33.29
N LYS P 36 -32.23 -24.43 -32.49
CA LYS P 36 -31.95 -23.65 -31.27
C LYS P 36 -31.48 -22.25 -31.62
N HIS P 37 -30.83 -22.15 -32.77
CA HIS P 37 -30.05 -20.98 -33.14
C HIS P 37 -30.84 -19.66 -33.26
N ASN P 38 -30.23 -18.60 -32.73
CA ASN P 38 -30.67 -17.22 -32.95
C ASN P 38 -29.47 -16.38 -33.38
N ASN P 39 -29.14 -16.45 -34.67
CA ASN P 39 -28.13 -15.56 -35.25
C ASN P 39 -28.57 -15.17 -36.65
N VAL P 40 -27.80 -14.35 -37.35
CA VAL P 40 -28.25 -13.89 -38.66
C VAL P 40 -28.30 -15.04 -39.66
N MET P 41 -27.16 -15.68 -39.91
CA MET P 41 -27.06 -16.87 -40.75
C MET P 41 -28.32 -17.77 -40.68
N ALA P 42 -28.64 -18.24 -39.47
CA ALA P 42 -29.80 -19.10 -39.23
C ALA P 42 -31.14 -18.46 -39.66
N SER P 43 -31.17 -17.14 -39.72
CA SER P 43 -32.36 -16.44 -40.21
C SER P 43 -32.54 -16.57 -41.72
N GLN P 44 -31.43 -16.59 -42.45
CA GLN P 44 -31.49 -16.43 -43.88
C GLN P 44 -31.16 -17.69 -44.69
N LEU P 45 -30.61 -18.72 -44.04
CA LEU P 45 -30.26 -19.95 -44.74
C LEU P 45 -31.47 -20.86 -44.97
N THR P 46 -31.71 -21.23 -46.22
CA THR P 46 -32.80 -22.12 -46.57
C THR P 46 -32.29 -23.49 -47.01
N LYS P 47 -33.20 -24.45 -47.12
CA LYS P 47 -32.88 -25.76 -47.67
C LYS P 47 -32.41 -25.57 -49.10
N GLU P 48 -33.18 -24.78 -49.85
CA GLU P 48 -32.91 -24.52 -51.27
C GLU P 48 -31.55 -23.90 -51.51
N LEU P 49 -31.19 -22.92 -50.68
CA LEU P 49 -29.93 -22.21 -50.81
C LEU P 49 -28.77 -23.13 -50.38
N TYR P 50 -28.96 -23.87 -49.30
CA TYR P 50 -27.95 -24.84 -48.94
C TYR P 50 -27.63 -25.69 -50.17
N GLU P 51 -28.67 -26.27 -50.76
CA GLU P 51 -28.48 -27.23 -51.84
C GLU P 51 -27.83 -26.58 -53.06
N LYS P 52 -28.12 -25.30 -53.27
CA LYS P 52 -27.53 -24.58 -54.38
C LYS P 52 -26.03 -24.39 -54.18
N TYR P 53 -25.63 -24.18 -52.93
CA TYR P 53 -24.28 -23.75 -52.64
C TYR P 53 -23.39 -24.79 -51.95
N TRP P 54 -23.99 -25.87 -51.46
CA TRP P 54 -23.28 -26.82 -50.59
C TRP P 54 -22.12 -27.55 -51.24
N ASP P 55 -22.00 -27.45 -52.55
CA ASP P 55 -20.88 -28.09 -53.24
C ASP P 55 -20.12 -27.14 -54.18
N LYS P 56 -20.35 -25.84 -54.02
CA LYS P 56 -19.70 -24.85 -54.88
C LYS P 56 -18.51 -24.20 -54.19
N VAL P 57 -17.30 -24.54 -54.63
CA VAL P 57 -16.06 -24.06 -54.00
C VAL P 57 -15.51 -22.81 -54.70
N THR P 58 -14.60 -22.11 -54.02
CA THR P 58 -13.93 -20.96 -54.62
C THR P 58 -12.54 -21.40 -55.10
N PRO P 59 -11.85 -20.53 -55.86
CA PRO P 59 -10.48 -20.78 -56.31
C PRO P 59 -9.53 -21.23 -55.21
N ASN P 60 -9.83 -20.90 -53.95
CA ASN P 60 -8.94 -21.22 -52.83
C ASN P 60 -9.34 -22.45 -52.01
N GLY P 61 -10.44 -23.07 -52.38
CA GLY P 61 -10.89 -24.24 -51.67
C GLY P 61 -11.74 -23.88 -50.46
N VAL P 62 -12.17 -22.62 -50.39
CA VAL P 62 -13.05 -22.18 -49.33
C VAL P 62 -14.42 -22.73 -49.66
N THR P 63 -15.03 -23.42 -48.69
CA THR P 63 -16.33 -24.04 -48.88
C THR P 63 -17.49 -23.19 -48.34
N PHE P 64 -18.72 -23.62 -48.60
CA PHE P 64 -19.90 -22.92 -48.08
C PHE P 64 -20.09 -23.22 -46.59
N ASP P 65 -19.64 -24.41 -46.18
CA ASP P 65 -19.67 -24.81 -44.78
C ASP P 65 -18.60 -24.09 -43.98
N LYS P 66 -17.48 -23.83 -44.63
CA LYS P 66 -16.44 -23.03 -43.99
C LYS P 66 -17.10 -21.72 -43.59
N CYS P 67 -17.63 -21.02 -44.57
CA CYS P 67 -18.33 -19.75 -44.37
C CYS P 67 -19.40 -19.74 -43.26
N ILE P 68 -20.20 -20.80 -43.14
CA ILE P 68 -21.30 -20.76 -42.17
C ILE P 68 -21.06 -21.58 -40.88
N GLN P 69 -19.86 -22.12 -40.70
CA GLN P 69 -19.63 -22.99 -39.54
C GLN P 69 -19.82 -22.33 -38.16
N THR P 70 -19.36 -21.10 -38.03
CA THR P 70 -19.36 -20.42 -36.73
C THR P 70 -20.78 -20.05 -36.26
N GLY P 71 -21.72 -20.01 -37.19
CA GLY P 71 -23.11 -19.79 -36.83
C GLY P 71 -23.83 -21.09 -36.51
N VAL P 72 -23.31 -22.19 -37.04
CA VAL P 72 -23.81 -23.53 -36.74
C VAL P 72 -23.23 -24.00 -35.40
N ASP P 73 -22.09 -23.44 -35.02
CA ASP P 73 -21.46 -23.77 -33.75
C ASP P 73 -21.91 -22.84 -32.61
N ASN P 74 -22.59 -21.74 -32.97
CA ASN P 74 -23.01 -20.74 -31.97
C ASN P 74 -24.47 -20.32 -32.07
N PRO P 75 -25.36 -21.07 -31.40
CA PRO P 75 -26.80 -20.84 -31.42
C PRO P 75 -27.21 -19.54 -30.76
N GLY P 76 -26.42 -19.08 -29.80
CA GLY P 76 -26.75 -17.89 -29.06
C GLY P 76 -25.55 -17.13 -28.52
N ASN P 77 -25.83 -16.23 -27.58
CA ASN P 77 -24.82 -15.33 -27.02
C ASN P 77 -25.09 -15.01 -25.54
N LYS P 78 -24.09 -15.22 -24.69
CA LYS P 78 -24.20 -14.89 -23.27
C LYS P 78 -24.00 -13.40 -23.03
N PHE P 79 -23.74 -12.65 -24.09
CA PHE P 79 -23.49 -11.22 -23.95
C PHE P 79 -24.57 -10.40 -24.65
N TYR P 80 -24.19 -9.22 -25.16
CA TYR P 80 -25.20 -8.33 -25.73
C TYR P 80 -25.34 -8.52 -27.24
N GLY P 81 -26.59 -8.55 -27.69
CA GLY P 81 -26.88 -8.51 -29.12
C GLY P 81 -26.95 -9.84 -29.86
N LYS P 82 -27.51 -9.78 -31.06
CA LYS P 82 -27.60 -10.92 -31.95
C LYS P 82 -26.34 -10.99 -32.84
N LYS P 83 -25.88 -12.21 -33.11
CA LYS P 83 -24.62 -12.46 -33.83
C LYS P 83 -24.82 -12.72 -35.33
N THR P 84 -23.73 -12.62 -36.09
CA THR P 84 -23.75 -12.72 -37.55
C THR P 84 -23.75 -14.17 -38.06
N GLY P 85 -23.04 -15.05 -37.34
CA GLY P 85 -23.07 -16.49 -37.62
C GLY P 85 -22.45 -17.01 -38.91
N CYS P 86 -21.66 -16.18 -39.57
CA CYS P 86 -20.93 -16.63 -40.76
C CYS P 86 -19.85 -15.64 -41.19
N VAL P 87 -18.85 -16.16 -41.90
CA VAL P 87 -17.66 -15.41 -42.28
C VAL P 87 -17.35 -15.55 -43.78
N PHE P 88 -16.51 -14.65 -44.30
CA PHE P 88 -15.92 -14.85 -45.62
C PHE P 88 -14.53 -15.44 -45.41
N GLY P 89 -14.11 -16.33 -46.30
CA GLY P 89 -12.79 -16.93 -46.18
C GLY P 89 -11.78 -16.31 -47.13
N ASP P 90 -12.29 -15.69 -48.19
CA ASP P 90 -11.46 -15.06 -49.20
C ASP P 90 -12.31 -14.08 -49.98
N GLU P 91 -11.66 -13.19 -50.71
CA GLU P 91 -12.30 -12.17 -51.54
C GLU P 91 -13.27 -12.75 -52.59
N TYR P 92 -13.32 -14.08 -52.67
CA TYR P 92 -14.13 -14.80 -53.66
C TYR P 92 -15.52 -15.22 -53.15
N SER P 93 -15.65 -15.41 -51.85
CA SER P 93 -16.83 -16.01 -51.23
C SER P 93 -18.11 -15.22 -51.49
N TYR P 94 -18.07 -13.94 -51.15
CA TYR P 94 -19.22 -13.10 -51.37
C TYR P 94 -19.89 -13.43 -52.71
N GLU P 95 -19.09 -13.72 -53.72
CA GLU P 95 -19.63 -13.94 -55.06
C GLU P 95 -20.22 -15.34 -55.23
N CYS P 96 -19.46 -16.36 -54.83
CA CYS P 96 -19.91 -17.74 -54.96
C CYS P 96 -21.18 -18.09 -54.18
N TYR P 97 -21.59 -17.22 -53.26
CA TYR P 97 -22.80 -17.42 -52.44
C TYR P 97 -23.59 -16.13 -52.31
N LYS P 98 -23.60 -15.34 -53.39
CA LYS P 98 -24.19 -14.01 -53.38
C LYS P 98 -25.68 -14.02 -53.02
N GLU P 99 -26.31 -15.17 -53.11
CA GLU P 99 -27.74 -15.25 -52.86
C GLU P 99 -28.04 -15.32 -51.35
N PHE P 100 -27.11 -15.88 -50.59
CA PHE P 100 -27.24 -16.05 -49.15
C PHE P 100 -26.70 -14.83 -48.41
N PHE P 101 -25.51 -14.39 -48.78
CA PHE P 101 -24.88 -13.24 -48.13
C PHE P 101 -25.72 -11.98 -48.27
N ASP P 102 -26.27 -11.76 -49.47
CA ASP P 102 -27.19 -10.65 -49.72
C ASP P 102 -28.32 -10.61 -48.71
N LYS P 103 -28.77 -11.77 -48.26
CA LYS P 103 -29.83 -11.85 -47.26
C LYS P 103 -29.29 -11.55 -45.85
N CYS P 104 -27.99 -11.71 -45.67
CA CYS P 104 -27.36 -11.38 -44.38
C CYS P 104 -26.99 -9.90 -44.36
N ILE P 105 -26.47 -9.43 -45.49
CA ILE P 105 -26.10 -8.04 -45.67
C ILE P 105 -27.32 -7.14 -45.53
N GLU P 106 -28.46 -7.58 -46.07
CA GLU P 106 -29.67 -6.77 -45.97
C GLU P 106 -30.28 -6.74 -44.56
N GLU P 107 -29.98 -7.74 -43.74
CA GLU P 107 -30.50 -7.73 -42.37
C GLU P 107 -29.72 -6.78 -41.46
N ILE P 108 -28.43 -6.73 -41.66
CA ILE P 108 -27.54 -5.97 -40.80
C ILE P 108 -27.47 -4.51 -41.21
N HIS P 109 -27.38 -4.28 -42.51
CA HIS P 109 -27.03 -2.97 -43.02
C HIS P 109 -28.23 -2.21 -43.55
N HIS P 110 -29.33 -2.93 -43.77
CA HIS P 110 -30.50 -2.36 -44.43
C HIS P 110 -30.11 -2.04 -45.87
N PHE P 111 -29.21 -2.87 -46.39
CA PHE P 111 -28.59 -2.67 -47.70
C PHE P 111 -29.11 -3.70 -48.70
N LYS P 112 -29.62 -3.24 -49.84
CA LYS P 112 -30.19 -4.13 -50.85
C LYS P 112 -29.19 -4.47 -51.95
N PRO P 113 -29.50 -5.49 -52.78
CA PRO P 113 -28.57 -5.91 -53.84
C PRO P 113 -28.53 -4.90 -54.99
N SER P 114 -29.50 -3.99 -55.00
CA SER P 114 -29.62 -2.98 -56.03
C SER P 114 -28.98 -1.68 -55.57
N ASP P 115 -28.53 -1.66 -54.32
CA ASP P 115 -27.91 -0.47 -53.77
C ASP P 115 -26.41 -0.38 -54.10
N LYS P 116 -25.84 0.78 -53.81
CA LYS P 116 -24.42 1.00 -53.99
C LYS P 116 -23.88 1.83 -52.83
N HIS P 117 -22.62 1.59 -52.49
CA HIS P 117 -21.95 2.26 -51.39
C HIS P 117 -21.55 3.67 -51.79
N PRO P 118 -21.79 4.66 -50.91
CA PRO P 118 -21.46 6.07 -51.16
C PRO P 118 -19.96 6.33 -51.27
N ALA P 119 -19.58 7.45 -51.86
CA ALA P 119 -18.17 7.87 -51.90
C ALA P 119 -17.71 8.19 -50.49
N PRO P 120 -16.43 7.89 -50.17
CA PRO P 120 -15.98 8.14 -48.81
C PRO P 120 -16.17 9.60 -48.39
N ASP P 121 -16.15 9.83 -47.08
CA ASP P 121 -16.35 11.15 -46.50
C ASP P 121 -15.68 11.16 -45.14
N LEU P 122 -14.48 11.73 -45.08
CA LEU P 122 -13.71 11.74 -43.85
C LEU P 122 -13.55 13.17 -43.34
N ASP P 123 -14.53 14.01 -43.64
CA ASP P 123 -14.47 15.40 -43.21
C ASP P 123 -15.02 15.58 -41.79
N HIS P 124 -14.12 15.60 -40.82
CA HIS P 124 -14.53 15.75 -39.44
C HIS P 124 -15.06 17.15 -39.19
N ASN P 125 -15.01 17.97 -40.23
CA ASN P 125 -15.53 19.34 -40.17
C ASN P 125 -17.00 19.47 -40.57
N LYS P 126 -17.54 18.43 -41.19
CA LYS P 126 -18.96 18.42 -41.58
C LYS P 126 -19.81 17.81 -40.47
N LEU P 127 -19.16 17.56 -39.33
CA LEU P 127 -19.81 16.95 -38.19
C LEU P 127 -20.60 17.99 -37.41
N VAL P 128 -21.71 17.59 -36.82
CA VAL P 128 -22.53 18.47 -35.99
C VAL P 128 -22.56 17.94 -34.57
N GLY P 129 -21.89 18.66 -33.66
CA GLY P 129 -21.69 18.21 -32.30
C GLY P 129 -20.45 17.33 -32.24
N GLY P 130 -20.52 16.29 -31.40
CA GLY P 130 -19.42 15.35 -31.33
C GLY P 130 -18.43 15.61 -30.21
N VAL P 131 -18.69 16.62 -29.40
CA VAL P 131 -17.86 16.87 -28.23
C VAL P 131 -18.74 16.83 -26.98
N PHE P 132 -18.64 15.72 -26.24
CA PHE P 132 -19.59 15.35 -25.22
C PHE P 132 -19.16 15.75 -23.82
N GLU P 133 -20.14 16.02 -22.97
CA GLU P 133 -19.90 16.20 -21.54
C GLU P 133 -19.15 15.01 -20.99
N ASP P 134 -18.19 15.30 -20.10
CA ASP P 134 -17.36 14.30 -19.43
C ASP P 134 -18.17 13.32 -18.55
N LYS P 135 -19.30 13.79 -18.04
CA LYS P 135 -20.11 13.01 -17.11
C LYS P 135 -20.72 11.76 -17.75
N TYR P 136 -20.89 11.80 -19.06
CA TYR P 136 -21.45 10.66 -19.78
C TYR P 136 -20.42 9.93 -20.66
N VAL P 137 -19.70 10.66 -21.49
CA VAL P 137 -18.69 10.04 -22.34
C VAL P 137 -17.30 9.97 -21.68
N LYS P 138 -16.87 8.75 -21.38
CA LYS P 138 -15.61 8.52 -20.68
C LYS P 138 -14.45 8.26 -21.68
N SER P 139 -14.77 7.73 -22.86
CA SER P 139 -13.77 7.63 -23.93
C SER P 139 -14.33 7.40 -25.32
N CYS P 140 -13.57 7.83 -26.33
CA CYS P 140 -14.01 7.70 -27.72
C CYS P 140 -12.97 6.90 -28.49
N ARG P 141 -13.46 6.19 -29.50
CA ARG P 141 -12.65 5.35 -30.36
C ARG P 141 -13.35 5.30 -31.69
N ILE P 142 -12.54 5.22 -32.74
CA ILE P 142 -13.04 5.00 -34.08
C ILE P 142 -12.01 4.11 -34.71
N ARG P 143 -12.48 3.00 -35.23
CA ARG P 143 -11.63 2.03 -35.89
C ARG P 143 -12.26 1.64 -37.23
N CYS P 144 -11.51 0.95 -38.06
CA CYS P 144 -12.05 0.29 -39.24
C CYS P 144 -11.21 -0.92 -39.58
N GLY P 145 -11.67 -1.73 -40.53
CA GLY P 145 -10.91 -2.86 -40.99
C GLY P 145 -10.53 -2.77 -42.46
N ARG P 146 -9.35 -3.30 -42.79
CA ARG P 146 -8.92 -3.41 -44.18
C ARG P 146 -8.34 -4.80 -44.46
N SER P 147 -8.42 -5.25 -45.71
CA SER P 147 -7.94 -6.58 -46.09
C SER P 147 -6.88 -6.46 -47.17
N VAL P 148 -5.93 -7.40 -47.15
CA VAL P 148 -4.94 -7.49 -48.21
C VAL P 148 -5.53 -8.31 -49.36
N LYS P 149 -5.66 -7.69 -50.52
CA LYS P 149 -6.07 -8.42 -51.72
C LYS P 149 -5.00 -9.44 -52.15
N GLY P 150 -5.46 -10.55 -52.73
CA GLY P 150 -4.56 -11.57 -53.25
C GLY P 150 -4.21 -12.60 -52.19
N VAL P 151 -4.87 -12.50 -51.05
CA VAL P 151 -4.56 -13.35 -49.90
C VAL P 151 -5.87 -13.85 -49.29
N CYS P 152 -5.91 -15.12 -48.88
CA CYS P 152 -7.05 -15.61 -48.12
C CYS P 152 -7.22 -14.80 -46.84
N LEU P 153 -8.45 -14.74 -46.34
CA LEU P 153 -8.75 -14.10 -45.07
C LEU P 153 -8.38 -15.00 -43.89
N PRO P 154 -8.28 -14.42 -42.68
CA PRO P 154 -7.81 -15.18 -41.51
C PRO P 154 -8.66 -16.39 -41.07
N PRO P 155 -9.90 -16.52 -41.57
CA PRO P 155 -10.59 -17.80 -41.27
C PRO P 155 -10.03 -18.98 -42.08
N ALA P 156 -9.53 -18.74 -43.29
CA ALA P 156 -9.01 -19.84 -44.11
C ALA P 156 -7.56 -19.64 -44.58
N MET P 157 -6.81 -18.81 -43.88
CA MET P 157 -5.47 -18.46 -44.36
C MET P 157 -4.37 -19.30 -43.72
N SER P 158 -3.41 -19.76 -44.52
CA SER P 158 -2.31 -20.60 -44.05
C SER P 158 -1.27 -19.83 -43.24
N ARG P 159 -0.28 -20.54 -42.71
CA ARG P 159 0.83 -19.94 -41.96
C ARG P 159 1.74 -19.02 -42.80
N ALA P 160 1.76 -19.23 -44.11
CA ALA P 160 2.61 -18.43 -45.00
C ALA P 160 1.89 -17.19 -45.48
N GLU P 161 0.62 -17.34 -45.84
CA GLU P 161 -0.22 -16.19 -46.14
C GLU P 161 -0.17 -15.18 -45.01
N ARG P 162 -0.25 -15.68 -43.77
CA ARG P 162 -0.27 -14.82 -42.59
C ARG P 162 1.06 -14.11 -42.37
N ARG P 163 2.15 -14.84 -42.61
CA ARG P 163 3.51 -14.29 -42.45
C ARG P 163 3.76 -13.15 -43.43
N LEU P 164 3.48 -13.38 -44.71
CA LEU P 164 3.51 -12.32 -45.70
C LEU P 164 2.77 -11.06 -45.23
N VAL P 165 1.49 -11.19 -44.89
CA VAL P 165 0.69 -10.05 -44.49
C VAL P 165 1.40 -9.23 -43.40
N GLU P 166 1.88 -9.90 -42.36
CA GLU P 166 2.60 -9.23 -41.30
C GLU P 166 3.74 -8.41 -41.87
N LYS P 167 4.59 -9.05 -42.67
CA LYS P 167 5.79 -8.44 -43.24
C LYS P 167 5.46 -7.21 -44.10
N VAL P 168 4.52 -7.41 -45.01
CA VAL P 168 4.04 -6.33 -45.87
C VAL P 168 3.53 -5.15 -45.05
N VAL P 169 2.50 -5.40 -44.24
CA VAL P 169 1.90 -4.35 -43.43
C VAL P 169 2.93 -3.67 -42.54
N SER P 170 3.50 -4.39 -41.57
CA SER P 170 4.46 -3.79 -40.64
C SER P 170 5.56 -2.99 -41.33
N ASP P 171 6.09 -3.50 -42.44
CA ASP P 171 7.02 -2.74 -43.27
C ASP P 171 6.37 -1.45 -43.78
N ALA P 172 5.24 -1.59 -44.46
CA ALA P 172 4.54 -0.43 -45.00
C ALA P 172 4.35 0.67 -43.95
N LEU P 173 4.18 0.27 -42.69
CA LEU P 173 3.81 1.20 -41.62
C LEU P 173 4.95 2.06 -41.08
N GLY P 174 6.18 1.75 -41.50
CA GLY P 174 7.33 2.57 -41.17
C GLY P 174 7.36 3.84 -42.00
N GLY P 175 6.58 3.86 -43.10
CA GLY P 175 6.49 5.04 -43.92
C GLY P 175 5.80 6.19 -43.21
N LEU P 176 4.95 5.86 -42.23
CA LEU P 176 4.33 6.85 -41.37
C LEU P 176 5.39 7.71 -40.69
N LYS P 177 5.20 9.02 -40.73
CA LYS P 177 6.14 9.93 -40.11
C LYS P 177 5.38 10.85 -39.20
N GLY P 178 6.11 11.58 -38.35
CA GLY P 178 5.51 12.61 -37.54
C GLY P 178 4.89 12.10 -36.25
N ASP P 179 3.66 12.56 -35.97
CA ASP P 179 2.92 12.10 -34.80
C ASP P 179 2.21 10.78 -35.10
N LEU P 180 2.40 10.30 -36.33
CA LEU P 180 1.92 8.98 -36.70
C LEU P 180 3.04 7.95 -36.70
N ALA P 181 4.29 8.40 -36.83
CA ALA P 181 5.43 7.51 -36.85
C ALA P 181 5.48 6.74 -35.54
N GLY P 182 5.79 5.45 -35.63
CA GLY P 182 5.83 4.63 -34.43
C GLY P 182 6.68 3.39 -34.57
N LYS P 183 6.16 2.29 -34.07
CA LYS P 183 6.92 1.05 -33.96
C LYS P 183 5.92 -0.11 -34.00
N TYR P 184 6.39 -1.29 -34.39
CA TYR P 184 5.55 -2.48 -34.48
C TYR P 184 5.95 -3.53 -33.44
N TYR P 185 4.98 -3.99 -32.66
CA TYR P 185 5.25 -5.01 -31.63
C TYR P 185 4.57 -6.35 -31.95
N PRO P 186 5.36 -7.36 -32.34
CA PRO P 186 4.82 -8.71 -32.53
C PRO P 186 4.48 -9.39 -31.19
N LEU P 187 3.44 -10.21 -31.22
CA LEU P 187 2.92 -10.87 -30.02
C LEU P 187 3.86 -12.01 -29.57
N THR P 188 4.44 -12.71 -30.53
CA THR P 188 5.33 -13.83 -30.20
C THR P 188 6.46 -13.44 -29.24
N THR P 189 6.96 -12.21 -29.37
CA THR P 189 8.06 -11.74 -28.52
C THR P 189 7.62 -10.82 -27.36
N MET P 190 6.31 -10.59 -27.24
CA MET P 190 5.79 -9.78 -26.14
C MET P 190 5.64 -10.65 -24.90
N ASN P 191 5.84 -10.05 -23.72
CA ASN P 191 5.71 -10.83 -22.47
C ASN P 191 4.33 -10.71 -21.83
N GLU P 192 3.99 -11.68 -20.98
CA GLU P 192 2.64 -11.82 -20.47
C GLU P 192 2.10 -10.56 -19.81
N LYS P 193 2.93 -9.88 -19.02
CA LYS P 193 2.47 -8.72 -18.27
C LYS P 193 2.29 -7.48 -19.13
N ASP P 194 3.10 -7.37 -20.19
CA ASP P 194 2.97 -6.27 -21.14
C ASP P 194 1.72 -6.45 -22.00
N GLN P 195 1.44 -7.70 -22.34
CA GLN P 195 0.30 -8.04 -23.18
C GLN P 195 -1.02 -7.89 -22.43
N GLU P 196 -0.99 -8.12 -21.12
CA GLU P 196 -2.19 -7.99 -20.30
C GLU P 196 -2.51 -6.53 -19.98
N GLN P 197 -1.47 -5.71 -19.94
CA GLN P 197 -1.62 -4.29 -19.66
C GLN P 197 -2.30 -3.55 -20.83
N LEU P 198 -1.88 -3.87 -22.05
CA LEU P 198 -2.43 -3.26 -23.26
C LEU P 198 -3.86 -3.71 -23.52
N ILE P 199 -4.23 -4.87 -22.98
CA ILE P 199 -5.62 -5.33 -23.03
C ILE P 199 -6.44 -4.61 -21.95
N GLU P 200 -5.87 -4.50 -20.75
CA GLU P 200 -6.51 -3.78 -19.65
C GLU P 200 -6.77 -2.32 -20.01
N ASP P 201 -5.91 -1.75 -20.85
CA ASP P 201 -5.96 -0.31 -21.18
C ASP P 201 -6.70 -0.09 -22.50
N HIS P 202 -7.35 -1.12 -23.00
CA HIS P 202 -8.18 -1.03 -24.22
C HIS P 202 -7.43 -0.79 -25.52
N PHE P 203 -6.14 -1.13 -25.58
CA PHE P 203 -5.37 -0.92 -26.81
C PHE P 203 -5.26 -2.20 -27.65
N LEU P 204 -4.94 -3.30 -26.98
CA LEU P 204 -4.73 -4.56 -27.67
C LEU P 204 -6.00 -5.43 -27.69
N PHE P 205 -6.23 -6.11 -28.81
CA PHE P 205 -7.28 -7.11 -28.86
C PHE P 205 -7.06 -8.16 -27.78
N GLU P 206 -8.14 -8.79 -27.33
CA GLU P 206 -8.08 -9.70 -26.18
C GLU P 206 -7.48 -11.06 -26.54
N LYS P 207 -7.20 -11.85 -25.51
CA LYS P 207 -6.75 -13.21 -25.72
C LYS P 207 -7.72 -13.97 -26.61
N PRO P 208 -7.21 -14.93 -27.39
CA PRO P 208 -8.03 -15.57 -28.44
C PRO P 208 -9.09 -16.58 -27.97
N THR P 209 -9.92 -16.20 -26.99
CA THR P 209 -11.01 -17.05 -26.49
C THR P 209 -12.37 -16.83 -27.18
N GLY P 210 -12.52 -15.69 -27.85
CA GLY P 210 -13.75 -15.37 -28.53
C GLY P 210 -14.34 -16.54 -29.30
N ALA P 211 -15.67 -16.62 -29.30
CA ALA P 211 -16.39 -17.73 -29.93
C ALA P 211 -16.21 -17.69 -31.44
N LEU P 212 -16.39 -16.52 -32.02
CA LEU P 212 -16.17 -16.37 -33.45
C LEU P 212 -14.75 -16.74 -33.85
N LEU P 213 -13.77 -16.37 -33.04
CA LEU P 213 -12.38 -16.43 -33.48
C LEU P 213 -11.88 -17.87 -33.65
N THR P 214 -12.13 -18.70 -32.64
CA THR P 214 -11.64 -20.05 -32.64
C THR P 214 -12.47 -20.94 -33.56
N THR P 215 -13.78 -20.90 -33.40
CA THR P 215 -14.67 -21.75 -34.20
C THR P 215 -14.77 -21.28 -35.64
N SER P 216 -14.17 -20.15 -35.97
CA SER P 216 -14.18 -19.67 -37.35
C SER P 216 -12.88 -20.00 -38.06
N GLY P 217 -11.90 -20.52 -37.30
CA GLY P 217 -10.60 -20.85 -37.86
C GLY P 217 -9.56 -19.75 -37.73
N CYS P 218 -9.91 -18.67 -37.07
CA CYS P 218 -9.06 -17.48 -37.04
C CYS P 218 -7.96 -17.59 -36.02
N ALA P 219 -8.19 -18.40 -34.97
CA ALA P 219 -7.23 -18.55 -33.87
C ALA P 219 -6.14 -19.62 -34.10
N ARG P 220 -5.99 -20.10 -35.33
CA ARG P 220 -4.91 -21.06 -35.62
C ARG P 220 -3.51 -20.45 -35.49
N ASP P 221 -2.58 -21.20 -34.90
CA ASP P 221 -1.14 -20.89 -34.91
C ASP P 221 -0.70 -19.86 -33.86
N TRP P 222 -1.66 -19.29 -33.13
CA TRP P 222 -1.40 -18.24 -32.14
C TRP P 222 -0.11 -18.39 -31.32
N PRO P 223 0.70 -17.32 -31.22
CA PRO P 223 0.46 -15.97 -31.77
C PRO P 223 1.16 -15.73 -33.12
N ASP P 224 1.51 -16.81 -33.81
CA ASP P 224 2.26 -16.70 -35.06
C ASP P 224 1.59 -15.75 -36.06
N GLY P 225 2.24 -14.62 -36.35
CA GLY P 225 1.77 -13.68 -37.36
C GLY P 225 0.92 -12.51 -36.87
N ARG P 226 0.73 -12.42 -35.55
CA ARG P 226 -0.12 -11.39 -34.95
C ARG P 226 0.69 -10.29 -34.26
N GLY P 227 0.02 -9.20 -33.91
CA GLY P 227 0.69 -8.10 -33.23
C GLY P 227 -0.05 -6.79 -33.30
N ILE P 228 0.64 -5.73 -32.90
CA ILE P 228 0.04 -4.40 -32.86
C ILE P 228 1.09 -3.30 -33.02
N TRP P 229 0.91 -2.49 -34.05
CA TRP P 229 1.75 -1.33 -34.28
C TRP P 229 1.15 -0.14 -33.52
N HIS P 230 1.99 0.71 -32.95
CA HIS P 230 1.49 1.98 -32.42
C HIS P 230 2.54 3.07 -32.26
N ASN P 231 2.09 4.32 -32.37
CA ASN P 231 2.91 5.49 -32.15
C ASN P 231 3.07 5.77 -30.66
N ASN P 232 3.89 6.76 -30.33
CA ASN P 232 4.28 6.98 -28.95
C ASN P 232 3.10 7.26 -28.03
N GLU P 233 2.22 8.15 -28.46
CA GLU P 233 1.08 8.52 -27.62
C GLU P 233 0.07 7.37 -27.49
N LYS P 234 0.09 6.44 -28.43
CA LYS P 234 -0.91 5.37 -28.45
C LYS P 234 -2.32 5.95 -28.57
N ASN P 235 -2.47 6.99 -29.38
CA ASN P 235 -3.80 7.50 -29.73
C ASN P 235 -4.04 7.23 -31.20
N PHE P 236 -3.09 6.51 -31.80
CA PHE P 236 -3.24 5.98 -33.15
C PHE P 236 -2.56 4.64 -33.19
N LEU P 237 -3.33 3.58 -33.43
CA LEU P 237 -2.84 2.21 -33.41
C LEU P 237 -3.29 1.37 -34.60
N VAL P 238 -2.66 0.21 -34.77
CA VAL P 238 -2.99 -0.69 -35.89
C VAL P 238 -2.85 -2.17 -35.50
N TRP P 239 -3.97 -2.89 -35.50
CA TRP P 239 -3.92 -4.34 -35.25
C TRP P 239 -3.47 -5.11 -36.49
N ILE P 240 -2.75 -6.21 -36.25
CA ILE P 240 -2.30 -7.05 -37.34
C ILE P 240 -2.68 -8.52 -37.12
N ASN P 241 -3.55 -9.01 -38.00
CA ASN P 241 -3.83 -10.44 -38.16
C ASN P 241 -4.58 -11.16 -37.04
N GLU P 242 -5.45 -10.43 -36.35
CA GLU P 242 -6.42 -11.06 -35.46
C GLU P 242 -7.58 -11.54 -36.36
N GLU P 243 -8.75 -10.94 -36.13
CA GLU P 243 -9.95 -11.22 -36.93
C GLU P 243 -9.72 -10.85 -38.38
N ASP P 244 -9.02 -9.73 -38.60
CA ASP P 244 -8.78 -9.23 -39.95
C ASP P 244 -7.29 -8.95 -40.24
N HIS P 245 -6.98 -8.62 -41.49
CA HIS P 245 -5.59 -8.36 -41.87
C HIS P 245 -5.10 -7.04 -41.28
N ILE P 246 -6.01 -6.09 -41.14
CA ILE P 246 -5.66 -4.76 -40.67
C ILE P 246 -6.83 -4.12 -39.91
N ARG P 247 -6.53 -3.68 -38.68
CA ARG P 247 -7.45 -2.86 -37.91
C ARG P 247 -6.76 -1.53 -37.62
N VAL P 248 -7.41 -0.43 -38.00
CA VAL P 248 -6.90 0.92 -37.84
C VAL P 248 -7.66 1.56 -36.68
N ILE P 249 -6.94 2.07 -35.67
CA ILE P 249 -7.62 2.51 -34.45
C ILE P 249 -7.16 3.85 -33.86
N SER P 250 -8.06 4.84 -33.92
CA SER P 250 -7.85 6.11 -33.24
C SER P 250 -8.65 6.12 -31.93
N MET P 251 -8.05 6.61 -30.85
CA MET P 251 -8.74 6.63 -29.59
C MET P 251 -8.16 7.60 -28.59
N GLN P 252 -8.97 8.01 -27.63
CA GLN P 252 -8.51 8.87 -26.55
C GLN P 252 -9.58 9.01 -25.51
N LYS P 253 -9.17 9.29 -24.28
CA LYS P 253 -10.10 9.46 -23.17
C LYS P 253 -10.89 10.77 -23.30
N GLY P 254 -11.99 10.86 -22.57
CA GLY P 254 -12.85 12.04 -22.59
C GLY P 254 -13.84 12.02 -23.75
N GLY P 255 -14.56 13.11 -23.94
CA GLY P 255 -15.69 13.13 -24.85
C GLY P 255 -15.52 13.78 -26.22
N ASP P 256 -14.28 14.09 -26.59
CA ASP P 256 -13.97 14.76 -27.86
C ASP P 256 -13.90 13.80 -29.04
N LEU P 257 -15.01 13.12 -29.32
CA LEU P 257 -15.11 12.20 -30.46
C LEU P 257 -14.77 12.88 -31.77
N LYS P 258 -15.06 14.18 -31.86
CA LYS P 258 -14.73 14.94 -33.05
C LYS P 258 -13.21 14.93 -33.31
N ALA P 259 -12.43 15.10 -32.26
CA ALA P 259 -10.97 15.08 -32.35
C ALA P 259 -10.45 13.72 -32.82
N VAL P 260 -11.04 12.65 -32.26
CA VAL P 260 -10.66 11.28 -32.57
C VAL P 260 -10.83 11.01 -34.05
N PHE P 261 -11.95 11.47 -34.60
CA PHE P 261 -12.23 11.37 -36.04
C PHE P 261 -11.19 12.12 -36.86
N SER P 262 -10.85 13.31 -36.41
CA SER P 262 -9.83 14.12 -37.08
C SER P 262 -8.57 13.27 -37.27
N ARG P 263 -8.01 12.77 -36.17
CA ARG P 263 -6.82 11.93 -36.23
C ARG P 263 -7.04 10.64 -37.02
N PHE P 264 -8.24 10.07 -36.89
CA PHE P 264 -8.58 8.84 -37.59
C PHE P 264 -8.53 9.02 -39.11
N ALA P 265 -9.14 10.10 -39.58
CA ALA P 265 -9.11 10.42 -41.00
C ALA P 265 -7.69 10.62 -41.49
N ARG P 266 -6.94 11.47 -40.80
CA ARG P 266 -5.55 11.76 -41.20
C ARG P 266 -4.71 10.49 -41.31
N GLY P 267 -4.73 9.66 -40.26
CA GLY P 267 -3.98 8.42 -40.23
C GLY P 267 -4.45 7.37 -41.25
N LEU P 268 -5.77 7.28 -41.45
CA LEU P 268 -6.33 6.34 -42.41
C LEU P 268 -5.93 6.60 -43.87
N LEU P 269 -6.02 7.85 -44.30
CA LEU P 269 -5.54 8.22 -45.63
C LEU P 269 -4.08 7.82 -45.83
N GLU P 270 -3.26 8.07 -44.81
CA GLU P 270 -1.84 7.74 -44.84
C GLU P 270 -1.54 6.24 -44.86
N VAL P 271 -2.41 5.44 -44.25
CA VAL P 271 -2.20 3.99 -44.23
C VAL P 271 -2.63 3.36 -45.54
N GLU P 272 -3.63 3.96 -46.18
CA GLU P 272 -4.11 3.49 -47.48
C GLU P 272 -3.15 3.87 -48.60
N ARG P 273 -2.51 5.02 -48.46
CA ARG P 273 -1.47 5.44 -49.41
C ARG P 273 -0.31 4.48 -49.29
N LEU P 274 0.25 4.44 -48.08
CA LEU P 274 1.32 3.51 -47.75
C LEU P 274 0.98 2.08 -48.22
N MET P 275 -0.24 1.62 -47.95
CA MET P 275 -0.64 0.29 -48.41
C MET P 275 -0.74 0.18 -49.92
N LYS P 276 -1.08 1.28 -50.59
CA LYS P 276 -1.17 1.28 -52.05
C LYS P 276 0.21 1.49 -52.67
N GLU P 277 0.97 2.43 -52.11
CA GLU P 277 2.29 2.82 -52.60
C GLU P 277 3.34 1.72 -52.44
N CYS P 278 3.08 0.80 -51.51
CA CYS P 278 3.99 -0.32 -51.29
C CYS P 278 3.83 -1.38 -52.38
N GLY P 279 2.68 -1.36 -53.05
CA GLY P 279 2.45 -2.24 -54.18
C GLY P 279 1.46 -3.36 -53.90
N HIS P 280 0.96 -3.40 -52.66
CA HIS P 280 0.01 -4.41 -52.26
C HIS P 280 -1.39 -3.82 -52.18
N GLY P 281 -2.30 -4.31 -53.02
CA GLY P 281 -3.66 -3.80 -53.04
C GLY P 281 -4.45 -4.10 -51.78
N LEU P 282 -5.59 -3.42 -51.65
CA LEU P 282 -6.52 -3.71 -50.57
C LEU P 282 -7.82 -4.26 -51.15
N MET P 283 -8.38 -5.30 -50.53
CA MET P 283 -9.63 -5.90 -51.01
C MET P 283 -10.72 -4.86 -51.04
N HIS P 284 -11.11 -4.47 -52.24
CA HIS P 284 -12.10 -3.44 -52.38
C HIS P 284 -13.06 -3.70 -53.53
N ASN P 285 -14.34 -3.46 -53.28
CA ASN P 285 -15.38 -3.70 -54.27
C ASN P 285 -16.10 -2.39 -54.63
N ASP P 286 -16.79 -2.41 -55.77
CA ASP P 286 -17.40 -1.21 -56.30
C ASP P 286 -18.74 -0.89 -55.64
N ARG P 287 -19.53 -1.95 -55.45
CA ARG P 287 -20.87 -1.82 -54.89
C ARG P 287 -20.82 -1.77 -53.36
N LEU P 288 -19.85 -2.46 -52.77
CA LEU P 288 -19.85 -2.72 -51.34
C LEU P 288 -18.64 -2.16 -50.57
N GLY P 289 -17.74 -1.51 -51.28
CA GLY P 289 -16.57 -0.92 -50.66
C GLY P 289 -15.58 -1.96 -50.14
N TYR P 290 -15.13 -1.79 -48.90
CA TYR P 290 -14.06 -2.60 -48.34
C TYR P 290 -14.51 -3.90 -47.69
N ILE P 291 -13.90 -5.00 -48.13
CA ILE P 291 -14.30 -6.32 -47.66
C ILE P 291 -13.39 -6.88 -46.56
N CYS P 292 -14.02 -7.27 -45.46
CA CYS P 292 -13.35 -7.92 -44.35
C CYS P 292 -14.06 -9.22 -43.97
N THR P 293 -13.45 -9.96 -43.05
CA THR P 293 -13.93 -11.26 -42.60
C THR P 293 -15.47 -11.35 -42.48
N CYS P 294 -16.06 -10.45 -41.72
CA CYS P 294 -17.47 -10.56 -41.33
C CYS P 294 -18.39 -9.63 -42.12
N PRO P 295 -19.56 -10.15 -42.52
CA PRO P 295 -20.60 -9.36 -43.21
C PRO P 295 -20.98 -8.07 -42.49
N THR P 296 -20.73 -7.98 -41.18
CA THR P 296 -20.92 -6.69 -40.51
C THR P 296 -19.85 -5.74 -41.02
N ASN P 297 -18.61 -6.20 -41.04
CA ASN P 297 -17.47 -5.36 -41.37
C ASN P 297 -17.27 -5.20 -42.86
N MET P 298 -18.05 -4.30 -43.46
CA MET P 298 -18.02 -4.03 -44.90
C MET P 298 -18.38 -2.56 -45.13
N GLY P 299 -18.22 -2.09 -46.36
CA GLY P 299 -18.52 -0.72 -46.70
C GLY P 299 -17.40 0.18 -46.24
N THR P 300 -17.63 0.85 -45.12
CA THR P 300 -16.61 1.67 -44.49
C THR P 300 -15.87 0.85 -43.43
N VAL P 301 -16.53 -0.19 -42.92
CA VAL P 301 -15.98 -1.10 -41.92
C VAL P 301 -15.66 -0.34 -40.64
N VAL P 302 -16.26 0.85 -40.52
CA VAL P 302 -15.94 1.78 -39.46
C VAL P 302 -16.78 1.52 -38.21
N ARG P 303 -16.13 1.16 -37.12
CA ARG P 303 -16.83 1.13 -35.84
C ARG P 303 -16.39 2.32 -35.04
N ALA P 304 -17.33 3.21 -34.78
CA ALA P 304 -17.13 4.37 -33.94
C ALA P 304 -17.89 4.10 -32.65
N SER P 305 -17.28 4.44 -31.53
CA SER P 305 -17.87 4.10 -30.27
C SER P 305 -17.50 5.08 -29.17
N VAL P 306 -18.39 5.21 -28.21
CA VAL P 306 -18.07 5.90 -26.99
C VAL P 306 -18.26 4.92 -25.85
N HIS P 307 -17.48 5.10 -24.77
CA HIS P 307 -17.80 4.46 -23.50
C HIS P 307 -18.75 5.41 -22.76
N LEU P 308 -20.00 4.97 -22.63
CA LEU P 308 -21.09 5.83 -22.19
C LEU P 308 -21.74 5.28 -20.94
N ARG P 309 -21.74 6.11 -19.90
CA ARG P 309 -22.36 5.76 -18.64
C ARG P 309 -23.78 6.30 -18.56
N LEU P 310 -24.69 5.45 -18.08
CA LEU P 310 -26.11 5.78 -18.03
C LEU P 310 -26.71 5.16 -16.78
N ALA P 311 -26.47 5.78 -15.64
CA ALA P 311 -26.86 5.22 -14.35
C ALA P 311 -28.37 5.15 -14.18
N PHE P 312 -29.09 5.93 -14.98
CA PHE P 312 -30.55 5.98 -14.89
C PHE P 312 -31.21 5.28 -16.07
N LEU P 313 -30.70 5.57 -17.26
CA LEU P 313 -31.34 5.08 -18.47
C LEU P 313 -31.22 3.56 -18.59
N GLU P 314 -30.11 2.99 -18.12
CA GLU P 314 -29.88 1.54 -18.15
C GLU P 314 -30.95 0.73 -17.39
N LYS P 315 -31.60 1.38 -16.42
CA LYS P 315 -32.64 0.73 -15.63
C LYS P 315 -34.00 0.77 -16.31
N HIS P 316 -34.13 1.62 -17.32
CA HIS P 316 -35.41 1.81 -17.98
C HIS P 316 -35.74 0.65 -18.91
N PRO P 317 -36.98 0.14 -18.84
CA PRO P 317 -37.38 -1.04 -19.63
C PRO P 317 -37.34 -0.86 -21.15
N ARG P 318 -37.35 0.37 -21.65
CA ARG P 318 -37.33 0.60 -23.10
C ARG P 318 -35.93 0.96 -23.60
N PHE P 319 -34.92 0.60 -22.81
CA PHE P 319 -33.53 0.96 -23.10
C PHE P 319 -33.03 0.28 -24.38
N ASP P 320 -32.95 -1.04 -24.37
CA ASP P 320 -32.50 -1.80 -25.54
C ASP P 320 -33.35 -1.51 -26.78
N GLU P 321 -34.63 -1.21 -26.56
CA GLU P 321 -35.56 -0.87 -27.64
C GLU P 321 -35.08 0.38 -28.37
N MET P 322 -34.67 1.37 -27.59
CA MET P 322 -34.19 2.64 -28.13
C MET P 322 -32.91 2.46 -28.94
N LEU P 323 -31.93 1.82 -28.35
CA LEU P 323 -30.67 1.51 -29.05
C LEU P 323 -30.97 0.96 -30.44
N GLY P 324 -31.79 -0.09 -30.49
CA GLY P 324 -32.08 -0.77 -31.73
C GLY P 324 -32.68 0.16 -32.76
N LYS P 325 -33.65 0.95 -32.33
CA LYS P 325 -34.32 1.94 -33.16
C LYS P 325 -33.42 3.09 -33.59
N LEU P 326 -32.30 3.26 -32.91
CA LEU P 326 -31.36 4.33 -33.22
C LEU P 326 -30.23 3.80 -34.11
N ARG P 327 -30.19 2.47 -34.24
CA ARG P 327 -29.20 1.74 -35.05
C ARG P 327 -27.82 1.75 -34.38
N LEU P 328 -27.82 1.42 -33.10
CA LEU P 328 -26.63 1.43 -32.28
C LEU P 328 -26.42 0.04 -31.69
N GLY P 329 -25.18 -0.45 -31.77
CA GLY P 329 -24.83 -1.69 -31.11
C GLY P 329 -24.68 -1.44 -29.63
N LYS P 330 -24.61 -2.50 -28.84
CA LYS P 330 -24.41 -2.37 -27.40
C LYS P 330 -23.44 -3.43 -26.95
N ARG P 331 -22.20 -3.02 -26.71
CA ARG P 331 -21.16 -3.91 -26.22
C ARG P 331 -20.77 -3.53 -24.80
N GLY P 332 -20.01 -4.38 -24.14
CA GLY P 332 -19.51 -4.09 -22.80
C GLY P 332 -18.23 -3.26 -22.80
N THR P 333 -17.74 -2.95 -21.61
CA THR P 333 -16.52 -2.15 -21.40
C THR P 333 -15.22 -2.92 -21.72
N GLY P 334 -15.33 -4.22 -21.92
CA GLY P 334 -14.20 -5.02 -22.33
C GLY P 334 -14.28 -5.28 -23.81
N GLY P 335 -15.20 -4.58 -24.46
CA GLY P 335 -15.47 -4.80 -25.86
C GLY P 335 -16.61 -5.79 -26.03
N GLU P 336 -16.57 -6.50 -27.15
CA GLU P 336 -17.67 -7.33 -27.63
C GLU P 336 -18.06 -8.49 -26.71
N SER P 337 -17.05 -9.12 -26.10
CA SER P 337 -17.31 -10.34 -25.33
C SER P 337 -17.12 -10.08 -23.83
N SER P 338 -17.96 -9.20 -23.29
CA SER P 338 -17.93 -8.85 -21.89
C SER P 338 -19.20 -8.04 -21.64
N LEU P 339 -19.53 -7.77 -20.37
CA LEU P 339 -20.72 -6.95 -20.09
C LEU P 339 -20.36 -5.53 -19.67
N ALA P 340 -21.36 -4.79 -19.20
CA ALA P 340 -21.16 -3.42 -18.75
C ALA P 340 -20.61 -3.40 -17.33
N THR P 341 -19.81 -2.39 -17.02
CA THR P 341 -19.37 -2.19 -15.65
C THR P 341 -19.68 -0.75 -15.21
N ASP P 342 -20.21 -0.62 -13.99
CA ASP P 342 -20.52 0.68 -13.41
C ASP P 342 -21.38 1.52 -14.35
N SER P 343 -22.46 0.91 -14.82
CA SER P 343 -23.48 1.60 -15.61
C SER P 343 -22.99 2.11 -16.97
N THR P 344 -21.76 1.77 -17.34
CA THR P 344 -21.15 2.20 -18.61
C THR P 344 -21.15 1.13 -19.70
N TYR P 345 -21.62 1.50 -20.89
CA TYR P 345 -21.70 0.61 -22.04
C TYR P 345 -20.83 1.12 -23.15
N ASP P 346 -20.29 0.21 -23.95
CA ASP P 346 -19.71 0.54 -25.25
C ASP P 346 -20.91 0.72 -26.15
N ILE P 347 -21.15 1.94 -26.62
CA ILE P 347 -22.25 2.25 -27.54
C ILE P 347 -21.71 2.67 -28.91
N SER P 348 -22.25 2.11 -29.99
CA SER P 348 -21.66 2.34 -31.32
C SER P 348 -22.65 2.42 -32.48
N ASN P 349 -22.18 2.82 -33.66
CA ASN P 349 -23.02 2.79 -34.84
C ASN P 349 -23.14 1.34 -35.32
N TRP P 350 -24.36 0.87 -35.49
CA TRP P 350 -24.60 -0.54 -35.84
C TRP P 350 -24.13 -0.95 -37.23
N ALA P 351 -24.40 -0.13 -38.24
CA ALA P 351 -24.06 -0.47 -39.62
C ALA P 351 -22.77 0.21 -40.08
N ARG P 352 -22.29 -0.20 -41.24
CA ARG P 352 -21.02 0.29 -41.77
C ARG P 352 -21.00 0.43 -43.31
N LEU P 353 -21.98 -0.19 -43.99
CA LEU P 353 -22.02 -0.25 -45.46
C LEU P 353 -23.33 0.39 -45.94
N GLY P 354 -23.26 1.22 -46.98
CA GLY P 354 -24.44 1.93 -47.48
C GLY P 354 -24.61 3.34 -46.92
N LYS P 355 -23.57 3.81 -46.22
CA LYS P 355 -23.53 5.16 -45.63
C LYS P 355 -22.07 5.52 -45.43
N SER P 356 -21.76 6.81 -45.54
CA SER P 356 -20.36 7.26 -45.45
C SER P 356 -19.81 7.26 -44.01
N GLU P 357 -18.48 7.32 -43.89
CA GLU P 357 -17.82 7.41 -42.57
C GLU P 357 -18.36 8.57 -41.72
N ARG P 358 -18.67 9.69 -42.37
CA ARG P 358 -19.21 10.85 -41.65
C ARG P 358 -20.66 10.63 -41.18
N GLU P 359 -21.54 10.23 -42.10
CA GLU P 359 -22.92 9.87 -41.74
C GLU P 359 -22.98 8.93 -40.55
N LEU P 360 -22.05 7.97 -40.52
CA LEU P 360 -22.05 6.92 -39.51
C LEU P 360 -21.56 7.44 -38.17
N VAL P 361 -20.61 8.35 -38.18
CA VAL P 361 -20.13 8.97 -36.95
C VAL P 361 -21.21 9.93 -36.47
N GLN P 362 -21.97 10.47 -37.42
CA GLN P 362 -23.01 11.42 -37.10
C GLN P 362 -24.20 10.69 -36.47
N VAL P 363 -24.40 9.45 -36.88
CA VAL P 363 -25.49 8.64 -36.35
C VAL P 363 -25.22 8.33 -34.90
N LEU P 364 -24.00 7.87 -34.62
CA LEU P 364 -23.57 7.70 -33.24
C LEU P 364 -23.91 8.98 -32.48
N VAL P 365 -23.55 10.12 -33.06
CA VAL P 365 -23.64 11.41 -32.38
C VAL P 365 -25.06 11.80 -32.00
N ASP P 366 -26.01 11.60 -32.90
CA ASP P 366 -27.39 11.96 -32.61
C ASP P 366 -28.06 10.88 -31.78
N GLY P 367 -27.55 9.66 -31.91
CA GLY P 367 -28.02 8.57 -31.08
C GLY P 367 -27.67 8.91 -29.65
N VAL P 368 -26.44 9.35 -29.43
CA VAL P 368 -25.91 9.64 -28.10
C VAL P 368 -26.57 10.86 -27.41
N ASN P 369 -26.70 11.96 -28.15
CA ASN P 369 -27.38 13.14 -27.62
C ASN P 369 -28.71 12.77 -26.96
N LEU P 370 -29.49 11.96 -27.68
CA LEU P 370 -30.78 11.49 -27.19
C LEU P 370 -30.63 10.67 -25.91
N LEU P 371 -29.78 9.64 -25.95
CA LEU P 371 -29.55 8.81 -24.77
C LEU P 371 -29.16 9.63 -23.55
N ILE P 372 -28.16 10.49 -23.71
CA ILE P 372 -27.74 11.40 -22.66
C ILE P 372 -28.92 12.21 -22.11
N ALA P 373 -29.68 12.79 -23.02
CA ALA P 373 -30.82 13.65 -22.69
C ALA P 373 -31.95 12.87 -22.01
N CYS P 374 -32.13 11.62 -22.44
CA CYS P 374 -33.12 10.74 -21.82
C CYS P 374 -32.71 10.42 -20.39
N ASP P 375 -31.43 10.09 -20.20
CA ASP P 375 -30.87 9.91 -18.86
C ASP P 375 -31.14 11.14 -17.99
N LYS P 376 -30.92 12.33 -18.55
CA LYS P 376 -31.17 13.57 -17.83
C LYS P 376 -32.64 13.73 -17.40
N LYS P 377 -33.58 13.35 -18.28
CA LYS P 377 -34.99 13.43 -17.92
C LYS P 377 -35.29 12.50 -16.75
N LEU P 378 -34.78 11.27 -16.83
CA LEU P 378 -35.06 10.29 -15.80
C LEU P 378 -34.51 10.71 -14.44
N GLU P 379 -33.26 11.13 -14.42
CA GLU P 379 -32.64 11.63 -13.20
C GLU P 379 -33.50 12.75 -12.59
N ALA P 380 -34.27 13.43 -13.44
CA ALA P 380 -35.14 14.50 -12.98
C ALA P 380 -36.56 13.99 -12.74
N GLY P 381 -36.68 12.71 -12.42
CA GLY P 381 -37.97 12.13 -12.12
C GLY P 381 -39.06 12.52 -13.11
N GLN P 382 -38.77 12.30 -14.39
CA GLN P 382 -39.68 12.67 -15.46
C GLN P 382 -39.71 11.52 -16.46
N SER P 383 -40.79 11.42 -17.22
CA SER P 383 -40.93 10.33 -18.19
C SER P 383 -40.23 10.67 -19.50
N ILE P 384 -39.96 9.64 -20.30
CA ILE P 384 -39.23 9.80 -21.55
C ILE P 384 -39.93 9.03 -22.66
N ASP P 385 -41.15 8.57 -22.39
CA ASP P 385 -41.86 7.69 -23.29
C ASP P 385 -42.03 8.27 -24.69
N ASP P 386 -42.31 9.56 -24.78
CA ASP P 386 -42.52 10.19 -26.08
C ASP P 386 -41.23 10.64 -26.75
N MET P 387 -40.12 10.58 -26.01
CA MET P 387 -38.81 10.89 -26.57
C MET P 387 -38.28 9.68 -27.32
N ILE P 388 -38.72 8.50 -26.90
CA ILE P 388 -38.30 7.25 -27.53
C ILE P 388 -38.78 7.16 -28.97
N PRO P 389 -37.85 6.90 -29.90
CA PRO P 389 -38.19 6.89 -31.33
C PRO P 389 -39.33 5.92 -31.64
N LYS P 390 -40.21 6.32 -32.57
CA LYS P 390 -41.37 5.52 -32.91
C LYS P 390 -41.00 4.31 -33.76
N PHE Q 25 27.56 -98.65 -18.00
CA PHE Q 25 28.41 -98.70 -16.82
C PHE Q 25 29.17 -100.03 -16.71
N LYS Q 26 30.25 -100.03 -15.92
CA LYS Q 26 30.99 -101.25 -15.62
C LYS Q 26 30.40 -101.88 -14.37
N ALA Q 27 30.77 -103.13 -14.13
CA ALA Q 27 30.38 -103.81 -12.91
C ALA Q 27 30.69 -102.92 -11.70
N ALA Q 28 31.89 -102.34 -11.70
CA ALA Q 28 32.41 -101.57 -10.57
C ALA Q 28 31.69 -100.24 -10.33
N ASP Q 29 31.10 -99.67 -11.38
CA ASP Q 29 30.35 -98.43 -11.23
C ASP Q 29 29.14 -98.66 -10.33
N ASN Q 30 28.66 -99.89 -10.34
CA ASN Q 30 27.45 -100.24 -9.61
C ASN Q 30 27.71 -100.98 -8.29
N PHE Q 31 28.95 -101.42 -8.09
CA PHE Q 31 29.32 -102.17 -6.88
C PHE Q 31 29.01 -101.38 -5.63
N PRO Q 32 28.39 -102.04 -4.63
CA PRO Q 32 27.88 -101.41 -3.42
C PRO Q 32 28.97 -100.91 -2.49
N ASP Q 33 28.71 -99.78 -1.81
CA ASP Q 33 29.61 -99.35 -0.74
C ASP Q 33 29.23 -100.08 0.55
N LEU Q 34 30.00 -101.11 0.88
CA LEU Q 34 29.65 -101.99 1.99
C LEU Q 34 30.52 -101.81 3.23
N SER Q 35 31.01 -100.58 3.43
CA SER Q 35 31.92 -100.28 4.54
C SER Q 35 31.28 -100.50 5.90
N LYS Q 36 30.18 -99.79 6.17
CA LYS Q 36 29.57 -99.78 7.51
C LYS Q 36 28.98 -101.13 7.89
N HIS Q 37 28.49 -101.83 6.88
CA HIS Q 37 27.70 -103.07 7.05
C HIS Q 37 28.36 -104.18 7.87
N ASN Q 38 27.54 -104.86 8.68
CA ASN Q 38 27.96 -106.04 9.43
C ASN Q 38 26.90 -107.14 9.35
N ASN Q 39 26.85 -107.81 8.21
CA ASN Q 39 26.03 -109.00 8.05
C ASN Q 39 26.82 -110.00 7.23
N VAL Q 40 26.24 -111.15 6.93
CA VAL Q 40 26.98 -112.22 6.29
C VAL Q 40 27.35 -111.88 4.85
N MET Q 41 26.42 -111.24 4.14
CA MET Q 41 26.61 -110.92 2.73
C MET Q 41 27.82 -110.02 2.47
N ALA Q 42 27.94 -108.96 3.27
CA ALA Q 42 29.03 -108.01 3.12
C ALA Q 42 30.40 -108.61 3.49
N SER Q 43 30.40 -109.63 4.34
CA SER Q 43 31.60 -110.42 4.64
C SER Q 43 32.10 -111.25 3.45
N GLN Q 44 31.15 -111.82 2.70
CA GLN Q 44 31.44 -112.81 1.67
C GLN Q 44 31.61 -112.23 0.27
N LEU Q 45 30.80 -111.22 -0.04
CA LEU Q 45 30.73 -110.62 -1.36
C LEU Q 45 32.00 -109.86 -1.72
N THR Q 46 32.51 -110.11 -2.92
CA THR Q 46 33.68 -109.40 -3.42
C THR Q 46 33.41 -108.75 -4.78
N LYS Q 47 34.30 -107.87 -5.19
CA LYS Q 47 34.15 -107.17 -6.47
C LYS Q 47 34.16 -108.17 -7.61
N GLU Q 48 35.04 -109.17 -7.53
CA GLU Q 48 35.12 -110.19 -8.56
C GLU Q 48 33.80 -110.94 -8.74
N LEU Q 49 33.29 -111.47 -7.63
CA LEU Q 49 31.99 -112.13 -7.61
C LEU Q 49 30.86 -111.24 -8.13
N TYR Q 50 31.05 -109.92 -8.02
CA TYR Q 50 30.01 -109.00 -8.46
C TYR Q 50 30.17 -108.73 -9.94
N GLU Q 51 31.42 -108.68 -10.40
CA GLU Q 51 31.72 -108.51 -11.81
C GLU Q 51 31.27 -109.74 -12.59
N LYS Q 52 31.49 -110.89 -11.97
CA LYS Q 52 31.08 -112.17 -12.54
C LYS Q 52 29.57 -112.35 -12.58
N TYR Q 53 28.87 -111.92 -11.54
CA TYR Q 53 27.50 -112.36 -11.31
C TYR Q 53 26.41 -111.33 -11.56
N TRP Q 54 26.79 -110.09 -11.81
CA TRP Q 54 25.81 -108.99 -11.81
C TRP Q 54 24.88 -108.91 -13.03
N ASP Q 55 25.28 -109.48 -14.16
CA ASP Q 55 24.46 -109.39 -15.37
C ASP Q 55 23.91 -110.74 -15.78
N LYS Q 56 23.92 -111.66 -14.82
CA LYS Q 56 23.40 -113.00 -15.01
C LYS Q 56 22.03 -113.10 -14.34
N VAL Q 57 21.02 -113.47 -15.12
CA VAL Q 57 19.64 -113.46 -14.67
C VAL Q 57 19.01 -114.85 -14.77
N THR Q 58 18.23 -115.20 -13.75
CA THR Q 58 17.63 -116.54 -13.67
C THR Q 58 16.53 -116.66 -14.72
N PRO Q 59 16.13 -117.89 -15.05
CA PRO Q 59 15.04 -118.07 -16.02
C PRO Q 59 13.85 -117.21 -15.67
N ASN Q 60 13.73 -116.85 -14.39
CA ASN Q 60 12.54 -116.20 -13.85
C ASN Q 60 12.62 -114.67 -13.85
N GLY Q 61 13.77 -114.14 -14.21
CA GLY Q 61 13.94 -112.68 -14.24
C GLY Q 61 14.43 -112.11 -12.92
N VAL Q 62 15.01 -112.95 -12.09
CA VAL Q 62 15.62 -112.49 -10.84
C VAL Q 62 17.06 -112.06 -11.11
N THR Q 63 17.45 -110.93 -10.52
CA THR Q 63 18.80 -110.42 -10.69
C THR Q 63 19.66 -110.71 -9.46
N PHE Q 64 20.97 -110.47 -9.57
CA PHE Q 64 21.89 -110.66 -8.45
C PHE Q 64 21.78 -109.53 -7.42
N ASP Q 65 21.48 -108.31 -7.87
CA ASP Q 65 21.18 -107.20 -6.96
C ASP Q 65 19.93 -107.51 -6.12
N LYS Q 66 18.93 -108.11 -6.76
CA LYS Q 66 17.69 -108.49 -6.06
C LYS Q 66 18.00 -109.38 -4.86
N CYS Q 67 18.95 -110.29 -5.04
CA CYS Q 67 19.26 -111.28 -4.02
C CYS Q 67 20.00 -110.66 -2.81
N ILE Q 68 20.91 -109.72 -3.08
CA ILE Q 68 21.72 -109.12 -2.02
C ILE Q 68 21.15 -107.81 -1.50
N GLN Q 69 20.29 -107.17 -2.29
CA GLN Q 69 19.79 -105.83 -1.96
C GLN Q 69 19.54 -105.61 -0.46
N THR Q 70 18.97 -106.62 0.20
CA THR Q 70 18.58 -106.52 1.61
C THR Q 70 19.73 -106.35 2.60
N GLY Q 71 20.91 -106.82 2.25
CA GLY Q 71 22.04 -106.65 3.15
C GLY Q 71 22.71 -105.29 3.00
N VAL Q 72 22.49 -104.68 1.83
CA VAL Q 72 23.04 -103.37 1.51
C VAL Q 72 22.22 -102.33 2.24
N ASP Q 73 20.95 -102.66 2.46
CA ASP Q 73 20.02 -101.72 3.03
C ASP Q 73 20.03 -101.85 4.55
N ASN Q 74 20.55 -102.99 5.03
CA ASN Q 74 20.55 -103.30 6.46
C ASN Q 74 21.95 -103.61 6.98
N PRO Q 75 22.82 -102.59 7.06
CA PRO Q 75 24.18 -102.69 7.60
C PRO Q 75 24.22 -103.10 9.08
N GLY Q 76 23.21 -102.73 9.84
CA GLY Q 76 23.19 -103.01 11.26
C GLY Q 76 21.94 -103.73 11.73
N ASN Q 77 21.79 -103.83 13.05
CA ASN Q 77 20.70 -104.57 13.66
C ASN Q 77 20.49 -104.09 15.10
N LYS Q 78 19.30 -103.53 15.39
CA LYS Q 78 18.95 -103.08 16.74
C LYS Q 78 18.76 -104.27 17.68
N PHE Q 79 18.60 -105.45 17.09
CA PHE Q 79 18.28 -106.64 17.86
C PHE Q 79 19.47 -107.60 17.94
N TYR Q 80 19.25 -108.79 18.50
CA TYR Q 80 20.35 -109.73 18.68
C TYR Q 80 20.74 -110.41 17.37
N GLY Q 81 22.02 -110.77 17.26
CA GLY Q 81 22.52 -111.58 16.15
C GLY Q 81 22.97 -110.89 14.88
N LYS Q 82 23.83 -111.58 14.12
CA LYS Q 82 24.33 -111.06 12.85
C LYS Q 82 23.41 -111.52 11.74
N LYS Q 83 23.03 -110.60 10.86
CA LYS Q 83 22.04 -110.93 9.83
C LYS Q 83 22.69 -111.47 8.56
N THR Q 84 21.90 -112.16 7.74
CA THR Q 84 22.42 -112.79 6.53
C THR Q 84 22.68 -111.79 5.38
N GLY Q 85 21.71 -110.93 5.10
CA GLY Q 85 21.89 -109.88 4.10
C GLY Q 85 21.65 -110.31 2.66
N CYS Q 86 20.95 -111.42 2.45
CA CYS Q 86 20.63 -111.83 1.11
C CYS Q 86 19.54 -112.89 1.09
N VAL Q 87 18.97 -113.12 -0.10
CA VAL Q 87 17.84 -114.03 -0.27
C VAL Q 87 17.95 -114.77 -1.62
N PHE Q 88 17.20 -115.86 -1.78
CA PHE Q 88 16.91 -116.43 -3.10
C PHE Q 88 15.59 -115.82 -3.59
N GLY Q 89 15.53 -115.48 -4.88
CA GLY Q 89 14.32 -114.95 -5.49
C GLY Q 89 13.46 -116.04 -6.12
N ASP Q 90 14.10 -117.16 -6.41
CA ASP Q 90 13.40 -118.31 -6.94
C ASP Q 90 14.24 -119.56 -6.74
N GLU Q 91 13.81 -120.65 -7.37
CA GLU Q 91 14.44 -121.95 -7.19
C GLU Q 91 15.65 -122.15 -8.11
N TYR Q 92 15.95 -121.13 -8.92
CA TYR Q 92 17.08 -121.15 -9.85
C TYR Q 92 18.21 -120.25 -9.36
N SER Q 93 18.03 -119.64 -8.20
CA SER Q 93 18.96 -118.60 -7.75
C SER Q 93 20.23 -119.13 -7.12
N TYR Q 94 20.12 -120.17 -6.31
CA TYR Q 94 21.31 -120.75 -5.68
C TYR Q 94 22.30 -121.27 -6.71
N GLU Q 95 21.80 -121.91 -7.77
CA GLU Q 95 22.69 -122.45 -8.80
C GLU Q 95 23.25 -121.33 -9.66
N CYS Q 96 22.46 -120.27 -9.82
CA CYS Q 96 22.89 -119.09 -10.56
C CYS Q 96 24.09 -118.43 -9.92
N TYR Q 97 24.02 -118.21 -8.61
CA TYR Q 97 25.05 -117.45 -7.90
C TYR Q 97 25.75 -118.34 -6.87
N LYS Q 98 25.93 -119.60 -7.24
CA LYS Q 98 26.42 -120.64 -6.36
C LYS Q 98 27.73 -120.32 -5.67
N GLU Q 99 28.71 -119.80 -6.41
CA GLU Q 99 30.02 -119.48 -5.83
C GLU Q 99 29.91 -118.58 -4.59
N PHE Q 100 29.12 -117.51 -4.70
CA PHE Q 100 28.83 -116.58 -3.62
C PHE Q 100 28.09 -117.26 -2.47
N PHE Q 101 26.92 -117.83 -2.75
CA PHE Q 101 26.10 -118.45 -1.70
C PHE Q 101 26.88 -119.48 -0.89
N ASP Q 102 27.72 -120.26 -1.56
CA ASP Q 102 28.52 -121.29 -0.87
C ASP Q 102 29.28 -120.68 0.29
N LYS Q 103 29.74 -119.45 0.12
CA LYS Q 103 30.54 -118.77 1.12
C LYS Q 103 29.70 -118.23 2.27
N CYS Q 104 28.41 -117.98 2.01
CA CYS Q 104 27.47 -117.50 3.04
C CYS Q 104 26.97 -118.68 3.82
N ILE Q 105 26.81 -119.79 3.12
CA ILE Q 105 26.34 -121.05 3.67
C ILE Q 105 27.41 -121.68 4.56
N GLU Q 106 28.66 -121.57 4.15
CA GLU Q 106 29.74 -122.09 4.95
C GLU Q 106 29.80 -121.33 6.27
N GLU Q 107 29.68 -120.01 6.21
CA GLU Q 107 29.64 -119.19 7.43
C GLU Q 107 28.50 -119.56 8.36
N ILE Q 108 27.32 -119.76 7.78
CA ILE Q 108 26.12 -119.98 8.59
C ILE Q 108 26.06 -121.40 9.15
N HIS Q 109 26.09 -122.36 8.25
CA HIS Q 109 25.89 -123.74 8.65
C HIS Q 109 27.19 -124.47 8.91
N HIS Q 110 28.30 -123.79 8.65
CA HIS Q 110 29.61 -124.44 8.69
C HIS Q 110 29.62 -125.55 7.65
N PHE Q 111 28.88 -125.32 6.57
CA PHE Q 111 28.67 -126.33 5.54
C PHE Q 111 29.45 -125.99 4.26
N LYS Q 112 30.34 -126.90 3.86
CA LYS Q 112 31.20 -126.71 2.68
C LYS Q 112 30.54 -127.26 1.39
N PRO Q 113 30.98 -126.76 0.22
CA PRO Q 113 30.37 -127.29 -1.01
C PRO Q 113 30.78 -128.72 -1.34
N SER Q 114 31.52 -129.37 -0.44
CA SER Q 114 31.89 -130.77 -0.62
C SER Q 114 30.98 -131.65 0.23
N ASP Q 115 30.19 -131.01 1.08
CA ASP Q 115 29.28 -131.71 1.98
C ASP Q 115 27.90 -131.97 1.37
N LYS Q 116 27.05 -132.61 2.17
CA LYS Q 116 25.76 -133.09 1.72
C LYS Q 116 24.87 -133.27 2.93
N HIS Q 117 23.64 -132.78 2.83
CA HIS Q 117 22.68 -132.87 3.93
C HIS Q 117 22.29 -134.32 4.19
N PRO Q 118 22.44 -134.77 5.44
CA PRO Q 118 22.02 -136.12 5.82
C PRO Q 118 20.55 -136.38 5.46
N ALA Q 119 20.09 -137.59 5.71
CA ALA Q 119 18.68 -137.92 5.56
C ALA Q 119 17.95 -137.53 6.84
N PRO Q 120 16.65 -137.21 6.72
CA PRO Q 120 15.81 -136.79 7.85
C PRO Q 120 15.82 -137.81 8.98
N ASP Q 121 15.68 -137.31 10.19
CA ASP Q 121 15.57 -138.13 11.39
C ASP Q 121 14.54 -137.46 12.28
N LEU Q 122 13.35 -138.04 12.34
CA LEU Q 122 12.24 -137.46 13.09
C LEU Q 122 11.80 -138.45 14.16
N ASP Q 123 12.67 -139.42 14.40
CA ASP Q 123 12.49 -140.40 15.46
C ASP Q 123 12.61 -139.70 16.81
N HIS Q 124 11.52 -139.10 17.26
CA HIS Q 124 11.55 -138.27 18.46
C HIS Q 124 11.88 -139.05 19.73
N ASN Q 125 11.82 -140.37 19.64
CA ASN Q 125 12.02 -141.22 20.82
C ASN Q 125 13.47 -141.35 21.23
N LYS Q 126 14.38 -141.13 20.27
CA LYS Q 126 15.81 -141.21 20.55
C LYS Q 126 16.33 -139.96 21.24
N LEU Q 127 15.46 -138.97 21.44
CA LEU Q 127 15.84 -137.73 22.10
C LEU Q 127 16.18 -137.99 23.57
N VAL Q 128 17.34 -137.49 24.01
CA VAL Q 128 17.79 -137.70 25.37
C VAL Q 128 17.52 -136.47 26.22
N GLY Q 129 16.70 -136.63 27.26
CA GLY Q 129 16.20 -135.52 28.02
C GLY Q 129 15.17 -134.76 27.20
N GLY Q 130 15.07 -133.46 27.44
CA GLY Q 130 14.19 -132.63 26.63
C GLY Q 130 12.84 -132.35 27.29
N VAL Q 131 12.77 -132.64 28.58
CA VAL Q 131 11.63 -132.23 29.39
C VAL Q 131 12.15 -131.36 30.52
N PHE Q 132 11.99 -130.05 30.36
CA PHE Q 132 12.59 -129.07 31.25
C PHE Q 132 11.69 -128.63 32.41
N GLU Q 133 12.32 -128.02 33.42
CA GLU Q 133 11.67 -127.58 34.64
C GLU Q 133 10.96 -126.24 34.40
N ASP Q 134 9.67 -126.17 34.78
CA ASP Q 134 8.85 -124.95 34.66
C ASP Q 134 9.60 -123.65 34.96
N LYS Q 135 10.36 -123.68 36.05
CA LYS Q 135 11.13 -122.54 36.53
C LYS Q 135 11.94 -121.86 35.42
N TYR Q 136 12.48 -122.65 34.50
CA TYR Q 136 13.38 -122.12 33.46
C TYR Q 136 12.78 -122.08 32.04
N VAL Q 137 12.19 -123.18 31.59
CA VAL Q 137 11.54 -123.21 30.28
C VAL Q 137 10.04 -122.92 30.41
N LYS Q 138 9.55 -121.91 29.70
CA LYS Q 138 8.16 -121.48 29.80
C LYS Q 138 7.32 -122.00 28.62
N SER Q 139 7.94 -122.15 27.47
CA SER Q 139 7.25 -122.74 26.34
C SER Q 139 8.22 -123.29 25.31
N CYS Q 140 7.78 -124.31 24.59
CA CYS Q 140 8.59 -124.93 23.57
C CYS Q 140 7.83 -124.77 22.27
N ARG Q 141 8.52 -124.95 21.16
CA ARG Q 141 7.92 -124.80 19.84
C ARG Q 141 8.91 -125.27 18.79
N ILE Q 142 8.43 -126.05 17.84
CA ILE Q 142 9.29 -126.43 16.72
C ILE Q 142 8.64 -125.98 15.44
N ARG Q 143 9.45 -125.39 14.57
CA ARG Q 143 8.94 -124.86 13.31
C ARG Q 143 9.94 -125.13 12.21
N CYS Q 144 9.44 -125.32 10.98
CA CYS Q 144 10.28 -125.47 9.79
C CYS Q 144 9.60 -124.86 8.55
N GLY Q 145 10.39 -124.21 7.69
CA GLY Q 145 9.86 -123.59 6.48
C GLY Q 145 9.88 -124.49 5.27
N ARG Q 146 8.96 -124.26 4.33
CA ARG Q 146 8.84 -125.02 3.07
C ARG Q 146 8.36 -124.17 1.87
N SER Q 147 8.67 -124.63 0.66
CA SER Q 147 8.38 -123.88 -0.55
C SER Q 147 7.69 -124.73 -1.60
N VAL Q 148 6.89 -124.08 -2.45
CA VAL Q 148 6.21 -124.77 -3.54
C VAL Q 148 7.07 -124.68 -4.79
N LYS Q 149 7.43 -125.83 -5.34
CA LYS Q 149 8.26 -125.88 -6.54
C LYS Q 149 7.56 -125.31 -7.77
N GLY Q 150 8.33 -124.60 -8.59
CA GLY Q 150 7.85 -124.11 -9.87
C GLY Q 150 7.40 -122.67 -9.81
N VAL Q 151 7.51 -122.06 -8.62
CA VAL Q 151 7.09 -120.68 -8.46
C VAL Q 151 8.17 -119.86 -7.78
N CYS Q 152 8.21 -118.56 -8.06
CA CYS Q 152 9.14 -117.65 -7.39
C CYS Q 152 8.85 -117.57 -5.88
N LEU Q 153 9.90 -117.32 -5.11
CA LEU Q 153 9.76 -117.23 -3.66
C LEU Q 153 9.29 -115.83 -3.30
N PRO Q 154 8.77 -115.66 -2.07
CA PRO Q 154 8.19 -114.39 -1.60
C PRO Q 154 8.86 -113.08 -2.06
N PRO Q 155 10.20 -112.97 -1.94
CA PRO Q 155 10.82 -111.71 -2.35
C PRO Q 155 10.56 -111.33 -3.80
N ALA Q 156 10.38 -112.32 -4.69
CA ALA Q 156 10.18 -112.04 -6.11
C ALA Q 156 8.86 -112.53 -6.72
N MET Q 157 7.98 -113.12 -5.92
CA MET Q 157 6.75 -113.67 -6.50
C MET Q 157 5.77 -112.57 -6.94
N SER Q 158 4.67 -112.98 -7.55
CA SER Q 158 3.64 -112.04 -8.02
C SER Q 158 2.32 -112.32 -7.30
N ARG Q 159 1.34 -111.43 -7.46
CA ARG Q 159 0.05 -111.63 -6.81
C ARG Q 159 -0.61 -112.92 -7.28
N ALA Q 160 -0.61 -113.13 -8.60
CA ALA Q 160 -1.08 -114.37 -9.21
C ALA Q 160 -0.42 -115.65 -8.67
N GLU Q 161 0.88 -115.58 -8.38
CA GLU Q 161 1.61 -116.70 -7.76
C GLU Q 161 1.24 -116.86 -6.30
N ARG Q 162 1.19 -115.75 -5.58
CA ARG Q 162 0.82 -115.73 -4.17
C ARG Q 162 -0.60 -116.28 -3.94
N ARG Q 163 -1.54 -115.83 -4.79
CA ARG Q 163 -2.93 -116.27 -4.75
C ARG Q 163 -3.06 -117.76 -5.06
N LEU Q 164 -2.10 -118.27 -5.81
CA LEU Q 164 -2.07 -119.66 -6.24
C LEU Q 164 -1.50 -120.56 -5.16
N VAL Q 165 -0.47 -120.08 -4.49
CA VAL Q 165 0.11 -120.80 -3.35
C VAL Q 165 -0.90 -120.91 -2.19
N GLU Q 166 -1.53 -119.79 -1.84
CA GLU Q 166 -2.52 -119.79 -0.76
C GLU Q 166 -3.59 -120.83 -1.00
N LYS Q 167 -4.04 -120.92 -2.25
CA LYS Q 167 -5.13 -121.80 -2.67
C LYS Q 167 -4.72 -123.28 -2.62
N VAL Q 168 -3.56 -123.57 -3.17
CA VAL Q 168 -3.03 -124.93 -3.18
C VAL Q 168 -2.82 -125.40 -1.75
N VAL Q 169 -2.20 -124.54 -0.93
CA VAL Q 169 -1.82 -124.92 0.41
C VAL Q 169 -3.05 -125.08 1.29
N SER Q 170 -3.89 -124.05 1.35
CA SER Q 170 -5.07 -124.10 2.21
C SER Q 170 -6.00 -125.26 1.82
N ASP Q 171 -6.07 -125.56 0.53
CA ASP Q 171 -6.85 -126.69 0.07
C ASP Q 171 -6.32 -127.98 0.68
N ALA Q 172 -5.01 -128.20 0.53
CA ALA Q 172 -4.36 -129.41 0.97
C ALA Q 172 -4.54 -129.64 2.46
N LEU Q 173 -4.42 -128.56 3.24
CA LEU Q 173 -4.57 -128.62 4.69
C LEU Q 173 -5.91 -129.19 5.13
N GLY Q 174 -6.95 -128.91 4.36
CA GLY Q 174 -8.26 -129.48 4.63
C GLY Q 174 -8.30 -130.99 4.65
N GLY Q 175 -7.18 -131.63 4.31
CA GLY Q 175 -7.08 -133.08 4.38
C GLY Q 175 -6.72 -133.59 5.76
N LEU Q 176 -6.18 -132.73 6.61
CA LEU Q 176 -5.75 -133.15 7.95
C LEU Q 176 -6.93 -133.62 8.81
N LYS Q 177 -6.81 -134.85 9.31
CA LYS Q 177 -7.84 -135.45 10.13
C LYS Q 177 -7.46 -135.44 11.62
N GLY Q 178 -8.32 -136.02 12.45
CA GLY Q 178 -8.00 -136.24 13.85
C GLY Q 178 -7.80 -134.99 14.66
N ASP Q 179 -6.73 -134.96 15.46
CA ASP Q 179 -6.45 -133.77 16.26
C ASP Q 179 -5.72 -132.73 15.43
N LEU Q 180 -5.49 -133.07 14.16
CA LEU Q 180 -4.80 -132.19 13.23
C LEU Q 180 -5.79 -131.49 12.28
N ALA Q 181 -7.07 -131.79 12.46
CA ALA Q 181 -8.14 -131.10 11.73
C ALA Q 181 -8.21 -129.64 12.17
N GLY Q 182 -8.18 -128.73 11.21
CA GLY Q 182 -8.20 -127.31 11.51
C GLY Q 182 -8.96 -126.49 10.49
N LYS Q 183 -8.67 -125.19 10.47
CA LYS Q 183 -9.37 -124.29 9.57
C LYS Q 183 -8.44 -123.15 9.18
N TYR Q 184 -8.67 -122.57 8.01
CA TYR Q 184 -7.82 -121.50 7.50
C TYR Q 184 -8.44 -120.14 7.73
N TYR Q 185 -7.64 -119.22 8.26
CA TYR Q 185 -8.09 -117.87 8.60
C TYR Q 185 -7.25 -116.82 7.85
N PRO Q 186 -7.75 -116.37 6.69
CA PRO Q 186 -7.06 -115.43 5.80
C PRO Q 186 -6.96 -114.04 6.40
N LEU Q 187 -5.85 -113.36 6.15
CA LEU Q 187 -5.54 -112.13 6.88
C LEU Q 187 -6.46 -110.97 6.50
N THR Q 188 -7.01 -111.03 5.29
CA THR Q 188 -7.76 -109.90 4.75
C THR Q 188 -9.14 -109.64 5.40
N THR Q 189 -9.75 -110.66 5.98
CA THR Q 189 -11.05 -110.50 6.62
C THR Q 189 -10.95 -110.54 8.15
N MET Q 190 -9.79 -110.94 8.64
CA MET Q 190 -9.54 -111.05 10.06
C MET Q 190 -9.44 -109.65 10.65
N ASN Q 191 -10.14 -109.39 11.76
CA ASN Q 191 -10.10 -108.05 12.33
C ASN Q 191 -8.83 -107.80 13.16
N GLU Q 192 -8.41 -106.54 13.19
CA GLU Q 192 -7.15 -106.14 13.82
C GLU Q 192 -6.97 -106.66 15.24
N LYS Q 193 -8.00 -106.50 16.07
CA LYS Q 193 -7.89 -106.86 17.49
C LYS Q 193 -7.64 -108.37 17.67
N ASP Q 194 -8.22 -109.16 16.78
CA ASP Q 194 -8.02 -110.60 16.76
C ASP Q 194 -6.61 -110.97 16.30
N GLN Q 195 -6.15 -110.26 15.29
CA GLN Q 195 -4.81 -110.43 14.75
C GLN Q 195 -3.75 -110.14 15.82
N GLU Q 196 -3.94 -109.06 16.55
CA GLU Q 196 -2.96 -108.61 17.54
C GLU Q 196 -2.90 -109.55 18.74
N GLN Q 197 -3.98 -110.30 18.97
CA GLN Q 197 -4.02 -111.28 20.04
C GLN Q 197 -3.23 -112.52 19.65
N LEU Q 198 -3.49 -113.04 18.45
CA LEU Q 198 -2.72 -114.16 17.90
C LEU Q 198 -1.22 -113.87 17.86
N ILE Q 199 -0.84 -112.63 17.52
CA ILE Q 199 0.56 -112.22 17.52
C ILE Q 199 1.06 -112.23 18.95
N GLU Q 200 0.40 -111.42 19.76
CA GLU Q 200 0.57 -111.43 21.20
C GLU Q 200 0.87 -112.84 21.72
N ASP Q 201 -0.03 -113.78 21.41
CA ASP Q 201 0.02 -115.15 21.93
C ASP Q 201 1.08 -115.99 21.21
N HIS Q 202 1.98 -115.32 20.48
CA HIS Q 202 3.07 -116.00 19.77
C HIS Q 202 2.59 -116.94 18.68
N PHE Q 203 1.30 -116.89 18.35
CA PHE Q 203 0.74 -117.78 17.34
C PHE Q 203 0.92 -117.22 15.92
N LEU Q 204 0.60 -115.95 15.76
CA LEU Q 204 0.66 -115.35 14.43
C LEU Q 204 2.01 -114.66 14.17
N PHE Q 205 2.48 -114.77 12.92
CA PHE Q 205 3.58 -113.94 12.45
C PHE Q 205 3.21 -112.45 12.63
N GLU Q 206 4.22 -111.65 12.94
CA GLU Q 206 4.01 -110.25 13.31
C GLU Q 206 3.51 -109.38 12.15
N LYS Q 207 3.10 -108.16 12.49
CA LYS Q 207 2.83 -107.13 11.50
C LYS Q 207 4.09 -106.86 10.68
N PRO Q 208 3.91 -106.64 9.36
CA PRO Q 208 5.01 -106.54 8.39
C PRO Q 208 5.89 -105.29 8.51
N THR Q 209 6.64 -105.16 9.61
CA THR Q 209 7.62 -104.07 9.73
C THR Q 209 9.05 -104.62 9.75
N GLY Q 210 9.18 -105.93 9.56
CA GLY Q 210 10.47 -106.57 9.58
C GLY Q 210 11.50 -105.97 8.63
N ALA Q 211 12.70 -105.71 9.14
CA ALA Q 211 13.78 -105.12 8.35
C ALA Q 211 14.00 -105.87 7.04
N LEU Q 212 14.19 -107.18 7.12
CA LEU Q 212 14.38 -108.04 5.94
C LEU Q 212 13.09 -108.21 5.12
N LEU Q 213 11.96 -108.28 5.81
CA LEU Q 213 10.68 -108.49 5.13
C LEU Q 213 10.34 -107.37 4.14
N THR Q 214 10.49 -106.12 4.55
CA THR Q 214 10.12 -104.99 3.67
C THR Q 214 11.17 -104.78 2.57
N THR Q 215 12.43 -104.61 2.97
CA THR Q 215 13.51 -104.39 2.02
C THR Q 215 13.75 -105.55 1.05
N SER Q 216 13.07 -106.66 1.22
CA SER Q 216 13.33 -107.80 0.35
C SER Q 216 12.14 -108.13 -0.55
N GLY Q 217 11.10 -107.30 -0.50
CA GLY Q 217 9.92 -107.46 -1.33
C GLY Q 217 8.85 -108.42 -0.85
N CYS Q 218 8.98 -108.90 0.39
CA CYS Q 218 8.06 -109.90 0.93
C CYS Q 218 6.87 -109.26 1.66
N ALA Q 219 6.74 -107.94 1.57
CA ALA Q 219 5.57 -107.25 2.12
C ALA Q 219 4.79 -106.50 1.06
N ARG Q 220 4.99 -106.86 -0.20
CA ARG Q 220 4.26 -106.22 -1.28
C ARG Q 220 2.84 -106.77 -1.32
N ASP Q 221 1.87 -105.89 -1.56
CA ASP Q 221 0.48 -106.31 -1.79
C ASP Q 221 -0.27 -106.72 -0.52
N TRP Q 222 0.31 -106.42 0.63
CA TRP Q 222 -0.20 -106.90 1.91
C TRP Q 222 -1.61 -106.43 2.25
N PRO Q 223 -2.42 -107.30 2.86
CA PRO Q 223 -2.06 -108.64 3.34
C PRO Q 223 -2.50 -109.73 2.39
N ASP Q 224 -2.71 -109.38 1.14
CA ASP Q 224 -3.32 -110.28 0.16
C ASP Q 224 -2.58 -111.61 0.06
N GLY Q 225 -3.31 -112.71 0.25
CA GLY Q 225 -2.79 -114.03 0.03
C GLY Q 225 -2.13 -114.65 1.26
N ARG Q 226 -2.03 -113.85 2.32
CA ARG Q 226 -1.42 -114.29 3.57
C ARG Q 226 -2.46 -114.88 4.52
N GLY Q 227 -2.04 -115.78 5.40
CA GLY Q 227 -2.96 -116.29 6.39
C GLY Q 227 -2.40 -117.32 7.36
N ILE Q 228 -3.11 -117.53 8.46
CA ILE Q 228 -2.78 -118.62 9.36
C ILE Q 228 -3.84 -119.74 9.32
N TRP Q 229 -3.35 -120.97 9.40
CA TRP Q 229 -4.20 -122.13 9.54
C TRP Q 229 -3.87 -122.69 10.91
N HIS Q 230 -4.83 -123.33 11.59
CA HIS Q 230 -4.50 -124.01 12.85
C HIS Q 230 -5.57 -124.98 13.34
N ASN Q 231 -5.14 -125.96 14.13
CA ASN Q 231 -6.08 -126.92 14.72
C ASN Q 231 -6.81 -126.28 15.90
N ASN Q 232 -7.71 -127.04 16.53
CA ASN Q 232 -8.55 -126.48 17.58
C ASN Q 232 -7.79 -126.11 18.85
N GLU Q 233 -6.83 -126.96 19.22
CA GLU Q 233 -6.01 -126.71 20.41
C GLU Q 233 -4.93 -125.66 20.14
N LYS Q 234 -4.76 -125.31 18.87
CA LYS Q 234 -3.74 -124.34 18.45
C LYS Q 234 -2.34 -124.77 18.86
N ASN Q 235 -2.10 -126.08 18.84
CA ASN Q 235 -0.75 -126.60 19.06
C ASN Q 235 -0.11 -127.08 17.76
N PHE Q 236 -0.80 -126.84 16.65
CA PHE Q 236 -0.24 -127.15 15.33
C PHE Q 236 -0.76 -126.16 14.29
N LEU Q 237 0.09 -125.21 13.92
CA LEU Q 237 -0.33 -124.12 13.02
C LEU Q 237 0.52 -124.10 11.76
N VAL Q 238 0.04 -123.41 10.72
CA VAL Q 238 0.78 -123.26 9.48
C VAL Q 238 0.67 -121.84 8.95
N TRP Q 239 1.80 -121.25 8.58
CA TRP Q 239 1.80 -119.92 7.98
C TRP Q 239 1.77 -120.01 6.46
N ILE Q 240 1.07 -119.07 5.83
CA ILE Q 240 0.92 -119.08 4.38
C ILE Q 240 1.25 -117.73 3.75
N ASN Q 241 2.42 -117.67 3.12
CA ASN Q 241 2.86 -116.50 2.37
C ASN Q 241 3.36 -115.31 3.20
N GLU Q 242 4.03 -115.58 4.32
CA GLU Q 242 4.69 -114.49 5.04
C GLU Q 242 6.07 -114.22 4.45
N GLU Q 243 7.10 -114.77 5.09
CA GLU Q 243 8.46 -114.72 4.55
C GLU Q 243 8.68 -115.88 3.60
N ASP Q 244 7.99 -116.99 3.86
CA ASP Q 244 8.11 -118.19 3.06
C ASP Q 244 6.72 -118.67 2.73
N HIS Q 245 6.61 -119.54 1.73
CA HIS Q 245 5.32 -120.11 1.36
C HIS Q 245 4.67 -120.78 2.56
N ILE Q 246 5.49 -121.57 3.28
CA ILE Q 246 4.98 -122.42 4.35
C ILE Q 246 5.91 -122.42 5.55
N ARG Q 247 5.33 -122.25 6.74
CA ARG Q 247 6.02 -122.55 8.00
C ARG Q 247 5.16 -123.56 8.72
N VAL Q 248 5.72 -124.73 9.01
CA VAL Q 248 4.97 -125.75 9.75
C VAL Q 248 5.40 -125.71 11.20
N ILE Q 249 4.44 -125.41 12.07
CA ILE Q 249 4.73 -125.12 13.46
C ILE Q 249 4.10 -126.09 14.46
N SER Q 250 4.83 -126.41 15.52
CA SER Q 250 4.25 -127.13 16.64
C SER Q 250 4.70 -126.47 17.92
N MET Q 251 3.76 -126.01 18.74
CA MET Q 251 4.13 -125.45 20.02
C MET Q 251 3.23 -125.89 21.17
N GLN Q 252 3.68 -125.56 22.38
CA GLN Q 252 2.87 -125.73 23.57
C GLN Q 252 3.59 -125.10 24.77
N LYS Q 253 2.82 -124.57 25.70
CA LYS Q 253 3.41 -124.02 26.92
C LYS Q 253 3.97 -125.11 27.83
N GLY Q 254 4.89 -124.75 28.70
CA GLY Q 254 5.52 -125.72 29.58
C GLY Q 254 6.86 -126.21 29.04
N GLY Q 255 7.50 -127.13 29.76
CA GLY Q 255 8.84 -127.58 29.41
C GLY Q 255 8.99 -128.87 28.62
N ASP Q 256 7.88 -129.43 28.14
CA ASP Q 256 7.90 -130.71 27.42
C ASP Q 256 8.29 -130.56 25.93
N LEU Q 257 9.55 -130.25 25.69
CA LEU Q 257 10.09 -130.08 24.34
C LEU Q 257 10.00 -131.39 23.53
N LYS Q 258 9.97 -132.53 24.22
CA LYS Q 258 10.03 -133.82 23.55
C LYS Q 258 8.68 -134.22 22.96
N ALA Q 259 7.61 -133.76 23.60
CA ALA Q 259 6.25 -134.02 23.12
C ALA Q 259 5.90 -133.09 21.97
N VAL Q 260 6.42 -131.85 22.06
CA VAL Q 260 6.21 -130.86 21.02
C VAL Q 260 6.81 -131.42 19.74
N PHE Q 261 7.98 -132.04 19.88
CA PHE Q 261 8.69 -132.68 18.76
C PHE Q 261 7.91 -133.88 18.22
N SER Q 262 7.29 -134.63 19.13
CA SER Q 262 6.44 -135.73 18.72
C SER Q 262 5.41 -135.23 17.71
N ARG Q 263 4.60 -134.27 18.14
CA ARG Q 263 3.55 -133.68 17.30
C ARG Q 263 4.10 -132.94 16.08
N PHE Q 264 5.24 -132.28 16.26
CA PHE Q 264 5.91 -131.67 15.12
C PHE Q 264 6.16 -132.71 14.02
N ALA Q 265 6.75 -133.83 14.41
CA ALA Q 265 7.11 -134.87 13.44
C ALA Q 265 5.88 -135.44 12.74
N ARG Q 266 4.89 -135.84 13.54
CA ARG Q 266 3.61 -136.35 13.05
C ARG Q 266 2.99 -135.43 12.02
N GLY Q 267 2.66 -134.22 12.45
CA GLY Q 267 1.98 -133.24 11.62
C GLY Q 267 2.75 -132.92 10.35
N LEU Q 268 4.07 -132.79 10.47
CA LEU Q 268 4.92 -132.49 9.32
C LEU Q 268 4.78 -133.53 8.21
N LEU Q 269 4.74 -134.81 8.57
CA LEU Q 269 4.65 -135.88 7.59
C LEU Q 269 3.28 -135.89 6.91
N GLU Q 270 2.26 -135.50 7.66
CA GLU Q 270 0.92 -135.37 7.10
C GLU Q 270 0.85 -134.21 6.12
N VAL Q 271 1.52 -133.12 6.45
CA VAL Q 271 1.59 -131.97 5.55
C VAL Q 271 2.37 -132.30 4.27
N GLU Q 272 3.58 -132.84 4.43
CA GLU Q 272 4.41 -133.22 3.30
C GLU Q 272 3.71 -134.25 2.41
N ARG Q 273 2.76 -134.97 3.00
CA ARG Q 273 2.02 -136.00 2.28
C ARG Q 273 0.94 -135.37 1.40
N LEU Q 274 0.05 -134.62 2.04
CA LEU Q 274 -1.07 -134.00 1.34
C LEU Q 274 -0.56 -133.07 0.25
N MET Q 275 0.60 -132.45 0.48
CA MET Q 275 1.18 -131.55 -0.50
C MET Q 275 1.65 -132.33 -1.71
N LYS Q 276 2.34 -133.45 -1.45
CA LYS Q 276 2.84 -134.32 -2.50
C LYS Q 276 1.69 -134.90 -3.29
N GLU Q 277 0.60 -135.19 -2.58
CA GLU Q 277 -0.58 -135.81 -3.14
C GLU Q 277 -1.27 -134.90 -4.15
N CYS Q 278 -1.29 -133.60 -3.84
CA CYS Q 278 -1.99 -132.61 -4.65
C CYS Q 278 -1.24 -132.24 -5.94
N GLY Q 279 -0.08 -132.86 -6.16
CA GLY Q 279 0.70 -132.62 -7.37
C GLY Q 279 1.63 -131.43 -7.26
N HIS Q 280 1.87 -130.98 -6.04
CA HIS Q 280 2.70 -129.82 -5.81
C HIS Q 280 4.02 -130.19 -5.17
N GLY Q 281 5.07 -130.19 -5.98
CA GLY Q 281 6.39 -130.49 -5.46
C GLY Q 281 6.81 -129.41 -4.49
N LEU Q 282 7.65 -129.78 -3.53
CA LEU Q 282 8.30 -128.79 -2.67
C LEU Q 282 9.69 -128.52 -3.23
N MET Q 283 10.30 -127.42 -2.83
CA MET Q 283 11.66 -127.11 -3.27
C MET Q 283 12.67 -127.92 -2.47
N HIS Q 284 13.48 -128.69 -3.19
CA HIS Q 284 14.35 -129.66 -2.56
C HIS Q 284 15.53 -130.02 -3.47
N ASN Q 285 16.72 -130.00 -2.87
CA ASN Q 285 17.96 -130.31 -3.54
C ASN Q 285 18.51 -131.58 -2.93
N ASP Q 286 19.31 -132.32 -3.69
CA ASP Q 286 19.80 -133.61 -3.24
C ASP Q 286 20.89 -133.44 -2.17
N ARG Q 287 21.68 -132.38 -2.32
CA ARG Q 287 22.73 -132.02 -1.37
C ARG Q 287 22.23 -131.15 -0.24
N LEU Q 288 21.35 -130.20 -0.57
CA LEU Q 288 20.95 -129.15 0.37
C LEU Q 288 19.65 -129.46 1.08
N GLY Q 289 18.81 -130.27 0.46
CA GLY Q 289 17.50 -130.57 1.01
C GLY Q 289 16.53 -129.45 0.67
N TYR Q 290 15.66 -129.11 1.61
CA TYR Q 290 14.62 -128.10 1.36
C TYR Q 290 15.16 -126.68 1.32
N ILE Q 291 14.54 -125.84 0.49
CA ILE Q 291 15.06 -124.51 0.21
C ILE Q 291 14.05 -123.38 0.44
N CYS Q 292 14.51 -122.29 1.03
CA CYS Q 292 13.63 -121.17 1.37
C CYS Q 292 14.21 -119.82 0.97
N THR Q 293 13.57 -118.75 1.45
CA THR Q 293 13.95 -117.41 1.05
C THR Q 293 15.32 -117.03 1.61
N CYS Q 294 15.54 -117.33 2.88
CA CYS Q 294 16.80 -117.00 3.50
C CYS Q 294 17.79 -118.16 3.50
N PRO Q 295 19.08 -117.85 3.36
CA PRO Q 295 20.08 -118.93 3.38
C PRO Q 295 20.27 -119.55 4.75
N THR Q 296 19.73 -118.94 5.81
CA THR Q 296 19.65 -119.60 7.11
C THR Q 296 18.72 -120.81 7.02
N ASN Q 297 17.61 -120.65 6.31
CA ASN Q 297 16.56 -121.67 6.25
C ASN Q 297 16.67 -122.71 5.11
N MET Q 298 17.51 -123.73 5.33
CA MET Q 298 17.71 -124.80 4.35
C MET Q 298 17.86 -126.17 5.03
N GLY Q 299 17.66 -127.24 4.26
CA GLY Q 299 17.94 -128.57 4.73
C GLY Q 299 16.83 -129.12 5.60
N THR Q 300 16.98 -128.97 6.91
CA THR Q 300 15.87 -129.24 7.82
C THR Q 300 14.87 -128.09 7.75
N VAL Q 301 15.41 -126.90 7.46
CA VAL Q 301 14.68 -125.64 7.59
C VAL Q 301 13.99 -125.60 8.95
N VAL Q 302 14.60 -126.26 9.94
CA VAL Q 302 14.03 -126.45 11.27
C VAL Q 302 14.58 -125.49 12.31
N ARG Q 303 13.68 -124.82 13.04
CA ARG Q 303 14.12 -124.04 14.19
C ARG Q 303 13.38 -124.49 15.46
N ALA Q 304 14.14 -125.00 16.42
CA ALA Q 304 13.60 -125.42 17.69
C ALA Q 304 14.03 -124.41 18.75
N SER Q 305 13.07 -123.94 19.52
CA SER Q 305 13.30 -122.87 20.50
C SER Q 305 12.58 -123.08 21.82
N VAL Q 306 13.18 -122.58 22.88
CA VAL Q 306 12.53 -122.54 24.18
C VAL Q 306 12.51 -121.08 24.59
N HIS Q 307 11.50 -120.71 25.36
CA HIS Q 307 11.60 -119.48 26.11
C HIS Q 307 12.28 -119.88 27.42
N LEU Q 308 13.44 -119.27 27.65
CA LEU Q 308 14.34 -119.66 28.73
C LEU Q 308 14.56 -118.48 29.64
N ARG Q 309 14.11 -118.59 30.88
CA ARG Q 309 14.29 -117.53 31.87
C ARG Q 309 15.60 -117.68 32.66
N LEU Q 310 16.56 -116.82 32.37
CA LEU Q 310 17.89 -116.89 32.99
C LEU Q 310 18.16 -115.68 33.88
N ALA Q 311 17.50 -115.64 35.03
CA ALA Q 311 17.60 -114.51 35.96
C ALA Q 311 19.04 -114.11 36.32
N PHE Q 312 19.91 -115.09 36.47
CA PHE Q 312 21.29 -114.83 36.90
C PHE Q 312 22.25 -114.80 35.72
N LEU Q 313 22.15 -115.82 34.87
CA LEU Q 313 23.07 -115.99 33.76
C LEU Q 313 23.19 -114.75 32.87
N GLU Q 314 22.06 -114.20 32.42
CA GLU Q 314 22.10 -112.99 31.59
C GLU Q 314 23.08 -111.91 32.07
N LYS Q 315 23.18 -111.75 33.39
CA LYS Q 315 24.07 -110.73 33.98
C LYS Q 315 25.55 -111.03 33.79
N HIS Q 316 25.86 -112.29 33.44
CA HIS Q 316 27.25 -112.70 33.28
C HIS Q 316 27.87 -112.22 31.97
N PRO Q 317 29.06 -111.59 32.06
CA PRO Q 317 29.72 -110.96 30.92
C PRO Q 317 30.20 -111.95 29.84
N ARG Q 318 29.95 -113.23 30.03
CA ARG Q 318 30.34 -114.23 29.04
C ARG Q 318 29.13 -115.05 28.59
N PHE Q 319 27.95 -114.50 28.86
CA PHE Q 319 26.68 -115.10 28.51
C PHE Q 319 26.53 -115.30 26.98
N ASP Q 320 26.68 -114.20 26.24
CA ASP Q 320 26.56 -114.23 24.77
C ASP Q 320 27.56 -115.20 24.11
N GLU Q 321 28.83 -115.02 24.43
CA GLU Q 321 29.89 -115.89 23.93
C GLU Q 321 29.50 -117.36 24.02
N MET Q 322 29.06 -117.77 25.20
CA MET Q 322 28.64 -119.14 25.43
C MET Q 322 27.63 -119.60 24.35
N LEU Q 323 26.59 -118.81 24.15
CA LEU Q 323 25.57 -119.13 23.14
C LEU Q 323 26.20 -119.38 21.79
N GLY Q 324 27.03 -118.43 21.33
CA GLY Q 324 27.73 -118.56 20.09
C GLY Q 324 28.49 -119.87 19.99
N LYS Q 325 29.21 -120.23 21.04
CA LYS Q 325 30.00 -121.47 21.09
C LYS Q 325 29.13 -122.72 21.08
N LEU Q 326 27.96 -122.63 21.71
CA LEU Q 326 26.99 -123.73 21.78
C LEU Q 326 26.11 -123.76 20.52
N ARG Q 327 26.57 -123.11 19.47
CA ARG Q 327 25.85 -123.05 18.19
C ARG Q 327 24.37 -122.76 18.38
N LEU Q 328 24.06 -121.77 19.22
CA LEU Q 328 22.70 -121.41 19.57
C LEU Q 328 22.39 -119.95 19.22
N GLY Q 329 21.12 -119.70 18.91
CA GLY Q 329 20.67 -118.36 18.59
C GLY Q 329 19.81 -117.74 19.67
N LYS Q 330 20.04 -116.46 19.92
CA LYS Q 330 19.29 -115.71 20.93
C LYS Q 330 18.39 -114.62 20.32
N ARG Q 331 17.08 -114.76 20.55
CA ARG Q 331 16.09 -113.79 20.07
C ARG Q 331 15.30 -113.27 21.27
N GLY Q 332 14.41 -112.31 21.03
CA GLY Q 332 13.58 -111.78 22.10
C GLY Q 332 12.30 -112.56 22.26
N THR Q 333 11.52 -112.25 23.28
CA THR Q 333 10.29 -113.00 23.54
C THR Q 333 9.24 -112.93 22.41
N GLY Q 334 9.11 -111.78 21.77
CA GLY Q 334 8.21 -111.66 20.63
C GLY Q 334 8.87 -112.03 19.32
N GLY Q 335 9.99 -112.73 19.43
CA GLY Q 335 10.69 -113.24 18.27
C GLY Q 335 11.89 -112.40 17.87
N GLU Q 336 12.18 -112.43 16.58
CA GLU Q 336 13.44 -111.95 16.03
C GLU Q 336 13.69 -110.45 16.16
N SER Q 337 12.67 -109.63 15.97
CA SER Q 337 12.85 -108.18 16.13
C SER Q 337 12.20 -107.67 17.40
N SER Q 338 12.87 -107.95 18.52
CA SER Q 338 12.34 -107.67 19.85
C SER Q 338 13.34 -108.18 20.89
N LEU Q 339 13.45 -107.48 22.01
CA LEU Q 339 14.44 -107.84 23.02
C LEU Q 339 13.86 -108.81 24.04
N ALA Q 340 14.73 -109.43 24.84
CA ALA Q 340 14.27 -110.25 25.95
C ALA Q 340 13.49 -109.40 26.93
N THR Q 341 12.39 -109.94 27.47
CA THR Q 341 11.65 -109.27 28.53
C THR Q 341 11.46 -110.21 29.73
N ASP Q 342 11.78 -109.70 30.92
CA ASP Q 342 11.68 -110.48 32.15
C ASP Q 342 12.75 -111.56 32.22
N SER Q 343 13.96 -111.21 31.78
CA SER Q 343 15.08 -112.14 31.78
C SER Q 343 14.78 -113.39 30.96
N THR Q 344 13.89 -113.26 29.98
CA THR Q 344 13.45 -114.39 29.17
C THR Q 344 13.81 -114.19 27.70
N TYR Q 345 14.54 -115.16 27.16
CA TYR Q 345 15.08 -115.09 25.80
C TYR Q 345 14.53 -116.23 24.99
N ASP Q 346 14.49 -116.04 23.67
CA ASP Q 346 14.24 -117.10 22.70
C ASP Q 346 15.59 -117.74 22.29
N ILE Q 347 15.88 -118.91 22.86
CA ILE Q 347 17.11 -119.65 22.56
C ILE Q 347 16.82 -120.79 21.57
N SER Q 348 17.64 -120.93 20.52
CA SER Q 348 17.41 -121.99 19.52
C SER Q 348 18.67 -122.48 18.82
N ASN Q 349 18.58 -123.68 18.24
CA ASN Q 349 19.64 -124.17 17.38
C ASN Q 349 19.90 -123.18 16.24
N TRP Q 350 21.15 -122.78 16.07
CA TRP Q 350 21.53 -121.82 15.05
C TRP Q 350 21.48 -122.41 13.64
N ALA Q 351 22.25 -123.49 13.42
CA ALA Q 351 22.36 -124.09 12.10
C ALA Q 351 21.15 -124.96 11.76
N ARG Q 352 20.89 -125.13 10.48
CA ARG Q 352 19.76 -125.93 10.03
C ARG Q 352 20.21 -126.92 8.95
N LEU Q 353 21.26 -126.57 8.23
CA LEU Q 353 21.83 -127.43 7.20
C LEU Q 353 22.95 -128.32 7.77
N GLY Q 354 23.22 -129.44 7.12
CA GLY Q 354 24.31 -130.31 7.51
C GLY Q 354 24.02 -131.26 8.67
N LYS Q 355 22.91 -131.05 9.37
CA LYS Q 355 22.48 -131.94 10.45
C LYS Q 355 21.01 -132.31 10.31
N SER Q 356 20.64 -133.43 10.94
CA SER Q 356 19.26 -133.91 10.89
C SER Q 356 18.42 -133.21 11.96
N GLU Q 357 17.11 -133.42 11.89
CA GLU Q 357 16.17 -132.83 12.84
C GLU Q 357 16.47 -133.21 14.29
N ARG Q 358 16.51 -134.51 14.58
CA ARG Q 358 16.75 -134.99 15.94
C ARG Q 358 18.09 -134.49 16.45
N GLU Q 359 19.08 -134.49 15.57
CA GLU Q 359 20.37 -133.87 15.90
C GLU Q 359 20.19 -132.44 16.42
N LEU Q 360 19.60 -131.59 15.58
CA LEU Q 360 19.39 -130.18 15.91
C LEU Q 360 18.58 -129.99 17.18
N VAL Q 361 17.59 -130.86 17.40
CA VAL Q 361 16.76 -130.73 18.58
C VAL Q 361 17.57 -131.13 19.81
N GLN Q 362 18.55 -131.99 19.58
CA GLN Q 362 19.48 -132.43 20.61
C GLN Q 362 20.49 -131.34 20.93
N VAL Q 363 20.94 -130.62 19.90
CA VAL Q 363 21.89 -129.53 20.09
C VAL Q 363 21.31 -128.47 21.02
N LEU Q 364 20.05 -128.15 20.81
CA LEU Q 364 19.34 -127.21 21.67
C LEU Q 364 19.29 -127.81 23.08
N VAL Q 365 18.70 -128.99 23.19
CA VAL Q 365 18.60 -129.68 24.47
C VAL Q 365 19.91 -129.65 25.24
N ASP Q 366 20.96 -130.17 24.62
CA ASP Q 366 22.26 -130.28 25.26
C ASP Q 366 22.78 -128.93 25.78
N GLY Q 367 22.45 -127.85 25.05
CA GLY Q 367 22.87 -126.51 25.38
C GLY Q 367 22.06 -125.86 26.48
N VAL Q 368 20.73 -125.94 26.36
CA VAL Q 368 19.82 -125.43 27.39
C VAL Q 368 20.08 -126.11 28.74
N ASN Q 369 20.52 -127.35 28.71
CA ASN Q 369 20.89 -128.04 29.94
C ASN Q 369 22.04 -127.27 30.60
N LEU Q 370 23.00 -126.86 29.79
CA LEU Q 370 24.15 -126.11 30.26
C LEU Q 370 23.80 -124.72 30.80
N LEU Q 371 23.00 -123.96 30.05
CA LEU Q 371 22.64 -122.60 30.45
C LEU Q 371 21.91 -122.59 31.79
N ILE Q 372 21.01 -123.54 31.97
CA ILE Q 372 20.35 -123.74 33.24
C ILE Q 372 21.40 -124.05 34.32
N ALA Q 373 22.22 -125.06 34.06
CA ALA Q 373 23.31 -125.44 34.97
C ALA Q 373 24.10 -124.24 35.46
N CYS Q 374 24.45 -123.35 34.53
CA CYS Q 374 25.23 -122.16 34.85
C CYS Q 374 24.42 -121.12 35.63
N ASP Q 375 23.10 -121.10 35.42
CA ASP Q 375 22.24 -120.20 36.17
C ASP Q 375 22.19 -120.62 37.64
N LYS Q 376 22.16 -121.93 37.87
CA LYS Q 376 22.12 -122.47 39.22
C LYS Q 376 23.39 -122.16 40.01
N LYS Q 377 24.54 -122.32 39.37
CA LYS Q 377 25.82 -121.99 39.99
C LYS Q 377 25.86 -120.54 40.43
N LEU Q 378 25.51 -119.65 39.51
CA LEU Q 378 25.47 -118.22 39.79
C LEU Q 378 24.50 -117.88 40.91
N GLU Q 379 23.33 -118.50 40.90
CA GLU Q 379 22.37 -118.28 41.97
C GLU Q 379 22.96 -118.78 43.29
N ALA Q 380 23.91 -119.70 43.20
CA ALA Q 380 24.58 -120.24 44.37
C ALA Q 380 25.86 -119.47 44.68
N GLY Q 381 25.96 -118.27 44.11
CA GLY Q 381 27.11 -117.42 44.35
C GLY Q 381 28.42 -118.13 44.11
N GLN Q 382 28.52 -118.79 42.96
CA GLN Q 382 29.72 -119.52 42.58
C GLN Q 382 30.16 -119.04 41.20
N SER Q 383 31.27 -119.55 40.70
CA SER Q 383 31.77 -119.09 39.40
C SER Q 383 31.65 -120.16 38.30
N ILE Q 384 31.43 -119.69 37.08
CA ILE Q 384 31.14 -120.58 35.96
C ILE Q 384 32.19 -120.50 34.84
N ASP Q 385 33.31 -119.84 35.12
CA ASP Q 385 34.38 -119.67 34.15
C ASP Q 385 34.78 -120.98 33.44
N ASP Q 386 34.90 -122.06 34.22
CA ASP Q 386 35.33 -123.35 33.68
C ASP Q 386 34.23 -124.08 32.93
N MET Q 387 32.96 -123.78 33.27
CA MET Q 387 31.80 -124.40 32.64
C MET Q 387 31.69 -123.95 31.19
N ILE Q 388 31.91 -122.66 30.97
CA ILE Q 388 31.98 -122.12 29.63
C ILE Q 388 32.78 -123.02 28.71
N PRO Q 389 32.23 -123.30 27.51
CA PRO Q 389 32.91 -124.09 26.49
C PRO Q 389 34.27 -123.50 26.11
N LYS Q 390 35.26 -124.37 25.88
CA LYS Q 390 36.57 -123.93 25.43
C LYS Q 390 36.57 -123.64 23.93
N ASN R 12 14.08 -106.13 -16.95
CA ASN R 12 14.48 -106.99 -15.83
C ASN R 12 15.15 -106.22 -14.70
N ARG R 13 15.09 -104.89 -14.77
CA ARG R 13 15.66 -104.02 -13.73
C ARG R 13 15.04 -104.38 -12.39
N VAL R 14 13.71 -104.40 -12.37
CA VAL R 14 12.93 -104.76 -11.20
C VAL R 14 13.48 -106.00 -10.50
N GLY R 15 13.76 -107.05 -11.27
CA GLY R 15 14.26 -108.30 -10.74
C GLY R 15 13.15 -109.17 -10.19
N HIS R 16 11.98 -109.09 -10.82
CA HIS R 16 10.82 -109.86 -10.37
C HIS R 16 10.26 -110.69 -11.51
N SER R 17 9.68 -111.84 -11.17
CA SER R 17 9.03 -112.67 -12.17
C SER R 17 8.05 -111.81 -12.93
N LYS R 18 7.88 -112.10 -14.21
CA LYS R 18 6.91 -111.40 -15.05
C LYS R 18 5.73 -112.33 -15.31
N PRO R 19 4.57 -112.03 -14.72
CA PRO R 19 3.43 -112.96 -14.82
C PRO R 19 2.86 -113.11 -16.25
N TRP R 20 3.00 -112.07 -17.07
CA TRP R 20 2.40 -112.05 -18.40
C TRP R 20 3.12 -112.99 -19.36
N GLU R 21 4.43 -113.11 -19.22
CA GLU R 21 5.27 -113.70 -20.29
C GLU R 21 5.11 -115.24 -20.58
N SER R 22 5.38 -116.11 -19.58
CA SER R 22 5.29 -117.59 -19.72
C SER R 22 3.90 -118.21 -19.90
N GLY R 23 2.85 -117.42 -19.70
CA GLY R 23 1.53 -117.78 -20.21
C GLY R 23 0.60 -118.65 -19.39
N LYS R 24 0.68 -118.67 -18.05
CA LYS R 24 -0.32 -119.42 -17.28
C LYS R 24 -1.29 -118.50 -16.57
N PHE R 25 -1.02 -117.20 -16.67
CA PHE R 25 -1.80 -116.17 -15.98
C PHE R 25 -2.33 -115.08 -16.91
N LYS R 26 -3.63 -114.79 -16.85
CA LYS R 26 -4.17 -113.67 -17.61
C LYS R 26 -3.99 -112.42 -16.77
N ALA R 27 -4.30 -111.28 -17.36
CA ALA R 27 -4.19 -110.01 -16.64
C ALA R 27 -4.95 -110.05 -15.32
N ALA R 28 -6.18 -110.56 -15.36
CA ALA R 28 -7.08 -110.55 -14.19
C ALA R 28 -6.59 -111.45 -13.06
N ASP R 29 -5.64 -112.32 -13.36
CA ASP R 29 -5.07 -113.21 -12.37
C ASP R 29 -4.17 -112.44 -11.41
N ASN R 30 -3.69 -111.28 -11.84
CA ASN R 30 -2.81 -110.47 -11.00
C ASN R 30 -3.41 -109.13 -10.54
N PHE R 31 -4.53 -108.74 -11.12
CA PHE R 31 -5.15 -107.47 -10.76
C PHE R 31 -5.22 -107.37 -9.24
N PRO R 32 -4.69 -106.27 -8.67
CA PRO R 32 -4.57 -106.16 -7.21
C PRO R 32 -5.93 -106.01 -6.59
N ASP R 33 -6.05 -106.29 -5.29
CA ASP R 33 -7.29 -106.04 -4.56
C ASP R 33 -7.23 -104.69 -3.86
N LEU R 34 -8.07 -103.75 -4.32
CA LEU R 34 -8.07 -102.40 -3.77
C LEU R 34 -9.37 -102.06 -3.04
N SER R 35 -9.90 -103.02 -2.31
CA SER R 35 -11.06 -102.80 -1.46
C SER R 35 -10.84 -101.71 -0.42
N LYS R 36 -9.91 -101.96 0.51
CA LYS R 36 -9.66 -101.08 1.65
C LYS R 36 -9.06 -99.73 1.22
N HIS R 37 -8.52 -99.71 0.01
CA HIS R 37 -7.60 -98.64 -0.41
C HIS R 37 -8.23 -97.29 -0.67
N ASN R 38 -7.67 -96.27 -0.02
CA ASN R 38 -8.07 -94.89 -0.24
C ASN R 38 -6.88 -94.05 -0.68
N ASN R 39 -6.58 -94.09 -1.98
CA ASN R 39 -5.55 -93.27 -2.59
C ASN R 39 -5.92 -92.98 -4.06
N VAL R 40 -5.28 -91.96 -4.63
CA VAL R 40 -5.57 -91.54 -6.01
C VAL R 40 -5.51 -92.72 -7.00
N MET R 41 -4.39 -93.44 -6.98
CA MET R 41 -4.15 -94.55 -7.90
C MET R 41 -5.22 -95.63 -7.84
N ALA R 42 -5.88 -95.78 -6.69
CA ALA R 42 -6.89 -96.82 -6.52
C ALA R 42 -8.25 -96.31 -7.01
N SER R 43 -8.48 -95.01 -6.84
CA SER R 43 -9.67 -94.36 -7.36
C SER R 43 -9.72 -94.35 -8.90
N GLN R 44 -8.55 -94.40 -9.53
CA GLN R 44 -8.46 -94.19 -10.98
C GLN R 44 -8.15 -95.47 -11.76
N LEU R 45 -7.59 -96.46 -11.07
CA LEU R 45 -7.20 -97.72 -11.68
C LEU R 45 -8.41 -98.64 -11.91
N THR R 46 -8.58 -99.10 -13.15
CA THR R 46 -9.64 -100.04 -13.49
C THR R 46 -9.02 -101.36 -13.96
N LYS R 47 -9.85 -102.39 -14.11
CA LYS R 47 -9.37 -103.66 -14.62
C LYS R 47 -9.04 -103.56 -16.12
N GLU R 48 -9.63 -102.57 -16.78
CA GLU R 48 -9.42 -102.34 -18.20
C GLU R 48 -8.07 -101.69 -18.43
N LEU R 49 -7.79 -100.62 -17.69
CA LEU R 49 -6.53 -99.91 -17.79
C LEU R 49 -5.37 -100.80 -17.38
N TYR R 50 -5.63 -101.74 -16.48
CA TYR R 50 -4.60 -102.68 -16.05
C TYR R 50 -4.36 -103.76 -17.09
N GLU R 51 -5.45 -104.27 -17.66
CA GLU R 51 -5.40 -105.34 -18.65
C GLU R 51 -4.62 -104.91 -19.89
N LYS R 52 -4.66 -103.62 -20.14
CA LYS R 52 -4.02 -103.00 -21.30
C LYS R 52 -2.54 -102.72 -21.06
N TYR R 53 -2.21 -102.30 -19.85
CA TYR R 53 -0.86 -101.80 -19.54
C TYR R 53 0.03 -102.77 -18.75
N TRP R 54 -0.54 -103.87 -18.27
CA TRP R 54 0.18 -104.75 -17.33
C TRP R 54 1.37 -105.52 -17.92
N ASP R 55 1.45 -105.61 -19.24
CA ASP R 55 2.54 -106.32 -19.89
C ASP R 55 3.34 -105.39 -20.78
N LYS R 56 3.34 -104.10 -20.43
CA LYS R 56 3.99 -103.08 -21.25
C LYS R 56 5.20 -102.57 -20.47
N VAL R 57 6.30 -102.29 -21.16
CA VAL R 57 7.54 -101.93 -20.48
C VAL R 57 8.30 -100.78 -21.13
N THR R 58 8.72 -99.79 -20.34
CA THR R 58 9.50 -98.67 -20.84
C THR R 58 10.85 -99.16 -21.36
N PRO R 59 11.56 -98.33 -22.14
CA PRO R 59 12.91 -98.70 -22.60
C PRO R 59 13.90 -98.98 -21.46
N ASN R 60 13.62 -98.47 -20.26
CA ASN R 60 14.45 -98.72 -19.08
C ASN R 60 13.99 -99.96 -18.32
N GLY R 61 12.95 -100.61 -18.84
CA GLY R 61 12.43 -101.83 -18.23
C GLY R 61 11.55 -101.60 -17.01
N VAL R 62 10.93 -100.44 -16.94
CA VAL R 62 9.99 -100.10 -15.86
C VAL R 62 8.61 -100.71 -16.14
N THR R 63 8.09 -101.48 -15.19
CA THR R 63 6.77 -102.10 -15.36
C THR R 63 5.65 -101.25 -14.75
N PHE R 64 4.43 -101.42 -15.29
CA PHE R 64 3.28 -100.69 -14.77
C PHE R 64 2.96 -101.02 -13.31
N ASP R 65 3.44 -102.17 -12.84
CA ASP R 65 3.32 -102.53 -11.43
C ASP R 65 4.35 -101.80 -10.57
N LYS R 66 5.58 -101.70 -11.07
CA LYS R 66 6.60 -100.86 -10.44
C LYS R 66 5.96 -99.53 -10.05
N CYS R 67 5.25 -98.92 -10.98
CA CYS R 67 4.64 -97.62 -10.77
C CYS R 67 3.57 -97.58 -9.67
N ILE R 68 2.55 -98.41 -9.77
CA ILE R 68 1.43 -98.38 -8.82
C ILE R 68 1.68 -99.24 -7.58
N GLN R 69 2.84 -99.88 -7.50
CA GLN R 69 3.10 -100.76 -6.38
C GLN R 69 2.85 -100.07 -5.04
N THR R 70 3.35 -98.86 -4.91
CA THR R 70 3.31 -98.16 -3.63
C THR R 70 1.89 -97.94 -3.11
N GLY R 71 0.96 -97.66 -4.02
CA GLY R 71 -0.42 -97.41 -3.62
C GLY R 71 -1.18 -98.65 -3.18
N VAL R 72 -0.82 -99.80 -3.73
CA VAL R 72 -1.29 -101.09 -3.23
C VAL R 72 -0.78 -101.26 -1.79
N ASP R 73 0.42 -100.77 -1.53
CA ASP R 73 1.10 -101.01 -0.26
C ASP R 73 0.66 -100.03 0.81
N ASN R 74 0.14 -98.89 0.38
CA ASN R 74 -0.34 -97.83 1.28
C ASN R 74 -1.81 -97.49 1.07
N PRO R 75 -2.71 -98.35 1.56
CA PRO R 75 -4.15 -98.15 1.39
C PRO R 75 -4.64 -96.95 2.19
N GLY R 76 -3.97 -96.62 3.28
CA GLY R 76 -4.39 -95.52 4.14
C GLY R 76 -3.27 -94.58 4.55
N ASN R 77 -3.58 -93.69 5.49
CA ASN R 77 -2.65 -92.67 5.94
C ASN R 77 -2.91 -92.21 7.37
N LYS R 78 -1.92 -92.41 8.24
CA LYS R 78 -2.03 -92.01 9.64
C LYS R 78 -1.86 -90.51 9.80
N PHE R 79 -1.53 -89.85 8.70
CA PHE R 79 -1.23 -88.42 8.70
C PHE R 79 -2.30 -87.68 7.90
N TYR R 80 -2.01 -86.47 7.46
CA TYR R 80 -3.05 -85.65 6.80
C TYR R 80 -3.14 -85.86 5.29
N GLY R 81 -4.37 -86.01 4.80
CA GLY R 81 -4.67 -85.95 3.39
C GLY R 81 -4.73 -87.29 2.69
N LYS R 82 -5.08 -87.23 1.41
CA LYS R 82 -5.15 -88.41 0.56
C LYS R 82 -3.89 -88.53 -0.30
N LYS R 83 -3.13 -89.61 -0.10
CA LYS R 83 -1.91 -89.90 -0.86
C LYS R 83 -2.17 -90.31 -2.32
N THR R 84 -1.18 -90.05 -3.18
CA THR R 84 -1.26 -90.36 -4.61
C THR R 84 -1.34 -91.87 -4.96
N GLY R 85 -0.31 -92.63 -4.62
CA GLY R 85 -0.34 -94.06 -4.91
C GLY R 85 0.46 -94.55 -6.11
N CYS R 86 1.10 -93.64 -6.81
CA CYS R 86 1.96 -94.04 -7.93
C CYS R 86 3.18 -93.14 -8.09
N VAL R 87 4.15 -93.63 -8.86
CA VAL R 87 5.39 -92.92 -9.10
C VAL R 87 5.74 -93.10 -10.57
N PHE R 88 6.62 -92.22 -11.06
CA PHE R 88 7.16 -92.32 -12.43
C PHE R 88 8.48 -93.08 -12.44
N GLY R 89 8.49 -94.26 -13.04
CA GLY R 89 9.71 -95.03 -13.15
C GLY R 89 10.87 -94.27 -13.80
N ASP R 90 10.68 -93.87 -15.04
CA ASP R 90 11.73 -93.17 -15.77
C ASP R 90 11.18 -91.92 -16.42
N GLU R 91 11.88 -91.44 -17.45
CA GLU R 91 11.39 -90.29 -18.21
C GLU R 91 10.23 -90.72 -19.10
N TYR R 92 10.12 -92.04 -19.30
CA TYR R 92 9.21 -92.61 -20.28
C TYR R 92 7.85 -93.04 -19.73
N SER R 93 7.75 -93.14 -18.41
CA SER R 93 6.56 -93.70 -17.78
C SER R 93 5.27 -92.99 -18.17
N TYR R 94 5.30 -91.66 -18.17
CA TYR R 94 4.10 -90.89 -18.46
C TYR R 94 3.37 -91.39 -19.69
N GLU R 95 4.03 -91.33 -20.84
CA GLU R 95 3.42 -91.65 -22.12
C GLU R 95 3.20 -93.14 -22.27
N CYS R 96 3.92 -93.92 -21.47
CA CYS R 96 3.78 -95.36 -21.54
C CYS R 96 2.46 -95.81 -20.92
N TYR R 97 1.91 -94.99 -20.01
CA TYR R 97 0.69 -95.35 -19.29
C TYR R 97 -0.28 -94.16 -19.27
N LYS R 98 -0.07 -93.23 -20.19
CA LYS R 98 -0.78 -91.97 -20.25
C LYS R 98 -2.24 -92.00 -19.79
N GLU R 99 -3.02 -92.98 -20.30
CA GLU R 99 -4.45 -93.04 -20.02
C GLU R 99 -4.77 -93.19 -18.53
N PHE R 100 -3.92 -93.93 -17.83
CA PHE R 100 -4.05 -94.03 -16.37
C PHE R 100 -3.55 -92.75 -15.70
N PHE R 101 -2.28 -92.40 -15.95
CA PHE R 101 -1.65 -91.25 -15.31
C PHE R 101 -2.45 -89.95 -15.46
N ASP R 102 -3.11 -89.79 -16.60
CA ASP R 102 -3.90 -88.59 -16.89
C ASP R 102 -5.12 -88.43 -15.99
N LYS R 103 -5.63 -89.55 -15.47
CA LYS R 103 -6.76 -89.46 -14.55
C LYS R 103 -6.25 -89.05 -13.18
N CYS R 104 -5.10 -89.60 -12.78
CA CYS R 104 -4.47 -89.21 -11.53
C CYS R 104 -4.05 -87.74 -11.55
N ILE R 105 -3.65 -87.26 -12.73
CA ILE R 105 -3.25 -85.87 -12.92
C ILE R 105 -4.43 -84.91 -12.78
N GLU R 106 -5.57 -85.29 -13.35
CA GLU R 106 -6.76 -84.45 -13.28
C GLU R 106 -7.36 -84.36 -11.87
N GLU R 107 -7.26 -85.44 -11.09
CA GLU R 107 -7.76 -85.39 -9.72
C GLU R 107 -6.91 -84.50 -8.84
N ILE R 108 -5.60 -84.56 -9.05
CA ILE R 108 -4.67 -83.76 -8.26
C ILE R 108 -4.68 -82.30 -8.73
N HIS R 109 -4.49 -82.10 -10.03
CA HIS R 109 -4.21 -80.77 -10.56
C HIS R 109 -5.39 -80.13 -11.28
N HIS R 110 -6.53 -80.82 -11.29
CA HIS R 110 -7.73 -80.30 -11.94
C HIS R 110 -7.34 -79.86 -13.34
N PHE R 111 -6.49 -80.67 -13.96
CA PHE R 111 -5.80 -80.34 -15.19
C PHE R 111 -6.14 -81.47 -16.15
N LYS R 112 -6.67 -81.13 -17.32
CA LYS R 112 -7.17 -82.13 -18.28
C LYS R 112 -6.15 -82.51 -19.35
N PRO R 113 -6.45 -83.58 -20.13
CA PRO R 113 -5.57 -84.00 -21.22
C PRO R 113 -5.49 -83.00 -22.38
N SER R 114 -6.31 -81.94 -22.30
CA SER R 114 -6.34 -80.90 -23.33
C SER R 114 -5.67 -79.61 -22.87
N ASP R 115 -5.24 -79.58 -21.60
CA ASP R 115 -4.57 -78.41 -21.02
C ASP R 115 -3.07 -78.34 -21.34
N LYS R 116 -2.51 -77.13 -21.22
CA LYS R 116 -1.08 -76.93 -21.38
C LYS R 116 -0.60 -76.04 -20.25
N HIS R 117 0.60 -76.35 -19.76
CA HIS R 117 1.19 -75.63 -18.64
C HIS R 117 1.58 -74.22 -19.05
N PRO R 118 1.21 -73.22 -18.25
CA PRO R 118 1.53 -71.83 -18.59
C PRO R 118 3.04 -71.56 -18.68
N ALA R 119 3.39 -70.38 -19.18
CA ALA R 119 4.78 -69.94 -19.24
C ALA R 119 5.24 -69.48 -17.86
N PRO R 120 6.36 -70.04 -17.38
CA PRO R 120 6.87 -69.76 -16.03
C PRO R 120 6.76 -68.28 -15.67
N ASP R 121 6.62 -67.98 -14.38
CA ASP R 121 6.47 -66.61 -13.92
C ASP R 121 7.15 -66.43 -12.55
N LEU R 122 8.39 -65.97 -12.59
CA LEU R 122 9.21 -65.86 -11.41
C LEU R 122 9.38 -64.42 -10.95
N ASP R 123 8.37 -63.58 -11.19
CA ASP R 123 8.47 -62.17 -10.81
C ASP R 123 7.84 -61.88 -9.45
N HIS R 124 8.63 -62.15 -8.42
CA HIS R 124 8.23 -62.05 -7.02
C HIS R 124 7.77 -60.65 -6.61
N ASN R 125 8.04 -59.66 -7.46
CA ASN R 125 7.69 -58.27 -7.16
C ASN R 125 6.23 -57.98 -7.54
N LYS R 126 5.65 -58.84 -8.36
CA LYS R 126 4.26 -58.73 -8.76
C LYS R 126 3.34 -59.32 -7.70
N LEU R 127 3.93 -60.06 -6.75
CA LEU R 127 3.16 -60.64 -5.66
C LEU R 127 2.34 -59.55 -4.95
N VAL R 128 1.24 -59.94 -4.31
CA VAL R 128 0.44 -59.02 -3.50
C VAL R 128 0.28 -59.51 -2.07
N GLY R 129 0.84 -58.75 -1.13
CA GLY R 129 0.92 -59.16 0.26
C GLY R 129 2.19 -59.96 0.44
N GLY R 130 2.18 -60.89 1.39
CA GLY R 130 3.29 -61.82 1.54
C GLY R 130 4.30 -61.47 2.60
N VAL R 131 3.94 -60.57 3.51
CA VAL R 131 4.74 -60.32 4.71
C VAL R 131 3.79 -60.39 5.90
N PHE R 132 3.65 -61.58 6.49
CA PHE R 132 2.67 -61.80 7.57
C PHE R 132 3.15 -61.32 8.94
N GLU R 133 2.24 -61.36 9.91
CA GLU R 133 2.56 -61.01 11.28
C GLU R 133 3.20 -62.18 12.01
N ASP R 134 4.37 -61.91 12.59
CA ASP R 134 5.13 -62.83 13.41
C ASP R 134 4.24 -63.81 14.22
N LYS R 135 3.13 -63.29 14.73
CA LYS R 135 2.29 -64.03 15.66
C LYS R 135 1.58 -65.24 15.00
N TYR R 136 1.56 -65.24 13.68
CA TYR R 136 0.85 -66.28 12.94
C TYR R 136 1.77 -67.12 12.06
N VAL R 137 2.77 -66.48 11.47
CA VAL R 137 3.69 -67.19 10.59
C VAL R 137 5.08 -67.20 11.19
N LYS R 138 5.51 -68.38 11.64
CA LYS R 138 6.79 -68.51 12.31
C LYS R 138 7.97 -68.71 11.34
N SER R 139 7.71 -69.22 10.15
CA SER R 139 8.76 -69.43 9.17
C SER R 139 8.24 -69.64 7.76
N CYS R 140 9.09 -69.32 6.78
CA CYS R 140 8.70 -69.39 5.37
C CYS R 140 9.71 -70.22 4.58
N ARG R 141 9.20 -70.94 3.59
CA ARG R 141 10.04 -71.82 2.77
C ARG R 141 9.37 -72.10 1.45
N ILE R 142 10.11 -71.86 0.36
CA ILE R 142 9.63 -72.17 -0.98
C ILE R 142 10.58 -73.15 -1.63
N ARG R 143 10.03 -74.09 -2.39
CA ARG R 143 10.81 -75.25 -2.82
C ARG R 143 10.25 -75.86 -4.11
N CYS R 144 11.14 -76.32 -4.99
CA CYS R 144 10.72 -76.98 -6.21
C CYS R 144 11.63 -78.16 -6.58
N GLY R 145 11.05 -79.18 -7.22
CA GLY R 145 11.77 -80.37 -7.62
C GLY R 145 12.19 -80.36 -9.08
N ARG R 146 13.31 -81.01 -9.37
CA ARG R 146 13.83 -81.21 -10.72
C ARG R 146 14.45 -82.61 -10.87
N SER R 147 14.57 -83.08 -12.10
CA SER R 147 15.19 -84.37 -12.37
C SER R 147 16.09 -84.23 -13.58
N VAL R 148 17.11 -85.09 -13.64
CA VAL R 148 18.14 -85.01 -14.67
C VAL R 148 17.81 -85.91 -15.85
N LYS R 149 17.73 -85.33 -17.04
CA LYS R 149 17.26 -86.03 -18.24
C LYS R 149 18.24 -87.10 -18.77
N GLY R 150 17.69 -88.23 -19.20
CA GLY R 150 18.50 -89.34 -19.68
C GLY R 150 18.87 -90.32 -18.58
N VAL R 151 18.14 -90.24 -17.47
CA VAL R 151 18.49 -90.99 -16.27
C VAL R 151 17.22 -91.53 -15.64
N CYS R 152 17.26 -92.75 -15.12
CA CYS R 152 16.10 -93.27 -14.39
C CYS R 152 15.86 -92.46 -13.11
N LEU R 153 14.60 -92.43 -12.65
CA LEU R 153 14.25 -91.70 -11.43
C LEU R 153 14.50 -92.52 -10.17
N PRO R 154 14.48 -91.86 -9.00
CA PRO R 154 14.80 -92.50 -7.71
C PRO R 154 14.11 -93.84 -7.41
N PRO R 155 12.86 -94.08 -7.87
CA PRO R 155 12.27 -95.41 -7.71
C PRO R 155 13.07 -96.52 -8.40
N ALA R 156 13.44 -96.32 -9.67
CA ALA R 156 13.99 -97.41 -10.50
C ALA R 156 15.51 -97.38 -10.70
N MET R 157 16.11 -96.19 -10.56
CA MET R 157 17.51 -95.98 -10.89
C MET R 157 18.44 -96.92 -10.15
N SER R 158 19.70 -96.90 -10.55
CA SER R 158 20.72 -97.77 -9.98
C SER R 158 21.70 -97.00 -9.09
N ARG R 159 22.54 -97.76 -8.38
CA ARG R 159 23.67 -97.17 -7.63
C ARG R 159 24.60 -96.37 -8.56
N ALA R 160 24.84 -96.89 -9.75
CA ALA R 160 25.68 -96.24 -10.75
C ALA R 160 25.10 -94.92 -11.30
N GLU R 161 23.80 -94.90 -11.61
CA GLU R 161 23.13 -93.69 -12.07
C GLU R 161 23.09 -92.64 -10.93
N ARG R 162 22.91 -93.12 -9.70
CA ARG R 162 22.76 -92.22 -8.57
C ARG R 162 24.06 -91.54 -8.20
N ARG R 163 25.15 -92.28 -8.35
CA ARG R 163 26.49 -91.72 -8.16
C ARG R 163 26.77 -90.70 -9.27
N LEU R 164 26.35 -91.03 -10.48
CA LEU R 164 26.46 -90.14 -11.63
C LEU R 164 25.66 -88.85 -11.45
N VAL R 165 24.42 -88.95 -10.98
CA VAL R 165 23.62 -87.75 -10.75
C VAL R 165 24.26 -86.85 -9.69
N GLU R 166 24.72 -87.46 -8.60
CA GLU R 166 25.43 -86.73 -7.54
C GLU R 166 26.67 -86.02 -8.11
N LYS R 167 27.49 -86.76 -8.87
CA LYS R 167 28.67 -86.21 -9.55
C LYS R 167 28.31 -84.95 -10.32
N VAL R 168 27.42 -85.14 -11.29
CA VAL R 168 26.88 -84.09 -12.13
C VAL R 168 26.41 -82.85 -11.37
N VAL R 169 25.59 -83.06 -10.35
CA VAL R 169 24.90 -81.96 -9.64
C VAL R 169 25.77 -81.17 -8.65
N SER R 170 26.51 -81.86 -7.78
CA SER R 170 27.40 -81.16 -6.85
C SER R 170 28.51 -80.43 -7.60
N ASP R 171 28.86 -80.93 -8.78
CA ASP R 171 29.82 -80.25 -9.65
C ASP R 171 29.21 -78.92 -10.11
N ALA R 172 28.12 -79.03 -10.86
CA ALA R 172 27.36 -77.86 -11.33
C ALA R 172 27.19 -76.78 -10.27
N LEU R 173 26.95 -77.19 -9.03
CA LEU R 173 26.66 -76.22 -7.97
C LEU R 173 27.91 -75.47 -7.47
N GLY R 174 29.09 -75.96 -7.81
CA GLY R 174 30.33 -75.31 -7.41
C GLY R 174 30.50 -73.97 -8.11
N GLY R 175 29.63 -73.71 -9.07
CA GLY R 175 29.69 -72.50 -9.88
C GLY R 175 28.98 -71.34 -9.23
N LEU R 176 27.89 -71.62 -8.51
CA LEU R 176 27.20 -70.61 -7.73
C LEU R 176 28.21 -69.73 -7.02
N LYS R 177 28.00 -68.41 -7.06
CA LYS R 177 28.96 -67.47 -6.47
C LYS R 177 28.27 -66.39 -5.64
N GLY R 178 29.00 -65.86 -4.66
CA GLY R 178 28.49 -64.79 -3.83
C GLY R 178 27.71 -65.30 -2.61
N ASP R 179 26.58 -64.67 -2.35
CA ASP R 179 25.70 -65.06 -1.23
C ASP R 179 25.15 -66.47 -1.42
N LEU R 180 25.09 -66.92 -2.67
CA LEU R 180 24.60 -68.26 -3.00
C LEU R 180 25.75 -69.27 -3.03
N ALA R 181 26.96 -68.81 -2.75
CA ALA R 181 28.13 -69.68 -2.68
C ALA R 181 27.96 -70.67 -1.54
N GLY R 182 28.24 -71.94 -1.80
CA GLY R 182 27.94 -72.96 -0.81
C GLY R 182 28.90 -74.11 -0.77
N LYS R 183 28.45 -75.21 -0.17
CA LYS R 183 29.28 -76.40 -0.10
C LYS R 183 28.44 -77.66 0.09
N TYR R 184 28.85 -78.73 -0.59
CA TYR R 184 28.19 -80.03 -0.48
C TYR R 184 28.59 -80.82 0.75
N TYR R 185 27.58 -81.48 1.34
CA TYR R 185 27.79 -82.38 2.46
C TYR R 185 27.11 -83.71 2.18
N PRO R 186 27.90 -84.73 1.80
CA PRO R 186 27.28 -86.04 1.60
C PRO R 186 26.82 -86.66 2.92
N LEU R 187 25.78 -87.47 2.82
CA LEU R 187 25.17 -88.08 3.97
C LEU R 187 26.05 -89.22 4.47
N THR R 188 26.83 -89.80 3.57
CA THR R 188 27.69 -90.93 3.90
C THR R 188 28.70 -90.64 5.01
N THR R 189 29.37 -89.49 4.93
CA THR R 189 30.31 -89.09 5.97
C THR R 189 29.75 -88.04 6.91
N MET R 190 28.45 -87.78 6.83
CA MET R 190 27.82 -86.81 7.73
C MET R 190 27.45 -87.48 9.06
N ASN R 191 27.91 -86.93 10.18
CA ASN R 191 27.69 -87.61 11.45
C ASN R 191 26.24 -87.50 11.96
N GLU R 192 25.91 -88.35 12.92
CA GLU R 192 24.53 -88.66 13.25
C GLU R 192 23.81 -87.54 13.96
N LYS R 193 24.56 -86.73 14.71
CA LYS R 193 23.99 -85.61 15.46
C LYS R 193 23.94 -84.39 14.56
N ASP R 194 24.87 -84.32 13.61
CA ASP R 194 24.86 -83.27 12.60
C ASP R 194 23.62 -83.44 11.73
N GLN R 195 23.28 -84.69 11.48
CA GLN R 195 22.10 -85.06 10.71
C GLN R 195 20.84 -84.73 11.50
N GLU R 196 20.70 -85.34 12.68
CA GLU R 196 19.54 -85.10 13.52
C GLU R 196 19.24 -83.62 13.78
N GLN R 197 20.28 -82.81 13.92
CA GLN R 197 20.09 -81.37 14.07
C GLN R 197 19.49 -80.72 12.81
N LEU R 198 20.20 -80.81 11.69
CA LEU R 198 19.70 -80.23 10.43
C LEU R 198 18.24 -80.59 10.23
N ILE R 199 17.90 -81.85 10.47
CA ILE R 199 16.52 -82.31 10.34
C ILE R 199 15.61 -81.63 11.37
N GLU R 200 16.08 -81.51 12.61
CA GLU R 200 15.31 -80.86 13.66
C GLU R 200 15.07 -79.39 13.30
N ASP R 201 16.01 -78.80 12.57
CA ASP R 201 16.00 -77.37 12.28
C ASP R 201 15.46 -77.13 10.87
N HIS R 202 14.86 -78.18 10.29
CA HIS R 202 14.06 -78.08 9.04
C HIS R 202 14.86 -77.98 7.74
N PHE R 203 16.16 -78.29 7.77
CA PHE R 203 17.02 -78.12 6.61
C PHE R 203 17.22 -79.40 5.79
N LEU R 204 17.34 -80.52 6.49
CA LEU R 204 17.65 -81.79 5.83
C LEU R 204 16.44 -82.74 5.74
N PHE R 205 16.29 -83.43 4.60
CA PHE R 205 15.25 -84.46 4.51
C PHE R 205 15.46 -85.37 5.70
N GLU R 206 14.37 -85.98 6.17
CA GLU R 206 14.41 -86.79 7.39
C GLU R 206 15.05 -88.15 7.18
N LYS R 207 14.98 -88.97 8.23
CA LYS R 207 15.44 -90.34 8.09
C LYS R 207 14.57 -91.07 7.05
N PRO R 208 15.17 -92.01 6.30
CA PRO R 208 14.47 -92.63 5.18
C PRO R 208 13.38 -93.64 5.56
N THR R 209 12.36 -93.19 6.30
CA THR R 209 11.30 -94.10 6.76
C THR R 209 9.93 -93.81 6.12
N GLY R 210 9.82 -92.69 5.41
CA GLY R 210 8.57 -92.30 4.78
C GLY R 210 7.95 -93.40 3.94
N ALA R 211 6.67 -93.68 4.17
CA ALA R 211 5.95 -94.75 3.49
C ALA R 211 6.12 -94.77 1.96
N LEU R 212 5.92 -93.64 1.31
CA LEU R 212 6.15 -93.59 -0.14
C LEU R 212 7.62 -93.89 -0.50
N LEU R 213 8.55 -93.54 0.38
CA LEU R 213 9.97 -93.65 0.06
C LEU R 213 10.45 -95.10 -0.02
N THR R 214 10.05 -95.88 0.98
CA THR R 214 10.51 -97.27 1.09
C THR R 214 9.70 -98.22 0.19
N THR R 215 8.40 -97.96 0.06
CA THR R 215 7.58 -98.80 -0.79
C THR R 215 7.66 -98.41 -2.26
N SER R 216 8.33 -97.29 -2.57
CA SER R 216 8.50 -96.89 -3.98
C SER R 216 9.85 -97.26 -4.54
N GLY R 217 10.78 -97.64 -3.65
CA GLY R 217 12.11 -98.05 -4.04
C GLY R 217 13.14 -96.93 -3.93
N CYS R 218 12.79 -95.87 -3.21
CA CYS R 218 13.64 -94.70 -3.18
C CYS R 218 14.64 -94.73 -2.01
N ALA R 219 14.69 -95.87 -1.31
CA ALA R 219 15.55 -95.97 -0.13
C ALA R 219 16.64 -97.02 -0.29
N ARG R 220 16.64 -97.70 -1.42
CA ARG R 220 17.68 -98.68 -1.73
C ARG R 220 19.08 -98.06 -1.58
N ASP R 221 19.99 -98.78 -0.94
CA ASP R 221 21.41 -98.38 -0.85
C ASP R 221 21.70 -97.19 0.05
N TRP R 222 20.77 -96.85 0.93
CA TRP R 222 20.91 -95.66 1.76
C TRP R 222 22.17 -95.73 2.63
N PRO R 223 22.93 -94.62 2.74
CA PRO R 223 22.69 -93.31 2.13
C PRO R 223 23.59 -93.01 0.92
N ASP R 224 24.15 -94.03 0.28
CA ASP R 224 25.01 -93.79 -0.87
C ASP R 224 24.34 -92.95 -1.96
N GLY R 225 25.00 -91.89 -2.41
CA GLY R 225 24.48 -91.08 -3.48
C GLY R 225 23.61 -89.91 -3.06
N ARG R 226 23.42 -89.73 -1.75
CA ARG R 226 22.56 -88.68 -1.23
C ARG R 226 23.32 -87.53 -0.55
N GLY R 227 22.66 -86.38 -0.39
CA GLY R 227 23.27 -85.25 0.29
C GLY R 227 22.50 -83.93 0.35
N ILE R 228 23.10 -82.96 1.02
CA ILE R 228 22.62 -81.59 1.04
C ILE R 228 23.73 -80.67 0.54
N TRP R 229 23.35 -79.64 -0.18
CA TRP R 229 24.27 -78.58 -0.58
C TRP R 229 23.67 -77.28 -0.03
N HIS R 230 24.49 -76.38 0.50
CA HIS R 230 23.92 -75.18 1.15
C HIS R 230 24.89 -74.02 1.37
N ASN R 231 24.38 -72.79 1.30
CA ASN R 231 25.19 -71.61 1.58
C ASN R 231 25.37 -71.33 3.07
N ASN R 232 26.33 -70.48 3.40
CA ASN R 232 26.70 -70.23 4.80
C ASN R 232 25.51 -69.73 5.62
N GLU R 233 24.59 -69.02 4.98
CA GLU R 233 23.38 -68.52 5.66
C GLU R 233 22.27 -69.59 5.76
N LYS R 234 22.38 -70.63 4.93
CA LYS R 234 21.43 -71.75 4.91
C LYS R 234 20.03 -71.30 4.56
N ASN R 235 19.95 -70.29 3.68
CA ASN R 235 18.66 -69.77 3.24
C ASN R 235 18.44 -70.05 1.77
N PHE R 236 19.44 -70.67 1.15
CA PHE R 236 19.31 -71.30 -0.16
C PHE R 236 19.95 -72.68 -0.05
N LEU R 237 19.17 -73.72 -0.31
CA LEU R 237 19.68 -75.06 -0.11
C LEU R 237 19.42 -75.91 -1.33
N VAL R 238 19.91 -77.14 -1.31
CA VAL R 238 19.64 -78.09 -2.37
C VAL R 238 19.72 -79.51 -1.78
N TRP R 239 18.68 -80.31 -2.00
CA TRP R 239 18.71 -81.72 -1.65
C TRP R 239 19.17 -82.58 -2.82
N ILE R 240 19.97 -83.61 -2.53
CA ILE R 240 20.51 -84.50 -3.57
C ILE R 240 20.09 -85.97 -3.43
N ASN R 241 19.29 -86.44 -4.37
CA ASN R 241 18.97 -87.86 -4.48
C ASN R 241 18.13 -88.52 -3.36
N GLU R 242 17.21 -87.77 -2.76
CA GLU R 242 16.24 -88.38 -1.87
C GLU R 242 15.06 -88.91 -2.69
N GLU R 243 13.88 -88.31 -2.54
CA GLU R 243 12.72 -88.74 -3.31
C GLU R 243 12.85 -88.38 -4.79
N ASP R 244 13.51 -87.26 -5.06
CA ASP R 244 13.68 -86.73 -6.42
C ASP R 244 15.17 -86.49 -6.59
N HIS R 245 15.65 -86.32 -7.82
CA HIS R 245 17.08 -86.08 -8.02
C HIS R 245 17.44 -84.79 -7.32
N ILE R 246 16.61 -83.77 -7.55
CA ILE R 246 16.95 -82.42 -7.17
C ILE R 246 15.80 -81.71 -6.47
N ARG R 247 16.14 -81.06 -5.38
CA ARG R 247 15.25 -80.16 -4.72
C ARG R 247 16.03 -78.87 -4.58
N VAL R 248 15.43 -77.77 -4.98
CA VAL R 248 16.00 -76.45 -4.79
C VAL R 248 15.10 -75.78 -3.73
N ILE R 249 15.72 -75.14 -2.75
CA ILE R 249 15.00 -74.73 -1.53
C ILE R 249 15.43 -73.37 -0.97
N SER R 250 14.49 -72.44 -0.80
CA SER R 250 14.76 -71.15 -0.16
C SER R 250 13.87 -70.97 1.07
N MET R 251 14.47 -70.61 2.20
CA MET R 251 13.69 -70.51 3.42
C MET R 251 14.27 -69.49 4.40
N GLN R 252 13.52 -69.23 5.47
CA GLN R 252 13.94 -68.36 6.57
C GLN R 252 12.82 -68.33 7.60
N LYS R 253 13.14 -67.86 8.79
CA LYS R 253 12.16 -67.67 9.85
C LYS R 253 11.37 -66.42 9.54
N GLY R 254 10.23 -66.26 10.21
CA GLY R 254 9.39 -65.08 10.05
C GLY R 254 8.34 -65.17 8.96
N GLY R 255 7.60 -64.08 8.76
CA GLY R 255 6.52 -64.06 7.79
C GLY R 255 6.86 -63.43 6.45
N ASP R 256 8.14 -63.35 6.10
CA ASP R 256 8.51 -62.74 4.83
C ASP R 256 8.54 -63.74 3.67
N LEU R 257 7.37 -64.18 3.24
CA LEU R 257 7.26 -65.09 2.11
C LEU R 257 8.01 -64.49 0.94
N LYS R 258 7.61 -63.28 0.55
CA LYS R 258 8.15 -62.58 -0.62
C LYS R 258 9.67 -62.44 -0.61
N ALA R 259 10.26 -62.33 0.56
CA ALA R 259 11.71 -62.27 0.68
C ALA R 259 12.26 -63.63 0.24
N VAL R 260 11.71 -64.68 0.83
CA VAL R 260 12.04 -66.05 0.43
C VAL R 260 11.89 -66.22 -1.08
N PHE R 261 10.72 -65.82 -1.60
CA PHE R 261 10.42 -65.99 -3.03
C PHE R 261 11.46 -65.30 -3.91
N SER R 262 11.82 -64.08 -3.56
CA SER R 262 12.82 -63.31 -4.30
C SER R 262 14.13 -64.10 -4.42
N ARG R 263 14.58 -64.63 -3.28
CA ARG R 263 15.82 -65.38 -3.20
C ARG R 263 15.69 -66.74 -3.88
N PHE R 264 14.53 -67.36 -3.72
CA PHE R 264 14.20 -68.62 -4.40
C PHE R 264 14.34 -68.46 -5.91
N ALA R 265 13.57 -67.51 -6.45
CA ALA R 265 13.55 -67.22 -7.88
C ALA R 265 14.93 -66.88 -8.43
N ARG R 266 15.68 -66.04 -7.74
CA ARG R 266 17.02 -65.69 -8.17
C ARG R 266 17.90 -66.92 -8.29
N GLY R 267 17.79 -67.83 -7.32
CA GLY R 267 18.66 -68.98 -7.22
C GLY R 267 18.28 -70.12 -8.15
N LEU R 268 16.98 -70.31 -8.34
CA LEU R 268 16.51 -71.35 -9.26
C LEU R 268 17.05 -71.08 -10.67
N LEU R 269 17.24 -69.79 -10.97
CA LEU R 269 17.68 -69.35 -12.28
C LEU R 269 19.18 -69.53 -12.49
N GLU R 270 19.94 -69.56 -11.40
CA GLU R 270 21.37 -69.83 -11.47
C GLU R 270 21.59 -71.33 -11.66
N VAL R 271 20.84 -72.10 -10.88
CA VAL R 271 20.90 -73.56 -10.93
C VAL R 271 20.51 -74.11 -12.29
N GLU R 272 19.40 -73.61 -12.83
CA GLU R 272 18.91 -74.07 -14.12
C GLU R 272 19.93 -73.72 -15.21
N ARG R 273 20.64 -72.62 -14.99
CA ARG R 273 21.66 -72.14 -15.91
C ARG R 273 22.91 -73.01 -15.88
N LEU R 274 23.46 -73.21 -14.69
CA LEU R 274 24.69 -73.97 -14.52
C LEU R 274 24.51 -75.43 -14.93
N MET R 275 23.29 -75.93 -14.86
CA MET R 275 23.03 -77.31 -15.24
C MET R 275 22.97 -77.42 -16.75
N LYS R 276 22.56 -76.31 -17.37
CA LYS R 276 22.49 -76.21 -18.81
C LYS R 276 23.90 -75.94 -19.30
N GLU R 277 24.65 -75.19 -18.50
CA GLU R 277 25.98 -74.74 -18.82
C GLU R 277 26.99 -75.84 -18.51
N CYS R 278 26.51 -76.92 -17.91
CA CYS R 278 27.32 -78.12 -17.72
C CYS R 278 26.91 -79.19 -18.74
N GLY R 279 25.69 -79.08 -19.25
CA GLY R 279 25.23 -79.91 -20.35
C GLY R 279 24.34 -81.07 -19.92
N HIS R 280 23.76 -80.95 -18.74
CA HIS R 280 22.83 -81.98 -18.27
C HIS R 280 21.40 -81.48 -18.33
N GLY R 281 20.70 -81.82 -19.42
CA GLY R 281 19.30 -81.45 -19.55
C GLY R 281 18.49 -81.76 -18.31
N LEU R 282 17.26 -81.25 -18.30
CA LEU R 282 16.32 -81.55 -17.22
C LEU R 282 15.05 -82.17 -17.81
N MET R 283 14.47 -83.15 -17.12
CA MET R 283 13.20 -83.73 -17.57
C MET R 283 12.09 -82.68 -17.63
N HIS R 284 11.61 -82.42 -18.84
CA HIS R 284 10.66 -81.36 -19.09
C HIS R 284 9.81 -81.60 -20.34
N ASN R 285 8.51 -81.41 -20.18
CA ASN R 285 7.54 -81.77 -21.20
C ASN R 285 6.79 -80.55 -21.70
N ASP R 286 6.29 -80.61 -22.92
CA ASP R 286 5.68 -79.44 -23.52
C ASP R 286 4.31 -79.13 -22.93
N ARG R 287 3.59 -80.18 -22.55
CA ARG R 287 2.27 -80.03 -21.95
C ARG R 287 2.40 -79.88 -20.45
N LEU R 288 3.34 -80.61 -19.87
CA LEU R 288 3.37 -80.80 -18.41
C LEU R 288 4.55 -80.15 -17.67
N GLY R 289 5.35 -79.35 -18.36
CA GLY R 289 6.45 -78.66 -17.71
C GLY R 289 7.48 -79.61 -17.14
N TYR R 290 7.97 -79.32 -15.93
CA TYR R 290 9.02 -80.14 -15.30
C TYR R 290 8.47 -81.38 -14.60
N ILE R 291 9.14 -82.49 -14.81
CA ILE R 291 8.68 -83.78 -14.30
C ILE R 291 9.48 -84.32 -13.11
N CYS R 292 8.77 -84.84 -12.10
CA CYS R 292 9.43 -85.58 -11.02
C CYS R 292 8.71 -86.88 -10.65
N THR R 293 9.22 -87.51 -9.60
CA THR R 293 8.79 -88.84 -9.12
C THR R 293 7.29 -88.93 -8.83
N CYS R 294 6.79 -88.04 -7.97
CA CYS R 294 5.35 -88.02 -7.67
C CYS R 294 4.60 -87.16 -8.69
N PRO R 295 3.42 -87.62 -9.11
CA PRO R 295 2.56 -86.88 -10.04
C PRO R 295 2.01 -85.59 -9.41
N THR R 296 2.13 -85.44 -8.10
CA THR R 296 1.79 -84.16 -7.49
C THR R 296 2.92 -83.18 -7.86
N ASN R 297 4.07 -83.74 -8.22
CA ASN R 297 5.26 -82.93 -8.45
C ASN R 297 5.62 -82.82 -9.93
N MET R 298 4.90 -81.96 -10.66
CA MET R 298 5.21 -81.65 -12.05
C MET R 298 4.83 -80.20 -12.36
N GLY R 299 5.02 -79.79 -13.62
CA GLY R 299 4.72 -78.43 -14.02
C GLY R 299 5.73 -77.45 -13.46
N THR R 300 5.40 -76.82 -12.33
CA THR R 300 6.31 -75.92 -11.65
C THR R 300 7.07 -76.74 -10.62
N VAL R 301 6.44 -77.84 -10.22
CA VAL R 301 6.97 -78.71 -9.19
C VAL R 301 7.36 -77.88 -7.99
N VAL R 302 6.60 -76.80 -7.75
CA VAL R 302 6.90 -75.87 -6.67
C VAL R 302 5.93 -75.99 -5.49
N ARG R 303 6.47 -76.11 -4.28
CA ARG R 303 5.66 -76.04 -3.08
C ARG R 303 6.10 -74.90 -2.16
N ALA R 304 5.21 -73.93 -1.98
CA ALA R 304 5.41 -72.79 -1.08
C ALA R 304 4.59 -72.97 0.19
N SER R 305 5.21 -72.82 1.35
CA SER R 305 4.50 -73.06 2.59
C SER R 305 4.89 -72.10 3.68
N VAL R 306 4.00 -71.99 4.66
CA VAL R 306 4.28 -71.24 5.87
C VAL R 306 3.99 -72.19 7.03
N HIS R 307 4.71 -72.02 8.13
CA HIS R 307 4.28 -72.60 9.40
C HIS R 307 3.30 -71.62 10.02
N LEU R 308 2.02 -71.95 9.88
CA LEU R 308 0.92 -71.09 10.31
C LEU R 308 0.36 -71.62 11.63
N ARG R 309 0.42 -70.79 12.66
CA ARG R 309 -0.17 -71.18 13.92
C ARG R 309 -1.64 -70.74 13.97
N LEU R 310 -2.52 -71.67 14.31
CA LEU R 310 -3.96 -71.37 14.44
C LEU R 310 -4.58 -72.03 15.68
N ALA R 311 -4.53 -71.32 16.80
CA ALA R 311 -4.96 -71.86 18.08
C ALA R 311 -6.48 -71.88 18.28
N PHE R 312 -7.19 -70.99 17.59
CA PHE R 312 -8.65 -71.00 17.61
C PHE R 312 -9.21 -71.79 16.42
N LEU R 313 -8.80 -71.42 15.21
CA LEU R 313 -9.34 -72.03 14.00
C LEU R 313 -9.18 -73.56 14.01
N GLU R 314 -8.06 -74.05 14.53
CA GLU R 314 -7.77 -75.49 14.50
C GLU R 314 -8.86 -76.30 15.20
N LYS R 315 -9.72 -75.60 15.92
CA LYS R 315 -10.80 -76.25 16.69
C LYS R 315 -12.13 -76.28 15.94
N HIS R 316 -12.23 -75.49 14.87
CA HIS R 316 -13.47 -75.40 14.10
C HIS R 316 -13.74 -76.64 13.24
N PRO R 317 -14.97 -77.15 13.30
CA PRO R 317 -15.43 -78.33 12.54
C PRO R 317 -15.30 -78.18 11.03
N ARG R 318 -15.22 -76.97 10.50
CA ARG R 318 -15.10 -76.77 9.06
C ARG R 318 -13.69 -76.34 8.60
N PHE R 319 -12.69 -76.65 9.43
CA PHE R 319 -11.31 -76.26 9.18
C PHE R 319 -10.71 -76.93 7.94
N ASP R 320 -10.73 -78.27 7.91
CA ASP R 320 -10.14 -79.02 6.80
C ASP R 320 -10.87 -78.78 5.48
N GLU R 321 -12.19 -78.65 5.57
CA GLU R 321 -13.05 -78.42 4.42
C GLU R 321 -12.66 -77.14 3.68
N MET R 322 -12.45 -76.08 4.45
CA MET R 322 -11.97 -74.82 3.88
C MET R 322 -10.69 -75.06 3.09
N LEU R 323 -9.64 -75.47 3.79
CA LEU R 323 -8.35 -75.82 3.18
C LEU R 323 -8.52 -76.49 1.82
N GLY R 324 -9.25 -77.59 1.83
CA GLY R 324 -9.50 -78.34 0.60
C GLY R 324 -9.97 -77.42 -0.50
N LYS R 325 -10.97 -76.61 -0.19
CA LYS R 325 -11.59 -75.66 -1.11
C LYS R 325 -10.65 -74.54 -1.54
N LEU R 326 -9.66 -74.24 -0.71
CA LEU R 326 -8.66 -73.26 -1.07
C LEU R 326 -7.56 -73.87 -1.95
N ARG R 327 -7.60 -75.18 -2.11
CA ARG R 327 -6.53 -75.93 -2.77
C ARG R 327 -5.25 -75.70 -1.97
N LEU R 328 -5.38 -75.80 -0.65
CA LEU R 328 -4.25 -75.70 0.27
C LEU R 328 -3.90 -77.07 0.88
N GLY R 329 -2.63 -77.46 0.79
CA GLY R 329 -2.18 -78.69 1.42
C GLY R 329 -2.07 -78.50 2.92
N LYS R 330 -2.15 -79.59 3.67
CA LYS R 330 -2.04 -79.54 5.13
C LYS R 330 -1.07 -80.59 5.65
N ARG R 331 0.09 -80.13 6.14
CA ARG R 331 1.11 -81.01 6.70
C ARG R 331 1.45 -80.58 8.14
N GLY R 332 2.19 -81.42 8.86
CA GLY R 332 2.64 -81.05 10.19
C GLY R 332 3.96 -80.28 10.21
N THR R 333 4.26 -79.64 11.33
CA THR R 333 5.48 -78.86 11.50
C THR R 333 6.75 -79.61 11.05
N GLY R 334 6.78 -80.93 11.24
CA GLY R 334 7.95 -81.73 10.96
C GLY R 334 7.97 -82.22 9.54
N GLY R 335 7.02 -81.72 8.76
CA GLY R 335 6.88 -82.09 7.36
C GLY R 335 5.64 -82.93 7.13
N GLU R 336 5.63 -83.58 5.98
CA GLU R 336 4.51 -84.37 5.50
C GLU R 336 4.15 -85.54 6.42
N SER R 337 5.17 -86.24 6.93
CA SER R 337 4.92 -87.43 7.73
C SER R 337 4.99 -87.11 9.21
N SER R 338 4.30 -86.04 9.61
CA SER R 338 4.17 -85.66 11.03
C SER R 338 2.79 -85.06 11.27
N LEU R 339 2.54 -84.63 12.51
CA LEU R 339 1.33 -83.88 12.86
C LEU R 339 1.70 -82.45 13.29
N ALA R 340 0.70 -81.68 13.67
CA ALA R 340 0.92 -80.31 14.10
C ALA R 340 1.43 -80.25 15.53
N THR R 341 2.39 -79.36 15.79
CA THR R 341 2.74 -79.05 17.17
C THR R 341 2.39 -77.60 17.52
N ASP R 342 2.02 -77.39 18.79
CA ASP R 342 1.65 -76.07 19.27
C ASP R 342 0.72 -75.37 18.28
N SER R 343 -0.35 -76.05 17.91
CA SER R 343 -1.36 -75.48 17.03
C SER R 343 -0.75 -74.89 15.76
N THR R 344 0.36 -75.47 15.30
CA THR R 344 1.09 -74.93 14.14
C THR R 344 1.22 -75.92 12.99
N TYR R 345 0.84 -75.49 11.79
CA TYR R 345 0.64 -76.36 10.64
C TYR R 345 1.52 -75.94 9.47
N ASP R 346 1.78 -76.87 8.56
CA ASP R 346 2.49 -76.60 7.32
C ASP R 346 1.49 -76.43 6.16
N ILE R 347 0.95 -75.22 6.02
CA ILE R 347 -0.07 -74.92 5.01
C ILE R 347 0.57 -74.47 3.70
N SER R 348 0.19 -75.09 2.58
CA SER R 348 0.84 -74.81 1.31
C SER R 348 -0.10 -74.91 0.11
N ASN R 349 0.29 -74.33 -1.03
CA ASN R 349 -0.49 -74.52 -2.24
C ASN R 349 -0.48 -76.01 -2.58
N TRP R 350 -1.64 -76.55 -2.91
CA TRP R 350 -1.79 -77.99 -3.11
C TRP R 350 -1.31 -78.45 -4.49
N ALA R 351 -1.74 -77.76 -5.55
CA ALA R 351 -1.33 -78.10 -6.93
C ALA R 351 -0.07 -77.36 -7.34
N ARG R 352 0.57 -77.81 -8.43
CA ARG R 352 1.79 -77.18 -8.94
C ARG R 352 1.76 -77.11 -10.46
N LEU R 353 0.88 -77.91 -11.06
CA LEU R 353 0.82 -78.02 -12.51
C LEU R 353 -0.42 -77.35 -13.11
N GLY R 354 -0.20 -76.25 -13.85
CA GLY R 354 -1.28 -75.59 -14.56
C GLY R 354 -1.50 -74.15 -14.12
N LYS R 355 -0.73 -73.73 -13.11
CA LYS R 355 -0.64 -72.34 -12.74
C LYS R 355 0.82 -71.94 -12.64
N SER R 356 1.15 -70.73 -13.05
CA SER R 356 2.53 -70.26 -12.97
C SER R 356 3.03 -70.30 -11.53
N GLU R 357 4.27 -69.85 -11.31
CA GLU R 357 4.85 -69.83 -9.97
C GLU R 357 4.31 -68.65 -9.17
N ARG R 358 4.17 -67.49 -9.81
CA ARG R 358 3.54 -66.36 -9.11
C ARG R 358 2.09 -66.70 -8.81
N GLU R 359 1.44 -67.44 -9.71
CA GLU R 359 0.04 -67.77 -9.56
C GLU R 359 -0.20 -68.60 -8.30
N LEU R 360 0.70 -69.54 -8.02
CA LEU R 360 0.48 -70.49 -6.94
C LEU R 360 0.83 -69.89 -5.58
N VAL R 361 1.83 -69.02 -5.55
CA VAL R 361 2.26 -68.42 -4.28
C VAL R 361 1.26 -67.35 -3.86
N GLN R 362 0.68 -66.67 -4.84
CA GLN R 362 -0.45 -65.80 -4.57
C GLN R 362 -1.61 -66.62 -4.03
N VAL R 363 -1.90 -67.75 -4.68
CA VAL R 363 -2.90 -68.69 -4.17
C VAL R 363 -2.65 -68.99 -2.69
N LEU R 364 -1.42 -69.35 -2.34
CA LEU R 364 -1.06 -69.56 -0.94
C LEU R 364 -1.43 -68.32 -0.14
N VAL R 365 -1.02 -67.16 -0.63
CA VAL R 365 -1.18 -65.90 0.09
C VAL R 365 -2.64 -65.53 0.37
N ASP R 366 -3.51 -65.76 -0.60
CA ASP R 366 -4.92 -65.40 -0.47
C ASP R 366 -5.68 -66.32 0.49
N GLY R 367 -5.11 -67.51 0.73
CA GLY R 367 -5.74 -68.48 1.61
C GLY R 367 -5.35 -68.26 3.05
N VAL R 368 -4.04 -68.08 3.25
CA VAL R 368 -3.53 -67.75 4.58
C VAL R 368 -4.13 -66.43 5.06
N ASN R 369 -4.24 -65.47 4.13
CA ASN R 369 -4.85 -64.20 4.45
C ASN R 369 -6.19 -64.46 5.13
N LEU R 370 -6.98 -65.32 4.50
CA LEU R 370 -8.30 -65.70 4.99
C LEU R 370 -8.27 -66.47 6.32
N LEU R 371 -7.49 -67.55 6.38
CA LEU R 371 -7.49 -68.44 7.53
C LEU R 371 -7.11 -67.67 8.79
N ILE R 372 -6.26 -66.66 8.63
CA ILE R 372 -5.86 -65.82 9.75
C ILE R 372 -7.01 -64.89 10.14
N ALA R 373 -7.78 -64.48 9.13
CA ALA R 373 -8.99 -63.69 9.36
C ALA R 373 -9.93 -64.50 10.24
N CYS R 374 -10.15 -65.77 9.90
CA CYS R 374 -11.00 -66.65 10.70
C CYS R 374 -10.48 -66.80 12.12
N ASP R 375 -9.20 -67.09 12.24
CA ASP R 375 -8.60 -67.24 13.56
C ASP R 375 -8.95 -66.01 14.40
N LYS R 376 -9.19 -64.89 13.72
CA LYS R 376 -9.45 -63.62 14.40
C LYS R 376 -10.91 -63.41 14.79
N LYS R 377 -11.84 -63.87 13.94
CA LYS R 377 -13.26 -63.81 14.24
C LYS R 377 -13.62 -64.77 15.37
N LEU R 378 -13.03 -65.95 15.35
CA LEU R 378 -13.26 -66.97 16.36
C LEU R 378 -12.65 -66.60 17.71
N GLU R 379 -11.52 -65.89 17.68
CA GLU R 379 -10.89 -65.42 18.90
C GLU R 379 -11.82 -64.40 19.54
N ALA R 380 -12.52 -63.67 18.69
CA ALA R 380 -13.44 -62.63 19.15
C ALA R 380 -14.85 -63.18 19.41
N GLY R 381 -14.97 -64.49 19.58
CA GLY R 381 -16.25 -65.11 19.89
C GLY R 381 -17.30 -64.84 18.83
N GLN R 382 -16.87 -64.85 17.58
CA GLN R 382 -17.76 -64.62 16.44
C GLN R 382 -17.78 -65.89 15.58
N SER R 383 -18.58 -65.89 14.52
CA SER R 383 -18.69 -67.08 13.66
C SER R 383 -18.20 -66.80 12.25
N ILE R 384 -17.88 -67.88 11.54
CA ILE R 384 -17.23 -67.77 10.24
C ILE R 384 -17.97 -68.60 9.20
N ASP R 385 -19.25 -68.86 9.48
CA ASP R 385 -20.10 -69.67 8.62
C ASP R 385 -20.14 -69.15 7.17
N ASP R 386 -20.15 -67.83 7.02
CA ASP R 386 -20.21 -67.20 5.71
C ASP R 386 -18.85 -67.12 5.02
N MET R 387 -17.79 -66.97 5.80
CA MET R 387 -16.44 -66.81 5.28
C MET R 387 -16.07 -68.00 4.42
N ILE R 388 -16.37 -69.19 4.92
CA ILE R 388 -16.00 -70.42 4.25
C ILE R 388 -16.47 -70.41 2.81
N PRO R 389 -15.54 -70.65 1.88
CA PRO R 389 -15.83 -70.66 0.44
C PRO R 389 -17.01 -71.59 0.18
N LYS R 390 -17.87 -71.20 -0.75
CA LYS R 390 -19.09 -71.94 -1.05
C LYS R 390 -18.82 -73.22 -1.82
N LYS S 24 13.82 62.22 -66.87
CA LYS S 24 12.90 61.09 -66.90
C LYS S 24 11.45 61.53 -67.01
N PHE S 25 10.96 62.19 -65.96
CA PHE S 25 9.58 62.69 -65.93
C PHE S 25 9.39 63.93 -66.80
N LYS S 26 8.25 64.01 -67.47
CA LYS S 26 7.87 65.21 -68.22
C LYS S 26 7.16 66.18 -67.29
N ALA S 27 6.71 67.30 -67.84
CA ALA S 27 5.90 68.24 -67.08
C ALA S 27 4.50 67.66 -66.89
N ALA S 28 3.98 67.00 -67.91
CA ALA S 28 2.62 66.44 -67.86
C ALA S 28 2.47 65.51 -66.66
N ASP S 29 3.57 64.86 -66.30
CA ASP S 29 3.60 63.98 -65.14
C ASP S 29 3.43 64.76 -63.84
N ASN S 30 3.86 66.01 -63.85
CA ASN S 30 3.97 66.80 -62.62
C ASN S 30 2.80 67.76 -62.40
N PHE S 31 1.92 67.82 -63.40
CA PHE S 31 0.75 68.70 -63.40
C PHE S 31 -0.16 68.27 -62.26
N PRO S 32 -0.51 69.21 -61.37
CA PRO S 32 -1.25 68.89 -60.15
C PRO S 32 -2.70 68.54 -60.42
N ASP S 33 -3.31 67.87 -59.45
CA ASP S 33 -4.71 67.48 -59.52
C ASP S 33 -5.58 68.53 -58.80
N LEU S 34 -6.27 69.35 -59.59
CA LEU S 34 -7.01 70.47 -59.01
C LEU S 34 -8.52 70.41 -59.19
N SER S 35 -9.05 69.23 -59.51
CA SER S 35 -10.50 69.01 -59.53
C SER S 35 -11.22 69.62 -58.31
N LYS S 36 -10.84 69.18 -57.11
CA LYS S 36 -11.49 69.65 -55.89
C LYS S 36 -11.37 71.15 -55.70
N HIS S 37 -10.43 71.76 -56.43
CA HIS S 37 -9.91 73.08 -56.08
C HIS S 37 -10.72 74.28 -56.52
N ASN S 38 -10.96 75.19 -55.59
CA ASN S 38 -11.50 76.51 -55.93
C ASN S 38 -10.60 77.59 -55.37
N ASN S 39 -9.65 78.03 -56.18
CA ASN S 39 -8.85 79.21 -55.86
C ASN S 39 -8.48 79.91 -57.17
N VAL S 40 -7.81 81.05 -57.10
CA VAL S 40 -7.52 81.79 -58.33
C VAL S 40 -6.54 81.04 -59.21
N MET S 41 -5.54 80.42 -58.59
CA MET S 41 -4.55 79.62 -59.30
C MET S 41 -5.22 78.50 -60.08
N ALA S 42 -5.97 77.65 -59.38
CA ALA S 42 -6.65 76.52 -60.02
C ALA S 42 -7.52 76.94 -61.21
N SER S 43 -7.94 78.21 -61.19
CA SER S 43 -8.75 78.77 -62.26
C SER S 43 -7.96 79.22 -63.50
N GLN S 44 -6.70 79.56 -63.33
CA GLN S 44 -5.95 80.21 -64.40
C GLN S 44 -4.91 79.30 -65.05
N LEU S 45 -4.37 78.38 -64.26
CA LEU S 45 -3.40 77.38 -64.73
C LEU S 45 -3.88 76.52 -65.91
N THR S 46 -3.04 76.39 -66.93
CA THR S 46 -3.26 75.41 -67.99
C THR S 46 -2.07 74.44 -68.02
N LYS S 47 -2.26 73.24 -68.57
CA LYS S 47 -1.16 72.29 -68.73
C LYS S 47 -0.13 72.86 -69.67
N GLU S 48 -0.58 73.66 -70.62
CA GLU S 48 0.28 74.40 -71.52
C GLU S 48 1.17 75.37 -70.75
N LEU S 49 0.54 76.20 -69.93
CA LEU S 49 1.27 77.13 -69.09
C LEU S 49 2.24 76.41 -68.17
N TYR S 50 1.74 75.39 -67.49
CA TYR S 50 2.59 74.61 -66.60
C TYR S 50 3.77 74.04 -67.37
N GLU S 51 3.48 73.56 -68.56
CA GLU S 51 4.48 72.90 -69.38
C GLU S 51 5.64 73.85 -69.68
N LYS S 52 5.32 75.11 -69.95
CA LYS S 52 6.29 76.10 -70.37
C LYS S 52 7.13 76.64 -69.22
N TYR S 53 6.60 76.57 -68.01
CA TYR S 53 7.18 77.29 -66.89
C TYR S 53 7.79 76.38 -65.84
N TRP S 54 7.42 75.11 -65.88
CA TRP S 54 7.72 74.21 -64.78
C TRP S 54 9.21 74.11 -64.44
N ASP S 55 10.08 74.18 -65.45
CA ASP S 55 11.52 74.01 -65.24
C ASP S 55 12.34 75.30 -65.39
N LYS S 56 11.65 76.43 -65.45
CA LYS S 56 12.29 77.74 -65.53
C LYS S 56 12.48 78.33 -64.13
N VAL S 57 13.73 78.60 -63.76
CA VAL S 57 14.04 79.05 -62.42
C VAL S 57 14.30 80.55 -62.42
N THR S 58 13.97 81.24 -61.33
CA THR S 58 14.33 82.65 -61.20
C THR S 58 15.84 82.77 -61.00
N PRO S 59 16.35 84.01 -61.03
CA PRO S 59 17.75 84.26 -60.68
C PRO S 59 18.15 83.70 -59.31
N ASN S 60 17.34 83.97 -58.29
CA ASN S 60 17.61 83.50 -56.92
C ASN S 60 17.34 82.02 -56.74
N GLY S 61 16.85 81.35 -57.79
CA GLY S 61 16.66 79.92 -57.72
C GLY S 61 15.27 79.41 -57.36
N VAL S 62 14.29 80.31 -57.29
CA VAL S 62 12.89 79.93 -57.05
C VAL S 62 12.30 79.13 -58.23
N THR S 63 11.60 78.05 -57.92
CA THR S 63 10.87 77.31 -58.94
C THR S 63 9.41 77.81 -59.04
N PHE S 64 8.75 77.46 -60.14
CA PHE S 64 7.37 77.86 -60.39
C PHE S 64 6.40 77.08 -59.48
N ASP S 65 6.74 75.81 -59.22
CA ASP S 65 5.96 74.97 -58.33
C ASP S 65 5.84 75.54 -56.92
N LYS S 66 6.91 76.21 -56.49
CA LYS S 66 6.97 76.86 -55.19
C LYS S 66 5.96 78.00 -55.08
N CYS S 67 5.65 78.61 -56.23
CA CYS S 67 4.77 79.75 -56.29
C CYS S 67 3.29 79.36 -56.20
N ILE S 68 2.97 78.21 -56.79
CA ILE S 68 1.59 77.69 -56.84
C ILE S 68 1.36 76.61 -55.77
N GLN S 69 2.42 76.25 -55.07
CA GLN S 69 2.37 75.21 -54.03
C GLN S 69 1.26 75.39 -52.98
N THR S 70 1.10 76.58 -52.41
CA THR S 70 -0.02 76.81 -51.47
C THR S 70 -1.40 76.59 -52.12
N GLY S 71 -1.51 76.93 -53.40
CA GLY S 71 -2.74 76.70 -54.15
C GLY S 71 -3.17 75.25 -54.21
N VAL S 72 -2.28 74.36 -54.64
CA VAL S 72 -2.55 72.92 -54.62
C VAL S 72 -2.92 72.46 -53.20
N ASP S 73 -2.14 72.94 -52.22
CA ASP S 73 -2.31 72.52 -50.83
C ASP S 73 -3.65 72.96 -50.23
N ASN S 74 -4.26 74.02 -50.78
CA ASN S 74 -5.50 74.55 -50.22
C ASN S 74 -6.65 74.67 -51.25
N PRO S 75 -7.32 73.53 -51.53
CA PRO S 75 -8.39 73.42 -52.53
C PRO S 75 -9.57 74.35 -52.27
N GLY S 76 -9.84 74.61 -51.00
CA GLY S 76 -10.97 75.44 -50.65
C GLY S 76 -10.66 76.38 -49.50
N ASN S 77 -11.72 76.91 -48.90
CA ASN S 77 -11.60 77.88 -47.82
C ASN S 77 -12.77 77.75 -46.86
N LYS S 78 -12.46 77.35 -45.63
CA LYS S 78 -13.45 77.20 -44.56
C LYS S 78 -14.17 78.50 -44.33
N PHE S 79 -13.51 79.60 -44.69
CA PHE S 79 -13.97 80.91 -44.28
C PHE S 79 -14.63 81.66 -45.44
N TYR S 80 -14.42 82.96 -45.49
CA TYR S 80 -15.08 83.78 -46.51
C TYR S 80 -14.26 83.86 -47.81
N GLY S 81 -14.97 83.96 -48.93
CA GLY S 81 -14.34 84.26 -50.21
C GLY S 81 -13.40 83.23 -50.79
N LYS S 82 -12.85 83.57 -51.96
CA LYS S 82 -11.99 82.70 -52.74
C LYS S 82 -10.52 83.07 -52.55
N LYS S 83 -9.65 82.07 -52.50
CA LYS S 83 -8.23 82.31 -52.27
C LYS S 83 -7.45 82.33 -53.56
N THR S 84 -6.27 82.95 -53.53
CA THR S 84 -5.43 83.10 -54.72
C THR S 84 -4.61 81.84 -55.08
N GLY S 85 -3.97 81.23 -54.10
CA GLY S 85 -3.30 79.96 -54.33
C GLY S 85 -1.83 80.02 -54.68
N CYS S 86 -1.29 81.23 -54.77
CA CYS S 86 0.09 81.40 -55.24
C CYS S 86 0.74 82.62 -54.60
N VAL S 87 2.07 82.65 -54.67
CA VAL S 87 2.84 83.77 -54.13
C VAL S 87 4.00 84.15 -55.06
N PHE S 88 4.70 85.23 -54.71
CA PHE S 88 5.98 85.55 -55.33
C PHE S 88 7.12 85.21 -54.35
N GLY S 89 8.08 84.40 -54.78
CA GLY S 89 9.19 83.99 -53.94
C GLY S 89 10.36 84.97 -53.93
N ASP S 90 10.52 85.68 -55.04
CA ASP S 90 11.50 86.76 -55.13
C ASP S 90 10.97 87.85 -56.08
N GLU S 91 11.83 88.80 -56.40
CA GLU S 91 11.40 89.96 -57.17
C GLU S 91 11.52 89.73 -58.69
N TYR S 92 11.89 88.51 -59.06
CA TYR S 92 11.94 88.10 -60.47
C TYR S 92 10.83 87.11 -60.81
N SER S 93 10.03 86.78 -59.81
CA SER S 93 9.01 85.74 -59.96
C SER S 93 7.84 86.15 -60.88
N TYR S 94 7.57 87.44 -60.96
CA TYR S 94 6.50 87.93 -61.84
C TYR S 94 6.97 87.87 -63.29
N GLU S 95 7.99 88.67 -63.60
CA GLU S 95 8.58 88.69 -64.95
C GLU S 95 8.97 87.31 -65.46
N CYS S 96 9.39 86.42 -64.56
CA CYS S 96 9.75 85.06 -64.97
C CYS S 96 8.51 84.24 -65.26
N TYR S 97 7.43 84.50 -64.53
CA TYR S 97 6.16 83.80 -64.74
C TYR S 97 5.07 84.81 -65.06
N LYS S 98 5.30 85.62 -66.09
CA LYS S 98 4.37 86.70 -66.46
C LYS S 98 3.04 86.21 -67.04
N GLU S 99 3.11 85.30 -68.01
CA GLU S 99 1.91 84.85 -68.70
C GLU S 99 0.90 84.22 -67.74
N PHE S 100 1.41 83.59 -66.68
CA PHE S 100 0.54 82.98 -65.67
C PHE S 100 -0.01 84.02 -64.71
N PHE S 101 0.85 84.87 -64.18
CA PHE S 101 0.44 85.85 -63.19
C PHE S 101 -0.52 86.92 -63.71
N ASP S 102 -0.30 87.36 -64.95
CA ASP S 102 -1.21 88.33 -65.54
C ASP S 102 -2.64 87.84 -65.37
N LYS S 103 -2.83 86.56 -65.65
CA LYS S 103 -4.16 85.98 -65.61
C LYS S 103 -4.76 86.13 -64.22
N CYS S 104 -4.00 85.73 -63.21
CA CYS S 104 -4.38 85.93 -61.81
C CYS S 104 -4.65 87.39 -61.51
N ILE S 105 -3.69 88.23 -61.85
CA ILE S 105 -3.74 89.66 -61.52
C ILE S 105 -4.96 90.33 -62.08
N GLU S 106 -5.38 89.89 -63.26
CA GLU S 106 -6.59 90.40 -63.86
C GLU S 106 -7.84 89.94 -63.12
N GLU S 107 -8.02 88.63 -62.98
CA GLU S 107 -9.20 88.13 -62.26
C GLU S 107 -9.37 88.81 -60.89
N ILE S 108 -8.27 89.23 -60.28
CA ILE S 108 -8.31 89.80 -58.93
C ILE S 108 -8.56 91.31 -58.90
N HIS S 109 -7.87 92.02 -59.79
CA HIS S 109 -7.93 93.48 -59.78
C HIS S 109 -8.69 94.08 -60.97
N HIS S 110 -9.21 93.22 -61.84
CA HIS S 110 -9.76 93.69 -63.12
C HIS S 110 -8.73 94.54 -63.87
N PHE S 111 -7.45 94.19 -63.70
CA PHE S 111 -6.33 94.98 -64.22
C PHE S 111 -5.64 94.15 -65.28
N LYS S 112 -5.65 94.64 -66.53
CA LYS S 112 -5.09 93.90 -67.67
C LYS S 112 -3.60 94.16 -67.87
N PRO S 113 -2.91 93.27 -68.62
CA PRO S 113 -1.48 93.38 -68.92
C PRO S 113 -1.13 94.59 -69.77
N SER S 114 -2.15 95.28 -70.29
CA SER S 114 -1.93 96.51 -71.05
C SER S 114 -2.34 97.76 -70.25
N ASP S 115 -2.65 97.55 -68.98
CA ASP S 115 -2.94 98.66 -68.08
C ASP S 115 -1.71 99.08 -67.30
N LYS S 116 -1.77 100.29 -66.74
CA LYS S 116 -0.65 100.84 -66.00
C LYS S 116 -1.14 101.45 -64.69
N HIS S 117 -0.59 100.96 -63.57
CA HIS S 117 -0.95 101.48 -62.27
C HIS S 117 -0.80 103.00 -62.23
N PRO S 118 -1.79 103.71 -61.67
CA PRO S 118 -1.73 105.16 -61.60
C PRO S 118 -0.57 105.64 -60.74
N ALA S 119 -0.36 106.95 -60.66
CA ALA S 119 0.59 107.55 -59.74
C ALA S 119 -0.04 107.68 -58.36
N PRO S 120 0.78 107.60 -57.31
CA PRO S 120 0.30 107.71 -55.93
C PRO S 120 -0.54 108.96 -55.67
N ASP S 121 -1.30 108.91 -54.59
CA ASP S 121 -2.19 110.00 -54.20
C ASP S 121 -2.57 109.83 -52.75
N LEU S 122 -1.72 110.34 -51.85
CA LEU S 122 -1.95 110.25 -50.41
C LEU S 122 -2.55 111.53 -49.85
N ASP S 123 -3.33 112.22 -50.67
CA ASP S 123 -4.00 113.44 -50.26
C ASP S 123 -5.33 113.09 -49.63
N HIS S 124 -5.30 112.82 -48.33
CA HIS S 124 -6.44 112.36 -47.56
C HIS S 124 -7.51 113.44 -47.38
N ASN S 125 -7.28 114.60 -47.98
CA ASN S 125 -8.22 115.71 -47.90
C ASN S 125 -9.38 115.59 -48.88
N LYS S 126 -9.09 115.13 -50.08
CA LYS S 126 -10.09 115.09 -51.14
C LYS S 126 -11.20 114.07 -50.83
N LEU S 127 -10.89 113.16 -49.90
CA LEU S 127 -11.82 112.10 -49.51
C LEU S 127 -13.19 112.67 -49.21
N VAL S 128 -14.24 112.02 -49.72
CA VAL S 128 -15.61 112.46 -49.48
C VAL S 128 -16.27 111.55 -48.45
N GLY S 129 -16.67 112.14 -47.33
CA GLY S 129 -17.17 111.37 -46.20
C GLY S 129 -15.99 110.69 -45.53
N GLY S 130 -16.25 109.58 -44.85
CA GLY S 130 -15.18 108.87 -44.16
C GLY S 130 -15.37 108.82 -42.66
N VAL S 131 -16.26 109.65 -42.13
CA VAL S 131 -16.57 109.68 -40.69
C VAL S 131 -17.85 108.90 -40.39
N PHE S 132 -17.68 107.68 -39.91
CA PHE S 132 -18.79 106.74 -39.81
C PHE S 132 -19.45 106.70 -38.45
N GLU S 133 -20.77 106.48 -38.47
CA GLU S 133 -21.61 106.47 -37.27
C GLU S 133 -21.15 105.41 -36.26
N ASP S 134 -20.97 105.82 -35.01
CA ASP S 134 -20.54 104.92 -33.94
C ASP S 134 -21.51 103.76 -33.76
N LYS S 135 -22.73 103.95 -34.28
CA LYS S 135 -23.78 102.95 -34.17
C LYS S 135 -23.51 101.72 -35.02
N TYR S 136 -22.77 101.90 -36.11
CA TYR S 136 -22.50 100.83 -37.07
C TYR S 136 -21.02 100.44 -37.12
N VAL S 137 -20.15 101.46 -37.14
CA VAL S 137 -18.72 101.22 -37.27
C VAL S 137 -18.01 101.21 -35.93
N LYS S 138 -17.47 100.05 -35.57
CA LYS S 138 -16.81 99.87 -34.27
C LYS S 138 -15.36 100.39 -34.28
N SER S 139 -14.62 100.09 -35.34
CA SER S 139 -13.26 100.55 -35.50
C SER S 139 -12.86 100.69 -36.96
N CYS S 140 -11.81 101.47 -37.23
CA CYS S 140 -11.35 101.75 -38.59
C CYS S 140 -9.87 101.45 -38.71
N ARG S 141 -9.45 101.01 -39.89
CA ARG S 141 -8.08 100.56 -40.06
C ARG S 141 -7.63 100.56 -41.54
N ILE S 142 -6.43 101.06 -41.79
CA ILE S 142 -5.85 101.04 -43.13
C ILE S 142 -4.41 100.59 -43.05
N ARG S 143 -4.01 99.75 -44.00
CA ARG S 143 -2.67 99.20 -44.04
C ARG S 143 -2.19 98.97 -45.48
N CYS S 144 -0.88 99.06 -45.68
CA CYS S 144 -0.25 98.63 -46.94
C CYS S 144 0.94 97.76 -46.60
N GLY S 145 1.56 97.18 -47.61
CA GLY S 145 2.80 96.46 -47.41
C GLY S 145 3.88 96.90 -48.39
N ARG S 146 5.12 96.80 -47.95
CA ARG S 146 6.27 97.00 -48.82
C ARG S 146 7.21 95.81 -48.69
N SER S 147 8.13 95.69 -49.64
CA SER S 147 9.11 94.62 -49.63
C SER S 147 10.49 95.24 -49.72
N VAL S 148 11.51 94.50 -49.29
CA VAL S 148 12.88 94.99 -49.40
C VAL S 148 13.58 94.47 -50.64
N LYS S 149 13.91 95.37 -51.54
CA LYS S 149 14.59 95.02 -52.77
C LYS S 149 15.97 94.42 -52.49
N GLY S 150 16.32 93.39 -53.26
CA GLY S 150 17.62 92.76 -53.16
C GLY S 150 17.59 91.42 -52.44
N VAL S 151 16.40 91.03 -52.01
CA VAL S 151 16.23 89.87 -51.15
C VAL S 151 15.00 89.06 -51.56
N CYS S 152 15.10 87.73 -51.43
CA CYS S 152 13.94 86.87 -51.64
C CYS S 152 12.80 87.29 -50.71
N LEU S 153 11.56 86.94 -51.09
CA LEU S 153 10.40 87.24 -50.27
C LEU S 153 10.23 86.19 -49.16
N PRO S 154 9.38 86.49 -48.16
CA PRO S 154 9.16 85.57 -47.03
C PRO S 154 8.90 84.11 -47.40
N PRO S 155 8.27 83.85 -48.54
CA PRO S 155 8.09 82.46 -48.95
C PRO S 155 9.39 81.70 -49.16
N ALA S 156 10.36 82.30 -49.84
CA ALA S 156 11.58 81.56 -50.22
C ALA S 156 12.85 82.13 -49.63
N MET S 157 12.72 83.13 -48.75
CA MET S 157 13.89 83.76 -48.17
C MET S 157 14.60 82.88 -47.13
N SER S 158 15.89 83.14 -46.94
CA SER S 158 16.70 82.39 -45.97
C SER S 158 16.67 83.04 -44.59
N ARG S 159 17.01 82.27 -43.58
CA ARG S 159 17.11 82.76 -42.21
C ARG S 159 17.94 84.04 -42.12
N ALA S 160 19.09 84.04 -42.79
CA ALA S 160 19.99 85.20 -42.80
C ALA S 160 19.34 86.48 -43.34
N GLU S 161 18.73 86.38 -44.52
CA GLU S 161 18.05 87.53 -45.11
C GLU S 161 16.94 88.06 -44.21
N ARG S 162 16.20 87.15 -43.58
CA ARG S 162 15.10 87.55 -42.72
C ARG S 162 15.68 88.34 -41.55
N ARG S 163 16.89 87.98 -41.15
CA ARG S 163 17.61 88.70 -40.09
C ARG S 163 18.11 90.04 -40.61
N LEU S 164 18.49 90.06 -41.89
CA LEU S 164 18.95 91.27 -42.55
C LEU S 164 17.85 92.31 -42.63
N VAL S 165 16.68 91.88 -43.08
CA VAL S 165 15.52 92.76 -43.21
C VAL S 165 15.10 93.33 -41.85
N GLU S 166 15.21 92.53 -40.80
CA GLU S 166 14.83 93.00 -39.47
C GLU S 166 15.81 94.04 -38.95
N LYS S 167 17.08 93.87 -39.31
CA LYS S 167 18.11 94.80 -38.88
C LYS S 167 17.82 96.17 -39.48
N VAL S 168 17.79 96.18 -40.82
CA VAL S 168 17.58 97.37 -41.63
C VAL S 168 16.37 98.19 -41.20
N VAL S 169 15.19 97.65 -41.45
CA VAL S 169 13.93 98.35 -41.20
C VAL S 169 13.88 98.92 -39.79
N SER S 170 14.22 98.09 -38.81
CA SER S 170 14.15 98.52 -37.41
C SER S 170 15.09 99.69 -37.14
N ASP S 171 16.23 99.70 -37.83
CA ASP S 171 17.15 100.83 -37.73
C ASP S 171 16.50 102.10 -38.29
N ALA S 172 15.92 101.99 -39.47
CA ALA S 172 15.24 103.11 -40.10
C ALA S 172 14.13 103.66 -39.22
N LEU S 173 13.26 102.78 -38.74
CA LEU S 173 12.12 103.18 -37.92
C LEU S 173 12.53 103.98 -36.67
N GLY S 174 13.83 104.00 -36.38
CA GLY S 174 14.36 104.88 -35.36
C GLY S 174 14.25 106.34 -35.80
N GLY S 175 14.26 106.55 -37.10
CA GLY S 175 14.26 107.90 -37.68
C GLY S 175 12.94 108.64 -37.61
N LEU S 176 11.93 108.03 -37.01
CA LEU S 176 10.62 108.67 -36.89
C LEU S 176 10.52 109.51 -35.62
N LYS S 177 10.09 110.75 -35.77
CA LYS S 177 9.97 111.66 -34.63
C LYS S 177 8.52 111.94 -34.29
N GLY S 178 8.31 112.90 -33.40
CA GLY S 178 6.96 113.30 -33.02
C GLY S 178 6.07 112.13 -32.66
N ASP S 179 4.77 112.31 -32.82
CA ASP S 179 3.78 111.33 -32.40
C ASP S 179 3.91 109.97 -33.10
N LEU S 180 4.86 109.86 -34.02
CA LEU S 180 5.05 108.59 -34.75
C LEU S 180 6.26 107.80 -34.23
N ALA S 181 7.00 108.40 -33.30
CA ALA S 181 8.16 107.73 -32.70
C ALA S 181 7.73 106.53 -31.86
N GLY S 182 8.48 105.43 -31.97
CA GLY S 182 8.08 104.21 -31.31
C GLY S 182 9.18 103.17 -31.15
N LYS S 183 8.86 102.13 -30.40
CA LYS S 183 9.85 101.10 -30.07
C LYS S 183 9.64 99.85 -30.91
N TYR S 184 10.73 99.21 -31.30
CA TYR S 184 10.63 97.95 -32.01
C TYR S 184 10.73 96.76 -31.06
N TYR S 185 9.63 96.06 -30.83
CA TYR S 185 9.61 94.89 -29.96
C TYR S 185 9.77 93.57 -30.72
N PRO S 186 10.99 93.01 -30.72
CA PRO S 186 11.26 91.73 -31.38
C PRO S 186 10.37 90.63 -30.80
N LEU S 187 10.13 89.58 -31.58
CA LEU S 187 9.13 88.58 -31.21
C LEU S 187 9.74 87.45 -30.39
N THR S 188 11.06 87.29 -30.50
CA THR S 188 11.76 86.25 -29.76
C THR S 188 11.74 86.53 -28.27
N THR S 189 11.84 87.81 -27.92
CA THR S 189 11.97 88.24 -26.53
C THR S 189 10.66 88.80 -25.99
N MET S 190 9.55 88.35 -26.57
CA MET S 190 8.21 88.72 -26.12
C MET S 190 7.52 87.49 -25.59
N ASN S 191 7.08 87.53 -24.34
CA ASN S 191 6.48 86.36 -23.73
C ASN S 191 5.14 86.01 -24.39
N GLU S 192 4.80 84.73 -24.37
CA GLU S 192 3.55 84.25 -24.96
C GLU S 192 2.34 85.10 -24.57
N LYS S 193 2.41 85.73 -23.40
CA LYS S 193 1.27 86.49 -22.87
C LYS S 193 1.17 87.94 -23.36
N ASP S 194 2.30 88.64 -23.48
CA ASP S 194 2.30 89.97 -24.08
C ASP S 194 1.92 89.82 -25.53
N GLN S 195 2.17 88.62 -26.04
CA GLN S 195 1.90 88.24 -27.41
C GLN S 195 0.40 88.09 -27.68
N GLU S 196 -0.28 87.30 -26.84
CA GLU S 196 -1.71 87.01 -27.00
C GLU S 196 -2.57 88.24 -26.73
N GLN S 197 -2.07 89.15 -25.90
CA GLN S 197 -2.84 90.36 -25.61
C GLN S 197 -2.94 91.26 -26.84
N LEU S 198 -1.80 91.57 -27.46
CA LEU S 198 -1.78 92.36 -28.69
C LEU S 198 -2.68 91.72 -29.76
N ILE S 199 -2.35 90.48 -30.13
CA ILE S 199 -3.16 89.71 -31.09
C ILE S 199 -4.65 89.95 -30.86
N GLU S 200 -5.09 89.69 -29.63
CA GLU S 200 -6.46 89.94 -29.18
C GLU S 200 -6.91 91.36 -29.47
N ASP S 201 -6.06 92.32 -29.15
CA ASP S 201 -6.44 93.72 -29.22
C ASP S 201 -6.49 94.20 -30.67
N HIS S 202 -5.96 93.37 -31.57
CA HIS S 202 -6.00 93.59 -33.03
C HIS S 202 -4.70 94.17 -33.57
N PHE S 203 -3.69 94.31 -32.70
CA PHE S 203 -2.48 95.02 -33.05
C PHE S 203 -1.41 94.17 -33.71
N LEU S 204 -1.15 92.99 -33.17
CA LEU S 204 -0.10 92.10 -33.69
C LEU S 204 -0.67 90.88 -34.40
N PHE S 205 0.01 90.45 -35.46
CA PHE S 205 -0.46 89.33 -36.27
C PHE S 205 -0.77 88.08 -35.46
N GLU S 206 -1.73 87.30 -35.94
CA GLU S 206 -2.13 86.04 -35.31
C GLU S 206 -0.94 85.08 -35.16
N LYS S 207 -1.16 83.99 -34.43
CA LYS S 207 -0.18 82.93 -34.37
C LYS S 207 -0.07 82.31 -35.75
N PRO S 208 1.15 81.95 -36.14
CA PRO S 208 1.51 81.55 -37.52
C PRO S 208 0.84 80.26 -37.98
N THR S 209 -0.49 80.19 -37.94
CA THR S 209 -1.16 78.97 -38.37
C THR S 209 -1.95 79.17 -39.65
N GLY S 210 -1.63 80.25 -40.38
CA GLY S 210 -2.37 80.56 -41.59
C GLY S 210 -2.31 79.38 -42.53
N ALA S 211 -3.36 79.21 -43.33
CA ALA S 211 -3.36 78.22 -44.40
C ALA S 211 -2.32 78.65 -45.41
N LEU S 212 -2.36 79.93 -45.79
CA LEU S 212 -1.37 80.47 -46.71
C LEU S 212 0.03 80.50 -46.07
N LEU S 213 0.12 81.13 -44.91
CA LEU S 213 1.42 81.34 -44.27
C LEU S 213 2.22 80.04 -44.20
N THR S 214 1.66 79.01 -43.57
CA THR S 214 2.40 77.78 -43.34
C THR S 214 2.69 76.98 -44.63
N THR S 215 1.77 76.98 -45.57
CA THR S 215 1.95 76.21 -46.81
C THR S 215 2.85 76.88 -47.88
N SER S 216 3.05 78.18 -47.77
CA SER S 216 3.98 78.88 -48.65
C SER S 216 5.40 78.86 -48.10
N GLY S 217 5.54 78.46 -46.84
CA GLY S 217 6.85 78.44 -46.21
C GLY S 217 7.26 79.78 -45.65
N CYS S 218 6.26 80.58 -45.24
CA CYS S 218 6.52 81.85 -44.57
C CYS S 218 6.43 81.72 -43.02
N ALA S 219 6.51 80.48 -42.53
CA ALA S 219 6.50 80.23 -41.08
C ALA S 219 7.77 79.53 -40.56
N ARG S 220 8.68 79.19 -41.46
CA ARG S 220 9.97 78.61 -41.08
C ARG S 220 10.63 79.50 -40.02
N ASP S 221 11.37 78.86 -39.11
CA ASP S 221 12.26 79.56 -38.17
C ASP S 221 11.54 80.54 -37.25
N TRP S 222 10.24 80.35 -37.08
CA TRP S 222 9.45 81.18 -36.18
C TRP S 222 9.99 81.05 -34.77
N PRO S 223 10.07 82.16 -34.01
CA PRO S 223 9.75 83.53 -34.37
C PRO S 223 10.99 84.37 -34.69
N ASP S 224 12.14 83.71 -34.80
CA ASP S 224 13.37 84.38 -35.24
C ASP S 224 13.08 85.32 -36.40
N GLY S 225 13.39 86.61 -36.22
CA GLY S 225 13.31 87.56 -37.33
C GLY S 225 12.03 88.37 -37.41
N ARG S 226 10.99 87.93 -36.71
CA ARG S 226 9.71 88.63 -36.72
C ARG S 226 9.59 89.59 -35.54
N GLY S 227 8.82 90.65 -35.71
CA GLY S 227 8.61 91.60 -34.64
C GLY S 227 7.56 92.64 -34.99
N ILE S 228 7.17 93.41 -33.99
CA ILE S 228 6.30 94.54 -34.21
C ILE S 228 7.00 95.82 -33.75
N TRP S 229 6.87 96.85 -34.55
CA TRP S 229 7.29 98.19 -34.16
C TRP S 229 6.01 99.00 -33.97
N HIS S 230 5.96 99.83 -32.94
CA HIS S 230 4.78 100.66 -32.74
C HIS S 230 4.98 101.87 -31.82
N ASN S 231 4.16 102.89 -32.02
CA ASN S 231 4.18 104.10 -31.20
C ASN S 231 3.44 103.93 -29.89
N ASN S 232 3.35 105.00 -29.11
CA ASN S 232 2.73 104.92 -27.78
C ASN S 232 1.21 104.82 -27.84
N GLU S 233 0.58 105.55 -28.75
CA GLU S 233 -0.88 105.47 -28.94
C GLU S 233 -1.25 104.09 -29.49
N LYS S 234 -0.27 103.41 -30.07
CA LYS S 234 -0.50 102.16 -30.79
C LYS S 234 -1.52 102.31 -31.94
N ASN S 235 -1.59 103.52 -32.51
CA ASN S 235 -2.40 103.73 -33.71
C ASN S 235 -1.53 103.81 -34.95
N PHE S 236 -0.22 103.66 -34.75
CA PHE S 236 0.72 103.52 -35.84
C PHE S 236 1.65 102.33 -35.60
N LEU S 237 1.64 101.37 -36.52
CA LEU S 237 2.41 100.14 -36.33
C LEU S 237 3.01 99.59 -37.64
N VAL S 238 3.99 98.70 -37.51
CA VAL S 238 4.68 98.14 -38.66
C VAL S 238 5.17 96.70 -38.42
N TRP S 239 4.50 95.72 -39.05
CA TRP S 239 4.88 94.32 -38.93
C TRP S 239 6.12 94.06 -39.76
N ILE S 240 7.06 93.29 -39.20
CA ILE S 240 8.26 92.91 -39.93
C ILE S 240 8.39 91.39 -40.12
N ASN S 241 8.57 90.99 -41.38
CA ASN S 241 8.86 89.60 -41.72
C ASN S 241 7.80 88.55 -41.35
N GLU S 242 6.54 88.91 -41.45
CA GLU S 242 5.47 87.92 -41.39
C GLU S 242 5.30 87.43 -42.83
N GLU S 243 4.08 87.49 -43.34
CA GLU S 243 3.82 87.19 -44.74
C GLU S 243 4.60 88.14 -45.65
N ASP S 244 4.84 89.35 -45.14
CA ASP S 244 5.58 90.39 -45.85
C ASP S 244 6.76 90.94 -45.02
N HIS S 245 7.82 91.38 -45.70
CA HIS S 245 8.94 92.04 -45.01
C HIS S 245 8.44 93.17 -44.10
N ILE S 246 7.47 93.92 -44.60
CA ILE S 246 6.99 95.11 -43.92
C ILE S 246 5.50 95.32 -44.14
N ARG S 247 4.78 95.65 -43.07
CA ARG S 247 3.39 96.09 -43.16
C ARG S 247 3.26 97.35 -42.34
N VAL S 248 2.93 98.48 -42.96
CA VAL S 248 2.60 99.67 -42.19
C VAL S 248 1.12 99.65 -41.85
N ILE S 249 0.76 100.21 -40.70
CA ILE S 249 -0.61 100.14 -40.19
C ILE S 249 -1.05 101.42 -39.49
N SER S 250 -2.32 101.77 -39.68
CA SER S 250 -2.96 102.82 -38.90
C SER S 250 -4.37 102.40 -38.55
N MET S 251 -4.73 102.56 -37.28
CA MET S 251 -6.05 102.14 -36.83
C MET S 251 -6.52 102.93 -35.62
N GLN S 252 -7.78 102.75 -35.26
CA GLN S 252 -8.32 103.36 -34.04
C GLN S 252 -9.82 103.06 -33.94
N LYS S 253 -10.38 103.24 -32.75
CA LYS S 253 -11.79 102.91 -32.50
C LYS S 253 -12.75 104.00 -32.97
N GLY S 254 -13.96 103.58 -33.30
CA GLY S 254 -14.98 104.50 -33.82
C GLY S 254 -15.12 104.46 -35.32
N GLY S 255 -15.73 105.49 -35.89
CA GLY S 255 -16.00 105.52 -37.32
C GLY S 255 -15.21 106.55 -38.11
N ASP S 256 -14.22 107.18 -37.50
CA ASP S 256 -13.42 108.18 -38.19
C ASP S 256 -12.36 107.53 -39.08
N LEU S 257 -12.74 107.23 -40.32
CA LEU S 257 -11.82 106.59 -41.27
C LEU S 257 -10.82 107.61 -41.81
N LYS S 258 -11.29 108.84 -41.99
CA LYS S 258 -10.48 109.92 -42.52
C LYS S 258 -9.29 110.19 -41.59
N ALA S 259 -9.53 110.14 -40.28
CA ALA S 259 -8.46 110.35 -39.31
C ALA S 259 -7.42 109.24 -39.41
N VAL S 260 -7.90 108.03 -39.68
CA VAL S 260 -7.02 106.89 -39.88
C VAL S 260 -6.21 107.05 -41.17
N PHE S 261 -6.85 107.58 -42.21
CA PHE S 261 -6.20 107.77 -43.51
C PHE S 261 -5.19 108.92 -43.48
N SER S 262 -5.54 109.98 -42.75
CA SER S 262 -4.64 111.11 -42.57
C SER S 262 -3.32 110.67 -41.94
N ARG S 263 -3.42 109.97 -40.80
CA ARG S 263 -2.25 109.46 -40.09
C ARG S 263 -1.44 108.42 -40.88
N PHE S 264 -2.10 107.69 -41.77
CA PHE S 264 -1.45 106.66 -42.56
C PHE S 264 -0.55 107.27 -43.63
N ALA S 265 -1.04 108.34 -44.25
CA ALA S 265 -0.28 109.06 -45.28
C ALA S 265 0.94 109.76 -44.69
N ARG S 266 0.78 110.31 -43.49
CA ARG S 266 1.92 110.88 -42.76
C ARG S 266 2.99 109.82 -42.52
N GLY S 267 2.56 108.70 -41.94
CA GLY S 267 3.45 107.62 -41.59
C GLY S 267 4.09 106.91 -42.77
N LEU S 268 3.29 106.59 -43.80
CA LEU S 268 3.84 105.86 -44.94
C LEU S 268 4.92 106.68 -45.65
N LEU S 269 4.71 107.99 -45.73
CA LEU S 269 5.62 108.88 -46.44
C LEU S 269 6.97 108.92 -45.73
N GLU S 270 6.93 109.09 -44.42
CA GLU S 270 8.15 109.08 -43.62
C GLU S 270 8.94 107.80 -43.83
N VAL S 271 8.26 106.67 -43.69
CA VAL S 271 8.90 105.36 -43.78
C VAL S 271 9.62 105.13 -45.11
N GLU S 272 8.93 105.40 -46.22
CA GLU S 272 9.53 105.22 -47.55
C GLU S 272 10.74 106.12 -47.70
N ARG S 273 10.71 107.22 -46.96
CA ARG S 273 11.75 108.24 -47.00
C ARG S 273 12.99 107.84 -46.21
N LEU S 274 12.81 107.51 -44.93
CA LEU S 274 13.90 107.03 -44.11
C LEU S 274 14.54 105.82 -44.78
N MET S 275 13.70 104.99 -45.41
CA MET S 275 14.19 103.79 -46.09
C MET S 275 15.09 104.16 -47.25
N LYS S 276 14.66 105.14 -48.03
CA LYS S 276 15.44 105.62 -49.17
C LYS S 276 16.76 106.19 -48.66
N GLU S 277 16.66 106.91 -47.56
CA GLU S 277 17.78 107.57 -46.89
C GLU S 277 18.86 106.55 -46.53
N CYS S 278 18.45 105.49 -45.85
CA CYS S 278 19.36 104.46 -45.38
C CYS S 278 19.85 103.56 -46.53
N GLY S 279 19.73 104.05 -47.75
CA GLY S 279 20.17 103.30 -48.92
C GLY S 279 19.45 101.98 -49.04
N HIS S 280 18.12 102.02 -48.89
CA HIS S 280 17.30 100.81 -48.92
C HIS S 280 16.02 101.01 -49.74
N GLY S 281 16.04 100.50 -50.96
CA GLY S 281 14.90 100.59 -51.86
C GLY S 281 13.85 99.53 -51.61
N LEU S 282 12.73 99.64 -52.32
CA LEU S 282 11.61 98.72 -52.15
C LEU S 282 11.32 98.03 -53.48
N MET S 283 10.55 96.95 -53.44
CA MET S 283 10.21 96.25 -54.67
C MET S 283 9.17 97.03 -55.44
N HIS S 284 9.52 97.45 -56.66
CA HIS S 284 8.66 98.38 -57.41
C HIS S 284 8.71 98.19 -58.91
N ASN S 285 7.53 98.06 -59.50
CA ASN S 285 7.37 97.92 -60.94
C ASN S 285 6.85 99.24 -61.47
N ASP S 286 6.98 99.46 -62.78
CA ASP S 286 6.50 100.71 -63.34
C ASP S 286 5.02 100.65 -63.73
N ARG S 287 4.57 99.50 -64.21
CA ARG S 287 3.16 99.29 -64.53
C ARG S 287 2.36 98.87 -63.30
N LEU S 288 3.06 98.32 -62.32
CA LEU S 288 2.41 97.66 -61.18
C LEU S 288 2.65 98.33 -59.84
N GLY S 289 3.69 99.14 -59.74
CA GLY S 289 4.00 99.80 -58.49
C GLY S 289 4.72 98.86 -57.55
N TYR S 290 4.34 98.89 -56.28
CA TYR S 290 5.02 98.07 -55.29
C TYR S 290 4.72 96.58 -55.47
N ILE S 291 5.51 95.73 -54.83
CA ILE S 291 5.36 94.29 -55.00
C ILE S 291 5.43 93.54 -53.66
N CYS S 292 4.49 92.64 -53.45
CA CYS S 292 4.45 91.81 -52.23
C CYS S 292 4.30 90.33 -52.56
N THR S 293 4.13 89.53 -51.51
CA THR S 293 4.15 88.07 -51.63
C THR S 293 2.94 87.56 -52.42
N CYS S 294 1.77 88.04 -52.02
CA CYS S 294 0.51 87.65 -52.66
C CYS S 294 0.16 88.60 -53.81
N PRO S 295 -0.18 88.02 -54.97
CA PRO S 295 -0.67 88.81 -56.10
C PRO S 295 -1.68 89.88 -55.68
N THR S 296 -2.69 89.56 -54.88
CA THR S 296 -3.63 90.59 -54.43
C THR S 296 -2.90 91.83 -53.90
N ASN S 297 -1.80 91.60 -53.18
CA ASN S 297 -1.03 92.71 -52.61
C ASN S 297 -0.01 93.31 -53.59
N MET S 298 -0.52 94.22 -54.42
CA MET S 298 0.23 94.89 -55.46
C MET S 298 -0.30 96.31 -55.65
N GLY S 299 0.41 97.11 -56.44
CA GLY S 299 0.04 98.50 -56.66
C GLY S 299 0.23 99.34 -55.42
N THR S 300 -0.88 99.78 -54.85
CA THR S 300 -0.86 100.53 -53.61
C THR S 300 -0.49 99.56 -52.50
N VAL S 301 -1.07 98.36 -52.58
CA VAL S 301 -0.89 97.29 -51.60
C VAL S 301 -1.64 97.63 -50.33
N VAL S 302 -2.43 98.68 -50.40
CA VAL S 302 -3.27 99.10 -49.30
C VAL S 302 -4.49 98.19 -49.20
N ARG S 303 -4.94 97.93 -47.97
CA ARG S 303 -6.26 97.37 -47.71
C ARG S 303 -6.89 98.18 -46.60
N ALA S 304 -7.96 98.90 -46.94
CA ALA S 304 -8.69 99.73 -46.00
C ALA S 304 -9.92 98.98 -45.48
N SER S 305 -10.20 99.07 -44.19
CA SER S 305 -11.30 98.28 -43.62
C SER S 305 -12.02 98.94 -42.45
N VAL S 306 -13.30 98.59 -42.31
CA VAL S 306 -14.13 98.99 -41.17
C VAL S 306 -14.62 97.73 -40.45
N HIS S 307 -14.96 97.85 -39.17
CA HIS S 307 -15.56 96.76 -38.42
C HIS S 307 -17.07 97.00 -38.28
N LEU S 308 -17.81 96.54 -39.27
CA LEU S 308 -19.17 97.00 -39.55
C LEU S 308 -20.30 96.11 -39.01
N ARG S 309 -21.18 96.71 -38.21
CA ARG S 309 -22.35 96.01 -37.69
C ARG S 309 -23.48 95.95 -38.73
N LEU S 310 -23.95 94.74 -39.03
CA LEU S 310 -24.98 94.55 -40.06
C LEU S 310 -26.13 93.66 -39.59
N ALA S 311 -26.62 93.95 -38.39
CA ALA S 311 -27.62 93.12 -37.72
C ALA S 311 -28.70 92.56 -38.65
N PHE S 312 -29.12 93.35 -39.63
CA PHE S 312 -30.24 92.98 -40.49
C PHE S 312 -29.83 92.61 -41.93
N LEU S 313 -28.69 93.12 -42.38
CA LEU S 313 -28.28 92.94 -43.77
C LEU S 313 -27.69 91.56 -44.02
N GLU S 314 -27.08 90.97 -42.99
CA GLU S 314 -26.53 89.64 -43.08
C GLU S 314 -27.61 88.60 -43.39
N LYS S 315 -28.85 88.89 -43.00
CA LYS S 315 -29.94 87.93 -43.15
C LYS S 315 -30.59 87.99 -44.53
N HIS S 316 -30.20 88.99 -45.33
CA HIS S 316 -30.75 89.14 -46.67
C HIS S 316 -29.96 88.29 -47.66
N PRO S 317 -30.69 87.63 -48.58
CA PRO S 317 -30.17 86.69 -49.60
C PRO S 317 -29.17 87.24 -50.61
N ARG S 318 -29.00 88.56 -50.69
CA ARG S 318 -28.12 89.15 -51.71
C ARG S 318 -26.99 89.99 -51.10
N PHE S 319 -26.73 89.77 -49.81
CA PHE S 319 -25.71 90.47 -49.04
C PHE S 319 -24.30 90.23 -49.58
N ASP S 320 -24.03 89.01 -50.06
CA ASP S 320 -22.72 88.68 -50.61
C ASP S 320 -22.62 89.17 -52.06
N GLU S 321 -23.76 89.16 -52.75
CA GLU S 321 -23.82 89.62 -54.13
C GLU S 321 -23.72 91.16 -54.22
N MET S 322 -24.12 91.86 -53.16
CA MET S 322 -23.93 93.31 -53.12
C MET S 322 -22.45 93.57 -52.87
N LEU S 323 -21.96 93.10 -51.72
CA LEU S 323 -20.54 93.09 -51.40
C LEU S 323 -19.60 92.81 -52.59
N GLY S 324 -19.97 91.85 -53.42
CA GLY S 324 -19.14 91.44 -54.56
C GLY S 324 -19.17 92.44 -55.70
N LYS S 325 -20.31 93.10 -55.88
CA LYS S 325 -20.47 94.11 -56.92
C LYS S 325 -19.83 95.41 -56.48
N LEU S 326 -19.71 95.58 -55.17
CA LEU S 326 -19.14 96.79 -54.61
C LEU S 326 -17.62 96.75 -54.63
N ARG S 327 -17.06 95.59 -54.95
CA ARG S 327 -15.63 95.45 -55.04
C ARG S 327 -15.06 95.54 -53.63
N LEU S 328 -15.73 94.84 -52.72
CA LEU S 328 -15.33 94.83 -51.32
C LEU S 328 -15.10 93.41 -50.90
N GLY S 329 -14.10 93.21 -50.05
CA GLY S 329 -13.84 91.91 -49.47
C GLY S 329 -14.69 91.72 -48.25
N LYS S 330 -14.64 90.52 -47.69
CA LYS S 330 -15.44 90.18 -46.53
C LYS S 330 -14.64 89.18 -45.71
N ARG S 331 -14.43 89.51 -44.44
CA ARG S 331 -13.69 88.67 -43.51
C ARG S 331 -14.43 88.67 -42.19
N GLY S 332 -13.85 88.04 -41.17
CA GLY S 332 -14.44 88.02 -39.84
C GLY S 332 -13.87 89.08 -38.94
N THR S 333 -14.34 89.12 -37.69
CA THR S 333 -13.85 90.10 -36.72
C THR S 333 -12.39 89.83 -36.38
N GLY S 334 -12.00 88.55 -36.40
CA GLY S 334 -10.62 88.16 -36.17
C GLY S 334 -9.78 88.25 -37.43
N GLY S 335 -10.42 88.59 -38.54
CA GLY S 335 -9.72 88.79 -39.79
C GLY S 335 -9.90 87.65 -40.79
N GLU S 336 -8.89 87.49 -41.63
CA GLU S 336 -8.93 86.51 -42.70
C GLU S 336 -9.38 85.13 -42.24
N SER S 337 -8.80 84.65 -41.15
CA SER S 337 -9.03 83.30 -40.68
C SER S 337 -10.08 83.25 -39.55
N SER S 338 -11.19 83.94 -39.74
CA SER S 338 -12.31 83.83 -38.81
C SER S 338 -13.63 84.17 -39.51
N LEU S 339 -14.74 84.03 -38.79
CA LEU S 339 -16.03 84.46 -39.28
C LEU S 339 -16.52 85.65 -38.44
N ALA S 340 -17.60 86.29 -38.90
CA ALA S 340 -18.20 87.40 -38.18
C ALA S 340 -18.73 86.94 -36.84
N THR S 341 -18.19 87.48 -35.75
CA THR S 341 -18.73 87.24 -34.42
C THR S 341 -19.48 88.50 -33.96
N ASP S 342 -20.79 88.35 -33.71
CA ASP S 342 -21.67 89.44 -33.29
C ASP S 342 -22.31 90.16 -34.48
N SER S 343 -22.47 89.46 -35.61
CA SER S 343 -22.95 90.07 -36.85
C SER S 343 -22.06 91.24 -37.25
N THR S 344 -20.81 91.22 -36.78
CA THR S 344 -19.89 92.32 -37.05
C THR S 344 -18.77 91.87 -37.96
N TYR S 345 -18.69 92.51 -39.14
CA TYR S 345 -17.79 92.09 -40.21
C TYR S 345 -16.66 93.09 -40.44
N ASP S 346 -15.51 92.57 -40.86
CA ASP S 346 -14.44 93.38 -41.42
C ASP S 346 -14.72 93.54 -42.93
N ILE S 347 -15.05 94.77 -43.35
CA ILE S 347 -15.34 95.05 -44.76
C ILE S 347 -14.26 95.94 -45.40
N SER S 348 -13.55 95.42 -46.41
CA SER S 348 -12.44 96.17 -46.98
C SER S 348 -12.48 96.33 -48.49
N ASN S 349 -11.60 97.19 -49.00
CA ASN S 349 -11.47 97.32 -50.44
C ASN S 349 -10.81 96.05 -50.97
N TRP S 350 -11.48 95.41 -51.93
CA TRP S 350 -10.99 94.16 -52.49
C TRP S 350 -9.78 94.39 -53.39
N ALA S 351 -9.87 95.38 -54.28
CA ALA S 351 -8.81 95.63 -55.25
C ALA S 351 -7.64 96.43 -54.66
N ARG S 352 -6.46 96.26 -55.26
CA ARG S 352 -5.28 96.97 -54.77
C ARG S 352 -4.42 97.48 -55.92
N LEU S 353 -4.85 97.22 -57.15
CA LEU S 353 -4.04 97.53 -58.32
C LEU S 353 -4.90 98.14 -59.41
N GLY S 354 -4.50 99.33 -59.88
CA GLY S 354 -5.23 99.97 -60.96
C GLY S 354 -5.94 101.23 -60.51
N LYS S 355 -5.90 101.48 -59.20
CA LYS S 355 -6.46 102.70 -58.64
C LYS S 355 -5.56 103.27 -57.54
N SER S 356 -5.90 104.46 -57.04
CA SER S 356 -5.06 105.13 -56.07
C SER S 356 -5.52 104.83 -54.65
N GLU S 357 -4.67 105.16 -53.68
CA GLU S 357 -4.99 105.04 -52.27
C GLU S 357 -6.26 105.83 -51.94
N ARG S 358 -6.28 107.08 -52.38
CA ARG S 358 -7.43 107.96 -52.20
C ARG S 358 -8.64 107.43 -52.95
N GLU S 359 -8.41 106.77 -54.08
CA GLU S 359 -9.49 106.17 -54.83
C GLU S 359 -10.04 104.92 -54.13
N LEU S 360 -9.14 104.11 -53.60
CA LEU S 360 -9.55 102.84 -53.00
C LEU S 360 -10.28 103.06 -51.69
N VAL S 361 -9.80 104.01 -50.89
CA VAL S 361 -10.52 104.42 -49.69
C VAL S 361 -11.94 104.87 -50.01
N GLN S 362 -12.10 105.64 -51.08
CA GLN S 362 -13.41 106.17 -51.43
C GLN S 362 -14.38 105.06 -51.81
N VAL S 363 -13.88 104.07 -52.58
CA VAL S 363 -14.63 102.85 -52.88
C VAL S 363 -15.11 102.21 -51.58
N LEU S 364 -14.23 102.18 -50.59
CA LEU S 364 -14.59 101.65 -49.27
C LEU S 364 -15.65 102.54 -48.62
N VAL S 365 -15.46 103.85 -48.66
CA VAL S 365 -16.43 104.78 -48.08
C VAL S 365 -17.78 104.75 -48.82
N ASP S 366 -17.74 104.62 -50.13
CA ASP S 366 -18.95 104.50 -50.93
C ASP S 366 -19.73 103.25 -50.55
N GLY S 367 -19.04 102.11 -50.57
CA GLY S 367 -19.67 100.82 -50.32
C GLY S 367 -20.31 100.72 -48.95
N VAL S 368 -19.60 101.21 -47.93
CA VAL S 368 -20.04 101.11 -46.54
C VAL S 368 -21.25 102.00 -46.23
N ASN S 369 -21.42 103.09 -46.98
CA ASN S 369 -22.60 103.94 -46.86
C ASN S 369 -23.90 103.27 -47.34
N LEU S 370 -23.77 102.45 -48.37
CA LEU S 370 -24.93 101.75 -48.92
C LEU S 370 -25.24 100.52 -48.08
N LEU S 371 -24.20 99.87 -47.57
CA LEU S 371 -24.41 98.74 -46.67
C LEU S 371 -25.19 99.20 -45.45
N ILE S 372 -24.89 100.42 -45.00
CA ILE S 372 -25.51 100.96 -43.79
C ILE S 372 -26.95 101.46 -44.02
N ALA S 373 -27.21 102.03 -45.19
CA ALA S 373 -28.57 102.44 -45.56
C ALA S 373 -29.46 101.23 -45.86
N CYS S 374 -28.89 100.22 -46.50
CA CYS S 374 -29.57 98.95 -46.75
C CYS S 374 -29.84 98.18 -45.44
N ASP S 375 -29.06 98.47 -44.40
CA ASP S 375 -29.32 97.90 -43.09
C ASP S 375 -30.49 98.62 -42.41
N LYS S 376 -30.60 99.93 -42.65
CA LYS S 376 -31.63 100.74 -42.00
C LYS S 376 -33.00 100.47 -42.63
N LYS S 377 -33.03 100.41 -43.95
CA LYS S 377 -34.26 100.08 -44.68
C LYS S 377 -34.86 98.80 -44.14
N LEU S 378 -34.02 97.77 -44.02
CA LEU S 378 -34.45 96.45 -43.55
C LEU S 378 -35.01 96.53 -42.14
N GLU S 379 -34.28 97.21 -41.26
CA GLU S 379 -34.70 97.45 -39.88
C GLU S 379 -36.11 98.05 -39.81
N ALA S 380 -36.42 98.95 -40.74
CA ALA S 380 -37.73 99.59 -40.77
C ALA S 380 -38.69 98.77 -41.62
N GLY S 381 -38.61 97.44 -41.48
CA GLY S 381 -39.41 96.52 -42.26
C GLY S 381 -39.64 96.97 -43.70
N GLN S 382 -38.57 97.09 -44.46
CA GLN S 382 -38.66 97.67 -45.81
C GLN S 382 -37.66 97.02 -46.76
N SER S 383 -37.99 97.00 -48.05
CA SER S 383 -37.20 96.27 -49.05
C SER S 383 -36.01 97.08 -49.60
N ILE S 384 -35.13 96.41 -50.32
CA ILE S 384 -33.88 97.01 -50.79
C ILE S 384 -33.38 96.47 -52.14
N ASP S 385 -34.30 96.13 -53.03
CA ASP S 385 -33.94 95.66 -54.36
C ASP S 385 -33.35 96.78 -55.22
N ASP S 386 -33.92 97.98 -55.08
CA ASP S 386 -33.52 99.15 -55.86
C ASP S 386 -32.15 99.69 -55.42
N MET S 387 -31.74 99.35 -54.20
CA MET S 387 -30.47 99.81 -53.63
C MET S 387 -29.34 98.94 -54.15
N ILE S 388 -29.55 97.63 -54.10
CA ILE S 388 -28.60 96.67 -54.63
C ILE S 388 -28.15 97.10 -56.02
N PRO S 389 -26.82 97.24 -56.19
CA PRO S 389 -26.27 97.69 -57.48
C PRO S 389 -26.75 96.79 -58.62
N LYS S 390 -27.04 97.39 -59.77
CA LYS S 390 -27.46 96.59 -60.93
C LYS S 390 -26.33 95.68 -61.41
N SER T 3 20.87 68.02 -72.09
CA SER T 3 20.21 69.10 -71.37
C SER T 3 21.00 69.53 -70.14
N ALA T 4 21.31 70.81 -70.06
CA ALA T 4 21.98 71.38 -68.89
C ALA T 4 20.97 72.08 -67.99
N ILE T 5 19.86 72.49 -68.58
CA ILE T 5 18.83 73.25 -67.86
C ILE T 5 18.00 72.36 -66.94
N GLN T 6 18.06 71.05 -67.17
CA GLN T 6 17.46 70.08 -66.26
C GLN T 6 18.25 70.02 -64.96
N ASP T 7 19.57 69.99 -65.08
CA ASP T 7 20.46 69.98 -63.91
C ASP T 7 20.15 71.14 -63.01
N TYR T 8 20.17 72.35 -63.58
CA TYR T 8 19.90 73.53 -62.78
C TYR T 8 18.57 73.40 -62.06
N PHE T 9 17.54 72.95 -62.78
CA PHE T 9 16.21 72.78 -62.18
C PHE T 9 16.21 71.78 -61.04
N VAL T 10 16.94 70.68 -61.19
CA VAL T 10 17.00 69.65 -60.16
C VAL T 10 17.65 70.13 -58.86
N LYS T 11 18.80 70.81 -58.97
CA LYS T 11 19.47 71.31 -57.77
C LYS T 11 18.78 72.54 -57.19
N ASN T 12 17.64 72.90 -57.78
CA ASN T 12 16.86 74.02 -57.30
C ASN T 12 15.46 73.59 -56.82
N ARG T 13 15.22 72.28 -56.95
CA ARG T 13 14.05 71.59 -56.40
C ARG T 13 13.39 72.37 -55.24
N VAL T 14 14.11 72.52 -54.14
CA VAL T 14 13.61 73.19 -52.93
C VAL T 14 12.77 74.46 -53.19
N GLY T 15 13.36 75.43 -53.88
CA GLY T 15 12.62 76.60 -54.32
C GLY T 15 12.91 77.79 -53.45
N HIS T 16 13.98 77.69 -52.68
CA HIS T 16 14.38 78.75 -51.77
C HIS T 16 15.70 79.32 -52.24
N SER T 17 16.02 80.52 -51.77
CA SER T 17 17.33 81.08 -52.03
C SER T 17 18.39 80.12 -51.50
N LYS T 18 19.65 80.42 -51.81
CA LYS T 18 20.78 79.67 -51.31
C LYS T 18 21.81 80.66 -50.76
N PRO T 19 21.77 80.88 -49.44
CA PRO T 19 22.56 81.90 -48.72
C PRO T 19 24.08 81.79 -48.95
N TRP T 20 24.54 80.59 -49.27
CA TRP T 20 25.96 80.33 -49.39
C TRP T 20 26.52 80.80 -50.72
N GLU T 21 25.71 80.81 -51.78
CA GLU T 21 26.29 80.93 -53.13
C GLU T 21 26.78 82.35 -53.57
N SER T 22 25.96 83.40 -53.40
CA SER T 22 26.34 84.78 -53.84
C SER T 22 27.27 85.55 -52.91
N GLY T 23 27.51 85.05 -51.72
CA GLY T 23 28.67 85.46 -50.93
C GLY T 23 28.56 86.70 -50.06
N LYS T 24 27.37 87.08 -49.60
CA LYS T 24 27.25 88.22 -48.66
C LYS T 24 26.90 87.72 -47.27
N PHE T 25 26.96 86.40 -47.12
CA PHE T 25 26.70 85.76 -45.85
C PHE T 25 27.71 84.67 -45.54
N LYS T 26 28.00 84.50 -44.25
CA LYS T 26 28.81 83.39 -43.75
C LYS T 26 27.87 82.34 -43.19
N ALA T 27 28.32 81.10 -43.12
CA ALA T 27 27.53 80.03 -42.52
C ALA T 27 26.90 80.48 -41.21
N ALA T 28 27.69 81.15 -40.36
CA ALA T 28 27.21 81.63 -39.06
C ALA T 28 26.11 82.67 -39.17
N ASP T 29 25.97 83.28 -40.35
CA ASP T 29 24.89 84.21 -40.61
C ASP T 29 23.56 83.48 -40.72
N ASN T 30 23.60 82.25 -41.24
CA ASN T 30 22.37 81.51 -41.52
C ASN T 30 22.14 80.38 -40.53
N PHE T 31 22.91 80.40 -39.44
CA PHE T 31 22.73 79.44 -38.35
C PHE T 31 21.41 79.66 -37.60
N PRO T 32 20.72 78.56 -37.25
CA PRO T 32 19.46 78.55 -36.49
C PRO T 32 19.59 78.88 -35.00
N ASP T 33 18.57 79.49 -34.44
CA ASP T 33 18.52 79.73 -33.00
C ASP T 33 17.74 78.62 -32.29
N LEU T 34 18.47 77.68 -31.67
CA LEU T 34 17.84 76.52 -31.04
C LEU T 34 17.86 76.61 -29.52
N SER T 35 18.01 77.82 -28.99
CA SER T 35 18.15 78.01 -27.56
C SER T 35 16.94 77.50 -26.76
N LYS T 36 15.77 77.49 -27.40
CA LYS T 36 14.55 77.12 -26.69
C LYS T 36 14.08 75.70 -27.01
N HIS T 37 14.66 75.10 -28.04
CA HIS T 37 14.26 73.78 -28.53
C HIS T 37 14.55 72.61 -27.57
N ASN T 38 14.23 71.40 -28.05
CA ASN T 38 14.51 70.15 -27.35
C ASN T 38 14.19 68.96 -28.24
N ASN T 39 15.09 68.66 -29.16
CA ASN T 39 14.90 67.55 -30.10
C ASN T 39 16.24 67.05 -30.57
N VAL T 40 16.33 65.80 -30.98
CA VAL T 40 17.64 65.24 -31.26
C VAL T 40 18.45 66.24 -32.08
N MET T 41 17.88 66.69 -33.20
CA MET T 41 18.42 67.74 -34.05
C MET T 41 19.12 68.87 -33.26
N ALA T 42 18.37 69.59 -32.44
CA ALA T 42 18.95 70.65 -31.60
C ALA T 42 20.15 70.17 -30.77
N SER T 43 20.01 68.99 -30.16
CA SER T 43 21.06 68.42 -29.30
C SER T 43 22.36 68.11 -30.06
N GLN T 44 22.23 67.58 -31.27
CA GLN T 44 23.42 67.10 -31.98
C GLN T 44 24.02 68.08 -32.98
N LEU T 45 23.29 69.16 -33.27
CA LEU T 45 23.76 70.14 -34.24
C LEU T 45 24.76 71.15 -33.66
N THR T 46 25.78 71.47 -34.44
CA THR T 46 26.80 72.43 -34.05
C THR T 46 27.10 73.36 -35.21
N LYS T 47 27.65 74.52 -34.87
CA LYS T 47 28.04 75.54 -35.84
C LYS T 47 29.04 74.99 -36.85
N GLU T 48 29.80 73.98 -36.40
CA GLU T 48 30.80 73.35 -37.24
C GLU T 48 30.19 72.28 -38.15
N LEU T 49 29.13 71.63 -37.69
CA LEU T 49 28.42 70.69 -38.55
C LEU T 49 27.65 71.51 -39.56
N TYR T 50 27.15 72.67 -39.12
CA TYR T 50 26.45 73.57 -40.03
C TYR T 50 27.37 74.13 -41.13
N GLU T 51 28.43 74.81 -40.71
CA GLU T 51 29.37 75.42 -41.66
C GLU T 51 29.88 74.40 -42.70
N LYS T 52 29.94 73.14 -42.30
CA LYS T 52 30.51 72.09 -43.15
C LYS T 52 29.54 71.52 -44.18
N TYR T 53 28.25 71.52 -43.83
CA TYR T 53 27.23 70.89 -44.67
C TYR T 53 26.30 71.88 -45.35
N TRP T 54 26.18 73.08 -44.77
CA TRP T 54 25.14 74.03 -45.16
C TRP T 54 25.08 74.39 -46.66
N ASP T 55 26.22 74.31 -47.35
CA ASP T 55 26.26 74.59 -48.77
C ASP T 55 26.43 73.32 -49.57
N LYS T 56 26.06 72.20 -48.97
CA LYS T 56 26.11 70.89 -49.65
C LYS T 56 24.72 70.44 -50.14
N VAL T 57 24.68 69.84 -51.32
CA VAL T 57 23.43 69.49 -51.98
C VAL T 57 23.48 68.09 -52.60
N THR T 58 22.37 67.36 -52.54
CA THR T 58 22.30 66.00 -53.11
C THR T 58 21.97 66.01 -54.60
N PRO T 59 22.16 64.88 -55.26
CA PRO T 59 21.86 64.75 -56.70
C PRO T 59 20.37 64.92 -57.02
N ASN T 60 19.56 65.07 -55.98
CA ASN T 60 18.12 65.31 -56.17
C ASN T 60 17.73 66.75 -55.89
N GLY T 61 18.59 67.45 -55.16
CA GLY T 61 18.36 68.85 -54.84
C GLY T 61 18.08 69.07 -53.38
N VAL T 62 18.24 68.03 -52.57
CA VAL T 62 17.98 68.13 -51.13
C VAL T 62 19.11 68.85 -50.40
N THR T 63 18.75 69.83 -49.57
CA THR T 63 19.74 70.64 -48.88
C THR T 63 19.80 70.34 -47.36
N PHE T 64 20.81 70.85 -46.67
CA PHE T 64 20.99 70.57 -45.25
C PHE T 64 19.88 71.20 -44.40
N ASP T 65 19.39 72.35 -44.86
CA ASP T 65 18.30 73.06 -44.19
C ASP T 65 16.98 72.34 -44.37
N LYS T 66 16.82 71.72 -45.53
CA LYS T 66 15.60 70.97 -45.80
C LYS T 66 15.55 69.69 -44.97
N CYS T 67 16.68 69.31 -44.40
CA CYS T 67 16.71 68.11 -43.57
C CYS T 67 16.42 68.37 -42.10
N ILE T 68 16.84 69.53 -41.60
CA ILE T 68 16.74 69.87 -40.18
C ILE T 68 15.66 70.92 -39.91
N GLN T 69 14.91 71.29 -40.94
CA GLN T 69 13.89 72.33 -40.83
C GLN T 69 12.73 72.05 -39.87
N THR T 70 12.18 70.84 -39.91
CA THR T 70 11.12 70.48 -38.96
C THR T 70 11.57 70.66 -37.49
N GLY T 71 12.86 70.45 -37.24
CA GLY T 71 13.43 70.67 -35.92
C GLY T 71 13.52 72.16 -35.56
N VAL T 72 13.70 72.99 -36.57
CA VAL T 72 13.82 74.41 -36.35
C VAL T 72 12.46 75.04 -36.05
N ASP T 73 11.39 74.38 -36.51
CA ASP T 73 10.03 74.94 -36.36
C ASP T 73 9.30 74.32 -35.16
N ASN T 74 9.90 73.30 -34.54
CA ASN T 74 9.22 72.56 -33.47
C ASN T 74 10.00 72.37 -32.18
N PRO T 75 10.20 73.47 -31.43
CA PRO T 75 11.02 73.47 -30.20
C PRO T 75 10.60 72.45 -29.13
N GLY T 76 9.35 71.97 -29.16
CA GLY T 76 8.85 71.07 -28.13
C GLY T 76 7.76 70.11 -28.59
N ASN T 77 7.04 69.53 -27.63
CA ASN T 77 6.01 68.54 -27.91
C ASN T 77 4.92 68.54 -26.83
N LYS T 78 3.70 68.89 -27.23
CA LYS T 78 2.53 68.91 -26.34
C LYS T 78 2.07 67.52 -25.94
N PHE T 79 2.72 66.49 -26.49
CA PHE T 79 2.35 65.10 -26.20
C PHE T 79 3.52 64.36 -25.55
N TYR T 80 3.62 63.06 -25.82
CA TYR T 80 4.60 62.21 -25.14
C TYR T 80 5.90 62.10 -25.91
N GLY T 81 7.01 62.23 -25.21
CA GLY T 81 8.33 61.97 -25.76
C GLY T 81 9.07 63.17 -26.31
N LYS T 82 10.36 62.97 -26.56
CA LYS T 82 11.19 63.93 -27.27
C LYS T 82 11.25 63.56 -28.75
N LYS T 83 11.09 64.56 -29.62
CA LYS T 83 11.10 64.37 -31.06
C LYS T 83 12.51 64.28 -31.65
N THR T 84 12.64 63.64 -32.81
CA THR T 84 13.90 63.61 -33.54
C THR T 84 14.21 65.00 -34.13
N GLY T 85 13.34 65.49 -35.01
CA GLY T 85 13.47 66.84 -35.52
C GLY T 85 14.36 66.99 -36.73
N CYS T 86 14.36 65.96 -37.58
CA CYS T 86 15.06 66.02 -38.86
C CYS T 86 14.76 64.77 -39.67
N VAL T 87 14.78 64.90 -41.00
CA VAL T 87 14.40 63.80 -41.86
C VAL T 87 15.45 63.48 -42.93
N PHE T 88 15.10 62.56 -43.82
CA PHE T 88 15.89 62.27 -45.02
C PHE T 88 15.09 62.65 -46.27
N GLY T 89 15.66 63.53 -47.11
CA GLY T 89 14.99 63.93 -48.33
C GLY T 89 15.17 62.95 -49.48
N ASP T 90 16.10 62.01 -49.31
CA ASP T 90 16.35 60.97 -50.32
C ASP T 90 17.51 60.06 -49.93
N GLU T 91 17.89 59.18 -50.86
CA GLU T 91 18.85 58.12 -50.58
C GLU T 91 20.28 58.61 -50.32
N TYR T 92 20.57 59.84 -50.76
CA TYR T 92 21.91 60.40 -50.61
C TYR T 92 22.00 61.27 -49.37
N SER T 93 20.88 61.50 -48.70
CA SER T 93 20.84 62.37 -47.53
C SER T 93 21.83 61.92 -46.45
N TYR T 94 21.69 60.70 -45.98
CA TYR T 94 22.55 60.18 -44.90
C TYR T 94 24.00 60.56 -45.07
N GLU T 95 24.58 60.21 -46.23
CA GLU T 95 26.01 60.42 -46.44
C GLU T 95 26.41 61.89 -46.50
N CYS T 96 25.73 62.68 -47.32
CA CYS T 96 26.10 64.10 -47.48
C CYS T 96 26.23 64.82 -46.14
N TYR T 97 25.50 64.36 -45.13
CA TYR T 97 25.57 64.98 -43.82
C TYR T 97 25.81 63.96 -42.72
N LYS T 98 26.51 62.90 -43.06
CA LYS T 98 26.64 61.72 -42.21
C LYS T 98 27.15 61.97 -40.79
N GLU T 99 28.07 62.92 -40.62
CA GLU T 99 28.66 63.18 -39.31
C GLU T 99 27.68 63.88 -38.37
N PHE T 100 26.66 64.50 -38.96
CA PHE T 100 25.55 65.03 -38.19
C PHE T 100 24.62 63.88 -37.81
N PHE T 101 24.07 63.22 -38.83
CA PHE T 101 23.14 62.11 -38.64
C PHE T 101 23.63 61.03 -37.66
N ASP T 102 24.87 60.59 -37.82
CA ASP T 102 25.46 59.60 -36.90
C ASP T 102 25.23 59.98 -35.43
N LYS T 103 25.44 61.25 -35.09
CA LYS T 103 25.18 61.70 -33.73
C LYS T 103 23.68 61.65 -33.38
N CYS T 104 22.84 61.69 -34.40
CA CYS T 104 21.40 61.57 -34.20
C CYS T 104 21.01 60.12 -33.99
N ILE T 105 21.58 59.23 -34.82
CA ILE T 105 21.30 57.81 -34.73
C ILE T 105 21.77 57.23 -33.40
N GLU T 106 22.92 57.67 -32.93
CA GLU T 106 23.44 57.13 -31.68
C GLU T 106 22.62 57.57 -30.47
N GLU T 107 22.09 58.79 -30.48
CA GLU T 107 21.21 59.27 -29.43
C GLU T 107 19.91 58.49 -29.40
N ILE T 108 19.33 58.26 -30.56
CA ILE T 108 18.04 57.61 -30.65
C ILE T 108 18.14 56.11 -30.43
N HIS T 109 19.06 55.46 -31.15
CA HIS T 109 19.10 54.00 -31.18
C HIS T 109 20.25 53.38 -30.35
N HIS T 110 21.06 54.18 -29.69
CA HIS T 110 22.32 53.68 -29.11
C HIS T 110 23.10 52.86 -30.16
N PHE T 111 23.33 53.46 -31.32
CA PHE T 111 24.02 52.83 -32.44
C PHE T 111 25.20 53.74 -32.72
N LYS T 112 26.40 53.18 -32.70
CA LYS T 112 27.59 53.99 -32.95
C LYS T 112 28.00 53.95 -34.41
N PRO T 113 28.85 54.90 -34.83
CA PRO T 113 29.37 54.95 -36.21
C PRO T 113 30.13 53.68 -36.56
N SER T 114 30.58 52.96 -35.52
CA SER T 114 31.38 51.75 -35.68
C SER T 114 30.51 50.51 -35.81
N ASP T 115 29.19 50.71 -35.78
CA ASP T 115 28.27 49.59 -35.73
C ASP T 115 27.65 49.21 -37.09
N LYS T 116 26.93 48.10 -37.12
CA LYS T 116 26.33 47.59 -38.35
C LYS T 116 25.03 46.81 -38.05
N HIS T 117 24.04 46.95 -38.91
CA HIS T 117 22.77 46.26 -38.67
C HIS T 117 22.89 44.76 -38.89
N PRO T 118 22.30 43.98 -37.97
CA PRO T 118 22.37 42.51 -37.98
C PRO T 118 21.39 41.91 -38.97
N ALA T 119 21.70 40.72 -39.49
CA ALA T 119 20.77 40.00 -40.36
C ALA T 119 19.33 40.01 -39.81
N PRO T 120 18.34 39.85 -40.70
CA PRO T 120 16.92 39.81 -40.30
C PRO T 120 16.52 38.56 -39.54
N ASP T 121 15.52 38.69 -38.66
CA ASP T 121 14.98 37.55 -37.92
C ASP T 121 13.46 37.66 -37.84
N LEU T 122 12.76 36.79 -38.56
CA LEU T 122 11.31 36.83 -38.62
C LEU T 122 10.64 35.59 -38.03
N ASP T 123 11.43 34.74 -37.38
CA ASP T 123 10.93 33.55 -36.71
C ASP T 123 10.08 33.93 -35.50
N HIS T 124 8.77 33.98 -35.69
CA HIS T 124 7.84 34.27 -34.60
C HIS T 124 7.76 33.08 -33.65
N ASN T 125 8.25 31.94 -34.10
CA ASN T 125 8.21 30.72 -33.29
C ASN T 125 9.22 30.71 -32.14
N LYS T 126 10.23 31.59 -32.22
CA LYS T 126 11.26 31.67 -31.19
C LYS T 126 10.83 32.56 -30.02
N LEU T 127 9.69 33.21 -30.14
CA LEU T 127 9.29 34.21 -29.16
C LEU T 127 8.86 33.58 -27.83
N VAL T 128 9.35 34.14 -26.72
CA VAL T 128 9.03 33.63 -25.38
C VAL T 128 7.99 34.51 -24.70
N GLY T 129 6.78 33.98 -24.55
CA GLY T 129 5.64 34.78 -24.13
C GLY T 129 4.96 35.30 -25.38
N GLY T 130 4.39 36.50 -25.32
CA GLY T 130 3.69 37.03 -26.49
C GLY T 130 2.21 36.70 -26.56
N VAL T 131 1.61 36.38 -25.42
CA VAL T 131 0.17 36.20 -25.29
C VAL T 131 -0.28 36.74 -23.94
N PHE T 132 -0.83 37.96 -23.93
CA PHE T 132 -1.10 38.69 -22.69
C PHE T 132 -2.54 38.53 -22.20
N GLU T 133 -2.75 38.79 -20.91
CA GLU T 133 -4.09 38.78 -20.31
C GLU T 133 -4.90 39.96 -20.82
N ASP T 134 -6.03 39.68 -21.46
CA ASP T 134 -6.85 40.70 -22.11
C ASP T 134 -7.36 41.75 -21.13
N LYS T 135 -7.28 41.45 -19.84
CA LYS T 135 -7.66 42.42 -18.81
C LYS T 135 -6.77 43.65 -18.85
N TYR T 136 -5.52 43.46 -19.24
CA TYR T 136 -4.55 44.55 -19.35
C TYR T 136 -4.27 44.94 -20.82
N VAL T 137 -4.30 43.97 -21.73
CA VAL T 137 -3.94 44.21 -23.13
C VAL T 137 -5.12 44.20 -24.10
N LYS T 138 -5.49 45.38 -24.59
CA LYS T 138 -6.71 45.55 -25.38
C LYS T 138 -6.48 45.37 -26.89
N SER T 139 -5.25 45.54 -27.34
CA SER T 139 -4.88 45.24 -28.73
C SER T 139 -3.39 45.29 -28.99
N CYS T 140 -2.98 44.69 -30.12
CA CYS T 140 -1.57 44.48 -30.45
C CYS T 140 -1.36 44.71 -31.94
N ARG T 141 -0.30 45.42 -32.27
CA ARG T 141 -0.07 45.85 -33.64
C ARG T 141 1.41 45.86 -33.97
N ILE T 142 1.76 45.36 -35.15
CA ILE T 142 3.15 45.38 -35.58
C ILE T 142 3.30 46.07 -36.93
N ARG T 143 4.30 46.94 -37.01
CA ARG T 143 4.37 47.95 -38.05
C ARG T 143 5.80 48.00 -38.59
N CYS T 144 5.94 48.11 -39.92
CA CYS T 144 7.26 48.40 -40.49
C CYS T 144 7.17 49.39 -41.67
N GLY T 145 8.19 50.22 -41.84
CA GLY T 145 8.24 51.15 -42.95
C GLY T 145 9.18 50.70 -44.05
N ARG T 146 8.83 51.03 -45.28
CA ARG T 146 9.70 50.77 -46.43
C ARG T 146 9.64 51.94 -47.40
N SER T 147 10.75 52.22 -48.08
CA SER T 147 10.76 53.18 -49.19
C SER T 147 11.15 52.46 -50.47
N VAL T 148 10.73 53.02 -51.61
CA VAL T 148 11.06 52.49 -52.92
C VAL T 148 12.38 53.10 -53.40
N LYS T 149 13.31 52.24 -53.82
CA LYS T 149 14.62 52.71 -54.24
C LYS T 149 14.55 53.56 -55.50
N GLY T 150 15.34 54.62 -55.54
CA GLY T 150 15.48 55.41 -56.76
C GLY T 150 14.40 56.46 -56.89
N VAL T 151 13.78 56.76 -55.76
CA VAL T 151 12.71 57.74 -55.69
C VAL T 151 12.97 58.64 -54.49
N CYS T 152 12.57 59.91 -54.58
CA CYS T 152 12.70 60.82 -53.46
C CYS T 152 11.79 60.43 -52.30
N LEU T 153 12.28 60.68 -51.09
CA LEU T 153 11.44 60.54 -49.92
C LEU T 153 10.46 61.71 -49.81
N PRO T 154 9.24 61.43 -49.31
CA PRO T 154 8.06 62.31 -49.25
C PRO T 154 8.25 63.73 -48.68
N PRO T 155 9.27 63.96 -47.84
CA PRO T 155 9.39 65.37 -47.43
C PRO T 155 9.76 66.22 -48.64
N ALA T 156 10.29 65.57 -49.68
CA ALA T 156 10.81 66.31 -50.82
C ALA T 156 10.57 65.66 -52.17
N MET T 157 9.76 64.61 -52.22
CA MET T 157 9.42 63.99 -53.51
C MET T 157 8.36 64.77 -54.29
N SER T 158 8.33 64.51 -55.60
CA SER T 158 7.44 65.23 -56.52
C SER T 158 6.11 64.50 -56.79
N ARG T 159 5.17 65.21 -57.40
CA ARG T 159 3.86 64.67 -57.74
C ARG T 159 3.95 63.49 -58.70
N ALA T 160 4.91 63.55 -59.62
CA ALA T 160 5.18 62.44 -60.52
C ALA T 160 5.78 61.27 -59.74
N GLU T 161 6.81 61.56 -58.96
CA GLU T 161 7.41 60.57 -58.08
C GLU T 161 6.35 59.91 -57.22
N ARG T 162 5.47 60.73 -56.62
CA ARG T 162 4.52 60.23 -55.63
C ARG T 162 3.50 59.33 -56.28
N ARG T 163 3.07 59.73 -57.48
CA ARG T 163 2.14 58.95 -58.28
C ARG T 163 2.71 57.58 -58.59
N LEU T 164 3.97 57.55 -59.02
CA LEU T 164 4.61 56.29 -59.42
C LEU T 164 4.64 55.27 -58.30
N VAL T 165 5.00 55.71 -57.09
CA VAL T 165 5.01 54.84 -55.93
C VAL T 165 3.63 54.20 -55.70
N GLU T 166 2.57 55.02 -55.68
CA GLU T 166 1.19 54.53 -55.52
C GLU T 166 0.71 53.57 -56.63
N LYS T 167 1.22 53.74 -57.83
CA LYS T 167 0.84 52.89 -58.95
C LYS T 167 1.55 51.56 -58.81
N VAL T 168 2.84 51.63 -58.54
CA VAL T 168 3.70 50.47 -58.38
C VAL T 168 3.41 49.64 -57.13
N VAL T 169 3.21 50.31 -56.00
CA VAL T 169 2.92 49.60 -54.75
C VAL T 169 1.52 48.95 -54.81
N SER T 170 0.56 49.62 -55.45
CA SER T 170 -0.80 49.08 -55.52
C SER T 170 -0.85 47.93 -56.51
N ASP T 171 -0.12 48.08 -57.62
CA ASP T 171 0.04 46.99 -58.56
C ASP T 171 0.53 45.76 -57.81
N ALA T 172 1.56 45.95 -57.00
CA ALA T 172 2.22 44.84 -56.32
C ALA T 172 1.31 44.10 -55.36
N LEU T 173 0.53 44.86 -54.60
CA LEU T 173 -0.34 44.29 -53.56
C LEU T 173 -1.42 43.42 -54.18
N GLY T 174 -1.66 43.59 -55.48
CA GLY T 174 -2.65 42.81 -56.19
C GLY T 174 -2.30 41.34 -56.28
N GLY T 175 -1.02 41.02 -56.13
CA GLY T 175 -0.55 39.64 -56.12
C GLY T 175 -0.52 38.96 -54.76
N LEU T 176 -1.23 39.53 -53.79
CA LEU T 176 -1.43 38.87 -52.50
C LEU T 176 -2.72 38.07 -52.49
N LYS T 177 -2.64 36.84 -52.00
CA LYS T 177 -3.74 35.91 -52.13
C LYS T 177 -4.19 35.29 -50.81
N GLY T 178 -5.31 34.59 -50.85
CA GLY T 178 -5.84 33.93 -49.67
C GLY T 178 -6.30 34.91 -48.60
N ASP T 179 -5.91 34.65 -47.36
CA ASP T 179 -6.26 35.52 -46.24
C ASP T 179 -5.51 36.85 -46.37
N LEU T 180 -4.48 36.86 -47.20
CA LEU T 180 -3.72 38.06 -47.48
C LEU T 180 -4.29 38.84 -48.68
N ALA T 181 -5.37 38.35 -49.27
CA ALA T 181 -5.94 39.01 -50.44
C ALA T 181 -6.73 40.27 -50.06
N GLY T 182 -6.31 41.41 -50.60
CA GLY T 182 -6.94 42.69 -50.30
C GLY T 182 -7.26 43.62 -51.45
N LYS T 183 -7.85 44.76 -51.12
CA LYS T 183 -8.17 45.79 -52.12
C LYS T 183 -7.65 47.15 -51.68
N TYR T 184 -7.48 48.05 -52.65
CA TYR T 184 -6.92 49.38 -52.38
C TYR T 184 -8.01 50.44 -52.33
N TYR T 185 -7.80 51.41 -51.45
CA TYR T 185 -8.78 52.47 -51.22
C TYR T 185 -8.04 53.81 -51.15
N PRO T 186 -8.04 54.57 -52.26
CA PRO T 186 -7.43 55.90 -52.39
C PRO T 186 -8.18 56.95 -51.56
N LEU T 187 -7.44 57.93 -51.05
CA LEU T 187 -8.04 58.93 -50.16
C LEU T 187 -8.82 59.98 -50.96
N THR T 188 -8.53 60.07 -52.26
CA THR T 188 -9.15 61.04 -53.14
C THR T 188 -10.65 60.78 -53.28
N THR T 189 -11.03 59.51 -53.25
CA THR T 189 -12.40 59.10 -53.46
C THR T 189 -13.06 58.53 -52.21
N MET T 190 -12.36 58.63 -51.08
CA MET T 190 -12.93 58.24 -49.78
C MET T 190 -13.61 59.45 -49.13
N ASN T 191 -14.82 59.28 -48.62
CA ASN T 191 -15.56 60.38 -48.01
C ASN T 191 -15.21 60.59 -46.54
N GLU T 192 -15.60 61.75 -46.01
CA GLU T 192 -15.23 62.13 -44.64
C GLU T 192 -15.63 61.12 -43.57
N LYS T 193 -16.90 60.75 -43.53
CA LYS T 193 -17.37 59.81 -42.53
C LYS T 193 -16.60 58.49 -42.54
N ASP T 194 -16.32 57.98 -43.75
CA ASP T 194 -15.53 56.77 -43.91
C ASP T 194 -14.08 56.93 -43.42
N GLN T 195 -13.49 58.09 -43.67
CA GLN T 195 -12.13 58.35 -43.23
C GLN T 195 -12.01 58.60 -41.72
N GLU T 196 -12.96 59.34 -41.16
CA GLU T 196 -12.94 59.62 -39.73
C GLU T 196 -13.22 58.34 -38.97
N GLN T 197 -14.03 57.48 -39.57
CA GLN T 197 -14.31 56.15 -39.05
C GLN T 197 -13.01 55.33 -38.92
N LEU T 198 -12.35 55.10 -40.06
CA LEU T 198 -11.13 54.28 -40.09
C LEU T 198 -10.05 54.80 -39.16
N ILE T 199 -10.03 56.11 -38.96
CA ILE T 199 -9.06 56.70 -38.06
C ILE T 199 -9.41 56.28 -36.64
N GLU T 200 -10.65 56.52 -36.23
CA GLU T 200 -11.13 56.16 -34.90
C GLU T 200 -10.84 54.69 -34.61
N ASP T 201 -10.96 53.87 -35.65
CA ASP T 201 -10.80 52.42 -35.57
C ASP T 201 -9.34 52.03 -35.63
N HIS T 202 -8.46 53.03 -35.70
CA HIS T 202 -7.01 52.82 -35.62
C HIS T 202 -6.39 52.26 -36.90
N PHE T 203 -7.17 52.19 -37.98
CA PHE T 203 -6.71 51.52 -39.19
C PHE T 203 -5.95 52.46 -40.13
N LEU T 204 -6.63 53.52 -40.55
CA LEU T 204 -6.07 54.50 -41.47
C LEU T 204 -5.33 55.60 -40.72
N PHE T 205 -4.27 56.14 -41.34
CA PHE T 205 -3.50 57.24 -40.75
C PHE T 205 -4.38 58.48 -40.41
N GLU T 206 -3.90 59.34 -39.53
CA GLU T 206 -4.71 60.50 -39.13
C GLU T 206 -4.88 61.47 -40.28
N LYS T 207 -5.69 62.49 -40.07
CA LYS T 207 -5.77 63.59 -41.02
C LYS T 207 -4.46 64.37 -40.93
N PRO T 208 -4.04 64.99 -42.05
CA PRO T 208 -2.68 65.52 -42.22
C PRO T 208 -2.37 66.81 -41.45
N THR T 209 -2.42 66.77 -40.13
CA THR T 209 -2.06 67.94 -39.34
C THR T 209 -0.75 67.73 -38.57
N GLY T 210 -0.25 66.50 -38.61
CA GLY T 210 0.96 66.16 -37.87
C GLY T 210 2.10 67.17 -37.95
N ALA T 211 2.56 67.63 -36.78
CA ALA T 211 3.60 68.67 -36.66
C ALA T 211 4.88 68.39 -37.43
N LEU T 212 5.12 67.12 -37.74
CA LEU T 212 6.29 66.74 -38.52
C LEU T 212 5.91 66.61 -40.00
N LEU T 213 4.72 66.07 -40.24
CA LEU T 213 4.27 65.79 -41.60
C LEU T 213 4.18 67.05 -42.47
N THR T 214 3.69 68.13 -41.88
CA THR T 214 3.52 69.37 -42.61
C THR T 214 4.83 70.14 -42.70
N THR T 215 5.37 70.54 -41.54
CA THR T 215 6.58 71.34 -41.49
C THR T 215 7.80 70.66 -42.13
N SER T 216 7.66 69.38 -42.48
CA SER T 216 8.76 68.69 -43.17
C SER T 216 8.52 68.54 -44.67
N GLY T 217 7.40 69.04 -45.18
CA GLY T 217 7.08 68.91 -46.60
C GLY T 217 6.22 67.72 -46.97
N CYS T 218 6.06 66.77 -46.03
CA CYS T 218 5.37 65.51 -46.28
C CYS T 218 3.84 65.69 -46.43
N ALA T 219 3.39 66.93 -46.40
CA ALA T 219 1.96 67.20 -46.48
C ALA T 219 1.56 67.87 -47.80
N ARG T 220 2.49 68.01 -48.75
CA ARG T 220 2.20 68.68 -50.02
C ARG T 220 1.22 67.88 -50.88
N ASP T 221 0.38 68.59 -51.62
CA ASP T 221 -0.46 67.98 -52.65
C ASP T 221 -1.44 66.95 -52.09
N TRP T 222 -1.83 67.11 -50.82
CA TRP T 222 -2.70 66.16 -50.13
C TRP T 222 -4.14 66.23 -50.65
N PRO T 223 -4.76 65.08 -50.94
CA PRO T 223 -4.28 63.71 -50.69
C PRO T 223 -3.82 62.97 -51.95
N ASP T 224 -3.28 63.70 -52.93
CA ASP T 224 -2.88 63.07 -54.19
C ASP T 224 -1.87 61.97 -53.90
N GLY T 225 -2.04 60.82 -54.54
CA GLY T 225 -1.07 59.74 -54.42
C GLY T 225 -1.17 58.87 -53.18
N ARG T 226 -1.92 59.34 -52.18
CA ARG T 226 -2.03 58.65 -50.89
C ARG T 226 -3.20 57.65 -50.85
N GLY T 227 -3.20 56.78 -49.84
CA GLY T 227 -4.31 55.86 -49.65
C GLY T 227 -4.04 54.74 -48.65
N ILE T 228 -4.94 53.75 -48.65
CA ILE T 228 -4.82 52.57 -47.80
C ILE T 228 -5.29 51.29 -48.50
N TRP T 229 -4.76 50.15 -48.05
CA TRP T 229 -5.07 48.85 -48.61
C TRP T 229 -5.28 47.87 -47.46
N HIS T 230 -6.25 46.98 -47.59
CA HIS T 230 -6.42 45.94 -46.59
C HIS T 230 -7.15 44.71 -47.11
N ASN T 231 -6.83 43.57 -46.50
CA ASN T 231 -7.50 42.31 -46.76
C ASN T 231 -8.84 42.30 -46.05
N ASN T 232 -9.65 41.27 -46.29
CA ASN T 232 -11.02 41.27 -45.79
C ASN T 232 -11.17 41.42 -44.27
N GLU T 233 -10.34 40.70 -43.52
CA GLU T 233 -10.42 40.71 -42.05
C GLU T 233 -9.97 42.03 -41.45
N LYS T 234 -9.38 42.91 -42.27
CA LYS T 234 -8.76 44.13 -41.76
C LYS T 234 -7.79 43.81 -40.62
N ASN T 235 -7.04 42.73 -40.78
CA ASN T 235 -5.98 42.37 -39.83
C ASN T 235 -4.62 42.45 -40.54
N PHE T 236 -4.66 42.83 -41.82
CA PHE T 236 -3.46 43.16 -42.58
C PHE T 236 -3.79 44.43 -43.35
N LEU T 237 -2.83 45.36 -43.41
CA LEU T 237 -3.06 46.67 -44.01
C LEU T 237 -1.76 47.21 -44.60
N VAL T 238 -1.87 48.14 -45.55
CA VAL T 238 -0.72 48.87 -46.10
C VAL T 238 -1.08 50.35 -46.30
N TRP T 239 -0.30 51.25 -45.69
CA TRP T 239 -0.46 52.69 -45.92
C TRP T 239 0.48 53.17 -47.01
N ILE T 240 -0.08 53.73 -48.06
CA ILE T 240 0.72 54.29 -49.14
C ILE T 240 0.92 55.81 -49.04
N ASN T 241 2.20 56.21 -49.12
CA ASN T 241 2.62 57.60 -49.21
C ASN T 241 2.20 58.58 -48.11
N GLU T 242 2.18 58.15 -46.86
CA GLU T 242 1.94 59.13 -45.81
C GLU T 242 3.23 59.90 -45.52
N GLU T 243 3.86 59.55 -44.40
CA GLU T 243 5.21 59.99 -44.05
C GLU T 243 6.22 59.12 -44.79
N ASP T 244 5.84 57.88 -45.09
CA ASP T 244 6.69 56.96 -45.84
C ASP T 244 5.99 56.53 -47.15
N HIS T 245 6.71 55.77 -47.97
CA HIS T 245 6.09 55.20 -49.18
C HIS T 245 5.17 54.07 -48.78
N ILE T 246 5.69 53.19 -47.92
CA ILE T 246 5.00 51.94 -47.62
C ILE T 246 5.00 51.75 -46.11
N ARG T 247 3.84 51.39 -45.59
CA ARG T 247 3.73 51.02 -44.19
C ARG T 247 3.02 49.69 -44.13
N VAL T 248 3.77 48.63 -43.87
CA VAL T 248 3.18 47.32 -43.68
C VAL T 248 2.80 47.14 -42.22
N ILE T 249 1.53 46.81 -41.99
CA ILE T 249 0.94 46.74 -40.65
C ILE T 249 0.25 45.39 -40.46
N SER T 250 0.24 44.89 -39.22
CA SER T 250 -0.61 43.77 -38.84
C SER T 250 -1.29 44.04 -37.50
N MET T 251 -2.59 43.76 -37.38
CA MET T 251 -3.26 44.05 -36.11
C MET T 251 -4.57 43.31 -35.83
N GLN T 252 -4.88 43.19 -34.54
CA GLN T 252 -6.12 42.59 -34.08
C GLN T 252 -6.39 42.98 -32.63
N LYS T 253 -7.67 43.07 -32.28
CA LYS T 253 -8.06 43.19 -30.88
C LYS T 253 -7.60 41.97 -30.08
N GLY T 254 -7.40 42.16 -28.78
CA GLY T 254 -6.88 41.09 -27.93
C GLY T 254 -5.41 41.24 -27.62
N GLY T 255 -4.89 40.30 -26.84
CA GLY T 255 -3.52 40.37 -26.39
C GLY T 255 -2.52 39.46 -27.07
N ASP T 256 -2.88 38.89 -28.21
CA ASP T 256 -1.98 37.91 -28.84
C ASP T 256 -0.98 38.55 -29.80
N LEU T 257 0.10 39.08 -29.23
CA LEU T 257 1.18 39.69 -29.99
C LEU T 257 1.83 38.66 -30.90
N LYS T 258 2.03 37.45 -30.38
CA LYS T 258 2.68 36.39 -31.16
C LYS T 258 1.92 36.12 -32.45
N ALA T 259 0.59 36.09 -32.35
CA ALA T 259 -0.26 35.88 -33.53
C ALA T 259 -0.08 36.99 -34.55
N VAL T 260 -0.15 38.23 -34.08
CA VAL T 260 0.13 39.38 -34.93
C VAL T 260 1.50 39.25 -35.62
N PHE T 261 2.52 38.94 -34.85
CA PHE T 261 3.87 38.82 -35.39
C PHE T 261 3.88 37.82 -36.56
N SER T 262 3.10 36.74 -36.42
CA SER T 262 3.07 35.69 -37.43
C SER T 262 2.50 36.14 -38.78
N ARG T 263 1.33 36.77 -38.75
CA ARG T 263 0.72 37.30 -39.96
C ARG T 263 1.56 38.45 -40.48
N PHE T 264 2.07 39.26 -39.56
CA PHE T 264 3.05 40.28 -39.90
C PHE T 264 4.22 39.71 -40.71
N ALA T 265 4.83 38.63 -40.21
CA ALA T 265 5.98 38.02 -40.87
C ALA T 265 5.64 37.39 -42.22
N ARG T 266 4.48 36.77 -42.30
CA ARG T 266 4.03 36.15 -43.55
C ARG T 266 3.85 37.23 -44.62
N GLY T 267 3.13 38.28 -44.24
CA GLY T 267 2.77 39.35 -45.15
C GLY T 267 3.94 40.17 -45.65
N LEU T 268 4.82 40.59 -44.74
CA LEU T 268 6.03 41.32 -45.13
C LEU T 268 6.82 40.59 -46.23
N LEU T 269 7.09 39.31 -46.02
CA LEU T 269 7.90 38.56 -46.98
C LEU T 269 7.20 38.52 -48.32
N GLU T 270 5.90 38.24 -48.28
CA GLU T 270 5.07 38.31 -49.48
C GLU T 270 5.14 39.68 -50.17
N VAL T 271 5.09 40.76 -49.38
CA VAL T 271 5.10 42.11 -49.95
C VAL T 271 6.44 42.47 -50.58
N GLU T 272 7.53 42.01 -49.96
CA GLU T 272 8.87 42.25 -50.50
C GLU T 272 9.14 41.39 -51.71
N ARG T 273 8.59 40.19 -51.72
CA ARG T 273 8.77 39.30 -52.84
C ARG T 273 8.06 39.86 -54.06
N LEU T 274 6.82 40.28 -53.86
CA LEU T 274 6.04 40.92 -54.92
C LEU T 274 6.69 42.21 -55.44
N MET T 275 7.15 43.06 -54.53
CA MET T 275 7.84 44.28 -54.92
C MET T 275 9.02 43.93 -55.84
N LYS T 276 9.87 43.05 -55.36
CA LYS T 276 11.06 42.60 -56.08
C LYS T 276 10.68 41.97 -57.42
N GLU T 277 9.62 41.17 -57.40
CA GLU T 277 9.14 40.51 -58.59
C GLU T 277 8.63 41.51 -59.63
N CYS T 278 8.30 42.72 -59.18
CA CYS T 278 7.77 43.73 -60.07
C CYS T 278 8.86 44.70 -60.58
N GLY T 279 10.08 44.55 -60.06
CA GLY T 279 11.21 45.30 -60.56
C GLY T 279 11.72 46.47 -59.73
N HIS T 280 11.03 46.78 -58.64
CA HIS T 280 11.37 47.96 -57.85
C HIS T 280 11.84 47.61 -56.45
N GLY T 281 13.16 47.64 -56.25
CA GLY T 281 13.73 47.34 -54.95
C GLY T 281 13.42 48.36 -53.88
N LEU T 282 13.61 47.96 -52.64
CA LEU T 282 13.39 48.85 -51.49
C LEU T 282 14.69 49.53 -51.08
N MET T 283 14.57 50.77 -50.60
CA MET T 283 15.73 51.58 -50.27
C MET T 283 16.50 51.01 -49.07
N HIS T 284 17.70 50.51 -49.33
CA HIS T 284 18.48 49.77 -48.33
C HIS T 284 19.93 50.28 -48.24
N ASN T 285 20.46 50.30 -47.02
CA ASN T 285 21.84 50.67 -46.77
C ASN T 285 22.52 49.48 -46.13
N ASP T 286 23.85 49.42 -46.19
CA ASP T 286 24.56 48.23 -45.71
C ASP T 286 24.76 48.25 -44.20
N ARG T 287 25.18 49.39 -43.67
CA ARG T 287 25.38 49.53 -42.24
C ARG T 287 24.04 49.70 -41.54
N LEU T 288 23.17 50.49 -42.16
CA LEU T 288 21.96 51.01 -41.51
C LEU T 288 20.68 50.28 -41.92
N GLY T 289 20.82 49.24 -42.73
CA GLY T 289 19.65 48.53 -43.22
C GLY T 289 18.68 49.45 -43.96
N TYR T 290 17.39 49.15 -43.84
CA TYR T 290 16.34 49.91 -44.51
C TYR T 290 16.21 51.37 -44.07
N ILE T 291 16.05 52.26 -45.05
CA ILE T 291 15.91 53.68 -44.78
C ILE T 291 14.51 54.19 -45.07
N CYS T 292 13.96 54.93 -44.10
CA CYS T 292 12.72 55.67 -44.31
C CYS T 292 12.93 57.14 -44.02
N THR T 293 11.86 57.85 -43.68
CA THR T 293 11.93 59.30 -43.56
C THR T 293 12.57 59.79 -42.25
N CYS T 294 11.89 59.54 -41.13
CA CYS T 294 12.43 59.88 -39.82
C CYS T 294 13.54 58.90 -39.45
N PRO T 295 14.71 59.41 -39.04
CA PRO T 295 15.77 58.55 -38.54
C PRO T 295 15.30 57.42 -37.62
N THR T 296 14.30 57.68 -36.77
CA THR T 296 13.74 56.64 -35.90
C THR T 296 13.24 55.42 -36.68
N ASN T 297 13.02 55.59 -37.98
CA ASN T 297 12.52 54.49 -38.79
C ASN T 297 13.62 53.90 -39.67
N MET T 298 14.55 53.24 -38.98
CA MET T 298 15.72 52.64 -39.59
C MET T 298 15.85 51.20 -39.16
N GLY T 299 16.80 50.50 -39.78
CA GLY T 299 17.10 49.13 -39.44
C GLY T 299 16.00 48.20 -39.89
N THR T 300 15.29 47.64 -38.91
CA THR T 300 14.10 46.84 -39.17
C THR T 300 12.89 47.73 -39.51
N VAL T 301 12.97 49.00 -39.09
CA VAL T 301 11.88 49.96 -39.26
C VAL T 301 10.60 49.44 -38.62
N VAL T 302 10.76 48.52 -37.67
CA VAL T 302 9.65 47.88 -36.99
C VAL T 302 9.20 48.61 -35.72
N ARG T 303 7.90 48.61 -35.50
CA ARG T 303 7.30 49.07 -34.26
C ARG T 303 6.20 48.10 -33.84
N ALA T 304 6.51 47.28 -32.83
CA ALA T 304 5.50 46.43 -32.24
C ALA T 304 4.92 47.19 -31.04
N SER T 305 3.60 47.19 -30.91
CA SER T 305 2.93 47.95 -29.87
C SER T 305 1.72 47.23 -29.30
N VAL T 306 1.37 47.57 -28.06
CA VAL T 306 0.17 47.07 -27.41
C VAL T 306 -0.57 48.22 -26.68
N HIS T 307 -1.90 48.19 -26.74
CA HIS T 307 -2.71 49.06 -25.89
C HIS T 307 -2.78 48.46 -24.47
N LEU T 308 -1.85 48.88 -23.63
CA LEU T 308 -1.66 48.31 -22.29
C LEU T 308 -2.32 49.25 -21.28
N ARG T 309 -3.24 48.74 -20.48
CA ARG T 309 -3.98 49.60 -19.55
C ARG T 309 -3.45 49.50 -18.13
N LEU T 310 -2.81 50.59 -17.67
CA LEU T 310 -2.07 50.59 -16.39
C LEU T 310 -2.65 51.56 -15.37
N ALA T 311 -3.83 51.22 -14.86
CA ALA T 311 -4.60 52.11 -14.00
C ALA T 311 -3.91 52.40 -12.68
N PHE T 312 -2.82 51.69 -12.41
CA PHE T 312 -2.05 51.88 -11.19
C PHE T 312 -0.65 52.42 -11.47
N LEU T 313 0.09 51.72 -12.32
CA LEU T 313 1.47 52.11 -12.62
C LEU T 313 1.57 53.55 -13.15
N GLU T 314 0.58 53.97 -13.94
CA GLU T 314 0.59 55.32 -14.51
C GLU T 314 0.68 56.41 -13.44
N LYS T 315 0.12 56.15 -12.26
CA LYS T 315 0.13 57.14 -11.19
C LYS T 315 1.46 57.18 -10.43
N HIS T 316 2.16 56.05 -10.41
CA HIS T 316 3.46 55.94 -9.76
C HIS T 316 4.42 57.04 -10.25
N PRO T 317 5.36 57.45 -9.38
CA PRO T 317 6.37 58.49 -9.68
C PRO T 317 7.51 58.07 -10.61
N ARG T 318 7.80 56.78 -10.71
CA ARG T 318 8.90 56.31 -11.54
C ARG T 318 8.42 55.51 -12.76
N PHE T 319 7.30 55.93 -13.33
CA PHE T 319 6.71 55.28 -14.48
C PHE T 319 7.50 55.61 -15.74
N ASP T 320 7.76 56.89 -15.94
CA ASP T 320 8.53 57.37 -17.08
C ASP T 320 9.99 56.92 -17.02
N GLU T 321 10.47 56.65 -15.81
CA GLU T 321 11.85 56.20 -15.62
C GLU T 321 12.01 54.76 -16.08
N MET T 322 11.01 53.95 -15.78
CA MET T 322 11.04 52.54 -16.14
C MET T 322 11.06 52.32 -17.65
N LEU T 323 10.07 52.87 -18.34
CA LEU T 323 9.93 52.73 -19.79
C LEU T 323 11.19 53.11 -20.52
N GLY T 324 11.71 54.28 -20.18
CA GLY T 324 13.01 54.68 -20.69
C GLY T 324 13.98 53.53 -20.54
N LYS T 325 14.21 53.12 -19.29
CA LYS T 325 15.18 52.07 -18.98
C LYS T 325 14.94 50.74 -19.72
N LEU T 326 13.67 50.41 -19.94
CA LEU T 326 13.30 49.21 -20.70
C LEU T 326 13.42 49.48 -22.21
N ARG T 327 13.77 50.71 -22.55
CA ARG T 327 13.93 51.14 -23.94
C ARG T 327 12.61 51.04 -24.71
N LEU T 328 11.56 51.59 -24.10
CA LEU T 328 10.21 51.57 -24.66
C LEU T 328 9.66 52.98 -24.86
N GLY T 329 8.87 53.16 -25.91
CA GLY T 329 8.27 54.45 -26.22
C GLY T 329 6.83 54.55 -25.76
N LYS T 330 6.38 55.78 -25.57
CA LYS T 330 5.11 56.03 -24.92
C LYS T 330 4.30 56.99 -25.79
N ARG T 331 3.03 56.66 -26.00
CA ARG T 331 2.16 57.44 -26.87
C ARG T 331 0.72 57.32 -26.40
N GLY T 332 -0.21 58.02 -27.07
CA GLY T 332 -1.61 57.95 -26.72
C GLY T 332 -2.37 56.76 -27.29
N THR T 333 -3.66 56.70 -26.98
CA THR T 333 -4.55 55.67 -27.50
C THR T 333 -4.80 55.90 -28.99
N GLY T 334 -4.50 57.10 -29.46
CA GLY T 334 -4.68 57.46 -30.86
C GLY T 334 -3.37 57.68 -31.59
N GLY T 335 -2.33 57.01 -31.14
CA GLY T 335 -1.02 57.14 -31.74
C GLY T 335 -0.22 58.32 -31.22
N GLU T 336 0.85 58.63 -31.95
CA GLU T 336 1.85 59.62 -31.57
C GLU T 336 1.29 61.00 -31.19
N SER T 337 0.36 61.50 -31.99
CA SER T 337 -0.18 62.83 -31.74
C SER T 337 -1.48 62.83 -30.92
N SER T 338 -1.46 62.12 -29.80
CA SER T 338 -2.59 62.10 -28.86
C SER T 338 -2.14 61.71 -27.44
N LEU T 339 -3.10 61.56 -26.54
CA LEU T 339 -2.81 61.14 -25.17
C LEU T 339 -3.58 59.87 -24.84
N ALA T 340 -3.29 59.30 -23.68
CA ALA T 340 -3.94 58.07 -23.25
C ALA T 340 -5.39 58.30 -22.82
N THR T 341 -6.30 57.52 -23.39
CA THR T 341 -7.71 57.53 -22.99
C THR T 341 -8.00 56.33 -22.09
N ASP T 342 -8.48 56.60 -20.88
CA ASP T 342 -8.81 55.57 -19.90
C ASP T 342 -7.62 54.69 -19.53
N SER T 343 -6.63 55.27 -18.86
CA SER T 343 -5.45 54.55 -18.37
C SER T 343 -4.79 53.65 -19.40
N THR T 344 -5.14 53.82 -20.67
CA THR T 344 -4.63 52.93 -21.70
C THR T 344 -3.62 53.65 -22.60
N TYR T 345 -2.41 53.11 -22.65
CA TYR T 345 -1.30 53.72 -23.40
C TYR T 345 -0.91 52.93 -24.64
N ASP T 346 -0.16 53.57 -25.53
CA ASP T 346 0.49 52.88 -26.63
C ASP T 346 1.93 52.64 -26.18
N ILE T 347 2.27 51.38 -25.96
CA ILE T 347 3.59 50.99 -25.49
C ILE T 347 4.26 50.13 -26.55
N SER T 348 5.48 50.49 -26.94
CA SER T 348 6.13 49.88 -28.07
C SER T 348 7.64 49.86 -27.89
N ASN T 349 8.33 49.07 -28.72
CA ASN T 349 9.78 49.06 -28.71
C ASN T 349 10.31 50.38 -29.25
N TRP T 350 11.22 50.99 -28.49
CA TRP T 350 11.80 52.28 -28.84
C TRP T 350 12.68 52.24 -30.08
N ALA T 351 13.62 51.30 -30.11
CA ALA T 351 14.65 51.29 -31.14
C ALA T 351 14.29 50.38 -32.31
N ARG T 352 14.97 50.55 -33.43
CA ARG T 352 14.64 49.76 -34.60
C ARG T 352 15.88 49.35 -35.40
N LEU T 353 17.00 50.00 -35.06
CA LEU T 353 18.29 49.71 -35.66
C LEU T 353 19.11 49.05 -34.57
N GLY T 354 19.97 48.11 -34.95
CA GLY T 354 20.85 47.49 -33.99
C GLY T 354 20.37 46.15 -33.45
N LYS T 355 19.13 45.81 -33.75
CA LYS T 355 18.58 44.52 -33.36
C LYS T 355 17.64 43.97 -34.43
N SER T 356 17.48 42.66 -34.42
CA SER T 356 16.63 41.98 -35.36
C SER T 356 15.16 42.13 -34.96
N GLU T 357 14.28 41.60 -35.80
CA GLU T 357 12.87 41.80 -35.60
C GLU T 357 12.36 41.01 -34.39
N ARG T 358 12.75 39.74 -34.30
CA ARG T 358 12.30 38.93 -33.18
C ARG T 358 12.74 39.55 -31.84
N GLU T 359 13.99 39.99 -31.78
CA GLU T 359 14.54 40.64 -30.59
C GLU T 359 13.75 41.87 -30.17
N LEU T 360 13.47 42.74 -31.14
CA LEU T 360 12.71 43.95 -30.82
C LEU T 360 11.34 43.63 -30.22
N VAL T 361 10.62 42.67 -30.82
CA VAL T 361 9.33 42.22 -30.29
C VAL T 361 9.50 41.56 -28.92
N GLN T 362 10.65 40.92 -28.69
CA GLN T 362 10.94 40.31 -27.40
C GLN T 362 11.18 41.36 -26.33
N VAL T 363 11.88 42.42 -26.70
CA VAL T 363 12.09 43.58 -25.82
C VAL T 363 10.77 44.23 -25.41
N LEU T 364 9.74 44.10 -26.24
CA LEU T 364 8.42 44.62 -25.91
C LEU T 364 7.68 43.65 -24.99
N VAL T 365 7.82 42.36 -25.29
CA VAL T 365 7.25 41.33 -24.43
C VAL T 365 7.72 41.48 -22.99
N ASP T 366 9.03 41.58 -22.81
CA ASP T 366 9.62 41.66 -21.47
C ASP T 366 9.20 42.92 -20.74
N GLY T 367 9.13 44.04 -21.47
CA GLY T 367 8.73 45.29 -20.87
C GLY T 367 7.30 45.26 -20.37
N VAL T 368 6.40 44.75 -21.21
CA VAL T 368 4.99 44.67 -20.81
C VAL T 368 4.80 43.65 -19.68
N ASN T 369 5.45 42.50 -19.78
CA ASN T 369 5.45 41.53 -18.67
C ASN T 369 5.78 42.18 -17.32
N LEU T 370 6.84 43.01 -17.28
CA LEU T 370 7.19 43.73 -16.05
C LEU T 370 6.16 44.79 -15.68
N LEU T 371 5.82 45.65 -16.64
CA LEU T 371 4.84 46.71 -16.43
C LEU T 371 3.56 46.12 -15.86
N ILE T 372 3.15 44.98 -16.41
CA ILE T 372 1.98 44.26 -15.92
C ILE T 372 2.21 43.71 -14.51
N ALA T 373 3.43 43.23 -14.26
CA ALA T 373 3.81 42.77 -12.94
C ALA T 373 3.77 43.91 -11.92
N CYS T 374 4.12 45.11 -12.38
CA CYS T 374 4.23 46.27 -11.50
C CYS T 374 2.87 46.87 -11.16
N ASP T 375 1.92 46.72 -12.07
CA ASP T 375 0.57 47.23 -11.81
C ASP T 375 -0.13 46.40 -10.72
N LYS T 376 0.03 45.07 -10.81
CA LYS T 376 -0.58 44.16 -9.84
C LYS T 376 0.01 44.38 -8.45
N LYS T 377 1.33 44.54 -8.37
CA LYS T 377 1.98 44.85 -7.11
C LYS T 377 1.36 46.08 -6.47
N LEU T 378 1.28 47.17 -7.22
CA LEU T 378 0.75 48.42 -6.70
C LEU T 378 -0.69 48.25 -6.25
N GLU T 379 -1.47 47.53 -7.06
CA GLU T 379 -2.87 47.23 -6.73
C GLU T 379 -3.01 46.62 -5.33
N ALA T 380 -2.19 45.62 -5.03
CA ALA T 380 -2.19 45.00 -3.71
C ALA T 380 -1.33 45.77 -2.70
N GLY T 381 -1.48 47.10 -2.70
CA GLY T 381 -0.77 47.99 -1.78
C GLY T 381 0.66 47.60 -1.49
N GLN T 382 1.42 47.25 -2.53
CA GLN T 382 2.78 46.78 -2.35
C GLN T 382 3.76 47.66 -3.13
N SER T 383 5.06 47.41 -2.96
CA SER T 383 6.07 48.27 -3.58
C SER T 383 6.81 47.58 -4.70
N ILE T 384 7.41 48.39 -5.58
CA ILE T 384 8.07 47.86 -6.76
C ILE T 384 9.52 48.35 -6.85
N ASP T 385 9.90 49.15 -5.85
CA ASP T 385 11.27 49.63 -5.66
C ASP T 385 12.34 48.78 -6.36
N ASP T 386 12.25 47.47 -6.13
CA ASP T 386 13.29 46.52 -6.53
C ASP T 386 13.01 45.87 -7.89
N MET T 387 11.86 46.22 -8.46
CA MET T 387 11.43 45.67 -9.73
C MET T 387 11.94 46.56 -10.85
N ILE T 388 12.03 47.85 -10.56
CA ILE T 388 12.51 48.85 -11.49
C ILE T 388 13.99 48.67 -11.82
N PRO T 389 14.32 48.65 -13.12
CA PRO T 389 15.70 48.50 -13.57
C PRO T 389 16.63 49.45 -12.82
N LYS T 390 17.87 49.03 -12.62
CA LYS T 390 18.85 49.88 -11.94
C LYS T 390 19.61 50.73 -12.94
N LYS U 24 36.40 -12.61 -34.52
CA LYS U 24 35.54 -13.77 -34.68
C LYS U 24 34.04 -13.41 -34.62
N PHE U 25 33.71 -12.41 -33.81
CA PHE U 25 32.32 -11.96 -33.71
C PHE U 25 32.07 -10.65 -34.43
N LYS U 26 31.08 -10.67 -35.33
CA LYS U 26 30.62 -9.45 -35.98
C LYS U 26 29.76 -8.64 -35.01
N ALA U 27 29.12 -7.59 -35.52
CA ALA U 27 28.27 -6.73 -34.70
C ALA U 27 26.86 -7.27 -34.56
N ALA U 28 26.38 -8.02 -35.55
CA ALA U 28 25.06 -8.62 -35.44
C ALA U 28 25.00 -9.56 -34.24
N ASP U 29 26.05 -10.35 -34.08
CA ASP U 29 26.17 -11.31 -32.99
C ASP U 29 25.92 -10.65 -31.64
N ASN U 30 26.37 -9.40 -31.50
CA ASN U 30 26.42 -8.78 -30.19
C ASN U 30 25.29 -7.78 -29.98
N PHE U 31 24.35 -7.74 -30.93
CA PHE U 31 23.17 -6.89 -30.84
C PHE U 31 22.23 -7.39 -29.72
N PRO U 32 21.80 -6.48 -28.85
CA PRO U 32 20.99 -6.90 -27.69
C PRO U 32 19.51 -7.16 -28.00
N ASP U 33 18.95 -8.15 -27.30
CA ASP U 33 17.51 -8.44 -27.37
C ASP U 33 16.77 -7.37 -26.59
N LEU U 34 16.26 -6.36 -27.29
CA LEU U 34 15.52 -5.25 -26.68
C LEU U 34 14.03 -5.36 -26.99
N SER U 35 13.62 -6.56 -27.40
CA SER U 35 12.21 -6.88 -27.60
C SER U 35 11.32 -6.32 -26.52
N LYS U 36 11.73 -6.49 -25.27
CA LYS U 36 10.87 -6.19 -24.13
C LYS U 36 11.14 -4.84 -23.49
N HIS U 37 12.04 -4.05 -24.07
CA HIS U 37 12.47 -2.80 -23.43
C HIS U 37 11.64 -1.57 -23.78
N ASN U 38 11.48 -0.67 -22.80
CA ASN U 38 10.82 0.61 -23.03
C ASN U 38 11.66 1.76 -22.47
N ASN U 39 12.65 2.18 -23.25
CA ASN U 39 13.49 3.32 -22.92
C ASN U 39 14.01 3.97 -24.19
N VAL U 40 14.30 5.26 -24.14
CA VAL U 40 14.73 6.00 -25.32
C VAL U 40 15.78 5.22 -26.11
N MET U 41 16.75 4.69 -25.39
CA MET U 41 17.82 3.90 -25.99
C MET U 41 17.23 2.80 -26.90
N ALA U 42 16.25 2.06 -26.39
CA ALA U 42 15.67 0.93 -27.14
C ALA U 42 14.87 1.39 -28.34
N SER U 43 14.24 2.55 -28.21
CA SER U 43 13.41 3.10 -29.29
C SER U 43 14.24 3.56 -30.47
N GLN U 44 15.49 3.92 -30.21
CA GLN U 44 16.32 4.65 -31.17
C GLN U 44 17.37 3.79 -31.86
N LEU U 45 17.81 2.74 -31.17
CA LEU U 45 18.82 1.82 -31.69
C LEU U 45 18.36 1.05 -32.94
N THR U 46 19.16 1.12 -34.00
CA THR U 46 19.01 0.24 -35.16
C THR U 46 20.22 -0.64 -35.22
N LYS U 47 20.06 -1.86 -35.73
CA LYS U 47 21.20 -2.72 -35.98
C LYS U 47 22.27 -2.00 -36.82
N GLU U 48 21.81 -1.27 -37.83
CA GLU U 48 22.70 -0.44 -38.65
C GLU U 48 23.65 0.35 -37.79
N LEU U 49 23.08 1.24 -36.98
CA LEU U 49 23.85 2.10 -36.10
C LEU U 49 24.78 1.32 -35.17
N TYR U 50 24.34 0.16 -34.71
CA TYR U 50 25.15 -0.64 -33.80
C TYR U 50 26.41 -1.13 -34.49
N GLU U 51 26.24 -1.57 -35.72
CA GLU U 51 27.36 -2.06 -36.52
C GLU U 51 28.38 -0.95 -36.81
N LYS U 52 27.90 0.25 -37.09
CA LYS U 52 28.77 1.38 -37.41
C LYS U 52 29.59 1.85 -36.21
N TYR U 53 28.98 1.81 -35.03
CA TYR U 53 29.61 2.34 -33.84
C TYR U 53 30.25 1.30 -32.93
N TRP U 54 29.68 0.10 -32.89
CA TRP U 54 30.08 -0.89 -31.88
C TRP U 54 31.60 -0.99 -31.66
N ASP U 55 32.39 -0.98 -32.73
CA ASP U 55 33.85 -1.09 -32.58
C ASP U 55 34.59 0.26 -32.66
N LYS U 56 33.84 1.34 -32.43
CA LYS U 56 34.43 2.68 -32.35
C LYS U 56 34.63 3.07 -30.90
N VAL U 57 35.82 3.55 -30.58
CA VAL U 57 36.18 3.95 -29.23
C VAL U 57 36.56 5.43 -29.15
N THR U 58 36.16 6.09 -28.06
CA THR U 58 36.56 7.48 -27.80
C THR U 58 38.04 7.51 -27.47
N PRO U 59 38.64 8.70 -27.53
CA PRO U 59 40.03 8.97 -27.17
C PRO U 59 40.42 8.65 -25.72
N ASN U 60 39.45 8.31 -24.87
CA ASN U 60 39.75 7.96 -23.47
C ASN U 60 39.49 6.48 -23.14
N GLY U 61 39.09 5.70 -24.15
CA GLY U 61 38.85 4.27 -23.97
C GLY U 61 37.40 3.89 -23.72
N VAL U 62 36.48 4.80 -24.04
CA VAL U 62 35.05 4.55 -23.88
C VAL U 62 34.44 3.90 -25.13
N THR U 63 33.59 2.90 -24.92
CA THR U 63 33.01 2.13 -26.02
C THR U 63 31.50 2.40 -26.15
N PHE U 64 30.91 2.01 -27.28
CA PHE U 64 29.48 2.22 -27.50
C PHE U 64 28.61 1.35 -26.60
N ASP U 65 29.12 0.17 -26.24
CA ASP U 65 28.41 -0.73 -25.33
C ASP U 65 28.37 -0.16 -23.92
N LYS U 66 29.35 0.69 -23.62
CA LYS U 66 29.43 1.35 -22.33
C LYS U 66 28.30 2.35 -22.20
N CYS U 67 27.97 3.02 -23.30
CA CYS U 67 27.02 4.12 -23.25
C CYS U 67 25.58 3.65 -23.11
N ILE U 68 25.29 2.50 -23.71
CA ILE U 68 23.95 1.94 -23.68
C ILE U 68 23.79 0.77 -22.71
N GLN U 69 24.86 0.40 -22.01
CA GLN U 69 24.75 -0.74 -21.11
C GLN U 69 23.60 -0.58 -20.09
N THR U 70 23.42 0.63 -19.57
CA THR U 70 22.34 0.85 -18.61
C THR U 70 20.98 0.56 -19.25
N GLY U 71 20.76 1.07 -20.47
CA GLY U 71 19.53 0.78 -21.20
C GLY U 71 19.23 -0.69 -21.36
N VAL U 72 20.16 -1.43 -21.96
CA VAL U 72 20.04 -2.88 -22.09
C VAL U 72 19.72 -3.54 -20.74
N ASP U 73 20.39 -3.10 -19.68
CA ASP U 73 20.14 -3.65 -18.34
C ASP U 73 18.75 -3.31 -17.79
N ASN U 74 18.17 -2.19 -18.22
CA ASN U 74 16.91 -1.71 -17.66
C ASN U 74 15.72 -1.61 -18.66
N PRO U 75 14.96 -2.71 -18.82
CA PRO U 75 13.81 -2.72 -19.75
C PRO U 75 12.64 -1.86 -19.30
N GLY U 76 12.47 -1.69 -17.99
CA GLY U 76 11.31 -1.00 -17.46
C GLY U 76 11.51 -0.46 -16.04
N ASN U 77 10.60 0.42 -15.62
CA ASN U 77 10.76 1.15 -14.36
C ASN U 77 9.57 1.03 -13.39
N LYS U 78 9.87 0.69 -12.15
CA LYS U 78 8.86 0.60 -11.08
C LYS U 78 8.28 1.97 -10.73
N PHE U 79 9.01 3.01 -11.12
CA PHE U 79 8.60 4.38 -10.84
C PHE U 79 7.97 5.02 -12.09
N TYR U 80 7.79 6.33 -12.08
CA TYR U 80 7.03 6.99 -13.15
C TYR U 80 7.86 7.33 -14.37
N GLY U 81 7.31 7.09 -15.55
CA GLY U 81 7.90 7.62 -16.78
C GLY U 81 8.88 6.73 -17.51
N LYS U 82 9.24 7.15 -18.72
CA LYS U 82 10.14 6.41 -19.57
C LYS U 82 11.55 6.90 -19.38
N LYS U 83 12.50 5.96 -19.38
CA LYS U 83 13.90 6.30 -19.14
C LYS U 83 14.65 6.45 -20.46
N THR U 84 15.84 7.03 -20.36
CA THR U 84 16.67 7.29 -21.52
C THR U 84 17.38 6.02 -21.94
N GLY U 85 18.08 5.39 -21.00
CA GLY U 85 18.78 4.15 -21.25
C GLY U 85 20.21 4.30 -21.77
N CYS U 86 20.75 5.51 -21.74
CA CYS U 86 22.09 5.75 -22.26
C CYS U 86 22.78 6.91 -21.53
N VAL U 87 24.11 6.89 -21.54
CA VAL U 87 24.92 7.92 -20.87
C VAL U 87 26.19 8.23 -21.66
N PHE U 88 26.63 9.48 -21.59
CA PHE U 88 27.97 9.85 -22.04
C PHE U 88 28.99 9.41 -20.99
N GLY U 89 30.10 8.86 -21.46
CA GLY U 89 31.15 8.40 -20.56
C GLY U 89 32.29 9.38 -20.52
N ASP U 90 32.37 10.24 -21.54
CA ASP U 90 33.27 11.39 -21.54
C ASP U 90 32.77 12.50 -22.48
N GLU U 91 33.64 13.46 -22.77
CA GLU U 91 33.20 14.66 -23.47
C GLU U 91 33.32 14.47 -24.99
N TYR U 92 33.91 13.35 -25.41
CA TYR U 92 34.01 13.03 -26.82
C TYR U 92 32.88 12.13 -27.30
N SER U 93 32.14 11.56 -26.35
CA SER U 93 31.17 10.50 -26.65
C SER U 93 30.02 10.97 -27.55
N TYR U 94 29.66 12.25 -27.44
CA TYR U 94 28.56 12.77 -28.22
C TYR U 94 28.88 12.76 -29.70
N GLU U 95 30.02 13.34 -30.04
CA GLU U 95 30.45 13.44 -31.43
C GLU U 95 30.89 12.09 -31.96
N CYS U 96 31.14 11.16 -31.05
CA CYS U 96 31.65 9.86 -31.44
C CYS U 96 30.52 8.95 -31.90
N TYR U 97 29.34 9.16 -31.32
CA TYR U 97 28.20 8.32 -31.62
C TYR U 97 27.03 9.21 -32.05
N LYS U 98 27.39 10.33 -32.65
CA LYS U 98 26.47 11.44 -32.91
C LYS U 98 25.17 11.07 -33.64
N GLU U 99 25.23 10.09 -34.54
CA GLU U 99 24.06 9.74 -35.35
C GLU U 99 22.99 9.03 -34.52
N PHE U 100 23.40 8.50 -33.37
CA PHE U 100 22.51 7.83 -32.43
C PHE U 100 21.97 8.82 -31.41
N PHE U 101 22.88 9.45 -30.67
CA PHE U 101 22.52 10.43 -29.64
C PHE U 101 21.61 11.53 -30.18
N ASP U 102 21.70 11.79 -31.48
CA ASP U 102 20.86 12.83 -32.08
C ASP U 102 19.40 12.41 -32.14
N LYS U 103 19.15 11.17 -32.54
CA LYS U 103 17.84 10.57 -32.44
C LYS U 103 17.34 10.64 -31.00
N CYS U 104 18.13 10.10 -30.07
CA CYS U 104 17.81 10.17 -28.65
C CYS U 104 17.43 11.58 -28.30
N ILE U 105 18.39 12.49 -28.48
CA ILE U 105 18.22 13.89 -28.14
C ILE U 105 16.89 14.46 -28.63
N GLU U 106 16.49 14.10 -29.84
CA GLU U 106 15.25 14.59 -30.41
C GLU U 106 14.00 13.97 -29.77
N GLU U 107 14.09 12.71 -29.36
CA GLU U 107 12.96 12.10 -28.65
C GLU U 107 12.75 12.83 -27.32
N ILE U 108 13.86 13.19 -26.68
CA ILE U 108 13.82 13.77 -25.34
C ILE U 108 13.50 15.26 -25.33
N HIS U 109 14.30 16.05 -26.02
CA HIS U 109 14.18 17.51 -25.92
C HIS U 109 13.28 18.15 -26.97
N HIS U 110 12.99 17.42 -28.04
CA HIS U 110 12.30 17.98 -29.23
C HIS U 110 13.23 18.88 -30.04
N PHE U 111 14.51 18.51 -30.07
CA PHE U 111 15.58 19.33 -30.63
C PHE U 111 16.29 18.56 -31.75
N LYS U 112 16.33 19.14 -32.96
CA LYS U 112 16.87 18.44 -34.13
C LYS U 112 18.32 18.78 -34.41
N PRO U 113 19.06 17.86 -35.06
CA PRO U 113 20.49 18.07 -35.37
C PRO U 113 20.79 19.44 -36.00
N SER U 114 19.81 20.02 -36.69
CA SER U 114 20.01 21.30 -37.36
C SER U 114 19.69 22.50 -36.45
N ASP U 115 19.10 22.21 -35.29
CA ASP U 115 18.82 23.25 -34.29
C ASP U 115 20.09 23.74 -33.58
N LYS U 116 19.93 24.71 -32.69
CA LYS U 116 21.04 25.26 -31.93
C LYS U 116 20.54 25.72 -30.56
N HIS U 117 21.43 25.75 -29.57
CA HIS U 117 21.02 26.11 -28.22
C HIS U 117 21.07 27.63 -28.07
N PRO U 118 20.00 28.22 -27.50
CA PRO U 118 19.89 29.67 -27.30
C PRO U 118 20.81 30.17 -26.21
N ALA U 119 21.14 31.46 -26.22
CA ALA U 119 22.04 32.04 -25.22
C ALA U 119 21.42 32.02 -23.83
N PRO U 120 22.27 31.86 -22.80
CA PRO U 120 21.83 31.81 -21.41
C PRO U 120 20.99 33.01 -21.03
N ASP U 121 19.78 32.75 -20.52
CA ASP U 121 18.95 33.81 -19.95
C ASP U 121 18.60 33.44 -18.52
N LEU U 122 19.18 34.16 -17.57
CA LEU U 122 18.96 33.87 -16.16
C LEU U 122 18.23 35.01 -15.43
N ASP U 123 17.48 35.80 -16.19
CA ASP U 123 16.83 36.99 -15.66
C ASP U 123 15.44 36.68 -15.08
N HIS U 124 15.38 36.49 -13.77
CA HIS U 124 14.14 36.13 -13.10
C HIS U 124 13.03 37.19 -13.22
N ASN U 125 13.41 38.44 -13.46
CA ASN U 125 12.42 39.52 -13.55
C ASN U 125 11.59 39.49 -14.83
N LYS U 126 11.99 38.66 -15.79
CA LYS U 126 11.17 38.43 -16.98
C LYS U 126 10.13 37.34 -16.71
N LEU U 127 10.30 36.63 -15.59
CA LEU U 127 9.38 35.57 -15.19
C LEU U 127 7.97 36.11 -14.92
N VAL U 128 6.96 35.45 -15.49
CA VAL U 128 5.58 35.85 -15.27
C VAL U 128 4.93 34.96 -14.21
N GLY U 129 4.51 35.56 -13.11
CA GLY U 129 4.06 34.82 -11.94
C GLY U 129 5.23 34.10 -11.30
N GLY U 130 4.95 32.98 -10.63
CA GLY U 130 6.01 32.18 -10.04
C GLY U 130 6.06 32.23 -8.53
N VAL U 131 5.01 32.80 -7.91
CA VAL U 131 4.85 32.74 -6.46
C VAL U 131 3.52 32.07 -6.12
N PHE U 132 3.58 30.78 -5.81
CA PHE U 132 2.38 29.97 -5.64
C PHE U 132 1.84 29.98 -4.20
N GLU U 133 0.61 29.49 -4.07
CA GLU U 133 -0.07 29.29 -2.80
C GLU U 133 0.63 28.20 -2.01
N ASP U 134 0.97 28.47 -0.76
CA ASP U 134 1.65 27.49 0.10
C ASP U 134 0.75 26.28 0.37
N LYS U 135 -0.54 26.46 0.15
CA LYS U 135 -1.51 25.39 0.36
C LYS U 135 -1.30 24.27 -0.66
N TYR U 136 -0.79 24.63 -1.84
CA TYR U 136 -0.59 23.65 -2.92
C TYR U 136 0.87 23.27 -3.18
N VAL U 137 1.75 24.26 -3.21
CA VAL U 137 3.19 24.00 -3.34
C VAL U 137 3.86 23.99 -1.98
N LYS U 138 4.58 22.89 -1.69
CA LYS U 138 5.17 22.65 -0.37
C LYS U 138 6.66 23.05 -0.33
N SER U 139 7.27 23.15 -1.50
CA SER U 139 8.67 23.53 -1.63
C SER U 139 9.09 23.60 -3.08
N CYS U 140 10.14 24.37 -3.36
CA CYS U 140 10.54 24.71 -4.72
C CYS U 140 12.04 24.51 -4.81
N ARG U 141 12.51 24.01 -5.95
CA ARG U 141 13.91 23.72 -6.11
C ARG U 141 14.34 23.83 -7.56
N ILE U 142 15.51 24.43 -7.77
CA ILE U 142 16.09 24.52 -9.10
C ILE U 142 17.48 23.93 -9.04
N ARG U 143 17.95 23.41 -10.16
CA ARG U 143 19.21 22.70 -10.18
C ARG U 143 19.75 22.55 -11.60
N CYS U 144 21.05 22.72 -11.75
CA CYS U 144 21.69 22.42 -13.03
C CYS U 144 22.97 21.63 -12.82
N GLY U 145 23.37 20.89 -13.86
CA GLY U 145 24.57 20.08 -13.81
C GLY U 145 25.71 20.73 -14.53
N ARG U 146 26.94 20.34 -14.21
CA ARG U 146 28.12 20.82 -14.92
C ARG U 146 29.22 19.78 -14.79
N SER U 147 29.96 19.57 -15.88
CA SER U 147 31.04 18.58 -15.90
C SER U 147 32.41 19.25 -16.02
N VAL U 148 33.40 18.67 -15.38
CA VAL U 148 34.76 19.17 -15.47
C VAL U 148 35.49 18.61 -16.71
N LYS U 149 35.57 19.43 -17.75
CA LYS U 149 36.29 19.06 -18.97
C LYS U 149 37.70 18.58 -18.71
N GLY U 150 38.20 17.65 -19.53
CA GLY U 150 39.52 17.10 -19.37
C GLY U 150 39.55 15.82 -18.56
N VAL U 151 38.43 15.50 -17.91
CA VAL U 151 38.27 14.24 -17.20
C VAL U 151 37.05 13.50 -17.76
N CYS U 152 36.95 12.22 -17.44
CA CYS U 152 35.79 11.44 -17.83
C CYS U 152 34.62 11.71 -16.91
N LEU U 153 33.42 11.63 -17.48
CA LEU U 153 32.19 11.71 -16.72
C LEU U 153 32.13 10.46 -15.86
N PRO U 154 31.38 10.51 -14.75
CA PRO U 154 31.34 9.45 -13.73
C PRO U 154 31.26 7.97 -14.16
N PRO U 155 30.50 7.62 -15.20
CA PRO U 155 30.41 6.18 -15.55
C PRO U 155 31.76 5.53 -15.94
N ALA U 156 32.73 6.32 -16.38
CA ALA U 156 34.01 5.77 -16.80
C ALA U 156 35.21 6.29 -15.99
N MET U 157 34.97 7.27 -15.13
CA MET U 157 36.06 7.96 -14.45
C MET U 157 36.80 7.11 -13.39
N SER U 158 38.11 7.33 -13.27
CA SER U 158 38.94 6.60 -12.33
C SER U 158 38.92 7.26 -10.98
N ARG U 159 39.30 6.52 -9.94
CA ARG U 159 39.41 7.09 -8.61
C ARG U 159 40.33 8.31 -8.64
N ALA U 160 41.39 8.22 -9.44
CA ALA U 160 42.32 9.33 -9.66
C ALA U 160 41.65 10.58 -10.22
N GLU U 161 40.78 10.38 -11.21
CA GLU U 161 40.06 11.46 -11.87
C GLU U 161 39.00 12.06 -10.95
N ARG U 162 38.49 11.22 -10.06
CA ARG U 162 37.40 11.59 -9.17
C ARG U 162 37.90 12.32 -7.94
N ARG U 163 39.13 12.01 -7.53
CA ARG U 163 39.74 12.70 -6.40
C ARG U 163 40.23 14.06 -6.86
N LEU U 164 40.43 14.17 -8.17
CA LEU U 164 40.88 15.42 -8.78
C LEU U 164 39.74 16.41 -8.95
N VAL U 165 38.63 15.94 -9.51
CA VAL U 165 37.47 16.79 -9.71
C VAL U 165 36.99 17.30 -8.34
N GLU U 166 37.15 16.48 -7.30
CA GLU U 166 36.71 16.87 -5.95
C GLU U 166 37.58 17.96 -5.31
N LYS U 167 38.90 17.82 -5.48
CA LYS U 167 39.85 18.83 -5.03
C LYS U 167 39.59 20.16 -5.72
N VAL U 168 39.67 20.14 -7.04
CA VAL U 168 39.43 21.33 -7.86
C VAL U 168 38.10 21.99 -7.53
N VAL U 169 37.04 21.20 -7.50
CA VAL U 169 35.72 21.79 -7.27
C VAL U 169 35.63 22.39 -5.88
N SER U 170 36.01 21.65 -4.85
CA SER U 170 35.87 22.16 -3.49
C SER U 170 36.68 23.43 -3.26
N ASP U 171 37.94 23.41 -3.71
CA ASP U 171 38.80 24.58 -3.58
C ASP U 171 38.14 25.83 -4.16
N ALA U 172 37.66 25.74 -5.40
CA ALA U 172 37.07 26.87 -6.11
C ALA U 172 35.82 27.41 -5.43
N LEU U 173 35.16 26.54 -4.67
CA LEU U 173 33.95 26.91 -3.96
C LEU U 173 34.30 27.72 -2.71
N GLY U 174 35.59 27.83 -2.42
CA GLY U 174 36.06 28.62 -1.30
C GLY U 174 36.00 30.11 -1.57
N GLY U 175 35.90 30.47 -2.84
CA GLY U 175 35.86 31.88 -3.23
C GLY U 175 34.48 32.51 -3.24
N LEU U 176 33.44 31.73 -2.97
CA LEU U 176 32.07 32.24 -2.90
C LEU U 176 31.88 33.12 -1.67
N LYS U 177 31.23 34.28 -1.85
CA LYS U 177 31.17 35.29 -0.81
C LYS U 177 29.77 35.57 -0.29
N GLY U 178 29.71 36.13 0.93
CA GLY U 178 28.48 36.57 1.52
C GLY U 178 27.50 35.47 1.88
N ASP U 179 26.27 35.60 1.39
CA ASP U 179 25.22 34.62 1.68
C ASP U 179 25.35 33.33 0.86
N LEU U 180 26.30 33.31 -0.09
CA LEU U 180 26.61 32.12 -0.87
C LEU U 180 27.91 31.48 -0.41
N ALA U 181 28.35 31.82 0.80
CA ALA U 181 29.60 31.29 1.35
C ALA U 181 29.30 30.16 2.33
N GLY U 182 29.93 29.00 2.10
CA GLY U 182 29.70 27.85 2.94
C GLY U 182 30.89 26.93 3.16
N LYS U 183 30.60 25.67 3.45
CA LYS U 183 31.64 24.70 3.75
C LYS U 183 31.38 23.37 3.05
N TYR U 184 32.45 22.76 2.55
CA TYR U 184 32.35 21.46 1.91
C TYR U 184 32.35 20.34 2.94
N TYR U 185 31.40 19.41 2.80
CA TYR U 185 31.37 18.23 3.65
C TYR U 185 31.53 16.96 2.81
N PRO U 186 32.72 16.36 2.86
CA PRO U 186 33.02 15.09 2.20
C PRO U 186 32.23 13.93 2.80
N LEU U 187 31.89 12.97 1.93
CA LEU U 187 31.00 11.89 2.30
C LEU U 187 31.69 10.80 3.12
N THR U 188 33.01 10.77 3.07
CA THR U 188 33.78 9.72 3.73
C THR U 188 33.98 10.02 5.21
N THR U 189 33.84 11.28 5.58
CA THR U 189 33.92 11.69 6.97
C THR U 189 32.58 12.19 7.52
N MET U 190 31.51 12.02 6.74
CA MET U 190 30.16 12.34 7.22
C MET U 190 29.48 11.09 7.73
N ASN U 191 29.00 11.10 8.97
CA ASN U 191 28.52 9.86 9.59
C ASN U 191 27.16 9.43 9.09
N GLU U 192 26.88 8.14 9.20
CA GLU U 192 25.68 7.58 8.60
C GLU U 192 24.41 8.35 8.97
N LYS U 193 24.33 8.85 10.19
CA LYS U 193 23.13 9.53 10.65
C LYS U 193 23.01 10.97 10.15
N ASP U 194 24.12 11.71 10.13
CA ASP U 194 24.12 13.02 9.50
C ASP U 194 23.54 12.88 8.09
N GLN U 195 24.10 11.92 7.36
CA GLN U 195 23.76 11.60 5.98
C GLN U 195 22.27 11.30 5.74
N GLU U 196 21.79 10.23 6.36
CA GLU U 196 20.37 9.87 6.31
C GLU U 196 19.44 11.02 6.64
N GLN U 197 19.93 11.98 7.43
CA GLN U 197 19.11 13.13 7.83
C GLN U 197 19.14 14.21 6.75
N LEU U 198 20.28 14.37 6.07
CA LEU U 198 20.37 15.28 4.92
C LEU U 198 19.52 14.81 3.74
N ILE U 199 19.50 13.49 3.53
CA ILE U 199 18.73 12.87 2.45
C ILE U 199 17.24 13.06 2.72
N GLU U 200 16.81 12.58 3.88
CA GLU U 200 15.48 12.88 4.39
C GLU U 200 15.01 14.27 4.02
N ASP U 201 15.78 15.26 4.45
CA ASP U 201 15.35 16.64 4.35
C ASP U 201 15.48 17.19 2.94
N HIS U 202 15.86 16.32 2.00
CA HIS U 202 15.83 16.66 0.56
C HIS U 202 17.06 17.42 0.08
N PHE U 203 18.13 17.41 0.87
CA PHE U 203 19.31 18.20 0.55
C PHE U 203 20.38 17.37 -0.15
N LEU U 204 20.58 16.15 0.33
CA LEU U 204 21.67 15.30 -0.13
C LEU U 204 21.16 14.13 -0.96
N PHE U 205 21.90 13.80 -2.01
CA PHE U 205 21.55 12.68 -2.88
C PHE U 205 21.40 11.37 -2.11
N GLU U 206 20.70 10.42 -2.73
CA GLU U 206 20.31 9.18 -2.06
C GLU U 206 21.47 8.21 -1.90
N LYS U 207 21.27 7.20 -1.06
CA LYS U 207 22.22 6.10 -1.03
C LYS U 207 22.28 5.52 -2.44
N PRO U 208 23.47 5.09 -2.87
CA PRO U 208 23.67 4.65 -4.24
C PRO U 208 22.93 3.34 -4.52
N THR U 209 21.65 3.44 -4.90
CA THR U 209 20.84 2.26 -5.21
C THR U 209 19.99 2.51 -6.44
N GLY U 210 20.16 3.68 -7.03
CA GLY U 210 19.43 4.03 -8.24
C GLY U 210 19.81 3.10 -9.37
N ALA U 211 18.83 2.79 -10.22
CA ALA U 211 19.02 1.84 -11.30
C ALA U 211 20.06 2.35 -12.31
N LEU U 212 19.89 3.58 -12.78
CA LEU U 212 20.83 4.17 -13.72
C LEU U 212 22.23 4.24 -13.11
N LEU U 213 22.30 4.75 -11.88
CA LEU U 213 23.57 4.96 -11.19
C LEU U 213 24.42 3.69 -11.11
N THR U 214 23.83 2.61 -10.60
CA THR U 214 24.57 1.36 -10.44
C THR U 214 25.02 0.78 -11.78
N THR U 215 24.04 0.50 -12.64
CA THR U 215 24.25 -0.20 -13.90
C THR U 215 24.97 0.65 -14.97
N SER U 216 25.24 1.91 -14.65
CA SER U 216 26.01 2.78 -15.54
C SER U 216 27.44 2.99 -15.03
N GLY U 217 27.65 2.73 -13.73
CA GLY U 217 28.97 2.78 -13.16
C GLY U 217 29.32 4.01 -12.34
N CYS U 218 28.33 4.77 -11.88
CA CYS U 218 28.60 5.97 -11.08
C CYS U 218 28.62 5.71 -9.57
N ALA U 219 28.67 4.44 -9.17
CA ALA U 219 28.65 4.08 -7.75
C ALA U 219 29.93 3.41 -7.32
N ARG U 220 30.81 3.13 -8.27
CA ARG U 220 32.10 2.50 -7.96
C ARG U 220 32.89 3.27 -6.93
N ASP U 221 33.55 2.54 -6.03
CA ASP U 221 34.50 3.13 -5.11
C ASP U 221 33.83 4.03 -4.06
N TRP U 222 32.52 3.86 -3.91
CA TRP U 222 31.70 4.70 -3.03
C TRP U 222 32.10 4.53 -1.57
N PRO U 223 32.27 5.65 -0.83
CA PRO U 223 31.96 7.04 -1.20
C PRO U 223 33.19 7.93 -1.49
N ASP U 224 34.26 7.30 -2.01
CA ASP U 224 35.49 7.99 -2.43
C ASP U 224 35.14 9.19 -3.31
N GLY U 225 35.76 10.34 -3.04
CA GLY U 225 35.64 11.49 -3.92
C GLY U 225 34.33 12.26 -3.97
N ARG U 226 33.27 11.72 -3.35
CA ARG U 226 31.96 12.39 -3.29
C ARG U 226 31.78 13.28 -2.05
N GLY U 227 31.07 14.38 -2.21
CA GLY U 227 30.71 15.22 -1.08
C GLY U 227 29.62 16.23 -1.37
N ILE U 228 29.26 16.99 -0.33
CA ILE U 228 28.27 18.04 -0.49
C ILE U 228 28.73 19.36 0.09
N TRP U 229 28.60 20.41 -0.71
CA TRP U 229 28.92 21.74 -0.26
C TRP U 229 27.60 22.49 0.00
N HIS U 230 27.56 23.32 1.03
CA HIS U 230 26.38 24.15 1.25
C HIS U 230 26.60 25.31 2.22
N ASN U 231 25.84 26.39 2.01
CA ASN U 231 25.86 27.54 2.90
C ASN U 231 25.08 27.29 4.19
N ASN U 232 25.18 28.21 5.14
CA ASN U 232 24.50 28.05 6.43
C ASN U 232 22.98 27.84 6.30
N GLU U 233 22.35 28.57 5.40
CA GLU U 233 20.89 28.50 5.22
C GLU U 233 20.44 27.26 4.45
N LYS U 234 21.40 26.52 3.91
CA LYS U 234 21.10 25.35 3.08
C LYS U 234 20.08 25.62 1.98
N ASN U 235 20.02 26.86 1.50
CA ASN U 235 19.17 27.17 0.36
C ASN U 235 20.01 27.28 -0.92
N PHE U 236 21.29 26.95 -0.81
CA PHE U 236 22.20 26.92 -1.94
C PHE U 236 23.27 25.86 -1.70
N LEU U 237 23.20 24.79 -2.46
CA LEU U 237 24.10 23.66 -2.27
C LEU U 237 24.81 23.27 -3.55
N VAL U 238 25.81 22.40 -3.42
CA VAL U 238 26.50 21.85 -4.59
C VAL U 238 26.89 20.41 -4.34
N TRP U 239 26.36 19.50 -5.17
CA TRP U 239 26.75 18.09 -5.11
C TRP U 239 28.04 17.88 -5.89
N ILE U 240 28.95 17.09 -5.31
CA ILE U 240 30.20 16.77 -5.96
C ILE U 240 30.33 15.27 -6.21
N ASN U 241 30.31 14.89 -7.49
CA ASN U 241 30.68 13.53 -7.93
C ASN U 241 29.71 12.37 -7.67
N GLU U 242 28.40 12.65 -7.71
CA GLU U 242 27.40 11.59 -7.72
C GLU U 242 27.19 11.12 -9.16
N GLU U 243 26.06 11.50 -9.75
CA GLU U 243 25.80 11.20 -11.15
C GLU U 243 26.68 12.10 -11.99
N ASP U 244 26.75 13.37 -11.60
CA ASP U 244 27.53 14.39 -12.28
C ASP U 244 28.64 14.89 -11.37
N HIS U 245 29.70 15.44 -11.96
CA HIS U 245 30.79 16.03 -11.17
C HIS U 245 30.22 17.11 -10.26
N ILE U 246 29.35 17.94 -10.85
CA ILE U 246 28.81 19.11 -10.18
C ILE U 246 27.29 19.24 -10.35
N ARG U 247 26.60 19.50 -9.24
CA ARG U 247 25.17 19.79 -9.24
C ARG U 247 24.86 21.01 -8.39
N VAL U 248 24.59 22.14 -9.05
CA VAL U 248 24.32 23.41 -8.36
C VAL U 248 22.83 23.54 -8.05
N ILE U 249 22.51 23.59 -6.76
CA ILE U 249 21.11 23.56 -6.29
C ILE U 249 20.67 24.77 -5.48
N SER U 250 19.54 25.37 -5.87
CA SER U 250 18.84 26.31 -4.98
C SER U 250 17.48 25.73 -4.61
N MET U 251 17.07 25.93 -3.37
CA MET U 251 15.76 25.45 -2.91
C MET U 251 15.30 26.14 -1.62
N GLN U 252 13.98 26.07 -1.35
CA GLN U 252 13.42 26.59 -0.11
C GLN U 252 11.97 26.13 0.06
N LYS U 253 11.50 26.06 1.30
CA LYS U 253 10.12 25.72 1.60
C LYS U 253 9.19 26.82 1.16
N GLY U 254 7.91 26.48 0.94
CA GLY U 254 6.93 27.44 0.48
C GLY U 254 6.75 27.37 -1.02
N GLY U 255 6.17 28.41 -1.61
CA GLY U 255 5.78 28.39 -3.00
C GLY U 255 6.47 29.45 -3.83
N ASP U 256 7.49 30.07 -3.26
CA ASP U 256 8.13 31.21 -3.90
C ASP U 256 9.18 30.81 -4.92
N LEU U 257 8.75 30.19 -6.02
CA LEU U 257 9.67 29.69 -7.05
C LEU U 257 10.57 30.79 -7.59
N LYS U 258 10.00 31.99 -7.75
CA LYS U 258 10.70 33.16 -8.30
C LYS U 258 11.96 33.55 -7.51
N ALA U 259 11.81 33.65 -6.19
CA ALA U 259 12.95 33.90 -5.30
C ALA U 259 14.01 32.81 -5.46
N VAL U 260 13.57 31.57 -5.60
CA VAL U 260 14.45 30.41 -5.77
C VAL U 260 15.36 30.58 -7.00
N PHE U 261 14.80 31.19 -8.03
CA PHE U 261 15.47 31.41 -9.32
C PHE U 261 16.43 32.61 -9.28
N SER U 262 16.08 33.60 -8.48
CA SER U 262 16.93 34.75 -8.21
C SER U 262 18.21 34.31 -7.51
N ARG U 263 18.06 33.40 -6.54
CA ARG U 263 19.21 32.85 -5.83
C ARG U 263 19.99 31.89 -6.72
N PHE U 264 19.27 31.13 -7.56
CA PHE U 264 19.90 30.15 -8.43
C PHE U 264 20.86 30.83 -9.40
N ALA U 265 20.45 32.00 -9.90
CA ALA U 265 21.19 32.69 -10.96
C ALA U 265 22.37 33.50 -10.42
N ARG U 266 22.17 34.16 -9.28
CA ARG U 266 23.28 34.81 -8.59
C ARG U 266 24.40 33.80 -8.38
N GLY U 267 24.11 32.78 -7.57
CA GLY U 267 25.10 31.78 -7.20
C GLY U 267 25.76 31.10 -8.38
N LEU U 268 24.96 30.51 -9.27
CA LEU U 268 25.48 29.77 -10.42
C LEU U 268 26.40 30.60 -11.30
N LEU U 269 26.02 31.84 -11.58
CA LEU U 269 26.90 32.74 -12.31
C LEU U 269 28.24 32.80 -11.58
N GLU U 270 28.16 33.01 -10.28
CA GLU U 270 29.33 33.08 -9.42
C GLU U 270 30.21 31.83 -9.48
N VAL U 271 29.59 30.64 -9.46
CA VAL U 271 30.36 29.40 -9.49
C VAL U 271 31.07 29.21 -10.84
N GLU U 272 30.44 29.65 -11.92
CA GLU U 272 31.06 29.57 -13.23
C GLU U 272 32.27 30.50 -13.32
N ARG U 273 32.18 31.65 -12.68
CA ARG U 273 33.26 32.63 -12.66
C ARG U 273 34.46 32.15 -11.82
N LEU U 274 34.18 31.57 -10.66
CA LEU U 274 35.24 31.05 -9.81
C LEU U 274 35.91 29.85 -10.48
N MET U 275 35.15 29.15 -11.32
CA MET U 275 35.69 28.00 -12.05
C MET U 275 36.59 28.46 -13.18
N LYS U 276 36.07 29.37 -14.00
CA LYS U 276 36.82 29.98 -15.08
C LYS U 276 38.10 30.61 -14.56
N GLU U 277 37.99 31.26 -13.41
CA GLU U 277 39.09 31.98 -12.78
C GLU U 277 40.14 31.04 -12.17
N CYS U 278 39.73 29.82 -11.84
CA CYS U 278 40.64 28.82 -11.33
C CYS U 278 41.25 28.01 -12.47
N GLY U 279 40.86 28.36 -13.69
CA GLY U 279 41.37 27.72 -14.89
C GLY U 279 40.85 26.31 -15.11
N HIS U 280 39.60 26.07 -14.72
CA HIS U 280 38.98 24.76 -14.89
C HIS U 280 37.78 24.85 -15.81
N GLY U 281 38.00 24.59 -17.10
CA GLY U 281 36.92 24.60 -18.08
C GLY U 281 35.78 23.67 -17.74
N LEU U 282 34.65 23.87 -18.43
CA LEU U 282 33.47 23.03 -18.26
C LEU U 282 33.07 22.46 -19.61
N MET U 283 32.67 21.20 -19.63
CA MET U 283 32.31 20.56 -20.89
C MET U 283 31.19 21.30 -21.60
N HIS U 284 31.59 22.11 -22.58
CA HIS U 284 30.62 22.90 -23.31
C HIS U 284 30.74 22.65 -24.81
N ASN U 285 29.59 22.59 -25.49
CA ASN U 285 29.50 22.35 -26.92
C ASN U 285 28.62 23.43 -27.58
N ASP U 286 29.05 23.95 -28.72
CA ASP U 286 28.45 25.15 -29.31
C ASP U 286 26.94 25.07 -29.63
N ARG U 287 26.48 23.92 -30.09
CA ARG U 287 25.08 23.71 -30.40
C ARG U 287 24.29 23.31 -29.17
N LEU U 288 24.93 22.55 -28.29
CA LEU U 288 24.20 21.77 -27.28
C LEU U 288 24.19 22.33 -25.86
N GLY U 289 25.01 23.34 -25.60
CA GLY U 289 25.12 23.92 -24.28
C GLY U 289 26.09 23.13 -23.42
N TYR U 290 25.78 23.01 -22.13
CA TYR U 290 26.60 22.21 -21.23
C TYR U 290 26.25 20.75 -21.31
N ILE U 291 27.27 19.91 -21.20
CA ILE U 291 27.08 18.47 -21.28
C ILE U 291 27.40 17.78 -19.95
N CYS U 292 26.53 16.88 -19.55
CA CYS U 292 26.72 16.08 -18.35
C CYS U 292 26.56 14.60 -18.70
N THR U 293 26.24 13.76 -17.72
CA THR U 293 26.26 12.32 -17.94
C THR U 293 25.11 11.84 -18.83
N CYS U 294 23.88 12.27 -18.52
CA CYS U 294 22.71 11.81 -19.27
C CYS U 294 22.22 12.82 -20.33
N PRO U 295 21.76 12.29 -21.49
CA PRO U 295 21.32 13.16 -22.59
C PRO U 295 20.11 14.05 -22.26
N THR U 296 19.36 13.75 -21.20
CA THR U 296 18.28 14.63 -20.75
C THR U 296 18.87 15.82 -19.98
N ASN U 297 20.12 15.66 -19.57
CA ASN U 297 20.83 16.70 -18.83
C ASN U 297 21.83 17.43 -19.73
N MET U 298 21.32 18.09 -20.76
CA MET U 298 22.09 18.92 -21.68
C MET U 298 21.53 20.34 -21.69
N GLY U 299 22.23 21.27 -22.35
CA GLY U 299 21.69 22.59 -22.62
C GLY U 299 21.79 23.55 -21.45
N THR U 300 20.67 23.83 -20.81
CA THR U 300 20.65 24.55 -19.55
C THR U 300 21.09 23.57 -18.47
N VAL U 301 20.74 22.30 -18.69
CA VAL U 301 20.95 21.24 -17.70
C VAL U 301 20.15 21.58 -16.46
N VAL U 302 19.09 22.35 -16.65
CA VAL U 302 18.26 22.81 -15.56
C VAL U 302 17.11 21.86 -15.24
N ARG U 303 16.91 21.62 -13.94
CA ARG U 303 15.70 20.99 -13.47
C ARG U 303 15.07 21.87 -12.40
N ALA U 304 14.05 22.61 -12.79
CA ALA U 304 13.28 23.40 -11.85
C ALA U 304 12.09 22.55 -11.46
N SER U 305 11.90 22.37 -10.16
CA SER U 305 10.77 21.59 -9.69
C SER U 305 10.02 22.27 -8.56
N VAL U 306 8.79 21.84 -8.35
CA VAL U 306 8.02 22.20 -7.16
C VAL U 306 7.44 20.91 -6.57
N HIS U 307 7.18 20.91 -5.27
CA HIS U 307 6.46 19.80 -4.65
C HIS U 307 4.97 20.16 -4.53
N LEU U 308 4.14 19.50 -5.33
CA LEU U 308 2.76 19.94 -5.54
C LEU U 308 1.76 18.96 -4.93
N ARG U 309 0.76 19.51 -4.25
CA ARG U 309 -0.29 18.74 -3.59
C ARG U 309 -1.55 18.61 -4.46
N LEU U 310 -1.83 17.41 -4.98
CA LEU U 310 -2.95 17.21 -5.91
C LEU U 310 -3.94 16.09 -5.49
N ALA U 311 -4.55 16.25 -4.32
CA ALA U 311 -5.45 15.25 -3.75
C ALA U 311 -6.70 14.96 -4.59
N PHE U 312 -7.05 15.87 -5.49
CA PHE U 312 -8.21 15.65 -6.36
C PHE U 312 -7.83 15.25 -7.77
N LEU U 313 -6.91 16.01 -8.37
CA LEU U 313 -6.51 15.76 -9.75
C LEU U 313 -5.76 14.44 -9.97
N GLU U 314 -5.28 13.82 -8.89
CA GLU U 314 -4.50 12.60 -8.98
C GLU U 314 -5.34 11.38 -9.36
N LYS U 315 -6.64 11.45 -9.07
CA LYS U 315 -7.57 10.37 -9.40
C LYS U 315 -8.07 10.43 -10.84
N HIS U 316 -8.01 11.60 -11.47
CA HIS U 316 -8.53 11.81 -12.81
C HIS U 316 -7.75 11.02 -13.86
N PRO U 317 -8.47 10.30 -14.74
CA PRO U 317 -7.85 9.45 -15.78
C PRO U 317 -6.82 10.15 -16.66
N ARG U 318 -7.05 11.39 -17.02
CA ARG U 318 -6.18 12.09 -17.95
C ARG U 318 -5.09 12.93 -17.30
N PHE U 319 -4.76 12.63 -16.05
CA PHE U 319 -3.74 13.38 -15.29
C PHE U 319 -2.34 13.24 -15.88
N ASP U 320 -1.94 12.00 -16.20
CA ASP U 320 -0.64 11.76 -16.87
C ASP U 320 -0.63 12.23 -18.33
N GLU U 321 -1.77 12.15 -18.99
CA GLU U 321 -1.90 12.63 -20.37
C GLU U 321 -1.63 14.14 -20.45
N MET U 322 -2.25 14.89 -19.55
CA MET U 322 -2.01 16.33 -19.37
C MET U 322 -0.55 16.69 -19.10
N LEU U 323 0.04 16.08 -18.06
CA LEU U 323 1.43 16.32 -17.73
C LEU U 323 2.33 16.15 -18.96
N GLY U 324 2.01 15.16 -19.78
CA GLY U 324 2.79 14.93 -20.99
C GLY U 324 2.63 16.05 -22.00
N LYS U 325 1.37 16.42 -22.26
CA LYS U 325 1.08 17.54 -23.15
C LYS U 325 1.68 18.86 -22.68
N LEU U 326 1.91 18.98 -21.37
CA LEU U 326 2.45 20.21 -20.80
C LEU U 326 3.97 20.25 -20.84
N ARG U 327 4.59 19.11 -21.15
CA ARG U 327 6.04 18.98 -21.18
C ARG U 327 6.64 19.01 -19.76
N LEU U 328 5.93 18.36 -18.83
CA LEU U 328 6.34 18.34 -17.43
C LEU U 328 6.77 16.94 -16.97
N GLY U 329 7.62 16.90 -15.96
CA GLY U 329 8.10 15.63 -15.41
C GLY U 329 7.34 15.24 -14.16
N LYS U 330 7.06 13.94 -14.04
CA LYS U 330 6.35 13.42 -12.87
C LYS U 330 7.27 12.51 -12.05
N ARG U 331 7.37 12.82 -10.76
CA ARG U 331 8.20 12.08 -9.82
C ARG U 331 7.57 12.03 -8.43
N GLY U 332 8.04 11.10 -7.60
CA GLY U 332 7.58 10.96 -6.24
C GLY U 332 8.28 11.92 -5.29
N THR U 333 7.72 12.06 -4.09
CA THR U 333 8.23 13.03 -3.10
C THR U 333 9.73 12.88 -2.85
N GLY U 334 10.17 11.65 -2.63
CA GLY U 334 11.56 11.38 -2.33
C GLY U 334 12.48 11.37 -3.54
N GLY U 335 11.95 11.79 -4.69
CA GLY U 335 12.76 11.87 -5.89
C GLY U 335 12.40 10.89 -6.99
N GLU U 336 13.17 10.96 -8.05
CA GLU U 336 12.95 10.19 -9.25
C GLU U 336 12.74 8.70 -8.96
N SER U 337 13.23 8.24 -7.80
CA SER U 337 13.18 6.82 -7.47
C SER U 337 12.26 6.54 -6.29
N SER U 338 11.21 7.34 -6.19
CA SER U 338 10.17 7.14 -5.19
C SER U 338 8.85 7.45 -5.85
N LEU U 339 7.76 7.17 -5.14
CA LEU U 339 6.43 7.50 -5.62
C LEU U 339 5.88 8.65 -4.80
N ALA U 340 4.71 9.15 -5.17
CA ALA U 340 4.08 10.25 -4.44
C ALA U 340 3.53 9.80 -3.10
N THR U 341 3.62 10.69 -2.10
CA THR U 341 3.04 10.44 -0.79
C THR U 341 2.20 11.65 -0.39
N ASP U 342 1.02 11.39 0.16
CA ASP U 342 0.17 12.47 0.65
C ASP U 342 -0.39 13.25 -0.53
N SER U 343 -0.54 12.58 -1.67
CA SER U 343 -1.00 13.24 -2.89
C SER U 343 -0.02 14.32 -3.31
N THR U 344 1.26 14.13 -3.00
CA THR U 344 2.27 15.12 -3.33
C THR U 344 3.26 14.63 -4.40
N TYR U 345 3.54 15.48 -5.37
CA TYR U 345 4.32 15.09 -6.54
C TYR U 345 5.46 16.06 -6.82
N ASP U 346 6.52 15.53 -7.43
CA ASP U 346 7.65 16.35 -7.84
C ASP U 346 7.43 16.68 -9.30
N ILE U 347 7.03 17.91 -9.58
CA ILE U 347 6.66 18.33 -10.91
C ILE U 347 7.68 19.34 -11.44
N SER U 348 8.36 19.00 -12.54
CA SER U 348 9.35 19.91 -13.08
C SER U 348 9.18 20.09 -14.58
N ASN U 349 10.08 20.86 -15.19
CA ASN U 349 10.18 20.94 -16.62
C ASN U 349 10.84 19.67 -17.15
N TRP U 350 10.36 19.17 -18.27
CA TRP U 350 10.93 17.99 -18.89
C TRP U 350 12.19 18.33 -19.68
N ALA U 351 12.03 19.17 -20.70
CA ALA U 351 13.11 19.50 -21.63
C ALA U 351 14.12 20.48 -21.05
N ARG U 352 15.38 20.36 -21.49
CA ARG U 352 16.46 21.19 -20.94
C ARG U 352 17.33 21.73 -22.07
N LEU U 353 17.19 21.12 -23.25
CA LEU U 353 17.95 21.49 -24.43
C LEU U 353 17.03 22.27 -25.34
N GLY U 354 17.56 23.29 -26.02
CA GLY U 354 16.79 24.05 -27.00
C GLY U 354 16.01 25.24 -26.47
N LYS U 355 15.94 25.38 -25.14
CA LYS U 355 15.23 26.50 -24.55
C LYS U 355 16.06 27.15 -23.45
N SER U 356 15.93 28.47 -23.31
CA SER U 356 16.70 29.19 -22.31
C SER U 356 16.23 28.81 -20.91
N GLU U 357 17.03 29.20 -19.90
CA GLU U 357 16.71 28.89 -18.51
C GLU U 357 15.36 29.47 -18.09
N ARG U 358 15.09 30.70 -18.54
CA ARG U 358 13.91 31.43 -18.13
C ARG U 358 12.60 30.89 -18.73
N GLU U 359 12.63 30.47 -20.00
CA GLU U 359 11.45 29.84 -20.60
C GLU U 359 11.03 28.67 -19.74
N LEU U 360 11.97 27.76 -19.53
CA LEU U 360 11.74 26.48 -18.85
C LEU U 360 11.16 26.62 -17.45
N VAL U 361 11.48 27.72 -16.76
CA VAL U 361 10.84 28.00 -15.50
C VAL U 361 9.46 28.52 -15.79
N GLN U 362 9.31 29.20 -16.93
CA GLN U 362 8.00 29.68 -17.37
C GLN U 362 7.09 28.53 -17.79
N VAL U 363 7.67 27.52 -18.44
CA VAL U 363 6.96 26.28 -18.73
C VAL U 363 6.39 25.65 -17.46
N LEU U 364 7.25 25.50 -16.46
CA LEU U 364 6.85 24.90 -15.19
C LEU U 364 5.77 25.75 -14.55
N VAL U 365 6.02 27.06 -14.41
CA VAL U 365 5.01 27.96 -13.83
C VAL U 365 3.65 27.86 -14.52
N ASP U 366 3.63 28.05 -15.84
CA ASP U 366 2.42 27.87 -16.65
C ASP U 366 1.74 26.51 -16.40
N GLY U 367 2.55 25.44 -16.40
CA GLY U 367 2.06 24.10 -16.15
C GLY U 367 1.48 23.91 -14.76
N VAL U 368 2.14 24.51 -13.77
CA VAL U 368 1.70 24.41 -12.38
C VAL U 368 0.41 25.19 -12.14
N ASN U 369 0.16 26.21 -12.96
CA ASN U 369 -1.08 26.99 -12.87
C ASN U 369 -2.29 26.17 -13.32
N LEU U 370 -2.16 25.53 -14.47
CA LEU U 370 -3.23 24.68 -14.98
C LEU U 370 -3.55 23.48 -14.05
N LEU U 371 -2.56 22.99 -13.32
CA LEU U 371 -2.79 21.87 -12.40
C LEU U 371 -3.50 22.28 -11.10
N ILE U 372 -3.21 23.47 -10.61
CA ILE U 372 -3.90 23.95 -9.42
C ILE U 372 -5.35 24.32 -9.70
N ALA U 373 -5.61 24.86 -10.89
CA ALA U 373 -6.96 25.21 -11.29
C ALA U 373 -7.78 23.96 -11.52
N CYS U 374 -7.22 23.05 -12.33
CA CYS U 374 -7.84 21.75 -12.56
C CYS U 374 -8.14 21.03 -11.25
N ASP U 375 -7.20 21.03 -10.31
CA ASP U 375 -7.45 20.42 -9.02
C ASP U 375 -8.65 21.06 -8.32
N LYS U 376 -8.74 22.40 -8.40
CA LYS U 376 -9.84 23.17 -7.79
C LYS U 376 -11.21 22.81 -8.37
N LYS U 377 -11.36 22.90 -9.68
CA LYS U 377 -12.57 22.49 -10.37
C LYS U 377 -13.04 21.12 -9.87
N LEU U 378 -12.15 20.13 -9.86
CA LEU U 378 -12.50 18.79 -9.42
C LEU U 378 -13.01 18.81 -7.98
N GLU U 379 -12.36 19.61 -7.15
CA GLU U 379 -12.72 19.72 -5.74
C GLU U 379 -14.07 20.39 -5.57
N ALA U 380 -14.51 21.09 -6.62
CA ALA U 380 -15.79 21.78 -6.63
C ALA U 380 -16.86 20.88 -7.24
N GLY U 381 -16.51 19.64 -7.52
CA GLY U 381 -17.43 18.70 -8.14
C GLY U 381 -17.58 18.98 -9.63
N GLN U 382 -16.71 19.84 -10.14
CA GLN U 382 -16.77 20.31 -11.52
C GLN U 382 -15.89 19.46 -12.44
N SER U 383 -16.08 19.61 -13.75
CA SER U 383 -15.30 18.83 -14.71
C SER U 383 -14.18 19.65 -15.35
N ILE U 384 -13.19 18.96 -15.91
CA ILE U 384 -12.02 19.61 -16.46
C ILE U 384 -11.63 19.09 -17.85
N ASP U 385 -12.57 18.43 -18.52
CA ASP U 385 -12.29 17.87 -19.84
C ASP U 385 -11.89 18.97 -20.82
N ASP U 386 -12.49 20.14 -20.65
CA ASP U 386 -12.20 21.32 -21.47
C ASP U 386 -10.78 21.84 -21.28
N MET U 387 -10.30 21.75 -20.03
CA MET U 387 -9.03 22.34 -19.61
C MET U 387 -7.83 21.59 -20.15
N ILE U 388 -7.95 20.28 -20.26
CA ILE U 388 -6.85 19.44 -20.70
C ILE U 388 -6.38 19.91 -22.07
N PRO U 389 -5.06 20.05 -22.23
CA PRO U 389 -4.48 20.60 -23.46
C PRO U 389 -4.93 19.85 -24.69
N LYS U 390 -5.42 20.57 -25.70
CA LYS U 390 -5.83 19.95 -26.96
C LYS U 390 -4.71 19.09 -27.57
N GLN V 6 40.65 -3.78 -34.26
CA GLN V 6 40.20 -4.92 -33.45
C GLN V 6 41.04 -5.11 -32.19
N ASP V 7 42.36 -5.00 -32.34
CA ASP V 7 43.25 -5.14 -31.19
C ASP V 7 43.00 -4.03 -30.17
N TYR V 8 42.78 -2.81 -30.67
CA TYR V 8 42.53 -1.69 -29.78
C TYR V 8 41.18 -1.85 -29.10
N PHE V 9 40.17 -2.21 -29.88
CA PHE V 9 38.82 -2.41 -29.35
C PHE V 9 38.84 -3.48 -28.26
N VAL V 10 39.61 -4.55 -28.49
CA VAL V 10 39.75 -5.65 -27.53
C VAL V 10 40.40 -5.26 -26.21
N LYS V 11 41.54 -4.58 -26.26
CA LYS V 11 42.19 -4.13 -25.02
C LYS V 11 41.44 -2.95 -24.40
N ASN V 12 40.23 -2.70 -24.90
CA ASN V 12 39.36 -1.65 -24.37
C ASN V 12 37.97 -2.15 -23.92
N ARG V 13 37.84 -3.47 -23.85
CA ARG V 13 36.59 -4.13 -23.44
C ARG V 13 35.89 -3.46 -22.25
N VAL V 14 36.64 -3.14 -21.20
CA VAL V 14 36.05 -2.55 -19.99
C VAL V 14 35.15 -1.34 -20.24
N GLY V 15 35.64 -0.34 -20.96
CA GLY V 15 34.82 0.83 -21.25
C GLY V 15 35.07 2.03 -20.35
N HIS V 16 36.05 1.90 -19.44
CA HIS V 16 36.48 3.00 -18.57
C HIS V 16 37.87 3.52 -18.97
N SER V 17 38.13 4.79 -18.64
CA SER V 17 39.44 5.38 -18.90
C SER V 17 40.58 4.51 -18.36
N LYS V 18 41.82 4.90 -18.66
CA LYS V 18 43.00 4.20 -18.18
C LYS V 18 44.04 5.18 -17.65
N PRO V 19 43.99 5.48 -16.33
CA PRO V 19 44.81 6.49 -15.63
C PRO V 19 46.32 6.32 -15.69
N TRP V 20 46.81 5.19 -16.18
CA TRP V 20 48.25 4.89 -16.20
C TRP V 20 48.86 5.31 -17.53
N GLU V 21 48.12 5.17 -18.62
CA GLU V 21 48.72 5.34 -19.93
C GLU V 21 49.26 6.76 -20.25
N SER V 22 48.37 7.75 -20.37
CA SER V 22 48.74 9.13 -20.76
C SER V 22 49.63 9.90 -19.79
N GLY V 23 49.85 9.37 -18.60
CA GLY V 23 50.97 9.80 -17.78
C GLY V 23 50.78 10.98 -16.82
N LYS V 24 49.56 11.37 -16.43
CA LYS V 24 49.46 12.48 -15.45
C LYS V 24 49.27 12.01 -14.01
N PHE V 25 48.87 10.73 -13.86
CA PHE V 25 48.76 10.14 -12.53
C PHE V 25 49.82 9.05 -12.31
N LYS V 26 50.17 8.85 -11.04
CA LYS V 26 50.98 7.70 -10.65
C LYS V 26 50.02 6.65 -10.12
N ALA V 27 50.51 5.45 -9.85
CA ALA V 27 49.70 4.39 -9.28
C ALA V 27 49.08 4.85 -7.97
N ALA V 28 49.89 5.51 -7.15
CA ALA V 28 49.44 5.94 -5.82
C ALA V 28 48.22 6.84 -5.90
N ASP V 29 48.05 7.50 -7.05
CA ASP V 29 46.93 8.42 -7.25
C ASP V 29 45.60 7.67 -7.46
N ASN V 30 45.66 6.43 -7.93
CA ASN V 30 44.46 5.66 -8.18
C ASN V 30 44.24 4.51 -7.17
N PHE V 31 45.12 4.40 -6.17
CA PHE V 31 45.01 3.31 -5.20
C PHE V 31 43.67 3.46 -4.52
N PRO V 32 42.98 2.34 -4.26
CA PRO V 32 41.67 2.36 -3.60
C PRO V 32 41.78 2.57 -2.10
N ASP V 33 40.76 3.16 -1.50
CA ASP V 33 40.71 3.33 -0.05
C ASP V 33 39.98 2.15 0.57
N LEU V 34 40.70 1.36 1.36
CA LEU V 34 40.16 0.15 1.98
C LEU V 34 40.26 0.18 3.51
N SER V 35 40.31 1.39 4.05
CA SER V 35 40.33 1.63 5.50
C SER V 35 39.31 0.79 6.26
N LYS V 36 38.06 0.81 5.77
CA LYS V 36 36.94 0.24 6.50
C LYS V 36 36.46 -1.12 5.96
N HIS V 37 37.19 -1.67 4.99
CA HIS V 37 36.82 -2.92 4.32
C HIS V 37 37.16 -4.20 5.09
N ASN V 38 36.33 -5.23 4.89
CA ASN V 38 36.62 -6.56 5.45
C ASN V 38 36.44 -7.69 4.42
N ASN V 39 37.49 -7.99 3.67
CA ASN V 39 37.43 -9.07 2.68
C ASN V 39 38.81 -9.54 2.19
N VAL V 40 38.83 -10.73 1.59
CA VAL V 40 40.10 -11.32 1.17
C VAL V 40 40.92 -10.32 0.37
N MET V 41 40.33 -9.80 -0.70
CA MET V 41 40.94 -8.79 -1.56
C MET V 41 41.51 -7.60 -0.78
N ALA V 42 40.77 -7.13 0.23
CA ALA V 42 41.17 -5.95 0.98
C ALA V 42 42.30 -6.23 1.93
N SER V 43 42.28 -7.41 2.54
CA SER V 43 43.36 -7.84 3.44
C SER V 43 44.67 -8.13 2.71
N GLN V 44 44.58 -8.52 1.45
CA GLN V 44 45.76 -9.01 0.73
C GLN V 44 46.45 -8.04 -0.24
N LEU V 45 45.79 -6.92 -0.57
CA LEU V 45 46.29 -5.98 -1.57
C LEU V 45 47.23 -4.96 -0.93
N THR V 46 48.35 -4.68 -1.61
CA THR V 46 49.29 -3.71 -1.10
C THR V 46 49.49 -2.58 -2.10
N LYS V 47 50.09 -1.49 -1.64
CA LYS V 47 50.42 -0.36 -2.50
C LYS V 47 51.38 -0.82 -3.57
N GLU V 48 52.20 -1.80 -3.20
CA GLU V 48 53.27 -2.29 -4.05
C GLU V 48 52.73 -3.30 -5.06
N LEU V 49 51.83 -4.17 -4.62
CA LEU V 49 51.14 -5.09 -5.53
C LEU V 49 50.32 -4.30 -6.55
N TYR V 50 49.78 -3.17 -6.14
CA TYR V 50 48.95 -2.40 -7.04
C TYR V 50 49.78 -1.66 -8.09
N GLU V 51 50.83 -1.00 -7.67
CA GLU V 51 51.72 -0.31 -8.62
C GLU V 51 52.28 -1.29 -9.65
N LYS V 52 52.33 -2.57 -9.28
CA LYS V 52 52.90 -3.60 -10.12
C LYS V 52 51.94 -4.10 -11.20
N TYR V 53 50.63 -3.94 -10.97
CA TYR V 53 49.65 -4.58 -11.83
C TYR V 53 48.71 -3.61 -12.53
N TRP V 54 48.50 -2.44 -11.95
CA TRP V 54 47.50 -1.48 -12.43
C TRP V 54 47.64 -1.07 -13.90
N ASP V 55 48.76 -1.41 -14.54
CA ASP V 55 48.99 -1.02 -15.92
C ASP V 55 49.11 -2.24 -16.82
N LYS V 56 48.99 -3.42 -16.21
CA LYS V 56 49.02 -4.68 -16.94
C LYS V 56 47.60 -5.17 -17.32
N VAL V 57 47.32 -5.18 -18.61
CA VAL V 57 46.07 -5.70 -19.13
C VAL V 57 46.28 -7.10 -19.73
N THR V 58 45.19 -7.88 -19.82
CA THR V 58 45.22 -9.24 -20.36
C THR V 58 45.06 -9.21 -21.88
N PRO V 59 45.20 -10.38 -22.52
CA PRO V 59 44.94 -10.43 -23.97
C PRO V 59 43.48 -10.05 -24.32
N ASN V 60 42.57 -10.20 -23.34
CA ASN V 60 41.16 -9.90 -23.52
C ASN V 60 40.73 -8.52 -23.00
N GLY V 61 41.70 -7.65 -22.78
CA GLY V 61 41.43 -6.29 -22.35
C GLY V 61 41.04 -6.18 -20.89
N VAL V 62 41.13 -7.29 -20.15
CA VAL V 62 40.76 -7.32 -18.74
C VAL V 62 41.78 -6.59 -17.86
N THR V 63 41.32 -5.60 -17.09
CA THR V 63 42.20 -4.82 -16.25
C THR V 63 42.28 -5.40 -14.83
N PHE V 64 43.36 -5.07 -14.12
CA PHE V 64 43.46 -5.41 -12.71
C PHE V 64 42.22 -4.91 -11.95
N ASP V 65 41.94 -3.62 -12.02
CA ASP V 65 40.79 -3.05 -11.29
C ASP V 65 39.49 -3.78 -11.61
N LYS V 66 39.28 -4.14 -12.86
CA LYS V 66 38.09 -4.92 -13.20
C LYS V 66 38.04 -6.15 -12.29
N CYS V 67 39.20 -6.74 -12.04
CA CYS V 67 39.29 -7.92 -11.18
C CYS V 67 39.00 -7.64 -9.70
N ILE V 68 39.52 -6.55 -9.14
CA ILE V 68 39.32 -6.28 -7.71
C ILE V 68 38.12 -5.37 -7.37
N GLN V 69 37.39 -4.92 -8.39
CA GLN V 69 36.35 -3.89 -8.22
C GLN V 69 35.21 -4.22 -7.23
N THR V 70 34.58 -5.38 -7.39
CA THR V 70 33.47 -5.79 -6.52
C THR V 70 33.85 -5.77 -5.05
N GLY V 71 35.12 -6.03 -4.79
CA GLY V 71 35.65 -5.98 -3.44
C GLY V 71 35.66 -4.55 -2.97
N VAL V 72 36.17 -3.65 -3.79
CA VAL V 72 36.23 -2.24 -3.41
C VAL V 72 34.85 -1.68 -3.08
N ASP V 73 33.83 -2.22 -3.74
CA ASP V 73 32.48 -1.74 -3.61
C ASP V 73 31.66 -2.44 -2.51
N ASN V 74 32.09 -3.62 -2.08
CA ASN V 74 31.40 -4.29 -0.96
C ASN V 74 32.25 -4.46 0.29
N PRO V 75 32.33 -3.40 1.11
CA PRO V 75 33.16 -3.34 2.32
C PRO V 75 32.81 -4.37 3.41
N GLY V 76 31.55 -4.80 3.46
CA GLY V 76 31.13 -5.80 4.43
C GLY V 76 30.19 -6.83 3.86
N ASN V 77 29.24 -7.26 4.67
CA ASN V 77 28.39 -8.40 4.32
C ASN V 77 27.22 -8.52 5.29
N LYS V 78 26.01 -8.25 4.79
CA LYS V 78 24.80 -8.33 5.61
C LYS V 78 24.48 -9.77 6.00
N PHE V 79 25.16 -10.72 5.36
CA PHE V 79 24.87 -12.14 5.54
C PHE V 79 26.01 -12.86 6.25
N TYR V 80 26.06 -14.19 6.12
CA TYR V 80 27.08 -14.99 6.82
C TYR V 80 28.42 -15.08 6.08
N GLY V 81 29.49 -14.88 6.83
CA GLY V 81 30.84 -15.13 6.36
C GLY V 81 31.59 -13.97 5.73
N LYS V 82 32.85 -14.22 5.42
CA LYS V 82 33.71 -13.22 4.80
C LYS V 82 33.69 -13.43 3.30
N LYS V 83 33.52 -12.36 2.54
CA LYS V 83 33.51 -12.43 1.08
C LYS V 83 34.92 -12.40 0.51
N THR V 84 35.06 -12.74 -0.77
CA THR V 84 36.37 -12.80 -1.43
C THR V 84 36.85 -11.43 -1.93
N GLY V 85 35.97 -10.66 -2.52
CA GLY V 85 36.30 -9.31 -2.94
C GLY V 85 36.86 -9.14 -4.34
N CYS V 86 37.17 -10.25 -5.02
CA CYS V 86 37.75 -10.18 -6.36
C CYS V 86 37.27 -11.32 -7.26
N VAL V 87 37.49 -11.19 -8.56
CA VAL V 87 37.12 -12.22 -9.53
C VAL V 87 38.18 -12.35 -10.63
N PHE V 88 38.06 -13.40 -11.46
CA PHE V 88 38.81 -13.50 -12.71
C PHE V 88 37.96 -13.06 -13.90
N GLY V 89 38.53 -12.23 -14.76
CA GLY V 89 37.88 -11.85 -16.00
C GLY V 89 38.01 -12.93 -17.09
N ASP V 90 39.20 -13.46 -17.28
CA ASP V 90 39.37 -14.53 -18.27
C ASP V 90 40.36 -15.61 -17.83
N GLU V 91 40.70 -16.51 -18.74
CA GLU V 91 41.66 -17.56 -18.47
C GLU V 91 43.07 -16.99 -18.17
N TYR V 92 43.26 -15.68 -18.42
CA TYR V 92 44.56 -15.05 -18.27
C TYR V 92 44.68 -14.26 -16.98
N SER V 93 43.56 -14.09 -16.28
CA SER V 93 43.58 -13.29 -15.07
C SER V 93 44.53 -13.85 -14.00
N TYR V 94 44.32 -15.10 -13.60
CA TYR V 94 45.16 -15.71 -12.56
C TYR V 94 46.62 -15.39 -12.75
N GLU V 95 47.10 -15.65 -13.96
CA GLU V 95 48.52 -15.54 -14.24
C GLU V 95 49.04 -14.13 -14.44
N CYS V 96 48.17 -13.21 -14.87
CA CYS V 96 48.62 -11.85 -15.08
C CYS V 96 48.81 -11.12 -13.76
N TYR V 97 48.06 -11.54 -12.75
CA TYR V 97 48.14 -10.92 -11.44
C TYR V 97 48.35 -11.98 -10.36
N LYS V 98 49.22 -12.94 -10.67
CA LYS V 98 49.41 -14.12 -9.83
C LYS V 98 49.80 -13.78 -8.39
N GLU V 99 50.89 -13.04 -8.22
CA GLU V 99 51.43 -12.72 -6.91
C GLU V 99 50.36 -12.24 -5.98
N PHE V 100 49.36 -11.55 -6.55
CA PHE V 100 48.21 -11.09 -5.79
C PHE V 100 47.24 -12.22 -5.49
N PHE V 101 46.86 -12.95 -6.54
CA PHE V 101 45.89 -14.02 -6.42
C PHE V 101 46.41 -15.18 -5.56
N ASP V 102 47.72 -15.32 -5.51
CA ASP V 102 48.32 -16.43 -4.77
C ASP V 102 48.10 -16.30 -3.27
N LYS V 103 48.01 -15.08 -2.75
CA LYS V 103 47.77 -14.85 -1.32
C LYS V 103 46.27 -14.83 -0.99
N CYS V 104 45.44 -14.66 -2.03
CA CYS V 104 43.99 -14.79 -1.87
C CYS V 104 43.68 -16.27 -1.82
N ILE V 105 44.28 -17.00 -2.76
CA ILE V 105 44.19 -18.45 -2.85
C ILE V 105 44.68 -19.13 -1.58
N GLU V 106 45.73 -18.59 -0.96
CA GLU V 106 46.23 -19.18 0.28
C GLU V 106 45.36 -18.88 1.51
N GLU V 107 44.74 -17.71 1.54
CA GLU V 107 43.90 -17.35 2.67
C GLU V 107 42.60 -18.16 2.63
N ILE V 108 42.00 -18.26 1.46
CA ILE V 108 40.77 -19.04 1.31
C ILE V 108 41.02 -20.53 1.54
N HIS V 109 41.95 -21.08 0.77
CA HIS V 109 42.13 -22.52 0.69
C HIS V 109 43.16 -23.13 1.66
N HIS V 110 44.13 -22.34 2.10
CA HIS V 110 45.27 -22.87 2.87
C HIS V 110 46.15 -23.66 1.91
N PHE V 111 46.44 -23.04 0.78
CA PHE V 111 47.01 -23.70 -0.37
C PHE V 111 48.07 -22.78 -0.95
N LYS V 112 49.30 -23.29 -1.05
CA LYS V 112 50.47 -22.47 -1.39
C LYS V 112 50.94 -22.59 -2.83
N PRO V 113 51.68 -21.57 -3.30
CA PRO V 113 52.28 -21.50 -4.63
C PRO V 113 53.04 -22.77 -5.04
N SER V 114 53.64 -23.45 -4.07
CA SER V 114 54.34 -24.71 -4.34
C SER V 114 53.40 -25.91 -4.47
N ASP V 115 52.34 -25.92 -3.66
CA ASP V 115 51.29 -26.95 -3.68
C ASP V 115 50.80 -27.32 -5.07
N LYS V 116 50.01 -28.39 -5.14
CA LYS V 116 49.38 -28.82 -6.38
C LYS V 116 48.13 -29.63 -6.07
N HIS V 117 47.00 -29.20 -6.66
CA HIS V 117 45.70 -29.86 -6.46
C HIS V 117 45.72 -31.32 -6.88
N PRO V 118 45.34 -32.23 -5.95
CA PRO V 118 45.36 -33.69 -6.15
C PRO V 118 44.49 -34.18 -7.30
N ALA V 119 44.67 -35.45 -7.66
CA ALA V 119 43.93 -36.06 -8.74
C ALA V 119 42.48 -36.27 -8.34
N PRO V 120 41.55 -36.11 -9.30
CA PRO V 120 40.09 -36.24 -9.11
C PRO V 120 39.69 -37.53 -8.39
N ASP V 121 38.72 -37.44 -7.48
CA ASP V 121 38.24 -38.61 -6.75
C ASP V 121 36.71 -38.65 -6.63
N LEU V 122 36.09 -39.32 -7.60
CA LEU V 122 34.63 -39.41 -7.68
C LEU V 122 34.04 -40.73 -7.17
N ASP V 123 34.78 -41.46 -6.33
CA ASP V 123 34.26 -42.72 -5.79
C ASP V 123 33.46 -42.53 -4.51
N HIS V 124 32.16 -42.31 -4.68
CA HIS V 124 31.22 -42.19 -3.57
C HIS V 124 31.28 -43.40 -2.64
N ASN V 125 31.76 -44.52 -3.14
CA ASN V 125 31.87 -45.73 -2.33
C ASN V 125 32.81 -45.58 -1.14
N LYS V 126 33.94 -44.93 -1.36
CA LYS V 126 34.95 -44.73 -0.34
C LYS V 126 34.40 -43.84 0.78
N LEU V 127 33.17 -43.37 0.61
CA LEU V 127 32.59 -42.48 1.61
C LEU V 127 32.16 -43.23 2.87
N VAL V 128 32.64 -42.75 4.00
CA VAL V 128 32.34 -43.35 5.30
C VAL V 128 31.26 -42.56 6.02
N GLY V 129 30.02 -42.99 5.83
CA GLY V 129 28.86 -42.27 6.37
C GLY V 129 28.04 -41.70 5.25
N GLY V 130 27.48 -40.51 5.46
CA GLY V 130 26.75 -39.81 4.41
C GLY V 130 25.27 -40.13 4.34
N VAL V 131 24.72 -40.55 5.47
CA VAL V 131 23.29 -40.84 5.58
C VAL V 131 22.81 -40.40 6.94
N PHE V 132 22.35 -39.16 7.01
CA PHE V 132 21.99 -38.52 8.27
C PHE V 132 20.58 -38.85 8.71
N GLU V 133 20.28 -38.60 9.99
CA GLU V 133 18.91 -38.67 10.45
C GLU V 133 18.12 -37.64 9.67
N ASP V 134 16.98 -38.04 9.13
CA ASP V 134 16.12 -37.09 8.44
C ASP V 134 15.78 -35.94 9.39
N LYS V 135 15.35 -36.29 10.60
CA LYS V 135 14.95 -35.30 11.60
C LYS V 135 15.84 -34.06 11.71
N TYR V 136 17.14 -34.23 11.45
CA TYR V 136 18.10 -33.14 11.61
C TYR V 136 18.48 -32.48 10.29
N VAL V 137 18.59 -33.30 9.24
CA VAL V 137 18.95 -32.86 7.89
C VAL V 137 17.74 -32.91 6.96
N LYS V 138 17.40 -31.78 6.35
CA LYS V 138 16.15 -31.62 5.61
C LYS V 138 16.34 -31.90 4.11
N SER V 139 17.53 -31.66 3.59
CA SER V 139 17.92 -32.10 2.26
C SER V 139 19.42 -32.07 2.01
N CYS V 140 19.82 -32.38 0.78
CA CYS V 140 21.24 -32.50 0.44
C CYS V 140 21.48 -31.95 -0.96
N ARG V 141 22.61 -31.29 -1.13
CA ARG V 141 22.97 -30.76 -2.44
C ARG V 141 24.50 -30.74 -2.58
N ILE V 142 24.98 -31.23 -3.73
CA ILE V 142 26.40 -31.16 -4.07
C ILE V 142 26.53 -30.65 -5.49
N ARG V 143 27.21 -29.52 -5.65
CA ARG V 143 27.27 -28.81 -6.92
C ARG V 143 28.72 -28.50 -7.31
N CYS V 144 28.98 -28.30 -8.60
CA CYS V 144 30.31 -27.85 -9.00
C CYS V 144 30.22 -26.74 -10.04
N GLY V 145 31.31 -26.00 -10.22
CA GLY V 145 31.42 -25.05 -11.32
C GLY V 145 32.34 -25.55 -12.43
N ARG V 146 32.15 -25.03 -13.63
CA ARG V 146 33.08 -25.19 -14.75
C ARG V 146 32.95 -23.98 -15.66
N SER V 147 34.08 -23.45 -16.12
CA SER V 147 34.04 -22.40 -17.14
C SER V 147 34.53 -23.02 -18.44
N VAL V 148 34.02 -22.50 -19.56
CA VAL V 148 34.43 -22.97 -20.88
C VAL V 148 35.72 -22.29 -21.31
N LYS V 149 36.67 -23.08 -21.81
CA LYS V 149 37.97 -22.54 -22.21
C LYS V 149 37.91 -21.77 -23.54
N GLY V 150 38.41 -20.54 -23.52
CA GLY V 150 38.50 -19.73 -24.73
C GLY V 150 37.58 -18.54 -24.69
N VAL V 151 36.73 -18.50 -23.67
CA VAL V 151 35.71 -17.47 -23.55
C VAL V 151 36.01 -16.67 -22.30
N CYS V 152 35.73 -15.38 -22.33
CA CYS V 152 35.91 -14.59 -21.12
C CYS V 152 34.98 -15.15 -20.07
N LEU V 153 35.34 -14.94 -18.81
CA LEU V 153 34.47 -15.27 -17.69
C LEU V 153 33.33 -14.23 -17.58
N PRO V 154 32.26 -14.59 -16.86
CA PRO V 154 31.00 -13.84 -16.83
C PRO V 154 31.06 -12.36 -16.42
N PRO V 155 32.06 -11.97 -15.61
CA PRO V 155 32.11 -10.53 -15.33
C PRO V 155 32.47 -9.70 -16.57
N ALA V 156 33.12 -10.32 -17.56
CA ALA V 156 33.63 -9.58 -18.72
C ALA V 156 33.16 -10.03 -20.12
N MET V 157 32.52 -11.19 -20.22
CA MET V 157 32.13 -11.70 -21.54
C MET V 157 31.12 -10.84 -22.28
N SER V 158 31.21 -10.85 -23.62
CA SER V 158 30.28 -10.12 -24.44
C SER V 158 28.96 -10.88 -24.55
N ARG V 159 27.94 -10.20 -25.09
CA ARG V 159 26.66 -10.83 -25.41
C ARG V 159 26.84 -12.01 -26.38
N ALA V 160 27.76 -11.84 -27.33
CA ALA V 160 27.99 -12.83 -28.36
C ALA V 160 28.73 -14.05 -27.81
N GLU V 161 29.58 -13.82 -26.81
CA GLU V 161 30.28 -14.92 -26.18
C GLU V 161 29.28 -15.71 -25.33
N ARG V 162 28.44 -14.97 -24.63
CA ARG V 162 27.46 -15.57 -23.74
C ARG V 162 26.45 -16.43 -24.52
N ARG V 163 25.96 -15.89 -25.64
CA ARG V 163 25.01 -16.61 -26.47
C ARG V 163 25.68 -17.84 -27.05
N LEU V 164 26.97 -17.72 -27.34
CA LEU V 164 27.77 -18.82 -27.86
C LEU V 164 27.98 -19.93 -26.84
N VAL V 165 28.08 -19.55 -25.57
CA VAL V 165 28.25 -20.52 -24.50
C VAL V 165 26.93 -21.24 -24.23
N GLU V 166 25.82 -20.56 -24.50
CA GLU V 166 24.51 -21.16 -24.31
C GLU V 166 24.31 -22.29 -25.29
N LYS V 167 24.22 -21.93 -26.57
CA LYS V 167 24.13 -22.89 -27.65
C LYS V 167 25.00 -24.12 -27.37
N VAL V 168 26.30 -23.87 -27.24
CA VAL V 168 27.33 -24.90 -27.15
C VAL V 168 27.13 -25.82 -25.96
N VAL V 169 26.76 -25.24 -24.82
CA VAL V 169 26.50 -26.04 -23.65
C VAL V 169 25.13 -26.69 -23.71
N SER V 170 24.14 -25.96 -24.22
CA SER V 170 22.78 -26.49 -24.31
C SER V 170 22.63 -27.61 -25.31
N ASP V 171 23.50 -27.66 -26.32
CA ASP V 171 23.55 -28.80 -27.24
C ASP V 171 24.22 -29.97 -26.57
N ALA V 172 25.44 -29.72 -26.09
CA ALA V 172 26.25 -30.75 -25.48
C ALA V 172 25.43 -31.63 -24.54
N LEU V 173 24.47 -31.02 -23.85
CA LEU V 173 23.64 -31.75 -22.89
C LEU V 173 22.56 -32.54 -23.62
N GLY V 174 22.21 -32.10 -24.83
CA GLY V 174 21.26 -32.83 -25.65
C GLY V 174 21.64 -34.29 -25.74
N GLY V 175 22.91 -34.59 -25.55
CA GLY V 175 23.42 -35.94 -25.64
C GLY V 175 23.25 -36.78 -24.38
N LEU V 176 22.51 -36.26 -23.40
CA LEU V 176 22.26 -37.00 -22.16
C LEU V 176 21.09 -37.95 -22.31
N LYS V 177 21.06 -38.98 -21.45
CA LYS V 177 20.14 -40.10 -21.65
C LYS V 177 19.71 -40.72 -20.33
N GLY V 178 18.79 -41.68 -20.41
CA GLY V 178 18.30 -42.37 -19.23
C GLY V 178 17.70 -41.40 -18.24
N ASP V 179 17.99 -41.63 -16.96
CA ASP V 179 17.48 -40.78 -15.88
C ASP V 179 18.29 -39.51 -15.74
N LEU V 180 19.03 -39.20 -16.79
CA LEU V 180 19.78 -37.96 -16.92
C LEU V 180 19.24 -37.20 -18.11
N ALA V 181 18.31 -37.83 -18.83
CA ALA V 181 17.65 -37.18 -19.96
C ALA V 181 16.71 -36.11 -19.44
N GLY V 182 16.82 -34.93 -20.00
CA GLY V 182 16.01 -33.81 -19.57
C GLY V 182 15.78 -32.83 -20.71
N LYS V 183 15.71 -31.55 -20.38
CA LYS V 183 15.48 -30.53 -21.39
C LYS V 183 16.01 -29.19 -20.87
N TYR V 184 16.24 -28.24 -21.78
CA TYR V 184 16.73 -26.91 -21.41
C TYR V 184 15.66 -25.82 -21.50
N TYR V 185 15.48 -25.10 -20.41
CA TYR V 185 14.60 -23.94 -20.37
C TYR V 185 15.41 -22.65 -20.26
N PRO V 186 15.46 -21.88 -21.37
CA PRO V 186 16.08 -20.55 -21.40
C PRO V 186 15.23 -19.55 -20.62
N LEU V 187 15.88 -18.70 -19.83
CA LEU V 187 15.17 -17.71 -19.03
C LEU V 187 14.32 -16.73 -19.86
N THR V 188 14.85 -16.33 -21.01
CA THR V 188 14.23 -15.29 -21.85
C THR V 188 12.78 -15.57 -22.23
N THR V 189 12.33 -16.81 -22.02
CA THR V 189 10.99 -17.19 -22.46
C THR V 189 10.13 -17.73 -21.31
N MET V 190 10.73 -17.84 -20.13
CA MET V 190 10.03 -18.28 -18.92
C MET V 190 9.24 -17.11 -18.26
N ASN V 191 8.04 -17.38 -17.77
CA ASN V 191 7.24 -16.34 -17.10
C ASN V 191 7.50 -16.23 -15.60
N GLU V 192 7.18 -15.08 -15.01
CA GLU V 192 7.52 -14.80 -13.61
C GLU V 192 7.08 -15.85 -12.60
N LYS V 193 5.96 -16.53 -12.86
CA LYS V 193 5.45 -17.51 -11.91
C LYS V 193 6.33 -18.76 -11.85
N ASP V 194 6.61 -19.35 -13.01
CA ASP V 194 7.47 -20.53 -13.09
C ASP V 194 8.83 -20.25 -12.47
N GLN V 195 9.52 -19.25 -12.99
CA GLN V 195 10.82 -18.87 -12.48
C GLN V 195 10.82 -18.65 -10.97
N GLU V 196 9.78 -18.00 -10.44
CA GLU V 196 9.71 -17.73 -9.01
C GLU V 196 9.45 -18.98 -8.17
N GLN V 197 8.75 -19.94 -8.76
CA GLN V 197 8.50 -21.21 -8.08
C GLN V 197 9.77 -22.08 -8.05
N LEU V 198 10.47 -22.12 -9.18
CA LEU V 198 11.77 -22.81 -9.25
C LEU V 198 12.79 -22.26 -8.25
N ILE V 199 12.85 -20.93 -8.09
CA ILE V 199 13.78 -20.35 -7.12
C ILE V 199 13.38 -20.70 -5.70
N GLU V 200 12.07 -20.64 -5.43
CA GLU V 200 11.55 -20.90 -4.09
C GLU V 200 11.71 -22.38 -3.74
N ASP V 201 11.93 -23.21 -4.75
CA ASP V 201 12.08 -24.65 -4.56
C ASP V 201 13.55 -25.08 -4.61
N HIS V 202 14.45 -24.11 -4.51
CA HIS V 202 15.88 -24.39 -4.31
C HIS V 202 16.49 -25.08 -5.50
N PHE V 203 15.98 -24.78 -6.69
CA PHE V 203 16.48 -25.34 -7.91
C PHE V 203 17.19 -24.24 -8.67
N LEU V 204 16.42 -23.21 -9.03
CA LEU V 204 16.88 -22.15 -9.91
C LEU V 204 17.58 -21.02 -9.14
N PHE V 205 18.51 -20.34 -9.80
CA PHE V 205 19.26 -19.24 -9.21
C PHE V 205 18.37 -18.02 -8.97
N GLU V 206 18.65 -17.28 -7.91
CA GLU V 206 17.76 -16.18 -7.51
C GLU V 206 17.71 -15.10 -8.58
N LYS V 207 16.96 -14.04 -8.33
CA LYS V 207 16.98 -12.90 -9.23
C LYS V 207 18.31 -12.16 -9.08
N PRO V 208 18.84 -11.62 -10.18
CA PRO V 208 20.23 -11.20 -10.30
C PRO V 208 20.66 -10.06 -9.38
N THR V 209 20.28 -10.12 -8.10
CA THR V 209 20.44 -8.99 -7.19
C THR V 209 21.61 -9.11 -6.19
N GLY V 210 22.38 -10.19 -6.28
CA GLY V 210 23.52 -10.34 -5.40
C GLY V 210 24.45 -9.14 -5.47
N ALA V 211 25.17 -8.88 -4.38
CA ALA V 211 26.12 -7.77 -4.35
C ALA V 211 27.31 -8.04 -5.26
N LEU V 212 27.79 -9.28 -5.24
CA LEU V 212 28.94 -9.66 -6.03
C LEU V 212 28.59 -9.75 -7.51
N LEU V 213 27.38 -10.25 -7.80
CA LEU V 213 26.98 -10.54 -9.18
C LEU V 213 26.62 -9.30 -9.98
N THR V 214 26.40 -8.17 -9.30
CA THR V 214 26.17 -6.91 -9.99
C THR V 214 27.47 -6.10 -10.13
N THR V 215 28.25 -6.06 -9.06
CA THR V 215 29.40 -5.15 -9.05
C THR V 215 30.54 -5.67 -9.92
N SER V 216 30.61 -6.99 -10.03
CA SER V 216 31.68 -7.65 -10.80
C SER V 216 31.39 -7.59 -12.30
N GLY V 217 30.11 -7.56 -12.65
CA GLY V 217 29.67 -7.43 -14.02
C GLY V 217 28.85 -8.61 -14.49
N CYS V 218 28.46 -9.47 -13.56
CA CYS V 218 27.84 -10.75 -13.92
C CYS V 218 26.39 -10.66 -14.37
N ALA V 219 25.75 -9.53 -14.11
CA ALA V 219 24.32 -9.35 -14.42
C ALA V 219 24.03 -8.45 -15.64
N ARG V 220 25.07 -8.04 -16.36
CA ARG V 220 24.86 -7.28 -17.58
C ARG V 220 23.93 -8.07 -18.50
N ASP V 221 22.91 -7.41 -19.07
CA ASP V 221 22.13 -7.97 -20.18
C ASP V 221 21.17 -9.09 -19.78
N TRP V 222 20.59 -8.99 -18.60
CA TRP V 222 19.79 -10.07 -18.01
C TRP V 222 18.36 -10.07 -18.57
N PRO V 223 17.81 -11.26 -18.89
CA PRO V 223 18.31 -12.63 -18.71
C PRO V 223 18.86 -13.24 -20.00
N ASP V 224 19.38 -12.40 -20.89
CA ASP V 224 19.88 -12.81 -22.21
C ASP V 224 20.99 -13.87 -22.11
N GLY V 225 20.71 -15.07 -22.64
CA GLY V 225 21.69 -16.15 -22.64
C GLY V 225 21.71 -16.99 -21.38
N ARG V 226 20.92 -16.60 -20.38
CA ARG V 226 20.79 -17.36 -19.15
C ARG V 226 19.66 -18.38 -19.22
N GLY V 227 19.88 -19.56 -18.62
CA GLY V 227 18.83 -20.56 -18.52
C GLY V 227 19.08 -21.65 -17.49
N ILE V 228 18.15 -22.61 -17.43
CA ILE V 228 18.34 -23.78 -16.58
C ILE V 228 17.99 -25.09 -17.28
N TRP V 229 18.76 -26.12 -16.94
CA TRP V 229 18.58 -27.45 -17.52
C TRP V 229 18.43 -28.47 -16.40
N HIS V 230 17.43 -29.34 -16.51
CA HIS V 230 17.31 -30.43 -15.56
C HIS V 230 16.59 -31.64 -16.16
N ASN V 231 16.58 -32.74 -15.41
CA ASN V 231 15.78 -33.89 -15.80
C ASN V 231 14.36 -33.71 -15.31
N ASN V 232 13.50 -34.69 -15.55
CA ASN V 232 12.13 -34.61 -15.09
C ASN V 232 12.07 -34.76 -13.57
N GLU V 233 13.02 -35.53 -13.04
CA GLU V 233 13.07 -35.80 -11.60
C GLU V 233 13.45 -34.56 -10.81
N LYS V 234 14.28 -33.70 -11.41
CA LYS V 234 14.79 -32.51 -10.72
C LYS V 234 15.64 -32.89 -9.52
N ASN V 235 16.52 -33.86 -9.77
CA ASN V 235 17.57 -34.23 -8.84
C ASN V 235 18.90 -34.10 -9.58
N PHE V 236 18.80 -33.69 -10.85
CA PHE V 236 19.96 -33.34 -11.65
C PHE V 236 19.69 -32.11 -12.54
N LEU V 237 20.58 -31.12 -12.46
CA LEU V 237 20.33 -29.84 -13.13
C LEU V 237 21.61 -29.20 -13.68
N VAL V 238 21.41 -28.15 -14.48
CA VAL V 238 22.51 -27.34 -14.97
C VAL V 238 22.11 -25.88 -15.05
N TRP V 239 22.96 -25.01 -14.52
CA TRP V 239 22.82 -23.57 -14.62
C TRP V 239 23.74 -23.03 -15.73
N ILE V 240 23.17 -22.29 -16.69
CA ILE V 240 23.98 -21.78 -17.79
C ILE V 240 24.05 -20.25 -17.84
N ASN V 241 25.24 -19.74 -17.54
CA ASN V 241 25.57 -18.32 -17.68
C ASN V 241 25.11 -17.42 -16.53
N GLU V 242 25.21 -17.90 -15.29
CA GLU V 242 25.01 -17.03 -14.16
C GLU V 242 26.40 -16.55 -13.74
N GLU V 243 26.72 -16.71 -12.46
CA GLU V 243 28.02 -16.36 -11.91
C GLU V 243 29.15 -17.11 -12.64
N ASP V 244 28.90 -18.38 -12.97
CA ASP V 244 29.79 -19.19 -13.81
C ASP V 244 29.14 -19.54 -15.17
N HIS V 245 29.93 -20.09 -16.10
CA HIS V 245 29.44 -20.50 -17.41
C HIS V 245 28.54 -21.72 -17.31
N ILE V 246 28.90 -22.59 -16.37
CA ILE V 246 28.24 -23.88 -16.19
C ILE V 246 28.25 -24.21 -14.70
N ARG V 247 27.13 -24.73 -14.21
CA ARG V 247 27.04 -25.30 -12.87
C ARG V 247 26.32 -26.65 -12.98
N VAL V 248 26.97 -27.71 -12.53
CA VAL V 248 26.35 -29.02 -12.49
C VAL V 248 25.87 -29.33 -11.06
N ILE V 249 24.60 -29.73 -10.93
CA ILE V 249 23.96 -29.91 -9.62
C ILE V 249 23.29 -31.27 -9.45
N SER V 250 23.42 -31.82 -8.24
CA SER V 250 22.62 -32.97 -7.80
C SER V 250 22.00 -32.64 -6.43
N MET V 251 20.69 -32.87 -6.28
CA MET V 251 20.04 -32.61 -5.02
C MET V 251 18.77 -33.44 -4.79
N GLN V 252 18.30 -33.46 -3.55
CA GLN V 252 17.13 -34.24 -3.18
C GLN V 252 16.75 -33.95 -1.72
N LYS V 253 15.54 -34.35 -1.34
CA LYS V 253 15.11 -34.16 0.05
C LYS V 253 15.56 -35.27 1.00
N GLY V 254 15.91 -34.90 2.23
CA GLY V 254 16.28 -35.89 3.23
C GLY V 254 17.71 -35.75 3.73
N GLY V 255 18.32 -36.88 4.09
CA GLY V 255 19.70 -36.90 4.54
C GLY V 255 20.59 -37.83 3.72
N ASP V 256 20.15 -38.21 2.53
CA ASP V 256 20.89 -39.19 1.71
C ASP V 256 21.97 -38.56 0.82
N LEU V 257 22.95 -37.92 1.45
CA LEU V 257 24.06 -37.29 0.75
C LEU V 257 24.70 -38.31 -0.18
N LYS V 258 24.98 -39.48 0.37
CA LYS V 258 25.63 -40.54 -0.39
C LYS V 258 24.85 -40.90 -1.65
N ALA V 259 23.54 -40.71 -1.61
CA ALA V 259 22.74 -40.91 -2.81
C ALA V 259 23.04 -39.83 -3.84
N VAL V 260 23.03 -38.59 -3.38
CA VAL V 260 23.36 -37.45 -4.23
C VAL V 260 24.77 -37.62 -4.81
N PHE V 261 25.74 -37.82 -3.93
CA PHE V 261 27.12 -37.98 -4.37
C PHE V 261 27.27 -39.04 -5.46
N SER V 262 26.29 -39.94 -5.56
CA SER V 262 26.31 -40.99 -6.58
C SER V 262 25.76 -40.44 -7.90
N ARG V 263 24.71 -39.63 -7.81
CA ARG V 263 24.15 -38.97 -8.98
C ARG V 263 25.13 -37.92 -9.51
N PHE V 264 25.65 -37.13 -8.57
CA PHE V 264 26.58 -36.04 -8.89
C PHE V 264 27.78 -36.49 -9.72
N ALA V 265 28.41 -37.57 -9.29
CA ALA V 265 29.63 -38.07 -9.94
C ALA V 265 29.34 -38.64 -11.32
N ARG V 266 28.23 -39.36 -11.44
CA ARG V 266 27.86 -40.01 -12.70
C ARG V 266 27.49 -38.93 -13.71
N GLY V 267 26.47 -38.15 -13.35
CA GLY V 267 25.98 -37.09 -14.22
C GLY V 267 27.09 -36.17 -14.66
N LEU V 268 27.97 -35.84 -13.73
CA LEU V 268 29.11 -34.98 -14.02
C LEU V 268 29.98 -35.58 -15.12
N LEU V 269 30.47 -36.79 -14.89
CA LEU V 269 31.39 -37.43 -15.84
C LEU V 269 30.81 -37.45 -17.26
N GLU V 270 29.54 -37.82 -17.37
CA GLU V 270 28.88 -37.80 -18.66
C GLU V 270 28.99 -36.40 -19.26
N VAL V 271 28.70 -35.39 -18.45
CA VAL V 271 28.81 -34.00 -18.89
C VAL V 271 30.22 -33.67 -19.34
N GLU V 272 31.18 -33.77 -18.42
CA GLU V 272 32.58 -33.53 -18.75
C GLU V 272 33.01 -34.35 -19.97
N ARG V 273 32.21 -35.35 -20.32
CA ARG V 273 32.48 -36.19 -21.48
C ARG V 273 31.81 -35.58 -22.71
N LEU V 274 30.56 -35.16 -22.55
CA LEU V 274 29.78 -34.61 -23.66
C LEU V 274 30.25 -33.25 -24.15
N MET V 275 30.87 -32.47 -23.26
CA MET V 275 31.49 -31.21 -23.65
C MET V 275 32.75 -31.44 -24.46
N LYS V 276 33.53 -32.43 -24.05
CA LYS V 276 34.75 -32.82 -24.73
C LYS V 276 34.41 -33.42 -26.09
N GLU V 277 33.41 -34.29 -26.08
CA GLU V 277 32.97 -34.99 -27.28
C GLU V 277 32.46 -34.01 -28.33
N CYS V 278 32.05 -32.82 -27.89
CA CYS V 278 31.61 -31.78 -28.82
C CYS V 278 32.74 -30.85 -29.20
N GLY V 279 33.94 -31.15 -28.70
CA GLY V 279 35.13 -30.37 -29.02
C GLY V 279 35.17 -29.04 -28.30
N HIS V 280 34.77 -29.05 -27.03
CA HIS V 280 34.88 -27.86 -26.19
C HIS V 280 35.69 -28.16 -24.94
N GLY V 281 36.80 -27.45 -24.79
CA GLY V 281 37.65 -27.63 -23.63
C GLY V 281 37.04 -26.95 -22.42
N LEU V 282 37.36 -27.48 -21.25
CA LEU V 282 36.98 -26.87 -19.99
C LEU V 282 38.20 -26.21 -19.37
N MET V 283 38.03 -25.00 -18.88
CA MET V 283 39.17 -24.19 -18.47
C MET V 283 39.86 -24.84 -17.29
N HIS V 284 41.13 -25.21 -17.47
CA HIS V 284 41.81 -26.03 -16.47
C HIS V 284 43.28 -25.66 -16.30
N ASN V 285 43.70 -25.50 -15.04
CA ASN V 285 45.10 -25.27 -14.70
C ASN V 285 45.77 -26.60 -14.38
N ASP V 286 47.09 -26.64 -14.49
CA ASP V 286 47.83 -27.87 -14.19
C ASP V 286 48.06 -28.02 -12.70
N ARG V 287 48.41 -26.92 -12.04
CA ARG V 287 48.65 -26.91 -10.61
C ARG V 287 47.33 -26.64 -9.89
N LEU V 288 46.46 -25.87 -10.53
CA LEU V 288 45.28 -25.31 -9.87
C LEU V 288 43.93 -25.92 -10.26
N GLY V 289 43.96 -27.03 -11.00
CA GLY V 289 42.72 -27.65 -11.44
C GLY V 289 41.80 -26.65 -12.14
N TYR V 290 40.49 -26.89 -12.08
CA TYR V 290 39.53 -26.05 -12.82
C TYR V 290 39.37 -24.66 -12.24
N ILE V 291 39.24 -23.68 -13.13
CA ILE V 291 39.13 -22.27 -12.73
C ILE V 291 37.70 -21.73 -12.88
N CYS V 292 37.29 -20.88 -11.95
CA CYS V 292 35.99 -20.22 -12.05
C CYS V 292 36.10 -18.71 -11.87
N THR V 293 34.96 -18.03 -11.80
CA THR V 293 34.93 -16.58 -11.70
C THR V 293 35.43 -16.09 -10.33
N CYS V 294 35.14 -16.84 -9.28
CA CYS V 294 35.60 -16.48 -7.95
C CYS V 294 36.72 -17.41 -7.46
N PRO V 295 37.72 -16.85 -6.79
CA PRO V 295 38.81 -17.59 -6.14
C PRO V 295 38.36 -18.74 -5.23
N THR V 296 37.11 -18.73 -4.79
CA THR V 296 36.62 -19.75 -3.86
C THR V 296 36.18 -20.99 -4.62
N ASN V 297 36.06 -20.86 -5.94
CA ASN V 297 35.52 -21.95 -6.73
C ASN V 297 36.58 -22.56 -7.64
N MET V 298 37.68 -22.96 -7.01
CA MET V 298 38.85 -23.47 -7.72
C MET V 298 39.08 -24.95 -7.42
N GLY V 299 39.69 -25.64 -8.36
CA GLY V 299 40.12 -27.01 -8.11
C GLY V 299 39.06 -28.03 -8.43
N THR V 300 38.33 -28.48 -7.40
CA THR V 300 37.14 -29.30 -7.61
C THR V 300 35.94 -28.38 -7.91
N VAL V 301 36.05 -27.12 -7.51
CA VAL V 301 34.94 -26.17 -7.57
C VAL V 301 33.70 -26.78 -6.91
N VAL V 302 33.95 -27.79 -6.06
CA VAL V 302 32.91 -28.63 -5.49
C VAL V 302 32.34 -28.05 -4.20
N ARG V 303 31.02 -27.83 -4.19
CA ARG V 303 30.31 -27.38 -2.99
C ARG V 303 29.30 -28.42 -2.48
N ALA V 304 29.57 -28.97 -1.30
CA ALA V 304 28.73 -30.01 -0.72
C ALA V 304 28.06 -29.53 0.56
N SER V 305 26.73 -29.60 0.60
CA SER V 305 25.96 -29.01 1.70
C SER V 305 24.72 -29.81 2.16
N VAL V 306 24.14 -29.35 3.26
CA VAL V 306 22.92 -29.95 3.84
C VAL V 306 22.11 -28.88 4.56
N HIS V 307 20.79 -28.91 4.39
CA HIS V 307 19.91 -28.07 5.20
C HIS V 307 19.73 -28.68 6.58
N LEU V 308 20.67 -28.34 7.46
CA LEU V 308 20.80 -28.90 8.81
C LEU V 308 20.13 -28.00 9.84
N ARG V 309 19.22 -28.56 10.63
CA ARG V 309 18.58 -27.77 11.69
C ARG V 309 19.24 -27.97 13.05
N LEU V 310 19.68 -26.87 13.65
CA LEU V 310 20.41 -26.88 14.92
C LEU V 310 19.79 -25.96 15.96
N ALA V 311 18.52 -26.20 16.28
CA ALA V 311 17.77 -25.31 17.16
C ALA V 311 18.46 -25.02 18.50
N PHE V 312 19.25 -25.96 18.99
CA PHE V 312 19.95 -25.80 20.25
C PHE V 312 21.39 -25.30 20.08
N LEU V 313 22.10 -25.88 19.11
CA LEU V 313 23.50 -25.54 18.86
C LEU V 313 23.67 -24.10 18.40
N GLU V 314 22.72 -23.60 17.61
CA GLU V 314 22.81 -22.23 17.10
C GLU V 314 22.87 -21.21 18.25
N LYS V 315 22.18 -21.49 19.34
CA LYS V 315 22.19 -20.59 20.50
C LYS V 315 23.56 -20.55 21.17
N HIS V 316 24.40 -21.55 20.91
CA HIS V 316 25.67 -21.70 21.63
C HIS V 316 26.74 -20.70 21.19
N PRO V 317 27.43 -20.10 22.16
CA PRO V 317 28.44 -19.04 21.92
C PRO V 317 29.62 -19.44 21.03
N ARG V 318 29.92 -20.74 20.93
CA ARG V 318 31.08 -21.20 20.14
C ARG V 318 30.66 -21.95 18.87
N PHE V 319 29.41 -21.75 18.48
CA PHE V 319 28.88 -22.32 17.24
C PHE V 319 29.77 -21.95 16.05
N ASP V 320 29.89 -20.65 15.81
CA ASP V 320 30.65 -20.11 14.68
C ASP V 320 32.13 -20.46 14.70
N GLU V 321 32.69 -20.56 15.90
CA GLU V 321 34.09 -20.90 16.08
C GLU V 321 34.35 -22.36 15.69
N MET V 322 33.39 -23.23 16.01
CA MET V 322 33.52 -24.65 15.70
C MET V 322 33.33 -24.92 14.22
N LEU V 323 32.38 -24.22 13.63
CA LEU V 323 32.16 -24.28 12.19
C LEU V 323 33.43 -23.92 11.47
N GLY V 324 34.09 -22.87 11.96
CA GLY V 324 35.34 -22.42 11.39
C GLY V 324 36.40 -23.52 11.37
N LYS V 325 36.72 -24.03 12.54
CA LYS V 325 37.70 -25.10 12.69
C LYS V 325 37.35 -26.37 11.90
N LEU V 326 36.06 -26.61 11.70
CA LEU V 326 35.62 -27.78 10.93
C LEU V 326 35.85 -27.57 9.44
N ARG V 327 36.45 -26.43 9.09
CA ARG V 327 36.56 -26.00 7.72
C ARG V 327 35.18 -26.04 7.05
N LEU V 328 34.19 -25.51 7.77
CA LEU V 328 32.84 -25.42 7.24
C LEU V 328 32.43 -24.00 6.91
N GLY V 329 31.45 -23.87 6.02
CA GLY V 329 30.91 -22.57 5.64
C GLY V 329 29.46 -22.50 6.05
N LYS V 330 28.93 -21.27 6.11
CA LYS V 330 27.63 -21.02 6.72
C LYS V 330 26.82 -20.05 5.88
N ARG V 331 25.54 -20.36 5.70
CA ARG V 331 24.67 -19.59 4.82
C ARG V 331 23.21 -19.65 5.28
N GLY V 332 22.31 -19.13 4.44
CA GLY V 332 20.89 -19.15 4.73
C GLY V 332 20.24 -20.29 3.98
N THR V 333 19.00 -20.61 4.34
CA THR V 333 18.23 -21.65 3.66
C THR V 333 17.79 -21.20 2.25
N GLY V 334 17.72 -19.89 2.04
CA GLY V 334 17.50 -19.35 0.72
C GLY V 334 18.83 -19.11 0.01
N GLY V 335 19.91 -19.58 0.62
CA GLY V 335 21.22 -19.49 0.03
C GLY V 335 22.10 -18.41 0.64
N GLU V 336 23.25 -18.20 0.02
CA GLU V 336 24.24 -17.20 0.43
C GLU V 336 23.62 -15.92 0.99
N SER V 337 22.89 -15.20 0.16
CA SER V 337 22.34 -13.91 0.57
C SER V 337 20.96 -14.05 1.24
N SER V 338 20.90 -14.87 2.28
CA SER V 338 19.71 -15.01 3.12
C SER V 338 20.16 -15.61 4.45
N LEU V 339 19.28 -15.62 5.44
CA LEU V 339 19.64 -16.15 6.75
C LEU V 339 18.94 -17.48 6.98
N ALA V 340 19.22 -18.12 8.11
CA ALA V 340 18.55 -19.36 8.46
C ALA V 340 17.06 -19.16 8.79
N THR V 341 16.22 -20.00 8.18
CA THR V 341 14.80 -20.05 8.51
C THR V 341 14.50 -21.29 9.35
N ASP V 342 13.90 -21.08 10.53
CA ASP V 342 13.56 -22.16 11.45
C ASP V 342 14.79 -22.96 11.87
N SER V 343 15.79 -22.24 12.37
CA SER V 343 17.01 -22.85 12.92
C SER V 343 17.68 -23.81 11.94
N THR V 344 17.33 -23.70 10.66
CA THR V 344 17.87 -24.58 9.61
C THR V 344 18.88 -23.82 8.75
N TYR V 345 20.11 -24.33 8.70
CA TYR V 345 21.20 -23.66 8.00
C TYR V 345 21.68 -24.40 6.76
N ASP V 346 22.19 -23.66 5.77
CA ASP V 346 22.89 -24.28 4.64
C ASP V 346 24.33 -24.43 5.05
N ILE V 347 24.70 -25.65 5.45
CA ILE V 347 26.06 -25.95 5.92
C ILE V 347 26.85 -26.71 4.87
N SER V 348 28.07 -26.26 4.61
CA SER V 348 28.82 -26.84 3.52
C SER V 348 30.33 -26.88 3.76
N ASN V 349 31.03 -27.58 2.87
CA ASN V 349 32.48 -27.51 2.83
C ASN V 349 32.89 -26.14 2.30
N TRP V 350 33.84 -25.52 2.99
CA TRP V 350 34.46 -24.27 2.58
C TRP V 350 35.50 -24.51 1.47
N ALA V 351 36.48 -25.36 1.75
CA ALA V 351 37.59 -25.61 0.83
C ALA V 351 37.14 -26.32 -0.46
N ARG V 352 37.80 -26.01 -1.57
CA ARG V 352 37.52 -26.67 -2.85
C ARG V 352 38.80 -27.04 -3.59
N LEU V 353 39.92 -26.42 -3.21
CA LEU V 353 41.21 -26.58 -3.86
C LEU V 353 42.15 -27.36 -2.95
N GLY V 354 42.93 -28.26 -3.53
CA GLY V 354 43.95 -28.99 -2.78
C GLY V 354 43.40 -30.12 -1.92
N LYS V 355 42.28 -30.69 -2.37
CA LYS V 355 41.69 -31.89 -1.78
C LYS V 355 40.82 -32.50 -2.86
N SER V 356 40.40 -33.75 -2.67
CA SER V 356 39.63 -34.43 -3.70
C SER V 356 38.14 -34.23 -3.51
N GLU V 357 37.38 -34.50 -4.56
CA GLU V 357 35.94 -34.52 -4.50
C GLU V 357 35.47 -35.29 -3.26
N ARG V 358 35.84 -36.57 -3.18
CA ARG V 358 35.46 -37.43 -2.05
C ARG V 358 35.95 -36.92 -0.70
N GLU V 359 37.22 -36.53 -0.62
CA GLU V 359 37.78 -35.96 0.61
C GLU V 359 36.89 -34.85 1.17
N LEU V 360 36.55 -33.90 0.32
CA LEU V 360 35.72 -32.76 0.69
C LEU V 360 34.35 -33.16 1.19
N VAL V 361 33.71 -34.10 0.49
CA VAL V 361 32.40 -34.60 0.91
C VAL V 361 32.53 -35.24 2.30
N GLN V 362 33.68 -35.83 2.58
CA GLN V 362 33.94 -36.41 3.90
C GLN V 362 34.13 -35.33 4.96
N VAL V 363 34.84 -34.26 4.61
CA VAL V 363 34.98 -33.12 5.52
C VAL V 363 33.63 -32.61 5.96
N LEU V 364 32.64 -32.70 5.07
CA LEU V 364 31.29 -32.28 5.42
C LEU V 364 30.71 -33.27 6.42
N VAL V 365 30.56 -34.52 6.00
CA VAL V 365 30.13 -35.62 6.85
C VAL V 365 30.72 -35.56 8.27
N ASP V 366 32.04 -35.38 8.36
CA ASP V 366 32.72 -35.34 9.65
C ASP V 366 32.40 -34.07 10.41
N GLY V 367 31.95 -33.05 9.68
CA GLY V 367 31.58 -31.78 10.27
C GLY V 367 30.14 -31.77 10.76
N VAL V 368 29.28 -32.56 10.14
CA VAL V 368 27.88 -32.63 10.56
C VAL V 368 27.66 -33.64 11.70
N ASN V 369 28.31 -34.79 11.63
CA ASN V 369 28.32 -35.73 12.75
C ASN V 369 28.57 -34.99 14.06
N LEU V 370 29.66 -34.25 14.11
CA LEU V 370 30.06 -33.50 15.31
C LEU V 370 29.11 -32.33 15.63
N LEU V 371 28.47 -31.77 14.59
CA LEU V 371 27.50 -30.69 14.79
C LEU V 371 26.19 -31.24 15.37
N ILE V 372 25.67 -32.29 14.74
CA ILE V 372 24.48 -32.96 15.26
C ILE V 372 24.71 -33.47 16.70
N ALA V 373 25.85 -34.11 16.93
CA ALA V 373 26.20 -34.59 18.26
C ALA V 373 26.35 -33.44 19.26
N CYS V 374 26.61 -32.24 18.77
CA CYS V 374 26.67 -31.07 19.65
C CYS V 374 25.27 -30.60 20.03
N ASP V 375 24.33 -30.72 19.09
CA ASP V 375 22.95 -30.29 19.32
C ASP V 375 22.21 -31.22 20.29
N LYS V 376 22.63 -32.49 20.33
CA LYS V 376 22.08 -33.46 21.26
C LYS V 376 22.54 -33.18 22.70
N LYS V 377 23.85 -33.08 22.89
CA LYS V 377 24.39 -32.79 24.22
C LYS V 377 23.77 -31.53 24.81
N LEU V 378 23.45 -30.55 23.97
CA LEU V 378 22.86 -29.29 24.41
C LEU V 378 21.39 -29.44 24.79
N GLU V 379 20.67 -30.24 24.01
CA GLU V 379 19.28 -30.58 24.29
C GLU V 379 19.15 -31.15 25.71
N ALA V 380 19.86 -32.24 25.99
CA ALA V 380 19.83 -32.91 27.28
C ALA V 380 20.52 -32.11 28.39
N GLY V 381 20.80 -30.84 28.11
CA GLY V 381 21.35 -29.93 29.10
C GLY V 381 22.78 -30.24 29.51
N GLN V 382 23.54 -30.81 28.58
CA GLN V 382 24.91 -31.25 28.86
C GLN V 382 25.93 -30.35 28.16
N SER V 383 27.14 -30.29 28.68
CA SER V 383 28.17 -29.39 28.15
C SER V 383 28.95 -30.01 26.99
N ILE V 384 29.16 -29.23 25.93
CA ILE V 384 29.98 -29.67 24.80
C ILE V 384 31.33 -28.97 24.79
N ASP V 385 31.69 -28.38 25.94
CA ASP V 385 32.95 -27.69 26.12
C ASP V 385 34.10 -28.44 25.44
N ASP V 386 34.14 -29.75 25.66
CA ASP V 386 35.27 -30.57 25.24
C ASP V 386 35.19 -31.07 23.79
N MET V 387 33.97 -31.13 23.24
CA MET V 387 33.76 -31.69 21.91
C MET V 387 34.08 -30.70 20.78
N ILE V 388 34.25 -29.44 21.14
CA ILE V 388 34.68 -28.44 20.17
C ILE V 388 36.17 -28.61 19.87
N PRO V 389 36.55 -28.55 18.60
CA PRO V 389 37.94 -28.75 18.18
C PRO V 389 38.90 -27.77 18.82
N LYS V 390 40.04 -28.29 19.30
CA LYS V 390 41.11 -27.46 19.84
C LYS V 390 41.71 -26.55 18.76
N LYS W 24 56.46 -90.66 -5.91
CA LYS W 24 55.66 -91.86 -6.05
C LYS W 24 54.16 -91.58 -5.93
N PHE W 25 53.80 -90.42 -5.39
CA PHE W 25 52.39 -90.05 -5.23
C PHE W 25 52.04 -88.75 -5.98
N LYS W 26 50.88 -88.74 -6.62
CA LYS W 26 50.39 -87.55 -7.30
C LYS W 26 49.71 -86.64 -6.29
N ALA W 27 49.37 -85.43 -6.71
CA ALA W 27 48.62 -84.53 -5.85
C ALA W 27 47.33 -85.20 -5.45
N ALA W 28 46.72 -85.92 -6.40
CA ALA W 28 45.43 -86.57 -6.20
C ALA W 28 45.42 -87.60 -5.07
N ASP W 29 46.54 -88.32 -4.93
CA ASP W 29 46.64 -89.39 -3.93
C ASP W 29 46.68 -88.81 -2.51
N ASN W 30 47.02 -87.52 -2.41
CA ASN W 30 47.17 -86.89 -1.10
C ASN W 30 46.21 -85.72 -0.92
N PHE W 31 45.14 -85.71 -1.71
CA PHE W 31 44.16 -84.63 -1.58
C PHE W 31 43.29 -84.94 -0.38
N PRO W 32 42.98 -83.91 0.42
CA PRO W 32 42.15 -83.98 1.63
C PRO W 32 40.69 -84.30 1.36
N ASP W 33 40.17 -85.29 2.07
CA ASP W 33 38.76 -85.67 1.99
C ASP W 33 37.92 -84.73 2.87
N LEU W 34 37.24 -83.78 2.24
CA LEU W 34 36.58 -82.71 2.99
C LEU W 34 35.07 -82.75 2.93
N SER W 35 34.51 -83.94 2.76
CA SER W 35 33.06 -84.10 2.71
C SER W 35 32.40 -83.52 3.96
N LYS W 36 32.78 -84.03 5.13
CA LYS W 36 32.14 -83.65 6.40
C LYS W 36 32.29 -82.18 6.71
N HIS W 37 33.31 -81.57 6.13
CA HIS W 37 33.89 -80.32 6.65
C HIS W 37 33.13 -79.03 6.40
N ASN W 38 32.88 -78.30 7.47
CA ASN W 38 32.31 -76.98 7.41
C ASN W 38 33.31 -75.99 8.01
N ASN W 39 34.01 -75.31 7.12
CA ASN W 39 34.93 -74.24 7.48
C ASN W 39 35.41 -73.65 6.16
N VAL W 40 36.07 -72.50 6.21
CA VAL W 40 36.34 -71.75 4.97
C VAL W 40 37.37 -72.43 4.08
N MET W 41 38.36 -73.08 4.69
CA MET W 41 39.37 -73.83 3.94
C MET W 41 38.67 -74.84 3.05
N ALA W 42 37.78 -75.63 3.63
CA ALA W 42 37.06 -76.66 2.89
C ALA W 42 36.10 -76.04 1.88
N SER W 43 35.56 -74.87 2.19
CA SER W 43 34.73 -74.14 1.21
C SER W 43 35.49 -73.81 -0.07
N GLN W 44 36.76 -73.43 0.06
CA GLN W 44 37.48 -72.74 -1.02
C GLN W 44 38.46 -73.59 -1.84
N LEU W 45 39.02 -74.62 -1.22
CA LEU W 45 40.06 -75.42 -1.85
C LEU W 45 39.47 -76.26 -2.96
N THR W 46 40.27 -76.53 -4.00
CA THR W 46 39.87 -77.41 -5.09
C THR W 46 41.04 -78.30 -5.52
N LYS W 47 40.74 -79.39 -6.24
CA LYS W 47 41.75 -80.31 -6.73
C LYS W 47 42.72 -79.58 -7.63
N GLU W 48 42.18 -78.59 -8.34
CA GLU W 48 42.95 -77.77 -9.27
C GLU W 48 43.94 -76.91 -8.50
N LEU W 49 43.47 -76.32 -7.40
CA LEU W 49 44.34 -75.52 -6.56
C LEU W 49 45.35 -76.39 -5.83
N TYR W 50 44.88 -77.50 -5.27
CA TYR W 50 45.74 -78.38 -4.50
C TYR W 50 46.83 -78.99 -5.37
N GLU W 51 46.48 -79.29 -6.62
CA GLU W 51 47.42 -79.86 -7.56
C GLU W 51 48.54 -78.87 -7.87
N LYS W 52 48.29 -77.59 -7.67
CA LYS W 52 49.16 -76.52 -8.11
C LYS W 52 50.17 -76.07 -7.08
N TYR W 53 49.81 -76.20 -5.80
CA TYR W 53 50.63 -75.65 -4.73
C TYR W 53 51.25 -76.71 -3.87
N TRP W 54 50.83 -77.96 -4.05
CA TRP W 54 51.16 -79.00 -3.11
C TRP W 54 52.66 -79.28 -3.01
N ASP W 55 53.41 -78.99 -4.08
CA ASP W 55 54.87 -79.17 -4.06
C ASP W 55 55.66 -77.86 -4.05
N LYS W 56 54.95 -76.76 -3.83
CA LYS W 56 55.57 -75.44 -3.74
C LYS W 56 55.88 -75.08 -2.28
N VAL W 57 57.13 -74.71 -2.01
CA VAL W 57 57.59 -74.49 -0.64
C VAL W 57 58.14 -73.08 -0.48
N THR W 58 58.07 -72.54 0.73
CA THR W 58 58.58 -71.20 0.97
C THR W 58 60.06 -71.27 1.31
N PRO W 59 60.79 -70.14 1.17
CA PRO W 59 62.21 -70.09 1.51
C PRO W 59 62.51 -70.60 2.93
N ASN W 60 61.46 -70.73 3.75
CA ASN W 60 61.62 -71.15 5.14
C ASN W 60 61.30 -72.63 5.32
N GLY W 61 60.79 -73.26 4.26
CA GLY W 61 60.44 -74.66 4.31
C GLY W 61 59.00 -74.91 4.72
N VAL W 62 58.21 -73.84 4.78
CA VAL W 62 56.79 -73.96 5.01
C VAL W 62 56.16 -74.53 3.75
N THR W 63 55.14 -75.36 3.93
CA THR W 63 54.50 -76.04 2.82
C THR W 63 53.00 -75.77 2.85
N PHE W 64 52.33 -76.05 1.74
CA PHE W 64 50.88 -75.79 1.61
C PHE W 64 50.09 -76.65 2.59
N ASP W 65 50.30 -77.96 2.55
CA ASP W 65 49.72 -78.90 3.53
C ASP W 65 49.83 -78.46 5.00
N LYS W 66 50.84 -77.64 5.31
CA LYS W 66 51.02 -77.15 6.68
C LYS W 66 50.05 -76.01 6.96
N CYS W 67 49.70 -75.27 5.92
CA CYS W 67 48.78 -74.16 6.06
C CYS W 67 47.34 -74.64 6.25
N ILE W 68 46.98 -75.69 5.52
CA ILE W 68 45.61 -76.17 5.55
C ILE W 68 45.35 -77.29 6.56
N GLN W 69 46.41 -77.74 7.27
CA GLN W 69 46.25 -78.89 8.16
C GLN W 69 45.19 -78.74 9.26
N THR W 70 45.16 -77.60 9.94
CA THR W 70 44.21 -77.39 11.02
C THR W 70 42.75 -77.51 10.54
N GLY W 71 42.49 -77.06 9.32
CA GLY W 71 41.15 -77.09 8.76
C GLY W 71 40.75 -78.46 8.23
N VAL W 72 41.77 -79.28 7.92
CA VAL W 72 41.57 -80.69 7.61
C VAL W 72 41.31 -81.48 8.89
N ASP W 73 41.74 -80.93 10.02
CA ASP W 73 41.65 -81.62 11.30
C ASP W 73 40.44 -81.16 12.11
N ASN W 74 39.89 -80.01 11.73
CA ASN W 74 38.75 -79.42 12.42
C ASN W 74 37.52 -79.28 11.50
N PRO W 75 36.82 -80.39 11.27
CA PRO W 75 35.67 -80.50 10.37
C PRO W 75 34.45 -79.68 10.84
N GLY W 76 34.40 -79.38 12.13
CA GLY W 76 33.23 -78.72 12.68
C GLY W 76 33.59 -77.86 13.87
N ASN W 77 32.58 -77.26 14.50
CA ASN W 77 32.81 -76.39 15.65
C ASN W 77 31.75 -76.54 16.75
N LYS W 78 32.21 -76.87 17.95
CA LYS W 78 31.35 -77.05 19.11
C LYS W 78 30.75 -75.72 19.57
N PHE W 79 31.55 -74.66 19.44
CA PHE W 79 31.15 -73.34 19.88
C PHE W 79 30.53 -72.57 18.73
N TYR W 80 30.54 -71.24 18.79
CA TYR W 80 29.89 -70.47 17.74
C TYR W 80 30.70 -70.31 16.45
N GLY W 81 29.97 -70.18 15.34
CA GLY W 81 30.53 -69.71 14.09
C GLY W 81 31.20 -70.71 13.17
N LYS W 82 31.43 -70.28 11.94
CA LYS W 82 32.17 -71.06 10.96
C LYS W 82 33.65 -70.67 11.01
N LYS W 83 34.54 -71.66 11.04
CA LYS W 83 35.99 -71.43 11.17
C LYS W 83 36.74 -71.34 9.83
N THR W 84 37.96 -70.80 9.87
CA THR W 84 38.77 -70.56 8.68
C THR W 84 39.45 -71.82 8.13
N GLY W 85 40.13 -72.55 9.00
CA GLY W 85 40.68 -73.84 8.65
C GLY W 85 42.05 -73.80 8.00
N CYS W 86 42.64 -72.61 7.94
CA CYS W 86 43.98 -72.45 7.37
C CYS W 86 44.81 -71.36 8.07
N VAL W 87 46.14 -71.43 7.91
CA VAL W 87 47.07 -70.49 8.55
C VAL W 87 48.24 -70.12 7.65
N PHE W 88 48.87 -68.97 7.97
CA PHE W 88 50.13 -68.55 7.38
C PHE W 88 51.25 -68.98 8.32
N GLY W 89 52.24 -69.70 7.82
CA GLY W 89 53.34 -70.12 8.67
C GLY W 89 54.52 -69.16 8.59
N ASP W 90 54.49 -68.28 7.59
CA ASP W 90 55.52 -67.26 7.41
C ASP W 90 55.02 -66.12 6.51
N GLU W 91 55.88 -65.12 6.32
CA GLU W 91 55.53 -63.91 5.60
C GLU W 91 55.50 -64.09 4.07
N TYR W 92 55.98 -65.23 3.59
CA TYR W 92 55.94 -65.53 2.15
C TYR W 92 54.67 -66.31 1.78
N SER W 93 54.10 -66.98 2.78
CA SER W 93 52.96 -67.88 2.55
C SER W 93 51.84 -67.28 1.67
N TYR W 94 51.38 -66.07 1.99
CA TYR W 94 50.29 -65.48 1.22
C TYR W 94 50.59 -65.39 -0.29
N GLU W 95 51.77 -64.87 -0.62
CA GLU W 95 52.18 -64.76 -2.02
C GLU W 95 52.35 -66.13 -2.65
N CYS W 96 52.93 -67.04 -1.90
CA CYS W 96 53.19 -68.38 -2.38
C CYS W 96 51.90 -69.13 -2.74
N TYR W 97 50.81 -68.86 -2.00
CA TYR W 97 49.56 -69.55 -2.25
C TYR W 97 48.39 -68.57 -2.38
N LYS W 98 48.65 -67.46 -3.07
CA LYS W 98 47.69 -66.36 -3.18
C LYS W 98 46.35 -66.75 -3.80
N GLU W 99 46.39 -67.53 -4.88
CA GLU W 99 45.16 -67.91 -5.58
C GLU W 99 44.15 -68.58 -4.64
N PHE W 100 44.64 -69.42 -3.74
CA PHE W 100 43.80 -70.09 -2.76
C PHE W 100 43.35 -69.11 -1.68
N PHE W 101 44.30 -68.34 -1.17
CA PHE W 101 44.03 -67.42 -0.05
C PHE W 101 43.13 -66.26 -0.42
N ASP W 102 43.12 -65.85 -1.69
CA ASP W 102 42.25 -64.77 -2.10
C ASP W 102 40.80 -65.20 -1.91
N LYS W 103 40.51 -66.44 -2.32
CA LYS W 103 39.13 -66.94 -2.28
C LYS W 103 38.63 -66.96 -0.84
N CYS W 104 39.52 -67.32 0.08
CA CYS W 104 39.21 -67.31 1.52
C CYS W 104 39.01 -65.91 2.05
N ILE W 105 40.05 -65.11 1.88
CA ILE W 105 40.02 -63.69 2.21
C ILE W 105 38.69 -63.12 1.76
N GLU W 106 38.36 -63.36 0.50
CA GLU W 106 37.15 -62.82 -0.07
C GLU W 106 35.89 -63.28 0.66
N GLU W 107 35.84 -64.54 1.08
CA GLU W 107 34.69 -65.02 1.83
C GLU W 107 34.57 -64.38 3.22
N ILE W 108 35.71 -64.25 3.92
CA ILE W 108 35.72 -63.74 5.29
C ILE W 108 35.55 -62.21 5.42
N HIS W 109 36.09 -61.47 4.45
CA HIS W 109 36.12 -60.01 4.52
C HIS W 109 35.19 -59.34 3.48
N HIS W 110 34.93 -60.05 2.40
CA HIS W 110 34.23 -59.50 1.25
C HIS W 110 35.13 -58.47 0.58
N PHE W 111 36.32 -58.94 0.16
CA PHE W 111 37.41 -58.12 -0.36
C PHE W 111 38.11 -58.94 -1.44
N LYS W 112 38.08 -58.47 -2.68
CA LYS W 112 38.56 -59.24 -3.82
C LYS W 112 40.01 -58.93 -4.17
N PRO W 113 40.63 -59.76 -5.03
CA PRO W 113 42.01 -59.57 -5.46
C PRO W 113 42.26 -58.27 -6.23
N SER W 114 41.21 -57.51 -6.50
CA SER W 114 41.34 -56.22 -7.16
C SER W 114 41.23 -55.06 -6.17
N ASP W 115 40.91 -55.36 -4.92
CA ASP W 115 40.73 -54.33 -3.90
C ASP W 115 42.05 -53.89 -3.24
N LYS W 116 41.98 -52.79 -2.49
CA LYS W 116 43.10 -52.36 -1.67
C LYS W 116 42.62 -51.85 -0.30
N HIS W 117 43.40 -52.13 0.74
CA HIS W 117 43.10 -51.71 2.10
C HIS W 117 43.27 -50.19 2.23
N PRO W 118 42.29 -49.51 2.85
CA PRO W 118 42.29 -48.05 3.04
C PRO W 118 43.40 -47.62 4.00
N ALA W 119 43.87 -46.37 3.89
CA ALA W 119 44.92 -45.87 4.77
C ALA W 119 44.43 -45.82 6.22
N PRO W 120 45.30 -46.21 7.17
CA PRO W 120 44.83 -46.31 8.55
C PRO W 120 44.10 -45.04 8.98
N ASP W 121 43.08 -45.21 9.82
CA ASP W 121 42.34 -44.08 10.37
C ASP W 121 41.97 -44.40 11.80
N LEU W 122 42.76 -43.90 12.74
CA LEU W 122 42.56 -44.21 14.15
C LEU W 122 41.96 -43.03 14.92
N ASP W 123 41.32 -42.12 14.20
CA ASP W 123 40.71 -40.97 14.85
C ASP W 123 39.38 -41.40 15.50
N HIS W 124 39.35 -41.40 16.83
CA HIS W 124 38.15 -41.80 17.57
C HIS W 124 37.09 -40.71 17.60
N ASN W 125 37.51 -39.48 17.34
CA ASN W 125 36.60 -38.34 17.38
C ASN W 125 35.56 -38.38 16.27
N LYS W 126 35.86 -39.12 15.20
CA LYS W 126 34.95 -39.24 14.07
C LYS W 126 33.88 -40.31 14.30
N LEU W 127 33.87 -40.87 15.51
CA LEU W 127 32.98 -41.98 15.85
C LEU W 127 31.62 -41.52 16.36
N VAL W 128 30.56 -41.93 15.66
CA VAL W 128 29.20 -41.62 16.04
C VAL W 128 28.65 -42.61 17.09
N GLY W 129 28.52 -42.13 18.32
CA GLY W 129 28.09 -42.96 19.44
C GLY W 129 29.26 -43.59 20.18
N GLY W 130 29.03 -44.74 20.80
CA GLY W 130 30.09 -45.51 21.43
C GLY W 130 29.99 -45.57 22.94
N VAL W 131 29.17 -44.70 23.51
CA VAL W 131 28.95 -44.69 24.95
C VAL W 131 27.63 -45.38 25.26
N PHE W 132 27.71 -46.71 25.41
CA PHE W 132 26.53 -47.55 25.61
C PHE W 132 26.01 -47.60 27.05
N GLU W 133 24.74 -47.96 27.18
CA GLU W 133 24.06 -48.13 28.47
C GLU W 133 24.66 -49.26 29.31
N ASP W 134 25.09 -48.94 30.52
CA ASP W 134 25.72 -49.91 31.42
C ASP W 134 24.87 -51.16 31.67
N LYS W 135 23.55 -51.00 31.60
CA LYS W 135 22.64 -52.13 31.67
C LYS W 135 23.04 -53.19 30.65
N TYR W 136 23.26 -52.78 29.41
CA TYR W 136 23.51 -53.72 28.30
C TYR W 136 24.99 -54.09 28.08
N VAL W 137 25.89 -53.11 28.10
CA VAL W 137 27.31 -53.39 27.90
C VAL W 137 28.09 -53.49 29.22
N LYS W 138 28.80 -54.61 29.41
CA LYS W 138 29.43 -54.91 30.71
C LYS W 138 30.94 -54.63 30.66
N SER W 139 31.48 -54.55 29.45
CA SER W 139 32.85 -54.17 29.21
C SER W 139 33.11 -53.96 27.73
N CYS W 140 34.08 -53.11 27.39
CA CYS W 140 34.47 -52.91 25.98
C CYS W 140 35.88 -53.40 25.79
N ARG W 141 36.20 -53.85 24.58
CA ARG W 141 37.55 -54.32 24.28
C ARG W 141 37.96 -54.03 22.84
N ILE W 142 39.22 -53.66 22.66
CA ILE W 142 39.74 -53.48 21.30
C ILE W 142 41.17 -54.03 21.14
N ARG W 143 41.37 -54.85 20.12
CA ARG W 143 42.64 -55.53 19.94
C ARG W 143 43.08 -55.63 18.49
N CYS W 144 44.39 -55.64 18.27
CA CYS W 144 44.89 -56.03 16.95
C CYS W 144 46.21 -56.77 17.08
N GLY W 145 46.55 -57.48 16.01
CA GLY W 145 47.78 -58.24 16.00
C GLY W 145 48.82 -57.64 15.07
N ARG W 146 50.09 -57.85 15.41
CA ARG W 146 51.18 -57.60 14.47
C ARG W 146 52.10 -58.82 14.47
N SER W 147 52.75 -59.06 13.34
CA SER W 147 53.76 -60.11 13.27
C SER W 147 55.09 -59.49 12.88
N VAL W 148 56.16 -59.93 13.54
CA VAL W 148 57.48 -59.34 13.34
C VAL W 148 58.19 -59.91 12.12
N LYS W 149 58.59 -59.02 11.22
CA LYS W 149 59.26 -59.39 9.99
C LYS W 149 60.62 -60.07 10.20
N GLY W 150 61.00 -60.95 9.27
CA GLY W 150 62.30 -61.59 9.32
C GLY W 150 62.27 -62.97 9.95
N VAL W 151 61.13 -63.31 10.54
CA VAL W 151 60.97 -64.57 11.25
C VAL W 151 59.64 -65.23 10.88
N CYS W 152 59.44 -66.48 11.31
CA CYS W 152 58.21 -67.20 11.00
C CYS W 152 57.06 -66.86 11.94
N LEU W 153 55.84 -67.02 11.42
CA LEU W 153 54.64 -66.88 12.23
C LEU W 153 54.53 -68.11 13.15
N PRO W 154 53.85 -67.94 14.30
CA PRO W 154 53.73 -68.98 15.33
C PRO W 154 53.57 -70.44 14.85
N PRO W 155 52.76 -70.70 13.82
CA PRO W 155 52.59 -72.09 13.40
C PRO W 155 53.88 -72.86 13.07
N ALA W 156 54.88 -72.18 12.54
CA ALA W 156 56.07 -72.87 12.02
C ALA W 156 57.39 -72.42 12.63
N MET W 157 57.34 -71.41 13.49
CA MET W 157 58.55 -70.91 14.15
C MET W 157 59.22 -71.94 15.05
N SER W 158 60.50 -71.70 15.36
CA SER W 158 61.28 -72.57 16.23
C SER W 158 61.34 -71.99 17.63
N ARG W 159 61.89 -72.74 18.58
CA ARG W 159 62.14 -72.21 19.90
C ARG W 159 63.10 -71.03 19.76
N ALA W 160 64.09 -71.20 18.90
CA ALA W 160 65.08 -70.17 18.64
C ALA W 160 64.45 -68.91 18.08
N GLU W 161 63.64 -69.08 17.03
CA GLU W 161 62.95 -67.96 16.40
C GLU W 161 61.94 -67.31 17.34
N ARG W 162 61.37 -68.11 18.24
CA ARG W 162 60.39 -67.58 19.17
C ARG W 162 61.05 -66.66 20.18
N ARG W 163 61.96 -67.23 20.99
CA ARG W 163 62.81 -66.50 21.93
C ARG W 163 63.34 -65.16 21.41
N LEU W 164 63.66 -65.10 20.12
CA LEU W 164 64.17 -63.87 19.53
C LEU W 164 63.11 -62.79 19.53
N VAL W 165 61.89 -63.18 19.18
CA VAL W 165 60.77 -62.24 19.13
C VAL W 165 60.41 -61.76 20.53
N GLU W 166 60.41 -62.68 21.48
CA GLU W 166 60.14 -62.30 22.87
C GLU W 166 61.10 -61.22 23.39
N LYS W 167 62.37 -61.29 22.97
CA LYS W 167 63.41 -60.35 23.37
C LYS W 167 63.13 -58.98 22.77
N VAL W 168 63.23 -58.90 21.45
CA VAL W 168 62.91 -57.69 20.69
C VAL W 168 61.71 -56.91 21.27
N VAL W 169 60.57 -57.59 21.36
CA VAL W 169 59.31 -56.95 21.74
C VAL W 169 59.26 -56.41 23.17
N SER W 170 59.60 -57.25 24.14
CA SER W 170 59.60 -56.84 25.53
C SER W 170 60.62 -55.72 25.79
N ASP W 171 61.72 -55.73 25.04
CA ASP W 171 62.70 -54.64 25.12
C ASP W 171 62.06 -53.38 24.57
N ALA W 172 61.66 -53.43 23.30
CA ALA W 172 60.98 -52.33 22.64
C ALA W 172 59.87 -51.75 23.51
N LEU W 173 59.07 -52.62 24.13
CA LEU W 173 58.00 -52.19 25.03
C LEU W 173 58.53 -51.41 26.21
N GLY W 174 59.81 -51.63 26.54
CA GLY W 174 60.44 -50.88 27.60
C GLY W 174 60.30 -49.37 27.35
N GLY W 175 60.24 -49.00 26.07
CA GLY W 175 60.24 -47.60 25.68
C GLY W 175 58.94 -46.85 25.88
N LEU W 176 57.91 -47.53 26.40
CA LEU W 176 56.61 -46.89 26.60
C LEU W 176 56.61 -45.95 27.79
N LYS W 177 55.95 -44.82 27.66
CA LYS W 177 55.94 -43.81 28.72
C LYS W 177 54.53 -43.39 29.13
N GLY W 178 54.45 -42.49 30.11
CA GLY W 178 53.17 -42.02 30.59
C GLY W 178 52.37 -43.15 31.23
N ASP W 179 51.05 -43.12 31.02
CA ASP W 179 50.18 -44.16 31.58
C ASP W 179 50.25 -45.45 30.75
N LEU W 180 51.03 -45.41 29.68
CA LEU W 180 51.23 -46.60 28.87
C LEU W 180 52.37 -47.46 29.41
N ALA W 181 53.23 -46.89 30.24
CA ALA W 181 54.35 -47.65 30.81
C ALA W 181 53.86 -48.84 31.61
N GLY W 182 54.59 -49.95 31.54
CA GLY W 182 54.19 -51.16 32.23
C GLY W 182 55.29 -52.20 32.29
N LYS W 183 54.95 -53.38 32.78
CA LYS W 183 55.95 -54.43 32.98
C LYS W 183 55.61 -55.70 32.18
N TYR W 184 56.64 -56.39 31.70
CA TYR W 184 56.45 -57.63 30.97
C TYR W 184 56.60 -58.84 31.87
N TYR W 185 55.56 -59.65 31.98
CA TYR W 185 55.60 -60.84 32.83
C TYR W 185 55.70 -62.13 32.01
N PRO W 186 56.92 -62.67 31.89
CA PRO W 186 57.09 -63.95 31.21
C PRO W 186 56.17 -64.99 31.85
N LEU W 187 55.67 -65.93 31.06
CA LEU W 187 54.67 -66.86 31.56
C LEU W 187 55.28 -68.08 32.21
N THR W 188 56.56 -68.32 31.94
CA THR W 188 57.26 -69.45 32.54
C THR W 188 57.59 -69.15 34.00
N THR W 189 57.67 -67.86 34.32
CA THR W 189 58.04 -67.44 35.68
C THR W 189 56.83 -66.92 36.43
N MET W 190 55.64 -67.13 35.87
CA MET W 190 54.40 -66.80 36.56
C MET W 190 53.76 -68.10 37.00
N ASN W 191 53.30 -68.15 38.25
CA ASN W 191 52.78 -69.40 38.80
C ASN W 191 51.33 -69.65 38.38
N GLU W 192 50.97 -70.92 38.28
CA GLU W 192 49.65 -71.34 37.80
C GLU W 192 48.49 -70.48 38.30
N LYS W 193 48.58 -69.99 39.52
CA LYS W 193 47.44 -69.31 40.13
C LYS W 193 47.29 -67.84 39.71
N ASP W 194 48.39 -67.11 39.64
CA ASP W 194 48.36 -65.77 39.06
C ASP W 194 47.97 -65.89 37.59
N GLN W 195 48.31 -67.02 37.00
CA GLN W 195 48.01 -67.30 35.61
C GLN W 195 46.51 -67.46 35.38
N GLU W 196 45.92 -68.49 35.97
CA GLU W 196 44.47 -68.67 35.94
C GLU W 196 43.71 -67.37 36.22
N GLN W 197 44.20 -66.57 37.17
CA GLN W 197 43.47 -65.37 37.58
C GLN W 197 43.31 -64.32 36.47
N LEU W 198 44.42 -63.90 35.89
CA LEU W 198 44.37 -62.98 34.75
C LEU W 198 43.43 -63.54 33.68
N ILE W 199 43.66 -64.80 33.32
CA ILE W 199 42.82 -65.53 32.38
C ILE W 199 41.34 -65.36 32.72
N GLU W 200 41.01 -65.46 34.00
CA GLU W 200 39.62 -65.37 34.44
C GLU W 200 39.07 -63.96 34.26
N ASP W 201 39.90 -62.98 34.60
CA ASP W 201 39.49 -61.58 34.58
C ASP W 201 39.50 -61.02 33.16
N HIS W 202 39.81 -61.90 32.20
CA HIS W 202 39.80 -61.58 30.75
C HIS W 202 41.11 -61.06 30.15
N PHE W 203 42.16 -60.88 30.95
CA PHE W 203 43.40 -60.29 30.44
C PHE W 203 44.33 -61.25 29.68
N LEU W 204 44.53 -62.45 30.20
CA LEU W 204 45.48 -63.39 29.59
C LEU W 204 44.90 -64.35 28.56
N PHE W 205 45.74 -64.84 27.65
CA PHE W 205 45.31 -65.89 26.75
C PHE W 205 45.22 -67.23 27.48
N GLU W 206 44.18 -68.00 27.17
CA GLU W 206 43.85 -69.21 27.90
C GLU W 206 44.91 -70.29 27.77
N LYS W 207 44.85 -71.26 28.69
CA LYS W 207 45.66 -72.45 28.57
C LYS W 207 45.47 -72.98 27.15
N PRO W 208 46.59 -73.29 26.47
CA PRO W 208 46.68 -73.59 25.03
C PRO W 208 45.97 -74.88 24.61
N THR W 209 44.64 -74.88 24.64
CA THR W 209 43.84 -76.04 24.26
C THR W 209 42.93 -75.77 23.06
N GLY W 210 42.94 -74.54 22.56
CA GLY W 210 42.06 -74.16 21.48
C GLY W 210 42.30 -75.00 20.24
N ALA W 211 41.22 -75.33 19.52
CA ALA W 211 41.34 -76.22 18.36
C ALA W 211 42.29 -75.66 17.31
N LEU W 212 42.15 -74.38 16.99
CA LEU W 212 43.08 -73.79 16.03
C LEU W 212 44.51 -73.93 16.57
N LEU W 213 44.72 -73.49 17.81
CA LEU W 213 46.06 -73.35 18.40
C LEU W 213 46.86 -74.66 18.48
N THR W 214 46.26 -75.73 18.98
CA THR W 214 46.95 -77.00 19.06
C THR W 214 47.32 -77.50 17.68
N THR W 215 46.30 -77.89 16.91
CA THR W 215 46.46 -78.46 15.55
C THR W 215 47.23 -77.60 14.53
N SER W 216 47.20 -76.28 14.68
CA SER W 216 47.96 -75.41 13.79
C SER W 216 49.45 -75.40 14.15
N GLY W 217 49.78 -75.86 15.36
CA GLY W 217 51.16 -75.96 15.80
C GLY W 217 51.63 -74.77 16.64
N CYS W 218 50.69 -73.91 17.03
CA CYS W 218 51.01 -72.71 17.81
C CYS W 218 51.17 -72.99 19.30
N ALA W 219 51.07 -74.25 19.72
CA ALA W 219 51.17 -74.58 21.14
C ALA W 219 52.47 -75.26 21.57
N ARG W 220 53.25 -75.73 20.60
CA ARG W 220 54.54 -76.35 20.90
C ARG W 220 55.33 -75.62 22.00
N ASP W 221 56.21 -76.36 22.67
CA ASP W 221 57.19 -75.77 23.57
C ASP W 221 56.61 -74.96 24.73
N TRP W 222 55.30 -74.99 24.90
CA TRP W 222 54.58 -74.16 25.87
C TRP W 222 55.11 -74.32 27.31
N PRO W 223 55.21 -73.22 28.07
CA PRO W 223 54.94 -71.82 27.74
C PRO W 223 56.24 -71.05 27.47
N ASP W 224 57.24 -71.75 26.93
CA ASP W 224 58.52 -71.17 26.54
C ASP W 224 58.30 -70.09 25.48
N GLY W 225 58.77 -68.88 25.75
CA GLY W 225 58.70 -67.80 24.80
C GLY W 225 57.51 -66.88 24.97
N ARG W 226 56.55 -67.31 25.77
CA ARG W 226 55.29 -66.58 25.93
C ARG W 226 55.23 -65.77 27.22
N GLY W 227 54.34 -64.78 27.22
CA GLY W 227 54.14 -63.91 28.36
C GLY W 227 53.14 -62.81 28.06
N ILE W 228 52.98 -61.90 29.02
CA ILE W 228 52.05 -60.79 28.86
C ILE W 228 52.70 -59.52 29.40
N TRP W 229 52.52 -58.42 28.69
CA TRP W 229 53.00 -57.13 29.14
C TRP W 229 51.79 -56.30 29.51
N HIS W 230 51.93 -55.40 30.47
CA HIS W 230 50.81 -54.54 30.80
C HIS W 230 51.11 -53.40 31.78
N ASN W 231 50.30 -52.35 31.69
CA ASN W 231 50.40 -51.21 32.59
C ASN W 231 49.69 -51.50 33.89
N ASN W 232 50.02 -50.74 34.92
CA ASN W 232 49.42 -50.93 36.24
C ASN W 232 47.90 -50.99 36.16
N GLU W 233 47.30 -50.03 35.46
CA GLU W 233 45.84 -49.97 35.33
C GLU W 233 45.26 -51.27 34.79
N LYS W 234 46.08 -52.04 34.09
CA LYS W 234 45.60 -53.19 33.31
C LYS W 234 44.47 -52.81 32.35
N ASN W 235 44.63 -51.68 31.67
CA ASN W 235 43.71 -51.31 30.60
C ASN W 235 44.44 -51.25 29.26
N PHE W 236 45.76 -51.45 29.30
CA PHE W 236 46.60 -51.54 28.10
C PHE W 236 47.62 -52.69 28.26
N LEU W 237 47.53 -53.67 27.38
CA LEU W 237 48.32 -54.90 27.50
C LEU W 237 48.93 -55.31 26.18
N VAL W 238 49.83 -56.29 26.23
CA VAL W 238 50.42 -56.84 25.01
C VAL W 238 50.74 -58.33 25.12
N TRP W 239 50.00 -59.14 24.36
CA TRP W 239 50.25 -60.57 24.31
C TRP W 239 51.44 -60.82 23.39
N ILE W 240 52.37 -61.66 23.83
CA ILE W 240 53.48 -62.07 23.00
C ILE W 240 53.44 -63.58 22.82
N ASN W 241 53.48 -64.01 21.56
CA ASN W 241 53.73 -65.41 21.17
C ASN W 241 52.69 -66.48 21.44
N GLU W 242 51.42 -66.09 21.47
CA GLU W 242 50.33 -67.06 21.43
C GLU W 242 50.03 -67.35 19.96
N GLU W 243 48.85 -66.98 19.50
CA GLU W 243 48.49 -67.19 18.09
C GLU W 243 49.35 -66.33 17.15
N ASP W 244 49.66 -65.11 17.58
CA ASP W 244 50.48 -64.21 16.81
C ASP W 244 51.76 -63.90 17.60
N HIS W 245 52.63 -63.06 17.05
CA HIS W 245 53.76 -62.56 17.81
C HIS W 245 53.23 -61.57 18.81
N ILE W 246 52.64 -60.49 18.30
CA ILE W 246 52.17 -59.41 19.14
C ILE W 246 50.67 -59.23 19.04
N ARG W 247 50.05 -58.98 20.19
CA ARG W 247 48.65 -58.64 20.25
C ARG W 247 48.42 -57.48 21.22
N VAL W 248 48.09 -56.32 20.65
CA VAL W 248 47.86 -55.08 21.40
C VAL W 248 46.42 -55.03 21.92
N ILE W 249 46.27 -54.72 23.20
CA ILE W 249 44.95 -54.76 23.82
C ILE W 249 44.60 -53.52 24.65
N SER W 250 43.38 -53.02 24.43
CA SER W 250 42.83 -51.96 25.26
C SER W 250 41.43 -52.36 25.69
N MET W 251 41.15 -52.26 26.99
CA MET W 251 39.91 -52.76 27.53
C MET W 251 39.60 -52.22 28.93
N GLN W 252 38.30 -52.09 29.23
CA GLN W 252 37.86 -51.61 30.53
C GLN W 252 36.38 -51.89 30.71
N LYS W 253 35.96 -52.15 31.94
CA LYS W 253 34.54 -52.35 32.26
C LYS W 253 33.67 -51.16 31.83
N GLY W 254 32.38 -51.42 31.66
CA GLY W 254 31.43 -50.38 31.34
C GLY W 254 31.08 -50.25 29.87
N GLY W 255 30.39 -49.16 29.53
CA GLY W 255 29.91 -48.98 28.18
C GLY W 255 30.65 -47.97 27.33
N ASP W 256 31.84 -47.56 27.77
CA ASP W 256 32.58 -46.50 27.08
C ASP W 256 33.51 -47.00 25.96
N LEU W 257 32.92 -47.63 24.96
CA LEU W 257 33.69 -48.17 23.83
C LEU W 257 34.50 -47.08 23.13
N LYS W 258 34.01 -45.85 23.13
CA LYS W 258 34.73 -44.76 22.51
C LYS W 258 36.04 -44.48 23.25
N ALA W 259 35.96 -44.40 24.58
CA ALA W 259 37.13 -44.15 25.39
C ALA W 259 38.13 -45.30 25.26
N VAL W 260 37.62 -46.53 25.25
CA VAL W 260 38.46 -47.70 25.02
C VAL W 260 39.26 -47.56 23.72
N PHE W 261 38.60 -47.05 22.69
CA PHE W 261 39.19 -46.82 21.36
C PHE W 261 40.19 -45.68 21.32
N SER W 262 39.97 -44.64 22.14
CA SER W 262 40.90 -43.53 22.24
C SER W 262 42.28 -43.94 22.76
N ARG W 263 42.28 -44.87 23.71
CA ARG W 263 43.52 -45.36 24.31
C ARG W 263 44.18 -46.34 23.35
N PHE W 264 43.35 -47.10 22.63
CA PHE W 264 43.82 -48.08 21.67
C PHE W 264 44.72 -47.44 20.61
N ALA W 265 44.28 -46.33 20.02
CA ALA W 265 45.07 -45.64 19.00
C ALA W 265 46.36 -45.08 19.58
N ARG W 266 46.26 -44.47 20.77
CA ARG W 266 47.42 -43.95 21.47
C ARG W 266 48.52 -45.00 21.65
N GLY W 267 48.14 -46.16 22.18
CA GLY W 267 49.09 -47.20 22.51
C GLY W 267 49.52 -48.02 21.31
N LEU W 268 48.67 -48.05 20.28
CA LEU W 268 49.06 -48.72 19.05
C LEU W 268 50.12 -47.90 18.32
N LEU W 269 49.98 -46.58 18.40
CA LEU W 269 50.89 -45.70 17.70
C LEU W 269 52.26 -45.61 18.38
N GLU W 270 52.27 -45.70 19.71
CA GLU W 270 53.51 -45.73 20.45
C GLU W 270 54.26 -47.02 20.19
N VAL W 271 53.54 -48.14 20.25
CA VAL W 271 54.14 -49.44 20.03
C VAL W 271 54.70 -49.58 18.62
N GLU W 272 53.94 -49.16 17.62
CA GLU W 272 54.40 -49.23 16.23
C GLU W 272 55.66 -48.40 16.06
N ARG W 273 55.80 -47.35 16.86
CA ARG W 273 56.91 -46.43 16.78
C ARG W 273 58.17 -46.96 17.46
N LEU W 274 58.02 -47.52 18.65
CA LEU W 274 59.15 -48.11 19.35
C LEU W 274 59.69 -49.30 18.57
N MET W 275 58.79 -50.05 17.94
CA MET W 275 59.22 -51.18 17.12
C MET W 275 60.03 -50.70 15.92
N LYS W 276 59.58 -49.61 15.31
CA LYS W 276 60.32 -48.97 14.23
C LYS W 276 61.65 -48.42 14.76
N GLU W 277 61.55 -47.56 15.77
CA GLU W 277 62.70 -47.02 16.47
C GLU W 277 63.78 -48.08 16.66
N CYS W 278 63.37 -49.28 17.07
CA CYS W 278 64.30 -50.34 17.41
C CYS W 278 64.77 -51.16 16.19
N GLY W 279 64.49 -50.65 14.99
CA GLY W 279 64.95 -51.27 13.77
C GLY W 279 64.31 -52.61 13.48
N HIS W 280 63.15 -52.84 14.08
CA HIS W 280 62.38 -54.05 13.82
C HIS W 280 61.13 -53.73 12.98
N GLY W 281 61.06 -54.29 11.78
CA GLY W 281 59.91 -54.08 10.93
C GLY W 281 58.79 -55.08 11.17
N LEU W 282 57.56 -54.68 10.86
CA LEU W 282 56.41 -55.57 10.97
C LEU W 282 56.03 -56.17 9.61
N MET W 283 55.22 -57.24 9.63
CA MET W 283 54.74 -57.86 8.39
C MET W 283 53.61 -57.05 7.75
N HIS W 284 53.88 -56.47 6.58
CA HIS W 284 52.93 -55.54 5.98
C HIS W 284 52.91 -55.66 4.46
N ASN W 285 51.70 -55.82 3.92
CA ASN W 285 51.48 -55.87 2.48
C ASN W 285 50.95 -54.52 2.03
N ASP W 286 51.10 -54.21 0.74
CA ASP W 286 50.57 -52.96 0.21
C ASP W 286 49.05 -53.01 0.05
N ARG W 287 48.58 -54.01 -0.69
CA ARG W 287 47.15 -54.23 -0.85
C ARG W 287 46.43 -54.54 0.46
N LEU W 288 47.02 -55.39 1.29
CA LEU W 288 46.32 -56.01 2.42
C LEU W 288 46.62 -55.42 3.79
N GLY W 289 47.62 -54.55 3.89
CA GLY W 289 48.00 -54.02 5.17
C GLY W 289 48.70 -55.10 5.97
N TYR W 290 48.47 -55.12 7.28
CA TYR W 290 49.18 -56.02 8.19
C TYR W 290 48.81 -57.50 8.04
N ILE W 291 49.83 -58.36 8.01
CA ILE W 291 49.65 -59.79 7.90
C ILE W 291 49.92 -60.51 9.22
N CYS W 292 49.06 -61.49 9.53
CA CYS W 292 49.17 -62.27 10.75
C CYS W 292 49.00 -63.77 10.52
N THR W 293 48.90 -64.52 11.62
CA THR W 293 48.74 -65.97 11.57
C THR W 293 47.48 -66.39 10.79
N CYS W 294 46.37 -65.69 11.03
CA CYS W 294 45.05 -66.09 10.52
C CYS W 294 44.48 -65.07 9.51
N PRO W 295 43.98 -65.58 8.37
CA PRO W 295 43.39 -64.77 7.29
C PRO W 295 42.24 -63.87 7.76
N THR W 296 41.64 -64.14 8.92
CA THR W 296 40.66 -63.19 9.45
C THR W 296 41.38 -61.92 9.85
N ASN W 297 42.49 -62.10 10.56
CA ASN W 297 43.29 -61.00 11.09
C ASN W 297 44.25 -60.45 10.01
N MET W 298 43.71 -59.53 9.21
CA MET W 298 44.45 -58.86 8.13
C MET W 298 43.99 -57.40 8.05
N GLY W 299 44.80 -56.55 7.44
CA GLY W 299 44.41 -55.17 7.21
C GLY W 299 44.58 -54.36 8.47
N THR W 300 43.48 -54.11 9.17
CA THR W 300 43.54 -53.50 10.48
C THR W 300 44.03 -54.53 11.49
N VAL W 301 43.62 -55.78 11.28
CA VAL W 301 43.87 -56.87 12.23
C VAL W 301 43.09 -56.63 13.53
N VAL W 302 42.12 -55.73 13.47
CA VAL W 302 41.46 -55.23 14.68
C VAL W 302 40.14 -55.92 15.03
N ARG W 303 39.95 -56.16 16.34
CA ARG W 303 38.68 -56.67 16.84
C ARG W 303 38.13 -55.85 18.01
N ALA W 304 37.20 -54.95 17.69
CA ALA W 304 36.43 -54.26 18.70
C ALA W 304 35.25 -55.16 19.10
N SER W 305 35.03 -55.30 20.40
CA SER W 305 33.92 -56.10 20.86
C SER W 305 33.28 -55.41 22.04
N VAL W 306 32.21 -56.03 22.55
CA VAL W 306 31.60 -55.66 23.80
C VAL W 306 31.05 -56.92 24.43
N HIS W 307 30.77 -56.88 25.72
CA HIS W 307 29.99 -57.95 26.32
C HIS W 307 28.57 -57.44 26.36
N LEU W 308 27.71 -58.07 25.58
CA LEU W 308 26.34 -57.61 25.44
C LEU W 308 25.42 -58.53 26.20
N ARG W 309 24.51 -57.94 26.96
CA ARG W 309 23.57 -58.69 27.79
C ARG W 309 22.17 -58.63 27.17
N LEU W 310 21.78 -59.76 26.58
CA LEU W 310 20.56 -59.82 25.79
C LEU W 310 19.59 -60.84 26.38
N ALA W 311 18.91 -60.44 27.44
CA ALA W 311 18.02 -61.35 28.15
C ALA W 311 16.89 -61.86 27.26
N PHE W 312 16.43 -61.02 26.34
CA PHE W 312 15.33 -61.40 25.47
C PHE W 312 15.78 -61.82 24.07
N LEU W 313 16.68 -61.03 23.47
CA LEU W 313 17.09 -61.31 22.10
C LEU W 313 17.84 -62.64 21.97
N GLU W 314 18.23 -63.22 23.10
CA GLU W 314 18.90 -64.51 23.10
C GLU W 314 17.89 -65.67 22.94
N LYS W 315 16.61 -65.37 23.14
CA LYS W 315 15.56 -66.36 22.95
C LYS W 315 15.01 -66.36 21.52
N HIS W 316 15.14 -65.22 20.84
CA HIS W 316 14.52 -65.04 19.53
C HIS W 316 15.19 -65.84 18.41
N PRO W 317 14.38 -66.57 17.62
CA PRO W 317 14.82 -67.43 16.52
C PRO W 317 15.61 -66.72 15.40
N ARG W 318 15.53 -65.40 15.31
CA ARG W 318 16.26 -64.68 14.26
C ARG W 318 17.45 -63.88 14.80
N PHE W 319 17.93 -64.25 15.98
CA PHE W 319 19.10 -63.62 16.61
C PHE W 319 20.39 -63.89 15.83
N ASP W 320 20.54 -65.11 15.30
CA ASP W 320 21.74 -65.47 14.56
C ASP W 320 21.71 -64.92 13.13
N GLU W 321 20.52 -64.96 12.51
CA GLU W 321 20.28 -64.35 11.21
C GLU W 321 20.61 -62.85 11.26
N MET W 322 20.17 -62.20 12.33
CA MET W 322 20.45 -60.77 12.47
C MET W 322 21.95 -60.45 12.58
N LEU W 323 22.63 -61.10 13.53
CA LEU W 323 24.07 -60.90 13.70
C LEU W 323 24.77 -60.98 12.35
N GLY W 324 24.61 -62.12 11.67
CA GLY W 324 25.25 -62.34 10.38
C GLY W 324 25.10 -61.15 9.46
N LYS W 325 23.87 -60.72 9.24
CA LYS W 325 23.59 -59.62 8.32
C LYS W 325 24.21 -58.31 8.79
N LEU W 326 24.59 -58.25 10.05
CA LEU W 326 25.22 -57.05 10.59
C LEU W 326 26.73 -57.13 10.49
N ARG W 327 27.23 -58.20 9.89
CA ARG W 327 28.68 -58.44 9.80
C ARG W 327 29.33 -58.51 11.18
N LEU W 328 28.61 -59.08 12.13
CA LEU W 328 29.08 -59.17 13.52
C LEU W 328 29.41 -60.61 13.92
N GLY W 329 30.32 -60.77 14.87
CA GLY W 329 30.71 -62.09 15.33
C GLY W 329 30.12 -62.42 16.70
N LYS W 330 29.93 -63.71 16.94
CA LYS W 330 29.33 -64.18 18.19
C LYS W 330 30.34 -65.05 18.93
N ARG W 331 30.55 -64.78 20.22
CA ARG W 331 31.49 -65.53 21.07
C ARG W 331 31.03 -65.53 22.53
N GLY W 332 31.31 -66.60 23.26
CA GLY W 332 30.90 -66.70 24.66
C GLY W 332 31.62 -65.75 25.61
N THR W 333 31.24 -65.78 26.88
CA THR W 333 31.77 -64.83 27.86
C THR W 333 33.29 -64.99 28.08
N GLY W 334 33.80 -66.20 27.93
CA GLY W 334 35.21 -66.46 28.09
C GLY W 334 35.97 -66.25 26.80
N GLY W 335 35.23 -66.07 25.71
CA GLY W 335 35.83 -65.88 24.41
C GLY W 335 35.38 -66.91 23.39
N GLU W 336 36.16 -66.99 22.32
CA GLU W 336 35.88 -67.82 21.16
C GLU W 336 35.72 -69.34 21.42
N SER W 337 36.54 -69.90 22.31
CA SER W 337 36.36 -71.32 22.64
C SER W 337 35.49 -71.50 23.88
N SER W 338 34.42 -70.71 23.96
CA SER W 338 33.44 -70.82 25.05
C SER W 338 32.05 -70.36 24.65
N LEU W 339 31.07 -70.65 25.49
CA LEU W 339 29.68 -70.34 25.22
C LEU W 339 29.24 -69.08 25.94
N ALA W 340 28.03 -68.62 25.67
CA ALA W 340 27.54 -67.38 26.24
C ALA W 340 26.86 -67.59 27.59
N THR W 341 27.50 -67.13 28.66
CA THR W 341 26.97 -67.34 29.99
C THR W 341 26.20 -66.12 30.51
N ASP W 342 24.99 -66.36 30.99
CA ASP W 342 24.19 -65.33 31.63
C ASP W 342 23.61 -64.35 30.63
N SER W 343 23.18 -64.85 29.47
CA SER W 343 22.60 -64.02 28.43
C SER W 343 23.61 -62.95 28.00
N THR W 344 24.89 -63.28 28.15
CA THR W 344 25.95 -62.33 27.85
C THR W 344 26.84 -62.90 26.77
N TYR W 345 27.04 -62.09 25.73
CA TYR W 345 27.74 -62.52 24.53
C TYR W 345 28.89 -61.58 24.22
N ASP W 346 29.89 -62.10 23.53
CA ASP W 346 31.01 -61.32 23.02
C ASP W 346 30.70 -60.92 21.59
N ILE W 347 30.04 -59.78 21.42
CA ILE W 347 29.66 -59.28 20.10
C ILE W 347 30.71 -58.29 19.57
N SER W 348 31.25 -58.60 18.39
CA SER W 348 32.34 -57.82 17.83
C SER W 348 32.18 -57.60 16.33
N ASN W 349 33.27 -57.25 15.65
CA ASN W 349 33.23 -57.06 14.21
C ASN W 349 33.91 -58.21 13.50
N TRP W 350 33.41 -58.53 12.32
CA TRP W 350 33.80 -59.73 11.61
C TRP W 350 34.87 -59.44 10.56
N ALA W 351 34.76 -58.30 9.90
CA ALA W 351 35.72 -57.88 8.89
C ALA W 351 36.92 -57.18 9.54
N ARG W 352 38.11 -57.42 8.97
CA ARG W 352 39.32 -56.78 9.44
C ARG W 352 40.02 -56.07 8.30
N LEU W 353 39.62 -56.40 7.08
CA LEU W 353 40.31 -56.00 5.88
C LEU W 353 39.38 -55.21 4.95
N GLY W 354 39.86 -54.08 4.46
CA GLY W 354 39.15 -53.36 3.42
C GLY W 354 38.44 -52.14 3.93
N LYS W 355 38.39 -52.01 5.25
CA LYS W 355 37.81 -50.84 5.89
C LYS W 355 38.76 -50.40 6.99
N SER W 356 38.59 -49.15 7.43
CA SER W 356 39.51 -48.56 8.38
C SER W 356 39.14 -48.92 9.81
N GLU W 357 40.07 -48.69 10.71
CA GLU W 357 39.86 -48.93 12.13
C GLU W 357 38.59 -48.23 12.64
N ARG W 358 38.45 -46.94 12.32
CA ARG W 358 37.28 -46.17 12.74
C ARG W 358 35.98 -46.74 12.17
N GLU W 359 36.03 -47.17 10.91
CA GLU W 359 34.88 -47.78 10.26
C GLU W 359 34.40 -49.02 10.98
N LEU W 360 35.33 -49.91 11.30
CA LEU W 360 34.98 -51.22 11.84
C LEU W 360 34.41 -51.14 13.24
N VAL W 361 34.90 -50.20 14.04
CA VAL W 361 34.25 -49.83 15.29
C VAL W 361 32.84 -49.33 15.00
N GLN W 362 32.74 -48.33 14.12
CA GLN W 362 31.45 -47.78 13.74
C GLN W 362 30.46 -48.89 13.46
N VAL W 363 30.88 -49.87 12.67
CA VAL W 363 30.04 -51.04 12.37
C VAL W 363 29.59 -51.77 13.64
N LEU W 364 30.52 -52.03 14.55
CA LEU W 364 30.17 -52.62 15.84
C LEU W 364 29.13 -51.74 16.53
N VAL W 365 29.41 -50.45 16.61
CA VAL W 365 28.52 -49.47 17.22
C VAL W 365 27.11 -49.51 16.62
N ASP W 366 27.03 -49.31 15.30
CA ASP W 366 25.73 -49.33 14.63
C ASP W 366 24.99 -50.65 14.88
N GLY W 367 25.76 -51.73 14.99
CA GLY W 367 25.22 -53.05 15.23
C GLY W 367 24.66 -53.25 16.63
N VAL W 368 25.44 -52.87 17.64
CA VAL W 368 24.99 -53.01 19.03
C VAL W 368 23.74 -52.20 19.29
N ASN W 369 23.68 -50.99 18.71
CA ASN W 369 22.52 -50.12 18.82
C ASN W 369 21.20 -50.78 18.40
N LEU W 370 21.26 -51.59 17.35
CA LEU W 370 20.06 -52.28 16.86
C LEU W 370 19.67 -53.43 17.80
N LEU W 371 20.63 -54.30 18.10
CA LEU W 371 20.41 -55.39 19.04
C LEU W 371 19.82 -54.92 20.37
N ILE W 372 20.25 -53.76 20.85
CA ILE W 372 19.72 -53.19 22.08
C ILE W 372 18.28 -52.71 21.87
N ALA W 373 18.03 -52.15 20.68
CA ALA W 373 16.70 -51.69 20.34
C ALA W 373 15.79 -52.88 20.07
N CYS W 374 16.39 -54.02 19.72
CA CYS W 374 15.64 -55.25 19.47
C CYS W 374 15.26 -55.94 20.78
N ASP W 375 16.20 -55.94 21.73
CA ASP W 375 15.97 -56.56 23.02
C ASP W 375 15.02 -55.73 23.91
N LYS W 376 14.99 -54.42 23.67
CA LYS W 376 14.02 -53.55 24.34
C LYS W 376 12.61 -53.80 23.83
N LYS W 377 12.46 -53.93 22.52
CA LYS W 377 11.16 -54.21 21.91
C LYS W 377 10.57 -55.55 22.32
N LEU W 378 11.42 -56.58 22.36
CA LEU W 378 11.01 -57.90 22.83
C LEU W 378 10.58 -57.83 24.29
N GLU W 379 11.44 -57.24 25.13
CA GLU W 379 11.16 -57.07 26.55
C GLU W 379 9.79 -56.44 26.75
N ALA W 380 9.31 -55.75 25.72
CA ALA W 380 8.08 -54.99 25.79
C ALA W 380 6.90 -55.74 25.16
N GLY W 381 7.05 -57.05 24.98
CA GLY W 381 6.00 -57.84 24.37
C GLY W 381 5.58 -57.30 23.01
N GLN W 382 6.57 -56.98 22.20
CA GLN W 382 6.32 -56.43 20.88
C GLN W 382 7.25 -57.16 19.91
N SER W 383 6.86 -57.27 18.63
CA SER W 383 7.63 -58.07 17.68
C SER W 383 8.73 -57.26 17.00
N ILE W 384 9.75 -57.96 16.50
CA ILE W 384 10.94 -57.31 15.96
C ILE W 384 11.31 -57.75 14.54
N ASP W 385 10.36 -58.36 13.84
CA ASP W 385 10.63 -58.87 12.48
C ASP W 385 11.06 -57.74 11.55
N ASP W 386 10.28 -56.66 11.54
CA ASP W 386 10.62 -55.44 10.83
C ASP W 386 12.06 -55.01 11.12
N MET W 387 12.45 -55.09 12.39
CA MET W 387 13.73 -54.59 12.87
C MET W 387 14.92 -55.36 12.29
N ILE W 388 14.72 -56.63 11.94
CA ILE W 388 15.79 -57.47 11.42
C ILE W 388 16.20 -57.02 10.01
N PRO W 389 17.50 -56.78 9.82
CA PRO W 389 17.99 -56.28 8.54
C PRO W 389 17.42 -57.08 7.39
N LYS W 390 17.13 -56.41 6.27
CA LYS W 390 16.57 -57.08 5.10
C LYS W 390 17.63 -57.94 4.41
N PHE X 9 61.28 -80.65 -1.50
CA PHE X 9 59.94 -80.94 -0.99
C PHE X 9 59.97 -82.06 0.05
N VAL X 10 60.81 -83.07 -0.19
CA VAL X 10 60.95 -84.19 0.74
C VAL X 10 61.47 -83.74 2.09
N LYS X 11 62.63 -83.09 2.08
CA LYS X 11 63.26 -82.65 3.33
C LYS X 11 62.45 -81.55 4.01
N ASN X 12 61.32 -81.19 3.41
CA ASN X 12 60.44 -80.18 3.96
C ASN X 12 59.14 -80.78 4.48
N ARG X 13 59.12 -82.11 4.58
CA ARG X 13 57.97 -82.87 5.08
C ARG X 13 57.30 -82.27 6.31
N VAL X 14 58.07 -81.67 7.22
CA VAL X 14 57.49 -81.19 8.47
C VAL X 14 56.72 -79.88 8.29
N GLY X 15 57.13 -79.08 7.32
CA GLY X 15 56.47 -77.81 7.05
C GLY X 15 56.85 -76.77 8.08
N HIS X 16 58.02 -76.96 8.67
CA HIS X 16 58.52 -76.09 9.74
C HIS X 16 59.88 -75.53 9.35
N SER X 17 60.24 -74.38 9.91
CA SER X 17 61.55 -73.80 9.64
C SER X 17 62.66 -74.57 10.37
N LYS X 18 63.84 -74.59 9.77
CA LYS X 18 65.00 -75.23 10.37
C LYS X 18 65.98 -74.15 10.80
N PRO X 19 66.13 -73.92 12.12
CA PRO X 19 66.90 -72.76 12.63
C PRO X 19 68.41 -72.91 12.46
N TRP X 20 68.85 -74.08 12.00
CA TRP X 20 70.27 -74.35 11.82
C TRP X 20 70.75 -73.91 10.44
N GLU X 21 69.87 -73.90 9.45
CA GLU X 21 70.34 -73.80 8.09
C GLU X 21 71.05 -72.44 7.75
N SER X 22 70.27 -71.35 7.74
CA SER X 22 70.77 -69.96 7.42
C SER X 22 71.80 -69.41 8.38
N GLY X 23 72.05 -70.12 9.48
CA GLY X 23 73.18 -69.85 10.35
C GLY X 23 73.12 -68.59 11.19
N LYS X 24 71.98 -68.17 11.72
CA LYS X 24 72.05 -67.09 12.72
C LYS X 24 71.87 -67.67 14.12
N PHE X 25 71.36 -68.89 14.11
CA PHE X 25 71.13 -69.64 15.34
C PHE X 25 72.14 -70.77 15.57
N LYS X 26 72.62 -70.91 16.79
CA LYS X 26 73.43 -72.05 17.17
C LYS X 26 72.50 -73.01 17.87
N ALA X 27 72.92 -74.26 17.99
CA ALA X 27 72.07 -75.28 18.62
C ALA X 27 71.55 -74.77 19.96
N ALA X 28 72.48 -74.30 20.79
CA ALA X 28 72.14 -73.80 22.12
C ALA X 28 70.97 -72.83 22.07
N ASP X 29 70.82 -72.11 20.96
CA ASP X 29 69.73 -71.16 20.79
C ASP X 29 68.39 -71.85 20.68
N ASN X 30 68.41 -73.08 20.16
CA ASN X 30 67.19 -73.87 19.97
C ASN X 30 67.00 -75.01 20.98
N PHE X 31 67.93 -75.11 21.94
CA PHE X 31 67.86 -76.12 23.01
C PHE X 31 66.69 -75.86 23.94
N PRO X 32 66.05 -76.94 24.44
CA PRO X 32 64.81 -76.89 25.24
C PRO X 32 65.00 -76.70 26.75
N ASP X 33 64.01 -76.09 27.40
CA ASP X 33 63.99 -76.02 28.85
C ASP X 33 63.10 -77.12 29.40
N LEU X 34 63.73 -78.15 29.98
CA LEU X 34 63.00 -79.33 30.43
C LEU X 34 63.13 -79.52 31.94
N SER X 35 63.39 -78.41 32.65
CA SER X 35 63.50 -78.40 34.10
C SER X 35 62.30 -79.04 34.80
N LYS X 36 61.13 -78.94 34.17
CA LYS X 36 59.90 -79.40 34.80
C LYS X 36 59.31 -80.61 34.12
N HIS X 37 60.11 -81.29 33.30
CA HIS X 37 59.64 -82.43 32.51
C HIS X 37 59.95 -83.77 33.17
N ASN X 38 58.99 -84.68 33.13
CA ASN X 38 59.19 -86.05 33.61
C ASN X 38 59.01 -87.13 32.54
N ASN X 39 59.95 -87.25 31.62
CA ASN X 39 59.88 -88.34 30.65
C ASN X 39 61.26 -88.79 30.23
N VAL X 40 61.36 -89.98 29.64
CA VAL X 40 62.67 -90.53 29.28
C VAL X 40 63.47 -89.59 28.36
N MET X 41 62.79 -89.01 27.37
CA MET X 41 63.40 -88.06 26.44
C MET X 41 64.11 -86.96 27.22
N ALA X 42 63.37 -86.31 28.12
CA ALA X 42 63.92 -85.26 28.97
C ALA X 42 65.06 -85.77 29.84
N SER X 43 64.93 -87.03 30.28
CA SER X 43 65.91 -87.66 31.16
C SER X 43 67.20 -88.12 30.45
N GLN X 44 67.09 -88.44 29.16
CA GLN X 44 68.23 -88.97 28.42
C GLN X 44 68.96 -87.89 27.62
N LEU X 45 68.31 -86.72 27.46
CA LEU X 45 68.83 -85.67 26.61
C LEU X 45 69.95 -84.88 27.28
N THR X 46 70.90 -84.41 26.47
CA THR X 46 71.97 -83.52 26.95
C THR X 46 72.23 -82.45 25.90
N LYS X 47 72.89 -81.37 26.32
CA LYS X 47 73.16 -80.28 25.40
C LYS X 47 74.00 -80.71 24.20
N GLU X 48 74.84 -81.73 24.40
CA GLU X 48 75.72 -82.25 23.36
C GLU X 48 75.04 -83.17 22.35
N LEU X 49 74.25 -84.12 22.83
CA LEU X 49 73.48 -84.97 21.92
C LEU X 49 72.59 -84.07 21.06
N TYR X 50 72.02 -83.04 21.67
CA TYR X 50 71.20 -82.13 20.90
C TYR X 50 72.03 -81.41 19.84
N GLU X 51 73.21 -80.96 20.22
CA GLU X 51 74.06 -80.25 19.28
C GLU X 51 74.43 -81.19 18.14
N LYS X 52 74.73 -82.43 18.51
CA LYS X 52 75.16 -83.43 17.55
C LYS X 52 74.07 -83.81 16.56
N TYR X 53 72.81 -83.66 16.95
CA TYR X 53 71.72 -84.25 16.18
C TYR X 53 70.68 -83.28 15.62
N TRP X 54 70.80 -82.00 15.90
CA TRP X 54 69.73 -81.05 15.59
C TRP X 54 69.68 -80.60 14.14
N ASP X 55 70.80 -80.67 13.44
CA ASP X 55 70.83 -80.33 12.03
C ASP X 55 70.91 -81.59 11.18
N LYS X 56 70.62 -82.73 11.80
CA LYS X 56 70.59 -84.01 11.12
C LYS X 56 69.14 -84.39 10.73
N VAL X 57 68.91 -84.60 9.43
CA VAL X 57 67.59 -84.92 8.91
C VAL X 57 67.61 -86.26 8.18
N THR X 58 66.57 -87.07 8.37
CA THR X 58 66.53 -88.39 7.76
C THR X 58 66.29 -88.26 6.25
N PRO X 59 66.38 -89.39 5.51
CA PRO X 59 66.16 -89.40 4.06
C PRO X 59 64.72 -89.15 3.66
N ASN X 60 63.83 -88.95 4.64
CA ASN X 60 62.42 -88.66 4.35
C ASN X 60 62.02 -87.24 4.71
N GLY X 61 62.87 -86.56 5.47
CA GLY X 61 62.56 -85.21 5.90
C GLY X 61 62.21 -85.18 7.37
N VAL X 62 62.37 -86.33 8.02
CA VAL X 62 62.19 -86.40 9.46
C VAL X 62 63.35 -85.72 10.17
N THR X 63 63.03 -84.79 11.05
CA THR X 63 64.04 -84.08 11.84
C THR X 63 64.11 -84.65 13.26
N PHE X 64 65.18 -84.29 13.98
CA PHE X 64 65.36 -84.67 15.37
C PHE X 64 64.36 -83.94 16.30
N ASP X 65 63.98 -82.72 15.95
CA ASP X 65 63.02 -81.96 16.74
C ASP X 65 61.61 -82.52 16.60
N LYS X 66 61.32 -83.11 15.45
CA LYS X 66 60.04 -83.78 15.24
C LYS X 66 60.01 -85.10 16.01
N CYS X 67 61.18 -85.63 16.36
CA CYS X 67 61.21 -86.87 17.13
C CYS X 67 60.98 -86.64 18.63
N ILE X 68 61.46 -85.50 19.13
CA ILE X 68 61.40 -85.20 20.57
C ILE X 68 60.34 -84.16 20.94
N GLN X 69 59.58 -83.71 19.95
CA GLN X 69 58.56 -82.69 20.18
C GLN X 69 57.49 -83.12 21.19
N THR X 70 56.97 -84.33 21.01
CA THR X 70 55.92 -84.83 21.90
C THR X 70 56.39 -84.79 23.36
N GLY X 71 57.68 -85.04 23.56
CA GLY X 71 58.27 -84.96 24.89
C GLY X 71 58.21 -83.55 25.43
N VAL X 72 58.61 -82.58 24.63
CA VAL X 72 58.68 -81.21 25.10
C VAL X 72 57.30 -80.69 25.53
N ASP X 73 56.26 -81.19 24.87
CA ASP X 73 54.91 -80.66 25.02
C ASP X 73 54.10 -81.38 26.10
N ASN X 74 54.62 -82.49 26.59
CA ASN X 74 54.00 -83.22 27.70
C ASN X 74 54.96 -83.35 28.88
N PRO X 75 55.09 -82.27 29.67
CA PRO X 75 55.96 -82.35 30.85
C PRO X 75 55.44 -83.30 31.95
N GLY X 76 54.20 -83.77 31.83
CA GLY X 76 53.55 -84.49 32.90
C GLY X 76 52.35 -85.32 32.48
N ASN X 77 51.79 -86.06 33.43
CA ASN X 77 50.86 -87.13 33.13
C ASN X 77 49.79 -87.24 34.21
N LYS X 78 48.53 -87.04 33.82
CA LYS X 78 47.44 -87.13 34.79
C LYS X 78 47.13 -88.59 35.17
N PHE X 79 47.67 -89.52 34.39
CA PHE X 79 47.41 -90.94 34.59
C PHE X 79 48.64 -91.71 35.10
N TYR X 80 48.59 -93.03 35.01
CA TYR X 80 49.66 -93.87 35.54
C TYR X 80 50.95 -93.80 34.72
N GLY X 81 52.09 -93.82 35.41
CA GLY X 81 53.38 -94.08 34.79
C GLY X 81 54.20 -92.92 34.25
N LYS X 82 55.45 -93.23 33.92
CA LYS X 82 56.36 -92.28 33.25
C LYS X 82 56.33 -92.48 31.74
N LYS X 83 55.99 -91.42 31.01
CA LYS X 83 55.89 -91.50 29.55
C LYS X 83 57.24 -91.32 28.83
N THR X 84 57.35 -91.92 27.65
CA THR X 84 58.59 -91.92 26.85
C THR X 84 58.97 -90.56 26.27
N GLY X 85 57.98 -89.89 25.66
CA GLY X 85 58.17 -88.54 25.16
C GLY X 85 59.01 -88.41 23.90
N CYS X 86 59.02 -89.44 23.08
CA CYS X 86 59.63 -89.34 21.76
C CYS X 86 59.15 -90.45 20.84
N VAL X 87 59.33 -90.25 19.54
CA VAL X 87 58.76 -91.16 18.54
C VAL X 87 59.73 -91.36 17.38
N PHE X 88 59.55 -92.47 16.65
CA PHE X 88 60.20 -92.65 15.34
C PHE X 88 59.26 -92.16 14.25
N GLY X 89 59.74 -91.23 13.43
CA GLY X 89 58.92 -90.68 12.36
C GLY X 89 59.01 -91.51 11.10
N ASP X 90 60.06 -92.33 11.04
CA ASP X 90 60.25 -93.30 9.97
C ASP X 90 61.30 -94.34 10.38
N GLU X 91 61.74 -95.13 9.41
CA GLU X 91 62.64 -96.24 9.66
C GLU X 91 64.10 -95.79 9.76
N TYR X 92 64.37 -94.55 9.39
CA TYR X 92 65.75 -94.04 9.41
C TYR X 92 66.09 -93.35 10.72
N SER X 93 65.05 -93.08 11.51
CA SER X 93 65.16 -92.26 12.71
C SER X 93 66.13 -92.81 13.74
N TYR X 94 65.98 -94.08 14.10
CA TYR X 94 66.82 -94.67 15.14
C TYR X 94 68.31 -94.47 14.84
N GLU X 95 68.78 -95.03 13.72
CA GLU X 95 70.19 -94.97 13.38
C GLU X 95 70.70 -93.54 13.24
N CYS X 96 69.80 -92.62 12.90
CA CYS X 96 70.12 -91.20 12.80
C CYS X 96 70.35 -90.53 14.16
N TYR X 97 69.76 -91.11 15.20
CA TYR X 97 69.85 -90.53 16.53
C TYR X 97 70.14 -91.64 17.54
N LYS X 98 70.96 -92.59 17.09
CA LYS X 98 71.23 -93.83 17.82
C LYS X 98 71.81 -93.62 19.22
N GLU X 99 72.71 -92.66 19.37
CA GLU X 99 73.37 -92.46 20.66
C GLU X 99 72.36 -92.00 21.70
N PHE X 100 71.47 -91.11 21.29
CA PHE X 100 70.40 -90.66 22.17
C PHE X 100 69.41 -91.81 22.39
N PHE X 101 68.87 -92.35 21.29
CA PHE X 101 67.82 -93.36 21.37
C PHE X 101 68.24 -94.53 22.24
N ASP X 102 69.46 -95.00 22.04
CA ASP X 102 70.01 -96.09 22.84
C ASP X 102 69.90 -95.84 24.34
N LYS X 103 69.94 -94.57 24.74
CA LYS X 103 69.77 -94.27 26.16
C LYS X 103 68.33 -94.50 26.61
N CYS X 104 67.38 -93.91 25.88
CA CYS X 104 65.96 -94.12 26.14
C CYS X 104 65.58 -95.59 26.24
N ILE X 105 65.91 -96.34 25.20
CA ILE X 105 65.78 -97.80 25.20
C ILE X 105 66.25 -98.47 26.49
N GLU X 106 67.45 -98.13 26.95
CA GLU X 106 67.98 -98.68 28.21
C GLU X 106 67.13 -98.29 29.44
N GLU X 107 66.74 -97.03 29.56
CA GLU X 107 65.91 -96.64 30.69
C GLU X 107 64.59 -97.43 30.72
N ILE X 108 64.09 -97.82 29.53
CA ILE X 108 62.81 -98.50 29.35
C ILE X 108 62.91 -100.02 29.52
N HIS X 109 63.78 -100.66 28.74
CA HIS X 109 63.79 -102.12 28.65
C HIS X 109 64.99 -102.80 29.33
N HIS X 110 65.88 -102.01 29.92
CA HIS X 110 67.18 -102.50 30.39
C HIS X 110 67.92 -103.31 29.32
N PHE X 111 67.78 -102.85 28.07
CA PHE X 111 68.42 -103.48 26.92
C PHE X 111 69.55 -102.55 26.50
N LYS X 112 70.78 -103.04 26.56
CA LYS X 112 71.96 -102.20 26.34
C LYS X 112 72.46 -102.24 24.89
N PRO X 113 73.14 -101.17 24.45
CA PRO X 113 73.62 -101.11 23.07
C PRO X 113 74.49 -102.32 22.70
N SER X 114 74.93 -103.06 23.72
CA SER X 114 75.69 -104.29 23.50
C SER X 114 74.75 -105.48 23.51
N ASP X 115 73.46 -105.21 23.64
CA ASP X 115 72.46 -106.27 23.71
C ASP X 115 71.83 -106.53 22.34
N LYS X 116 71.29 -107.73 22.17
CA LYS X 116 70.67 -108.12 20.91
C LYS X 116 69.39 -108.91 21.18
N HIS X 117 68.33 -108.55 20.46
CA HIS X 117 67.02 -109.17 20.66
C HIS X 117 66.97 -110.65 20.25
N PRO X 118 66.51 -111.52 21.16
CA PRO X 118 66.52 -112.97 20.94
C PRO X 118 65.56 -113.45 19.85
N ALA X 119 65.63 -114.74 19.53
CA ALA X 119 64.74 -115.36 18.55
C ALA X 119 63.33 -115.53 19.12
N PRO X 120 62.31 -115.34 18.27
CA PRO X 120 60.90 -115.42 18.68
C PRO X 120 60.57 -116.70 19.45
N ASP X 121 59.45 -116.68 20.16
CA ASP X 121 59.01 -117.86 20.89
C ASP X 121 57.51 -117.86 21.11
N LEU X 122 56.78 -118.44 20.18
CA LEU X 122 55.31 -118.43 20.20
C LEU X 122 54.71 -119.71 20.76
N ASP X 123 55.55 -120.57 21.33
CA ASP X 123 55.07 -121.83 21.86
C ASP X 123 54.31 -121.62 23.17
N HIS X 124 52.99 -121.47 23.05
CA HIS X 124 52.14 -121.16 24.19
C HIS X 124 51.99 -122.32 25.15
N ASN X 125 52.43 -123.50 24.72
CA ASN X 125 52.43 -124.67 25.59
C ASN X 125 53.54 -124.63 26.63
N LYS X 126 54.69 -124.07 26.27
CA LYS X 126 55.80 -123.90 27.19
C LYS X 126 55.46 -122.96 28.34
N LEU X 127 54.25 -122.41 28.31
CA LEU X 127 53.79 -121.49 29.34
C LEU X 127 53.47 -122.27 30.63
N VAL X 128 53.71 -121.64 31.78
CA VAL X 128 53.38 -122.26 33.06
C VAL X 128 52.35 -121.41 33.80
N GLY X 129 51.22 -122.01 34.18
CA GLY X 129 50.11 -121.27 34.72
C GLY X 129 49.40 -120.59 33.57
N GLY X 130 48.85 -119.40 33.81
CA GLY X 130 48.21 -118.64 32.76
C GLY X 130 46.69 -118.68 32.78
N VAL X 131 46.15 -119.52 33.64
CA VAL X 131 44.71 -119.55 33.85
C VAL X 131 44.46 -119.15 35.30
N PHE X 132 43.62 -118.13 35.49
CA PHE X 132 43.38 -117.55 36.80
C PHE X 132 41.93 -117.72 37.28
N GLU X 133 41.71 -117.43 38.56
CA GLU X 133 40.37 -117.44 39.13
C GLU X 133 39.56 -116.27 38.60
N ASP X 134 38.36 -116.58 38.14
CA ASP X 134 37.37 -115.60 37.70
C ASP X 134 37.32 -114.39 38.62
N LYS X 135 37.45 -114.63 39.91
CA LYS X 135 37.26 -113.61 40.94
C LYS X 135 38.27 -112.44 40.92
N TYR X 136 39.41 -112.63 40.27
CA TYR X 136 40.43 -111.58 40.26
C TYR X 136 40.63 -111.01 38.87
N VAL X 137 40.88 -111.89 37.90
CA VAL X 137 41.09 -111.47 36.52
C VAL X 137 39.75 -111.49 35.81
N LYS X 138 39.40 -110.38 35.16
CA LYS X 138 38.07 -110.22 34.54
C LYS X 138 38.13 -110.43 33.03
N SER X 139 39.32 -110.28 32.46
CA SER X 139 39.54 -110.60 31.07
C SER X 139 41.02 -110.63 30.73
N CYS X 140 41.35 -111.19 29.57
CA CYS X 140 42.73 -111.36 29.11
C CYS X 140 42.87 -110.87 27.65
N ARG X 141 43.98 -110.23 27.34
CA ARG X 141 44.23 -109.67 26.03
C ARG X 141 45.72 -109.60 25.75
N ILE X 142 46.10 -110.02 24.54
CA ILE X 142 47.50 -109.93 24.14
C ILE X 142 47.60 -109.15 22.84
N ARG X 143 48.39 -108.08 22.86
CA ARG X 143 48.54 -107.22 21.70
C ARG X 143 50.01 -107.15 21.22
N CYS X 144 50.21 -106.78 19.95
CA CYS X 144 51.55 -106.52 19.41
C CYS X 144 51.44 -105.61 18.17
N GLY X 145 52.46 -104.78 17.94
CA GLY X 145 52.45 -103.83 16.83
C GLY X 145 53.40 -104.21 15.72
N ARG X 146 53.22 -103.62 14.54
CA ARG X 146 54.09 -103.85 13.39
C ARG X 146 54.19 -102.58 12.52
N SER X 147 54.99 -102.60 11.47
CA SER X 147 55.08 -101.41 10.62
C SER X 147 55.48 -101.69 9.18
N VAL X 148 54.64 -101.27 8.24
CA VAL X 148 54.91 -101.43 6.82
C VAL X 148 56.18 -100.68 6.47
N LYS X 149 57.18 -101.43 6.01
CA LYS X 149 58.48 -100.90 5.64
C LYS X 149 58.34 -99.94 4.47
N GLY X 150 59.36 -99.10 4.25
CA GLY X 150 59.39 -98.22 3.11
C GLY X 150 58.49 -97.00 3.24
N VAL X 151 57.62 -97.03 4.24
CA VAL X 151 56.64 -95.98 4.45
C VAL X 151 56.95 -95.29 5.77
N CYS X 152 56.50 -94.05 5.93
CA CYS X 152 56.74 -93.31 7.15
C CYS X 152 55.85 -93.79 8.29
N LEU X 153 56.26 -93.45 9.51
CA LEU X 153 55.50 -93.86 10.68
C LEU X 153 54.47 -92.78 10.94
N PRO X 154 53.38 -93.16 11.62
CA PRO X 154 52.21 -92.31 11.86
C PRO X 154 52.44 -90.85 12.31
N PRO X 155 53.64 -90.49 12.78
CA PRO X 155 53.78 -89.08 13.15
C PRO X 155 54.26 -88.22 11.99
N ALA X 156 54.91 -88.83 11.00
CA ALA X 156 55.44 -88.09 9.86
C ALA X 156 54.75 -88.42 8.54
N MET X 157 54.02 -89.53 8.51
CA MET X 157 53.44 -89.99 7.26
C MET X 157 52.35 -89.10 6.68
N SER X 158 52.19 -89.18 5.36
CA SER X 158 51.25 -88.34 4.64
C SER X 158 49.91 -89.06 4.45
N ARG X 159 48.86 -88.26 4.18
CA ARG X 159 47.54 -88.79 3.81
C ARG X 159 47.65 -89.89 2.77
N ALA X 160 48.50 -89.66 1.77
CA ALA X 160 48.66 -90.60 0.67
C ALA X 160 49.37 -91.86 1.14
N GLU X 161 50.44 -91.67 1.91
CA GLU X 161 51.15 -92.77 2.58
C GLU X 161 50.15 -93.61 3.37
N ARG X 162 49.21 -92.94 4.04
CA ARG X 162 48.28 -93.60 4.95
C ARG X 162 47.23 -94.43 4.24
N ARG X 163 46.64 -93.86 3.19
CA ARG X 163 45.71 -94.60 2.36
C ARG X 163 46.34 -95.89 1.82
N LEU X 164 47.64 -95.85 1.54
CA LEU X 164 48.29 -97.00 0.93
C LEU X 164 48.38 -98.16 1.92
N VAL X 165 48.87 -97.85 3.12
CA VAL X 165 48.94 -98.81 4.20
C VAL X 165 47.58 -99.45 4.46
N GLU X 166 46.55 -98.62 4.49
CA GLU X 166 45.22 -99.12 4.76
C GLU X 166 44.78 -100.13 3.68
N LYS X 167 44.96 -99.76 2.41
CA LYS X 167 44.69 -100.68 1.31
C LYS X 167 45.46 -101.98 1.48
N VAL X 168 46.76 -101.83 1.74
CA VAL X 168 47.65 -102.98 1.80
C VAL X 168 47.20 -104.00 2.84
N VAL X 169 47.06 -103.53 4.09
CA VAL X 169 46.79 -104.42 5.21
C VAL X 169 45.36 -104.99 5.18
N SER X 170 44.42 -104.22 4.66
CA SER X 170 43.04 -104.70 4.59
C SER X 170 42.90 -105.74 3.47
N ASP X 171 43.65 -105.55 2.40
CA ASP X 171 43.71 -106.54 1.32
C ASP X 171 44.35 -107.86 1.80
N ALA X 172 45.45 -107.77 2.52
CA ALA X 172 46.10 -108.96 3.04
C ALA X 172 45.22 -109.69 4.08
N LEU X 173 44.58 -108.92 4.95
CA LEU X 173 43.68 -109.50 5.95
C LEU X 173 42.59 -110.31 5.26
N GLY X 174 42.29 -109.96 4.02
CA GLY X 174 41.29 -110.64 3.24
C GLY X 174 41.53 -112.12 3.04
N GLY X 175 42.78 -112.55 3.15
CA GLY X 175 43.11 -113.95 2.93
C GLY X 175 42.77 -114.83 4.12
N LEU X 176 42.71 -114.26 5.32
CA LEU X 176 42.40 -115.04 6.52
C LEU X 176 41.17 -115.90 6.29
N LYS X 177 41.01 -116.93 7.12
CA LYS X 177 39.92 -117.88 6.93
C LYS X 177 39.47 -118.54 8.22
N GLY X 178 38.32 -119.21 8.14
CA GLY X 178 37.78 -119.90 9.30
C GLY X 178 37.50 -118.97 10.46
N ASP X 179 37.78 -119.42 11.67
CA ASP X 179 37.47 -118.63 12.85
C ASP X 179 38.31 -117.35 12.95
N LEU X 180 39.18 -117.13 11.95
CA LEU X 180 39.99 -115.93 11.88
C LEU X 180 39.52 -115.00 10.77
N ALA X 181 38.60 -115.51 9.94
CA ALA X 181 38.08 -114.71 8.84
C ALA X 181 37.21 -113.60 9.41
N GLY X 182 37.28 -112.42 8.77
CA GLY X 182 36.58 -111.26 9.30
C GLY X 182 36.30 -110.18 8.28
N LYS X 183 35.98 -108.99 8.77
CA LYS X 183 35.68 -107.85 7.89
C LYS X 183 36.28 -106.53 8.38
N TYR X 184 36.57 -105.65 7.44
CA TYR X 184 37.16 -104.36 7.75
C TYR X 184 36.11 -103.28 7.89
N TYR X 185 36.22 -102.48 8.94
CA TYR X 185 35.29 -101.41 9.16
C TYR X 185 36.02 -100.07 9.21
N PRO X 186 36.11 -99.39 8.04
CA PRO X 186 36.76 -98.08 7.99
C PRO X 186 36.05 -97.14 8.95
N LEU X 187 36.79 -96.26 9.62
CA LEU X 187 36.19 -95.38 10.61
C LEU X 187 35.30 -94.29 10.03
N THR X 188 35.73 -93.70 8.91
CA THR X 188 34.99 -92.61 8.25
C THR X 188 33.48 -92.88 8.07
N THR X 189 33.08 -94.14 7.99
CA THR X 189 31.69 -94.49 7.75
C THR X 189 31.03 -95.29 8.89
N MET X 190 31.59 -95.20 10.10
CA MET X 190 31.04 -95.89 11.25
C MET X 190 30.34 -94.87 12.14
N ASN X 191 29.04 -95.04 12.38
CA ASN X 191 28.31 -94.03 13.14
C ASN X 191 28.81 -93.96 14.59
N GLU X 192 28.60 -92.81 15.22
CA GLU X 192 29.18 -92.52 16.53
C GLU X 192 28.80 -93.50 17.63
N LYS X 193 27.65 -94.14 17.48
CA LYS X 193 27.19 -95.08 18.50
C LYS X 193 27.85 -96.44 18.37
N ASP X 194 28.16 -96.84 17.14
CA ASP X 194 28.94 -98.04 16.88
C ASP X 194 30.36 -97.87 17.43
N GLN X 195 30.89 -96.66 17.28
CA GLN X 195 32.23 -96.34 17.74
C GLN X 195 32.33 -96.20 19.28
N GLU X 196 31.28 -95.71 19.92
CA GLU X 196 31.30 -95.58 21.38
C GLU X 196 31.03 -96.94 22.05
N GLN X 197 30.38 -97.83 21.30
CA GLN X 197 30.20 -99.20 21.77
C GLN X 197 31.51 -99.97 21.73
N LEU X 198 32.11 -100.05 20.55
CA LEU X 198 33.37 -100.78 20.38
C LEU X 198 34.45 -100.31 21.35
N ILE X 199 34.50 -99.01 21.64
CA ILE X 199 35.48 -98.49 22.62
C ILE X 199 35.11 -98.88 24.04
N GLU X 200 33.84 -98.74 24.36
CA GLU X 200 33.27 -99.18 25.63
C GLU X 200 33.62 -100.64 25.92
N ASP X 201 33.44 -101.49 24.92
CA ASP X 201 33.67 -102.93 25.09
C ASP X 201 35.14 -103.29 24.88
N HIS X 202 36.02 -102.32 25.04
CA HIS X 202 37.47 -102.53 24.91
C HIS X 202 37.90 -103.18 23.59
N PHE X 203 37.17 -102.96 22.51
CA PHE X 203 37.49 -103.54 21.22
C PHE X 203 38.32 -102.60 20.33
N LEU X 204 37.80 -101.39 20.14
CA LEU X 204 38.44 -100.40 19.27
C LEU X 204 39.18 -99.29 20.02
N PHE X 205 40.26 -98.80 19.40
CA PHE X 205 41.06 -97.70 19.94
C PHE X 205 40.21 -96.47 20.24
N GLU X 206 40.67 -95.63 21.16
CA GLU X 206 39.82 -94.54 21.65
C GLU X 206 39.65 -93.41 20.64
N LYS X 207 38.85 -92.42 21.02
CA LYS X 207 38.74 -91.16 20.31
C LYS X 207 40.07 -90.43 20.43
N PRO X 208 40.53 -89.82 19.33
CA PRO X 208 41.91 -89.34 19.17
C PRO X 208 42.25 -88.16 20.08
N THR X 209 42.14 -88.35 21.40
CA THR X 209 42.38 -87.26 22.33
C THR X 209 43.66 -87.50 23.12
N GLY X 210 44.36 -88.59 22.79
CA GLY X 210 45.61 -88.91 23.46
C GLY X 210 46.65 -87.81 23.35
N ALA X 211 47.24 -87.44 24.49
CA ALA X 211 48.32 -86.46 24.51
C ALA X 211 49.44 -86.87 23.56
N LEU X 212 49.83 -88.14 23.62
CA LEU X 212 50.86 -88.67 22.74
C LEU X 212 50.42 -88.69 21.28
N LEU X 213 49.19 -89.17 21.04
CA LEU X 213 48.64 -89.24 19.68
C LEU X 213 48.69 -87.89 18.95
N THR X 214 47.96 -86.92 19.49
CA THR X 214 47.91 -85.59 18.91
C THR X 214 49.28 -84.94 18.74
N THR X 215 49.92 -84.63 19.87
CA THR X 215 51.15 -83.83 19.88
C THR X 215 52.28 -84.42 19.04
N SER X 216 52.12 -85.66 18.59
CA SER X 216 53.18 -86.30 17.82
C SER X 216 52.84 -86.43 16.35
N GLY X 217 51.69 -85.90 15.96
CA GLY X 217 51.24 -85.92 14.57
C GLY X 217 50.51 -87.20 14.17
N CYS X 218 49.94 -87.90 15.14
CA CYS X 218 49.25 -89.17 14.84
C CYS X 218 47.72 -89.04 14.76
N ALA X 219 47.21 -87.81 14.83
CA ALA X 219 45.78 -87.55 14.76
C ALA X 219 45.36 -86.78 13.50
N ARG X 220 46.34 -86.21 12.81
CA ARG X 220 46.14 -85.53 11.52
C ARG X 220 45.05 -86.18 10.65
N ASP X 221 44.37 -85.37 9.82
CA ASP X 221 43.43 -85.89 8.82
C ASP X 221 42.45 -86.94 9.36
N TRP X 222 42.40 -87.08 10.67
CA TRP X 222 41.45 -87.97 11.34
C TRP X 222 40.02 -87.76 10.84
N PRO X 223 39.31 -88.86 10.55
CA PRO X 223 39.79 -90.22 10.74
C PRO X 223 40.32 -90.89 9.45
N ASP X 224 40.68 -90.11 8.45
CA ASP X 224 41.07 -90.68 7.17
C ASP X 224 42.09 -91.81 7.39
N GLY X 225 41.85 -92.97 6.78
CA GLY X 225 42.82 -94.05 6.77
C GLY X 225 42.82 -94.97 7.99
N ARG X 226 42.03 -94.62 8.99
CA ARG X 226 41.93 -95.44 10.20
C ARG X 226 40.78 -96.44 10.10
N GLY X 227 40.89 -97.55 10.80
CA GLY X 227 39.82 -98.52 10.87
C GLY X 227 40.12 -99.68 11.79
N ILE X 228 39.17 -100.62 11.90
CA ILE X 228 39.40 -101.85 12.63
C ILE X 228 38.87 -103.06 11.86
N TRP X 229 39.68 -104.10 11.81
CA TRP X 229 39.27 -105.37 11.23
C TRP X 229 39.04 -106.34 12.37
N HIS X 230 38.00 -107.16 12.27
CA HIS X 230 37.82 -108.21 13.27
C HIS X 230 37.22 -109.48 12.72
N ASN X 231 37.38 -110.56 13.48
CA ASN X 231 36.74 -111.83 13.14
C ASN X 231 35.33 -111.81 13.70
N ASN X 232 34.54 -112.85 13.39
CA ASN X 232 33.12 -112.82 13.75
C ASN X 232 32.92 -112.70 15.24
N GLU X 233 33.59 -113.57 15.99
CA GLU X 233 33.42 -113.65 17.44
C GLU X 233 34.02 -112.46 18.21
N LYS X 234 34.72 -111.57 17.52
CA LYS X 234 35.48 -110.49 18.17
C LYS X 234 36.43 -110.98 19.28
N ASN X 235 37.23 -111.98 18.97
CA ASN X 235 38.24 -112.47 19.90
C ASN X 235 39.64 -112.42 19.26
N PHE X 236 39.71 -111.75 18.10
CA PHE X 236 40.95 -111.48 17.39
C PHE X 236 40.66 -110.38 16.35
N LEU X 237 41.39 -109.28 16.42
CA LEU X 237 41.14 -108.12 15.55
C LEU X 237 42.45 -107.53 15.04
N VAL X 238 42.35 -106.54 14.15
CA VAL X 238 43.52 -105.74 13.75
C VAL X 238 43.16 -104.24 13.74
N TRP X 239 44.06 -103.39 14.24
CA TRP X 239 43.81 -101.94 14.24
C TRP X 239 44.62 -101.29 13.15
N ILE X 240 43.96 -100.58 12.24
CA ILE X 240 44.67 -99.97 11.13
C ILE X 240 44.94 -98.49 11.33
N ASN X 241 46.20 -98.10 11.12
CA ASN X 241 46.64 -96.70 11.07
C ASN X 241 46.27 -95.86 12.28
N GLU X 242 46.46 -96.43 13.45
CA GLU X 242 46.23 -95.69 14.66
C GLU X 242 47.57 -95.07 15.09
N GLU X 243 48.09 -95.43 16.25
CA GLU X 243 49.42 -94.96 16.64
C GLU X 243 50.47 -95.71 15.85
N ASP X 244 50.17 -96.96 15.55
CA ASP X 244 50.99 -97.77 14.65
C ASP X 244 50.21 -98.19 13.39
N HIS X 245 50.94 -98.54 12.33
CA HIS X 245 50.29 -99.00 11.10
C HIS X 245 49.37 -100.18 11.41
N ILE X 246 49.87 -101.07 12.26
CA ILE X 246 49.23 -102.34 12.53
C ILE X 246 49.31 -102.68 14.01
N ARG X 247 48.20 -103.09 14.58
CA ARG X 247 48.20 -103.72 15.90
C ARG X 247 47.42 -105.01 15.73
N VAL X 248 48.00 -106.12 16.16
CA VAL X 248 47.34 -107.41 16.08
C VAL X 248 46.88 -107.73 17.50
N ILE X 249 45.66 -108.21 17.63
CA ILE X 249 45.05 -108.28 18.96
C ILE X 249 44.28 -109.58 19.18
N SER X 250 44.53 -110.23 20.32
CA SER X 250 43.78 -111.41 20.73
C SER X 250 43.26 -111.16 22.14
N MET X 251 42.02 -111.53 22.41
CA MET X 251 41.44 -111.30 23.74
C MET X 251 40.18 -112.13 24.00
N GLN X 252 39.86 -112.28 25.27
CA GLN X 252 38.61 -112.89 25.65
C GLN X 252 38.30 -112.58 27.11
N LYS X 253 37.03 -112.70 27.51
CA LYS X 253 36.62 -112.40 28.89
C LYS X 253 36.92 -113.55 29.87
N GLY X 254 36.92 -113.27 31.17
CA GLY X 254 37.38 -114.24 32.14
C GLY X 254 38.89 -114.35 32.08
N GLY X 255 39.46 -115.45 32.60
CA GLY X 255 40.90 -115.50 32.79
C GLY X 255 41.72 -116.66 32.22
N ASP X 256 41.50 -117.01 30.95
CA ASP X 256 42.29 -118.05 30.27
C ASP X 256 43.35 -117.39 29.38
N LEU X 257 44.39 -116.84 30.02
CA LEU X 257 45.48 -116.13 29.34
C LEU X 257 46.26 -117.07 28.41
N LYS X 258 46.12 -118.37 28.64
CA LYS X 258 46.84 -119.34 27.85
C LYS X 258 46.14 -119.59 26.51
N ALA X 259 44.80 -119.49 26.51
CA ALA X 259 44.07 -119.68 25.25
C ALA X 259 44.10 -118.42 24.39
N VAL X 260 44.14 -117.26 25.03
CA VAL X 260 44.37 -116.00 24.32
C VAL X 260 45.71 -116.03 23.61
N PHE X 261 46.75 -116.46 24.33
CA PHE X 261 48.10 -116.52 23.78
C PHE X 261 48.14 -117.50 22.61
N SER X 262 47.41 -118.60 22.75
CA SER X 262 47.33 -119.62 21.71
C SER X 262 46.81 -119.04 20.40
N ARG X 263 45.69 -118.33 20.46
CA ARG X 263 45.07 -117.73 19.29
C ARG X 263 45.88 -116.58 18.67
N PHE X 264 46.36 -115.69 19.53
CA PHE X 264 47.23 -114.59 19.11
C PHE X 264 48.40 -115.10 18.30
N ALA X 265 49.18 -115.99 18.91
CA ALA X 265 50.32 -116.58 18.25
C ALA X 265 49.90 -117.13 16.89
N ARG X 266 48.76 -117.80 16.88
CA ARG X 266 48.21 -118.43 15.68
C ARG X 266 47.93 -117.37 14.64
N GLY X 267 47.01 -116.47 14.98
CA GLY X 267 46.61 -115.38 14.11
C GLY X 267 47.77 -114.55 13.61
N LEU X 268 48.65 -114.13 14.53
CA LEU X 268 49.78 -113.27 14.18
C LEU X 268 50.65 -113.94 13.12
N LEU X 269 50.71 -115.25 13.19
CA LEU X 269 51.51 -116.01 12.24
C LEU X 269 50.89 -115.94 10.85
N GLU X 270 49.56 -116.03 10.80
CA GLU X 270 48.84 -115.94 9.54
C GLU X 270 48.93 -114.53 8.94
N VAL X 271 48.82 -113.52 9.78
CA VAL X 271 48.92 -112.13 9.35
C VAL X 271 50.31 -111.84 8.75
N GLU X 272 51.35 -112.15 9.52
CA GLU X 272 52.72 -111.93 9.06
C GLU X 272 52.99 -112.67 7.75
N ARG X 273 52.32 -113.81 7.60
CA ARG X 273 52.44 -114.62 6.40
C ARG X 273 51.76 -113.95 5.21
N LEU X 274 50.56 -113.42 5.45
CA LEU X 274 49.76 -112.79 4.41
C LEU X 274 50.29 -111.43 4.00
N MET X 275 51.02 -110.76 4.89
CA MET X 275 51.69 -109.52 4.51
C MET X 275 52.93 -109.84 3.66
N LYS X 276 53.70 -110.82 4.11
CA LYS X 276 54.92 -111.21 3.41
C LYS X 276 54.59 -111.74 2.01
N GLU X 277 53.40 -112.32 1.89
CA GLU X 277 52.94 -112.99 0.69
C GLU X 277 52.44 -111.98 -0.35
N CYS X 278 52.00 -110.82 0.12
CA CYS X 278 51.51 -109.75 -0.76
C CYS X 278 52.66 -108.87 -1.28
N GLY X 279 53.83 -109.03 -0.69
CA GLY X 279 55.02 -108.30 -1.12
C GLY X 279 55.30 -107.06 -0.29
N HIS X 280 54.86 -107.06 0.96
CA HIS X 280 55.08 -105.93 1.85
C HIS X 280 55.89 -106.32 3.07
N GLY X 281 57.02 -105.64 3.29
CA GLY X 281 57.88 -105.93 4.41
C GLY X 281 57.52 -105.17 5.67
N LEU X 282 57.68 -105.82 6.80
CA LEU X 282 57.44 -105.19 8.09
C LEU X 282 58.75 -104.62 8.62
N MET X 283 58.70 -103.35 9.02
CA MET X 283 59.85 -102.63 9.53
C MET X 283 60.53 -103.47 10.64
N HIS X 284 61.72 -103.98 10.34
CA HIS X 284 62.45 -104.87 11.25
C HIS X 284 63.94 -104.52 11.33
N ASN X 285 64.46 -104.46 12.55
CA ASN X 285 65.89 -104.25 12.78
C ASN X 285 66.60 -105.52 13.27
N ASP X 286 67.88 -105.63 12.98
CA ASP X 286 68.61 -106.85 13.31
C ASP X 286 68.94 -106.94 14.79
N ARG X 287 69.14 -105.79 15.43
CA ARG X 287 69.53 -105.77 16.83
C ARG X 287 68.31 -105.52 17.71
N LEU X 288 67.37 -104.74 17.18
CA LEU X 288 66.21 -104.29 17.95
C LEU X 288 64.90 -105.00 17.60
N GLY X 289 64.95 -105.88 16.59
CA GLY X 289 63.76 -106.60 16.16
C GLY X 289 62.80 -105.73 15.36
N TYR X 290 61.52 -105.81 15.70
CA TYR X 290 60.48 -105.05 14.99
C TYR X 290 60.36 -103.62 15.47
N ILE X 291 60.12 -102.72 14.54
CA ILE X 291 60.04 -101.31 14.83
C ILE X 291 58.61 -100.81 14.70
N CYS X 292 58.22 -100.01 15.68
CA CYS X 292 56.98 -99.23 15.62
C CYS X 292 57.28 -97.77 15.98
N THR X 293 56.29 -97.05 16.45
CA THR X 293 56.42 -95.60 16.64
C THR X 293 57.12 -95.16 17.94
N CYS X 294 56.57 -95.53 19.09
CA CYS X 294 57.16 -95.18 20.40
C CYS X 294 58.13 -96.26 20.86
N PRO X 295 59.34 -95.84 21.30
CA PRO X 295 60.38 -96.80 21.69
C PRO X 295 59.94 -97.88 22.66
N THR X 296 58.90 -97.63 23.48
CA THR X 296 58.39 -98.67 24.37
C THR X 296 57.75 -99.80 23.59
N ASN X 297 57.64 -99.62 22.28
CA ASN X 297 57.12 -100.69 21.44
C ASN X 297 58.10 -101.19 20.38
N MET X 298 59.15 -101.87 20.85
CA MET X 298 60.20 -102.46 20.02
C MET X 298 60.38 -103.92 20.36
N GLY X 299 61.24 -104.60 19.60
CA GLY X 299 61.52 -106.00 19.82
C GLY X 299 60.35 -106.89 19.45
N THR X 300 59.69 -107.44 20.48
CA THR X 300 58.50 -108.26 20.29
C THR X 300 57.24 -107.36 20.21
N VAL X 301 57.41 -106.10 20.57
CA VAL X 301 56.35 -105.09 20.50
C VAL X 301 55.08 -105.56 21.23
N VAL X 302 55.22 -106.63 21.99
CA VAL X 302 54.10 -107.30 22.62
C VAL X 302 53.72 -106.63 23.92
N ARG X 303 52.42 -106.39 24.11
CA ARG X 303 51.88 -106.05 25.41
C ARG X 303 50.75 -107.02 25.75
N ALA X 304 51.02 -107.91 26.70
CA ALA X 304 50.05 -108.88 27.16
C ALA X 304 49.55 -108.46 28.54
N SER X 305 48.23 -108.48 28.73
CA SER X 305 47.67 -107.93 29.97
C SER X 305 46.43 -108.67 30.48
N VAL X 306 46.16 -108.46 31.77
CA VAL X 306 44.93 -108.93 32.40
C VAL X 306 44.27 -107.76 33.13
N HIS X 307 42.94 -107.70 33.05
CA HIS X 307 42.14 -106.88 33.96
C HIS X 307 42.06 -107.62 35.30
N LEU X 308 42.61 -107.01 36.35
CA LEU X 308 42.87 -107.72 37.60
C LEU X 308 42.33 -106.96 38.82
N ARG X 309 41.44 -107.59 39.58
CA ARG X 309 40.89 -106.90 40.72
C ARG X 309 41.66 -107.15 42.03
N LEU X 310 42.03 -106.06 42.70
CA LEU X 310 42.87 -106.11 43.88
C LEU X 310 42.38 -105.10 44.89
N ALA X 311 41.26 -105.41 45.56
CA ALA X 311 40.58 -104.43 46.38
C ALA X 311 41.26 -104.21 47.74
N PHE X 312 42.16 -105.11 48.10
CA PHE X 312 42.91 -104.99 49.35
C PHE X 312 44.33 -104.51 49.08
N LEU X 313 44.96 -105.11 48.07
CA LEU X 313 46.35 -104.80 47.71
C LEU X 313 46.48 -103.37 47.24
N GLU X 314 45.43 -102.86 46.60
CA GLU X 314 45.45 -101.50 46.05
C GLU X 314 45.55 -100.41 47.12
N LYS X 315 45.24 -100.76 48.37
CA LYS X 315 45.39 -99.81 49.48
C LYS X 315 46.76 -99.92 50.14
N HIS X 316 47.58 -100.87 49.71
CA HIS X 316 48.89 -101.09 50.30
C HIS X 316 49.96 -100.14 49.75
N PRO X 317 50.70 -99.48 50.65
CA PRO X 317 51.73 -98.49 50.33
C PRO X 317 52.82 -98.97 49.36
N ARG X 318 53.12 -100.26 49.36
CA ARG X 318 54.20 -100.79 48.53
C ARG X 318 53.72 -101.51 47.26
N PHE X 319 52.47 -101.25 46.89
CA PHE X 319 51.88 -101.80 45.66
C PHE X 319 52.68 -101.33 44.44
N ASP X 320 52.75 -100.01 44.25
CA ASP X 320 53.48 -99.42 43.13
C ASP X 320 54.94 -99.86 43.12
N GLU X 321 55.50 -100.05 44.31
CA GLU X 321 56.86 -100.56 44.47
C GLU X 321 56.97 -102.00 43.93
N MET X 322 55.99 -102.82 44.26
CA MET X 322 55.98 -104.20 43.79
C MET X 322 55.82 -104.32 42.26
N LEU X 323 55.00 -103.47 41.67
CA LEU X 323 54.78 -103.53 40.22
C LEU X 323 56.07 -103.20 39.46
N GLY X 324 56.74 -102.14 39.92
CA GLY X 324 58.01 -101.73 39.36
C GLY X 324 59.02 -102.86 39.41
N LYS X 325 59.09 -103.54 40.55
CA LYS X 325 60.10 -104.60 40.73
C LYS X 325 59.82 -105.85 39.91
N LEU X 326 58.59 -105.98 39.41
CA LEU X 326 58.19 -107.15 38.63
C LEU X 326 58.19 -106.83 37.13
N ARG X 327 58.47 -105.57 36.80
CA ARG X 327 58.59 -105.13 35.42
C ARG X 327 57.22 -105.07 34.73
N LEU X 328 56.22 -104.62 35.47
CA LEU X 328 54.84 -104.55 34.96
C LEU X 328 54.27 -103.13 35.03
N GLY X 329 53.85 -102.62 33.88
CA GLY X 329 53.22 -101.32 33.83
C GLY X 329 51.89 -101.38 34.55
N LYS X 330 51.22 -100.24 34.62
CA LYS X 330 49.96 -100.12 35.34
C LYS X 330 49.07 -99.12 34.61
N ARG X 331 47.81 -99.50 34.37
CA ARG X 331 46.88 -98.68 33.61
C ARG X 331 45.46 -98.74 34.19
N GLY X 332 44.62 -97.83 33.71
CA GLY X 332 43.20 -97.87 34.03
C GLY X 332 42.48 -98.93 33.24
N THR X 333 41.20 -99.15 33.56
CA THR X 333 40.39 -100.18 32.91
C THR X 333 40.01 -99.76 31.50
N GLY X 334 40.14 -98.48 31.22
CA GLY X 334 39.83 -97.96 29.90
C GLY X 334 41.07 -97.87 29.05
N GLY X 335 42.14 -98.51 29.53
CA GLY X 335 43.45 -98.48 28.92
C GLY X 335 44.29 -97.31 29.39
N GLU X 336 45.49 -97.21 28.83
CA GLU X 336 46.52 -96.27 29.29
C GLU X 336 46.07 -94.89 29.79
N SER X 337 45.21 -94.19 29.05
CA SER X 337 44.87 -92.83 29.44
C SER X 337 43.53 -92.70 30.18
N SER X 338 43.27 -93.63 31.10
CA SER X 338 42.13 -93.55 31.99
C SER X 338 42.62 -93.96 33.34
N LEU X 339 41.72 -94.34 34.24
CA LEU X 339 42.12 -94.85 35.55
C LEU X 339 41.45 -96.17 35.92
N ALA X 340 41.70 -96.62 37.14
CA ALA X 340 41.08 -97.84 37.64
C ALA X 340 39.62 -97.62 37.95
N THR X 341 38.86 -98.71 37.86
CA THR X 341 37.47 -98.71 38.24
C THR X 341 37.23 -99.94 39.09
N ASP X 342 36.47 -99.76 40.16
CA ASP X 342 36.08 -100.88 41.00
C ASP X 342 37.30 -101.72 41.37
N SER X 343 38.39 -101.03 41.72
CA SER X 343 39.59 -101.71 42.21
C SER X 343 40.15 -102.69 41.18
N THR X 344 40.16 -102.30 39.91
CA THR X 344 40.54 -103.22 38.83
C THR X 344 41.49 -102.54 37.85
N TYR X 345 42.68 -103.10 37.70
CA TYR X 345 43.74 -102.45 36.95
C TYR X 345 44.12 -103.22 35.71
N ASP X 346 44.67 -102.49 34.75
CA ASP X 346 45.29 -103.09 33.59
C ASP X 346 46.77 -103.35 33.91
N ILE X 347 47.05 -104.58 34.36
CA ILE X 347 48.41 -104.96 34.70
C ILE X 347 49.01 -105.74 33.53
N SER X 348 50.18 -105.33 33.04
CA SER X 348 50.80 -106.06 31.93
C SER X 348 52.33 -106.02 31.97
N ASN X 349 52.96 -106.92 31.22
CA ASN X 349 54.39 -106.83 31.02
C ASN X 349 54.78 -105.44 30.51
N TRP X 350 55.80 -104.85 31.14
CA TRP X 350 56.28 -103.51 30.81
C TRP X 350 57.32 -103.50 29.67
N ALA X 351 58.36 -104.31 29.81
CA ALA X 351 59.38 -104.42 28.77
C ALA X 351 58.86 -105.07 27.49
N ARG X 352 59.47 -104.75 26.35
CA ARG X 352 59.07 -105.33 25.06
C ARG X 352 60.25 -105.73 24.18
N LEU X 353 61.41 -105.11 24.45
CA LEU X 353 62.65 -105.49 23.79
C LEU X 353 63.59 -106.21 24.76
N GLY X 354 64.22 -107.27 24.27
CA GLY X 354 65.21 -108.02 25.03
C GLY X 354 64.73 -109.34 25.60
N LYS X 355 63.61 -109.84 25.09
CA LYS X 355 62.96 -111.06 25.59
C LYS X 355 61.95 -111.56 24.58
N SER X 356 61.58 -112.84 24.69
CA SER X 356 60.66 -113.45 23.75
C SER X 356 59.19 -113.32 24.17
N GLU X 357 58.28 -113.71 23.28
CA GLU X 357 56.84 -113.59 23.51
C GLU X 357 56.41 -114.38 24.73
N ARG X 358 56.81 -115.64 24.77
CA ARG X 358 56.44 -116.55 25.83
C ARG X 358 57.05 -116.09 27.15
N GLU X 359 58.33 -115.74 27.12
CA GLU X 359 58.98 -115.15 28.28
C GLU X 359 58.15 -114.01 28.86
N LEU X 360 57.85 -113.03 28.02
CA LEU X 360 57.20 -111.81 28.49
C LEU X 360 55.84 -112.06 29.14
N VAL X 361 55.01 -112.88 28.47
CA VAL X 361 53.74 -113.31 29.04
C VAL X 361 53.95 -114.07 30.34
N GLN X 362 54.99 -114.90 30.38
CA GLN X 362 55.33 -115.71 31.54
C GLN X 362 55.74 -114.80 32.71
N VAL X 363 56.35 -113.67 32.39
CA VAL X 363 56.68 -112.65 33.37
C VAL X 363 55.43 -111.97 33.91
N LEU X 364 54.41 -111.92 33.05
CA LEU X 364 53.11 -111.38 33.45
C LEU X 364 52.41 -112.35 34.37
N VAL X 365 52.47 -113.63 34.02
CA VAL X 365 51.84 -114.70 34.80
C VAL X 365 52.38 -114.71 36.22
N ASP X 366 53.71 -114.76 36.33
CA ASP X 366 54.38 -114.76 37.62
C ASP X 366 54.00 -113.51 38.40
N GLY X 367 54.17 -112.35 37.78
CA GLY X 367 53.83 -111.09 38.42
C GLY X 367 52.42 -111.10 38.96
N VAL X 368 51.48 -111.64 38.17
CA VAL X 368 50.07 -111.65 38.55
C VAL X 368 49.75 -112.64 39.69
N ASN X 369 50.44 -113.76 39.75
CA ASN X 369 50.24 -114.74 40.84
C ASN X 369 50.59 -114.15 42.21
N LEU X 370 51.66 -113.38 42.26
CA LEU X 370 52.12 -112.74 43.49
C LEU X 370 51.15 -111.63 43.93
N LEU X 371 50.64 -110.87 42.96
CA LEU X 371 49.64 -109.88 43.28
C LEU X 371 48.45 -110.57 43.91
N ILE X 372 48.06 -111.71 43.33
CA ILE X 372 46.89 -112.46 43.81
C ILE X 372 47.12 -113.04 45.19
N ALA X 373 48.20 -113.80 45.36
CA ALA X 373 48.53 -114.29 46.71
C ALA X 373 48.50 -113.14 47.73
N CYS X 374 49.28 -112.09 47.45
CA CYS X 374 49.31 -110.87 48.27
C CYS X 374 47.93 -110.28 48.64
N ASP X 375 47.01 -110.28 47.69
CA ASP X 375 45.68 -109.75 47.92
C ASP X 375 44.94 -110.63 48.95
N LYS X 376 45.24 -111.92 48.93
CA LYS X 376 44.63 -112.87 49.86
C LYS X 376 45.21 -112.69 51.27
N LYS X 377 46.53 -112.55 51.36
CA LYS X 377 47.19 -112.30 52.64
C LYS X 377 46.54 -111.11 53.34
N LEU X 378 46.38 -110.00 52.62
CA LEU X 378 45.76 -108.81 53.20
C LEU X 378 44.30 -109.07 53.57
N GLU X 379 43.57 -109.78 52.72
CA GLU X 379 42.17 -110.08 52.99
C GLU X 379 42.02 -110.80 54.32
N ALA X 380 43.00 -111.65 54.64
CA ALA X 380 43.02 -112.38 55.89
C ALA X 380 43.71 -111.57 57.00
N GLY X 381 43.97 -110.30 56.70
CA GLY X 381 44.56 -109.40 57.66
C GLY X 381 45.95 -109.79 58.08
N GLN X 382 46.84 -109.91 57.11
CA GLN X 382 48.21 -110.38 57.34
C GLN X 382 49.17 -109.38 56.70
N SER X 383 50.47 -109.57 56.90
CA SER X 383 51.44 -108.73 56.19
C SER X 383 52.12 -109.49 55.03
N ILE X 384 52.66 -108.71 54.10
CA ILE X 384 53.28 -109.24 52.90
C ILE X 384 54.72 -108.76 52.78
N ASP X 385 55.24 -108.22 53.89
CA ASP X 385 56.52 -107.55 53.90
C ASP X 385 57.64 -108.41 53.32
N ASP X 386 57.51 -109.71 53.51
CA ASP X 386 58.48 -110.65 52.95
C ASP X 386 58.07 -111.07 51.53
N MET X 387 56.78 -110.92 51.23
CA MET X 387 56.25 -111.30 49.91
C MET X 387 56.74 -110.34 48.85
N ILE X 388 57.22 -109.18 49.29
CA ILE X 388 57.66 -108.14 48.37
C ILE X 388 59.07 -108.38 47.86
N PRO X 389 59.26 -108.31 46.53
CA PRO X 389 60.55 -108.58 45.88
C PRO X 389 61.64 -107.64 46.37
N LYS X 390 62.76 -108.20 46.82
CA LYS X 390 63.87 -107.39 47.31
C LYS X 390 64.57 -106.65 46.17
N LYS Y 24 35.79 63.65 31.28
CA LYS Y 24 37.06 63.10 31.73
C LYS Y 24 38.26 63.77 31.05
N PHE Y 25 38.08 64.22 29.81
CA PHE Y 25 39.05 65.05 29.13
C PHE Y 25 38.44 66.43 28.88
N LYS Y 26 39.24 67.49 28.97
CA LYS Y 26 38.79 68.81 28.58
C LYS Y 26 39.05 69.02 27.09
N ALA Y 27 39.05 70.28 26.66
CA ALA Y 27 39.40 70.61 25.29
C ALA Y 27 40.91 70.60 25.15
N ALA Y 28 41.58 71.35 26.02
CA ALA Y 28 43.02 71.49 25.94
C ALA Y 28 43.73 70.13 25.99
N ASP Y 29 43.02 69.10 26.45
CA ASP Y 29 43.56 67.74 26.47
C ASP Y 29 43.61 67.19 25.05
N ASN Y 30 42.66 67.63 24.23
CA ASN Y 30 42.62 67.18 22.85
C ASN Y 30 43.31 68.13 21.90
N PHE Y 31 43.77 69.27 22.41
CA PHE Y 31 44.40 70.28 21.57
C PHE Y 31 45.56 69.73 20.72
N PRO Y 32 45.51 69.95 19.41
CA PRO Y 32 46.58 69.42 18.55
C PRO Y 32 47.91 70.15 18.71
N ASP Y 33 49.01 69.39 18.58
CA ASP Y 33 50.37 69.94 18.56
C ASP Y 33 50.78 70.31 17.12
N LEU Y 34 50.80 71.60 16.83
CA LEU Y 34 51.10 72.09 15.48
C LEU Y 34 52.47 72.80 15.41
N SER Y 35 53.37 72.44 16.31
CA SER Y 35 54.73 72.99 16.32
C SER Y 35 55.46 72.87 14.99
N LYS Y 36 55.21 71.80 14.26
CA LYS Y 36 55.94 71.49 13.03
C LYS Y 36 55.28 72.14 11.83
N HIS Y 37 53.99 72.43 11.98
CA HIS Y 37 53.10 72.66 10.84
C HIS Y 37 53.29 73.97 10.10
N ASN Y 38 52.86 73.98 8.85
CA ASN Y 38 52.82 75.20 8.07
C ASN Y 38 51.67 75.20 7.07
N ASN Y 39 50.50 75.61 7.54
CA ASN Y 39 49.35 75.73 6.66
C ASN Y 39 48.36 76.70 7.26
N VAL Y 40 47.54 77.28 6.41
CA VAL Y 40 46.58 78.28 6.83
C VAL Y 40 46.00 77.99 8.22
N MET Y 41 45.41 76.82 8.37
CA MET Y 41 44.80 76.41 9.63
C MET Y 41 45.76 76.61 10.83
N ALA Y 42 46.97 76.04 10.77
CA ALA Y 42 47.91 76.07 11.90
C ALA Y 42 48.40 77.48 12.21
N SER Y 43 48.24 78.38 11.24
CA SER Y 43 48.54 79.80 11.47
C SER Y 43 47.39 80.50 12.16
N GLN Y 44 46.18 79.97 12.01
CA GLN Y 44 45.00 80.69 12.45
C GLN Y 44 44.37 80.10 13.70
N LEU Y 45 44.51 78.80 13.90
CA LEU Y 45 43.87 78.13 15.02
C LEU Y 45 44.53 78.48 16.33
N THR Y 46 43.73 78.80 17.33
CA THR Y 46 44.21 79.09 18.67
C THR Y 46 43.57 78.13 19.67
N LYS Y 47 44.19 77.97 20.84
CA LYS Y 47 43.53 77.31 21.94
C LYS Y 47 42.09 77.81 22.10
N GLU Y 48 41.91 79.13 22.18
CA GLU Y 48 40.60 79.71 22.42
C GLU Y 48 39.56 79.12 21.47
N LEU Y 49 39.73 79.36 20.18
CA LEU Y 49 38.81 78.88 19.17
C LEU Y 49 38.51 77.38 19.32
N TYR Y 50 39.54 76.59 19.58
CA TYR Y 50 39.35 75.17 19.81
C TYR Y 50 38.42 74.88 20.98
N GLU Y 51 38.69 75.51 22.12
CA GLU Y 51 37.88 75.37 23.30
C GLU Y 51 36.43 75.79 23.02
N LYS Y 52 36.23 76.58 21.97
CA LYS Y 52 34.92 77.08 21.59
C LYS Y 52 34.10 76.14 20.70
N TYR Y 53 34.75 75.50 19.74
CA TYR Y 53 34.03 74.73 18.72
C TYR Y 53 34.14 73.22 18.84
N TRP Y 54 35.06 72.74 19.69
CA TRP Y 54 35.42 71.33 19.67
C TRP Y 54 34.25 70.40 20.00
N ASP Y 55 33.33 70.87 20.83
CA ASP Y 55 32.15 70.08 21.21
C ASP Y 55 30.87 70.67 20.61
N LYS Y 56 31.05 71.46 19.57
CA LYS Y 56 29.94 71.99 18.78
C LYS Y 56 29.83 71.18 17.47
N VAL Y 57 28.64 70.64 17.22
CA VAL Y 57 28.41 69.73 16.09
C VAL Y 57 27.34 70.29 15.14
N THR Y 58 27.44 69.97 13.85
CA THR Y 58 26.43 70.42 12.89
C THR Y 58 25.29 69.43 12.87
N PRO Y 59 24.13 69.81 12.27
CA PRO Y 59 22.95 68.93 12.16
C PRO Y 59 23.26 67.54 11.60
N ASN Y 60 24.22 67.46 10.67
CA ASN Y 60 24.56 66.20 10.02
C ASN Y 60 25.50 65.31 10.82
N GLY Y 61 26.15 65.90 11.83
CA GLY Y 61 27.06 65.17 12.68
C GLY Y 61 28.51 65.60 12.53
N VAL Y 62 28.77 66.51 11.59
CA VAL Y 62 30.13 66.97 11.31
C VAL Y 62 30.74 67.72 12.49
N THR Y 63 31.99 67.41 12.83
CA THR Y 63 32.61 68.04 13.99
C THR Y 63 33.69 69.04 13.61
N PHE Y 64 34.13 69.79 14.62
CA PHE Y 64 35.24 70.72 14.44
C PHE Y 64 36.50 69.94 14.08
N ASP Y 65 36.76 68.89 14.86
CA ASP Y 65 37.82 67.93 14.54
C ASP Y 65 37.77 67.47 13.08
N LYS Y 66 36.59 67.10 12.61
CA LYS Y 66 36.46 66.63 11.24
C LYS Y 66 37.03 67.65 10.26
N CYS Y 67 36.73 68.92 10.51
CA CYS Y 67 37.13 69.98 9.59
C CYS Y 67 38.66 70.23 9.57
N ILE Y 68 39.32 70.12 10.71
CA ILE Y 68 40.75 70.46 10.77
C ILE Y 68 41.71 69.28 10.54
N GLN Y 69 41.19 68.06 10.61
CA GLN Y 69 42.03 66.86 10.59
C GLN Y 69 43.05 66.84 9.44
N THR Y 70 42.62 67.20 8.25
CA THR Y 70 43.50 67.16 7.08
C THR Y 70 44.73 68.07 7.19
N GLY Y 71 44.74 68.95 8.19
CA GLY Y 71 45.85 69.85 8.39
C GLY Y 71 46.69 69.50 9.61
N VAL Y 72 46.10 68.77 10.56
CA VAL Y 72 46.87 68.21 11.66
C VAL Y 72 47.68 67.08 11.04
N ASP Y 73 47.04 66.39 10.09
CA ASP Y 73 47.64 65.26 9.41
C ASP Y 73 48.61 65.70 8.32
N ASN Y 74 48.74 67.00 8.12
CA ASN Y 74 49.57 67.52 7.03
C ASN Y 74 50.38 68.75 7.42
N PRO Y 75 51.45 68.55 8.21
CA PRO Y 75 52.35 69.65 8.61
C PRO Y 75 52.89 70.46 7.43
N GLY Y 76 53.45 69.78 6.43
CA GLY Y 76 54.10 70.46 5.31
C GLY Y 76 53.69 69.94 3.95
N ASN Y 77 54.43 70.32 2.92
CA ASN Y 77 54.03 70.03 1.53
C ASN Y 77 55.19 69.74 0.59
N LYS Y 78 55.18 68.55 0.00
CA LYS Y 78 56.19 68.14 -0.98
C LYS Y 78 56.28 69.07 -2.19
N PHE Y 79 55.16 69.60 -2.63
CA PHE Y 79 55.15 70.38 -3.86
C PHE Y 79 54.94 71.86 -3.55
N TYR Y 80 54.44 72.63 -4.52
CA TYR Y 80 54.37 74.09 -4.37
C TYR Y 80 53.18 74.58 -3.54
N GLY Y 81 53.45 75.48 -2.59
CA GLY Y 81 52.39 76.20 -1.91
C GLY Y 81 52.16 75.92 -0.43
N LYS Y 82 51.62 76.94 0.24
CA LYS Y 82 51.09 76.79 1.60
C LYS Y 82 49.65 76.26 1.49
N LYS Y 83 49.26 75.36 2.38
CA LYS Y 83 47.98 74.66 2.27
C LYS Y 83 46.97 75.15 3.29
N THR Y 84 45.69 75.03 2.93
CA THR Y 84 44.64 75.50 3.83
C THR Y 84 44.58 74.67 5.12
N GLY Y 85 44.56 73.35 4.98
CA GLY Y 85 44.65 72.47 6.13
C GLY Y 85 43.37 72.22 6.89
N CYS Y 86 42.24 72.33 6.20
CA CYS Y 86 40.94 72.09 6.81
C CYS Y 86 39.88 72.28 5.73
N VAL Y 87 38.76 71.57 5.87
CA VAL Y 87 37.68 71.65 4.88
C VAL Y 87 36.35 71.91 5.58
N PHE Y 88 35.28 72.04 4.80
CA PHE Y 88 33.92 72.02 5.32
C PHE Y 88 33.38 70.58 5.24
N GLY Y 89 32.57 70.18 6.22
CA GLY Y 89 31.92 68.88 6.18
C GLY Y 89 30.52 68.93 5.59
N ASP Y 90 29.91 70.11 5.60
CA ASP Y 90 28.58 70.28 5.02
C ASP Y 90 28.23 71.76 4.96
N GLU Y 91 27.02 72.04 4.46
CA GLU Y 91 26.52 73.39 4.33
C GLU Y 91 26.56 74.15 5.67
N TYR Y 92 26.45 73.42 6.77
CA TYR Y 92 26.34 74.01 8.10
C TYR Y 92 27.66 74.38 8.74
N SER Y 93 28.76 73.90 8.14
CA SER Y 93 30.09 74.02 8.71
C SER Y 93 30.54 75.47 8.96
N TYR Y 94 30.50 76.30 7.94
CA TYR Y 94 31.04 77.67 8.02
C TYR Y 94 30.46 78.46 9.16
N GLU Y 95 29.13 78.46 9.24
CA GLU Y 95 28.41 79.19 10.28
C GLU Y 95 28.76 78.67 11.65
N CYS Y 96 28.90 77.35 11.72
CA CYS Y 96 29.15 76.69 12.98
C CYS Y 96 30.48 77.15 13.55
N TYR Y 97 31.50 77.19 12.69
CA TYR Y 97 32.85 77.54 13.13
C TYR Y 97 33.32 78.81 12.40
N LYS Y 98 32.40 79.75 12.25
CA LYS Y 98 32.64 81.03 11.60
C LYS Y 98 33.90 81.75 12.07
N GLU Y 99 33.96 82.08 13.35
CA GLU Y 99 35.09 82.84 13.87
C GLU Y 99 36.43 82.24 13.43
N PHE Y 100 36.52 80.91 13.39
CA PHE Y 100 37.72 80.22 12.89
C PHE Y 100 37.91 80.31 11.36
N PHE Y 101 36.85 80.01 10.62
CA PHE Y 101 36.91 80.07 9.16
C PHE Y 101 37.16 81.49 8.63
N ASP Y 102 36.68 82.50 9.34
CA ASP Y 102 36.88 83.89 8.92
C ASP Y 102 38.36 84.30 8.86
N LYS Y 103 39.19 83.67 9.68
CA LYS Y 103 40.61 84.04 9.70
C LYS Y 103 41.39 83.45 8.51
N CYS Y 104 40.97 82.28 8.04
CA CYS Y 104 41.58 81.67 6.87
C CYS Y 104 41.08 82.37 5.63
N ILE Y 105 39.77 82.57 5.57
CA ILE Y 105 39.21 83.28 4.44
C ILE Y 105 40.08 84.51 4.20
N GLU Y 106 40.41 85.21 5.28
CA GLU Y 106 41.21 86.43 5.18
C GLU Y 106 42.65 86.21 4.74
N GLU Y 107 43.29 85.13 5.20
CA GLU Y 107 44.68 84.85 4.81
C GLU Y 107 44.74 84.32 3.37
N ILE Y 108 43.68 83.67 2.95
CA ILE Y 108 43.60 83.13 1.60
C ILE Y 108 43.12 84.16 0.57
N HIS Y 109 42.11 84.96 0.93
CA HIS Y 109 41.43 85.81 -0.04
C HIS Y 109 41.64 87.33 0.14
N HIS Y 110 42.16 87.73 1.30
CA HIS Y 110 42.34 89.15 1.62
C HIS Y 110 40.97 89.77 1.72
N PHE Y 111 40.05 88.98 2.26
CA PHE Y 111 38.63 89.31 2.30
C PHE Y 111 38.16 89.17 3.75
N LYS Y 112 37.83 90.30 4.37
CA LYS Y 112 37.50 90.32 5.79
C LYS Y 112 36.04 89.98 6.07
N PRO Y 113 35.72 89.59 7.32
CA PRO Y 113 34.35 89.21 7.73
C PRO Y 113 33.38 90.39 7.72
N SER Y 114 33.76 91.50 7.10
CA SER Y 114 32.87 92.64 6.94
C SER Y 114 32.62 92.94 5.46
N ASP Y 115 33.32 92.22 4.59
CA ASP Y 115 33.20 92.43 3.15
C ASP Y 115 32.03 91.62 2.60
N LYS Y 116 31.79 91.74 1.31
CA LYS Y 116 30.77 90.95 0.64
C LYS Y 116 31.18 90.60 -0.78
N HIS Y 117 30.98 89.34 -1.15
CA HIS Y 117 31.39 88.87 -2.46
C HIS Y 117 30.57 89.61 -3.53
N PRO Y 118 31.25 90.20 -4.53
CA PRO Y 118 30.52 90.99 -5.52
C PRO Y 118 29.54 90.13 -6.32
N ALA Y 119 28.89 90.73 -7.31
CA ALA Y 119 27.94 89.99 -8.15
C ALA Y 119 28.71 89.36 -9.30
N PRO Y 120 28.18 88.26 -9.85
CA PRO Y 120 28.80 87.49 -10.94
C PRO Y 120 29.03 88.31 -12.22
N ASP Y 121 30.21 88.16 -12.80
CA ASP Y 121 30.58 88.82 -14.06
C ASP Y 121 31.31 87.83 -14.96
N LEU Y 122 30.60 87.38 -16.01
CA LEU Y 122 31.09 86.34 -16.92
C LEU Y 122 31.37 86.87 -18.32
N ASP Y 123 31.28 88.19 -18.48
CA ASP Y 123 31.43 88.81 -19.80
C ASP Y 123 32.88 88.80 -20.29
N HIS Y 124 33.23 87.75 -21.03
CA HIS Y 124 34.58 87.56 -21.56
C HIS Y 124 34.95 88.65 -22.56
N ASN Y 125 34.02 89.55 -22.83
CA ASN Y 125 34.27 90.66 -23.73
C ASN Y 125 34.93 91.83 -23.02
N LYS Y 126 34.77 91.87 -21.70
CA LYS Y 126 35.37 92.93 -20.90
C LYS Y 126 36.86 92.64 -20.68
N LEU Y 127 37.28 91.42 -20.99
CA LEU Y 127 38.65 90.97 -20.75
C LEU Y 127 39.64 91.70 -21.66
N VAL Y 128 40.74 92.19 -21.08
CA VAL Y 128 41.70 93.00 -21.83
C VAL Y 128 43.04 92.27 -22.08
N GLY Y 129 43.08 91.49 -23.17
CA GLY Y 129 44.26 90.73 -23.53
C GLY Y 129 43.92 89.25 -23.67
N GLY Y 130 44.79 88.38 -23.16
CA GLY Y 130 44.42 86.98 -22.98
C GLY Y 130 44.47 86.12 -24.23
N VAL Y 131 45.17 86.60 -25.24
CA VAL Y 131 45.51 85.75 -26.38
C VAL Y 131 47.03 85.73 -26.48
N PHE Y 132 47.62 84.68 -25.92
CA PHE Y 132 49.06 84.60 -25.74
C PHE Y 132 49.78 83.90 -26.88
N GLU Y 133 51.06 84.20 -27.00
CA GLU Y 133 51.96 83.58 -27.95
C GLU Y 133 51.99 82.07 -27.66
N ASP Y 134 52.01 81.25 -28.70
CA ASP Y 134 52.11 79.80 -28.53
C ASP Y 134 53.45 79.42 -27.92
N LYS Y 135 54.47 80.18 -28.28
CA LYS Y 135 55.81 79.99 -27.76
C LYS Y 135 55.84 79.87 -26.23
N TYR Y 136 54.90 80.53 -25.57
CA TYR Y 136 54.96 80.67 -24.12
C TYR Y 136 53.86 79.91 -23.36
N VAL Y 137 52.60 80.07 -23.79
CA VAL Y 137 51.50 79.33 -23.21
C VAL Y 137 51.21 78.10 -24.06
N LYS Y 138 51.08 76.94 -23.42
CA LYS Y 138 50.95 75.67 -24.13
C LYS Y 138 49.51 75.15 -24.10
N SER Y 139 48.71 75.71 -23.19
CA SER Y 139 47.30 75.39 -23.08
C SER Y 139 46.63 76.25 -22.02
N CYS Y 140 45.31 76.39 -22.12
CA CYS Y 140 44.54 77.18 -21.15
C CYS Y 140 43.40 76.40 -20.51
N ARG Y 141 43.14 76.67 -19.24
CA ARG Y 141 42.10 75.96 -18.52
C ARG Y 141 41.37 76.89 -17.58
N ILE Y 142 40.04 76.85 -17.61
CA ILE Y 142 39.23 77.57 -16.63
C ILE Y 142 38.24 76.63 -15.99
N ARG Y 143 38.26 76.57 -14.66
CA ARG Y 143 37.42 75.64 -13.93
C ARG Y 143 36.76 76.26 -12.71
N CYS Y 144 35.59 75.73 -12.34
CA CYS Y 144 34.96 76.13 -11.09
C CYS Y 144 34.37 74.90 -10.42
N GLY Y 145 34.07 75.00 -9.14
CA GLY Y 145 33.36 73.93 -8.45
C GLY Y 145 31.98 74.35 -7.99
N ARG Y 146 31.12 73.37 -7.75
CA ARG Y 146 29.79 73.59 -7.20
C ARG Y 146 29.37 72.39 -6.37
N SER Y 147 28.55 72.63 -5.35
CA SER Y 147 28.05 71.58 -4.48
C SER Y 147 26.54 71.43 -4.59
N VAL Y 148 26.04 70.30 -4.13
CA VAL Y 148 24.61 70.03 -4.18
C VAL Y 148 23.97 70.19 -2.82
N LYS Y 149 23.18 71.24 -2.67
CA LYS Y 149 22.51 71.53 -1.40
C LYS Y 149 21.63 70.37 -0.98
N GLY Y 150 21.54 70.15 0.34
CA GLY Y 150 20.70 69.09 0.88
C GLY Y 150 21.48 67.80 1.15
N VAL Y 151 22.80 67.90 1.05
CA VAL Y 151 23.65 66.73 1.11
C VAL Y 151 24.99 67.12 1.72
N CYS Y 152 25.65 66.17 2.39
CA CYS Y 152 26.99 66.39 2.94
C CYS Y 152 28.01 66.57 1.84
N LEU Y 153 29.10 67.26 2.18
CA LEU Y 153 30.20 67.40 1.24
C LEU Y 153 31.06 66.14 1.22
N PRO Y 154 31.73 65.89 0.09
CA PRO Y 154 32.54 64.69 -0.12
C PRO Y 154 33.22 64.08 1.12
N PRO Y 155 33.82 64.91 2.00
CA PRO Y 155 34.53 64.33 3.15
C PRO Y 155 33.67 63.53 4.14
N ALA Y 156 32.39 63.86 4.27
CA ALA Y 156 31.52 63.15 5.23
C ALA Y 156 30.35 62.42 4.56
N MET Y 157 30.13 62.68 3.29
CA MET Y 157 28.99 62.08 2.62
C MET Y 157 29.08 60.54 2.58
N SER Y 158 27.92 59.91 2.64
CA SER Y 158 27.83 58.45 2.66
C SER Y 158 27.70 57.91 1.25
N ARG Y 159 27.81 56.59 1.11
CA ARG Y 159 27.64 55.96 -0.19
C ARG Y 159 26.27 56.37 -0.73
N ALA Y 160 25.28 56.44 0.17
CA ALA Y 160 23.90 56.81 -0.18
C ALA Y 160 23.78 58.23 -0.75
N GLU Y 161 24.41 59.20 -0.11
CA GLU Y 161 24.37 60.58 -0.60
C GLU Y 161 25.17 60.77 -1.88
N ARG Y 162 26.26 60.02 -2.02
CA ARG Y 162 27.13 60.14 -3.17
C ARG Y 162 26.42 59.54 -4.39
N ARG Y 163 25.82 58.37 -4.19
CA ARG Y 163 25.08 57.69 -5.24
C ARG Y 163 23.98 58.62 -5.74
N LEU Y 164 23.34 59.31 -4.81
CA LEU Y 164 22.32 60.28 -5.16
C LEU Y 164 22.88 61.46 -5.96
N VAL Y 165 23.89 62.14 -5.42
CA VAL Y 165 24.48 63.27 -6.13
C VAL Y 165 24.74 62.89 -7.58
N GLU Y 166 25.45 61.79 -7.81
CA GLU Y 166 25.76 61.33 -9.17
C GLU Y 166 24.52 61.24 -10.04
N LYS Y 167 23.46 60.66 -9.50
CA LYS Y 167 22.19 60.47 -10.20
C LYS Y 167 21.68 61.82 -10.65
N VAL Y 168 21.31 62.63 -9.68
CA VAL Y 168 20.81 63.97 -9.91
C VAL Y 168 21.63 64.71 -10.97
N VAL Y 169 22.94 64.76 -10.77
CA VAL Y 169 23.84 65.51 -11.66
C VAL Y 169 23.93 64.99 -13.11
N SER Y 170 24.29 63.72 -13.29
CA SER Y 170 24.42 63.19 -14.65
C SER Y 170 23.07 63.10 -15.35
N ASP Y 171 22.00 63.23 -14.58
CA ASP Y 171 20.65 63.30 -15.12
C ASP Y 171 20.35 64.68 -15.72
N ALA Y 172 20.73 65.72 -14.98
CA ALA Y 172 20.52 67.09 -15.45
C ALA Y 172 21.45 67.45 -16.60
N LEU Y 173 22.65 66.87 -16.60
CA LEU Y 173 23.63 67.11 -17.66
C LEU Y 173 23.15 66.52 -18.99
N GLY Y 174 22.06 65.78 -18.94
CA GLY Y 174 21.48 65.21 -20.14
C GLY Y 174 20.74 66.22 -20.99
N GLY Y 175 20.74 67.47 -20.52
CA GLY Y 175 20.05 68.54 -21.22
C GLY Y 175 20.96 69.45 -22.03
N LEU Y 176 22.27 69.37 -21.80
CA LEU Y 176 23.22 70.17 -22.56
C LEU Y 176 23.14 69.86 -24.05
N LYS Y 177 23.10 70.91 -24.86
CA LYS Y 177 22.89 70.74 -26.30
C LYS Y 177 24.01 71.41 -27.08
N GLY Y 178 24.07 71.12 -28.38
CA GLY Y 178 24.97 71.80 -29.27
C GLY Y 178 26.33 71.18 -29.28
N ASP Y 179 27.35 72.03 -29.24
CA ASP Y 179 28.72 71.56 -29.10
C ASP Y 179 29.01 71.22 -27.63
N LEU Y 180 28.02 71.46 -26.77
CA LEU Y 180 28.16 71.15 -25.35
C LEU Y 180 27.56 69.80 -24.98
N ALA Y 181 26.89 69.17 -25.94
CA ALA Y 181 26.32 67.84 -25.71
C ALA Y 181 27.42 66.78 -25.53
N GLY Y 182 27.26 65.94 -24.52
CA GLY Y 182 28.23 64.89 -24.24
C GLY Y 182 27.66 63.65 -23.57
N LYS Y 183 28.54 62.77 -23.13
CA LYS Y 183 28.12 61.53 -22.49
C LYS Y 183 28.81 61.41 -21.13
N TYR Y 184 28.17 60.70 -20.20
CA TYR Y 184 28.76 60.44 -18.90
C TYR Y 184 29.43 59.07 -18.85
N TYR Y 185 30.68 59.05 -18.42
CA TYR Y 185 31.43 57.81 -18.28
C TYR Y 185 31.72 57.56 -16.80
N PRO Y 186 30.92 56.71 -16.15
CA PRO Y 186 31.13 56.39 -14.74
C PRO Y 186 32.48 55.69 -14.55
N LEU Y 187 33.17 56.00 -13.45
CA LEU Y 187 34.54 55.50 -13.26
C LEU Y 187 34.59 54.02 -12.90
N THR Y 188 33.46 53.45 -12.49
CA THR Y 188 33.43 52.04 -12.12
C THR Y 188 33.59 51.13 -13.34
N THR Y 189 32.97 51.50 -14.45
CA THR Y 189 33.04 50.69 -15.66
C THR Y 189 34.06 51.22 -16.66
N MET Y 190 34.99 52.04 -16.19
CA MET Y 190 36.02 52.58 -17.05
C MET Y 190 37.32 51.84 -16.78
N ASN Y 191 37.78 51.05 -17.74
CA ASN Y 191 38.96 50.23 -17.52
C ASN Y 191 40.24 51.04 -17.30
N GLU Y 192 41.17 50.44 -16.56
CA GLU Y 192 42.36 51.13 -16.05
C GLU Y 192 43.16 51.92 -17.09
N LYS Y 193 43.17 51.46 -18.33
CA LYS Y 193 43.98 52.11 -19.35
C LYS Y 193 43.35 53.41 -19.86
N ASP Y 194 42.03 53.39 -20.02
CA ASP Y 194 41.28 54.59 -20.35
C ASP Y 194 41.46 55.66 -19.28
N GLN Y 195 41.15 55.26 -18.05
CA GLN Y 195 41.30 56.11 -16.89
C GLN Y 195 42.70 56.75 -16.86
N GLU Y 196 43.73 55.94 -17.00
CA GLU Y 196 45.10 56.43 -16.94
C GLU Y 196 45.43 57.41 -18.05
N GLN Y 197 44.81 57.22 -19.22
CA GLN Y 197 45.11 58.01 -20.41
C GLN Y 197 44.40 59.38 -20.39
N LEU Y 198 43.19 59.42 -19.85
CA LEU Y 198 42.51 60.70 -19.66
C LEU Y 198 43.34 61.59 -18.73
N ILE Y 199 43.74 61.01 -17.59
CA ILE Y 199 44.57 61.71 -16.61
C ILE Y 199 45.87 62.22 -17.24
N GLU Y 200 46.53 61.35 -18.00
CA GLU Y 200 47.70 61.71 -18.78
C GLU Y 200 47.47 63.05 -19.46
N ASP Y 201 46.41 63.08 -20.28
CA ASP Y 201 46.06 64.21 -21.14
C ASP Y 201 45.45 65.41 -20.39
N HIS Y 202 45.43 65.34 -19.07
CA HIS Y 202 45.01 66.48 -18.24
C HIS Y 202 43.50 66.72 -18.25
N PHE Y 203 42.72 65.67 -18.52
CA PHE Y 203 41.27 65.78 -18.56
C PHE Y 203 40.64 65.33 -17.24
N LEU Y 204 41.01 64.13 -16.82
CA LEU Y 204 40.42 63.50 -15.64
C LEU Y 204 41.28 63.68 -14.38
N PHE Y 205 40.63 63.80 -13.23
CA PHE Y 205 41.37 63.89 -11.97
C PHE Y 205 42.21 62.63 -11.73
N GLU Y 206 43.32 62.79 -11.01
CA GLU Y 206 44.30 61.74 -10.75
C GLU Y 206 43.74 60.64 -9.86
N LYS Y 207 44.40 59.48 -9.83
CA LYS Y 207 44.01 58.45 -8.90
C LYS Y 207 44.05 59.06 -7.49
N PRO Y 208 43.28 58.49 -6.55
CA PRO Y 208 43.08 59.12 -5.23
C PRO Y 208 44.32 59.01 -4.34
N THR Y 209 45.30 59.88 -4.52
CA THR Y 209 46.54 59.81 -3.76
C THR Y 209 46.97 61.17 -3.20
N GLY Y 210 46.19 62.20 -3.51
CA GLY Y 210 46.44 63.51 -2.95
C GLY Y 210 46.35 63.48 -1.44
N ALA Y 211 47.29 64.12 -0.77
CA ALA Y 211 47.38 64.08 0.68
C ALA Y 211 46.09 64.58 1.32
N LEU Y 212 45.60 65.74 0.86
CA LEU Y 212 44.33 66.31 1.34
C LEU Y 212 43.13 65.42 1.05
N LEU Y 213 43.05 64.87 -0.16
CA LEU Y 213 41.90 64.03 -0.51
C LEU Y 213 41.70 62.90 0.52
N THR Y 214 42.69 62.01 0.62
CA THR Y 214 42.55 60.84 1.46
C THR Y 214 42.46 61.17 2.95
N THR Y 215 43.14 62.23 3.38
CA THR Y 215 43.26 62.53 4.81
C THR Y 215 42.03 63.22 5.37
N SER Y 216 41.19 63.76 4.47
CA SER Y 216 39.95 64.39 4.89
C SER Y 216 38.78 63.48 4.61
N GLY Y 217 39.05 62.33 4.01
CA GLY Y 217 38.03 61.33 3.79
C GLY Y 217 37.22 61.47 2.50
N CYS Y 218 37.75 62.17 1.51
CA CYS Y 218 37.06 62.26 0.22
C CYS Y 218 37.40 61.13 -0.75
N ALA Y 219 38.08 60.09 -0.26
CA ALA Y 219 38.46 58.96 -1.13
C ALA Y 219 37.75 57.62 -0.83
N ARG Y 220 36.93 57.60 0.23
CA ARG Y 220 36.20 56.39 0.64
C ARG Y 220 35.41 55.73 -0.50
N ASP Y 221 35.22 54.42 -0.39
CA ASP Y 221 34.32 53.71 -1.27
C ASP Y 221 34.69 54.00 -2.74
N TRP Y 222 35.95 54.33 -3.00
CA TRP Y 222 36.42 54.64 -4.35
C TRP Y 222 36.41 53.36 -5.16
N PRO Y 223 35.93 53.39 -6.42
CA PRO Y 223 35.48 54.55 -7.21
C PRO Y 223 33.97 54.87 -7.16
N ASP Y 224 33.25 54.39 -6.15
CA ASP Y 224 31.79 54.45 -6.13
C ASP Y 224 31.25 55.88 -6.26
N GLY Y 225 30.29 56.06 -7.16
CA GLY Y 225 29.59 57.33 -7.32
C GLY Y 225 30.39 58.42 -8.03
N ARG Y 226 31.65 58.13 -8.35
CA ARG Y 226 32.55 59.07 -9.02
C ARG Y 226 32.56 58.89 -10.52
N GLY Y 227 32.51 60.00 -11.24
CA GLY Y 227 32.61 59.95 -12.69
C GLY Y 227 33.03 61.23 -13.37
N ILE Y 228 33.07 61.16 -14.69
CA ILE Y 228 33.35 62.34 -15.50
C ILE Y 228 32.40 62.38 -16.70
N TRP Y 229 31.92 63.58 -16.99
CA TRP Y 229 31.08 63.85 -18.14
C TRP Y 229 31.93 64.68 -19.08
N HIS Y 230 31.80 64.48 -20.38
CA HIS Y 230 32.54 65.33 -21.31
C HIS Y 230 32.05 65.25 -22.76
N ASN Y 231 32.16 66.38 -23.46
CA ASN Y 231 31.79 66.43 -24.86
C ASN Y 231 32.80 65.71 -25.75
N ASN Y 232 32.54 65.67 -27.04
CA ASN Y 232 33.38 64.91 -27.95
C ASN Y 232 34.75 65.58 -28.15
N GLU Y 233 34.75 66.89 -28.29
CA GLU Y 233 36.01 67.65 -28.43
C GLU Y 233 36.87 67.53 -27.18
N LYS Y 234 36.22 67.28 -26.03
CA LYS Y 234 36.90 67.24 -24.74
C LYS Y 234 37.45 68.60 -24.38
N ASN Y 235 36.70 69.65 -24.70
CA ASN Y 235 37.10 71.01 -24.36
C ASN Y 235 36.16 71.58 -23.33
N PHE Y 236 35.11 70.82 -23.03
CA PHE Y 236 34.19 71.13 -21.96
C PHE Y 236 33.94 69.84 -21.19
N LEU Y 237 34.12 69.87 -19.87
CA LEU Y 237 33.99 68.65 -19.05
C LEU Y 237 33.44 68.94 -17.67
N VAL Y 238 32.91 67.90 -17.03
CA VAL Y 238 32.38 68.00 -15.67
C VAL Y 238 32.79 66.78 -14.82
N TRP Y 239 33.61 67.03 -13.80
CA TRP Y 239 33.98 65.98 -12.83
C TRP Y 239 32.84 65.78 -11.84
N ILE Y 240 32.61 64.54 -11.41
CA ILE Y 240 31.53 64.25 -10.47
C ILE Y 240 31.99 63.48 -9.24
N ASN Y 241 32.01 64.14 -8.09
CA ASN Y 241 32.21 63.46 -6.79
C ASN Y 241 33.64 63.16 -6.30
N GLU Y 242 34.63 63.86 -6.83
CA GLU Y 242 35.94 63.81 -6.21
C GLU Y 242 35.85 64.63 -4.93
N GLU Y 243 36.76 65.57 -4.78
CA GLU Y 243 36.77 66.47 -3.63
C GLU Y 243 35.47 67.28 -3.56
N ASP Y 244 34.90 67.59 -4.72
CA ASP Y 244 33.63 68.30 -4.78
C ASP Y 244 32.56 67.53 -5.56
N HIS Y 245 31.29 67.77 -5.25
CA HIS Y 245 30.23 67.13 -6.02
C HIS Y 245 30.47 67.43 -7.50
N ILE Y 246 30.73 68.69 -7.80
CA ILE Y 246 30.88 69.14 -9.18
C ILE Y 246 32.10 69.99 -9.46
N ARG Y 247 32.76 69.70 -10.56
CA ARG Y 247 33.73 70.61 -11.16
C ARG Y 247 33.31 70.88 -12.60
N VAL Y 248 33.25 72.15 -12.99
CA VAL Y 248 32.98 72.52 -14.38
C VAL Y 248 34.26 73.01 -15.03
N ILE Y 249 34.59 72.48 -16.20
CA ILE Y 249 35.89 72.71 -16.78
C ILE Y 249 35.85 73.06 -18.26
N SER Y 250 36.53 74.14 -18.62
CA SER Y 250 36.81 74.46 -20.01
C SER Y 250 38.31 74.53 -20.20
N MET Y 251 38.82 73.85 -21.21
CA MET Y 251 40.25 73.89 -21.51
C MET Y 251 40.51 73.66 -23.00
N GLN Y 252 41.69 74.08 -23.44
CA GLN Y 252 42.13 73.84 -24.80
C GLN Y 252 43.64 74.07 -24.89
N LYS Y 253 44.28 73.43 -25.87
CA LYS Y 253 45.71 73.61 -26.09
C LYS Y 253 45.99 74.88 -26.88
N GLY Y 254 47.04 75.60 -26.47
CA GLY Y 254 47.39 76.87 -27.09
C GLY Y 254 47.14 78.04 -26.15
N GLY Y 255 47.23 79.25 -26.67
CA GLY Y 255 47.21 80.42 -25.80
C GLY Y 255 45.99 81.33 -25.86
N ASP Y 256 44.85 80.79 -26.26
CA ASP Y 256 43.64 81.60 -26.34
C ASP Y 256 42.79 81.46 -25.07
N LEU Y 257 43.26 82.09 -24.00
CA LEU Y 257 42.59 82.06 -22.71
C LEU Y 257 41.22 82.74 -22.78
N LYS Y 258 41.14 83.79 -23.60
CA LYS Y 258 39.91 84.55 -23.74
C LYS Y 258 38.78 83.72 -24.35
N ALA Y 259 39.13 82.81 -25.26
CA ALA Y 259 38.19 81.88 -25.86
C ALA Y 259 37.75 80.81 -24.88
N VAL Y 260 38.70 80.30 -24.10
CA VAL Y 260 38.39 79.37 -23.02
C VAL Y 260 37.38 80.01 -22.04
N PHE Y 261 37.55 81.31 -21.78
CA PHE Y 261 36.62 82.03 -20.90
C PHE Y 261 35.22 82.08 -21.50
N SER Y 262 35.13 82.24 -22.81
CA SER Y 262 33.86 82.28 -23.52
C SER Y 262 33.08 80.96 -23.44
N ARG Y 263 33.76 79.85 -23.66
CA ARG Y 263 33.10 78.54 -23.59
C ARG Y 263 32.66 78.23 -22.17
N PHE Y 264 33.63 78.25 -21.26
CA PHE Y 264 33.37 78.07 -19.85
C PHE Y 264 32.07 78.78 -19.45
N ALA Y 265 31.86 79.98 -19.98
CA ALA Y 265 30.72 80.81 -19.57
C ALA Y 265 29.39 80.28 -20.07
N ARG Y 266 29.33 79.88 -21.33
CA ARG Y 266 28.12 79.29 -21.88
C ARG Y 266 27.71 78.04 -21.11
N GLY Y 267 28.64 77.10 -20.99
CA GLY Y 267 28.38 75.84 -20.31
C GLY Y 267 27.99 76.00 -18.86
N LEU Y 268 28.80 76.74 -18.12
CA LEU Y 268 28.56 76.95 -16.70
C LEU Y 268 27.15 77.51 -16.44
N LEU Y 269 26.73 78.49 -17.25
CA LEU Y 269 25.38 79.04 -17.15
C LEU Y 269 24.34 77.97 -17.45
N GLU Y 270 24.55 77.25 -18.56
CA GLU Y 270 23.72 76.14 -18.98
C GLU Y 270 23.57 75.10 -17.88
N VAL Y 271 24.68 74.75 -17.26
CA VAL Y 271 24.67 73.74 -16.20
C VAL Y 271 23.87 74.21 -14.99
N GLU Y 272 24.13 75.44 -14.57
CA GLU Y 272 23.44 76.01 -13.42
C GLU Y 272 21.96 76.16 -13.69
N ARG Y 273 21.62 76.30 -14.97
CA ARG Y 273 20.24 76.44 -15.37
C ARG Y 273 19.53 75.09 -15.35
N LEU Y 274 20.20 74.07 -15.87
CA LEU Y 274 19.65 72.72 -15.88
C LEU Y 274 19.53 72.18 -14.46
N MET Y 275 20.54 72.45 -13.63
CA MET Y 275 20.48 72.04 -12.24
C MET Y 275 19.30 72.71 -11.55
N LYS Y 276 19.13 74.01 -11.80
CA LYS Y 276 18.05 74.77 -11.20
C LYS Y 276 16.69 74.37 -11.76
N GLU Y 277 16.68 74.04 -13.04
CA GLU Y 277 15.46 73.59 -13.71
C GLU Y 277 14.99 72.27 -13.11
N CYS Y 278 15.93 71.34 -12.93
CA CYS Y 278 15.62 70.00 -12.41
C CYS Y 278 15.24 70.00 -10.93
N GLY Y 279 15.09 71.18 -10.34
CA GLY Y 279 14.75 71.30 -8.94
C GLY Y 279 15.88 70.94 -8.00
N HIS Y 280 17.11 71.19 -8.45
CA HIS Y 280 18.30 70.91 -7.64
C HIS Y 280 19.07 72.18 -7.29
N GLY Y 281 19.03 72.57 -6.01
CA GLY Y 281 19.72 73.75 -5.55
C GLY Y 281 21.21 73.52 -5.31
N LEU Y 282 22.00 74.60 -5.37
CA LEU Y 282 23.44 74.51 -5.09
C LEU Y 282 23.81 75.28 -3.82
N MET Y 283 24.75 74.76 -3.04
CA MET Y 283 25.21 75.43 -1.82
C MET Y 283 25.72 76.83 -2.10
N HIS Y 284 25.21 77.82 -1.37
CA HIS Y 284 25.52 79.20 -1.67
C HIS Y 284 25.07 80.20 -0.61
N ASN Y 285 26.03 81.00 -0.16
CA ASN Y 285 25.83 82.02 0.88
C ASN Y 285 25.56 83.36 0.22
N ASP Y 286 24.93 84.27 0.95
CA ASP Y 286 24.72 85.61 0.44
C ASP Y 286 26.05 86.36 0.38
N ARG Y 287 26.80 86.27 1.48
CA ARG Y 287 28.11 86.94 1.62
C ARG Y 287 29.27 86.28 0.86
N LEU Y 288 29.33 84.95 0.90
CA LEU Y 288 30.52 84.25 0.41
C LEU Y 288 30.33 83.57 -0.93
N GLY Y 289 29.29 83.95 -1.66
CA GLY Y 289 29.00 83.31 -2.92
C GLY Y 289 28.84 81.82 -2.73
N TYR Y 290 29.36 81.05 -3.68
CA TYR Y 290 29.22 79.60 -3.67
C TYR Y 290 30.15 78.94 -2.66
N ILE Y 291 29.72 77.79 -2.15
CA ILE Y 291 30.44 77.08 -1.12
C ILE Y 291 30.89 75.70 -1.61
N CYS Y 292 32.16 75.36 -1.37
CA CYS Y 292 32.68 74.03 -1.71
C CYS Y 292 33.51 73.45 -0.55
N THR Y 293 34.23 72.35 -0.83
CA THR Y 293 34.99 71.61 0.18
C THR Y 293 36.11 72.43 0.83
N CYS Y 294 37.12 72.82 0.05
CA CYS Y 294 38.22 73.65 0.59
C CYS Y 294 37.90 75.15 0.53
N PRO Y 295 38.26 75.89 1.59
CA PRO Y 295 37.90 77.31 1.59
C PRO Y 295 38.67 78.19 0.58
N THR Y 296 39.61 77.62 -0.17
CA THR Y 296 40.20 78.36 -1.30
C THR Y 296 39.20 78.41 -2.45
N ASN Y 297 38.21 77.52 -2.38
CA ASN Y 297 37.22 77.36 -3.44
C ASN Y 297 35.86 77.92 -3.04
N MET Y 298 35.79 79.23 -2.91
CA MET Y 298 34.56 79.90 -2.52
C MET Y 298 34.35 81.11 -3.41
N GLY Y 299 33.26 81.84 -3.19
CA GLY Y 299 32.96 83.02 -3.98
C GLY Y 299 32.58 82.67 -5.41
N THR Y 300 33.54 82.82 -6.31
CA THR Y 300 33.35 82.36 -7.68
C THR Y 300 33.67 80.88 -7.71
N VAL Y 301 34.74 80.51 -6.99
CA VAL Y 301 35.29 79.16 -7.01
C VAL Y 301 36.05 78.92 -8.33
N VAL Y 302 36.36 80.02 -9.01
CA VAL Y 302 37.00 79.93 -10.33
C VAL Y 302 38.53 79.94 -10.30
N ARG Y 303 39.12 78.86 -10.83
CA ARG Y 303 40.58 78.78 -10.98
C ARG Y 303 40.97 78.71 -12.45
N ALA Y 304 41.45 79.82 -12.97
CA ALA Y 304 41.84 79.88 -14.37
C ALA Y 304 43.35 79.66 -14.47
N SER Y 305 43.77 78.82 -15.40
CA SER Y 305 45.18 78.46 -15.50
C SER Y 305 45.69 78.42 -16.93
N VAL Y 306 46.99 78.67 -17.05
CA VAL Y 306 47.73 78.45 -18.27
C VAL Y 306 48.79 77.41 -17.98
N HIS Y 307 49.44 76.94 -19.04
CA HIS Y 307 50.66 76.17 -18.90
C HIS Y 307 51.77 77.01 -19.52
N LEU Y 308 52.57 77.63 -18.65
CA LEU Y 308 53.53 78.66 -19.05
C LEU Y 308 54.97 78.12 -19.06
N ARG Y 309 55.75 78.56 -20.03
CA ARG Y 309 57.11 78.06 -20.22
C ARG Y 309 58.12 79.16 -19.93
N LEU Y 310 58.82 79.04 -18.81
CA LEU Y 310 59.73 80.08 -18.37
C LEU Y 310 61.18 79.61 -18.20
N ALA Y 311 61.81 79.20 -19.29
CA ALA Y 311 63.18 78.66 -19.25
C ALA Y 311 64.21 79.60 -18.63
N PHE Y 312 63.99 80.91 -18.69
CA PHE Y 312 64.93 81.83 -18.08
C PHE Y 312 64.43 82.33 -16.73
N LEU Y 313 63.22 82.88 -16.71
CA LEU Y 313 62.65 83.39 -15.46
C LEU Y 313 62.65 82.34 -14.36
N GLU Y 314 62.47 81.07 -14.73
CA GLU Y 314 62.35 80.00 -13.74
C GLU Y 314 63.62 79.88 -12.88
N LYS Y 315 64.75 80.36 -13.41
CA LYS Y 315 66.01 80.31 -12.67
C LYS Y 315 66.20 81.55 -11.80
N HIS Y 316 65.48 82.62 -12.10
CA HIS Y 316 65.60 83.84 -11.31
C HIS Y 316 65.22 83.61 -9.85
N PRO Y 317 66.02 84.17 -8.94
CA PRO Y 317 65.75 84.03 -7.50
C PRO Y 317 64.45 84.70 -7.05
N ARG Y 318 63.95 85.67 -7.81
CA ARG Y 318 62.78 86.45 -7.39
C ARG Y 318 61.49 86.05 -8.12
N PHE Y 319 61.45 84.82 -8.61
CA PHE Y 319 60.29 84.25 -9.31
C PHE Y 319 59.09 84.01 -8.38
N ASP Y 320 59.30 83.24 -7.32
CA ASP Y 320 58.25 82.96 -6.33
C ASP Y 320 57.81 84.23 -5.64
N GLU Y 321 58.75 85.14 -5.41
CA GLU Y 321 58.43 86.44 -4.84
C GLU Y 321 57.39 87.12 -5.72
N MET Y 322 57.76 87.34 -6.98
CA MET Y 322 56.89 87.96 -7.97
C MET Y 322 55.52 87.28 -8.06
N LEU Y 323 55.50 85.95 -8.15
CA LEU Y 323 54.25 85.19 -8.17
C LEU Y 323 53.39 85.58 -6.99
N GLY Y 324 53.88 85.29 -5.79
CA GLY Y 324 53.14 85.61 -4.57
C GLY Y 324 52.57 87.01 -4.56
N LYS Y 325 53.37 87.96 -5.04
CA LYS Y 325 52.97 89.37 -5.09
C LYS Y 325 51.90 89.61 -6.14
N LEU Y 326 52.02 88.94 -7.29
CA LEU Y 326 51.04 89.07 -8.36
C LEU Y 326 49.76 88.34 -8.01
N ARG Y 327 49.71 87.79 -6.80
CA ARG Y 327 48.56 87.02 -6.34
C ARG Y 327 48.27 85.89 -7.31
N LEU Y 328 49.33 85.14 -7.66
CA LEU Y 328 49.19 84.02 -8.58
C LEU Y 328 49.65 82.73 -7.92
N GLY Y 329 48.87 81.68 -8.09
CA GLY Y 329 49.27 80.37 -7.61
C GLY Y 329 50.19 79.70 -8.61
N LYS Y 330 51.02 78.79 -8.11
CA LYS Y 330 51.93 78.03 -8.95
C LYS Y 330 51.74 76.53 -8.75
N ARG Y 331 51.70 75.77 -9.84
CA ARG Y 331 51.62 74.30 -9.73
C ARG Y 331 52.55 73.62 -10.73
N GLY Y 332 52.55 72.29 -10.71
CA GLY Y 332 53.33 71.53 -11.67
C GLY Y 332 52.55 71.28 -12.95
N THR Y 333 53.24 70.74 -13.95
CA THR Y 333 52.61 70.40 -15.23
C THR Y 333 51.41 69.45 -15.03
N GLY Y 334 51.59 68.49 -14.12
CA GLY Y 334 50.58 67.49 -13.85
C GLY Y 334 49.56 67.88 -12.80
N GLY Y 335 49.68 69.09 -12.28
CA GLY Y 335 48.73 69.59 -11.30
C GLY Y 335 49.32 69.92 -9.94
N GLU Y 336 48.45 70.13 -8.97
CA GLU Y 336 48.85 70.56 -7.63
C GLU Y 336 49.76 69.57 -6.92
N SER Y 337 49.55 68.27 -7.14
CA SER Y 337 50.49 67.29 -6.60
C SER Y 337 51.49 66.78 -7.67
N SER Y 338 52.32 67.72 -8.14
CA SER Y 338 53.35 67.47 -9.14
C SER Y 338 54.34 68.64 -9.15
N LEU Y 339 55.46 68.45 -9.84
CA LEU Y 339 56.41 69.54 -10.04
C LEU Y 339 56.39 69.93 -11.50
N ALA Y 340 57.15 70.97 -11.85
CA ALA Y 340 57.23 71.42 -13.24
C ALA Y 340 58.09 70.48 -14.05
N THR Y 341 57.65 70.20 -15.27
CA THR Y 341 58.48 69.45 -16.21
C THR Y 341 58.75 70.36 -17.39
N ASP Y 342 59.97 70.28 -17.92
CA ASP Y 342 60.27 70.92 -19.18
C ASP Y 342 60.18 72.45 -19.06
N SER Y 343 60.52 72.97 -17.88
CA SER Y 343 60.46 74.40 -17.60
C SER Y 343 59.06 75.00 -17.75
N THR Y 344 58.03 74.14 -17.75
CA THR Y 344 56.65 74.61 -17.91
C THR Y 344 55.91 74.63 -16.58
N TYR Y 345 54.99 75.60 -16.40
CA TYR Y 345 54.34 75.81 -15.11
C TYR Y 345 52.83 76.05 -15.16
N ASP Y 346 52.16 75.56 -14.11
CA ASP Y 346 50.71 75.64 -13.93
C ASP Y 346 50.37 76.96 -13.21
N ILE Y 347 50.39 78.07 -13.93
CA ILE Y 347 50.12 79.39 -13.34
C ILE Y 347 48.64 79.80 -13.38
N SER Y 348 48.13 80.26 -12.25
CA SER Y 348 46.73 80.64 -12.14
C SER Y 348 46.48 81.79 -11.17
N ASN Y 349 45.21 82.08 -10.90
CA ASN Y 349 44.88 83.09 -9.90
C ASN Y 349 44.73 82.43 -8.53
N TRP Y 350 45.14 83.15 -7.49
CA TRP Y 350 45.11 82.65 -6.12
C TRP Y 350 43.76 82.83 -5.43
N ALA Y 351 43.22 84.03 -5.50
CA ALA Y 351 41.93 84.30 -4.87
C ALA Y 351 40.76 83.94 -5.79
N ARG Y 352 39.60 83.71 -5.18
CA ARG Y 352 38.38 83.34 -5.89
C ARG Y 352 37.22 84.01 -5.20
N LEU Y 353 37.49 84.54 -4.02
CA LEU Y 353 36.47 85.14 -3.18
C LEU Y 353 36.81 86.62 -2.94
N GLY Y 354 36.02 87.51 -3.55
CA GLY Y 354 36.19 88.94 -3.39
C GLY Y 354 36.22 89.64 -4.74
N LYS Y 355 36.52 88.88 -5.78
CA LYS Y 355 36.56 89.42 -7.13
C LYS Y 355 35.79 88.53 -8.10
N SER Y 356 35.17 89.16 -9.08
CA SER Y 356 34.31 88.47 -10.04
C SER Y 356 35.14 87.66 -11.02
N GLU Y 357 34.53 86.63 -11.58
CA GLU Y 357 35.15 85.75 -12.55
C GLU Y 357 36.12 86.47 -13.49
N ARG Y 358 35.63 87.54 -14.13
CA ARG Y 358 36.43 88.30 -15.10
C ARG Y 358 37.53 89.15 -14.46
N GLU Y 359 37.26 89.69 -13.27
CA GLU Y 359 38.29 90.41 -12.50
C GLU Y 359 39.45 89.49 -12.18
N LEU Y 360 39.12 88.24 -11.87
CA LEU Y 360 40.13 87.26 -11.54
C LEU Y 360 40.88 86.81 -12.78
N VAL Y 361 40.15 86.44 -13.83
CA VAL Y 361 40.78 86.02 -15.09
C VAL Y 361 41.72 87.12 -15.59
N GLN Y 362 41.37 88.36 -15.28
CA GLN Y 362 42.13 89.53 -15.71
C GLN Y 362 43.41 89.68 -14.93
N VAL Y 363 43.32 89.43 -13.62
CA VAL Y 363 44.50 89.34 -12.74
C VAL Y 363 45.52 88.31 -13.25
N LEU Y 364 45.02 87.21 -13.80
CA LEU Y 364 45.87 86.16 -14.35
C LEU Y 364 46.50 86.58 -15.69
N VAL Y 365 45.84 87.47 -16.42
CA VAL Y 365 46.46 87.97 -17.65
C VAL Y 365 47.62 88.91 -17.31
N ASP Y 366 47.35 89.88 -16.44
CA ASP Y 366 48.37 90.87 -16.05
C ASP Y 366 49.61 90.24 -15.39
N GLY Y 367 49.44 89.09 -14.76
CA GLY Y 367 50.56 88.36 -14.20
C GLY Y 367 51.29 87.61 -15.28
N VAL Y 368 50.56 86.87 -16.10
CA VAL Y 368 51.18 86.15 -17.20
C VAL Y 368 51.80 87.11 -18.20
N ASN Y 369 51.29 88.34 -18.27
CA ASN Y 369 51.90 89.36 -19.12
C ASN Y 369 53.28 89.81 -18.65
N LEU Y 370 53.37 90.20 -17.39
CA LEU Y 370 54.63 90.63 -16.81
C LEU Y 370 55.64 89.49 -16.73
N LEU Y 371 55.15 88.29 -16.46
CA LEU Y 371 56.03 87.13 -16.37
C LEU Y 371 56.79 86.92 -17.67
N ILE Y 372 56.05 86.82 -18.77
CA ILE Y 372 56.66 86.66 -20.09
C ILE Y 372 57.75 87.70 -20.34
N ALA Y 373 57.42 88.96 -20.09
CA ALA Y 373 58.34 90.05 -20.38
C ALA Y 373 59.66 89.90 -19.65
N CYS Y 374 59.60 89.41 -18.41
CA CYS Y 374 60.80 89.19 -17.60
C CYS Y 374 61.67 88.11 -18.24
N ASP Y 375 61.03 87.09 -18.83
CA ASP Y 375 61.79 86.05 -19.50
C ASP Y 375 62.53 86.64 -20.70
N LYS Y 376 61.85 87.50 -21.46
CA LYS Y 376 62.46 88.13 -22.64
C LYS Y 376 63.65 89.00 -22.27
N LYS Y 377 63.57 89.65 -21.10
CA LYS Y 377 64.65 90.49 -20.62
C LYS Y 377 65.82 89.63 -20.21
N LEU Y 378 65.55 88.61 -19.41
CA LEU Y 378 66.57 87.65 -19.03
C LEU Y 378 67.17 87.03 -20.27
N GLU Y 379 66.33 86.73 -21.26
CA GLU Y 379 66.79 86.12 -22.50
C GLU Y 379 67.81 87.00 -23.22
N ALA Y 380 67.60 88.31 -23.16
CA ALA Y 380 68.47 89.29 -23.81
C ALA Y 380 69.68 89.68 -22.97
N GLY Y 381 69.77 89.15 -21.75
CA GLY Y 381 70.88 89.44 -20.88
C GLY Y 381 70.66 90.70 -20.07
N GLN Y 382 69.40 91.06 -19.90
CA GLN Y 382 69.03 92.26 -19.14
C GLN Y 382 68.45 91.92 -17.78
N SER Y 383 68.39 92.91 -16.90
CA SER Y 383 67.91 92.69 -15.54
C SER Y 383 66.46 93.11 -15.35
N ILE Y 384 65.78 92.39 -14.46
CA ILE Y 384 64.37 92.58 -14.20
C ILE Y 384 64.16 92.94 -12.74
N ASP Y 385 65.13 93.62 -12.15
CA ASP Y 385 65.02 94.08 -10.78
C ASP Y 385 63.87 95.09 -10.67
N ASP Y 386 63.87 96.06 -11.58
CA ASP Y 386 62.84 97.11 -11.58
C ASP Y 386 61.47 96.57 -11.99
N MET Y 387 61.43 95.39 -12.61
CA MET Y 387 60.17 94.86 -13.12
C MET Y 387 59.43 94.00 -12.08
N ILE Y 388 60.19 93.44 -11.14
CA ILE Y 388 59.62 92.67 -10.04
C ILE Y 388 58.79 93.60 -9.15
N PRO Y 389 57.54 93.22 -8.86
CA PRO Y 389 56.52 94.05 -8.18
C PRO Y 389 56.97 94.56 -6.82
N LYS Y 390 56.62 95.80 -6.51
CA LYS Y 390 56.98 96.42 -5.24
C LYS Y 390 56.11 95.93 -4.08
N PHE Z 9 27.98 64.58 21.01
CA PHE Z 9 29.38 64.63 20.60
C PHE Z 9 30.05 63.27 20.72
N VAL Z 10 29.79 62.56 21.82
CA VAL Z 10 30.36 61.24 22.05
C VAL Z 10 29.86 60.22 21.02
N LYS Z 11 28.61 60.37 20.60
CA LYS Z 11 28.01 59.45 19.63
C LYS Z 11 28.08 59.99 18.19
N ASN Z 12 28.92 61.00 17.99
CA ASN Z 12 29.20 61.54 16.66
C ASN Z 12 30.70 61.64 16.43
N ARG Z 13 31.45 60.88 17.23
CA ARG Z 13 32.91 60.85 17.17
C ARG Z 13 33.48 60.74 15.76
N VAL Z 14 32.94 59.81 14.96
CA VAL Z 14 33.41 59.63 13.58
C VAL Z 14 33.33 60.92 12.77
N GLY Z 15 32.35 61.77 13.11
CA GLY Z 15 32.20 63.08 12.49
C GLY Z 15 31.67 63.04 11.07
N HIS Z 16 31.02 61.94 10.71
CA HIS Z 16 30.45 61.75 9.37
C HIS Z 16 28.93 61.78 9.40
N SER Z 17 28.34 61.72 8.22
CA SER Z 17 26.88 61.74 8.10
C SER Z 17 26.24 60.37 8.31
N LYS Z 18 25.09 60.35 9.00
CA LYS Z 18 24.39 59.12 9.29
C LYS Z 18 23.10 59.04 8.49
N PRO Z 19 23.12 58.25 7.40
CA PRO Z 19 22.04 58.07 6.41
C PRO Z 19 20.78 57.43 6.99
N TRP Z 20 20.91 56.88 8.19
CA TRP Z 20 19.80 56.13 8.78
C TRP Z 20 18.83 57.02 9.57
N GLU Z 21 19.30 58.10 10.15
CA GLU Z 21 18.52 58.80 11.17
C GLU Z 21 17.25 59.58 10.69
N SER Z 22 17.41 60.50 9.72
CA SER Z 22 16.27 61.27 9.12
C SER Z 22 15.42 60.42 8.18
N GLY Z 23 15.85 59.21 7.92
CA GLY Z 23 15.01 58.19 7.30
C GLY Z 23 14.68 58.38 5.83
N LYS Z 24 15.59 58.89 4.99
CA LYS Z 24 15.26 58.95 3.55
C LYS Z 24 16.11 57.95 2.80
N PHE Z 25 16.91 57.23 3.58
CA PHE Z 25 17.69 56.12 3.04
C PHE Z 25 17.39 54.80 3.74
N LYS Z 26 17.19 53.75 2.95
CA LYS Z 26 17.14 52.40 3.49
C LYS Z 26 18.57 51.85 3.60
N ALA Z 27 18.75 50.86 4.45
CA ALA Z 27 20.06 50.24 4.58
C ALA Z 27 20.60 49.84 3.21
N ALA Z 28 19.69 49.45 2.32
CA ALA Z 28 20.05 48.91 1.01
C ALA Z 28 20.64 50.00 0.14
N ASP Z 29 20.19 51.23 0.34
CA ASP Z 29 20.73 52.38 -0.39
C ASP Z 29 22.20 52.57 -0.03
N ASN Z 30 22.60 52.11 1.15
CA ASN Z 30 23.98 52.33 1.60
C ASN Z 30 24.85 51.06 1.62
N PHE Z 31 24.29 49.94 1.18
CA PHE Z 31 25.06 48.71 1.11
C PHE Z 31 26.25 48.95 0.20
N PRO Z 32 27.46 48.55 0.64
CA PRO Z 32 28.68 48.80 -0.12
C PRO Z 32 28.73 47.89 -1.33
N ASP Z 33 29.36 48.34 -2.41
CA ASP Z 33 29.58 47.52 -3.59
C ASP Z 33 30.92 46.77 -3.53
N LEU Z 34 30.84 45.46 -3.26
CA LEU Z 34 32.03 44.65 -3.03
C LEU Z 34 32.26 43.59 -4.11
N SER Z 35 31.79 43.85 -5.32
CA SER Z 35 31.95 42.91 -6.45
C SER Z 35 33.40 42.44 -6.64
N LYS Z 36 34.29 43.40 -6.80
CA LYS Z 36 35.66 43.11 -7.15
C LYS Z 36 36.58 42.95 -5.93
N HIS Z 37 35.99 42.69 -4.76
CA HIS Z 37 36.76 42.59 -3.51
C HIS Z 37 37.21 41.18 -3.18
N ASN Z 38 38.40 41.09 -2.59
CA ASN Z 38 38.94 39.84 -2.06
C ASN Z 38 39.42 39.93 -0.59
N ASN Z 39 38.54 40.33 0.32
CA ASN Z 39 38.92 40.30 1.73
C ASN Z 39 37.93 39.51 2.62
N VAL Z 40 38.31 39.29 3.88
CA VAL Z 40 37.45 38.54 4.79
C VAL Z 40 36.12 39.27 4.98
N MET Z 41 36.19 40.58 5.18
CA MET Z 41 35.00 41.41 5.33
C MET Z 41 34.03 41.24 4.17
N ALA Z 42 34.56 41.18 2.95
CA ALA Z 42 33.72 41.05 1.75
C ALA Z 42 33.08 39.68 1.66
N SER Z 43 33.79 38.68 2.17
CA SER Z 43 33.32 37.29 2.15
C SER Z 43 32.22 37.04 3.15
N GLN Z 44 32.23 37.78 4.23
CA GLN Z 44 31.32 37.48 5.33
C GLN Z 44 30.11 38.40 5.36
N LEU Z 45 30.20 39.53 4.66
CA LEU Z 45 29.15 40.53 4.78
C LEU Z 45 27.97 40.17 3.89
N THR Z 46 26.78 40.15 4.51
CA THR Z 46 25.53 39.94 3.78
C THR Z 46 24.62 41.18 3.90
N LYS Z 47 23.71 41.34 2.96
CA LYS Z 47 22.74 42.44 3.00
C LYS Z 47 21.89 42.39 4.28
N GLU Z 48 21.75 41.19 4.83
CA GLU Z 48 20.92 40.95 6.00
C GLU Z 48 21.63 41.42 7.26
N LEU Z 49 22.95 41.23 7.28
CA LEU Z 49 23.80 41.68 8.38
C LEU Z 49 24.01 43.19 8.40
N TYR Z 50 24.09 43.81 7.23
CA TYR Z 50 24.25 45.26 7.14
C TYR Z 50 23.03 46.04 7.58
N GLU Z 51 21.85 45.64 7.11
CA GLU Z 51 20.59 46.24 7.54
C GLU Z 51 20.42 46.06 9.04
N LYS Z 52 20.81 44.88 9.53
CA LYS Z 52 20.73 44.58 10.94
C LYS Z 52 21.59 45.52 11.78
N TYR Z 53 22.82 45.78 11.35
CA TYR Z 53 23.77 46.55 12.16
C TYR Z 53 24.03 48.01 11.73
N TRP Z 54 23.69 48.41 10.51
CA TRP Z 54 24.11 49.72 9.98
C TRP Z 54 23.75 50.94 10.83
N ASP Z 55 22.67 50.86 11.60
CA ASP Z 55 22.24 51.99 12.43
C ASP Z 55 22.50 51.73 13.92
N LYS Z 56 23.36 50.75 14.20
CA LYS Z 56 23.73 50.40 15.57
C LYS Z 56 25.09 51.01 15.96
N VAL Z 57 25.16 51.67 17.11
CA VAL Z 57 26.33 52.47 17.49
C VAL Z 57 26.87 52.11 18.88
N THR Z 58 28.19 51.98 19.00
CA THR Z 58 28.78 51.71 20.31
C THR Z 58 28.58 52.92 21.22
N PRO Z 59 28.66 52.70 22.55
CA PRO Z 59 28.58 53.78 23.53
C PRO Z 59 29.51 54.94 23.17
N ASN Z 60 30.63 54.58 22.53
CA ASN Z 60 31.69 55.54 22.16
C ASN Z 60 31.55 56.13 20.74
N GLY Z 61 30.48 55.78 20.06
CA GLY Z 61 30.16 56.40 18.78
C GLY Z 61 30.76 55.72 17.57
N VAL Z 62 31.16 54.46 17.74
CA VAL Z 62 31.67 53.67 16.64
C VAL Z 62 30.47 53.21 15.82
N THR Z 63 30.61 53.22 14.50
CA THR Z 63 29.53 52.78 13.62
C THR Z 63 29.92 51.49 12.92
N PHE Z 64 28.95 50.77 12.36
CA PHE Z 64 29.26 49.53 11.69
C PHE Z 64 30.25 49.85 10.59
N ASP Z 65 29.98 50.94 9.89
CA ASP Z 65 30.76 51.35 8.72
C ASP Z 65 32.19 51.74 9.04
N LYS Z 66 32.40 52.29 10.23
CA LYS Z 66 33.74 52.58 10.72
C LYS Z 66 34.55 51.27 10.73
N CYS Z 67 33.88 50.20 11.11
CA CYS Z 67 34.54 48.91 11.29
C CYS Z 67 34.89 48.24 9.97
N ILE Z 68 34.10 48.47 8.93
CA ILE Z 68 34.28 47.73 7.70
C ILE Z 68 34.97 48.53 6.61
N GLN Z 69 35.12 49.83 6.83
CA GLN Z 69 35.54 50.78 5.79
C GLN Z 69 36.88 50.42 5.14
N THR Z 70 37.79 49.86 5.93
CA THR Z 70 39.14 49.57 5.45
C THR Z 70 39.12 48.52 4.34
N GLY Z 71 38.08 47.68 4.33
CA GLY Z 71 37.93 46.67 3.30
C GLY Z 71 37.14 47.21 2.12
N VAL Z 72 36.26 48.17 2.39
CA VAL Z 72 35.62 48.84 1.28
C VAL Z 72 36.71 49.60 0.54
N ASP Z 73 37.67 50.14 1.29
CA ASP Z 73 38.78 50.90 0.72
C ASP Z 73 39.93 50.04 0.15
N ASN Z 74 39.94 48.75 0.46
CA ASN Z 74 41.03 47.88 0.01
C ASN Z 74 40.61 46.56 -0.66
N PRO Z 75 40.06 46.65 -1.88
CA PRO Z 75 39.64 45.43 -2.60
C PRO Z 75 40.77 44.41 -2.82
N GLY Z 76 41.97 44.88 -3.12
CA GLY Z 76 43.08 43.98 -3.40
C GLY Z 76 44.27 44.07 -2.45
N ASN Z 77 45.38 43.46 -2.86
CA ASN Z 77 46.63 43.50 -2.12
C ASN Z 77 47.80 43.31 -3.09
N LYS Z 78 48.73 44.25 -3.09
CA LYS Z 78 49.88 44.15 -3.99
C LYS Z 78 50.87 43.12 -3.46
N PHE Z 79 50.80 42.87 -2.16
CA PHE Z 79 51.73 41.98 -1.50
C PHE Z 79 51.07 40.64 -1.15
N TYR Z 80 51.74 39.87 -0.30
CA TYR Z 80 51.37 38.48 -0.03
C TYR Z 80 50.18 38.32 0.94
N GLY Z 81 49.14 37.60 0.48
CA GLY Z 81 48.09 37.14 1.37
C GLY Z 81 46.75 37.86 1.36
N LYS Z 82 45.74 37.18 1.92
CA LYS Z 82 44.39 37.73 1.99
C LYS Z 82 44.26 38.68 3.17
N LYS Z 83 43.72 39.86 2.93
CA LYS Z 83 43.53 40.87 3.96
C LYS Z 83 42.19 40.73 4.64
N THR Z 84 42.12 41.17 5.89
CA THR Z 84 40.93 40.99 6.73
C THR Z 84 39.84 41.99 6.36
N GLY Z 85 40.20 43.27 6.28
CA GLY Z 85 39.29 44.28 5.80
C GLY Z 85 38.29 44.79 6.82
N CYS Z 86 38.60 44.65 8.11
CA CYS Z 86 37.77 45.19 9.18
C CYS Z 86 38.62 45.40 10.42
N VAL Z 87 38.14 46.25 11.32
CA VAL Z 87 38.80 46.50 12.60
C VAL Z 87 37.78 46.85 13.69
N PHE Z 88 38.19 46.71 14.94
CA PHE Z 88 37.35 47.13 16.06
C PHE Z 88 37.75 48.56 16.43
N GLY Z 89 36.78 49.34 16.89
CA GLY Z 89 37.06 50.69 17.34
C GLY Z 89 37.26 50.77 18.85
N ASP Z 90 36.45 50.02 19.58
CA ASP Z 90 36.51 50.04 21.04
C ASP Z 90 36.21 48.64 21.57
N GLU Z 91 36.05 48.55 22.88
CA GLU Z 91 35.89 47.26 23.54
C GLU Z 91 34.53 46.62 23.27
N TYR Z 92 33.59 47.39 22.72
CA TYR Z 92 32.23 46.92 22.49
C TYR Z 92 32.02 46.56 21.03
N SER Z 93 32.99 46.90 20.19
CA SER Z 93 32.86 46.67 18.78
C SER Z 93 32.45 45.22 18.48
N TYR Z 94 33.09 44.27 19.15
CA TYR Z 94 32.78 42.86 18.91
C TYR Z 94 31.33 42.56 19.19
N GLU Z 95 30.92 42.64 20.46
CA GLU Z 95 29.55 42.35 20.79
C GLU Z 95 28.51 43.09 19.95
N CYS Z 96 28.76 44.36 19.65
CA CYS Z 96 27.75 45.16 18.99
C CYS Z 96 27.50 44.69 17.54
N TYR Z 97 28.46 43.93 17.01
CA TYR Z 97 28.34 43.35 15.67
C TYR Z 97 28.74 41.88 15.70
N LYS Z 98 28.49 41.22 16.81
CA LYS Z 98 28.96 39.86 17.04
C LYS Z 98 28.74 38.89 15.87
N GLU Z 99 27.51 38.78 15.40
CA GLU Z 99 27.20 37.81 14.34
C GLU Z 99 28.10 37.97 13.12
N PHE Z 100 28.48 39.21 12.83
CA PHE Z 100 29.36 39.49 11.70
C PHE Z 100 30.82 39.11 12.01
N PHE Z 101 31.34 39.57 13.15
CA PHE Z 101 32.73 39.23 13.50
C PHE Z 101 32.95 37.73 13.72
N ASP Z 102 31.93 37.06 14.22
CA ASP Z 102 32.03 35.63 14.50
C ASP Z 102 32.38 34.84 13.24
N LYS Z 103 31.92 35.34 12.09
CA LYS Z 103 32.23 34.72 10.80
C LYS Z 103 33.66 35.02 10.32
N CYS Z 104 34.20 36.16 10.73
CA CYS Z 104 35.52 36.61 10.31
C CYS Z 104 36.56 35.83 11.08
N ILE Z 105 36.27 35.67 12.37
CA ILE Z 105 37.12 34.94 13.30
C ILE Z 105 37.26 33.48 12.90
N GLU Z 106 36.19 32.92 12.35
CA GLU Z 106 36.20 31.51 11.99
C GLU Z 106 36.99 31.25 10.72
N GLU Z 107 36.88 32.18 9.77
CA GLU Z 107 37.67 32.09 8.56
C GLU Z 107 39.15 32.14 8.88
N ILE Z 108 39.54 33.16 9.65
CA ILE Z 108 40.93 33.40 10.00
C ILE Z 108 41.49 32.35 10.96
N HIS Z 109 40.77 32.13 12.07
CA HIS Z 109 41.29 31.29 13.14
C HIS Z 109 40.78 29.84 13.13
N HIS Z 110 39.85 29.52 12.25
CA HIS Z 110 39.14 28.25 12.33
C HIS Z 110 38.62 28.06 13.75
N PHE Z 111 38.29 29.19 14.39
CA PHE Z 111 37.71 29.23 15.72
C PHE Z 111 36.23 29.51 15.53
N LYS Z 112 35.37 28.68 16.11
CA LYS Z 112 33.93 28.74 15.87
C LYS Z 112 33.21 29.60 16.89
N PRO Z 113 31.90 29.84 16.67
CA PRO Z 113 31.18 30.55 17.73
C PRO Z 113 31.06 29.66 18.96
N SER Z 114 31.24 28.36 18.75
CA SER Z 114 31.10 27.39 19.84
C SER Z 114 32.38 27.19 20.65
N ASP Z 115 33.54 27.47 20.05
CA ASP Z 115 34.84 27.28 20.70
C ASP Z 115 35.13 28.32 21.79
N LYS Z 116 36.19 28.06 22.57
CA LYS Z 116 36.63 28.99 23.61
C LYS Z 116 38.16 29.01 23.69
N HIS Z 117 38.73 30.16 24.03
CA HIS Z 117 40.19 30.32 24.11
C HIS Z 117 40.78 29.56 25.29
N PRO Z 118 41.83 28.76 25.05
CA PRO Z 118 42.44 27.97 26.11
C PRO Z 118 43.22 28.83 27.10
N ALA Z 119 43.81 28.18 28.09
CA ALA Z 119 44.66 28.84 29.08
C ALA Z 119 46.06 29.03 28.52
N PRO Z 120 46.64 30.21 28.74
CA PRO Z 120 47.98 30.57 28.27
C PRO Z 120 49.01 29.48 28.57
N ASP Z 121 49.97 29.31 27.66
CA ASP Z 121 51.10 28.40 27.86
C ASP Z 121 52.39 29.03 27.38
N LEU Z 122 53.16 29.59 28.31
CA LEU Z 122 54.38 30.30 27.95
C LEU Z 122 55.69 29.54 28.22
N ASP Z 123 55.63 28.22 28.45
CA ASP Z 123 56.84 27.44 28.77
C ASP Z 123 57.65 27.02 27.54
N HIS Z 124 58.72 27.75 27.28
CA HIS Z 124 59.57 27.52 26.11
C HIS Z 124 60.31 26.18 26.15
N ASN Z 125 60.41 25.59 27.34
CA ASN Z 125 61.14 24.34 27.49
C ASN Z 125 60.39 23.14 26.90
N LYS Z 126 59.07 23.20 26.94
CA LYS Z 126 58.24 22.15 26.36
C LYS Z 126 58.37 22.15 24.85
N LEU Z 127 58.99 23.19 24.31
CA LEU Z 127 59.17 23.33 22.87
C LEU Z 127 60.13 22.27 22.31
N VAL Z 128 59.80 21.72 21.14
CA VAL Z 128 60.57 20.62 20.57
C VAL Z 128 61.33 21.00 19.29
N GLY Z 129 62.63 21.18 19.41
CA GLY Z 129 63.43 21.73 18.33
C GLY Z 129 63.37 23.23 18.40
N GLY Z 130 63.42 23.90 17.26
CA GLY Z 130 63.31 25.35 17.19
C GLY Z 130 64.62 26.09 17.32
N VAL Z 131 65.71 25.46 16.88
CA VAL Z 131 67.00 26.13 16.74
C VAL Z 131 67.51 25.80 15.35
N PHE Z 132 67.45 26.78 14.47
CA PHE Z 132 67.55 26.54 13.04
C PHE Z 132 68.88 26.82 12.39
N GLU Z 133 69.17 26.02 11.38
CA GLU Z 133 70.28 26.29 10.46
C GLU Z 133 70.27 27.75 10.01
N ASP Z 134 71.22 28.49 10.54
CA ASP Z 134 71.63 29.79 10.04
C ASP Z 134 71.53 29.86 8.52
N LYS Z 135 71.93 28.79 7.85
CA LYS Z 135 71.92 28.74 6.39
C LYS Z 135 70.52 28.96 5.85
N TYR Z 136 69.52 28.68 6.70
CA TYR Z 136 68.11 28.84 6.32
C TYR Z 136 67.37 29.94 7.10
N VAL Z 137 67.54 29.98 8.42
CA VAL Z 137 66.86 31.00 9.25
C VAL Z 137 67.79 32.14 9.69
N LYS Z 138 67.59 33.32 9.11
CA LYS Z 138 68.49 34.47 9.27
C LYS Z 138 68.19 35.33 10.51
N SER Z 139 66.93 35.30 10.96
CA SER Z 139 66.54 36.01 12.18
C SER Z 139 65.20 35.54 12.68
N CYS Z 140 65.00 35.67 14.00
CA CYS Z 140 63.81 35.17 14.67
C CYS Z 140 63.17 36.27 15.52
N ARG Z 141 61.83 36.27 15.55
CA ARG Z 141 61.07 37.31 16.23
C ARG Z 141 59.75 36.73 16.76
N ILE Z 142 59.31 37.22 17.92
CA ILE Z 142 58.04 36.80 18.50
C ILE Z 142 57.31 38.01 19.11
N ARG Z 143 56.42 38.60 18.31
CA ARG Z 143 55.62 39.73 18.74
C ARG Z 143 54.28 39.26 19.34
N CYS Z 144 53.73 40.04 20.26
CA CYS Z 144 52.31 39.97 20.57
C CYS Z 144 51.75 41.38 20.80
N GLY Z 145 50.45 41.48 21.08
CA GLY Z 145 49.85 42.78 21.29
C GLY Z 145 48.82 42.77 22.40
N ARG Z 146 48.68 43.92 23.06
CA ARG Z 146 47.62 44.16 24.05
C ARG Z 146 46.98 45.55 23.83
N SER Z 147 45.79 45.76 24.40
CA SER Z 147 45.13 47.06 24.33
C SER Z 147 44.72 47.51 25.75
N VAL Z 148 44.85 48.80 26.03
CA VAL Z 148 44.51 49.33 27.35
C VAL Z 148 43.00 49.49 27.54
N LYS Z 149 42.45 48.76 28.50
CA LYS Z 149 41.01 48.71 28.73
C LYS Z 149 40.43 50.06 29.16
N GLY Z 150 39.31 50.46 28.52
CA GLY Z 150 38.63 51.69 28.87
C GLY Z 150 38.88 52.82 27.88
N VAL Z 151 39.51 52.48 26.77
CA VAL Z 151 39.93 53.50 25.81
C VAL Z 151 39.70 52.99 24.41
N CYS Z 152 39.26 53.88 23.53
CA CYS Z 152 39.08 53.53 22.14
C CYS Z 152 40.36 52.95 21.56
N LEU Z 153 40.24 52.24 20.46
CA LEU Z 153 41.42 51.67 19.81
C LEU Z 153 41.94 52.69 18.81
N PRO Z 154 43.15 52.47 18.29
CA PRO Z 154 43.78 53.37 17.33
C PRO Z 154 42.96 53.80 16.11
N PRO Z 155 41.91 53.04 15.73
CA PRO Z 155 41.10 53.58 14.63
C PRO Z 155 40.17 54.70 15.09
N ALA Z 156 39.77 54.70 16.36
CA ALA Z 156 38.75 55.63 16.83
C ALA Z 156 39.21 56.62 17.90
N MET Z 157 40.39 56.36 18.48
CA MET Z 157 40.87 57.15 19.62
C MET Z 157 41.17 58.61 19.30
N SER Z 158 41.11 59.43 20.34
CA SER Z 158 41.41 60.85 20.24
C SER Z 158 42.88 61.14 20.51
N ARG Z 159 43.18 62.44 20.61
CA ARG Z 159 44.53 62.90 20.92
C ARG Z 159 44.77 62.81 22.41
N ALA Z 160 43.76 63.22 23.17
CA ALA Z 160 43.81 63.14 24.62
C ALA Z 160 43.88 61.68 25.04
N GLU Z 161 43.09 60.85 24.36
CA GLU Z 161 43.12 59.41 24.58
C GLU Z 161 44.51 58.83 24.27
N ARG Z 162 45.01 59.13 23.09
CA ARG Z 162 46.30 58.61 22.67
C ARG Z 162 47.42 59.10 23.58
N ARG Z 163 47.32 60.35 24.02
CA ARG Z 163 48.30 60.91 24.96
C ARG Z 163 48.30 60.20 26.32
N LEU Z 164 47.14 59.75 26.75
CA LEU Z 164 47.06 59.04 28.02
C LEU Z 164 47.83 57.72 27.92
N VAL Z 165 47.60 56.99 26.83
CA VAL Z 165 48.22 55.68 26.66
C VAL Z 165 49.74 55.75 26.64
N GLU Z 166 50.28 56.62 25.79
CA GLU Z 166 51.71 56.91 25.77
C GLU Z 166 52.25 57.05 27.21
N LYS Z 167 51.66 57.99 27.97
CA LYS Z 167 52.02 58.22 29.36
C LYS Z 167 51.93 56.97 30.25
N VAL Z 168 50.71 56.46 30.43
CA VAL Z 168 50.42 55.29 31.25
C VAL Z 168 51.34 54.10 31.00
N VAL Z 169 51.74 53.90 29.75
CA VAL Z 169 52.51 52.73 29.36
C VAL Z 169 54.01 52.97 29.44
N SER Z 170 54.46 54.14 28.98
CA SER Z 170 55.88 54.49 29.06
C SER Z 170 56.32 54.69 30.52
N ASP Z 171 55.38 55.10 31.36
CA ASP Z 171 55.61 55.18 32.79
C ASP Z 171 55.76 53.77 33.36
N ALA Z 172 54.86 52.85 32.98
CA ALA Z 172 54.92 51.49 33.51
C ALA Z 172 56.26 50.82 33.22
N LEU Z 173 56.64 50.81 31.94
CA LEU Z 173 57.91 50.24 31.50
C LEU Z 173 59.08 50.90 32.22
N GLY Z 174 58.78 51.92 33.01
CA GLY Z 174 59.82 52.60 33.75
C GLY Z 174 60.21 51.79 34.95
N GLY Z 175 59.54 50.65 35.11
CA GLY Z 175 59.81 49.75 36.23
C GLY Z 175 60.50 48.46 35.82
N LEU Z 176 60.80 48.33 34.53
CA LEU Z 176 61.55 47.17 34.01
C LEU Z 176 63.02 47.26 34.38
N LYS Z 177 63.55 46.18 34.94
CA LYS Z 177 64.88 46.21 35.51
C LYS Z 177 65.77 45.07 35.00
N GLY Z 178 67.05 45.11 35.36
CA GLY Z 178 67.99 44.10 34.94
C GLY Z 178 68.20 44.17 33.44
N ASP Z 179 68.27 43.01 32.79
CA ASP Z 179 68.64 42.96 31.39
C ASP Z 179 67.57 43.60 30.50
N LEU Z 180 66.33 43.66 30.98
CA LEU Z 180 65.21 44.24 30.23
C LEU Z 180 65.05 45.75 30.45
N ALA Z 181 65.82 46.35 31.35
CA ALA Z 181 65.72 47.77 31.59
C ALA Z 181 66.02 48.56 30.31
N GLY Z 182 65.47 49.76 30.19
CA GLY Z 182 65.63 50.58 29.02
C GLY Z 182 64.83 51.87 29.01
N LYS Z 183 64.68 52.47 27.83
CA LYS Z 183 64.20 53.84 27.76
C LYS Z 183 63.22 54.01 26.60
N TYR Z 184 62.33 55.00 26.75
CA TYR Z 184 61.37 55.39 25.74
C TYR Z 184 62.01 56.41 24.80
N TYR Z 185 61.54 56.47 23.56
CA TYR Z 185 62.06 57.44 22.60
C TYR Z 185 60.96 57.94 21.68
N PRO Z 186 60.12 58.88 22.16
CA PRO Z 186 59.00 59.37 21.33
C PRO Z 186 59.38 59.64 19.89
N LEU Z 187 58.42 59.51 18.99
CA LEU Z 187 58.65 59.72 17.57
C LEU Z 187 58.70 61.21 17.18
N THR Z 188 58.07 62.08 17.98
CA THR Z 188 58.00 63.49 17.61
C THR Z 188 59.35 64.23 17.73
N THR Z 189 60.26 63.69 18.52
CA THR Z 189 61.59 64.29 18.65
C THR Z 189 62.73 63.39 18.14
N MET Z 190 62.40 62.48 17.23
CA MET Z 190 63.40 61.59 16.64
C MET Z 190 63.79 62.07 15.24
N ASN Z 191 65.08 62.18 14.99
CA ASN Z 191 65.55 62.64 13.68
C ASN Z 191 65.20 61.64 12.56
N GLU Z 192 65.10 62.12 11.32
CA GLU Z 192 64.67 61.29 10.21
C GLU Z 192 65.54 60.05 9.99
N LYS Z 193 66.86 60.26 9.98
CA LYS Z 193 67.79 59.18 9.65
C LYS Z 193 67.93 58.14 10.74
N ASP Z 194 67.66 58.54 11.98
CA ASP Z 194 67.69 57.63 13.12
C ASP Z 194 66.49 56.68 13.03
N GLN Z 195 65.34 57.25 12.70
CA GLN Z 195 64.11 56.50 12.54
C GLN Z 195 64.18 55.60 11.31
N GLU Z 196 64.95 56.02 10.32
CA GLU Z 196 65.12 55.25 9.10
C GLU Z 196 66.07 54.07 9.30
N GLN Z 197 66.99 54.20 10.25
CA GLN Z 197 67.95 53.15 10.58
C GLN Z 197 67.28 52.08 11.46
N LEU Z 198 66.38 52.54 12.31
CA LEU Z 198 65.61 51.66 13.19
C LEU Z 198 64.61 50.80 12.44
N ILE Z 199 64.07 51.33 11.34
CA ILE Z 199 63.12 50.59 10.53
C ILE Z 199 63.88 49.60 9.68
N GLU Z 200 64.97 50.08 9.08
CA GLU Z 200 65.84 49.27 8.24
C GLU Z 200 66.36 48.05 8.98
N ASP Z 201 66.56 48.20 10.28
CA ASP Z 201 67.12 47.12 11.11
C ASP Z 201 65.99 46.21 11.62
N HIS Z 202 64.76 46.55 11.25
CA HIS Z 202 63.56 45.76 11.64
C HIS Z 202 63.08 46.00 13.07
N PHE Z 203 63.61 47.02 13.74
CA PHE Z 203 63.27 47.33 15.13
C PHE Z 203 62.02 48.21 15.30
N LEU Z 204 61.78 49.09 14.34
CA LEU Z 204 60.75 50.12 14.43
C LEU Z 204 59.71 49.97 13.32
N PHE Z 205 58.46 50.32 13.62
CA PHE Z 205 57.38 50.24 12.63
C PHE Z 205 57.56 51.25 11.50
N GLU Z 206 57.17 50.85 10.29
CA GLU Z 206 57.44 51.65 9.09
C GLU Z 206 56.79 53.03 9.17
N LYS Z 207 57.12 53.91 8.22
CA LYS Z 207 56.48 55.21 8.13
C LYS Z 207 54.99 55.02 7.80
N PRO Z 208 54.12 55.84 8.40
CA PRO Z 208 52.65 55.62 8.40
C PRO Z 208 51.98 55.48 7.02
N THR Z 209 52.59 54.79 6.06
CA THR Z 209 52.05 54.71 4.71
C THR Z 209 51.29 53.44 4.43
N GLY Z 210 51.33 52.51 5.38
CA GLY Z 210 50.55 51.29 5.28
C GLY Z 210 49.13 51.51 4.80
N ALA Z 211 48.58 50.52 4.11
CA ALA Z 211 47.24 50.62 3.54
C ALA Z 211 46.12 50.49 4.57
N LEU Z 212 46.31 49.65 5.58
CA LEU Z 212 45.33 49.49 6.65
C LEU Z 212 45.38 50.63 7.68
N LEU Z 213 46.59 51.00 8.09
CA LEU Z 213 46.81 52.11 9.02
C LEU Z 213 46.07 53.37 8.61
N THR Z 214 46.14 53.69 7.33
CA THR Z 214 45.75 55.01 6.88
C THR Z 214 44.24 55.15 6.63
N THR Z 215 43.62 54.08 6.14
CA THR Z 215 42.19 54.11 5.86
C THR Z 215 41.36 53.81 7.11
N SER Z 216 41.98 53.14 8.07
CA SER Z 216 41.30 52.78 9.32
C SER Z 216 41.31 53.89 10.36
N GLY Z 217 42.16 54.89 10.17
CA GLY Z 217 42.21 56.01 11.10
C GLY Z 217 43.23 55.80 12.19
N CYS Z 218 44.14 54.85 11.97
CA CYS Z 218 45.20 54.60 12.92
C CYS Z 218 46.40 55.49 12.60
N ALA Z 219 46.21 56.40 11.65
CA ALA Z 219 47.27 57.29 11.18
C ALA Z 219 46.93 58.76 11.39
N ARG Z 220 46.09 59.05 12.39
CA ARG Z 220 45.73 60.43 12.68
C ARG Z 220 46.72 61.05 13.68
N ASP Z 221 46.92 62.37 13.55
CA ASP Z 221 47.75 63.13 14.49
C ASP Z 221 49.15 62.56 14.61
N TRP Z 222 49.72 62.13 13.50
CA TRP Z 222 51.05 61.49 13.52
C TRP Z 222 52.14 62.54 13.71
N PRO Z 223 53.14 62.27 14.57
CA PRO Z 223 53.39 61.12 15.45
C PRO Z 223 53.08 61.38 16.93
N ASP Z 224 52.29 62.42 17.24
CA ASP Z 224 51.87 62.66 18.60
C ASP Z 224 51.41 61.34 19.24
N GLY Z 225 51.99 61.01 20.39
CA GLY Z 225 51.58 59.85 21.16
C GLY Z 225 52.17 58.55 20.68
N ARG Z 226 53.08 58.62 19.71
CA ARG Z 226 53.74 57.42 19.18
C ARG Z 226 55.23 57.41 19.49
N GLY Z 227 55.77 56.21 19.67
CA GLY Z 227 57.20 56.08 19.89
C GLY Z 227 57.62 54.64 20.05
N ILE Z 228 58.89 54.45 20.41
CA ILE Z 228 59.40 53.13 20.74
C ILE Z 228 60.11 53.17 22.10
N TRP Z 229 60.02 52.05 22.82
CA TRP Z 229 60.78 51.82 24.02
C TRP Z 229 61.58 50.58 23.71
N HIS Z 230 62.81 50.50 24.22
CA HIS Z 230 63.61 49.29 24.10
C HIS Z 230 64.69 49.20 25.18
N ASN Z 231 65.25 48.00 25.34
CA ASN Z 231 66.32 47.79 26.31
C ASN Z 231 67.64 48.19 25.67
N ASN Z 232 68.74 47.86 26.31
CA ASN Z 232 70.06 48.20 25.76
C ASN Z 232 70.46 47.39 24.54
N GLU Z 233 70.27 46.08 24.56
CA GLU Z 233 70.64 45.22 23.43
C GLU Z 233 69.59 45.25 22.32
N LYS Z 234 68.55 46.06 22.50
CA LYS Z 234 67.47 46.13 21.53
C LYS Z 234 67.03 44.74 21.07
N ASN Z 235 66.84 43.83 22.03
CA ASN Z 235 66.26 42.52 21.75
C ASN Z 235 64.95 42.36 22.53
N PHE Z 236 64.64 43.36 23.35
CA PHE Z 236 63.33 43.50 23.96
C PHE Z 236 62.82 44.91 23.68
N LEU Z 237 61.73 44.99 22.95
CA LEU Z 237 61.21 46.27 22.52
C LEU Z 237 59.71 46.31 22.75
N VAL Z 238 59.19 47.53 22.75
CA VAL Z 238 57.77 47.76 22.94
C VAL Z 238 57.33 48.89 21.99
N TRP Z 239 56.32 48.66 21.16
CA TRP Z 239 55.78 49.69 20.26
C TRP Z 239 54.63 50.44 20.91
N ILE Z 240 54.65 51.78 20.85
CA ILE Z 240 53.57 52.58 21.48
C ILE Z 240 52.72 53.42 20.51
N ASN Z 241 51.51 52.97 20.27
CA ASN Z 241 50.51 53.72 19.52
C ASN Z 241 50.56 53.70 17.99
N GLU Z 242 51.17 52.67 17.38
CA GLU Z 242 50.98 52.46 15.95
C GLU Z 242 49.57 51.93 15.71
N GLU Z 243 49.48 50.80 14.99
CA GLU Z 243 48.22 50.11 14.80
C GLU Z 243 47.58 49.79 16.15
N ASP Z 244 48.41 49.50 17.16
CA ASP Z 244 47.93 49.04 18.48
C ASP Z 244 48.46 49.87 19.66
N HIS Z 245 47.75 49.81 20.78
CA HIS Z 245 48.22 50.48 21.98
C HIS Z 245 49.60 49.96 22.37
N ILE Z 246 49.73 48.64 22.49
CA ILE Z 246 51.00 48.02 22.83
C ILE Z 246 51.33 46.80 21.96
N ARG Z 247 52.56 46.76 21.48
CA ARG Z 247 53.14 45.57 20.87
C ARG Z 247 54.44 45.29 21.62
N VAL Z 248 54.56 44.07 22.18
CA VAL Z 248 55.76 43.67 22.92
C VAL Z 248 56.67 42.79 22.04
N ILE Z 249 57.94 43.16 21.89
CA ILE Z 249 58.78 42.50 20.89
C ILE Z 249 60.03 41.80 21.46
N SER Z 250 60.38 40.65 20.89
CA SER Z 250 61.62 39.96 21.26
C SER Z 250 62.30 39.39 20.02
N MET Z 251 63.54 39.81 19.77
CA MET Z 251 64.23 39.36 18.55
C MET Z 251 65.76 39.22 18.67
N GLN Z 252 66.32 38.34 17.87
CA GLN Z 252 67.77 38.30 17.66
C GLN Z 252 68.06 37.71 16.28
N LYS Z 253 69.19 38.08 15.70
CA LYS Z 253 69.62 37.52 14.41
C LYS Z 253 70.08 36.07 14.55
N GLY Z 254 69.85 35.27 13.53
CA GLY Z 254 70.20 33.86 13.56
C GLY Z 254 69.02 32.95 13.84
N GLY Z 255 69.31 31.67 14.05
CA GLY Z 255 68.27 30.64 14.10
C GLY Z 255 67.79 30.13 15.46
N ASP Z 256 68.00 30.88 16.53
CA ASP Z 256 67.56 30.43 17.85
C ASP Z 256 66.18 31.01 18.23
N LEU Z 257 65.11 30.43 17.70
CA LEU Z 257 63.75 30.88 18.01
C LEU Z 257 63.36 30.59 19.47
N LYS Z 258 63.92 29.53 20.04
CA LYS Z 258 63.60 29.08 21.38
C LYS Z 258 64.10 30.04 22.47
N ALA Z 259 65.30 30.58 22.27
CA ALA Z 259 65.87 31.58 23.17
C ALA Z 259 65.11 32.90 23.08
N VAL Z 260 64.68 33.24 21.87
CA VAL Z 260 63.85 34.42 21.64
C VAL Z 260 62.52 34.27 22.38
N PHE Z 261 61.98 33.06 22.42
CA PHE Z 261 60.72 32.79 23.10
C PHE Z 261 60.91 32.79 24.62
N SER Z 262 62.10 32.37 25.07
CA SER Z 262 62.44 32.40 26.48
C SER Z 262 62.42 33.83 27.00
N ARG Z 263 63.12 34.70 26.29
CA ARG Z 263 63.09 36.13 26.56
C ARG Z 263 61.67 36.71 26.37
N PHE Z 264 61.04 36.42 25.23
CA PHE Z 264 59.71 36.96 24.96
C PHE Z 264 58.76 36.78 26.13
N ALA Z 265 58.70 35.56 26.65
CA ALA Z 265 57.77 35.25 27.74
C ALA Z 265 58.17 35.96 29.03
N ARG Z 266 59.46 36.08 29.26
CA ARG Z 266 59.99 36.60 30.51
C ARG Z 266 59.65 38.07 30.70
N GLY Z 267 59.47 38.78 29.58
CA GLY Z 267 59.25 40.22 29.59
C GLY Z 267 57.80 40.59 29.45
N LEU Z 268 57.08 39.86 28.61
CA LEU Z 268 55.64 40.02 28.55
C LEU Z 268 55.09 39.85 29.96
N LEU Z 269 55.54 38.80 30.63
CA LEU Z 269 55.12 38.51 32.00
C LEU Z 269 55.31 39.72 32.90
N GLU Z 270 56.42 40.42 32.68
CA GLU Z 270 56.78 41.63 33.41
C GLU Z 270 55.99 42.86 32.97
N VAL Z 271 55.98 43.13 31.68
CA VAL Z 271 55.20 44.25 31.14
C VAL Z 271 53.79 44.16 31.70
N GLU Z 272 53.24 42.95 31.73
CA GLU Z 272 51.88 42.77 32.22
C GLU Z 272 51.81 43.02 33.73
N ARG Z 273 52.82 42.57 34.46
CA ARG Z 273 52.87 42.79 35.90
C ARG Z 273 52.82 44.28 36.25
N LEU Z 274 53.73 45.03 35.64
CA LEU Z 274 53.82 46.48 35.82
C LEU Z 274 52.52 47.18 35.44
N MET Z 275 51.96 46.82 34.28
CA MET Z 275 50.69 47.39 33.87
C MET Z 275 49.65 47.23 34.98
N LYS Z 276 49.49 46.00 35.44
CA LYS Z 276 48.52 45.67 36.48
C LYS Z 276 48.84 46.38 37.78
N GLU Z 277 50.12 46.41 38.13
CA GLU Z 277 50.57 46.98 39.40
C GLU Z 277 50.36 48.50 39.41
N CYS Z 278 49.98 49.05 38.27
CA CYS Z 278 49.68 50.48 38.16
C CYS Z 278 48.18 50.71 37.98
N GLY Z 279 47.41 49.64 38.17
CA GLY Z 279 45.97 49.71 38.12
C GLY Z 279 45.39 49.86 36.72
N HIS Z 280 46.12 49.40 35.72
CA HIS Z 280 45.68 49.49 34.32
C HIS Z 280 45.28 48.12 33.76
N GLY Z 281 44.01 48.00 33.39
CA GLY Z 281 43.51 46.76 32.83
C GLY Z 281 43.67 46.65 31.32
N LEU Z 282 44.12 45.47 30.87
CA LEU Z 282 44.18 45.19 29.45
C LEU Z 282 42.82 44.73 28.91
N MET Z 283 42.64 44.90 27.61
CA MET Z 283 41.40 44.54 26.93
C MET Z 283 41.36 43.02 26.74
N HIS Z 284 40.43 42.35 27.40
CA HIS Z 284 40.43 40.89 27.45
C HIS Z 284 39.02 40.32 27.48
N ASN Z 285 38.74 39.41 26.56
CA ASN Z 285 37.44 38.74 26.50
C ASN Z 285 37.51 37.38 27.19
N ASP Z 286 36.37 36.90 27.68
CA ASP Z 286 36.34 35.62 28.37
C ASP Z 286 36.45 34.45 27.39
N ARG Z 287 35.92 34.65 26.18
CA ARG Z 287 35.89 33.60 25.18
C ARG Z 287 37.04 33.80 24.20
N LEU Z 288 37.42 35.05 24.00
CA LEU Z 288 38.25 35.44 22.86
C LEU Z 288 39.66 35.84 23.24
N GLY Z 289 39.89 35.95 24.55
CA GLY Z 289 41.16 36.40 25.06
C GLY Z 289 41.37 37.88 24.82
N TYR Z 290 42.64 38.28 24.72
CA TYR Z 290 43.01 39.69 24.55
C TYR Z 290 42.52 40.23 23.22
N ILE Z 291 41.91 41.41 23.26
CA ILE Z 291 41.28 42.03 22.09
C ILE Z 291 42.10 43.17 21.51
N CYS Z 292 42.28 43.14 20.18
CA CYS Z 292 43.01 44.18 19.47
C CYS Z 292 42.33 44.61 18.16
N THR Z 293 42.86 45.69 17.57
CA THR Z 293 42.31 46.35 16.39
C THR Z 293 41.87 45.39 15.28
N CYS Z 294 42.71 44.42 14.95
CA CYS Z 294 42.42 43.50 13.87
C CYS Z 294 42.03 42.13 14.39
N PRO Z 295 40.92 41.57 13.88
CA PRO Z 295 40.41 40.25 14.24
C PRO Z 295 41.41 39.10 13.99
N THR Z 296 42.58 39.42 13.46
CA THR Z 296 43.62 38.42 13.35
C THR Z 296 44.35 38.40 14.68
N ASN Z 297 44.72 39.59 15.13
CA ASN Z 297 45.31 39.77 16.44
C ASN Z 297 44.27 39.63 17.55
N MET Z 298 44.08 38.39 18.01
CA MET Z 298 43.18 38.09 19.12
C MET Z 298 43.72 36.92 19.92
N GLY Z 299 43.01 36.51 20.96
CA GLY Z 299 43.43 35.40 21.80
C GLY Z 299 44.79 35.63 22.43
N THR Z 300 45.80 34.95 21.94
CA THR Z 300 47.17 35.19 22.37
C THR Z 300 47.68 36.51 21.78
N VAL Z 301 47.24 36.82 20.56
CA VAL Z 301 47.78 37.91 19.74
C VAL Z 301 49.27 37.70 19.42
N VAL Z 302 49.70 36.45 19.40
CA VAL Z 302 51.10 36.14 19.15
C VAL Z 302 51.47 35.87 17.69
N ARG Z 303 52.36 36.70 17.16
CA ARG Z 303 53.02 36.40 15.89
C ARG Z 303 54.52 36.10 16.11
N ALA Z 304 54.84 34.81 16.20
CA ALA Z 304 56.21 34.31 16.08
C ALA Z 304 56.57 34.16 14.60
N SER Z 305 57.78 34.54 14.23
CA SER Z 305 58.16 34.52 12.82
C SER Z 305 59.66 34.26 12.59
N VAL Z 306 60.01 33.87 11.37
CA VAL Z 306 61.41 33.73 11.02
C VAL Z 306 61.67 34.35 9.66
N HIS Z 307 62.94 34.67 9.40
CA HIS Z 307 63.36 35.06 8.07
C HIS Z 307 63.97 33.85 7.42
N LEU Z 308 63.17 33.19 6.59
CA LEU Z 308 63.54 31.89 6.06
C LEU Z 308 64.04 32.04 4.64
N ARG Z 309 65.26 31.60 4.39
CA ARG Z 309 65.75 31.58 3.03
C ARG Z 309 65.43 30.24 2.36
N LEU Z 310 64.79 30.32 1.19
CA LEU Z 310 64.36 29.14 0.45
C LEU Z 310 64.57 29.39 -1.05
N ALA Z 311 65.82 29.42 -1.49
CA ALA Z 311 66.13 29.67 -2.89
C ALA Z 311 65.60 28.59 -3.82
N PHE Z 312 65.28 27.42 -3.27
CA PHE Z 312 64.79 26.30 -4.07
C PHE Z 312 63.28 26.11 -3.96
N LEU Z 313 62.77 26.13 -2.74
CA LEU Z 313 61.33 25.96 -2.49
C LEU Z 313 60.48 27.09 -3.11
N GLU Z 314 61.06 28.27 -3.25
CA GLU Z 314 60.30 29.37 -3.82
C GLU Z 314 60.02 29.20 -5.32
N LYS Z 315 60.62 28.18 -5.94
CA LYS Z 315 60.43 27.94 -7.37
C LYS Z 315 59.48 26.77 -7.65
N HIS Z 316 58.91 26.18 -6.60
CA HIS Z 316 58.07 25.00 -6.74
C HIS Z 316 56.57 25.32 -6.65
N PRO Z 317 55.80 24.93 -7.68
CA PRO Z 317 54.40 25.30 -7.90
C PRO Z 317 53.45 25.18 -6.70
N ARG Z 318 53.79 24.36 -5.71
CA ARG Z 318 52.88 24.10 -4.60
C ARG Z 318 53.30 24.77 -3.28
N PHE Z 319 54.24 25.70 -3.38
CA PHE Z 319 54.77 26.48 -2.25
C PHE Z 319 53.63 27.08 -1.42
N ASP Z 320 52.86 27.97 -2.03
CA ASP Z 320 51.79 28.68 -1.34
C ASP Z 320 50.74 27.69 -0.83
N GLU Z 321 50.52 26.64 -1.61
CA GLU Z 321 49.61 25.58 -1.16
C GLU Z 321 50.07 25.03 0.20
N MET Z 322 51.34 24.66 0.30
CA MET Z 322 51.88 24.05 1.52
C MET Z 322 51.81 25.00 2.72
N LEU Z 323 51.94 26.29 2.46
CA LEU Z 323 51.92 27.29 3.53
C LEU Z 323 50.52 27.38 4.11
N GLY Z 324 49.52 27.44 3.22
CA GLY Z 324 48.14 27.43 3.63
C GLY Z 324 47.79 26.21 4.46
N LYS Z 325 48.30 25.04 4.05
CA LYS Z 325 48.04 23.78 4.74
C LYS Z 325 48.82 23.70 6.04
N LEU Z 326 49.96 24.38 6.07
CA LEU Z 326 50.78 24.45 7.27
C LEU Z 326 50.26 25.56 8.19
N ARG Z 327 49.22 26.24 7.74
CA ARG Z 327 48.67 27.37 8.49
C ARG Z 327 49.77 28.38 8.78
N LEU Z 328 50.48 28.79 7.75
CA LEU Z 328 51.61 29.71 7.90
C LEU Z 328 51.38 31.00 7.12
N GLY Z 329 51.70 32.13 7.75
CA GLY Z 329 51.73 33.41 7.05
C GLY Z 329 53.00 33.55 6.20
N LYS Z 330 52.91 34.36 5.15
CA LYS Z 330 54.01 34.59 4.21
C LYS Z 330 54.18 36.10 3.93
N ARG Z 331 55.32 36.67 4.31
CA ARG Z 331 55.50 38.12 4.20
C ARG Z 331 56.84 38.52 3.62
N GLY Z 332 57.11 39.82 3.63
CA GLY Z 332 58.36 40.30 3.07
C GLY Z 332 59.44 40.46 4.11
N THR Z 333 60.66 40.69 3.66
CA THR Z 333 61.78 40.95 4.54
C THR Z 333 61.58 42.27 5.28
N GLY Z 334 60.67 43.10 4.77
CA GLY Z 334 60.39 44.40 5.36
C GLY Z 334 59.00 44.45 5.97
N GLY Z 335 58.34 43.30 5.98
CA GLY Z 335 57.04 43.17 6.60
C GLY Z 335 55.94 42.87 5.60
N GLU Z 336 54.72 43.00 6.11
CA GLU Z 336 53.51 42.68 5.38
C GLU Z 336 53.28 43.67 4.24
N SER Z 337 53.92 44.83 4.32
CA SER Z 337 53.87 45.78 3.21
C SER Z 337 55.20 45.80 2.47
N SER Z 338 55.73 44.61 2.20
CA SER Z 338 56.98 44.45 1.47
C SER Z 338 57.01 43.09 0.83
N LEU Z 339 58.00 42.86 -0.02
CA LEU Z 339 58.15 41.58 -0.67
C LEU Z 339 59.48 40.90 -0.32
N ALA Z 340 59.61 39.65 -0.74
CA ALA Z 340 60.79 38.86 -0.48
C ALA Z 340 62.00 39.51 -1.11
N THR Z 341 63.13 39.47 -0.40
CA THR Z 341 64.39 39.88 -1.00
C THR Z 341 65.45 38.81 -0.81
N ASP Z 342 66.04 38.39 -1.93
CA ASP Z 342 67.09 37.37 -1.93
C ASP Z 342 66.50 36.05 -1.46
N SER Z 343 65.31 35.73 -1.96
CA SER Z 343 64.63 34.47 -1.63
C SER Z 343 64.38 34.32 -0.12
N THR Z 344 64.18 35.43 0.56
CA THR Z 344 64.05 35.41 2.02
C THR Z 344 62.69 35.88 2.46
N TYR Z 345 61.95 34.97 3.09
CA TYR Z 345 60.57 35.22 3.43
C TYR Z 345 60.34 35.41 4.91
N ASP Z 346 59.40 36.28 5.23
CA ASP Z 346 58.93 36.41 6.59
C ASP Z 346 57.85 35.34 6.75
N ILE Z 347 58.22 34.20 7.31
CA ILE Z 347 57.28 33.12 7.57
C ILE Z 347 56.94 33.11 9.05
N SER Z 348 55.67 32.89 9.36
CA SER Z 348 55.17 33.01 10.73
C SER Z 348 53.89 32.20 10.88
N ASN Z 349 53.44 32.03 12.11
CA ASN Z 349 52.14 31.40 12.34
C ASN Z 349 51.05 32.36 11.91
N TRP Z 350 49.92 31.79 11.49
CA TRP Z 350 48.81 32.58 11.03
C TRP Z 350 47.77 32.79 12.14
N ALA Z 351 47.37 31.70 12.80
CA ALA Z 351 46.29 31.79 13.81
C ALA Z 351 46.81 32.18 15.20
N ARG Z 352 45.94 32.79 15.99
CA ARG Z 352 46.34 33.33 17.28
C ARG Z 352 45.24 33.10 18.31
N LEU Z 353 44.20 32.38 17.89
CA LEU Z 353 43.03 32.14 18.72
C LEU Z 353 42.66 30.65 18.71
N GLY Z 354 42.59 30.06 19.90
CA GLY Z 354 42.20 28.66 20.00
C GLY Z 354 43.37 27.70 20.10
N LYS Z 355 44.52 28.23 20.51
CA LYS Z 355 45.72 27.45 20.79
C LYS Z 355 46.55 28.34 21.68
N SER Z 356 47.46 27.75 22.46
CA SER Z 356 48.31 28.53 23.36
C SER Z 356 49.48 29.20 22.64
N GLU Z 357 50.20 30.04 23.37
CA GLU Z 357 51.39 30.70 22.85
C GLU Z 357 52.45 29.65 22.48
N ARG Z 358 52.67 28.67 23.35
CA ARG Z 358 53.65 27.61 23.09
C ARG Z 358 53.21 26.70 21.95
N GLU Z 359 51.91 26.44 21.88
CA GLU Z 359 51.29 25.65 20.81
C GLU Z 359 51.58 26.25 19.44
N LEU Z 360 51.35 27.54 19.30
CA LEU Z 360 51.55 28.23 18.02
C LEU Z 360 53.03 28.40 17.67
N VAL Z 361 53.88 28.57 18.67
CA VAL Z 361 55.32 28.67 18.43
C VAL Z 361 55.81 27.33 17.90
N GLN Z 362 55.16 26.25 18.32
CA GLN Z 362 55.43 24.92 17.78
C GLN Z 362 54.87 24.76 16.36
N VAL Z 363 53.83 25.51 16.04
CA VAL Z 363 53.29 25.48 14.67
C VAL Z 363 54.29 26.11 13.70
N LEU Z 364 54.93 27.20 14.11
CA LEU Z 364 56.01 27.80 13.31
C LEU Z 364 57.15 26.80 13.19
N VAL Z 365 57.53 26.20 14.34
CA VAL Z 365 58.56 25.17 14.34
C VAL Z 365 58.25 24.06 13.32
N ASP Z 366 57.29 23.20 13.63
CA ASP Z 366 56.95 22.04 12.81
C ASP Z 366 56.96 22.36 11.32
N GLY Z 367 56.36 23.49 10.95
CA GLY Z 367 56.26 23.87 9.55
C GLY Z 367 57.54 24.42 8.95
N VAL Z 368 58.30 25.17 9.73
CA VAL Z 368 59.58 25.69 9.24
C VAL Z 368 60.54 24.52 8.99
N ASN Z 369 60.49 23.53 9.87
CA ASN Z 369 61.32 22.33 9.71
C ASN Z 369 61.00 21.62 8.41
N LEU Z 370 59.72 21.58 8.07
CA LEU Z 370 59.25 20.90 6.88
C LEU Z 370 59.61 21.68 5.63
N LEU Z 371 59.43 23.00 5.68
CA LEU Z 371 59.79 23.86 4.56
C LEU Z 371 61.27 23.68 4.21
N ILE Z 372 62.12 23.78 5.23
CA ILE Z 372 63.56 23.61 5.10
C ILE Z 372 63.94 22.24 4.53
N ALA Z 373 63.24 21.21 4.99
CA ALA Z 373 63.45 19.85 4.52
C ALA Z 373 63.21 19.75 3.01
N CYS Z 374 62.18 20.44 2.52
CA CYS Z 374 61.88 20.38 1.09
C CYS Z 374 62.92 21.12 0.26
N ASP Z 375 63.22 22.36 0.65
CA ASP Z 375 64.24 23.14 -0.05
C ASP Z 375 65.49 22.29 -0.29
N LYS Z 376 65.80 21.41 0.66
CA LYS Z 376 66.96 20.51 0.56
C LYS Z 376 66.82 19.44 -0.54
N LYS Z 377 65.73 18.67 -0.48
CA LYS Z 377 65.39 17.71 -1.53
C LYS Z 377 65.49 18.39 -2.87
N LEU Z 378 64.74 19.48 -3.04
CA LEU Z 378 64.71 20.19 -4.30
C LEU Z 378 66.11 20.61 -4.71
N GLU Z 379 66.97 20.82 -3.72
CA GLU Z 379 68.37 21.10 -4.00
C GLU Z 379 69.05 19.83 -4.53
N ALA Z 380 68.80 18.71 -3.85
CA ALA Z 380 69.34 17.43 -4.25
C ALA Z 380 68.59 16.82 -5.44
N GLY Z 381 67.97 17.69 -6.23
CA GLY Z 381 67.29 17.28 -7.45
C GLY Z 381 66.26 16.18 -7.25
N GLN Z 382 65.64 16.17 -6.07
CA GLN Z 382 64.72 15.11 -5.72
C GLN Z 382 63.28 15.62 -5.82
N SER Z 383 62.33 14.85 -5.30
CA SER Z 383 60.91 15.20 -5.39
C SER Z 383 60.25 15.31 -4.03
N ILE Z 384 59.27 16.22 -3.91
CA ILE Z 384 58.61 16.47 -2.63
C ILE Z 384 57.08 16.36 -2.74
N ASP Z 385 56.64 15.62 -3.74
CA ASP Z 385 55.22 15.41 -3.99
C ASP Z 385 54.51 14.77 -2.79
N ASP Z 386 55.19 13.87 -2.11
CA ASP Z 386 54.62 13.05 -1.05
C ASP Z 386 54.69 13.73 0.31
N MET Z 387 55.54 14.75 0.42
CA MET Z 387 55.76 15.43 1.68
C MET Z 387 54.80 16.59 1.87
N ILE Z 388 54.19 17.04 0.79
CA ILE Z 388 53.21 18.12 0.88
C ILE Z 388 51.98 17.64 1.63
N PRO Z 389 51.61 18.38 2.70
CA PRO Z 389 50.43 17.97 3.48
C PRO Z 389 49.27 17.58 2.59
N LYS Z 390 48.58 16.50 2.94
CA LYS Z 390 47.37 16.09 2.22
C LYS Z 390 46.22 17.04 2.55
N LYS AA 24 56.69 -15.12 63.12
CA LYS AA 24 57.97 -15.36 63.79
C LYS AA 24 59.09 -14.50 63.21
N PHE AA 25 58.91 -14.05 61.97
CA PHE AA 25 59.97 -13.27 61.30
C PHE AA 25 59.66 -11.79 61.11
N LYS AA 26 60.53 -10.94 61.65
CA LYS AA 26 60.52 -9.50 61.40
C LYS AA 26 60.98 -9.21 59.98
N ALA AA 27 60.51 -8.10 59.41
CA ALA AA 27 60.91 -7.73 58.06
C ALA AA 27 62.40 -7.46 58.04
N ALA AA 28 62.92 -7.02 59.18
CA ALA AA 28 64.35 -6.73 59.30
C ALA AA 28 65.19 -7.99 59.11
N ASP AA 29 64.62 -9.14 59.46
CA ASP AA 29 65.30 -10.43 59.27
C ASP AA 29 65.45 -10.78 57.79
N ASN AA 30 64.52 -10.29 56.98
CA ASN AA 30 64.42 -10.75 55.59
C ASN AA 30 65.00 -9.76 54.59
N PHE AA 31 65.30 -8.54 55.04
CA PHE AA 31 65.79 -7.47 54.17
C PHE AA 31 66.98 -7.94 53.34
N PRO AA 32 66.96 -7.71 52.01
CA PRO AA 32 68.08 -8.28 51.26
C PRO AA 32 69.43 -7.67 51.65
N ASP AA 33 70.49 -8.41 51.32
CA ASP AA 33 71.86 -7.98 51.54
C ASP AA 33 72.46 -7.58 50.21
N LEU AA 34 72.34 -6.30 49.88
CA LEU AA 34 72.68 -5.82 48.54
C LEU AA 34 74.04 -5.10 48.45
N SER AA 35 74.89 -5.32 49.46
CA SER AA 35 76.23 -4.71 49.54
C SER AA 35 77.07 -4.80 48.25
N LYS AA 36 76.90 -5.86 47.48
CA LYS AA 36 77.62 -6.00 46.21
C LYS AA 36 76.85 -5.35 45.06
N HIS AA 37 75.53 -5.34 45.16
CA HIS AA 37 74.66 -5.12 44.01
C HIS AA 37 74.74 -3.75 43.35
N ASN AA 38 74.73 -3.72 42.02
CA ASN AA 38 74.71 -2.47 41.29
C ASN AA 38 73.56 -2.41 40.28
N ASN AA 39 72.46 -1.78 40.68
CA ASN AA 39 71.29 -1.59 39.83
C ASN AA 39 70.23 -0.68 40.50
N VAL AA 40 69.23 -0.25 39.74
CA VAL AA 40 68.24 0.71 40.22
C VAL AA 40 67.51 0.32 41.53
N MET AA 41 66.90 -0.86 41.54
CA MET AA 41 66.29 -1.38 42.77
C MET AA 41 67.23 -1.30 43.98
N ALA AA 42 68.47 -1.79 43.81
CA ALA AA 42 69.41 -1.82 44.93
C ALA AA 42 69.82 -0.42 45.39
N SER AA 43 69.64 0.58 44.53
CA SER AA 43 69.98 1.96 44.89
C SER AA 43 68.85 2.67 45.62
N GLN AA 44 67.62 2.21 45.38
CA GLN AA 44 66.42 2.92 45.84
C GLN AA 44 65.67 2.19 46.94
N LEU AA 45 66.07 0.96 47.26
CA LEU AA 45 65.42 0.25 48.35
C LEU AA 45 66.02 0.62 49.68
N THR AA 46 65.18 0.85 50.68
CA THR AA 46 65.66 1.16 52.03
C THR AA 46 65.03 0.20 53.04
N LYS AA 47 65.60 0.13 54.23
CA LYS AA 47 65.00 -0.68 55.28
C LYS AA 47 63.56 -0.26 55.49
N GLU AA 48 63.35 1.02 55.78
CA GLU AA 48 62.02 1.59 55.96
C GLU AA 48 61.08 1.05 54.90
N LEU AA 49 61.43 1.33 53.65
CA LEU AA 49 60.65 0.88 52.51
C LEU AA 49 60.33 -0.62 52.57
N TYR AA 50 61.34 -1.45 52.76
CA TYR AA 50 61.15 -2.90 52.80
C TYR AA 50 60.10 -3.29 53.84
N GLU AA 51 60.27 -2.79 55.06
CA GLU AA 51 59.35 -3.03 56.16
C GLU AA 51 57.91 -2.68 55.80
N LYS AA 52 57.75 -1.58 55.07
CA LYS AA 52 56.43 -1.08 54.70
C LYS AA 52 55.66 -1.99 53.73
N TYR AA 53 56.35 -2.57 52.75
CA TYR AA 53 55.67 -3.30 51.68
C TYR AA 53 55.86 -4.81 51.71
N TRP AA 54 56.62 -5.31 52.68
CA TRP AA 54 57.00 -6.71 52.62
C TRP AA 54 55.85 -7.65 52.95
N ASP AA 55 54.92 -7.20 53.78
CA ASP AA 55 53.78 -8.03 54.17
C ASP AA 55 52.51 -7.63 53.43
N LYS AA 56 52.69 -6.93 52.32
CA LYS AA 56 51.56 -6.42 51.55
C LYS AA 56 51.44 -7.14 50.23
N VAL AA 57 50.28 -7.76 49.98
CA VAL AA 57 50.05 -8.48 48.72
C VAL AA 57 49.11 -7.69 47.81
N THR AA 58 49.17 -7.97 46.50
CA THR AA 58 48.19 -7.40 45.57
C THR AA 58 46.98 -8.32 45.48
N PRO AA 59 45.85 -7.81 44.96
CA PRO AA 59 44.64 -8.63 44.96
C PRO AA 59 44.90 -10.03 44.41
N ASN AA 60 45.82 -10.14 43.45
CA ASN AA 60 46.14 -11.41 42.80
C ASN AA 60 47.09 -12.30 43.59
N GLY AA 61 47.73 -11.74 44.61
CA GLY AA 61 48.66 -12.52 45.42
C GLY AA 61 50.13 -12.36 45.04
N VAL AA 62 50.43 -11.33 44.25
CA VAL AA 62 51.81 -10.99 43.94
C VAL AA 62 52.39 -10.30 45.16
N THR AA 63 53.65 -10.57 45.44
CA THR AA 63 54.33 -10.06 46.61
C THR AA 63 55.38 -9.01 46.27
N PHE AA 64 55.87 -8.32 47.30
CA PHE AA 64 56.89 -7.31 47.12
C PHE AA 64 58.18 -8.01 46.72
N ASP AA 65 58.39 -9.18 47.30
CA ASP AA 65 59.56 -9.98 47.02
C ASP AA 65 59.60 -10.40 45.56
N LYS AA 66 58.48 -10.88 45.03
CA LYS AA 66 58.46 -11.35 43.66
C LYS AA 66 58.91 -10.23 42.76
N CYS AA 67 58.40 -9.03 43.04
CA CYS AA 67 58.73 -7.83 42.30
C CYS AA 67 60.21 -7.49 42.32
N ILE AA 68 60.89 -7.69 43.46
CA ILE AA 68 62.28 -7.28 43.59
C ILE AA 68 63.31 -8.41 43.46
N GLN AA 69 62.85 -9.66 43.43
CA GLN AA 69 63.73 -10.83 43.32
C GLN AA 69 64.89 -10.69 42.33
N THR AA 70 64.59 -10.27 41.09
CA THR AA 70 65.59 -10.31 40.02
C THR AA 70 66.78 -9.38 40.29
N GLY AA 71 66.53 -8.26 40.96
CA GLY AA 71 67.61 -7.36 41.31
C GLY AA 71 68.49 -7.89 42.43
N VAL AA 72 67.99 -8.86 43.19
CA VAL AA 72 68.79 -9.54 44.20
C VAL AA 72 69.61 -10.61 43.50
N ASP AA 73 69.00 -11.27 42.52
CA ASP AA 73 69.68 -12.35 41.80
C ASP AA 73 70.78 -11.82 40.86
N ASN AA 74 70.67 -10.54 40.48
CA ASN AA 74 71.63 -9.95 39.54
C ASN AA 74 72.30 -8.65 40.02
N PRO AA 75 73.32 -8.79 40.89
CA PRO AA 75 74.14 -7.69 41.45
C PRO AA 75 74.88 -6.91 40.37
N GLY AA 76 75.11 -7.52 39.22
CA GLY AA 76 75.92 -6.91 38.19
C GLY AA 76 75.55 -7.34 36.79
N ASN AA 77 76.29 -6.83 35.82
CA ASN AA 77 75.96 -7.07 34.42
C ASN AA 77 77.19 -7.23 33.54
N LYS AA 78 77.31 -8.40 32.91
CA LYS AA 78 78.42 -8.67 32.01
C LYS AA 78 78.45 -7.71 30.84
N PHE AA 79 77.31 -7.10 30.53
CA PHE AA 79 77.23 -6.24 29.36
C PHE AA 79 77.05 -4.78 29.74
N TYR AA 80 76.59 -3.98 28.79
CA TYR AA 80 76.49 -2.54 28.97
C TYR AA 80 75.23 -2.17 29.75
N GLY AA 81 75.34 -1.17 30.62
CA GLY AA 81 74.17 -0.60 31.29
C GLY AA 81 74.01 -0.85 32.79
N LYS AA 82 73.28 0.04 33.45
CA LYS AA 82 72.85 -0.18 34.83
C LYS AA 82 71.45 -0.79 34.86
N LYS AA 83 71.33 -1.96 35.48
CA LYS AA 83 70.08 -2.68 35.49
C LYS AA 83 69.04 -2.08 36.42
N THR AA 84 67.79 -2.31 36.08
CA THR AA 84 66.68 -1.85 36.88
C THR AA 84 66.63 -2.72 38.13
N GLY AA 85 66.48 -4.02 37.94
CA GLY AA 85 66.51 -4.98 39.04
C GLY AA 85 65.23 -5.07 39.84
N CYS AA 86 64.11 -4.67 39.23
CA CYS AA 86 62.80 -4.83 39.85
C CYS AA 86 61.70 -4.85 38.79
N VAL AA 87 60.65 -5.65 39.01
CA VAL AA 87 59.56 -5.73 38.04
C VAL AA 87 58.16 -5.72 38.65
N PHE AA 88 57.19 -5.35 37.83
CA PHE AA 88 55.79 -5.49 38.17
C PHE AA 88 55.37 -6.96 38.07
N GLY AA 89 54.55 -7.40 39.02
CA GLY AA 89 54.00 -8.76 38.99
C GLY AA 89 52.62 -8.81 38.35
N ASP AA 90 51.80 -7.81 38.64
CA ASP AA 90 50.49 -7.67 38.02
C ASP AA 90 50.19 -6.20 37.80
N GLU AA 91 48.97 -5.94 37.35
CA GLU AA 91 48.51 -4.59 37.03
C GLU AA 91 48.45 -3.67 38.26
N TYR AA 92 48.28 -4.25 39.44
CA TYR AA 92 48.18 -3.47 40.68
C TYR AA 92 49.55 -3.26 41.32
N SER AA 93 50.55 -3.93 40.79
CA SER AA 93 51.88 -3.89 41.38
C SER AA 93 52.39 -2.46 41.62
N TYR AA 94 52.29 -1.60 40.63
CA TYR AA 94 52.81 -0.24 40.76
C TYR AA 94 52.25 0.55 41.95
N GLU AA 95 50.98 0.36 42.26
CA GLU AA 95 50.33 1.21 43.25
C GLU AA 95 50.32 0.62 44.64
N CYS AA 96 50.41 -0.71 44.72
CA CYS AA 96 50.58 -1.31 46.04
C CYS AA 96 51.92 -0.89 46.63
N TYR AA 97 52.95 -0.79 45.78
CA TYR AA 97 54.31 -0.46 46.24
C TYR AA 97 54.84 0.83 45.64
N LYS AA 98 53.94 1.80 45.49
CA LYS AA 98 54.22 3.08 44.85
C LYS AA 98 55.50 3.78 45.35
N GLU AA 99 55.52 4.08 46.63
CA GLU AA 99 56.60 4.83 47.26
C GLU AA 99 58.00 4.33 46.90
N PHE AA 100 58.11 3.04 46.61
CA PHE AA 100 59.38 2.48 46.13
C PHE AA 100 59.59 2.73 44.63
N PHE AA 101 58.52 2.58 43.86
CA PHE AA 101 58.60 2.67 42.39
C PHE AA 101 58.82 4.08 41.83
N ASP AA 102 58.19 5.08 42.42
CA ASP AA 102 58.34 6.46 41.95
C ASP AA 102 59.79 6.90 42.07
N LYS AA 103 60.51 6.29 43.02
CA LYS AA 103 61.93 6.56 43.25
C LYS AA 103 62.77 6.02 42.13
N CYS AA 104 62.56 4.75 41.81
CA CYS AA 104 63.22 4.11 40.66
C CYS AA 104 62.87 4.81 39.38
N ILE AA 105 61.57 5.06 39.17
CA ILE AA 105 61.08 5.74 37.98
C ILE AA 105 61.77 7.09 37.78
N GLU AA 106 61.98 7.81 38.88
CA GLU AA 106 62.63 9.10 38.80
C GLU AA 106 64.08 8.95 38.32
N GLU AA 107 64.71 7.85 38.71
CA GLU AA 107 66.13 7.64 38.38
C GLU AA 107 66.26 7.14 36.95
N ILE AA 108 65.22 6.45 36.49
CA ILE AA 108 65.22 5.93 35.13
C ILE AA 108 64.78 6.97 34.11
N HIS AA 109 63.72 7.70 34.45
CA HIS AA 109 63.02 8.60 33.51
C HIS AA 109 63.16 10.09 33.82
N HIS AA 110 63.68 10.44 35.00
CA HIS AA 110 63.76 11.86 35.39
C HIS AA 110 62.34 12.36 35.57
N PHE AA 111 61.47 11.45 36.00
CA PHE AA 111 60.05 11.65 36.14
C PHE AA 111 59.67 11.62 37.63
N LYS AA 112 59.03 12.69 38.11
CA LYS AA 112 58.63 12.78 39.51
C LYS AA 112 57.18 12.38 39.73
N PRO AA 113 56.84 11.94 40.96
CA PRO AA 113 55.46 11.59 41.31
C PRO AA 113 54.46 12.74 41.07
N SER AA 114 54.96 13.92 40.72
CA SER AA 114 54.11 15.08 40.41
C SER AA 114 53.97 15.30 38.90
N ASP AA 115 54.74 14.56 38.11
CA ASP AA 115 54.69 14.73 36.67
C ASP AA 115 53.58 13.90 36.05
N LYS AA 116 53.25 14.20 34.79
CA LYS AA 116 52.21 13.51 34.06
C LYS AA 116 52.70 13.13 32.65
N HIS AA 117 52.28 11.97 32.15
CA HIS AA 117 52.68 11.59 30.79
C HIS AA 117 51.92 12.34 29.71
N PRO AA 118 52.65 13.06 28.85
CA PRO AA 118 52.06 13.84 27.75
C PRO AA 118 51.22 13.00 26.79
N ALA AA 119 50.47 13.69 25.93
CA ALA AA 119 49.61 13.00 24.98
C ALA AA 119 50.46 12.34 23.92
N PRO AA 120 49.97 11.21 23.38
CA PRO AA 120 50.65 10.47 22.31
C PRO AA 120 50.96 11.34 21.12
N ASP AA 121 52.20 11.29 20.64
CA ASP AA 121 52.59 12.02 19.46
C ASP AA 121 53.19 11.06 18.42
N LEU AA 122 52.41 10.70 17.41
CA LEU AA 122 52.85 9.73 16.41
C LEU AA 122 53.14 10.37 15.06
N ASP AA 123 53.02 11.70 14.98
CA ASP AA 123 53.23 12.41 13.71
C ASP AA 123 54.68 12.32 13.24
N HIS AA 124 54.96 11.37 12.36
CA HIS AA 124 56.32 11.09 11.92
C HIS AA 124 56.81 12.08 10.86
N ASN AA 125 55.95 12.98 10.43
CA ASN AA 125 56.34 14.00 9.47
C ASN AA 125 57.01 15.18 10.14
N LYS AA 126 56.90 15.25 11.46
CA LYS AA 126 57.53 16.33 12.22
C LYS AA 126 59.02 16.05 12.40
N LEU AA 127 59.41 14.78 12.35
CA LEU AA 127 60.78 14.36 12.58
C LEU AA 127 61.82 15.07 11.70
N VAL AA 128 62.71 15.83 12.34
CA VAL AA 128 63.78 16.57 11.67
C VAL AA 128 65.02 15.69 11.41
N GLY AA 129 65.33 15.47 10.14
CA GLY AA 129 66.35 14.53 9.75
C GLY AA 129 65.82 13.13 10.01
N GLY AA 130 66.69 12.22 10.40
CA GLY AA 130 66.26 10.87 10.71
C GLY AA 130 66.36 9.97 9.50
N VAL AA 131 67.22 10.36 8.56
CA VAL AA 131 67.56 9.52 7.42
C VAL AA 131 69.08 9.53 7.32
N PHE AA 132 69.69 8.51 7.93
CA PHE AA 132 71.13 8.47 8.17
C PHE AA 132 72.00 7.96 7.01
N GLU AA 133 73.28 8.32 7.07
CA GLU AA 133 74.27 7.88 6.09
C GLU AA 133 74.57 6.40 6.26
N ASP AA 134 74.48 5.64 5.17
CA ASP AA 134 74.67 4.18 5.21
C ASP AA 134 76.01 3.75 5.81
N LYS AA 135 77.03 4.57 5.62
CA LYS AA 135 78.36 4.27 6.12
C LYS AA 135 78.37 4.04 7.64
N TYR AA 136 77.50 4.75 8.36
CA TYR AA 136 77.44 4.67 9.82
C TYR AA 136 76.28 3.82 10.36
N VAL AA 137 75.07 4.06 9.86
CA VAL AA 137 73.87 3.36 10.35
C VAL AA 137 73.48 2.16 9.47
N LYS AA 138 73.44 0.97 10.07
CA LYS AA 138 73.29 -0.28 9.32
C LYS AA 138 71.85 -0.82 9.33
N SER AA 139 71.02 -0.27 10.22
CA SER AA 139 69.59 -0.62 10.28
C SER AA 139 68.83 0.08 11.38
N CYS AA 140 67.53 0.32 11.16
CA CYS AA 140 66.69 1.05 12.13
C CYS AA 140 65.54 0.17 12.60
N ARG AA 141 65.21 0.26 13.88
CA ARG AA 141 64.18 -0.58 14.43
C ARG AA 141 63.46 0.17 15.55
N ILE AA 142 62.13 0.24 15.48
CA ILE AA 142 61.32 0.91 16.51
C ILE AA 142 60.21 0.02 17.03
N ARG AA 143 60.26 -0.28 18.33
CA ARG AA 143 59.31 -1.19 18.96
C ARG AA 143 58.58 -0.52 20.14
N CYS AA 144 57.49 -1.15 20.59
CA CYS AA 144 56.85 -0.75 21.85
C CYS AA 144 56.16 -1.94 22.52
N GLY AA 145 55.93 -1.81 23.82
CA GLY AA 145 55.30 -2.87 24.58
C GLY AA 145 53.90 -2.52 25.00
N ARG AA 146 53.06 -3.55 25.09
CA ARG AA 146 51.71 -3.37 25.60
C ARG AA 146 51.33 -4.55 26.49
N SER AA 147 50.42 -4.32 27.43
CA SER AA 147 49.97 -5.39 28.29
C SER AA 147 48.47 -5.64 28.15
N VAL AA 148 48.07 -6.90 28.23
CA VAL AA 148 46.65 -7.26 28.14
C VAL AA 148 46.03 -7.23 29.53
N LYS AA 149 45.21 -6.21 29.76
CA LYS AA 149 44.58 -5.99 31.05
C LYS AA 149 43.67 -7.12 31.55
N GLY AA 150 43.54 -7.23 32.86
CA GLY AA 150 42.71 -8.27 33.47
C GLY AA 150 43.50 -9.54 33.70
N VAL AA 151 44.76 -9.50 33.31
CA VAL AA 151 45.65 -10.65 33.42
C VAL AA 151 46.90 -10.23 34.19
N CYS AA 152 47.64 -11.23 34.67
CA CYS AA 152 48.96 -11.00 35.22
C CYS AA 152 49.99 -10.82 34.10
N LEU AA 153 51.03 -10.06 34.39
CA LEU AA 153 52.17 -9.90 33.49
C LEU AA 153 53.06 -11.15 33.59
N PRO AA 154 53.87 -11.41 32.54
CA PRO AA 154 54.58 -12.69 32.41
C PRO AA 154 55.34 -13.19 33.66
N PRO AA 155 55.89 -12.30 34.50
CA PRO AA 155 56.59 -12.86 35.65
C PRO AA 155 55.70 -13.69 36.59
N ALA AA 156 54.42 -13.35 36.73
CA ALA AA 156 53.57 -14.04 37.72
C ALA AA 156 52.30 -14.73 37.16
N MET AA 157 52.04 -14.58 35.87
CA MET AA 157 50.84 -15.19 35.27
C MET AA 157 50.91 -16.72 35.20
N SER AA 158 49.75 -17.33 34.96
CA SER AA 158 49.61 -18.79 34.92
C SER AA 158 49.54 -19.28 33.48
N ARG AA 159 49.57 -20.60 33.30
CA ARG AA 159 49.54 -21.17 31.96
C ARG AA 159 48.22 -20.89 31.27
N ALA AA 160 47.15 -20.78 32.05
CA ALA AA 160 45.82 -20.49 31.52
C ALA AA 160 45.71 -19.04 31.06
N GLU AA 161 46.37 -18.15 31.78
CA GLU AA 161 46.37 -16.73 31.45
C GLU AA 161 47.19 -16.46 30.19
N ARG AA 162 48.29 -17.20 30.04
CA ARG AA 162 49.21 -17.04 28.92
C ARG AA 162 48.59 -17.58 27.63
N ARG AA 163 48.02 -18.77 27.72
CA ARG AA 163 47.26 -19.36 26.62
C ARG AA 163 46.16 -18.43 26.15
N LEU AA 164 45.45 -17.86 27.11
CA LEU AA 164 44.36 -16.92 26.87
C LEU AA 164 44.84 -15.68 26.11
N VAL AA 165 45.93 -15.08 26.58
CA VAL AA 165 46.48 -13.89 25.94
C VAL AA 165 46.90 -14.20 24.50
N GLU AA 166 47.33 -15.44 24.26
CA GLU AA 166 47.71 -15.87 22.93
C GLU AA 166 46.52 -15.77 22.00
N LYS AA 167 45.51 -16.59 22.28
CA LYS AA 167 44.28 -16.66 21.51
C LYS AA 167 43.72 -15.27 21.25
N VAL AA 168 43.36 -14.60 22.34
CA VAL AA 168 42.88 -13.22 22.33
C VAL AA 168 43.68 -12.29 21.41
N VAL AA 169 44.98 -12.21 21.60
CA VAL AA 169 45.82 -11.30 20.81
C VAL AA 169 46.02 -11.76 19.38
N SER AA 170 46.15 -13.07 19.17
CA SER AA 170 46.34 -13.60 17.83
C SER AA 170 45.08 -13.45 16.97
N ASP AA 171 43.91 -13.51 17.60
CA ASP AA 171 42.64 -13.30 16.91
C ASP AA 171 42.58 -11.89 16.35
N ALA AA 172 42.80 -10.91 17.20
CA ALA AA 172 42.79 -9.51 16.83
C ALA AA 172 43.69 -9.23 15.63
N LEU AA 173 44.89 -9.79 15.64
CA LEU AA 173 45.86 -9.56 14.57
C LEU AA 173 45.41 -10.11 13.22
N GLY AA 174 44.31 -10.84 13.22
CA GLY AA 174 43.77 -11.37 11.98
C GLY AA 174 43.19 -10.29 11.09
N GLY AA 175 42.85 -9.16 11.69
CA GLY AA 175 42.22 -8.06 11.00
C GLY AA 175 43.16 -7.04 10.39
N LEU AA 176 44.46 -7.34 10.45
CA LEU AA 176 45.48 -6.49 9.82
C LEU AA 176 45.49 -6.65 8.31
N LYS AA 177 45.68 -5.55 7.59
CA LYS AA 177 45.42 -5.53 6.15
C LYS AA 177 46.57 -4.98 5.32
N GLY AA 178 46.54 -5.27 4.03
CA GLY AA 178 47.51 -4.74 3.11
C GLY AA 178 48.92 -5.20 3.42
N ASP AA 179 49.87 -4.27 3.42
CA ASP AA 179 51.26 -4.61 3.69
C ASP AA 179 51.50 -4.87 5.17
N LEU AA 180 50.44 -4.75 5.98
CA LEU AA 180 50.54 -5.01 7.41
C LEU AA 180 49.99 -6.38 7.76
N ALA AA 181 49.51 -7.11 6.76
CA ALA AA 181 48.96 -8.44 7.01
C ALA AA 181 50.05 -9.52 7.12
N GLY AA 182 49.89 -10.42 8.08
CA GLY AA 182 50.86 -11.48 8.31
C GLY AA 182 50.23 -12.74 8.89
N LYS AA 183 51.06 -13.62 9.43
CA LYS AA 183 50.58 -14.87 10.04
C LYS AA 183 51.17 -15.11 11.43
N TYR AA 184 50.42 -15.80 12.27
CA TYR AA 184 50.90 -16.13 13.61
C TYR AA 184 51.53 -17.52 13.67
N TYR AA 185 52.83 -17.53 13.97
CA TYR AA 185 53.57 -18.76 14.13
C TYR AA 185 53.85 -19.03 15.61
N PRO AA 186 53.09 -19.95 16.21
CA PRO AA 186 53.41 -20.42 17.57
C PRO AA 186 54.81 -21.03 17.66
N LEU AA 187 55.49 -20.80 18.79
CA LEU AA 187 56.86 -21.26 18.98
C LEU AA 187 56.94 -22.78 19.12
N THR AA 188 55.89 -23.39 19.65
CA THR AA 188 55.87 -24.83 19.82
C THR AA 188 55.98 -25.57 18.48
N THR AA 189 55.20 -25.13 17.50
CA THR AA 189 55.21 -25.78 16.19
C THR AA 189 56.28 -25.25 15.23
N MET AA 190 57.22 -24.44 15.73
CA MET AA 190 58.33 -23.97 14.91
C MET AA 190 59.55 -24.83 15.15
N ASN AA 191 60.27 -25.17 14.09
CA ASN AA 191 61.43 -26.05 14.23
C ASN AA 191 62.68 -25.25 14.60
N GLU AA 192 63.51 -25.82 15.48
CA GLU AA 192 64.65 -25.12 16.05
C GLU AA 192 65.45 -24.35 15.00
N LYS AA 193 65.46 -24.86 13.77
CA LYS AA 193 66.22 -24.23 12.69
C LYS AA 193 65.60 -22.93 12.17
N ASP AA 194 64.28 -22.91 12.05
CA ASP AA 194 63.57 -21.65 11.80
C ASP AA 194 63.73 -20.70 12.99
N GLN AA 195 63.62 -21.26 14.20
CA GLN AA 195 63.76 -20.48 15.41
C GLN AA 195 65.11 -19.74 15.49
N GLU AA 196 66.19 -20.45 15.19
CA GLU AA 196 67.53 -19.86 15.26
C GLU AA 196 67.70 -18.84 14.15
N GLN AA 197 67.34 -19.24 12.94
CA GLN AA 197 67.36 -18.37 11.77
C GLN AA 197 66.70 -17.01 12.10
N LEU AA 198 65.47 -17.03 12.60
CA LEU AA 198 64.74 -15.82 12.95
C LEU AA 198 65.41 -14.95 14.03
N ILE AA 199 66.10 -15.61 14.98
CA ILE AA 199 66.89 -14.95 16.02
C ILE AA 199 68.18 -14.31 15.46
N GLU AA 200 68.94 -15.08 14.67
CA GLU AA 200 70.18 -14.57 14.03
C GLU AA 200 69.90 -13.39 13.11
N ASP AA 201 68.71 -13.40 12.52
CA ASP AA 201 68.28 -12.38 11.57
C ASP AA 201 67.94 -11.06 12.28
N HIS AA 202 67.75 -11.13 13.60
CA HIS AA 202 67.32 -9.98 14.44
C HIS AA 202 65.79 -9.77 14.57
N PHE AA 203 64.97 -10.74 14.17
CA PHE AA 203 63.53 -10.59 14.19
C PHE AA 203 62.86 -11.17 15.45
N LEU AA 204 63.37 -12.29 15.92
CA LEU AA 204 62.78 -13.02 17.04
C LEU AA 204 63.54 -12.79 18.32
N PHE AA 205 62.83 -12.88 19.44
CA PHE AA 205 63.48 -12.78 20.74
C PHE AA 205 64.43 -13.95 20.90
N GLU AA 206 65.49 -13.76 21.69
CA GLU AA 206 66.52 -14.77 21.82
C GLU AA 206 65.98 -15.88 22.70
N LYS AA 207 66.71 -16.97 22.81
CA LYS AA 207 66.29 -18.07 23.66
C LYS AA 207 66.25 -17.63 25.12
N PRO AA 208 65.42 -18.31 25.92
CA PRO AA 208 65.09 -17.87 27.27
C PRO AA 208 66.28 -17.96 28.25
N THR AA 209 67.48 -17.57 27.82
CA THR AA 209 68.63 -17.54 28.72
C THR AA 209 68.83 -16.15 29.32
N GLY AA 210 67.84 -15.28 29.19
CA GLY AA 210 67.96 -13.93 29.74
C GLY AA 210 68.03 -13.95 31.24
N ALA AA 211 68.94 -13.17 31.81
CA ALA AA 211 69.15 -13.16 33.25
C ALA AA 211 67.91 -12.65 33.96
N LEU AA 212 67.32 -11.59 33.41
CA LEU AA 212 66.06 -11.08 33.92
C LEU AA 212 64.93 -12.05 33.60
N LEU AA 213 64.84 -12.46 32.33
CA LEU AA 213 63.74 -13.32 31.90
C LEU AA 213 63.65 -14.56 32.78
N THR AA 214 64.79 -15.14 33.13
CA THR AA 214 64.74 -16.36 33.94
C THR AA 214 64.51 -16.07 35.42
N THR AA 215 65.24 -15.10 35.97
CA THR AA 215 65.20 -14.85 37.42
C THR AA 215 63.98 -14.04 37.87
N SER AA 216 63.13 -13.68 36.91
CA SER AA 216 61.93 -12.90 37.18
C SER AA 216 60.64 -13.71 37.01
N GLY AA 217 60.77 -14.90 36.42
CA GLY AA 217 59.66 -15.83 36.30
C GLY AA 217 58.96 -15.78 34.95
N CYS AA 218 59.55 -15.06 33.99
CA CYS AA 218 58.95 -14.89 32.67
C CYS AA 218 59.33 -16.02 31.70
N ALA AA 219 60.13 -16.98 32.18
CA ALA AA 219 60.56 -18.08 31.31
C ALA AA 219 59.94 -19.43 31.68
N ARG AA 220 58.77 -19.40 32.34
CA ARG AA 220 58.09 -20.61 32.77
C ARG AA 220 57.29 -21.30 31.66
N ASP AA 221 57.35 -22.63 31.63
CA ASP AA 221 56.51 -23.43 30.73
C ASP AA 221 56.90 -23.21 29.27
N TRP AA 222 58.05 -22.59 29.06
CA TRP AA 222 58.55 -22.30 27.72
C TRP AA 222 58.53 -23.55 26.82
N PRO AA 223 58.00 -23.43 25.58
CA PRO AA 223 57.47 -22.25 24.88
C PRO AA 223 55.95 -22.07 25.01
N ASP AA 224 55.32 -22.76 25.95
CA ASP AA 224 53.87 -22.75 26.07
C ASP AA 224 53.33 -21.33 25.88
N GLY AA 225 52.45 -21.16 24.90
CA GLY AA 225 51.72 -19.92 24.70
C GLY AA 225 52.53 -18.78 24.13
N ARG AA 226 53.74 -19.08 23.65
CA ARG AA 226 54.61 -18.04 23.08
C ARG AA 226 54.73 -18.18 21.56
N GLY AA 227 54.93 -17.03 20.89
CA GLY AA 227 55.07 -17.01 19.45
C GLY AA 227 55.36 -15.66 18.84
N ILE AA 228 55.44 -15.64 17.51
CA ILE AA 228 55.77 -14.43 16.77
C ILE AA 228 54.86 -14.30 15.56
N TRP AA 229 54.42 -13.08 15.31
CA TRP AA 229 53.56 -12.76 14.19
C TRP AA 229 54.34 -11.77 13.35
N HIS AA 230 54.33 -11.95 12.04
CA HIS AA 230 55.02 -11.00 11.16
C HIS AA 230 54.44 -10.92 9.77
N ASN AA 231 54.66 -9.77 9.11
CA ASN AA 231 54.21 -9.59 7.73
C ASN AA 231 55.16 -10.28 6.76
N ASN AA 232 54.83 -10.24 5.48
CA ASN AA 232 55.67 -10.84 4.45
C ASN AA 232 57.08 -10.26 4.43
N GLU AA 233 57.18 -8.96 4.21
CA GLU AA 233 58.45 -8.26 4.16
C GLU AA 233 59.28 -8.55 5.41
N LYS AA 234 58.58 -8.78 6.53
CA LYS AA 234 59.20 -8.95 7.84
C LYS AA 234 59.82 -7.66 8.34
N ASN AA 235 59.23 -6.53 7.93
CA ASN AA 235 59.59 -5.22 8.46
C ASN AA 235 58.63 -4.78 9.54
N PHE AA 236 57.55 -5.55 9.69
CA PHE AA 236 56.59 -5.31 10.75
C PHE AA 236 56.28 -6.62 11.46
N LEU AA 237 56.35 -6.60 12.80
CA LEU AA 237 56.31 -7.84 13.58
C LEU AA 237 55.75 -7.62 14.99
N VAL AA 238 55.22 -8.69 15.59
CA VAL AA 238 54.80 -8.65 16.99
C VAL AA 238 55.24 -9.89 17.79
N TRP AA 239 55.81 -9.67 18.98
CA TRP AA 239 56.17 -10.76 19.90
C TRP AA 239 55.07 -10.99 20.93
N ILE AA 240 54.66 -12.24 21.10
CA ILE AA 240 53.66 -12.57 22.11
C ILE AA 240 54.25 -13.33 23.29
N ASN AA 241 53.92 -12.89 24.51
CA ASN AA 241 54.31 -13.54 25.77
C ASN AA 241 55.80 -13.86 26.00
N GLU AA 242 56.67 -12.88 25.78
CA GLU AA 242 58.05 -13.06 26.21
C GLU AA 242 58.16 -12.48 27.62
N GLU AA 243 58.91 -11.38 27.74
CA GLU AA 243 58.99 -10.62 28.98
C GLU AA 243 57.72 -9.81 29.17
N ASP AA 244 57.07 -9.49 28.06
CA ASP AA 244 55.77 -8.80 28.07
C ASP AA 244 54.73 -9.58 27.29
N HIS AA 245 53.49 -9.09 27.31
CA HIS AA 245 52.40 -9.64 26.47
C HIS AA 245 52.61 -9.33 25.01
N ILE AA 246 52.93 -8.08 24.71
CA ILE AA 246 53.03 -7.65 23.31
C ILE AA 246 54.24 -6.78 23.00
N ARG AA 247 54.79 -6.94 21.80
CA ARG AA 247 55.86 -6.07 21.32
C ARG AA 247 55.63 -5.74 19.83
N VAL AA 248 55.33 -4.48 19.55
CA VAL AA 248 55.10 -4.05 18.17
C VAL AA 248 56.38 -3.49 17.55
N ILE AA 249 56.97 -4.24 16.63
CA ILE AA 249 58.25 -3.85 16.04
C ILE AA 249 58.15 -3.49 14.57
N SER AA 250 58.87 -2.44 14.19
CA SER AA 250 59.06 -2.09 12.79
C SER AA 250 60.53 -1.87 12.55
N MET AA 251 61.10 -2.62 11.61
CA MET AA 251 62.52 -2.55 11.39
C MET AA 251 62.91 -2.81 9.95
N GLN AA 252 64.07 -2.30 9.55
CA GLN AA 252 64.60 -2.53 8.21
C GLN AA 252 66.10 -2.20 8.21
N LYS AA 253 66.79 -2.61 7.16
CA LYS AA 253 68.21 -2.32 7.01
C LYS AA 253 68.42 -0.94 6.39
N GLY AA 254 69.56 -0.32 6.68
CA GLY AA 254 69.81 1.05 6.22
C GLY AA 254 69.53 2.11 7.28
N GLY AA 255 69.49 3.38 6.87
CA GLY AA 255 69.40 4.46 7.83
C GLY AA 255 68.14 5.32 7.72
N ASP AA 256 67.02 4.72 7.36
CA ASP AA 256 65.80 5.49 7.24
C ASP AA 256 64.93 5.33 8.49
N LEU AA 257 65.45 5.82 9.62
CA LEU AA 257 64.72 5.81 10.88
C LEU AA 257 63.35 6.42 10.66
N LYS AA 258 63.30 7.47 9.85
CA LYS AA 258 62.06 8.16 9.53
C LYS AA 258 60.99 7.24 8.92
N ALA AA 259 61.39 6.45 7.92
CA ALA AA 259 60.46 5.54 7.24
C ALA AA 259 60.03 4.41 8.16
N VAL AA 260 60.94 3.99 9.04
CA VAL AA 260 60.63 3.03 10.10
C VAL AA 260 59.62 3.63 11.09
N PHE AA 261 59.79 4.90 11.38
CA PHE AA 261 58.89 5.62 12.30
C PHE AA 261 57.50 5.74 11.72
N SER AA 262 57.40 5.90 10.41
CA SER AA 262 56.10 5.94 9.76
C SER AA 262 55.35 4.63 9.95
N ARG AA 263 55.97 3.54 9.51
CA ARG AA 263 55.33 2.23 9.46
C ARG AA 263 54.90 1.76 10.83
N PHE AA 264 55.73 2.04 11.84
CA PHE AA 264 55.45 1.67 13.22
C PHE AA 264 54.25 2.46 13.80
N ALA AA 265 54.08 3.70 13.33
CA ALA AA 265 52.88 4.48 13.66
C ALA AA 265 51.60 3.89 13.05
N ARG AA 266 51.59 3.67 11.73
CA ARG AA 266 50.48 2.98 11.07
C ARG AA 266 50.06 1.73 11.83
N GLY AA 267 51.02 0.82 11.97
CA GLY AA 267 50.79 -0.49 12.58
C GLY AA 267 50.24 -0.51 13.99
N LEU AA 268 50.88 0.23 14.90
CA LEU AA 268 50.50 0.24 16.33
C LEU AA 268 49.09 0.80 16.55
N LEU AA 269 48.76 1.84 15.78
CA LEU AA 269 47.44 2.40 15.82
C LEU AA 269 46.44 1.31 15.44
N GLU AA 270 46.74 0.60 14.36
CA GLU AA 270 45.89 -0.48 13.88
C GLU AA 270 45.77 -1.58 14.91
N VAL AA 271 46.90 -2.03 15.43
CA VAL AA 271 46.91 -3.05 16.47
C VAL AA 271 46.05 -2.60 17.66
N GLU AA 272 46.28 -1.39 18.14
CA GLU AA 272 45.52 -0.88 19.28
C GLU AA 272 44.03 -0.83 18.99
N ARG AA 273 43.70 -0.38 17.78
CA ARG AA 273 42.32 -0.27 17.32
C ARG AA 273 41.62 -1.62 17.24
N LEU AA 274 42.31 -2.65 16.74
CA LEU AA 274 41.74 -3.99 16.67
C LEU AA 274 41.52 -4.59 18.06
N MET AA 275 42.50 -4.46 18.93
CA MET AA 275 42.33 -4.93 20.30
C MET AA 275 41.13 -4.24 20.96
N LYS AA 276 41.06 -2.93 20.86
CA LYS AA 276 39.91 -2.18 21.37
C LYS AA 276 38.60 -2.64 20.74
N GLU AA 277 38.68 -3.06 19.47
CA GLU AA 277 37.53 -3.54 18.71
C GLU AA 277 37.02 -4.86 19.27
N CYS AA 278 37.94 -5.80 19.48
CA CYS AA 278 37.63 -7.09 20.07
C CYS AA 278 37.24 -6.97 21.54
N GLY AA 279 37.42 -5.78 22.11
CA GLY AA 279 37.00 -5.54 23.49
C GLY AA 279 38.03 -5.95 24.53
N HIS AA 280 39.27 -6.10 24.08
CA HIS AA 280 40.39 -6.38 24.97
C HIS AA 280 41.09 -5.08 25.32
N GLY AA 281 41.35 -4.87 26.60
CA GLY AA 281 41.99 -3.64 27.03
C GLY AA 281 43.47 -3.80 27.34
N LEU AA 282 44.24 -2.75 27.13
CA LEU AA 282 45.65 -2.74 27.49
C LEU AA 282 45.86 -1.95 28.77
N MET AA 283 46.65 -2.48 29.69
CA MET AA 283 46.90 -1.78 30.97
C MET AA 283 47.54 -0.43 30.69
N HIS AA 284 47.01 0.60 31.33
CA HIS AA 284 47.34 1.97 31.00
C HIS AA 284 46.91 2.87 32.15
N ASN AA 285 47.81 3.76 32.55
CA ASN AA 285 47.60 4.64 33.69
C ASN AA 285 47.17 6.01 33.14
N ASP AA 286 46.69 6.92 33.98
CA ASP AA 286 46.44 8.27 33.50
C ASP AA 286 47.68 9.14 33.63
N ARG AA 287 48.49 8.84 34.64
CA ARG AA 287 49.73 9.60 34.86
C ARG AA 287 50.94 8.98 34.18
N LEU AA 288 51.06 7.65 34.29
CA LEU AA 288 52.23 6.91 33.82
C LEU AA 288 52.06 6.27 32.43
N GLY AA 289 50.97 6.60 31.75
CA GLY AA 289 50.70 6.00 30.45
C GLY AA 289 50.65 4.49 30.56
N TYR AA 290 50.98 3.82 29.45
CA TYR AA 290 50.98 2.36 29.40
C TYR AA 290 51.98 1.74 30.35
N ILE AA 291 51.66 0.53 30.80
CA ILE AA 291 52.43 -0.19 31.79
C ILE AA 291 52.85 -1.57 31.27
N CYS AA 292 54.09 -1.96 31.58
CA CYS AA 292 54.63 -3.27 31.19
C CYS AA 292 55.35 -3.99 32.34
N THR AA 293 56.12 -5.02 32.01
CA THR AA 293 56.80 -5.84 33.01
C THR AA 293 57.84 -5.05 33.81
N CYS AA 294 58.75 -4.38 33.10
CA CYS AA 294 59.89 -3.69 33.72
C CYS AA 294 59.70 -2.16 33.69
N PRO AA 295 60.01 -1.50 34.82
CA PRO AA 295 59.88 -0.05 34.91
C PRO AA 295 60.54 0.77 33.76
N THR AA 296 61.43 0.18 32.96
CA THR AA 296 61.96 0.92 31.81
C THR AA 296 60.86 1.14 30.77
N ASN AA 297 59.92 0.21 30.73
CA ASN AA 297 58.95 0.11 29.65
C ASN AA 297 57.58 0.62 30.05
N MET AA 298 57.49 1.95 30.14
CA MET AA 298 56.32 2.64 30.65
C MET AA 298 56.12 3.87 29.79
N GLY AA 299 54.97 4.53 29.94
CA GLY AA 299 54.68 5.73 29.17
C GLY AA 299 54.38 5.40 27.71
N THR AA 300 55.31 5.73 26.81
CA THR AA 300 55.23 5.26 25.43
C THR AA 300 55.61 3.79 25.42
N VAL AA 301 56.52 3.42 26.33
CA VAL AA 301 57.11 2.08 26.34
C VAL AA 301 57.92 1.86 25.06
N VAL AA 302 58.35 2.96 24.44
CA VAL AA 302 58.99 2.94 23.12
C VAL AA 302 60.52 2.85 23.16
N ARG AA 303 61.08 1.95 22.36
CA ARG AA 303 62.53 1.89 22.13
C ARG AA 303 62.85 1.98 20.63
N ALA AA 304 63.39 3.12 20.21
CA ALA AA 304 63.90 3.28 18.85
C ALA AA 304 65.42 3.12 18.83
N SER AA 305 65.90 2.20 18.01
CA SER AA 305 67.32 1.91 18.01
C SER AA 305 67.95 1.97 16.62
N VAL AA 306 69.23 2.32 16.58
CA VAL AA 306 70.04 2.18 15.38
C VAL AA 306 71.25 1.31 15.68
N HIS AA 307 71.81 0.71 14.63
CA HIS AA 307 73.09 0.04 14.71
C HIS AA 307 74.12 1.00 14.10
N LEU AA 308 74.92 1.62 14.98
CA LEU AA 308 75.86 2.68 14.59
C LEU AA 308 77.33 2.23 14.60
N ARG AA 309 78.05 2.61 13.55
CA ARG AA 309 79.47 2.33 13.43
C ARG AA 309 80.30 3.52 13.92
N LEU AA 310 80.87 3.39 15.12
CA LEU AA 310 81.74 4.42 15.66
C LEU AA 310 83.19 3.93 15.76
N ALA AA 311 83.76 3.60 14.61
CA ALA AA 311 85.11 3.07 14.53
C ALA AA 311 86.15 4.02 15.14
N PHE AA 312 85.81 5.30 15.24
CA PHE AA 312 86.73 6.30 15.79
C PHE AA 312 86.36 6.80 17.18
N LEU AA 313 85.07 6.96 17.41
CA LEU AA 313 84.58 7.56 18.65
C LEU AA 313 84.70 6.58 19.82
N GLU AA 314 84.54 5.29 19.53
CA GLU AA 314 84.52 4.26 20.57
C GLU AA 314 85.82 4.10 21.36
N LYS AA 315 86.94 4.58 20.81
CA LYS AA 315 88.20 4.60 21.56
C LYS AA 315 88.26 5.80 22.52
N HIS AA 316 87.56 6.88 22.19
CA HIS AA 316 87.62 8.11 22.98
C HIS AA 316 87.16 7.92 24.43
N PRO AA 317 87.97 8.37 25.39
CA PRO AA 317 87.67 8.13 26.80
C PRO AA 317 86.33 8.72 27.30
N ARG AA 318 85.71 9.60 26.52
CA ARG AA 318 84.46 10.21 26.97
C ARG AA 318 83.21 9.71 26.22
N PHE AA 319 83.37 8.62 25.48
CA PHE AA 319 82.28 7.97 24.75
C PHE AA 319 81.02 7.76 25.61
N ASP AA 320 81.11 6.87 26.60
CA ASP AA 320 79.98 6.55 27.46
C ASP AA 320 79.40 7.79 28.12
N GLU AA 321 80.27 8.61 28.70
CA GLU AA 321 79.84 9.84 29.36
C GLU AA 321 78.98 10.68 28.42
N MET AA 322 79.41 10.82 27.17
CA MET AA 322 78.61 11.56 26.20
C MET AA 322 77.30 10.83 25.88
N LEU AA 323 77.36 9.49 25.87
CA LEU AA 323 76.13 8.71 25.69
C LEU AA 323 75.19 8.88 26.89
N GLY AA 324 75.74 8.84 28.10
CA GLY AA 324 74.95 9.06 29.30
C GLY AA 324 74.22 10.39 29.24
N LYS AA 325 74.98 11.45 29.01
CA LYS AA 325 74.44 12.80 28.89
C LYS AA 325 73.44 12.99 27.75
N LEU AA 326 73.54 12.20 26.69
CA LEU AA 326 72.61 12.34 25.56
C LEU AA 326 71.28 11.64 25.83
N ARG AA 327 71.14 11.08 27.03
CA ARG AA 327 69.97 10.28 27.37
C ARG AA 327 69.75 9.22 26.32
N LEU AA 328 70.79 8.41 26.12
CA LEU AA 328 70.79 7.37 25.10
C LEU AA 328 71.32 6.09 25.71
N GLY AA 329 70.81 4.97 25.22
CA GLY AA 329 71.26 3.68 25.68
C GLY AA 329 72.43 3.13 24.88
N LYS AA 330 73.00 2.07 25.41
CA LYS AA 330 74.13 1.39 24.79
C LYS AA 330 73.85 -0.10 24.92
N ARG AA 331 73.70 -0.75 23.78
CA ARG AA 331 73.56 -2.21 23.72
C ARG AA 331 74.52 -2.75 22.68
N GLY AA 332 74.50 -4.06 22.48
CA GLY AA 332 75.41 -4.69 21.54
C GLY AA 332 74.72 -4.95 20.21
N THR AA 333 75.34 -5.76 19.35
CA THR AA 333 74.76 -6.06 18.04
C THR AA 333 73.61 -7.05 18.15
N GLY AA 334 73.75 -8.02 19.04
CA GLY AA 334 72.76 -9.07 19.21
C GLY AA 334 71.70 -8.74 20.23
N GLY AA 335 71.66 -7.48 20.65
CA GLY AA 335 70.71 -7.05 21.64
C GLY AA 335 71.35 -6.78 22.99
N GLU AA 336 70.48 -6.64 23.98
CA GLU AA 336 70.87 -6.32 25.34
C GLU AA 336 71.96 -7.27 25.88
N SER AA 337 71.71 -8.57 25.76
CA SER AA 337 72.67 -9.55 26.20
C SER AA 337 73.65 -9.89 25.08
N SER AA 338 74.53 -8.93 24.81
CA SER AA 338 75.62 -9.08 23.85
C SER AA 338 76.45 -7.81 23.93
N LEU AA 339 77.62 -7.81 23.29
CA LEU AA 339 78.43 -6.60 23.20
C LEU AA 339 78.49 -6.12 21.75
N ALA AA 340 79.11 -4.96 21.57
CA ALA AA 340 79.31 -4.44 20.23
C ALA AA 340 80.21 -5.38 19.45
N THR AA 341 79.83 -5.64 18.20
CA THR AA 341 80.69 -6.35 17.28
C THR AA 341 80.97 -5.40 16.13
N ASP AA 342 82.25 -5.20 15.83
CA ASP AA 342 82.64 -4.40 14.66
C ASP AA 342 82.50 -2.91 14.89
N SER AA 343 82.76 -2.46 16.11
CA SER AA 343 82.63 -1.05 16.44
C SER AA 343 81.21 -0.54 16.24
N THR AA 344 80.28 -1.46 15.99
CA THR AA 344 78.88 -1.11 15.76
C THR AA 344 78.03 -1.43 16.99
N TYR AA 345 77.27 -0.43 17.44
CA TYR AA 345 76.55 -0.48 18.70
C TYR AA 345 75.07 -0.30 18.52
N ASP AA 346 74.27 -1.02 19.31
CA ASP AA 346 72.83 -0.76 19.37
C ASP AA 346 72.61 0.49 20.21
N ILE AA 347 72.44 1.63 19.55
CA ILE AA 347 72.20 2.92 20.23
C ILE AA 347 70.73 3.28 20.22
N SER AA 348 70.17 3.56 21.39
CA SER AA 348 68.75 3.85 21.48
C SER AA 348 68.39 4.95 22.48
N ASN AA 349 67.11 5.33 22.46
CA ASN AA 349 66.57 6.28 23.43
C ASN AA 349 66.29 5.63 24.78
N TRP AA 350 67.02 6.08 25.79
CA TRP AA 350 66.98 5.50 27.14
C TRP AA 350 65.63 5.69 27.84
N ALA AA 351 65.10 6.92 27.82
CA ALA AA 351 63.85 7.23 28.51
C ALA AA 351 62.60 6.87 27.69
N ARG AA 352 61.49 6.57 28.39
CA ARG AA 352 60.23 6.24 27.72
C ARG AA 352 59.01 6.98 28.32
N LEU AA 353 59.18 7.50 29.53
CA LEU AA 353 58.12 8.13 30.27
C LEU AA 353 58.41 9.63 30.38
N GLY AA 354 57.41 10.46 30.13
CA GLY AA 354 57.57 11.90 30.21
C GLY AA 354 57.74 12.59 28.86
N LYS AA 355 57.79 11.80 27.80
CA LYS AA 355 57.98 12.35 26.47
C LYS AA 355 57.20 11.58 25.42
N SER AA 356 56.74 12.30 24.41
CA SER AA 356 55.93 11.71 23.37
C SER AA 356 56.80 10.83 22.49
N GLU AA 357 56.17 10.03 21.65
CA GLU AA 357 56.93 9.14 20.79
C GLU AA 357 57.84 9.94 19.86
N ARG AA 358 57.30 11.00 19.27
CA ARG AA 358 58.09 11.88 18.39
C ARG AA 358 59.30 12.54 19.07
N GLU AA 359 59.05 13.22 20.19
CA GLU AA 359 60.16 13.75 21.00
C GLU AA 359 61.24 12.69 21.17
N LEU AA 360 60.82 11.49 21.56
CA LEU AA 360 61.75 10.42 21.88
C LEU AA 360 62.64 10.02 20.71
N VAL AA 361 62.03 9.73 19.57
CA VAL AA 361 62.78 9.42 18.36
C VAL AA 361 63.69 10.59 17.99
N GLN AA 362 63.22 11.81 18.27
CA GLN AA 362 63.97 13.00 17.91
C GLN AA 362 65.18 13.19 18.80
N VAL AA 363 65.10 12.70 20.03
CA VAL AA 363 66.28 12.63 20.91
C VAL AA 363 67.32 11.73 20.27
N LEU AA 364 66.89 10.52 19.93
CA LEU AA 364 67.75 9.51 19.29
C LEU AA 364 68.35 10.01 17.98
N VAL AA 365 67.71 10.99 17.35
CA VAL AA 365 68.23 11.54 16.09
C VAL AA 365 69.34 12.54 16.35
N ASP AA 366 69.07 13.50 17.25
CA ASP AA 366 70.05 14.51 17.62
C ASP AA 366 71.28 13.84 18.19
N GLY AA 367 71.08 13.02 19.20
CA GLY AA 367 72.16 12.30 19.84
C GLY AA 367 73.06 11.65 18.81
N VAL AA 368 72.44 10.98 17.85
CA VAL AA 368 73.20 10.26 16.84
C VAL AA 368 73.91 11.18 15.85
N ASN AA 369 73.32 12.34 15.56
CA ASN AA 369 74.01 13.33 14.74
C ASN AA 369 75.27 13.80 15.45
N LEU AA 370 75.17 14.06 16.75
CA LEU AA 370 76.34 14.46 17.54
C LEU AA 370 77.44 13.39 17.55
N LEU AA 371 77.04 12.12 17.61
CA LEU AA 371 77.99 11.02 17.69
C LEU AA 371 78.82 10.89 16.41
N ILE AA 372 78.15 10.89 15.26
CA ILE AA 372 78.83 10.78 13.98
C ILE AA 372 79.77 11.97 13.76
N ALA AA 373 79.33 13.15 14.18
CA ALA AA 373 80.09 14.37 14.02
C ALA AA 373 81.41 14.33 14.78
N CYS AA 374 81.37 13.78 15.99
CA CYS AA 374 82.58 13.58 16.79
C CYS AA 374 83.46 12.52 16.15
N ASP AA 375 82.83 11.44 15.68
CA ASP AA 375 83.56 10.41 14.94
C ASP AA 375 84.35 11.03 13.81
N LYS AA 376 83.75 12.02 13.13
CA LYS AA 376 84.37 12.71 12.02
C LYS AA 376 85.52 13.60 12.49
N LYS AA 377 85.30 14.32 13.59
CA LYS AA 377 86.35 15.17 14.18
C LYS AA 377 87.55 14.34 14.61
N LEU AA 378 87.28 13.16 15.15
CA LEU AA 378 88.36 12.26 15.54
C LEU AA 378 89.04 11.66 14.33
N GLU AA 379 88.25 11.19 13.36
CA GLU AA 379 88.81 10.67 12.12
C GLU AA 379 89.75 11.67 11.44
N ALA AA 380 89.40 12.95 11.50
CA ALA AA 380 90.21 14.00 10.90
C ALA AA 380 91.29 14.48 11.87
N GLY AA 381 91.65 13.61 12.80
CA GLY AA 381 92.69 13.91 13.77
C GLY AA 381 92.51 15.24 14.46
N GLN AA 382 91.27 15.57 14.81
CA GLN AA 382 90.99 16.78 15.57
C GLN AA 382 90.66 16.46 17.03
N SER AA 383 89.72 17.21 17.61
CA SER AA 383 89.34 17.03 19.01
C SER AA 383 87.87 17.36 19.24
N ILE AA 384 87.24 16.66 20.17
CA ILE AA 384 85.81 16.80 20.41
C ILE AA 384 85.51 17.11 21.87
N ASP AA 385 86.38 17.91 22.49
CA ASP AA 385 86.22 18.24 23.92
C ASP AA 385 85.17 19.31 24.11
N ASP AA 386 85.06 20.19 23.12
CA ASP AA 386 84.04 21.23 23.10
C ASP AA 386 82.69 20.67 22.63
N MET AA 387 82.74 19.53 21.94
CA MET AA 387 81.54 18.89 21.41
C MET AA 387 80.76 18.13 22.48
N ILE AA 388 81.48 17.42 23.35
CA ILE AA 388 80.85 16.66 24.42
C ILE AA 388 79.95 17.56 25.26
N PRO AA 389 78.65 17.22 25.34
CA PRO AA 389 77.66 18.00 26.09
C PRO AA 389 78.13 18.40 27.48
N LYS AA 390 78.00 19.67 27.81
CA LYS AA 390 78.28 20.15 29.16
C LYS AA 390 77.20 19.69 30.15
N GLN BA 6 48.98 -11.98 58.25
CA GLN BA 6 49.90 -13.10 58.37
C GLN BA 6 49.47 -14.28 57.52
N ASP BA 7 48.29 -14.83 57.84
CA ASP BA 7 47.75 -15.98 57.14
C ASP BA 7 47.80 -15.76 55.64
N TYR BA 8 47.07 -14.74 55.18
CA TYR BA 8 46.97 -14.47 53.75
C TYR BA 8 48.33 -14.26 53.06
N PHE BA 9 49.33 -13.81 53.83
CA PHE BA 9 50.68 -13.62 53.29
C PHE BA 9 51.41 -14.96 53.16
N VAL BA 10 51.26 -15.81 54.17
CA VAL BA 10 51.92 -17.12 54.16
C VAL BA 10 51.45 -17.97 52.98
N LYS BA 11 50.13 -18.13 52.85
CA LYS BA 11 49.57 -18.91 51.75
C LYS BA 11 49.69 -18.19 50.41
N ASN BA 12 50.39 -17.06 50.39
CA ASN BA 12 50.74 -16.39 49.14
C ASN BA 12 52.24 -16.38 48.91
N ARG BA 13 52.97 -17.15 49.72
CA ARG BA 13 54.43 -17.21 49.65
C ARG BA 13 54.99 -17.17 48.23
N VAL BA 14 54.37 -17.92 47.33
CA VAL BA 14 54.85 -18.03 45.94
C VAL BA 14 54.79 -16.70 45.19
N GLY BA 15 53.85 -15.85 45.56
CA GLY BA 15 53.74 -14.53 44.95
C GLY BA 15 53.32 -14.58 43.49
N HIS BA 16 52.68 -15.69 43.11
CA HIS BA 16 52.14 -15.90 41.77
C HIS BA 16 50.63 -15.77 41.82
N SER BA 17 49.99 -15.74 40.65
CA SER BA 17 48.53 -15.73 40.59
C SER BA 17 47.95 -17.15 40.69
N LYS BA 18 46.84 -17.27 41.42
CA LYS BA 18 46.17 -18.56 41.61
C LYS BA 18 44.90 -18.68 40.75
N PRO BA 19 44.95 -19.51 39.69
CA PRO BA 19 43.85 -19.65 38.71
C PRO BA 19 42.59 -20.37 39.22
N TRP BA 20 42.74 -21.23 40.21
CA TRP BA 20 41.63 -22.01 40.72
C TRP BA 20 40.65 -21.14 41.51
N GLU BA 21 41.10 -20.00 42.01
CA GLU BA 21 40.33 -19.26 43.02
C GLU BA 21 39.16 -18.35 42.52
N SER BA 22 39.41 -17.47 41.52
CA SER BA 22 38.38 -16.56 40.91
C SER BA 22 37.42 -17.17 39.89
N GLY BA 23 37.66 -18.41 39.52
CA GLY BA 23 36.64 -19.18 38.85
C GLY BA 23 36.45 -19.10 37.35
N LYS BA 24 37.30 -18.43 36.59
CA LYS BA 24 37.13 -18.50 35.13
C LYS BA 24 37.97 -19.63 34.54
N PHE BA 25 38.57 -20.39 35.44
CA PHE BA 25 39.51 -21.42 35.01
C PHE BA 25 39.25 -22.80 35.61
N LYS BA 26 39.11 -23.79 34.73
CA LYS BA 26 39.07 -25.18 35.18
C LYS BA 26 40.50 -25.67 35.16
N ALA BA 27 40.82 -26.54 36.11
CA ALA BA 27 42.11 -27.22 36.09
C ALA BA 27 42.49 -27.56 34.65
N ALA BA 28 41.48 -27.89 33.85
CA ALA BA 28 41.67 -28.28 32.45
C ALA BA 28 42.40 -27.21 31.66
N ASP BA 29 42.05 -25.96 31.91
CA ASP BA 29 42.67 -24.83 31.23
C ASP BA 29 44.15 -24.67 31.55
N ASN BA 30 44.55 -25.10 32.76
CA ASN BA 30 45.91 -24.92 33.26
C ASN BA 30 46.75 -26.20 33.24
N PHE BA 31 46.20 -27.28 32.70
CA PHE BA 31 46.99 -28.49 32.55
C PHE BA 31 48.05 -28.25 31.49
N PRO BA 32 49.33 -28.43 31.87
CA PRO BA 32 50.54 -28.24 31.06
C PRO BA 32 50.66 -29.17 29.86
N ASP BA 33 51.47 -28.73 28.90
CA ASP BA 33 51.87 -29.60 27.81
C ASP BA 33 53.16 -30.30 28.21
N LEU BA 34 53.08 -31.60 28.42
CA LEU BA 34 54.24 -32.42 28.73
C LEU BA 34 54.42 -33.44 27.61
N SER BA 35 53.90 -33.07 26.44
CA SER BA 35 53.86 -33.97 25.28
C SER BA 35 55.23 -34.38 24.81
N LYS BA 36 56.23 -33.51 25.01
CA LYS BA 36 57.60 -33.83 24.63
C LYS BA 36 58.53 -34.05 25.83
N HIS BA 37 57.97 -34.02 27.04
CA HIS BA 37 58.78 -34.13 28.26
C HIS BA 37 59.22 -35.56 28.59
N ASN BA 38 60.39 -35.67 29.20
CA ASN BA 38 60.92 -36.96 29.64
C ASN BA 38 61.44 -36.92 31.08
N ASN BA 39 60.56 -37.14 32.06
CA ASN BA 39 60.95 -37.12 33.47
C ASN BA 39 59.84 -37.58 34.43
N VAL BA 40 60.24 -38.10 35.59
CA VAL BA 40 59.31 -38.71 36.54
C VAL BA 40 58.00 -37.97 36.79
N MET BA 41 58.06 -36.66 36.95
CA MET BA 41 56.84 -35.89 37.15
C MET BA 41 55.92 -36.03 35.94
N ALA BA 42 56.52 -35.97 34.75
CA ALA BA 42 55.77 -36.07 33.50
C ALA BA 42 55.29 -37.49 33.25
N SER BA 43 55.97 -38.48 33.83
CA SER BA 43 55.58 -39.87 33.66
C SER BA 43 54.41 -40.25 34.56
N GLN BA 44 54.27 -39.55 35.67
CA GLN BA 44 53.35 -39.98 36.72
C GLN BA 44 52.24 -38.97 36.94
N LEU BA 45 52.09 -38.04 36.02
CA LEU BA 45 51.06 -37.01 36.15
C LEU BA 45 49.90 -37.26 35.20
N THR BA 46 48.68 -37.09 35.71
CA THR BA 46 47.47 -37.19 34.89
C THR BA 46 46.63 -35.93 35.05
N LYS BA 47 45.56 -35.85 34.26
CA LYS BA 47 44.63 -34.73 34.35
C LYS BA 47 43.73 -34.92 35.57
N GLU BA 48 43.73 -36.14 36.10
CA GLU BA 48 42.91 -36.46 37.26
C GLU BA 48 43.68 -36.16 38.56
N LEU BA 49 45.00 -36.40 38.54
CA LEU BA 49 45.84 -35.97 39.65
C LEU BA 49 45.95 -34.45 39.67
N TYR BA 50 46.28 -33.84 38.53
CA TYR BA 50 46.32 -32.37 38.45
C TYR BA 50 45.04 -31.77 39.04
N GLU BA 51 43.88 -32.24 38.57
CA GLU BA 51 42.59 -31.71 39.00
C GLU BA 51 42.38 -31.80 40.52
N LYS BA 52 42.79 -32.92 41.10
CA LYS BA 52 42.53 -33.19 42.51
C LYS BA 52 43.48 -32.45 43.46
N TYR BA 53 44.65 -32.10 42.96
CA TYR BA 53 45.68 -31.50 43.80
C TYR BA 53 45.98 -30.05 43.47
N TRP BA 54 45.52 -29.59 42.31
CA TRP BA 54 45.91 -28.27 41.84
C TRP BA 54 45.49 -27.09 42.73
N ASP BA 55 44.42 -27.24 43.50
CA ASP BA 55 43.98 -26.15 44.38
C ASP BA 55 44.21 -26.40 45.88
N LYS BA 56 44.96 -27.45 46.18
CA LYS BA 56 45.31 -27.75 47.57
C LYS BA 56 46.66 -27.12 47.96
N VAL BA 57 46.63 -26.19 48.92
CA VAL BA 57 47.81 -25.43 49.33
C VAL BA 57 48.28 -25.78 50.75
N THR BA 58 49.59 -25.97 50.92
CA THR BA 58 50.16 -26.38 52.22
C THR BA 58 50.12 -25.26 53.24
N PRO BA 59 50.38 -25.60 54.53
CA PRO BA 59 50.45 -24.63 55.62
C PRO BA 59 51.51 -23.54 55.42
N ASN BA 60 52.48 -23.77 54.54
CA ASN BA 60 53.49 -22.76 54.27
C ASN BA 60 53.28 -22.05 52.93
N GLY BA 61 52.14 -22.33 52.29
CA GLY BA 61 51.79 -21.67 51.05
C GLY BA 61 52.25 -22.34 49.78
N VAL BA 62 52.95 -23.47 49.93
CA VAL BA 62 53.38 -24.27 48.78
C VAL BA 62 52.17 -24.69 47.95
N THR BA 63 52.26 -24.53 46.63
CA THR BA 63 51.19 -24.93 45.73
C THR BA 63 51.64 -26.15 44.96
N PHE BA 64 50.70 -26.98 44.53
CA PHE BA 64 51.06 -28.16 43.77
C PHE BA 64 51.82 -27.80 42.48
N ASP BA 65 51.60 -26.59 41.98
CA ASP BA 65 52.26 -26.18 40.75
C ASP BA 65 53.70 -25.75 41.02
N LYS BA 66 54.02 -25.50 42.29
CA LYS BA 66 55.40 -25.16 42.64
C LYS BA 66 56.24 -26.43 42.79
N CYS BA 67 55.57 -27.57 42.93
CA CYS BA 67 56.26 -28.83 43.13
C CYS BA 67 56.57 -29.46 41.77
N ILE BA 68 55.78 -29.11 40.76
CA ILE BA 68 55.96 -29.73 39.44
C ILE BA 68 56.63 -28.80 38.43
N GLN BA 69 56.84 -27.55 38.81
CA GLN BA 69 57.31 -26.53 37.86
C GLN BA 69 58.64 -26.89 37.20
N THR BA 70 59.62 -27.30 38.00
CA THR BA 70 60.94 -27.64 37.45
C THR BA 70 60.86 -28.70 36.34
N GLY BA 71 59.83 -29.55 36.39
CA GLY BA 71 59.63 -30.57 35.38
C GLY BA 71 59.02 -30.06 34.09
N VAL BA 72 58.10 -29.11 34.19
CA VAL BA 72 57.59 -28.47 32.98
C VAL BA 72 58.70 -27.70 32.25
N ASP BA 73 59.55 -27.04 33.02
CA ASP BA 73 60.65 -26.23 32.50
C ASP BA 73 61.87 -27.06 32.08
N ASN BA 74 61.79 -28.38 32.27
CA ASN BA 74 62.92 -29.24 31.93
C ASN BA 74 62.56 -30.49 31.14
N PRO BA 75 61.97 -30.30 29.94
CA PRO BA 75 61.57 -31.42 29.09
C PRO BA 75 62.67 -32.47 28.94
N GLY BA 76 63.91 -32.04 28.72
CA GLY BA 76 65.01 -32.96 28.44
C GLY BA 76 66.23 -32.73 29.31
N ASN BA 77 67.34 -33.36 28.91
CA ASN BA 77 68.59 -33.31 29.66
C ASN BA 77 69.76 -33.59 28.72
N LYS BA 78 70.76 -32.71 28.72
CA LYS BA 78 71.90 -32.82 27.82
C LYS BA 78 72.91 -33.87 28.31
N PHE BA 79 72.82 -34.23 29.58
CA PHE BA 79 73.80 -35.13 30.18
C PHE BA 79 73.24 -36.55 30.39
N TYR BA 80 73.70 -37.23 31.44
CA TYR BA 80 73.25 -38.61 31.68
C TYR BA 80 72.01 -38.71 32.57
N GLY BA 81 71.30 -39.82 32.39
CA GLY BA 81 70.19 -40.19 33.26
C GLY BA 81 68.93 -39.37 33.10
N LYS BA 82 67.82 -40.01 33.45
CA LYS BA 82 66.51 -39.36 33.42
C LYS BA 82 66.30 -38.62 34.73
N LYS BA 83 65.66 -37.45 34.66
CA LYS BA 83 65.47 -36.61 35.84
C LYS BA 83 64.08 -36.75 36.44
N THR BA 84 63.92 -36.26 37.66
CA THR BA 84 62.66 -36.38 38.40
C THR BA 84 61.60 -35.38 37.94
N GLY BA 85 62.00 -34.13 37.77
CA GLY BA 85 61.08 -33.11 37.32
C GLY BA 85 60.11 -32.59 38.38
N CYS BA 86 60.39 -32.85 39.66
CA CYS BA 86 59.54 -32.35 40.74
C CYS BA 86 60.27 -32.20 42.07
N VAL BA 87 59.76 -31.31 42.92
CA VAL BA 87 60.36 -31.09 44.23
C VAL BA 87 59.34 -31.08 45.37
N PHE BA 88 59.87 -31.07 46.59
CA PHE BA 88 59.09 -30.80 47.77
C PHE BA 88 59.44 -29.38 48.13
N GLY BA 89 58.51 -28.66 48.75
CA GLY BA 89 58.75 -27.29 49.16
C GLY BA 89 58.91 -27.16 50.67
N ASP BA 90 58.13 -27.94 51.41
CA ASP BA 90 58.16 -27.91 52.85
C ASP BA 90 57.84 -29.29 53.39
N GLU BA 91 57.72 -29.41 54.70
CA GLU BA 91 57.53 -30.69 55.36
C GLU BA 91 56.16 -31.29 55.08
N TYR BA 92 55.29 -30.54 54.41
CA TYR BA 92 53.96 -31.02 54.13
C TYR BA 92 53.80 -31.57 52.73
N SER BA 93 54.58 -31.06 51.78
CA SER BA 93 54.43 -31.40 50.36
C SER BA 93 54.02 -32.85 50.07
N TYR BA 94 54.65 -33.82 50.74
CA TYR BA 94 54.32 -35.23 50.52
C TYR BA 94 52.85 -35.54 50.78
N GLU BA 95 52.51 -35.74 52.05
CA GLU BA 95 51.12 -35.96 52.43
C GLU BA 95 50.11 -35.13 51.64
N CYS BA 96 50.25 -33.81 51.69
CA CYS BA 96 49.27 -32.93 51.05
C CYS BA 96 49.00 -33.35 49.59
N TYR BA 97 50.02 -33.89 48.92
CA TYR BA 97 49.83 -34.45 47.58
C TYR BA 97 50.39 -35.86 47.48
N LYS BA 98 49.83 -36.79 48.25
CA LYS BA 98 50.42 -38.13 48.37
C LYS BA 98 50.15 -39.09 47.22
N GLU BA 99 48.99 -38.96 46.57
CA GLU BA 99 48.65 -39.90 45.52
C GLU BA 99 49.63 -39.74 44.37
N PHE BA 100 50.14 -38.53 44.19
CA PHE BA 100 51.11 -38.26 43.13
C PHE BA 100 52.54 -38.69 43.48
N PHE BA 101 53.10 -38.11 44.54
CA PHE BA 101 54.48 -38.40 44.91
C PHE BA 101 54.70 -39.89 45.12
N ASP BA 102 53.65 -40.62 45.47
CA ASP BA 102 53.74 -42.06 45.66
C ASP BA 102 54.12 -42.80 44.37
N LYS BA 103 53.61 -42.33 43.24
CA LYS BA 103 53.91 -42.95 41.95
C LYS BA 103 55.31 -42.61 41.44
N CYS BA 104 55.81 -41.44 41.80
CA CYS BA 104 57.19 -41.10 41.51
C CYS BA 104 58.06 -42.02 42.37
N ILE BA 105 57.84 -41.98 43.68
CA ILE BA 105 58.63 -42.78 44.61
C ILE BA 105 58.79 -44.21 44.13
N GLU BA 106 57.70 -44.78 43.63
CA GLU BA 106 57.75 -46.16 43.16
C GLU BA 106 58.59 -46.28 41.89
N GLU BA 107 58.43 -45.36 40.95
CA GLU BA 107 59.24 -45.42 39.74
C GLU BA 107 60.72 -45.31 40.06
N ILE BA 108 61.06 -44.47 41.02
CA ILE BA 108 62.44 -44.15 41.39
C ILE BA 108 63.06 -45.21 42.28
N HIS BA 109 62.39 -45.57 43.37
CA HIS BA 109 63.00 -46.46 44.34
C HIS BA 109 62.44 -47.86 44.29
N HIS BA 110 61.57 -48.15 43.31
CA HIS BA 110 60.93 -49.46 43.25
C HIS BA 110 60.26 -49.71 44.60
N PHE BA 111 60.05 -48.62 45.33
CA PHE BA 111 59.43 -48.64 46.64
C PHE BA 111 57.92 -48.41 46.45
N LYS BA 112 57.11 -49.40 46.80
CA LYS BA 112 55.66 -49.29 46.75
C LYS BA 112 55.10 -48.64 48.01
N PRO BA 113 53.86 -48.11 47.94
CA PRO BA 113 53.19 -47.42 49.04
C PRO BA 113 52.84 -48.35 50.20
N SER BA 114 52.92 -49.65 49.97
CA SER BA 114 52.67 -50.59 51.05
C SER BA 114 53.94 -50.69 51.90
N ASP BA 115 55.06 -50.36 51.26
CA ASP BA 115 56.38 -50.54 51.85
C ASP BA 115 56.67 -49.60 53.00
N LYS BA 116 57.75 -49.93 53.71
CA LYS BA 116 58.19 -49.16 54.86
C LYS BA 116 59.71 -49.22 54.92
N HIS BA 117 60.34 -48.05 55.04
CA HIS BA 117 61.80 -47.96 55.07
C HIS BA 117 62.39 -48.60 56.32
N PRO BA 118 63.42 -49.46 56.13
CA PRO BA 118 64.12 -50.26 57.15
C PRO BA 118 64.97 -49.42 58.09
N ALA BA 119 65.37 -50.02 59.21
CA ALA BA 119 66.24 -49.36 60.17
C ALA BA 119 67.60 -49.03 59.56
N PRO BA 120 68.27 -48.01 60.10
CA PRO BA 120 69.61 -47.57 59.67
C PRO BA 120 70.65 -48.65 59.89
N ASP BA 121 71.65 -48.70 59.02
CA ASP BA 121 72.70 -49.71 59.09
C ASP BA 121 74.05 -49.14 58.67
N LEU BA 122 74.70 -48.45 59.59
CA LEU BA 122 75.98 -47.77 59.31
C LEU BA 122 77.24 -48.59 59.65
N ASP BA 123 77.12 -49.90 59.79
CA ASP BA 123 78.28 -50.70 60.20
C ASP BA 123 79.24 -51.01 59.06
N HIS BA 124 80.25 -50.16 58.91
CA HIS BA 124 81.20 -50.24 57.80
C HIS BA 124 82.03 -51.52 57.76
N ASN BA 125 82.25 -52.15 58.92
CA ASN BA 125 83.00 -53.40 58.97
C ASN BA 125 82.21 -54.56 58.37
N LYS BA 126 80.88 -54.48 58.43
CA LYS BA 126 80.01 -55.49 57.86
C LYS BA 126 80.12 -55.54 56.34
N LEU BA 127 80.74 -54.52 55.76
CA LEU BA 127 80.84 -54.43 54.31
C LEU BA 127 81.81 -55.49 53.76
N VAL BA 128 81.47 -56.08 52.62
CA VAL BA 128 82.27 -57.16 52.04
C VAL BA 128 83.07 -56.71 50.81
N GLY BA 129 84.35 -56.44 50.99
CA GLY BA 129 85.16 -55.85 49.95
C GLY BA 129 84.99 -54.33 50.00
N GLY BA 130 85.42 -53.64 48.95
CA GLY BA 130 85.31 -52.19 48.90
C GLY BA 130 86.66 -51.49 48.78
N VAL BA 131 87.67 -52.24 48.41
CA VAL BA 131 88.99 -51.66 48.14
C VAL BA 131 89.44 -52.07 46.74
N PHE BA 132 89.38 -51.13 45.81
CA PHE BA 132 89.63 -51.43 44.42
C PHE BA 132 91.00 -50.96 43.96
N GLU BA 133 91.45 -51.54 42.85
CA GLU BA 133 92.68 -51.12 42.21
C GLU BA 133 92.50 -49.68 41.71
N ASP BA 134 93.52 -48.86 41.94
CA ASP BA 134 93.55 -47.47 41.49
C ASP BA 134 93.75 -47.39 39.98
N LYS BA 135 93.94 -48.54 39.34
CA LYS BA 135 93.96 -48.57 37.88
C LYS BA 135 92.57 -48.13 37.43
N TYR BA 136 91.57 -48.60 38.15
CA TYR BA 136 90.18 -48.35 37.81
C TYR BA 136 89.55 -47.24 38.66
N VAL BA 137 89.56 -47.40 39.99
CA VAL BA 137 88.83 -46.50 40.88
C VAL BA 137 89.67 -45.32 41.37
N LYS BA 138 89.34 -44.14 40.87
CA LYS BA 138 90.16 -42.94 41.06
C LYS BA 138 89.96 -42.22 42.39
N SER BA 139 88.72 -42.18 42.87
CA SER BA 139 88.41 -41.67 44.20
C SER BA 139 87.02 -42.12 44.67
N CYS BA 140 86.73 -41.89 45.94
CA CYS BA 140 85.54 -42.44 46.55
C CYS BA 140 84.79 -41.37 47.36
N ARG BA 141 83.45 -41.44 47.33
CA ARG BA 141 82.64 -40.42 47.97
C ARG BA 141 81.33 -40.99 48.48
N ILE BA 142 80.91 -40.50 49.65
CA ILE BA 142 79.65 -40.93 50.25
C ILE BA 142 79.03 -39.73 50.95
N ARG BA 143 77.81 -39.40 50.56
CA ARG BA 143 77.06 -38.28 51.13
C ARG BA 143 75.60 -38.63 51.40
N CYS BA 144 74.94 -37.84 52.23
CA CYS BA 144 73.49 -37.85 52.31
C CYS BA 144 72.97 -36.46 52.67
N GLY BA 145 71.68 -36.23 52.43
CA GLY BA 145 71.06 -34.96 52.73
C GLY BA 145 70.25 -35.04 54.01
N ARG BA 146 69.95 -33.87 54.58
CA ARG BA 146 69.13 -33.74 55.78
C ARG BA 146 68.43 -32.38 55.70
N SER BA 147 67.29 -32.24 56.37
CA SER BA 147 66.61 -30.96 56.38
C SER BA 147 66.26 -30.56 57.79
N VAL BA 148 66.45 -29.29 58.10
CA VAL BA 148 66.02 -28.74 59.38
C VAL BA 148 64.49 -28.73 59.45
N LYS BA 149 63.95 -29.56 60.31
CA LYS BA 149 62.50 -29.70 60.47
C LYS BA 149 61.91 -28.42 61.04
N GLY BA 150 60.81 -27.96 60.47
CA GLY BA 150 60.20 -26.72 60.90
C GLY BA 150 60.59 -25.55 60.02
N VAL BA 151 61.06 -25.88 58.82
CA VAL BA 151 61.49 -24.87 57.84
C VAL BA 151 61.13 -25.32 56.42
N CYS BA 152 60.70 -24.38 55.59
CA CYS BA 152 60.50 -24.72 54.20
C CYS BA 152 61.83 -25.22 53.62
N LEU BA 153 61.76 -25.90 52.48
CA LEU BA 153 62.95 -26.37 51.84
C LEU BA 153 63.45 -25.24 50.95
N PRO BA 154 64.70 -25.34 50.47
CA PRO BA 154 65.32 -24.34 49.59
C PRO BA 154 64.50 -23.88 48.35
N PRO BA 155 63.63 -24.73 47.80
CA PRO BA 155 62.89 -24.18 46.65
C PRO BA 155 61.89 -23.13 47.11
N ALA BA 156 61.61 -23.08 48.41
CA ALA BA 156 60.53 -22.28 48.90
C ALA BA 156 60.93 -21.39 50.08
N MET BA 157 62.02 -21.73 50.75
CA MET BA 157 62.42 -20.99 51.96
C MET BA 157 62.70 -19.51 51.69
N SER BA 158 62.34 -18.67 52.67
CA SER BA 158 62.61 -17.24 52.61
C SER BA 158 64.08 -16.92 52.89
N ARG BA 159 64.42 -15.65 52.88
CA ARG BA 159 65.80 -15.23 53.19
C ARG BA 159 66.10 -15.45 54.66
N ALA BA 160 65.14 -15.10 55.51
CA ALA BA 160 65.31 -15.20 56.95
C ALA BA 160 65.40 -16.65 57.43
N GLU BA 161 64.81 -17.57 56.67
CA GLU BA 161 64.85 -18.98 57.04
C GLU BA 161 66.19 -19.59 56.58
N ARG BA 162 66.63 -19.20 55.39
CA ARG BA 162 67.93 -19.65 54.91
C ARG BA 162 69.06 -19.21 55.84
N ARG BA 163 68.86 -18.06 56.48
CA ARG BA 163 69.84 -17.49 57.38
C ARG BA 163 69.78 -18.19 58.72
N LEU BA 164 68.56 -18.57 59.11
CA LEU BA 164 68.36 -19.27 60.37
C LEU BA 164 69.04 -20.62 60.29
N VAL BA 165 68.81 -21.30 59.17
CA VAL BA 165 69.39 -22.60 58.87
C VAL BA 165 70.90 -22.52 58.75
N GLU BA 166 71.40 -21.38 58.30
CA GLU BA 166 72.84 -21.19 58.14
C GLU BA 166 73.55 -21.02 59.49
N LYS BA 167 73.00 -20.13 60.31
CA LYS BA 167 73.50 -19.83 61.65
C LYS BA 167 73.51 -21.08 62.50
N VAL BA 168 72.37 -21.76 62.54
CA VAL BA 168 72.15 -22.88 63.44
C VAL BA 168 73.07 -24.04 63.14
N VAL BA 169 73.40 -24.20 61.86
CA VAL BA 169 74.17 -25.36 61.42
C VAL BA 169 75.68 -25.17 61.56
N SER BA 170 76.17 -23.99 61.20
CA SER BA 170 77.58 -23.69 61.42
C SER BA 170 77.86 -23.74 62.93
N ASP BA 171 76.93 -23.22 63.73
CA ASP BA 171 77.03 -23.32 65.19
C ASP BA 171 77.26 -24.76 65.67
N ALA BA 172 76.39 -25.67 65.25
CA ALA BA 172 76.46 -27.06 65.70
C ALA BA 172 77.78 -27.71 65.33
N LEU BA 173 78.28 -27.41 64.13
CA LEU BA 173 79.50 -28.04 63.66
C LEU BA 173 80.70 -27.64 64.51
N GLY BA 174 80.54 -26.56 65.28
CA GLY BA 174 81.56 -26.15 66.22
C GLY BA 174 81.79 -27.18 67.32
N GLY BA 175 80.83 -28.09 67.46
CA GLY BA 175 80.95 -29.18 68.42
C GLY BA 175 81.91 -30.29 68.01
N LEU BA 176 82.25 -30.34 66.72
CA LEU BA 176 83.09 -31.40 66.17
C LEU BA 176 84.54 -31.27 66.60
N LYS BA 177 85.22 -32.40 66.78
CA LYS BA 177 86.57 -32.38 67.35
C LYS BA 177 87.51 -33.42 66.76
N GLY BA 178 88.78 -33.34 67.15
CA GLY BA 178 89.79 -34.27 66.71
C GLY BA 178 90.14 -34.10 65.24
N ASP BA 179 90.03 -35.19 64.47
CA ASP BA 179 90.27 -35.11 63.04
C ASP BA 179 89.00 -34.61 62.32
N LEU BA 180 87.93 -34.47 63.07
CA LEU BA 180 86.66 -34.02 62.51
C LEU BA 180 86.46 -32.52 62.69
N ALA BA 181 87.36 -31.89 63.44
CA ALA BA 181 87.34 -30.45 63.61
C ALA BA 181 87.37 -29.75 62.25
N GLY BA 182 86.92 -28.51 62.20
CA GLY BA 182 86.90 -27.79 60.95
C GLY BA 182 86.52 -26.34 61.08
N LYS BA 183 85.97 -25.79 60.00
CA LYS BA 183 85.68 -24.38 59.94
C LYS BA 183 84.60 -24.14 58.91
N TYR BA 184 83.80 -23.10 59.13
CA TYR BA 184 82.82 -22.66 58.15
C TYR BA 184 83.42 -21.57 57.28
N TYR BA 185 83.19 -21.68 55.96
CA TYR BA 185 83.55 -20.62 55.03
C TYR BA 185 82.30 -20.24 54.24
N PRO BA 186 81.72 -19.06 54.53
CA PRO BA 186 80.55 -18.66 53.75
C PRO BA 186 80.95 -18.28 52.33
N LEU BA 187 79.98 -18.26 51.43
CA LEU BA 187 80.25 -17.99 50.02
C LEU BA 187 80.38 -16.48 49.77
N THR BA 188 79.63 -15.69 50.53
CA THR BA 188 79.58 -14.24 50.36
C THR BA 188 80.97 -13.61 50.38
N THR BA 189 81.85 -14.11 51.25
CA THR BA 189 83.18 -13.52 51.42
C THR BA 189 84.29 -14.33 50.74
N MET BA 190 83.92 -15.43 50.08
CA MET BA 190 84.92 -16.23 49.36
C MET BA 190 85.15 -15.69 47.95
N ASN BA 191 86.39 -15.34 47.64
CA ASN BA 191 86.70 -14.78 46.32
C ASN BA 191 86.63 -15.85 45.21
N GLU BA 192 86.53 -15.39 43.96
CA GLU BA 192 86.28 -16.28 42.81
C GLU BA 192 87.37 -17.33 42.56
N LYS BA 193 88.56 -17.08 43.06
CA LYS BA 193 89.66 -18.00 42.81
C LYS BA 193 89.60 -19.21 43.74
N ASP BA 194 89.41 -18.98 45.03
CA ASP BA 194 89.18 -20.09 45.94
C ASP BA 194 87.94 -20.89 45.52
N GLN BA 195 86.89 -20.17 45.15
CA GLN BA 195 85.62 -20.80 44.82
C GLN BA 195 85.68 -21.72 43.60
N GLU BA 196 86.46 -21.35 42.59
CA GLU BA 196 86.60 -22.19 41.41
C GLU BA 196 87.60 -23.32 41.63
N GLN BA 197 88.48 -23.13 42.60
CA GLN BA 197 89.49 -24.12 42.97
C GLN BA 197 88.89 -25.25 43.79
N LEU BA 198 88.00 -24.91 44.71
CA LEU BA 198 87.31 -25.91 45.51
C LEU BA 198 86.37 -26.75 44.68
N ILE BA 199 85.69 -26.09 43.74
CA ILE BA 199 84.84 -26.80 42.79
C ILE BA 199 85.67 -27.71 41.87
N GLU BA 200 86.71 -27.14 41.26
CA GLU BA 200 87.58 -27.91 40.38
C GLU BA 200 88.10 -29.16 41.08
N ASP BA 201 88.60 -29.00 42.30
CA ASP BA 201 89.17 -30.10 43.09
C ASP BA 201 88.08 -31.05 43.65
N HIS BA 202 86.81 -30.78 43.33
CA HIS BA 202 85.67 -31.66 43.66
C HIS BA 202 85.16 -31.55 45.10
N PHE BA 203 85.53 -30.49 45.82
CA PHE BA 203 85.06 -30.33 47.20
C PHE BA 203 83.73 -29.56 47.32
N LEU BA 204 83.63 -28.44 46.60
CA LEU BA 204 82.50 -27.53 46.72
C LEU BA 204 81.59 -27.62 45.51
N PHE BA 205 80.30 -27.41 45.76
CA PHE BA 205 79.26 -27.43 44.72
C PHE BA 205 79.45 -26.37 43.65
N GLU BA 206 79.18 -26.75 42.41
CA GLU BA 206 79.34 -25.86 41.28
C GLU BA 206 78.53 -24.56 41.45
N LYS BA 207 78.99 -23.51 40.78
CA LYS BA 207 78.23 -22.27 40.70
C LYS BA 207 76.77 -22.62 40.45
N PRO BA 208 75.85 -21.70 40.75
CA PRO BA 208 74.41 -22.02 40.73
C PRO BA 208 73.75 -21.86 39.36
N THR BA 209 74.08 -22.74 38.41
CA THR BA 209 73.47 -22.69 37.08
C THR BA 209 72.78 -23.98 36.64
N GLY BA 210 72.84 -25.01 37.47
CA GLY BA 210 72.17 -26.26 37.18
C GLY BA 210 70.69 -26.07 36.93
N ALA BA 211 70.15 -26.80 35.97
CA ALA BA 211 68.75 -26.68 35.61
C ALA BA 211 67.82 -26.82 36.82
N LEU BA 212 68.09 -27.82 37.65
CA LEU BA 212 67.20 -28.10 38.77
C LEU BA 212 67.22 -26.99 39.84
N LEU BA 213 68.42 -26.52 40.19
CA LEU BA 213 68.60 -25.51 41.25
C LEU BA 213 67.93 -24.17 40.93
N THR BA 214 67.94 -23.78 39.65
CA THR BA 214 67.38 -22.48 39.27
C THR BA 214 65.87 -22.54 39.08
N THR BA 215 65.42 -23.38 38.16
CA THR BA 215 64.00 -23.48 37.83
C THR BA 215 63.10 -23.89 39.02
N SER BA 216 63.71 -24.46 40.06
CA SER BA 216 62.98 -24.86 41.27
C SER BA 216 63.01 -23.81 42.40
N GLY BA 217 63.67 -22.67 42.16
CA GLY BA 217 63.75 -21.64 43.18
C GLY BA 217 64.83 -21.88 44.24
N CYS BA 218 65.70 -22.85 44.01
CA CYS BA 218 66.79 -23.11 44.96
C CYS BA 218 68.02 -22.24 44.69
N ALA BA 219 67.89 -21.22 43.85
CA ALA BA 219 69.05 -20.41 43.45
C ALA BA 219 68.91 -18.93 43.85
N ARG BA 220 67.81 -18.62 44.50
CA ARG BA 220 67.48 -17.26 44.95
C ARG BA 220 68.50 -16.68 45.93
N ASP BA 221 68.63 -15.36 45.92
CA ASP BA 221 69.48 -14.63 46.89
C ASP BA 221 70.94 -15.05 46.92
N TRP BA 222 71.35 -15.87 45.96
CA TRP BA 222 72.72 -16.42 45.92
C TRP BA 222 73.74 -15.32 46.10
N PRO BA 223 74.72 -15.51 47.01
CA PRO BA 223 74.98 -16.71 47.79
C PRO BA 223 74.61 -16.54 49.25
N ASP BA 224 73.59 -15.72 49.50
CA ASP BA 224 73.17 -15.37 50.85
C ASP BA 224 72.82 -16.62 51.65
N GLY BA 225 73.47 -16.80 52.80
CA GLY BA 225 73.25 -17.97 53.63
C GLY BA 225 73.88 -19.28 53.15
N ARG BA 226 74.69 -19.22 52.09
CA ARG BA 226 75.38 -20.41 51.59
C ARG BA 226 76.87 -20.39 51.90
N GLY BA 227 77.42 -21.55 52.19
CA GLY BA 227 78.83 -21.67 52.50
C GLY BA 227 79.26 -23.11 52.55
N ILE BA 228 80.31 -23.38 53.31
CA ILE BA 228 80.84 -24.73 53.36
C ILE BA 228 81.75 -24.96 54.56
N TRP BA 229 81.44 -26.03 55.28
CA TRP BA 229 82.24 -26.42 56.42
C TRP BA 229 83.06 -27.58 55.98
N HIS BA 230 84.34 -27.61 56.36
CA HIS BA 230 85.18 -28.76 56.10
C HIS BA 230 86.23 -28.92 57.17
N ASN BA 231 86.94 -30.05 57.17
CA ASN BA 231 88.06 -30.23 58.08
C ASN BA 231 89.36 -29.94 57.33
N ASN BA 232 90.45 -29.86 58.07
CA ASN BA 232 91.75 -29.52 57.52
C ASN BA 232 92.15 -30.56 56.48
N GLU BA 233 91.75 -31.80 56.72
CA GLU BA 233 91.97 -32.88 55.76
C GLU BA 233 91.07 -32.72 54.56
N LYS BA 234 90.12 -31.79 54.66
CA LYS BA 234 89.04 -31.66 53.67
C LYS BA 234 88.52 -33.02 53.20
N ASN BA 235 88.53 -33.98 54.13
CA ASN BA 235 88.05 -35.33 53.82
C ASN BA 235 86.69 -35.63 54.49
N PHE BA 236 86.17 -34.63 55.19
CA PHE BA 236 84.82 -34.64 55.77
C PHE BA 236 84.20 -33.25 55.59
N LEU BA 237 83.06 -33.15 54.92
CA LEU BA 237 82.52 -31.84 54.57
C LEU BA 237 81.00 -31.73 54.74
N VAL BA 238 80.52 -30.51 54.91
CA VAL BA 238 79.08 -30.26 54.97
C VAL BA 238 78.67 -29.04 54.18
N TRP BA 239 77.90 -29.25 53.10
CA TRP BA 239 77.35 -28.14 52.34
C TRP BA 239 76.12 -27.56 53.04
N ILE BA 240 76.10 -26.25 53.21
CA ILE BA 240 74.96 -25.60 53.85
C ILE BA 240 74.18 -24.69 52.89
N ASN BA 241 72.98 -25.11 52.50
CA ASN BA 241 72.03 -24.24 51.80
C ASN BA 241 72.13 -24.17 50.27
N GLU BA 242 72.47 -25.28 49.63
CA GLU BA 242 72.45 -25.33 48.18
C GLU BA 242 71.10 -25.88 47.76
N GLU BA 243 71.07 -27.09 47.20
CA GLU BA 243 69.82 -27.79 46.93
C GLU BA 243 69.16 -28.15 48.27
N ASP BA 244 70.00 -28.46 49.25
CA ASP BA 244 69.52 -28.89 50.55
C ASP BA 244 70.08 -28.10 51.71
N HIS BA 245 69.38 -28.14 52.84
CA HIS BA 245 69.88 -27.49 54.04
C HIS BA 245 71.27 -28.00 54.36
N ILE BA 246 71.47 -29.29 54.13
CA ILE BA 246 72.70 -29.95 54.55
C ILE BA 246 73.05 -31.13 53.67
N ARG BA 247 74.33 -31.25 53.32
CA ARG BA 247 74.86 -32.46 52.70
C ARG BA 247 76.13 -32.84 53.44
N VAL BA 248 76.13 -33.99 54.10
CA VAL BA 248 77.30 -34.45 54.86
C VAL BA 248 78.14 -35.39 53.99
N ILE BA 249 79.41 -35.06 53.82
CA ILE BA 249 80.24 -35.65 52.77
C ILE BA 249 81.57 -36.20 53.26
N SER BA 250 81.84 -37.46 52.93
CA SER BA 250 83.15 -38.08 53.15
C SER BA 250 83.75 -38.37 51.78
N MET BA 251 85.05 -38.16 51.62
CA MET BA 251 85.71 -38.40 50.33
C MET BA 251 87.20 -38.64 50.48
N GLN BA 252 87.78 -39.31 49.49
CA GLN BA 252 89.23 -39.44 49.36
C GLN BA 252 89.65 -40.07 48.03
N LYS BA 253 90.86 -39.72 47.58
CA LYS BA 253 91.38 -40.19 46.30
C LYS BA 253 91.78 -41.67 46.41
N GLY BA 254 91.95 -42.34 45.28
CA GLY BA 254 92.23 -43.77 45.27
C GLY BA 254 91.00 -44.64 45.51
N GLY BA 255 91.22 -45.91 45.85
CA GLY BA 255 90.15 -46.91 45.88
C GLY BA 255 89.61 -47.45 47.20
N ASP BA 256 90.17 -47.03 48.33
CA ASP BA 256 89.65 -47.44 49.64
C ASP BA 256 88.28 -46.84 49.96
N LEU BA 257 87.23 -47.47 49.47
CA LEU BA 257 85.84 -47.04 49.71
C LEU BA 257 85.41 -47.29 51.16
N LYS BA 258 85.83 -48.43 51.69
CA LYS BA 258 85.50 -48.84 53.04
C LYS BA 258 85.89 -47.80 54.09
N ALA BA 259 87.15 -47.37 54.09
CA ALA BA 259 87.60 -46.30 54.98
C ALA BA 259 86.71 -45.06 54.90
N VAL BA 260 86.26 -44.75 53.69
CA VAL BA 260 85.40 -43.59 53.48
C VAL BA 260 84.05 -43.79 54.15
N PHE BA 261 83.57 -45.03 54.12
CA PHE BA 261 82.31 -45.37 54.76
C PHE BA 261 82.46 -45.25 56.28
N SER BA 262 83.61 -45.67 56.77
CA SER BA 262 83.95 -45.59 58.18
C SER BA 262 83.99 -44.14 58.68
N ARG BA 263 84.32 -43.21 57.79
CA ARG BA 263 84.49 -41.81 58.18
C ARG BA 263 83.13 -41.13 58.11
N PHE BA 264 82.39 -41.48 57.08
CA PHE BA 264 81.03 -41.01 56.85
C PHE BA 264 80.14 -41.37 58.02
N ALA BA 265 80.11 -42.66 58.36
CA ALA BA 265 79.24 -43.12 59.43
C ALA BA 265 79.62 -42.42 60.72
N ARG BA 266 80.93 -42.32 60.96
CA ARG BA 266 81.49 -41.76 62.19
C ARG BA 266 81.17 -40.27 62.29
N GLY BA 267 81.39 -39.56 61.19
CA GLY BA 267 81.07 -38.14 61.12
C GLY BA 267 79.58 -37.87 61.08
N LEU BA 268 78.83 -38.75 60.41
CA LEU BA 268 77.38 -38.55 60.28
C LEU BA 268 76.69 -38.57 61.65
N LEU BA 269 77.07 -39.55 62.48
CA LEU BA 269 76.49 -39.68 63.81
C LEU BA 269 76.77 -38.47 64.69
N GLU BA 270 78.00 -37.95 64.63
CA GLU BA 270 78.39 -36.74 65.34
C GLU BA 270 77.51 -35.57 64.91
N VAL BA 271 77.45 -35.35 63.60
CA VAL BA 271 76.60 -34.31 63.04
C VAL BA 271 75.19 -34.47 63.58
N GLU BA 272 74.60 -35.63 63.32
CA GLU BA 272 73.23 -35.88 63.73
C GLU BA 272 73.09 -35.68 65.22
N ARG BA 273 74.14 -35.98 65.96
CA ARG BA 273 74.12 -35.92 67.42
C ARG BA 273 74.13 -34.49 67.98
N LEU BA 274 74.80 -33.58 67.26
CA LEU BA 274 74.90 -32.19 67.69
C LEU BA 274 73.64 -31.42 67.31
N MET BA 275 73.16 -31.65 66.09
CA MET BA 275 71.91 -31.05 65.64
C MET BA 275 70.82 -31.29 66.68
N LYS BA 276 70.74 -32.53 67.14
CA LYS BA 276 69.81 -32.90 68.17
C LYS BA 276 70.15 -32.11 69.44
N GLU BA 277 71.43 -32.09 69.77
CA GLU BA 277 71.95 -31.47 70.99
C GLU BA 277 71.53 -30.00 71.11
N CYS BA 278 71.23 -29.39 69.96
CA CYS BA 278 70.96 -27.96 69.91
C CYS BA 278 69.48 -27.63 69.74
N GLY BA 279 68.63 -28.65 69.83
CA GLY BA 279 67.19 -28.44 69.79
C GLY BA 279 66.59 -28.29 68.41
N HIS BA 280 67.29 -28.79 67.40
CA HIS BA 280 66.80 -28.70 66.02
C HIS BA 280 66.69 -30.08 65.40
N GLY BA 281 65.46 -30.56 65.24
CA GLY BA 281 65.26 -31.87 64.65
C GLY BA 281 65.43 -31.90 63.14
N LEU BA 282 65.87 -33.04 62.62
CA LEU BA 282 65.90 -33.26 61.19
C LEU BA 282 64.52 -33.74 60.70
N MET BA 283 64.14 -33.26 59.52
CA MET BA 283 62.87 -33.55 58.89
C MET BA 283 62.78 -35.04 58.53
N HIS BA 284 61.88 -35.74 59.22
CA HIS BA 284 61.87 -37.21 59.16
C HIS BA 284 60.47 -37.82 59.10
N ASN BA 285 60.35 -38.88 58.30
CA ASN BA 285 59.09 -39.56 58.06
C ASN BA 285 59.12 -41.02 58.53
N ASP BA 286 58.00 -41.47 59.07
CA ASP BA 286 57.86 -42.84 59.58
C ASP BA 286 58.05 -43.87 58.47
N ARG BA 287 57.50 -43.59 57.30
CA ARG BA 287 57.47 -44.55 56.22
C ARG BA 287 58.69 -44.40 55.30
N LEU BA 288 59.10 -43.16 55.05
CA LEU BA 288 60.08 -42.85 54.00
C LEU BA 288 61.46 -42.40 54.49
N GLY BA 289 61.64 -42.29 55.80
CA GLY BA 289 62.92 -41.85 56.34
C GLY BA 289 63.12 -40.35 56.22
N TYR BA 290 64.35 -39.93 55.94
CA TYR BA 290 64.70 -38.52 55.88
C TYR BA 290 64.20 -37.80 54.64
N ILE BA 291 63.60 -36.63 54.85
CA ILE BA 291 62.98 -35.86 53.78
C ILE BA 291 63.82 -34.71 53.22
N CYS BA 292 63.99 -34.71 51.89
CA CYS BA 292 64.84 -33.75 51.18
C CYS BA 292 64.16 -33.16 49.94
N THR BA 293 64.70 -32.06 49.44
CA THR BA 293 64.13 -31.31 48.32
C THR BA 293 63.71 -32.19 47.13
N CYS BA 294 64.59 -33.11 46.74
CA CYS BA 294 64.34 -33.98 45.60
C CYS BA 294 63.86 -35.36 46.04
N PRO BA 295 62.76 -35.83 45.42
CA PRO BA 295 62.30 -37.22 45.58
C PRO BA 295 63.33 -38.32 45.26
N THR BA 296 64.54 -37.98 44.82
CA THR BA 296 65.56 -39.03 44.73
C THR BA 296 66.35 -39.13 46.02
N ASN BA 297 66.08 -38.22 46.94
CA ASN BA 297 66.86 -38.08 48.14
C ASN BA 297 66.02 -38.21 49.42
N MET BA 298 65.53 -39.41 49.69
CA MET BA 298 64.75 -39.72 50.89
C MET BA 298 65.39 -40.91 51.58
N GLY BA 299 64.67 -41.54 52.50
CA GLY BA 299 65.17 -42.71 53.19
C GLY BA 299 66.56 -42.53 53.75
N THR BA 300 67.53 -43.22 53.15
CA THR BA 300 68.94 -43.03 53.54
C THR BA 300 69.47 -41.68 53.04
N VAL BA 301 68.89 -41.17 51.95
CA VAL BA 301 69.44 -40.04 51.20
C VAL BA 301 70.88 -40.26 50.79
N VAL BA 302 71.29 -41.52 50.68
CA VAL BA 302 72.72 -41.83 50.57
C VAL BA 302 73.16 -42.15 49.16
N ARG BA 303 74.03 -41.29 48.62
CA ARG BA 303 74.65 -41.56 47.33
C ARG BA 303 76.14 -41.70 47.50
N ALA BA 304 76.62 -42.93 47.28
CA ALA BA 304 78.01 -43.28 47.37
C ALA BA 304 78.54 -43.52 45.98
N SER BA 305 79.71 -42.99 45.68
CA SER BA 305 80.23 -43.13 44.33
C SER BA 305 81.72 -43.36 44.27
N VAL BA 306 82.14 -43.79 43.09
CA VAL BA 306 83.55 -43.91 42.79
C VAL BA 306 83.72 -43.24 41.44
N HIS BA 307 84.91 -42.74 41.16
CA HIS BA 307 85.19 -42.29 39.82
C HIS BA 307 85.83 -43.44 39.04
N LEU BA 308 85.01 -44.13 38.27
CA LEU BA 308 85.38 -45.36 37.59
C LEU BA 308 85.92 -45.11 36.19
N ARG BA 309 87.18 -45.46 35.97
CA ARG BA 309 87.74 -45.38 34.64
C ARG BA 309 87.51 -46.69 33.88
N LEU BA 310 86.84 -46.59 32.74
CA LEU BA 310 86.43 -47.76 31.97
C LEU BA 310 86.77 -47.62 30.50
N ALA BA 311 88.06 -47.58 30.20
CA ALA BA 311 88.55 -47.36 28.84
C ALA BA 311 87.93 -48.26 27.75
N PHE BA 312 87.45 -49.45 28.12
CA PHE BA 312 86.92 -50.38 27.13
C PHE BA 312 85.41 -50.58 27.26
N LEU BA 313 84.94 -50.79 28.50
CA LEU BA 313 83.52 -51.05 28.78
C LEU BA 313 82.63 -49.88 28.34
N GLU BA 314 83.20 -48.69 28.22
CA GLU BA 314 82.43 -47.53 27.79
C GLU BA 314 82.02 -47.68 26.33
N LYS BA 315 82.80 -48.46 25.58
CA LYS BA 315 82.53 -48.68 24.15
C LYS BA 315 81.46 -49.76 23.90
N HIS BA 316 81.29 -50.68 24.85
CA HIS BA 316 80.38 -51.81 24.67
C HIS BA 316 78.91 -51.39 24.57
N PRO BA 317 78.20 -51.96 23.59
CA PRO BA 317 76.80 -51.63 23.31
C PRO BA 317 75.82 -51.83 24.48
N ARG BA 318 76.20 -52.60 25.50
CA ARG BA 318 75.28 -52.91 26.60
C ARG BA 318 75.67 -52.25 27.93
N PHE BA 319 76.56 -51.27 27.85
CA PHE BA 319 77.06 -50.57 29.04
C PHE BA 319 75.95 -49.99 29.92
N ASP BA 320 75.04 -49.21 29.33
CA ASP BA 320 73.97 -48.57 30.10
C ASP BA 320 72.96 -49.61 30.58
N GLU BA 321 72.69 -50.60 29.74
CA GLU BA 321 71.84 -51.72 30.09
C GLU BA 321 72.33 -52.44 31.34
N MET BA 322 73.63 -52.66 31.42
CA MET BA 322 74.21 -53.25 32.63
C MET BA 322 73.96 -52.34 33.84
N LEU BA 323 74.35 -51.07 33.73
CA LEU BA 323 74.21 -50.13 34.84
C LEU BA 323 72.79 -50.04 35.35
N GLY BA 324 71.83 -50.13 34.44
CA GLY BA 324 70.43 -50.05 34.80
C GLY BA 324 69.96 -51.28 35.54
N LYS BA 325 70.46 -52.44 35.14
CA LYS BA 325 70.13 -53.69 35.82
C LYS BA 325 70.86 -53.82 37.16
N LEU BA 326 71.99 -53.12 37.28
CA LEU BA 326 72.73 -53.09 38.54
C LEU BA 326 72.19 -52.01 39.46
N ARG BA 327 71.18 -51.30 39.00
CA ARG BA 327 70.61 -50.21 39.79
C ARG BA 327 71.67 -49.17 40.16
N LEU BA 328 72.53 -48.85 39.19
CA LEU BA 328 73.56 -47.83 39.35
C LEU BA 328 73.30 -46.63 38.46
N GLY BA 329 73.42 -45.43 39.04
CA GLY BA 329 73.34 -44.20 38.28
C GLY BA 329 74.70 -43.88 37.68
N LYS BA 330 74.72 -43.13 36.58
CA LYS BA 330 75.98 -42.79 35.92
C LYS BA 330 76.06 -41.29 35.62
N ARG BA 331 77.18 -40.67 35.99
CA ARG BA 331 77.32 -39.22 35.85
C ARG BA 331 78.73 -38.86 35.39
N GLY BA 332 78.98 -37.57 35.23
CA GLY BA 332 80.28 -37.09 34.78
C GLY BA 332 81.29 -36.96 35.90
N THR BA 333 82.52 -36.63 35.53
CA THR BA 333 83.62 -36.57 36.51
C THR BA 333 83.55 -35.27 37.31
N GLY BA 334 82.68 -34.35 36.88
CA GLY BA 334 82.45 -33.10 37.59
C GLY BA 334 81.08 -33.12 38.26
N GLY BA 335 80.33 -34.19 38.02
CA GLY BA 335 79.08 -34.41 38.70
C GLY BA 335 77.89 -34.67 37.79
N GLU BA 336 76.73 -34.27 38.27
CA GLU BA 336 75.45 -34.51 37.60
C GLU BA 336 75.36 -33.83 36.24
N SER BA 337 75.52 -32.51 36.22
CA SER BA 337 75.46 -31.76 34.97
C SER BA 337 76.83 -31.71 34.28
N SER BA 338 77.26 -32.86 33.78
CA SER BA 338 78.52 -32.97 33.05
C SER BA 338 78.69 -34.37 32.51
N LEU BA 339 79.69 -34.54 31.65
CA LEU BA 339 80.00 -35.81 31.00
C LEU BA 339 81.32 -36.35 31.49
N ALA BA 340 81.70 -37.54 31.02
CA ALA BA 340 82.95 -38.18 31.41
C ALA BA 340 84.16 -37.49 30.78
N THR BA 341 85.33 -37.80 31.32
CA THR BA 341 86.61 -37.28 30.83
C THR BA 341 87.73 -38.28 31.13
N ASP BA 342 88.43 -38.68 30.08
CA ASP BA 342 89.46 -39.71 30.18
C ASP BA 342 88.78 -41.06 30.45
N SER BA 343 87.53 -41.17 29.97
CA SER BA 343 86.78 -42.41 30.11
C SER BA 343 86.37 -42.70 31.55
N THR BA 344 86.58 -41.73 32.44
CA THR BA 344 86.29 -41.91 33.86
C THR BA 344 84.89 -41.41 34.23
N TYR BA 345 84.12 -42.25 34.92
CA TYR BA 345 82.71 -41.95 35.26
C TYR BA 345 82.44 -41.91 36.76
N ASP BA 346 81.55 -41.03 37.17
CA ASP BA 346 80.96 -41.05 38.51
C ASP BA 346 79.82 -42.07 38.57
N ILE BA 347 80.11 -43.24 39.15
CA ILE BA 347 79.15 -44.35 39.30
C ILE BA 347 78.63 -44.44 40.75
N SER BA 348 77.35 -44.70 40.94
CA SER BA 348 76.77 -44.69 42.29
C SER BA 348 75.48 -45.51 42.44
N ASN BA 349 75.20 -45.94 43.66
CA ASN BA 349 73.93 -46.60 43.97
C ASN BA 349 72.79 -45.66 43.63
N TRP BA 350 71.88 -46.09 42.75
CA TRP BA 350 70.82 -45.22 42.26
C TRP BA 350 69.64 -45.01 43.22
N ALA BA 351 69.27 -46.04 43.98
CA ALA BA 351 68.18 -45.88 44.95
C ALA BA 351 68.65 -45.34 46.32
N ARG BA 352 67.72 -44.90 47.15
CA ARG BA 352 68.07 -44.41 48.49
C ARG BA 352 67.00 -44.74 49.52
N LEU BA 353 65.81 -45.09 49.06
CA LEU BA 353 64.68 -45.41 49.93
C LEU BA 353 64.35 -46.89 49.79
N GLY BA 354 64.31 -47.60 50.92
CA GLY BA 354 63.90 -49.00 50.92
C GLY BA 354 65.00 -50.02 51.16
N LYS BA 355 66.24 -49.56 51.17
CA LYS BA 355 67.35 -50.40 51.61
C LYS BA 355 68.16 -49.63 52.63
N SER BA 356 69.12 -50.31 53.26
CA SER BA 356 69.93 -49.70 54.32
C SER BA 356 71.20 -49.04 53.77
N GLU BA 357 71.96 -48.42 54.66
CA GLU BA 357 73.16 -47.67 54.28
C GLU BA 357 74.30 -48.59 53.87
N ARG BA 358 74.45 -49.70 54.59
CA ARG BA 358 75.44 -50.71 54.24
C ARG BA 358 74.99 -51.54 53.03
N GLU BA 359 73.70 -51.84 52.97
CA GLU BA 359 73.10 -52.49 51.79
C GLU BA 359 73.31 -51.65 50.55
N LEU BA 360 73.10 -50.34 50.67
CA LEU BA 360 73.27 -49.47 49.51
C LEU BA 360 74.75 -49.30 49.16
N VAL BA 361 75.61 -49.24 50.17
CA VAL BA 361 77.04 -49.22 49.90
C VAL BA 361 77.43 -50.55 49.26
N GLN BA 362 76.75 -51.62 49.67
CA GLN BA 362 77.09 -52.96 49.19
C GLN BA 362 76.61 -53.17 47.78
N VAL BA 363 75.58 -52.43 47.40
CA VAL BA 363 75.12 -52.40 46.02
C VAL BA 363 76.17 -51.74 45.13
N LEU BA 364 76.72 -50.61 45.60
CA LEU BA 364 77.79 -49.94 44.87
C LEU BA 364 78.96 -50.89 44.60
N VAL BA 365 79.43 -51.56 45.64
CA VAL BA 365 80.56 -52.49 45.57
C VAL BA 365 80.32 -53.71 44.67
N ASP BA 366 79.10 -54.22 44.68
CA ASP BA 366 78.78 -55.41 43.91
C ASP BA 366 78.89 -55.14 42.42
N GLY BA 367 78.25 -54.06 41.97
CA GLY BA 367 78.21 -53.71 40.56
C GLY BA 367 79.54 -53.24 40.04
N VAL BA 368 80.25 -52.47 40.86
CA VAL BA 368 81.59 -51.98 40.49
C VAL BA 368 82.58 -53.12 40.24
N ASN BA 369 82.52 -54.17 41.06
CA ASN BA 369 83.31 -55.36 40.77
C ASN BA 369 82.93 -55.93 39.41
N LEU BA 370 81.64 -55.98 39.09
CA LEU BA 370 81.22 -56.49 37.78
C LEU BA 370 81.76 -55.63 36.62
N LEU BA 371 81.62 -54.31 36.75
CA LEU BA 371 82.13 -53.35 35.76
C LEU BA 371 83.63 -53.48 35.50
N ILE BA 372 84.40 -53.67 36.55
CA ILE BA 372 85.84 -53.81 36.42
C ILE BA 372 86.24 -55.11 35.71
N ALA BA 373 85.54 -56.20 36.04
CA ALA BA 373 85.80 -57.49 35.43
C ALA BA 373 85.36 -57.55 33.94
N CYS BA 374 84.31 -56.81 33.58
CA CYS BA 374 83.89 -56.70 32.18
C CYS BA 374 84.88 -55.87 31.35
N ASP BA 375 85.37 -54.77 31.91
CA ASP BA 375 86.39 -53.98 31.26
C ASP BA 375 87.62 -54.86 30.97
N LYS BA 376 88.09 -55.53 32.02
CA LYS BA 376 89.21 -56.48 31.90
C LYS BA 376 89.06 -57.42 30.70
N LYS BA 377 87.92 -58.11 30.64
CA LYS BA 377 87.65 -59.07 29.58
C LYS BA 377 87.64 -58.43 28.20
N LEU BA 378 87.00 -57.27 28.08
CA LEU BA 378 87.02 -56.53 26.82
C LEU BA 378 88.43 -56.08 26.46
N GLU BA 379 89.25 -55.80 27.47
CA GLU BA 379 90.64 -55.43 27.22
C GLU BA 379 91.38 -56.62 26.65
N ALA BA 380 90.95 -57.82 27.03
CA ALA BA 380 91.60 -59.07 26.63
C ALA BA 380 90.98 -59.68 25.38
N GLY BA 381 90.28 -58.86 24.59
CA GLY BA 381 89.68 -59.30 23.35
C GLY BA 381 88.68 -60.43 23.51
N GLN BA 382 88.08 -60.52 24.70
CA GLN BA 382 87.15 -61.61 25.03
C GLN BA 382 85.72 -61.05 25.02
N SER BA 383 84.74 -61.92 25.27
CA SER BA 383 83.34 -61.50 25.26
C SER BA 383 82.72 -61.40 26.64
N ILE BA 384 81.73 -60.53 26.80
CA ILE BA 384 81.07 -60.33 28.08
C ILE BA 384 79.56 -60.51 28.03
N ASP BA 385 79.08 -61.18 26.99
CA ASP BA 385 77.64 -61.38 26.79
C ASP BA 385 77.02 -62.09 27.99
N ASP BA 386 77.61 -63.21 28.37
CA ASP BA 386 77.11 -64.05 29.45
C ASP BA 386 77.20 -63.39 30.84
N MET BA 387 78.06 -62.39 30.96
CA MET BA 387 78.34 -61.77 32.27
C MET BA 387 77.41 -60.60 32.59
N ILE BA 388 76.73 -60.08 31.58
CA ILE BA 388 75.76 -59.01 31.81
C ILE BA 388 74.55 -59.60 32.53
N PRO BA 389 74.02 -58.87 33.53
CA PRO BA 389 72.87 -59.40 34.26
C PRO BA 389 71.72 -59.74 33.32
N LYS BA 390 71.02 -60.84 33.58
CA LYS BA 390 69.88 -61.24 32.78
C LYS BA 390 68.69 -60.29 32.97
N LYS CA 24 79.19 -93.35 91.59
CA LYS CA 24 80.41 -93.47 92.38
C LYS CA 24 81.58 -92.64 91.83
N PHE CA 25 81.42 -92.14 90.61
CA PHE CA 25 82.49 -91.38 89.96
C PHE CA 25 82.10 -89.92 89.71
N LYS CA 26 82.86 -88.99 90.30
CA LYS CA 26 82.72 -87.56 89.98
C LYS CA 26 83.04 -87.33 88.52
N ALA CA 27 82.68 -86.15 88.01
CA ALA CA 27 83.01 -85.76 86.65
C ALA CA 27 84.53 -85.79 86.43
N ALA CA 28 85.26 -85.18 87.36
CA ALA CA 28 86.71 -85.11 87.29
C ALA CA 28 87.37 -86.48 87.34
N ASP CA 29 86.62 -87.49 87.78
CA ASP CA 29 87.06 -88.88 87.72
C ASP CA 29 87.04 -89.38 86.27
N ASN CA 30 86.31 -88.69 85.40
CA ASN CA 30 86.14 -89.16 84.03
C ASN CA 30 86.79 -88.25 82.99
N PHE CA 31 87.06 -87.00 83.37
CA PHE CA 31 87.64 -86.00 82.49
C PHE CA 31 88.79 -86.59 81.67
N PRO CA 32 88.75 -86.43 80.34
CA PRO CA 32 89.77 -87.03 79.47
C PRO CA 32 91.11 -86.31 79.52
N ASP CA 33 92.19 -87.04 79.22
CA ASP CA 33 93.52 -86.43 79.20
C ASP CA 33 93.92 -86.03 77.79
N LEU CA 34 93.93 -84.72 77.54
CA LEU CA 34 94.23 -84.22 76.22
C LEU CA 34 95.53 -83.40 76.18
N SER CA 35 96.55 -83.88 76.89
CA SER CA 35 97.89 -83.27 76.89
C SER CA 35 98.47 -83.08 75.49
N LYS CA 36 98.44 -84.15 74.70
CA LYS CA 36 99.10 -84.17 73.42
C LYS CA 36 98.15 -83.84 72.27
N HIS CA 37 97.00 -83.25 72.57
CA HIS CA 37 95.93 -83.14 71.56
C HIS CA 37 95.83 -81.84 70.76
N ASN CA 38 95.70 -81.98 69.45
CA ASN CA 38 95.58 -80.84 68.56
C ASN CA 38 94.30 -80.93 67.75
N ASN CA 39 93.22 -80.45 68.33
CA ASN CA 39 91.96 -80.37 67.63
C ASN CA 39 91.06 -79.41 68.39
N VAL CA 40 90.03 -78.89 67.72
CA VAL CA 40 89.19 -77.84 68.29
C VAL CA 40 88.59 -78.25 69.63
N MET CA 41 88.19 -79.52 69.72
CA MET CA 41 87.55 -80.03 70.91
C MET CA 41 88.43 -79.88 72.16
N ALA CA 42 89.65 -80.41 72.10
CA ALA CA 42 90.61 -80.29 73.19
C ALA CA 42 90.82 -78.83 73.60
N SER CA 43 91.02 -77.96 72.60
CA SER CA 43 91.24 -76.54 72.84
C SER CA 43 90.11 -75.82 73.58
N GLN CA 44 88.87 -76.18 73.26
CA GLN CA 44 87.73 -75.45 73.76
C GLN CA 44 87.14 -76.07 75.02
N LEU CA 45 87.57 -77.29 75.34
CA LEU CA 45 87.01 -78.04 76.47
C LEU CA 45 87.70 -77.78 77.83
N THR CA 46 86.89 -77.36 78.81
CA THR CA 46 87.39 -77.09 80.15
C THR CA 46 86.74 -78.01 81.18
N LYS CA 47 87.43 -78.22 82.30
CA LYS CA 47 86.90 -79.06 83.36
C LYS CA 47 85.53 -78.57 83.81
N GLU CA 48 85.35 -77.25 83.76
CA GLU CA 48 84.11 -76.63 84.20
C GLU CA 48 82.95 -77.10 83.34
N LEU CA 49 83.13 -77.01 82.03
CA LEU CA 49 82.12 -77.44 81.06
C LEU CA 49 81.89 -78.94 81.09
N TYR CA 50 82.95 -79.73 81.26
CA TYR CA 50 82.78 -81.18 81.32
C TYR CA 50 81.91 -81.52 82.51
N GLU CA 51 82.28 -81.00 83.68
CA GLU CA 51 81.48 -81.13 84.89
C GLU CA 51 79.99 -80.84 84.63
N LYS CA 52 79.73 -79.86 83.78
CA LYS CA 52 78.36 -79.40 83.55
C LYS CA 52 77.55 -80.33 82.63
N TYR CA 53 78.22 -80.99 81.69
CA TYR CA 53 77.52 -81.70 80.63
C TYR CA 53 77.68 -83.21 80.62
N TRP CA 54 78.63 -83.72 81.40
CA TRP CA 54 79.02 -85.12 81.26
C TRP CA 54 77.88 -86.10 81.59
N ASP CA 55 76.83 -85.59 82.25
CA ASP CA 55 75.70 -86.41 82.66
C ASP CA 55 74.37 -85.80 82.23
N LYS CA 56 74.43 -84.98 81.19
CA LYS CA 56 73.23 -84.53 80.52
C LYS CA 56 73.09 -85.48 79.33
N VAL CA 57 71.87 -85.79 78.94
CA VAL CA 57 71.66 -86.80 77.90
C VAL CA 57 70.50 -86.40 77.00
N THR CA 58 70.57 -86.75 75.72
CA THR CA 58 69.53 -86.34 74.76
C THR CA 58 68.22 -87.15 74.86
N PRO CA 59 67.13 -86.56 74.38
CA PRO CA 59 65.84 -87.27 74.28
C PRO CA 59 65.99 -88.62 73.57
N ASN CA 60 67.18 -88.91 73.04
CA ASN CA 60 67.50 -90.16 72.34
C ASN CA 60 68.53 -91.00 73.09
N GLY CA 61 69.29 -90.34 73.97
CA GLY CA 61 70.25 -91.04 74.78
C GLY CA 61 71.69 -90.89 74.31
N VAL CA 62 71.93 -89.90 73.46
CA VAL CA 62 73.30 -89.52 73.16
C VAL CA 62 73.90 -88.90 74.42
N THR CA 63 75.15 -89.21 74.68
CA THR CA 63 75.84 -88.71 75.85
C THR CA 63 76.93 -87.75 75.41
N PHE CA 64 77.28 -86.81 76.28
CA PHE CA 64 78.34 -85.88 75.96
C PHE CA 64 79.56 -86.67 75.49
N ASP CA 65 79.94 -87.67 76.27
CA ASP CA 65 81.04 -88.57 75.95
C ASP CA 65 80.95 -89.24 74.58
N LYS CA 66 79.76 -89.25 73.98
CA LYS CA 66 79.60 -89.78 72.63
C LYS CA 66 80.01 -88.69 71.65
N CYS CA 67 79.61 -87.45 71.94
CA CYS CA 67 79.93 -86.32 71.09
C CYS CA 67 81.43 -85.99 70.99
N ILE CA 68 82.20 -86.22 72.05
CA ILE CA 68 83.59 -85.79 72.07
C ILE CA 68 84.60 -86.93 71.96
N GLN CA 69 84.13 -88.17 71.92
CA GLN CA 69 85.03 -89.33 71.94
C GLN CA 69 85.95 -89.43 70.72
N THR CA 70 85.56 -88.85 69.59
CA THR CA 70 86.42 -88.95 68.40
C THR CA 70 87.57 -87.93 68.38
N GLY CA 71 87.52 -86.94 69.25
CA GLY CA 71 88.61 -86.00 69.36
C GLY CA 71 89.57 -86.46 70.42
N VAL CA 72 89.04 -87.24 71.36
CA VAL CA 72 89.84 -87.82 72.42
C VAL CA 72 90.65 -88.97 71.83
N ASP CA 73 90.14 -89.59 70.78
CA ASP CA 73 90.83 -90.72 70.16
C ASP CA 73 91.86 -90.26 69.12
N ASN CA 74 91.70 -89.04 68.62
CA ASN CA 74 92.57 -88.57 67.56
C ASN CA 74 93.35 -87.31 67.97
N PRO CA 75 94.40 -87.48 68.77
CA PRO CA 75 95.23 -86.31 69.09
C PRO CA 75 95.94 -85.73 67.87
N GLY CA 76 96.12 -86.52 66.82
CA GLY CA 76 96.91 -86.09 65.68
C GLY CA 76 96.32 -86.37 64.31
N ASN CA 77 96.73 -85.58 63.31
CA ASN CA 77 96.29 -85.74 61.93
C ASN CA 77 97.42 -85.77 60.89
N LYS CA 78 97.58 -86.91 60.25
CA LYS CA 78 98.62 -87.13 59.25
C LYS CA 78 98.55 -86.16 58.05
N PHE CA 79 97.39 -85.54 57.84
CA PHE CA 79 97.19 -84.76 56.62
C PHE CA 79 97.11 -83.25 56.87
N TYR CA 80 96.57 -82.51 55.91
CA TYR CA 80 96.46 -81.07 56.04
C TYR CA 80 95.25 -80.67 56.87
N GLY CA 81 95.33 -79.49 57.50
CA GLY CA 81 94.26 -78.95 58.32
C GLY CA 81 94.31 -79.33 59.80
N LYS CA 82 93.67 -78.51 60.64
CA LYS CA 82 93.42 -78.89 62.03
C LYS CA 82 92.03 -79.52 62.09
N LYS CA 83 91.88 -80.57 62.89
CA LYS CA 83 90.63 -81.31 62.96
C LYS CA 83 89.75 -80.84 64.11
N THR CA 84 88.44 -81.03 63.95
CA THR CA 84 87.43 -80.52 64.88
C THR CA 84 87.40 -81.32 66.19
N GLY CA 85 87.21 -82.64 66.09
CA GLY CA 85 87.40 -83.52 67.22
C GLY CA 85 86.15 -83.80 68.02
N CYS CA 86 85.00 -83.67 67.37
CA CYS CA 86 83.73 -83.90 68.04
C CYS CA 86 82.59 -83.99 67.00
N VAL CA 87 81.41 -84.42 67.44
CA VAL CA 87 80.27 -84.58 66.54
C VAL CA 87 78.94 -84.29 67.24
N PHE CA 88 77.89 -84.09 66.46
CA PHE CA 88 76.52 -84.08 66.97
C PHE CA 88 75.98 -85.51 66.89
N GLY CA 89 75.26 -85.94 67.92
CA GLY CA 89 74.70 -87.28 67.94
C GLY CA 89 73.33 -87.28 67.32
N ASP CA 90 72.67 -86.15 67.41
CA ASP CA 90 71.37 -85.99 66.79
C ASP CA 90 71.01 -84.52 66.72
N GLU CA 91 69.75 -84.29 66.38
CA GLU CA 91 69.20 -82.97 66.23
C GLU CA 91 69.31 -82.20 67.56
N TYR CA 92 69.27 -82.91 68.67
CA TYR CA 92 69.18 -82.29 69.99
C TYR CA 92 70.53 -81.84 70.52
N SER CA 93 71.57 -82.57 70.14
CA SER CA 93 72.91 -82.39 70.67
C SER CA 93 73.41 -80.94 70.68
N TYR CA 94 73.09 -80.17 69.65
CA TYR CA 94 73.56 -78.79 69.63
C TYR CA 94 73.17 -78.03 70.89
N GLU CA 95 71.86 -77.90 71.12
CA GLU CA 95 71.38 -77.09 72.22
C GLU CA 95 71.69 -77.74 73.57
N CYS CA 96 71.62 -79.06 73.63
CA CYS CA 96 71.87 -79.75 74.88
C CYS CA 96 73.25 -79.39 75.45
N TYR CA 97 74.28 -79.36 74.61
CA TYR CA 97 75.63 -79.02 75.08
C TYR CA 97 76.11 -77.69 74.51
N LYS CA 98 75.25 -76.67 74.55
CA LYS CA 98 75.45 -75.45 73.76
C LYS CA 98 76.62 -74.56 74.16
N GLU CA 99 77.00 -74.54 75.43
CA GLU CA 99 78.05 -73.63 75.89
C GLU CA 99 79.41 -74.09 75.39
N PHE CA 100 79.52 -75.38 75.10
CA PHE CA 100 80.76 -75.94 74.58
C PHE CA 100 80.83 -75.78 73.06
N PHE CA 101 79.70 -76.04 72.41
CA PHE CA 101 79.64 -76.00 70.96
C PHE CA 101 79.76 -74.57 70.42
N ASP CA 102 79.41 -73.58 71.23
CA ASP CA 102 79.47 -72.20 70.79
C ASP CA 102 80.92 -71.74 70.66
N LYS CA 103 81.80 -72.33 71.47
CA LYS CA 103 83.23 -71.97 71.47
C LYS CA 103 83.92 -72.68 70.33
N CYS CA 104 83.40 -73.86 70.01
CA CYS CA 104 83.89 -74.65 68.88
C CYS CA 104 83.50 -73.93 67.60
N ILE CA 105 82.25 -73.47 67.57
CA ILE CA 105 81.70 -72.74 66.42
C ILE CA 105 82.45 -71.44 66.14
N GLU CA 106 82.91 -70.78 67.21
CA GLU CA 106 83.55 -69.49 67.06
C GLU CA 106 85.00 -69.62 66.58
N GLU CA 107 85.62 -70.77 66.85
CA GLU CA 107 86.97 -71.03 66.35
C GLU CA 107 86.95 -71.29 64.84
N ILE CA 108 86.01 -72.12 64.39
CA ILE CA 108 85.96 -72.47 62.97
C ILE CA 108 85.47 -71.30 62.11
N HIS CA 109 84.25 -70.82 62.38
CA HIS CA 109 83.53 -69.96 61.45
C HIS CA 109 83.68 -68.46 61.68
N HIS CA 110 84.29 -68.07 62.81
CA HIS CA 110 84.28 -66.66 63.21
C HIS CA 110 82.83 -66.18 63.29
N PHE CA 111 82.04 -66.93 64.05
CA PHE CA 111 80.60 -66.70 64.21
C PHE CA 111 80.40 -66.76 65.72
N LYS CA 112 79.67 -65.79 66.28
CA LYS CA 112 79.52 -65.72 67.73
C LYS CA 112 78.14 -66.19 68.18
N PRO CA 113 78.00 -66.56 69.46
CA PRO CA 113 76.68 -66.92 70.00
C PRO CA 113 75.65 -65.80 69.83
N SER CA 114 76.10 -64.65 69.35
CA SER CA 114 75.26 -63.49 69.10
C SER CA 114 75.07 -63.26 67.60
N ASP CA 115 75.52 -64.21 66.79
CA ASP CA 115 75.48 -64.05 65.34
C ASP CA 115 74.34 -64.85 64.70
N LYS CA 116 73.78 -64.33 63.61
CA LYS CA 116 72.70 -65.00 62.90
C LYS CA 116 73.06 -65.27 61.45
N HIS CA 117 72.84 -66.52 61.03
CA HIS CA 117 73.19 -66.97 59.68
C HIS CA 117 72.28 -66.33 58.62
N PRO CA 118 72.86 -65.91 57.49
CA PRO CA 118 72.14 -65.16 56.45
C PRO CA 118 71.03 -65.99 55.79
N ALA CA 119 70.10 -65.30 55.16
CA ALA CA 119 69.15 -65.94 54.27
C ALA CA 119 69.93 -66.59 53.13
N PRO CA 120 69.55 -67.81 52.77
CA PRO CA 120 70.21 -68.46 51.65
C PRO CA 120 70.34 -67.53 50.44
N ASP CA 121 71.36 -67.79 49.65
CA ASP CA 121 71.61 -67.00 48.45
C ASP CA 121 72.19 -67.96 47.41
N LEU CA 122 71.34 -68.39 46.50
CA LEU CA 122 71.76 -69.33 45.46
C LEU CA 122 71.65 -68.71 44.07
N ASP CA 123 71.68 -67.39 44.02
CA ASP CA 123 71.65 -66.70 42.74
C ASP CA 123 73.03 -66.80 42.10
N HIS CA 124 73.18 -67.79 41.22
CA HIS CA 124 74.47 -68.11 40.58
C HIS CA 124 74.90 -67.09 39.52
N ASN CA 125 73.99 -66.21 39.11
CA ASN CA 125 74.32 -65.22 38.09
C ASN CA 125 75.07 -64.02 38.66
N LYS CA 126 74.94 -63.80 39.98
CA LYS CA 126 75.61 -62.69 40.67
C LYS CA 126 77.08 -62.99 41.04
N LEU CA 127 77.56 -64.18 40.72
CA LEU CA 127 78.95 -64.56 41.00
C LEU CA 127 79.89 -63.97 39.95
N VAL CA 128 80.79 -63.10 40.43
CA VAL CA 128 81.79 -62.47 39.59
C VAL CA 128 82.96 -63.42 39.29
N GLY CA 129 83.21 -63.65 37.99
CA GLY CA 129 84.26 -64.55 37.56
C GLY CA 129 83.93 -66.01 37.78
N GLY CA 130 84.93 -66.82 38.13
CA GLY CA 130 84.69 -68.22 38.43
C GLY CA 130 84.67 -69.12 37.20
N VAL CA 131 85.43 -68.71 36.19
CA VAL CA 131 85.66 -69.55 35.02
C VAL CA 131 87.15 -69.53 34.78
N PHE CA 132 87.84 -70.44 35.45
CA PHE CA 132 89.29 -70.41 35.47
C PHE CA 132 89.92 -71.11 34.27
N GLU CA 133 91.15 -70.69 33.97
CA GLU CA 133 91.98 -71.26 32.93
C GLU CA 133 92.15 -72.76 33.18
N ASP CA 134 92.23 -73.56 32.11
CA ASP CA 134 92.33 -75.02 32.23
C ASP CA 134 93.71 -75.45 32.72
N LYS CA 135 94.73 -74.65 32.42
CA LYS CA 135 96.11 -74.98 32.80
C LYS CA 135 96.29 -75.13 34.31
N TYR CA 136 95.47 -74.43 35.08
CA TYR CA 136 95.60 -74.36 36.53
C TYR CA 136 94.47 -75.09 37.27
N VAL CA 137 93.23 -74.91 36.85
CA VAL CA 137 92.08 -75.57 37.48
C VAL CA 137 91.65 -76.79 36.68
N LYS CA 138 91.73 -77.97 37.30
CA LYS CA 138 91.52 -79.24 36.59
C LYS CA 138 90.07 -79.75 36.68
N SER CA 139 89.39 -79.43 37.78
CA SER CA 139 87.99 -79.79 37.96
C SER CA 139 87.33 -78.92 39.00
N CYS CA 140 86.00 -78.87 38.96
CA CYS CA 140 85.19 -78.09 39.89
C CYS CA 140 84.20 -78.97 40.62
N ARG CA 141 83.84 -78.57 41.84
CA ARG CA 141 82.95 -79.36 42.66
C ARG CA 141 82.32 -78.52 43.77
N ILE CA 142 81.02 -78.66 43.95
CA ILE CA 142 80.33 -77.98 45.04
C ILE CA 142 79.37 -78.92 45.71
N ARG CA 143 79.55 -79.04 47.03
CA ARG CA 143 78.90 -80.02 47.87
C ARG CA 143 78.14 -79.30 49.00
N CYS CA 144 77.08 -79.93 49.51
CA CYS CA 144 76.53 -79.58 50.83
C CYS CA 144 75.88 -80.78 51.53
N GLY CA 145 75.79 -80.72 52.84
CA GLY CA 145 75.07 -81.74 53.58
C GLY CA 145 73.65 -81.33 53.97
N ARG CA 146 72.84 -82.33 54.27
CA ARG CA 146 71.56 -82.13 54.95
C ARG CA 146 71.35 -83.28 55.92
N SER CA 147 70.34 -83.17 56.77
CA SER CA 147 69.99 -84.26 57.67
C SER CA 147 68.49 -84.49 57.63
N VAL CA 148 68.06 -85.68 58.00
CA VAL CA 148 66.64 -86.02 58.06
C VAL CA 148 66.11 -85.90 59.49
N LYS CA 149 65.37 -84.85 59.76
CA LYS CA 149 64.85 -84.62 61.10
C LYS CA 149 64.01 -85.80 61.61
N GLY CA 150 64.11 -86.07 62.91
CA GLY CA 150 63.34 -87.14 63.54
C GLY CA 150 64.08 -88.45 63.67
N VAL CA 151 65.35 -88.44 63.30
CA VAL CA 151 66.22 -89.61 63.43
C VAL CA 151 67.64 -89.16 63.76
N CYS CA 152 68.35 -89.99 64.53
CA CYS CA 152 69.71 -89.67 64.96
C CYS CA 152 70.67 -89.58 63.78
N LEU CA 153 71.73 -88.80 63.98
CA LEU CA 153 72.75 -88.61 62.96
C LEU CA 153 73.61 -89.87 62.82
N PRO CA 154 74.32 -90.00 61.71
CA PRO CA 154 75.06 -91.25 61.52
C PRO CA 154 75.88 -91.76 62.72
N PRO CA 155 76.42 -90.86 63.57
CA PRO CA 155 77.26 -91.38 64.67
C PRO CA 155 76.49 -92.24 65.72
N ALA CA 156 75.27 -91.88 66.07
CA ALA CA 156 74.52 -92.63 67.08
C ALA CA 156 73.31 -93.42 66.56
N MET CA 157 73.04 -93.32 65.25
CA MET CA 157 71.82 -93.91 64.69
C MET CA 157 71.89 -95.43 64.57
N SER CA 158 70.71 -96.06 64.50
CA SER CA 158 70.58 -97.51 64.40
C SER CA 158 70.29 -97.95 62.97
N ARG CA 159 70.33 -99.26 62.73
CA ARG CA 159 70.08 -99.84 61.41
C ARG CA 159 68.72 -99.45 60.79
N ALA CA 160 67.65 -99.75 61.51
CA ALA CA 160 66.30 -99.38 61.08
C ALA CA 160 66.21 -97.90 60.74
N GLU CA 161 66.87 -97.08 61.56
CA GLU CA 161 66.97 -95.65 61.29
C GLU CA 161 67.67 -95.41 59.95
N ARG CA 162 68.82 -96.05 59.78
CA ARG CA 162 69.61 -95.88 58.57
C ARG CA 162 68.82 -96.29 57.33
N ARG CA 163 68.21 -97.47 57.41
CA ARG CA 163 67.44 -98.03 56.32
C ARG CA 163 66.28 -97.10 55.96
N LEU CA 164 65.59 -96.65 56.99
CA LEU CA 164 64.55 -95.65 56.86
C LEU CA 164 64.99 -94.48 55.99
N VAL CA 165 66.07 -93.82 56.41
CA VAL CA 165 66.63 -92.67 55.69
C VAL CA 165 66.85 -93.04 54.24
N GLU CA 166 67.59 -94.12 54.02
CA GLU CA 166 67.89 -94.61 52.69
C GLU CA 166 66.60 -94.76 51.85
N LYS CA 167 65.55 -95.27 52.48
CA LYS CA 167 64.26 -95.51 51.83
C LYS CA 167 63.59 -94.20 51.44
N VAL CA 168 63.30 -93.39 52.45
CA VAL CA 168 62.70 -92.09 52.24
C VAL CA 168 63.51 -91.25 51.26
N VAL CA 169 64.81 -91.13 51.52
CA VAL CA 169 65.63 -90.23 50.73
C VAL CA 169 65.69 -90.64 49.27
N SER CA 170 65.90 -91.92 49.00
CA SER CA 170 65.92 -92.41 47.63
C SER CA 170 64.58 -92.23 46.94
N ASP CA 171 63.49 -92.60 47.63
CA ASP CA 171 62.15 -92.37 47.11
C ASP CA 171 62.02 -90.95 46.60
N ALA CA 172 62.17 -89.98 47.50
CA ALA CA 172 62.00 -88.57 47.14
C ALA CA 172 62.83 -88.22 45.91
N LEU CA 173 64.06 -88.74 45.88
CA LEU CA 173 64.93 -88.52 44.72
C LEU CA 173 64.27 -89.01 43.44
N GLY CA 174 63.51 -90.11 43.54
CA GLY CA 174 62.77 -90.63 42.42
C GLY CA 174 61.89 -89.61 41.72
N GLY CA 175 61.66 -88.47 42.34
CA GLY CA 175 60.82 -87.45 41.74
C GLY CA 175 61.55 -86.38 40.94
N LEU CA 176 62.84 -86.55 40.71
CA LEU CA 176 63.65 -85.53 40.03
C LEU CA 176 63.39 -85.48 38.53
N LYS CA 177 63.08 -84.27 38.02
CA LYS CA 177 62.69 -84.08 36.63
C LYS CA 177 63.81 -83.46 35.79
N GLY CA 178 63.67 -83.59 34.47
CA GLY CA 178 64.66 -83.10 33.52
C GLY CA 178 65.94 -83.92 33.52
N ASP CA 179 67.08 -83.23 33.45
CA ASP CA 179 68.40 -83.87 33.48
C ASP CA 179 68.87 -84.21 34.90
N LEU CA 180 68.11 -83.82 35.92
CA LEU CA 180 68.44 -84.19 37.28
C LEU CA 180 67.97 -85.61 37.57
N ALA CA 181 67.12 -86.13 36.69
CA ALA CA 181 66.58 -87.47 36.87
C ALA CA 181 67.71 -88.51 36.86
N GLY CA 182 67.62 -89.48 37.76
CA GLY CA 182 68.65 -90.49 37.88
C GLY CA 182 68.20 -91.78 38.53
N LYS CA 183 69.18 -92.51 39.05
CA LYS CA 183 68.96 -93.86 39.55
C LYS CA 183 69.81 -94.07 40.80
N TYR CA 184 69.27 -94.79 41.78
CA TYR CA 184 70.01 -95.06 43.02
C TYR CA 184 70.85 -96.33 42.94
N TYR CA 185 72.05 -96.28 43.51
CA TYR CA 185 72.92 -97.44 43.54
C TYR CA 185 73.30 -97.79 44.97
N PRO CA 186 72.54 -98.71 45.58
CA PRO CA 186 72.89 -99.18 46.92
C PRO CA 186 74.28 -99.81 46.90
N LEU CA 187 75.06 -99.63 47.96
CA LEU CA 187 76.44 -100.12 48.00
C LEU CA 187 76.53 -101.65 48.08
N THR CA 188 75.59 -102.26 48.81
CA THR CA 188 75.57 -103.70 49.06
C THR CA 188 75.42 -104.55 47.81
N THR CA 189 74.53 -104.15 46.90
CA THR CA 189 74.42 -104.86 45.62
C THR CA 189 75.38 -104.29 44.58
N MET CA 190 76.28 -103.41 45.03
CA MET CA 190 77.26 -102.82 44.13
C MET CA 190 78.60 -103.53 44.26
N ASN CA 191 79.11 -104.07 43.16
CA ASN CA 191 80.34 -104.86 43.22
C ASN CA 191 81.58 -104.02 43.45
N GLU CA 192 82.55 -104.61 44.15
CA GLU CA 192 83.80 -103.94 44.51
C GLU CA 192 84.43 -103.15 43.36
N LYS CA 193 84.49 -103.76 42.18
CA LYS CA 193 85.10 -103.14 41.01
C LYS CA 193 84.46 -101.81 40.61
N ASP CA 194 83.15 -101.84 40.36
CA ASP CA 194 82.38 -100.63 40.06
C ASP CA 194 82.58 -99.59 41.15
N GLN CA 195 82.40 -100.01 42.39
CA GLN CA 195 82.63 -99.17 43.55
C GLN CA 195 84.05 -98.58 43.60
N GLU CA 196 85.03 -99.35 43.14
CA GLU CA 196 86.42 -98.87 43.11
C GLU CA 196 86.66 -97.79 42.06
N GLN CA 197 85.98 -97.89 40.92
CA GLN CA 197 86.10 -96.86 39.89
C GLN CA 197 85.45 -95.56 40.38
N LEU CA 198 84.26 -95.65 40.96
CA LEU CA 198 83.52 -94.46 41.38
C LEU CA 198 84.33 -93.62 42.37
N ILE CA 199 85.04 -94.29 43.28
CA ILE CA 199 85.96 -93.60 44.18
C ILE CA 199 87.18 -93.01 43.45
N GLU CA 200 87.74 -93.75 42.50
CA GLU CA 200 88.79 -93.24 41.62
C GLU CA 200 88.40 -92.00 40.80
N ASP CA 201 87.22 -92.02 40.21
CA ASP CA 201 86.78 -90.90 39.38
C ASP CA 201 86.19 -89.74 40.20
N HIS CA 202 86.28 -89.84 41.52
CA HIS CA 202 85.98 -88.75 42.45
C HIS CA 202 84.51 -88.58 42.77
N PHE CA 203 83.69 -89.53 42.35
CA PHE CA 203 82.24 -89.42 42.50
C PHE CA 203 81.73 -89.96 43.83
N LEU CA 204 82.24 -91.12 44.24
CA LEU CA 204 81.76 -91.82 45.43
C LEU CA 204 82.69 -91.73 46.64
N PHE CA 205 82.10 -91.71 47.84
CA PHE CA 205 82.88 -91.65 49.07
C PHE CA 205 83.76 -92.88 49.18
N GLU CA 206 84.82 -92.75 49.99
CA GLU CA 206 85.87 -93.77 50.10
C GLU CA 206 85.48 -94.94 50.99
N LYS CA 207 86.33 -95.96 51.00
CA LYS CA 207 86.14 -97.13 51.84
C LYS CA 207 86.30 -96.71 53.29
N PRO CA 208 85.47 -97.29 54.18
CA PRO CA 208 85.22 -96.79 55.54
C PRO CA 208 86.43 -96.88 56.47
N THR CA 209 87.52 -96.19 56.19
CA THR CA 209 88.69 -96.24 57.07
C THR CA 209 89.14 -94.89 57.61
N GLY CA 210 88.27 -93.89 57.49
CA GLY CA 210 88.62 -92.53 57.89
C GLY CA 210 88.60 -92.42 59.39
N ALA CA 211 89.63 -91.79 59.94
CA ALA CA 211 89.86 -91.77 61.39
C ALA CA 211 88.59 -91.38 62.14
N LEU CA 212 88.06 -90.20 61.82
CA LEU CA 212 86.81 -89.72 62.41
C LEU CA 212 85.64 -90.66 62.16
N LEU CA 213 85.43 -91.05 60.90
CA LEU CA 213 84.25 -91.83 60.53
C LEU CA 213 84.07 -93.05 61.41
N THR CA 214 85.19 -93.71 61.72
CA THR CA 214 85.17 -94.98 62.42
C THR CA 214 85.17 -94.78 63.93
N THR CA 215 85.98 -93.83 64.39
CA THR CA 215 86.05 -93.54 65.80
C THR CA 215 84.75 -92.95 66.34
N SER CA 216 83.88 -92.47 65.43
CA SER CA 216 82.67 -91.75 65.82
C SER CA 216 81.36 -92.54 65.64
N GLY CA 217 81.44 -93.69 64.98
CA GLY CA 217 80.30 -94.58 64.87
C GLY CA 217 79.70 -94.66 63.48
N CYS CA 218 80.26 -93.93 62.54
CA CYS CA 218 79.66 -93.83 61.21
C CYS CA 218 80.10 -94.97 60.29
N ALA CA 219 80.69 -96.01 60.85
CA ALA CA 219 81.19 -97.12 60.02
C ALA CA 219 80.47 -98.43 60.32
N ARG CA 220 79.60 -98.41 61.33
CA ARG CA 220 78.87 -99.59 61.77
C ARG CA 220 77.94 -100.18 60.70
N ASP CA 221 77.79 -101.50 60.75
CA ASP CA 221 76.86 -102.22 59.86
C ASP CA 221 77.26 -102.07 58.39
N TRP CA 222 78.36 -101.36 58.14
CA TRP CA 222 78.79 -101.09 56.78
C TRP CA 222 78.74 -102.37 55.94
N PRO CA 223 78.19 -102.30 54.72
CA PRO CA 223 77.68 -101.12 54.02
C PRO CA 223 76.16 -101.02 54.02
N ASP CA 224 75.54 -101.36 55.15
CA ASP CA 224 74.09 -101.40 55.29
C ASP CA 224 73.46 -100.01 55.21
N GLY CA 225 72.51 -99.82 54.30
CA GLY CA 225 71.79 -98.56 54.22
C GLY CA 225 72.57 -97.46 53.52
N ARG CA 226 73.71 -97.81 52.95
CA ARG CA 226 74.56 -96.84 52.25
C ARG CA 226 74.41 -97.01 50.75
N GLY CA 227 74.55 -95.91 50.03
CA GLY CA 227 74.56 -95.95 48.59
C GLY CA 227 74.86 -94.60 47.99
N ILE CA 228 74.91 -94.56 46.67
CA ILE CA 228 75.04 -93.31 45.94
C ILE CA 228 73.93 -93.18 44.90
N TRP CA 229 73.28 -92.03 44.90
CA TRP CA 229 72.35 -91.72 43.84
C TRP CA 229 73.04 -90.72 42.92
N HIS CA 230 72.96 -90.93 41.61
CA HIS CA 230 73.39 -89.91 40.67
C HIS CA 230 72.50 -89.81 39.43
N ASN CA 231 72.66 -88.74 38.65
CA ASN CA 231 71.90 -88.60 37.40
C ASN CA 231 72.68 -89.21 36.23
N ASN CA 232 72.10 -89.15 35.02
CA ASN CA 232 72.70 -89.82 33.86
C ASN CA 232 74.01 -89.19 33.36
N GLU CA 233 74.09 -87.87 33.43
CA GLU CA 233 75.31 -87.15 33.05
C GLU CA 233 76.43 -87.38 34.06
N LYS CA 234 76.07 -87.89 35.24
CA LYS CA 234 76.99 -88.01 36.37
C LYS CA 234 77.65 -86.68 36.75
N ASN CA 235 76.85 -85.62 36.85
CA ASN CA 235 77.35 -84.32 37.29
C ASN CA 235 76.56 -83.83 38.50
N PHE CA 236 75.53 -84.60 38.85
CA PHE CA 236 74.71 -84.33 40.01
C PHE CA 236 74.55 -85.64 40.77
N LEU CA 237 74.85 -85.63 42.06
CA LEU CA 237 75.01 -86.88 42.80
C LEU CA 237 74.58 -86.73 44.25
N VAL CA 238 74.25 -87.85 44.90
CA VAL CA 238 73.90 -87.86 46.32
C VAL CA 238 74.42 -89.11 47.05
N TRP CA 239 75.26 -88.91 48.07
CA TRP CA 239 75.73 -90.00 48.94
C TRP CA 239 74.74 -90.22 50.08
N ILE CA 240 74.18 -91.42 50.19
CA ILE CA 240 73.19 -91.66 51.24
C ILE CA 240 73.79 -92.46 52.39
N ASN CA 241 73.82 -91.84 53.57
CA ASN CA 241 74.25 -92.51 54.80
C ASN CA 241 75.74 -92.77 54.96
N GLU CA 242 76.57 -91.74 54.84
CA GLU CA 242 77.97 -91.93 55.16
C GLU CA 242 78.25 -91.28 56.51
N GLU CA 243 78.86 -90.10 56.47
CA GLU CA 243 79.06 -89.30 57.65
C GLU CA 243 77.78 -88.55 57.98
N ASP CA 244 77.09 -88.10 56.92
CA ASP CA 244 75.81 -87.44 57.05
C ASP CA 244 74.71 -88.25 56.36
N HIS CA 245 73.46 -87.97 56.71
CA HIS CA 245 72.32 -88.59 56.03
C HIS CA 245 72.41 -88.39 54.51
N ILE CA 246 72.62 -87.13 54.11
CA ILE CA 246 72.55 -86.72 52.71
C ILE CA 246 73.72 -85.80 52.32
N ARG CA 247 74.25 -85.97 51.11
CA ARG CA 247 75.23 -85.05 50.53
C ARG CA 247 74.87 -84.68 49.09
N VAL CA 248 74.62 -83.40 48.82
CA VAL CA 248 74.29 -82.93 47.46
C VAL CA 248 75.55 -82.45 46.75
N ILE CA 249 75.76 -82.92 45.54
CA ILE CA 249 77.05 -82.71 44.87
C ILE CA 249 76.94 -82.26 43.42
N SER CA 250 77.62 -81.17 43.11
CA SER CA 250 77.73 -80.67 41.74
C SER CA 250 79.21 -80.65 41.34
N MET CA 251 79.55 -81.38 40.29
CA MET CA 251 80.94 -81.49 39.88
C MET CA 251 81.13 -81.75 38.39
N GLN CA 252 82.25 -81.27 37.86
CA GLN CA 252 82.65 -81.51 36.47
C GLN CA 252 84.09 -81.06 36.27
N LYS CA 253 84.75 -81.65 35.29
CA LYS CA 253 86.15 -81.31 35.03
C LYS CA 253 86.27 -79.91 34.43
N GLY CA 254 87.41 -79.26 34.68
CA GLY CA 254 87.68 -77.94 34.14
C GLY CA 254 87.46 -76.79 35.12
N GLY CA 255 87.71 -75.57 34.67
CA GLY CA 255 87.66 -74.41 35.54
C GLY CA 255 86.34 -73.66 35.57
N ASP CA 256 85.32 -74.20 34.89
CA ASP CA 256 84.00 -73.58 34.85
C ASP CA 256 83.19 -73.85 36.12
N LEU CA 257 83.65 -73.30 37.24
CA LEU CA 257 83.03 -73.47 38.55
C LEU CA 257 81.63 -72.88 38.58
N LYS CA 258 81.47 -71.77 37.86
CA LYS CA 258 80.20 -71.04 37.84
C LYS CA 258 79.08 -71.94 37.30
N ALA CA 259 79.39 -72.74 36.29
CA ALA CA 259 78.45 -73.70 35.72
C ALA CA 259 78.12 -74.83 36.70
N VAL CA 260 79.08 -75.18 37.54
CA VAL CA 260 78.87 -76.16 38.60
C VAL CA 260 77.88 -75.61 39.61
N PHE CA 261 78.14 -74.40 40.11
CA PHE CA 261 77.25 -73.69 41.04
C PHE CA 261 75.82 -73.51 40.49
N SER CA 262 75.68 -73.24 39.19
CA SER CA 262 74.36 -73.12 38.57
C SER CA 262 73.54 -74.42 38.65
N ARG CA 263 74.17 -75.55 38.30
CA ARG CA 263 73.50 -76.84 38.38
C ARG CA 263 73.20 -77.19 39.82
N PHE CA 264 74.22 -77.03 40.66
CA PHE CA 264 74.07 -77.26 42.09
C PHE CA 264 72.85 -76.54 42.64
N ALA CA 265 72.70 -75.27 42.27
CA ALA CA 265 71.60 -74.45 42.77
C ALA CA 265 70.23 -75.03 42.36
N ARG CA 266 70.04 -75.23 41.06
CA ARG CA 266 68.86 -75.90 40.52
C ARG CA 266 68.50 -77.14 41.32
N GLY CA 267 69.46 -78.06 41.38
CA GLY CA 267 69.25 -79.38 41.95
C GLY CA 267 69.12 -79.42 43.46
N LEU CA 268 69.73 -78.46 44.15
CA LEU CA 268 69.58 -78.37 45.60
C LEU CA 268 68.15 -77.96 45.99
N LEU CA 269 67.62 -76.94 45.30
CA LEU CA 269 66.26 -76.47 45.56
C LEU CA 269 65.24 -77.59 45.32
N GLU CA 270 65.58 -78.48 44.39
CA GLU CA 270 64.72 -79.59 43.98
C GLU CA 270 64.72 -80.74 44.99
N VAL CA 271 65.87 -81.04 45.56
CA VAL CA 271 65.94 -82.08 46.58
C VAL CA 271 65.26 -81.62 47.86
N GLU CA 272 65.47 -80.36 48.22
CA GLU CA 272 64.81 -79.78 49.40
C GLU CA 272 63.31 -79.70 49.20
N ARG CA 273 62.90 -79.35 47.98
CA ARG CA 273 61.48 -79.32 47.65
C ARG CA 273 60.87 -80.72 47.78
N LEU CA 274 61.45 -81.67 47.05
CA LEU CA 274 60.94 -83.04 47.03
C LEU CA 274 60.88 -83.68 48.41
N MET CA 275 61.86 -83.39 49.26
CA MET CA 275 61.90 -83.95 50.62
C MET CA 275 60.79 -83.35 51.48
N LYS CA 276 60.57 -82.05 51.34
CA LYS CA 276 59.49 -81.35 52.04
C LYS CA 276 58.13 -81.88 51.59
N GLU CA 277 58.01 -82.05 50.27
CA GLU CA 277 56.79 -82.47 49.60
C GLU CA 277 56.29 -83.84 50.05
N CYS CA 278 57.21 -84.77 50.26
CA CYS CA 278 56.87 -86.12 50.70
C CYS CA 278 56.71 -86.19 52.22
N GLY CA 279 56.91 -85.08 52.90
CA GLY CA 279 56.58 -84.96 54.32
C GLY CA 279 57.73 -85.18 55.29
N HIS CA 280 58.97 -84.96 54.83
CA HIS CA 280 60.14 -85.11 55.67
C HIS CA 280 60.90 -83.79 55.79
N GLY CA 281 61.07 -83.31 57.03
CA GLY CA 281 61.84 -82.11 57.27
C GLY CA 281 63.33 -82.41 57.31
N LEU CA 282 64.14 -81.37 57.49
CA LEU CA 282 65.59 -81.53 57.52
C LEU CA 282 66.16 -80.70 58.66
N MET CA 283 67.03 -81.29 59.47
CA MET CA 283 67.52 -80.63 60.67
C MET CA 283 68.05 -79.22 60.42
N HIS CA 284 67.41 -78.25 61.04
CA HIS CA 284 67.65 -76.85 60.74
C HIS CA 284 67.48 -75.94 61.96
N ASN CA 285 68.42 -75.05 62.14
CA ASN CA 285 68.40 -74.07 63.22
C ASN CA 285 68.12 -72.69 62.63
N ASP CA 286 67.29 -71.89 63.28
CA ASP CA 286 66.99 -70.54 62.79
C ASP CA 286 68.24 -69.69 62.83
N ARG CA 287 69.01 -69.83 63.91
CA ARG CA 287 70.26 -69.10 64.12
C ARG CA 287 71.41 -69.67 63.31
N LEU CA 288 71.48 -71.00 63.23
CA LEU CA 288 72.63 -71.70 62.66
C LEU CA 288 72.39 -72.34 61.30
N GLY CA 289 71.30 -71.99 60.63
CA GLY CA 289 70.97 -72.60 59.36
C GLY CA 289 70.92 -74.11 59.51
N TYR CA 290 71.33 -74.83 58.48
CA TYR CA 290 71.27 -76.29 58.53
C TYR CA 290 72.36 -76.90 59.43
N ILE CA 291 72.09 -78.10 59.93
CA ILE CA 291 72.94 -78.77 60.90
C ILE CA 291 73.16 -80.25 60.58
N CYS CA 292 74.43 -80.63 60.36
CA CYS CA 292 74.79 -82.04 60.12
C CYS CA 292 75.73 -82.61 61.19
N THR CA 293 76.41 -83.71 60.84
CA THR CA 293 77.25 -84.46 61.79
C THR CA 293 78.44 -83.68 62.38
N CYS CA 294 79.27 -83.09 61.53
CA CYS CA 294 80.40 -82.30 61.99
C CYS CA 294 80.01 -80.82 62.03
N PRO CA 295 80.49 -80.08 63.04
CA PRO CA 295 80.16 -78.65 63.23
C PRO CA 295 80.71 -77.72 62.14
N THR CA 296 81.69 -78.19 61.37
CA THR CA 296 82.16 -77.43 60.22
C THR CA 296 81.09 -77.47 59.13
N ASN CA 297 80.21 -78.47 59.23
CA ASN CA 297 79.13 -78.60 58.27
C ASN CA 297 77.81 -78.01 58.77
N MET CA 298 77.81 -76.70 59.03
CA MET CA 298 76.63 -75.98 59.49
C MET CA 298 76.44 -74.71 58.68
N GLY CA 299 75.29 -74.05 58.88
CA GLY CA 299 74.96 -72.85 58.14
C GLY CA 299 74.45 -73.17 56.75
N THR CA 300 75.34 -73.03 55.75
CA THR CA 300 75.01 -73.44 54.40
C THR CA 300 75.41 -74.89 54.21
N VAL CA 301 76.47 -75.28 54.93
CA VAL CA 301 77.02 -76.64 54.84
C VAL CA 301 77.57 -76.86 53.44
N VAL CA 302 78.28 -75.86 52.92
CA VAL CA 302 78.73 -75.87 51.54
C VAL CA 302 80.25 -75.91 51.39
N ARG CA 303 80.76 -76.91 50.67
CA ARG CA 303 82.17 -76.91 50.28
C ARG CA 303 82.35 -76.78 48.78
N ALA CA 304 82.48 -75.54 48.32
CA ALA CA 304 82.91 -75.29 46.96
C ALA CA 304 84.41 -75.54 46.89
N SER CA 305 84.87 -76.36 45.94
CA SER CA 305 86.30 -76.62 45.82
C SER CA 305 86.80 -76.61 44.38
N VAL CA 306 88.12 -76.56 44.22
CA VAL CA 306 88.74 -76.66 42.90
C VAL CA 306 90.03 -77.47 43.00
N HIS CA 307 90.34 -78.25 41.96
CA HIS CA 307 91.66 -78.87 41.87
C HIS CA 307 92.60 -77.92 41.11
N LEU CA 308 93.41 -77.20 41.87
CA LEU CA 308 94.20 -76.08 41.38
C LEU CA 308 95.69 -76.44 41.38
N ARG CA 309 96.29 -76.51 40.19
CA ARG CA 309 97.71 -76.87 40.07
C ARG CA 309 98.64 -75.68 40.25
N LEU CA 310 99.54 -75.81 41.22
CA LEU CA 310 100.44 -74.72 41.61
C LEU CA 310 101.89 -75.22 41.72
N ALA CA 311 102.50 -75.41 40.56
CA ALA CA 311 103.86 -75.96 40.50
C ALA CA 311 104.88 -74.99 41.11
N PHE CA 312 104.56 -73.71 41.12
CA PHE CA 312 105.47 -72.71 41.65
C PHE CA 312 105.15 -72.20 43.05
N LEU CA 313 103.88 -71.89 43.32
CA LEU CA 313 103.47 -71.30 44.60
C LEU CA 313 103.59 -72.27 45.77
N GLU CA 314 103.39 -73.55 45.50
CA GLU CA 314 103.49 -74.56 46.55
C GLU CA 314 104.92 -74.61 47.10
N LYS CA 315 105.88 -74.17 46.28
CA LYS CA 315 107.27 -74.12 46.70
C LYS CA 315 107.56 -72.94 47.63
N HIS CA 316 106.80 -71.86 47.47
CA HIS CA 316 106.96 -70.63 48.25
C HIS CA 316 106.67 -70.87 49.72
N PRO CA 317 107.45 -70.24 50.62
CA PRO CA 317 107.31 -70.43 52.07
C PRO CA 317 106.11 -69.71 52.72
N ARG CA 318 105.46 -68.80 52.02
CA ARG CA 318 104.28 -68.15 52.61
C ARG CA 318 102.93 -68.67 52.06
N PHE CA 319 102.97 -69.84 51.43
CA PHE CA 319 101.78 -70.55 50.93
C PHE CA 319 100.66 -70.73 51.97
N ASP CA 320 100.92 -71.61 52.94
CA ASP CA 320 99.96 -71.96 53.98
C ASP CA 320 99.40 -70.76 54.75
N GLU CA 321 100.18 -69.69 54.82
CA GLU CA 321 99.75 -68.47 55.49
C GLU CA 321 98.80 -67.71 54.57
N MET CA 322 99.16 -67.57 53.30
CA MET CA 322 98.27 -66.92 52.34
C MET CA 322 96.90 -67.59 52.35
N LEU CA 323 96.87 -68.93 52.32
CA LEU CA 323 95.63 -69.71 52.43
C LEU CA 323 94.75 -69.33 53.61
N GLY CA 324 95.34 -69.31 54.81
CA GLY CA 324 94.58 -69.03 56.02
C GLY CA 324 93.93 -67.66 55.96
N LYS CA 325 94.72 -66.66 55.56
CA LYS CA 325 94.24 -65.31 55.42
C LYS CA 325 93.16 -65.20 54.35
N LEU CA 326 93.18 -66.12 53.40
CA LEU CA 326 92.16 -66.14 52.36
C LEU CA 326 90.92 -66.90 52.85
N ARG CA 327 91.03 -67.51 54.02
CA ARG CA 327 89.99 -68.38 54.56
C ARG CA 327 89.75 -69.58 53.63
N LEU CA 328 90.82 -70.14 53.11
CA LEU CA 328 90.68 -71.31 52.25
C LEU CA 328 91.15 -72.55 52.98
N GLY CA 329 90.60 -73.70 52.60
CA GLY CA 329 91.02 -74.96 53.17
C GLY CA 329 92.02 -75.62 52.24
N LYS CA 330 92.67 -76.68 52.72
CA LYS CA 330 93.64 -77.41 51.92
C LYS CA 330 93.44 -78.91 52.10
N ARG CA 331 93.34 -79.63 50.98
CA ARG CA 331 93.28 -81.08 51.02
C ARG CA 331 94.02 -81.69 49.83
N GLY CA 332 94.28 -82.98 49.92
CA GLY CA 332 94.96 -83.68 48.84
C GLY CA 332 94.04 -83.77 47.65
N THR CA 333 94.55 -84.31 46.54
CA THR CA 333 93.77 -84.37 45.30
C THR CA 333 92.69 -85.43 45.40
N GLY CA 334 92.90 -86.41 46.27
CA GLY CA 334 91.92 -87.45 46.53
C GLY CA 334 91.06 -87.14 47.74
N GLY CA 335 91.28 -85.97 48.34
CA GLY CA 335 90.42 -85.50 49.41
C GLY CA 335 91.09 -85.26 50.75
N GLU CA 336 90.38 -85.56 51.83
CA GLU CA 336 90.80 -85.25 53.19
C GLU CA 336 91.99 -86.11 53.57
N SER CA 337 91.78 -87.42 53.55
CA SER CA 337 92.79 -88.36 53.96
C SER CA 337 93.81 -88.64 52.86
N SER CA 338 94.26 -87.60 52.17
CA SER CA 338 95.30 -87.72 51.14
C SER CA 338 96.20 -86.49 51.07
N LEU CA 339 97.13 -86.51 50.11
CA LEU CA 339 98.10 -85.43 49.97
C LEU CA 339 98.13 -84.93 48.52
N ALA CA 340 98.74 -83.77 48.32
CA ALA CA 340 98.92 -83.22 46.99
C ALA CA 340 99.67 -84.18 46.08
N THR CA 341 99.09 -84.45 44.91
CA THR CA 341 99.78 -85.22 43.89
C THR CA 341 99.94 -84.30 42.70
N ASP CA 342 101.09 -84.36 42.04
CA ASP CA 342 101.27 -83.64 40.79
C ASP CA 342 101.18 -82.13 40.99
N SER CA 343 101.50 -81.65 42.19
CA SER CA 343 101.50 -80.22 42.48
C SER CA 343 100.09 -79.67 42.49
N THR CA 344 99.10 -80.55 42.60
CA THR CA 344 97.70 -80.15 42.56
C THR CA 344 96.99 -80.30 43.92
N TYR CA 345 96.23 -79.27 44.28
CA TYR CA 345 95.57 -79.20 45.58
C TYR CA 345 94.09 -78.97 45.47
N ASP CA 346 93.31 -79.84 46.09
CA ASP CA 346 91.89 -79.53 46.31
C ASP CA 346 91.87 -78.32 47.25
N ILE CA 347 91.47 -77.17 46.71
CA ILE CA 347 91.32 -75.94 47.47
C ILE CA 347 89.83 -75.64 47.60
N SER CA 348 89.43 -74.97 48.68
CA SER CA 348 88.02 -74.72 48.93
C SER CA 348 87.81 -73.64 49.99
N ASN CA 349 86.60 -73.12 50.07
CA ASN CA 349 86.23 -72.19 51.13
C ASN CA 349 86.25 -72.90 52.48
N TRP CA 350 86.97 -72.35 53.44
CA TRP CA 350 87.02 -72.97 54.76
C TRP CA 350 85.69 -72.84 55.54
N ALA CA 351 85.13 -71.64 55.59
CA ALA CA 351 83.91 -71.41 56.40
C ALA CA 351 82.61 -71.79 55.69
N ARG CA 352 81.53 -72.01 56.46
CA ARG CA 352 80.25 -72.42 55.89
C ARG CA 352 79.06 -71.89 56.70
N LEU CA 353 79.36 -71.19 57.78
CA LEU CA 353 78.34 -70.61 58.64
C LEU CA 353 78.58 -69.11 58.68
N GLY CA 354 77.50 -68.33 58.65
CA GLY CA 354 77.61 -66.88 58.73
C GLY CA 354 77.73 -66.16 57.41
N LYS CA 355 77.79 -66.92 56.32
CA LYS CA 355 77.80 -66.34 54.98
C LYS CA 355 77.01 -67.25 54.08
N SER CA 356 76.46 -66.68 53.01
CA SER CA 356 75.63 -67.44 52.10
C SER CA 356 76.47 -68.14 51.04
N GLU CA 357 75.89 -69.18 50.47
CA GLU CA 357 76.51 -70.02 49.45
C GLU CA 357 77.28 -69.21 48.41
N ARG CA 358 76.60 -68.22 47.83
CA ARG CA 358 77.19 -67.35 46.81
C ARG CA 358 78.45 -66.62 47.28
N GLU CA 359 78.35 -65.98 48.45
CA GLU CA 359 79.49 -65.28 49.05
C GLU CA 359 80.67 -66.22 49.22
N LEU CA 360 80.39 -67.45 49.65
CA LEU CA 360 81.43 -68.43 49.88
C LEU CA 360 82.02 -68.96 48.57
N VAL CA 361 81.23 -68.90 47.50
CA VAL CA 361 81.77 -69.21 46.18
C VAL CA 361 82.55 -68.02 45.65
N GLN CA 362 82.16 -66.80 46.06
CA GLN CA 362 82.94 -65.63 45.70
C GLN CA 362 84.25 -65.58 46.48
N VAL CA 363 84.18 -65.90 47.77
CA VAL CA 363 85.39 -66.09 48.59
C VAL CA 363 86.37 -67.04 47.92
N LEU CA 364 85.93 -68.24 47.61
CA LEU CA 364 86.78 -69.21 46.94
C LEU CA 364 87.34 -68.66 45.62
N VAL CA 365 86.48 -68.17 44.73
CA VAL CA 365 86.93 -67.66 43.43
C VAL CA 365 87.95 -66.52 43.53
N ASP CA 366 87.67 -65.56 44.41
CA ASP CA 366 88.61 -64.48 44.66
C ASP CA 366 89.93 -65.02 45.21
N GLY CA 367 89.83 -65.94 46.17
CA GLY CA 367 91.00 -66.63 46.71
C GLY CA 367 91.84 -67.26 45.61
N VAL CA 368 91.19 -68.10 44.80
CA VAL CA 368 91.83 -68.76 43.66
C VAL CA 368 92.58 -67.79 42.75
N ASN CA 369 91.95 -66.65 42.46
CA ASN CA 369 92.51 -65.73 41.48
C ASN CA 369 93.85 -65.17 41.95
N LEU CA 370 93.98 -64.97 43.25
CA LEU CA 370 95.21 -64.46 43.87
C LEU CA 370 96.30 -65.50 43.84
N LEU CA 371 95.94 -66.74 44.15
CA LEU CA 371 96.91 -67.82 44.19
C LEU CA 371 97.55 -67.95 42.82
N ILE CA 372 96.74 -67.82 41.78
CA ILE CA 372 97.20 -67.98 40.42
C ILE CA 372 98.10 -66.82 40.02
N ALA CA 373 97.67 -65.61 40.35
CA ALA CA 373 98.47 -64.43 40.08
C ALA CA 373 99.89 -64.63 40.60
N CYS CA 374 99.99 -65.05 41.87
CA CYS CA 374 101.27 -65.36 42.51
C CYS CA 374 102.07 -66.44 41.80
N ASP CA 375 101.42 -67.57 41.55
CA ASP CA 375 102.05 -68.64 40.78
C ASP CA 375 102.67 -68.08 39.49
N LYS CA 376 101.86 -67.36 38.71
CA LYS CA 376 102.35 -66.72 37.49
C LYS CA 376 103.60 -65.92 37.79
N LYS CA 377 103.48 -64.98 38.74
CA LYS CA 377 104.61 -64.16 39.15
C LYS CA 377 105.83 -64.99 39.52
N LEU CA 378 105.61 -66.06 40.27
CA LEU CA 378 106.70 -66.95 40.64
C LEU CA 378 107.32 -67.59 39.41
N GLU CA 379 106.49 -68.03 38.46
CA GLU CA 379 106.98 -68.66 37.24
C GLU CA 379 107.87 -67.72 36.43
N ALA CA 380 107.59 -66.42 36.51
CA ALA CA 380 108.37 -65.42 35.81
C ALA CA 380 109.55 -64.95 36.64
N GLY CA 381 109.89 -65.73 37.66
CA GLY CA 381 111.02 -65.42 38.51
C GLY CA 381 110.90 -64.03 39.09
N GLN CA 382 109.74 -63.75 39.66
CA GLN CA 382 109.48 -62.44 40.23
C GLN CA 382 108.98 -62.58 41.66
N SER CA 383 108.95 -61.46 42.37
CA SER CA 383 108.60 -61.46 43.78
C SER CA 383 107.09 -61.34 43.99
N ILE CA 384 106.62 -61.84 45.13
CA ILE CA 384 105.20 -61.81 45.46
C ILE CA 384 104.99 -61.35 46.91
N ASP CA 385 106.04 -60.77 47.48
CA ASP CA 385 106.02 -60.22 48.83
C ASP CA 385 104.88 -59.22 49.00
N ASP CA 386 104.59 -58.51 47.92
CA ASP CA 386 103.59 -57.45 47.94
C ASP CA 386 102.17 -57.94 47.62
N MET CA 387 102.02 -59.21 47.25
CA MET CA 387 100.72 -59.74 46.85
C MET CA 387 100.09 -60.58 47.96
N ILE CA 388 100.92 -61.11 48.85
CA ILE CA 388 100.44 -61.83 50.02
C ILE CA 388 99.62 -60.87 50.86
N PRO CA 389 98.43 -61.30 51.31
CA PRO CA 389 97.57 -60.41 52.11
C PRO CA 389 98.25 -59.92 53.38
N LYS CA 390 97.84 -58.74 53.83
CA LYS CA 390 98.35 -58.17 55.08
C LYS CA 390 97.68 -58.77 56.32
N VAL DA 10 72.64 -94.19 83.74
CA VAL DA 10 73.46 -95.40 83.70
C VAL DA 10 73.05 -96.35 82.57
N LYS DA 11 71.77 -96.35 82.20
CA LYS DA 11 71.30 -97.18 81.09
C LYS DA 11 71.35 -96.46 79.75
N ASN DA 12 72.12 -95.38 79.68
CA ASN DA 12 72.40 -94.71 78.42
C ASN DA 12 73.90 -94.63 78.16
N ARG DA 13 74.62 -95.58 78.76
CA ARG DA 13 76.07 -95.65 78.71
C ARG DA 13 76.60 -95.70 77.29
N VAL DA 14 76.04 -96.62 76.49
CA VAL DA 14 76.49 -96.84 75.13
C VAL DA 14 76.42 -95.57 74.28
N GLY DA 15 75.40 -94.77 74.52
CA GLY DA 15 75.27 -93.46 73.91
C GLY DA 15 74.71 -93.44 72.50
N HIS DA 16 73.79 -94.36 72.21
CA HIS DA 16 73.14 -94.44 70.91
C HIS DA 16 71.63 -94.56 71.00
N SER DA 17 70.97 -94.34 69.86
CA SER DA 17 69.53 -94.50 69.74
C SER DA 17 69.07 -95.90 70.12
N LYS DA 18 67.96 -95.96 70.85
CA LYS DA 18 67.33 -97.24 71.18
C LYS DA 18 66.07 -97.45 70.34
N PRO DA 19 66.21 -98.20 69.24
CA PRO DA 19 65.17 -98.44 68.23
C PRO DA 19 63.90 -99.11 68.79
N TRP DA 20 64.06 -99.92 69.83
CA TRP DA 20 62.93 -100.64 70.38
C TRP DA 20 62.02 -99.70 71.19
N GLU DA 21 62.59 -98.84 72.03
CA GLU DA 21 61.79 -98.08 72.99
C GLU DA 21 60.54 -97.26 72.45
N SER DA 22 60.76 -96.26 71.58
CA SER DA 22 59.64 -95.42 71.04
C SER DA 22 58.65 -96.10 70.10
N GLY DA 23 58.92 -97.33 69.71
CA GLY DA 23 57.90 -98.21 69.18
C GLY DA 23 57.43 -98.00 67.76
N LYS DA 24 58.26 -97.49 66.86
CA LYS DA 24 57.90 -97.49 65.43
C LYS DA 24 58.71 -98.54 64.66
N PHE DA 25 59.47 -99.33 65.41
CA PHE DA 25 60.32 -100.34 64.80
C PHE DA 25 60.17 -101.77 65.36
N LYS DA 26 60.12 -102.76 64.49
CA LYS DA 26 60.13 -104.17 64.90
C LYS DA 26 61.55 -104.71 65.02
N ALA DA 27 61.67 -105.93 65.53
CA ALA DA 27 62.98 -106.53 65.71
C ALA DA 27 63.61 -106.96 64.39
N ALA DA 28 62.78 -107.19 63.37
CA ALA DA 28 63.30 -107.53 62.06
C ALA DA 28 63.75 -106.25 61.37
N ASP DA 29 63.20 -105.13 61.86
CA ASP DA 29 63.53 -103.81 61.37
C ASP DA 29 64.99 -103.47 61.62
N ASN DA 30 65.51 -103.98 62.74
CA ASN DA 30 66.88 -103.69 63.14
C ASN DA 30 67.75 -104.94 63.11
N PHE DA 31 67.25 -106.01 62.51
CA PHE DA 31 67.97 -107.26 62.45
C PHE DA 31 69.12 -107.23 61.42
N PRO DA 32 70.36 -107.40 61.90
CA PRO DA 32 71.57 -107.34 61.07
C PRO DA 32 71.54 -108.30 59.90
N ASP DA 33 72.00 -107.83 58.74
CA ASP DA 33 72.15 -108.65 57.55
C ASP DA 33 73.57 -109.20 57.52
N LEU DA 34 73.68 -110.51 57.77
CA LEU DA 34 74.96 -111.20 57.76
C LEU DA 34 74.94 -112.23 56.66
N SER DA 35 74.65 -111.79 55.43
CA SER DA 35 74.63 -112.68 54.27
C SER DA 35 76.03 -113.19 53.95
N LYS DA 36 77.00 -112.29 53.99
CA LYS DA 36 78.36 -112.61 53.56
C LYS DA 36 79.32 -112.86 54.72
N HIS DA 37 78.87 -112.60 55.93
CA HIS DA 37 79.72 -112.74 57.12
C HIS DA 37 80.20 -114.16 57.34
N ASN DA 38 81.29 -114.28 58.09
CA ASN DA 38 81.69 -115.53 58.69
C ASN DA 38 82.20 -115.30 60.11
N ASN DA 39 81.42 -115.73 61.11
CA ASN DA 39 81.82 -115.68 62.51
C ASN DA 39 80.80 -116.37 63.41
N VAL DA 40 81.29 -116.98 64.50
CA VAL DA 40 80.41 -117.69 65.42
C VAL DA 40 79.15 -116.88 65.65
N MET DA 41 79.31 -115.58 65.86
CA MET DA 41 78.16 -114.70 66.06
C MET DA 41 77.17 -114.84 64.91
N ALA DA 42 77.63 -114.67 63.68
CA ALA DA 42 76.81 -114.85 62.48
C ALA DA 42 76.19 -116.25 62.39
N SER DA 43 76.95 -117.27 62.78
CA SER DA 43 76.52 -118.66 62.68
C SER DA 43 75.45 -119.04 63.72
N GLN DA 44 75.42 -118.35 64.86
CA GLN DA 44 74.49 -118.71 65.92
C GLN DA 44 73.26 -117.80 66.01
N LEU DA 45 73.35 -116.63 65.38
CA LEU DA 45 72.24 -115.69 65.43
C LEU DA 45 71.09 -116.07 64.50
N THR DA 46 69.87 -115.80 64.95
CA THR DA 46 68.66 -116.13 64.23
C THR DA 46 67.62 -115.07 64.59
N LYS DA 47 66.74 -114.74 63.65
CA LYS DA 47 65.79 -113.66 63.84
C LYS DA 47 65.04 -113.74 65.17
N GLU DA 48 64.76 -114.96 65.64
CA GLU DA 48 64.01 -115.14 66.86
C GLU DA 48 64.87 -114.89 68.09
N LEU DA 49 66.14 -115.30 68.04
CA LEU DA 49 67.06 -114.96 69.11
C LEU DA 49 67.25 -113.45 69.17
N TYR DA 50 67.42 -112.81 68.02
CA TYR DA 50 67.51 -111.35 67.99
C TYR DA 50 66.23 -110.72 68.53
N GLU DA 51 65.10 -111.13 67.95
CA GLU DA 51 63.79 -110.65 68.37
C GLU DA 51 63.70 -110.77 69.89
N LYS DA 52 64.15 -111.90 70.40
CA LYS DA 52 64.07 -112.15 71.83
C LYS DA 52 64.81 -111.10 72.65
N TYR DA 53 66.05 -110.80 72.25
CA TYR DA 53 66.97 -110.04 73.09
C TYR DA 53 67.23 -108.58 72.71
N TRP DA 54 66.74 -108.13 71.56
CA TRP DA 54 67.13 -106.80 71.08
C TRP DA 54 66.81 -105.67 72.07
N ASP DA 55 65.68 -105.76 72.74
CA ASP DA 55 65.31 -104.75 73.74
C ASP DA 55 65.70 -105.11 75.18
N LYS DA 56 66.48 -106.18 75.35
CA LYS DA 56 66.89 -106.62 76.68
C LYS DA 56 68.24 -106.01 77.13
N VAL DA 57 68.19 -104.98 77.97
CA VAL DA 57 69.38 -104.22 78.38
C VAL DA 57 69.90 -104.57 79.78
N THR DA 58 71.23 -104.73 79.89
CA THR DA 58 71.85 -105.09 81.17
C THR DA 58 71.83 -103.92 82.17
N PRO DA 59 72.14 -104.19 83.45
CA PRO DA 59 72.17 -103.16 84.49
C PRO DA 59 73.16 -102.01 84.21
N ASN DA 60 74.27 -102.32 83.55
CA ASN DA 60 75.28 -101.29 83.25
C ASN DA 60 74.94 -100.47 82.00
N GLY DA 61 73.84 -100.81 81.35
CA GLY DA 61 73.40 -100.10 80.17
C GLY DA 61 73.82 -100.78 78.87
N VAL DA 62 74.38 -101.99 78.98
CA VAL DA 62 74.81 -102.76 77.82
C VAL DA 62 73.64 -103.41 77.05
N THR DA 63 73.45 -103.00 75.80
CA THR DA 63 72.40 -103.57 74.98
C THR DA 63 72.91 -104.77 74.18
N PHE DA 64 72.00 -105.48 73.52
CA PHE DA 64 72.38 -106.69 72.82
C PHE DA 64 73.11 -106.35 71.53
N ASP DA 65 72.95 -105.11 71.06
CA ASP DA 65 73.61 -104.66 69.85
C ASP DA 65 75.07 -104.30 70.12
N LYS DA 66 75.36 -103.91 71.35
CA LYS DA 66 76.72 -103.65 71.76
C LYS DA 66 77.52 -104.94 71.71
N CYS DA 67 76.94 -106.02 72.23
CA CYS DA 67 77.63 -107.30 72.29
C CYS DA 67 77.97 -107.86 70.91
N ILE DA 68 77.05 -107.67 69.94
CA ILE DA 68 77.17 -108.30 68.64
C ILE DA 68 77.76 -107.36 67.60
N GLN DA 69 78.09 -106.15 68.00
CA GLN DA 69 78.48 -105.11 67.04
C GLN DA 69 79.76 -105.45 66.28
N THR DA 70 80.71 -106.09 66.95
CA THR DA 70 82.00 -106.39 66.33
C THR DA 70 81.88 -107.38 65.17
N GLY DA 71 80.92 -108.29 65.27
CA GLY DA 71 80.76 -109.31 64.25
C GLY DA 71 80.14 -108.76 62.98
N VAL DA 72 79.20 -107.84 63.16
CA VAL DA 72 78.51 -107.19 62.04
C VAL DA 72 79.46 -106.35 61.20
N ASP DA 73 80.58 -105.94 61.80
CA ASP DA 73 81.57 -105.12 61.12
C ASP DA 73 82.72 -105.97 60.59
N ASN DA 74 82.69 -107.27 60.88
CA ASN DA 74 83.81 -108.15 60.55
C ASN DA 74 83.39 -109.50 59.94
N PRO DA 75 83.03 -109.49 58.64
CA PRO DA 75 82.47 -110.62 57.89
C PRO DA 75 83.52 -111.67 57.51
N GLY DA 76 84.77 -111.25 57.39
CA GLY DA 76 85.85 -112.17 57.14
C GLY DA 76 87.05 -111.73 57.94
N ASN DA 77 88.11 -112.54 57.92
CA ASN DA 77 89.37 -112.16 58.52
C ASN DA 77 90.52 -112.50 57.59
N LYS DA 78 91.54 -111.66 57.55
CA LYS DA 78 92.65 -111.83 56.61
C LYS DA 78 93.66 -112.87 57.06
N PHE DA 79 93.68 -113.16 58.36
CA PHE DA 79 94.61 -114.14 58.92
C PHE DA 79 93.93 -115.46 59.30
N TYR DA 80 94.68 -116.35 59.93
CA TYR DA 80 94.23 -117.71 60.23
C TYR DA 80 93.05 -117.72 61.19
N GLY DA 81 92.16 -118.71 61.03
CA GLY DA 81 91.15 -118.98 62.02
C GLY DA 81 89.88 -118.15 61.94
N LYS DA 82 88.76 -118.80 62.24
CA LYS DA 82 87.46 -118.16 62.28
C LYS DA 82 87.38 -117.24 63.51
N LYS DA 83 86.59 -116.17 63.42
CA LYS DA 83 86.43 -115.26 64.55
C LYS DA 83 85.06 -115.41 65.22
N THR DA 84 84.95 -114.80 66.40
CA THR DA 84 83.78 -114.94 67.27
C THR DA 84 82.72 -113.88 66.97
N GLY DA 85 83.17 -112.67 66.65
CA GLY DA 85 82.27 -111.60 66.28
C GLY DA 85 81.28 -111.20 67.37
N CYS DA 86 81.68 -111.37 68.62
CA CYS DA 86 80.85 -110.95 69.76
C CYS DA 86 81.67 -110.93 71.04
N VAL DA 87 81.28 -110.06 71.96
CA VAL DA 87 81.96 -109.95 73.24
C VAL DA 87 80.96 -109.69 74.34
N PHE DA 88 81.29 -110.10 75.56
CA PHE DA 88 80.52 -109.64 76.72
C PHE DA 88 81.04 -108.24 77.05
N GLY DA 89 80.22 -107.44 77.72
CA GLY DA 89 80.62 -106.10 78.08
C GLY DA 89 80.53 -105.82 79.58
N ASP DA 90 79.60 -106.49 80.25
CA ASP DA 90 79.49 -106.39 81.69
C ASP DA 90 79.20 -107.77 82.26
N GLU DA 91 79.17 -107.89 83.59
CA GLU DA 91 79.01 -109.20 84.21
C GLU DA 91 77.59 -109.75 84.14
N TYR DA 92 76.67 -108.96 83.61
CA TYR DA 92 75.29 -109.39 83.45
C TYR DA 92 75.04 -109.92 82.05
N SER DA 93 75.95 -109.59 81.14
CA SER DA 93 75.79 -109.91 79.72
C SER DA 93 75.42 -111.35 79.44
N TYR DA 94 76.08 -112.29 80.11
CA TYR DA 94 75.84 -113.71 79.83
C TYR DA 94 74.38 -114.06 80.09
N GLU DA 95 73.97 -113.98 81.35
CA GLU DA 95 72.62 -114.37 81.74
C GLU DA 95 71.55 -113.55 81.04
N CYS DA 96 71.92 -112.35 80.61
CA CYS DA 96 71.02 -111.54 79.81
C CYS DA 96 70.70 -112.26 78.51
N TYR DA 97 71.75 -112.67 77.83
CA TYR DA 97 71.68 -113.18 76.47
C TYR DA 97 72.15 -114.62 76.46
N LYS DA 98 71.67 -115.39 77.43
CA LYS DA 98 72.14 -116.75 77.62
C LYS DA 98 71.84 -117.69 76.45
N GLU DA 99 70.63 -117.62 75.91
CA GLU DA 99 70.25 -118.52 74.82
C GLU DA 99 71.23 -118.39 73.65
N PHE DA 100 71.62 -117.17 73.34
CA PHE DA 100 72.56 -116.92 72.24
C PHE DA 100 74.01 -117.32 72.53
N PHE DA 101 74.52 -116.95 73.71
CA PHE DA 101 75.91 -117.23 74.03
C PHE DA 101 76.22 -118.71 74.22
N ASP DA 102 75.24 -119.45 74.74
CA ASP DA 102 75.41 -120.89 74.88
C ASP DA 102 75.69 -121.57 73.55
N LYS DA 103 75.10 -121.04 72.48
CA LYS DA 103 75.33 -121.59 71.14
C LYS DA 103 76.75 -121.32 70.67
N CYS DA 104 77.22 -120.09 70.88
CA CYS DA 104 78.61 -119.77 70.60
C CYS DA 104 79.52 -120.61 71.46
N ILE DA 105 79.22 -120.67 72.76
CA ILE DA 105 80.06 -121.39 73.72
C ILE DA 105 80.14 -122.88 73.41
N GLU DA 106 79.19 -123.38 72.63
CA GLU DA 106 79.21 -124.80 72.26
C GLU DA 106 79.97 -125.04 70.96
N GLU DA 107 79.91 -124.07 70.04
CA GLU DA 107 80.74 -124.15 68.86
C GLU DA 107 82.18 -124.01 69.30
N ILE DA 108 82.49 -122.83 69.82
CA ILE DA 108 83.85 -122.51 70.28
C ILE DA 108 84.46 -123.58 71.18
N HIS DA 109 83.72 -124.03 72.19
CA HIS DA 109 84.34 -124.81 73.28
C HIS DA 109 84.05 -126.31 73.29
N HIS DA 110 83.05 -126.75 72.54
CA HIS DA 110 82.45 -128.07 72.71
C HIS DA 110 81.94 -128.20 74.15
N PHE DA 111 81.13 -127.23 74.57
CA PHE DA 111 80.66 -127.11 75.93
C PHE DA 111 79.19 -126.78 75.84
N LYS DA 112 78.34 -127.57 76.52
CA LYS DA 112 76.89 -127.44 76.36
C LYS DA 112 76.25 -126.69 77.53
N PRO DA 113 74.98 -126.30 77.37
CA PRO DA 113 74.23 -125.53 78.38
C PRO DA 113 73.96 -126.33 79.64
N SER DA 114 74.31 -127.61 79.60
CA SER DA 114 74.12 -128.51 80.73
C SER DA 114 75.46 -128.89 81.33
N ASP DA 115 76.52 -128.47 80.66
CA ASP DA 115 77.89 -128.74 81.08
C ASP DA 115 78.33 -127.86 82.25
N LYS DA 116 79.35 -128.30 82.98
CA LYS DA 116 79.87 -127.52 84.11
C LYS DA 116 81.40 -127.52 84.13
N HIS DA 117 82.00 -126.33 84.19
CA HIS DA 117 83.47 -126.23 84.15
C HIS DA 117 84.11 -126.82 85.40
N PRO DA 118 85.09 -127.73 85.19
CA PRO DA 118 85.80 -128.56 86.17
C PRO DA 118 86.73 -127.80 87.11
N ALA DA 119 87.01 -128.42 88.25
CA ALA DA 119 87.93 -127.85 89.24
C ALA DA 119 89.31 -127.62 88.62
N PRO DA 120 89.99 -126.53 89.01
CA PRO DA 120 91.32 -126.12 88.55
C PRO DA 120 92.43 -127.15 88.82
N ASP DA 121 93.39 -127.27 87.90
CA ASP DA 121 94.56 -128.12 88.11
C ASP DA 121 95.85 -127.47 87.60
N LEU DA 122 96.48 -126.69 88.49
CA LEU DA 122 97.73 -126.01 88.21
C LEU DA 122 98.92 -126.83 88.70
N ASP DA 123 98.72 -128.13 88.85
CA ASP DA 123 99.81 -128.98 89.30
C ASP DA 123 100.64 -129.46 88.12
N HIS DA 124 101.46 -128.55 87.59
CA HIS DA 124 102.38 -128.85 86.49
C HIS DA 124 103.13 -130.16 86.69
N ASN DA 125 103.39 -130.52 87.94
CA ASN DA 125 104.08 -131.76 88.23
C ASN DA 125 103.45 -132.97 87.51
N LYS DA 126 102.12 -133.02 87.53
CA LYS DA 126 101.37 -134.09 86.89
C LYS DA 126 101.48 -134.09 85.36
N LEU DA 127 102.47 -133.38 84.82
CA LEU DA 127 102.54 -133.19 83.37
C LEU DA 127 103.41 -134.22 82.67
N VAL DA 128 102.86 -134.81 81.61
CA VAL DA 128 103.62 -135.74 80.79
C VAL DA 128 104.34 -134.96 79.69
N GLY DA 129 105.66 -134.92 79.76
CA GLY DA 129 106.48 -134.30 78.73
C GLY DA 129 106.65 -132.80 78.88
N GLY DA 130 106.61 -132.09 77.75
CA GLY DA 130 106.69 -130.64 77.76
C GLY DA 130 108.09 -130.03 77.63
N VAL DA 131 108.98 -130.73 76.95
CA VAL DA 131 110.32 -130.20 76.72
C VAL DA 131 110.76 -130.68 75.35
N PHE DA 132 110.71 -129.80 74.37
CA PHE DA 132 110.90 -130.18 72.97
C PHE DA 132 112.22 -129.70 72.38
N GLU DA 133 112.74 -130.45 71.42
CA GLU DA 133 113.92 -130.06 70.68
C GLU DA 133 113.86 -128.58 70.30
N ASP DA 134 114.54 -127.75 71.08
CA ASP DA 134 114.71 -126.33 70.76
C ASP DA 134 114.91 -126.13 69.26
N LYS DA 135 115.44 -127.13 68.58
CA LYS DA 135 115.54 -127.12 67.13
C LYS DA 135 114.20 -126.73 66.52
N TYR DA 136 113.12 -127.21 67.14
CA TYR DA 136 111.76 -127.10 66.61
C TYR DA 136 110.93 -126.03 67.33
N VAL DA 137 111.17 -125.88 68.63
CA VAL DA 137 110.37 -124.99 69.47
C VAL DA 137 111.20 -123.83 70.01
N LYS DA 138 111.00 -122.63 69.46
CA LYS DA 138 111.91 -121.51 69.74
C LYS DA 138 111.51 -120.65 70.97
N SER DA 139 110.26 -120.77 71.40
CA SER DA 139 109.84 -120.20 72.67
C SER DA 139 108.50 -120.69 73.12
N CYS DA 140 108.19 -120.48 74.41
CA CYS DA 140 107.02 -121.09 75.03
C CYS DA 140 106.43 -120.12 76.07
N ARG DA 141 105.14 -119.85 75.93
CA ARG DA 141 104.44 -118.83 76.69
C ARG DA 141 103.12 -119.41 77.19
N ILE DA 142 102.61 -118.88 78.30
CA ILE DA 142 101.40 -119.41 78.94
C ILE DA 142 100.59 -118.31 79.63
N ARG DA 143 99.58 -117.81 78.94
CA ARG DA 143 98.77 -116.73 79.51
C ARG DA 143 97.39 -117.21 79.96
N CYS DA 144 96.74 -116.43 80.80
CA CYS DA 144 95.33 -116.60 81.07
C CYS DA 144 94.77 -115.20 81.28
N GLY DA 145 93.47 -115.10 81.52
CA GLY DA 145 92.81 -113.82 81.63
C GLY DA 145 91.85 -113.76 82.80
N ARG DA 146 91.80 -112.59 83.43
CA ARG DA 146 90.89 -112.36 84.52
C ARG DA 146 90.27 -111.01 84.23
N SER DA 147 89.14 -110.74 84.88
CA SER DA 147 88.53 -109.43 84.86
C SER DA 147 88.40 -109.06 86.30
N VAL DA 148 87.92 -107.85 86.55
CA VAL DA 148 87.73 -107.33 87.90
C VAL DA 148 86.23 -107.11 88.15
N LYS DA 149 85.71 -107.83 89.13
CA LYS DA 149 84.29 -107.82 89.43
C LYS DA 149 83.79 -106.43 89.81
N GLY DA 150 82.64 -106.04 89.28
CA GLY DA 150 82.01 -104.78 89.66
C GLY DA 150 82.25 -103.63 88.70
N VAL DA 151 82.96 -103.90 87.61
CA VAL DA 151 83.20 -102.91 86.56
C VAL DA 151 82.78 -103.46 85.20
N CYS DA 152 82.46 -102.58 84.28
CA CYS DA 152 82.20 -102.98 82.90
C CYS DA 152 83.51 -103.45 82.29
N LEU DA 153 83.43 -104.46 81.43
CA LEU DA 153 84.61 -104.91 80.71
C LEU DA 153 85.08 -103.82 79.73
N PRO DA 154 86.29 -104.00 79.15
CA PRO DA 154 86.88 -103.04 78.20
C PRO DA 154 85.99 -102.59 77.02
N PRO DA 155 85.11 -103.45 76.48
CA PRO DA 155 84.25 -102.91 75.40
C PRO DA 155 83.37 -101.74 75.86
N ALA DA 156 83.03 -101.69 77.15
CA ALA DA 156 82.03 -100.73 77.62
C ALA DA 156 82.46 -99.81 78.75
N MET DA 157 83.58 -100.13 79.40
CA MET DA 157 84.02 -99.36 80.58
C MET DA 157 84.33 -97.90 80.27
N SER DA 158 84.23 -97.06 81.30
CA SER DA 158 84.46 -95.64 81.13
C SER DA 158 85.91 -95.29 81.50
N ARG DA 159 86.27 -94.03 81.35
CA ARG DA 159 87.61 -93.59 81.71
C ARG DA 159 87.85 -93.68 83.21
N ALA DA 160 86.82 -93.37 84.00
CA ALA DA 160 86.89 -93.51 85.44
C ALA DA 160 87.18 -94.96 85.87
N GLU DA 161 86.49 -95.90 85.25
CA GLU DA 161 86.64 -97.33 85.60
C GLU DA 161 87.96 -97.91 85.12
N ARG DA 162 88.37 -97.54 83.91
CA ARG DA 162 89.65 -97.99 83.37
C ARG DA 162 90.79 -97.51 84.26
N ARG DA 163 90.69 -96.26 84.71
CA ARG DA 163 91.68 -95.68 85.61
C ARG DA 163 91.82 -96.53 86.88
N LEU DA 164 90.69 -96.74 87.56
CA LEU DA 164 90.59 -97.64 88.70
C LEU DA 164 91.28 -98.99 88.46
N VAL DA 165 90.83 -99.74 87.46
CA VAL DA 165 91.40 -101.06 87.17
C VAL DA 165 92.93 -101.02 87.05
N GLU DA 166 93.47 -99.87 86.68
CA GLU DA 166 94.92 -99.71 86.54
C GLU DA 166 95.53 -99.31 87.88
N LYS DA 167 94.70 -98.72 88.73
CA LYS DA 167 95.10 -98.38 90.09
C LYS DA 167 94.98 -99.61 90.97
N VAL DA 168 93.93 -100.38 90.72
CA VAL DA 168 93.58 -101.54 91.55
C VAL DA 168 94.50 -102.72 91.32
N VAL DA 169 94.80 -103.00 90.06
CA VAL DA 169 95.77 -104.05 89.72
C VAL DA 169 97.19 -103.69 90.13
N SER DA 170 97.73 -102.61 89.56
CA SER DA 170 99.10 -102.18 89.83
C SER DA 170 99.48 -102.23 91.32
N ASP DA 171 98.60 -101.76 92.18
CA ASP DA 171 98.88 -101.73 93.62
C ASP DA 171 99.12 -103.14 94.15
N ALA DA 172 98.22 -104.06 93.79
CA ALA DA 172 98.33 -105.44 94.24
C ALA DA 172 99.61 -106.10 93.72
N LEU DA 173 99.89 -105.91 92.44
CA LEU DA 173 101.09 -106.46 91.82
C LEU DA 173 102.35 -106.03 92.55
N GLY DA 174 102.17 -105.12 93.51
CA GLY DA 174 103.28 -104.53 94.23
C GLY DA 174 103.82 -105.46 95.30
N GLY DA 175 102.92 -106.14 96.00
CA GLY DA 175 103.31 -107.04 97.06
C GLY DA 175 104.05 -108.28 96.58
N LEU DA 176 104.10 -108.47 95.26
CA LEU DA 176 104.86 -109.58 94.70
C LEU DA 176 106.33 -109.45 95.08
N LYS DA 177 106.93 -110.56 95.51
CA LYS DA 177 108.31 -110.55 95.99
C LYS DA 177 109.22 -111.49 95.22
N GLY DA 178 110.38 -111.76 95.80
CA GLY DA 178 111.33 -112.68 95.21
C GLY DA 178 111.59 -112.40 93.75
N ASP DA 179 111.74 -113.45 92.95
CA ASP DA 179 112.06 -113.29 91.54
C ASP DA 179 110.87 -112.83 90.74
N LEU DA 180 109.74 -112.62 91.41
CA LEU DA 180 108.54 -112.10 90.76
C LEU DA 180 108.41 -110.59 90.98
N ALA DA 181 109.30 -110.03 91.81
CA ALA DA 181 109.27 -108.60 92.05
C ALA DA 181 109.51 -107.84 90.75
N GLY DA 182 108.85 -106.69 90.60
CA GLY DA 182 108.98 -105.92 89.37
C GLY DA 182 108.53 -104.47 89.51
N LYS DA 183 108.01 -103.92 88.42
CA LYS DA 183 107.54 -102.53 88.42
C LYS DA 183 106.55 -102.24 87.29
N TYR DA 184 105.42 -101.65 87.65
CA TYR DA 184 104.42 -101.18 86.68
C TYR DA 184 105.04 -100.24 85.64
N TYR DA 185 104.41 -100.15 84.47
CA TYR DA 185 104.89 -99.26 83.42
C TYR DA 185 103.70 -98.72 82.65
N PRO DA 186 102.97 -97.73 83.20
CA PRO DA 186 101.90 -97.17 82.37
C PRO DA 186 102.36 -96.87 80.94
N LEU DA 187 101.49 -97.15 79.98
CA LEU DA 187 101.80 -96.91 78.58
C LEU DA 187 101.73 -95.43 78.18
N THR DA 188 100.89 -94.63 78.85
CA THR DA 188 100.79 -93.20 78.53
C THR DA 188 102.16 -92.55 78.53
N THR DA 189 103.00 -92.93 79.51
CA THR DA 189 104.34 -92.35 79.68
C THR DA 189 105.52 -93.24 79.25
N MET DA 190 105.41 -93.85 78.07
CA MET DA 190 106.50 -94.67 77.50
C MET DA 190 106.70 -94.30 76.05
N ASN DA 191 107.90 -93.90 75.68
CA ASN DA 191 108.10 -93.40 74.31
C ASN DA 191 108.15 -94.53 73.28
N GLU DA 192 107.93 -94.18 72.02
CA GLU DA 192 107.71 -95.16 70.97
C GLU DA 192 108.80 -96.23 70.84
N LYS DA 193 110.04 -95.81 70.63
CA LYS DA 193 111.14 -96.74 70.44
C LYS DA 193 110.98 -97.95 71.35
N ASP DA 194 110.88 -97.69 72.64
CA ASP DA 194 110.75 -98.73 73.65
C ASP DA 194 109.51 -99.59 73.43
N GLN DA 195 108.34 -98.93 73.43
CA GLN DA 195 107.08 -99.60 73.17
C GLN DA 195 107.15 -100.52 71.95
N GLU DA 196 108.10 -100.23 71.05
CA GLU DA 196 108.29 -101.02 69.84
C GLU DA 196 109.30 -102.15 70.04
N GLN DA 197 110.15 -101.99 71.06
CA GLN DA 197 111.08 -103.05 71.43
C GLN DA 197 110.33 -104.14 72.19
N LEU DA 198 109.48 -103.72 73.13
CA LEU DA 198 108.62 -104.63 73.87
C LEU DA 198 107.70 -105.43 72.95
N ILE DA 199 107.15 -104.80 71.93
CA ILE DA 199 106.29 -105.49 70.97
C ILE DA 199 107.10 -106.41 70.07
N GLU DA 200 108.16 -105.85 69.47
CA GLU DA 200 109.06 -106.62 68.60
C GLU DA 200 109.51 -107.95 69.21
N ASP DA 201 110.04 -107.88 70.44
CA ASP DA 201 110.58 -109.04 71.15
C ASP DA 201 109.46 -109.87 71.82
N HIS DA 202 108.21 -109.51 71.53
CA HIS DA 202 107.01 -110.31 71.89
C HIS DA 202 106.38 -110.08 73.28
N PHE DA 203 106.79 -109.04 73.99
CA PHE DA 203 106.43 -108.90 75.41
C PHE DA 203 105.17 -108.09 75.73
N LEU DA 204 104.92 -107.05 74.94
CA LEU DA 204 103.82 -106.13 75.21
C LEU DA 204 102.78 -106.23 74.11
N PHE DA 205 101.54 -105.83 74.42
CA PHE DA 205 100.47 -105.89 73.43
C PHE DA 205 100.69 -104.87 72.31
N GLU DA 206 100.50 -105.33 71.07
CA GLU DA 206 100.73 -104.54 69.85
C GLU DA 206 100.14 -103.13 69.91
N LYS DA 207 100.26 -102.40 68.81
CA LYS DA 207 99.60 -101.11 68.67
C LYS DA 207 98.11 -101.35 68.41
N PRO DA 208 97.25 -100.45 68.91
CA PRO DA 208 95.81 -100.66 69.08
C PRO DA 208 95.01 -100.69 67.78
N THR DA 209 95.54 -101.38 66.77
CA THR DA 209 94.91 -101.42 65.46
C THR DA 209 94.07 -102.69 65.23
N GLY DA 210 94.02 -103.56 66.24
CA GLY DA 210 93.21 -104.76 66.13
C GLY DA 210 91.80 -104.41 65.68
N ALA DA 211 91.25 -105.23 64.79
CA ALA DA 211 89.90 -104.99 64.25
C ALA DA 211 88.83 -105.29 65.29
N LEU DA 212 89.04 -106.35 66.04
CA LEU DA 212 88.21 -106.67 67.19
C LEU DA 212 88.40 -105.63 68.28
N LEU DA 213 89.62 -105.15 68.46
CA LEU DA 213 89.91 -104.17 69.49
C LEU DA 213 89.16 -102.85 69.23
N THR DA 214 89.26 -102.34 67.99
CA THR DA 214 88.62 -101.08 67.63
C THR DA 214 87.11 -101.13 67.48
N THR DA 215 86.55 -102.24 66.99
CA THR DA 215 85.11 -102.27 66.74
C THR DA 215 84.32 -102.76 67.94
N SER DA 216 85.03 -103.28 68.94
CA SER DA 216 84.41 -103.62 70.23
C SER DA 216 84.38 -102.38 71.11
N GLY DA 217 85.32 -101.47 70.90
CA GLY DA 217 85.38 -100.23 71.66
C GLY DA 217 86.29 -100.35 72.87
N CYS DA 218 87.34 -101.16 72.71
CA CYS DA 218 88.33 -101.34 73.76
C CYS DA 218 89.56 -100.49 73.45
N ALA DA 219 89.45 -99.65 72.43
CA ALA DA 219 90.59 -98.85 71.99
C ALA DA 219 90.31 -97.37 72.20
N ARG DA 220 89.23 -97.09 72.93
CA ARG DA 220 88.86 -95.72 73.26
C ARG DA 220 89.84 -95.12 74.26
N ASP DA 221 90.12 -93.83 74.09
CA ASP DA 221 90.97 -93.08 75.03
C ASP DA 221 92.38 -93.61 75.13
N TRP DA 222 92.83 -94.29 74.10
CA TRP DA 222 94.13 -94.93 74.09
C TRP DA 222 95.26 -93.89 74.14
N PRO DA 223 96.23 -94.06 75.06
CA PRO DA 223 96.54 -95.18 75.96
C PRO DA 223 96.10 -95.00 77.40
N ASP DA 224 95.46 -93.88 77.73
CA ASP DA 224 95.07 -93.59 79.11
C ASP DA 224 94.63 -94.85 79.87
N GLY DA 225 95.26 -95.11 81.02
CA GLY DA 225 94.88 -96.23 81.86
C GLY DA 225 95.37 -97.61 81.44
N ARG DA 226 96.34 -97.66 80.53
CA ARG DA 226 96.85 -98.94 80.03
C ARG DA 226 98.37 -99.08 80.19
N GLY DA 227 98.83 -100.21 80.69
CA GLY DA 227 100.26 -100.42 80.95
C GLY DA 227 100.67 -101.86 81.18
N ILE DA 228 101.99 -102.09 81.26
CA ILE DA 228 102.57 -103.43 81.34
C ILE DA 228 103.44 -103.62 82.58
N TRP DA 229 103.16 -104.66 83.36
CA TRP DA 229 103.90 -104.94 84.60
C TRP DA 229 104.83 -106.15 84.42
N HIS DA 230 106.14 -105.94 84.50
CA HIS DA 230 107.06 -107.06 84.39
C HIS DA 230 108.21 -107.13 85.41
N ASN DA 231 108.39 -108.31 86.00
CA ASN DA 231 109.57 -108.61 86.80
C ASN DA 231 110.80 -108.34 85.95
N ASN DA 232 111.93 -108.12 86.62
CA ASN DA 232 113.15 -107.72 85.95
C ASN DA 232 113.65 -108.79 84.99
N GLU DA 233 113.10 -109.99 85.13
CA GLU DA 233 113.44 -111.09 84.23
C GLU DA 233 112.65 -111.02 82.93
N LYS DA 234 111.45 -110.47 82.98
CA LYS DA 234 110.55 -110.41 81.83
C LYS DA 234 110.11 -111.81 81.40
N ASN DA 235 110.18 -112.76 82.32
CA ASN DA 235 109.66 -114.10 82.07
C ASN DA 235 108.27 -114.23 82.68
N PHE DA 236 107.90 -113.22 83.47
CA PHE DA 236 106.60 -113.13 84.07
C PHE DA 236 106.08 -111.70 83.86
N LEU DA 237 105.02 -111.56 83.04
CA LEU DA 237 104.47 -110.25 82.68
C LEU DA 237 102.95 -110.21 82.79
N VAL DA 238 102.38 -109.01 82.96
CA VAL DA 238 100.94 -108.88 83.19
C VAL DA 238 100.37 -107.62 82.53
N TRP DA 239 99.64 -107.79 81.43
CA TRP DA 239 99.03 -106.66 80.70
C TRP DA 239 97.81 -106.08 81.40
N ILE DA 240 97.69 -104.75 81.35
CA ILE DA 240 96.56 -104.07 81.97
C ILE DA 240 95.75 -103.22 80.99
N ASN DA 241 94.51 -103.65 80.78
CA ASN DA 241 93.48 -102.83 80.14
C ASN DA 241 93.59 -102.64 78.65
N GLU DA 242 94.18 -103.64 78.00
CA GLU DA 242 94.14 -103.72 76.56
C GLU DA 242 92.75 -104.28 76.17
N GLU DA 243 92.71 -105.54 75.79
CA GLU DA 243 91.47 -106.22 75.43
C GLU DA 243 90.72 -106.70 76.67
N ASP DA 244 91.48 -106.98 77.73
CA ASP DA 244 90.91 -107.45 79.01
C ASP DA 244 91.34 -106.55 80.19
N HIS DA 245 90.73 -106.78 81.35
CA HIS DA 245 91.19 -106.12 82.57
C HIS DA 245 92.64 -106.51 82.91
N ILE DA 246 92.90 -107.82 82.92
CA ILE DA 246 94.21 -108.36 83.26
C ILE DA 246 94.63 -109.45 82.27
N ARG DA 247 95.94 -109.60 82.06
CA ARG DA 247 96.49 -110.76 81.34
C ARG DA 247 97.84 -111.20 81.91
N VAL DA 248 97.80 -112.17 82.81
CA VAL DA 248 99.03 -112.71 83.42
C VAL DA 248 99.74 -113.59 82.39
N ILE DA 249 101.02 -113.30 82.14
CA ILE DA 249 101.80 -114.09 81.20
C ILE DA 249 103.01 -114.69 81.90
N SER DA 250 103.54 -115.76 81.31
CA SER DA 250 104.76 -116.40 81.77
C SER DA 250 105.45 -116.96 80.53
N MET DA 251 106.71 -116.59 80.29
CA MET DA 251 107.36 -116.89 79.02
C MET DA 251 108.88 -116.85 79.06
N GLN DA 252 109.49 -117.65 78.17
CA GLN DA 252 110.94 -117.62 77.94
C GLN DA 252 111.25 -118.37 76.65
N LYS DA 253 112.49 -118.26 76.16
CA LYS DA 253 112.89 -118.83 74.86
C LYS DA 253 113.40 -120.26 74.90
N GLY DA 254 113.42 -120.91 73.72
CA GLY DA 254 113.76 -122.31 73.62
C GLY DA 254 112.53 -123.17 73.80
N GLY DA 255 112.73 -124.49 73.90
CA GLY DA 255 111.62 -125.41 73.91
C GLY DA 255 111.35 -126.19 75.20
N ASP DA 256 111.51 -125.56 76.34
CA ASP DA 256 111.11 -126.17 77.62
C ASP DA 256 109.79 -125.58 78.12
N LEU DA 257 108.68 -126.22 77.73
CA LEU DA 257 107.33 -125.77 78.07
C LEU DA 257 106.95 -125.87 79.57
N LYS DA 258 107.47 -126.88 80.26
CA LYS DA 258 107.08 -127.18 81.65
C LYS DA 258 107.63 -126.18 82.68
N ALA DA 259 108.80 -125.62 82.41
CA ALA DA 259 109.35 -124.59 83.30
C ALA DA 259 108.43 -123.37 83.30
N VAL DA 260 107.96 -123.00 82.11
CA VAL DA 260 107.06 -121.86 81.93
C VAL DA 260 105.70 -122.10 82.60
N PHE DA 261 105.36 -123.37 82.78
CA PHE DA 261 104.11 -123.73 83.44
C PHE DA 261 104.31 -123.80 84.97
N SER DA 262 105.48 -124.25 85.39
CA SER DA 262 105.82 -124.28 86.81
C SER DA 262 105.73 -122.87 87.40
N ARG DA 263 106.20 -121.88 86.64
CA ARG DA 263 106.16 -120.49 87.09
C ARG DA 263 104.76 -119.93 87.00
N PHE DA 264 104.18 -120.04 85.81
CA PHE DA 264 102.89 -119.41 85.55
C PHE DA 264 101.88 -119.70 86.65
N ALA DA 265 102.06 -120.84 87.30
CA ALA DA 265 101.12 -121.28 88.34
C ALA DA 265 101.49 -120.65 89.69
N ARG DA 266 102.78 -120.59 89.97
CA ARG DA 266 103.28 -119.90 91.15
C ARG DA 266 102.81 -118.45 91.11
N GLY DA 267 103.05 -117.81 89.97
CA GLY DA 267 102.69 -116.41 89.76
C GLY DA 267 101.20 -116.16 89.74
N LEU DA 268 100.47 -116.96 88.97
CA LEU DA 268 99.02 -116.83 88.92
C LEU DA 268 98.37 -116.88 90.30
N LEU DA 269 98.72 -117.90 91.09
CA LEU DA 269 98.10 -118.06 92.42
C LEU DA 269 98.43 -116.87 93.33
N GLU DA 270 99.67 -116.42 93.28
CA GLU DA 270 100.12 -115.25 94.04
C GLU DA 270 99.33 -114.01 93.67
N VAL DA 271 99.33 -113.67 92.37
CA VAL DA 271 98.51 -112.57 91.89
C VAL DA 271 97.10 -112.71 92.46
N GLU DA 272 96.43 -113.81 92.11
CA GLU DA 272 95.04 -114.00 92.52
C GLU DA 272 94.84 -113.74 94.02
N ARG DA 273 95.78 -114.26 94.82
CA ARG DA 273 95.75 -114.09 96.27
C ARG DA 273 95.74 -112.62 96.68
N LEU DA 274 96.74 -111.89 96.20
CA LEU DA 274 96.86 -110.47 96.51
C LEU DA 274 95.60 -109.67 96.17
N MET DA 275 95.13 -109.79 94.93
CA MET DA 275 93.91 -109.09 94.46
C MET DA 275 92.77 -109.31 95.43
N LYS DA 276 92.79 -110.49 96.04
CA LYS DA 276 91.78 -110.88 97.02
C LYS DA 276 92.15 -110.29 98.37
N GLU DA 277 93.43 -110.09 98.58
CA GLU DA 277 93.94 -109.60 99.84
C GLU DA 277 93.71 -108.09 99.92
N CYS DA 278 93.58 -107.47 98.76
CA CYS DA 278 93.28 -106.05 98.69
C CYS DA 278 91.77 -105.85 98.64
N GLY DA 279 91.05 -106.96 98.45
CA GLY DA 279 89.60 -106.97 98.54
C GLY DA 279 88.84 -106.76 97.25
N HIS DA 280 89.40 -107.21 96.14
CA HIS DA 280 88.78 -107.05 94.83
C HIS DA 280 88.41 -108.40 94.21
N GLY DA 281 87.14 -108.56 93.85
CA GLY DA 281 86.69 -109.81 93.24
C GLY DA 281 87.39 -110.13 91.92
N LEU DA 282 87.15 -111.32 91.40
CA LEU DA 282 87.57 -111.66 90.03
C LEU DA 282 86.43 -112.26 89.21
N MET DA 283 85.71 -111.41 88.47
CA MET DA 283 84.63 -111.82 87.56
C MET DA 283 84.58 -113.34 87.35
N HIS DA 284 83.51 -113.97 87.82
CA HIS DA 284 83.46 -115.43 87.93
C HIS DA 284 82.04 -116.03 87.85
N ASN DA 285 81.94 -117.17 87.18
CA ASN DA 285 80.68 -117.88 86.98
C ASN DA 285 80.81 -119.32 87.47
N ASP DA 286 79.80 -119.80 88.18
CA ASP DA 286 79.82 -121.16 88.73
C ASP DA 286 79.92 -122.18 87.60
N ARG DA 287 79.04 -122.03 86.62
CA ARG DA 287 78.91 -122.97 85.51
C ARG DA 287 80.09 -122.92 84.55
N LEU DA 288 80.55 -121.70 84.23
CA LEU DA 288 81.51 -121.48 83.15
C LEU DA 288 82.95 -121.24 83.60
N GLY DA 289 83.12 -120.57 84.75
CA GLY DA 289 84.46 -120.28 85.24
C GLY DA 289 84.78 -118.80 85.18
N TYR DA 290 85.91 -118.46 84.57
CA TYR DA 290 86.36 -117.07 84.52
C TYR DA 290 85.86 -116.28 83.31
N ILE DA 291 85.10 -115.24 83.61
CA ILE DA 291 84.43 -114.40 82.61
C ILE DA 291 85.32 -113.23 82.15
N CYS DA 292 85.20 -112.85 80.88
CA CYS DA 292 86.05 -111.80 80.30
C CYS DA 292 85.34 -111.12 79.12
N THR DA 293 86.13 -110.48 78.26
CA THR DA 293 85.58 -109.80 77.09
C THR DA 293 85.14 -110.79 76.01
N CYS DA 294 86.07 -111.52 75.42
CA CYS DA 294 85.74 -112.48 74.35
C CYS DA 294 85.37 -113.86 74.90
N PRO DA 295 84.28 -114.45 74.37
CA PRO DA 295 83.79 -115.77 74.75
C PRO DA 295 84.68 -116.96 74.34
N THR DA 296 85.86 -116.69 73.77
CA THR DA 296 86.85 -117.76 73.55
C THR DA 296 87.72 -117.84 74.79
N ASN DA 297 87.57 -116.83 75.64
CA ASN DA 297 88.30 -116.74 76.89
C ASN DA 297 87.36 -116.93 78.07
N MET DA 298 87.34 -118.14 78.61
CA MET DA 298 86.42 -118.52 79.69
C MET DA 298 86.99 -119.71 80.42
N GLY DA 299 86.42 -120.03 81.58
CA GLY DA 299 86.92 -121.13 82.38
C GLY DA 299 88.33 -120.89 82.89
N THR DA 300 89.29 -121.52 82.22
CA THR DA 300 90.70 -121.26 82.45
C THR DA 300 91.05 -119.86 81.93
N VAL DA 301 90.63 -119.59 80.70
CA VAL DA 301 91.00 -118.38 79.97
C VAL DA 301 92.49 -118.48 79.61
N VAL DA 302 92.98 -119.72 79.66
CA VAL DA 302 94.38 -120.02 79.42
C VAL DA 302 94.66 -120.41 77.99
N ARG DA 303 95.68 -119.77 77.42
CA ARG DA 303 96.23 -120.20 76.15
C ARG DA 303 97.72 -120.49 76.31
N ALA DA 304 98.05 -121.77 76.44
CA ALA DA 304 99.44 -122.19 76.38
C ALA DA 304 99.82 -122.30 74.92
N SER DA 305 101.03 -121.88 74.58
CA SER DA 305 101.43 -121.89 73.18
C SER DA 305 102.91 -122.04 73.02
N VAL DA 306 103.30 -122.57 71.86
CA VAL DA 306 104.68 -122.61 71.42
C VAL DA 306 104.77 -121.89 70.09
N HIS DA 307 105.96 -121.35 69.80
CA HIS DA 307 106.29 -120.92 68.46
C HIS DA 307 106.97 -122.12 67.82
N LEU DA 308 106.21 -122.85 67.00
CA LEU DA 308 106.68 -124.12 66.46
C LEU DA 308 107.03 -124.01 64.98
N ARG DA 309 108.28 -124.34 64.65
CA ARG DA 309 108.75 -124.28 63.27
C ARG DA 309 108.50 -125.58 62.48
N LEU DA 310 107.74 -125.48 61.40
CA LEU DA 310 107.41 -126.63 60.56
C LEU DA 310 107.78 -126.40 59.11
N ALA DA 311 109.06 -126.57 58.80
CA ALA DA 311 109.56 -126.37 57.44
C ALA DA 311 108.87 -127.29 56.42
N PHE DA 312 108.41 -128.46 56.86
CA PHE DA 312 107.86 -129.46 55.95
C PHE DA 312 106.36 -129.63 56.10
N LEU DA 313 105.92 -129.89 57.33
CA LEU DA 313 104.53 -130.18 57.62
C LEU DA 313 103.60 -129.04 57.19
N GLU DA 314 104.18 -127.85 57.04
CA GLU DA 314 103.42 -126.70 56.59
C GLU DA 314 103.00 -126.88 55.12
N LYS DA 315 103.89 -127.50 54.33
CA LYS DA 315 103.64 -127.77 52.92
C LYS DA 315 102.48 -128.76 52.70
N HIS DA 316 102.28 -129.67 53.66
CA HIS DA 316 101.34 -130.77 53.51
C HIS DA 316 99.87 -130.31 53.46
N PRO DA 317 99.08 -130.94 52.57
CA PRO DA 317 97.68 -130.58 52.29
C PRO DA 317 96.72 -130.74 53.48
N ARG DA 318 96.92 -131.77 54.29
CA ARG DA 318 96.02 -132.06 55.40
C ARG DA 318 96.59 -131.52 56.71
N PHE DA 319 97.55 -130.61 56.59
CA PHE DA 319 98.16 -129.98 57.74
C PHE DA 319 97.08 -129.43 58.66
N ASP DA 320 96.28 -128.50 58.13
CA ASP DA 320 95.30 -127.76 58.92
C ASP DA 320 94.21 -128.66 59.50
N GLU DA 321 93.79 -129.65 58.72
CA GLU DA 321 92.79 -130.63 59.17
C GLU DA 321 93.24 -131.21 60.50
N MET DA 322 94.41 -131.84 60.48
CA MET DA 322 95.05 -132.34 61.68
C MET DA 322 94.89 -131.34 62.83
N LEU DA 323 95.41 -130.13 62.62
CA LEU DA 323 95.32 -129.06 63.62
C LEU DA 323 93.95 -129.01 64.29
N GLY DA 324 92.92 -128.84 63.47
CA GLY DA 324 91.54 -128.76 63.93
C GLY DA 324 91.13 -129.95 64.78
N LYS DA 325 91.51 -131.15 64.34
CA LYS DA 325 91.22 -132.39 65.05
C LYS DA 325 91.98 -132.48 66.38
N LEU DA 326 93.14 -131.83 66.44
CA LEU DA 326 93.94 -131.79 67.66
C LEU DA 326 93.42 -130.71 68.61
N ARG DA 327 92.46 -129.94 68.14
CA ARG DA 327 91.89 -128.84 68.95
C ARG DA 327 92.91 -127.70 69.11
N LEU DA 328 93.95 -127.71 68.30
CA LEU DA 328 94.96 -126.66 68.30
C LEU DA 328 94.53 -125.45 67.47
N GLY DA 329 94.99 -124.26 67.85
CA GLY DA 329 94.69 -123.03 67.15
C GLY DA 329 95.87 -122.54 66.31
N LYS DA 330 95.61 -121.70 65.31
CA LYS DA 330 96.65 -121.27 64.37
C LYS DA 330 96.80 -119.76 64.32
N ARG DA 331 98.03 -119.29 64.56
CA ARG DA 331 98.36 -117.86 64.58
C ARG DA 331 99.77 -117.65 64.00
N GLY DA 332 100.18 -116.40 63.85
CA GLY DA 332 101.50 -116.09 63.31
C GLY DA 332 102.58 -115.85 64.35
N THR DA 333 103.78 -115.48 63.90
CA THR DA 333 104.87 -115.19 64.84
C THR DA 333 104.71 -113.80 65.41
N GLY DA 334 103.84 -113.02 64.77
CA GLY DA 334 103.50 -111.69 65.25
C GLY DA 334 102.31 -111.70 66.19
N GLY DA 335 101.60 -112.83 66.21
CA GLY DA 335 100.38 -112.94 67.01
C GLY DA 335 99.14 -113.19 66.16
N GLU DA 336 97.99 -113.05 66.79
CA GLU DA 336 96.73 -113.39 66.13
C GLU DA 336 96.50 -112.61 64.84
N SER DA 337 96.98 -111.37 64.83
CA SER DA 337 96.76 -110.46 63.71
C SER DA 337 98.08 -110.27 62.98
N SER DA 338 98.53 -111.36 62.38
CA SER DA 338 99.84 -111.44 61.77
C SER DA 338 99.98 -112.82 61.16
N LEU DA 339 101.12 -113.05 60.51
CA LEU DA 339 101.34 -114.32 59.83
C LEU DA 339 102.65 -114.99 60.25
N ALA DA 340 102.71 -116.31 60.06
CA ALA DA 340 103.92 -117.06 60.37
C ALA DA 340 105.11 -116.58 59.54
N THR DA 341 106.30 -116.65 60.11
CA THR DA 341 107.52 -116.34 59.38
C THR DA 341 108.53 -117.49 59.47
N ASP DA 342 109.18 -117.77 58.35
CA ASP DA 342 110.21 -118.79 58.28
C ASP DA 342 109.64 -120.14 58.72
N SER DA 343 108.39 -120.38 58.36
CA SER DA 343 107.72 -121.65 58.61
C SER DA 343 107.38 -121.84 60.10
N THR DA 344 107.60 -120.79 60.89
CA THR DA 344 107.32 -120.87 62.31
C THR DA 344 105.94 -120.31 62.62
N TYR DA 345 105.06 -121.17 63.10
CA TYR DA 345 103.72 -120.76 63.50
C TYR DA 345 103.65 -120.69 65.01
N ASP DA 346 102.54 -120.16 65.50
CA ASP DA 346 102.25 -120.15 66.93
C ASP DA 346 101.19 -121.19 67.23
N ILE DA 347 101.62 -122.35 67.69
CA ILE DA 347 100.69 -123.43 68.06
C ILE DA 347 100.18 -123.29 69.50
N SER DA 348 98.88 -123.50 69.69
CA SER DA 348 98.28 -123.33 71.01
C SER DA 348 96.97 -124.10 71.19
N ASN DA 349 96.39 -123.97 72.37
CA ASN DA 349 95.12 -124.62 72.72
C ASN DA 349 93.91 -123.75 72.40
N TRP DA 350 93.04 -124.27 71.54
CA TRP DA 350 91.89 -123.52 71.08
C TRP DA 350 90.77 -123.34 72.13
N ALA DA 351 90.67 -124.28 73.09
CA ALA DA 351 89.63 -124.21 74.12
C ALA DA 351 90.13 -123.75 75.49
N ARG DA 352 89.22 -123.28 76.33
CA ARG DA 352 89.59 -122.85 77.67
C ARG DA 352 88.42 -123.06 78.65
N LEU DA 353 87.33 -123.63 78.15
CA LEU DA 353 86.16 -123.90 78.99
C LEU DA 353 85.84 -125.40 78.94
N GLY DA 354 85.92 -126.07 80.09
CA GLY DA 354 85.61 -127.50 80.12
C GLY DA 354 86.76 -128.46 80.36
N LYS DA 355 87.96 -127.93 80.54
CA LYS DA 355 89.08 -128.75 80.99
C LYS DA 355 89.89 -127.96 82.01
N SER DA 356 90.71 -128.66 82.77
CA SER DA 356 91.56 -127.98 83.74
C SER DA 356 92.85 -127.52 83.06
N GLU DA 357 93.52 -126.57 83.71
CA GLU DA 357 94.75 -126.00 83.19
C GLU DA 357 95.74 -127.07 82.72
N ARG DA 358 96.08 -128.00 83.61
CA ARG DA 358 97.06 -129.03 83.27
C ARG DA 358 96.56 -129.98 82.17
N GLU DA 359 95.24 -130.08 82.02
CA GLU DA 359 94.65 -130.89 80.96
C GLU DA 359 94.91 -130.28 79.58
N LEU DA 360 94.77 -128.96 79.48
CA LEU DA 360 94.98 -128.27 78.20
C LEU DA 360 96.45 -128.11 77.84
N VAL DA 361 97.29 -127.85 78.85
CA VAL DA 361 98.71 -127.77 78.60
C VAL DA 361 99.14 -129.10 78.00
N GLN DA 362 98.50 -130.17 78.47
CA GLN DA 362 98.80 -131.53 77.99
C GLN DA 362 98.22 -131.81 76.58
N VAL DA 363 97.10 -131.18 76.24
CA VAL DA 363 96.63 -131.32 74.86
C VAL DA 363 97.65 -130.67 73.93
N LEU DA 364 98.04 -129.45 74.26
CA LEU DA 364 99.15 -128.80 73.56
C LEU DA 364 100.25 -129.84 73.39
N VAL DA 365 100.89 -130.20 74.51
CA VAL DA 365 102.06 -131.10 74.54
C VAL DA 365 101.95 -132.31 73.62
N ASP DA 366 100.79 -132.97 73.67
CA ASP DA 366 100.55 -134.15 72.84
C ASP DA 366 100.30 -133.78 71.37
N GLY DA 367 99.49 -132.75 71.14
CA GLY DA 367 99.32 -132.21 69.80
C GLY DA 367 100.65 -131.85 69.15
N VAL DA 368 101.50 -131.15 69.90
CA VAL DA 368 102.79 -130.75 69.36
C VAL DA 368 103.62 -131.98 69.03
N ASN DA 369 103.71 -132.90 69.98
CA ASN DA 369 104.45 -134.15 69.77
C ASN DA 369 104.10 -134.84 68.44
N LEU DA 370 102.80 -135.00 68.18
CA LEU DA 370 102.35 -135.52 66.90
C LEU DA 370 102.81 -134.61 65.75
N LEU DA 371 102.68 -133.30 65.95
CA LEU DA 371 103.02 -132.30 64.94
C LEU DA 371 104.46 -132.42 64.46
N ILE DA 372 105.39 -132.46 65.41
CA ILE DA 372 106.80 -132.55 65.06
C ILE DA 372 107.05 -133.92 64.42
N ALA DA 373 106.42 -134.94 65.00
CA ALA DA 373 106.51 -136.31 64.50
C ALA DA 373 106.38 -136.35 62.99
N CYS DA 374 105.25 -135.85 62.49
CA CYS DA 374 105.00 -135.80 61.06
C CYS DA 374 106.13 -135.08 60.32
N ASP DA 375 106.46 -133.87 60.75
CA ASP DA 375 107.54 -133.08 60.15
C ASP DA 375 108.76 -133.95 59.88
N LYS DA 376 109.21 -134.64 60.93
CA LYS DA 376 110.30 -135.60 60.87
C LYS DA 376 110.12 -136.60 59.71
N LYS DA 377 109.02 -137.33 59.75
CA LYS DA 377 108.68 -138.28 58.69
C LYS DA 377 108.94 -137.67 57.32
N LEU DA 378 108.18 -136.62 57.02
CA LEU DA 378 108.27 -135.94 55.73
C LEU DA 378 109.69 -135.57 55.35
N GLU DA 379 110.49 -135.18 56.34
CA GLU DA 379 111.88 -134.79 56.09
C GLU DA 379 112.63 -135.90 55.34
N ALA DA 380 112.48 -137.14 55.81
CA ALA DA 380 113.08 -138.28 55.13
C ALA DA 380 112.06 -138.92 54.20
N GLY DA 381 111.35 -138.07 53.46
CA GLY DA 381 110.35 -138.48 52.50
C GLY DA 381 109.55 -139.70 52.89
N GLN DA 382 108.48 -139.50 53.66
CA GLN DA 382 107.67 -140.61 54.12
C GLN DA 382 106.19 -140.26 54.04
N SER DA 383 105.37 -140.89 54.87
CA SER DA 383 103.92 -140.67 54.84
C SER DA 383 103.32 -140.49 56.23
N ILE DA 384 102.43 -139.51 56.38
CA ILE DA 384 101.79 -139.25 57.66
C ILE DA 384 100.29 -139.50 57.62
N ASP DA 385 99.84 -140.21 56.57
CA ASP DA 385 98.42 -140.45 56.37
C ASP DA 385 97.81 -141.25 57.53
N ASP DA 386 98.53 -142.29 57.94
CA ASP DA 386 98.12 -143.13 59.06
C ASP DA 386 98.24 -142.37 60.39
N MET DA 387 98.98 -141.27 60.35
CA MET DA 387 99.29 -140.49 61.55
C MET DA 387 98.18 -139.49 61.89
N ILE DA 388 97.60 -138.90 60.86
CA ILE DA 388 96.54 -137.92 61.04
C ILE DA 388 95.36 -138.51 61.80
N PRO DA 389 94.96 -137.84 62.89
CA PRO DA 389 93.79 -138.26 63.65
C PRO DA 389 92.64 -138.66 62.74
N LYS DA 390 91.85 -139.64 63.18
CA LYS DA 390 90.62 -140.01 62.49
C LYS DA 390 89.45 -139.15 62.97
N LYS EA 24 69.96 164.80 15.80
CA LYS EA 24 71.29 164.20 15.74
C LYS EA 24 72.07 164.64 14.51
N PHE EA 25 71.38 164.72 13.37
CA PHE EA 25 72.05 165.09 12.13
C PHE EA 25 71.89 166.57 11.81
N LYS EA 26 72.76 167.06 10.92
CA LYS EA 26 72.70 168.44 10.42
C LYS EA 26 72.20 168.40 8.98
N ALA EA 27 71.60 169.50 8.54
CA ALA EA 27 71.19 169.65 7.15
C ALA EA 27 72.34 169.25 6.23
N ALA EA 28 73.55 169.47 6.72
CA ALA EA 28 74.76 169.17 5.95
C ALA EA 28 74.97 167.66 5.79
N ASP EA 29 74.65 166.93 6.85
CA ASP EA 29 74.77 165.48 6.86
C ASP EA 29 73.85 164.85 5.81
N ASN EA 30 72.83 165.60 5.41
CA ASN EA 30 71.75 165.05 4.59
C ASN EA 30 71.67 165.64 3.18
N PHE EA 31 72.48 166.64 2.90
CA PHE EA 31 72.50 167.30 1.60
C PHE EA 31 72.79 166.30 0.48
N PRO EA 32 71.93 166.29 -0.56
CA PRO EA 32 72.12 165.33 -1.66
C PRO EA 32 73.51 165.46 -2.29
N ASP EA 33 73.96 164.37 -2.91
CA ASP EA 33 75.24 164.31 -3.59
C ASP EA 33 74.95 164.29 -5.08
N LEU EA 34 75.01 165.46 -5.71
CA LEU EA 34 74.58 165.61 -7.11
C LEU EA 34 75.71 165.67 -8.12
N SER EA 35 76.85 165.11 -7.75
CA SER EA 35 78.00 165.01 -8.65
C SER EA 35 77.61 164.76 -10.09
N LYS EA 36 76.77 163.75 -10.33
CA LYS EA 36 76.46 163.28 -11.67
C LYS EA 36 75.23 163.94 -12.28
N HIS EA 37 74.53 164.75 -11.49
CA HIS EA 37 73.21 165.22 -11.90
C HIS EA 37 73.20 166.42 -12.86
N ASN EA 38 72.20 166.42 -13.73
CA ASN EA 38 71.97 167.48 -14.69
C ASN EA 38 70.45 167.62 -14.84
N ASN EA 39 69.89 168.47 -14.00
CA ASN EA 39 68.49 168.81 -14.07
C ASN EA 39 68.35 170.18 -13.45
N VAL EA 40 67.16 170.76 -13.49
CA VAL EA 40 67.01 172.12 -12.97
C VAL EA 40 67.20 172.17 -11.46
N MET EA 41 66.82 171.10 -10.77
CA MET EA 41 67.02 171.01 -9.33
C MET EA 41 68.49 171.16 -8.97
N ALA EA 42 69.33 170.34 -9.60
CA ALA EA 42 70.76 170.30 -9.27
C ALA EA 42 71.54 171.46 -9.86
N SER EA 43 70.89 172.28 -10.69
CA SER EA 43 71.46 173.52 -11.17
C SER EA 43 71.18 174.67 -10.17
N GLN EA 44 69.95 174.71 -9.67
CA GLN EA 44 69.47 175.81 -8.81
C GLN EA 44 69.66 175.59 -7.32
N LEU EA 45 69.81 174.33 -6.89
CA LEU EA 45 69.91 174.03 -5.45
C LEU EA 45 71.26 174.30 -4.83
N THR EA 46 71.25 175.05 -3.73
CA THR EA 46 72.48 175.37 -3.00
C THR EA 46 72.48 174.80 -1.57
N LYS EA 47 73.68 174.66 -1.01
CA LYS EA 47 73.80 174.21 0.39
C LYS EA 47 72.99 175.11 1.33
N GLU EA 48 73.01 176.42 1.08
CA GLU EA 48 72.26 177.39 1.88
C GLU EA 48 70.75 177.17 1.83
N LEU EA 49 70.22 177.04 0.62
CA LEU EA 49 68.81 176.76 0.48
C LEU EA 49 68.40 175.49 1.22
N TYR EA 50 69.11 174.39 1.00
CA TYR EA 50 68.74 173.13 1.61
C TYR EA 50 68.66 173.28 3.12
N GLU EA 51 69.64 173.97 3.70
CA GLU EA 51 69.66 174.23 5.13
C GLU EA 51 68.46 175.09 5.56
N LYS EA 52 68.24 176.15 4.80
CA LYS EA 52 67.12 177.07 5.05
C LYS EA 52 65.77 176.34 5.05
N TYR EA 53 65.63 175.34 4.18
CA TYR EA 53 64.36 174.68 3.90
C TYR EA 53 64.18 173.27 4.46
N TRP EA 54 65.29 172.54 4.63
CA TRP EA 54 65.25 171.11 4.92
C TRP EA 54 64.36 170.71 6.13
N ASP EA 55 64.05 171.66 7.00
CA ASP EA 55 63.27 171.36 8.20
C ASP EA 55 61.97 172.16 8.29
N LYS EA 56 61.49 172.62 7.13
CA LYS EA 56 60.31 173.46 7.04
C LYS EA 56 59.15 172.73 6.34
N VAL EA 57 58.07 172.49 7.06
CA VAL EA 57 56.98 171.66 6.57
C VAL EA 57 55.79 172.49 6.10
N THR EA 58 55.00 171.93 5.19
CA THR EA 58 53.78 172.59 4.74
C THR EA 58 52.66 172.34 5.75
N PRO EA 59 51.53 173.04 5.58
CA PRO EA 59 50.31 172.79 6.35
C PRO EA 59 49.76 171.36 6.21
N ASN EA 60 50.12 170.67 5.13
CA ASN EA 60 49.71 169.27 4.95
C ASN EA 60 50.77 168.27 5.42
N GLY EA 61 52.01 168.77 5.59
CA GLY EA 61 53.09 167.90 6.01
C GLY EA 61 54.03 167.54 4.87
N VAL EA 62 53.92 168.25 3.75
CA VAL EA 62 54.84 168.06 2.64
C VAL EA 62 56.19 168.65 3.02
N THR EA 63 57.27 167.96 2.66
CA THR EA 63 58.61 168.41 3.03
C THR EA 63 59.45 168.82 1.83
N PHE EA 64 60.55 169.52 2.09
CA PHE EA 64 61.44 169.96 1.02
C PHE EA 64 62.01 168.76 0.28
N ASP EA 65 62.56 167.81 1.04
CA ASP EA 65 63.15 166.60 0.46
C ASP EA 65 62.10 165.89 -0.37
N LYS EA 66 60.83 166.05 0.01
CA LYS EA 66 59.73 165.40 -0.67
C LYS EA 66 59.52 165.91 -2.12
N CYS EA 67 59.52 167.23 -2.30
CA CYS EA 67 59.36 167.83 -3.62
C CYS EA 67 60.53 167.52 -4.56
N ILE EA 68 61.74 167.45 -4.01
CA ILE EA 68 62.97 167.37 -4.80
C ILE EA 68 63.53 165.96 -4.86
N GLN EA 69 62.79 164.97 -4.38
CA GLN EA 69 63.33 163.61 -4.32
C GLN EA 69 63.40 162.90 -5.68
N THR EA 70 62.66 163.40 -6.68
CA THR EA 70 62.73 162.80 -8.01
C THR EA 70 64.00 163.20 -8.76
N GLY EA 71 64.52 164.38 -8.42
CA GLY EA 71 65.72 164.90 -9.05
C GLY EA 71 66.98 164.24 -8.56
N VAL EA 72 66.99 163.81 -7.29
CA VAL EA 72 68.11 163.03 -6.77
C VAL EA 72 68.04 161.64 -7.39
N ASP EA 73 66.85 161.05 -7.34
CA ASP EA 73 66.57 159.75 -7.96
C ASP EA 73 66.95 159.67 -9.45
N ASN EA 74 66.76 160.76 -10.19
CA ASN EA 74 67.02 160.71 -11.62
C ASN EA 74 68.10 161.69 -12.08
N PRO EA 75 69.37 161.26 -12.01
CA PRO EA 75 70.47 162.18 -12.37
C PRO EA 75 70.50 162.51 -13.86
N GLY EA 76 70.04 161.59 -14.70
CA GLY EA 76 70.14 161.71 -16.14
C GLY EA 76 68.87 161.29 -16.86
N ASN EA 77 68.93 161.10 -18.18
CA ASN EA 77 67.72 160.91 -18.98
C ASN EA 77 67.97 160.23 -20.33
N LYS EA 78 67.44 159.02 -20.50
CA LYS EA 78 67.63 158.22 -21.73
C LYS EA 78 67.04 158.85 -22.97
N PHE EA 79 66.27 159.91 -22.79
CA PHE EA 79 65.54 160.52 -23.90
C PHE EA 79 65.93 161.98 -24.09
N TYR EA 80 65.05 162.73 -24.76
CA TYR EA 80 65.35 164.10 -25.15
C TYR EA 80 65.18 165.13 -24.03
N GLY EA 81 66.20 165.98 -23.86
CA GLY EA 81 66.08 167.15 -23.02
C GLY EA 81 66.48 167.02 -21.56
N LYS EA 82 66.43 168.16 -20.89
CA LYS EA 82 66.83 168.28 -19.49
C LYS EA 82 65.58 168.38 -18.62
N LYS EA 83 65.49 167.50 -17.63
CA LYS EA 83 64.28 167.38 -16.81
C LYS EA 83 64.28 168.38 -15.66
N THR EA 84 63.10 168.61 -15.08
CA THR EA 84 62.97 169.49 -13.93
C THR EA 84 63.67 168.83 -12.74
N GLY EA 85 63.15 167.69 -12.30
CA GLY EA 85 63.78 166.98 -11.21
C GLY EA 85 63.22 167.36 -9.85
N CYS EA 86 62.13 168.12 -9.85
CA CYS EA 86 61.39 168.42 -8.63
C CYS EA 86 59.94 168.71 -8.97
N VAL EA 87 59.07 168.59 -7.96
CA VAL EA 87 57.64 168.80 -8.13
C VAL EA 87 57.06 169.62 -6.98
N PHE EA 88 55.74 169.86 -7.05
CA PHE EA 88 55.03 170.46 -5.94
C PHE EA 88 54.32 169.34 -5.18
N GLY EA 89 54.47 169.32 -3.86
CA GLY EA 89 53.75 168.37 -3.04
C GLY EA 89 52.29 168.77 -2.91
N ASP EA 90 52.05 170.07 -2.90
CA ASP EA 90 50.69 170.58 -2.75
C ASP EA 90 50.60 172.07 -3.04
N GLU EA 91 49.47 172.64 -2.64
CA GLU EA 91 49.13 174.04 -2.82
C GLU EA 91 50.11 175.01 -2.14
N TYR EA 92 50.75 174.56 -1.08
CA TYR EA 92 51.59 175.45 -0.27
C TYR EA 92 53.07 175.43 -0.58
N SER EA 93 53.54 174.37 -1.24
CA SER EA 93 54.97 174.14 -1.50
C SER EA 93 55.72 175.27 -2.23
N TYR EA 94 55.08 175.88 -3.22
CA TYR EA 94 55.76 176.95 -3.94
C TYR EA 94 56.21 178.09 -3.00
N GLU EA 95 55.31 178.53 -2.12
CA GLU EA 95 55.63 179.65 -1.23
C GLU EA 95 56.48 179.23 -0.04
N CYS EA 96 56.26 178.03 0.48
CA CYS EA 96 57.15 177.50 1.50
C CYS EA 96 58.60 177.63 1.06
N TYR EA 97 58.87 177.22 -0.17
CA TYR EA 97 60.22 177.13 -0.70
C TYR EA 97 60.37 177.99 -1.95
N LYS EA 98 59.86 179.22 -1.86
CA LYS EA 98 59.89 180.20 -2.95
C LYS EA 98 61.28 180.47 -3.53
N GLU EA 99 62.28 180.65 -2.65
CA GLU EA 99 63.62 181.08 -3.07
C GLU EA 99 64.36 180.00 -3.84
N PHE EA 100 63.88 178.76 -3.74
CA PHE EA 100 64.38 177.68 -4.58
C PHE EA 100 63.57 177.62 -5.88
N PHE EA 101 62.23 177.60 -5.77
CA PHE EA 101 61.37 177.50 -6.96
C PHE EA 101 61.48 178.73 -7.87
N ASP EA 102 61.60 179.91 -7.28
CA ASP EA 102 61.75 181.11 -8.10
C ASP EA 102 63.00 180.99 -8.98
N LYS EA 103 63.90 180.11 -8.59
CA LYS EA 103 65.07 179.85 -9.42
C LYS EA 103 64.74 178.93 -10.59
N CYS EA 104 64.08 177.81 -10.30
CA CYS EA 104 63.75 176.84 -11.32
C CYS EA 104 62.82 177.47 -12.36
N ILE EA 105 61.89 178.27 -11.86
CA ILE EA 105 60.86 178.87 -12.68
C ILE EA 105 61.44 179.76 -13.77
N GLU EA 106 62.55 180.42 -13.48
CA GLU EA 106 63.18 181.29 -14.47
C GLU EA 106 64.00 180.51 -15.49
N GLU EA 107 64.70 179.47 -15.04
CA GLU EA 107 65.43 178.61 -15.98
C GLU EA 107 64.49 178.04 -17.03
N ILE EA 108 63.27 177.71 -16.62
CA ILE EA 108 62.31 177.05 -17.49
C ILE EA 108 61.57 178.02 -18.39
N HIS EA 109 60.94 179.03 -17.78
CA HIS EA 109 60.01 179.92 -18.49
C HIS EA 109 60.64 181.27 -18.81
N HIS EA 110 61.81 181.54 -18.24
CA HIS EA 110 62.41 182.87 -18.29
C HIS EA 110 61.40 183.84 -17.68
N PHE EA 111 60.99 183.55 -16.46
CA PHE EA 111 59.98 184.30 -15.74
C PHE EA 111 60.60 184.60 -14.36
N LYS EA 112 60.70 185.89 -14.03
CA LYS EA 112 61.32 186.29 -12.77
C LYS EA 112 60.29 186.55 -11.67
N PRO EA 113 60.73 186.47 -10.40
CA PRO EA 113 59.90 186.72 -9.21
C PRO EA 113 59.20 188.09 -9.24
N SER EA 114 59.63 188.97 -10.14
CA SER EA 114 58.99 190.27 -10.31
C SER EA 114 57.93 190.27 -11.41
N ASP EA 115 58.00 189.31 -12.33
CA ASP EA 115 57.04 189.21 -13.42
C ASP EA 115 55.66 188.80 -12.94
N LYS EA 116 54.69 188.94 -13.84
CA LYS EA 116 53.32 188.54 -13.59
C LYS EA 116 52.68 187.95 -14.86
N HIS EA 117 51.98 186.84 -14.68
CA HIS EA 117 51.33 186.11 -15.75
C HIS EA 117 50.21 186.93 -16.40
N PRO EA 118 50.20 187.00 -17.74
CA PRO EA 118 49.17 187.80 -18.43
C PRO EA 118 47.80 187.13 -18.34
N ALA EA 119 46.79 187.80 -18.87
CA ALA EA 119 45.42 187.28 -18.84
C ALA EA 119 45.19 186.24 -19.94
N PRO EA 120 44.18 185.39 -19.76
CA PRO EA 120 43.81 184.32 -20.71
C PRO EA 120 43.45 184.81 -22.10
N ASP EA 121 43.93 184.11 -23.13
CA ASP EA 121 43.53 184.39 -24.50
C ASP EA 121 43.23 183.10 -25.24
N LEU EA 122 41.97 182.70 -25.21
CA LEU EA 122 41.55 181.47 -25.86
C LEU EA 122 40.90 181.73 -27.21
N ASP EA 123 41.12 182.93 -27.73
CA ASP EA 123 40.64 183.29 -29.06
C ASP EA 123 41.47 182.54 -30.11
N HIS EA 124 40.91 181.46 -30.64
CA HIS EA 124 41.58 180.67 -31.65
C HIS EA 124 41.48 181.32 -33.03
N ASN EA 125 40.69 182.38 -33.15
CA ASN EA 125 40.51 183.07 -34.43
C ASN EA 125 41.68 183.95 -34.86
N LYS EA 126 42.41 184.48 -33.89
CA LYS EA 126 43.48 185.44 -34.16
C LYS EA 126 44.78 184.75 -34.55
N LEU EA 127 44.81 183.45 -34.34
CA LEU EA 127 45.96 182.64 -34.73
C LEU EA 127 46.18 182.79 -36.24
N VAL EA 128 47.38 183.18 -36.63
CA VAL EA 128 47.76 183.25 -38.03
C VAL EA 128 48.28 181.89 -38.49
N GLY EA 129 47.79 181.43 -39.64
CA GLY EA 129 48.18 180.13 -40.18
C GLY EA 129 47.67 178.97 -39.35
N GLY EA 130 48.56 178.02 -39.07
CA GLY EA 130 48.24 176.89 -38.19
C GLY EA 130 47.57 175.73 -38.89
N VAL EA 131 47.78 175.61 -40.19
CA VAL EA 131 47.21 174.52 -40.99
C VAL EA 131 48.27 173.92 -41.89
N PHE EA 132 48.86 172.83 -41.43
CA PHE EA 132 50.11 172.34 -42.02
C PHE EA 132 49.91 171.28 -43.09
N GLU EA 133 50.82 171.30 -44.06
CA GLU EA 133 50.85 170.33 -45.14
C GLU EA 133 50.91 168.92 -44.54
N ASP EA 134 50.03 168.05 -45.00
CA ASP EA 134 49.95 166.67 -44.47
C ASP EA 134 51.27 165.91 -44.53
N LYS EA 135 52.11 166.27 -45.50
CA LYS EA 135 53.41 165.62 -45.68
C LYS EA 135 54.31 165.73 -44.45
N TYR EA 136 54.20 166.83 -43.71
CA TYR EA 136 55.09 167.08 -42.59
C TYR EA 136 54.42 166.82 -41.25
N VAL EA 137 53.22 167.36 -41.03
CA VAL EA 137 52.54 167.17 -39.74
C VAL EA 137 51.57 166.02 -39.79
N LYS EA 138 51.71 165.08 -38.85
CA LYS EA 138 50.94 163.83 -38.90
C LYS EA 138 49.81 163.79 -37.86
N SER EA 139 49.83 164.74 -36.94
CA SER EA 139 48.71 165.03 -36.07
C SER EA 139 48.93 166.28 -35.25
N CYS EA 140 47.89 166.71 -34.52
CA CYS EA 140 47.89 167.94 -33.70
C CYS EA 140 47.19 167.66 -32.35
N ARG EA 141 47.67 168.27 -31.28
CA ARG EA 141 47.08 168.06 -29.96
C ARG EA 141 47.32 169.29 -29.09
N ILE EA 142 46.36 169.61 -28.24
CA ILE EA 142 46.52 170.70 -27.29
C ILE EA 142 45.94 170.28 -25.96
N ARG EA 143 46.73 170.42 -24.91
CA ARG EA 143 46.31 169.99 -23.59
C ARG EA 143 46.77 170.96 -22.50
N CYS EA 144 45.89 171.22 -21.54
CA CYS EA 144 46.32 171.90 -20.33
C CYS EA 144 46.15 170.97 -19.13
N GLY EA 145 46.62 171.42 -17.98
CA GLY EA 145 46.47 170.66 -16.76
C GLY EA 145 45.88 171.54 -15.68
N ARG EA 146 45.11 170.93 -14.79
CA ARG EA 146 44.44 171.69 -13.74
C ARG EA 146 44.53 170.91 -12.46
N SER EA 147 44.29 171.59 -11.34
CA SER EA 147 44.36 170.99 -10.02
C SER EA 147 43.13 171.35 -9.19
N VAL EA 148 42.65 170.41 -8.39
CA VAL EA 148 41.54 170.67 -7.46
C VAL EA 148 42.03 171.23 -6.13
N LYS EA 149 41.60 172.46 -5.84
CA LYS EA 149 42.02 173.17 -4.63
C LYS EA 149 41.53 172.49 -3.35
N GLY EA 150 42.29 172.62 -2.28
CA GLY EA 150 41.91 172.07 -0.98
C GLY EA 150 42.41 170.65 -0.74
N VAL EA 151 42.91 170.02 -1.81
CA VAL EA 151 43.45 168.67 -1.74
C VAL EA 151 44.93 168.65 -2.17
N CYS EA 152 45.66 167.60 -1.77
CA CYS EA 152 47.06 167.45 -2.15
C CYS EA 152 47.24 167.11 -3.62
N LEU EA 153 48.49 167.22 -4.08
CA LEU EA 153 48.84 166.90 -5.45
C LEU EA 153 49.17 165.39 -5.55
N PRO EA 154 49.12 164.83 -6.77
CA PRO EA 154 49.41 163.40 -6.97
C PRO EA 154 50.66 162.84 -6.27
N PRO EA 155 51.74 163.63 -6.13
CA PRO EA 155 52.92 163.09 -5.41
C PRO EA 155 52.75 162.86 -3.90
N ALA EA 156 51.95 163.68 -3.22
CA ALA EA 156 51.80 163.56 -1.77
C ALA EA 156 50.43 163.09 -1.26
N MET EA 157 49.44 163.02 -2.15
CA MET EA 157 48.04 162.82 -1.73
C MET EA 157 47.67 161.39 -1.33
N SER EA 158 46.51 161.25 -0.70
CA SER EA 158 46.05 159.95 -0.19
C SER EA 158 45.07 159.23 -1.12
N ARG EA 159 44.76 157.98 -0.79
CA ARG EA 159 43.76 157.21 -1.51
C ARG EA 159 42.39 157.86 -1.38
N ALA EA 160 42.03 158.26 -0.17
CA ALA EA 160 40.79 158.98 0.04
C ALA EA 160 40.75 160.19 -0.87
N GLU EA 161 41.72 161.09 -0.71
CA GLU EA 161 41.82 162.31 -1.52
C GLU EA 161 41.70 162.01 -3.01
N ARG EA 162 42.32 160.92 -3.46
CA ARG EA 162 42.34 160.57 -4.87
C ARG EA 162 40.97 160.08 -5.31
N ARG EA 163 40.34 159.28 -4.45
CA ARG EA 163 38.98 158.82 -4.68
C ARG EA 163 38.05 160.02 -4.81
N LEU EA 164 38.14 160.94 -3.85
CA LEU EA 164 37.35 162.17 -3.86
C LEU EA 164 37.48 162.96 -5.17
N VAL EA 165 38.73 163.14 -5.62
CA VAL EA 165 39.01 163.87 -6.87
C VAL EA 165 38.29 163.24 -8.06
N GLU EA 166 38.43 161.92 -8.19
CA GLU EA 166 37.73 161.16 -9.20
C GLU EA 166 36.21 161.42 -9.16
N LYS EA 167 35.63 161.33 -7.97
CA LYS EA 167 34.19 161.48 -7.80
C LYS EA 167 33.78 162.83 -8.36
N VAL EA 168 34.33 163.88 -7.75
CA VAL EA 168 33.96 165.26 -8.02
C VAL EA 168 34.22 165.71 -9.46
N VAL EA 169 35.22 165.13 -10.11
CA VAL EA 169 35.56 165.52 -11.47
C VAL EA 169 34.64 164.83 -12.48
N SER EA 170 34.65 163.50 -12.46
CA SER EA 170 33.76 162.72 -13.33
C SER EA 170 32.32 163.26 -13.23
N ASP EA 171 31.84 163.43 -12.01
CA ASP EA 171 30.50 163.96 -11.82
C ASP EA 171 30.31 165.24 -12.61
N ALA EA 172 31.12 166.24 -12.30
CA ALA EA 172 31.07 167.49 -13.02
C ALA EA 172 31.04 167.29 -14.53
N LEU EA 173 31.79 166.31 -15.03
CA LEU EA 173 31.98 166.07 -16.47
C LEU EA 173 30.75 165.54 -17.20
N GLY EA 174 29.78 165.06 -16.44
CA GLY EA 174 28.52 164.60 -17.00
C GLY EA 174 27.61 165.75 -17.40
N GLY EA 175 27.97 166.96 -16.98
CA GLY EA 175 27.21 168.15 -17.32
C GLY EA 175 27.44 168.60 -18.75
N LEU EA 176 28.40 167.98 -19.42
CA LEU EA 176 28.73 168.31 -20.81
C LEU EA 176 27.75 167.68 -21.78
N LYS EA 177 27.49 168.39 -22.88
CA LYS EA 177 26.47 167.96 -23.83
C LYS EA 177 26.95 168.00 -25.29
N GLY EA 178 26.17 167.35 -26.15
CA GLY EA 178 26.35 167.46 -27.58
C GLY EA 178 27.43 166.57 -28.15
N ASP EA 179 28.30 167.18 -28.96
CA ASP EA 179 29.42 166.46 -29.52
C ASP EA 179 30.52 166.41 -28.48
N LEU EA 180 30.28 167.08 -27.35
CA LEU EA 180 31.23 167.12 -26.25
C LEU EA 180 30.83 166.18 -25.12
N ALA EA 181 29.73 165.46 -25.29
CA ALA EA 181 29.29 164.53 -24.25
C ALA EA 181 30.03 163.21 -24.38
N GLY EA 182 30.27 162.56 -23.25
CA GLY EA 182 30.98 161.30 -23.27
C GLY EA 182 30.82 160.54 -21.97
N LYS EA 183 31.67 159.54 -21.78
CA LYS EA 183 31.61 158.71 -20.59
C LYS EA 183 32.98 158.61 -19.92
N TYR EA 184 32.97 158.22 -18.65
CA TYR EA 184 34.22 158.04 -17.91
C TYR EA 184 34.48 156.56 -17.69
N TYR EA 185 35.67 156.10 -18.04
CA TYR EA 185 36.04 154.69 -17.97
C TYR EA 185 37.17 154.45 -16.96
N PRO EA 186 36.83 154.24 -15.68
CA PRO EA 186 37.86 154.06 -14.64
C PRO EA 186 38.78 152.86 -14.93
N LEU EA 187 40.08 153.11 -14.87
CA LEU EA 187 41.09 152.14 -15.26
C LEU EA 187 40.91 150.77 -14.60
N THR EA 188 40.49 150.78 -13.33
CA THR EA 188 40.22 149.54 -12.60
C THR EA 188 39.34 148.56 -13.39
N THR EA 189 38.35 149.09 -14.10
CA THR EA 189 37.38 148.23 -14.79
C THR EA 189 37.64 148.12 -16.28
N MET EA 190 38.75 148.67 -16.74
CA MET EA 190 39.09 148.61 -18.16
C MET EA 190 40.05 147.45 -18.43
N ASN EA 191 39.74 146.63 -19.42
CA ASN EA 191 40.57 145.46 -19.68
C ASN EA 191 41.95 145.89 -20.18
N GLU EA 192 42.90 144.96 -20.20
CA GLU EA 192 44.27 145.30 -20.55
C GLU EA 192 44.43 145.64 -22.02
N LYS EA 193 43.69 144.96 -22.88
CA LYS EA 193 43.74 145.23 -24.31
C LYS EA 193 43.02 146.54 -24.68
N ASP EA 194 41.84 146.76 -24.11
CA ASP EA 194 41.13 148.02 -24.32
C ASP EA 194 42.04 149.21 -23.98
N GLN EA 195 42.84 149.03 -22.93
CA GLN EA 195 43.70 150.07 -22.38
C GLN EA 195 44.92 150.32 -23.25
N GLU EA 196 45.57 149.23 -23.67
CA GLU EA 196 46.71 149.29 -24.59
C GLU EA 196 46.36 149.98 -25.90
N GLN EA 197 45.31 149.51 -26.56
CA GLN EA 197 44.88 150.11 -27.82
C GLN EA 197 44.81 151.64 -27.75
N LEU EA 198 44.17 152.16 -26.69
CA LEU EA 198 44.08 153.62 -26.47
C LEU EA 198 45.46 154.25 -26.31
N ILE EA 199 46.30 153.61 -25.50
CA ILE EA 199 47.70 154.03 -25.33
C ILE EA 199 48.40 154.01 -26.69
N GLU EA 200 48.04 153.03 -27.50
CA GLU EA 200 48.59 152.90 -28.84
C GLU EA 200 48.16 154.08 -29.69
N ASP EA 201 46.87 154.41 -29.62
CA ASP EA 201 46.28 155.46 -30.47
C ASP EA 201 46.47 156.87 -29.89
N HIS EA 202 47.36 156.98 -28.91
CA HIS EA 202 47.78 158.28 -28.35
C HIS EA 202 46.74 158.97 -27.46
N PHE EA 203 45.68 158.25 -27.06
CA PHE EA 203 44.63 158.82 -26.23
C PHE EA 203 44.92 158.71 -24.73
N LEU EA 204 45.36 157.54 -24.31
CA LEU EA 204 45.52 157.25 -22.88
C LEU EA 204 46.96 157.40 -22.37
N PHE EA 205 47.08 157.81 -21.11
CA PHE EA 205 48.39 157.93 -20.52
C PHE EA 205 49.07 156.57 -20.41
N GLU EA 206 50.39 156.58 -20.53
CA GLU EA 206 51.16 155.37 -20.54
C GLU EA 206 50.95 154.58 -19.26
N LYS EA 207 51.33 153.30 -19.31
CA LYS EA 207 51.42 152.51 -18.10
C LYS EA 207 52.41 153.22 -17.19
N PRO EA 208 52.16 153.18 -15.88
CA PRO EA 208 52.83 154.00 -14.86
C PRO EA 208 54.31 153.65 -14.67
N THR EA 209 55.13 153.96 -15.68
CA THR EA 209 56.54 153.55 -15.65
C THR EA 209 57.46 154.73 -15.91
N GLY EA 210 56.90 155.93 -15.87
CA GLY EA 210 57.69 157.15 -16.03
C GLY EA 210 58.60 157.35 -14.84
N ALA EA 211 59.80 157.84 -15.10
CA ALA EA 211 60.78 158.08 -14.04
C ALA EA 211 60.28 159.12 -13.04
N LEU EA 212 59.79 160.24 -13.54
CA LEU EA 212 59.11 161.20 -12.68
C LEU EA 212 57.96 160.54 -11.94
N LEU EA 213 57.14 159.80 -12.67
CA LEU EA 213 55.90 159.29 -12.09
C LEU EA 213 56.14 158.41 -10.87
N THR EA 214 56.95 157.36 -11.07
CA THR EA 214 57.17 156.38 -10.02
C THR EA 214 57.95 156.96 -8.84
N THR EA 215 59.06 157.63 -9.12
CA THR EA 215 59.92 158.16 -8.07
C THR EA 215 59.32 159.31 -7.24
N SER EA 216 58.54 160.18 -7.86
CA SER EA 216 57.99 161.34 -7.14
C SER EA 216 56.75 160.99 -6.32
N GLY EA 217 56.33 159.74 -6.37
CA GLY EA 217 55.21 159.28 -5.56
C GLY EA 217 53.81 159.46 -6.13
N CYS EA 218 53.69 159.62 -7.45
CA CYS EA 218 52.39 159.78 -8.11
C CYS EA 218 51.80 158.46 -8.59
N ALA EA 219 52.56 157.38 -8.51
CA ALA EA 219 52.08 156.07 -8.94
C ALA EA 219 51.83 155.11 -7.79
N ARG EA 220 51.32 155.64 -6.68
CA ARG EA 220 50.93 154.81 -5.54
C ARG EA 220 49.49 154.33 -5.69
N ASP EA 221 49.26 153.07 -5.37
CA ASP EA 221 47.90 152.52 -5.26
C ASP EA 221 47.31 152.27 -6.65
N TRP EA 222 48.17 152.15 -7.66
CA TRP EA 222 47.72 152.06 -9.05
C TRP EA 222 46.89 150.80 -9.26
N PRO EA 223 45.79 150.89 -10.01
CA PRO EA 223 45.25 152.08 -10.70
C PRO EA 223 44.23 152.88 -9.88
N ASP EA 224 43.98 152.50 -8.63
CA ASP EA 224 42.98 153.16 -7.79
C ASP EA 224 42.81 154.63 -8.14
N GLY EA 225 41.59 155.03 -8.52
CA GLY EA 225 41.25 156.43 -8.74
C GLY EA 225 41.54 157.02 -10.11
N ARG EA 226 42.33 156.33 -10.91
CA ARG EA 226 42.74 156.84 -12.23
C ARG EA 226 41.70 156.49 -13.27
N GLY EA 227 41.83 157.06 -14.47
CA GLY EA 227 40.93 156.78 -15.56
C GLY EA 227 40.90 157.87 -16.62
N ILE EA 228 40.22 157.59 -17.73
CA ILE EA 228 40.04 158.56 -18.81
C ILE EA 228 38.57 158.89 -19.05
N TRP EA 229 38.29 160.11 -19.48
CA TRP EA 229 36.98 160.51 -19.96
C TRP EA 229 37.09 160.92 -21.43
N HIS EA 230 36.14 160.52 -22.26
CA HIS EA 230 36.19 160.92 -23.67
C HIS EA 230 34.84 160.90 -24.40
N ASN EA 231 34.68 161.83 -25.32
CA ASN EA 231 33.49 161.91 -26.17
C ASN EA 231 33.48 160.77 -27.18
N ASN EA 232 32.45 160.71 -28.01
CA ASN EA 232 32.34 159.63 -29.00
C ASN EA 232 33.47 159.65 -30.02
N GLU EA 233 33.62 160.78 -30.72
CA GLU EA 233 34.68 160.96 -31.70
C GLU EA 233 36.09 160.82 -31.11
N LYS EA 234 36.18 160.68 -29.79
CA LYS EA 234 37.48 160.59 -29.10
C LYS EA 234 38.46 161.73 -29.42
N ASN EA 235 37.94 162.87 -29.85
CA ASN EA 235 38.77 164.04 -30.15
C ASN EA 235 38.74 165.13 -29.08
N PHE EA 236 38.06 164.88 -27.97
CA PHE EA 236 38.18 165.70 -26.76
C PHE EA 236 38.16 164.79 -25.53
N LEU EA 237 39.24 164.81 -24.73
CA LEU EA 237 39.41 163.85 -23.64
C LEU EA 237 39.75 164.52 -22.31
N VAL EA 238 39.71 163.75 -21.23
CA VAL EA 238 40.12 164.23 -19.91
C VAL EA 238 40.88 163.12 -19.16
N TRP EA 239 42.09 163.43 -18.69
CA TRP EA 239 42.90 162.48 -17.90
C TRP EA 239 42.70 162.73 -16.41
N ILE EA 240 42.27 161.72 -15.67
CA ILE EA 240 42.09 161.90 -14.24
C ILE EA 240 43.11 161.11 -13.42
N ASN EA 241 43.81 161.82 -12.54
CA ASN EA 241 44.66 161.20 -11.51
C ASN EA 241 45.93 160.45 -11.95
N GLU EA 242 46.56 160.90 -13.03
CA GLU EA 242 47.86 160.38 -13.39
C GLU EA 242 48.94 161.23 -12.71
N GLU EA 243 49.65 162.05 -13.47
CA GLU EA 243 50.65 162.96 -12.91
C GLU EA 243 49.95 164.13 -12.27
N ASP EA 244 48.87 164.56 -12.93
CA ASP EA 244 48.04 165.65 -12.43
C ASP EA 244 46.65 165.16 -12.04
N HIS EA 245 45.91 166.01 -11.33
CA HIS EA 245 44.50 165.76 -11.04
C HIS EA 245 43.71 165.63 -12.33
N ILE EA 246 43.86 166.61 -13.22
CA ILE EA 246 43.02 166.73 -14.41
C ILE EA 246 43.79 167.21 -15.64
N ARG EA 247 43.87 166.38 -16.66
CA ARG EA 247 44.44 166.81 -17.93
C ARG EA 247 43.40 166.88 -19.02
N VAL EA 248 43.20 168.09 -19.54
CA VAL EA 248 42.19 168.36 -20.57
C VAL EA 248 42.82 168.25 -21.95
N ILE EA 249 42.21 167.45 -22.83
CA ILE EA 249 42.80 167.20 -24.14
C ILE EA 249 41.84 167.41 -25.32
N SER EA 250 42.36 168.00 -26.39
CA SER EA 250 41.70 167.99 -27.68
C SER EA 250 42.75 167.56 -28.70
N MET EA 251 42.35 166.78 -29.70
CA MET EA 251 43.32 166.23 -30.64
C MET EA 251 42.73 165.57 -31.88
N GLN EA 252 43.56 165.43 -32.92
CA GLN EA 252 43.20 164.74 -34.13
C GLN EA 252 44.40 164.56 -35.07
N LYS EA 253 44.39 163.44 -35.80
CA LYS EA 253 45.32 163.20 -36.91
C LYS EA 253 45.26 164.36 -37.91
N GLY EA 254 46.22 164.41 -38.84
CA GLY EA 254 46.22 165.44 -39.86
C GLY EA 254 47.01 166.68 -39.52
N GLY EA 255 46.71 167.79 -40.19
CA GLY EA 255 47.47 169.01 -39.99
C GLY EA 255 46.68 170.24 -39.58
N ASP EA 256 45.40 170.08 -39.27
CA ASP EA 256 44.56 171.20 -38.86
C ASP EA 256 44.70 171.47 -37.38
N LEU EA 257 45.72 172.24 -37.01
CA LEU EA 257 45.96 172.63 -35.61
C LEU EA 257 44.90 173.63 -35.18
N LYS EA 258 44.65 174.61 -36.03
CA LYS EA 258 43.66 175.65 -35.76
C LYS EA 258 42.33 175.09 -35.29
N ALA EA 259 41.83 174.10 -36.02
CA ALA EA 259 40.62 173.37 -35.66
C ALA EA 259 40.74 172.77 -34.27
N VAL EA 260 41.74 171.92 -34.06
CA VAL EA 260 41.96 171.37 -32.73
C VAL EA 260 41.91 172.49 -31.69
N PHE EA 261 42.54 173.62 -31.99
CA PHE EA 261 42.59 174.75 -31.06
C PHE EA 261 41.19 175.25 -30.73
N SER EA 262 40.30 175.20 -31.72
CA SER EA 262 38.95 175.67 -31.53
C SER EA 262 38.21 174.84 -30.47
N ARG EA 263 38.30 173.51 -30.61
CA ARG EA 263 37.62 172.58 -29.72
C ARG EA 263 38.26 172.53 -28.33
N PHE EA 264 39.57 172.76 -28.24
CA PHE EA 264 40.24 172.81 -26.94
C PHE EA 264 39.79 174.02 -26.12
N ALA EA 265 39.55 175.15 -26.81
CA ALA EA 265 39.09 176.35 -26.13
C ALA EA 265 37.65 176.18 -25.65
N ARG EA 266 36.82 175.60 -26.51
CA ARG EA 266 35.42 175.33 -26.19
C ARG EA 266 35.33 174.38 -25.00
N GLY EA 267 35.89 173.19 -25.19
CA GLY EA 267 35.78 172.14 -24.19
C GLY EA 267 36.27 172.58 -22.83
N LEU EA 268 37.38 173.31 -22.83
CA LEU EA 268 38.01 173.77 -21.59
C LEU EA 268 37.16 174.81 -20.86
N LEU EA 269 36.62 175.78 -21.59
CA LEU EA 269 35.75 176.78 -20.95
C LEU EA 269 34.58 176.09 -20.26
N GLU EA 270 33.95 175.15 -20.95
CA GLU EA 270 32.87 174.37 -20.37
C GLU EA 270 33.34 173.51 -19.20
N VAL EA 271 34.50 172.89 -19.34
CA VAL EA 271 35.06 172.08 -18.25
C VAL EA 271 35.28 172.93 -17.00
N GLU EA 272 35.88 174.11 -17.17
CA GLU EA 272 36.09 175.01 -16.03
C GLU EA 272 34.77 175.59 -15.54
N ARG EA 273 33.84 175.79 -16.46
CA ARG EA 273 32.52 176.30 -16.11
C ARG EA 273 31.80 175.36 -15.16
N LEU EA 274 31.78 174.07 -15.50
CA LEU EA 274 31.08 173.06 -14.71
C LEU EA 274 31.73 172.80 -13.36
N MET EA 275 33.06 172.73 -13.32
CA MET EA 275 33.74 172.58 -12.03
C MET EA 275 33.34 173.72 -11.10
N LYS EA 276 33.22 174.92 -11.66
CA LYS EA 276 32.85 176.10 -10.88
C LYS EA 276 31.42 175.94 -10.40
N GLU EA 277 30.54 175.57 -11.31
CA GLU EA 277 29.13 175.30 -11.02
C GLU EA 277 29.00 174.35 -9.82
N CYS EA 278 29.83 173.33 -9.79
CA CYS EA 278 29.79 172.30 -8.76
C CYS EA 278 30.50 172.76 -7.48
N GLY EA 279 30.97 174.00 -7.48
CA GLY EA 279 31.60 174.56 -6.30
C GLY EA 279 32.95 173.95 -5.99
N HIS EA 280 33.74 173.74 -7.03
CA HIS EA 280 35.08 173.18 -6.88
C HIS EA 280 36.13 174.08 -7.49
N GLY EA 281 36.65 175.01 -6.67
CA GLY EA 281 37.71 175.89 -7.10
C GLY EA 281 38.96 175.12 -7.50
N LEU EA 282 39.66 175.62 -8.51
CA LEU EA 282 40.93 175.02 -8.94
C LEU EA 282 42.09 175.78 -8.31
N MET EA 283 43.28 175.19 -8.37
CA MET EA 283 44.47 175.81 -7.79
C MET EA 283 44.98 176.95 -8.66
N HIS EA 284 44.93 178.16 -8.12
CA HIS EA 284 45.18 179.33 -8.93
C HIS EA 284 45.80 180.49 -8.14
N ASN EA 285 46.92 180.97 -8.68
CA ASN EA 285 47.64 182.12 -8.18
C ASN EA 285 47.38 183.26 -9.19
N ASP EA 286 47.38 184.51 -8.74
CA ASP EA 286 47.18 185.62 -9.65
C ASP EA 286 48.47 186.02 -10.41
N ARG EA 287 49.62 185.70 -9.81
CA ARG EA 287 50.91 185.91 -10.45
C ARG EA 287 51.37 184.74 -11.33
N LEU EA 288 50.93 183.53 -10.98
CA LEU EA 288 51.42 182.33 -11.65
C LEU EA 288 50.31 181.57 -12.39
N GLY EA 289 49.10 182.12 -12.35
CA GLY EA 289 47.98 181.43 -12.96
C GLY EA 289 47.79 180.06 -12.33
N TYR EA 290 47.51 179.07 -13.17
CA TYR EA 290 47.24 177.71 -12.70
C TYR EA 290 48.50 176.92 -12.33
N ILE EA 291 48.29 175.91 -11.50
CA ILE EA 291 49.39 175.23 -10.82
C ILE EA 291 49.17 173.73 -10.84
N CYS EA 292 50.23 172.98 -11.16
CA CYS EA 292 50.20 171.52 -11.16
C CYS EA 292 51.37 170.93 -10.38
N THR EA 293 51.62 169.64 -10.60
CA THR EA 293 52.69 168.89 -9.97
C THR EA 293 54.08 169.45 -10.30
N CYS EA 294 54.33 169.69 -11.58
CA CYS EA 294 55.66 170.10 -12.00
C CYS EA 294 55.71 171.60 -12.29
N PRO EA 295 56.80 172.26 -11.88
CA PRO EA 295 57.07 173.67 -12.16
C PRO EA 295 57.00 174.04 -13.66
N THR EA 296 57.10 173.05 -14.56
CA THR EA 296 56.95 173.33 -15.98
C THR EA 296 55.48 173.49 -16.35
N ASN EA 297 54.61 173.00 -15.47
CA ASN EA 297 53.18 173.06 -15.70
C ASN EA 297 52.48 174.09 -14.82
N MET EA 298 52.67 175.35 -15.19
CA MET EA 298 52.13 176.49 -14.44
C MET EA 298 51.68 177.52 -15.48
N GLY EA 299 51.13 178.63 -15.02
CA GLY EA 299 50.65 179.66 -15.92
C GLY EA 299 49.41 179.19 -16.67
N THR EA 300 49.54 179.00 -17.98
CA THR EA 300 48.46 178.46 -18.79
C THR EA 300 48.39 176.94 -18.64
N VAL EA 301 49.53 176.33 -18.33
CA VAL EA 301 49.63 174.88 -18.18
C VAL EA 301 49.40 174.16 -19.51
N VAL EA 302 49.61 174.88 -20.60
CA VAL EA 302 49.32 174.38 -21.93
C VAL EA 302 50.54 173.76 -22.63
N ARG EA 303 50.29 172.69 -23.40
CA ARG EA 303 51.29 172.15 -24.29
C ARG EA 303 50.60 171.83 -25.58
N ALA EA 304 50.88 172.61 -26.61
CA ALA EA 304 50.35 172.35 -27.94
C ALA EA 304 51.41 171.60 -28.70
N SER EA 305 51.01 170.70 -29.58
CA SER EA 305 51.99 169.86 -30.26
C SER EA 305 51.58 169.39 -31.65
N VAL EA 306 52.59 169.19 -32.49
CA VAL EA 306 52.43 168.55 -33.78
C VAL EA 306 53.35 167.33 -33.86
N HIS EA 307 52.82 166.20 -34.31
CA HIS EA 307 53.69 165.12 -34.78
C HIS EA 307 54.28 165.52 -36.14
N LEU EA 308 55.56 165.89 -36.13
CA LEU EA 308 56.21 166.48 -37.29
C LEU EA 308 57.22 165.50 -37.89
N ARG EA 309 57.10 165.22 -39.17
CA ARG EA 309 58.10 164.42 -39.85
C ARG EA 309 59.21 165.31 -40.36
N LEU EA 310 60.45 164.85 -40.20
CA LEU EA 310 61.65 165.61 -40.55
C LEU EA 310 62.80 164.75 -41.08
N ALA EA 311 62.63 164.18 -42.26
CA ALA EA 311 63.62 163.26 -42.83
C ALA EA 311 64.99 163.89 -43.09
N PHE EA 312 65.01 165.14 -43.53
CA PHE EA 312 66.26 165.83 -43.82
C PHE EA 312 66.75 166.72 -42.68
N LEU EA 313 65.87 167.59 -42.18
CA LEU EA 313 66.25 168.54 -41.14
C LEU EA 313 66.85 167.87 -39.89
N GLU EA 314 66.45 166.63 -39.61
CA GLU EA 314 66.93 165.92 -38.44
C GLU EA 314 68.40 165.51 -38.54
N LYS EA 315 68.94 165.43 -39.74
CA LYS EA 315 70.34 165.06 -39.94
C LYS EA 315 71.27 166.26 -39.85
N HIS EA 316 70.71 167.45 -39.65
CA HIS EA 316 71.52 168.66 -39.60
C HIS EA 316 72.23 168.80 -38.24
N PRO EA 317 73.46 169.34 -38.25
CA PRO EA 317 74.21 169.55 -37.01
C PRO EA 317 73.74 170.77 -36.21
N ARG EA 318 72.66 171.44 -36.63
CA ARG EA 318 72.19 172.64 -35.94
C ARG EA 318 70.71 172.56 -35.57
N PHE EA 319 70.14 171.38 -35.73
CA PHE EA 319 68.73 171.12 -35.44
C PHE EA 319 68.35 171.55 -34.01
N ASP EA 320 68.86 170.81 -33.03
CA ASP EA 320 68.61 171.09 -31.62
C ASP EA 320 68.79 172.56 -31.23
N GLU EA 321 69.84 173.19 -31.77
CA GLU EA 321 70.09 174.60 -31.53
C GLU EA 321 68.86 175.42 -31.92
N MET EA 322 68.43 175.24 -33.16
CA MET EA 322 67.27 175.95 -33.68
C MET EA 322 66.04 175.77 -32.77
N LEU EA 323 65.68 174.52 -32.49
CA LEU EA 323 64.61 174.20 -31.56
C LEU EA 323 64.78 174.96 -30.26
N GLY EA 324 65.97 174.86 -29.65
CA GLY EA 324 66.26 175.52 -28.40
C GLY EA 324 66.03 177.02 -28.44
N LYS EA 325 66.47 177.64 -29.54
CA LYS EA 325 66.33 179.08 -29.74
C LYS EA 325 64.87 179.46 -29.99
N LEU EA 326 64.10 178.50 -30.51
CA LEU EA 326 62.71 178.73 -30.87
C LEU EA 326 61.76 178.46 -29.71
N ARG EA 327 62.32 178.09 -28.57
CA ARG EA 327 61.54 177.81 -27.37
C ARG EA 327 60.60 176.65 -27.64
N LEU EA 328 61.11 175.64 -28.35
CA LEU EA 328 60.31 174.45 -28.66
C LEU EA 328 60.78 173.24 -27.87
N GLY EA 329 59.82 172.43 -27.42
CA GLY EA 329 60.13 171.18 -26.74
C GLY EA 329 60.17 170.05 -27.75
N LYS EA 330 61.01 169.07 -27.49
CA LYS EA 330 61.22 167.99 -28.45
C LYS EA 330 61.04 166.64 -27.78
N ARG EA 331 60.13 165.84 -28.32
CA ARG EA 331 59.83 164.53 -27.77
C ARG EA 331 59.69 163.48 -28.87
N GLY EA 332 59.38 162.26 -28.45
CA GLY EA 332 59.23 161.15 -29.36
C GLY EA 332 57.79 160.89 -29.72
N THR EA 333 57.59 159.90 -30.59
CA THR EA 333 56.29 159.63 -31.18
C THR EA 333 55.26 159.16 -30.15
N GLY EA 334 55.75 158.66 -29.02
CA GLY EA 334 54.89 158.09 -27.99
C GLY EA 334 54.93 158.92 -26.73
N GLY EA 335 55.68 160.01 -26.77
CA GLY EA 335 55.67 160.98 -25.70
C GLY EA 335 57.02 161.26 -25.08
N GLU EA 336 56.96 161.68 -23.82
CA GLU EA 336 58.12 162.11 -23.07
C GLU EA 336 59.16 161.01 -23.00
N SER EA 337 58.68 159.79 -22.77
CA SER EA 337 59.54 158.65 -22.55
C SER EA 337 59.72 157.80 -23.81
N SER EA 338 59.99 158.45 -24.92
CA SER EA 338 60.21 157.76 -26.19
C SER EA 338 61.03 158.64 -27.11
N LEU EA 339 61.66 158.03 -28.09
CA LEU EA 339 62.37 158.81 -29.10
C LEU EA 339 61.51 158.89 -30.35
N ALA EA 340 62.08 159.51 -31.39
CA ALA EA 340 61.37 159.74 -32.63
C ALA EA 340 61.44 158.50 -33.52
N THR EA 341 60.29 158.01 -33.96
CA THR EA 341 60.27 156.94 -34.93
C THR EA 341 60.01 157.56 -36.29
N ASP EA 342 60.56 156.96 -37.33
CA ASP EA 342 60.26 157.39 -38.69
C ASP EA 342 60.63 158.85 -38.89
N SER EA 343 61.73 159.26 -38.29
CA SER EA 343 62.21 160.64 -38.36
C SER EA 343 61.15 161.63 -37.89
N THR EA 344 60.20 161.15 -37.09
CA THR EA 344 59.06 161.98 -36.68
C THR EA 344 59.07 162.34 -35.19
N TYR EA 345 59.04 163.64 -34.91
CA TYR EA 345 59.13 164.15 -33.55
C TYR EA 345 57.84 164.73 -33.05
N ASP EA 346 57.72 164.80 -31.73
CA ASP EA 346 56.67 165.54 -31.07
C ASP EA 346 57.27 166.92 -30.81
N ILE EA 347 56.75 167.93 -31.51
CA ILE EA 347 57.25 169.29 -31.41
C ILE EA 347 56.19 170.21 -30.83
N SER EA 348 56.55 170.95 -29.78
CA SER EA 348 55.59 171.69 -28.96
C SER EA 348 56.22 172.93 -28.34
N ASN EA 349 55.41 173.88 -27.88
CA ASN EA 349 55.97 174.98 -27.12
C ASN EA 349 56.65 174.41 -25.89
N TRP EA 350 57.73 175.07 -25.44
CA TRP EA 350 58.46 174.66 -24.25
C TRP EA 350 57.98 175.39 -22.99
N ALA EA 351 57.67 176.68 -23.12
CA ALA EA 351 57.20 177.44 -21.95
C ALA EA 351 55.68 177.45 -21.84
N ARG EA 352 55.18 177.81 -20.66
CA ARG EA 352 53.74 177.83 -20.43
C ARG EA 352 53.39 178.90 -19.39
N LEU EA 353 54.40 179.64 -18.93
CA LEU EA 353 54.21 180.67 -17.90
C LEU EA 353 54.79 182.00 -18.38
N GLY EA 354 54.02 183.07 -18.25
CA GLY EA 354 54.43 184.38 -18.73
C GLY EA 354 53.89 184.71 -20.13
N LYS EA 355 53.11 183.79 -20.69
CA LYS EA 355 52.57 183.99 -22.03
C LYS EA 355 51.20 183.31 -22.18
N SER EA 356 50.31 183.94 -22.93
CA SER EA 356 48.95 183.45 -23.11
C SER EA 356 48.94 182.21 -24.00
N GLU EA 357 47.83 181.46 -23.93
CA GLU EA 357 47.65 180.27 -24.75
C GLU EA 357 47.79 180.56 -26.26
N ARG EA 358 47.09 181.58 -26.73
CA ARG EA 358 47.17 182.00 -28.14
C ARG EA 358 48.60 182.38 -28.50
N GLU EA 359 49.27 183.09 -27.59
CA GLU EA 359 50.69 183.41 -27.74
C GLU EA 359 51.55 182.18 -28.00
N LEU EA 360 51.38 181.15 -27.18
CA LEU EA 360 52.19 179.94 -27.27
C LEU EA 360 51.85 179.10 -28.50
N VAL EA 361 50.56 178.92 -28.79
CA VAL EA 361 50.14 178.22 -30.00
C VAL EA 361 50.74 178.88 -31.25
N GLN EA 362 50.82 180.21 -31.23
CA GLN EA 362 51.50 180.95 -32.28
C GLN EA 362 53.00 180.63 -32.28
N VAL EA 363 53.60 180.59 -31.09
CA VAL EA 363 54.99 180.20 -30.96
C VAL EA 363 55.25 178.90 -31.74
N LEU EA 364 54.43 177.89 -31.49
CA LEU EA 364 54.54 176.60 -32.19
C LEU EA 364 54.41 176.78 -33.71
N VAL EA 365 53.34 177.45 -34.12
CA VAL EA 365 53.04 177.69 -35.53
C VAL EA 365 54.25 178.28 -36.27
N ASP EA 366 54.91 179.25 -35.65
CA ASP EA 366 56.03 179.94 -36.27
C ASP EA 366 57.24 179.02 -36.38
N GLY EA 367 57.68 178.49 -35.25
CA GLY EA 367 58.80 177.56 -35.23
C GLY EA 367 58.66 176.41 -36.20
N VAL EA 368 57.47 175.82 -36.27
CA VAL EA 368 57.20 174.70 -37.18
C VAL EA 368 57.27 175.10 -38.66
N ASN EA 369 56.78 176.30 -38.99
CA ASN EA 369 56.88 176.80 -40.35
C ASN EA 369 58.34 176.90 -40.78
N LEU EA 370 59.17 177.41 -39.88
CA LEU EA 370 60.61 177.55 -40.13
C LEU EA 370 61.31 176.20 -40.17
N LEU EA 371 60.84 175.26 -39.35
CA LEU EA 371 61.38 173.90 -39.37
C LEU EA 371 61.01 173.19 -40.67
N ILE EA 372 59.78 173.41 -41.14
CA ILE EA 372 59.35 172.85 -42.41
C ILE EA 372 60.11 173.48 -43.59
N ALA EA 373 60.15 174.80 -43.66
CA ALA EA 373 60.86 175.47 -44.74
C ALA EA 373 62.31 175.01 -44.83
N CYS EA 374 62.91 174.73 -43.68
CA CYS EA 374 64.29 174.26 -43.66
C CYS EA 374 64.40 172.83 -44.20
N ASP EA 375 63.46 171.95 -43.80
CA ASP EA 375 63.46 170.60 -44.36
C ASP EA 375 63.45 170.66 -45.89
N LYS EA 376 62.52 171.44 -46.44
CA LYS EA 376 62.39 171.64 -47.89
C LYS EA 376 63.71 172.05 -48.57
N LYS EA 377 64.40 173.03 -47.98
CA LYS EA 377 65.65 173.52 -48.57
C LYS EA 377 66.70 172.41 -48.64
N LEU EA 378 66.86 171.68 -47.54
CA LEU EA 378 67.81 170.58 -47.48
C LEU EA 378 67.49 169.48 -48.48
N GLU EA 379 66.21 169.16 -48.64
CA GLU EA 379 65.81 168.15 -49.61
C GLU EA 379 66.16 168.55 -51.04
N ALA EA 380 65.92 169.82 -51.37
CA ALA EA 380 66.21 170.35 -52.71
C ALA EA 380 67.71 170.57 -53.00
N GLY EA 381 68.57 170.25 -52.03
CA GLY EA 381 70.01 170.38 -52.21
C GLY EA 381 70.54 171.78 -51.95
N GLN EA 382 69.97 172.45 -50.95
CA GLN EA 382 70.32 173.83 -50.67
C GLN EA 382 70.73 173.93 -49.20
N SER EA 383 71.27 175.08 -48.80
CA SER EA 383 71.73 175.24 -47.42
C SER EA 383 70.81 176.14 -46.61
N ILE EA 384 70.97 176.13 -45.29
CA ILE EA 384 70.03 176.82 -44.40
C ILE EA 384 70.67 177.66 -43.29
N ASP EA 385 71.95 178.03 -43.43
CA ASP EA 385 72.60 178.76 -42.33
C ASP EA 385 71.94 180.09 -42.06
N ASP EA 386 71.54 180.78 -43.12
CA ASP EA 386 70.87 182.06 -43.00
C ASP EA 386 69.47 181.87 -42.43
N MET EA 387 68.97 180.64 -42.50
CA MET EA 387 67.63 180.29 -42.02
C MET EA 387 67.62 180.04 -40.52
N ILE EA 388 68.80 179.85 -39.95
CA ILE EA 388 68.92 179.55 -38.52
C ILE EA 388 68.96 180.82 -37.70
N PRO EA 389 68.15 180.88 -36.64
CA PRO EA 389 68.03 182.04 -35.76
C PRO EA 389 69.36 182.47 -35.15
N LYS EA 390 69.64 183.77 -35.19
CA LYS EA 390 70.77 184.35 -34.48
C LYS EA 390 70.43 184.42 -33.00
N PHE FA 9 59.05 167.76 11.95
CA PHE FA 9 59.87 167.17 10.89
C PHE FA 9 60.00 165.65 11.03
N VAL FA 10 60.19 165.18 12.27
CA VAL FA 10 60.33 163.74 12.53
C VAL FA 10 59.07 162.96 12.17
N LYS FA 11 57.98 163.22 12.88
CA LYS FA 11 56.73 162.48 12.66
C LYS FA 11 56.11 162.74 11.29
N ASN FA 12 56.65 163.72 10.58
CA ASN FA 12 56.27 163.98 9.20
C ASN FA 12 57.37 163.54 8.23
N ARG FA 13 58.25 162.66 8.72
CA ARG FA 13 59.39 162.14 7.95
C ARG FA 13 59.00 161.64 6.56
N VAL FA 14 57.80 161.07 6.44
CA VAL FA 14 57.32 160.52 5.16
C VAL FA 14 57.20 161.57 4.06
N GLY FA 15 56.43 162.63 4.31
CA GLY FA 15 56.32 163.74 3.37
C GLY FA 15 54.97 163.88 2.64
N HIS FA 16 54.05 162.96 2.92
CA HIS FA 16 52.71 162.95 2.33
C HIS FA 16 51.67 163.61 3.23
N SER FA 17 50.41 163.64 2.79
CA SER FA 17 49.33 164.12 3.67
C SER FA 17 48.86 163.02 4.62
N LYS FA 18 48.52 163.39 5.84
CA LYS FA 18 47.96 162.46 6.82
C LYS FA 18 46.44 162.60 6.85
N PRO FA 19 45.72 161.67 6.23
CA PRO FA 19 44.25 161.79 6.12
C PRO FA 19 43.58 161.87 7.49
N TRP FA 20 44.00 160.99 8.39
CA TRP FA 20 43.36 160.84 9.69
C TRP FA 20 43.38 162.12 10.52
N GLU FA 21 44.27 163.04 10.22
CA GLU FA 21 44.53 164.13 11.19
C GLU FA 21 43.58 165.38 11.11
N SER FA 22 43.47 166.02 9.93
CA SER FA 22 42.49 167.14 9.71
C SER FA 22 41.02 166.76 9.77
N GLY FA 23 40.70 165.47 9.69
CA GLY FA 23 39.44 164.96 10.15
C GLY FA 23 38.28 165.10 9.19
N LYS FA 24 38.52 165.08 7.88
CA LYS FA 24 37.42 164.96 6.91
C LYS FA 24 37.39 163.56 6.32
N PHE FA 25 38.25 162.72 6.87
CA PHE FA 25 38.36 161.34 6.42
C PHE FA 25 38.35 160.32 7.56
N LYS FA 26 37.58 159.25 7.39
CA LYS FA 26 37.64 158.11 8.30
C LYS FA 26 38.57 157.08 7.66
N ALA FA 27 38.85 156.01 8.39
CA ALA FA 27 39.75 154.97 7.90
C ALA FA 27 39.13 154.20 6.73
N ALA FA 28 37.80 154.16 6.70
CA ALA FA 28 37.05 153.47 5.65
C ALA FA 28 37.31 154.05 4.26
N ASP FA 29 37.41 155.37 4.20
CA ASP FA 29 37.66 156.10 2.96
C ASP FA 29 39.02 155.79 2.36
N ASN FA 30 40.00 155.57 3.24
CA ASN FA 30 41.38 155.40 2.82
C ASN FA 30 41.85 153.94 2.89
N PHE FA 31 40.91 153.00 2.79
CA PHE FA 31 41.22 151.58 2.87
C PHE FA 31 41.53 151.08 1.46
N PRO FA 32 42.64 150.33 1.30
CA PRO FA 32 43.05 149.87 -0.03
C PRO FA 32 41.97 149.02 -0.71
N ASP FA 33 41.89 149.11 -2.04
CA ASP FA 33 41.09 148.16 -2.80
C ASP FA 33 41.96 146.96 -3.15
N LEU FA 34 41.96 145.96 -2.26
CA LEU FA 34 42.79 144.78 -2.46
C LEU FA 34 42.02 143.69 -3.21
N SER FA 35 40.98 144.09 -3.92
CA SER FA 35 40.13 143.15 -4.65
C SER FA 35 40.94 142.07 -5.37
N LYS FA 36 41.93 142.49 -6.16
CA LYS FA 36 42.62 141.60 -7.08
C LYS FA 36 44.05 141.26 -6.65
N HIS FA 37 44.32 141.37 -5.35
CA HIS FA 37 45.67 141.12 -4.85
C HIS FA 37 45.88 139.67 -4.48
N ASN FA 38 47.12 139.21 -4.62
CA ASN FA 38 47.56 137.94 -4.03
C ASN FA 38 48.90 138.10 -3.33
N ASN FA 39 48.90 138.76 -2.19
CA ASN FA 39 50.10 138.76 -1.35
C ASN FA 39 49.70 138.68 0.11
N VAL FA 40 50.67 138.46 0.98
CA VAL FA 40 50.38 138.13 2.37
C VAL FA 40 49.66 139.30 3.05
N MET FA 41 50.25 140.49 2.95
CA MET FA 41 49.62 141.65 3.54
C MET FA 41 48.14 141.63 3.22
N ALA FA 42 47.82 141.38 1.95
CA ALA FA 42 46.43 141.43 1.46
C ALA FA 42 45.55 140.34 2.05
N SER FA 43 46.09 139.12 2.10
CA SER FA 43 45.38 137.99 2.71
C SER FA 43 45.12 138.14 4.21
N GLN FA 44 45.87 139.03 4.87
CA GLN FA 44 45.79 139.20 6.33
C GLN FA 44 45.15 140.51 6.80
N LEU FA 45 44.97 141.47 5.90
CA LEU FA 45 44.50 142.80 6.28
C LEU FA 45 42.99 142.85 6.54
N THR FA 46 42.62 143.36 7.72
CA THR FA 46 41.21 143.51 8.04
C THR FA 46 40.83 144.98 8.18
N LYS FA 47 39.62 145.34 7.77
CA LYS FA 47 39.16 146.71 7.93
C LYS FA 47 39.25 147.11 9.40
N GLU FA 48 39.10 146.12 10.28
CA GLU FA 48 39.28 146.32 11.72
C GLU FA 48 40.75 146.63 12.07
N LEU FA 49 41.67 145.96 11.39
CA LEU FA 49 43.10 146.21 11.61
C LEU FA 49 43.61 147.51 10.95
N TYR FA 50 43.07 147.87 9.79
CA TYR FA 50 43.42 149.15 9.19
C TYR FA 50 42.84 150.35 9.94
N GLU FA 51 41.70 150.15 10.60
CA GLU FA 51 41.05 151.21 11.34
C GLU FA 51 41.73 151.41 12.69
N LYS FA 52 42.39 150.36 13.16
CA LYS FA 52 43.02 150.38 14.47
C LYS FA 52 44.46 150.94 14.45
N TYR FA 53 45.07 150.92 13.28
CA TYR FA 53 46.50 151.22 13.14
C TYR FA 53 46.82 152.48 12.35
N TRP FA 54 46.01 152.72 11.31
CA TRP FA 54 46.29 153.77 10.34
C TRP FA 54 46.66 155.11 10.96
N ASP FA 55 46.05 155.46 12.09
CA ASP FA 55 46.31 156.77 12.69
C ASP FA 55 47.40 156.70 13.74
N LYS FA 56 48.26 155.70 13.62
CA LYS FA 56 49.34 155.45 14.57
C LYS FA 56 50.72 155.50 13.91
N VAL FA 57 51.67 156.17 14.56
CA VAL FA 57 52.99 156.40 13.99
C VAL FA 57 54.08 155.98 14.99
N THR FA 58 55.30 155.78 14.50
CA THR FA 58 56.40 155.42 15.39
C THR FA 58 57.29 156.62 15.69
N PRO FA 59 58.17 156.48 16.69
CA PRO FA 59 59.17 157.47 17.08
C PRO FA 59 59.99 158.07 15.92
N ASN FA 60 60.07 157.37 14.79
CA ASN FA 60 60.82 157.86 13.62
C ASN FA 60 59.93 158.47 12.55
N GLY FA 61 58.62 158.26 12.65
CA GLY FA 61 57.69 158.84 11.71
C GLY FA 61 57.18 157.83 10.72
N VAL FA 62 57.27 156.54 11.07
CA VAL FA 62 56.76 155.49 10.21
C VAL FA 62 55.28 155.22 10.48
N THR FA 63 54.51 155.20 9.41
CA THR FA 63 53.07 155.01 9.48
C THR FA 63 52.71 153.62 8.95
N PHE FA 64 51.49 153.19 9.23
CA PHE FA 64 51.03 151.87 8.78
C PHE FA 64 51.05 151.73 7.27
N ASP FA 65 50.68 152.80 6.56
CA ASP FA 65 50.65 152.81 5.10
C ASP FA 65 52.03 152.73 4.46
N LYS FA 66 53.01 153.33 5.11
CA LYS FA 66 54.41 153.24 4.70
C LYS FA 66 54.86 151.77 4.72
N CYS FA 67 54.35 151.03 5.68
CA CYS FA 67 54.72 149.62 5.84
C CYS FA 67 54.01 148.69 4.84
N ILE FA 68 52.74 148.96 4.54
CA ILE FA 68 52.00 148.11 3.60
C ILE FA 68 51.90 148.62 2.16
N GLN FA 69 52.49 149.78 1.86
CA GLN FA 69 52.33 150.33 0.52
C GLN FA 69 52.79 149.40 -0.61
N THR FA 70 53.92 148.74 -0.43
CA THR FA 70 54.44 147.85 -1.47
C THR FA 70 53.47 146.71 -1.71
N GLY FA 71 52.63 146.44 -0.72
CA GLY FA 71 51.58 145.43 -0.84
C GLY FA 71 50.50 145.87 -1.81
N VAL FA 72 49.95 147.06 -1.57
CA VAL FA 72 48.94 147.59 -2.47
C VAL FA 72 49.48 147.63 -3.89
N ASP FA 73 50.67 148.24 -4.05
CA ASP FA 73 51.22 148.51 -5.38
C ASP FA 73 51.58 147.25 -6.15
N ASN FA 74 51.49 146.10 -5.51
CA ASN FA 74 51.88 144.84 -6.15
C ASN FA 74 50.89 143.72 -5.88
N PRO FA 75 49.82 143.64 -6.68
CA PRO FA 75 48.81 142.59 -6.54
C PRO FA 75 49.26 141.23 -7.12
N GLY FA 76 50.15 141.25 -8.11
CA GLY FA 76 50.60 140.03 -8.75
C GLY FA 76 52.11 139.96 -8.95
N ASN FA 77 52.60 138.78 -9.33
CA ASN FA 77 54.03 138.58 -9.59
C ASN FA 77 54.26 137.70 -10.82
N LYS FA 78 54.88 138.27 -11.85
CA LYS FA 78 55.12 137.55 -13.11
C LYS FA 78 56.13 136.42 -12.96
N PHE FA 79 56.59 136.20 -11.74
CA PHE FA 79 57.62 135.20 -11.49
C PHE FA 79 57.14 134.11 -10.54
N TYR FA 80 58.07 133.49 -9.81
CA TYR FA 80 57.73 132.38 -8.94
C TYR FA 80 57.33 132.81 -7.53
N GLY FA 81 56.39 132.06 -6.94
CA GLY FA 81 56.05 132.18 -5.53
C GLY FA 81 55.12 133.32 -5.14
N LYS FA 82 54.67 133.28 -3.89
CA LYS FA 82 53.83 134.34 -3.34
C LYS FA 82 54.69 135.40 -2.67
N LYS FA 83 54.33 136.67 -2.88
CA LYS FA 83 55.07 137.77 -2.28
C LYS FA 83 54.48 138.17 -0.93
N THR FA 84 55.28 138.87 -0.13
CA THR FA 84 54.88 139.25 1.22
C THR FA 84 53.87 140.40 1.20
N GLY FA 85 54.32 141.60 0.82
CA GLY FA 85 53.40 142.70 0.54
C GLY FA 85 53.50 143.81 1.56
N CYS FA 86 54.60 143.81 2.31
CA CYS FA 86 54.79 144.76 3.40
C CYS FA 86 56.24 144.75 3.90
N VAL FA 87 56.56 145.68 4.80
CA VAL FA 87 57.93 145.80 5.34
C VAL FA 87 57.99 146.33 6.80
N PHE FA 88 59.20 146.49 7.30
CA PHE FA 88 59.45 147.35 8.46
C PHE FA 88 60.30 148.53 8.01
N GLY FA 89 59.90 149.73 8.40
CA GLY FA 89 60.66 150.93 8.13
C GLY FA 89 61.66 151.22 9.24
N ASP FA 90 61.34 150.74 10.44
CA ASP FA 90 62.22 150.92 11.59
C ASP FA 90 62.07 149.78 12.60
N GLU FA 91 62.82 149.89 13.70
CA GLU FA 91 62.80 148.90 14.76
C GLU FA 91 61.43 148.78 15.42
N TYR FA 92 60.78 149.93 15.64
CA TYR FA 92 59.49 150.02 16.32
C TYR FA 92 58.35 149.34 15.57
N SER FA 93 58.46 149.24 14.25
CA SER FA 93 57.38 148.70 13.42
C SER FA 93 56.62 147.52 14.03
N TYR FA 94 57.26 146.35 14.07
CA TYR FA 94 56.62 145.12 14.55
C TYR FA 94 55.72 145.31 15.77
N GLU FA 95 56.16 146.07 16.76
CA GLU FA 95 55.37 146.23 17.98
C GLU FA 95 54.30 147.31 17.88
N CYS FA 96 54.47 148.25 16.97
CA CYS FA 96 53.44 149.25 16.72
C CYS FA 96 52.31 148.63 15.89
N TYR FA 97 52.61 147.53 15.21
CA TYR FA 97 51.64 146.91 14.30
C TYR FA 97 51.54 145.41 14.53
N LYS FA 98 51.96 144.97 15.72
CA LYS FA 98 52.08 143.56 16.06
C LYS FA 98 50.87 142.72 15.67
N GLU FA 99 49.67 143.18 16.02
CA GLU FA 99 48.46 142.40 15.77
C GLU FA 99 48.28 142.07 14.28
N PHE FA 100 48.82 142.92 13.40
CA PHE FA 100 48.78 142.66 11.96
C PHE FA 100 49.98 141.87 11.49
N PHE FA 101 51.15 142.19 12.05
CA PHE FA 101 52.38 141.57 11.59
C PHE FA 101 52.51 140.12 12.07
N ASP FA 102 51.91 139.83 13.22
CA ASP FA 102 51.94 138.47 13.75
C ASP FA 102 51.08 137.53 12.90
N LYS FA 103 49.97 138.03 12.36
CA LYS FA 103 49.21 137.23 11.41
C LYS FA 103 50.11 136.83 10.22
N CYS FA 104 50.80 137.81 9.66
CA CYS FA 104 51.76 137.56 8.58
C CYS FA 104 52.89 136.60 8.98
N ILE FA 105 53.53 136.87 10.11
CA ILE FA 105 54.64 136.04 10.56
C ILE FA 105 54.27 134.57 10.70
N GLU FA 106 52.98 134.29 10.95
CA GLU FA 106 52.52 132.92 11.05
C GLU FA 106 52.38 132.25 9.68
N GLU FA 107 51.70 132.90 8.74
CA GLU FA 107 51.53 132.33 7.41
C GLU FA 107 52.87 131.99 6.82
N ILE FA 108 53.80 132.93 6.92
CA ILE FA 108 55.15 132.76 6.40
C ILE FA 108 55.93 131.68 7.16
N HIS FA 109 56.22 131.92 8.43
CA HIS FA 109 57.07 131.01 9.20
C HIS FA 109 56.35 129.98 10.08
N HIS FA 110 55.06 129.77 9.86
CA HIS FA 110 54.27 128.87 10.71
C HIS FA 110 54.60 129.11 12.18
N PHE FA 111 54.83 130.38 12.51
CA PHE FA 111 55.38 130.80 13.79
C PHE FA 111 54.32 131.63 14.48
N LYS FA 112 53.72 131.07 15.52
CA LYS FA 112 52.60 131.71 16.19
C LYS FA 112 53.03 132.74 17.24
N PRO FA 113 52.11 133.65 17.60
CA PRO FA 113 52.39 134.71 18.58
C PRO FA 113 52.86 134.21 19.95
N SER FA 114 53.03 132.91 20.14
CA SER FA 114 53.45 132.36 21.43
C SER FA 114 54.75 131.57 21.33
N ASP FA 115 55.25 131.41 20.11
CA ASP FA 115 56.49 130.69 19.90
C ASP FA 115 57.65 131.63 20.19
N LYS FA 116 58.87 131.11 20.09
CA LYS FA 116 60.07 131.90 20.38
C LYS FA 116 61.26 131.36 19.59
N HIS FA 117 61.94 132.23 18.84
CA HIS FA 117 63.06 131.79 18.03
C HIS FA 117 64.18 131.13 18.85
N PRO FA 118 64.59 129.92 18.42
CA PRO FA 118 65.60 129.11 19.09
C PRO FA 118 66.97 129.78 19.10
N ALA FA 119 67.86 129.27 19.94
CA ALA FA 119 69.22 129.74 19.98
C ALA FA 119 69.95 129.38 18.68
N PRO FA 120 70.95 130.18 18.29
CA PRO FA 120 71.76 130.01 17.08
C PRO FA 120 72.43 128.64 16.94
N ASP FA 121 72.48 128.11 15.72
CA ASP FA 121 73.15 126.84 15.46
C ASP FA 121 74.02 126.92 14.21
N LEU FA 122 75.32 127.08 14.41
CA LEU FA 122 76.26 127.32 13.32
C LEU FA 122 77.24 126.16 13.09
N ASP FA 123 77.04 125.04 13.77
CA ASP FA 123 77.93 123.90 13.60
C ASP FA 123 77.68 123.15 12.30
N HIS FA 124 78.54 123.40 11.31
CA HIS FA 124 78.41 122.75 10.00
C HIS FA 124 78.79 121.28 10.05
N ASN FA 125 79.59 120.90 11.05
CA ASN FA 125 79.98 119.52 11.27
C ASN FA 125 78.79 118.66 11.69
N LYS FA 126 77.78 119.31 12.27
CA LYS FA 126 76.58 118.63 12.73
C LYS FA 126 75.58 118.41 11.60
N LEU FA 127 75.95 118.83 10.39
CA LEU FA 127 75.07 118.68 9.25
C LEU FA 127 75.15 117.26 8.71
N VAL FA 128 73.99 116.69 8.39
CA VAL FA 128 73.93 115.38 7.75
C VAL FA 128 73.69 115.55 6.26
N GLY FA 129 74.64 115.09 5.45
CA GLY FA 129 74.61 115.32 4.01
C GLY FA 129 75.27 116.64 3.62
N GLY FA 130 74.81 117.26 2.54
CA GLY FA 130 75.30 118.58 2.19
C GLY FA 130 76.35 118.64 1.09
N VAL FA 131 76.81 117.49 0.63
CA VAL FA 131 77.69 117.44 -0.52
C VAL FA 131 76.97 116.69 -1.64
N PHE FA 132 76.47 117.43 -2.62
CA PHE FA 132 75.69 116.87 -3.70
C PHE FA 132 76.58 116.50 -4.89
N GLU FA 133 76.02 115.76 -5.86
CA GLU FA 133 76.71 115.52 -7.11
C GLU FA 133 76.59 116.79 -7.95
N ASP FA 134 77.71 117.24 -8.50
CA ASP FA 134 77.73 118.44 -9.32
C ASP FA 134 76.87 118.35 -10.59
N LYS FA 135 76.49 117.13 -10.99
CA LYS FA 135 75.68 116.97 -12.19
C LYS FA 135 74.37 117.74 -12.05
N TYR FA 136 73.84 117.75 -10.84
CA TYR FA 136 72.56 118.38 -10.53
C TYR FA 136 72.75 119.78 -9.95
N VAL FA 137 73.72 119.93 -9.06
CA VAL FA 137 73.95 121.21 -8.37
C VAL FA 137 75.15 121.99 -8.93
N LYS FA 138 74.84 123.07 -9.62
CA LYS FA 138 75.84 123.88 -10.32
C LYS FA 138 76.56 124.82 -9.35
N SER FA 139 75.87 125.21 -8.29
CA SER FA 139 76.42 126.15 -7.34
C SER FA 139 75.66 126.11 -6.03
N CYS FA 140 76.33 126.54 -4.96
CA CYS FA 140 75.74 126.67 -3.63
C CYS FA 140 75.90 128.12 -3.18
N ARG FA 141 74.91 128.61 -2.45
CA ARG FA 141 75.03 129.93 -1.85
C ARG FA 141 74.35 129.95 -0.49
N ILE FA 142 74.93 130.69 0.43
CA ILE FA 142 74.28 130.91 1.73
C ILE FA 142 74.42 132.36 2.13
N ARG FA 143 73.31 132.92 2.59
CA ARG FA 143 73.29 134.32 2.95
C ARG FA 143 72.39 134.56 4.16
N CYS FA 144 72.59 135.70 4.80
CA CYS FA 144 71.65 136.20 5.80
C CYS FA 144 71.74 137.71 5.83
N GLY FA 145 70.70 138.36 6.32
CA GLY FA 145 70.72 139.80 6.44
C GLY FA 145 70.89 140.26 7.87
N ARG FA 146 71.37 141.48 8.03
CA ARG FA 146 71.48 142.09 9.35
C ARG FA 146 71.02 143.54 9.21
N SER FA 147 70.80 144.20 10.35
CA SER FA 147 70.35 145.59 10.39
C SER FA 147 71.10 146.32 11.49
N VAL FA 148 71.48 147.58 11.23
CA VAL FA 148 72.20 148.35 12.24
C VAL FA 148 71.24 148.99 13.24
N LYS FA 149 71.45 148.67 14.51
CA LYS FA 149 70.58 149.12 15.57
C LYS FA 149 70.64 150.64 15.70
N GLY FA 150 69.50 151.25 16.03
CA GLY FA 150 69.45 152.69 16.20
C GLY FA 150 69.32 153.44 14.88
N VAL FA 151 69.24 152.70 13.78
CA VAL FA 151 69.18 153.30 12.46
C VAL FA 151 68.00 152.76 11.64
N CYS FA 152 67.09 153.64 11.24
CA CYS FA 152 66.01 153.33 10.31
C CYS FA 152 66.42 152.34 9.21
N LEU FA 153 65.44 151.55 8.77
CA LEU FA 153 65.59 150.62 7.66
C LEU FA 153 65.38 151.27 6.29
N PRO FA 154 66.08 150.76 5.27
CA PRO FA 154 66.12 151.26 3.88
C PRO FA 154 64.85 151.89 3.30
N PRO FA 155 63.65 151.33 3.57
CA PRO FA 155 62.45 151.93 2.98
C PRO FA 155 62.15 153.33 3.50
N ALA FA 156 62.80 153.75 4.59
CA ALA FA 156 62.47 155.01 5.26
C ALA FA 156 63.65 155.88 5.64
N MET FA 157 64.87 155.38 5.48
CA MET FA 157 66.04 156.04 6.05
C MET FA 157 66.55 157.26 5.26
N SER FA 158 66.96 158.30 5.99
CA SER FA 158 67.58 159.48 5.39
C SER FA 158 68.85 159.15 4.61
N ARG FA 159 69.52 160.18 4.06
CA ARG FA 159 70.80 159.99 3.40
C ARG FA 159 71.93 159.95 4.41
N ALA FA 160 71.91 160.88 5.36
CA ALA FA 160 72.90 160.92 6.42
C ALA FA 160 73.00 159.58 7.15
N GLU FA 161 71.84 159.06 7.56
CA GLU FA 161 71.76 157.74 8.20
C GLU FA 161 72.39 156.63 7.35
N ARG FA 162 71.98 156.58 6.09
CA ARG FA 162 72.53 155.58 5.17
C ARG FA 162 74.04 155.73 4.99
N ARG FA 163 74.51 156.99 5.01
CA ARG FA 163 75.92 157.32 4.88
C ARG FA 163 76.69 156.91 6.15
N LEU FA 164 76.03 157.08 7.30
CA LEU FA 164 76.60 156.58 8.55
C LEU FA 164 76.86 155.08 8.48
N VAL FA 165 75.89 154.34 7.97
CA VAL FA 165 75.96 152.88 7.88
C VAL FA 165 77.04 152.40 6.91
N GLU FA 166 77.17 153.05 5.76
CA GLU FA 166 78.21 152.66 4.82
C GLU FA 166 79.58 152.90 5.45
N LYS FA 167 79.72 154.01 6.17
CA LYS FA 167 80.96 154.35 6.86
C LYS FA 167 81.33 153.23 7.83
N VAL FA 168 80.41 152.92 8.74
CA VAL FA 168 80.65 151.94 9.79
C VAL FA 168 81.09 150.58 9.27
N VAL FA 169 80.39 150.07 8.26
CA VAL FA 169 80.55 148.70 7.80
C VAL FA 169 81.85 148.46 7.05
N SER FA 170 82.10 149.26 6.03
CA SER FA 170 83.35 149.11 5.29
C SER FA 170 84.48 149.29 6.28
N ASP FA 171 84.22 150.12 7.28
CA ASP FA 171 85.10 150.23 8.43
C ASP FA 171 85.24 148.88 9.11
N ALA FA 172 84.10 148.32 9.51
CA ALA FA 172 84.07 147.05 10.22
C ALA FA 172 84.78 145.95 9.44
N LEU FA 173 84.36 145.76 8.20
CA LEU FA 173 84.93 144.74 7.33
C LEU FA 173 86.42 144.97 7.10
N GLY FA 174 86.92 146.09 7.58
CA GLY FA 174 88.32 146.42 7.49
C GLY FA 174 89.14 145.58 8.45
N GLY FA 175 88.50 145.18 9.55
CA GLY FA 175 89.11 144.33 10.56
C GLY FA 175 89.37 142.89 10.15
N LEU FA 176 88.71 142.43 9.08
CA LEU FA 176 88.86 141.06 8.58
C LEU FA 176 90.29 140.79 8.13
N LYS FA 177 90.69 139.53 8.19
CA LYS FA 177 92.05 139.14 7.81
C LYS FA 177 92.08 137.73 7.26
N GLY FA 178 93.22 137.35 6.67
CA GLY FA 178 93.40 136.02 6.13
C GLY FA 178 92.87 135.82 4.73
N ASP FA 179 92.06 134.77 4.56
CA ASP FA 179 91.35 134.57 3.31
C ASP FA 179 89.97 135.25 3.35
N LEU FA 180 89.70 135.95 4.45
CA LEU FA 180 88.48 136.74 4.55
C LEU FA 180 88.79 138.22 4.41
N ALA FA 181 90.05 138.55 4.14
CA ALA FA 181 90.43 139.92 3.86
C ALA FA 181 90.01 140.31 2.46
N GLY FA 182 89.49 141.52 2.31
CA GLY FA 182 89.04 141.99 1.01
C GLY FA 182 89.06 143.50 0.94
N LYS FA 183 88.24 144.06 0.07
CA LYS FA 183 88.17 145.50 -0.12
C LYS FA 183 86.76 145.97 -0.49
N TYR FA 184 86.40 147.17 -0.03
CA TYR FA 184 85.11 147.74 -0.34
C TYR FA 184 85.13 148.46 -1.69
N TYR FA 185 84.09 148.25 -2.49
CA TYR FA 185 83.96 148.85 -3.81
C TYR FA 185 82.58 149.50 -3.94
N PRO FA 186 82.46 150.77 -3.51
CA PRO FA 186 81.19 151.47 -3.64
C PRO FA 186 80.62 151.37 -5.05
N LEU FA 187 79.45 151.95 -5.26
CA LEU FA 187 78.83 151.90 -6.57
C LEU FA 187 79.05 153.20 -7.35
N THR FA 188 79.16 154.31 -6.63
CA THR FA 188 79.27 155.61 -7.28
C THR FA 188 80.47 155.63 -8.24
N THR FA 189 81.53 154.92 -7.85
CA THR FA 189 82.73 154.83 -8.68
C THR FA 189 82.81 153.54 -9.50
N MET FA 190 81.92 152.59 -9.23
CA MET FA 190 81.90 151.36 -10.03
C MET FA 190 81.29 151.59 -11.40
N ASN FA 191 82.06 151.24 -12.42
CA ASN FA 191 81.70 151.46 -13.80
C ASN FA 191 80.68 150.44 -14.31
N GLU FA 192 79.78 150.88 -15.19
CA GLU FA 192 78.70 150.04 -15.73
C GLU FA 192 79.16 148.65 -16.14
N LYS FA 193 80.11 148.60 -17.05
CA LYS FA 193 80.60 147.34 -17.58
C LYS FA 193 81.10 146.39 -16.47
N ASP FA 194 81.57 146.97 -15.36
CA ASP FA 194 82.02 146.19 -14.22
C ASP FA 194 80.83 145.73 -13.37
N GLN FA 195 79.85 146.60 -13.22
CA GLN FA 195 78.64 146.29 -12.50
C GLN FA 195 77.87 145.13 -13.15
N GLU FA 196 77.75 145.18 -14.48
CA GLU FA 196 77.02 144.17 -15.26
C GLU FA 196 77.67 142.79 -15.18
N GLN FA 197 78.99 142.78 -15.23
CA GLN FA 197 79.76 141.54 -15.10
C GLN FA 197 79.64 140.90 -13.71
N LEU FA 198 79.47 141.72 -12.68
CA LEU FA 198 79.36 141.21 -11.32
C LEU FA 198 77.99 140.60 -11.07
N ILE FA 199 76.98 141.22 -11.65
CA ILE FA 199 75.61 140.73 -11.63
C ILE FA 199 75.43 139.48 -12.49
N GLU FA 200 76.04 139.50 -13.68
CA GLU FA 200 75.99 138.38 -14.61
C GLU FA 200 76.62 137.12 -14.01
N ASP FA 201 77.50 137.30 -13.03
CA ASP FA 201 78.14 136.17 -12.37
C ASP FA 201 77.62 136.06 -10.95
N HIS FA 202 76.48 136.70 -10.71
CA HIS FA 202 75.64 136.43 -9.53
C HIS FA 202 76.16 137.02 -8.21
N PHE FA 203 77.19 137.87 -8.27
CA PHE FA 203 77.90 138.31 -7.07
C PHE FA 203 77.24 139.51 -6.38
N LEU FA 204 76.75 140.42 -7.21
CA LEU FA 204 76.24 141.72 -6.77
C LEU FA 204 74.76 141.84 -7.07
N PHE FA 205 74.02 142.52 -6.19
CA PHE FA 205 72.62 142.79 -6.45
C PHE FA 205 72.42 143.38 -7.86
N GLU FA 206 71.28 143.09 -8.47
CA GLU FA 206 70.92 143.69 -9.76
C GLU FA 206 70.59 145.18 -9.61
N LYS FA 207 70.48 145.86 -10.75
CA LYS FA 207 70.14 147.27 -10.78
C LYS FA 207 68.76 147.51 -10.14
N PRO FA 208 68.50 148.75 -9.69
CA PRO FA 208 67.33 149.05 -8.83
C PRO FA 208 65.98 149.05 -9.55
N THR FA 209 65.44 147.88 -9.90
CA THR FA 209 64.16 147.81 -10.63
C THR FA 209 63.17 146.81 -10.04
N GLY FA 210 63.55 146.15 -8.95
CA GLY FA 210 62.69 145.18 -8.30
C GLY FA 210 61.45 145.88 -7.78
N ALA FA 211 60.31 145.19 -7.80
CA ALA FA 211 59.04 145.81 -7.48
C ALA FA 211 58.97 146.24 -6.01
N LEU FA 212 59.48 145.40 -5.10
CA LEU FA 212 59.49 145.74 -3.69
C LEU FA 212 60.56 146.79 -3.36
N LEU FA 213 61.68 146.71 -4.05
CA LEU FA 213 62.78 147.64 -3.80
C LEU FA 213 62.38 149.10 -4.00
N THR FA 214 61.78 149.40 -5.15
CA THR FA 214 61.41 150.78 -5.49
C THR FA 214 60.14 151.27 -4.81
N THR FA 215 59.10 150.42 -4.79
CA THR FA 215 57.78 150.87 -4.31
C THR FA 215 57.71 150.99 -2.79
N SER FA 216 58.75 150.52 -2.11
CA SER FA 216 58.84 150.61 -0.66
C SER FA 216 59.64 151.85 -0.25
N GLY FA 217 60.43 152.37 -1.19
CA GLY FA 217 61.24 153.54 -0.95
C GLY FA 217 62.72 153.19 -0.88
N CYS FA 218 63.02 151.88 -0.90
CA CYS FA 218 64.39 151.39 -0.70
C CYS FA 218 65.41 151.83 -1.76
N ALA FA 219 64.94 152.39 -2.86
CA ALA FA 219 65.84 152.74 -3.96
C ALA FA 219 66.15 154.24 -4.07
N ARG FA 220 65.96 154.98 -2.97
CA ARG FA 220 66.17 156.42 -2.97
C ARG FA 220 67.65 156.80 -3.13
N ASP FA 221 67.94 157.84 -3.91
CA ASP FA 221 69.29 158.39 -4.01
C ASP FA 221 70.34 157.40 -4.56
N TRP FA 222 70.02 156.68 -5.63
CA TRP FA 222 70.88 155.62 -6.15
C TRP FA 222 72.11 156.16 -6.91
N PRO FA 223 73.33 155.71 -6.53
CA PRO FA 223 73.70 154.65 -5.59
C PRO FA 223 74.38 155.17 -4.33
N ASP FA 224 73.98 156.35 -3.86
CA ASP FA 224 74.56 156.93 -2.67
C ASP FA 224 74.48 155.93 -1.51
N GLY FA 225 75.62 155.51 -0.99
CA GLY FA 225 75.66 154.64 0.18
C GLY FA 225 75.61 153.13 -0.07
N ARG FA 226 75.34 152.75 -1.32
CA ARG FA 226 75.29 151.34 -1.69
C ARG FA 226 76.67 150.87 -2.11
N GLY FA 227 76.85 149.56 -2.19
CA GLY FA 227 78.11 148.99 -2.66
C GLY FA 227 78.37 147.58 -2.18
N ILE FA 228 79.41 146.98 -2.72
CA ILE FA 228 79.75 145.61 -2.39
C ILE FA 228 81.19 145.55 -1.87
N TRP FA 229 81.42 144.59 -0.96
CA TRP FA 229 82.73 144.28 -0.38
C TRP FA 229 83.02 142.83 -0.71
N HIS FA 230 84.29 142.46 -0.84
CA HIS FA 230 84.62 141.06 -1.11
C HIS FA 230 86.11 140.69 -1.06
N ASN FA 231 86.38 139.40 -1.04
CA ASN FA 231 87.74 138.89 -0.94
C ASN FA 231 88.35 138.58 -2.31
N ASN FA 232 89.64 138.25 -2.30
CA ASN FA 232 90.36 137.93 -3.53
C ASN FA 232 89.84 136.66 -4.20
N GLU FA 233 88.98 135.92 -3.52
CA GLU FA 233 88.37 134.72 -4.11
C GLU FA 233 86.89 134.95 -4.48
N LYS FA 234 86.29 135.97 -3.87
CA LYS FA 234 84.88 136.27 -4.11
C LYS FA 234 83.97 135.14 -3.63
N ASN FA 235 84.43 134.40 -2.61
CA ASN FA 235 83.61 133.39 -1.98
C ASN FA 235 83.12 133.88 -0.64
N PHE FA 236 83.37 135.16 -0.38
CA PHE FA 236 82.83 135.84 0.79
C PHE FA 236 82.54 137.31 0.42
N LEU FA 237 81.26 137.69 0.44
CA LEU FA 237 80.86 139.04 0.06
C LEU FA 237 79.86 139.65 1.05
N VAL FA 238 79.89 140.97 1.19
CA VAL FA 238 78.94 141.67 2.04
C VAL FA 238 78.26 142.84 1.33
N TRP FA 239 77.00 142.65 0.96
CA TRP FA 239 76.20 143.69 0.33
C TRP FA 239 75.91 144.83 1.29
N ILE FA 240 76.12 146.07 0.85
CA ILE FA 240 75.89 147.20 1.72
C ILE FA 240 74.84 148.15 1.16
N ASN FA 241 73.70 148.21 1.86
CA ASN FA 241 72.60 149.11 1.57
C ASN FA 241 71.72 148.84 0.34
N GLU FA 242 71.60 147.58 -0.05
CA GLU FA 242 70.60 147.23 -1.05
C GLU FA 242 69.22 147.19 -0.39
N GLU FA 243 68.60 146.02 -0.25
CA GLU FA 243 67.30 145.96 0.42
C GLU FA 243 67.49 146.04 1.94
N ASP FA 244 68.63 145.54 2.43
CA ASP FA 244 68.95 145.65 3.86
C ASP FA 244 70.25 146.44 4.11
N HIS FA 245 70.59 146.62 5.37
CA HIS FA 245 71.80 147.34 5.76
C HIS FA 245 73.04 146.54 5.46
N ILE FA 246 72.89 145.22 5.47
CA ILE FA 246 74.02 144.33 5.34
C ILE FA 246 73.50 143.02 4.77
N ARG FA 247 74.31 142.33 3.97
CA ARG FA 247 73.98 140.96 3.60
C ARG FA 247 75.22 140.09 3.46
N VAL FA 248 75.41 139.21 4.44
CA VAL FA 248 76.57 138.33 4.53
C VAL FA 248 76.43 137.15 3.57
N ILE FA 249 77.46 136.89 2.77
CA ILE FA 249 77.31 135.96 1.64
C ILE FA 249 78.48 135.02 1.35
N SER FA 250 78.26 133.72 1.50
CA SER FA 250 79.24 132.74 1.07
C SER FA 250 78.71 131.95 -0.12
N MET FA 251 79.51 131.82 -1.17
CA MET FA 251 79.09 131.07 -2.36
C MET FA 251 80.28 130.47 -3.07
N GLN FA 252 80.01 129.52 -3.98
CA GLN FA 252 81.05 128.90 -4.77
C GLN FA 252 80.44 127.93 -5.78
N LYS FA 253 81.15 127.71 -6.89
CA LYS FA 253 80.70 126.78 -7.92
C LYS FA 253 80.97 125.33 -7.50
N GLY FA 254 79.98 124.47 -7.68
CA GLY FA 254 80.10 123.09 -7.26
C GLY FA 254 78.93 122.66 -6.41
N GLY FA 255 79.07 121.52 -5.74
CA GLY FA 255 77.99 120.99 -4.91
C GLY FA 255 78.30 120.86 -3.43
N ASP FA 256 79.41 121.42 -2.97
CA ASP FA 256 79.77 121.32 -1.54
C ASP FA 256 79.12 122.41 -0.70
N LEU FA 257 77.88 122.16 -0.29
CA LEU FA 257 77.06 123.15 0.44
C LEU FA 257 77.45 123.15 1.90
N LYS FA 258 78.37 122.27 2.26
CA LYS FA 258 78.82 122.15 3.65
C LYS FA 258 80.09 122.97 3.85
N ALA FA 259 80.86 123.13 2.78
CA ALA FA 259 82.02 124.00 2.77
C ALA FA 259 81.59 125.47 2.63
N VAL FA 260 80.47 125.68 1.94
CA VAL FA 260 79.84 127.00 1.90
C VAL FA 260 79.37 127.39 3.30
N PHE FA 261 78.66 126.48 3.96
CA PHE FA 261 78.11 126.73 5.29
C PHE FA 261 79.27 126.87 6.29
N SER FA 262 80.33 126.10 6.05
CA SER FA 262 81.52 126.17 6.89
C SER FA 262 82.05 127.61 6.98
N ARG FA 263 82.47 128.14 5.84
CA ARG FA 263 83.05 129.48 5.74
C ARG FA 263 82.02 130.57 6.06
N PHE FA 264 80.74 130.24 5.91
CA PHE FA 264 79.68 131.17 6.28
C PHE FA 264 79.73 131.42 7.77
N ALA FA 265 79.73 130.34 8.56
CA ALA FA 265 79.75 130.46 10.01
C ALA FA 265 80.94 131.29 10.43
N ARG FA 266 82.10 130.91 9.91
CA ARG FA 266 83.35 131.60 10.15
C ARG FA 266 83.20 133.09 9.89
N GLY FA 267 82.87 133.45 8.65
CA GLY FA 267 82.75 134.85 8.26
C GLY FA 267 81.76 135.70 9.05
N LEU FA 268 80.59 135.12 9.34
CA LEU FA 268 79.52 135.82 10.02
C LEU FA 268 79.89 136.20 11.46
N LEU FA 269 80.40 135.24 12.20
CA LEU FA 269 80.89 135.48 13.56
C LEU FA 269 81.86 136.66 13.56
N GLU FA 270 82.85 136.59 12.67
CA GLU FA 270 83.80 137.67 12.46
C GLU FA 270 83.15 139.02 12.15
N VAL FA 271 82.22 139.04 11.20
CA VAL FA 271 81.53 140.27 10.81
C VAL FA 271 80.76 140.88 11.97
N GLU FA 272 80.04 140.03 12.69
CA GLU FA 272 79.27 140.48 13.85
C GLU FA 272 80.18 141.08 14.91
N ARG FA 273 81.31 140.42 15.16
CA ARG FA 273 82.27 140.88 16.16
C ARG FA 273 82.93 142.18 15.71
N LEU FA 274 83.17 142.32 14.42
CA LEU FA 274 83.84 143.49 13.89
C LEU FA 274 82.92 144.71 13.88
N MET FA 275 81.61 144.47 13.77
CA MET FA 275 80.62 145.54 13.86
C MET FA 275 80.53 145.98 15.29
N LYS FA 276 80.43 144.99 16.18
CA LYS FA 276 80.29 145.23 17.60
C LYS FA 276 81.54 145.95 18.08
N GLU FA 277 82.65 145.70 17.38
CA GLU FA 277 83.94 146.29 17.71
C GLU FA 277 84.11 147.72 17.19
N CYS FA 278 83.04 148.29 16.65
CA CYS FA 278 83.06 149.67 16.17
C CYS FA 278 82.01 150.52 16.91
N GLY FA 279 81.35 149.92 17.88
CA GLY FA 279 80.39 150.62 18.73
C GLY FA 279 78.93 150.38 18.37
N HIS FA 280 78.68 149.66 17.28
CA HIS FA 280 77.32 149.48 16.76
C HIS FA 280 76.82 148.05 16.80
N GLY FA 281 75.63 147.87 17.37
CA GLY FA 281 75.03 146.56 17.50
C GLY FA 281 74.11 146.22 16.35
N LEU FA 282 73.63 144.98 16.34
CA LEU FA 282 72.76 144.51 15.29
C LEU FA 282 71.35 144.31 15.82
N MET FA 283 70.39 144.96 15.15
CA MET FA 283 68.97 144.92 15.52
C MET FA 283 68.50 143.51 15.86
N HIS FA 284 67.97 143.35 17.07
CA HIS FA 284 67.65 142.02 17.59
C HIS FA 284 66.44 142.03 18.52
N ASN FA 285 65.46 141.19 18.20
CA ASN FA 285 64.29 140.97 19.04
C ASN FA 285 64.50 139.68 19.87
N ASP FA 286 63.96 139.65 21.08
CA ASP FA 286 64.21 138.52 21.98
C ASP FA 286 63.33 137.32 21.66
N ARG FA 287 62.22 137.56 20.98
CA ARG FA 287 61.35 136.49 20.52
C ARG FA 287 61.69 136.14 19.06
N LEU FA 288 61.85 137.18 18.26
CA LEU FA 288 61.94 137.06 16.80
C LEU FA 288 63.35 137.18 16.20
N GLY FA 289 64.38 136.91 17.00
CA GLY FA 289 65.75 136.95 16.51
C GLY FA 289 66.17 138.26 15.88
N TYR FA 290 67.06 138.19 14.89
CA TYR FA 290 67.49 139.39 14.16
C TYR FA 290 66.38 139.86 13.23
N ILE FA 291 66.26 141.18 13.10
CA ILE FA 291 65.19 141.77 12.30
C ILE FA 291 65.72 142.40 11.01
N CYS FA 292 64.90 142.38 9.96
CA CYS FA 292 65.26 142.97 8.68
C CYS FA 292 64.06 143.61 7.98
N THR FA 293 64.32 144.22 6.83
CA THR FA 293 63.30 144.94 6.10
C THR FA 293 62.06 144.09 5.77
N CYS FA 294 62.26 142.92 5.18
CA CYS FA 294 61.13 142.05 4.86
C CYS FA 294 60.74 141.15 6.02
N PRO FA 295 59.43 140.94 6.21
CA PRO FA 295 58.97 140.02 7.26
C PRO FA 295 59.33 138.54 7.02
N THR FA 296 60.02 138.20 5.94
CA THR FA 296 60.53 136.84 5.76
C THR FA 296 61.96 136.70 6.28
N ASN FA 297 62.61 137.84 6.47
CA ASN FA 297 64.02 137.88 6.84
C ASN FA 297 64.24 138.02 8.34
N MET FA 298 63.60 137.13 9.10
CA MET FA 298 63.61 137.23 10.56
C MET FA 298 64.19 135.97 11.18
N GLY FA 299 64.42 136.04 12.50
CA GLY FA 299 64.95 134.92 13.25
C GLY FA 299 66.43 134.73 12.96
N THR FA 300 66.72 133.97 11.92
CA THR FA 300 68.08 133.77 11.46
C THR FA 300 68.37 134.65 10.24
N VAL FA 301 67.32 134.91 9.47
CA VAL FA 301 67.42 135.67 8.21
C VAL FA 301 68.29 134.91 7.22
N VAL FA 302 68.29 133.57 7.33
CA VAL FA 302 69.15 132.71 6.53
C VAL FA 302 68.44 132.23 5.26
N ARG FA 303 69.11 132.37 4.13
CA ARG FA 303 68.63 131.80 2.87
C ARG FA 303 69.73 130.95 2.24
N ALA FA 304 69.76 129.68 2.60
CA ALA FA 304 70.59 128.70 1.93
C ALA FA 304 69.95 128.46 0.57
N SER FA 305 70.75 128.11 -0.42
CA SER FA 305 70.21 127.82 -1.74
C SER FA 305 71.17 127.01 -2.58
N VAL FA 306 70.63 126.31 -3.56
CA VAL FA 306 71.42 125.66 -4.58
C VAL FA 306 70.85 126.04 -5.94
N HIS FA 307 71.73 126.12 -6.93
CA HIS FA 307 71.31 126.08 -8.32
C HIS FA 307 71.23 124.61 -8.66
N LEU FA 308 70.00 124.13 -8.69
CA LEU FA 308 69.69 122.72 -8.87
C LEU FA 308 69.03 122.55 -10.22
N ARG FA 309 69.66 121.77 -11.08
CA ARG FA 309 69.08 121.46 -12.40
C ARG FA 309 68.13 120.27 -12.33
N LEU FA 310 66.90 120.48 -12.81
CA LEU FA 310 65.86 119.45 -12.79
C LEU FA 310 65.13 119.31 -14.15
N ALA FA 311 65.82 118.74 -15.14
CA ALA FA 311 65.29 118.68 -16.50
C ALA FA 311 64.19 117.64 -16.70
N PHE FA 312 63.87 116.87 -15.67
CA PHE FA 312 62.85 115.82 -15.80
C PHE FA 312 61.69 115.98 -14.84
N LEU FA 313 61.99 116.44 -13.63
CA LEU FA 313 60.99 116.63 -12.60
C LEU FA 313 60.18 117.90 -12.86
N GLU FA 314 60.79 118.85 -13.56
CA GLU FA 314 60.14 120.15 -13.81
C GLU FA 314 58.92 120.01 -14.70
N LYS FA 315 58.90 118.95 -15.52
CA LYS FA 315 57.73 118.68 -16.37
C LYS FA 315 56.59 118.00 -15.59
N HIS FA 316 56.93 117.42 -14.44
CA HIS FA 316 55.96 116.67 -13.63
C HIS FA 316 54.97 117.60 -12.94
N PRO FA 317 53.69 117.21 -12.95
CA PRO FA 317 52.56 117.93 -12.36
C PRO FA 317 52.68 118.30 -10.89
N ARG FA 318 53.18 117.39 -10.05
CA ARG FA 318 53.21 117.64 -8.61
C ARG FA 318 54.53 118.24 -8.11
N PHE FA 319 55.35 118.71 -9.05
CA PHE FA 319 56.65 119.31 -8.73
C PHE FA 319 56.51 120.52 -7.81
N ASP FA 320 55.59 121.42 -8.14
CA ASP FA 320 55.31 122.58 -7.28
C ASP FA 320 54.77 122.17 -5.92
N GLU FA 321 54.00 121.08 -5.90
CA GLU FA 321 53.41 120.58 -4.67
C GLU FA 321 54.46 119.98 -3.75
N MET FA 322 55.42 119.26 -4.34
CA MET FA 322 56.53 118.72 -3.56
C MET FA 322 57.32 119.86 -2.93
N LEU FA 323 57.64 120.85 -3.76
CA LEU FA 323 58.32 122.05 -3.28
C LEU FA 323 57.55 122.68 -2.12
N GLY FA 324 56.23 122.70 -2.24
CA GLY FA 324 55.40 123.33 -1.23
C GLY FA 324 55.52 122.63 0.11
N LYS FA 325 55.23 121.34 0.11
CA LYS FA 325 55.18 120.56 1.35
C LYS FA 325 56.56 120.47 2.00
N LEU FA 326 57.60 120.45 1.17
CA LEU FA 326 58.99 120.42 1.65
C LEU FA 326 59.41 121.71 2.36
N ARG FA 327 58.63 122.77 2.18
CA ARG FA 327 58.97 124.09 2.74
C ARG FA 327 60.25 124.65 2.10
N LEU FA 328 60.35 124.51 0.78
CA LEU FA 328 61.41 125.13 0.01
C LEU FA 328 60.82 126.18 -0.92
N GLY FA 329 61.53 127.30 -1.07
CA GLY FA 329 61.15 128.33 -2.01
C GLY FA 329 61.62 127.98 -3.41
N LYS FA 330 61.14 128.71 -4.41
CA LYS FA 330 61.50 128.45 -5.80
C LYS FA 330 61.77 129.77 -6.51
N ARG FA 331 62.92 129.85 -7.17
CA ARG FA 331 63.31 131.07 -7.89
C ARG FA 331 64.04 130.76 -9.17
N GLY FA 332 64.15 131.76 -10.04
CA GLY FA 332 64.87 131.61 -11.29
C GLY FA 332 66.38 131.70 -11.14
N THR FA 333 67.07 131.43 -12.23
CA THR FA 333 68.54 131.38 -12.28
C THR FA 333 69.20 132.72 -12.00
N GLY FA 334 68.56 133.80 -12.46
CA GLY FA 334 69.07 135.15 -12.25
C GLY FA 334 68.42 135.83 -11.06
N GLY FA 335 67.97 135.04 -10.10
CA GLY FA 335 67.38 135.55 -8.88
C GLY FA 335 65.86 135.66 -8.87
N GLU FA 336 65.35 136.09 -7.73
CA GLU FA 336 63.94 136.29 -7.43
C GLU FA 336 63.06 136.83 -8.58
N SER FA 337 63.57 137.82 -9.29
CA SER FA 337 62.83 138.39 -10.40
C SER FA 337 63.43 137.90 -11.72
N SER FA 338 63.50 136.56 -11.83
CA SER FA 338 63.90 135.89 -13.05
C SER FA 338 63.27 134.50 -13.07
N LEU FA 339 63.26 133.88 -14.25
CA LEU FA 339 62.75 132.53 -14.36
C LEU FA 339 63.90 131.56 -14.47
N ALA FA 340 63.59 130.27 -14.34
CA ALA FA 340 64.61 129.24 -14.53
C ALA FA 340 65.11 129.30 -15.96
N THR FA 341 66.39 129.00 -16.14
CA THR FA 341 66.94 128.86 -17.46
C THR FA 341 67.59 127.50 -17.52
N ASP FA 342 67.49 126.83 -18.67
CA ASP FA 342 68.05 125.49 -18.86
C ASP FA 342 67.61 124.43 -17.84
N SER FA 343 66.41 124.58 -17.27
CA SER FA 343 65.90 123.61 -16.29
C SER FA 343 66.59 123.74 -14.93
N THR FA 344 66.97 124.95 -14.56
CA THR FA 344 67.79 125.17 -13.39
C THR FA 344 67.10 126.16 -12.46
N TYR FA 345 66.85 125.74 -11.23
CA TYR FA 345 66.08 126.55 -10.30
C TYR FA 345 66.87 126.86 -9.04
N ASP FA 346 66.91 128.14 -8.70
CA ASP FA 346 67.29 128.54 -7.36
C ASP FA 346 66.24 127.96 -6.38
N ILE FA 347 66.65 126.89 -5.69
CA ILE FA 347 65.82 126.25 -4.67
C ILE FA 347 66.43 126.62 -3.32
N SER FA 348 65.60 126.77 -2.30
CA SER FA 348 66.10 127.29 -1.02
C SER FA 348 65.08 127.08 0.09
N ASN FA 349 65.52 127.11 1.35
CA ASN FA 349 64.61 127.06 2.49
C ASN FA 349 63.71 128.28 2.51
N TRP FA 350 62.41 128.03 2.72
CA TRP FA 350 61.41 129.08 2.76
C TRP FA 350 61.44 129.84 4.08
N ALA FA 351 61.50 129.09 5.18
CA ALA FA 351 61.42 129.65 6.52
C ALA FA 351 62.76 130.19 7.04
N ARG FA 352 62.71 131.20 7.90
CA ARG FA 352 63.92 131.76 8.49
C ARG FA 352 63.79 131.95 10.01
N LEU FA 353 62.57 131.84 10.52
CA LEU FA 353 62.27 132.07 11.93
C LEU FA 353 61.82 130.78 12.65
N GLY FA 354 62.13 130.68 13.94
CA GLY FA 354 61.66 129.59 14.76
C GLY FA 354 62.35 128.26 14.50
N LYS FA 355 63.46 128.34 13.76
CA LYS FA 355 64.33 127.20 13.52
C LYS FA 355 65.72 127.79 13.35
N SER FA 356 66.75 127.00 13.61
CA SER FA 356 68.12 127.53 13.66
C SER FA 356 68.86 127.35 12.34
N GLU FA 357 69.96 128.08 12.19
CA GLU FA 357 70.73 128.10 10.94
C GLU FA 357 71.02 126.71 10.39
N ARG FA 358 71.43 125.79 11.26
CA ARG FA 358 71.75 124.43 10.82
C ARG FA 358 70.48 123.71 10.39
N GLU FA 359 69.44 123.81 11.22
CA GLU FA 359 68.15 123.19 10.95
C GLU FA 359 67.55 123.62 9.62
N LEU FA 360 67.81 124.86 9.25
CA LEU FA 360 67.30 125.39 7.99
C LEU FA 360 68.10 124.84 6.82
N VAL FA 361 69.41 124.68 7.02
CA VAL FA 361 70.26 124.08 6.02
C VAL FA 361 69.86 122.62 5.82
N GLN FA 362 69.48 121.93 6.90
CA GLN FA 362 69.10 120.53 6.83
C GLN FA 362 67.74 120.34 6.15
N VAL FA 363 66.86 121.33 6.33
CA VAL FA 363 65.61 121.38 5.60
C VAL FA 363 65.88 121.46 4.09
N LEU FA 364 66.97 122.12 3.71
CA LEU FA 364 67.34 122.25 2.31
C LEU FA 364 67.90 120.93 1.78
N VAL FA 365 68.80 120.32 2.55
CA VAL FA 365 69.47 119.09 2.15
C VAL FA 365 68.49 117.96 1.85
N ASP FA 366 67.59 117.71 2.78
CA ASP FA 366 66.62 116.63 2.68
C ASP FA 366 65.72 116.88 1.47
N GLY FA 367 65.22 118.11 1.37
CA GLY FA 367 64.46 118.57 0.21
C GLY FA 367 65.21 118.37 -1.09
N VAL FA 368 66.48 118.77 -1.12
CA VAL FA 368 67.27 118.58 -2.35
C VAL FA 368 67.51 117.11 -2.62
N ASN FA 369 67.81 116.35 -1.57
CA ASN FA 369 67.90 114.90 -1.65
C ASN FA 369 66.70 114.27 -2.35
N LEU FA 370 65.49 114.72 -1.98
CA LEU FA 370 64.26 114.11 -2.49
C LEU FA 370 63.89 114.56 -3.92
N LEU FA 371 64.35 115.74 -4.32
CA LEU FA 371 64.07 116.22 -5.68
C LEU FA 371 65.03 115.57 -6.67
N ILE FA 372 66.27 115.38 -6.26
CA ILE FA 372 67.26 114.73 -7.09
C ILE FA 372 66.90 113.25 -7.34
N ALA FA 373 66.44 112.57 -6.29
CA ALA FA 373 65.90 111.24 -6.43
C ALA FA 373 64.76 111.24 -7.48
N CYS FA 374 63.76 112.08 -7.25
CA CYS FA 374 62.58 112.13 -8.11
C CYS FA 374 62.92 112.44 -9.57
N ASP FA 375 64.02 113.14 -9.80
CA ASP FA 375 64.45 113.37 -11.18
C ASP FA 375 65.07 112.10 -11.76
N LYS FA 376 65.86 111.40 -10.96
CA LYS FA 376 66.46 110.14 -11.38
C LYS FA 376 65.40 109.13 -11.82
N LYS FA 377 64.44 108.85 -10.93
CA LYS FA 377 63.33 107.97 -11.25
C LYS FA 377 62.65 108.36 -12.56
N LEU FA 378 62.30 109.64 -12.68
CA LEU FA 378 61.62 110.12 -13.89
C LEU FA 378 62.37 109.81 -15.19
N GLU FA 379 63.66 110.10 -15.23
CA GLU FA 379 64.47 109.73 -16.37
C GLU FA 379 64.15 108.31 -16.83
N ALA FA 380 64.50 107.34 -15.99
CA ALA FA 380 64.33 105.92 -16.28
C ALA FA 380 62.88 105.52 -16.54
N GLY FA 381 61.97 106.48 -16.53
CA GLY FA 381 60.58 106.22 -16.84
C GLY FA 381 59.84 105.46 -15.76
N GLN FA 382 59.88 106.01 -14.55
CA GLN FA 382 59.31 105.35 -13.39
C GLN FA 382 58.20 106.19 -12.78
N SER FA 383 57.67 105.76 -11.65
CA SER FA 383 56.62 106.51 -10.96
C SER FA 383 57.16 107.11 -9.67
N ILE FA 384 56.68 108.31 -9.35
CA ILE FA 384 57.14 109.00 -8.16
C ILE FA 384 55.99 109.35 -7.25
N ASP FA 385 54.79 108.92 -7.63
CA ASP FA 385 53.58 109.25 -6.88
C ASP FA 385 53.72 108.99 -5.39
N ASP FA 386 54.45 107.92 -5.06
CA ASP FA 386 54.66 107.50 -3.68
C ASP FA 386 55.81 108.23 -2.98
N MET FA 387 56.79 108.69 -3.75
CA MET FA 387 57.93 109.39 -3.17
C MET FA 387 57.53 110.77 -2.66
N ILE FA 388 56.39 111.26 -3.14
CA ILE FA 388 55.90 112.59 -2.80
C ILE FA 388 55.27 112.64 -1.40
N PRO FA 389 55.64 113.66 -0.60
CA PRO FA 389 55.16 113.85 0.77
C PRO FA 389 53.63 113.84 0.90
N LYS FA 390 53.14 113.25 1.97
CA LYS FA 390 51.71 113.16 2.21
C LYS FA 390 51.15 114.45 2.84
N LYS GA 24 94.68 80.20 48.25
CA LYS GA 24 95.83 79.41 47.82
C LYS GA 24 96.35 79.86 46.46
N PHE GA 25 95.56 80.63 45.74
CA PHE GA 25 95.93 81.10 44.41
C PHE GA 25 95.70 82.61 44.21
N LYS GA 26 96.77 83.34 43.87
CA LYS GA 26 96.65 84.74 43.51
C LYS GA 26 96.05 84.86 42.11
N ALA GA 27 95.68 86.07 41.72
CA ALA GA 27 95.20 86.33 40.37
C ALA GA 27 96.27 85.95 39.36
N ALA GA 28 97.51 86.29 39.69
CA ALA GA 28 98.64 86.10 38.81
C ALA GA 28 98.81 84.64 38.42
N ASP GA 29 98.44 83.74 39.33
CA ASP GA 29 98.55 82.31 39.07
C ASP GA 29 97.52 81.87 38.04
N ASN GA 30 96.46 82.65 37.93
CA ASN GA 30 95.34 82.28 37.09
C ASN GA 30 95.25 83.15 35.83
N PHE GA 31 96.05 84.20 35.80
CA PHE GA 31 96.08 85.12 34.66
C PHE GA 31 96.32 84.32 33.39
N PRO GA 32 95.40 84.43 32.42
CA PRO GA 32 95.46 83.65 31.18
C PRO GA 32 96.73 83.94 30.39
N ASP GA 33 97.13 82.98 29.55
CA ASP GA 33 98.30 83.16 28.70
C ASP GA 33 97.91 83.54 27.26
N LEU GA 34 97.91 84.85 26.99
CA LEU GA 34 97.46 85.38 25.72
C LEU GA 34 98.62 85.76 24.78
N SER GA 35 99.67 84.96 24.77
CA SER GA 35 100.79 85.20 23.84
C SER GA 35 100.43 84.93 22.37
N LYS GA 36 99.50 83.98 22.15
CA LYS GA 36 99.08 83.63 20.78
C LYS GA 36 97.93 84.50 20.32
N HIS GA 37 97.12 84.92 21.29
CA HIS GA 37 95.83 85.53 21.04
C HIS GA 37 95.85 86.86 20.31
N ASN GA 38 94.87 87.01 19.41
CA ASN GA 38 94.74 88.16 18.52
C ASN GA 38 93.24 88.41 18.46
N ASN GA 39 92.72 88.99 19.54
CA ASN GA 39 91.34 89.48 19.60
C ASN GA 39 91.26 90.72 20.48
N VAL GA 40 90.07 91.28 20.61
CA VAL GA 40 89.89 92.52 21.36
C VAL GA 40 90.18 92.30 22.85
N MET GA 41 89.59 91.26 23.45
CA MET GA 41 89.97 90.89 24.81
C MET GA 41 91.49 90.83 24.96
N ALA GA 42 92.16 90.13 24.04
CA ALA GA 42 93.61 89.90 24.14
C ALA GA 42 94.40 91.20 23.93
N SER GA 43 93.87 92.10 23.11
CA SER GA 43 94.48 93.41 22.89
C SER GA 43 94.20 94.40 24.02
N GLN GA 44 93.21 94.10 24.87
CA GLN GA 44 92.82 95.01 25.95
C GLN GA 44 92.91 94.46 27.36
N LEU GA 45 93.36 93.21 27.51
CA LEU GA 45 93.58 92.69 28.87
C LEU GA 45 94.94 93.08 29.42
N THR GA 46 94.95 93.39 30.71
CA THR GA 46 96.15 93.74 31.45
C THR GA 46 96.11 93.03 32.79
N LYS GA 47 97.28 92.80 33.37
CA LYS GA 47 97.39 92.11 34.65
C LYS GA 47 96.69 92.85 35.76
N GLU GA 48 96.61 94.18 35.66
CA GLU GA 48 95.90 94.97 36.67
C GLU GA 48 94.40 94.71 36.60
N LEU GA 49 93.83 94.90 35.41
CA LEU GA 49 92.42 94.61 35.19
C LEU GA 49 92.00 93.23 35.68
N TYR GA 50 92.76 92.21 35.32
CA TYR GA 50 92.42 90.85 35.73
C TYR GA 50 92.39 90.74 37.24
N GLU GA 51 93.36 91.37 37.89
CA GLU GA 51 93.49 91.32 39.33
C GLU GA 51 92.36 92.11 39.98
N LYS GA 52 92.02 93.23 39.36
CA LYS GA 52 90.91 94.04 39.82
C LYS GA 52 89.58 93.27 39.83
N TYR GA 53 89.28 92.55 38.75
CA TYR GA 53 87.92 92.02 38.56
C TYR GA 53 87.74 90.54 38.85
N TRP GA 54 88.83 89.77 38.71
CA TRP GA 54 88.78 88.31 38.73
C TRP GA 54 87.99 87.66 39.86
N ASP GA 55 87.91 88.32 41.01
CA ASP GA 55 87.17 87.74 42.14
C ASP GA 55 85.88 88.50 42.43
N LYS GA 56 85.45 89.30 41.46
CA LYS GA 56 84.19 90.04 41.58
C LYS GA 56 83.10 89.31 40.79
N VAL GA 57 81.87 89.37 41.29
CA VAL GA 57 80.79 88.52 40.78
C VAL GA 57 79.46 89.27 40.65
N THR GA 58 78.72 89.00 39.58
CA THR GA 58 77.43 89.63 39.36
C THR GA 58 76.35 88.89 40.17
N PRO GA 59 75.27 89.60 40.51
CA PRO GA 59 74.19 89.08 41.34
C PRO GA 59 73.64 87.74 40.85
N ASN GA 60 73.87 87.42 39.58
CA ASN GA 60 73.40 86.17 39.02
C ASN GA 60 74.48 85.08 39.07
N GLY GA 61 75.67 85.43 39.55
CA GLY GA 61 76.75 84.47 39.69
C GLY GA 61 77.77 84.51 38.55
N VAL GA 62 77.65 85.51 37.69
CA VAL GA 62 78.52 85.62 36.52
C VAL GA 62 79.90 86.20 36.86
N THR GA 63 80.95 85.48 36.46
CA THR GA 63 82.34 85.84 36.76
C THR GA 63 83.07 86.53 35.60
N PHE GA 64 84.15 87.23 35.92
CA PHE GA 64 84.99 87.84 34.89
C PHE GA 64 85.60 86.79 33.97
N ASP GA 65 86.05 85.66 34.54
CA ASP GA 65 86.61 84.59 33.74
C ASP GA 65 85.56 84.03 32.76
N LYS GA 66 84.30 84.04 33.19
CA LYS GA 66 83.22 83.59 32.34
C LYS GA 66 83.12 84.44 31.07
N CYS GA 67 83.04 85.76 31.25
CA CYS GA 67 82.93 86.71 30.14
C CYS GA 67 84.10 86.57 29.15
N ILE GA 68 85.30 86.36 29.69
CA ILE GA 68 86.52 86.33 28.89
C ILE GA 68 86.97 84.93 28.46
N GLN GA 69 86.18 83.92 28.79
CA GLN GA 69 86.58 82.55 28.48
C GLN GA 69 86.59 82.25 26.97
N THR GA 70 85.66 82.88 26.26
CA THR GA 70 85.53 82.66 24.83
C THR GA 70 86.76 83.13 24.03
N GLY GA 71 87.32 84.27 24.40
CA GLY GA 71 88.53 84.77 23.76
C GLY GA 71 89.78 84.06 24.24
N VAL GA 72 89.73 83.47 25.43
CA VAL GA 72 90.87 82.65 25.86
C VAL GA 72 90.87 81.36 25.02
N ASP GA 73 89.68 80.83 24.76
CA ASP GA 73 89.52 79.61 23.97
C ASP GA 73 89.79 79.77 22.48
N ASN GA 74 89.65 80.99 21.95
CA ASN GA 74 89.97 81.25 20.55
C ASN GA 74 91.13 82.22 20.39
N PRO GA 75 92.31 81.72 19.95
CA PRO GA 75 93.52 82.49 19.61
C PRO GA 75 93.51 83.19 18.25
N GLY GA 76 92.93 82.57 17.23
CA GLY GA 76 92.77 83.20 15.93
C GLY GA 76 91.40 82.94 15.29
N ASN GA 77 91.27 83.24 13.99
CA ASN GA 77 90.06 83.00 13.20
C ASN GA 77 90.40 82.38 11.82
N LYS GA 78 89.68 81.32 11.43
CA LYS GA 78 89.87 80.67 10.13
C LYS GA 78 89.31 81.52 8.99
N PHE GA 79 88.30 82.32 9.31
CA PHE GA 79 87.57 83.09 8.30
C PHE GA 79 88.08 84.53 8.28
N TYR GA 80 87.18 85.49 8.00
CA TYR GA 80 87.60 86.89 7.94
C TYR GA 80 87.42 87.62 9.26
N GLY GA 81 88.34 88.54 9.55
CA GLY GA 81 88.16 89.49 10.65
C GLY GA 81 88.83 89.22 11.99
N LYS GA 82 88.86 90.25 12.83
CA LYS GA 82 89.34 90.09 14.19
C LYS GA 82 88.09 89.88 15.04
N LYS GA 83 88.19 89.05 16.08
CA LYS GA 83 87.04 88.76 16.94
C LYS GA 83 87.11 89.48 18.28
N THR GA 84 85.94 89.64 18.91
CA THR GA 84 85.81 90.33 20.20
C THR GA 84 86.47 89.54 21.34
N GLY GA 85 86.12 88.26 21.46
CA GLY GA 85 86.74 87.41 22.45
C GLY GA 85 86.24 87.63 23.87
N CYS GA 86 85.04 88.18 24.00
CA CYS GA 86 84.42 88.36 25.31
C CYS GA 86 82.96 88.67 25.13
N VAL GA 87 82.14 88.18 26.05
CA VAL GA 87 80.69 88.38 25.97
C VAL GA 87 80.14 88.91 27.29
N PHE GA 88 78.93 89.45 27.26
CA PHE GA 88 78.21 89.80 28.50
C PHE GA 88 77.42 88.58 28.96
N GLY GA 89 77.68 88.12 30.17
CA GLY GA 89 76.95 86.99 30.73
C GLY GA 89 75.56 87.42 31.16
N ASP GA 90 75.44 88.67 31.57
CA ASP GA 90 74.14 89.18 31.98
C ASP GA 90 74.07 90.70 31.92
N GLU GA 91 72.92 91.22 32.33
CA GLU GA 91 72.63 92.65 32.36
C GLU GA 91 73.59 93.44 33.26
N TYR GA 92 74.22 92.77 34.23
CA TYR GA 92 75.06 93.43 35.23
C TYR GA 92 76.53 93.47 34.83
N SER GA 93 76.91 92.59 33.90
CA SER GA 93 78.32 92.34 33.61
C SER GA 93 79.09 93.60 33.24
N TYR GA 94 78.45 94.52 32.52
CA TYR GA 94 79.17 95.70 32.06
C TYR GA 94 79.61 96.56 33.22
N GLU GA 95 78.72 96.79 34.16
CA GLU GA 95 79.05 97.59 35.34
C GLU GA 95 80.13 96.93 36.16
N CYS GA 96 79.98 95.63 36.40
CA CYS GA 96 80.92 94.93 37.27
C CYS GA 96 82.33 94.85 36.69
N TYR GA 97 82.47 95.01 35.37
CA TYR GA 97 83.80 94.97 34.74
C TYR GA 97 84.00 96.06 33.69
N LYS GA 98 83.42 97.23 33.94
CA LYS GA 98 83.41 98.36 33.00
C LYS GA 98 84.77 98.78 32.45
N GLU GA 99 85.73 98.97 33.33
CA GLU GA 99 87.08 99.44 32.98
C GLU GA 99 87.86 98.52 32.00
N PHE GA 100 87.42 97.27 31.88
CA PHE GA 100 87.96 96.39 30.85
C PHE GA 100 87.09 96.50 29.61
N PHE GA 101 85.79 96.57 29.82
CA PHE GA 101 84.84 96.61 28.72
C PHE GA 101 84.88 97.90 27.94
N ASP GA 102 85.14 99.00 28.63
CA ASP GA 102 85.22 100.29 27.96
C ASP GA 102 86.31 100.36 26.91
N LYS GA 103 87.45 99.72 27.19
CA LYS GA 103 88.54 99.60 26.23
C LYS GA 103 88.12 98.79 25.00
N CYS GA 104 87.41 97.69 25.25
CA CYS GA 104 86.94 96.82 24.17
C CYS GA 104 86.00 97.58 23.28
N ILE GA 105 85.15 98.37 23.92
CA ILE GA 105 84.14 99.19 23.28
C ILE GA 105 84.82 100.23 22.40
N GLU GA 106 85.87 100.85 22.93
CA GLU GA 106 86.58 101.87 22.20
C GLU GA 106 87.52 101.34 21.13
N GLU GA 107 87.81 100.05 21.12
CA GLU GA 107 88.46 99.48 19.95
C GLU GA 107 87.46 99.31 18.81
N ILE GA 108 86.35 98.64 19.10
CA ILE GA 108 85.35 98.25 18.11
C ILE GA 108 84.54 99.38 17.44
N HIS GA 109 83.98 100.27 18.25
CA HIS GA 109 83.05 101.24 17.69
C HIS GA 109 83.67 102.62 17.61
N HIS GA 110 84.83 102.79 18.25
CA HIS GA 110 85.39 104.11 18.44
C HIS GA 110 84.52 104.92 19.42
N PHE GA 111 83.96 104.26 20.42
CA PHE GA 111 83.08 104.92 21.39
C PHE GA 111 83.79 105.07 22.72
N LYS GA 112 83.98 106.31 23.19
CA LYS GA 112 84.67 106.56 24.45
C LYS GA 112 83.76 106.43 25.68
N PRO GA 113 84.36 106.35 26.87
CA PRO GA 113 83.56 106.33 28.09
C PRO GA 113 82.78 107.64 28.27
N SER GA 114 83.28 108.72 27.69
CA SER GA 114 82.66 110.05 27.81
C SER GA 114 81.64 110.32 26.71
N ASP GA 115 81.65 109.48 25.67
CA ASP GA 115 80.62 109.58 24.63
C ASP GA 115 79.27 109.06 25.12
N LYS GA 116 78.22 109.39 24.37
CA LYS GA 116 76.88 108.90 24.68
C LYS GA 116 76.13 108.52 23.40
N HIS GA 117 75.42 107.40 23.45
CA HIS GA 117 74.63 106.92 22.31
C HIS GA 117 73.55 107.92 21.92
N PRO GA 118 73.46 108.21 20.62
CA PRO GA 118 72.47 109.11 20.01
C PRO GA 118 71.09 108.49 20.02
N ALA GA 119 70.06 109.33 19.88
CA ALA GA 119 68.70 108.84 19.77
C ALA GA 119 68.42 108.16 18.41
N PRO GA 120 67.55 107.13 18.41
CA PRO GA 120 67.15 106.32 17.26
C PRO GA 120 66.75 107.13 16.04
N ASP GA 121 67.13 106.65 14.86
CA ASP GA 121 66.74 107.26 13.61
C ASP GA 121 66.34 106.18 12.60
N LEU GA 122 65.04 105.90 12.52
CA LEU GA 122 64.53 104.86 11.62
C LEU GA 122 63.80 105.46 10.42
N ASP GA 123 64.08 106.73 10.15
CA ASP GA 123 63.47 107.42 9.03
C ASP GA 123 64.13 106.96 7.73
N HIS GA 124 63.53 105.94 7.11
CA HIS GA 124 64.11 105.34 5.92
C HIS GA 124 63.99 106.23 4.70
N ASN GA 125 63.16 107.27 4.81
CA ASN GA 125 62.89 108.16 3.69
C ASN GA 125 64.07 109.09 3.40
N LYS GA 126 64.80 109.45 4.45
CA LYS GA 126 65.98 110.31 4.35
C LYS GA 126 67.21 109.60 3.80
N LEU GA 127 67.12 108.29 3.59
CA LEU GA 127 68.26 107.55 3.06
C LEU GA 127 68.54 107.99 1.62
N VAL GA 128 69.82 108.19 1.31
CA VAL GA 128 70.21 108.61 -0.03
C VAL GA 128 70.70 107.44 -0.84
N GLY GA 129 70.14 107.26 -2.04
CA GLY GA 129 70.44 106.10 -2.85
C GLY GA 129 70.07 104.84 -2.08
N GLY GA 130 70.83 103.77 -2.30
CA GLY GA 130 70.61 102.56 -1.53
C GLY GA 130 69.74 101.55 -2.26
N VAL GA 131 69.39 101.88 -3.50
CA VAL GA 131 68.81 100.92 -4.42
C VAL GA 131 69.88 100.56 -5.46
N PHE GA 132 70.51 99.40 -5.29
CA PHE GA 132 71.67 98.99 -6.10
C PHE GA 132 71.34 98.15 -7.35
N GLU GA 133 72.24 98.19 -8.33
CA GLU GA 133 72.18 97.37 -9.54
C GLU GA 133 72.24 95.88 -9.22
N ASP GA 134 71.28 95.11 -9.74
CA ASP GA 134 71.30 93.64 -9.72
C ASP GA 134 72.70 93.07 -9.83
N LYS GA 135 73.43 93.57 -10.82
CA LYS GA 135 74.72 93.04 -11.24
C LYS GA 135 75.75 92.88 -10.12
N TYR GA 136 75.62 93.67 -9.06
CA TYR GA 136 76.60 93.63 -7.97
C TYR GA 136 75.96 93.24 -6.63
N VAL GA 137 74.79 93.78 -6.32
CA VAL GA 137 74.06 93.40 -5.10
C VAL GA 137 72.96 92.39 -5.38
N LYS GA 138 73.09 91.18 -4.81
CA LYS GA 138 72.17 90.08 -5.09
C LYS GA 138 71.11 89.90 -3.98
N SER GA 139 71.42 90.35 -2.77
CA SER GA 139 70.43 90.40 -1.72
C SER GA 139 70.77 91.37 -0.62
N CYS GA 140 69.78 91.73 0.17
CA CYS GA 140 69.92 92.79 1.17
C CYS GA 140 69.24 92.36 2.45
N ARG GA 141 69.82 92.73 3.58
CA ARG GA 141 69.39 92.23 4.87
C ARG GA 141 69.78 93.22 5.97
N ILE GA 142 68.83 93.51 6.85
CA ILE GA 142 69.12 94.32 8.02
C ILE GA 142 68.59 93.56 9.23
N ARG GA 143 69.29 93.65 10.35
CA ARG GA 143 68.91 92.89 11.52
C ARG GA 143 69.39 93.63 12.75
N CYS GA 144 68.66 93.50 13.85
CA CYS GA 144 69.16 93.90 15.16
C CYS GA 144 68.88 92.78 16.17
N GLY GA 145 69.46 92.89 17.36
CA GLY GA 145 69.16 91.99 18.47
C GLY GA 145 68.72 92.77 19.70
N ARG GA 146 68.03 92.09 20.61
CA ARG GA 146 67.53 92.68 21.86
C ARG GA 146 67.51 91.60 22.95
N SER GA 147 67.42 92.02 24.21
CA SER GA 147 67.42 91.07 25.32
C SER GA 147 66.32 91.38 26.33
N VAL GA 148 65.60 90.35 26.77
CA VAL GA 148 64.61 90.52 27.82
C VAL GA 148 65.27 90.77 29.15
N LYS GA 149 65.08 91.97 29.70
CA LYS GA 149 65.62 92.31 31.02
C LYS GA 149 65.12 91.33 32.09
N GLY GA 150 65.92 91.17 33.14
CA GLY GA 150 65.57 90.31 34.25
C GLY GA 150 66.02 88.88 34.07
N VAL GA 151 66.62 88.60 32.92
CA VAL GA 151 67.00 87.23 32.59
C VAL GA 151 68.43 87.16 32.03
N CYS GA 152 69.20 86.18 32.50
CA CYS GA 152 70.53 85.91 32.00
C CYS GA 152 70.56 85.90 30.47
N LEU GA 153 71.67 86.33 29.90
CA LEU GA 153 71.88 86.21 28.47
C LEU GA 153 72.35 84.79 28.21
N PRO GA 154 72.23 84.32 26.96
CA PRO GA 154 72.49 82.95 26.50
C PRO GA 154 73.77 82.25 26.97
N PRO GA 155 74.90 82.98 27.09
CA PRO GA 155 76.08 82.28 27.61
C PRO GA 155 75.93 81.77 29.05
N ALA GA 156 75.06 82.38 29.84
CA ALA GA 156 74.98 82.02 31.27
C ALA GA 156 73.61 81.47 31.71
N MET GA 157 72.61 81.59 30.84
CA MET GA 157 71.24 81.26 31.23
C MET GA 157 70.96 79.77 31.40
N SER GA 158 69.96 79.46 32.22
CA SER GA 158 69.56 78.09 32.50
C SER GA 158 68.42 77.62 31.60
N ARG GA 159 68.09 76.33 31.70
CA ARG GA 159 67.00 75.77 30.89
C ARG GA 159 65.66 76.45 31.17
N ALA GA 160 65.39 76.72 32.44
CA ALA GA 160 64.14 77.36 32.84
C ALA GA 160 63.98 78.80 32.31
N GLU GA 161 65.09 79.54 32.28
CA GLU GA 161 65.08 80.91 31.73
C GLU GA 161 64.93 80.91 30.22
N ARG GA 162 65.64 80.00 29.55
CA ARG GA 162 65.55 79.86 28.10
C ARG GA 162 64.12 79.51 27.71
N ARG GA 163 63.50 78.63 28.50
CA ARG GA 163 62.11 78.21 28.29
C ARG GA 163 61.17 79.38 28.46
N LEU GA 164 61.38 80.14 29.54
CA LEU GA 164 60.62 81.36 29.78
C LEU GA 164 60.69 82.31 28.60
N VAL GA 165 61.90 82.76 28.27
CA VAL GA 165 62.07 83.68 27.14
C VAL GA 165 61.30 83.19 25.93
N GLU GA 166 61.44 81.91 25.60
CA GLU GA 166 60.76 81.33 24.45
C GLU GA 166 59.26 81.55 24.50
N LYS GA 167 58.69 81.38 25.69
CA LYS GA 167 57.24 81.53 25.92
C LYS GA 167 56.78 82.98 25.73
N VAL GA 168 57.40 83.87 26.49
CA VAL GA 168 57.14 85.30 26.41
C VAL GA 168 57.11 85.75 24.96
N VAL GA 169 58.24 85.53 24.28
CA VAL GA 169 58.47 86.08 22.96
C VAL GA 169 57.52 85.48 21.93
N SER GA 170 57.29 84.18 22.02
CA SER GA 170 56.36 83.51 21.12
C SER GA 170 55.00 84.19 21.26
N ASP GA 171 54.58 84.35 22.51
CA ASP GA 171 53.31 84.99 22.79
C ASP GA 171 53.27 86.40 22.21
N ALA GA 172 54.31 87.18 22.47
CA ALA GA 172 54.35 88.56 22.02
C ALA GA 172 54.19 88.65 20.50
N LEU GA 173 54.77 87.69 19.79
CA LEU GA 173 54.77 87.73 18.34
C LEU GA 173 53.40 87.46 17.73
N GLY GA 174 52.56 86.71 18.45
CA GLY GA 174 51.20 86.45 18.01
C GLY GA 174 50.38 87.71 17.81
N GLY GA 175 50.91 88.86 18.25
CA GLY GA 175 50.22 90.12 18.10
C GLY GA 175 50.42 90.77 16.75
N LEU GA 176 51.46 90.34 16.03
CA LEU GA 176 51.75 90.91 14.72
C LEU GA 176 50.67 90.57 13.69
N LYS GA 177 50.02 91.61 13.16
CA LYS GA 177 48.91 91.45 12.23
C LYS GA 177 49.33 91.83 10.82
N GLY GA 178 48.43 91.61 9.87
CA GLY GA 178 48.66 92.02 8.50
C GLY GA 178 49.80 91.30 7.85
N ASP GA 179 50.62 92.03 7.09
CA ASP GA 179 51.70 91.40 6.34
C ASP GA 179 52.83 90.91 7.23
N LEU GA 180 52.82 91.35 8.49
CA LEU GA 180 53.79 90.89 9.50
C LEU GA 180 53.19 89.80 10.38
N ALA GA 181 52.11 89.18 9.91
CA ALA GA 181 51.51 88.05 10.63
C ALA GA 181 52.25 86.77 10.26
N GLY GA 182 52.51 85.94 11.26
CA GLY GA 182 53.26 84.72 11.03
C GLY GA 182 52.96 83.60 12.02
N LYS GA 183 53.99 82.80 12.29
CA LYS GA 183 53.88 81.63 13.16
C LYS GA 183 55.27 81.23 13.64
N TYR GA 184 55.32 80.67 14.84
CA TYR GA 184 56.57 80.22 15.43
C TYR GA 184 56.81 78.75 15.13
N TYR GA 185 58.08 78.41 14.92
CA TYR GA 185 58.47 77.04 14.63
C TYR GA 185 59.62 76.61 15.54
N PRO GA 186 59.28 75.95 16.66
CA PRO GA 186 60.35 75.45 17.53
C PRO GA 186 61.28 74.50 16.81
N LEU GA 187 62.55 74.53 17.19
CA LEU GA 187 63.57 73.73 16.54
C LEU GA 187 63.39 72.25 16.91
N THR GA 188 62.86 72.00 18.10
CA THR GA 188 62.80 70.65 18.65
C THR GA 188 62.01 69.67 17.78
N THR GA 189 60.99 70.18 17.09
CA THR GA 189 60.11 69.34 16.26
C THR GA 189 60.34 69.56 14.77
N MET GA 190 61.26 70.45 14.42
CA MET GA 190 61.56 70.69 13.02
C MET GA 190 62.47 69.59 12.48
N ASN GA 191 62.12 69.05 11.32
CA ASN GA 191 62.94 67.97 10.77
C ASN GA 191 64.19 68.50 10.07
N GLU GA 192 65.19 67.64 9.95
CA GLU GA 192 66.53 68.04 9.55
C GLU GA 192 66.67 68.58 8.13
N LYS GA 193 65.84 68.11 7.21
CA LYS GA 193 65.92 68.57 5.82
C LYS GA 193 65.32 69.96 5.67
N ASP GA 194 64.24 70.22 6.40
CA ASP GA 194 63.63 71.54 6.45
C ASP GA 194 64.58 72.53 7.09
N GLN GA 195 65.16 72.15 8.22
CA GLN GA 195 66.12 72.99 8.92
C GLN GA 195 67.33 73.32 8.04
N GLU GA 196 67.81 72.32 7.30
CA GLU GA 196 68.95 72.49 6.42
C GLU GA 196 68.64 73.40 5.24
N GLN GA 197 67.41 73.30 4.76
CA GLN GA 197 66.94 74.17 3.69
C GLN GA 197 66.89 75.65 4.13
N LEU GA 198 66.18 75.92 5.23
CA LEU GA 198 66.12 77.29 5.76
C LEU GA 198 67.50 77.92 5.81
N ILE GA 199 68.45 77.22 6.40
CA ILE GA 199 69.84 77.69 6.49
C ILE GA 199 70.49 77.80 5.10
N GLU GA 200 70.07 76.97 4.15
CA GLU GA 200 70.58 77.01 2.78
C GLU GA 200 70.04 78.24 2.04
N ASP GA 201 68.92 78.76 2.50
CA ASP GA 201 68.28 79.92 1.88
C ASP GA 201 68.49 81.18 2.72
N HIS GA 202 69.32 81.06 3.75
CA HIS GA 202 69.77 82.20 4.57
C HIS GA 202 68.81 82.67 5.65
N PHE GA 203 67.74 81.92 5.89
CA PHE GA 203 66.69 82.37 6.81
C PHE GA 203 66.93 82.00 8.28
N LEU GA 204 67.46 80.80 8.51
CA LEU GA 204 67.67 80.30 9.87
C LEU GA 204 69.16 80.34 10.22
N PHE GA 205 69.45 80.53 11.52
CA PHE GA 205 70.81 80.46 12.01
C PHE GA 205 71.39 79.07 11.78
N GLU GA 206 72.71 79.01 11.66
CA GLU GA 206 73.43 77.78 11.37
C GLU GA 206 73.38 76.82 12.57
N LYS GA 207 73.79 75.58 12.34
CA LYS GA 207 73.82 74.58 13.39
C LYS GA 207 74.83 75.00 14.45
N PRO GA 208 74.64 74.54 15.69
CA PRO GA 208 75.35 75.02 16.88
C PRO GA 208 76.85 74.76 16.88
N THR GA 209 77.54 75.20 15.84
CA THR GA 209 78.94 74.82 15.61
C THR GA 209 79.92 75.98 15.65
N GLY GA 210 79.41 77.20 15.70
CA GLY GA 210 80.26 78.38 15.71
C GLY GA 210 81.06 78.51 16.99
N ALA GA 211 82.36 78.74 16.85
CA ALA GA 211 83.28 78.78 17.98
C ALA GA 211 82.86 79.70 19.13
N LEU GA 212 82.52 80.96 18.83
CA LEU GA 212 81.97 81.83 19.87
C LEU GA 212 80.82 81.10 20.56
N LEU GA 213 79.80 80.75 19.77
CA LEU GA 213 78.63 80.05 20.30
C LEU GA 213 78.94 78.94 21.30
N THR GA 214 79.83 78.01 20.95
CA THR GA 214 80.07 76.86 21.80
C THR GA 214 80.92 77.25 23.02
N THR GA 215 82.14 77.69 22.77
CA THR GA 215 83.07 78.06 23.83
C THR GA 215 82.51 79.08 24.81
N SER GA 216 81.54 79.88 24.38
CA SER GA 216 80.91 80.89 25.24
C SER GA 216 79.78 80.30 26.08
N GLY GA 217 79.38 79.08 25.79
CA GLY GA 217 78.31 78.44 26.55
C GLY GA 217 76.92 78.84 26.10
N CYS GA 218 76.80 79.23 24.83
CA CYS GA 218 75.53 79.60 24.25
C CYS GA 218 74.79 78.41 23.65
N ALA GA 219 75.42 77.24 23.65
CA ALA GA 219 74.92 76.08 22.89
C ALA GA 219 74.41 74.96 23.78
N ARG GA 220 74.16 75.28 25.04
CA ARG GA 220 73.74 74.29 26.03
C ARG GA 220 72.33 73.78 25.76
N ASP GA 221 72.14 72.47 25.91
CA ASP GA 221 70.82 71.88 25.79
C ASP GA 221 70.18 72.20 24.44
N TRP GA 222 70.98 72.23 23.38
CA TRP GA 222 70.50 72.51 22.04
C TRP GA 222 69.59 71.39 21.57
N PRO GA 223 68.44 71.74 20.96
CA PRO GA 223 67.93 73.09 20.72
C PRO GA 223 66.79 73.52 21.64
N ASP GA 224 66.74 72.99 22.86
CA ASP GA 224 65.67 73.33 23.80
C ASP GA 224 65.55 74.84 23.95
N GLY GA 225 64.43 75.39 23.49
CA GLY GA 225 64.17 76.81 23.64
C GLY GA 225 64.42 77.60 22.37
N ARG GA 226 65.02 76.95 21.38
CA ARG GA 226 65.39 77.60 20.12
C ARG GA 226 64.32 77.44 19.03
N GLY GA 227 64.13 78.48 18.25
CA GLY GA 227 63.18 78.43 17.15
C GLY GA 227 63.27 79.63 16.24
N ILE GA 228 62.43 79.63 15.20
CA ILE GA 228 62.32 80.76 14.28
C ILE GA 228 60.85 81.12 14.05
N TRP GA 229 60.56 82.43 14.08
CA TRP GA 229 59.25 82.96 13.77
C TRP GA 229 59.33 83.75 12.46
N HIS GA 230 58.48 83.43 11.49
CA HIS GA 230 58.48 84.23 10.26
C HIS GA 230 57.10 84.46 9.69
N ASN GA 231 56.96 85.51 8.88
CA ASN GA 231 55.69 85.78 8.21
C ASN GA 231 55.58 84.92 6.97
N ASN GA 232 54.51 85.07 6.21
CA ASN GA 232 54.29 84.22 5.04
C ASN GA 232 55.29 84.45 3.91
N GLU GA 233 55.70 85.70 3.71
CA GLU GA 233 56.64 86.02 2.63
C GLU GA 233 58.08 85.76 3.04
N LYS GA 234 58.31 85.62 4.34
CA LYS GA 234 59.64 85.36 4.89
C LYS GA 234 60.57 86.54 4.63
N ASN GA 235 60.03 87.74 4.67
CA ASN GA 235 60.84 88.94 4.52
C ASN GA 235 60.97 89.65 5.85
N PHE GA 236 60.29 89.10 6.85
CA PHE GA 236 60.37 89.58 8.21
C PHE GA 236 60.39 88.36 9.11
N LEU GA 237 61.45 88.21 9.92
CA LEU GA 237 61.72 86.99 10.69
C LEU GA 237 62.27 87.26 12.11
N VAL GA 238 62.15 86.27 13.00
CA VAL GA 238 62.64 86.46 14.36
C VAL GA 238 63.37 85.22 14.88
N TRP GA 239 64.67 85.37 15.11
CA TRP GA 239 65.44 84.31 15.75
C TRP GA 239 65.23 84.40 17.24
N ILE GA 240 64.85 83.28 17.84
CA ILE GA 240 64.70 83.19 19.29
C ILE GA 240 65.74 82.25 19.93
N ASN GA 241 66.45 82.78 20.92
CA ASN GA 241 67.38 81.98 21.76
C ASN GA 241 68.63 81.34 21.11
N GLU GA 242 69.13 81.93 20.04
CA GLU GA 242 70.43 81.52 19.52
C GLU GA 242 71.50 82.18 20.39
N GLU GA 243 72.45 82.87 19.76
CA GLU GA 243 73.42 83.68 20.48
C GLU GA 243 72.75 84.74 21.37
N ASP GA 244 71.66 85.33 20.89
CA ASP GA 244 70.91 86.31 21.68
C ASP GA 244 69.50 85.82 21.97
N HIS GA 245 68.77 86.53 22.81
CA HIS GA 245 67.37 86.20 23.11
C HIS GA 245 66.49 86.41 21.88
N ILE GA 246 66.63 87.57 21.26
CA ILE GA 246 65.79 87.95 20.14
C ILE GA 246 66.67 88.51 19.06
N ARG GA 247 66.37 88.16 17.81
CA ARG GA 247 67.04 88.74 16.66
C ARG GA 247 65.98 89.05 15.60
N VAL GA 248 65.79 90.32 15.31
CA VAL GA 248 64.77 90.76 14.35
C VAL GA 248 65.40 90.92 13.00
N ILE GA 249 64.79 90.35 11.96
CA ILE GA 249 65.38 90.27 10.63
C ILE GA 249 64.43 90.65 9.49
N SER GA 250 64.86 91.60 8.66
CA SER GA 250 64.14 91.94 7.43
C SER GA 250 65.04 91.65 6.22
N MET GA 251 64.49 91.02 5.18
CA MET GA 251 65.34 90.65 4.04
C MET GA 251 64.62 90.37 2.73
N GLN GA 252 65.31 90.64 1.62
CA GLN GA 252 64.81 90.28 0.30
C GLN GA 252 65.93 90.24 -0.74
N LYS GA 253 65.65 89.57 -1.85
CA LYS GA 253 66.64 89.47 -2.91
C LYS GA 253 66.62 90.70 -3.82
N GLY GA 254 67.75 91.00 -4.44
CA GLY GA 254 67.88 92.20 -5.26
C GLY GA 254 68.80 93.22 -4.63
N GLY GA 255 68.77 94.46 -5.10
CA GLY GA 255 69.63 95.51 -4.58
C GLY GA 255 68.93 96.63 -3.82
N ASP GA 256 67.69 96.39 -3.38
CA ASP GA 256 66.86 97.41 -2.74
C ASP GA 256 66.97 97.50 -1.20
N LEU GA 257 68.04 98.15 -0.72
CA LEU GA 257 68.29 98.32 0.71
C LEU GA 257 67.22 99.21 1.36
N LYS GA 258 66.81 100.24 0.63
CA LYS GA 258 65.82 101.20 1.09
C LYS GA 258 64.51 100.54 1.52
N ALA GA 259 63.99 99.63 0.69
CA ALA GA 259 62.76 98.90 1.02
C ALA GA 259 62.93 97.92 2.19
N VAL GA 260 64.15 97.42 2.40
CA VAL GA 260 64.44 96.49 3.50
C VAL GA 260 64.56 97.28 4.80
N PHE GA 261 64.99 98.53 4.68
CA PHE GA 261 65.05 99.46 5.79
C PHE GA 261 63.63 99.85 6.21
N SER GA 262 62.76 100.02 5.23
CA SER GA 262 61.37 100.40 5.49
C SER GA 262 60.61 99.33 6.28
N ARG GA 263 60.70 98.09 5.82
CA ARG GA 263 60.05 96.96 6.50
C ARG GA 263 60.63 96.70 7.88
N PHE GA 264 61.95 96.83 8.02
CA PHE GA 264 62.64 96.65 9.30
C PHE GA 264 62.09 97.60 10.37
N ALA GA 265 62.07 98.89 10.06
CA ALA GA 265 61.58 99.92 10.97
C ALA GA 265 60.11 99.74 11.33
N ARG GA 266 59.34 99.17 10.41
CA ARG GA 266 57.95 98.85 10.68
C ARG GA 266 57.86 97.69 11.65
N GLY GA 267 58.65 96.66 11.39
CA GLY GA 267 58.59 95.43 12.15
C GLY GA 267 59.24 95.54 13.51
N LEU GA 268 60.35 96.26 13.57
CA LEU GA 268 61.05 96.49 14.83
C LEU GA 268 60.14 97.24 15.79
N LEU GA 269 59.56 98.33 15.31
CA LEU GA 269 58.68 99.15 16.13
C LEU GA 269 57.46 98.35 16.61
N GLU GA 270 56.95 97.48 15.76
CA GLU GA 270 55.83 96.63 16.16
C GLU GA 270 56.26 95.65 17.24
N VAL GA 271 57.36 94.95 17.02
CA VAL GA 271 57.86 93.98 17.99
C VAL GA 271 58.19 94.64 19.34
N GLU GA 272 58.89 95.77 19.32
CA GLU GA 272 59.23 96.47 20.55
C GLU GA 272 57.98 96.85 21.33
N ARG GA 273 57.00 97.42 20.62
CA ARG GA 273 55.73 97.79 21.24
C ARG GA 273 55.06 96.60 21.92
N LEU GA 274 55.04 95.47 21.20
CA LEU GA 274 54.39 94.24 21.68
C LEU GA 274 55.18 93.55 22.76
N MET GA 275 56.45 93.89 22.90
CA MET GA 275 57.27 93.37 23.97
C MET GA 275 57.02 94.14 25.26
N LYS GA 276 56.94 95.46 25.12
CA LYS GA 276 56.71 96.36 26.22
C LYS GA 276 55.32 96.12 26.81
N GLU GA 277 54.35 95.99 25.91
CA GLU GA 277 52.95 95.75 26.25
C GLU GA 277 52.77 94.53 27.13
N CYS GA 278 53.72 93.61 27.08
CA CYS GA 278 53.62 92.37 27.84
C CYS GA 278 54.43 92.42 29.15
N GLY GA 279 54.95 93.60 29.48
CA GLY GA 279 55.63 93.80 30.74
C GLY GA 279 57.08 93.37 30.74
N HIS GA 280 57.56 92.95 29.58
CA HIS GA 280 58.93 92.46 29.46
C HIS GA 280 59.88 93.59 29.08
N GLY GA 281 60.75 93.97 30.02
CA GLY GA 281 61.76 94.94 29.72
C GLY GA 281 62.74 94.35 28.72
N LEU GA 282 63.31 95.18 27.88
CA LEU GA 282 64.47 94.79 27.09
C LEU GA 282 65.69 95.51 27.67
N MET GA 283 66.79 94.79 27.89
CA MET GA 283 68.01 95.38 28.44
C MET GA 283 68.41 96.63 27.64
N HIS GA 284 68.52 97.76 28.33
CA HIS GA 284 68.82 99.04 27.68
C HIS GA 284 69.54 100.01 28.61
N ASN GA 285 70.58 100.63 28.07
CA ASN GA 285 71.42 101.58 28.80
C ASN GA 285 71.24 102.96 28.21
N ASP GA 286 71.31 103.97 29.07
CA ASP GA 286 71.14 105.36 28.64
C ASP GA 286 72.28 105.74 27.69
N ARG GA 287 73.50 105.50 28.15
CA ARG GA 287 74.72 105.79 27.39
C ARG GA 287 74.96 104.82 26.25
N LEU GA 288 74.55 103.57 26.45
CA LEU GA 288 74.94 102.48 25.57
C LEU GA 288 73.81 101.91 24.70
N GLY GA 289 72.64 102.53 24.74
CA GLY GA 289 71.48 102.00 24.04
C GLY GA 289 71.20 100.55 24.40
N TYR GA 290 70.78 99.75 23.43
CA TYR GA 290 70.42 98.36 23.70
C TYR GA 290 71.62 97.45 23.87
N ILE GA 291 71.51 96.47 24.76
CA ILE GA 291 72.63 95.61 25.12
C ILE GA 291 72.35 94.12 24.84
N CYS GA 292 73.35 93.42 24.33
CA CYS GA 292 73.20 91.99 24.03
C CYS GA 292 74.43 91.17 24.45
N THR GA 293 74.49 89.93 23.95
CA THR GA 293 75.58 89.01 24.29
C THR GA 293 76.97 89.60 24.01
N CYS GA 294 77.18 90.10 22.79
CA CYS GA 294 78.52 90.51 22.39
C CYS GA 294 78.70 92.01 22.26
N PRO GA 295 79.77 92.54 22.87
CA PRO GA 295 80.19 93.94 22.71
C PRO GA 295 79.95 94.53 21.32
N THR GA 296 80.30 93.82 20.24
CA THR GA 296 80.06 94.36 18.90
C THR GA 296 78.56 94.69 18.72
N ASN GA 297 77.72 93.99 19.46
CA ASN GA 297 76.28 94.16 19.35
C ASN GA 297 75.66 95.03 20.46
N MET GA 298 75.95 96.33 20.38
CA MET GA 298 75.49 97.32 21.33
C MET GA 298 74.84 98.51 20.62
N GLY GA 299 74.41 99.50 21.41
CA GLY GA 299 73.75 100.68 20.88
C GLY GA 299 72.52 100.31 20.09
N THR GA 300 72.62 100.50 18.77
CA THR GA 300 71.54 100.16 17.84
C THR GA 300 71.45 98.66 17.58
N VAL GA 301 72.56 97.96 17.81
CA VAL GA 301 72.69 96.53 17.51
C VAL GA 301 72.28 96.17 16.07
N VAL GA 302 72.27 97.14 15.17
CA VAL GA 302 71.87 96.86 13.80
C VAL GA 302 73.02 96.39 12.91
N ARG GA 303 72.80 95.31 12.17
CA ARG GA 303 73.76 94.91 11.14
C ARG GA 303 73.12 94.88 9.77
N ALA GA 304 73.29 95.97 9.04
CA ALA GA 304 72.81 96.08 7.66
C ALA GA 304 73.88 95.56 6.72
N SER GA 305 73.50 94.59 5.89
CA SER GA 305 74.45 93.96 4.99
C SER GA 305 73.90 93.79 3.57
N VAL GA 306 74.80 93.48 2.64
CA VAL GA 306 74.42 93.15 1.26
C VAL GA 306 75.34 92.05 0.72
N HIS GA 307 74.79 91.18 -0.13
CA HIS GA 307 75.61 90.19 -0.81
C HIS GA 307 76.10 90.82 -2.10
N LEU GA 308 77.39 91.18 -2.14
CA LEU GA 308 77.93 92.02 -3.21
C LEU GA 308 78.98 91.30 -4.04
N ARG GA 309 78.66 91.02 -5.30
CA ARG GA 309 79.60 90.40 -6.23
C ARG GA 309 80.64 91.37 -6.79
N LEU GA 310 81.91 91.02 -6.62
CA LEU GA 310 83.04 91.88 -7.00
C LEU GA 310 84.14 91.07 -7.66
N ALA GA 311 83.89 90.62 -8.89
CA ALA GA 311 84.82 89.75 -9.59
C ALA GA 311 86.19 90.42 -9.86
N PHE GA 312 86.20 91.73 -10.05
CA PHE GA 312 87.46 92.41 -10.34
C PHE GA 312 88.16 92.92 -9.07
N LEU GA 313 87.37 93.39 -8.10
CA LEU GA 313 87.91 94.06 -6.93
C LEU GA 313 88.41 93.08 -5.86
N GLU GA 314 88.02 91.82 -5.95
CA GLU GA 314 88.49 90.86 -4.95
C GLU GA 314 89.93 90.41 -5.22
N LYS GA 315 90.42 90.71 -6.42
CA LYS GA 315 91.81 90.40 -6.80
C LYS GA 315 92.77 91.57 -6.58
N HIS GA 316 92.25 92.71 -6.10
CA HIS GA 316 93.08 93.88 -5.83
C HIS GA 316 93.67 93.87 -4.42
N PRO GA 317 94.99 94.06 -4.31
CA PRO GA 317 95.66 93.84 -3.03
C PRO GA 317 95.20 94.79 -1.92
N ARG GA 318 94.58 95.92 -2.27
CA ARG GA 318 94.20 96.92 -1.28
C ARG GA 318 92.71 96.84 -0.93
N PHE GA 319 92.13 95.70 -1.28
CA PHE GA 319 90.72 95.42 -1.05
C PHE GA 319 90.33 95.48 0.43
N ASP GA 320 90.95 94.64 1.25
CA ASP GA 320 90.64 94.58 2.67
C ASP GA 320 91.02 95.88 3.36
N GLU GA 321 92.04 96.53 2.83
CA GLU GA 321 92.51 97.80 3.35
C GLU GA 321 91.39 98.83 3.34
N MET GA 322 90.73 98.93 2.19
CA MET GA 322 89.64 99.86 1.98
C MET GA 322 88.47 99.53 2.92
N LEU GA 323 88.11 98.26 2.99
CA LEU GA 323 87.05 97.82 3.92
C LEU GA 323 87.31 98.34 5.31
N GLY GA 324 88.58 98.27 5.74
CA GLY GA 324 88.95 98.71 7.07
C GLY GA 324 88.68 100.19 7.25
N LYS GA 325 89.08 100.98 6.26
CA LYS GA 325 88.94 102.43 6.30
C LYS GA 325 87.47 102.84 6.25
N LEU GA 326 86.71 102.13 5.42
CA LEU GA 326 85.27 102.39 5.27
C LEU GA 326 84.47 101.98 6.51
N ARG GA 327 85.14 101.32 7.47
CA ARG GA 327 84.48 100.85 8.68
C ARG GA 327 83.39 99.83 8.33
N LEU GA 328 83.68 98.98 7.36
CA LEU GA 328 82.79 97.90 6.94
C LEU GA 328 83.27 96.55 7.47
N GLY GA 329 82.36 95.59 7.54
CA GLY GA 329 82.71 94.23 7.90
C GLY GA 329 82.93 93.37 6.67
N LYS GA 330 83.70 92.30 6.83
CA LYS GA 330 83.85 91.31 5.76
C LYS GA 330 83.42 89.95 6.30
N ARG GA 331 82.67 89.20 5.48
CA ARG GA 331 82.14 87.90 5.88
C ARG GA 331 81.86 87.06 4.64
N GLY GA 332 81.68 85.76 4.87
CA GLY GA 332 81.39 84.82 3.80
C GLY GA 332 79.96 84.88 3.34
N THR GA 333 79.59 83.99 2.43
CA THR GA 333 78.25 83.97 1.85
C THR GA 333 77.18 83.41 2.79
N GLY GA 334 77.54 82.42 3.59
CA GLY GA 334 76.63 81.88 4.57
C GLY GA 334 76.99 82.38 5.95
N GLY GA 335 77.30 83.67 6.02
CA GLY GA 335 77.51 84.35 7.29
C GLY GA 335 78.92 84.37 7.82
N GLU GA 336 79.01 84.70 9.10
CA GLU GA 336 80.28 84.87 9.80
C GLU GA 336 81.23 83.71 9.51
N SER GA 337 80.86 82.51 9.92
CA SER GA 337 81.77 81.37 9.80
C SER GA 337 81.74 80.72 8.42
N SER GA 338 82.15 81.47 7.40
CA SER GA 338 82.22 80.98 6.02
C SER GA 338 83.13 81.85 5.18
N LEU GA 339 83.42 81.40 3.95
CA LEU GA 339 84.24 82.20 3.05
C LEU GA 339 83.36 82.72 1.91
N ALA GA 340 83.84 83.75 1.20
CA ALA GA 340 83.13 84.24 0.04
C ALA GA 340 83.06 83.19 -1.07
N THR GA 341 81.90 83.05 -1.68
CA THR GA 341 81.75 82.19 -2.84
C THR GA 341 81.34 83.00 -4.08
N ASP GA 342 81.89 82.63 -5.23
CA ASP GA 342 81.53 83.24 -6.49
C ASP GA 342 81.73 84.75 -6.46
N SER GA 343 82.90 85.18 -5.99
CA SER GA 343 83.24 86.60 -5.95
C SER GA 343 82.20 87.41 -5.20
N THR GA 344 81.50 86.76 -4.27
CA THR GA 344 80.38 87.40 -3.57
C THR GA 344 80.67 87.51 -2.08
N TYR GA 345 80.46 88.70 -1.53
CA TYR GA 345 80.76 88.98 -0.14
C TYR GA 345 79.56 89.56 0.60
N ASP GA 346 79.49 89.21 1.88
CA ASP GA 346 78.54 89.77 2.82
C ASP GA 346 79.19 91.03 3.36
N ILE GA 347 78.72 92.19 2.88
CA ILE GA 347 79.29 93.47 3.28
C ILE GA 347 78.30 94.27 4.13
N SER GA 348 78.73 94.68 5.32
CA SER GA 348 77.83 95.35 6.27
C SER GA 348 78.55 96.44 7.05
N ASN GA 349 77.78 97.21 7.81
CA ASN GA 349 78.37 98.18 8.73
C ASN GA 349 79.00 97.45 9.91
N TRP GA 350 80.25 97.84 10.22
CA TRP GA 350 80.98 97.30 11.37
C TRP GA 350 80.46 97.84 12.70
N ALA GA 351 80.36 99.15 12.83
CA ALA GA 351 79.99 99.79 14.10
C ALA GA 351 78.48 99.84 14.30
N ARG GA 352 78.06 99.81 15.57
CA ARG GA 352 76.65 99.81 15.90
C ARG GA 352 76.36 100.71 17.09
N LEU GA 353 77.39 100.96 17.93
CA LEU GA 353 77.29 101.88 19.07
C LEU GA 353 77.89 103.25 18.74
N GLY GA 354 77.15 104.32 19.03
CA GLY GA 354 77.59 105.69 18.75
C GLY GA 354 77.12 106.32 17.44
N LYS GA 355 76.13 105.70 16.80
CA LYS GA 355 75.52 106.26 15.57
C LYS GA 355 74.12 105.72 15.40
N SER GA 356 73.29 106.46 14.66
CA SER GA 356 71.89 106.10 14.53
C SER GA 356 71.71 105.02 13.47
N GLU GA 357 70.56 104.34 13.51
CA GLU GA 357 70.26 103.31 12.54
C GLU GA 357 70.50 103.82 11.13
N ARG GA 358 69.89 104.98 10.82
CA ARG GA 358 69.99 105.59 9.51
C ARG GA 358 71.43 105.95 9.15
N GLU GA 359 72.18 106.43 10.13
CA GLU GA 359 73.56 106.81 9.90
C GLU GA 359 74.45 105.61 9.53
N LEU GA 360 74.15 104.44 10.10
CA LEU GA 360 74.96 103.24 9.91
C LEU GA 360 74.59 102.52 8.62
N VAL GA 361 73.37 102.75 8.15
CA VAL GA 361 72.95 102.17 6.87
C VAL GA 361 73.43 103.08 5.76
N GLN GA 362 73.67 104.34 6.11
CA GLN GA 362 74.22 105.30 5.15
C GLN GA 362 75.71 105.08 5.03
N VAL GA 363 76.33 104.62 6.11
CA VAL GA 363 77.73 104.18 6.07
C VAL GA 363 77.84 103.04 5.06
N LEU GA 364 76.92 102.09 5.15
CA LEU GA 364 76.93 100.89 4.31
C LEU GA 364 76.68 101.20 2.83
N VAL GA 365 75.90 102.24 2.57
CA VAL GA 365 75.59 102.65 1.19
C VAL GA 365 76.77 103.37 0.55
N ASP GA 366 77.20 104.47 1.16
CA ASP GA 366 78.36 105.21 0.67
C ASP GA 366 79.48 104.24 0.36
N GLY GA 367 79.85 103.44 1.37
CA GLY GA 367 80.90 102.45 1.23
C GLY GA 367 80.77 101.55 0.01
N VAL GA 368 79.57 101.01 -0.20
CA VAL GA 368 79.28 100.11 -1.31
C VAL GA 368 79.36 100.81 -2.67
N ASN GA 369 78.88 102.06 -2.72
CA ASN GA 369 79.03 102.90 -3.91
C ASN GA 369 80.50 102.98 -4.35
N LEU GA 370 81.38 103.26 -3.39
CA LEU GA 370 82.81 103.34 -3.65
C LEU GA 370 83.37 102.00 -4.07
N LEU GA 371 82.98 100.95 -3.37
CA LEU GA 371 83.39 99.60 -3.73
C LEU GA 371 83.06 99.28 -5.20
N ILE GA 372 81.83 99.58 -5.60
CA ILE GA 372 81.37 99.27 -6.96
C ILE GA 372 81.99 100.20 -8.00
N ALA GA 373 82.26 101.43 -7.60
CA ALA GA 373 82.88 102.40 -8.52
C ALA GA 373 84.27 101.89 -8.85
N CYS GA 374 84.93 101.33 -7.84
CA CYS GA 374 86.22 100.69 -8.02
C CYS GA 374 86.15 99.48 -8.94
N ASP GA 375 85.22 98.57 -8.66
CA ASP GA 375 85.06 97.37 -9.50
C ASP GA 375 84.90 97.75 -10.97
N LYS GA 376 84.21 98.86 -11.24
CA LYS GA 376 84.03 99.32 -12.61
C LYS GA 376 85.32 99.85 -13.22
N LYS GA 377 86.10 100.58 -12.41
CA LYS GA 377 87.37 101.13 -12.84
C LYS GA 377 88.31 100.02 -13.26
N LEU GA 378 88.46 99.04 -12.37
CA LEU GA 378 89.33 97.90 -12.61
C LEU GA 378 88.93 97.18 -13.89
N GLU GA 379 87.65 96.84 -14.00
CA GLU GA 379 87.14 96.20 -15.22
C GLU GA 379 87.51 97.01 -16.47
N ALA GA 380 87.78 98.29 -16.29
CA ALA GA 380 88.12 99.17 -17.41
C ALA GA 380 89.63 99.23 -17.63
N GLY GA 381 90.37 98.40 -16.91
CA GLY GA 381 91.82 98.41 -16.98
C GLY GA 381 92.41 99.72 -16.50
N GLN GA 382 91.86 100.26 -15.41
CA GLN GA 382 92.33 101.52 -14.83
C GLN GA 382 92.64 101.41 -13.33
N SER GA 383 93.61 102.18 -12.86
CA SER GA 383 94.04 102.08 -11.46
C SER GA 383 93.11 102.77 -10.46
N ILE GA 384 93.22 102.36 -9.20
CA ILE GA 384 92.34 102.87 -8.16
C ILE GA 384 93.10 103.34 -6.91
N ASP GA 385 94.40 103.55 -7.03
CA ASP GA 385 95.16 104.08 -5.90
C ASP GA 385 94.51 105.33 -5.34
N ASP GA 386 94.16 106.25 -6.24
CA ASP GA 386 93.58 107.53 -5.86
C ASP GA 386 92.21 107.40 -5.24
N MET GA 387 91.53 106.29 -5.52
CA MET GA 387 90.17 106.07 -5.03
C MET GA 387 90.16 105.61 -3.59
N ILE GA 388 91.16 104.82 -3.22
CA ILE GA 388 91.23 104.24 -1.90
C ILE GA 388 91.27 105.35 -0.86
N PRO GA 389 90.45 105.23 0.19
CA PRO GA 389 90.38 106.23 1.27
C PRO GA 389 91.78 106.65 1.71
N LYS GA 390 91.96 107.90 2.11
CA LYS GA 390 93.26 108.34 2.64
C LYS GA 390 93.37 108.10 4.14
N PHE HA 9 82.92 83.56 45.88
CA PHE HA 9 83.62 83.29 44.63
C PHE HA 9 83.65 81.79 44.35
N VAL HA 10 83.70 81.00 45.42
CA VAL HA 10 83.87 79.56 45.31
C VAL HA 10 82.59 78.82 44.89
N LYS HA 11 81.52 78.96 45.67
CA LYS HA 11 80.27 78.28 45.33
C LYS HA 11 79.64 78.85 44.05
N ASN HA 12 80.34 79.80 43.43
CA ASN HA 12 80.02 80.28 42.09
C ASN HA 12 81.24 80.17 41.18
N ARG HA 13 81.76 78.96 41.03
CA ARG HA 13 82.93 78.70 40.18
C ARG HA 13 82.50 78.52 38.72
N VAL HA 14 81.33 77.91 38.55
CA VAL HA 14 80.79 77.58 37.23
C VAL HA 14 80.34 78.83 36.46
N GLY HA 15 79.89 79.86 37.18
CA GLY HA 15 79.62 81.14 36.57
C GLY HA 15 78.34 81.25 35.77
N HIS HA 16 77.36 80.41 36.09
CA HIS HA 16 76.05 80.47 35.44
C HIS HA 16 74.99 80.85 36.46
N SER HA 17 73.77 81.13 35.98
CA SER HA 17 72.68 81.38 36.90
C SER HA 17 72.21 80.08 37.56
N LYS HA 18 72.01 80.15 38.88
CA LYS HA 18 71.43 79.06 39.66
C LYS HA 18 69.94 79.33 39.81
N PRO HA 19 69.10 78.73 38.95
CA PRO HA 19 67.66 79.05 38.88
C PRO HA 19 66.88 78.65 40.14
N TRP HA 20 67.57 78.03 41.09
CA TRP HA 20 66.94 77.48 42.29
C TRP HA 20 67.05 78.43 43.47
N GLU HA 21 68.00 79.36 43.42
CA GLU HA 21 68.28 80.19 44.58
C GLU HA 21 67.25 81.34 44.87
N SER HA 22 67.01 82.25 43.91
CA SER HA 22 66.00 83.33 44.04
C SER HA 22 64.53 82.92 44.00
N GLY HA 23 64.24 81.69 43.58
CA GLY HA 23 62.93 81.09 43.79
C GLY HA 23 61.79 81.39 42.81
N LYS HA 24 62.03 81.56 41.52
CA LYS HA 24 60.89 81.61 40.61
C LYS HA 24 60.75 80.34 39.79
N PHE HA 25 61.68 79.41 40.01
CA PHE HA 25 61.72 78.17 39.24
C PHE HA 25 61.79 76.88 40.06
N LYS HA 26 60.78 76.02 39.88
CA LYS HA 26 60.79 74.69 40.49
C LYS HA 26 61.86 73.87 39.78
N ALA HA 27 62.24 72.77 40.40
CA ALA HA 27 63.19 71.85 39.80
C ALA HA 27 62.69 71.37 38.44
N ALA HA 28 61.39 71.08 38.34
CA ALA HA 28 60.80 70.61 37.09
C ALA HA 28 60.87 71.67 36.00
N ASP HA 29 60.94 72.93 36.41
CA ASP HA 29 61.13 74.02 35.46
C ASP HA 29 62.48 73.89 34.74
N ASN HA 30 63.43 73.24 35.40
CA ASN HA 30 64.80 73.14 34.90
C ASN HA 30 65.17 71.73 34.44
N PHE HA 31 64.21 70.82 34.45
CA PHE HA 31 64.47 69.44 34.08
C PHE HA 31 64.74 69.29 32.58
N PRO HA 32 65.82 68.58 32.21
CA PRO HA 32 66.26 68.53 30.82
C PRO HA 32 65.29 67.70 29.98
N ASP HA 33 65.05 68.13 28.75
CA ASP HA 33 64.19 67.41 27.81
C ASP HA 33 65.06 66.39 27.11
N LEU HA 34 65.03 65.16 27.61
CA LEU HA 34 65.95 64.11 27.16
C LEU HA 34 65.28 63.05 26.30
N SER HA 35 64.36 63.47 25.44
CA SER HA 35 63.55 62.52 24.67
C SER HA 35 64.19 62.08 23.34
N LYS HA 36 65.20 62.79 22.87
CA LYS HA 36 66.02 62.33 21.77
C LYS HA 36 67.09 61.39 22.31
N HIS HA 37 67.60 61.76 23.49
CA HIS HA 37 68.84 61.22 24.01
C HIS HA 37 68.89 59.72 24.18
N ASN HA 38 70.04 59.15 23.85
CA ASN HA 38 70.32 57.73 24.06
C ASN HA 38 71.71 57.63 24.66
N ASN HA 39 71.81 57.86 25.97
CA ASN HA 39 73.05 57.71 26.71
C ASN HA 39 72.81 57.24 28.15
N VAL HA 40 73.87 57.01 28.91
CA VAL HA 40 73.74 56.43 30.25
C VAL HA 40 73.11 57.41 31.21
N MET HA 41 73.36 58.70 31.01
CA MET HA 41 72.63 59.70 31.77
C MET HA 41 71.16 59.69 31.40
N ALA HA 42 70.85 59.55 30.11
CA ALA HA 42 69.46 59.61 29.66
C ALA HA 42 68.64 58.41 30.17
N SER HA 43 69.30 57.28 30.37
CA SER HA 43 68.62 56.08 30.89
C SER HA 43 68.39 56.13 32.40
N GLN HA 44 69.27 56.84 33.11
CA GLN HA 44 69.28 56.74 34.57
C GLN HA 44 68.73 57.96 35.32
N LEU HA 45 68.54 59.07 34.63
CA LEU HA 45 68.02 60.26 35.28
C LEU HA 45 66.53 60.13 35.47
N THR HA 46 66.05 60.57 36.62
CA THR HA 46 64.63 60.55 36.91
C THR HA 46 64.27 61.94 37.44
N LYS HA 47 62.99 62.30 37.35
CA LYS HA 47 62.54 63.58 37.86
C LYS HA 47 62.76 63.66 39.38
N GLU HA 48 62.53 62.54 40.07
CA GLU HA 48 62.75 62.50 41.51
C GLU HA 48 64.23 62.72 41.82
N LEU HA 49 65.09 62.01 41.10
CA LEU HA 49 66.54 62.15 41.27
C LEU HA 49 67.03 63.58 41.06
N TYR HA 50 66.60 64.19 39.95
CA TYR HA 50 67.04 65.54 39.59
C TYR HA 50 66.64 66.55 40.65
N GLU HA 51 65.41 66.42 41.14
CA GLU HA 51 64.84 67.38 42.09
C GLU HA 51 65.54 67.24 43.43
N LYS HA 52 66.06 66.05 43.68
CA LYS HA 52 66.70 65.74 44.93
C LYS HA 52 68.11 66.31 44.99
N TYR HA 53 68.66 66.67 43.84
CA TYR HA 53 70.08 67.04 43.73
C TYR HA 53 70.39 68.44 43.13
N TRP HA 54 69.54 68.90 42.21
CA TRP HA 54 69.83 70.10 41.42
C TRP HA 54 70.33 71.35 42.15
N ASP HA 55 69.93 71.51 43.41
CA ASP HA 55 70.37 72.65 44.20
C ASP HA 55 71.42 72.28 45.25
N LYS HA 56 71.96 71.07 45.13
CA LYS HA 56 72.98 70.58 46.06
C LYS HA 56 74.38 70.73 45.44
N VAL HA 57 75.32 71.23 46.23
CA VAL HA 57 76.59 71.72 45.72
C VAL HA 57 77.78 71.08 46.42
N THR HA 58 78.91 70.98 45.74
CA THR HA 58 80.14 70.47 46.38
C THR HA 58 80.99 71.61 46.95
N PRO HA 59 81.81 71.32 47.96
CA PRO HA 59 82.72 72.25 48.61
C PRO HA 59 83.43 73.22 47.66
N ASN HA 60 83.44 72.90 46.36
CA ASN HA 60 84.14 73.69 45.35
C ASN HA 60 83.20 74.40 44.38
N GLY HA 61 81.90 74.19 44.55
CA GLY HA 61 80.90 74.84 43.71
C GLY HA 61 80.60 74.08 42.43
N VAL HA 62 80.94 72.79 42.40
CA VAL HA 62 80.53 71.89 41.32
C VAL HA 62 79.06 71.54 41.53
N THR HA 63 78.26 71.58 40.46
CA THR HA 63 76.82 71.34 40.59
C THR HA 63 76.36 70.00 40.00
N PHE HA 64 75.06 69.72 40.09
CA PHE HA 64 74.51 68.55 39.43
C PHE HA 64 74.40 68.83 37.93
N ASP HA 65 73.98 70.04 37.59
CA ASP HA 65 73.94 70.42 36.19
C ASP HA 65 75.30 70.32 35.51
N LYS HA 66 76.36 70.67 36.21
CA LYS HA 66 77.70 70.60 35.63
C LYS HA 66 78.04 69.15 35.31
N CYS HA 67 77.78 68.26 36.26
CA CYS HA 67 78.05 66.84 36.10
C CYS HA 67 77.34 66.17 34.90
N ILE HA 68 76.15 66.65 34.56
CA ILE HA 68 75.33 66.02 33.50
C ILE HA 68 75.29 66.75 32.15
N GLN HA 69 75.80 67.97 32.10
CA GLN HA 69 75.62 68.82 30.91
C GLN HA 69 76.07 68.20 29.60
N THR HA 70 77.24 67.57 29.61
CA THR HA 70 77.79 66.91 28.42
C THR HA 70 76.81 65.86 27.90
N GLY HA 71 76.00 65.31 28.80
CA GLY HA 71 75.00 64.33 28.42
C GLY HA 71 73.79 64.97 27.76
N VAL HA 72 73.32 66.07 28.34
CA VAL HA 72 72.19 66.79 27.77
C VAL HA 72 72.58 67.42 26.43
N ASP HA 73 73.86 67.76 26.30
CA ASP HA 73 74.33 68.39 25.06
C ASP HA 73 74.45 67.39 23.93
N ASN HA 74 74.52 66.11 24.28
CA ASN HA 74 74.90 65.05 23.34
C ASN HA 74 73.94 63.86 23.31
N PRO HA 75 72.86 63.97 22.52
CA PRO HA 75 71.82 62.95 22.32
C PRO HA 75 72.30 61.66 21.63
N GLY HA 76 73.14 61.79 20.60
CA GLY HA 76 73.55 60.65 19.79
C GLY HA 76 75.04 60.60 19.54
N ASN HA 77 75.49 59.58 18.82
CA ASN HA 77 76.92 59.40 18.56
C ASN HA 77 77.24 58.95 17.14
N LYS HA 78 78.00 59.76 16.42
CA LYS HA 78 78.35 59.50 15.03
C LYS HA 78 79.21 58.25 14.89
N PHE HA 79 79.76 57.80 16.02
CA PHE HA 79 80.75 56.74 16.00
C PHE HA 79 80.25 55.48 16.72
N TYR HA 80 81.15 54.71 17.31
CA TYR HA 80 80.73 53.43 17.91
C TYR HA 80 80.33 53.56 19.38
N GLY HA 81 79.36 52.74 19.77
CA GLY HA 81 79.00 52.58 21.17
C GLY HA 81 78.09 53.63 21.77
N LYS HA 82 77.56 53.29 22.94
CA LYS HA 82 76.77 54.22 23.76
C LYS HA 82 77.73 55.00 24.64
N LYS HA 83 77.36 56.25 24.93
CA LYS HA 83 78.18 57.11 25.76
C LYS HA 83 77.65 57.20 27.18
N THR HA 84 78.50 57.71 28.07
CA THR HA 84 78.10 57.92 29.46
C THR HA 84 77.23 59.16 29.58
N GLY HA 85 77.66 60.25 28.96
CA GLY HA 85 76.90 61.50 29.03
C GLY HA 85 76.83 62.16 30.41
N CYS HA 86 77.90 62.05 31.19
CA CYS HA 86 77.99 62.75 32.48
C CYS HA 86 79.37 62.50 33.08
N VAL HA 87 79.89 63.51 33.78
CA VAL HA 87 81.24 63.44 34.34
C VAL HA 87 81.25 63.76 35.83
N PHE HA 88 82.43 63.55 36.44
CA PHE HA 88 82.73 64.03 37.79
C PHE HA 88 83.50 65.34 37.67
N GLY HA 89 83.24 66.28 38.58
CA GLY HA 89 83.94 67.55 38.60
C GLY HA 89 85.09 67.54 39.59
N ASP HA 90 84.98 66.72 40.62
CA ASP HA 90 85.93 66.73 41.72
C ASP HA 90 85.83 65.46 42.55
N GLU HA 91 86.59 65.42 43.65
CA GLU HA 91 86.59 64.29 44.54
C GLU HA 91 85.26 64.11 45.27
N TYR HA 92 84.50 65.20 45.39
CA TYR HA 92 83.26 65.22 46.16
C TYR HA 92 82.05 64.74 45.35
N SER HA 93 82.15 64.86 44.02
CA SER HA 93 81.00 64.64 43.14
C SER HA 93 80.31 63.29 43.29
N TYR HA 94 81.06 62.20 43.38
CA TYR HA 94 80.43 60.90 43.50
C TYR HA 94 79.52 60.83 44.73
N GLU HA 95 80.04 61.28 45.87
CA GLU HA 95 79.30 61.21 47.13
C GLU HA 95 78.06 62.08 47.17
N CYS HA 96 78.15 63.32 46.67
CA CYS HA 96 76.99 64.22 46.72
C CYS HA 96 75.84 63.71 45.87
N TYR HA 97 76.15 63.11 44.73
CA TYR HA 97 75.10 62.61 43.84
C TYR HA 97 75.19 61.09 43.65
N LYS HA 98 75.42 60.39 44.76
CA LYS HA 98 75.66 58.95 44.76
C LYS HA 98 74.51 58.14 44.15
N GLU HA 99 73.28 58.43 44.54
CA GLU HA 99 72.13 57.66 44.10
C GLU HA 99 71.97 57.67 42.59
N PHE HA 100 72.39 58.76 41.96
CA PHE HA 100 72.40 58.83 40.50
C PHE HA 100 73.59 58.06 39.92
N PHE HA 101 74.79 58.34 40.42
CA PHE HA 101 75.98 57.72 39.87
C PHE HA 101 75.97 56.21 40.04
N ASP HA 102 75.38 55.74 41.14
CA ASP HA 102 75.22 54.32 41.36
C ASP HA 102 74.47 53.63 40.23
N LYS HA 103 73.41 54.28 39.74
CA LYS HA 103 72.58 53.70 38.67
C LYS HA 103 73.39 53.59 37.40
N CYS HA 104 74.25 54.57 37.17
CA CYS HA 104 75.10 54.58 35.97
C CYS HA 104 76.20 53.54 36.07
N ILE HA 105 76.87 53.51 37.24
CA ILE HA 105 77.94 52.56 37.53
C ILE HA 105 77.50 51.13 37.28
N GLU HA 106 76.26 50.81 37.65
CA GLU HA 106 75.76 49.46 37.47
C GLU HA 106 75.56 49.09 36.01
N GLU HA 107 74.95 49.99 35.24
CA GLU HA 107 74.78 49.76 33.81
C GLU HA 107 76.12 49.49 33.14
N ILE HA 108 77.01 50.48 33.16
CA ILE HA 108 78.32 50.38 32.51
C ILE HA 108 79.15 49.19 32.99
N HIS HA 109 79.34 49.09 34.31
CA HIS HA 109 80.32 48.16 34.86
C HIS HA 109 79.72 46.82 35.29
N HIS HA 110 78.40 46.82 35.56
CA HIS HA 110 77.72 45.67 36.15
C HIS HA 110 78.18 45.52 37.60
N PHE HA 111 78.13 46.63 38.34
CA PHE HA 111 78.71 46.72 39.67
C PHE HA 111 77.74 47.44 40.56
N LYS HA 112 77.28 46.77 41.61
CA LYS HA 112 76.19 47.30 42.43
C LYS HA 112 76.66 48.18 43.60
N PRO HA 113 75.73 48.89 44.25
CA PRO HA 113 76.16 49.69 45.40
C PRO HA 113 76.62 48.79 46.55
N SER HA 114 76.23 47.52 46.48
CA SER HA 114 76.55 46.56 47.54
C SER HA 114 77.95 45.97 47.38
N ASP HA 115 78.53 46.12 46.19
CA ASP HA 115 79.81 45.47 45.85
C ASP HA 115 81.06 46.28 46.21
N LYS HA 116 82.22 45.63 46.17
CA LYS HA 116 83.50 46.28 46.44
C LYS HA 116 84.58 45.88 45.42
N HIS HA 117 85.36 46.87 45.01
CA HIS HA 117 86.40 46.67 44.02
C HIS HA 117 87.53 45.83 44.59
N PRO HA 118 88.00 44.83 43.82
CA PRO HA 118 89.03 43.91 44.29
C PRO HA 118 90.41 44.56 44.38
N ALA HA 119 91.30 43.93 45.15
CA ALA HA 119 92.71 44.34 45.18
C ALA HA 119 93.30 44.35 43.77
N PRO HA 120 94.38 45.10 43.58
CA PRO HA 120 95.02 45.13 42.25
C PRO HA 120 95.73 43.82 41.96
N ASP HA 121 96.05 43.59 40.69
CA ASP HA 121 96.77 42.39 40.29
C ASP HA 121 97.57 42.64 39.02
N LEU HA 122 98.85 42.94 39.19
CA LEU HA 122 99.70 43.34 38.07
C LEU HA 122 100.64 42.23 37.58
N ASP HA 123 100.48 41.02 38.11
CA ASP HA 123 101.30 39.91 37.63
C ASP HA 123 100.95 39.61 36.17
N HIS HA 124 101.66 40.26 35.26
CA HIS HA 124 101.47 40.09 33.84
C HIS HA 124 101.92 38.69 33.42
N ASN HA 125 102.65 38.03 34.32
CA ASN HA 125 103.17 36.68 34.10
C ASN HA 125 102.08 35.63 34.07
N LYS HA 126 101.11 35.77 34.97
CA LYS HA 126 100.02 34.82 35.06
C LYS HA 126 99.03 34.93 33.89
N LEU HA 127 99.36 35.73 32.88
CA LEU HA 127 98.48 35.93 31.72
C LEU HA 127 98.59 34.81 30.68
N VAL HA 128 97.48 34.08 30.50
CA VAL HA 128 97.41 33.02 29.49
C VAL HA 128 97.17 33.57 28.09
N GLY HA 129 97.98 33.13 27.15
CA GLY HA 129 97.99 33.72 25.83
C GLY HA 129 98.54 35.13 25.97
N GLY HA 130 98.07 36.04 25.13
CA GLY HA 130 98.58 37.40 25.12
C GLY HA 130 99.36 37.75 23.87
N VAL HA 131 99.93 36.75 23.21
CA VAL HA 131 100.72 36.99 22.00
C VAL HA 131 100.02 36.47 20.74
N PHE HA 132 99.38 37.37 20.00
CA PHE HA 132 98.57 37.00 18.84
C PHE HA 132 99.34 37.04 17.54
N GLU HA 133 98.71 36.48 16.51
CA GLU HA 133 99.26 36.46 15.17
C GLU HA 133 99.26 37.86 14.57
N ASP HA 134 100.46 38.32 14.25
CA ASP HA 134 100.69 39.53 13.48
C ASP HA 134 99.64 39.82 12.40
N LYS HA 135 99.19 38.78 11.70
CA LYS HA 135 98.23 38.93 10.62
C LYS HA 135 96.96 39.66 11.09
N TYR HA 136 96.63 39.44 12.35
CA TYR HA 136 95.41 39.96 12.94
C TYR HA 136 95.68 41.16 13.84
N VAL HA 137 96.53 40.99 14.84
CA VAL HA 137 96.83 42.11 15.74
C VAL HA 137 97.96 43.00 15.18
N LYS HA 138 97.63 44.28 14.97
CA LYS HA 138 98.53 45.26 14.41
C LYS HA 138 99.22 46.11 15.50
N SER HA 139 98.70 46.06 16.71
CA SER HA 139 99.35 46.68 17.86
C SER HA 139 98.57 46.46 19.13
N CYS HA 140 99.26 46.57 20.26
CA CYS HA 140 98.70 46.26 21.57
C CYS HA 140 99.02 47.49 22.41
N ARG HA 141 98.08 47.91 23.24
CA ARG HA 141 98.23 49.12 24.03
C ARG HA 141 97.51 48.89 25.36
N ILE HA 142 98.02 49.49 26.44
CA ILE HA 142 97.31 49.46 27.72
C ILE HA 142 97.40 50.82 28.42
N ARG HA 143 96.27 51.28 28.95
CA ARG HA 143 96.18 52.63 29.46
C ARG HA 143 95.66 52.61 30.90
N CYS HA 144 95.75 53.74 31.58
CA CYS HA 144 95.03 53.95 32.84
C CYS HA 144 95.05 55.42 33.20
N GLY HA 145 94.02 55.86 33.92
CA GLY HA 145 93.93 57.24 34.39
C GLY HA 145 94.02 57.38 35.92
N ARG HA 146 94.59 58.50 36.35
CA ARG HA 146 94.70 58.86 37.77
C ARG HA 146 94.51 60.37 38.00
N SER HA 147 94.02 60.75 39.17
CA SER HA 147 93.72 62.15 39.43
C SER HA 147 94.39 62.62 40.71
N VAL HA 148 95.01 63.80 40.65
CA VAL HA 148 95.74 64.34 41.77
C VAL HA 148 94.81 64.92 42.83
N LYS HA 149 94.72 64.24 43.96
CA LYS HA 149 93.84 64.65 45.06
C LYS HA 149 93.94 66.15 45.34
N GLY HA 150 92.87 66.71 45.89
CA GLY HA 150 92.86 68.11 46.30
C GLY HA 150 92.71 69.12 45.16
N VAL HA 151 92.56 68.61 43.95
CA VAL HA 151 92.34 69.45 42.77
C VAL HA 151 91.01 69.06 42.11
N CYS HA 152 90.31 70.02 41.53
CA CYS HA 152 89.18 69.70 40.67
C CYS HA 152 89.69 68.85 39.49
N LEU HA 153 88.81 68.05 38.90
CA LEU HA 153 89.15 67.36 37.66
C LEU HA 153 88.97 68.37 36.53
N PRO HA 154 89.46 68.04 35.32
CA PRO HA 154 89.40 68.96 34.17
C PRO HA 154 88.07 69.67 33.89
N PRO HA 155 86.92 68.97 34.04
CA PRO HA 155 85.68 69.63 33.66
C PRO HA 155 85.38 70.96 34.36
N ALA HA 156 85.94 71.18 35.55
CA ALA HA 156 85.71 72.43 36.28
C ALA HA 156 86.96 73.02 36.96
N MET HA 157 88.15 72.56 36.58
CA MET HA 157 89.37 73.02 37.21
C MET HA 157 89.80 74.41 36.72
N SER HA 158 90.54 75.13 37.56
CA SER HA 158 91.05 76.46 37.19
C SER HA 158 92.45 76.43 36.57
N ARG HA 159 92.79 77.48 35.81
CA ARG HA 159 94.12 77.60 35.21
C ARG HA 159 95.25 77.49 36.25
N ALA HA 160 95.04 78.09 37.42
CA ALA HA 160 96.00 77.96 38.53
C ALA HA 160 96.15 76.48 38.93
N GLU HA 161 95.02 75.78 39.03
CA GLU HA 161 95.00 74.35 39.29
C GLU HA 161 95.66 73.55 38.17
N ARG HA 162 95.19 73.75 36.94
CA ARG HA 162 95.74 72.98 35.81
C ARG HA 162 97.26 73.12 35.73
N ARG HA 163 97.73 74.38 35.80
CA ARG HA 163 99.15 74.68 35.90
C ARG HA 163 99.79 73.97 37.11
N LEU HA 164 99.11 73.99 38.24
CA LEU HA 164 99.58 73.31 39.45
C LEU HA 164 99.79 71.82 39.21
N VAL HA 165 98.88 71.22 38.44
CA VAL HA 165 98.95 69.79 38.15
C VAL HA 165 100.08 69.49 37.18
N GLU HA 166 100.29 70.39 36.22
CA GLU HA 166 101.35 70.21 35.22
C GLU HA 166 102.73 70.17 35.87
N LYS HA 167 102.98 71.07 36.81
CA LYS HA 167 104.28 71.16 37.49
C LYS HA 167 104.57 69.99 38.42
N VAL HA 168 103.53 69.49 39.08
CA VAL HA 168 103.66 68.44 40.07
C VAL HA 168 103.97 67.09 39.44
N VAL HA 169 103.32 66.82 38.32
CA VAL HA 169 103.45 65.55 37.61
C VAL HA 169 104.76 65.48 36.81
N SER HA 170 105.06 66.50 36.03
CA SER HA 170 106.30 66.48 35.25
C SER HA 170 107.52 66.41 36.16
N ASP HA 171 107.48 67.16 37.27
CA ASP HA 171 108.54 67.08 38.28
C ASP HA 171 108.65 65.66 38.81
N ALA HA 172 107.50 65.04 39.08
CA ALA HA 172 107.49 63.64 39.54
C ALA HA 172 108.11 62.69 38.51
N LEU HA 173 107.76 62.84 37.24
CA LEU HA 173 108.28 61.94 36.21
C LEU HA 173 109.78 62.22 35.95
N GLY HA 174 110.31 63.21 36.63
CA GLY HA 174 111.73 63.50 36.58
C GLY HA 174 112.49 62.48 37.39
N GLY HA 175 111.77 61.58 38.06
CA GLY HA 175 112.36 60.60 38.93
C GLY HA 175 112.37 59.20 38.35
N LEU HA 176 112.08 59.09 37.06
CA LEU HA 176 112.15 57.80 36.38
C LEU HA 176 113.54 57.64 35.79
N LYS HA 177 114.01 56.39 35.68
CA LYS HA 177 115.38 56.13 35.24
C LYS HA 177 115.47 54.91 34.34
N GLY HA 178 116.66 54.70 33.77
CA GLY HA 178 116.87 53.60 32.85
C GLY HA 178 116.05 53.75 31.58
N ASP HA 179 115.62 52.62 31.03
CA ASP HA 179 114.78 52.60 29.84
C ASP HA 179 113.44 53.32 30.02
N LEU HA 180 113.12 53.67 31.27
CA LEU HA 180 111.92 54.46 31.58
C LEU HA 180 112.27 55.92 31.92
N ALA HA 181 113.50 56.32 31.61
CA ALA HA 181 113.90 57.72 31.71
C ALA HA 181 113.32 58.51 30.54
N GLY HA 182 112.78 59.70 30.83
CA GLY HA 182 112.09 60.48 29.82
C GLY HA 182 112.19 61.98 29.93
N LYS HA 183 111.40 62.67 29.14
CA LYS HA 183 111.34 64.13 29.15
C LYS HA 183 109.89 64.56 28.90
N TYR HA 184 109.55 65.77 29.32
CA TYR HA 184 108.21 66.33 29.14
C TYR HA 184 108.15 67.37 28.00
N TYR HA 185 107.13 67.23 27.15
CA TYR HA 185 106.95 68.11 25.99
C TYR HA 185 105.62 68.88 26.06
N PRO HA 186 105.67 70.13 26.55
CA PRO HA 186 104.45 70.95 26.61
C PRO HA 186 103.94 71.22 25.19
N LEU HA 187 102.62 71.19 25.06
CA LEU HA 187 101.99 71.46 23.79
C LEU HA 187 102.16 72.92 23.35
N THR HA 188 102.05 73.86 24.30
CA THR HA 188 102.04 75.29 23.94
C THR HA 188 103.24 75.73 23.07
N THR HA 189 104.36 75.01 23.13
CA THR HA 189 105.51 75.34 22.29
C THR HA 189 105.76 74.32 21.19
N MET HA 190 104.79 73.42 20.99
CA MET HA 190 104.94 72.38 19.99
C MET HA 190 104.58 72.87 18.61
N ASN HA 191 105.44 72.53 17.66
CA ASN HA 191 105.16 72.81 16.26
C ASN HA 191 103.98 71.96 15.79
N GLU HA 192 103.12 72.54 14.95
CA GLU HA 192 101.92 71.86 14.46
C GLU HA 192 102.16 70.50 13.82
N LYS HA 193 103.10 70.44 12.87
CA LYS HA 193 103.40 69.20 12.16
C LYS HA 193 103.74 68.09 13.17
N ASP HA 194 104.67 68.38 14.08
CA ASP HA 194 105.01 67.47 15.17
C ASP HA 194 103.76 66.94 15.86
N GLN HA 195 103.00 67.82 16.48
CA GLN HA 195 101.73 67.46 17.09
C GLN HA 195 100.87 66.51 16.23
N GLU HA 196 100.73 66.83 14.95
CA GLU HA 196 99.95 65.99 14.03
C GLU HA 196 100.70 64.68 13.69
N GLN HA 197 102.01 64.66 13.92
CA GLN HA 197 102.79 63.47 13.68
C GLN HA 197 102.63 62.45 14.81
N LEU HA 198 102.56 62.96 16.04
CA LEU HA 198 102.41 62.14 17.23
C LEU HA 198 101.00 61.60 17.36
N ILE HA 199 100.04 62.38 16.89
CA ILE HA 199 98.63 61.97 16.88
C ILE HA 199 98.47 60.90 15.82
N GLU HA 200 99.06 61.15 14.67
CA GLU HA 200 99.07 60.19 13.58
C GLU HA 200 99.57 58.83 14.05
N ASP HA 201 100.76 58.81 14.66
CA ASP HA 201 101.40 57.58 15.10
C ASP HA 201 100.76 57.03 16.37
N HIS HA 202 99.57 57.54 16.69
CA HIS HA 202 98.75 57.03 17.80
C HIS HA 202 99.28 57.35 19.20
N PHE HA 203 100.35 58.13 19.28
CA PHE HA 203 101.01 58.37 20.56
C PHE HA 203 100.30 59.42 21.41
N LEU HA 204 100.11 60.60 20.82
CA LEU HA 204 99.56 61.75 21.53
C LEU HA 204 98.04 61.83 21.38
N PHE HA 205 97.41 62.56 22.28
CA PHE HA 205 95.97 62.75 22.24
C PHE HA 205 95.60 63.77 21.19
N GLU HA 206 94.38 63.64 20.66
CA GLU HA 206 93.91 64.40 19.50
C GLU HA 206 93.59 65.86 19.79
N LYS HA 207 93.49 66.65 18.73
CA LYS HA 207 93.06 68.03 18.85
C LYS HA 207 91.72 68.08 19.58
N PRO HA 208 91.49 69.14 20.35
CA PRO HA 208 90.40 69.27 21.33
C PRO HA 208 89.00 69.39 20.73
N THR HA 209 88.61 68.41 19.90
CA THR HA 209 87.34 68.48 19.19
C THR HA 209 86.34 67.39 19.61
N GLY HA 210 86.73 66.60 20.62
CA GLY HA 210 85.85 65.56 21.15
C GLY HA 210 84.53 66.10 21.69
N ALA HA 211 83.47 65.34 21.43
CA ALA HA 211 82.13 65.74 21.88
C ALA HA 211 82.00 65.80 23.40
N LEU HA 212 82.55 64.82 24.11
CA LEU HA 212 82.58 64.92 25.56
C LEU HA 212 83.52 66.07 25.91
N LEU HA 213 84.78 65.93 25.51
CA LEU HA 213 85.85 66.84 25.93
C LEU HA 213 85.48 68.33 25.99
N THR HA 214 84.77 68.79 24.96
CA THR HA 214 84.54 70.21 24.77
C THR HA 214 83.35 70.64 25.61
N THR HA 215 82.23 69.97 25.36
CA THR HA 215 80.98 70.29 25.99
C THR HA 215 81.01 70.08 27.50
N SER HA 216 82.02 69.36 27.99
CA SER HA 216 82.18 69.05 29.42
C SER HA 216 83.09 70.02 30.18
N GLY HA 217 83.66 70.99 29.48
CA GLY HA 217 84.55 71.95 30.10
C GLY HA 217 86.03 71.63 29.99
N CYS HA 218 86.36 70.43 29.52
CA CYS HA 218 87.73 69.93 29.60
C CYS HA 218 88.67 70.56 28.59
N ALA HA 219 88.14 71.50 27.79
CA ALA HA 219 88.94 72.08 26.72
C ALA HA 219 89.16 73.58 26.88
N ARG HA 220 88.96 74.06 28.10
CA ARG HA 220 89.21 75.45 28.47
C ARG HA 220 90.71 75.77 28.48
N ASP HA 221 91.08 76.84 27.77
CA ASP HA 221 92.44 77.36 27.81
C ASP HA 221 93.43 76.44 27.13
N TRP HA 222 93.00 75.79 26.06
CA TRP HA 222 93.91 74.93 25.32
C TRP HA 222 95.06 75.81 24.84
N PRO HA 223 96.31 75.29 24.88
CA PRO HA 223 96.77 74.02 25.43
C PRO HA 223 97.50 74.23 26.75
N ASP HA 224 97.28 75.38 27.37
CA ASP HA 224 97.92 75.74 28.62
C ASP HA 224 97.87 74.53 29.58
N GLY HA 225 99.02 74.11 30.10
CA GLY HA 225 99.05 73.04 31.06
C GLY HA 225 99.00 71.66 30.42
N ARG HA 226 98.81 71.63 29.10
CA ARG HA 226 98.72 70.36 28.37
C ARG HA 226 100.03 69.95 27.68
N GLY HA 227 100.38 68.67 27.79
CA GLY HA 227 101.49 68.12 27.04
C GLY HA 227 101.71 66.63 27.22
N ILE HA 228 102.63 66.07 26.46
CA ILE HA 228 102.93 64.64 26.56
C ILE HA 228 104.33 64.35 27.14
N TRP HA 229 104.40 63.38 28.04
CA TRP HA 229 105.67 62.85 28.50
C TRP HA 229 106.00 61.53 27.77
N HIS HA 230 107.25 61.36 27.36
CA HIS HA 230 107.67 60.02 26.92
C HIS HA 230 109.16 59.69 27.11
N ASN HA 231 109.46 58.40 27.14
CA ASN HA 231 110.83 57.94 27.18
C ASN HA 231 111.41 57.96 25.77
N ASN HA 232 112.60 57.37 25.59
CA ASN HA 232 113.28 57.37 24.29
C ASN HA 232 112.64 56.47 23.24
N GLU HA 233 112.15 55.31 23.66
CA GLU HA 233 111.48 54.38 22.75
C GLU HA 233 110.07 54.82 22.37
N LYS HA 234 109.50 55.73 23.14
CA LYS HA 234 108.09 56.07 23.02
C LYS HA 234 107.25 54.80 23.08
N ASN HA 235 107.66 53.88 23.95
CA ASN HA 235 106.83 52.72 24.27
C ASN HA 235 106.17 52.90 25.62
N PHE HA 236 106.65 53.88 26.39
CA PHE HA 236 106.05 54.26 27.66
C PHE HA 236 105.78 55.78 27.62
N LEU HA 237 104.54 56.20 27.87
CA LEU HA 237 104.17 57.62 27.77
C LEU HA 237 103.18 57.99 28.85
N VAL HA 238 102.96 59.30 29.03
CA VAL HA 238 102.02 59.83 30.04
C VAL HA 238 101.33 61.12 29.58
N TRP HA 239 99.99 61.11 29.47
CA TRP HA 239 99.27 62.32 29.07
C TRP HA 239 98.88 63.19 30.27
N ILE HA 240 99.35 64.43 30.27
CA ILE HA 240 99.06 65.35 31.37
C ILE HA 240 98.06 66.42 30.95
N ASN HA 241 96.88 66.37 31.58
CA ASN HA 241 95.87 67.43 31.47
C ASN HA 241 94.98 67.42 30.22
N GLU HA 242 94.91 66.29 29.53
CA GLU HA 242 93.89 66.15 28.51
C GLU HA 242 92.57 65.93 29.25
N GLU HA 243 91.87 64.87 28.91
CA GLU HA 243 90.62 64.57 29.59
C GLU HA 243 90.81 64.35 31.10
N ASP HA 244 91.98 63.85 31.50
CA ASP HA 244 92.30 63.61 32.93
C ASP HA 244 93.64 64.17 33.37
N HIS HA 245 93.82 64.33 34.68
CA HIS HA 245 95.09 64.81 35.22
C HIS HA 245 96.26 64.01 34.64
N ILE HA 246 96.11 62.69 34.54
CA ILE HA 246 97.20 61.81 34.11
C ILE HA 246 96.67 60.57 33.43
N ARG HA 247 97.26 60.20 32.30
CA ARG HA 247 97.02 58.90 31.70
C ARG HA 247 98.36 58.24 31.34
N VAL HA 248 98.69 57.14 32.03
CA VAL HA 248 99.93 56.37 31.85
C VAL HA 248 99.76 55.30 30.77
N ILE HA 249 100.69 55.23 29.82
CA ILE HA 249 100.50 54.39 28.64
C ILE HA 249 101.68 53.45 28.37
N SER HA 250 101.35 52.26 27.87
CA SER HA 250 102.32 51.32 27.32
C SER HA 250 101.80 50.79 25.98
N MET HA 251 102.63 50.82 24.95
CA MET HA 251 102.21 50.29 23.66
C MET HA 251 103.40 49.83 22.85
N GLN HA 252 103.16 48.98 21.84
CA GLN HA 252 104.19 48.61 20.89
C GLN HA 252 103.59 47.87 19.68
N LYS HA 253 104.25 48.00 18.53
CA LYS HA 253 103.72 47.41 17.30
C LYS HA 253 103.89 45.88 17.24
N GLY HA 254 102.90 45.21 16.65
CA GLY HA 254 102.86 43.75 16.64
C GLY HA 254 101.75 43.19 17.52
N GLY HA 255 101.85 41.90 17.85
CA GLY HA 255 100.80 41.23 18.59
C GLY HA 255 101.06 40.88 20.05
N ASP HA 256 102.21 41.29 20.58
CA ASP HA 256 102.66 40.86 21.92
C ASP HA 256 102.07 41.66 23.09
N LEU HA 257 100.82 41.36 23.43
CA LEU HA 257 100.09 42.07 24.48
C LEU HA 257 100.67 41.78 25.86
N LYS HA 258 101.32 40.63 25.99
CA LYS HA 258 101.81 40.21 27.30
C LYS HA 258 103.00 41.05 27.74
N ALA HA 259 103.82 41.49 26.78
CA ALA HA 259 104.95 42.36 27.08
C ALA HA 259 104.49 43.81 27.32
N VAL HA 260 103.58 44.28 26.47
CA VAL HA 260 102.96 45.59 26.65
C VAL HA 260 102.48 45.75 28.10
N PHE HA 261 101.99 44.65 28.66
CA PHE HA 261 101.44 44.62 30.01
C PHE HA 261 102.57 44.54 31.05
N SER HA 262 103.68 43.90 30.68
CA SER HA 262 104.85 43.80 31.57
C SER HA 262 105.38 45.18 31.91
N ARG HA 263 105.62 45.99 30.88
CA ARG HA 263 106.11 47.34 31.04
C ARG HA 263 105.07 48.31 31.62
N PHE HA 264 103.78 48.05 31.37
CA PHE HA 264 102.71 48.87 31.90
C PHE HA 264 102.64 48.81 33.43
N ALA HA 265 102.83 47.61 33.96
CA ALA HA 265 102.92 47.43 35.40
C ALA HA 265 104.22 48.08 35.89
N ARG HA 266 105.35 47.49 35.53
CA ARG HA 266 106.66 48.04 35.87
C ARG HA 266 106.66 49.56 35.92
N GLY HA 267 106.10 50.18 34.88
CA GLY HA 267 106.10 51.61 34.73
C GLY HA 267 105.10 52.32 35.63
N LEU HA 268 103.88 51.78 35.71
CA LEU HA 268 102.84 52.34 36.58
C LEU HA 268 103.34 52.43 38.01
N LEU HA 269 103.52 51.27 38.63
CA LEU HA 269 104.18 51.17 39.93
C LEU HA 269 105.27 52.20 40.16
N GLU HA 270 106.14 52.39 39.17
CA GLU HA 270 107.19 53.39 39.30
C GLU HA 270 106.56 54.77 39.41
N VAL HA 271 105.63 55.03 38.50
CA VAL HA 271 104.99 56.33 38.40
C VAL HA 271 104.15 56.62 39.65
N GLU HA 272 103.54 55.58 40.22
CA GLU HA 272 102.74 55.72 41.43
C GLU HA 272 103.66 55.90 42.64
N ARG HA 273 104.86 55.35 42.53
CA ARG HA 273 105.83 55.43 43.60
C ARG HA 273 106.38 56.85 43.74
N LEU HA 274 106.72 57.46 42.61
CA LEU HA 274 107.20 58.84 42.60
C LEU HA 274 106.11 59.87 42.88
N MET HA 275 104.85 59.49 42.70
CA MET HA 275 103.78 60.45 42.97
C MET HA 275 103.53 60.53 44.46
N LYS HA 276 103.61 59.37 45.11
CA LYS HA 276 103.52 59.27 46.57
C LYS HA 276 104.75 59.91 47.18
N GLU HA 277 105.92 59.44 46.75
CA GLU HA 277 107.22 59.91 47.23
C GLU HA 277 107.33 61.44 47.27
N CYS HA 278 106.70 62.10 46.30
CA CYS HA 278 106.70 63.57 46.25
C CYS HA 278 105.55 64.21 47.03
N GLY HA 279 104.62 63.39 47.52
CA GLY HA 279 103.61 63.84 48.45
C GLY HA 279 102.30 64.31 47.85
N HIS HA 280 101.98 63.78 46.68
CA HIS HA 280 100.69 64.09 46.06
C HIS HA 280 99.86 62.82 45.97
N GLY HA 281 98.84 62.72 46.83
CA GLY HA 281 97.96 61.58 46.80
C GLY HA 281 97.02 61.64 45.61
N LEU HA 282 96.86 60.51 44.92
CA LEU HA 282 95.91 60.43 43.82
C LEU HA 282 94.49 60.15 44.35
N MET HA 283 93.48 60.54 43.58
CA MET HA 283 92.10 60.31 44.01
C MET HA 283 91.73 58.83 44.05
N HIS HA 284 91.60 58.32 45.27
CA HIS HA 284 91.27 56.91 45.49
C HIS HA 284 90.07 56.75 46.42
N ASN HA 285 89.28 55.72 46.16
CA ASN HA 285 88.07 55.42 46.92
C ASN HA 285 88.23 54.04 47.50
N ASP HA 286 87.45 53.71 48.51
CA ASP HA 286 87.62 52.41 49.16
C ASP HA 286 86.83 51.32 48.46
N ARG HA 287 85.66 51.67 47.97
CA ARG HA 287 84.79 50.74 47.29
C ARG HA 287 85.15 50.72 45.82
N LEU HA 288 85.39 51.91 45.26
CA LEU HA 288 85.45 52.07 43.81
C LEU HA 288 86.86 52.06 43.20
N GLY HA 289 87.88 52.07 44.05
CA GLY HA 289 89.25 52.14 43.55
C GLY HA 289 89.59 53.57 43.15
N TYR HA 290 90.29 53.73 42.04
CA TYR HA 290 90.70 55.05 41.57
C TYR HA 290 89.59 55.82 40.87
N ILE HA 291 89.71 57.14 40.83
CA ILE HA 291 88.61 57.99 40.38
C ILE HA 291 89.05 59.11 39.44
N CYS HA 292 88.57 59.05 38.19
CA CYS HA 292 88.82 60.09 37.20
C CYS HA 292 87.58 60.89 36.79
N THR HA 293 87.68 61.54 35.63
CA THR HA 293 86.64 62.42 35.14
C THR HA 293 85.36 61.68 34.74
N CYS HA 294 85.50 60.48 34.17
CA CYS HA 294 84.33 59.74 33.72
C CYS HA 294 84.12 58.39 34.41
N PRO HA 295 82.86 58.15 34.85
CA PRO HA 295 82.41 56.89 35.46
C PRO HA 295 82.85 55.63 34.70
N THR HA 296 83.03 55.71 33.39
CA THR HA 296 83.62 54.58 32.68
C THR HA 296 85.02 54.35 33.27
N ASN HA 297 85.71 55.45 33.58
CA ASN HA 297 87.09 55.37 34.02
C ASN HA 297 87.22 55.35 35.55
N MET HA 298 86.97 54.18 36.12
CA MET HA 298 86.98 53.96 37.56
C MET HA 298 87.60 52.58 37.86
N GLY HA 299 87.75 52.25 39.14
CA GLY HA 299 88.32 50.97 39.52
C GLY HA 299 89.80 50.85 39.27
N THR HA 300 90.15 50.05 38.25
CA THR HA 300 91.52 49.91 37.77
C THR HA 300 91.86 51.04 36.80
N VAL HA 301 90.82 51.67 36.26
CA VAL HA 301 90.92 52.63 35.15
C VAL HA 301 91.62 52.05 33.91
N VAL HA 302 91.76 50.73 33.85
CA VAL HA 302 92.43 50.09 32.73
C VAL HA 302 91.57 50.08 31.47
N ARG HA 303 92.21 50.29 30.33
CA ARG HA 303 91.64 49.99 29.03
C ARG HA 303 92.77 49.38 28.25
N ALA HA 304 92.73 48.07 28.05
CA ALA HA 304 93.70 47.38 27.23
C ALA HA 304 93.13 47.29 25.83
N SER HA 305 93.98 47.41 24.82
CA SER HA 305 93.45 47.42 23.47
C SER HA 305 94.42 46.85 22.48
N VAL HA 306 93.87 46.29 21.42
CA VAL HA 306 94.67 45.81 20.31
C VAL HA 306 94.05 46.36 19.04
N HIS HA 307 94.84 46.41 17.97
CA HIS HA 307 94.31 46.70 16.65
C HIS HA 307 94.20 45.36 15.95
N LEU HA 308 92.96 44.97 15.68
CA LEU HA 308 92.61 43.62 15.31
C LEU HA 308 91.92 43.66 13.95
N ARG HA 309 92.52 43.01 12.96
CA ARG HA 309 91.96 43.06 11.61
C ARG HA 309 91.01 41.90 11.33
N LEU HA 310 89.76 42.25 10.98
CA LEU HA 310 88.73 41.25 10.77
C LEU HA 310 88.06 41.33 9.40
N ALA HA 311 88.83 41.04 8.36
CA ALA HA 311 88.33 41.10 6.98
C ALA HA 311 86.94 40.48 6.79
N PHE HA 312 86.70 39.36 7.46
CA PHE HA 312 85.51 38.55 7.21
C PHE HA 312 84.42 38.71 8.28
N LEU HA 313 84.82 38.89 9.53
CA LEU HA 313 83.88 38.92 10.63
C LEU HA 313 83.06 40.21 10.65
N GLU HA 314 83.68 41.30 10.21
CA GLU HA 314 83.02 42.60 10.23
C GLU HA 314 81.81 42.63 9.30
N LYS HA 315 81.79 41.71 8.34
CA LYS HA 315 80.69 41.63 7.38
C LYS HA 315 79.50 40.88 7.99
N HIS HA 316 79.71 40.25 9.13
CA HIS HA 316 78.69 39.40 9.76
C HIS HA 316 77.73 40.21 10.64
N PRO HA 317 76.43 39.89 10.57
CA PRO HA 317 75.31 40.55 11.27
C PRO HA 317 75.32 40.44 12.79
N ARG HA 318 76.03 39.46 13.35
CA ARG HA 318 76.10 39.33 14.80
C ARG HA 318 77.48 39.75 15.35
N PHE HA 319 78.16 40.62 14.60
CA PHE HA 319 79.43 41.19 15.02
C PHE HA 319 79.29 41.99 16.33
N ASP HA 320 78.51 43.08 16.29
CA ASP HA 320 78.36 43.97 17.44
C ASP HA 320 77.64 43.32 18.61
N GLU HA 321 76.74 42.38 18.29
CA GLU HA 321 76.14 41.53 19.30
C GLU HA 321 77.23 40.76 20.07
N MET HA 322 78.12 40.08 19.35
CA MET HA 322 79.18 39.30 19.97
C MET HA 322 80.09 40.18 20.86
N LEU HA 323 80.50 41.34 20.35
CA LEU HA 323 81.36 42.24 21.11
C LEU HA 323 80.73 42.62 22.44
N GLY HA 324 79.46 43.02 22.38
CA GLY HA 324 78.71 43.41 23.56
C GLY HA 324 78.53 42.26 24.53
N LYS HA 325 78.42 41.04 24.00
CA LYS HA 325 78.32 39.85 24.84
C LYS HA 325 79.68 39.46 25.41
N LEU HA 326 80.73 39.74 24.65
CA LEU HA 326 82.10 39.52 25.11
C LEU HA 326 82.64 40.64 26.01
N ARG HA 327 81.78 41.57 26.43
CA ARG HA 327 82.17 42.68 27.31
C ARG HA 327 83.36 43.49 26.76
N LEU HA 328 83.33 43.75 25.46
CA LEU HA 328 84.37 44.53 24.80
C LEU HA 328 83.78 45.80 24.17
N GLY HA 329 84.53 46.90 24.22
CA GLY HA 329 84.13 48.10 23.50
C GLY HA 329 84.65 48.07 22.06
N LYS HA 330 84.12 48.93 21.23
CA LYS HA 330 84.57 48.98 19.84
C LYS HA 330 84.85 50.43 19.46
N ARG HA 331 85.95 50.63 18.75
CA ARG HA 331 86.37 51.98 18.38
C ARG HA 331 87.14 51.88 17.07
N GLY HA 332 87.13 52.96 16.28
CA GLY HA 332 87.86 52.98 15.03
C GLY HA 332 89.35 53.07 15.23
N THR HA 333 90.09 53.06 14.13
CA THR HA 333 91.55 52.97 14.14
C THR HA 333 92.21 54.19 14.79
N GLY HA 334 91.51 55.32 14.76
CA GLY HA 334 92.02 56.54 15.37
C GLY HA 334 91.45 56.79 16.77
N GLY HA 335 90.89 55.75 17.36
CA GLY HA 335 90.30 55.85 18.68
C GLY HA 335 88.79 56.04 18.69
N GLU HA 336 88.31 56.52 19.83
CA GLU HA 336 86.88 56.69 20.10
C GLU HA 336 86.11 57.47 19.00
N SER HA 337 86.64 58.61 18.56
CA SER HA 337 85.98 59.37 17.51
C SER HA 337 86.62 59.08 16.14
N SER HA 338 86.51 57.83 15.73
CA SER HA 338 86.95 57.39 14.42
C SER HA 338 86.33 56.04 14.12
N LEU HA 339 86.32 55.66 12.86
CA LEU HA 339 85.76 54.38 12.47
C LEU HA 339 86.90 53.50 12.00
N ALA HA 340 86.66 52.20 11.91
CA ALA HA 340 87.68 51.28 11.41
C ALA HA 340 88.23 51.76 10.08
N THR HA 341 89.44 51.29 9.77
CA THR HA 341 90.02 51.48 8.46
C THR HA 341 90.71 50.16 8.11
N ASP HA 342 90.65 49.77 6.84
CA ASP HA 342 91.19 48.49 6.42
C ASP HA 342 90.75 47.33 7.31
N SER HA 343 89.46 47.33 7.67
CA SER HA 343 88.88 46.20 8.39
C SER HA 343 89.48 46.01 9.78
N THR HA 344 90.10 47.07 10.32
CA THR HA 344 90.81 46.99 11.60
C THR HA 344 90.08 47.77 12.72
N TYR HA 345 90.06 47.18 13.92
CA TYR HA 345 89.22 47.71 15.01
C TYR HA 345 89.94 47.78 16.36
N ASP HA 346 90.01 48.98 16.92
CA ASP HA 346 90.30 49.15 18.34
C ASP HA 346 89.32 48.27 19.10
N ILE HA 347 89.84 47.26 19.80
CA ILE HA 347 89.00 46.41 20.66
C ILE HA 347 89.58 46.39 22.05
N SER HA 348 88.76 46.73 23.04
CA SER HA 348 89.24 46.92 24.39
C SER HA 348 88.31 46.23 25.36
N ASN HA 349 88.71 46.16 26.62
CA ASN HA 349 87.76 45.77 27.65
C ASN HA 349 86.83 46.94 27.94
N TRP HA 350 85.59 46.64 28.32
CA TRP HA 350 84.61 47.67 28.64
C TRP HA 350 84.55 47.97 30.14
N ALA HA 351 84.42 46.92 30.96
CA ALA HA 351 84.43 47.08 32.41
C ALA HA 351 85.84 47.41 32.92
N ARG HA 352 85.90 48.30 33.91
CA ARG HA 352 87.16 48.68 34.53
C ARG HA 352 87.00 48.68 36.05
N LEU HA 353 85.75 48.62 36.50
CA LEU HA 353 85.43 48.51 37.93
C LEU HA 353 84.87 47.14 38.27
N GLY HA 354 85.31 46.59 39.39
CA GLY HA 354 84.80 45.32 39.90
C GLY HA 354 85.67 44.12 39.61
N LYS HA 355 86.73 44.34 38.82
CA LYS HA 355 87.69 43.30 38.47
C LYS HA 355 89.10 43.86 38.47
N SER HA 356 90.08 42.95 38.55
CA SER HA 356 91.48 43.30 38.66
C SER HA 356 92.09 43.59 37.29
N GLU HA 357 93.30 44.15 37.28
CA GLU HA 357 93.98 44.45 36.03
C GLU HA 357 94.20 43.18 35.19
N ARG HA 358 94.61 42.08 35.82
CA ARG HA 358 94.85 40.86 35.04
C ARG HA 358 93.58 40.31 34.42
N GLU HA 359 92.50 40.28 35.21
CA GLU HA 359 91.22 39.80 34.72
C GLU HA 359 90.83 40.52 33.43
N LEU HA 360 90.83 41.85 33.46
CA LEU HA 360 90.40 42.63 32.31
C LEU HA 360 91.27 42.41 31.06
N VAL HA 361 92.57 42.15 31.25
CA VAL HA 361 93.45 41.86 30.12
C VAL HA 361 93.12 40.49 29.53
N GLN HA 362 92.81 39.53 30.41
CA GLN HA 362 92.47 38.18 29.98
C GLN HA 362 91.11 38.19 29.31
N VAL HA 363 90.26 39.13 29.71
CA VAL HA 363 88.97 39.33 29.06
C VAL HA 363 89.19 39.76 27.60
N LEU HA 364 90.04 40.78 27.40
CA LEU HA 364 90.43 41.16 26.05
C LEU HA 364 90.93 39.95 25.28
N VAL HA 365 91.82 39.19 25.90
CA VAL HA 365 92.45 38.06 25.20
C VAL HA 365 91.43 36.99 24.79
N ASP HA 366 90.64 36.54 25.76
CA ASP HA 366 89.58 35.57 25.47
C ASP HA 366 88.67 36.14 24.38
N GLY HA 367 88.18 37.36 24.63
CA GLY HA 367 87.40 38.08 23.64
C GLY HA 367 88.01 37.99 22.24
N VAL HA 368 89.31 38.26 22.15
CA VAL HA 368 90.01 38.36 20.87
C VAL HA 368 90.37 37.02 20.24
N ASN HA 369 90.41 35.98 21.06
CA ASN HA 369 90.68 34.65 20.53
C ASN HA 369 89.45 34.16 19.78
N LEU HA 370 88.29 34.43 20.37
CA LEU HA 370 87.02 33.96 19.82
C LEU HA 370 86.64 34.74 18.55
N LEU HA 371 87.08 35.98 18.47
CA LEU HA 371 86.88 36.80 17.28
C LEU HA 371 87.72 36.29 16.13
N ILE HA 372 89.00 36.04 16.40
CA ILE HA 372 89.91 35.55 15.38
C ILE HA 372 89.48 34.16 14.89
N ALA HA 373 88.99 33.37 15.85
CA ALA HA 373 88.47 32.04 15.57
C ALA HA 373 87.22 32.10 14.70
N CYS HA 374 86.45 33.17 14.84
CA CYS HA 374 85.23 33.37 14.08
C CYS HA 374 85.52 33.96 12.70
N ASP HA 375 86.58 34.77 12.62
CA ASP HA 375 87.06 35.26 11.34
C ASP HA 375 87.56 34.08 10.51
N LYS HA 376 88.19 33.13 11.17
CA LYS HA 376 88.78 31.97 10.48
C LYS HA 376 87.74 31.01 9.91
N LYS HA 377 86.67 30.78 10.65
CA LYS HA 377 85.58 29.90 10.19
C LYS HA 377 84.88 30.51 8.98
N LEU HA 378 84.60 31.81 9.06
CA LEU HA 378 83.96 32.53 7.98
C LEU HA 378 84.83 32.51 6.72
N GLU HA 379 86.13 32.74 6.88
CA GLU HA 379 87.02 32.72 5.72
C GLU HA 379 86.97 31.36 5.04
N ALA HA 380 86.78 30.31 5.83
CA ALA HA 380 86.66 28.95 5.30
C ALA HA 380 85.30 28.72 4.63
N GLY HA 381 84.37 29.65 4.82
CA GLY HA 381 83.02 29.50 4.29
C GLY HA 381 82.14 28.69 5.23
N GLN HA 382 82.43 28.78 6.52
CA GLN HA 382 81.71 28.02 7.53
C GLN HA 382 80.93 28.90 8.51
N SER HA 383 79.94 28.29 9.17
CA SER HA 383 78.99 29.00 10.02
C SER HA 383 79.49 29.22 11.45
N ILE HA 384 79.06 30.31 12.07
CA ILE HA 384 79.52 30.67 13.40
C ILE HA 384 78.37 30.97 14.35
N ASP HA 385 77.17 30.54 13.95
CA ASP HA 385 75.97 30.78 14.73
C ASP HA 385 76.06 30.21 16.13
N ASP HA 386 76.67 29.03 16.25
CA ASP HA 386 76.82 28.34 17.54
C ASP HA 386 77.96 28.91 18.38
N MET HA 387 78.88 29.61 17.73
CA MET HA 387 80.08 30.11 18.42
C MET HA 387 79.83 31.49 19.01
N ILE HA 388 78.62 32.00 18.84
CA ILE HA 388 78.26 33.28 19.42
C ILE HA 388 77.59 33.08 20.77
N PRO HA 389 78.12 33.75 21.81
CA PRO HA 389 77.71 33.61 23.22
C PRO HA 389 76.19 33.57 23.34
N LYS HA 390 75.68 32.66 24.17
CA LYS HA 390 74.23 32.47 24.30
C LYS HA 390 73.53 33.54 25.14
N PHE IA 25 116.83 2.00 80.09
CA PHE IA 25 116.97 2.54 78.74
C PHE IA 25 116.70 4.05 78.69
N LYS IA 26 117.68 4.83 78.25
CA LYS IA 26 117.46 6.26 77.99
C LYS IA 26 116.91 6.48 76.59
N ALA IA 27 116.28 7.63 76.35
CA ALA IA 27 115.77 7.98 75.03
C ALA IA 27 116.88 7.86 73.98
N ALA IA 28 118.10 8.25 74.37
CA ALA IA 28 119.27 8.14 73.49
C ALA IA 28 119.49 6.71 73.03
N ASP IA 29 119.03 5.77 73.85
CA ASP IA 29 119.16 4.35 73.55
C ASP IA 29 118.20 3.93 72.45
N ASN IA 30 117.04 4.55 72.43
CA ASN IA 30 116.00 4.15 71.49
C ASN IA 30 116.04 4.97 70.21
N PHE IA 31 116.84 6.04 70.20
CA PHE IA 31 116.89 6.97 69.09
C PHE IA 31 117.23 6.28 67.76
N PRO IA 32 116.50 6.64 66.69
CA PRO IA 32 116.65 6.01 65.37
C PRO IA 32 117.95 6.37 64.62
N ASP IA 33 118.46 5.40 63.87
CA ASP IA 33 119.57 5.64 62.96
C ASP IA 33 118.96 6.08 61.64
N LEU IA 34 119.04 7.38 61.37
CA LEU IA 34 118.49 7.94 60.14
C LEU IA 34 119.58 8.51 59.24
N SER IA 35 120.79 7.97 59.38
CA SER IA 35 121.92 8.33 58.53
C SER IA 35 121.62 8.10 57.05
N LYS IA 36 120.76 7.12 56.74
CA LYS IA 36 120.48 6.75 55.35
C LYS IA 36 119.22 7.42 54.79
N HIS IA 37 118.50 8.15 55.64
CA HIS IA 37 117.15 8.58 55.31
C HIS IA 37 117.04 9.92 54.59
N ASN IA 38 115.94 10.06 53.85
CA ASN IA 38 115.59 11.28 53.14
C ASN IA 38 114.07 11.50 53.18
N ASN IA 39 113.61 12.15 54.23
CA ASN IA 39 112.19 12.46 54.39
C ASN IA 39 112.00 13.53 55.47
N VAL IA 40 110.79 14.09 55.55
CA VAL IA 40 110.58 15.24 56.43
C VAL IA 40 110.85 14.94 57.91
N MET IA 41 110.35 13.82 58.42
CA MET IA 41 110.65 13.40 59.79
C MET IA 41 112.15 13.37 60.06
N ALA IA 42 112.91 12.77 59.14
CA ALA IA 42 114.37 12.69 59.28
C ALA IA 42 115.03 14.06 59.10
N SER IA 43 114.44 14.87 58.24
CA SER IA 43 115.03 16.17 57.92
C SER IA 43 114.89 17.13 59.10
N GLN IA 44 113.97 16.81 60.01
CA GLN IA 44 113.60 17.72 61.10
C GLN IA 44 113.85 17.20 62.52
N LEU IA 45 113.88 15.88 62.70
CA LEU IA 45 114.04 15.31 64.04
C LEU IA 45 115.43 15.50 64.66
N THR IA 46 115.47 16.00 65.89
CA THR IA 46 116.72 16.15 66.62
C THR IA 46 116.74 15.24 67.85
N LYS IA 47 117.90 15.13 68.48
CA LYS IA 47 118.04 14.40 69.72
C LYS IA 47 117.32 15.10 70.87
N GLU IA 48 117.36 16.43 70.88
CA GLU IA 48 116.60 17.16 71.87
C GLU IA 48 115.15 16.75 71.72
N LEU IA 49 114.67 16.79 70.48
CA LEU IA 49 113.26 16.49 70.19
C LEU IA 49 112.84 15.08 70.58
N TYR IA 50 113.61 14.07 70.18
CA TYR IA 50 113.26 12.71 70.56
C TYR IA 50 113.10 12.58 72.08
N GLU IA 51 114.11 13.02 72.82
CA GLU IA 51 114.12 12.88 74.26
C GLU IA 51 113.06 13.73 74.95
N LYS IA 52 112.64 14.81 74.30
CA LYS IA 52 111.55 15.60 74.84
C LYS IA 52 110.22 14.84 74.79
N TYR IA 53 109.98 14.16 73.69
CA TYR IA 53 108.67 13.58 73.41
C TYR IA 53 108.58 12.06 73.60
N TRP IA 54 109.72 11.38 73.58
CA TRP IA 54 109.72 9.92 73.45
C TRP IA 54 108.86 9.21 74.49
N ASP IA 55 108.65 9.84 75.64
CA ASP IA 55 107.95 9.18 76.76
C ASP IA 55 106.62 9.84 77.11
N LYS IA 56 106.10 10.66 76.21
CA LYS IA 56 104.79 11.26 76.39
C LYS IA 56 103.78 10.48 75.55
N VAL IA 57 102.58 10.29 76.08
CA VAL IA 57 101.56 9.48 75.43
C VAL IA 57 100.20 10.20 75.45
N THR IA 58 99.46 10.12 74.34
CA THR IA 58 98.19 10.83 74.20
C THR IA 58 97.03 10.18 74.98
N PRO IA 59 95.91 10.93 75.13
CA PRO IA 59 94.75 10.43 75.88
C PRO IA 59 94.29 9.08 75.37
N ASN IA 60 94.54 8.82 74.09
CA ASN IA 60 94.17 7.56 73.43
C ASN IA 60 95.31 6.54 73.34
N GLY IA 61 96.35 6.74 74.15
CA GLY IA 61 97.48 5.81 74.21
C GLY IA 61 98.44 5.83 73.02
N VAL IA 62 98.36 6.87 72.20
CA VAL IA 62 99.21 6.98 71.01
C VAL IA 62 100.59 7.51 71.40
N THR IA 63 101.65 6.94 70.84
CA THR IA 63 103.00 7.35 71.24
C THR IA 63 103.68 8.18 70.14
N PHE IA 64 104.89 8.65 70.43
CA PHE IA 64 105.69 9.42 69.47
C PHE IA 64 106.38 8.47 68.50
N ASP IA 65 106.96 7.40 69.04
CA ASP IA 65 107.60 6.38 68.23
C ASP IA 65 106.57 5.76 67.27
N LYS IA 66 105.29 5.95 67.59
CA LYS IA 66 104.20 5.47 66.77
C LYS IA 66 103.98 6.42 65.59
N CYS IA 67 104.16 7.71 65.85
CA CYS IA 67 103.92 8.74 64.84
C CYS IA 67 105.07 8.87 63.83
N ILE IA 68 106.25 8.38 64.20
CA ILE IA 68 107.43 8.50 63.34
C ILE IA 68 107.86 7.16 62.75
N GLN IA 69 107.39 6.07 63.34
CA GLN IA 69 107.75 4.73 62.89
C GLN IA 69 107.81 4.62 61.37
N THR IA 70 106.79 5.12 60.68
CA THR IA 70 106.72 4.97 59.23
C THR IA 70 107.91 5.61 58.51
N GLY IA 71 108.40 6.72 59.05
CA GLY IA 71 109.55 7.41 58.48
C GLY IA 71 110.86 6.70 58.80
N VAL IA 72 110.91 6.09 59.97
CA VAL IA 72 112.08 5.33 60.40
C VAL IA 72 112.29 4.09 59.53
N ASP IA 73 111.19 3.61 58.94
CA ASP IA 73 111.20 2.36 58.16
C ASP IA 73 111.35 2.64 56.68
N ASN IA 74 111.02 3.84 56.25
CA ASN IA 74 111.09 4.21 54.84
C ASN IA 74 112.08 5.33 54.59
N PRO IA 75 113.37 4.96 54.40
CA PRO IA 75 114.48 5.89 54.22
C PRO IA 75 114.42 6.63 52.88
N GLY IA 76 113.83 6.02 51.86
CA GLY IA 76 113.68 6.66 50.57
C GLY IA 76 112.44 6.26 49.79
N ASN IA 77 112.28 6.87 48.60
CA ASN IA 77 111.14 6.62 47.73
C ASN IA 77 111.59 6.18 46.33
N LYS IA 78 110.93 5.19 45.75
CA LYS IA 78 111.23 4.70 44.40
C LYS IA 78 110.60 5.60 43.33
N PHE IA 79 109.48 6.22 43.67
CA PHE IA 79 108.79 7.08 42.75
C PHE IA 79 109.18 8.55 42.99
N TYR IA 80 108.33 9.48 42.56
CA TYR IA 80 108.64 10.90 42.70
C TYR IA 80 108.38 11.47 44.10
N GLY IA 81 109.15 12.49 44.45
CA GLY IA 81 108.84 13.31 45.60
C GLY IA 81 109.65 13.01 46.84
N LYS IA 82 109.53 13.87 47.84
CA LYS IA 82 110.13 13.64 49.14
C LYS IA 82 109.02 13.38 50.15
N LYS IA 83 109.16 12.31 50.93
CA LYS IA 83 108.08 11.87 51.81
C LYS IA 83 108.08 12.47 53.20
N THR IA 84 106.88 12.69 53.73
CA THR IA 84 106.70 13.18 55.09
C THR IA 84 107.40 12.23 56.06
N GLY IA 85 106.93 11.00 56.14
CA GLY IA 85 107.55 10.00 56.98
C GLY IA 85 107.13 10.14 58.44
N CYS IA 86 105.98 10.76 58.64
CA CYS IA 86 105.36 10.87 59.96
C CYS IA 86 103.85 10.92 59.80
N VAL IA 87 103.14 10.56 60.86
CA VAL IA 87 101.67 10.54 60.84
C VAL IA 87 101.06 10.95 62.17
N PHE IA 88 99.81 11.39 62.13
CA PHE IA 88 99.03 11.68 63.33
C PHE IA 88 98.21 10.45 63.69
N GLY IA 89 98.44 9.92 64.89
CA GLY IA 89 97.66 8.79 65.35
C GLY IA 89 96.22 9.18 65.63
N ASP IA 90 96.04 10.36 66.23
CA ASP IA 90 94.72 10.82 66.63
C ASP IA 90 94.62 12.34 66.68
N GLU IA 91 93.48 12.81 67.19
CA GLU IA 91 93.21 14.23 67.41
C GLU IA 91 94.30 14.92 68.23
N TYR IA 92 94.85 14.20 69.21
CA TYR IA 92 95.77 14.77 70.17
C TYR IA 92 97.25 14.78 69.76
N SER IA 93 97.58 14.07 68.68
CA SER IA 93 98.96 13.98 68.21
C SER IA 93 99.64 15.35 68.10
N TYR IA 94 99.03 16.25 67.34
CA TYR IA 94 99.63 17.56 67.11
C TYR IA 94 99.92 18.36 68.40
N GLU IA 95 98.91 18.52 69.25
CA GLU IA 95 99.08 19.28 70.49
C GLU IA 95 100.03 18.63 71.50
N CYS IA 96 100.19 17.31 71.41
CA CYS IA 96 101.04 16.60 72.35
C CYS IA 96 102.49 16.58 71.91
N TYR IA 97 102.70 16.75 70.61
CA TYR IA 97 104.03 16.69 70.02
C TYR IA 97 104.26 17.88 69.08
N LYS IA 98 103.72 19.03 69.48
CA LYS IA 98 103.72 20.23 68.65
C LYS IA 98 105.07 20.75 68.13
N GLU IA 99 106.10 20.70 68.99
CA GLU IA 99 107.38 21.31 68.65
C GLU IA 99 108.10 20.58 67.53
N PHE IA 100 107.63 19.39 67.20
CA PHE IA 100 108.22 18.64 66.09
C PHE IA 100 107.39 18.84 64.83
N PHE IA 101 106.08 18.79 64.98
CA PHE IA 101 105.18 18.92 63.85
C PHE IA 101 105.25 20.32 63.24
N ASP IA 102 105.41 21.33 64.08
CA ASP IA 102 105.52 22.70 63.57
C ASP IA 102 106.64 22.82 62.55
N LYS IA 103 107.75 22.15 62.82
CA LYS IA 103 108.88 22.16 61.91
C LYS IA 103 108.57 21.48 60.58
N CYS IA 104 107.89 20.33 60.66
CA CYS IA 104 107.56 19.57 59.46
C CYS IA 104 106.50 20.33 58.69
N ILE IA 105 105.51 20.83 59.42
CA ILE IA 105 104.51 21.69 58.80
C ILE IA 105 105.20 22.78 58.00
N GLU IA 106 106.08 23.55 58.63
CA GLU IA 106 106.76 24.65 57.91
C GLU IA 106 107.60 24.24 56.69
N GLU IA 107 108.14 23.02 56.67
CA GLU IA 107 108.94 22.60 55.53
C GLU IA 107 108.08 22.20 54.34
N ILE IA 108 106.95 21.58 54.64
CA ILE IA 108 105.99 21.16 53.63
C ILE IA 108 105.21 22.36 53.08
N HIS IA 109 104.67 23.17 53.98
CA HIS IA 109 103.71 24.21 53.59
C HIS IA 109 104.30 25.61 53.54
N HIS IA 110 105.39 25.83 54.26
CA HIS IA 110 105.91 27.18 54.47
C HIS IA 110 104.98 27.93 55.42
N PHE IA 111 104.33 27.18 56.29
CA PHE IA 111 103.38 27.72 57.25
C PHE IA 111 104.09 27.77 58.60
N LYS IA 112 104.07 28.94 59.25
CA LYS IA 112 104.76 29.14 60.53
C LYS IA 112 103.79 29.11 61.71
N PRO IA 113 104.29 28.75 62.90
CA PRO IA 113 103.49 28.64 64.13
C PRO IA 113 102.73 29.93 64.46
N SER IA 114 103.16 31.04 63.87
CA SER IA 114 102.52 32.31 64.13
C SER IA 114 101.56 32.69 62.99
N ASP IA 115 101.47 31.81 61.99
CA ASP IA 115 100.55 31.96 60.87
C ASP IA 115 99.19 31.35 61.18
N LYS IA 116 98.18 31.73 60.41
CA LYS IA 116 96.81 31.28 60.67
C LYS IA 116 96.07 30.94 59.38
N HIS IA 117 95.69 29.68 59.24
CA HIS IA 117 94.98 29.23 58.05
C HIS IA 117 93.75 30.10 57.84
N PRO IA 118 93.57 30.61 56.61
CA PRO IA 118 92.43 31.45 56.23
C PRO IA 118 91.07 30.76 56.41
N ALA IA 119 90.00 31.56 56.37
CA ALA IA 119 88.65 31.04 56.23
C ALA IA 119 88.48 30.49 54.81
N PRO IA 120 87.48 29.60 54.61
CA PRO IA 120 87.28 28.89 53.35
C PRO IA 120 86.93 29.75 52.13
N ASP IA 121 87.34 29.26 50.96
CA ASP IA 121 86.97 29.85 49.69
C ASP IA 121 86.49 28.73 48.75
N LEU IA 122 85.18 28.64 48.56
CA LEU IA 122 84.63 27.64 47.65
C LEU IA 122 83.86 28.26 46.50
N ASP IA 123 84.28 29.44 46.05
CA ASP IA 123 83.66 30.06 44.89
C ASP IA 123 84.50 29.80 43.65
N HIS IA 124 84.02 28.89 42.81
CA HIS IA 124 84.71 28.53 41.57
C HIS IA 124 84.56 29.61 40.50
N ASN IA 125 83.48 30.38 40.60
CA ASN IA 125 83.19 31.43 39.61
C ASN IA 125 84.23 32.54 39.61
N LYS IA 126 84.90 32.73 40.73
CA LYS IA 126 85.97 33.73 40.83
C LYS IA 126 87.17 33.28 39.99
N LEU IA 127 87.42 31.98 39.97
CA LEU IA 127 88.55 31.40 39.26
C LEU IA 127 88.78 32.07 37.90
N VAL IA 128 90.05 32.24 37.53
CA VAL IA 128 90.40 32.73 36.20
C VAL IA 128 90.98 31.57 35.37
N GLY IA 129 90.23 31.13 34.37
CA GLY IA 129 90.65 30.03 33.51
C GLY IA 129 90.13 28.69 34.02
N GLY IA 130 90.93 27.65 33.88
CA GLY IA 130 90.54 26.34 34.38
C GLY IA 130 89.99 25.42 33.32
N VAL IA 131 90.12 25.83 32.06
CA VAL IA 131 89.75 24.98 30.93
C VAL IA 131 90.97 24.82 30.05
N PHE IA 132 91.44 23.58 29.94
CA PHE IA 132 92.67 23.29 29.22
C PHE IA 132 92.44 22.47 27.95
N GLU IA 133 93.38 22.60 27.02
CA GLU IA 133 93.37 21.84 25.77
C GLU IA 133 93.41 20.33 26.00
N ASP IA 134 92.60 19.60 25.24
CA ASP IA 134 92.56 18.14 25.26
C ASP IA 134 93.92 17.55 25.01
N LYS IA 135 94.73 18.27 24.23
CA LYS IA 135 96.01 17.77 23.79
C LYS IA 135 96.98 17.64 24.97
N TYR IA 136 96.71 18.38 26.04
CA TYR IA 136 97.60 18.41 27.20
C TYR IA 136 96.95 17.76 28.42
N VAL IA 137 95.92 18.40 28.96
CA VAL IA 137 95.15 17.83 30.07
C VAL IA 137 94.19 16.75 29.62
N LYS IA 138 94.31 15.56 30.21
CA LYS IA 138 93.54 14.38 29.80
C LYS IA 138 92.40 14.07 30.79
N SER IA 139 92.54 14.58 32.00
CA SER IA 139 91.48 14.48 32.98
C SER IA 139 91.77 15.32 34.19
N CYS IA 140 90.72 15.76 34.88
CA CYS IA 140 90.93 16.59 36.08
C CYS IA 140 90.36 15.86 37.28
N ARG IA 141 90.85 16.24 38.45
CA ARG IA 141 90.40 15.65 39.69
C ARG IA 141 90.61 16.67 40.80
N ILE IA 142 89.72 16.66 41.76
CA ILE IA 142 89.85 17.53 42.91
C ILE IA 142 89.27 16.74 44.05
N ARG IA 143 90.13 16.42 45.01
CA ARG IA 143 89.78 15.59 46.13
C ARG IA 143 90.03 16.35 47.42
N CYS IA 144 89.56 15.81 48.54
CA CYS IA 144 90.00 16.29 49.83
C CYS IA 144 89.70 15.21 50.86
N GLY IA 145 90.39 15.27 51.99
CA GLY IA 145 90.16 14.34 53.08
C GLY IA 145 89.50 15.01 54.27
N ARG IA 146 88.87 14.20 55.13
CA ARG IA 146 88.38 14.67 56.42
C ARG IA 146 88.53 13.58 57.49
N SER IA 147 88.40 13.96 58.75
CA SER IA 147 88.44 13.02 59.85
C SER IA 147 87.16 13.15 60.67
N VAL IA 148 86.91 12.16 61.52
CA VAL IA 148 85.70 12.11 62.35
C VAL IA 148 86.04 12.32 63.81
N LYS IA 149 85.84 13.55 64.28
CA LYS IA 149 86.15 13.92 65.65
C LYS IA 149 85.71 12.87 66.66
N GLY IA 150 86.57 12.60 67.64
CA GLY IA 150 86.23 11.68 68.71
C GLY IA 150 86.62 10.23 68.43
N VAL IA 151 87.39 10.02 67.37
CA VAL IA 151 87.85 8.68 67.01
C VAL IA 151 89.23 8.74 66.38
N CYS IA 152 90.12 7.85 66.81
CA CYS IA 152 91.48 7.81 66.29
C CYS IA 152 91.48 7.86 64.76
N LEU IA 153 92.58 8.34 64.19
CA LEU IA 153 92.75 8.33 62.75
C LEU IA 153 93.21 6.93 62.33
N PRO IA 154 93.04 6.62 61.05
CA PRO IA 154 93.34 5.29 60.48
C PRO IA 154 94.55 4.52 61.02
N PRO IA 155 95.71 5.20 61.23
CA PRO IA 155 96.88 4.44 61.66
C PRO IA 155 96.76 3.73 63.00
N ALA IA 156 95.95 4.27 63.92
CA ALA IA 156 95.87 3.70 65.26
C ALA IA 156 94.49 3.13 65.63
N MET IA 157 93.45 3.61 64.97
CA MET IA 157 92.06 3.23 65.30
C MET IA 157 91.83 1.72 65.36
N SER IA 158 90.75 1.32 66.03
CA SER IA 158 90.41 -0.08 66.25
C SER IA 158 89.48 -0.64 65.18
N ARG IA 159 89.04 -1.89 65.37
CA ARG IA 159 88.02 -2.47 64.49
C ARG IA 159 86.62 -1.88 64.77
N ALA IA 160 86.31 -1.57 66.02
CA ALA IA 160 85.01 -0.99 66.36
C ALA IA 160 84.89 0.48 65.92
N GLU IA 161 85.93 1.27 66.16
CA GLU IA 161 85.96 2.64 65.66
C GLU IA 161 85.80 2.64 64.14
N ARG IA 162 86.59 1.81 63.47
CA ARG IA 162 86.57 1.72 62.02
C ARG IA 162 85.15 1.39 61.53
N ARG IA 163 84.56 0.35 62.10
CA ARG IA 163 83.18 0.00 61.80
C ARG IA 163 82.23 1.16 62.08
N LEU IA 164 82.31 1.71 63.28
CA LEU IA 164 81.47 2.85 63.67
C LEU IA 164 81.54 3.97 62.65
N VAL IA 165 82.77 4.37 62.28
CA VAL IA 165 82.96 5.37 61.24
C VAL IA 165 82.24 4.98 59.94
N GLU IA 166 82.35 3.71 59.55
CA GLU IA 166 81.72 3.20 58.32
C GLU IA 166 80.19 3.30 58.33
N LYS IA 167 79.58 2.89 59.45
CA LYS IA 167 78.14 3.01 59.66
C LYS IA 167 77.75 4.47 59.47
N VAL IA 168 78.32 5.31 60.31
CA VAL IA 168 78.00 6.73 60.37
C VAL IA 168 78.06 7.43 59.02
N VAL IA 169 79.17 7.25 58.32
CA VAL IA 169 79.42 8.01 57.11
C VAL IA 169 78.54 7.54 55.97
N SER IA 170 78.47 6.23 55.77
CA SER IA 170 77.65 5.68 54.69
C SER IA 170 76.16 5.95 54.93
N ASP IA 171 75.78 6.02 56.20
CA ASP IA 171 74.41 6.41 56.58
C ASP IA 171 74.15 7.86 56.21
N ALA IA 172 75.17 8.71 56.35
CA ALA IA 172 75.03 10.14 56.00
C ALA IA 172 74.97 10.38 54.50
N LEU IA 173 75.84 9.69 53.75
CA LEU IA 173 75.87 9.83 52.30
C LEU IA 173 74.54 9.45 51.67
N GLY IA 174 73.73 8.68 52.39
CA GLY IA 174 72.42 8.25 51.91
C GLY IA 174 71.43 9.39 51.75
N GLY IA 175 71.74 10.53 52.36
CA GLY IA 175 70.89 11.70 52.26
C GLY IA 175 71.12 12.49 50.98
N LEU IA 176 72.18 12.15 50.25
CA LEU IA 176 72.48 12.82 48.99
C LEU IA 176 71.40 12.59 47.93
N LYS IA 177 70.99 13.68 47.29
CA LYS IA 177 69.90 13.64 46.31
C LYS IA 177 70.36 14.01 44.91
N GLY IA 178 69.47 13.84 43.93
CA GLY IA 178 69.74 14.25 42.58
C GLY IA 178 70.92 13.54 41.94
N ASP IA 179 71.71 14.27 41.16
CA ASP IA 179 72.85 13.69 40.46
C ASP IA 179 74.00 13.36 41.42
N LEU IA 180 73.87 13.76 42.67
CA LEU IA 180 74.87 13.43 43.69
C LEU IA 180 74.45 12.18 44.47
N ALA IA 181 73.29 11.63 44.13
CA ALA IA 181 72.80 10.41 44.76
C ALA IA 181 73.53 9.19 44.22
N GLY IA 182 73.78 8.21 45.10
CA GLY IA 182 74.52 7.03 44.70
C GLY IA 182 74.32 5.87 45.65
N LYS IA 183 75.34 5.01 45.76
CA LYS IA 183 75.25 3.86 46.64
C LYS IA 183 76.61 3.52 47.21
N TYR IA 184 76.60 2.89 48.39
CA TYR IA 184 77.83 2.40 49.00
C TYR IA 184 78.13 0.98 48.55
N TYR IA 185 79.39 0.74 48.17
CA TYR IA 185 79.87 -0.60 47.85
C TYR IA 185 81.05 -0.99 48.75
N PRO IA 186 80.78 -1.78 49.79
CA PRO IA 186 81.83 -2.21 50.72
C PRO IA 186 82.82 -3.12 50.02
N LEU IA 187 84.08 -3.07 50.41
CA LEU IA 187 85.09 -3.87 49.75
C LEU IA 187 84.97 -5.32 50.17
N THR IA 188 84.49 -5.55 51.38
CA THR IA 188 84.47 -6.92 51.92
C THR IA 188 83.59 -7.84 51.08
N THR IA 189 82.77 -7.26 50.21
CA THR IA 189 81.78 -8.01 49.44
C THR IA 189 81.96 -7.80 47.94
N MET IA 190 82.85 -6.88 47.58
CA MET IA 190 83.19 -6.60 46.19
C MET IA 190 84.21 -7.63 45.73
N ASN IA 191 83.97 -8.24 44.57
CA ASN IA 191 84.90 -9.25 44.07
C ASN IA 191 86.13 -8.65 43.42
N GLU IA 192 87.16 -9.47 43.22
CA GLU IA 192 88.47 -9.02 42.77
C GLU IA 192 88.49 -8.31 41.42
N LYS IA 193 87.73 -8.83 40.47
CA LYS IA 193 87.74 -8.29 39.11
C LYS IA 193 87.10 -6.91 39.00
N ASP IA 194 86.09 -6.66 39.82
CA ASP IA 194 85.40 -5.37 39.89
C ASP IA 194 86.26 -4.33 40.60
N GLN IA 195 87.15 -4.80 41.45
CA GLN IA 195 87.99 -3.90 42.23
C GLN IA 195 89.16 -3.42 41.38
N GLU IA 196 89.78 -4.35 40.66
CA GLU IA 196 90.90 -4.04 39.79
C GLU IA 196 90.54 -3.03 38.69
N GLN IA 197 89.30 -3.08 38.22
CA GLN IA 197 88.88 -2.18 37.15
C GLN IA 197 88.50 -0.79 37.70
N LEU IA 198 88.08 -0.73 38.95
CA LEU IA 198 87.74 0.55 39.55
C LEU IA 198 89.00 1.32 39.90
N ILE IA 199 90.00 0.58 40.39
CA ILE IA 199 91.31 1.16 40.66
C ILE IA 199 91.92 1.56 39.33
N GLU IA 200 91.80 0.65 38.37
CA GLU IA 200 92.41 0.78 37.06
C GLU IA 200 91.87 2.01 36.33
N ASP IA 201 90.59 2.31 36.56
CA ASP IA 201 89.99 3.47 35.92
C ASP IA 201 89.97 4.61 36.95
N HIS IA 202 91.00 4.62 37.79
CA HIS IA 202 91.36 5.78 38.64
C HIS IA 202 90.32 6.23 39.70
N PHE IA 203 89.35 5.36 40.03
CA PHE IA 203 88.27 5.70 40.92
C PHE IA 203 88.47 5.23 42.34
N LEU IA 204 88.97 4.00 42.44
CA LEU IA 204 89.12 3.34 43.72
C LEU IA 204 90.59 3.32 44.15
N PHE IA 205 90.80 3.40 45.46
CA PHE IA 205 92.16 3.31 46.02
C PHE IA 205 92.84 1.99 45.66
N GLU IA 206 94.17 2.02 45.57
CA GLU IA 206 94.96 0.85 45.20
C GLU IA 206 94.89 -0.22 46.30
N LYS IA 207 95.33 -1.43 45.99
CA LYS IA 207 95.42 -2.48 46.98
C LYS IA 207 96.32 -2.01 48.13
N PRO IA 208 96.20 -2.64 49.31
CA PRO IA 208 96.88 -2.25 50.55
C PRO IA 208 98.39 -2.51 50.54
N THR IA 209 99.12 -1.95 49.59
CA THR IA 209 100.54 -2.27 49.45
C THR IA 209 101.47 -1.05 49.44
N GLY IA 210 100.89 0.13 49.71
CA GLY IA 210 101.67 1.35 49.76
C GLY IA 210 102.49 1.43 51.03
N ALA IA 211 103.81 1.51 50.88
CA ALA IA 211 104.75 1.51 51.99
C ALA IA 211 104.28 2.37 53.17
N LEU IA 212 103.78 3.57 52.88
CA LEU IA 212 103.31 4.46 53.93
C LEU IA 212 102.12 3.89 54.69
N LEU IA 213 101.07 3.53 53.95
CA LEU IA 213 99.85 2.98 54.52
C LEU IA 213 100.13 1.88 55.54
N THR IA 214 100.87 0.86 55.09
CA THR IA 214 101.09 -0.35 55.85
C THR IA 214 101.97 -0.15 57.07
N THR IA 215 103.10 0.54 56.87
CA THR IA 215 104.07 0.78 57.95
C THR IA 215 103.49 1.59 59.12
N SER IA 216 102.65 2.57 58.80
CA SER IA 216 102.07 3.47 59.78
C SER IA 216 100.89 2.88 60.57
N GLY IA 217 100.24 1.87 60.00
CA GLY IA 217 99.14 1.19 60.68
C GLY IA 217 97.80 1.17 59.97
N CYS IA 218 97.74 1.79 58.79
CA CYS IA 218 96.47 1.91 58.07
C CYS IA 218 96.13 0.71 57.17
N ALA IA 219 96.75 -0.44 57.41
CA ALA IA 219 96.44 -1.63 56.61
C ALA IA 219 95.97 -2.85 57.41
N ARG IA 220 95.71 -2.67 58.70
CA ARG IA 220 95.20 -3.74 59.55
C ARG IA 220 93.77 -4.11 59.20
N ASP IA 221 93.46 -5.40 59.27
CA ASP IA 221 92.08 -5.89 59.18
C ASP IA 221 91.44 -5.82 57.80
N TRP IA 222 92.22 -5.48 56.78
CA TRP IA 222 91.71 -5.33 55.42
C TRP IA 222 90.92 -6.55 54.93
N PRO IA 223 89.73 -6.31 54.36
CA PRO IA 223 89.17 -4.99 54.06
C PRO IA 223 88.09 -4.54 55.05
N ASP IA 224 88.06 -5.12 56.23
CA ASP IA 224 87.05 -4.76 57.24
C ASP IA 224 86.94 -3.23 57.41
N GLY IA 225 85.78 -2.68 57.04
CA GLY IA 225 85.50 -1.26 57.21
C GLY IA 225 85.76 -0.34 56.03
N ARG IA 226 86.27 -0.88 54.92
CA ARG IA 226 86.66 -0.06 53.78
C ARG IA 226 85.65 -0.14 52.63
N GLY IA 227 85.45 0.99 51.93
CA GLY IA 227 84.51 1.01 50.83
C GLY IA 227 84.57 2.23 49.94
N ILE IA 228 83.96 2.12 48.76
CA ILE IA 228 83.79 3.25 47.87
C ILE IA 228 82.30 3.55 47.69
N TRP IA 229 81.96 4.84 47.78
CA TRP IA 229 80.60 5.30 47.52
C TRP IA 229 80.70 6.18 46.29
N HIS IA 230 79.70 6.11 45.41
CA HIS IA 230 79.73 6.91 44.19
C HIS IA 230 78.39 6.95 43.45
N ASN IA 231 78.14 8.07 42.78
CA ASN IA 231 76.91 8.25 42.01
C ASN IA 231 76.95 7.47 40.71
N ASN IA 232 75.92 7.64 39.90
CA ASN IA 232 75.82 6.94 38.61
C ASN IA 232 76.91 7.30 37.61
N GLU IA 233 77.22 8.59 37.51
CA GLU IA 233 78.17 9.10 36.53
C GLU IA 233 79.63 8.80 36.94
N LYS IA 234 79.82 8.50 38.21
CA LYS IA 234 81.15 8.33 38.77
C LYS IA 234 82.01 9.56 38.56
N ASN IA 235 81.41 10.72 38.83
CA ASN IA 235 82.15 11.97 38.89
C ASN IA 235 82.13 12.54 40.29
N PHE IA 236 81.52 11.79 41.21
CA PHE IA 236 81.48 12.16 42.61
C PHE IA 236 81.57 10.90 43.45
N LEU IA 237 82.73 10.69 44.07
CA LEU IA 237 83.02 9.47 44.83
C LEU IA 237 83.52 9.77 46.23
N VAL IA 238 83.26 8.88 47.19
CA VAL IA 238 83.77 9.04 48.55
C VAL IA 238 84.42 7.78 49.09
N TRP IA 239 85.74 7.82 49.26
CA TRP IA 239 86.47 6.74 49.90
C TRP IA 239 86.22 6.73 51.40
N ILE IA 240 86.11 5.55 51.98
CA ILE IA 240 86.01 5.45 53.42
C ILE IA 240 87.08 4.52 53.96
N ASN IA 241 87.73 4.98 55.03
CA ASN IA 241 88.72 4.20 55.81
C ASN IA 241 89.93 3.60 55.07
N GLU IA 242 90.34 4.23 53.97
CA GLU IA 242 91.66 3.95 53.42
C GLU IA 242 92.73 4.57 54.34
N GLU IA 243 93.45 5.55 53.80
CA GLU IA 243 94.46 6.28 54.58
C GLU IA 243 93.80 7.26 55.54
N ASP IA 244 92.71 7.88 55.10
CA ASP IA 244 91.93 8.79 55.96
C ASP IA 244 90.56 8.19 56.27
N HIS IA 245 89.88 8.75 57.25
CA HIS IA 245 88.48 8.38 57.51
C HIS IA 245 87.62 8.59 56.25
N ILE IA 246 87.78 9.76 55.63
CA ILE IA 246 86.98 10.19 54.48
C ILE IA 246 87.82 10.87 53.40
N ARG IA 247 87.55 10.55 52.15
CA ARG IA 247 88.02 11.34 51.02
C ARG IA 247 86.81 11.69 50.17
N VAL IA 248 86.71 12.96 49.79
CA VAL IA 248 85.67 13.40 48.85
C VAL IA 248 86.35 13.72 47.53
N ILE IA 249 85.81 13.18 46.45
CA ILE IA 249 86.47 13.30 45.16
C ILE IA 249 85.52 13.83 44.09
N SER IA 250 86.09 14.57 43.15
CA SER IA 250 85.37 15.05 41.99
C SER IA 250 86.28 14.82 40.79
N MET IA 251 85.76 14.17 39.76
CA MET IA 251 86.56 13.91 38.57
C MET IA 251 85.76 13.85 37.29
N GLN IA 252 86.47 13.96 36.17
CA GLN IA 252 85.90 13.79 34.84
C GLN IA 252 87.04 13.83 33.82
N LYS IA 253 86.82 13.18 32.69
CA LYS IA 253 87.77 13.21 31.59
C LYS IA 253 87.67 14.50 30.76
N GLY IA 254 88.78 14.89 30.13
CA GLY IA 254 88.83 16.18 29.45
C GLY IA 254 89.47 17.20 30.36
N GLY IA 255 89.62 18.43 29.87
CA GLY IA 255 90.37 19.44 30.61
C GLY IA 255 89.60 20.50 31.38
N ASP IA 256 88.38 20.18 31.82
CA ASP IA 256 87.50 21.21 32.41
C ASP IA 256 87.58 21.28 33.94
N LEU IA 257 88.68 21.82 34.44
CA LEU IA 257 88.94 21.93 35.88
C LEU IA 257 87.90 22.80 36.60
N LYS IA 258 87.27 23.71 35.85
CA LYS IA 258 86.33 24.66 36.43
C LYS IA 258 84.98 24.00 36.78
N ALA IA 259 84.50 23.12 35.90
CA ALA IA 259 83.30 22.35 36.19
C ALA IA 259 83.55 21.34 37.32
N VAL IA 260 84.70 20.66 37.26
CA VAL IA 260 85.07 19.69 38.30
C VAL IA 260 85.01 20.35 39.67
N PHE IA 261 85.44 21.60 39.72
CA PHE IA 261 85.52 22.34 40.97
C PHE IA 261 84.12 22.78 41.42
N SER IA 262 83.29 23.18 40.47
CA SER IA 262 81.91 23.54 40.75
C SER IA 262 81.19 22.36 41.38
N ARG IA 263 81.57 21.15 40.94
CA ARG IA 263 80.96 19.93 41.48
C ARG IA 263 81.53 19.55 42.83
N PHE IA 264 82.85 19.66 42.97
CA PHE IA 264 83.51 19.35 44.24
C PHE IA 264 82.91 20.16 45.39
N ALA IA 265 82.79 21.47 45.20
CA ALA IA 265 82.25 22.35 46.23
C ALA IA 265 80.83 21.91 46.53
N ARG IA 266 79.99 21.89 45.50
CA ARG IA 266 78.60 21.48 45.67
C ARG IA 266 78.57 20.24 46.54
N GLY IA 267 79.15 19.16 46.04
CA GLY IA 267 79.16 17.90 46.77
C GLY IA 267 79.75 17.99 48.17
N LEU IA 268 80.93 18.60 48.28
CA LEU IA 268 81.60 18.77 49.56
C LEU IA 268 80.69 19.46 50.57
N LEU IA 269 80.01 20.51 50.13
CA LEU IA 269 79.09 21.28 50.98
C LEU IA 269 77.85 20.45 51.32
N GLU IA 270 77.58 19.44 50.51
CA GLU IA 270 76.48 18.53 50.80
C GLU IA 270 76.94 17.48 51.80
N VAL IA 271 78.11 16.89 51.55
CA VAL IA 271 78.66 15.91 52.48
C VAL IA 271 78.84 16.49 53.89
N GLU IA 272 79.41 17.69 53.99
CA GLU IA 272 79.67 18.30 55.29
C GLU IA 272 78.39 18.51 56.09
N ARG IA 273 77.40 19.14 55.47
CA ARG IA 273 76.10 19.37 56.09
C ARG IA 273 75.41 18.08 56.56
N LEU IA 274 75.59 16.99 55.81
CA LEU IA 274 74.98 15.71 56.17
C LEU IA 274 75.66 15.07 57.37
N MET IA 275 77.00 15.04 57.37
CA MET IA 275 77.76 14.53 58.51
C MET IA 275 77.34 15.27 59.77
N LYS IA 276 77.09 16.56 59.60
CA LYS IA 276 76.80 17.46 60.69
C LYS IA 276 75.33 17.45 61.09
N GLU IA 277 74.48 16.92 60.21
CA GLU IA 277 73.06 16.84 60.52
C GLU IA 277 72.81 15.61 61.38
N CYS IA 278 73.77 14.70 61.36
CA CYS IA 278 73.64 13.38 61.98
C CYS IA 278 74.47 13.25 63.25
N GLY IA 279 74.96 14.36 63.79
CA GLY IA 279 75.65 14.37 65.06
C GLY IA 279 77.12 13.99 65.02
N HIS IA 280 77.81 14.42 63.97
CA HIS IA 280 79.21 14.01 63.78
C HIS IA 280 80.12 15.15 63.37
N GLY IA 281 81.10 15.44 64.23
CA GLY IA 281 82.04 16.50 63.98
C GLY IA 281 83.32 16.04 63.31
N LEU IA 282 83.79 16.83 62.35
CA LEU IA 282 85.06 16.56 61.68
C LEU IA 282 86.19 17.25 62.43
N MET IA 283 87.37 16.63 62.49
CA MET IA 283 88.49 17.22 63.21
C MET IA 283 88.95 18.51 62.54
N HIS IA 284 88.88 19.60 63.32
CA HIS IA 284 89.20 20.93 62.86
C HIS IA 284 90.02 21.64 63.94
N ASN IA 285 91.14 22.24 63.53
CA ASN IA 285 91.93 23.09 64.42
C ASN IA 285 91.59 24.54 64.08
N ASP IA 286 91.78 25.46 65.02
CA ASP IA 286 91.39 26.85 64.78
C ASP IA 286 92.42 27.57 63.91
N ARG IA 287 93.68 27.16 64.04
CA ARG IA 287 94.78 27.69 63.25
C ARG IA 287 94.97 26.89 61.99
N LEU IA 288 94.78 25.58 62.10
CA LEU IA 288 95.18 24.64 61.08
C LEU IA 288 94.05 24.21 60.15
N GLY IA 289 92.81 24.47 60.56
CA GLY IA 289 91.68 24.02 59.77
C GLY IA 289 91.54 22.51 59.89
N TYR IA 290 91.20 21.85 58.80
CA TYR IA 290 90.95 20.41 58.86
C TYR IA 290 92.22 19.57 59.04
N ILE IA 291 92.05 18.48 59.78
CA ILE IA 291 93.16 17.64 60.19
C ILE IA 291 92.97 16.18 59.74
N CYS IA 292 93.98 15.62 59.09
CA CYS IA 292 93.94 14.23 58.61
C CYS IA 292 95.15 13.42 59.11
N THR IA 293 95.49 12.35 58.38
CA THR IA 293 96.50 11.41 58.90
C THR IA 293 97.96 11.84 58.68
N CYS IA 294 98.21 12.55 57.59
CA CYS IA 294 99.55 13.00 57.25
C CYS IA 294 99.63 14.53 57.18
N PRO IA 295 100.73 15.12 57.68
CA PRO IA 295 101.01 16.56 57.64
C PRO IA 295 100.89 17.24 56.27
N THR IA 296 100.93 16.49 55.18
CA THR IA 296 100.72 17.10 53.87
C THR IA 296 99.24 17.46 53.68
N ASN IA 297 98.38 16.63 54.24
CA ASN IA 297 96.92 16.82 54.15
C ASN IA 297 96.39 17.58 55.36
N MET IA 298 96.26 18.91 55.21
CA MET IA 298 95.85 19.79 56.30
C MET IA 298 95.12 21.04 55.80
N GLY IA 299 94.53 21.79 56.73
CA GLY IA 299 93.80 23.01 56.41
C GLY IA 299 92.66 22.80 55.44
N THR IA 300 92.94 23.03 54.16
CA THR IA 300 91.99 22.76 53.10
C THR IA 300 91.95 21.27 52.78
N VAL IA 301 93.05 20.59 53.08
CA VAL IA 301 93.20 19.17 52.75
C VAL IA 301 92.83 18.95 51.29
N VAL IA 302 93.11 19.97 50.48
CA VAL IA 302 92.78 19.93 49.05
C VAL IA 302 93.96 19.53 48.15
N ARG IA 303 93.74 18.48 47.38
CA ARG IA 303 94.65 18.14 46.30
C ARG IA 303 93.89 18.11 44.98
N ALA IA 304 93.94 19.21 44.24
CA ALA IA 304 93.52 19.24 42.84
C ALA IA 304 94.66 18.78 41.96
N SER IA 305 94.33 18.12 40.84
CA SER IA 305 95.34 17.56 39.96
C SER IA 305 94.87 17.46 38.54
N VAL IA 306 95.81 17.48 37.60
CA VAL IA 306 95.49 17.25 36.19
C VAL IA 306 96.42 16.17 35.69
N HIS IA 307 96.02 15.53 34.60
CA HIS IA 307 96.90 14.61 33.92
C HIS IA 307 97.41 15.34 32.69
N LEU IA 308 98.67 15.78 32.76
CA LEU IA 308 99.27 16.66 31.78
C LEU IA 308 100.23 15.87 30.91
N ARG IA 309 100.06 15.98 29.60
CA ARG IA 309 100.95 15.31 28.65
C ARG IA 309 102.01 16.30 28.14
N LEU IA 310 103.24 16.14 28.63
CA LEU IA 310 104.37 16.98 28.26
C LEU IA 310 105.45 16.21 27.51
N ALA IA 311 105.18 15.84 26.25
CA ALA IA 311 106.10 15.01 25.49
C ALA IA 311 107.40 15.73 25.14
N PHE IA 312 107.48 17.02 25.50
CA PHE IA 312 108.69 17.80 25.27
C PHE IA 312 109.36 18.25 26.58
N LEU IA 313 108.57 18.80 27.49
CA LEU IA 313 109.09 19.42 28.71
C LEU IA 313 109.75 18.44 29.68
N GLU IA 314 109.33 17.18 29.64
CA GLU IA 314 109.88 16.18 30.55
C GLU IA 314 111.38 16.00 30.30
N LYS IA 315 111.77 16.27 29.06
CA LYS IA 315 113.17 16.13 28.64
C LYS IA 315 114.01 17.35 28.99
N HIS IA 316 113.39 18.36 29.58
CA HIS IA 316 114.12 19.59 29.86
C HIS IA 316 114.77 19.51 31.24
N PRO IA 317 116.04 19.93 31.32
CA PRO IA 317 116.78 19.97 32.59
C PRO IA 317 116.13 20.86 33.65
N ARG IA 318 115.36 21.86 33.24
CA ARG IA 318 114.80 22.76 34.23
C ARG IA 318 113.35 22.43 34.57
N PHE IA 319 112.86 21.30 34.04
CA PHE IA 319 111.47 20.87 34.25
C PHE IA 319 111.09 20.61 35.70
N ASP IA 320 111.98 19.95 36.45
CA ASP IA 320 111.74 19.66 37.86
C ASP IA 320 111.90 20.92 38.71
N GLU IA 321 112.90 21.72 38.35
CA GLU IA 321 113.12 23.02 38.98
C GLU IA 321 111.89 23.90 38.84
N MET IA 322 111.31 23.90 37.63
CA MET IA 322 110.13 24.72 37.34
C MET IA 322 108.96 24.29 38.20
N LEU IA 323 108.67 22.99 38.20
CA LEU IA 323 107.63 22.42 39.05
C LEU IA 323 107.80 22.88 40.49
N GLY IA 324 109.01 22.68 41.01
CA GLY IA 324 109.33 23.04 42.38
C GLY IA 324 109.13 24.51 42.67
N LYS IA 325 109.41 25.35 41.67
CA LYS IA 325 109.24 26.80 41.80
C LYS IA 325 107.79 27.25 41.64
N LEU IA 326 106.96 26.41 41.04
CA LEU IA 326 105.54 26.72 40.90
C LEU IA 326 104.71 26.24 42.12
N ARG IA 327 105.40 25.70 43.12
CA ARG IA 327 104.77 25.09 44.29
C ARG IA 327 103.82 23.94 43.91
N LEU IA 328 104.23 23.14 42.93
CA LEU IA 328 103.41 22.03 42.44
C LEU IA 328 103.92 20.65 42.87
N GLY IA 329 103.03 19.66 42.83
CA GLY IA 329 103.40 18.29 43.16
C GLY IA 329 103.47 17.38 41.94
N LYS IA 330 104.25 16.31 42.05
CA LYS IA 330 104.51 15.43 40.90
C LYS IA 330 104.42 13.94 41.25
N ARG IA 331 103.54 13.25 40.53
CA ARG IA 331 103.27 11.84 40.72
C ARG IA 331 102.93 11.29 39.35
N GLY IA 332 102.96 9.96 39.22
CA GLY IA 332 102.66 9.32 37.95
C GLY IA 332 101.18 9.24 37.60
N THR IA 333 100.91 8.65 36.44
CA THR IA 333 99.55 8.46 35.94
C THR IA 333 98.63 7.77 36.95
N GLY IA 334 99.11 6.68 37.53
CA GLY IA 334 98.29 5.87 38.42
C GLY IA 334 98.43 6.24 39.87
N GLY IA 335 98.97 7.42 40.15
CA GLY IA 335 99.07 7.90 41.51
C GLY IA 335 100.46 8.00 42.12
N GLU IA 336 100.48 8.40 43.39
CA GLU IA 336 101.70 8.70 44.15
C GLU IA 336 102.73 7.57 44.23
N SER IA 337 102.27 6.32 44.16
CA SER IA 337 103.20 5.18 44.08
C SER IA 337 103.16 4.52 42.71
N SER IA 338 103.33 5.34 41.68
CA SER IA 338 103.43 4.90 40.30
C SER IA 338 104.35 5.88 39.57
N LEU IA 339 104.63 5.58 38.31
CA LEU IA 339 105.40 6.49 37.49
C LEU IA 339 104.50 7.15 36.45
N ALA IA 340 105.03 8.20 35.81
CA ALA IA 340 104.41 8.73 34.62
C ALA IA 340 104.51 7.64 33.57
N THR IA 341 103.52 7.54 32.70
CA THR IA 341 103.64 6.64 31.55
C THR IA 341 103.12 7.38 30.34
N ASP IA 342 103.84 7.26 29.23
CA ASP IA 342 103.47 7.94 28.00
C ASP IA 342 103.50 9.47 28.16
N SER IA 343 104.50 9.95 28.89
CA SER IA 343 104.81 11.37 28.96
C SER IA 343 103.74 12.23 29.65
N THR IA 344 102.80 11.59 30.33
CA THR IA 344 101.73 12.30 31.02
C THR IA 344 102.00 12.24 32.53
N TYR IA 345 101.64 13.29 33.26
CA TYR IA 345 101.96 13.37 34.69
C TYR IA 345 100.80 13.81 35.57
N ASP IA 346 100.66 13.18 36.73
CA ASP IA 346 99.76 13.64 37.79
C ASP IA 346 100.32 14.92 38.43
N ILE IA 347 99.90 16.06 37.88
CA ILE IA 347 100.37 17.37 38.33
C ILE IA 347 99.32 18.06 39.21
N SER IA 348 99.71 18.42 40.42
CA SER IA 348 98.76 18.95 41.41
C SER IA 348 99.34 20.10 42.26
N ASN IA 349 98.52 20.63 43.15
CA ASN IA 349 99.06 21.53 44.16
C ASN IA 349 99.70 20.77 45.33
N TRP IA 350 100.84 21.28 45.78
CA TRP IA 350 101.56 20.68 46.89
C TRP IA 350 101.03 21.21 48.23
N ALA IA 351 100.87 22.52 48.31
CA ALA IA 351 100.44 23.13 49.54
C ALA IA 351 98.94 22.86 49.79
N ARG IA 352 98.58 22.72 51.06
CA ARG IA 352 97.19 22.50 51.43
C ARG IA 352 96.88 23.34 52.66
N LEU IA 353 97.93 23.83 53.31
CA LEU IA 353 97.79 24.68 54.48
C LEU IA 353 98.36 26.05 54.18
N GLY IA 354 97.66 27.11 54.60
CA GLY IA 354 98.14 28.46 54.37
C GLY IA 354 97.29 29.24 53.39
N LYS IA 355 96.68 28.54 52.45
CA LYS IA 355 95.83 29.18 51.45
C LYS IA 355 94.47 28.49 51.32
N SER IA 356 93.50 29.23 50.78
CA SER IA 356 92.16 28.70 50.56
C SER IA 356 92.14 27.73 49.40
N GLU IA 357 91.02 27.03 49.24
CA GLU IA 357 90.81 26.08 48.16
C GLU IA 357 90.84 26.72 46.76
N ARG IA 358 90.16 27.87 46.60
CA ARG IA 358 90.19 28.60 45.33
C ARG IA 358 91.60 29.12 45.05
N GLU IA 359 92.25 29.61 46.11
CA GLU IA 359 93.65 30.01 46.06
C GLU IA 359 94.50 28.85 45.58
N LEU IA 360 94.15 27.64 45.99
CA LEU IA 360 94.97 26.47 45.70
C LEU IA 360 94.76 25.94 44.29
N VAL IA 361 93.53 26.04 43.79
CA VAL IA 361 93.22 25.63 42.42
C VAL IA 361 93.87 26.62 41.46
N GLN IA 362 93.77 27.91 41.77
CA GLN IA 362 94.43 28.96 40.98
C GLN IA 362 95.94 28.73 40.89
N VAL IA 363 96.54 28.23 41.97
CA VAL IA 363 97.95 27.83 41.92
C VAL IA 363 98.20 26.77 40.85
N LEU IA 364 97.28 25.83 40.71
CA LEU IA 364 97.43 24.75 39.75
C LEU IA 364 97.29 25.29 38.33
N VAL IA 365 96.19 26.00 38.07
CA VAL IA 365 95.93 26.56 36.75
C VAL IA 365 97.10 27.41 36.26
N ASP IA 366 97.48 28.42 37.03
CA ASP IA 366 98.58 29.29 36.65
C ASP IA 366 99.79 28.45 36.24
N GLY IA 367 99.98 27.33 36.93
CA GLY IA 367 101.07 26.42 36.68
C GLY IA 367 100.92 25.65 35.39
N VAL IA 368 99.84 24.89 35.27
CA VAL IA 368 99.62 24.07 34.07
C VAL IA 368 99.63 24.96 32.82
N ASN IA 369 99.32 26.23 33.01
CA ASN IA 369 99.42 27.23 31.95
C ASN IA 369 100.87 27.57 31.57
N LEU IA 370 101.74 27.63 32.58
CA LEU IA 370 103.14 27.94 32.38
C LEU IA 370 103.81 26.74 31.73
N LEU IA 371 103.51 25.55 32.28
CA LEU IA 371 104.06 24.31 31.76
C LEU IA 371 103.67 24.08 30.31
N ILE IA 372 102.37 24.09 30.05
CA ILE IA 372 101.84 23.97 28.70
C ILE IA 372 102.53 24.94 27.72
N ALA IA 373 102.55 26.23 28.11
CA ALA IA 373 103.19 27.26 27.30
C ALA IA 373 104.66 26.95 26.99
N CYS IA 374 105.38 26.40 27.96
CA CYS IA 374 106.76 25.96 27.76
C CYS IA 374 106.85 24.77 26.82
N ASP IA 375 105.88 23.86 26.91
CA ASP IA 375 105.85 22.70 26.04
C ASP IA 375 105.69 23.16 24.61
N LYS IA 376 105.00 24.28 24.41
CA LYS IA 376 104.75 24.81 23.07
C LYS IA 376 106.02 25.42 22.45
N LYS IA 377 106.65 26.35 23.17
CA LYS IA 377 107.91 26.93 22.73
C LYS IA 377 108.83 25.83 22.21
N LEU IA 378 109.00 24.80 23.02
CA LEU IA 378 109.97 23.73 22.75
C LEU IA 378 109.60 22.90 21.53
N GLU IA 379 108.33 22.52 21.41
CA GLU IA 379 107.88 21.82 20.23
C GLU IA 379 108.18 22.68 19.00
N ALA IA 380 107.92 23.98 19.12
CA ALA IA 380 108.16 24.93 18.04
C ALA IA 380 109.65 25.15 17.79
N GLY IA 381 110.49 24.48 18.57
CA GLY IA 381 111.92 24.68 18.50
C GLY IA 381 112.27 26.10 18.93
N GLN IA 382 112.29 26.32 20.23
CA GLN IA 382 112.53 27.65 20.79
C GLN IA 382 112.86 27.52 22.27
N SER IA 383 113.59 28.48 22.83
CA SER IA 383 114.06 28.36 24.21
C SER IA 383 113.00 28.82 25.20
N ILE IA 384 113.24 28.53 26.48
CA ILE IA 384 112.27 28.80 27.52
C ILE IA 384 112.90 29.42 28.78
N ASP IA 385 114.17 29.79 28.71
CA ASP IA 385 114.88 30.29 29.88
C ASP IA 385 114.15 31.41 30.60
N ASP IA 386 113.59 32.33 29.83
CA ASP IA 386 112.94 33.52 30.38
C ASP IA 386 111.58 33.19 30.98
N MET IA 387 111.03 32.04 30.61
CA MET IA 387 109.72 31.62 31.11
C MET IA 387 109.86 31.13 32.54
N ILE IA 388 110.92 30.36 32.78
CA ILE IA 388 111.19 29.74 34.07
C ILE IA 388 111.21 30.73 35.23
N PRO IA 389 110.51 30.40 36.32
CA PRO IA 389 110.31 31.31 37.46
C PRO IA 389 111.63 31.74 38.11
N LYS IA 390 111.78 33.04 38.32
CA LYS IA 390 112.98 33.60 38.92
C LYS IA 390 113.14 33.25 40.42
N VAL JA 10 104.45 2.19 79.32
CA VAL JA 10 104.83 0.78 79.23
C VAL JA 10 103.65 -0.09 78.81
N LYS JA 11 102.53 0.03 79.51
CA LYS JA 11 101.31 -0.70 79.15
C LYS JA 11 100.68 -0.10 77.90
N ASN JA 12 101.37 0.84 77.27
CA ASN JA 12 100.91 1.46 76.03
C ASN JA 12 101.92 1.26 74.90
N ARG JA 13 102.71 0.19 75.01
CA ARG JA 13 103.80 -0.08 74.07
C ARG JA 13 103.38 -0.02 72.61
N VAL JA 14 102.20 -0.53 72.31
CA VAL JA 14 101.73 -0.72 70.93
C VAL JA 14 101.48 0.59 70.19
N GLY JA 15 100.83 1.54 70.86
CA GLY JA 15 100.54 2.84 70.29
C GLY JA 15 99.16 2.93 69.66
N HIS JA 16 98.29 1.99 70.00
CA HIS JA 16 96.95 1.88 69.42
C HIS JA 16 95.87 2.13 70.47
N SER JA 17 94.76 2.74 70.05
CA SER JA 17 93.65 2.95 70.97
C SER JA 17 93.31 1.65 71.68
N LYS JA 18 92.63 1.75 72.82
CA LYS JA 18 92.21 0.57 73.56
C LYS JA 18 90.69 0.60 73.69
N PRO JA 19 89.99 0.03 72.70
CA PRO JA 19 88.51 0.04 72.66
C PRO JA 19 87.88 -0.42 73.97
N TRP JA 20 88.56 -1.31 74.69
CA TRP JA 20 88.04 -1.82 75.96
C TRP JA 20 87.90 -0.73 77.03
N GLU JA 21 89.04 -0.18 77.44
CA GLU JA 21 89.13 0.67 78.64
C GLU JA 21 88.03 1.78 78.90
N SER JA 22 87.85 2.70 77.92
CA SER JA 22 86.88 3.85 78.01
C SER JA 22 85.41 3.49 77.83
N GLY JA 23 85.13 2.26 77.41
CA GLY JA 23 83.81 1.68 77.58
C GLY JA 23 82.68 2.00 76.60
N LYS JA 24 82.95 2.47 75.38
CA LYS JA 24 81.88 2.60 74.39
C LYS JA 24 81.95 1.45 73.41
N PHE JA 25 82.74 0.44 73.77
CA PHE JA 25 82.83 -0.77 72.98
C PHE JA 25 82.85 -2.04 73.85
N LYS JA 26 81.84 -2.87 73.69
CA LYS JA 26 81.89 -4.21 74.28
C LYS JA 26 82.77 -5.03 73.34
N ALA JA 27 83.29 -6.14 73.84
CA ALA JA 27 84.19 -6.95 73.04
C ALA JA 27 83.64 -7.29 71.65
N ALA JA 28 82.32 -7.40 71.53
CA ALA JA 28 81.67 -7.86 70.30
C ALA JA 28 81.84 -6.90 69.14
N ASP JA 29 82.00 -5.62 69.48
CA ASP JA 29 82.14 -4.58 68.47
C ASP JA 29 83.55 -4.54 67.92
N ASN JA 30 84.43 -5.38 68.49
CA ASN JA 30 85.83 -5.40 68.09
C ASN JA 30 86.27 -6.79 67.63
N PHE JA 31 85.35 -7.75 67.62
CA PHE JA 31 85.66 -9.13 67.22
C PHE JA 31 85.91 -9.22 65.71
N PRO JA 32 87.03 -9.84 65.32
CA PRO JA 32 87.40 -9.83 63.90
C PRO JA 32 86.46 -10.65 63.00
N ASP JA 33 86.14 -10.10 61.83
CA ASP JA 33 85.36 -10.81 60.83
C ASP JA 33 86.25 -11.81 60.11
N LEU JA 34 86.21 -13.07 60.55
CA LEU JA 34 87.12 -14.12 60.06
C LEU JA 34 86.48 -15.15 59.11
N SER JA 35 85.53 -14.72 58.28
CA SER JA 35 84.85 -15.65 57.38
C SER JA 35 85.77 -16.16 56.28
N LYS JA 36 86.56 -15.25 55.71
CA LYS JA 36 87.48 -15.60 54.64
C LYS JA 36 88.58 -16.50 55.18
N HIS JA 37 89.00 -16.20 56.41
CA HIS JA 37 90.26 -16.69 56.95
C HIS JA 37 90.42 -18.21 57.08
N ASN JA 38 91.54 -18.70 56.57
CA ASN JA 38 91.95 -20.08 56.78
C ASN JA 38 93.31 -20.11 57.46
N ASN JA 39 93.29 -19.93 58.77
CA ASN JA 39 94.49 -20.05 59.57
C ASN JA 39 94.14 -20.51 60.97
N VAL JA 40 95.13 -20.97 61.71
CA VAL JA 40 94.88 -21.64 62.98
C VAL JA 40 94.17 -20.71 63.96
N MET JA 41 94.52 -19.43 63.93
CA MET JA 41 93.85 -18.43 64.75
C MET JA 41 92.35 -18.39 64.44
N ALA JA 42 92.01 -18.50 63.15
CA ALA JA 42 90.62 -18.39 62.71
C ALA JA 42 89.81 -19.64 63.05
N SER JA 43 90.49 -20.78 63.13
CA SER JA 43 89.85 -22.06 63.44
C SER JA 43 89.71 -22.32 64.93
N GLN JA 44 90.43 -21.56 65.75
CA GLN JA 44 90.42 -21.80 67.20
C GLN JA 44 89.71 -20.70 67.98
N LEU JA 45 89.81 -19.47 67.47
CA LEU JA 45 89.24 -18.31 68.13
C LEU JA 45 87.72 -18.34 68.15
N THR JA 46 87.17 -18.14 69.35
CA THR JA 46 85.73 -18.06 69.59
C THR JA 46 85.40 -16.69 70.16
N LYS JA 47 84.16 -16.23 69.96
CA LYS JA 47 83.71 -14.97 70.54
C LYS JA 47 83.93 -14.95 72.06
N GLU JA 48 83.84 -16.13 72.67
CA GLU JA 48 84.01 -16.27 74.11
C GLU JA 48 85.45 -15.99 74.51
N LEU JA 49 86.39 -16.60 73.79
CA LEU JA 49 87.81 -16.38 74.02
C LEU JA 49 88.17 -14.92 73.79
N TYR JA 50 87.76 -14.37 72.65
CA TYR JA 50 88.06 -12.98 72.37
C TYR JA 50 87.47 -12.08 73.44
N GLU JA 51 86.36 -12.51 74.02
CA GLU JA 51 85.65 -11.74 75.03
C GLU JA 51 86.44 -11.68 76.33
N LYS JA 52 86.88 -12.84 76.78
CA LYS JA 52 87.64 -12.98 78.03
C LYS JA 52 89.07 -12.43 77.97
N TYR JA 53 89.61 -12.27 76.77
CA TYR JA 53 91.03 -11.94 76.61
C TYR JA 53 91.35 -10.57 75.99
N TRP JA 54 90.39 -9.96 75.30
CA TRP JA 54 90.63 -8.70 74.60
C TRP JA 54 91.23 -7.59 75.47
N ASP JA 55 90.74 -7.46 76.70
CA ASP JA 55 91.22 -6.40 77.59
C ASP JA 55 92.29 -6.84 78.60
N LYS JA 56 93.03 -7.91 78.28
CA LYS JA 56 94.05 -8.42 79.20
C LYS JA 56 95.47 -8.09 78.68
N VAL JA 57 96.35 -7.65 79.57
CA VAL JA 57 97.63 -7.03 79.17
C VAL JA 57 98.84 -7.53 79.98
N THR JA 58 99.90 -7.95 79.28
CA THR JA 58 101.12 -8.42 79.94
C THR JA 58 101.93 -7.22 80.39
N PRO JA 59 102.84 -7.42 81.37
CA PRO JA 59 103.68 -6.37 81.96
C PRO JA 59 104.28 -5.42 80.90
N ASN JA 60 104.74 -5.98 79.80
CA ASN JA 60 105.40 -5.22 78.74
C ASN JA 60 104.44 -4.44 77.85
N GLY JA 61 103.14 -4.58 78.11
CA GLY JA 61 102.14 -3.82 77.38
C GLY JA 61 101.57 -4.58 76.20
N VAL JA 62 101.84 -5.88 76.13
CA VAL JA 62 101.37 -6.72 75.04
C VAL JA 62 99.88 -7.03 75.25
N THR JA 63 99.10 -6.86 74.18
CA THR JA 63 97.67 -7.13 74.19
C THR JA 63 97.37 -8.40 73.40
N PHE JA 64 96.15 -8.92 73.58
CA PHE JA 64 95.69 -10.07 72.79
C PHE JA 64 95.54 -9.67 71.32
N ASP JA 65 95.10 -8.45 71.07
CA ASP JA 65 95.01 -7.88 69.72
C ASP JA 65 96.34 -7.86 68.99
N LYS JA 66 97.39 -7.38 69.67
CA LYS JA 66 98.71 -7.34 69.05
C LYS JA 66 99.16 -8.75 68.70
N CYS JA 67 98.71 -9.72 69.48
CA CYS JA 67 99.13 -11.10 69.32
C CYS JA 67 98.52 -11.78 68.09
N ILE JA 68 97.20 -11.64 67.91
CA ILE JA 68 96.51 -12.30 66.80
C ILE JA 68 96.48 -11.45 65.54
N GLN JA 69 96.96 -10.21 65.65
CA GLN JA 69 96.83 -9.24 64.57
C GLN JA 69 97.31 -9.74 63.19
N THR JA 70 98.29 -10.64 63.17
CA THR JA 70 98.77 -11.18 61.91
C THR JA 70 97.74 -12.08 61.23
N GLY JA 71 96.91 -12.76 62.00
CA GLY JA 71 95.92 -13.66 61.41
C GLY JA 71 94.77 -12.91 60.76
N VAL JA 72 94.32 -11.86 61.43
CA VAL JA 72 93.33 -10.97 60.85
C VAL JA 72 93.80 -10.52 59.46
N ASP JA 73 95.04 -10.04 59.38
CA ASP JA 73 95.61 -9.49 58.15
C ASP JA 73 95.96 -10.53 57.08
N ASN JA 74 96.04 -11.79 57.47
CA ASN JA 74 96.45 -12.82 56.52
C ASN JA 74 95.46 -13.98 56.38
N PRO JA 75 94.33 -13.75 55.68
CA PRO JA 75 93.28 -14.73 55.38
C PRO JA 75 93.73 -15.91 54.48
N GLY JA 76 94.69 -15.69 53.59
CA GLY JA 76 95.14 -16.77 52.69
C GLY JA 76 96.64 -16.94 52.60
N ASN JA 77 97.09 -17.77 51.65
CA ASN JA 77 98.51 -18.05 51.44
C ASN JA 77 98.82 -18.44 49.99
N LYS JA 78 99.59 -17.61 49.30
CA LYS JA 78 99.90 -17.85 47.89
C LYS JA 78 100.94 -18.94 47.68
N PHE JA 79 101.37 -19.55 48.77
CA PHE JA 79 102.30 -20.66 48.75
C PHE JA 79 101.68 -21.85 49.49
N TYR JA 80 102.51 -22.81 49.93
CA TYR JA 80 102.01 -24.08 50.50
C TYR JA 80 101.59 -24.03 51.96
N GLY JA 81 100.54 -24.78 52.30
CA GLY JA 81 100.21 -25.05 53.70
C GLY JA 81 99.27 -24.09 54.40
N LYS JA 82 99.10 -24.31 55.71
CA LYS JA 82 98.18 -23.50 56.50
C LYS JA 82 98.93 -22.77 57.60
N LYS JA 83 98.98 -21.45 57.48
CA LYS JA 83 99.66 -20.55 58.41
C LYS JA 83 99.01 -20.55 59.80
N THR JA 84 99.80 -20.22 60.82
CA THR JA 84 99.34 -20.21 62.21
C THR JA 84 98.38 -19.04 62.49
N GLY JA 85 98.87 -17.81 62.41
CA GLY JA 85 98.01 -16.64 62.49
C GLY JA 85 98.01 -15.91 63.81
N CYS JA 86 99.00 -16.21 64.65
CA CYS JA 86 99.20 -15.52 65.91
C CYS JA 86 100.66 -15.60 66.32
N VAL JA 87 101.02 -14.77 67.30
CA VAL JA 87 102.40 -14.64 67.75
C VAL JA 87 102.42 -14.43 69.26
N PHE JA 88 103.60 -14.65 69.87
CA PHE JA 88 103.83 -14.26 71.27
C PHE JA 88 104.49 -12.88 71.24
N GLY JA 89 104.01 -11.97 72.08
CA GLY JA 89 104.60 -10.64 72.13
C GLY JA 89 105.84 -10.65 73.00
N ASP JA 90 105.74 -11.38 74.10
CA ASP JA 90 106.86 -11.51 75.02
C ASP JA 90 106.77 -12.87 75.69
N GLU JA 91 107.54 -13.03 76.77
CA GLU JA 91 107.63 -14.28 77.51
C GLU JA 91 106.35 -14.61 78.31
N TYR JA 92 105.47 -13.61 78.48
CA TYR JA 92 104.21 -13.79 79.23
C TYR JA 92 102.99 -14.07 78.33
N SER JA 93 103.05 -13.60 77.09
CA SER JA 93 101.96 -13.74 76.14
C SER JA 93 101.17 -15.05 76.26
N TYR JA 94 101.91 -16.15 76.35
CA TYR JA 94 101.28 -17.46 76.47
C TYR JA 94 100.38 -17.54 77.69
N GLU JA 95 100.97 -17.32 78.87
CA GLU JA 95 100.25 -17.39 80.14
C GLU JA 95 99.02 -16.50 80.15
N CYS JA 96 99.18 -15.28 79.64
CA CYS JA 96 98.09 -14.33 79.58
C CYS JA 96 96.88 -14.94 78.86
N TYR JA 97 97.11 -15.55 77.70
CA TYR JA 97 96.03 -16.06 76.85
C TYR JA 97 96.15 -17.57 76.62
N LYS JA 98 96.47 -18.29 77.69
CA LYS JA 98 96.77 -19.71 77.65
C LYS JA 98 95.64 -20.60 77.10
N GLU JA 99 94.39 -20.34 77.49
CA GLU JA 99 93.29 -21.19 77.05
C GLU JA 99 93.12 -21.13 75.54
N PHE JA 100 93.44 -19.97 74.97
CA PHE JA 100 93.47 -19.81 73.52
C PHE JA 100 94.68 -20.49 72.87
N PHE JA 101 95.90 -20.21 73.35
CA PHE JA 101 97.09 -20.81 72.74
C PHE JA 101 97.14 -22.32 72.89
N ASP JA 102 96.50 -22.84 73.94
CA ASP JA 102 96.44 -24.29 74.16
C ASP JA 102 95.66 -24.95 73.01
N LYS JA 103 94.71 -24.22 72.44
CA LYS JA 103 93.92 -24.74 71.33
C LYS JA 103 94.75 -24.70 70.04
N CYS JA 104 95.53 -23.63 69.87
CA CYS JA 104 96.39 -23.48 68.71
C CYS JA 104 97.45 -24.56 68.74
N ILE JA 105 98.05 -24.73 69.91
CA ILE JA 105 99.14 -25.69 70.13
C ILE JA 105 98.72 -27.13 69.77
N GLU JA 106 97.49 -27.47 70.12
CA GLU JA 106 97.01 -28.83 69.88
C GLU JA 106 96.90 -29.14 68.40
N GLU JA 107 96.29 -28.23 67.63
CA GLU JA 107 96.17 -28.41 66.19
C GLU JA 107 97.53 -28.52 65.51
N ILE JA 108 98.53 -27.81 66.02
CA ILE JA 108 99.84 -27.81 65.41
C ILE JA 108 100.65 -29.06 65.73
N HIS JA 109 100.81 -29.35 67.01
CA HIS JA 109 101.71 -30.42 67.44
C HIS JA 109 100.99 -31.62 68.04
N HIS JA 110 99.66 -31.69 67.89
CA HIS JA 110 98.88 -32.74 68.53
C HIS JA 110 99.28 -32.83 70.00
N PHE JA 111 99.34 -31.67 70.65
CA PHE JA 111 99.84 -31.53 72.01
C PHE JA 111 98.81 -30.87 72.93
N LYS JA 112 98.34 -31.62 73.92
CA LYS JA 112 97.27 -31.17 74.81
C LYS JA 112 97.80 -30.47 76.08
N PRO JA 113 96.93 -29.74 76.80
CA PRO JA 113 97.30 -28.97 77.99
C PRO JA 113 97.79 -29.82 79.16
N SER JA 114 97.59 -31.12 79.08
CA SER JA 114 98.04 -32.05 80.11
C SER JA 114 99.30 -32.83 79.70
N ASP JA 115 99.74 -32.68 78.45
CA ASP JA 115 101.03 -33.23 78.02
C ASP JA 115 102.20 -32.43 78.61
N LYS JA 116 103.40 -32.95 78.42
CA LYS JA 116 104.63 -32.25 78.83
C LYS JA 116 105.80 -32.61 77.90
N HIS JA 117 106.48 -31.60 77.39
CA HIS JA 117 107.62 -31.78 76.50
C HIS JA 117 108.77 -32.54 77.17
N PRO JA 118 109.26 -33.60 76.50
CA PRO JA 118 110.26 -34.55 76.98
C PRO JA 118 111.66 -33.95 77.09
N ALA JA 119 112.61 -34.73 77.59
CA ALA JA 119 113.99 -34.28 77.75
C ALA JA 119 114.77 -34.23 76.44
N PRO JA 120 115.55 -33.16 76.24
CA PRO JA 120 116.47 -32.99 75.11
C PRO JA 120 117.17 -34.29 74.74
N ASP JA 121 117.23 -34.60 73.45
CA ASP JA 121 117.95 -35.78 72.98
C ASP JA 121 118.65 -35.46 71.66
N LEU JA 122 119.91 -35.04 71.74
CA LEU JA 122 120.67 -34.58 70.59
C LEU JA 122 121.65 -35.62 70.03
N ASP JA 123 121.42 -36.90 70.31
CA ASP JA 123 122.38 -37.94 69.91
C ASP JA 123 122.16 -38.39 68.47
N HIS JA 124 123.06 -38.02 67.58
CA HIS JA 124 122.91 -38.35 66.16
C HIS JA 124 123.28 -39.80 65.87
N ASN JA 125 123.86 -40.47 66.85
CA ASN JA 125 124.21 -41.88 66.71
C ASN JA 125 123.02 -42.81 66.95
N LYS JA 126 121.93 -42.24 67.49
CA LYS JA 126 120.71 -43.00 67.73
C LYS JA 126 119.81 -42.97 66.50
N LEU JA 127 120.31 -42.39 65.41
CA LEU JA 127 119.52 -42.25 64.20
C LEU JA 127 119.56 -43.51 63.32
N VAL JA 128 118.48 -43.77 62.59
CA VAL JA 128 118.38 -44.93 61.71
C VAL JA 128 118.08 -44.46 60.31
N GLY JA 129 119.07 -44.54 59.44
CA GLY JA 129 119.02 -43.89 58.15
C GLY JA 129 119.60 -42.50 58.34
N GLY JA 130 119.21 -41.55 57.50
CA GLY JA 130 119.78 -40.21 57.57
C GLY JA 130 120.89 -40.04 56.55
N VAL JA 131 120.95 -40.94 55.59
CA VAL JA 131 121.85 -40.83 54.46
C VAL JA 131 121.07 -41.26 53.23
N PHE JA 132 120.73 -40.29 52.38
CA PHE JA 132 119.87 -40.52 51.22
C PHE JA 132 120.64 -40.34 49.91
N GLU JA 133 120.07 -40.84 48.82
CA GLU JA 133 120.66 -40.77 47.49
C GLU JA 133 120.60 -39.38 46.84
N ASP JA 134 121.75 -38.94 46.35
CA ASP JA 134 121.97 -37.69 45.62
C ASP JA 134 120.96 -37.39 44.49
N LYS JA 135 120.43 -38.46 43.91
CA LYS JA 135 119.44 -38.35 42.86
C LYS JA 135 118.19 -37.61 43.39
N TYR JA 136 117.90 -37.81 44.66
CA TYR JA 136 116.67 -37.29 45.23
C TYR JA 136 116.92 -36.15 46.23
N VAL JA 137 117.78 -36.40 47.22
CA VAL JA 137 118.11 -35.38 48.21
C VAL JA 137 119.33 -34.59 47.77
N LYS JA 138 119.20 -33.26 47.63
CA LYS JA 138 120.28 -32.45 47.10
C LYS JA 138 120.96 -31.59 48.17
N SER JA 139 120.26 -31.34 49.29
CA SER JA 139 120.89 -30.70 50.43
C SER JA 139 120.15 -30.94 51.75
N CYS JA 140 120.84 -30.66 52.84
CA CYS JA 140 120.39 -31.05 54.18
C CYS JA 140 120.57 -29.88 55.14
N ARG JA 141 119.54 -29.57 55.91
CA ARG JA 141 119.56 -28.40 56.80
C ARG JA 141 118.82 -28.65 58.10
N ILE JA 142 119.46 -28.33 59.21
CA ILE JA 142 118.78 -28.38 60.51
C ILE JA 142 118.90 -27.02 61.15
N ARG JA 143 117.80 -26.56 61.74
CA ARG JA 143 117.63 -25.21 62.21
C ARG JA 143 117.00 -25.20 63.61
N CYS JA 144 117.36 -24.24 64.44
CA CYS JA 144 116.64 -24.03 65.70
C CYS JA 144 116.64 -22.54 66.12
N GLY JA 145 115.59 -22.10 66.79
CA GLY JA 145 115.56 -20.76 67.33
C GLY JA 145 115.51 -20.70 68.84
N ARG JA 146 115.95 -19.58 69.42
CA ARG JA 146 115.82 -19.32 70.86
C ARG JA 146 115.51 -17.84 71.08
N SER JA 147 115.10 -17.48 72.30
CA SER JA 147 114.80 -16.09 72.64
C SER JA 147 115.53 -15.72 73.92
N VAL JA 148 116.02 -14.48 74.01
CA VAL JA 148 116.75 -14.04 75.19
C VAL JA 148 115.82 -13.55 76.27
N LYS JA 149 116.00 -14.04 77.49
CA LYS JA 149 115.06 -13.77 78.57
C LYS JA 149 115.05 -12.32 79.03
N GLY JA 150 113.89 -11.89 79.53
CA GLY JA 150 113.72 -10.55 80.04
C GLY JA 150 113.58 -9.55 78.90
N VAL JA 151 113.52 -10.07 77.68
CA VAL JA 151 113.48 -9.23 76.49
C VAL JA 151 112.21 -9.52 75.68
N CYS JA 152 111.54 -8.49 75.21
CA CYS JA 152 110.39 -8.72 74.35
C CYS JA 152 110.81 -9.49 73.12
N LEU JA 153 109.82 -10.07 72.44
CA LEU JA 153 110.04 -10.75 71.18
C LEU JA 153 109.91 -9.78 70.00
N PRO JA 154 110.57 -10.10 68.87
CA PRO JA 154 110.63 -9.20 67.71
C PRO JA 154 109.34 -8.47 67.30
N PRO JA 155 108.17 -9.12 67.38
CA PRO JA 155 106.95 -8.36 67.04
C PRO JA 155 106.77 -7.09 67.88
N ALA JA 156 107.14 -7.16 69.16
CA ALA JA 156 106.88 -6.06 70.08
C ALA JA 156 108.09 -5.35 70.66
N MET JA 157 109.28 -5.92 70.51
CA MET JA 157 110.45 -5.31 71.14
C MET JA 157 110.67 -3.90 70.60
N SER JA 158 111.71 -3.23 71.08
CA SER JA 158 111.96 -1.85 70.70
C SER JA 158 113.39 -1.73 70.21
N ARG JA 159 113.69 -0.65 69.48
CA ARG JA 159 115.06 -0.42 69.02
C ARG JA 159 116.12 -0.68 70.12
N ALA JA 160 115.99 -0.01 71.26
CA ALA JA 160 116.94 -0.18 72.37
C ALA JA 160 117.16 -1.66 72.63
N GLU JA 161 116.08 -2.39 72.83
CA GLU JA 161 116.11 -3.84 73.06
C GLU JA 161 116.78 -4.65 71.97
N ARG JA 162 116.46 -4.32 70.71
CA ARG JA 162 117.00 -5.01 69.54
C ARG JA 162 118.50 -4.78 69.44
N ARG JA 163 118.94 -3.60 69.89
CA ARG JA 163 120.36 -3.30 69.96
C ARG JA 163 121.02 -4.08 71.09
N LEU JA 164 120.35 -4.14 72.24
CA LEU JA 164 120.83 -4.91 73.38
C LEU JA 164 121.02 -6.39 73.05
N VAL JA 165 120.12 -6.91 72.23
CA VAL JA 165 120.14 -8.31 71.84
C VAL JA 165 121.16 -8.59 70.72
N GLU JA 166 121.30 -7.69 69.76
CA GLU JA 166 122.33 -7.86 68.74
C GLU JA 166 123.70 -7.94 69.39
N LYS JA 167 123.92 -7.05 70.36
CA LYS JA 167 125.23 -6.89 71.01
C LYS JA 167 125.63 -8.04 71.94
N VAL JA 168 124.69 -8.46 72.80
CA VAL JA 168 124.93 -9.57 73.72
C VAL JA 168 125.27 -10.89 73.02
N VAL JA 169 124.57 -11.18 71.93
CA VAL JA 169 124.72 -12.45 71.23
C VAL JA 169 125.98 -12.52 70.39
N SER JA 170 126.30 -11.42 69.72
CA SER JA 170 127.52 -11.34 68.93
C SER JA 170 128.74 -11.46 69.83
N ASP JA 171 128.72 -10.77 70.96
CA ASP JA 171 129.78 -10.91 71.95
C ASP JA 171 129.86 -12.37 72.38
N ALA JA 172 128.73 -12.92 72.81
CA ALA JA 172 128.68 -14.32 73.25
C ALA JA 172 129.09 -15.31 72.15
N LEU JA 173 129.02 -14.90 70.88
CA LEU JA 173 129.38 -15.80 69.78
C LEU JA 173 130.87 -15.76 69.42
N GLY JA 174 131.54 -14.70 69.87
CA GLY JA 174 132.98 -14.63 69.73
C GLY JA 174 133.65 -15.68 70.60
N GLY JA 175 132.87 -16.24 71.55
CA GLY JA 175 133.37 -17.29 72.42
C GLY JA 175 133.33 -18.67 71.79
N LEU JA 176 133.06 -18.72 70.49
CA LEU JA 176 133.09 -19.99 69.75
C LEU JA 176 134.47 -20.27 69.15
N LYS JA 177 134.97 -21.49 69.35
CA LYS JA 177 136.32 -21.80 68.95
C LYS JA 177 136.39 -23.05 68.10
N GLY JA 178 137.51 -23.19 67.39
CA GLY JA 178 137.80 -24.39 66.61
C GLY JA 178 137.33 -24.24 65.19
N ASP JA 179 136.61 -25.25 64.72
CA ASP JA 179 135.98 -25.22 63.41
C ASP JA 179 134.61 -24.56 63.52
N LEU JA 180 134.29 -24.10 64.72
CA LEU JA 180 133.05 -23.37 64.95
C LEU JA 180 133.28 -21.87 65.20
N ALA JA 181 134.51 -21.42 64.93
CA ALA JA 181 134.84 -20.00 65.08
C ALA JA 181 134.32 -19.24 63.86
N GLY JA 182 133.58 -18.17 64.12
CA GLY JA 182 132.97 -17.42 63.04
C GLY JA 182 133.14 -15.94 63.20
N LYS JA 183 132.49 -15.17 62.33
CA LYS JA 183 132.50 -13.72 62.42
C LYS JA 183 131.10 -13.14 62.25
N TYR JA 184 130.81 -12.07 62.98
CA TYR JA 184 129.55 -11.35 62.86
C TYR JA 184 129.56 -10.28 61.76
N TYR JA 185 128.63 -10.40 60.81
CA TYR JA 185 128.49 -9.42 59.75
C TYR JA 185 127.14 -8.70 59.86
N PRO JA 186 127.13 -7.53 60.52
CA PRO JA 186 125.90 -6.73 60.68
C PRO JA 186 125.25 -6.41 59.33
N LEU JA 187 123.94 -6.62 59.24
CA LEU JA 187 123.20 -6.39 58.01
C LEU JA 187 123.36 -4.96 57.50
N THR JA 188 123.42 -4.02 58.45
CA THR JA 188 123.56 -2.58 58.14
C THR JA 188 124.83 -2.19 57.35
N THR JA 189 125.96 -2.83 57.64
CA THR JA 189 127.22 -2.50 56.96
C THR JA 189 127.56 -3.47 55.83
N MET JA 190 126.54 -4.01 55.18
CA MET JA 190 126.70 -5.06 54.18
C MET JA 190 125.96 -4.68 52.90
N ASN JA 191 126.68 -4.46 51.80
CA ASN JA 191 126.05 -3.98 50.57
C ASN JA 191 125.01 -4.94 50.00
N GLU JA 192 124.28 -4.49 48.99
CA GLU JA 192 123.19 -5.26 48.40
C GLU JA 192 123.68 -6.54 47.73
N LYS JA 193 124.81 -6.46 47.05
CA LYS JA 193 125.29 -7.60 46.30
C LYS JA 193 125.70 -8.74 47.23
N ASP JA 194 126.39 -8.41 48.31
CA ASP JA 194 126.81 -9.42 49.26
C ASP JA 194 125.60 -10.06 49.96
N GLN JA 195 124.63 -9.25 50.33
CA GLN JA 195 123.39 -9.75 50.93
C GLN JA 195 122.63 -10.70 50.00
N GLU JA 196 122.41 -10.27 48.76
CA GLU JA 196 121.66 -11.05 47.80
C GLU JA 196 122.27 -12.43 47.50
N GLN JA 197 123.60 -12.47 47.42
CA GLN JA 197 124.33 -13.69 47.11
C GLN JA 197 124.27 -14.75 48.23
N LEU JA 198 124.31 -14.28 49.48
CA LEU JA 198 124.03 -15.14 50.63
C LEU JA 198 122.60 -15.66 50.60
N ILE JA 199 121.64 -14.75 50.49
CA ILE JA 199 120.23 -15.12 50.43
C ILE JA 199 120.04 -16.23 49.40
N GLU JA 200 120.38 -15.92 48.15
CA GLU JA 200 120.33 -16.87 47.03
C GLU JA 200 121.08 -18.19 47.29
N ASP JA 201 122.12 -18.13 48.11
CA ASP JA 201 122.91 -19.33 48.45
C ASP JA 201 122.35 -20.02 49.70
N HIS JA 202 121.18 -19.59 50.14
CA HIS JA 202 120.40 -20.22 51.23
C HIS JA 202 120.93 -20.00 52.64
N PHE JA 203 121.73 -18.96 52.85
CA PHE JA 203 122.37 -18.75 54.14
C PHE JA 203 121.74 -17.61 54.93
N LEU JA 204 121.39 -16.56 54.20
CA LEU JA 204 120.81 -15.40 54.82
C LEU JA 204 119.31 -15.36 54.58
N PHE JA 205 118.58 -14.93 55.60
CA PHE JA 205 117.13 -14.73 55.50
C PHE JA 205 116.87 -13.58 54.56
N GLU JA 206 115.71 -13.60 53.93
CA GLU JA 206 115.38 -12.72 52.80
C GLU JA 206 115.18 -11.27 53.20
N LYS JA 207 115.01 -10.43 52.18
CA LYS JA 207 114.59 -9.05 52.36
C LYS JA 207 113.21 -9.00 52.98
N PRO JA 208 113.03 -8.21 54.04
CA PRO JA 208 111.81 -8.20 54.84
C PRO JA 208 110.55 -7.94 54.00
N THR JA 209 110.01 -9.00 53.41
CA THR JA 209 108.79 -8.91 52.63
C THR JA 209 107.85 -10.08 52.92
N GLY JA 210 108.12 -10.79 54.01
CA GLY JA 210 107.28 -11.91 54.40
C GLY JA 210 106.02 -11.44 55.11
N ALA JA 211 104.88 -11.91 54.64
CA ALA JA 211 103.57 -11.46 55.11
C ALA JA 211 103.46 -11.52 56.63
N LEU JA 212 104.02 -12.57 57.22
CA LEU JA 212 104.00 -12.71 58.67
C LEU JA 212 104.93 -11.71 59.32
N LEU JA 213 106.14 -11.58 58.79
CA LEU JA 213 107.16 -10.71 59.37
C LEU JA 213 106.64 -9.27 59.41
N THR JA 214 106.14 -8.80 58.28
CA THR JA 214 105.66 -7.43 58.21
C THR JA 214 104.41 -7.27 59.10
N THR JA 215 103.31 -7.92 58.74
CA THR JA 215 102.05 -7.78 59.49
C THR JA 215 102.20 -8.00 61.00
N SER JA 216 103.23 -8.74 61.42
CA SER JA 216 103.43 -8.95 62.86
C SER JA 216 104.38 -7.95 63.53
N GLY JA 217 104.93 -7.02 62.77
CA GLY JA 217 105.79 -5.99 63.37
C GLY JA 217 107.27 -6.34 63.43
N CYS JA 218 107.62 -7.53 62.96
CA CYS JA 218 109.00 -8.02 63.02
C CYS JA 218 109.96 -7.35 62.03
N ALA JA 219 109.42 -6.48 61.18
CA ALA JA 219 110.25 -5.76 60.22
C ALA JA 219 110.37 -4.25 60.53
N ARG JA 220 110.10 -3.86 61.77
CA ARG JA 220 110.27 -2.46 62.16
C ARG JA 220 111.74 -2.04 62.23
N ASP JA 221 112.03 -0.87 61.63
CA ASP JA 221 113.34 -0.24 61.67
C ASP JA 221 114.44 -1.12 61.05
N TRP JA 222 114.16 -1.70 59.90
CA TRP JA 222 115.16 -2.49 59.20
C TRP JA 222 116.19 -1.51 58.64
N PRO JA 223 117.45 -1.93 58.52
CA PRO JA 223 117.98 -3.25 58.89
C PRO JA 223 118.61 -3.26 60.27
N ASP JA 224 118.41 -2.17 61.01
CA ASP JA 224 119.06 -1.93 62.30
C ASP JA 224 119.05 -3.14 63.25
N GLY JA 225 120.23 -3.53 63.75
CA GLY JA 225 120.33 -4.55 64.78
C GLY JA 225 120.13 -5.96 64.26
N ARG JA 226 120.14 -6.12 62.93
CA ARG JA 226 120.01 -7.42 62.26
C ARG JA 226 121.36 -7.89 61.78
N GLY JA 227 121.63 -9.18 61.95
CA GLY JA 227 122.91 -9.71 61.53
C GLY JA 227 123.02 -11.22 61.43
N ILE JA 228 124.02 -11.65 60.68
CA ILE JA 228 124.34 -13.05 60.51
C ILE JA 228 125.71 -13.35 61.12
N TRP JA 229 125.82 -14.50 61.75
CA TRP JA 229 127.11 -14.98 62.22
C TRP JA 229 127.36 -16.31 61.51
N HIS JA 230 128.63 -16.66 61.32
CA HIS JA 230 128.96 -17.90 60.62
C HIS JA 230 130.46 -18.12 60.49
N ASN JA 231 130.84 -19.39 60.40
CA ASN JA 231 132.22 -19.80 60.22
C ASN JA 231 132.68 -19.73 58.76
N ASN JA 232 133.93 -20.11 58.51
CA ASN JA 232 134.49 -20.02 57.15
C ASN JA 232 133.80 -20.94 56.19
N GLU JA 233 133.57 -22.19 56.61
CA GLU JA 233 132.91 -23.18 55.78
C GLU JA 233 131.46 -22.80 55.49
N LYS JA 234 130.88 -21.96 56.34
CA LYS JA 234 129.48 -21.59 56.22
C LYS JA 234 128.58 -22.81 56.36
N ASN JA 235 129.02 -23.79 57.14
CA ASN JA 235 128.14 -24.90 57.48
C ASN JA 235 127.60 -24.81 58.91
N PHE JA 236 127.97 -23.76 59.63
CA PHE JA 236 127.37 -23.44 60.92
C PHE JA 236 127.14 -21.94 61.08
N LEU JA 237 125.86 -21.56 61.14
CA LEU JA 237 125.45 -20.16 61.09
C LEU JA 237 124.51 -19.74 62.21
N VAL JA 238 124.42 -18.43 62.42
CA VAL JA 238 123.41 -17.86 63.30
C VAL JA 238 122.74 -16.64 62.69
N TRP JA 239 121.41 -16.65 62.67
CA TRP JA 239 120.66 -15.44 62.36
C TRP JA 239 120.40 -14.67 63.66
N ILE JA 240 120.56 -13.35 63.62
CA ILE JA 240 120.27 -12.51 64.76
C ILE JA 240 119.25 -11.41 64.46
N ASN JA 241 118.13 -11.43 65.19
CA ASN JA 241 117.09 -10.40 65.13
C ASN JA 241 116.30 -10.33 63.83
N GLU JA 242 115.82 -11.49 63.40
CA GLU JA 242 114.94 -11.60 62.24
C GLU JA 242 113.53 -11.82 62.79
N GLU JA 243 112.96 -12.99 62.59
CA GLU JA 243 111.68 -13.31 63.25
C GLU JA 243 111.94 -13.65 64.71
N ASP JA 244 112.97 -14.45 64.96
CA ASP JA 244 113.41 -14.72 66.33
C ASP JA 244 114.70 -13.97 66.63
N HIS JA 245 115.01 -13.79 67.91
CA HIS JA 245 116.25 -13.21 68.34
C HIS JA 245 117.39 -14.00 67.73
N ILE JA 246 117.25 -15.31 67.85
CA ILE JA 246 118.32 -16.24 67.57
C ILE JA 246 117.79 -17.38 66.71
N ARG JA 247 118.51 -17.66 65.63
CA ARG JA 247 118.29 -18.85 64.85
C ARG JA 247 119.65 -19.49 64.65
N VAL JA 248 119.76 -20.77 65.00
CA VAL JA 248 121.01 -21.50 64.87
C VAL JA 248 120.83 -22.55 63.80
N ILE JA 249 121.73 -22.55 62.82
CA ILE JA 249 121.55 -23.42 61.66
C ILE JA 249 122.79 -24.25 61.36
N SER JA 250 122.56 -25.43 60.78
CA SER JA 250 123.64 -26.29 60.31
C SER JA 250 123.19 -26.91 59.00
N MET JA 251 124.03 -26.86 57.98
CA MET JA 251 123.63 -27.29 56.66
C MET JA 251 124.83 -27.59 55.75
N GLN JA 252 124.58 -28.41 54.73
CA GLN JA 252 125.59 -28.76 53.74
C GLN JA 252 124.86 -29.33 52.54
N LYS JA 253 125.60 -29.53 51.45
CA LYS JA 253 125.03 -30.05 50.22
C LYS JA 253 125.18 -31.57 50.19
N GLY JA 254 124.47 -32.22 49.28
CA GLY JA 254 124.39 -33.67 49.28
C GLY JA 254 123.30 -34.11 50.24
N GLY JA 255 123.32 -35.39 50.62
CA GLY JA 255 122.22 -35.97 51.38
C GLY JA 255 122.56 -36.58 52.73
N ASP JA 256 123.54 -36.01 53.43
CA ASP JA 256 124.04 -36.62 54.66
C ASP JA 256 123.47 -35.98 55.94
N LEU JA 257 122.18 -36.24 56.18
CA LEU JA 257 121.45 -35.63 57.28
C LEU JA 257 122.16 -35.89 58.60
N LYS JA 258 122.53 -37.15 58.82
CA LYS JA 258 123.16 -37.57 60.06
C LYS JA 258 124.32 -36.65 60.41
N ALA JA 259 125.23 -36.45 59.45
CA ALA JA 259 126.38 -35.55 59.60
C ALA JA 259 125.93 -34.12 59.89
N VAL JA 260 124.86 -33.68 59.23
CA VAL JA 260 124.28 -32.36 59.52
C VAL JA 260 123.72 -32.31 60.95
N PHE JA 261 123.06 -33.38 61.36
CA PHE JA 261 122.55 -33.48 62.74
C PHE JA 261 123.67 -33.54 63.79
N SER JA 262 124.88 -33.91 63.38
CA SER JA 262 126.02 -33.93 64.30
C SER JA 262 126.58 -32.54 64.60
N ARG JA 263 126.85 -31.77 63.55
CA ARG JA 263 127.40 -30.42 63.71
C ARG JA 263 126.43 -29.54 64.48
N PHE JA 264 125.16 -29.63 64.11
CA PHE JA 264 124.10 -28.90 64.77
C PHE JA 264 124.11 -29.16 66.28
N ALA JA 265 124.13 -30.44 66.64
CA ALA JA 265 124.07 -30.85 68.03
C ALA JA 265 125.31 -30.39 68.78
N ARG JA 266 126.43 -30.35 68.08
CA ARG JA 266 127.68 -29.89 68.69
C ARG JA 266 127.75 -28.37 68.75
N GLY JA 267 127.10 -27.71 67.78
CA GLY JA 267 127.05 -26.27 67.73
C GLY JA 267 126.03 -25.68 68.71
N LEU JA 268 124.81 -26.18 68.65
CA LEU JA 268 123.77 -25.80 69.60
C LEU JA 268 124.23 -25.86 71.07
N LEU JA 269 124.88 -26.96 71.46
CA LEU JA 269 125.40 -27.09 72.82
C LEU JA 269 126.44 -26.02 73.16
N GLU JA 270 127.24 -25.66 72.17
CA GLU JA 270 128.21 -24.58 72.33
C GLU JA 270 127.55 -23.21 72.46
N VAL JA 271 126.56 -22.94 71.61
CA VAL JA 271 125.84 -21.68 71.67
C VAL JA 271 125.10 -21.56 73.00
N GLU JA 272 124.45 -22.66 73.41
CA GLU JA 272 123.67 -22.66 74.63
C GLU JA 272 124.52 -22.47 75.90
N ARG JA 273 125.72 -23.05 75.92
CA ARG JA 273 126.67 -22.87 77.03
C ARG JA 273 127.06 -21.41 77.20
N LEU JA 274 127.45 -20.80 76.09
CA LEU JA 274 127.91 -19.41 76.06
C LEU JA 274 126.81 -18.39 76.36
N MET JA 275 125.59 -18.66 75.92
CA MET JA 275 124.50 -17.71 76.14
C MET JA 275 124.17 -17.68 77.62
N LYS JA 276 124.29 -18.84 78.24
CA LYS JA 276 124.17 -18.97 79.68
C LYS JA 276 125.43 -18.37 80.31
N GLU JA 277 126.59 -18.91 79.93
CA GLU JA 277 127.91 -18.58 80.50
C GLU JA 277 128.29 -17.09 80.49
N CYS JA 278 127.52 -16.27 79.81
CA CYS JA 278 127.87 -14.85 79.72
C CYS JA 278 126.86 -14.01 80.50
N GLY JA 279 125.79 -14.66 80.96
CA GLY JA 279 124.84 -14.05 81.88
C GLY JA 279 123.52 -13.58 81.29
N HIS JA 280 122.96 -14.38 80.40
CA HIS JA 280 121.73 -13.97 79.70
C HIS JA 280 120.86 -15.18 79.35
N GLY JA 281 119.92 -15.50 80.24
CA GLY JA 281 119.09 -16.68 80.09
C GLY JA 281 118.37 -16.76 78.76
N LEU JA 282 117.84 -17.94 78.45
CA LEU JA 282 116.99 -18.09 77.27
C LEU JA 282 115.56 -18.37 77.71
N MET JA 283 114.63 -18.04 76.82
CA MET JA 283 113.22 -18.21 77.09
C MET JA 283 112.88 -19.68 77.09
N HIS JA 284 112.68 -20.22 78.28
CA HIS JA 284 112.39 -21.64 78.45
C HIS JA 284 111.26 -21.87 79.44
N ASN JA 285 110.46 -22.88 79.15
CA ASN JA 285 109.38 -23.27 80.03
C ASN JA 285 109.59 -24.71 80.42
N ASP JA 286 108.93 -25.16 81.48
CA ASP JA 286 109.08 -26.55 81.93
C ASP JA 286 108.18 -27.48 81.12
N ARG JA 287 106.95 -27.04 80.87
CA ARG JA 287 105.98 -27.88 80.18
C ARG JA 287 106.15 -27.77 78.66
N LEU JA 288 106.79 -26.70 78.20
CA LEU JA 288 106.74 -26.36 76.79
C LEU JA 288 108.10 -26.28 76.08
N GLY JA 289 109.18 -26.31 76.86
CA GLY JA 289 110.51 -26.20 76.31
C GLY JA 289 110.78 -24.76 75.92
N TYR JA 290 111.54 -24.58 74.84
CA TYR JA 290 111.92 -23.24 74.39
C TYR JA 290 110.81 -22.46 73.68
N ILE JA 291 110.73 -21.17 74.03
CA ILE JA 291 109.70 -20.25 73.50
C ILE JA 291 110.23 -19.25 72.47
N CYS JA 292 109.53 -19.14 71.35
CA CYS JA 292 109.87 -18.18 70.30
C CYS JA 292 108.69 -17.26 69.93
N THR JA 293 108.71 -16.73 68.71
CA THR JA 293 107.66 -15.81 68.22
C THR JA 293 106.40 -16.55 67.74
N CYS JA 294 106.54 -17.35 66.69
CA CYS JA 294 105.47 -18.20 66.17
C CYS JA 294 105.35 -19.49 66.99
N PRO JA 295 104.10 -19.94 67.25
CA PRO JA 295 103.83 -21.16 68.02
C PRO JA 295 104.14 -22.47 67.28
N THR JA 296 104.40 -22.45 65.98
CA THR JA 296 104.94 -23.65 65.36
C THR JA 296 106.30 -23.87 65.98
N ASN JA 297 106.85 -22.83 66.60
CA ASN JA 297 108.23 -22.82 67.09
C ASN JA 297 108.40 -23.03 68.60
N MET JA 298 107.94 -24.17 69.10
CA MET JA 298 107.97 -24.44 70.54
C MET JA 298 108.71 -25.75 70.83
N GLY JA 299 109.10 -25.94 72.09
CA GLY JA 299 109.80 -27.14 72.51
C GLY JA 299 111.25 -27.17 72.06
N THR JA 300 111.56 -28.14 71.21
CA THR JA 300 112.85 -28.23 70.56
C THR JA 300 113.06 -26.99 69.67
N VAL JA 301 111.98 -26.56 69.03
CA VAL JA 301 112.00 -25.46 68.06
C VAL JA 301 112.81 -25.83 66.82
N VAL JA 302 112.86 -27.12 66.53
CA VAL JA 302 113.70 -27.67 65.47
C VAL JA 302 112.91 -27.86 64.17
N ARG JA 303 113.53 -27.48 63.05
CA ARG JA 303 113.02 -27.80 61.72
C ARG JA 303 114.14 -28.32 60.85
N ALA JA 304 114.16 -29.64 60.65
CA ALA JA 304 115.13 -30.30 59.79
C ALA JA 304 114.48 -30.58 58.44
N SER JA 305 115.18 -30.20 57.38
CA SER JA 305 114.61 -30.32 56.04
C SER JA 305 115.58 -30.96 55.07
N VAL JA 306 115.04 -31.47 53.97
CA VAL JA 306 115.84 -31.92 52.84
C VAL JA 306 115.33 -31.23 51.59
N HIS JA 307 116.24 -30.92 50.66
CA HIS JA 307 115.82 -30.52 49.32
C HIS JA 307 115.63 -31.79 48.49
N LEU JA 308 114.37 -32.14 48.31
CA LEU JA 308 113.95 -33.43 47.75
C LEU JA 308 113.47 -33.32 46.31
N ARG JA 309 114.18 -33.98 45.39
CA ARG JA 309 113.68 -34.09 44.03
C ARG JA 309 112.77 -35.30 43.87
N LEU JA 310 111.61 -35.07 43.25
CA LEU JA 310 110.56 -36.08 43.13
C LEU JA 310 109.81 -35.90 41.83
N ALA JA 311 110.53 -36.01 40.70
CA ALA JA 311 109.93 -35.74 39.40
C ALA JA 311 108.61 -36.50 39.21
N PHE JA 312 108.54 -37.70 39.78
CA PHE JA 312 107.38 -38.56 39.53
C PHE JA 312 106.21 -38.43 40.52
N LEU JA 313 106.50 -38.30 41.80
CA LEU JA 313 105.46 -38.26 42.82
C LEU JA 313 104.81 -36.88 42.89
N GLU JA 314 105.58 -35.84 42.60
CA GLU JA 314 105.01 -34.49 42.56
C GLU JA 314 103.74 -34.45 41.71
N LYS JA 315 103.62 -35.38 40.76
CA LYS JA 315 102.46 -35.45 39.87
C LYS JA 315 101.32 -36.34 40.38
N HIS JA 316 101.57 -37.08 41.46
CA HIS JA 316 100.57 -38.02 41.98
C HIS JA 316 99.47 -37.30 42.76
N PRO JA 317 98.20 -37.66 42.51
CA PRO JA 317 97.07 -37.00 43.17
C PRO JA 317 97.04 -37.14 44.69
N ARG JA 318 97.73 -38.11 45.27
CA ARG JA 318 97.71 -38.26 46.72
C ARG JA 318 99.01 -37.81 47.38
N PHE JA 319 99.84 -37.10 46.63
CA PHE JA 319 101.12 -36.59 47.13
C PHE JA 319 100.95 -35.74 48.40
N ASP JA 320 100.24 -34.62 48.28
CA ASP JA 320 100.02 -33.72 49.41
C ASP JA 320 99.25 -34.38 50.56
N GLU JA 321 98.41 -35.35 50.23
CA GLU JA 321 97.70 -36.14 51.23
C GLU JA 321 98.69 -36.88 52.11
N MET JA 322 99.74 -37.42 51.47
CA MET JA 322 100.75 -38.23 52.14
C MET JA 322 101.64 -37.37 53.02
N LEU JA 323 101.97 -36.17 52.55
CA LEU JA 323 102.79 -35.24 53.32
C LEU JA 323 102.09 -34.87 54.63
N GLY JA 324 100.76 -34.84 54.59
CA GLY JA 324 99.99 -34.53 55.78
C GLY JA 324 100.15 -35.62 56.82
N LYS JA 325 99.95 -36.86 56.39
CA LYS JA 325 99.97 -38.00 57.30
C LYS JA 325 101.34 -38.22 57.91
N LEU JA 326 102.38 -38.12 57.09
CA LEU JA 326 103.76 -38.27 57.56
C LEU JA 326 104.19 -37.12 58.48
N ARG JA 327 103.24 -36.25 58.82
CA ARG JA 327 103.52 -35.06 59.62
C ARG JA 327 104.72 -34.29 59.08
N LEU JA 328 104.76 -34.12 57.76
CA LEU JA 328 105.81 -33.32 57.14
C LEU JA 328 105.24 -32.01 56.61
N GLY JA 329 106.07 -30.97 56.60
CA GLY JA 329 105.67 -29.67 56.11
C GLY JA 329 106.30 -29.42 54.76
N LYS JA 330 105.48 -29.09 53.78
CA LYS JA 330 105.91 -28.84 52.40
C LYS JA 330 106.24 -27.35 52.21
N ARG JA 331 107.24 -27.11 51.38
CA ARG JA 331 107.75 -25.75 51.12
C ARG JA 331 108.49 -25.66 49.78
N GLY JA 332 108.70 -24.44 49.31
CA GLY JA 332 109.42 -24.19 48.08
C GLY JA 332 110.91 -24.23 48.31
N THR JA 333 111.69 -24.04 47.26
CA THR JA 333 113.15 -24.17 47.40
C THR JA 333 113.83 -22.99 48.11
N GLY JA 334 113.36 -21.77 47.81
CA GLY JA 334 113.81 -20.58 48.50
C GLY JA 334 113.02 -20.36 49.78
N GLY JA 335 112.23 -21.36 50.15
CA GLY JA 335 111.61 -21.39 51.45
C GLY JA 335 110.11 -21.20 51.50
N GLU JA 336 109.61 -21.17 52.73
CA GLU JA 336 108.23 -20.89 53.08
C GLU JA 336 107.53 -19.94 52.11
N SER JA 337 108.19 -18.84 51.74
CA SER JA 337 107.58 -17.92 50.80
C SER JA 337 108.09 -18.15 49.37
N SER JA 338 108.32 -19.41 49.01
CA SER JA 338 108.65 -19.76 47.62
C SER JA 338 107.91 -21.03 47.17
N LEU JA 339 107.96 -21.32 45.88
CA LEU JA 339 107.39 -22.56 45.34
C LEU JA 339 108.49 -23.54 44.93
N ALA JA 340 108.09 -24.68 44.38
CA ALA JA 340 109.05 -25.66 43.93
C ALA JA 340 109.77 -25.15 42.69
N THR JA 341 110.93 -25.73 42.40
CA THR JA 341 111.65 -25.44 41.18
C THR JA 341 112.28 -26.75 40.72
N ASP JA 342 112.01 -27.15 39.48
CA ASP JA 342 112.55 -28.39 38.97
C ASP JA 342 112.21 -29.56 39.89
N SER JA 343 110.92 -29.67 40.22
CA SER JA 343 110.40 -30.79 40.99
C SER JA 343 111.02 -30.98 42.36
N THR JA 344 111.47 -29.89 42.98
CA THR JA 344 112.21 -29.99 44.25
C THR JA 344 111.60 -29.15 45.39
N TYR JA 345 111.26 -29.81 46.48
CA TYR JA 345 110.59 -29.17 47.61
C TYR JA 345 111.45 -29.22 48.85
N ASP JA 346 111.25 -28.26 49.76
CA ASP JA 346 111.89 -28.23 51.07
C ASP JA 346 110.97 -28.97 52.03
N ILE JA 347 111.35 -30.19 52.38
CA ILE JA 347 110.54 -31.04 53.26
C ILE JA 347 111.10 -31.15 54.68
N SER JA 348 110.32 -30.73 55.67
CA SER JA 348 110.78 -30.79 57.05
C SER JA 348 109.75 -31.34 58.04
N ASN JA 349 110.21 -31.62 59.25
CA ASN JA 349 109.31 -32.04 60.31
C ASN JA 349 108.39 -30.88 60.63
N TRP JA 350 107.12 -31.18 60.79
CA TRP JA 350 106.14 -30.17 61.12
C TRP JA 350 106.14 -29.92 62.63
N ALA JA 351 105.88 -30.96 63.42
CA ALA JA 351 105.79 -30.79 64.87
C ALA JA 351 107.16 -30.52 65.48
N ARG JA 352 107.20 -29.62 66.46
CA ARG JA 352 108.43 -29.27 67.15
C ARG JA 352 108.38 -29.61 68.64
N LEU JA 353 107.16 -29.84 69.13
CA LEU JA 353 106.86 -29.88 70.57
C LEU JA 353 106.14 -31.18 70.89
N GLY JA 354 106.48 -31.77 72.04
CA GLY JA 354 105.97 -33.07 72.45
C GLY JA 354 106.98 -34.21 72.22
N LYS JA 355 107.91 -34.00 71.31
CA LYS JA 355 108.91 -35.00 70.97
C LYS JA 355 110.27 -34.34 70.91
N SER JA 356 111.33 -35.14 71.02
CA SER JA 356 112.67 -34.59 71.10
C SER JA 356 113.28 -34.42 69.71
N GLU JA 357 114.39 -33.69 69.65
CA GLU JA 357 115.13 -33.41 68.41
C GLU JA 357 115.42 -34.66 67.56
N ARG JA 358 116.02 -35.68 68.17
CA ARG JA 358 116.26 -36.95 67.46
C ARG JA 358 114.97 -37.61 66.96
N GLU JA 359 113.90 -37.49 67.74
CA GLU JA 359 112.60 -38.03 67.38
C GLU JA 359 111.97 -37.31 66.18
N LEU JA 360 112.28 -36.02 66.06
CA LEU JA 360 111.73 -35.22 64.98
C LEU JA 360 112.52 -35.44 63.70
N VAL JA 361 113.84 -35.59 63.85
CA VAL JA 361 114.70 -35.93 62.73
C VAL JA 361 114.26 -37.28 62.19
N GLN JA 362 114.08 -38.24 63.09
CA GLN JA 362 113.72 -39.59 62.67
C GLN JA 362 112.41 -39.58 61.88
N VAL JA 363 111.53 -38.63 62.21
CA VAL JA 363 110.30 -38.42 61.43
C VAL JA 363 110.62 -38.00 59.99
N LEU JA 364 111.58 -37.09 59.81
CA LEU JA 364 111.98 -36.63 58.49
C LEU JA 364 112.60 -37.77 57.70
N VAL JA 365 113.48 -38.53 58.34
CA VAL JA 365 114.11 -39.67 57.69
C VAL JA 365 113.07 -40.70 57.26
N ASP JA 366 112.24 -41.13 58.20
CA ASP JA 366 111.26 -42.19 57.91
C ASP JA 366 110.26 -41.75 56.85
N GLY JA 367 110.00 -40.45 56.78
CA GLY JA 367 109.05 -39.91 55.82
C GLY JA 367 109.67 -39.83 54.45
N VAL JA 368 110.87 -39.25 54.41
CA VAL JA 368 111.63 -39.17 53.17
C VAL JA 368 111.91 -40.56 52.54
N ASN JA 369 112.19 -41.55 53.39
CA ASN JA 369 112.40 -42.92 52.91
C ASN JA 369 111.19 -43.44 52.15
N LEU JA 370 109.99 -43.05 52.57
CA LEU JA 370 108.77 -43.48 51.92
C LEU JA 370 108.46 -42.70 50.65
N LEU JA 371 108.72 -41.40 50.68
CA LEU JA 371 108.47 -40.56 49.53
C LEU JA 371 109.33 -41.01 48.37
N ILE JA 372 110.58 -41.33 48.68
CA ILE JA 372 111.54 -41.80 47.69
C ILE JA 372 111.08 -43.12 47.08
N ALA JA 373 110.63 -44.03 47.93
CA ALA JA 373 110.19 -45.35 47.50
C ALA JA 373 109.02 -45.22 46.54
N CYS JA 374 108.14 -44.26 46.83
CA CYS JA 374 106.97 -44.00 46.00
C CYS JA 374 107.37 -43.40 44.65
N ASP JA 375 108.31 -42.45 44.68
CA ASP JA 375 108.86 -41.93 43.43
C ASP JA 375 109.45 -43.08 42.62
N LYS JA 376 110.09 -44.02 43.32
CA LYS JA 376 110.67 -45.21 42.67
C LYS JA 376 109.61 -46.13 42.07
N LYS JA 377 108.58 -46.45 42.84
CA LYS JA 377 107.49 -47.30 42.36
C LYS JA 377 106.80 -46.69 41.15
N LEU JA 378 106.58 -45.38 41.18
CA LEU JA 378 105.91 -44.67 40.10
C LEU JA 378 106.79 -44.54 38.86
N GLU JA 379 108.10 -44.48 39.06
CA GLU JA 379 109.02 -44.40 37.94
C GLU JA 379 109.09 -45.76 37.23
N ALA JA 380 108.60 -46.78 37.91
CA ALA JA 380 108.55 -48.14 37.35
C ALA JA 380 107.14 -48.50 36.87
N GLY JA 381 106.29 -47.49 36.74
CA GLY JA 381 104.93 -47.71 36.28
C GLY JA 381 104.08 -48.60 37.17
N GLN JA 382 104.12 -48.34 38.47
CA GLN JA 382 103.48 -49.19 39.46
C GLN JA 382 102.70 -48.32 40.44
N SER JA 383 101.66 -48.87 41.05
CA SER JA 383 100.82 -48.07 41.95
C SER JA 383 101.38 -48.00 43.36
N ILE JA 384 101.10 -46.90 44.04
CA ILE JA 384 101.60 -46.69 45.39
C ILE JA 384 100.45 -46.52 46.36
N ASP JA 385 99.26 -46.93 45.94
CA ASP JA 385 98.04 -46.67 46.70
C ASP JA 385 98.08 -47.24 48.12
N ASP JA 386 98.59 -48.46 48.27
CA ASP JA 386 98.66 -49.06 49.60
C ASP JA 386 99.95 -48.68 50.34
N MET JA 387 100.82 -47.95 49.65
CA MET JA 387 102.02 -47.41 50.29
C MET JA 387 101.61 -46.21 51.12
N ILE JA 388 100.65 -45.47 50.58
CA ILE JA 388 100.13 -44.29 51.23
C ILE JA 388 99.52 -44.66 52.56
N PRO JA 389 99.97 -44.01 53.65
CA PRO JA 389 99.49 -44.33 54.98
C PRO JA 389 97.96 -44.25 55.04
N LYS JA 390 97.33 -45.00 55.92
CA LYS JA 390 95.87 -45.14 55.94
C LYS JA 390 95.10 -43.97 56.58
CG NMG KA . -129.51 69.89 -27.09
CD NMG KA . -128.48 68.89 -27.57
NE NMG KA . -127.94 69.29 -28.87
CZ NMG KA . -126.72 69.74 -29.15
NH1 NMG KA . -126.41 70.07 -30.40
NH2 NMG KA . -125.81 69.87 -28.20
O1 NMG KA . -129.54 71.03 -27.62
O2 NMG KA . -130.29 69.54 -26.17
PB ADP LA . -124.00 65.28 -34.22
O1B ADP LA . -123.36 66.13 -33.16
O2B ADP LA . -123.03 64.60 -35.16
O3B ADP LA . -125.10 64.39 -33.71
PA ADP LA . -126.02 66.14 -36.12
O1A ADP LA . -126.79 67.43 -36.13
O2A ADP LA . -126.74 64.87 -35.75
O3A ADP LA . -124.78 66.39 -35.10
O5' ADP LA . -125.31 65.97 -37.56
C5' ADP LA . -124.37 64.95 -37.81
C4' ADP LA . -124.42 64.51 -39.26
O4' ADP LA . -124.17 63.10 -39.32
C3' ADP LA . -125.77 64.72 -39.95
O3' ADP LA . -125.52 65.18 -41.28
C2' ADP LA . -126.41 63.35 -40.05
O2' ADP LA . -127.09 63.24 -41.30
C1' ADP LA . -125.23 62.41 -39.99
N9 ADP LA . -125.50 61.15 -39.25
C8 ADP LA . -125.80 61.06 -37.95
N7 ADP LA . -125.96 59.75 -37.58
C5 ADP LA . -125.72 58.99 -38.67
C6 ADP LA . -125.72 57.55 -38.99
N6 ADP LA . -126.00 56.63 -38.05
N1 ADP LA . -125.44 57.18 -40.26
C2 ADP LA . -125.16 58.09 -41.22
N3 ADP LA . -125.14 59.42 -41.01
C4 ADP LA . -125.41 59.93 -39.77
MG MG MA . -124.60 68.75 -34.35
N NO3 NA . -125.63 67.49 -31.93
O1 NO3 NA . -124.87 68.66 -31.87
O2 NO3 NA . -126.24 67.10 -33.14
O3 NO3 NA . -125.80 66.72 -30.78
CG NMG OA . -128.62 98.38 -42.47
CD NMG OA . -129.73 99.41 -42.38
NE NMG OA . -130.96 98.71 -42.00
CZ NMG OA . -131.41 98.40 -40.79
NH1 NMG OA . -132.54 97.73 -40.70
NH2 NMG OA . -130.75 98.75 -39.68
O1 NMG OA . -128.93 97.16 -42.36
O2 NMG OA . -127.45 98.75 -42.63
PB ADP PA . -138.53 100.42 -41.06
O1B ADP PA . -138.25 99.47 -39.93
O2B ADP PA . -139.55 101.46 -40.72
O3B ADP PA . -137.32 101.01 -41.74
PA ADP PA . -138.83 98.04 -42.77
O1A ADP PA . -138.24 97.07 -41.77
O2A ADP PA . -138.11 98.28 -44.07
O3A ADP PA . -139.23 99.49 -42.17
O5' ADP PA . -140.33 97.51 -43.07
C5' ADP PA . -141.36 97.75 -42.11
C4' ADP PA . -142.75 97.50 -42.69
O4' ADP PA . -143.34 98.73 -43.12
C3' ADP PA . -142.73 96.55 -43.89
O3' ADP PA . -143.65 95.47 -43.73
C2' ADP PA . -143.18 97.39 -45.06
O2' ADP PA . -144.07 96.70 -45.93
C1' ADP PA . -143.91 98.54 -44.41
N9 ADP PA . -143.76 99.73 -45.27
C8 ADP PA . -142.61 100.35 -45.60
N7 ADP PA . -142.87 101.40 -46.41
C5 ADP PA . -144.21 101.43 -46.62
C6 ADP PA . -145.18 102.26 -47.38
N6 ADP PA . -144.76 103.32 -48.11
N1 ADP PA . -146.48 101.93 -47.31
C2 ADP PA . -146.93 100.89 -46.59
N3 ADP PA . -146.11 100.10 -45.88
C4 ADP PA . -144.78 100.32 -45.86
MG MG QA . -136.80 97.47 -39.93
N NO3 RA . -134.51 100.04 -40.52
O1 NO3 RA . -134.31 100.02 -39.13
O2 NO3 RA . -135.27 99.04 -41.11
O3 NO3 RA . -133.95 101.07 -41.29
CG NMG SA . -106.35 -8.85 2.48
CD NMG SA . -105.51 -9.98 1.90
NE NMG SA . -104.95 -9.57 0.61
CZ NMG SA . -103.76 -8.99 0.40
NH1 NMG SA . -103.38 -8.67 -0.83
NH2 NMG SA . -102.98 -8.71 1.44
O1 NMG SA . -106.76 -7.95 1.72
O2 NMG SA . -106.62 -8.88 3.69
PB ADP TA . -100.34 -12.77 -4.75
O1B ADP TA . -99.79 -11.96 -3.61
O2B ADP TA . -99.22 -13.26 -5.62
O3B ADP TA . -101.34 -13.84 -4.33
PA ADP TA . -102.44 -11.90 -6.62
O1A ADP TA . -103.13 -10.56 -6.65
O2A ADP TA . -103.24 -13.14 -6.27
O3A ADP TA . -101.20 -11.68 -5.59
O5' ADP TA . -101.84 -12.06 -8.10
C5' ADP TA . -100.75 -12.93 -8.37
C4' ADP TA . -100.69 -13.12 -9.88
O4' ADP TA . -100.33 -14.47 -10.18
C3' ADP TA . -102.04 -12.89 -10.54
O3' ADP TA . -101.81 -12.14 -11.75
C2' ADP TA . -102.57 -14.26 -10.92
O2' ADP TA . -103.18 -14.24 -12.21
C1' ADP TA . -101.34 -15.13 -10.94
N9 ADP TA . -101.57 -16.47 -10.35
C8 ADP TA . -101.91 -16.75 -9.08
N7 ADP TA . -102.01 -18.09 -8.88
C5 ADP TA . -101.72 -18.69 -10.05
C6 ADP TA . -101.63 -20.07 -10.57
N6 ADP TA . -101.89 -21.12 -9.76
N1 ADP TA . -101.30 -20.25 -11.87
C2 ADP TA . -101.05 -19.21 -12.68
N3 ADP TA . -101.11 -17.93 -12.28
C4 ADP TA . -101.43 -17.61 -11.01
MG MG UA . -101.36 -9.37 -4.63
N NO3 VA . -101.89 -11.12 -1.73
O1 NO3 VA . -100.92 -10.21 -1.32
O2 NO3 VA . -102.35 -11.07 -3.06
O3 NO3 VA . -102.41 -12.06 -0.82
CG NMG WA . -106.41 21.12 -9.66
CD NMG WA . -107.71 21.83 -9.47
NE NMG WA . -108.74 20.81 -9.28
CZ NMG WA . -109.24 20.39 -8.12
NH1 NMG WA . -110.18 19.46 -8.10
NH2 NMG WA . -108.80 20.93 -6.98
O1 NMG WA . -106.40 19.87 -9.57
O2 NMG WA . -105.39 21.80 -9.90
PB ADP XA . -116.31 22.27 -8.37
O1B ADP XA . -115.88 21.29 -7.30
O2B ADP XA . -117.45 23.15 -7.93
O3B ADP XA . -115.13 23.03 -8.96
PA ADP XA . -116.56 19.97 -10.21
O1A ADP XA . -115.76 19.07 -9.28
O2A ADP XA . -116.02 20.21 -11.60
O3A ADP XA . -116.96 21.40 -9.56
O5' ADP XA . -118.00 19.26 -10.26
C5' ADP XA . -119.09 19.82 -9.54
C4' ADP XA . -120.44 19.32 -10.03
O4' ADP XA . -121.24 20.43 -10.43
C3' ADP XA . -120.32 18.42 -11.23
O3' ADP XA . -121.29 17.40 -11.06
C2' ADP XA . -120.69 19.29 -12.41
O2' ADP XA . -121.32 18.55 -13.47
C1' ADP XA . -121.65 20.28 -11.79
N9 ADP XA . -121.60 21.61 -12.47
C8 ADP XA . -120.53 22.42 -12.59
N7 ADP XA . -120.84 23.55 -13.27
C5 ADP XA . -122.15 23.47 -13.59
C6 ADP XA . -123.12 24.33 -14.30
N6 ADP XA . -122.77 25.51 -14.83
N1 ADP XA . -124.39 23.87 -14.41
C2 ADP XA . -124.78 22.68 -13.90
N3 ADP XA . -123.94 21.85 -13.25
C4 ADP XA . -122.64 22.18 -13.06
MG MG YA . -114.84 19.33 -7.02
N NO3 ZA . -112.67 21.60 -8.40
O1 NO3 ZA . -113.28 21.65 -7.15
O2 NO3 ZA . -113.13 20.69 -9.36
O3 NO3 ZA . -111.60 22.47 -8.71
CG NMG AB . -84.07 -86.85 32.36
CD NMG AB . -83.23 -88.00 31.82
NE NMG AB . -82.69 -87.69 30.50
CZ NMG AB . -81.44 -87.36 30.16
NH1 NMG AB . -81.15 -87.10 28.88
NH2 NMG AB . -80.49 -87.28 31.08
O1 NMG AB . -84.45 -85.92 31.60
O2 NMG AB . -84.40 -86.89 33.56
PB ADP BB . -78.63 -91.32 25.18
O1B ADP BB . -77.56 -90.26 25.33
O2B ADP BB . -78.16 -92.42 24.26
O3B ADP BB . -79.15 -91.81 26.52
PA ADP BB . -81.06 -90.75 23.51
O1A ADP BB . -81.97 -89.54 23.57
O2A ADP BB . -81.65 -92.09 23.84
O3A ADP BB . -79.80 -90.44 24.49
O5' ADP BB . -80.56 -90.85 21.98
C5' ADP BB . -79.22 -91.15 21.59
C4' ADP BB . -79.25 -91.92 20.28
O4' ADP BB . -79.17 -93.33 20.51
C3' ADP BB . -80.55 -91.69 19.51
O3' ADP BB . -80.22 -91.19 18.21
C2' ADP BB . -81.24 -93.04 19.39
O2' ADP BB . -81.85 -93.16 18.10
C1' ADP BB . -80.08 -94.01 19.61
N9 ADP BB . -80.40 -95.35 20.19
C8 ADP BB . -80.69 -95.61 21.48
N7 ADP BB . -80.91 -96.94 21.69
C5 ADP BB . -80.77 -97.55 20.51
C6 ADP BB . -80.84 -98.94 20.03
N6 ADP BB . -81.16 -99.95 20.87
N1 ADP BB . -80.62 -99.17 18.71
C2 ADP BB . -80.32 -98.16 17.86
N3 ADP BB . -80.22 -96.87 18.25
C4 ADP BB . -80.42 -96.51 19.52
MG MG CB . -79.72 -88.10 25.14
N NO3 DB . -79.79 -89.59 28.14
O1 NO3 DB . -78.81 -88.59 28.27
O2 NO3 DB . -80.83 -89.45 27.20
O3 NO3 DB . -79.73 -90.73 28.95
CG NMG EB . -83.28 -57.62 18.58
CD NMG EB . -84.61 -56.88 18.73
NE NMG EB . -85.64 -57.66 19.43
CZ NMG EB . -85.83 -57.77 20.75
NH1 NMG EB . -86.80 -58.55 21.23
NH2 NMG EB . -85.06 -57.11 21.60
O1 NMG EB . -83.16 -58.79 18.99
O2 NMG EB . -82.32 -57.04 18.02
PB ADP FB . -92.87 -56.00 20.64
O1B ADP FB . -92.14 -56.48 21.87
O2B ADP FB . -94.35 -55.85 20.86
O3B ADP FB . -92.25 -54.79 19.99
PA ADP FB . -93.45 -57.77 18.35
O1A ADP FB . -92.69 -58.86 17.65
O2A ADP FB . -93.77 -56.57 17.52
O3A ADP FB . -92.59 -57.24 19.62
O5' ADP FB . -94.79 -58.51 18.90
C5' ADP FB . -95.82 -57.92 19.70
C4' ADP FB . -97.23 -58.23 19.19
O4' ADP FB . -97.78 -57.09 18.54
C3' ADP FB . -97.34 -59.38 18.19
O3' ADP FB . -98.46 -60.22 18.50
C2' ADP FB . -97.64 -58.70 16.86
O2' ADP FB . -98.37 -59.53 15.96
C1' ADP FB . -98.43 -57.48 17.33
N9 ADP FB . -98.43 -56.40 16.33
C8 ADP FB . -97.37 -55.94 15.64
N7 ADP FB . -97.72 -54.93 14.79
C5 ADP FB . -99.04 -54.75 14.93
C6 ADP FB . -100.07 -53.84 14.34
N6 ADP FB . -99.72 -52.92 13.42
N1 ADP FB . -101.35 -53.97 14.77
C2 ADP FB . -101.71 -54.88 15.70
N3 ADP FB . -100.83 -55.73 16.28
C4 ADP FB . -99.51 -55.71 15.94
MG MG GB . -91.42 -59.06 21.27
N NO3 HB . -88.94 -56.08 20.72
O1 NO3 HB . -88.58 -55.95 22.07
O2 NO3 HB . -90.06 -56.85 20.36
O3 NO3 HB . -88.17 -55.42 19.76
CG NMG IB . -69.20 31.01 -39.37
CD NMG IB . -69.87 30.49 -38.13
NE NMG IB . -70.87 31.46 -37.70
CZ NMG IB . -72.18 31.35 -37.84
NH1 NMG IB . -72.99 32.31 -37.39
NH2 NMG IB . -72.67 30.28 -38.43
O1 NMG IB . -69.52 32.14 -39.80
O2 NMG IB . -68.32 30.30 -39.91
PB ADP JB . -74.10 30.20 -30.81
O1B ADP JB . -75.24 30.15 -31.80
O2B ADP JB . -74.52 29.94 -29.37
O3B ADP JB . -72.88 29.43 -31.26
PA ADP JB . -72.44 32.42 -30.12
O1A ADP JB . -72.00 33.62 -30.93
O2A ADP JB . -71.45 31.33 -29.86
O3A ADP JB . -73.67 31.75 -30.90
O5' ADP JB . -72.99 32.98 -28.70
C5' ADP JB . -74.36 33.02 -28.31
C4' ADP JB . -74.46 33.59 -26.88
O4' ADP JB . -74.29 32.58 -25.88
C3' ADP JB . -73.40 34.63 -26.61
O3' ADP JB . -74.00 35.66 -25.84
C2' ADP JB . -72.36 33.93 -25.76
O2' ADP JB . -71.69 34.80 -24.86
C1' ADP JB . -73.22 32.95 -24.99
N9 ADP JB . -72.39 31.79 -24.56
C8 ADP JB . -71.81 30.85 -25.33
N7 ADP JB . -71.14 29.97 -24.54
C5 ADP JB . -71.30 30.36 -23.27
C6 ADP JB . -70.87 29.90 -21.92
N6 ADP JB . -70.10 28.80 -21.77
N1 ADP JB . -71.26 30.61 -20.86
C2 ADP JB . -72.02 31.72 -20.97
N3 ADP JB . -72.44 32.19 -22.15
C4 ADP JB . -72.12 31.57 -23.29
MG MG KB . -74.75 32.64 -33.25
N NO3 LB . -73.06 30.34 -34.64
O1 NO3 LB . -74.46 30.26 -34.52
O2 NO3 LB . -72.41 31.49 -34.17
O3 NO3 LB . -72.30 29.29 -35.20
CG NMG MB . -84.89 58.77 -48.46
CD NMG MB . -84.00 59.77 -49.15
NE NMG MB . -82.69 59.18 -49.40
CZ NMG MB . -82.31 58.50 -50.47
NH1 NMG MB . -81.07 58.04 -50.54
NH2 NMG MB . -83.15 58.25 -51.48
O1 NMG MB . -84.50 57.58 -48.41
O2 NMG MB . -85.99 59.18 -48.00
PB ADP NB . -77.02 63.19 -51.98
O1B ADP NB . -77.27 61.91 -52.75
O2B ADP NB . -75.76 63.88 -52.43
O3B ADP NB . -78.18 64.13 -51.86
PA ADP NB . -76.16 63.54 -49.29
O1A ADP NB . -76.68 63.00 -47.98
O2A ADP NB . -76.45 64.99 -49.61
O3A ADP NB . -76.77 62.67 -50.47
O5' ADP NB . -74.55 63.38 -49.30
C5' ADP NB . -73.75 63.29 -50.49
C4' ADP NB . -72.47 64.13 -50.39
O4' ADP NB . -72.66 65.44 -50.94
C3' ADP NB . -71.95 64.33 -48.96
O3' ADP NB . -70.53 64.09 -48.95
C2' ADP NB . -72.19 65.80 -48.67
O2' ADP NB . -71.25 66.39 -47.77
C1' ADP NB . -72.10 66.42 -50.06
N9 ADP NB . -72.87 67.66 -50.18
C8 ADP NB . -74.20 67.75 -50.15
N7 ADP NB . -74.61 69.04 -50.28
C5 ADP NB . -73.51 69.81 -50.40
C6 ADP NB . -73.22 71.24 -50.58
N6 ADP NB . -74.20 72.16 -50.66
N1 ADP NB . -71.92 71.62 -50.66
C2 ADP NB . -70.93 70.72 -50.58
N3 ADP NB . -71.11 69.39 -50.42
C4 ADP NB . -72.36 68.89 -50.32
MG MG OB . -76.44 60.04 -50.59
N NO3 PB . -79.73 60.41 -51.32
O1 NO3 PB . -79.21 59.71 -52.41
O2 NO3 PB . -79.02 60.43 -50.11
O3 NO3 PB . -80.95 61.10 -51.41
CG NMG QB . -44.82 -45.88 -11.63
CD NMG QB . -44.98 -46.64 -10.32
NE NMG QB . -45.95 -45.95 -9.45
CZ NMG QB . -47.24 -46.24 -9.30
NH1 NMG QB . -48.00 -45.51 -8.47
NH2 NMG QB . -47.80 -47.24 -9.99
O1 NMG QB . -45.52 -44.88 -11.87
O2 NMG QB . -43.98 -46.30 -12.44
PB ADP RB . -48.67 -46.88 -1.99
O1B ADP RB . -49.92 -47.36 -2.65
O2B ADP RB . -48.89 -46.77 -0.51
O3B ADP RB . -47.41 -47.60 -2.38
PA ADP RB . -47.55 -44.14 -2.16
O1A ADP RB . -47.79 -43.05 -3.17
O2A ADP RB . -46.13 -44.56 -1.90
O3A ADP RB . -48.45 -45.41 -2.64
O5' ADP RB . -48.24 -43.56 -0.84
C5' ADP RB . -48.38 -44.40 0.29
C4' ADP RB . -48.94 -43.65 1.46
O4' ADP RB . -48.66 -44.51 2.55
C3' ADP RB . -48.14 -42.39 1.70
O3' ADP RB . -48.91 -41.46 2.47
C2' ADP RB . -46.94 -42.88 2.45
O2' ADP RB . -46.38 -41.88 3.31
C1' ADP RB . -47.52 -44.02 3.27
N9 ADP RB . -46.54 -45.10 3.54
C8 ADP RB . -45.95 -45.93 2.67
N7 ADP RB . -45.11 -46.79 3.32
C5 ADP RB . -45.18 -46.49 4.63
C6 ADP RB . -44.58 -47.00 5.89
N6 ADP RB . -43.69 -48.02 5.88
N1 ADP RB . -44.94 -46.39 7.03
C2 ADP RB . -45.83 -45.36 7.06
N3 ADP RB . -46.41 -44.85 5.97
C4 ADP RB . -46.13 -45.38 4.76
MG MG SB . -49.93 -44.30 -4.19
N NO3 TB . -48.20 -46.43 -5.69
O1 NO3 TB . -49.56 -46.82 -5.69
O2 NO3 TB . -47.83 -45.10 -5.46
O3 NO3 TB . -47.20 -47.39 -5.94
CG NMG UB . -61.36 -19.32 -19.64
CD NMG UB . -60.59 -18.39 -20.54
NE NMG UB . -59.21 -18.85 -20.60
CZ NMG UB . -58.65 -19.59 -21.55
NH1 NMG UB . -57.37 -19.95 -21.45
NH2 NMG UB . -59.36 -19.97 -22.60
O1 NMG UB . -60.72 -20.16 -18.98
O2 NMG UB . -62.60 -19.23 -19.58
PB ADP VB . -53.62 -14.94 -23.72
O1B ADP VB . -53.65 -16.23 -24.46
O2B ADP VB . -52.44 -14.06 -24.03
O3B ADP VB . -54.93 -14.21 -23.75
PA ADP VB . -52.57 -15.08 -20.91
O1A ADP VB . -52.52 -16.33 -20.08
O2A ADP VB . -53.05 -13.80 -20.26
O3A ADP VB . -53.53 -15.43 -22.17
O5' ADP VB . -51.05 -14.91 -21.35
C5' ADP VB . -50.55 -13.60 -21.58
C4' ADP VB . -49.04 -13.63 -21.68
O4' ADP VB . -48.75 -12.37 -22.28
C3' ADP VB . -48.44 -13.56 -20.28
O3' ADP VB . -47.04 -13.89 -20.31
C2' ADP VB . -48.62 -12.10 -19.94
O2' ADP VB . -47.67 -11.65 -19.00
C1' ADP VB . -48.36 -11.44 -21.27
N9 ADP VB . -49.16 -10.23 -21.36
C8 ADP VB . -50.51 -10.14 -21.31
N7 ADP VB . -50.90 -8.84 -21.41
C5 ADP VB . -49.78 -8.09 -21.52
C6 ADP VB . -49.47 -6.67 -21.66
N6 ADP VB . -50.47 -5.74 -21.69
N1 ADP VB . -48.17 -6.31 -21.73
C2 ADP VB . -47.16 -7.21 -21.68
N3 ADP VB . -47.37 -8.53 -21.56
C4 ADP VB . -48.64 -9.02 -21.48
MG MG WB . -53.43 -18.07 -22.11
N NO3 XB . -56.48 -17.52 -22.31
O1 NO3 XB . -56.04 -18.50 -23.23
O2 NO3 XB . -55.96 -17.52 -21.01
O3 NO3 XB . -57.44 -16.57 -22.69
CG NMG YB . -23.05 -123.42 22.02
CD NMG YB . -23.68 -123.81 23.34
NE NMG YB . -24.70 -122.84 23.74
CZ NMG YB . -26.00 -123.09 23.80
NH1 NMG YB . -26.84 -122.13 24.18
NH2 NMG YB . -26.45 -124.30 23.48
O1 NMG YB . -23.23 -122.25 21.61
O2 NMG YB . -22.39 -124.28 21.40
PB ADP ZB . -27.50 -124.13 30.89
O1B ADP ZB . -28.27 -124.55 29.67
O2B ADP ZB . -28.33 -124.25 32.15
O3B ADP ZB . -26.14 -124.73 30.94
PA ADP ZB . -26.08 -121.68 31.32
O1A ADP ZB . -25.96 -120.45 30.45
O2A ADP ZB . -24.94 -122.63 31.37
O3A ADP ZB . -27.30 -122.54 30.72
O5' ADP ZB . -26.49 -121.17 32.80
C5' ADP ZB . -27.78 -120.62 33.11
C4' ADP ZB . -27.84 -120.20 34.57
O4' ADP ZB . -27.43 -121.27 35.44
C3' ADP ZB . -26.94 -119.01 34.88
O3' ADP ZB . -27.67 -118.08 35.72
C2' ADP ZB . -25.80 -119.60 35.68
O2' ADP ZB . -25.31 -118.68 36.65
C1' ADP ZB . -26.45 -120.78 36.36
N9 ADP ZB . -25.47 -121.82 36.75
C8 ADP ZB . -24.83 -122.68 35.93
N7 ADP ZB . -24.01 -123.49 36.64
C5 ADP ZB . -24.14 -123.16 37.94
C6 ADP ZB . -23.56 -123.60 39.22
N6 ADP ZB . -22.68 -124.61 39.24
N1 ADP ZB . -23.95 -122.98 40.36
C2 ADP ZB . -24.84 -121.95 40.35
N3 ADP ZB . -25.39 -121.50 39.21
C4 ADP ZB . -25.09 -122.05 38.01
MG MG AC . -28.42 -121.33 28.62
N NO3 BC . -26.91 -123.83 26.95
O1 NO3 BC . -28.31 -123.91 26.90
O2 NO3 BC . -26.32 -122.70 27.49
O3 NO3 BC . -26.11 -124.89 26.46
CG NMG CC . -39.44 -96.99 11.89
CD NMG CC . -38.46 -96.07 11.19
NE NMG CC . -37.12 -96.64 11.31
CZ NMG CC . -36.40 -97.22 10.37
NH1 NMG CC . -35.20 -97.67 10.66
NH2 NMG CC . -36.87 -97.33 9.12
O1 NMG CC . -39.06 -98.10 12.28
O2 NMG CC . -40.61 -96.59 12.07
PB ADP DC . -31.04 -92.45 8.15
O1B ADP DC . -31.79 -93.50 7.41
O2B ADP DC . -29.74 -92.04 7.49
O3B ADP DC . -31.91 -91.30 8.62
PA ADP DC . -30.13 -92.60 10.91
O1A ADP DC . -30.33 -93.72 11.90
O2A ADP DC . -30.83 -91.28 11.11
O3A ADP DC . -30.62 -93.22 9.50
O5' ADP DC . -28.54 -92.37 10.89
C5' ADP DC . -27.91 -91.63 9.84
C4' ADP DC . -26.48 -91.24 10.20
O4' ADP DC . -26.33 -89.88 9.78
C3' ADP DC . -26.18 -91.21 11.68
O3' ADP DC . -24.76 -91.30 11.81
C2' ADP DC . -26.68 -89.84 12.12
O2' ADP DC . -26.04 -89.38 13.32
C1' ADP DC . -26.24 -89.03 10.93
N9 ADP DC . -27.04 -87.80 10.67
C8 ADP DC . -28.37 -87.71 10.43
N7 ADP DC . -28.73 -86.41 10.20
C5 ADP DC . -27.60 -85.67 10.29
C6 ADP DC . -27.25 -84.23 10.15
N6 ADP DC . -28.19 -83.31 9.86
N1 ADP DC . -25.95 -83.88 10.33
C2 ADP DC . -24.99 -84.80 10.59
N3 ADP DC . -25.24 -86.11 10.73
C4 ADP DC . -26.49 -86.59 10.59
MG MG EC . -31.26 -95.59 9.75
N NO3 FC . -34.02 -94.80 9.16
O1 NO3 FC . -33.68 -95.79 8.22
O2 NO3 FC . -33.40 -94.76 10.43
O3 NO3 FC . -35.00 -93.88 8.82
CG NMG GC . -26.19 41.06 -50.02
CD NMG GC . -27.18 40.14 -49.33
NE NMG GC . -28.54 40.68 -49.48
CZ NMG GC . -29.47 40.26 -50.34
NH1 NMG GC . -30.67 40.84 -50.40
NH2 NMG GC . -29.21 39.24 -51.16
O1 NMG GC . -26.61 42.15 -50.43
O2 NMG GC . -25.00 40.70 -50.17
PB ADP HC . -34.80 37.84 -45.90
O1B ADP HC . -35.44 37.95 -47.26
O2B ADP HC . -35.79 37.60 -44.78
O3B ADP HC . -33.62 36.90 -45.87
PA ADP HC . -34.40 40.43 -44.49
O1A ADP HC . -33.79 41.67 -45.08
O2A ADP HC . -33.78 39.98 -43.18
O3A ADP HC . -34.17 39.30 -45.64
O5' ADP HC . -35.93 40.81 -44.16
C5' ADP HC . -37.11 40.09 -44.51
C4' ADP HC . -38.20 40.29 -43.44
O4' ADP HC . -38.19 39.19 -42.55
C3' ADP HC . -38.00 41.56 -42.60
O3' ADP HC . -39.26 42.24 -42.42
C2' ADP HC . -37.56 41.06 -41.23
O2' ADP HC . -38.07 41.86 -40.16
C1' ADP HC . -38.18 39.68 -41.20
N9 ADP HC . -37.41 38.82 -40.29
C8 ADP HC . -36.19 38.28 -40.50
N7 ADP HC . -35.81 37.55 -39.41
C5 ADP HC . -36.80 37.64 -38.51
C6 ADP HC . -37.08 37.10 -37.17
N6 ADP HC . -36.17 36.32 -36.55
N1 ADP HC . -38.25 37.43 -36.58
C2 ADP HC . -39.17 38.21 -37.19
N3 ADP HC . -39.00 38.73 -38.41
C4 ADP HC . -37.86 38.47 -39.10
MG MG IC . -34.76 40.48 -47.78
N NO3 JC . -32.13 38.82 -48.15
O1 NO3 JC . -32.87 38.31 -49.22
O2 NO3 JC . -32.53 40.03 -47.57
O3 NO3 JC . -31.00 38.13 -47.68
CG NMG KC . -41.07 64.50 -66.94
CD NMG KC . -40.19 65.72 -66.92
NE NMG KC . -39.02 65.48 -66.08
CZ NMG KC . -37.81 65.06 -66.46
NH1 NMG KC . -36.86 64.89 -65.54
NH2 NMG KC . -37.56 64.78 -67.74
O1 NMG KC . -40.76 63.53 -66.19
O2 NMG KC . -42.07 64.50 -67.70
PB ADP LC . -34.50 71.23 -64.81
O1B ADP LC . -33.40 70.20 -64.72
O2B ADP LC . -34.18 72.45 -65.62
O3B ADP LC . -35.83 70.62 -65.20
PA ADP LC . -35.07 70.72 -62.07
O1A ADP LC . -34.34 69.41 -62.29
O2A ADP LC . -36.58 70.71 -61.85
O3A ADP LC . -34.70 71.72 -63.28
O5' ADP LC . -34.43 71.38 -60.76
C5' ADP LC . -34.13 72.76 -60.82
C4' ADP LC . -32.90 73.10 -60.00
O4' ADP LC . -32.60 74.45 -60.32
C3' ADP LC . -33.28 73.15 -58.54
O3' ADP LC . -32.10 73.37 -57.73
C2' ADP LC . -34.12 74.40 -58.52
O2' ADP LC . -34.25 74.92 -57.19
C1' ADP LC . -33.28 75.31 -59.40
N9 ADP LC . -34.12 76.32 -60.08
C8 ADP LC . -34.96 76.14 -61.12
N7 ADP LC . -35.56 77.30 -61.48
C5 ADP LC . -35.10 78.27 -60.66
C6 ADP LC . -35.30 79.74 -60.48
N6 ADP LC . -36.14 80.45 -61.25
N1 ADP LC . -34.60 80.34 -59.49
C2 ADP LC . -33.74 79.67 -58.69
N3 ADP LC . -33.51 78.35 -58.80
C4 ADP LC . -34.14 77.61 -59.75
MG MG MC . -33.61 67.94 -64.03
N NO3 NC . -35.88 67.93 -65.99
O1 NO3 NC . -34.59 67.98 -66.52
O2 NO3 NC . -36.05 67.74 -64.60
O3 NO3 NC . -36.97 68.08 -66.85
CG NMG OC . -3.62 -36.71 -25.95
CD NMG OC . -4.38 -37.95 -25.54
NE NMG OC . -5.72 -37.60 -25.06
CZ NMG OC . -6.86 -37.78 -25.72
NH1 NMG OC . -7.99 -37.40 -25.15
NH2 NMG OC . -6.85 -38.35 -26.94
O1 NMG OC . -4.21 -35.84 -26.63
O2 NMG OC . -2.41 -36.62 -25.62
PB ADP PC . -11.45 -41.04 -20.95
O1B ADP PC . -12.00 -41.60 -22.24
O2B ADP PC . -12.13 -41.56 -19.72
O3B ADP PC . -9.95 -40.99 -20.89
PA ADP PC . -11.76 -38.38 -19.94
O1A ADP PC . -11.98 -37.12 -20.74
O2A ADP PC . -10.50 -38.54 -19.12
O3A ADP PC . -11.84 -39.49 -21.08
O5' ADP PC . -13.03 -38.51 -18.94
C5' ADP PC . -13.68 -39.74 -18.69
C4' ADP PC . -14.86 -39.55 -17.76
O4' ADP PC . -14.96 -40.76 -17.00
C3' ADP PC . -14.65 -38.44 -16.75
O3' ADP PC . -15.94 -38.03 -16.29
C2' ADP PC . -13.95 -39.16 -15.60
O2' ADP PC . -14.19 -38.51 -14.36
C1' ADP PC . -14.64 -40.51 -15.63
N9 ADP PC . -13.79 -41.60 -15.13
C8 ADP PC . -12.64 -42.04 -15.70
N7 ADP PC . -12.11 -43.07 -15.00
C5 ADP PC . -12.94 -43.29 -13.96
C6 ADP PC . -12.99 -44.23 -12.81
N6 ADP PC . -12.02 -45.14 -12.64
N1 ADP PC . -14.02 -44.13 -11.95
C2 ADP PC . -14.99 -43.21 -12.11
N3 ADP PC . -15.02 -42.32 -13.12
C4 ADP PC . -14.04 -42.32 -14.05
MG MG QC . -12.07 -38.18 -23.23
N NO3 RC . -9.33 -39.86 -24.12
O1 NO3 RC . -10.30 -40.62 -24.77
O2 NO3 RC . -9.65 -38.58 -23.63
O3 NO3 RC . -8.04 -40.38 -23.96
CG NMG SC . -20.68 -10.13 -34.63
CD NMG SC . -19.83 -8.91 -34.89
NE NMG SC . -18.45 -9.20 -34.47
CZ NMG SC . -17.50 -9.80 -35.20
NH1 NMG SC . -16.30 -9.98 -34.67
NH2 NMG SC . -17.74 -10.19 -36.46
O1 NMG SC . -20.14 -11.13 -34.08
O2 NMG SC . -21.88 -10.10 -34.96
PB ADP TC . -13.36 -4.19 -32.28
O1B ADP TC . -12.24 -4.79 -33.06
O2B ADP TC . -12.97 -2.92 -31.55
O3B ADP TC . -14.66 -4.05 -33.04
PA ADP TC . -14.25 -5.10 -29.65
O1A ADP TC . -14.26 -6.51 -29.11
O2A ADP TC . -15.51 -4.29 -29.70
O3A ADP TC . -13.69 -5.29 -31.14
O5' ADP TC . -13.23 -4.27 -28.72
C5' ADP TC . -11.95 -3.81 -29.17
C4' ADP TC . -11.20 -3.20 -27.98
O4' ADP TC . -11.23 -1.76 -28.00
C3' ADP TC . -11.85 -3.64 -26.68
O3' ADP TC . -10.86 -4.07 -25.77
C2' ADP TC . -12.48 -2.40 -26.10
O2' ADP TC . -12.24 -2.41 -24.70
C1' ADP TC . -11.77 -1.25 -26.78
N9 ADP TC . -12.68 -0.13 -27.06
C8 ADP TC . -13.68 -0.10 -27.99
N7 ADP TC . -14.32 1.10 -27.97
C5 ADP TC . -13.72 1.87 -27.03
C6 ADP TC . -13.87 3.23 -26.47
N6 ADP TC . -14.82 4.08 -26.92
N1 ADP TC . -13.02 3.61 -25.46
C2 ADP TC . -12.07 2.80 -24.97
N3 ADP TC . -11.88 1.55 -25.44
C4 ADP TC . -12.65 1.04 -26.44
MG MG UC . -13.32 -7.61 -32.14
N NO3 VC . -15.75 -7.11 -34.29
O1 NO3 VC . -14.62 -7.60 -34.93
O2 NO3 VC . -15.85 -7.15 -32.89
O3 NO3 VC . -16.79 -6.56 -35.04
CG NMG WC . 18.64 -113.57 9.16
CD NMG WC . 17.73 -114.66 9.68
NE NMG WC . 16.33 -114.23 9.65
CZ NMG WC . 15.35 -114.53 8.78
NH1 NMG WC . 14.14 -114.01 8.95
NH2 NMG WC . 15.56 -115.33 7.73
O1 NMG WC . 18.15 -112.55 8.60
O2 NMG WC . 19.88 -113.71 9.27
PB ADP XC . 10.29 -117.77 13.12
O1B ADP XC . 10.08 -117.50 11.66
O2B ADP XC . 9.21 -118.65 13.73
O3B ADP XC . 11.71 -118.20 13.45
PA ADP XC . 10.42 -115.80 15.18
O1A ADP XC . 11.11 -114.46 15.15
O2A ADP XC . 11.15 -116.95 15.80
O3A ADP XC . 10.11 -116.28 13.70
O5' ADP XC . 9.00 -115.63 15.90
C5' ADP XC . 7.71 -115.86 15.28
C4' ADP XC . 6.72 -115.98 16.44
O4' ADP XC . 6.85 -117.26 17.08
C3' ADP XC . 6.97 -114.95 17.52
O3' ADP XC . 5.71 -114.55 18.05
C2' ADP XC . 7.71 -115.72 18.58
O2' ADP XC . 7.54 -115.21 19.91
C1' ADP XC . 7.05 -117.07 18.48
N9 ADP XC . 7.92 -118.09 19.09
C8 ADP XC . 9.11 -118.52 18.64
N7 ADP XC . 9.62 -119.46 19.47
C5 ADP XC . 8.74 -119.62 20.50
C6 ADP XC . 8.66 -120.43 21.73
N6 ADP XC . 9.61 -121.32 22.09
N1 ADP XC . 7.55 -120.27 22.49
C2 ADP XC . 6.57 -119.41 22.18
N3 ADP XC . 6.60 -118.63 21.09
C4 ADP XC . 7.64 -118.69 20.23
MG MG YC . 9.94 -114.77 11.79
N NO3 ZC . 13.02 -116.34 10.54
O1 NO3 ZC . 12.59 -116.54 9.23
O2 NO3 ZC . 12.30 -115.47 11.39
O3 NO3 ZC . 14.14 -117.04 10.99
CG NMG AD . 2.09 -88.12 -2.05
CD NMG AD . 2.43 -86.70 -1.68
NE NMG AD . 3.78 -86.66 -1.13
CZ NMG AD . 4.95 -86.81 -1.77
NH1 NMG AD . 6.09 -86.74 -1.06
NH2 NMG AD . 4.99 -87.03 -3.08
O1 NMG AD . 2.87 -89.02 -1.68
O2 NMG AD . 1.03 -88.34 -2.71
PB ADP BD . 8.60 -81.22 0.88
O1B ADP BD . 8.97 -82.54 0.27
O2B ADP BD . 9.44 -80.04 0.47
O3B ADP BD . 7.13 -80.94 0.89
PA ADP BD . 8.14 -82.24 3.53
O1A ADP BD . 8.23 -83.71 3.19
O2A ADP BD . 6.82 -81.58 3.79
O3A ADP BD . 8.96 -81.42 2.42
O5' ADP BD . 9.12 -81.89 4.76
C5' ADP BD . 10.44 -81.44 4.42
C4' ADP BD . 10.99 -80.55 5.51
O4' ADP BD . 10.85 -79.16 5.21
C3' ADP BD . 10.31 -80.80 6.84
O3' ADP BD . 11.35 -80.86 7.82
C2' ADP BD . 9.48 -79.57 7.07
O2' ADP BD . 9.37 -79.27 8.48
C1' ADP BD . 10.28 -78.50 6.35
N9 ADP BD . 9.42 -77.38 5.92
C8 ADP BD . 8.55 -77.37 4.89
N7 ADP BD . 7.92 -76.16 4.80
C5 ADP BD . 8.42 -75.38 5.77
C6 ADP BD . 8.22 -73.99 6.24
N6 ADP BD . 7.34 -73.16 5.63
N1 ADP BD . 8.96 -73.59 7.30
C2 ADP BD . 9.84 -74.39 7.92
N3 ADP BD . 10.08 -75.66 7.54
C4 ADP BD . 9.41 -76.19 6.51
MG MG CD . 9.44 -84.66 1.25
N NO3 DD . 7.53 -84.42 -0.66
O1 NO3 DD . 8.85 -84.74 -1.01
O2 NO3 DD . 7.05 -84.63 0.65
O3 NO3 DD . 6.69 -83.89 -1.64
CG NMG ED . -5.38 85.04 -50.40
CD NMG ED . -5.48 86.46 -49.91
NE NMG ED . -4.86 86.59 -48.59
CZ NMG ED . -3.60 86.89 -48.33
NH1 NMG ED . -3.18 86.96 -47.07
NH2 NMG ED . -2.74 87.09 -49.31
O1 NMG ED . -5.07 84.14 -49.59
O2 NMG ED . -5.62 84.80 -51.61
PB ADP FD . -4.32 92.31 -43.12
O1B ADP FD . -3.08 91.72 -43.74
O2B ADP FD . -4.00 93.49 -42.24
O3B ADP FD . -5.45 92.48 -44.11
PA ADP FD . -6.09 90.45 -41.64
O1A ADP FD . -5.73 88.98 -41.50
O2A ADP FD . -7.25 90.84 -42.50
O3A ADP FD . -4.70 91.10 -42.12
O5' ADP FD . -6.30 91.00 -40.13
C5' ADP FD . -5.17 91.39 -39.35
C4' ADP FD . -5.68 91.91 -38.01
O4' ADP FD . -6.19 93.23 -38.15
C3' ADP FD . -6.82 91.06 -37.46
O3' ADP FD . -6.57 90.76 -36.08
C2' ADP FD . -8.05 91.91 -37.55
O2' ADP FD . -8.96 91.69 -36.47
C1' ADP FD . -7.48 93.32 -37.53
N9 ADP FD . -8.38 94.27 -38.23
C8 ADP FD . -8.64 94.32 -39.55
N7 ADP FD . -9.52 95.32 -39.82
C5 ADP FD . -9.82 95.92 -38.66
C6 ADP FD . -10.68 97.03 -38.22
N6 ADP FD . -11.42 97.74 -39.10
N1 ADP FD . -10.73 97.32 -36.89
C2 ADP FD . -10.02 96.63 -35.98
N3 ADP FD . -9.21 95.61 -36.31
C4 ADP FD . -9.08 95.22 -37.61
MG MG GD . -3.08 89.14 -42.64
N NO3 HD . -4.00 89.36 -45.73
O1 NO3 HD . -2.67 89.57 -46.11
O2 NO3 HD . -4.33 88.37 -44.78
O3 NO3 HD . -5.01 90.13 -46.29
CG NMG ID . 9.78 61.73 -34.42
CD NMG ID . 9.26 60.31 -34.53
NE NMG ID . 7.96 60.25 -35.17
CZ NMG ID . 7.65 59.88 -36.41
NH1 NMG ID . 6.37 59.91 -36.75
NH2 NMG ID . 8.56 59.50 -37.30
O1 NMG ID . 9.31 62.64 -35.15
O2 NMG ID . 10.71 61.93 -33.60
PB ADP JD . 2.99 54.65 -36.45
O1B ADP JD . 3.50 55.13 -37.79
O2B ADP JD . 1.97 53.54 -36.61
O3B ADP JD . 4.05 54.35 -35.44
PA ADP JD . 1.18 56.25 -34.78
O1A ADP JD . 1.21 57.74 -34.51
O2A ADP JD . 1.47 55.34 -33.63
O3A ADP JD . 2.27 56.01 -35.95
O5' ADP JD . -0.26 55.96 -35.45
C5' ADP JD . -0.63 54.70 -36.00
C4' ADP JD . -2.10 54.37 -35.72
O4' ADP JD . -2.17 53.02 -35.29
C3' ADP JD . -2.71 55.22 -34.60
O3' ADP JD . -4.03 55.62 -34.99
C2' ADP JD . -2.83 54.30 -33.41
O2' ADP JD . -4.01 54.56 -32.64
C1' ADP JD . -2.89 52.93 -34.06
N9 ADP JD . -2.24 51.96 -33.17
C8 ADP JD . -0.93 51.85 -32.92
N7 ADP JD . -0.69 50.83 -32.05
C5 ADP JD . -1.88 50.28 -31.73
C6 ADP JD . -2.38 49.17 -30.86
N6 ADP JD . -1.53 48.42 -30.14
N1 ADP JD . -3.71 48.94 -30.82
C2 ADP JD . -4.57 49.67 -31.53
N3 ADP JD . -4.20 50.69 -32.34
C4 ADP JD . -2.90 51.03 -32.47
MG MG KD . 2.55 57.67 -37.81
N NO3 LD . 5.32 57.67 -36.97
O1 NO3 LD . 5.36 58.10 -38.32
O2 NO3 LD . 4.36 58.20 -36.09
O3 NO3 LD . 6.26 56.73 -36.52
CG NMG MD . 16.26 9.29 -16.98
CD NMG MD . 16.60 10.60 -16.29
NE NMG MD . 17.35 10.40 -15.06
CZ NMG MD . 18.66 10.64 -14.87
NH1 NMG MD . 19.22 10.39 -13.68
NH2 NMG MD . 19.38 11.12 -15.88
O1 NMG MD . 16.90 8.26 -16.71
O2 NMG MD . 15.32 9.30 -17.82
PB ADP ND . 17.57 15.63 -9.48
O1B ADP ND . 18.65 14.58 -9.53
O2B ADP ND . 18.13 16.98 -9.05
O3B ADP ND . 16.69 15.64 -10.70
PA ADP ND . 16.02 13.75 -7.89
O1A ADP ND . 17.12 12.72 -7.88
O2A ADP ND . 14.70 13.41 -8.54
O3A ADP ND . 16.57 15.22 -8.30
O5' ADP ND . 15.68 14.11 -6.35
C5' ADP ND . 16.66 14.89 -5.67
C4' ADP ND . 16.31 15.14 -4.22
O4' ADP ND . 15.81 16.47 -4.06
C3' ADP ND . 15.25 14.19 -3.70
O3' ADP ND . 15.67 13.85 -2.36
C2' ADP ND . 13.97 15.02 -3.68
O2' ADP ND . 13.05 14.68 -2.64
C1' ADP ND . 14.48 16.45 -3.54
N9 ADP ND . 13.61 17.39 -4.29
C8 ADP ND . 13.36 17.38 -5.62
N7 ADP ND . 12.53 18.39 -5.97
C5 ADP ND . 12.24 19.06 -4.84
C6 ADP ND . 11.41 20.23 -4.46
N6 ADP ND . 10.73 20.90 -5.41
N1 ADP ND . 11.39 20.61 -3.17
C2 ADP ND . 12.08 19.94 -2.21
N3 ADP ND . 12.84 18.86 -2.47
C4 ADP ND . 12.94 18.39 -3.73
MG MG OD . 19.04 12.32 -9.16
N NO3 PD . 18.24 12.69 -12.26
O1 NO3 PD . 19.54 13.11 -11.94
O2 NO3 PD . 17.58 11.83 -11.37
O3 NO3 PD . 17.61 13.12 -13.45
CG NMG QD . 32.60 -15.02 -2.25
CD NMG QD . 32.13 -16.43 -2.58
NE NMG QD . 30.83 -16.42 -3.27
CZ NMG QD . 30.62 -16.51 -4.59
NH1 NMG QD . 29.38 -16.49 -5.06
NH2 NMG QD . 31.64 -16.62 -5.43
O1 NMG QD . 31.95 -14.05 -2.70
O2 NMG QD . 33.61 -14.88 -1.53
PB ADP RD . 25.70 -22.06 -4.58
O1B ADP RD . 25.67 -22.20 -6.07
O2B ADP RD . 25.00 -23.17 -3.85
O3B ADP RD . 27.05 -21.72 -3.99
PA ADP RD . 23.89 -20.28 -3.12
O1A ADP RD . 23.75 -18.80 -3.34
O2A ADP RD . 24.41 -20.78 -1.79
O3A ADP RD . 24.85 -20.72 -4.34
O5' ADP RD . 22.43 -20.91 -3.38
C5' ADP RD . 22.26 -22.17 -4.02
C4' ADP RD . 20.77 -22.49 -4.17
O4' ADP RD . 20.56 -23.87 -3.88
C3' ADP RD . 19.92 -21.71 -3.18
O3' ADP RD . 18.64 -21.40 -3.78
C2' ADP RD . 19.71 -22.67 -2.03
O2' ADP RD . 18.43 -22.47 -1.44
C1' ADP RD . 19.79 -24.03 -2.69
N9 ADP RD . 20.49 -25.02 -1.83
C8 ADP RD . 21.78 -24.95 -1.46
N7 ADP RD . 22.11 -26.02 -0.68
C5 ADP RD . 20.99 -26.77 -0.54
C6 ADP RD . 20.63 -28.03 0.16
N6 ADP RD . 21.56 -28.70 0.87
N1 ADP RD . 19.36 -28.48 0.04
C2 ADP RD . 18.43 -27.81 -0.68
N3 ADP RD . 18.69 -26.67 -1.33
C4 ADP RD . 19.93 -26.11 -1.30
MG MG SD . 25.62 -19.04 -6.30
N NO3 TD . 28.11 -18.80 -4.73
O1 NO3 TD . 28.43 -18.70 -6.08
O2 NO3 TD . 26.96 -18.19 -4.25
O3 NO3 TD . 28.96 -19.51 -3.85
CG NMG UD . 39.20 -68.81 12.98
CD NMG UD . 39.31 -67.49 13.70
NE NMG UD . 39.88 -67.67 15.04
CZ NMG UD . 41.07 -67.26 15.47
NH1 NMG UD . 41.46 -67.51 16.71
NH2 NMG UD . 41.87 -66.60 14.64
O1 NMG UD . 40.04 -69.72 13.25
O2 NMG UD . 38.29 -68.95 12.13
PB ADP VD . 40.92 -62.21 20.66
O1B ADP VD . 42.40 -62.01 20.66
O2B ADP VD . 40.25 -61.24 21.60
O3B ADP VD . 40.29 -62.36 19.30
PA ADP VD . 39.34 -64.16 22.08
O1A ADP VD . 39.36 -65.64 21.85
O2A ADP VD . 38.16 -63.37 21.54
O3A ADP VD . 40.70 -63.64 21.38
O5' ADP VD . 39.45 -63.94 23.68
C5' ADP VD . 40.61 -63.47 24.38
C4' ADP VD . 40.27 -62.98 25.80
O4' ADP VD . 39.79 -61.62 25.80
C3' ADP VD . 39.20 -63.83 26.50
O3' ADP VD . 39.65 -64.11 27.83
C2' ADP VD . 37.96 -62.94 26.52
O2' ADP VD . 37.11 -63.11 27.66
C1' ADP VD . 38.54 -61.54 26.50
N9 ADP VD . 37.56 -60.60 25.88
C8 ADP VD . 37.24 -60.52 24.58
N7 ADP VD . 36.30 -59.55 24.37
C5 ADP VD . 35.99 -59.03 25.57
C6 ADP VD . 35.08 -57.97 26.07
N6 ADP VD . 34.30 -57.29 25.22
N1 ADP VD . 35.06 -57.71 27.39
C2 ADP VD . 35.86 -58.40 28.24
N3 ADP VD . 36.72 -59.36 27.86
C4 ADP VD . 36.83 -59.72 26.55
MG MG WD . 41.99 -65.63 20.88
N NO3 XD . 41.17 -64.86 17.75
O1 NO3 XD . 42.56 -64.76 17.78
O2 NO3 XD . 40.54 -65.85 18.52
O3 NO3 XD . 40.40 -63.99 16.95
CG NMG YD . 54.14 -94.13 26.38
CD NMG YD . 53.52 -95.48 26.14
NE NMG YD . 52.30 -95.28 25.35
CZ NMG YD . 52.17 -95.24 24.03
NH1 NMG YD . 50.96 -95.04 23.51
NH2 NMG YD . 53.22 -95.40 23.22
O1 NMG YD . 53.63 -93.14 25.81
O2 NMG YD . 55.14 -94.05 27.12
PB ADP ZD . 47.54 -100.74 23.75
O1B ADP ZD . 48.49 -100.37 22.65
O2B ADP ZD . 46.42 -101.65 23.32
O3B ADP ZD . 48.21 -101.18 25.01
PA ADP ZD . 45.89 -99.19 25.48
O1A ADP ZD . 45.98 -97.79 26.07
O2A ADP ZD . 46.14 -100.33 26.42
O3A ADP ZD . 46.90 -99.34 24.23
O5' ADP ZD . 44.41 -99.36 24.89
C5' ADP ZD . 43.92 -100.68 24.90
C4' ADP ZD . 42.43 -100.87 24.74
O4' ADP ZD . 42.36 -102.25 25.06
C3' ADP ZD . 41.57 -100.16 25.78
O3' ADP ZD . 40.18 -100.16 25.37
C2' ADP ZD . 41.74 -101.06 26.98
O2' ADP ZD . 40.72 -100.98 27.98
C1' ADP ZD . 41.68 -102.41 26.31
N9 ADP ZD . 42.34 -103.43 27.13
C8 ADP ZD . 43.63 -103.47 27.53
N7 ADP ZD . 43.84 -104.57 28.29
C5 ADP ZD . 42.67 -105.23 28.39
C6 ADP ZD . 42.17 -106.47 29.02
N6 ADP ZD . 42.98 -107.26 29.75
N1 ADP ZD . 40.86 -106.78 28.85
C2 ADP ZD . 40.01 -106.02 28.12
N3 ADP ZD . 40.40 -104.89 27.52
C4 ADP ZD . 41.68 -104.46 27.62
MG MG AE . 47.21 -97.22 23.30
N NO3 BE . 50.38 -97.96 23.75
O1 NO3 BE . 50.62 -97.97 22.37
O2 NO3 BE . 49.32 -97.18 24.25
O3 NO3 BE . 51.17 -98.73 24.63
CG NMG CE . 44.62 73.56 -0.42
CD NMG CE . 44.02 73.86 -1.79
NE NMG CE . 43.85 72.67 -2.61
CZ NMG CE . 42.71 71.98 -2.77
NH1 NMG CE . 42.67 70.89 -3.54
NH2 NMG CE . 41.61 72.39 -2.13
O1 NMG CE . 44.95 72.39 -0.12
O2 NMG CE . 44.77 74.52 0.37
PB ADP DE . 42.15 71.50 -9.85
O1B ADP DE . 40.90 70.73 -9.51
O2B ADP DE . 42.36 71.73 -11.32
O3B ADP DE . 42.33 72.73 -9.00
PA ADP DE . 44.63 70.00 -10.21
O1A ADP DE . 45.41 69.17 -9.24
O2A ADP DE . 45.36 71.15 -10.86
O3A ADP DE . 43.35 70.53 -9.38
O5' ADP DE . 44.13 69.04 -11.41
C5' ADP DE . 43.62 69.61 -12.61
C4' ADP DE . 44.06 68.86 -13.86
O4' ADP DE . 44.06 69.78 -14.96
C3' ADP DE . 45.45 68.26 -13.80
O3' ADP DE . 45.42 67.02 -14.50
C2' ADP DE . 46.34 69.24 -14.57
O2' ADP DE . 47.35 68.51 -15.26
C1' ADP DE . 45.37 69.87 -15.54
N9 ADP DE . 45.58 71.30 -15.83
C8 ADP DE . 45.52 72.32 -14.95
N7 ADP DE . 45.73 73.51 -15.59
C5 ADP DE . 45.90 73.23 -16.90
C6 ADP DE . 46.14 74.01 -18.14
N6 ADP DE . 46.25 75.34 -18.10
N1 ADP DE . 46.25 73.33 -19.31
C2 ADP DE . 46.14 71.99 -19.38
N3 ADP DE . 45.91 71.22 -18.29
C4 ADP DE . 45.79 71.78 -17.06
MG MG EE . 42.58 68.88 -7.80
N NO3 FE . 42.08 72.21 -6.02
O1 NO3 FE . 40.77 72.09 -5.53
O2 NO3 FE . 42.77 71.06 -6.46
O3 NO3 FE . 42.69 73.46 -6.09
CG NMG GE . 45.43 42.30 7.70
CD NMG GE . 46.56 41.63 8.45
NE NMG GE . 47.50 42.65 8.92
CZ NMG GE . 47.29 43.52 9.91
NH1 NMG GE . 48.21 44.42 10.23
NH2 NMG GE . 46.14 43.51 10.59
O1 NMG GE . 45.58 43.50 7.37
O2 NMG GE . 44.37 41.68 7.46
PB ADP HE . 54.03 42.80 12.94
O1B ADP HE . 53.33 44.14 12.89
O2B ADP HE . 55.14 42.76 13.94
O3B ADP HE . 53.09 41.65 13.17
PA ADP HE . 54.89 43.50 10.19
O1A ADP HE . 54.06 44.74 10.17
O2A ADP HE . 54.85 42.62 8.94
O3A ADP HE . 54.68 42.51 11.48
O5' ADP HE . 56.43 44.00 10.31
C5' ADP HE . 57.03 44.57 11.48
C4' ADP HE . 58.56 44.54 11.36
O4' ADP HE . 59.10 43.34 11.91
C3' ADP HE . 59.09 44.60 9.93
O3' ADP HE . 60.10 45.61 9.87
C2' ADP HE . 59.79 43.28 9.67
O2' ADP HE . 60.94 43.49 8.85
C1' ADP HE . 60.18 42.88 11.08
N9 ADP HE . 60.30 41.42 11.28
C8 ADP HE . 59.26 40.58 11.46
N7 ADP HE . 59.70 39.30 11.64
C5 ADP HE . 61.05 39.35 11.57
C6 ADP HE . 62.14 38.37 11.69
N6 ADP HE . 61.87 37.07 11.91
N1 ADP HE . 63.41 38.80 11.57
C2 ADP HE . 63.68 40.11 11.35
N3 ADP HE . 62.74 41.07 11.25
C4 ADP HE . 61.43 40.75 11.35
MG MG IE . 52.26 45.69 11.57
N NO3 JE . 50.11 43.39 11.77
O1 NO3 JE . 49.83 44.34 12.75
O2 NO3 JE . 51.09 43.62 10.78
O3 NO3 JE . 49.38 42.18 11.77
CG NMG KE . 66.63 -3.22 32.37
CD NMG KE . 66.13 -3.19 30.93
NE NMG KE . 65.86 -4.53 30.40
CZ NMG KE . 64.71 -5.04 29.96
NH1 NMG KE . 64.65 -6.29 29.51
NH2 NMG KE . 63.60 -4.30 29.96
O1 NMG KE . 66.62 -4.29 33.02
O2 NMG KE . 67.06 -2.15 32.85
PB ADP LE . 64.11 -5.39 23.03
O1B ADP LE . 63.00 -6.23 23.61
O2B ADP LE . 63.69 -4.94 21.65
O3B ADP LE . 64.64 -4.30 23.91
PA ADP LE . 66.85 -6.12 22.54
O1A ADP LE . 67.86 -6.73 23.46
O2A ADP LE . 66.85 -4.64 22.28
O3A ADP LE . 65.34 -6.44 23.02
O5' ADP LE . 67.00 -6.90 21.15
C5' ADP LE . 65.88 -7.58 20.59
C4' ADP LE . 66.34 -7.92 19.18
O4' ADP LE . 66.29 -6.76 18.35
C3' ADP LE . 67.77 -8.42 19.19
O3' ADP LE . 67.83 -9.61 18.42
C2' ADP LE . 68.58 -7.31 18.54
O2' ADP LE . 69.57 -7.80 17.66
C1' ADP LE . 67.54 -6.58 17.71
N9 ADP LE . 67.81 -5.15 17.50
C8 ADP LE . 67.76 -4.15 18.40
N7 ADP LE . 68.02 -2.95 17.81
C5 ADP LE . 68.23 -3.19 16.50
C6 ADP LE . 68.55 -2.40 15.29
N6 ADP LE . 68.70 -1.07 15.39
N1 ADP LE . 68.67 -3.05 14.11
C2 ADP LE . 68.53 -4.39 14.00
N3 ADP LE . 68.23 -5.17 15.06
C4 ADP LE . 68.08 -4.64 16.30
MG MG ME . 64.43 -7.78 25.35
N NO3 NE . 64.10 -4.64 26.77
O1 NO3 NE . 62.78 -5.09 27.00
O2 NO3 NE . 65.04 -5.46 26.16
O3 NO3 NE . 64.48 -3.35 27.15
CG NMG OE . 66.98 -35.41 39.50
CD NMG OE . 68.03 -35.94 40.46
NE NMG OE . 69.06 -34.94 40.71
CZ NMG OE . 69.07 -33.97 41.63
NH1 NMG OE . 70.10 -33.13 41.71
NH2 NMG OE . 68.03 -33.83 42.46
O1 NMG OE . 66.81 -34.19 39.36
O2 NMG OE . 66.29 -36.25 38.87
PB ADP PE . 76.01 -34.78 44.97
O1B ADP PE . 75.39 -33.41 45.10
O2B ADP PE . 76.93 -35.07 46.12
O3B ADP PE . 75.01 -35.88 44.73
PA ADP PE . 76.84 -34.00 42.22
O1A ADP PE . 76.10 -32.69 42.39
O2A ADP PE . 76.50 -34.89 41.06
O3A ADP PE . 76.92 -34.83 43.62
O5' ADP PE . 78.39 -33.57 42.08
C5' ADP PE . 79.19 -33.87 43.22
C4' ADP PE . 80.46 -33.07 43.38
O4' ADP PE . 81.30 -34.01 44.04
C3' ADP PE . 81.18 -32.76 42.08
O3' ADP PE . 82.29 -31.90 42.37
C2' ADP PE . 81.73 -34.11 41.70
O2' ADP PE . 82.83 -34.01 40.79
C1' ADP PE . 82.16 -34.61 43.07
N9 ADP PE . 82.07 -36.08 43.13
C8 ADP PE . 80.98 -36.86 43.04
N7 ADP PE . 81.32 -38.17 43.12
C5 ADP PE . 82.66 -38.21 43.27
C6 ADP PE . 83.71 -39.25 43.41
N6 ADP PE . 83.40 -40.57 43.43
N1 ADP PE . 85.00 -38.84 43.53
C2 ADP PE . 85.35 -37.54 43.51
N3 ADP PE . 84.46 -36.54 43.38
C4 ADP PE . 83.14 -36.83 43.26
MG MG QE . 74.21 -32.15 43.60
N NO3 RE . 72.02 -34.32 43.57
O1 NO3 RE . 71.80 -33.56 44.72
O2 NO3 RE . 72.67 -33.74 42.48
O3 NO3 RE . 71.59 -35.66 43.52
CG NMG SE . 86.67 -82.23 60.59
CD NMG SE . 85.88 -82.01 59.32
NE NMG SE . 85.90 -83.22 58.49
CZ NMG SE . 84.85 -83.91 58.04
NH1 NMG SE . 85.02 -85.00 57.31
NH2 NMG SE . 83.62 -83.49 58.32
O1 NMG SE . 86.93 -83.40 60.96
O2 NMG SE . 87.03 -81.24 61.25
PB ADP TE . 83.76 -83.73 51.34
O1B ADP TE . 83.59 -84.60 52.56
O2B ADP TE . 82.65 -83.92 50.32
O3B ADP TE . 84.03 -82.32 51.73
PA ADP TE . 86.34 -85.18 50.90
O1A ADP TE . 85.92 -86.29 51.84
O2A ADP TE . 87.58 -84.36 51.24
O3A ADP TE . 85.08 -84.22 50.50
O5' ADP TE . 86.56 -85.88 49.47
C5' ADP TE . 85.56 -85.56 48.51
C4' ADP TE . 85.63 -86.43 47.27
O4' ADP TE . 85.38 -85.60 46.14
C3' ADP TE . 87.01 -86.98 47.03
O3' ADP TE . 86.81 -88.06 46.12
C2' ADP TE . 87.72 -85.86 46.32
O2' ADP TE . 88.76 -86.33 45.47
C1' ADP TE . 86.62 -85.32 45.47
N9 ADP TE . 86.77 -83.87 45.21
C8 ADP TE . 86.77 -82.87 46.11
N7 ADP TE . 86.90 -81.67 45.47
C5 ADP TE . 86.97 -81.92 44.15
C6 ADP TE . 87.12 -81.12 42.91
N6 ADP TE . 87.22 -79.78 42.92
N1 ADP TE . 87.14 -81.79 41.74
C2 ADP TE . 87.04 -83.14 41.68
N3 ADP TE . 86.92 -83.92 42.77
C4 ADP TE . 86.89 -83.37 44.00
MG MG UE . 84.29 -86.56 53.47
N NO3 VE . 84.15 -83.33 54.75
O1 NO3 VE . 82.85 -83.72 55.11
O2 NO3 VE . 85.06 -84.31 54.34
O3 NO3 VE . 84.54 -81.98 54.80
CG NMG WE . 88.28 -114.15 68.28
CD NMG WE . 89.50 -114.68 69.00
NE NMG WE . 90.44 -113.62 69.36
CZ NMG WE . 90.39 -112.83 70.43
NH1 NMG WE . 91.32 -111.88 70.62
NH2 NMG WE . 89.41 -112.94 71.32
O1 NMG WE . 88.28 -112.96 67.87
O2 NMG WE . 87.30 -114.91 68.13
PB ADP XE . 97.29 -113.41 73.40
O1B ADP XE . 96.53 -112.84 74.57
O2B ADP XE . 98.76 -113.47 73.67
O3B ADP XE . 96.70 -114.67 72.82
PA ADP XE . 97.87 -112.12 70.84
O1A ADP XE . 97.22 -110.92 70.19
O2A ADP XE . 97.96 -113.43 70.06
O3A ADP XE . 97.07 -112.30 72.23
O5' ADP XE . 99.36 -111.61 71.13
C5' ADP XE . 100.35 -112.51 71.59
C4' ADP XE . 101.72 -111.86 71.49
O4' ADP XE . 102.61 -112.71 72.21
C3' ADP XE . 102.22 -111.83 70.05
O3' ADP XE . 103.13 -110.73 69.85
C2' ADP XE . 103.02 -113.10 69.88
O2' ADP XE . 104.15 -112.92 69.02
C1' ADP XE . 103.46 -113.40 71.30
N9 ADP XE . 103.36 -114.85 71.59
C8 ADP XE . 102.25 -115.58 71.84
N7 ADP XE . 102.57 -116.87 72.08
C5 ADP XE . 103.92 -116.96 72.01
C6 ADP XE . 104.93 -118.03 72.16
N6 ADP XE . 104.57 -119.30 72.45
N1 ADP XE . 106.23 -117.69 72.00
C2 ADP XE . 106.61 -116.43 71.70
N3 ADP XE . 105.74 -115.42 71.55
C4 ADP XE . 104.42 -115.63 71.69
MG MG YE . 95.39 -110.58 71.80
N NO3 ZE . 93.16 -113.17 72.20
O1 NO3 ZE . 92.22 -112.49 72.99
O2 NO3 ZE . 93.78 -112.55 71.11
O3 NO3 ZE . 93.49 -114.50 72.51
CG NMG AF . 59.92 167.27 -16.13
CD NMG AF . 58.78 167.68 -17.05
NE NMG AF . 57.82 166.58 -17.16
CZ NMG AF . 56.72 166.42 -16.43
NH1 NMG AF . 55.94 165.36 -16.63
NH2 NMG AF . 56.40 167.33 -15.51
O1 NMG AF . 59.84 166.19 -15.50
O2 NMG AF . 60.90 168.04 -16.04
PB ADP BF . 51.62 165.42 -21.94
O1B ADP BF . 51.88 164.95 -20.54
O2B ADP BF . 50.14 165.43 -22.28
O3B ADP BF . 52.32 166.72 -22.27
PA ADP BF . 53.33 163.14 -22.82
O1A ADP BF . 53.28 162.50 -21.46
O2A ADP BF . 54.66 163.60 -23.37
O3A ADP BF . 52.25 164.34 -22.98
O5' ADP BF . 52.70 162.09 -23.87
C5' ADP BF . 51.40 162.47 -24.34
C4' ADP BF . 50.58 161.36 -24.97
O4' ADP BF . 49.83 162.02 -25.98
C3' ADP BF . 51.44 160.34 -25.69
O3' ADP BF . 50.68 159.17 -26.04
C2' ADP BF . 51.78 161.05 -26.96
O2' ADP BF . 52.07 160.08 -27.98
C1' ADP BF . 50.48 161.80 -27.24
N9 ADP BF . 50.74 163.05 -27.98
C8 ADP BF . 51.34 164.20 -27.58
N7 ADP BF . 51.39 165.10 -28.61
C5 ADP BF . 50.80 164.52 -29.68
C6 ADP BF . 50.49 164.87 -31.09
N6 ADP BF . 50.80 166.07 -31.61
N1 ADP BF . 49.87 163.95 -31.85
C2 ADP BF . 49.52 162.75 -31.38
N3 ADP BF . 49.78 162.35 -30.13
C4 ADP BF . 50.40 163.18 -29.26
MG MG CF . 52.87 163.35 -19.26
N NO3 DF . 54.56 166.01 -19.15
O1 NO3 DF . 53.87 166.21 -17.96
O2 NO3 DF . 54.82 164.71 -19.60
O3 NO3 DF . 55.03 167.11 -19.89
CG NMG EF . 58.92 138.94 -0.61
CD NMG EF . 60.29 138.55 -0.11
NE NMG EF . 61.33 139.16 -0.93
CZ NMG EF . 62.32 139.96 -0.52
NH1 NMG EF . 63.20 140.43 -1.39
NH2 NMG EF . 62.44 140.28 0.77
O1 NMG EF . 58.79 140.01 -1.24
O2 NMG EF . 57.96 138.16 -0.36
PB ADP FF . 68.97 137.26 -2.02
O1B ADP FF . 68.60 138.42 -1.12
O2B ADP FF . 70.46 137.02 -2.12
O3B ADP FF . 68.16 136.03 -1.69
PA ADP FF . 68.01 137.00 -4.79
O1A ADP FF . 67.06 137.84 -5.60
O2A ADP FF . 67.57 135.62 -4.39
O3A ADP FF . 68.44 137.82 -3.46
O5' ADP FF . 69.31 136.94 -5.73
C5' ADP FF . 70.61 137.10 -5.16
C4' ADP FF . 71.70 136.97 -6.21
O4' ADP FF . 72.40 135.79 -5.84
C3' ADP FF . 71.24 136.72 -7.64
O3' ADP FF . 72.28 137.13 -8.55
C2' ADP FF . 71.13 135.21 -7.75
O2' ADP FF . 71.35 134.75 -9.08
C1' ADP FF . 72.29 134.80 -6.86
N9 ADP FF . 72.10 133.50 -6.18
C8 ADP FF . 71.19 133.20 -5.23
N7 ADP FF . 71.33 131.91 -4.81
C5 ADP FF . 72.37 131.38 -5.50
C6 ADP FF . 73.07 130.08 -5.56
N6 ADP FF . 72.69 129.04 -4.79
N1 ADP FF . 74.10 129.97 -6.42
C2 ADP FF . 74.51 130.98 -7.21
N3 ADP FF . 73.92 132.18 -7.19
C4 ADP FF . 72.88 132.43 -6.39
MG MG GF . 67.18 139.95 -3.39
N NO3 HF . 65.42 138.22 -0.99
O1 NO3 HF . 66.02 139.26 -0.28
O2 NO3 HF . 65.58 138.14 -2.37
O3 NO3 HF . 64.64 137.26 -0.30
CG NMG IF . 82.47 88.70 17.18
CD NMG IF . 81.24 89.10 16.39
NE NMG IF . 80.36 87.96 16.17
CZ NMG IF . 79.21 87.67 16.78
NH1 NMG IF . 78.54 86.58 16.44
NH2 NMG IF . 78.74 88.45 17.75
O1 NMG IF . 82.77 87.50 17.32
O2 NMG IF . 83.14 89.64 17.66
PB ADP JF . 74.17 88.07 11.75
O1B ADP JF . 73.81 88.40 13.18
O2B ADP JF . 72.92 87.98 10.90
O3B ADP JF . 75.25 88.95 11.22
PA ADP JF . 75.55 85.63 10.79
O1A ADP JF . 75.83 84.41 11.61
O2A ADP JF . 76.66 86.39 10.10
O3A ADP JF . 74.75 86.58 11.85
O5' ADP JF . 74.58 85.03 9.67
C5' ADP JF . 73.29 85.52 9.40
C4' ADP JF . 72.70 84.65 8.30
O4' ADP JF . 72.11 85.54 7.37
C3' ADP JF . 73.70 83.82 7.56
O3' ADP JF . 73.10 82.56 7.27
C2' ADP JF . 73.90 84.49 6.23
O2' ADP JF . 73.94 83.51 5.18
C1' ADP JF . 72.64 85.31 6.07
N9 ADP JF . 72.90 86.65 5.54
C8 ADP JF . 73.63 87.61 6.14
N7 ADP JF . 73.64 88.74 5.39
C5 ADP JF . 72.92 88.48 4.28
C6 ADP JF . 72.51 89.23 3.07
N6 ADP JF . 72.91 90.50 2.86
N1 ADP JF . 71.73 88.59 2.17
C2 ADP JF . 71.32 87.32 2.34
N3 ADP JF . 71.64 86.59 3.41
C4 ADP JF . 72.43 87.11 4.39
MG MG KF . 75.25 85.25 13.98
N NO3 LF . 76.98 87.92 14.60
O1 NO3 LF . 76.16 87.85 15.73
O2 NO3 LF . 77.21 86.77 13.84
O3 NO3 LF . 77.56 89.16 14.23
CG NMG MF . 82.26 57.79 27.05
CD NMG MF . 83.61 57.11 27.04
NE NMG MF . 84.67 58.08 26.80
CZ NMG MF . 85.33 58.84 27.66
NH1 NMG MF . 86.28 59.64 27.20
NH2 NMG MF . 85.07 58.81 28.98
O1 NMG MF . 82.21 59.00 26.73
O2 NMG MF . 81.23 57.15 27.35
PB ADP NF . 92.16 56.32 25.48
O1B ADP NF . 92.87 57.47 26.13
O2B ADP NF . 93.13 55.25 25.07
O3B ADP NF . 90.95 55.80 26.22
PA ADP NF . 91.31 57.01 22.61
O1A ADP NF . 91.00 58.43 22.27
O2A ADP NF . 90.20 56.04 22.22
O3A ADP NF . 91.48 57.10 24.23
O5' ADP NF . 92.69 56.62 21.85
C5' ADP NF . 93.92 57.30 22.13
C4' ADP NF . 94.89 57.15 20.96
O4' ADP NF . 95.68 55.96 21.10
C3' ADP NF . 94.19 57.06 19.63
O3' ADP NF . 94.79 58.00 18.72
C2' ADP NF . 94.49 55.69 19.08
O2' ADP NF . 94.78 55.81 17.69
C1' ADP NF . 95.69 55.21 19.90
N9 ADP NF . 95.46 53.80 20.22
C8 ADP NF . 94.44 53.33 20.97
N7 ADP NF . 94.48 51.97 21.05
C5 ADP NF . 95.56 51.57 20.34
C6 ADP NF . 96.21 50.27 20.01
N6 ADP NF . 95.71 49.11 20.47
N1 ADP NF . 97.31 50.30 19.25
C2 ADP NF . 97.83 51.46 18.78
N3 ADP NF . 97.30 52.66 19.04
C4 ADP NF . 96.18 52.77 19.80
MG MG OF . 90.55 59.30 24.53
N NO3 PF . 88.24 57.24 26.73
O1 NO3 PF . 88.91 58.13 27.58
O2 NO3 PF . 88.29 57.41 25.33
O3 NO3 PF . 87.52 56.17 27.31
CG NMG QF . 103.38 11.89 51.78
CD NMG QF . 102.20 12.33 50.92
NE NMG QF . 101.26 11.23 50.72
CZ NMG QF . 100.39 10.76 51.62
NH1 NMG QF . 99.60 9.75 51.31
NH2 NMG QF . 100.34 11.29 52.84
O1 NMG QF . 103.55 10.67 52.01
O2 NMG QF . 104.16 12.76 52.23
PB ADP RF . 94.98 10.86 46.50
O1B ADP RF . 95.18 10.71 48.00
O2B ADP RF . 93.53 10.69 46.10
O3B ADP RF . 95.67 12.06 45.91
PA ADP RF . 96.80 9.40 44.73
O1A ADP RF . 97.91 8.53 45.21
O2A ADP RF . 97.08 10.77 44.18
O3A ADP RF . 95.79 9.57 45.98
O5' ADP RF . 95.94 8.58 43.63
C5' ADP RF . 94.57 8.29 43.88
C4' ADP RF . 93.96 7.83 42.58
O4' ADP RF . 93.41 8.93 41.86
C3' ADP RF . 94.98 7.15 41.68
O3' ADP RF . 94.48 5.88 41.31
C2' ADP RF . 95.06 8.01 40.44
O2' ADP RF . 95.13 7.20 39.25
C1' ADP RF . 93.79 8.86 40.48
N9 ADP RF . 93.98 10.25 40.03
C8 ADP RF . 94.64 11.20 40.71
N7 ADP RF . 94.63 12.39 40.05
C5 ADP RF . 93.92 12.19 38.91
C6 ADP RF . 93.51 13.03 37.75
N6 ADP RF . 93.86 14.33 37.67
N1 ADP RF . 92.77 12.43 36.79
C2 ADP RF . 92.42 11.13 36.85
N3 ADP RF . 92.76 10.32 37.87
C4 ADP RF . 93.49 10.79 38.91
MG MG SF . 96.51 8.07 47.76
N NO3 TF . 98.07 10.92 48.99
O1 NO3 TF . 97.22 10.78 50.11
O2 NO3 TF . 98.07 9.92 48.01
O3 NO3 TF . 98.90 12.04 48.87
CG NMG UF . 103.78 -19.76 60.30
CD NMG UF . 105.06 -20.54 60.00
NE NMG UF . 106.14 -19.63 59.59
CZ NMG UF . 106.95 -18.89 60.35
NH1 NMG UF . 107.84 -18.12 59.77
NH2 NMG UF . 106.86 -18.91 61.69
O1 NMG UF . 103.75 -18.53 60.03
O2 NMG UF . 102.82 -20.37 60.82
PB ADP VF . 113.34 -21.34 58.44
O1B ADP VF . 112.60 -20.12 58.90
O2B ADP VF . 114.80 -21.20 58.79
O3B ADP VF . 112.73 -22.63 58.88
PA ADP VF . 112.55 -20.62 55.63
O1A ADP VF . 112.38 -19.16 55.97
O2A ADP VF . 111.33 -21.35 55.09
O3A ADP VF . 113.27 -21.48 56.81
O5' ADP VF . 113.76 -20.60 54.56
C5' ADP VF . 115.01 -20.10 55.05
C4' ADP VF . 116.19 -20.46 54.15
O4' ADP VF . 116.62 -21.80 54.38
C3' ADP VF . 115.82 -20.35 52.69
O3' ADP VF . 116.92 -19.76 52.01
C2' ADP VF . 115.68 -21.78 52.24
O2' ADP VF . 115.94 -21.94 50.84
C1' ADP VF . 116.71 -22.47 53.13
N9 ADP VF . 116.47 -23.92 53.29
C8 ADP VF . 115.45 -24.55 53.93
N7 ADP VF . 115.61 -25.91 53.86
C5 ADP VF . 116.76 -26.15 53.18
C6 ADP VF . 117.54 -27.32 52.74
N6 ADP VF . 117.13 -28.60 53.00
N1 ADP VF . 118.68 -27.10 52.04
C2 ADP VF . 119.12 -25.87 51.74
N3 ADP VF . 118.47 -24.76 52.12
C4 ADP VF . 117.31 -24.83 52.81
MG MG WF . 112.10 -18.04 57.86
N NO3 XF . 110.30 -19.92 59.61
O1 NO3 XF . 110.85 -19.10 60.61
O2 NO3 XF . 110.27 -19.51 58.27
O3 NO3 XF . 109.79 -21.19 59.96
#